data_6MSG
#
_entry.id   6MSG
#
loop_
_entity.id
_entity.type
_entity.pdbx_description
1 polymer '26S proteasome non-ATPase regulatory subunit 1'
2 polymer '26S proteasome non-ATPase regulatory subunit 3'
3 polymer '26S proteasome non-ATPase regulatory subunit 12'
4 polymer '26S proteasome non-ATPase regulatory subunit 11'
5 polymer '26S proteasome non-ATPase regulatory subunit 6'
6 polymer '26S proteasome non-ATPase regulatory subunit 7'
7 polymer '26S proteasome non-ATPase regulatory subunit 13'
8 polymer '26S proteasome non-ATPase regulatory subunit 4'
9 polymer '26S proteasome non-ATPase regulatory subunit 14'
10 polymer '26S proteasome non-ATPase regulatory subunit 8'
11 polymer '26S proteasome complex subunit SEM1'
12 polymer '26S proteasome non-ATPase regulatory subunit 2'
13 polymer '26S proteasome regulatory subunit 7'
14 polymer '26S proteasome regulatory subunit 4'
15 polymer '26S proteasome regulatory subunit 8'
16 polymer '26S proteasome regulatory subunit 6B'
17 polymer '26S proteasome regulatory subunit 10B'
18 polymer '26S proteasome regulatory subunit 6A'
19 polymer Ubiquitin
20 polymer substrate
21 polymer 'Proteasome subunit alpha type-6'
22 polymer 'Proteasome subunit alpha type-2'
23 polymer 'Proteasome subunit alpha type-4'
24 polymer 'Proteasome subunit alpha type-7'
25 polymer 'Proteasome subunit alpha type-5'
26 polymer 'Proteasome subunit alpha type-1'
27 polymer 'Proteasome subunit alpha type-3'
28 polymer 'Proteasome subunit beta type-6'
29 polymer 'Proteasome subunit beta type-7'
30 polymer 'Proteasome subunit beta type-3'
31 polymer 'Proteasome subunit beta type-2'
32 polymer 'Proteasome subunit beta type-5'
33 polymer 'Proteasome subunit beta type-1'
34 polymer 'Proteasome subunit beta type-4'
35 non-polymer 'ZINC ION'
36 non-polymer "ADENOSINE-5'-DIPHOSPHATE"
37 non-polymer "ADENOSINE-5'-TRIPHOSPHATE"
38 non-polymer 'MAGNESIUM ION'
#
loop_
_entity_poly.entity_id
_entity_poly.type
_entity_poly.pdbx_seq_one_letter_code
_entity_poly.pdbx_strand_id
1 'polypeptide(L)'
;MITSAAGIISLLDEDEPQLKEFALHKLNAVVNDFWAEISESVDKIEVLYEDEGFRSRQFAALVASKVFYHLGAFEESLNY
ALGAGDLFNVNDNSEYVETIIAKCIDHYTKQCVENADLPEGEKKPIDQRLEGIVNKMFQRCLDDHKYKQAIGIALETRRL
DVFEKTILESNDVPGMLAYSLKLCMSLMQNKQFRNKVLRVLVKIYMNLEKPDFINVCQCLIFLDDPQAVSDILEKLVKED
NLLMAYQICFDLYESASQQFLSSVIQNLRTVGTPIASVPGSTNTGTVPGSEKDSDSMETEEKTSSAFVGKTPEASPEPKD
QTLKMIKILSGEMAIELHLQFLIRNNNTDLMILKNTKDAVRNSVCHTATVIANSFMHCGTTSDQFLRDNLEWLARATNWA
KFTATASLGVIHKGHEKEALQLMATYLPKDTSPGSAYQEGGGLYALGLIHANHGGDIIDYLLNQLKNASNDIVRHGGSLG
LGLAAMGTARQDVYDLLKTNLYQDDAVTGEAAGLALGLVMLGSKNAQAIEDMVGYAQETQHEKILRGLAVGIALVMYGRM
EEADALIESLCRDKDPILRRSGMYTVAMAYCGSGNNKAIRRLLHVAVSDVNDDVRRAAVESLGFILFRTPEQCPSVVSLL
SESYNPHVRYGAAMALGICCAGTGNKEAINLLEPMTNDPVNYVRQGALIASALIMIQQTEITCPKVNQFRQLYSKVINDK
HDDVMAKFGAILAQGILDAGGHNVTISLQSRTGHTHMPSVVGVLVFTQFWFWFPLSHFLSLAYTPTCVIGLNKDLKMPKV
QYKSNCKPSTFAYPAPLEVPKEKEKEKVSTAVLSITAKAKKKEKEKEKKEEEKMEVDEAEKKEEKEKKKEPEPNFQLLDN
PARVMPAQLKVLTMPETCRYQPFKPLSIGGIIILKDTSEDIEELVEPVAAHGPKIEEEEQEPEPPEPFEYIDD
;
U
2 'polypeptide(L)'
;KQEGSARRRGADKAKPPPGGGEQEPPPPPAPQDVEMKEEAATGGGSTGEADGKTAAAAAEHSQRELDTVTLEDIKEHVKQ
LEKAVSGKEPRFVLRALRMLPSTSRRLNHYVLYKAVQGFFTSNNATRDFLLPFLEEPMDTEADLQFRPRTGKAASTPLLP
EVEAYLQLLVVIFMMNSKRYKEAQKISDDLMQKISTQNRRALDLVAAKCYYYHARVYEFLDKLDVVRSFLHARLRTATLR
HDADGQATLLNLLLRNYLHYSLYDQAEKLVSKSVFPEQANNNEWARYLYYTGRIKAIQLEYSEARRTMTNALRKAPQHTA
VGFKQTVHKLLIVVELLLGEIPDRLQFRQPSLKRSLMPYFLLTQAVRTGNLAKFNQVLDQFGEKFQADGTYTLIIRLRHN
VIKTGVRMISLSYSRISLADIAQKLQLDSPEDAEFIVAKAIRDGVIEASINHEKGYVQSKEMIDIYSTREPQLAFHQRIS
FCLDIHNMSVKAMRFPPKSYNKDLESAEERREREQQDLEFAKEMAEDDDDSFP
;
V
3 'polypeptide(L)'
;MADGGSERADGRIVKMEVDYSATVDQRLPECAKLAKEGRLQEVIETLLSLEKQTRTASDMVSTSRILVAVVKMCYEAKEW
DLLNENIMLLSKRRSQLKQAVAKMVQQCCTYVEEITDLPIKLRLIDTLRMVTEGKIYVEIERARLTKTLATIKEQNGDVK
EAASILQELQVETYGSMEKKERVEFILEQMRLCLAVKDYIRTQIISKKINTKFFQEENTEKLKLKYYNLMIQLDQHEGSY
LSICKHYRAIYDTPCIQAESEKWQQALKSVVLYVILAPFDNEQSDLVHRISGDKKLEEIPKYKDLLKLFTTMELMRWSTL
VEDYGMELRKGSLESPATDVFGSTEEGEKRWKDLKNRVVEHNIRIMAKYYTRITMKRMAQLLDLSVDESEAFLSNLVVNK
TIFAKVDRLAGIINFQRPKDPNNLLNDWSQKLNSLMSLVNKTTHLIAKEEMIHNLQ
;
W
4 'polypeptide(L)'
;MAAAAVVEFQRAQSLLSTDREASIDILHSIVKRDIQENDEEAVQVKEQSILELGSLLAKTGQAAELGGLLKYVRPFLNSI
SKAKAARLVRSLLDLFLDMEAATGQEVELCLECIEWAKSEKRTFLRQALEARLVSLYFDTKRYQEALHLGSQLLRELKKM
DDKALLVEVQLLESKTYHALSNLPKARAALTSARTTANAIYCPPKLQATLDMQSGIIHAAEEKDWKTAYSYFYEAFEGYD
SIDSPKAITSLKYMLLCKIMLNTPEDVQALVSGKLALRYAGRQTEALKCVAQASKNRSLADFEKALTDYRAELRDDPIIS
THLAKLYDNLLEQNLIRVIEPFSRVQIEHISSLIKLSKADVERKLSQMILDKKFHGILDQGEGVLIIFDEPPVDKTYEAA
LETIQNMSKVVDSLYNKAKKLT
;
X
5 'polypeptide(L)'
;MPLENLEEEGLPKNPDLRIAQLRFLLSLPEHRGDAAVRDELMAAVRDNNMAPYYEALCKSLDWQIDVDLLNKMKKANEDE
LKRLDEELEDAEKNLGESEIRDAMMAKAEYLCRIGDKEGALTAFRKTYDKTVALGHRLDIVFYLLRIGLFYMDNDLITRN
TEKAKSLIEEGGDWDRRNRLKVYQGLYCVAIRDFKQAAELFLDTVSTFTSYELMDYKTFVTYTVYVSMIALERPDLREKV
IKGAEILEVLHSLPAVRQYLFSLYECRYSVFFQSLAVVEQEMKKDWLFAPHYRYYVREMRIHAYSQLLESYRSLTLGYMA
EAFGVGVEFIDQELSRFIAAGRLHCKIDKVNEIVETNRPDSKNWQYQETIKKGDLLLNRVQKLSRVINM
;
Y
6 'polypeptide(L)'
;MPELAVQKVVVHPLVLLSVVDHFNRIGKVGNQKRVVGVLLGSWQKKVLDVSNSFAVPFDEDDKDDSVWFLDHDYLENMYG
MFKKVNARERIVGWYHTGPKLHKNDIAINELMKRYCPNSVLVIIDVKPKDLGLPTEAYISVEEVHDDGTPTSKTFEHVTS
EIGAEEAEEVGVEHLLRDIKDTTVGTLSQRITNQVHGLKGLNSKLLDIRSYLEKVATGKLPINHQIIYQLQDVFNLLPDV
SLQEFVKAFYLKTNDQMVVVYLASLIRSVVALHNLINNKIANRDAEKKEGQEKEESKKDRKEDKEKDKDKEKSDVKKEEK
KEKK
;
Z
7 'polypeptide(L)'
;MKDVPGFLQQSQNSGPGQPAVWHRLEELYTKKLWHQLTLQVLDFVQDPCFAQGDGLIKLYENFISEFEHRVNPLSLVEII
LHVVRQMTDPNVALTFLEKTREKVKSSDEAVILCKTAIGALKLNIGDLQVTKETIEDVEEMLNNLPGVTSVHSRFYDLSS
KYYQTIGNHASYYKDALRFLGCVDIKDLPVSEQQERAFTLGLAGLLGEGVFNFGELLMHPVLESLRNTDRQWLIDTLYAF
NSGNVERFQTLKTAWGQQPDLAANEAQLLRKIQLLCLMEMTFTRPANHRQLTFEEIAKSAKITVNEVELLVMKALSVGLV
KGSIDEVDKRVHMTWVQPRVLDLQQIKGMKDRLEFWCTDVKSMEMLVEHQAHDILT
;
a
8 'polypeptide(L)'
;MVLESTMVCVDNSEYMRNGDFLPTRLQAQQDAVNIVCHSKTRSNPENNVGLITLANDCEVLTTLTPDTGRILSKLHTVQP
KGKITFCTGIRVAHLALKHRQGKNHKMRIIAFVGSPVEDNEKDLVKLAKRLKKEKVNVDIINFGEEEVNTEKLTAFVNTL
NGKDGTGSHLVTVPPGPSLADALISSPILAGEGGAMLGLGASDFEFGVDPSADPELALALRVSMEEQRQRQEEEARRAAA
ASAAEAGIATTGTEDSDDALLKMTISQQEFGRTGLPDLSSMTEEEQIAYAMQMSLQGAEFGQAESADIDASSAMDTSEPA
KEEDDYDVMQDPEFLQSVLENLPGVDPNNEAIRNAMGSLASQATKDGKKDKKEEDKK
;
b
9 'polypeptide(L)'
;DRLLRLGGGMPGLGQGPPTDAPAVDTAEQVYISSLALLKMLKHGRAGVPMEVMGLMLGEFVDDYTVRVIDVFAMPQSGTG
VSVEAVDPVFQAKMLDMLKQTGRPEMVVGWYHSHPGFGCWLSGVDINTQQSFEALSERAVAVVVDPIQSVKGKVVIDAFR
LINANMMVLGHEPRQTTSNLGHLNKPSIQALIHGLNRHYYSITINYRKNELEQKMLLNLHKKSWMEGLTLQDYSEHCKHN
ESVVKEMLELAKNYNKAVEEEDKMTPEQLAIKNVGKQDPKRHLEEHVDVLMTSNIVQCLAAMLDTVVFK
;
c
10 'polypeptide(L)'
;FIKGRAPRAPPRERRRATRGGLRQVVAPPRALGSTSRPHFRRASVCRRRCRKSGGLLAASRKMAAAAVNGAAGFSSSGPA
ATSGAVLQAATGMYEQLKGEWNRKSPNLSKCGEELGRLKLVLLELNFLPTTGTKLTKQQLILARDILEIGAQWSILRKDI
PSFERYMAQLKCYYFDYKEQLPESAYMHQLLGLNLLFLLSQNRVAEFHTELERLPAKDIQTNVYIKHPVSLEQYLMEGSY
NKVFLAKGNIPAESYTFFIDILLDTIRDEIAGCIEKAYEKILFTEATRILFFNTPKKMTDYAKKRGWVLGPNNYYSFASQ
QQKPEDTTIPSTELAKQVIEYARQLEMIV
;
d
11 'polypeptide(L)' MSEKKQPVDLGLLEEDDEFEEFPAEDWAGLDEDEDAHVWEDNWDDDNVEDDFSNQLRAELEKHGYKMETS e
12 'polypeptide(L)'
;MEEGGRDKAPVQPQQSPAAAPGGTDEKPSGKERRDAGDKDKEQELSEEDKQLQDELEMLVERLGEKDTSLYRPALEELRR
QIRSSTTSMTSVPKPLKFLRPHYGKLKEIYENMAPGENKRFAADIISVLAMTMSGERECLKYRLVGSQEELASWGHEYVR
HLAGEVAKEWQELDDAEKVQREPLLTLVKEIVPYNMAHNAEHEACDLLMEIEQVDMLEKDIDENAYAKVCLYLTSCVNYV
PEPENSALLRCALGVFRKFSRFPEALRLALMLNDMELVEDIFTSCKDVVVQKQMAFMLGRHGVFLELSEDVEEYEDLTEI
MSNVQLNSNFLALARELDIMEPKVPDDIYKTHLENNRFGGSGSQVDSARMNLASSFVNGFVNAAFGQDKLLTDDGNKWLY
KNKDHGMLSAAASLGMILLWDVDGGLTQIDKYLYSSEDYIKSGALLACGIVNSGVRNECDPALALLSDYVLHNSNTMRLG
SIFGLGLAYAGSNREDVLTLLLPVMGDSKSSMEVAGVTALACGMIAVGSCNGDVTSTILQTIMEKSETELKDTYARWLPL
GLGLNHLGKGEAIEAILAALEVVSEPFRSFANTLVDVCAYAGSGNVLKVQQLLHICSEHFDSKEKEEDKDKKEKKDKDKK
EAPADMGAHQGVAVLGIALIAMGEEIGAEMALRTFGHLLRYGEPTLRRAVPLALALISVSNPRLNILDTLSKFSHDADPE
VSYNSIFAMGMVGSGTNNARLAAMLRQLAQYHAKDPNNLFMVRLAQGLTHLGKGTLTLCPYHSDRQLMSQVAVAGLLTVL
VSFLDVRNIILGKSHYVLYGLVAAMQPRMLVTFDEELRPLPVSVRVGQAVDVVGQAGKPKTITGFQTHTTPVLLAHGERA
ELATEEFLPVTP
;
f
13 'polypeptide(L)'
;MPDYLGADQRKTKEDEKDDKPIRALDEGDIALLKTYGQSTYSRQIKQVEDDIQQLLKKINELTGIKESDTGLAPPALWDL
AADKQTLQSEQPLQVARCTKIINADSEDPKYIINVKQFAKFVVDLSDQVAPTDIEEGMRVGVDRNKYQIHIPLPPKIDPT
VTMMQVEEKPDVTYSDVGGCKEQIEKLREVVETPLLHPERFVNLGIEPPKGVLLFGPPGTGKTLCARAVANRTDACFIRV
IGSELVQKYVGEGARMVRELFEMARTKKACLIFFDEIDAIGGARFDDGAGGDNEVQRTMLELINQLDGFDPRGNIKVLMA
TNRPDTLDPALMRPGRLDRKIEFSLPDLEGRTHIFKIHARSMSVERDIRFELLARLCPNSTGAEIRSVCTEAGMFAIRAR
RKIATEKDFLEAVNKVIKSYAKFSATPRYMTYN
;
A
14 'polypeptide(L)'
;MGQSQSGGHGPGGGKKDDKDKKKKYEPPVPTRVGKKKKKTKGPDAASKLPLVTPHTQCRLKLLKLERIKDYLLMEEEFIR
NQEQMKPLEEKQEEERSKVDDLRGTPMSVGTLEEIIDDNHAIVSTSVGSEHYVSILSFVDKDLLEPGCSVLLNHKVHAVI
GVLMDDTDPLVTVMKVEKAPQETYADIGGLDNQIQEIKESVELPLTHPEYYEEMGIKPPKGVILYGPPGTGKTLLAKAVA
NQTSATFLRVVGSELIQKYLGDGPKLVRELFRVAEEHAPSIVFIDEIDAIGTKRYDSNSGGEREIQRTMLELLNQLDGFD
SRGDVKVIMATNRIETLDPALIRPGRIDRKIEFPLPDEKTKKRIFQIHTSRMTLADDVTLDDLIMAKDDLSGADIKAICT
EAGLMALRERRMKVTNEDFKKSKENVLYKKQEGTPEGLYL
;
B
15 'polypeptide(L)'
;MELEEGKAGSGLRQYYLSKIEELQLIVNDKSQNLRRLQAQRNELNAKVRLLREELQLLQEQGSYVGEVVRAMDKKKVLVK
VHPEGKFVVDVDKNIDINDVTPNCRVALRNDSYTLHKILPNKVDPLVSLMMVEKVPDSTYEMIGGLDKQIKEIKEVIELP
VKHPELFEALGIAQPKGVLLYGPPGTGKTLLARAVAHHTDCTFIRVSGSELVQKFIGEGARMVRELFVMAREHAPSIIFM
DEIDSIGSSRLEGGSGGDSEVQRTMLELLNQLDGFEATKNIKVIMATNRIDILDSALLRPGRIDRKIEFPPPNEEARLDI
LKIHSRKMNLTRGINLRKIAELMPGASGAEVKGVCTEAGMYALRERRVHVTQEDFEMAVAKVMQKDSEKNMSIKKLWK
;
C
16 'polypeptide(L)'
;MEEIGILVEKAQDEIPALSVSRPQTGLSFLGPEPEDLEDLYSRYKKLQQELEFLEVQEEYIKDEQKNLKKEFLHAQEEVK
RIQSIPLVIGQFLEAVDQNTAIVGSTTGSNYYVRILSTIDRELLKPNASVALHKHSNALVDVLPPEADSSIMMLTSDQKP
DVMYADIGGMDIQKQEVREAVELPLTHFELYKQIGIDPPRGVLMYGPPGCGKTMLAKAVAHHTTAAFIRVVGSEFVQKYL
GEGPRMVRDVFRLAKENAPAIIFIDEIDAIATKRFDAQTGADREVQRILLELLNQMDGFDQNVNVKVIMATNRADTLDPA
LLRPGRLDRKIEFPLPDRRQKRLIFSTITSKMNLSEEVDLEDYVARPDKISGADINSICQESGMLAVRENRYIVLAKDFE
KAYKTVIKKDEQEHEFYK
;
D
17 'polypeptide(L)'
;MAIPGIPYERRLLIMADPRDKALQDYRKKLLEHKEIDGRLKELREQLKELTKQYEKSENDLKALQSVGQIVGEVLKQLTE
EKFIVKATNGPRYVVGCRRQLDKSKLKPGTRVALDMTTLTIMRYLPREVDPLVYNMSHEDPGNVSYSEIGGLSEQIRELR
EVIELPLTNPELFQRVGIIPPKGCLLYGPPGTGKTLLARAVASQLDCNFLKVVSSSIVDKYIGESARLIREMFNYARDHQ
PCIIFMDEIDAIGGRRFSEGTSADREIQRTLMELLNQMDGFDTLHRVKMIMATNRPDTLDPALLRPGRLDRKIHIDLPNE
QARLDILKIHAGPITKHGEIDYEAIVKLSDGFNGADLRNVCTEAGMFAIRADHDFVVQEDFMKAVRKVADSKKLESKLDY
KPV
;
E
18 'polypeptide(L)'
;MNLLPNIESPVTRQEKMATVWDEAEQDGIGEEVLKMSTEEIIQRTRLLDSEIKIMKSEVLRVTHELQAMKDKIKENSEKI
KVNKTLPYLVSNVIELLDVDPNDQEEDGANIDLDSQRKGKCAVIKTSTRQTYFLPVIGLVDAEKLKPGDLVGVNKDSYLI
LETLPTEYDSRVKAMEVDERPTEQYSDIGGLDKQIQELVEAIVLPMNHKEKFENLGIQPPKGVLMYGPPGTGKTLLARAC
AAQTKATFLKLAGPQLVQMFIGDGAKLVRDAFALAKEKAPSIIFIDELDAIGTKRFDSEKAGDREVQRTMLELLNQLDGF
QPNTQVKVIAATNRVDILDPALLRSGRLDRKIEFPMPNEEARARIMQIHSRKMNVSPDVNYEELARCTDDFNGAQCKAVC
VEAGMIALRRGATELTHEDYMEGILEVQAKKKANLQYYA
;
F
19 'polypeptide(L)' MQIFVKTLTGKTITLEVEPSDTIENVKAKIQDKEGIPPDQQRLIFAGKQLEDGRTLSDYNIQRESTLHLVLRLRGG u
20 'polypeptide(L)'
;(UNK)(UNK)(UNK)(UNK)(UNK)(UNK)(UNK)(UNK)(UNK)(UNK)(UNK)(UNK)(UNK)(UNK)(UNK)(UNK)
(UNK)(UNK)(UNK)(UNK)(UNK)(UNK)(UNK)(UNK)
;
v
21 'polypeptide(L)'
;SRGSSAGFDRHITIFSPEGRLYQVEYAFKAINQGGLTSVAVRGKDCAVIVTQKKVPDKLLDSSTVTHLFKITENIGCVMT
GMTADSRSQVQRARYEAANWKYKYGYEIPVDMLCKRIADISQVYTQNAEMRPLGCCMILIGIDEEQGPQVYKCDPAGYYC
GFKATAAGVKQTESTSFLEKKVKKKFDWTFEQTVETAITCLSTVLSIDFKPSEIEVGVVTVENPKFRILTEAEIDAHLVA
LAERD
;
G,g
22 'polypeptide(L)'
;AERGYSFSLTTFSPSGKLVQIEYALAAVAGGAPSVGIKAANGVVLATEKKQKSILYDERSVHKVEPITKHIGLVYSGMGP
DYRVLVHRARKLAQQYYLVYQEPIPTAQLVQRVASVMQEYTQSGGVRPFGVSLLICGWNEGRPYLFQSDPSGAYFAWKAT
AMGKNYVNGKTFLEKRYNEDLELEDAIHTAILTLKESFEGQMTEDNIEVGICNEAGFRRLTPTEVKDYLAAIA
;
H,h
23 'polypeptide(L)'
;SRRYDSRTTIFSPEGRLYQVEYAMEAIGHAGTCLGILANDGVLLAAERRNIHKLLDEVFFSEKIYKLNEDMACSVAGITS
DANVLTNELRLIAQRYLLQYQEPIPCEQLVTALCDIKQAYTQFGGKRPFGVSLLYIGWDKHYGFQLYQSDPSGNYGGWKA
TCIGNNSAAAVSMLKQDYKEGEMTLKSALALAIKVLNKTMDVSKLSAEKVEIATLTRENGKTVIRVLKQKEVEQLIKKHE
EEEAKAEREKKEKEQKEKDK
;
I,i
24 'polypeptide(L)'
;SYDRAITVFSPDGHLFQVEYAQEAVKKGSTAVGVRGRDIVVLGVEKKSVAKLQDERTVRKICALDDNVCMAFAGLTADAR
IVINRARVECQSHRLTVEDPVTVEYITRYIASLKQRYTQSNGRRPFGISALIVGFDFDGTPRLYQTDPSGTYHAWKANAI
GRGAKSVREFLEKNYTDEAIETDDLTIKLVIKALLEVVQSGGKNIELAVMRRDQSLKILNPEEIEKYVAEIEKEKEENEK
KKQKKAS
;
J,j
25 'polypeptide(L)'
;FLTRSEYDRGVNTFSPEGRLFQVEYAIEAIKLGSTAIGIQTSEGVCLAVEKRITSPLMEPSSIEKIVEIDAHIGCAMSGL
IADAKTLIDKARVETQNHWFTYNETMTVESVTQAVSNLALQFGEEDADPGAMSRPFGVALLFGGVDEKGPQLFHMDPSGT
FVQCDARAIGSASEGAQSSLQEVYHKSMTLKEAIKSSLIILKQVMEEKLNATNIELATVQPGQNFHMFTKEELEEVIKDI
;
K,k
26 'polypeptide(L)'
;QLSKVKFRNQYDNDVTVWSPQGRIHQIEYAMEAVKQGSATVGLKSKTHAVLVALKRAQSELAAHQKKILHVDNHIGISIA
GLTADARLLCNFMRQECLDSRFVFDRPLPVSRLVSLIGSKTQIPTQRYGRRPYGVGLLIAGYDDMGPHIFQTCPSANYFD
CRAMSIGARSQSARTYLERHMSEFMECNLNELVKHGLRALRETLPAEQDLTTKNVSIGIVGKDLEFTIYDDDDVSPFLEG
LEERPQRKAQPAQPADEPAEKADEPMEH
;
L,l
27 'polypeptide(L)'
;SSIGTGYDLSASTFSPDGRVFQVEYAMKAVENSSTAIGIRCKDGVVFGVEKLVLSKLYEEGSNKRLFNVDRHVGMAVAGL
LADARSLADIAREEASNFRSNFGYNIPLKHLADRVAMYVHAYTLYSAVRPFGCSFMLGSYSVNDGAQLYMIDPSGVSYGY
WGCAIGKARQAAKTEIEKLQMKEMTCRDIVKEVAKIIYIVHDEVKDKAFELELSWVGELTNGRHEIVPKDIREEAEKYAK
ESLKEEDESDDDNM
;
M,m
28 'polypeptide(L)'
;AATLLAARGAGPAPAWGPEAFTPDWESREVSTGTTIMAVQFDGGVVLGADSRTTTGSYIANRVTDKLTPIHDRIFCCRSG
SAADTQAVADAVTYQLGFHSIELNEPPLVHTAASLFKEMCYRYREDLMAGIIIAGWDPQEGGQVYSVPMGGMMVRQSFAI
GGSGSSYIYGYVDATYREGMTKEECLQFTANALALAMERDGSSGGVIRLAAIAESGVERQVLLGDQIPKFAVATLPPA
;
N,n
29 'polypeptide(L)'
;AAVSVYAPPVGGFSFDNCRRNAVLEADFAKRGYKLPKVRKTGTTIAGVVYKDGIVLGADTRATEGMVVADKNCSKIHFIS
PNIYCCGAGTAADTDMTTQLISSNLELHSLSTGRLPRVVTANRMLKQMLFRYQGYIGAALVLGGVDVTGPHLYSIYPHGS
TDKLPYVTMGSGSLAAMAVFEDKFRPDMEEEEAKNLVSEAIAAGIFNDLGSGSNIDLCVISKNKLDFLRPYTVPNKKGTR
LGRYRCEKGTTAVLTEKITPLEIEVLEETVQTMDTS
;
O,o
30 'polypeptide(L)'
;SIMSYNGGAVMAMKGKNCVAIAADRRFGIQAQMVTTDFQKIFPMGDRLYIGLAGLATDVQTVAQRLKFRLNLYELKEGRQ
IKPYTLMSMVANLLYEKRFGPYYTEPVIAGLDPKTFKPFICSLDLIGCPMVTDDFVVSGTCAEQMYGMCESLWEPNMDPD
HLFETISQAMLNAVDRDAVSGMGVIVHIIEKDKITTRTLKARMD
;
P,p
31 'polypeptide(L)'
;MEYLIGIQGPDYVLVASDRVAASNIVQMKDDHDKMFKMSEKILLLCVGEAGDTVQFAEYIQKNVQLYKMRNGYELSPTAA
ANFTRRNLADCLRSRTPYHVNLLLAGYDEHEGPALYYMDYLAALAKAPFAAHGYGAFLTLSILDRYYTPTISRERAVELL
RKCLEELQKRFILNLPTFSVRIIDKNGIHDLDNISFPKQGS
;
Q,q
32 'polypeptide(L)'
;ALASVLERPLPVNQRGFFGLGGRADLLDLGPGSLSDGLSLAAPGWGVPEEPGIEMLHGTTTLAFKFRHGVIVAADSRATA
GAYIASQTVKKVIEINPYLLGTMAGGAADCSFWERLLARQCRIYELRNKERISVAAASKLLANMVYQYKGMGLSMGTMIC
GWDKRGPGLYYVDSEGNRISGATFSVGSGSVYAYGVMDRGYSYDLEVEQAYDLARRAIYQATYRDAYSGGAVNLYHVRED
GWIRVSSDNVADLHEKYSGSTP
;
R,r
33 'polypeptide(L)'
;LSSTAMYSAPGRDLGMEPHRAAGPLQLRFSPYVFNGGTILAIAGEDFAIVASDTRLSEGFSIHTRDSPKCYKLTDKTVIG
CSGFHGDCLTLTKIIEARLKMYKHSNNKAMTTGAIAAMLSTILYSRRFFPYYVYNIIGGLDEEGKGAVYSFDPVGSYQRD
SFKAGGSASAMLQPLLDNQVGFKNMQNVEHVPLSLDRAMRLVKDVFISAAERDVYTGDALRICIVTKEGIREETVSLRKD
;
S,s
34 'polypeptide(L)'
;EAFLGSRSGLWAGGPAPGQFYRIPSTPDSFMDPASALYRGPITRTQNPMVTGTSVLGVKFEGGVVIAADMLGSYGSLARF
RNISRIMRVNNSTMLGASGDYADFQYLKQVLGQMVIDEELLGDGHSYSPRAIHSWLTRAMYSRRSKMNPLWNTMVIGGYA
DGESFLGYVDMLGVAYEAPSLATGYGAYLAQPLLREVLEKQPVLSQTEARDLVERCMRVLYYRDARSYNRFQIATVTEKG
VEIEGPLSTETNWDIAHMISGFE
;
T,t
#
loop_
_chem_comp.id
_chem_comp.type
_chem_comp.name
_chem_comp.formula
ADP non-polymer ADENOSINE-5'-DIPHOSPHATE 'C10 H15 N5 O10 P2'
ATP non-polymer ADENOSINE-5'-TRIPHOSPHATE 'C10 H16 N5 O13 P3'
MG non-polymer 'MAGNESIUM ION' 'Mg 2'
ZN non-polymer 'ZINC ION' 'Zn 2'
#
# COMPACT_ATOMS: atom_id res chain seq x y z
N GLY A 7 49.17 129.12 35.18
CA GLY A 7 49.21 130.57 35.15
C GLY A 7 49.03 131.19 36.53
N ILE A 8 47.83 130.99 37.11
CA ILE A 8 47.54 131.53 38.43
C ILE A 8 48.26 130.74 39.52
N ILE A 9 48.65 129.50 39.22
CA ILE A 9 49.37 128.67 40.17
C ILE A 9 50.77 129.25 40.41
N SER A 10 51.37 129.78 39.35
CA SER A 10 52.66 130.45 39.45
C SER A 10 52.59 131.71 40.30
N LEU A 11 51.46 132.42 40.25
CA LEU A 11 51.35 133.67 40.96
C LEU A 11 51.10 133.46 42.45
N LEU A 12 50.38 132.40 42.80
CA LEU A 12 50.06 132.11 44.20
C LEU A 12 51.19 131.42 44.94
N ASP A 13 52.33 131.20 44.29
CA ASP A 13 53.52 130.69 44.95
C ASP A 13 54.40 131.79 45.52
N GLU A 14 53.97 133.05 45.43
CA GLU A 14 54.76 134.17 45.90
C GLU A 14 53.95 134.91 46.98
N ASP A 15 54.55 135.92 47.60
CA ASP A 15 54.03 136.45 48.86
C ASP A 15 53.93 137.97 48.83
N GLU A 16 53.29 138.51 47.80
CA GLU A 16 52.90 139.91 47.81
C GLU A 16 51.39 140.01 47.70
N PRO A 17 50.73 140.80 48.56
CA PRO A 17 49.27 140.95 48.45
C PRO A 17 48.83 141.71 47.21
N GLN A 18 49.71 142.47 46.56
CA GLN A 18 49.37 143.08 45.29
C GLN A 18 49.32 142.07 44.16
N LEU A 19 50.02 140.94 44.32
CA LEU A 19 49.92 139.84 43.36
C LEU A 19 48.82 138.86 43.74
N LYS A 20 48.45 138.82 45.02
CA LYS A 20 47.29 138.02 45.44
C LYS A 20 46.00 138.60 44.88
N GLU A 21 45.90 139.93 44.82
CA GLU A 21 44.71 140.58 44.27
C GLU A 21 44.56 140.30 42.79
N PHE A 22 45.67 140.25 42.05
CA PHE A 22 45.62 139.99 40.62
C PHE A 22 45.42 138.53 40.31
N ALA A 23 45.67 137.65 41.29
CA ALA A 23 45.38 136.24 41.08
C ALA A 23 43.90 135.95 41.28
N LEU A 24 43.32 136.46 42.39
CA LEU A 24 41.90 136.24 42.67
C LEU A 24 41.00 136.91 41.65
N HIS A 25 41.47 138.00 41.04
CA HIS A 25 40.73 138.63 39.96
C HIS A 25 40.62 137.71 38.75
N LYS A 26 41.63 136.86 38.54
CA LYS A 26 41.58 135.85 37.50
C LYS A 26 40.94 134.55 37.95
N LEU A 27 40.86 134.32 39.27
CA LEU A 27 40.21 133.13 39.78
C LEU A 27 38.70 133.20 39.59
N ASN A 28 38.06 134.26 40.07
CA ASN A 28 36.61 134.38 40.00
C ASN A 28 36.11 134.77 38.62
N ALA A 29 37.00 135.02 37.66
CA ALA A 29 36.59 135.42 36.32
C ALA A 29 36.33 134.22 35.42
N VAL A 30 37.25 133.25 35.39
CA VAL A 30 37.19 132.15 34.44
C VAL A 30 37.13 130.81 35.14
N VAL A 31 36.48 130.77 36.31
CA VAL A 31 36.38 129.53 37.07
C VAL A 31 35.40 128.56 36.41
N ASN A 32 34.49 129.06 35.56
CA ASN A 32 33.65 128.16 34.78
C ASN A 32 34.45 127.44 33.70
N ASP A 33 35.55 128.04 33.24
CA ASP A 33 36.42 127.36 32.28
C ASP A 33 37.54 126.59 32.98
N PHE A 34 38.31 127.26 33.84
CA PHE A 34 39.41 126.61 34.54
C PHE A 34 38.84 125.72 35.62
N TRP A 35 38.74 124.45 35.32
CA TRP A 35 38.18 123.42 36.19
C TRP A 35 39.31 122.81 37.02
N ALA A 36 39.11 121.58 37.51
CA ALA A 36 39.91 120.92 38.54
C ALA A 36 41.41 120.76 38.27
N GLU A 37 41.90 121.30 37.15
CA GLU A 37 43.30 121.71 37.05
C GLU A 37 43.74 122.60 38.22
N ILE A 38 42.84 123.39 38.79
CA ILE A 38 43.14 124.34 39.85
C ILE A 38 43.20 123.63 41.22
N SER A 39 43.00 122.30 41.24
CA SER A 39 42.89 121.57 42.52
C SER A 39 44.18 121.57 43.31
N GLU A 40 45.33 121.65 42.63
CA GLU A 40 46.58 121.86 43.35
C GLU A 40 46.68 123.26 43.91
N SER A 41 46.10 124.25 43.23
CA SER A 41 46.20 125.64 43.68
C SER A 41 45.29 125.89 44.86
N VAL A 42 44.14 125.22 44.90
CA VAL A 42 43.19 125.40 46.00
C VAL A 42 43.76 124.83 47.29
N ASP A 43 44.59 123.79 47.17
CA ASP A 43 45.30 123.26 48.33
C ASP A 43 46.27 124.31 48.89
N LYS A 44 46.82 125.16 48.04
CA LYS A 44 47.61 126.27 48.52
C LYS A 44 46.74 127.43 49.00
N ILE A 45 45.47 127.47 48.57
CA ILE A 45 44.54 128.45 49.12
C ILE A 45 44.11 128.04 50.53
N GLU A 46 43.92 126.74 50.76
CA GLU A 46 43.36 126.28 52.02
C GLU A 46 44.34 126.37 53.17
N VAL A 47 45.62 126.04 52.93
CA VAL A 47 46.61 126.14 53.98
C VAL A 47 46.92 127.60 54.29
N LEU A 48 46.94 128.44 53.26
CA LEU A 48 47.12 129.88 53.46
C LEU A 48 45.84 130.59 53.88
N TYR A 49 44.72 129.86 54.01
CA TYR A 49 43.51 130.44 54.57
C TYR A 49 43.58 130.56 56.09
N GLU A 50 44.40 129.72 56.74
CA GLU A 50 44.50 129.74 58.19
C GLU A 50 45.19 131.00 58.69
N ASP A 51 46.15 131.52 57.95
CA ASP A 51 46.79 132.79 58.25
C ASP A 51 46.28 133.77 57.20
N GLU A 52 45.35 134.64 57.60
CA GLU A 52 44.76 135.57 56.65
C GLU A 52 45.77 136.64 56.21
N GLY A 53 46.42 137.30 57.17
CA GLY A 53 47.49 138.24 56.89
C GLY A 53 47.01 139.50 56.21
N PHE A 54 46.64 139.35 54.95
CA PHE A 54 46.04 140.40 54.13
C PHE A 54 44.52 140.33 54.24
N ARG A 55 43.86 141.30 53.61
CA ARG A 55 42.44 141.53 53.80
C ARG A 55 41.58 140.97 52.65
N SER A 56 42.16 140.18 51.78
CA SER A 56 41.46 139.63 50.62
C SER A 56 41.18 138.14 50.79
N ARG A 57 40.85 137.72 52.01
CA ARG A 57 40.47 136.33 52.24
C ARG A 57 39.05 136.03 51.78
N GLN A 58 38.26 137.05 51.46
CA GLN A 58 36.88 136.84 51.03
C GLN A 58 36.83 136.24 49.62
N PHE A 59 37.67 136.75 48.72
CA PHE A 59 37.80 136.15 47.39
C PHE A 59 38.43 134.77 47.46
N ALA A 60 39.28 134.53 48.45
CA ALA A 60 39.86 133.20 48.64
C ALA A 60 38.80 132.20 49.06
N ALA A 61 37.91 132.59 49.99
CA ALA A 61 36.83 131.73 50.39
C ALA A 61 35.74 131.64 49.32
N LEU A 62 35.68 132.61 48.42
CA LEU A 62 34.68 132.59 47.36
C LEU A 62 35.00 131.52 46.32
N VAL A 63 36.20 131.60 45.73
CA VAL A 63 36.56 130.65 44.68
C VAL A 63 36.85 129.27 45.23
N ALA A 64 37.06 129.14 46.54
CA ALA A 64 37.13 127.82 47.16
C ALA A 64 35.78 127.12 47.09
N SER A 65 34.70 127.87 47.27
CA SER A 65 33.37 127.30 47.09
C SER A 65 33.06 127.04 45.63
N LYS A 66 33.58 127.89 44.73
CA LYS A 66 33.31 127.76 43.30
C LYS A 66 33.88 126.46 42.73
N VAL A 67 35.04 126.05 43.23
CA VAL A 67 35.65 124.83 42.70
C VAL A 67 35.10 123.59 43.42
N PHE A 68 34.73 123.71 44.69
CA PHE A 68 34.19 122.55 45.42
C PHE A 68 32.79 122.21 44.97
N TYR A 69 32.07 123.18 44.42
CA TYR A 69 30.78 122.92 43.79
C TYR A 69 30.94 122.17 42.47
N HIS A 70 31.97 122.52 41.70
CA HIS A 70 32.22 121.83 40.43
C HIS A 70 32.70 120.40 40.67
N LEU A 71 33.46 120.18 41.73
CA LEU A 71 33.82 118.82 42.11
C LEU A 71 32.63 118.10 42.72
N GLY A 72 31.81 118.80 43.50
CA GLY A 72 30.61 118.21 44.05
C GLY A 72 30.58 118.21 45.56
N ALA A 73 31.63 118.77 46.17
CA ALA A 73 31.66 118.90 47.62
C ALA A 73 30.62 119.94 48.04
N PHE A 74 29.76 119.56 48.99
CA PHE A 74 28.63 120.38 49.38
C PHE A 74 28.78 120.99 50.76
N GLU A 75 29.35 120.24 51.71
CA GLU A 75 29.59 120.78 53.04
C GLU A 75 30.67 121.85 52.98
N GLU A 76 31.81 121.54 52.36
CA GLU A 76 32.91 122.48 52.30
C GLU A 76 32.60 123.66 51.37
N SER A 77 31.68 123.47 50.43
CA SER A 77 31.17 124.62 49.68
C SER A 77 30.36 125.53 50.58
N LEU A 78 29.71 124.98 51.60
CA LEU A 78 28.89 125.77 52.50
C LEU A 78 29.69 126.33 53.67
N ASN A 79 30.72 125.61 54.12
CA ASN A 79 31.60 126.15 55.16
C ASN A 79 32.39 127.35 54.66
N TYR A 80 32.63 127.43 53.35
CA TYR A 80 33.33 128.57 52.78
C TYR A 80 32.37 129.58 52.16
N ALA A 81 31.11 129.19 52.00
CA ALA A 81 30.05 130.17 51.73
C ALA A 81 29.81 131.05 52.94
N LEU A 82 29.78 130.44 54.13
CA LEU A 82 29.63 131.23 55.35
C LEU A 82 30.91 131.98 55.66
N GLY A 83 32.05 131.38 55.40
CA GLY A 83 33.32 132.03 55.63
C GLY A 83 33.65 133.13 54.65
N ALA A 84 32.94 133.22 53.53
CA ALA A 84 33.18 134.26 52.54
C ALA A 84 32.85 135.65 53.08
N GLY A 85 31.57 135.92 53.35
CA GLY A 85 31.17 137.18 53.97
C GLY A 85 30.31 138.01 53.02
N ASP A 86 30.71 139.27 52.86
CA ASP A 86 29.86 140.26 52.18
C ASP A 86 29.78 139.99 50.68
N LEU A 87 30.82 139.39 50.09
CA LEU A 87 30.75 139.07 48.66
C LEU A 87 29.78 137.94 48.39
N PHE A 88 29.60 137.04 49.37
CA PHE A 88 28.61 135.98 49.25
C PHE A 88 27.20 136.50 49.44
N ASN A 89 27.03 137.45 50.36
CA ASN A 89 25.68 137.91 50.72
C ASN A 89 25.08 138.80 49.64
N VAL A 90 25.91 139.59 48.96
CA VAL A 90 25.41 140.58 48.01
C VAL A 90 24.89 139.90 46.75
N ASN A 91 25.35 138.69 46.46
CA ASN A 91 24.92 137.99 45.25
C ASN A 91 23.54 137.38 45.44
N ASP A 92 22.65 137.63 44.48
CA ASP A 92 21.37 136.94 44.46
C ASP A 92 20.90 136.56 43.06
N ASN A 93 21.68 136.81 42.01
CA ASN A 93 21.27 136.49 40.64
C ASN A 93 22.36 135.66 39.98
N SER A 94 22.29 134.35 40.17
CA SER A 94 23.17 133.39 39.52
C SER A 94 22.53 132.02 39.61
N GLU A 95 22.89 131.15 38.65
CA GLU A 95 22.61 129.73 38.81
C GLU A 95 23.45 129.13 39.92
N TYR A 96 24.59 129.74 40.23
CA TYR A 96 25.44 129.21 41.29
C TYR A 96 24.92 129.55 42.67
N VAL A 97 24.45 130.77 42.87
CA VAL A 97 24.13 131.24 44.22
C VAL A 97 22.84 130.61 44.73
N GLU A 98 21.97 130.17 43.82
CA GLU A 98 20.67 129.65 44.22
C GLU A 98 20.74 128.21 44.69
N THR A 99 21.74 127.44 44.24
CA THR A 99 21.84 126.04 44.62
C THR A 99 22.44 125.89 46.00
N ILE A 100 23.40 126.75 46.33
CA ILE A 100 24.10 126.67 47.60
C ILE A 100 23.30 127.25 48.75
N ILE A 101 22.38 128.16 48.48
CA ILE A 101 21.48 128.57 49.55
C ILE A 101 20.41 127.51 49.75
N ALA A 102 20.10 126.74 48.70
CA ALA A 102 19.16 125.64 48.83
C ALA A 102 19.75 124.52 49.68
N LYS A 103 21.06 124.31 49.59
CA LYS A 103 21.72 123.40 50.51
C LYS A 103 21.78 123.98 51.92
N CYS A 104 21.85 125.31 52.03
CA CYS A 104 21.97 125.96 53.32
C CYS A 104 20.68 125.87 54.13
N ILE A 105 19.55 126.11 53.47
CA ILE A 105 18.25 125.95 54.12
C ILE A 105 18.03 124.48 54.45
N ASP A 106 18.48 123.59 53.57
CA ASP A 106 18.44 122.15 53.83
C ASP A 106 19.33 121.78 55.00
N HIS A 107 20.51 122.40 55.09
CA HIS A 107 21.37 122.19 56.25
C HIS A 107 20.78 122.82 57.50
N TYR A 108 20.00 123.88 57.33
CA TYR A 108 19.41 124.54 58.50
C TYR A 108 18.19 123.78 59.00
N THR A 109 17.35 123.30 58.10
CA THR A 109 16.12 122.65 58.52
C THR A 109 16.36 121.23 59.03
N LYS A 110 17.48 120.60 58.66
CA LYS A 110 17.80 119.32 59.27
C LYS A 110 18.55 119.50 60.58
N GLN A 111 18.96 120.74 60.87
CA GLN A 111 19.58 121.03 62.15
C GLN A 111 18.53 121.32 63.21
N CYS A 112 17.51 122.11 62.85
CA CYS A 112 16.50 122.52 63.83
C CYS A 112 15.60 121.36 64.22
N VAL A 113 15.24 120.50 63.26
CA VAL A 113 14.48 119.30 63.57
C VAL A 113 15.33 118.35 64.41
N GLU A 114 16.65 118.34 64.19
CA GLU A 114 17.54 117.62 65.10
C GLU A 114 17.56 118.29 66.47
N ASN A 115 17.61 119.62 66.52
CA ASN A 115 17.59 120.32 67.79
C ASN A 115 16.19 120.39 68.42
N ALA A 116 15.14 120.04 67.67
CA ALA A 116 13.82 120.00 68.26
C ALA A 116 13.65 118.81 69.20
N ASP A 117 14.40 117.72 68.98
CA ASP A 117 14.32 116.56 69.85
C ASP A 117 15.00 116.77 71.20
N LEU A 118 15.86 117.77 71.34
CA LEU A 118 16.51 118.09 72.60
C LEU A 118 16.28 119.57 72.93
N PRO A 119 15.21 119.89 73.65
CA PRO A 119 15.08 121.23 74.21
C PRO A 119 15.91 121.43 75.48
N GLU A 120 16.20 120.35 76.20
CA GLU A 120 16.91 120.42 77.47
C GLU A 120 18.41 120.41 77.15
N GLY A 121 19.00 121.61 77.08
CA GLY A 121 20.43 121.85 76.90
C GLY A 121 20.97 121.24 75.63
N GLU A 122 22.31 121.02 75.64
CA GLU A 122 23.14 120.36 74.63
C GLU A 122 22.83 120.70 73.18
N LYS A 123 22.44 121.95 72.93
CA LYS A 123 22.09 122.39 71.59
C LYS A 123 23.34 122.70 70.80
N LYS A 124 23.24 122.57 69.49
CA LYS A 124 24.37 122.87 68.64
C LYS A 124 24.56 124.37 68.48
N PRO A 125 25.80 124.84 68.42
CA PRO A 125 26.02 126.27 68.19
C PRO A 125 25.66 126.67 66.76
N ILE A 126 24.99 127.81 66.66
CA ILE A 126 24.37 128.26 65.42
C ILE A 126 25.09 129.52 64.95
N ASP A 127 25.55 129.51 63.71
CA ASP A 127 26.21 130.68 63.15
C ASP A 127 25.21 131.80 62.91
N GLN A 128 25.68 133.03 63.06
CA GLN A 128 24.88 134.19 62.74
C GLN A 128 24.81 134.45 61.25
N ARG A 129 25.79 133.96 60.49
CA ARG A 129 25.81 134.21 59.06
C ARG A 129 24.89 133.27 58.29
N LEU A 130 24.64 132.07 58.82
CA LEU A 130 23.65 131.21 58.19
C LEU A 130 22.24 131.75 58.41
N GLU A 131 21.96 132.28 59.60
CA GLU A 131 20.68 132.93 59.82
C GLU A 131 20.68 134.36 59.34
N GLY A 132 21.82 134.86 58.88
CA GLY A 132 21.85 136.16 58.23
C GLY A 132 21.25 136.13 56.85
N ILE A 133 21.25 134.97 56.20
CA ILE A 133 20.60 134.82 54.90
C ILE A 133 19.24 134.17 54.99
N VAL A 134 18.89 133.59 56.14
CA VAL A 134 17.55 133.05 56.34
C VAL A 134 16.53 134.19 56.40
N ASN A 135 16.75 135.15 57.29
CA ASN A 135 15.83 136.28 57.39
C ASN A 135 15.97 137.25 56.22
N LYS A 136 17.14 137.26 55.58
CA LYS A 136 17.30 138.05 54.35
C LYS A 136 16.43 137.49 53.25
N MET A 137 16.37 136.16 53.14
CA MET A 137 15.48 135.56 52.16
C MET A 137 14.02 135.67 52.58
N PHE A 138 13.76 135.76 53.89
CA PHE A 138 12.40 136.01 54.36
C PHE A 138 11.90 137.38 53.94
N GLN A 139 12.78 138.39 53.97
CA GLN A 139 12.40 139.71 53.48
C GLN A 139 12.21 139.71 51.97
N ARG A 140 12.96 138.87 51.25
CA ARG A 140 12.66 138.66 49.85
C ARG A 140 11.32 137.98 49.66
N CYS A 141 10.93 137.13 50.62
CA CYS A 141 9.61 136.50 50.54
C CYS A 141 8.49 137.48 50.88
N LEU A 142 8.78 138.47 51.75
CA LEU A 142 7.76 139.46 52.07
C LEU A 142 7.54 140.41 50.90
N ASP A 143 8.63 140.87 50.29
CA ASP A 143 8.54 141.89 49.24
C ASP A 143 8.05 141.34 47.93
N ASP A 144 8.17 140.02 47.72
CA ASP A 144 7.66 139.39 46.51
C ASP A 144 6.14 139.34 46.49
N HIS A 145 5.50 139.48 47.66
CA HIS A 145 4.06 139.53 47.93
C HIS A 145 3.42 138.15 47.77
N LYS A 146 4.22 137.13 47.46
CA LYS A 146 3.75 135.76 47.47
C LYS A 146 4.08 135.17 48.84
N TYR A 147 3.08 135.16 49.73
CA TYR A 147 3.29 134.76 51.12
C TYR A 147 3.05 133.28 51.36
N LYS A 148 2.59 132.54 50.34
CA LYS A 148 2.60 131.09 50.43
C LYS A 148 4.02 130.54 50.38
N GLN A 149 4.90 131.21 49.65
CA GLN A 149 6.32 130.89 49.69
C GLN A 149 6.89 131.19 51.08
N ALA A 150 6.42 132.26 51.70
CA ALA A 150 6.94 132.66 53.00
C ALA A 150 6.45 131.73 54.10
N ILE A 151 5.22 131.26 53.99
CA ILE A 151 4.65 130.43 55.05
C ILE A 151 5.14 128.99 54.94
N GLY A 152 5.69 128.59 53.80
CA GLY A 152 6.18 127.22 53.66
C GLY A 152 7.48 127.00 54.40
N ILE A 153 8.40 127.95 54.30
CA ILE A 153 9.67 127.84 55.01
C ILE A 153 9.45 128.11 56.49
N ALA A 154 8.44 128.93 56.81
CA ALA A 154 8.19 129.33 58.19
C ALA A 154 7.70 128.17 59.05
N LEU A 155 7.13 127.13 58.43
CA LEU A 155 6.82 125.92 59.18
C LEU A 155 7.96 124.91 59.15
N GLU A 156 8.75 124.89 58.08
CA GLU A 156 9.86 123.96 58.00
C GLU A 156 11.08 124.39 58.82
N THR A 157 11.07 125.61 59.35
CA THR A 157 12.18 126.13 60.13
C THR A 157 12.00 125.93 61.64
N ARG A 158 10.82 125.48 62.06
CA ARG A 158 10.46 125.26 63.46
C ARG A 158 10.62 126.54 64.29
N ARG A 159 10.24 127.66 63.70
CA ARG A 159 10.32 128.95 64.35
C ARG A 159 8.94 129.60 64.37
N LEU A 160 8.55 130.10 65.54
CA LEU A 160 7.17 130.49 65.78
C LEU A 160 6.92 131.98 65.55
N ASP A 161 7.88 132.85 65.89
CA ASP A 161 7.62 134.28 65.78
C ASP A 161 7.70 134.77 64.34
N VAL A 162 8.42 134.05 63.48
CA VAL A 162 8.35 134.37 62.05
C VAL A 162 7.04 133.84 61.48
N PHE A 163 6.47 132.81 62.10
CA PHE A 163 5.13 132.37 61.72
C PHE A 163 4.07 133.35 62.18
N GLU A 164 4.24 133.92 63.38
CA GLU A 164 3.31 134.92 63.87
C GLU A 164 3.39 136.21 63.07
N LYS A 165 4.57 136.55 62.58
CA LYS A 165 4.77 137.79 61.82
C LYS A 165 4.06 137.76 60.48
N THR A 166 3.98 136.59 59.85
CA THR A 166 3.32 136.47 58.56
C THR A 166 1.80 136.58 58.69
N ILE A 167 1.23 135.89 59.67
CA ILE A 167 -0.22 135.89 59.82
C ILE A 167 -0.73 137.21 60.41
N LEU A 168 0.11 137.93 61.13
CA LEU A 168 -0.25 139.25 61.63
C LEU A 168 -0.26 140.29 60.53
N GLU A 169 0.43 140.04 59.43
CA GLU A 169 0.50 140.98 58.32
C GLU A 169 -0.85 141.01 57.60
N SER A 170 -1.22 142.21 57.12
CA SER A 170 -2.55 142.51 56.59
C SER A 170 -2.77 142.05 55.16
N ASN A 171 -2.04 141.02 54.74
CA ASN A 171 -2.13 140.50 53.37
C ASN A 171 -3.52 139.92 53.10
N ASP A 172 -3.79 138.75 53.66
CA ASP A 172 -5.03 138.04 53.31
C ASP A 172 -5.67 137.44 54.56
N VAL A 173 -5.84 138.23 55.62
CA VAL A 173 -5.92 137.88 57.05
C VAL A 173 -6.79 136.67 57.38
N PRO A 174 -8.03 136.49 56.86
CA PRO A 174 -8.70 135.21 57.13
C PRO A 174 -8.19 134.07 56.26
N GLY A 175 -7.98 134.34 54.98
CA GLY A 175 -7.63 133.33 53.99
C GLY A 175 -6.30 132.64 54.18
N MET A 176 -5.22 133.44 54.28
CA MET A 176 -3.88 132.88 54.50
C MET A 176 -3.79 132.19 55.85
N LEU A 177 -4.53 132.68 56.85
CA LEU A 177 -4.60 132.01 58.14
C LEU A 177 -5.36 130.69 58.03
N ALA A 178 -6.42 130.65 57.22
CA ALA A 178 -7.15 129.40 57.05
C ALA A 178 -6.42 128.44 56.13
N TYR A 179 -5.60 128.97 55.22
CA TYR A 179 -4.68 128.11 54.48
C TYR A 179 -3.61 127.53 55.40
N SER A 180 -3.24 128.26 56.45
CA SER A 180 -2.28 127.76 57.41
C SER A 180 -2.88 126.70 58.32
N LEU A 181 -4.14 126.86 58.72
CA LEU A 181 -4.78 125.87 59.59
C LEU A 181 -5.10 124.60 58.81
N LYS A 182 -5.52 124.74 57.55
CA LYS A 182 -5.77 123.59 56.71
C LYS A 182 -4.50 122.79 56.43
N LEU A 183 -3.35 123.47 56.42
CA LEU A 183 -2.08 122.79 56.27
C LEU A 183 -1.75 121.99 57.53
N CYS A 184 -2.04 122.54 58.70
CA CYS A 184 -1.65 121.87 59.94
C CYS A 184 -2.68 120.83 60.37
N MET A 185 -3.95 121.03 60.05
CA MET A 185 -4.97 120.08 60.46
C MET A 185 -4.96 118.84 59.60
N SER A 186 -4.77 118.99 58.28
CA SER A 186 -4.80 117.85 57.39
C SER A 186 -3.53 117.02 57.52
N LEU A 187 -2.38 117.61 57.25
CA LEU A 187 -1.10 116.91 57.29
C LEU A 187 -0.31 117.33 58.52
N MET A 188 0.11 116.34 59.31
CA MET A 188 0.99 116.50 60.45
C MET A 188 1.46 115.12 60.89
N GLN A 189 2.74 115.01 61.20
CA GLN A 189 3.31 113.78 61.72
C GLN A 189 3.83 113.94 63.14
N ASN A 190 4.52 115.03 63.44
CA ASN A 190 5.05 115.25 64.77
C ASN A 190 4.03 116.01 65.62
N LYS A 191 3.89 115.59 66.87
CA LYS A 191 2.95 116.22 67.78
C LYS A 191 3.65 117.13 68.79
N GLN A 192 4.98 117.23 68.72
CA GLN A 192 5.70 118.04 69.71
C GLN A 192 5.48 119.54 69.47
N PHE A 193 5.47 119.97 68.23
CA PHE A 193 5.19 121.37 67.92
C PHE A 193 3.76 121.56 67.45
N ARG A 194 2.94 120.50 67.47
CA ARG A 194 1.56 120.62 67.02
C ARG A 194 0.75 121.51 67.94
N ASN A 195 0.90 121.34 69.25
CA ASN A 195 0.30 122.25 70.20
C ASN A 195 0.89 123.66 70.11
N LYS A 196 2.19 123.76 69.80
CA LYS A 196 2.85 125.07 69.71
C LYS A 196 2.32 125.86 68.52
N VAL A 197 2.07 125.18 67.40
CA VAL A 197 1.40 125.84 66.29
C VAL A 197 -0.07 126.08 66.64
N LEU A 198 -0.66 125.17 67.42
CA LEU A 198 -2.06 125.34 67.80
C LEU A 198 -2.25 126.48 68.78
N ARG A 199 -1.35 126.63 69.74
CA ARG A 199 -1.49 127.69 70.73
C ARG A 199 -1.10 129.05 70.19
N VAL A 200 -0.41 129.10 69.06
CA VAL A 200 -0.10 130.40 68.45
C VAL A 200 -1.17 130.79 67.43
N LEU A 201 -1.99 129.83 66.99
CA LEU A 201 -3.17 130.16 66.21
C LEU A 201 -4.19 130.91 67.05
N VAL A 202 -4.46 130.41 68.26
CA VAL A 202 -5.44 131.05 69.14
C VAL A 202 -4.96 132.37 69.71
N LYS A 203 -3.67 132.68 69.57
CA LYS A 203 -3.19 134.02 69.88
C LYS A 203 -3.79 135.04 68.91
N ILE A 204 -3.74 134.75 67.61
CA ILE A 204 -4.11 135.75 66.62
C ILE A 204 -5.63 135.94 66.53
N TYR A 205 -6.42 134.98 67.02
CA TYR A 205 -7.86 135.19 67.03
C TYR A 205 -8.28 136.11 68.17
N MET A 206 -7.52 136.13 69.26
CA MET A 206 -7.84 137.00 70.39
C MET A 206 -7.67 138.46 70.01
N ASN A 207 -6.45 138.86 69.70
CA ASN A 207 -6.12 140.27 69.47
C ASN A 207 -6.10 140.59 67.97
N LEU A 208 -7.22 140.38 67.30
CA LEU A 208 -7.19 140.77 65.89
C LEU A 208 -8.06 141.99 65.61
N GLU A 209 -9.38 141.82 65.62
CA GLU A 209 -10.27 142.96 65.75
C GLU A 209 -11.49 142.60 66.60
N LYS A 210 -11.99 141.39 66.37
CA LYS A 210 -13.38 141.03 66.65
C LYS A 210 -13.45 139.68 67.34
N PRO A 211 -14.48 139.45 68.16
CA PRO A 211 -14.71 138.10 68.68
C PRO A 211 -15.22 137.19 67.58
N ASP A 212 -14.51 136.09 67.36
CA ASP A 212 -14.82 135.04 66.41
C ASP A 212 -14.68 133.68 67.05
N PHE A 213 -15.32 133.52 68.22
CA PHE A 213 -15.02 132.43 69.15
C PHE A 213 -15.66 131.11 68.71
N ILE A 214 -15.32 130.69 67.49
CA ILE A 214 -15.70 129.38 66.98
C ILE A 214 -14.48 128.53 66.68
N ASN A 215 -13.38 129.15 66.25
CA ASN A 215 -12.19 128.39 65.95
C ASN A 215 -11.32 128.20 67.18
N VAL A 216 -11.39 129.12 68.14
CA VAL A 216 -10.64 128.94 69.39
C VAL A 216 -11.23 127.80 70.19
N CYS A 217 -12.56 127.73 70.24
CA CYS A 217 -13.20 126.58 70.85
C CYS A 217 -12.97 125.31 70.04
N GLN A 218 -12.76 125.44 68.74
CA GLN A 218 -12.41 124.28 67.93
C GLN A 218 -10.99 123.82 68.22
N CYS A 219 -10.06 124.76 68.43
CA CYS A 219 -8.68 124.39 68.73
C CYS A 219 -8.51 123.91 70.17
N LEU A 220 -9.30 124.45 71.10
CA LEU A 220 -9.17 124.03 72.49
C LEU A 220 -9.82 122.67 72.74
N ILE A 221 -10.75 122.25 71.87
CA ILE A 221 -11.16 120.85 71.86
C ILE A 221 -10.01 119.97 71.39
N PHE A 222 -9.25 120.45 70.40
CA PHE A 222 -8.11 119.69 69.91
C PHE A 222 -6.98 119.65 70.93
N LEU A 223 -6.89 120.66 71.79
CA LEU A 223 -6.00 120.63 72.93
C LEU A 223 -6.80 120.10 74.13
N ASP A 224 -6.23 120.14 75.33
CA ASP A 224 -6.96 119.82 76.56
C ASP A 224 -6.96 121.06 77.46
N ASP A 225 -7.93 121.93 77.21
CA ASP A 225 -8.14 123.12 78.03
C ASP A 225 -9.57 123.13 78.54
N PRO A 226 -9.83 122.45 79.66
CA PRO A 226 -11.18 122.52 80.23
C PRO A 226 -11.47 123.87 80.85
N GLN A 227 -10.51 124.44 81.57
CA GLN A 227 -10.72 125.68 82.30
C GLN A 227 -10.67 126.90 81.39
N ALA A 228 -10.03 126.81 80.23
CA ALA A 228 -9.91 127.95 79.34
C ALA A 228 -11.09 128.10 78.39
N VAL A 229 -11.87 127.05 78.19
CA VAL A 229 -13.13 127.19 77.48
C VAL A 229 -14.19 127.78 78.40
N SER A 230 -14.22 127.34 79.65
CA SER A 230 -15.21 127.81 80.62
C SER A 230 -15.01 129.28 80.97
N ASP A 231 -13.82 129.83 80.77
CA ASP A 231 -13.61 131.25 81.01
C ASP A 231 -14.22 132.09 79.89
N ILE A 232 -14.02 131.68 78.63
CA ILE A 232 -14.54 132.48 77.53
C ILE A 232 -16.01 132.23 77.28
N LEU A 233 -16.57 131.11 77.77
CA LEU A 233 -18.02 130.93 77.70
C LEU A 233 -18.72 131.81 78.72
N GLU A 234 -18.07 132.08 79.85
CA GLU A 234 -18.60 133.03 80.81
C GLU A 234 -18.54 134.45 80.25
N LYS A 235 -17.55 134.74 79.40
CA LYS A 235 -17.47 136.06 78.80
C LYS A 235 -18.53 136.26 77.73
N LEU A 236 -18.94 135.20 77.05
CA LEU A 236 -20.00 135.32 76.05
C LEU A 236 -21.34 135.65 76.69
N VAL A 237 -21.59 135.09 77.87
CA VAL A 237 -22.81 135.41 78.62
C VAL A 237 -22.71 136.81 79.22
N LYS A 238 -21.50 137.20 79.64
CA LYS A 238 -21.31 138.50 80.27
C LYS A 238 -21.48 139.66 79.28
N GLU A 239 -21.04 139.48 78.04
CA GLU A 239 -21.18 140.51 77.03
C GLU A 239 -22.56 140.50 76.34
N ASP A 240 -23.50 139.70 76.86
CA ASP A 240 -24.84 139.50 76.31
C ASP A 240 -24.78 139.04 74.85
N ASN A 241 -24.13 137.89 74.66
CA ASN A 241 -23.97 137.27 73.35
C ASN A 241 -24.36 135.81 73.51
N LEU A 242 -25.66 135.54 73.35
CA LEU A 242 -26.17 134.18 73.42
C LEU A 242 -26.47 133.60 72.05
N LEU A 243 -26.19 134.34 70.98
CA LEU A 243 -26.44 133.84 69.63
C LEU A 243 -25.42 132.79 69.24
N MET A 244 -24.14 133.18 69.23
CA MET A 244 -23.09 132.22 68.90
C MET A 244 -22.74 131.32 70.07
N ALA A 245 -23.09 131.72 71.30
CA ALA A 245 -22.84 130.87 72.45
C ALA A 245 -23.75 129.65 72.44
N TYR A 246 -24.98 129.82 71.95
CA TYR A 246 -25.88 128.70 71.75
C TYR A 246 -25.37 127.77 70.64
N GLN A 247 -24.71 128.33 69.63
CA GLN A 247 -24.17 127.55 68.54
C GLN A 247 -22.93 126.76 68.96
N ILE A 248 -22.03 127.41 69.70
CA ILE A 248 -20.72 126.84 69.96
C ILE A 248 -20.77 125.70 70.97
N CYS A 249 -21.78 125.68 71.84
CA CYS A 249 -21.92 124.59 72.79
C CYS A 249 -22.40 123.31 72.12
N PHE A 250 -23.16 123.44 71.03
CA PHE A 250 -23.55 122.26 70.27
C PHE A 250 -22.35 121.67 69.54
N ASP A 251 -21.48 122.53 69.00
CA ASP A 251 -20.26 122.05 68.35
C ASP A 251 -19.32 121.42 69.36
N LEU A 252 -19.33 121.92 70.59
CA LEU A 252 -18.54 121.30 71.66
C LEU A 252 -19.14 119.96 72.05
N TYR A 253 -20.46 119.84 72.00
CA TYR A 253 -21.10 118.57 72.30
C TYR A 253 -20.90 117.56 71.17
N GLU A 254 -20.96 118.03 69.93
CA GLU A 254 -20.89 117.11 68.80
C GLU A 254 -19.48 116.60 68.57
N SER A 255 -18.48 117.46 68.75
CA SER A 255 -17.11 117.06 68.46
C SER A 255 -16.51 116.26 69.61
N ALA A 256 -16.33 116.90 70.76
CA ALA A 256 -15.76 116.22 71.91
C ALA A 256 -16.83 115.38 72.60
N SER A 257 -16.43 114.22 73.11
CA SER A 257 -17.37 113.22 73.59
C SER A 257 -17.44 113.13 75.11
N GLN A 258 -16.30 112.89 75.76
CA GLN A 258 -16.31 112.54 77.17
C GLN A 258 -15.03 113.05 77.80
N GLN A 259 -15.12 113.34 79.12
CA GLN A 259 -14.06 113.69 80.07
C GLN A 259 -13.55 115.12 79.85
N PHE A 260 -13.95 115.73 78.75
CA PHE A 260 -13.76 117.16 78.53
C PHE A 260 -15.03 117.93 78.80
N LEU A 261 -16.19 117.33 78.52
CA LEU A 261 -17.46 118.00 78.77
C LEU A 261 -17.82 117.96 80.25
N SER A 262 -17.54 116.83 80.92
CA SER A 262 -17.79 116.74 82.35
C SER A 262 -16.84 117.61 83.14
N SER A 263 -15.65 117.87 82.59
CA SER A 263 -14.73 118.79 83.24
C SER A 263 -15.17 120.24 83.06
N VAL A 264 -15.58 120.61 81.85
CA VAL A 264 -15.91 122.01 81.58
C VAL A 264 -17.26 122.39 82.19
N ILE A 265 -18.14 121.43 82.44
CA ILE A 265 -19.37 121.75 83.17
C ILE A 265 -19.10 121.82 84.66
N GLN A 266 -17.96 121.27 85.11
CA GLN A 266 -17.54 121.42 86.49
C GLN A 266 -16.84 122.75 86.72
N ASN A 267 -16.01 123.17 85.75
CA ASN A 267 -15.35 124.46 85.83
C ASN A 267 -16.28 125.62 85.54
N LEU A 268 -17.47 125.35 84.99
CA LEU A 268 -18.41 126.42 84.71
C LEU A 268 -19.12 126.88 85.96
N ARG A 269 -19.54 125.95 86.81
CA ARG A 269 -20.25 126.28 88.04
C ARG A 269 -19.29 126.54 89.21
N THR A 270 -18.02 126.78 88.93
CA THR A 270 -17.04 127.16 89.95
C THR A 270 -17.36 128.50 90.58
N ASP A 320 -32.69 130.12 83.69
CA ASP A 320 -31.75 131.20 83.46
C ASP A 320 -30.81 130.91 82.29
N GLN A 321 -30.04 131.93 81.89
CA GLN A 321 -28.98 131.73 80.92
C GLN A 321 -27.85 130.85 81.46
N THR A 322 -27.72 130.76 82.78
CA THR A 322 -26.81 129.78 83.37
C THR A 322 -27.39 128.38 83.24
N LEU A 323 -28.68 128.22 83.56
CA LEU A 323 -29.31 126.91 83.42
C LEU A 323 -29.51 126.53 81.96
N LYS A 324 -29.58 127.52 81.07
CA LYS A 324 -29.68 127.22 79.64
C LYS A 324 -28.38 126.66 79.12
N MET A 325 -27.24 127.20 79.57
CA MET A 325 -25.95 126.74 79.06
C MET A 325 -25.45 125.49 79.76
N ILE A 326 -26.09 125.04 80.85
CA ILE A 326 -25.77 123.74 81.41
C ILE A 326 -26.35 122.62 80.54
N LYS A 327 -27.61 122.78 80.15
CA LYS A 327 -28.35 121.70 79.48
C LYS A 327 -27.79 121.40 78.10
N ILE A 328 -27.27 122.42 77.42
CA ILE A 328 -26.71 122.24 76.09
C ILE A 328 -25.27 121.75 76.11
N LEU A 329 -24.63 121.75 77.29
CA LEU A 329 -23.29 121.20 77.43
C LEU A 329 -23.29 119.77 77.97
N SER A 330 -24.41 119.32 78.55
CA SER A 330 -24.56 117.92 78.93
C SER A 330 -25.23 117.10 77.85
N GLY A 331 -26.24 117.68 77.21
CA GLY A 331 -26.88 117.07 76.06
C GLY A 331 -28.18 116.40 76.44
N GLU A 332 -29.28 117.13 76.28
CA GLU A 332 -30.62 116.58 76.45
C GLU A 332 -31.49 116.82 75.23
N MET A 333 -31.53 118.05 74.73
CA MET A 333 -32.31 118.34 73.54
C MET A 333 -31.63 117.79 72.29
N ALA A 334 -30.31 117.61 72.32
CA ALA A 334 -29.59 117.07 71.19
C ALA A 334 -29.96 115.61 70.94
N ILE A 335 -30.38 114.90 71.97
CA ILE A 335 -31.00 113.60 71.78
C ILE A 335 -32.44 113.76 71.31
N GLU A 336 -33.13 114.78 71.83
CA GLU A 336 -34.56 114.95 71.57
C GLU A 336 -34.84 115.32 70.13
N LEU A 337 -34.09 116.28 69.59
CA LEU A 337 -34.24 116.64 68.18
C LEU A 337 -33.75 115.51 67.28
N HIS A 338 -32.76 114.76 67.74
CA HIS A 338 -32.34 113.55 67.03
C HIS A 338 -33.42 112.49 67.09
N LEU A 339 -34.10 112.38 68.24
CA LEU A 339 -35.22 111.45 68.34
C LEU A 339 -36.42 111.94 67.53
N GLN A 340 -36.64 113.25 67.51
CA GLN A 340 -37.72 113.83 66.73
C GLN A 340 -37.47 113.66 65.23
N PHE A 341 -36.20 113.70 64.83
CA PHE A 341 -35.85 113.54 63.42
C PHE A 341 -36.13 112.12 62.94
N LEU A 342 -35.96 111.14 63.82
CA LEU A 342 -36.15 109.76 63.42
C LEU A 342 -37.59 109.30 63.54
N ILE A 343 -38.38 109.97 64.38
CA ILE A 343 -39.78 109.57 64.52
C ILE A 343 -40.63 110.23 63.44
N ARG A 344 -40.18 111.37 62.91
CA ARG A 344 -40.87 111.97 61.76
C ARG A 344 -40.55 111.21 60.48
N ASN A 345 -39.28 111.19 60.11
CA ASN A 345 -38.84 110.59 58.86
C ASN A 345 -38.66 109.09 59.04
N ASN A 346 -39.21 108.32 58.11
CA ASN A 346 -39.14 106.86 58.21
C ASN A 346 -39.34 106.27 56.82
N ASN A 347 -38.39 105.45 56.39
CA ASN A 347 -38.55 104.71 55.13
C ASN A 347 -38.01 103.30 55.37
N THR A 348 -38.88 102.43 55.85
CA THR A 348 -38.55 101.02 56.05
C THR A 348 -39.56 100.18 55.28
N ASP A 349 -39.05 99.36 54.38
CA ASP A 349 -39.91 98.51 53.57
C ASP A 349 -40.26 97.25 54.33
N LEU A 350 -41.55 96.96 54.41
CA LEU A 350 -42.02 95.77 55.09
C LEU A 350 -41.85 94.52 54.24
N MET A 351 -41.89 94.66 52.91
CA MET A 351 -42.01 93.51 52.02
C MET A 351 -40.73 92.69 51.98
N ILE A 352 -39.57 93.36 51.99
CA ILE A 352 -38.27 92.67 51.95
C ILE A 352 -38.08 91.81 53.18
N LEU A 353 -38.45 92.34 54.34
CA LEU A 353 -38.40 91.58 55.58
C LEU A 353 -39.40 90.44 55.57
N LYS A 354 -40.52 90.60 54.88
CA LYS A 354 -41.41 89.47 54.64
C LYS A 354 -40.80 88.50 53.63
N ASN A 355 -40.08 89.01 52.63
CA ASN A 355 -39.44 88.13 51.66
C ASN A 355 -38.22 87.43 52.24
N THR A 356 -37.68 87.90 53.36
CA THR A 356 -36.61 87.16 54.02
C THR A 356 -37.13 86.23 55.10
N LYS A 357 -38.30 86.52 55.66
CA LYS A 357 -38.83 85.70 56.76
C LYS A 357 -39.30 84.35 56.25
N ASP A 358 -40.01 84.34 55.12
CA ASP A 358 -40.59 83.11 54.59
C ASP A 358 -39.54 82.18 53.98
N ALA A 359 -38.35 82.69 53.65
CA ALA A 359 -37.26 81.89 53.11
C ALA A 359 -36.34 81.34 54.19
N VAL A 360 -36.87 81.14 55.39
CA VAL A 360 -36.11 80.60 56.52
C VAL A 360 -36.73 79.27 56.91
N ARG A 361 -35.92 78.22 56.89
CA ARG A 361 -36.34 76.89 57.31
C ARG A 361 -36.23 76.78 58.83
N ASN A 362 -36.28 75.55 59.36
CA ASN A 362 -36.06 75.33 60.79
C ASN A 362 -34.57 75.35 61.15
N SER A 363 -33.90 76.45 60.85
CA SER A 363 -32.50 76.66 61.17
C SER A 363 -32.37 77.77 62.20
N VAL A 364 -31.13 78.14 62.52
CA VAL A 364 -30.86 79.25 63.44
C VAL A 364 -30.70 80.48 62.56
N CYS A 365 -31.81 81.15 62.29
CA CYS A 365 -31.78 82.39 61.55
C CYS A 365 -32.76 83.41 62.14
N HIS A 366 -33.47 83.06 63.21
CA HIS A 366 -34.29 84.04 63.91
C HIS A 366 -33.42 85.09 64.58
N THR A 367 -32.25 84.69 65.08
CA THR A 367 -31.27 85.63 65.58
C THR A 367 -30.72 86.49 64.46
N ALA A 368 -30.66 85.94 63.24
CA ALA A 368 -30.17 86.71 62.11
C ALA A 368 -31.20 87.72 61.63
N THR A 369 -32.49 87.47 61.89
CA THR A 369 -33.51 88.42 61.50
C THR A 369 -33.76 89.48 62.57
N VAL A 370 -33.70 89.09 63.85
CA VAL A 370 -33.91 90.09 64.89
C VAL A 370 -32.70 91.00 65.07
N ILE A 371 -31.56 90.64 64.48
CA ILE A 371 -30.46 91.60 64.38
C ILE A 371 -30.59 92.42 63.10
N ALA A 372 -31.38 91.95 62.13
CA ALA A 372 -31.53 92.67 60.88
C ALA A 372 -32.49 93.84 61.03
N ASN A 373 -33.63 93.62 61.69
CA ASN A 373 -34.59 94.70 61.84
C ASN A 373 -34.14 95.74 62.85
N SER A 374 -33.33 95.34 63.84
CA SER A 374 -32.86 96.29 64.83
C SER A 374 -31.87 97.28 64.23
N PHE A 375 -31.12 96.86 63.21
CA PHE A 375 -30.23 97.77 62.50
C PHE A 375 -31.01 98.79 61.70
N MET A 376 -32.09 98.36 61.06
CA MET A 376 -32.86 99.26 60.20
C MET A 376 -33.99 99.97 60.93
N HIS A 377 -34.27 99.59 62.17
CA HIS A 377 -35.22 100.34 62.99
C HIS A 377 -34.52 100.95 64.20
N CYS A 378 -33.21 101.18 64.10
CA CYS A 378 -32.47 101.78 65.18
C CYS A 378 -32.85 103.25 65.32
N GLY A 379 -33.43 103.60 66.46
CA GLY A 379 -33.95 104.94 66.66
C GLY A 379 -35.31 105.20 66.06
N THR A 380 -35.85 104.25 65.28
CA THR A 380 -37.18 104.41 64.72
C THR A 380 -38.25 104.32 65.79
N THR A 381 -37.97 103.53 66.84
CA THR A 381 -38.83 103.34 68.02
C THR A 381 -40.22 102.85 67.62
N SER A 382 -40.25 101.85 66.75
CA SER A 382 -41.49 101.28 66.25
C SER A 382 -41.41 99.77 66.35
N ASP A 383 -42.39 99.18 67.06
CA ASP A 383 -42.47 97.74 67.24
C ASP A 383 -43.61 97.22 66.39
N GLN A 384 -43.26 96.45 65.35
CA GLN A 384 -44.26 95.77 64.55
C GLN A 384 -43.95 94.30 64.33
N PHE A 385 -42.68 93.90 64.44
CA PHE A 385 -42.37 92.48 64.35
C PHE A 385 -42.55 91.79 65.68
N LEU A 386 -42.49 92.53 66.77
CA LEU A 386 -42.91 92.04 68.07
C LEU A 386 -44.42 92.18 68.27
N ARG A 387 -45.16 92.53 67.22
CA ARG A 387 -46.61 92.69 67.32
C ARG A 387 -47.39 91.80 66.36
N ASP A 388 -46.87 91.51 65.16
CA ASP A 388 -47.63 90.70 64.21
C ASP A 388 -47.42 89.20 64.41
N ASN A 389 -46.19 88.75 64.63
CA ASN A 389 -45.91 87.33 64.85
C ASN A 389 -45.03 87.18 66.10
N LEU A 390 -45.67 87.22 67.27
CA LEU A 390 -45.00 86.90 68.51
C LEU A 390 -44.76 85.41 68.65
N GLU A 391 -45.59 84.59 68.00
CA GLU A 391 -45.41 83.14 68.03
C GLU A 391 -44.19 82.74 67.23
N TRP A 392 -43.88 83.48 66.17
CA TRP A 392 -42.65 83.24 65.41
C TRP A 392 -41.42 83.63 66.21
N LEU A 393 -41.54 84.66 67.06
CA LEU A 393 -40.41 85.07 67.88
C LEU A 393 -40.15 84.08 69.01
N ALA A 394 -41.21 83.43 69.51
CA ALA A 394 -41.06 82.48 70.61
C ALA A 394 -40.72 81.08 70.13
N ARG A 395 -40.28 80.92 68.88
CA ARG A 395 -39.93 79.60 68.38
C ARG A 395 -38.54 79.17 68.85
N ALA A 396 -37.51 79.90 68.45
CA ALA A 396 -36.16 79.59 68.87
C ALA A 396 -35.92 80.05 70.31
N THR A 397 -34.88 79.50 70.94
CA THR A 397 -34.74 79.61 72.38
C THR A 397 -33.29 79.77 72.80
N ASN A 398 -33.12 80.12 74.07
CA ASN A 398 -31.94 79.95 74.93
C ASN A 398 -30.81 80.92 74.63
N TRP A 399 -30.82 81.54 73.44
CA TRP A 399 -30.20 82.84 73.22
C TRP A 399 -31.02 83.70 72.28
N ALA A 400 -32.00 83.13 71.58
CA ALA A 400 -32.85 83.95 70.72
C ALA A 400 -33.75 84.85 71.55
N LYS A 401 -34.22 84.36 72.70
CA LYS A 401 -34.92 85.24 73.63
C LYS A 401 -33.97 86.27 74.24
N PHE A 402 -32.69 85.93 74.35
CA PHE A 402 -31.70 86.90 74.81
C PHE A 402 -31.52 88.01 73.77
N THR A 403 -31.40 87.63 72.50
CA THR A 403 -31.10 88.60 71.47
C THR A 403 -32.32 89.44 71.11
N ALA A 404 -33.52 88.87 71.24
CA ALA A 404 -34.74 89.58 70.86
C ALA A 404 -35.05 90.72 71.82
N THR A 405 -34.97 90.46 73.13
CA THR A 405 -35.13 91.54 74.08
C THR A 405 -33.94 92.47 74.09
N ALA A 406 -32.79 92.02 73.59
CA ALA A 406 -31.70 92.95 73.30
C ALA A 406 -32.04 93.81 72.10
N SER A 407 -32.70 93.23 71.10
CA SER A 407 -33.10 93.96 69.90
C SER A 407 -34.17 94.99 70.18
N LEU A 408 -34.95 94.82 71.25
CA LEU A 408 -35.97 95.81 71.59
C LEU A 408 -35.35 97.11 72.06
N GLY A 409 -34.19 97.04 72.73
CA GLY A 409 -33.52 98.26 73.14
C GLY A 409 -32.84 98.98 71.99
N VAL A 410 -32.42 98.24 70.97
CA VAL A 410 -31.78 98.85 69.81
C VAL A 410 -32.80 99.64 69.00
N ILE A 411 -34.04 99.15 68.95
CA ILE A 411 -35.11 99.87 68.27
C ILE A 411 -35.43 101.17 69.01
N HIS A 412 -35.46 101.13 70.34
CA HIS A 412 -35.66 102.33 71.15
C HIS A 412 -34.31 102.97 71.49
N LYS A 413 -33.57 103.33 70.44
CA LYS A 413 -32.25 103.91 70.60
C LYS A 413 -32.42 105.36 71.02
N GLY A 414 -32.48 105.56 72.33
CA GLY A 414 -32.47 106.91 72.88
C GLY A 414 -33.85 107.42 73.24
N HIS A 415 -34.19 107.33 74.50
CA HIS A 415 -35.34 108.01 75.08
C HIS A 415 -34.99 108.75 76.35
N GLU A 416 -34.15 108.13 77.20
CA GLU A 416 -33.57 108.61 78.46
C GLU A 416 -34.61 108.68 79.58
N LYS A 417 -35.90 108.66 79.25
CA LYS A 417 -36.94 108.49 80.25
C LYS A 417 -37.97 107.47 79.78
N GLU A 418 -38.29 107.52 78.49
CA GLU A 418 -39.47 106.83 77.97
C GLU A 418 -39.25 105.33 77.87
N ALA A 419 -38.06 104.93 77.46
CA ALA A 419 -37.75 103.51 77.36
C ALA A 419 -37.50 102.90 78.73
N LEU A 420 -37.12 103.71 79.72
CA LEU A 420 -36.98 103.21 81.08
C LEU A 420 -38.33 102.84 81.66
N GLN A 421 -39.30 103.76 81.59
CA GLN A 421 -40.64 103.47 82.09
C GLN A 421 -41.37 102.46 81.21
N LEU A 422 -40.96 102.30 79.96
CA LEU A 422 -41.51 101.25 79.11
C LEU A 422 -40.98 99.90 79.55
N MET A 423 -39.68 99.81 79.81
CA MET A 423 -39.09 98.59 80.34
C MET A 423 -39.07 98.56 81.86
N ALA A 424 -39.75 99.51 82.51
CA ALA A 424 -40.11 99.34 83.91
C ALA A 424 -41.24 98.34 84.07
N THR A 425 -41.96 98.02 82.99
CA THR A 425 -42.93 96.94 83.02
C THR A 425 -42.26 95.60 83.27
N TYR A 426 -41.12 95.37 82.65
CA TYR A 426 -40.40 94.10 82.74
C TYR A 426 -39.35 94.22 83.84
N LEU A 427 -39.79 94.01 85.08
CA LEU A 427 -38.89 94.05 86.22
C LEU A 427 -37.96 92.84 86.19
N PRO A 428 -36.73 92.96 86.70
CA PRO A 428 -35.85 91.79 86.75
C PRO A 428 -36.05 90.93 87.99
N LYS A 429 -37.31 90.73 88.41
CA LYS A 429 -37.64 89.65 89.32
C LYS A 429 -39.02 89.06 89.07
N ASP A 430 -39.76 89.51 88.07
CA ASP A 430 -41.17 89.17 87.93
C ASP A 430 -41.58 88.72 86.54
N THR A 431 -40.67 88.74 85.55
CA THR A 431 -41.02 88.25 84.22
C THR A 431 -41.11 86.72 84.21
N SER A 432 -40.04 86.06 84.62
CA SER A 432 -39.99 84.60 84.75
C SER A 432 -38.86 84.20 85.69
N PRO A 433 -39.12 83.33 86.67
CA PRO A 433 -38.03 82.89 87.55
C PRO A 433 -37.04 81.97 86.86
N GLY A 434 -37.48 81.20 85.86
CA GLY A 434 -36.61 80.26 85.20
C GLY A 434 -36.18 80.69 83.81
N SER A 435 -36.13 82.00 83.59
CA SER A 435 -35.64 82.56 82.32
C SER A 435 -34.73 83.74 82.66
N ALA A 436 -33.45 83.44 82.87
CA ALA A 436 -32.47 84.49 83.09
C ALA A 436 -32.12 85.21 81.80
N TYR A 437 -32.39 84.60 80.65
CA TYR A 437 -32.06 85.22 79.38
C TYR A 437 -33.00 86.36 79.05
N GLN A 438 -34.18 86.38 79.66
CA GLN A 438 -35.09 87.49 79.48
C GLN A 438 -34.55 88.75 80.17
N GLU A 439 -34.24 88.64 81.46
CA GLU A 439 -33.67 89.76 82.18
C GLU A 439 -32.20 89.98 81.85
N GLY A 440 -31.51 88.97 81.33
CA GLY A 440 -30.13 89.14 80.93
C GLY A 440 -30.00 90.05 79.72
N GLY A 441 -30.79 89.79 78.69
CA GLY A 441 -30.85 90.70 77.57
C GLY A 441 -31.65 91.95 77.83
N GLY A 442 -32.43 91.98 78.91
CA GLY A 442 -33.16 93.16 79.28
C GLY A 442 -32.21 94.22 79.79
N LEU A 443 -31.39 93.87 80.78
CA LEU A 443 -30.42 94.82 81.32
C LEU A 443 -29.31 95.13 80.32
N TYR A 444 -29.06 94.21 79.39
CA TYR A 444 -28.19 94.51 78.26
C TYR A 444 -28.79 95.58 77.37
N ALA A 445 -30.12 95.61 77.25
CA ALA A 445 -30.77 96.59 76.40
C ALA A 445 -30.85 97.96 77.04
N LEU A 446 -31.03 98.01 78.37
CA LEU A 446 -31.06 99.30 79.07
C LEU A 446 -29.72 100.03 78.98
N GLY A 447 -28.61 99.28 78.93
CA GLY A 447 -27.33 99.91 78.71
C GLY A 447 -27.15 100.43 77.30
N LEU A 448 -27.79 99.78 76.33
CA LEU A 448 -27.75 100.25 74.95
C LEU A 448 -28.51 101.55 74.79
N ILE A 449 -29.59 101.72 75.54
CA ILE A 449 -30.40 102.93 75.40
C ILE A 449 -29.73 104.09 76.12
N HIS A 450 -29.37 103.89 77.39
CA HIS A 450 -28.76 104.95 78.17
C HIS A 450 -27.25 104.82 78.04
N ALA A 451 -26.76 105.14 76.85
CA ALA A 451 -25.33 105.17 76.57
C ALA A 451 -24.81 106.58 76.74
N ASN A 452 -23.69 106.68 77.48
CA ASN A 452 -22.95 107.93 77.70
C ASN A 452 -23.81 108.99 78.39
N HIS A 453 -24.65 108.54 79.32
CA HIS A 453 -25.50 109.44 80.10
C HIS A 453 -25.57 108.89 81.52
N GLY A 454 -24.79 109.49 82.42
CA GLY A 454 -24.76 109.08 83.80
C GLY A 454 -25.91 109.61 84.61
N GLY A 455 -25.78 109.49 85.91
CA GLY A 455 -26.79 109.98 86.83
C GLY A 455 -27.27 108.89 87.75
N ASP A 456 -28.58 108.73 87.84
CA ASP A 456 -29.11 107.64 88.65
C ASP A 456 -28.88 106.29 88.00
N ILE A 457 -28.76 106.26 86.67
CA ILE A 457 -28.90 105.01 85.91
C ILE A 457 -27.67 104.13 86.12
N ILE A 458 -26.50 104.73 86.28
CA ILE A 458 -25.32 103.96 86.69
C ILE A 458 -25.51 103.42 88.09
N ASP A 459 -25.93 104.26 89.04
CA ASP A 459 -26.17 103.82 90.41
C ASP A 459 -27.35 102.86 90.50
N TYR A 460 -28.33 103.00 89.61
CA TYR A 460 -29.45 102.07 89.60
C TYR A 460 -29.05 100.70 89.07
N LEU A 461 -28.15 100.67 88.09
CA LEU A 461 -27.64 99.39 87.63
C LEU A 461 -26.54 98.84 88.52
N LEU A 462 -25.84 99.70 89.27
CA LEU A 462 -24.80 99.23 90.17
C LEU A 462 -25.40 98.44 91.33
N ASN A 463 -26.56 98.87 91.83
CA ASN A 463 -27.19 98.15 92.91
C ASN A 463 -27.80 96.83 92.45
N GLN A 464 -28.10 96.71 91.16
CA GLN A 464 -28.65 95.46 90.65
C GLN A 464 -27.58 94.39 90.54
N LEU A 465 -26.35 94.78 90.17
CA LEU A 465 -25.26 93.81 90.13
C LEU A 465 -24.73 93.48 91.51
N LYS A 466 -25.06 94.27 92.54
CA LYS A 466 -24.75 93.85 93.90
C LYS A 466 -25.62 92.70 94.36
N ASN A 467 -26.77 92.50 93.72
CA ASN A 467 -27.69 91.44 94.09
C ASN A 467 -28.14 90.67 92.86
N ALA A 468 -27.18 90.31 92.01
CA ALA A 468 -27.48 89.46 90.86
C ALA A 468 -27.72 88.03 91.30
N SER A 469 -28.57 87.34 90.55
CA SER A 469 -28.94 85.96 90.88
C SER A 469 -28.10 84.94 90.13
N ASN A 470 -28.16 84.95 88.80
CA ASN A 470 -27.43 84.01 87.98
C ASN A 470 -26.28 84.71 87.27
N ASP A 471 -25.42 83.91 86.65
CA ASP A 471 -24.26 84.44 85.94
C ASP A 471 -24.61 84.92 84.54
N ILE A 472 -25.71 84.43 83.97
CA ILE A 472 -26.21 84.98 82.71
C ILE A 472 -26.67 86.42 82.92
N VAL A 473 -27.32 86.68 84.04
CA VAL A 473 -27.70 88.04 84.42
C VAL A 473 -26.46 88.89 84.70
N ARG A 474 -25.37 88.27 85.13
CA ARG A 474 -24.12 89.00 85.30
C ARG A 474 -23.48 89.41 83.98
N HIS A 475 -23.95 88.89 82.85
CA HIS A 475 -23.45 89.39 81.58
C HIS A 475 -24.10 90.71 81.20
N GLY A 476 -25.41 90.68 80.94
CA GLY A 476 -26.11 91.84 80.42
C GLY A 476 -26.22 92.97 81.39
N GLY A 477 -26.12 92.69 82.69
CA GLY A 477 -25.95 93.76 83.66
C GLY A 477 -24.60 94.45 83.51
N SER A 478 -23.54 93.66 83.29
CA SER A 478 -22.20 94.24 83.23
C SER A 478 -21.94 94.96 81.92
N LEU A 479 -22.38 94.38 80.79
CA LEU A 479 -22.20 95.06 79.51
C LEU A 479 -23.06 96.32 79.42
N GLY A 480 -24.18 96.36 80.13
CA GLY A 480 -24.95 97.58 80.19
C GLY A 480 -24.30 98.60 81.11
N LEU A 481 -23.70 98.13 82.21
CA LEU A 481 -23.13 99.04 83.19
C LEU A 481 -21.82 99.65 82.71
N GLY A 482 -21.01 98.86 82.00
CA GLY A 482 -19.80 99.40 81.41
C GLY A 482 -20.08 100.34 80.27
N LEU A 483 -21.19 100.12 79.56
CA LEU A 483 -21.54 101.02 78.46
C LEU A 483 -22.13 102.31 78.97
N ALA A 484 -22.85 102.26 80.10
CA ALA A 484 -23.44 103.48 80.64
C ALA A 484 -22.39 104.35 81.32
N ALA A 485 -21.30 103.74 81.79
CA ALA A 485 -20.18 104.48 82.38
C ALA A 485 -18.96 104.47 81.47
N MET A 486 -19.17 104.48 80.16
CA MET A 486 -18.10 104.33 79.19
C MET A 486 -17.29 105.61 79.12
N GLY A 487 -16.08 105.57 79.65
CA GLY A 487 -15.19 106.71 79.64
C GLY A 487 -15.24 107.59 80.86
N THR A 488 -15.86 107.13 81.94
CA THR A 488 -16.01 107.93 83.15
C THR A 488 -14.91 107.66 84.16
N ALA A 489 -14.41 106.42 84.19
CA ALA A 489 -13.42 105.91 85.14
C ALA A 489 -13.85 106.14 86.58
N ARG A 490 -15.08 105.70 86.87
CA ARG A 490 -15.57 105.72 88.23
C ARG A 490 -14.92 104.59 89.03
N GLN A 491 -14.42 104.93 90.21
CA GLN A 491 -13.73 103.95 91.05
C GLN A 491 -14.69 102.91 91.60
N ASP A 492 -15.97 103.27 91.77
CA ASP A 492 -16.94 102.34 92.35
C ASP A 492 -17.30 101.22 91.40
N VAL A 493 -17.56 101.56 90.13
CA VAL A 493 -17.77 100.52 89.13
C VAL A 493 -16.46 99.82 88.79
N TYR A 494 -15.31 100.46 89.00
CA TYR A 494 -14.05 99.78 88.76
C TYR A 494 -13.76 98.75 89.84
N ASP A 495 -14.22 98.99 91.06
CA ASP A 495 -14.04 98.02 92.13
C ASP A 495 -14.95 96.83 91.95
N LEU A 496 -16.16 97.05 91.42
CA LEU A 496 -17.10 95.96 91.23
C LEU A 496 -16.68 95.05 90.09
N LEU A 497 -16.06 95.62 89.05
CA LEU A 497 -15.66 94.83 87.91
C LEU A 497 -14.31 94.14 88.12
N LYS A 498 -13.48 94.66 89.03
CA LYS A 498 -12.30 93.90 89.45
C LYS A 498 -12.72 92.63 90.17
N THR A 499 -13.53 92.79 91.22
CA THR A 499 -13.96 91.63 92.00
C THR A 499 -14.92 90.74 91.23
N ASN A 500 -15.53 91.23 90.15
CA ASN A 500 -16.25 90.35 89.24
C ASN A 500 -15.28 89.48 88.45
N LEU A 501 -14.14 90.06 88.06
CA LEU A 501 -13.13 89.29 87.33
C LEU A 501 -12.45 88.28 88.23
N TYR A 502 -12.25 88.62 89.49
CA TYR A 502 -11.65 87.69 90.45
C TYR A 502 -12.67 86.75 91.09
N GLN A 503 -13.87 86.62 90.50
CA GLN A 503 -14.79 85.58 90.96
C GLN A 503 -14.34 84.19 90.57
N ASP A 504 -13.41 84.08 89.61
CA ASP A 504 -13.01 82.84 88.96
C ASP A 504 -14.23 82.13 88.38
N ASP A 505 -14.96 82.86 87.54
CA ASP A 505 -16.09 82.33 86.80
C ASP A 505 -15.70 82.25 85.34
N ALA A 506 -16.01 81.13 84.70
CA ALA A 506 -15.59 80.87 83.33
C ALA A 506 -16.67 81.23 82.32
N VAL A 507 -17.65 82.02 82.72
CA VAL A 507 -18.69 82.46 81.78
C VAL A 507 -18.88 83.97 81.77
N THR A 508 -18.56 84.70 82.84
CA THR A 508 -18.67 86.14 82.83
C THR A 508 -17.33 86.80 82.52
N GLY A 509 -16.33 86.02 82.12
CA GLY A 509 -15.04 86.57 81.77
C GLY A 509 -15.05 87.40 80.50
N GLU A 510 -15.88 86.99 79.53
CA GLU A 510 -16.12 87.86 78.39
C GLU A 510 -16.93 89.08 78.79
N ALA A 511 -17.78 88.94 79.81
CA ALA A 511 -18.59 90.07 80.25
C ALA A 511 -17.75 91.07 81.03
N ALA A 512 -16.85 90.60 81.88
CA ALA A 512 -16.03 91.50 82.68
C ALA A 512 -14.91 92.11 81.87
N GLY A 513 -14.40 91.37 80.87
CA GLY A 513 -13.25 91.86 80.12
C GLY A 513 -13.60 93.01 79.20
N LEU A 514 -14.79 92.98 78.61
CA LEU A 514 -15.22 94.06 77.72
C LEU A 514 -15.55 95.33 78.50
N ALA A 515 -16.34 95.19 79.56
CA ALA A 515 -16.86 96.36 80.25
C ALA A 515 -15.79 97.06 81.06
N LEU A 516 -14.71 96.36 81.43
CA LEU A 516 -13.63 96.99 82.16
C LEU A 516 -12.84 97.93 81.25
N GLY A 517 -12.68 97.56 79.98
CA GLY A 517 -12.08 98.49 79.03
C GLY A 517 -13.00 99.63 78.66
N LEU A 518 -14.31 99.42 78.80
CA LEU A 518 -15.27 100.48 78.50
C LEU A 518 -15.20 101.59 79.54
N VAL A 519 -15.21 101.23 80.82
CA VAL A 519 -15.12 102.25 81.86
C VAL A 519 -13.74 102.86 81.98
N MET A 520 -12.72 102.23 81.41
CA MET A 520 -11.37 102.75 81.46
C MET A 520 -10.89 103.16 80.07
N LEU A 521 -11.83 103.53 79.20
CA LEU A 521 -11.54 103.89 77.82
C LEU A 521 -10.72 105.17 77.77
N GLY A 522 -9.52 105.07 77.19
CA GLY A 522 -8.62 106.19 77.04
C GLY A 522 -8.16 106.74 78.37
N SER A 523 -7.83 105.86 79.29
CA SER A 523 -7.46 106.26 80.64
C SER A 523 -5.97 106.15 80.91
N LYS A 524 -5.34 105.09 80.40
CA LYS A 524 -3.94 104.72 80.67
C LYS A 524 -3.70 104.64 82.18
N ASN A 525 -4.36 103.67 82.80
CA ASN A 525 -4.14 103.40 84.21
C ASN A 525 -2.78 102.73 84.38
N ALA A 526 -2.16 102.97 85.52
CA ALA A 526 -0.90 102.30 85.83
C ALA A 526 -1.09 100.87 86.32
N GLN A 527 -2.27 100.54 86.83
CA GLN A 527 -2.48 99.26 87.49
C GLN A 527 -3.49 98.37 86.80
N ALA A 528 -4.38 98.93 85.97
CA ALA A 528 -5.37 98.09 85.30
C ALA A 528 -4.73 97.20 84.25
N ILE A 529 -3.79 97.74 83.48
CA ILE A 529 -3.10 96.96 82.47
C ILE A 529 -2.25 95.88 83.12
N GLU A 530 -1.58 96.23 84.23
CA GLU A 530 -0.73 95.27 84.93
C GLU A 530 -1.55 94.17 85.59
N ASP A 531 -2.76 94.50 86.08
CA ASP A 531 -3.58 93.48 86.70
C ASP A 531 -4.21 92.55 85.66
N MET A 532 -4.58 93.09 84.50
CA MET A 532 -5.24 92.25 83.51
C MET A 532 -4.25 91.33 82.81
N VAL A 533 -3.05 91.80 82.50
CA VAL A 533 -2.05 90.89 81.94
C VAL A 533 -1.46 90.02 83.04
N GLY A 534 -1.51 90.48 84.29
CA GLY A 534 -1.17 89.62 85.41
C GLY A 534 -2.23 88.62 85.74
N TYR A 535 -3.44 88.79 85.21
CA TYR A 535 -4.48 87.79 85.39
C TYR A 535 -4.53 86.81 84.22
N ALA A 536 -4.26 87.28 83.01
CA ALA A 536 -4.40 86.44 81.83
C ALA A 536 -3.10 85.71 81.50
N GLN A 537 -2.51 85.05 82.50
CA GLN A 537 -1.39 84.16 82.30
C GLN A 537 -1.57 82.84 83.04
N GLU A 538 -2.19 82.87 84.20
CA GLU A 538 -2.38 81.70 85.04
C GLU A 538 -3.73 81.03 84.85
N THR A 539 -4.63 81.64 84.09
CA THR A 539 -5.95 81.06 83.89
C THR A 539 -5.88 79.90 82.90
N GLN A 540 -6.99 79.17 82.78
CA GLN A 540 -7.01 77.95 81.99
C GLN A 540 -8.19 77.87 81.04
N HIS A 541 -8.93 78.96 80.86
CA HIS A 541 -10.03 79.02 79.90
C HIS A 541 -9.64 79.94 78.77
N GLU A 542 -10.46 79.98 77.72
CA GLU A 542 -10.17 80.81 76.56
C GLU A 542 -11.15 81.96 76.38
N LYS A 543 -12.35 81.88 76.94
CA LYS A 543 -13.25 83.02 76.89
C LYS A 543 -12.78 84.12 77.84
N ILE A 544 -12.14 83.72 78.94
CA ILE A 544 -11.48 84.69 79.81
C ILE A 544 -10.33 85.38 79.09
N LEU A 545 -9.69 84.68 78.14
CA LEU A 545 -8.60 85.30 77.40
C LEU A 545 -9.11 86.20 76.29
N ARG A 546 -10.26 85.89 75.70
CA ARG A 546 -10.79 86.73 74.63
C ARG A 546 -11.50 87.96 75.16
N GLY A 547 -12.09 87.88 76.36
CA GLY A 547 -12.68 89.06 76.97
C GLY A 547 -11.62 90.06 77.40
N LEU A 548 -10.53 89.57 77.99
CA LEU A 548 -9.43 90.44 78.36
C LEU A 548 -8.57 90.84 77.17
N ALA A 549 -8.78 90.21 76.01
CA ALA A 549 -8.04 90.59 74.81
C ALA A 549 -8.46 91.98 74.34
N VAL A 550 -9.76 92.25 74.32
CA VAL A 550 -10.24 93.55 73.89
C VAL A 550 -10.04 94.59 74.99
N GLY A 551 -10.17 94.17 76.24
CA GLY A 551 -10.19 95.13 77.34
C GLY A 551 -8.84 95.77 77.61
N ILE A 552 -7.75 95.05 77.35
CA ILE A 552 -6.44 95.69 77.45
C ILE A 552 -6.13 96.52 76.23
N ALA A 553 -6.89 96.33 75.14
CA ALA A 553 -6.76 97.22 73.99
C ALA A 553 -7.64 98.44 74.15
N LEU A 554 -8.81 98.26 74.74
CA LEU A 554 -9.79 99.33 74.87
C LEU A 554 -9.45 100.30 75.98
N VAL A 555 -8.52 99.95 76.87
CA VAL A 555 -8.15 100.86 77.94
C VAL A 555 -7.33 102.03 77.40
N MET A 556 -6.58 101.80 76.33
CA MET A 556 -5.78 102.85 75.71
C MET A 556 -6.38 103.23 74.37
N TYR A 557 -6.41 104.54 74.09
CA TYR A 557 -7.01 105.01 72.85
C TYR A 557 -6.25 106.29 72.45
N GLY A 558 -5.35 106.15 71.49
CA GLY A 558 -4.61 107.30 71.00
C GLY A 558 -3.62 107.85 72.00
N ARG A 559 -2.57 107.09 72.27
CA ARG A 559 -1.46 107.57 73.08
C ARG A 559 -0.23 107.90 72.26
N MET A 560 -0.06 107.22 71.13
CA MET A 560 0.79 107.53 69.99
C MET A 560 2.28 107.35 70.22
N GLU A 561 2.71 107.30 71.47
CA GLU A 561 4.02 106.75 71.80
C GLU A 561 4.05 106.11 73.18
N GLU A 562 2.94 106.11 73.92
CA GLU A 562 2.94 105.75 75.33
C GLU A 562 2.47 104.33 75.55
N ALA A 563 2.38 103.54 74.48
CA ALA A 563 2.10 102.13 74.61
C ALA A 563 3.17 101.29 73.94
N ASP A 564 4.24 101.91 73.45
CA ASP A 564 5.24 101.21 72.64
C ASP A 564 6.00 100.16 73.43
N ALA A 565 6.08 100.33 74.76
CA ALA A 565 6.56 99.25 75.59
C ALA A 565 5.51 98.15 75.72
N LEU A 566 4.23 98.53 75.80
CA LEU A 566 3.18 97.55 75.98
C LEU A 566 2.89 96.81 74.67
N ILE A 567 2.97 97.51 73.53
CA ILE A 567 2.80 96.86 72.23
C ILE A 567 3.90 95.85 72.00
N GLU A 568 5.12 96.19 72.38
CA GLU A 568 6.23 95.25 72.27
C GLU A 568 6.12 94.12 73.29
N SER A 569 5.54 94.39 74.46
CA SER A 569 5.46 93.37 75.51
C SER A 569 4.48 92.27 75.16
N LEU A 570 3.42 92.60 74.43
CA LEU A 570 2.44 91.58 74.09
C LEU A 570 2.80 90.82 72.82
N CYS A 571 3.54 91.45 71.90
CA CYS A 571 3.95 90.75 70.69
C CYS A 571 5.16 89.85 70.95
N ARG A 572 6.01 90.21 71.91
CA ARG A 572 7.13 89.35 72.27
C ARG A 572 6.66 88.08 72.98
N ASP A 573 5.54 88.14 73.70
CA ASP A 573 4.97 86.95 74.31
C ASP A 573 4.43 86.03 73.23
N LYS A 574 4.26 84.76 73.58
CA LYS A 574 3.87 83.75 72.59
C LYS A 574 2.47 83.20 72.80
N ASP A 575 1.70 83.78 73.69
CA ASP A 575 0.28 83.45 73.79
C ASP A 575 -0.41 83.94 72.51
N PRO A 576 -1.11 83.08 71.78
CA PRO A 576 -1.70 83.52 70.50
C PRO A 576 -2.84 84.51 70.66
N ILE A 577 -3.58 84.43 71.75
CA ILE A 577 -4.61 85.43 72.00
C ILE A 577 -3.98 86.76 72.36
N LEU A 578 -2.90 86.71 73.14
CA LEU A 578 -2.28 87.94 73.61
C LEU A 578 -1.47 88.61 72.52
N ARG A 579 -0.92 87.84 71.58
CA ARG A 579 -0.35 88.43 70.38
C ARG A 579 -1.42 89.08 69.53
N ARG A 580 -2.58 88.43 69.43
CA ARG A 580 -3.71 88.98 68.71
C ARG A 580 -4.21 90.25 69.38
N SER A 581 -4.18 90.30 70.71
CA SER A 581 -4.67 91.46 71.42
C SER A 581 -3.71 92.64 71.33
N GLY A 582 -2.42 92.37 71.15
CA GLY A 582 -1.48 93.45 70.93
C GLY A 582 -1.67 94.10 69.57
N MET A 583 -2.25 93.37 68.62
CA MET A 583 -2.53 93.95 67.31
C MET A 583 -3.73 94.88 67.36
N TYR A 584 -4.69 94.60 68.24
CA TYR A 584 -5.81 95.53 68.38
C TYR A 584 -5.39 96.78 69.13
N THR A 585 -4.43 96.66 70.03
CA THR A 585 -4.02 97.79 70.85
C THR A 585 -3.23 98.80 70.02
N VAL A 586 -2.37 98.31 69.12
CA VAL A 586 -1.64 99.20 68.23
C VAL A 586 -2.56 99.78 67.17
N ALA A 587 -3.69 99.13 66.89
CA ALA A 587 -4.70 99.73 66.03
C ALA A 587 -5.39 100.89 66.74
N MET A 588 -5.73 100.71 68.01
CA MET A 588 -6.48 101.74 68.74
C MET A 588 -5.59 102.86 69.24
N ALA A 589 -4.30 102.62 69.40
CA ALA A 589 -3.40 103.70 69.81
C ALA A 589 -3.03 104.60 68.64
N TYR A 590 -3.29 104.15 67.41
CA TYR A 590 -2.90 104.85 66.19
C TYR A 590 -4.16 105.04 65.35
N CYS A 591 -4.83 106.17 65.53
CA CYS A 591 -6.07 106.45 64.81
C CYS A 591 -5.82 107.60 63.85
N GLY A 592 -5.99 107.35 62.56
CA GLY A 592 -5.82 108.38 61.55
C GLY A 592 -4.40 108.83 61.34
N SER A 593 -3.41 108.08 61.83
CA SER A 593 -2.02 108.49 61.72
C SER A 593 -1.33 107.74 60.59
N GLY A 594 -0.37 108.42 59.97
CA GLY A 594 0.43 107.83 58.93
C GLY A 594 1.77 107.37 59.46
N ASN A 595 1.74 106.70 60.62
CA ASN A 595 2.96 106.21 61.26
C ASN A 595 3.59 105.15 60.39
N ASN A 596 4.70 105.52 59.74
CA ASN A 596 5.38 104.60 58.84
C ASN A 596 6.05 103.47 59.62
N LYS A 597 6.46 103.74 60.85
CA LYS A 597 7.08 102.70 61.66
C LYS A 597 6.05 101.69 62.16
N ALA A 598 4.82 102.14 62.42
CA ALA A 598 3.78 101.24 62.87
C ALA A 598 3.35 100.28 61.77
N ILE A 599 3.13 100.82 60.56
CA ILE A 599 2.74 100.00 59.43
C ILE A 599 3.91 99.15 58.95
N ARG A 600 5.14 99.57 59.21
CA ARG A 600 6.29 98.69 59.05
C ARG A 600 6.19 97.48 59.99
N ARG A 601 5.85 97.75 61.25
CA ARG A 601 5.81 96.71 62.27
C ARG A 601 4.56 95.85 62.14
N LEU A 602 3.45 96.45 61.71
CA LEU A 602 2.19 95.72 61.63
C LEU A 602 2.22 94.69 60.50
N LEU A 603 2.81 95.06 59.36
CA LEU A 603 2.79 94.16 58.22
C LEU A 603 3.92 93.13 58.28
N HIS A 604 4.98 93.40 59.04
CA HIS A 604 6.00 92.39 59.25
C HIS A 604 5.46 91.23 60.07
N VAL A 605 4.65 91.53 61.09
CA VAL A 605 4.04 90.47 61.88
C VAL A 605 2.75 89.98 61.24
N ALA A 606 2.26 90.65 60.21
CA ALA A 606 1.11 90.13 59.47
C ALA A 606 1.50 88.91 58.64
N VAL A 607 2.71 88.92 58.10
CA VAL A 607 3.15 87.86 57.22
C VAL A 607 3.90 86.77 57.97
N SER A 608 4.71 87.15 58.97
CA SER A 608 5.64 86.19 59.58
C SER A 608 4.94 85.18 60.47
N ASP A 609 3.83 85.56 61.12
CA ASP A 609 3.26 84.68 62.11
C ASP A 609 2.39 83.61 61.46
N VAL A 610 2.16 82.53 62.20
CA VAL A 610 1.56 81.33 61.65
C VAL A 610 0.13 81.08 62.12
N ASN A 611 -0.29 81.64 63.26
CA ASN A 611 -1.69 81.52 63.65
C ASN A 611 -2.55 82.39 62.75
N ASP A 612 -3.72 81.86 62.37
CA ASP A 612 -4.55 82.57 61.41
C ASP A 612 -5.32 83.73 62.04
N ASP A 613 -5.54 83.67 63.36
CA ASP A 613 -6.33 84.70 64.03
C ASP A 613 -5.55 86.00 64.11
N VAL A 614 -4.27 85.91 64.50
CA VAL A 614 -3.44 87.08 64.61
C VAL A 614 -3.12 87.65 63.23
N ARG A 615 -3.15 86.82 62.18
CA ARG A 615 -2.96 87.34 60.85
C ARG A 615 -4.16 88.13 60.38
N ARG A 616 -5.36 87.75 60.83
CA ARG A 616 -6.56 88.53 60.55
C ARG A 616 -6.52 89.87 61.26
N ALA A 617 -6.27 89.84 62.58
CA ALA A 617 -6.27 91.05 63.38
C ALA A 617 -5.12 91.97 63.03
N ALA A 618 -4.08 91.47 62.37
CA ALA A 618 -3.09 92.37 61.79
C ALA A 618 -3.65 93.07 60.56
N VAL A 619 -4.20 92.31 59.61
CA VAL A 619 -4.66 92.94 58.39
C VAL A 619 -6.04 93.58 58.55
N GLU A 620 -6.77 93.28 59.62
CA GLU A 620 -7.98 94.04 59.89
C GLU A 620 -7.67 95.38 60.54
N SER A 621 -6.47 95.55 61.05
CA SER A 621 -6.09 96.80 61.70
C SER A 621 -5.70 97.88 60.72
N LEU A 622 -5.71 97.58 59.42
CA LEU A 622 -5.40 98.60 58.42
C LEU A 622 -6.46 99.68 58.38
N GLY A 623 -7.71 99.31 58.60
CA GLY A 623 -8.79 100.28 58.54
C GLY A 623 -8.80 101.22 59.72
N PHE A 624 -8.36 100.75 60.88
CA PHE A 624 -8.37 101.59 62.07
C PHE A 624 -7.26 102.62 62.05
N ILE A 625 -6.24 102.45 61.22
CA ILE A 625 -5.11 103.35 61.17
C ILE A 625 -5.08 104.22 59.92
N LEU A 626 -5.83 103.85 58.87
CA LEU A 626 -5.76 104.58 57.60
C LEU A 626 -7.12 105.07 57.14
N PHE A 627 -8.08 105.23 58.05
CA PHE A 627 -9.40 105.67 57.65
C PHE A 627 -9.44 107.14 57.26
N ARG A 628 -8.44 107.91 57.67
CA ARG A 628 -8.47 109.34 57.38
C ARG A 628 -8.09 109.62 55.92
N THR A 629 -7.25 108.77 55.35
CA THR A 629 -6.92 108.86 53.93
C THR A 629 -7.42 107.63 53.19
N PRO A 630 -8.50 107.74 52.42
CA PRO A 630 -9.00 106.57 51.68
C PRO A 630 -8.20 106.20 50.45
N GLU A 631 -7.12 106.91 50.16
CA GLU A 631 -6.34 106.70 48.96
C GLU A 631 -5.20 105.71 49.17
N GLN A 632 -5.24 104.93 50.24
CA GLN A 632 -4.15 103.99 50.49
C GLN A 632 -4.72 102.61 50.80
N CYS A 633 -5.94 102.58 51.35
CA CYS A 633 -6.57 101.31 51.67
C CYS A 633 -6.86 100.42 50.47
N PRO A 634 -7.29 100.91 49.29
CA PRO A 634 -7.29 100.01 48.13
C PRO A 634 -5.91 99.65 47.62
N SER A 635 -4.88 100.44 47.94
CA SER A 635 -3.55 100.14 47.42
C SER A 635 -2.91 98.98 48.15
N VAL A 636 -3.31 98.72 49.39
CA VAL A 636 -2.67 97.69 50.20
C VAL A 636 -3.55 96.47 50.41
N VAL A 637 -4.86 96.58 50.26
CA VAL A 637 -5.73 95.43 50.40
C VAL A 637 -5.70 94.59 49.12
N SER A 638 -5.63 95.27 47.96
CA SER A 638 -5.77 94.62 46.65
C SER A 638 -4.70 93.59 46.36
N LEU A 639 -3.56 93.68 47.03
CA LEU A 639 -2.54 92.66 46.88
C LEU A 639 -2.56 91.66 48.03
N LEU A 640 -3.19 92.00 49.15
CA LEU A 640 -3.35 91.06 50.25
C LEU A 640 -4.64 90.26 50.16
N SER A 641 -5.62 90.72 49.39
CA SER A 641 -6.88 90.00 49.22
C SER A 641 -6.79 88.90 48.19
N GLU A 642 -5.59 88.60 47.69
CA GLU A 642 -5.34 87.50 46.78
C GLU A 642 -4.27 86.58 47.36
N SER A 643 -4.29 86.39 48.67
CA SER A 643 -3.33 85.52 49.32
C SER A 643 -3.76 84.07 49.17
N TYR A 644 -2.98 83.17 49.76
CA TYR A 644 -3.29 81.75 49.61
C TYR A 644 -4.32 81.30 50.64
N ASN A 645 -4.22 81.78 51.91
CA ASN A 645 -5.21 81.29 52.86
C ASN A 645 -6.44 82.18 52.88
N PRO A 646 -7.60 81.66 53.28
CA PRO A 646 -8.80 82.50 53.33
C PRO A 646 -8.77 83.55 54.41
N HIS A 647 -7.96 83.38 55.46
CA HIS A 647 -8.01 84.30 56.59
C HIS A 647 -7.41 85.66 56.24
N VAL A 648 -6.30 85.66 55.50
CA VAL A 648 -5.73 86.93 55.07
C VAL A 648 -6.60 87.56 54.00
N ARG A 649 -7.24 86.75 53.15
CA ARG A 649 -8.23 87.29 52.24
C ARG A 649 -9.47 87.76 52.98
N TYR A 650 -9.78 87.17 54.13
CA TYR A 650 -10.94 87.60 54.90
C TYR A 650 -10.70 88.96 55.55
N GLY A 651 -9.58 89.08 56.28
CA GLY A 651 -9.35 90.30 57.04
C GLY A 651 -9.02 91.49 56.16
N ALA A 652 -8.52 91.24 54.95
CA ALA A 652 -8.37 92.32 53.99
C ALA A 652 -9.72 92.83 53.53
N ALA A 653 -10.71 91.95 53.43
CA ALA A 653 -12.04 92.37 52.98
C ALA A 653 -12.73 93.23 54.03
N MET A 654 -12.59 92.89 55.31
CA MET A 654 -13.22 93.73 56.33
C MET A 654 -12.47 95.03 56.53
N ALA A 655 -11.16 95.04 56.28
CA ALA A 655 -10.39 96.28 56.41
C ALA A 655 -10.75 97.26 55.31
N LEU A 656 -11.13 96.76 54.14
CA LEU A 656 -11.53 97.64 53.06
C LEU A 656 -12.87 98.31 53.35
N GLY A 657 -13.74 97.61 54.06
CA GLY A 657 -15.04 98.19 54.38
C GLY A 657 -14.97 99.20 55.50
N ILE A 658 -14.14 98.93 56.51
CA ILE A 658 -14.07 99.82 57.67
C ILE A 658 -13.13 101.00 57.44
N CYS A 659 -12.31 100.95 56.39
CA CYS A 659 -11.52 102.12 56.04
C CYS A 659 -12.39 103.17 55.36
N CYS A 660 -13.01 102.81 54.25
CA CYS A 660 -13.87 103.72 53.52
C CYS A 660 -15.29 103.52 54.01
N ALA A 661 -15.81 104.52 54.74
CA ALA A 661 -17.10 104.37 55.38
C ALA A 661 -18.25 104.62 54.40
N GLY A 662 -18.36 105.83 53.87
CA GLY A 662 -19.52 106.16 53.07
C GLY A 662 -19.22 106.85 51.76
N THR A 663 -18.10 106.54 51.13
CA THR A 663 -17.70 107.15 49.88
C THR A 663 -17.94 106.18 48.74
N GLY A 664 -18.56 106.67 47.67
CA GLY A 664 -18.64 105.88 46.46
C GLY A 664 -17.26 105.73 45.86
N ASN A 665 -16.68 104.55 45.98
CA ASN A 665 -15.29 104.38 45.58
C ASN A 665 -15.17 103.89 44.15
N LYS A 666 -15.90 102.81 43.82
CA LYS A 666 -15.93 102.06 42.56
C LYS A 666 -14.65 101.22 42.39
N GLU A 667 -13.67 101.43 43.28
CA GLU A 667 -12.46 100.61 43.32
C GLU A 667 -12.56 99.55 44.39
N ALA A 668 -13.07 99.91 45.56
CA ALA A 668 -13.37 98.90 46.58
C ALA A 668 -14.46 97.96 46.09
N ILE A 669 -15.48 98.52 45.43
CA ILE A 669 -16.54 97.72 44.84
C ILE A 669 -15.98 96.84 43.72
N ASN A 670 -14.96 97.33 43.02
CA ASN A 670 -14.25 96.49 42.07
C ASN A 670 -13.48 95.38 42.79
N LEU A 671 -12.91 95.67 43.96
CA LEU A 671 -12.14 94.65 44.65
C LEU A 671 -13.04 93.62 45.33
N LEU A 672 -14.19 94.04 45.85
CA LEU A 672 -15.05 93.11 46.56
C LEU A 672 -15.90 92.27 45.64
N GLU A 673 -15.94 92.58 44.34
CA GLU A 673 -16.72 91.81 43.38
C GLU A 673 -16.23 90.37 43.20
N PRO A 674 -14.92 90.06 43.08
CA PRO A 674 -14.54 88.65 43.14
C PRO A 674 -14.49 88.09 44.54
N MET A 675 -14.55 88.94 45.58
CA MET A 675 -14.47 88.44 46.94
C MET A 675 -15.73 87.67 47.33
N THR A 676 -16.89 88.14 46.88
CA THR A 676 -18.12 87.40 47.11
C THR A 676 -18.23 86.17 46.21
N ASN A 677 -17.40 86.06 45.19
CA ASN A 677 -17.35 84.87 44.36
C ASN A 677 -16.15 84.01 44.75
N ASP A 678 -16.28 83.35 45.91
CA ASP A 678 -15.20 82.51 46.40
C ASP A 678 -15.82 81.23 46.94
N PRO A 679 -15.15 80.09 46.79
CA PRO A 679 -15.73 78.84 47.30
C PRO A 679 -15.78 78.76 48.82
N VAL A 680 -14.87 79.43 49.52
CA VAL A 680 -14.89 79.42 50.97
C VAL A 680 -16.06 80.25 51.46
N ASN A 681 -16.81 79.73 52.42
CA ASN A 681 -18.07 80.35 52.79
C ASN A 681 -17.90 81.63 53.58
N TYR A 682 -17.00 81.64 54.58
CA TYR A 682 -16.94 82.80 55.45
C TYR A 682 -16.23 83.99 54.81
N VAL A 683 -15.43 83.77 53.77
CA VAL A 683 -14.85 84.90 53.08
C VAL A 683 -15.88 85.56 52.16
N ARG A 684 -16.94 84.83 51.79
CA ARG A 684 -18.06 85.47 51.13
C ARG A 684 -18.84 86.32 52.10
N GLN A 685 -18.92 85.89 53.35
CA GLN A 685 -19.63 86.62 54.40
C GLN A 685 -19.00 87.99 54.63
N GLY A 686 -17.68 88.04 54.76
CA GLY A 686 -16.99 89.30 54.93
C GLY A 686 -17.04 90.20 53.71
N ALA A 687 -17.23 89.62 52.53
CA ALA A 687 -17.42 90.46 51.35
C ALA A 687 -18.79 91.14 51.37
N LEU A 688 -19.82 90.42 51.84
CA LEU A 688 -21.17 90.97 51.82
C LEU A 688 -21.34 92.06 52.86
N ILE A 689 -20.64 91.94 53.99
CA ILE A 689 -20.74 92.97 55.01
C ILE A 689 -19.99 94.22 54.57
N ALA A 690 -18.81 94.03 53.97
CA ALA A 690 -18.02 95.17 53.50
C ALA A 690 -18.68 95.85 52.31
N SER A 691 -19.39 95.09 51.47
CA SER A 691 -20.22 95.70 50.44
C SER A 691 -21.37 96.49 51.05
N ALA A 692 -21.93 96.02 52.16
CA ALA A 692 -23.01 96.73 52.81
C ALA A 692 -22.52 97.97 53.53
N LEU A 693 -21.26 97.98 53.97
CA LEU A 693 -20.75 99.16 54.65
C LEU A 693 -20.39 100.27 53.68
N ILE A 694 -19.78 99.92 52.54
CA ILE A 694 -19.32 100.93 51.60
C ILE A 694 -20.51 101.63 50.91
N MET A 695 -21.64 100.96 50.77
CA MET A 695 -22.83 101.56 50.18
C MET A 695 -23.78 101.86 51.32
N ILE A 696 -23.91 103.15 51.68
CA ILE A 696 -24.85 103.58 52.71
C ILE A 696 -25.47 104.90 52.26
N GLN A 697 -26.79 104.91 52.15
CA GLN A 697 -27.59 106.06 51.70
C GLN A 697 -27.14 106.53 50.32
N GLN A 698 -26.88 105.58 49.44
CA GLN A 698 -26.44 105.87 48.08
C GLN A 698 -27.51 105.46 47.09
N THR A 699 -27.53 106.12 45.95
CA THR A 699 -28.53 105.90 44.92
C THR A 699 -27.88 105.28 43.69
N GLU A 700 -28.70 105.11 42.65
CA GLU A 700 -28.22 104.52 41.41
C GLU A 700 -27.25 105.44 40.69
N ILE A 701 -27.43 106.76 40.81
CA ILE A 701 -26.58 107.70 40.11
C ILE A 701 -25.21 107.82 40.78
N THR A 702 -25.09 107.36 42.03
CA THR A 702 -23.79 107.38 42.72
C THR A 702 -22.89 106.27 42.19
N CYS A 703 -23.41 105.05 42.13
CA CYS A 703 -22.71 103.94 41.49
C CYS A 703 -23.75 102.94 41.02
N PRO A 704 -23.60 102.38 39.82
CA PRO A 704 -24.64 101.46 39.31
C PRO A 704 -24.61 100.08 39.94
N LYS A 705 -23.61 99.79 40.78
CA LYS A 705 -23.46 98.47 41.38
C LYS A 705 -24.40 98.24 42.55
N VAL A 706 -25.24 99.21 42.89
CA VAL A 706 -26.18 99.03 44.00
C VAL A 706 -27.24 98.01 43.64
N ASN A 707 -27.85 98.17 42.47
CA ASN A 707 -28.87 97.22 42.02
C ASN A 707 -28.27 95.88 41.67
N GLN A 708 -26.98 95.85 41.31
CA GLN A 708 -26.31 94.59 41.07
C GLN A 708 -26.10 93.80 42.34
N PHE A 709 -26.02 94.48 43.48
CA PHE A 709 -25.78 93.80 44.75
C PHE A 709 -27.07 93.45 45.46
N ARG A 710 -28.13 94.24 45.28
CA ARG A 710 -29.40 93.93 45.93
C ARG A 710 -30.03 92.67 45.35
N GLN A 711 -29.86 92.46 44.05
CA GLN A 711 -30.26 91.19 43.47
C GLN A 711 -29.25 90.09 43.76
N LEU A 712 -28.01 90.45 44.07
CA LEU A 712 -27.04 89.46 44.52
C LEU A 712 -27.36 89.01 45.94
N TYR A 713 -27.88 89.92 46.76
CA TYR A 713 -28.32 89.55 48.10
C TYR A 713 -29.55 88.66 48.02
N SER A 714 -30.49 89.00 47.14
CA SER A 714 -31.72 88.24 47.04
C SER A 714 -31.50 86.89 46.39
N LYS A 715 -30.45 86.75 45.58
CA LYS A 715 -30.15 85.45 45.00
C LYS A 715 -29.64 84.49 46.06
N VAL A 716 -28.73 84.94 46.92
CA VAL A 716 -28.11 84.05 47.90
C VAL A 716 -28.96 83.87 49.15
N ILE A 717 -30.06 84.61 49.29
CA ILE A 717 -30.93 84.42 50.43
C ILE A 717 -32.20 83.66 50.05
N ASN A 718 -32.55 83.63 48.76
CA ASN A 718 -33.68 82.84 48.29
C ASN A 718 -33.23 81.56 47.60
N ASP A 719 -31.97 81.17 47.79
CA ASP A 719 -31.49 79.87 47.34
C ASP A 719 -31.60 78.87 48.48
N LYS A 720 -31.85 77.62 48.11
CA LYS A 720 -31.91 76.56 49.11
C LYS A 720 -30.55 75.86 49.27
N HIS A 721 -29.78 75.78 48.19
CA HIS A 721 -28.49 75.07 48.20
C HIS A 721 -27.34 76.00 48.58
N ASP A 722 -27.47 76.69 49.70
CA ASP A 722 -26.37 77.48 50.24
C ASP A 722 -26.14 77.12 51.70
N ASP A 723 -25.28 77.87 52.38
CA ASP A 723 -24.97 77.65 53.77
C ASP A 723 -25.73 78.63 54.65
N VAL A 724 -25.83 78.28 55.93
CA VAL A 724 -26.32 79.23 56.92
C VAL A 724 -25.32 80.36 57.08
N MET A 725 -24.03 80.04 57.05
CA MET A 725 -22.99 81.05 57.19
C MET A 725 -22.92 81.97 55.97
N ALA A 726 -23.25 81.45 54.79
CA ALA A 726 -23.29 82.31 53.60
C ALA A 726 -24.47 83.27 53.66
N LYS A 727 -25.66 82.76 53.99
CA LYS A 727 -26.83 83.61 54.04
C LYS A 727 -26.86 84.51 55.27
N PHE A 728 -26.03 84.22 56.28
CA PHE A 728 -25.97 85.10 57.44
C PHE A 728 -25.37 86.45 57.10
N GLY A 729 -24.41 86.47 56.19
CA GLY A 729 -23.88 87.74 55.72
C GLY A 729 -24.85 88.49 54.84
N ALA A 730 -25.77 87.77 54.19
CA ALA A 730 -26.73 88.43 53.31
C ALA A 730 -27.82 89.12 54.11
N ILE A 731 -28.38 88.40 55.09
CA ILE A 731 -29.44 88.96 55.92
C ILE A 731 -28.91 90.08 56.82
N LEU A 732 -27.61 90.07 57.13
CA LEU A 732 -27.03 91.19 57.84
C LEU A 732 -26.86 92.38 56.91
N ALA A 733 -26.56 92.12 55.64
CA ALA A 733 -26.39 93.20 54.68
C ALA A 733 -27.71 93.87 54.31
N GLN A 734 -28.84 93.20 54.54
CA GLN A 734 -30.14 93.85 54.35
C GLN A 734 -30.35 94.96 55.37
N GLY A 735 -29.94 94.74 56.62
CA GLY A 735 -30.18 95.73 57.65
C GLY A 735 -29.20 96.89 57.63
N ILE A 736 -27.99 96.66 57.13
CA ILE A 736 -27.00 97.72 57.06
C ILE A 736 -27.31 98.70 55.94
N LEU A 737 -27.71 98.17 54.78
CA LEU A 737 -27.93 98.99 53.60
C LEU A 737 -29.12 99.92 53.76
N ASP A 738 -30.10 99.53 54.57
CA ASP A 738 -31.29 100.35 54.82
C ASP A 738 -31.37 100.76 56.29
N ALA A 739 -30.22 101.11 56.88
CA ALA A 739 -30.14 101.32 58.32
C ALA A 739 -30.84 102.61 58.73
N GLY A 740 -31.72 102.50 59.72
CA GLY A 740 -32.41 103.66 60.27
C GLY A 740 -33.43 104.29 59.37
N GLY A 741 -33.86 103.60 58.32
CA GLY A 741 -34.78 104.18 57.36
C GLY A 741 -34.12 105.24 56.49
N HIS A 742 -32.86 104.99 56.08
CA HIS A 742 -32.05 105.91 55.29
C HIS A 742 -31.93 107.27 55.96
N ASN A 743 -31.61 107.24 57.25
CA ASN A 743 -31.59 108.47 58.04
C ASN A 743 -30.32 108.58 58.87
N VAL A 744 -29.63 107.46 59.07
CA VAL A 744 -28.37 107.44 59.80
C VAL A 744 -27.26 106.99 58.87
N THR A 745 -26.03 107.20 59.32
CA THR A 745 -24.85 106.75 58.57
C THR A 745 -23.73 106.44 59.54
N ILE A 746 -22.78 105.64 59.09
CA ILE A 746 -21.59 105.31 59.88
C ILE A 746 -20.42 106.11 59.36
N SER A 747 -19.61 106.62 60.28
CA SER A 747 -18.45 107.43 59.97
C SER A 747 -17.55 107.48 61.18
N LEU A 748 -16.26 107.26 60.97
CA LEU A 748 -15.25 107.45 61.99
C LEU A 748 -14.76 108.89 62.06
N GLN A 749 -15.44 109.79 61.36
CA GLN A 749 -15.02 111.17 61.20
C GLN A 749 -16.15 112.08 61.66
N SER A 750 -15.81 113.15 62.36
CA SER A 750 -16.81 114.08 62.86
C SER A 750 -17.04 115.20 61.86
N ARG A 751 -17.73 116.24 62.31
CA ARG A 751 -18.02 117.40 61.46
C ARG A 751 -16.77 118.25 61.24
N THR A 752 -15.98 118.45 62.28
CA THR A 752 -14.92 119.47 62.29
C THR A 752 -13.51 118.88 62.37
N GLY A 753 -13.25 117.82 61.62
CA GLY A 753 -11.90 117.26 61.57
C GLY A 753 -11.54 116.35 62.72
N HIS A 754 -12.32 116.32 63.79
CA HIS A 754 -12.10 115.46 64.93
C HIS A 754 -12.60 114.05 64.62
N THR A 755 -12.24 113.08 65.45
CA THR A 755 -12.70 111.71 65.29
C THR A 755 -13.59 111.29 66.46
N HIS A 756 -14.54 110.41 66.17
CA HIS A 756 -15.47 109.93 67.18
C HIS A 756 -14.86 108.78 67.98
N MET A 757 -14.91 108.89 69.30
CA MET A 757 -14.55 107.73 70.12
C MET A 757 -15.58 106.60 70.08
N PRO A 758 -16.90 106.83 70.29
CA PRO A 758 -17.80 105.66 70.32
C PRO A 758 -18.03 105.01 68.97
N SER A 759 -17.84 105.74 67.86
CA SER A 759 -18.00 105.12 66.56
C SER A 759 -16.86 104.16 66.24
N VAL A 760 -15.66 104.42 66.78
CA VAL A 760 -14.57 103.46 66.63
C VAL A 760 -14.76 102.29 67.57
N VAL A 761 -15.19 102.55 68.80
CA VAL A 761 -15.50 101.50 69.76
C VAL A 761 -16.66 100.64 69.24
N GLY A 762 -17.65 101.29 68.63
CA GLY A 762 -18.80 100.55 68.12
C GLY A 762 -18.48 99.64 66.95
N VAL A 763 -17.43 99.94 66.19
CA VAL A 763 -17.13 99.12 65.03
C VAL A 763 -16.08 98.06 65.33
N LEU A 764 -15.17 98.29 66.29
CA LEU A 764 -14.14 97.29 66.56
C LEU A 764 -14.70 96.13 67.38
N VAL A 765 -15.69 96.40 68.22
CA VAL A 765 -16.34 95.31 68.93
C VAL A 765 -17.29 94.58 67.99
N PHE A 766 -17.79 95.28 66.98
CA PHE A 766 -18.56 94.63 65.92
C PHE A 766 -17.71 93.68 65.07
N THR A 767 -16.39 93.94 64.96
CA THR A 767 -15.51 93.01 64.27
C THR A 767 -15.33 91.71 65.03
N GLN A 768 -15.69 91.70 66.31
CA GLN A 768 -15.66 90.50 67.14
C GLN A 768 -16.96 89.73 67.10
N PHE A 769 -17.68 89.77 65.97
CA PHE A 769 -18.91 89.02 65.85
C PHE A 769 -18.68 87.55 65.61
N TRP A 770 -17.44 87.14 65.36
CA TRP A 770 -17.17 85.71 65.29
C TRP A 770 -17.36 85.03 66.63
N PHE A 771 -16.96 85.69 67.71
CA PHE A 771 -16.80 85.00 68.98
C PHE A 771 -18.01 85.13 69.86
N TRP A 772 -18.91 86.06 69.57
CA TRP A 772 -20.09 86.27 70.39
C TRP A 772 -21.10 87.03 69.53
N PHE A 773 -22.19 86.36 69.18
CA PHE A 773 -23.21 87.00 68.33
C PHE A 773 -23.95 88.19 68.95
N PRO A 774 -24.22 88.27 70.26
CA PRO A 774 -24.78 89.53 70.77
C PRO A 774 -23.84 90.74 70.78
N LEU A 775 -22.59 90.61 70.30
CA LEU A 775 -21.75 91.80 70.19
C LEU A 775 -22.14 92.69 69.03
N SER A 776 -22.92 92.17 68.08
CA SER A 776 -23.30 92.95 66.90
C SER A 776 -24.31 94.02 67.21
N HIS A 777 -24.93 94.01 68.40
CA HIS A 777 -25.75 95.13 68.83
C HIS A 777 -24.95 96.41 69.00
N PHE A 778 -23.64 96.29 69.27
CA PHE A 778 -22.82 97.46 69.55
C PHE A 778 -22.48 98.28 68.31
N LEU A 779 -22.88 97.82 67.12
CA LEU A 779 -22.65 98.60 65.91
C LEU A 779 -23.52 99.85 65.88
N SER A 780 -24.62 99.85 66.63
CA SER A 780 -25.53 100.99 66.65
C SER A 780 -24.93 102.22 67.31
N LEU A 781 -23.80 102.09 68.00
CA LEU A 781 -23.13 103.26 68.55
C LEU A 781 -22.49 104.12 67.47
N ALA A 782 -22.23 103.57 66.29
CA ALA A 782 -21.62 104.31 65.20
C ALA A 782 -22.64 104.96 64.27
N TYR A 783 -23.93 104.83 64.56
CA TYR A 783 -24.95 105.42 63.71
C TYR A 783 -25.05 106.91 63.99
N THR A 784 -24.73 107.71 62.99
CA THR A 784 -24.75 109.16 63.11
C THR A 784 -25.79 109.76 62.18
N PRO A 785 -26.54 110.77 62.63
CA PRO A 785 -27.61 111.33 61.80
C PRO A 785 -27.07 112.13 60.62
N THR A 786 -27.99 112.41 59.70
CA THR A 786 -27.71 113.20 58.49
C THR A 786 -28.67 114.37 58.41
N CYS A 787 -28.94 115.02 59.54
CA CYS A 787 -29.88 116.13 59.59
C CYS A 787 -29.16 117.47 59.50
N VAL A 788 -29.93 118.50 59.18
CA VAL A 788 -29.45 119.88 59.07
C VAL A 788 -30.33 120.82 59.89
N ILE A 789 -30.86 120.31 61.00
CA ILE A 789 -31.95 120.98 61.73
C ILE A 789 -31.49 122.32 62.29
N GLY A 790 -32.10 123.40 61.79
CA GLY A 790 -31.71 124.75 62.12
C GLY A 790 -32.43 125.33 63.32
N LEU A 791 -32.12 124.78 64.49
CA LEU A 791 -32.75 125.21 65.73
C LEU A 791 -31.99 126.40 66.28
N ASN A 792 -32.70 127.52 66.49
CA ASN A 792 -32.07 128.76 66.95
C ASN A 792 -32.37 129.10 68.40
N LYS A 793 -33.62 128.95 68.84
CA LYS A 793 -33.95 129.02 70.25
C LYS A 793 -34.19 127.59 70.73
N ASP A 794 -34.19 127.39 72.05
CA ASP A 794 -34.31 126.07 72.66
C ASP A 794 -35.64 125.36 72.34
N LEU A 795 -36.63 126.07 71.83
CA LEU A 795 -37.87 125.47 71.36
C LEU A 795 -38.22 125.86 69.92
N LYS A 796 -37.68 126.97 69.40
CA LYS A 796 -38.12 127.53 68.13
C LYS A 796 -37.61 126.70 66.97
N MET A 797 -38.50 125.91 66.37
CA MET A 797 -38.23 125.10 65.20
C MET A 797 -39.13 125.57 64.04
N PRO A 798 -38.76 126.66 63.37
CA PRO A 798 -39.54 127.12 62.22
C PRO A 798 -39.32 126.21 61.03
N LYS A 799 -40.28 126.21 60.13
CA LYS A 799 -40.23 125.36 58.95
C LYS A 799 -39.72 126.19 57.78
N VAL A 800 -38.41 126.32 57.70
CA VAL A 800 -37.75 127.04 56.62
C VAL A 800 -37.63 126.11 55.42
N GLN A 801 -38.12 126.58 54.27
CA GLN A 801 -38.08 125.80 53.03
C GLN A 801 -36.83 126.22 52.25
N TYR A 802 -35.75 125.49 52.45
CA TYR A 802 -34.50 125.69 51.73
C TYR A 802 -34.45 124.71 50.56
N LYS A 803 -33.77 125.11 49.49
CA LYS A 803 -33.68 124.30 48.30
C LYS A 803 -32.26 123.78 48.10
N SER A 804 -32.06 123.04 47.02
CA SER A 804 -30.76 122.54 46.60
C SER A 804 -30.55 122.91 45.14
N ASN A 805 -29.37 122.60 44.62
CA ASN A 805 -29.03 122.80 43.22
C ASN A 805 -28.15 121.64 42.76
N CYS A 806 -28.73 120.69 42.04
CA CYS A 806 -28.00 119.53 41.57
C CYS A 806 -27.70 119.69 40.09
N LYS A 807 -26.43 119.49 39.73
CA LYS A 807 -26.02 119.47 38.33
C LYS A 807 -26.62 118.29 37.56
N PRO A 808 -26.74 117.06 38.16
CA PRO A 808 -27.68 116.11 37.55
C PRO A 808 -29.11 116.31 38.03
N SER A 809 -29.98 115.36 37.69
CA SER A 809 -31.37 115.39 38.13
C SER A 809 -31.49 114.84 39.56
N THR A 810 -32.70 114.47 39.96
CA THR A 810 -32.97 114.11 41.34
C THR A 810 -32.49 112.70 41.68
N PHE A 811 -32.15 112.53 42.95
CA PHE A 811 -31.67 111.31 43.59
C PHE A 811 -32.07 111.45 45.05
N ALA A 812 -31.37 110.79 45.99
CA ALA A 812 -31.40 111.19 47.41
C ALA A 812 -32.75 111.05 48.11
N TYR A 813 -32.98 109.85 48.75
CA TYR A 813 -34.19 109.21 49.30
C TYR A 813 -35.02 108.52 48.21
N PRO A 814 -34.59 107.34 47.77
CA PRO A 814 -35.42 106.55 46.85
C PRO A 814 -36.65 105.99 47.56
N ALA A 815 -37.57 105.49 46.74
CA ALA A 815 -38.90 104.98 47.07
C ALA A 815 -38.87 103.46 47.24
N PRO A 816 -39.71 102.92 48.12
CA PRO A 816 -39.80 101.46 48.25
C PRO A 816 -40.50 100.85 47.06
N LEU A 817 -40.04 99.67 46.67
CA LEU A 817 -40.61 98.96 45.53
C LEU A 817 -41.52 97.84 45.99
N GLU A 818 -42.55 97.57 45.19
CA GLU A 818 -43.47 96.47 45.47
C GLU A 818 -43.77 95.82 44.13
N VAL A 819 -42.97 94.82 43.78
CA VAL A 819 -43.09 94.12 42.50
C VAL A 819 -43.06 92.61 42.73
N PRO A 820 -44.15 92.00 43.21
CA PRO A 820 -44.14 90.56 43.49
C PRO A 820 -44.22 89.71 42.22
N PRO A 871 -39.33 118.48 31.77
CA PRO A 871 -39.19 119.66 32.63
C PRO A 871 -39.04 119.29 34.10
N GLU A 872 -37.92 118.71 34.47
CA GLU A 872 -37.76 118.29 35.85
C GLU A 872 -37.17 119.43 36.70
N PRO A 873 -37.58 119.54 37.96
CA PRO A 873 -36.98 120.56 38.83
C PRO A 873 -35.68 120.04 39.44
N ASN A 874 -34.93 121.00 40.01
CA ASN A 874 -33.72 120.67 40.76
C ASN A 874 -33.58 121.54 42.00
N PHE A 875 -34.67 122.10 42.49
CA PHE A 875 -34.68 123.10 43.56
C PHE A 875 -35.63 122.68 44.67
N GLN A 876 -35.58 121.39 45.02
CA GLN A 876 -36.58 120.76 45.88
C GLN A 876 -36.52 121.32 47.29
N LEU A 877 -37.60 121.96 47.70
CA LEU A 877 -37.68 122.59 49.01
C LEU A 877 -37.79 121.53 50.10
N LEU A 878 -37.03 121.70 51.16
CA LEU A 878 -37.05 120.78 52.29
C LEU A 878 -37.28 121.54 53.59
N ASP A 879 -37.92 120.88 54.54
CA ASP A 879 -38.14 121.45 55.86
C ASP A 879 -36.90 121.26 56.72
N ASN A 880 -36.93 121.77 57.95
CA ASN A 880 -35.73 121.69 58.79
C ASN A 880 -35.46 120.28 59.33
N PRO A 881 -36.46 119.51 59.82
CA PRO A 881 -36.07 118.11 60.08
C PRO A 881 -36.15 117.24 58.83
N ALA A 882 -35.20 117.42 57.92
CA ALA A 882 -35.17 116.65 56.68
C ALA A 882 -33.78 116.07 56.48
N ARG A 883 -33.74 114.88 55.88
CA ARG A 883 -32.47 114.21 55.64
C ARG A 883 -31.73 114.87 54.47
N VAL A 884 -30.44 114.58 54.39
CA VAL A 884 -29.60 115.03 53.29
C VAL A 884 -28.43 114.06 53.18
N MET A 885 -28.09 113.72 51.95
CA MET A 885 -26.94 112.86 51.72
C MET A 885 -25.66 113.61 52.08
N PRO A 886 -24.67 112.93 52.67
CA PRO A 886 -23.39 113.61 52.96
C PRO A 886 -22.60 114.01 51.73
N ALA A 887 -22.91 113.47 50.56
CA ALA A 887 -22.23 113.86 49.34
C ALA A 887 -22.84 115.07 48.65
N GLN A 888 -23.99 115.54 49.11
CA GLN A 888 -24.65 116.70 48.50
C GLN A 888 -24.72 117.88 49.47
N LEU A 889 -23.82 117.92 50.45
CA LEU A 889 -23.80 118.98 51.43
C LEU A 889 -23.29 120.30 50.88
N LYS A 890 -22.55 120.28 49.77
CA LYS A 890 -22.02 121.50 49.18
C LYS A 890 -22.91 122.05 48.08
N VAL A 891 -23.80 121.24 47.50
CA VAL A 891 -24.64 121.69 46.40
C VAL A 891 -25.98 122.22 46.86
N LEU A 892 -26.20 122.32 48.16
CA LEU A 892 -27.41 122.97 48.67
C LEU A 892 -27.22 124.47 48.67
N THR A 893 -28.32 125.19 48.80
CA THR A 893 -28.29 126.65 48.75
C THR A 893 -29.33 127.19 49.72
N MET A 894 -28.92 128.12 50.58
CA MET A 894 -29.85 128.78 51.48
C MET A 894 -30.83 129.64 50.68
N PRO A 895 -32.07 129.80 51.18
CA PRO A 895 -33.05 130.62 50.44
C PRO A 895 -32.74 132.10 50.49
N GLU A 896 -32.23 132.64 49.38
CA GLU A 896 -31.89 134.06 49.32
C GLU A 896 -33.12 134.93 49.15
N THR A 897 -34.24 134.36 48.69
CA THR A 897 -35.47 135.14 48.57
C THR A 897 -36.13 135.38 49.92
N CYS A 898 -35.76 134.61 50.94
CA CYS A 898 -36.26 134.81 52.28
C CYS A 898 -35.24 135.64 53.07
N ARG A 899 -35.75 136.40 54.04
CA ARG A 899 -34.87 137.20 54.88
C ARG A 899 -34.14 136.33 55.89
N TYR A 900 -34.72 135.19 56.26
CA TYR A 900 -34.22 134.35 57.35
C TYR A 900 -32.94 133.65 56.90
N GLN A 901 -31.80 134.21 57.29
CA GLN A 901 -30.52 133.63 56.92
C GLN A 901 -29.79 133.12 58.16
N PRO A 902 -29.16 131.96 58.08
CA PRO A 902 -28.49 131.39 59.25
C PRO A 902 -27.21 132.13 59.57
N PHE A 903 -26.73 131.93 60.80
CA PHE A 903 -25.50 132.58 61.21
C PHE A 903 -24.28 131.86 60.64
N LYS A 904 -24.12 130.59 60.97
CA LYS A 904 -23.03 129.81 60.39
C LYS A 904 -23.38 129.45 58.94
N PRO A 905 -22.41 129.54 58.03
CA PRO A 905 -22.67 129.19 56.63
C PRO A 905 -22.94 127.69 56.47
N LEU A 906 -24.14 127.38 56.00
CA LEU A 906 -24.59 126.00 55.89
C LEU A 906 -23.90 125.34 54.70
N SER A 907 -22.78 124.68 54.98
CA SER A 907 -22.01 124.02 53.94
C SER A 907 -21.81 122.54 54.22
N ILE A 908 -22.15 122.07 55.41
CA ILE A 908 -21.96 120.68 55.77
C ILE A 908 -23.05 120.33 56.78
N GLY A 909 -23.58 119.12 56.66
CA GLY A 909 -24.72 118.73 57.48
C GLY A 909 -24.37 118.58 58.94
N GLY A 910 -25.27 119.06 59.79
CA GLY A 910 -25.04 119.13 61.22
C GLY A 910 -26.17 119.89 61.88
N ILE A 911 -25.83 120.82 62.76
CA ILE A 911 -26.84 121.64 63.42
C ILE A 911 -26.38 123.10 63.41
N ILE A 912 -27.28 123.99 63.05
CA ILE A 912 -27.02 125.43 62.98
C ILE A 912 -28.18 126.16 63.64
N ILE A 913 -28.04 127.49 63.73
CA ILE A 913 -29.10 128.36 64.20
C ILE A 913 -29.56 129.22 63.04
N LEU A 914 -30.71 129.85 63.23
CA LEU A 914 -31.27 130.79 62.26
C LEU A 914 -31.27 132.18 62.88
N LYS A 915 -30.57 133.11 62.24
CA LYS A 915 -30.57 134.50 62.71
C LYS A 915 -31.88 135.13 62.29
N ASP A 916 -32.80 135.27 63.24
CA ASP A 916 -34.10 135.87 62.97
C ASP A 916 -33.98 137.39 63.04
N THR A 917 -34.31 138.06 61.94
CA THR A 917 -34.26 139.50 61.87
C THR A 917 -35.62 140.15 61.66
N SER A 918 -36.67 139.37 61.44
CA SER A 918 -38.01 139.91 61.23
C SER A 918 -38.77 139.95 62.56
N GLU A 919 -40.09 140.12 62.46
CA GLU A 919 -40.99 140.14 63.61
C GLU A 919 -42.12 139.15 63.34
N ASP A 920 -42.77 138.71 64.42
CA ASP A 920 -43.94 137.82 64.42
C ASP A 920 -43.59 136.46 63.79
N ILE A 921 -42.71 135.74 64.49
CA ILE A 921 -42.36 134.39 64.10
C ILE A 921 -43.50 133.44 64.44
N GLU A 922 -43.64 132.39 63.64
CA GLU A 922 -44.76 131.46 63.78
C GLU A 922 -44.27 130.06 63.45
N GLU A 923 -45.23 129.15 63.21
CA GLU A 923 -45.02 127.79 62.68
C GLU A 923 -44.19 126.91 63.62
N LEU A 924 -44.76 126.68 64.80
CA LEU A 924 -44.25 125.71 65.76
C LEU A 924 -45.19 124.50 65.77
N VAL A 925 -44.62 123.31 65.66
CA VAL A 925 -45.40 122.07 65.67
C VAL A 925 -44.52 120.94 66.20
N GLU A 926 -45.07 120.13 67.11
CA GLU A 926 -44.34 119.03 67.74
C GLU A 926 -45.26 117.83 67.95
N PRO A 927 -45.01 116.70 67.27
CA PRO A 927 -45.72 115.46 67.59
C PRO A 927 -45.05 114.71 68.73
N PRO B 17 12.00 118.11 -19.94
CA PRO B 17 10.54 118.02 -19.84
C PRO B 17 9.85 116.77 -20.46
N PRO B 18 10.28 116.19 -21.63
CA PRO B 18 9.65 114.93 -22.03
C PRO B 18 10.13 113.73 -21.24
N GLY B 19 11.40 113.75 -20.80
CA GLY B 19 11.99 112.61 -20.15
C GLY B 19 11.85 112.61 -18.64
N GLY B 20 12.29 113.68 -17.99
CA GLY B 20 12.25 113.75 -16.54
C GLY B 20 11.06 114.50 -16.01
N GLY B 21 10.40 115.28 -16.89
CA GLY B 21 9.23 116.04 -16.49
C GLY B 21 8.02 115.20 -16.20
N GLU B 22 7.91 114.02 -16.82
CA GLU B 22 6.84 113.09 -16.47
C GLU B 22 7.06 112.48 -15.09
N GLN B 23 8.32 112.36 -14.67
CA GLN B 23 8.67 111.87 -13.34
C GLN B 23 8.73 112.98 -12.31
N GLU B 24 8.24 114.17 -12.64
CA GLU B 24 8.06 115.25 -11.66
C GLU B 24 6.74 115.20 -10.87
N PRO B 25 5.56 114.90 -11.44
CA PRO B 25 4.35 114.80 -10.59
C PRO B 25 4.32 113.66 -9.58
N PRO B 26 4.83 112.43 -9.84
CA PRO B 26 4.72 111.36 -8.78
C PRO B 26 5.49 111.60 -7.47
N PRO B 27 6.69 112.23 -7.43
CA PRO B 27 7.40 112.33 -6.11
C PRO B 27 6.74 113.21 -5.04
N PRO B 28 6.10 114.36 -5.33
CA PRO B 28 5.51 115.13 -4.21
C PRO B 28 4.39 114.39 -3.45
N PRO B 29 3.26 114.05 -4.08
CA PRO B 29 1.98 114.09 -3.33
C PRO B 29 1.85 113.04 -2.23
N ALA B 30 2.27 111.82 -2.48
CA ALA B 30 2.14 110.80 -1.43
C ALA B 30 3.21 110.89 -0.33
N PRO B 31 4.51 111.10 -0.59
CA PRO B 31 5.42 111.29 0.56
C PRO B 31 5.20 112.59 1.32
N GLN B 32 4.60 113.60 0.69
CA GLN B 32 4.22 114.80 1.44
C GLN B 32 3.16 114.52 2.48
N ASP B 33 2.26 113.59 2.20
CA ASP B 33 1.16 113.30 3.11
C ASP B 33 1.58 112.30 4.18
N VAL B 34 2.28 111.22 3.77
CA VAL B 34 2.51 110.14 4.71
C VAL B 34 3.59 110.48 5.71
N GLU B 35 4.53 111.37 5.36
CA GLU B 35 5.50 111.82 6.35
C GLU B 35 4.87 112.81 7.32
N MET B 36 3.94 113.62 6.83
CA MET B 36 3.31 114.63 7.66
C MET B 36 2.37 114.00 8.69
N LYS B 37 1.68 112.93 8.31
CA LYS B 37 0.81 112.24 9.25
C LYS B 37 1.59 111.53 10.35
N GLU B 38 2.80 111.06 10.03
CA GLU B 38 3.62 110.37 11.03
C GLU B 38 4.10 111.32 12.11
N GLU B 39 4.67 112.45 11.71
CA GLU B 39 5.17 113.42 12.68
C GLU B 39 4.05 114.17 13.39
N ALA B 40 2.85 114.22 12.81
CA ALA B 40 1.73 114.85 13.52
C ALA B 40 1.08 113.89 14.51
N ALA B 41 0.98 112.60 14.16
CA ALA B 41 0.44 111.63 15.10
C ALA B 41 1.40 111.38 16.25
N THR B 42 2.70 111.29 15.94
CA THR B 42 3.70 111.20 17.00
C THR B 42 3.81 112.52 17.75
N GLY B 43 3.71 113.64 17.02
CA GLY B 43 3.62 114.93 17.69
C GLY B 43 2.34 115.08 18.49
N GLY B 44 1.25 114.47 18.03
CA GLY B 44 0.08 114.35 18.87
C GLY B 44 0.26 113.29 19.94
N GLY B 45 1.04 112.25 19.65
CA GLY B 45 1.35 111.25 20.66
C GLY B 45 2.33 111.76 21.69
N SER B 46 3.23 112.66 21.29
CA SER B 46 4.09 113.33 22.26
C SER B 46 3.29 114.29 23.13
N THR B 47 2.20 114.83 22.59
CA THR B 47 1.39 115.78 23.34
C THR B 47 0.62 115.10 24.46
N GLY B 48 -0.06 113.99 24.15
CA GLY B 48 -0.79 113.27 25.17
C GLY B 48 0.10 112.63 26.22
N GLU B 49 1.33 112.27 25.83
CA GLU B 49 2.28 111.75 26.80
C GLU B 49 2.89 112.86 27.64
N ALA B 50 3.00 114.08 27.09
CA ALA B 50 3.43 115.21 27.90
C ALA B 50 2.31 115.67 28.82
N ASP B 51 1.07 115.57 28.37
CA ASP B 51 -0.06 115.99 29.19
C ASP B 51 -0.36 115.00 30.31
N GLY B 52 -0.20 113.71 30.04
CA GLY B 52 -0.46 112.69 31.04
C GLY B 52 0.41 111.48 30.83
N LYS B 53 0.74 110.79 31.93
CA LYS B 53 1.68 109.67 31.96
C LYS B 53 3.03 110.08 31.36
N THR B 54 3.70 110.97 32.09
CA THR B 54 5.02 111.46 31.70
C THR B 54 6.10 110.39 31.79
N ALA B 55 5.80 109.22 32.36
CA ALA B 55 6.70 108.06 32.33
C ALA B 55 6.67 107.51 30.90
N ALA B 56 7.54 108.09 30.08
CA ALA B 56 7.60 107.82 28.65
C ALA B 56 8.90 107.12 28.29
N ALA B 57 9.28 106.13 29.10
CA ALA B 57 10.58 105.48 28.95
C ALA B 57 10.64 104.59 27.71
N ALA B 58 9.57 103.86 27.43
CA ALA B 58 9.49 103.00 26.25
C ALA B 58 8.55 103.58 25.20
N ALA B 59 8.32 104.89 25.25
CA ALA B 59 7.38 105.54 24.37
C ALA B 59 8.01 105.81 23.01
N GLU B 60 7.24 106.39 22.10
CA GLU B 60 7.67 106.61 20.73
C GLU B 60 8.57 107.84 20.57
N HIS B 61 8.96 108.49 21.67
CA HIS B 61 9.92 109.59 21.60
C HIS B 61 11.27 109.10 21.09
N SER B 62 11.65 107.89 21.47
CA SER B 62 12.93 107.33 21.05
C SER B 62 12.91 106.93 19.59
N GLN B 63 11.88 106.15 19.19
CA GLN B 63 11.81 105.63 17.82
C GLN B 63 11.58 106.74 16.80
N ARG B 64 10.84 107.79 17.18
CA ARG B 64 10.74 108.96 16.31
C ARG B 64 12.08 109.68 16.23
N GLU B 65 12.83 109.71 17.33
CA GLU B 65 14.18 110.25 17.26
C GLU B 65 15.11 109.31 16.50
N LEU B 66 14.83 108.00 16.56
CA LEU B 66 15.56 107.07 15.69
C LEU B 66 15.17 107.24 14.24
N ASP B 67 13.97 107.75 13.97
CA ASP B 67 13.60 108.09 12.60
C ASP B 67 14.36 109.32 12.12
N THR B 68 14.40 110.38 12.94
CA THR B 68 14.95 111.66 12.53
C THR B 68 16.45 111.61 12.27
N VAL B 69 17.16 110.66 12.87
CA VAL B 69 18.54 110.43 12.50
C VAL B 69 18.63 109.73 11.15
N THR B 70 17.86 108.65 10.99
CA THR B 70 18.00 107.80 9.81
C THR B 70 17.26 108.37 8.60
N LEU B 71 15.94 108.49 8.69
CA LEU B 71 15.10 108.60 7.49
C LEU B 71 15.19 109.97 6.86
N GLU B 72 15.04 111.03 7.65
CA GLU B 72 15.01 112.38 7.12
C GLU B 72 16.36 112.87 6.59
N ASP B 73 17.44 112.13 6.87
CA ASP B 73 18.73 112.45 6.30
C ASP B 73 19.05 111.64 5.05
N ILE B 74 18.41 110.49 4.85
CA ILE B 74 18.66 109.67 3.69
C ILE B 74 17.55 109.74 2.66
N LYS B 75 16.38 110.29 3.01
CA LYS B 75 15.29 110.42 2.05
C LYS B 75 15.36 111.76 1.31
N GLU B 76 15.31 112.86 2.06
CA GLU B 76 15.39 114.19 1.49
C GLU B 76 16.71 114.84 1.85
N HIS B 77 17.23 115.65 0.92
CA HIS B 77 18.51 116.32 1.12
C HIS B 77 18.43 117.79 0.71
N VAL B 78 17.40 118.14 -0.06
CA VAL B 78 17.16 119.52 -0.46
C VAL B 78 15.85 119.95 0.21
N LYS B 79 15.48 121.22 0.02
CA LYS B 79 14.26 121.77 0.61
C LYS B 79 12.98 121.32 -0.09
N GLN B 80 13.08 120.41 -1.05
CA GLN B 80 11.96 119.61 -1.56
C GLN B 80 10.83 120.45 -2.13
N LEU B 81 11.08 121.05 -3.30
CA LEU B 81 10.12 121.88 -4.00
C LEU B 81 8.84 121.15 -4.39
N GLU B 82 7.86 121.90 -4.89
CA GLU B 82 6.43 121.56 -4.84
C GLU B 82 6.01 121.32 -3.39
N LYS B 83 6.54 122.19 -2.50
CA LYS B 83 5.97 122.53 -1.20
C LYS B 83 5.90 121.32 -0.25
N ALA B 84 7.08 120.75 0.02
CA ALA B 84 7.20 119.60 0.91
C ALA B 84 7.95 119.94 2.18
N VAL B 85 9.17 120.46 2.07
CA VAL B 85 9.86 121.04 3.20
C VAL B 85 9.76 122.57 3.18
N SER B 86 9.76 123.19 2.00
CA SER B 86 9.60 124.64 1.90
C SER B 86 8.21 125.08 2.31
N GLY B 87 7.21 124.23 2.12
CA GLY B 87 5.84 124.59 2.44
C GLY B 87 5.42 124.39 3.88
N LYS B 88 6.27 123.79 4.72
CA LYS B 88 5.90 123.60 6.12
C LYS B 88 5.95 124.89 6.92
N GLU B 89 6.82 125.82 6.53
CA GLU B 89 6.91 127.09 7.22
C GLU B 89 5.73 128.03 6.93
N PRO B 90 5.21 128.17 5.70
CA PRO B 90 3.92 128.87 5.57
C PRO B 90 2.74 128.05 6.08
N ARG B 91 2.89 126.73 6.24
CA ARG B 91 1.86 125.96 6.90
C ARG B 91 1.81 126.25 8.39
N PHE B 92 2.97 126.37 9.02
CA PHE B 92 3.08 126.54 10.46
C PHE B 92 3.26 127.98 10.88
N VAL B 93 3.08 128.93 9.97
CA VAL B 93 3.27 130.34 10.31
C VAL B 93 2.11 130.84 11.17
N LEU B 94 0.95 130.21 11.07
CA LEU B 94 -0.27 130.66 11.73
C LEU B 94 -0.68 129.56 12.70
N ARG B 95 -0.13 129.60 13.91
CA ARG B 95 -0.40 128.62 14.94
C ARG B 95 -0.53 129.33 16.28
N ALA B 96 -1.65 129.08 16.97
CA ALA B 96 -1.80 129.53 18.35
C ALA B 96 -1.87 128.38 19.33
N LEU B 97 -2.86 127.49 19.18
CA LEU B 97 -3.00 126.22 19.91
C LEU B 97 -3.02 126.42 21.43
N ARG B 98 -4.04 127.15 21.89
CA ARG B 98 -4.17 127.45 23.31
C ARG B 98 -5.46 126.89 23.90
N MET B 99 -6.61 127.24 23.35
CA MET B 99 -7.90 126.83 23.91
C MET B 99 -8.49 125.75 23.01
N LEU B 100 -9.41 124.95 23.57
CA LEU B 100 -10.00 123.84 22.84
C LEU B 100 -10.76 124.23 21.57
N PRO B 101 -11.54 125.34 21.50
CA PRO B 101 -11.96 125.78 20.17
C PRO B 101 -10.84 126.40 19.35
N SER B 102 -9.87 127.03 19.99
CA SER B 102 -8.75 127.64 19.27
C SER B 102 -7.86 126.58 18.64
N THR B 103 -7.68 125.44 19.31
CA THR B 103 -7.00 124.32 18.68
C THR B 103 -7.81 123.75 17.53
N SER B 104 -9.13 123.61 17.72
CA SER B 104 -9.97 123.06 16.66
C SER B 104 -10.11 124.02 15.48
N ARG B 105 -10.00 125.33 15.73
CA ARG B 105 -9.83 126.27 14.63
C ARG B 105 -8.51 126.03 13.90
N ARG B 106 -7.44 125.73 14.64
CA ARG B 106 -6.18 125.37 13.99
C ARG B 106 -6.26 123.97 13.39
N LEU B 107 -7.01 123.06 14.02
CA LEU B 107 -7.27 121.75 13.42
C LEU B 107 -8.12 121.86 12.16
N ASN B 108 -8.91 122.93 12.03
CA ASN B 108 -9.50 123.22 10.73
C ASN B 108 -8.44 123.70 9.74
N HIS B 109 -7.43 124.42 10.23
CA HIS B 109 -6.42 124.97 9.33
C HIS B 109 -5.43 123.91 8.86
N TYR B 110 -5.18 122.87 9.70
CA TYR B 110 -4.27 121.79 9.30
C TYR B 110 -4.77 121.09 8.03
N VAL B 111 -6.08 120.89 7.94
CA VAL B 111 -6.67 120.27 6.75
C VAL B 111 -6.61 121.24 5.58
N LEU B 112 -6.80 122.53 5.84
CA LEU B 112 -6.87 123.51 4.75
C LEU B 112 -5.49 123.81 4.17
N TYR B 113 -4.45 123.89 5.00
CA TYR B 113 -3.13 124.17 4.45
C TYR B 113 -2.55 122.98 3.71
N LYS B 114 -2.96 121.77 4.05
CA LYS B 114 -2.54 120.60 3.27
C LYS B 114 -3.33 120.48 1.98
N ALA B 115 -4.60 120.89 1.99
CA ALA B 115 -5.45 120.70 0.82
C ALA B 115 -5.08 121.66 -0.30
N VAL B 116 -4.68 122.88 0.05
CA VAL B 116 -4.26 123.83 -0.97
C VAL B 116 -2.89 123.44 -1.53
N GLN B 117 -1.96 123.06 -0.65
CA GLN B 117 -0.66 122.58 -1.10
C GLN B 117 -0.75 121.24 -1.82
N GLY B 118 -1.71 120.40 -1.44
CA GLY B 118 -1.90 119.14 -2.13
C GLY B 118 -2.53 119.30 -3.50
N PHE B 119 -3.43 120.28 -3.65
CA PHE B 119 -4.05 120.53 -4.94
C PHE B 119 -3.15 121.41 -5.81
N PHE B 120 -2.80 122.58 -5.30
CA PHE B 120 -2.15 123.65 -6.05
C PHE B 120 -0.85 124.02 -5.36
N THR B 121 -0.26 125.12 -5.79
CA THR B 121 0.93 125.68 -5.15
C THR B 121 0.51 126.80 -4.19
N SER B 122 1.24 126.92 -3.08
CA SER B 122 0.93 127.94 -2.08
C SER B 122 2.05 128.97 -1.93
N ASN B 123 3.25 128.55 -1.54
CA ASN B 123 4.32 129.49 -1.20
C ASN B 123 5.67 128.81 -1.44
N ASN B 124 6.56 129.47 -2.17
CA ASN B 124 7.78 128.85 -2.66
C ASN B 124 9.00 129.49 -2.02
N ALA B 125 10.00 128.66 -1.71
CA ALA B 125 11.29 129.12 -1.23
C ALA B 125 12.27 129.18 -2.40
N THR B 126 13.02 130.28 -2.48
CA THR B 126 14.05 130.45 -3.51
C THR B 126 15.42 130.65 -2.87
N ARG B 127 15.67 129.92 -1.78
CA ARG B 127 16.94 129.81 -1.07
C ARG B 127 17.42 131.13 -0.46
N ASP B 128 16.54 132.13 -0.36
CA ASP B 128 16.92 133.43 0.19
C ASP B 128 15.94 133.86 1.26
N PHE B 129 14.71 133.37 1.18
CA PHE B 129 13.64 133.81 2.07
C PHE B 129 13.55 132.97 3.33
N LEU B 130 14.67 132.75 4.00
CA LEU B 130 14.65 132.02 5.26
C LEU B 130 14.26 132.90 6.44
N LEU B 131 14.57 134.19 6.37
CA LEU B 131 14.16 135.14 7.40
C LEU B 131 12.65 135.34 7.50
N PRO B 132 11.86 135.39 6.40
CA PRO B 132 10.40 135.30 6.59
C PRO B 132 9.91 133.91 6.96
N PHE B 133 10.75 132.88 6.84
CA PHE B 133 10.36 131.53 7.19
C PHE B 133 10.83 131.10 8.58
N LEU B 134 11.38 132.03 9.37
CA LEU B 134 11.84 131.70 10.71
C LEU B 134 11.40 132.65 11.80
N GLU B 135 11.06 133.90 11.48
CA GLU B 135 10.61 134.82 12.51
C GLU B 135 9.11 134.78 12.71
N GLU B 136 8.36 134.96 11.63
CA GLU B 136 6.90 134.85 11.64
C GLU B 136 6.37 133.45 11.99
N PRO B 137 7.05 132.33 11.64
CA PRO B 137 6.67 131.07 12.31
C PRO B 137 6.92 131.06 13.80
N MET B 138 7.99 131.71 14.27
CA MET B 138 8.17 131.88 15.71
C MET B 138 7.16 132.88 16.27
N ASP B 139 6.76 133.86 15.46
CA ASP B 139 5.78 134.86 15.83
C ASP B 139 4.39 134.37 15.45
N THR B 140 3.42 135.31 15.39
CA THR B 140 2.02 135.09 15.01
C THR B 140 1.34 134.16 16.01
N GLU B 141 1.26 134.68 17.24
CA GLU B 141 0.49 134.14 18.36
C GLU B 141 0.93 132.75 18.78
N ALA B 142 2.22 132.42 18.59
CA ALA B 142 2.70 131.14 19.07
C ALA B 142 2.77 131.13 20.59
N ASP B 143 2.75 129.94 21.17
CA ASP B 143 2.69 129.79 22.61
C ASP B 143 3.86 128.92 23.10
N LEU B 144 3.81 128.56 24.38
CA LEU B 144 4.80 127.68 25.01
C LEU B 144 4.21 126.33 25.37
N GLN B 145 3.05 125.99 24.80
CA GLN B 145 2.39 124.74 25.17
C GLN B 145 3.01 123.55 24.44
N PHE B 146 3.18 123.67 23.13
CA PHE B 146 3.69 122.56 22.32
C PHE B 146 5.16 122.84 22.03
N ARG B 147 5.99 122.53 23.01
CA ARG B 147 7.43 122.79 22.96
C ARG B 147 8.24 121.82 22.09
N PRO B 148 7.97 120.50 22.05
CA PRO B 148 8.64 119.68 21.02
C PRO B 148 8.16 119.98 19.61
N ARG B 149 6.92 120.47 19.45
CA ARG B 149 6.48 120.93 18.14
C ARG B 149 7.28 122.13 17.67
N THR B 150 7.51 123.10 18.57
CA THR B 150 8.38 124.22 18.24
C THR B 150 9.83 123.79 18.18
N GLY B 151 10.19 122.74 18.91
CA GLY B 151 11.56 122.25 18.85
C GLY B 151 11.88 121.53 17.55
N LYS B 152 10.95 120.70 17.09
CA LYS B 152 11.19 119.95 15.85
C LYS B 152 11.06 120.85 14.63
N ALA B 153 10.07 121.75 14.63
CA ALA B 153 9.85 122.62 13.48
C ALA B 153 10.94 123.68 13.32
N ALA B 154 11.74 123.91 14.35
CA ALA B 154 12.93 124.73 14.20
C ALA B 154 14.16 123.92 13.83
N SER B 155 14.18 122.63 14.20
CA SER B 155 15.31 121.77 13.87
C SER B 155 15.19 121.11 12.52
N THR B 156 13.97 120.96 12.02
CA THR B 156 13.80 120.42 10.66
C THR B 156 14.35 121.28 9.52
N PRO B 157 14.39 122.62 9.56
CA PRO B 157 15.14 123.32 8.50
C PRO B 157 16.64 123.25 8.65
N LEU B 158 17.15 122.79 9.80
CA LEU B 158 18.59 122.75 10.01
C LEU B 158 19.26 121.67 9.18
N LEU B 159 18.55 120.63 8.82
CA LEU B 159 19.16 119.58 8.02
C LEU B 159 19.34 119.95 6.55
N PRO B 160 18.30 120.43 5.78
CA PRO B 160 18.55 120.66 4.34
C PRO B 160 19.36 121.93 4.10
N GLU B 161 19.37 122.85 5.06
CA GLU B 161 20.12 124.10 4.90
C GLU B 161 21.62 123.84 4.89
N VAL B 162 22.07 122.94 5.75
CA VAL B 162 23.48 122.59 5.73
C VAL B 162 23.77 121.63 4.58
N GLU B 163 22.86 120.66 4.34
CA GLU B 163 23.05 119.64 3.32
C GLU B 163 23.06 120.22 1.90
N ALA B 164 22.47 121.40 1.71
CA ALA B 164 22.56 122.06 0.41
C ALA B 164 23.99 122.48 0.09
N TYR B 165 24.72 122.99 1.08
CA TYR B 165 26.12 123.42 1.00
C TYR B 165 26.33 124.45 -0.12
N LEU B 166 25.48 125.46 -0.14
CA LEU B 166 25.57 126.47 -1.19
C LEU B 166 26.43 127.67 -0.82
N GLN B 167 26.43 128.06 0.45
CA GLN B 167 27.29 129.11 1.02
C GLN B 167 27.12 130.45 0.30
N LEU B 168 25.89 130.96 0.36
CA LEU B 168 25.56 132.30 -0.15
C LEU B 168 24.56 132.87 0.86
N LEU B 169 25.09 133.60 1.85
CA LEU B 169 24.35 134.16 2.99
C LEU B 169 23.59 133.06 3.75
N VAL B 170 24.32 132.00 4.10
CA VAL B 170 23.72 130.82 4.72
C VAL B 170 24.23 130.61 6.14
N VAL B 171 25.48 130.99 6.43
CA VAL B 171 26.09 130.80 7.74
C VAL B 171 25.38 131.63 8.81
N ILE B 172 25.06 132.89 8.49
CA ILE B 172 24.37 133.74 9.45
C ILE B 172 22.91 133.29 9.60
N PHE B 173 22.35 132.64 8.57
CA PHE B 173 21.02 132.07 8.73
C PHE B 173 21.08 130.81 9.59
N MET B 174 22.18 130.06 9.49
CA MET B 174 22.46 129.02 10.46
C MET B 174 22.69 129.63 11.84
N MET B 175 23.48 130.71 11.89
CA MET B 175 23.87 131.32 13.16
C MET B 175 22.67 131.94 13.86
N ASN B 176 21.74 132.51 13.10
CA ASN B 176 20.51 133.02 13.71
C ASN B 176 19.61 131.89 14.18
N SER B 177 19.55 130.79 13.41
CA SER B 177 18.69 129.68 13.78
C SER B 177 19.22 128.92 14.98
N LYS B 178 20.54 128.90 15.17
CA LYS B 178 21.11 128.30 16.37
C LYS B 178 20.80 129.14 17.60
N ARG B 179 21.11 130.43 17.55
CA ARG B 179 20.94 131.31 18.71
C ARG B 179 19.47 131.47 19.09
N TYR B 180 18.57 131.39 18.11
CA TYR B 180 17.14 131.37 18.42
C TYR B 180 16.78 130.09 19.16
N LYS B 181 17.24 128.95 18.65
CA LYS B 181 16.89 127.67 19.23
C LYS B 181 17.55 127.48 20.59
N GLU B 182 18.76 128.02 20.76
CA GLU B 182 19.41 127.98 22.07
C GLU B 182 18.73 128.91 23.05
N ALA B 183 18.14 130.01 22.57
CA ALA B 183 17.32 130.84 23.44
C ALA B 183 16.01 130.14 23.80
N GLN B 184 15.47 129.34 22.87
CA GLN B 184 14.28 128.54 23.20
C GLN B 184 14.61 127.42 24.18
N LYS B 185 15.85 126.96 24.18
CA LYS B 185 16.25 125.88 25.09
C LYS B 185 16.41 126.39 26.51
N ILE B 186 16.87 127.63 26.67
CA ILE B 186 17.00 128.22 28.00
C ILE B 186 15.62 128.51 28.59
N SER B 187 14.68 128.97 27.74
CA SER B 187 13.33 129.30 28.20
C SER B 187 12.53 128.07 28.60
N ASP B 188 12.94 126.87 28.19
CA ASP B 188 12.24 125.66 28.62
C ASP B 188 12.77 125.17 29.95
N ASP B 189 14.09 125.13 30.11
CA ASP B 189 14.69 124.55 31.31
C ASP B 189 14.53 125.46 32.52
N LEU B 190 14.27 126.75 32.32
CA LEU B 190 14.12 127.70 33.41
C LEU B 190 12.68 128.14 33.65
N MET B 191 11.90 128.37 32.60
CA MET B 191 10.53 128.87 32.72
C MET B 191 9.54 127.78 32.35
N GLN B 192 8.67 127.43 33.30
CA GLN B 192 7.57 126.46 33.14
C GLN B 192 8.09 125.09 32.69
N LYS B 193 8.90 124.49 33.54
CA LYS B 193 9.51 123.19 33.28
C LYS B 193 8.68 122.03 33.82
N ILE B 194 7.47 122.32 34.33
CA ILE B 194 6.63 121.35 35.03
C ILE B 194 6.13 120.31 34.03
N SER B 195 6.71 119.10 34.12
CA SER B 195 6.27 117.90 33.38
C SER B 195 6.35 118.09 31.87
N THR B 196 7.45 118.66 31.41
CA THR B 196 7.71 118.76 29.97
C THR B 196 8.84 117.83 29.55
N GLN B 197 10.05 118.04 30.10
CA GLN B 197 11.21 117.15 30.03
C GLN B 197 11.54 116.71 28.59
N ASN B 198 11.92 117.68 27.78
CA ASN B 198 12.27 117.41 26.41
C ASN B 198 13.75 117.09 26.24
N ARG B 199 14.44 116.76 27.34
CA ARG B 199 15.87 116.51 27.31
C ARG B 199 16.22 115.32 26.42
N ARG B 200 15.32 114.34 26.32
CA ARG B 200 15.54 113.21 25.42
C ARG B 200 15.51 113.65 23.96
N ALA B 201 14.81 114.75 23.66
CA ALA B 201 14.83 115.33 22.33
C ALA B 201 15.86 116.44 22.16
N LEU B 202 16.05 117.27 23.19
CA LEU B 202 16.88 118.45 23.03
C LEU B 202 18.36 118.16 23.10
N ASP B 203 18.76 116.97 23.54
CA ASP B 203 20.18 116.61 23.59
C ASP B 203 20.74 116.39 22.19
N LEU B 204 20.07 115.55 21.39
CA LEU B 204 20.57 115.26 20.05
C LEU B 204 20.42 116.46 19.13
N VAL B 205 19.44 117.33 19.39
CA VAL B 205 19.36 118.59 18.66
C VAL B 205 20.52 119.50 19.04
N ALA B 206 20.92 119.46 20.32
CA ALA B 206 22.13 120.17 20.72
C ALA B 206 23.38 119.54 20.12
N ALA B 207 23.37 118.21 19.91
CA ALA B 207 24.53 117.56 19.32
C ALA B 207 24.63 117.86 17.82
N LYS B 208 23.50 117.77 17.11
CA LYS B 208 23.52 117.96 15.67
C LYS B 208 23.76 119.43 15.28
N CYS B 209 23.32 120.37 16.11
CA CYS B 209 23.55 121.76 15.78
C CYS B 209 25.00 122.16 16.04
N TYR B 210 25.64 121.53 17.02
CA TYR B 210 27.03 121.84 17.30
C TYR B 210 27.98 121.20 16.30
N TYR B 211 27.57 120.07 15.72
CA TYR B 211 28.31 119.48 14.60
C TYR B 211 28.33 120.46 13.43
N TYR B 212 27.20 121.08 13.15
CA TYR B 212 27.14 122.10 12.11
C TYR B 212 27.80 123.39 12.57
N HIS B 213 27.76 123.67 13.87
CA HIS B 213 28.42 124.87 14.37
C HIS B 213 29.93 124.67 14.39
N ALA B 214 30.39 123.43 14.40
CA ALA B 214 31.82 123.18 14.29
C ALA B 214 32.28 123.14 12.85
N ARG B 215 31.57 122.40 11.99
CA ARG B 215 32.01 122.14 10.62
C ARG B 215 32.02 123.42 9.78
N VAL B 216 30.98 124.26 9.94
CA VAL B 216 30.95 125.54 9.24
C VAL B 216 32.08 126.45 9.73
N TYR B 217 32.39 126.40 11.03
CA TYR B 217 33.63 127.02 11.50
C TYR B 217 34.84 126.31 10.91
N GLU B 218 34.82 124.98 10.86
CA GLU B 218 35.94 124.22 10.33
C GLU B 218 36.15 124.42 8.84
N PHE B 219 35.17 124.94 8.10
CA PHE B 219 35.48 125.42 6.75
C PHE B 219 36.39 126.63 6.77
N LEU B 220 36.32 127.44 7.83
CA LEU B 220 36.96 128.74 7.83
C LEU B 220 37.87 129.02 9.02
N ASP B 221 37.50 128.60 10.23
CA ASP B 221 38.26 128.96 11.43
C ASP B 221 38.23 127.82 12.45
N LYS B 222 38.54 128.16 13.70
CA LYS B 222 38.49 127.27 14.83
C LYS B 222 37.12 127.38 15.51
N LEU B 223 37.01 126.84 16.73
CA LEU B 223 35.83 127.07 17.54
C LEU B 223 36.24 127.18 19.00
N ASP B 224 35.91 128.31 19.61
CA ASP B 224 36.13 128.58 21.03
C ASP B 224 34.88 129.08 21.71
N VAL B 225 34.03 129.84 21.00
CA VAL B 225 32.79 130.32 21.59
C VAL B 225 31.81 129.17 21.78
N VAL B 226 31.95 128.11 20.96
CA VAL B 226 31.05 126.97 21.07
C VAL B 226 31.32 126.20 22.36
N ARG B 227 32.55 126.26 22.87
CA ARG B 227 32.87 125.51 24.07
C ARG B 227 32.67 126.31 25.35
N SER B 228 32.88 127.63 25.32
CA SER B 228 32.56 128.45 26.48
C SER B 228 31.06 128.48 26.72
N PHE B 229 30.26 128.40 25.66
CA PHE B 229 28.83 128.22 25.83
C PHE B 229 28.51 126.81 26.30
N LEU B 230 29.35 125.85 25.92
CA LEU B 230 29.10 124.47 26.31
C LEU B 230 29.45 124.23 27.77
N HIS B 231 30.44 124.95 28.29
CA HIS B 231 30.73 124.87 29.72
C HIS B 231 29.60 125.47 30.53
N ALA B 232 28.92 126.48 30.00
CA ALA B 232 27.82 127.12 30.72
C ALA B 232 26.58 126.23 30.73
N ARG B 233 26.30 125.56 29.61
CA ARG B 233 25.15 124.65 29.57
C ARG B 233 25.37 123.43 30.44
N LEU B 234 26.62 122.97 30.56
CA LEU B 234 26.90 121.87 31.47
C LEU B 234 26.87 122.35 32.92
N ARG B 235 27.22 123.61 33.16
CA ARG B 235 27.16 124.17 34.50
C ARG B 235 25.71 124.32 34.97
N THR B 236 24.83 124.78 34.09
CA THR B 236 23.42 124.89 34.45
C THR B 236 22.68 123.57 34.35
N ALA B 237 23.27 122.57 33.70
CA ALA B 237 22.85 121.19 33.87
C ALA B 237 23.63 120.62 35.05
N THR B 238 23.62 119.29 35.20
CA THR B 238 24.42 118.47 36.12
C THR B 238 23.94 118.64 37.58
N LEU B 239 23.10 119.63 37.84
CA LEU B 239 22.53 119.86 39.16
C LEU B 239 21.13 119.28 39.26
N ARG B 240 20.34 119.39 38.20
CA ARG B 240 18.99 118.85 38.19
C ARG B 240 18.99 117.33 38.27
N HIS B 241 19.38 116.67 37.18
CA HIS B 241 19.28 115.24 36.96
C HIS B 241 20.14 114.90 35.75
N ASP B 242 20.74 113.72 35.78
CA ASP B 242 21.62 113.27 34.71
C ASP B 242 20.89 112.15 33.95
N ALA B 243 20.22 112.52 32.87
CA ALA B 243 19.58 111.56 31.96
C ALA B 243 20.01 111.92 30.54
N ASP B 244 21.20 111.47 30.17
CA ASP B 244 21.83 111.60 28.83
C ASP B 244 22.09 113.06 28.43
N GLY B 245 21.83 114.01 29.32
CA GLY B 245 22.10 115.39 29.04
C GLY B 245 23.57 115.63 29.28
N GLN B 246 24.01 115.26 30.48
CA GLN B 246 25.42 115.38 30.83
C GLN B 246 26.28 114.42 30.02
N ALA B 247 25.70 113.32 29.55
CA ALA B 247 26.46 112.35 28.75
C ALA B 247 26.84 112.94 27.39
N THR B 248 25.87 113.49 26.66
CA THR B 248 26.15 114.00 25.32
C THR B 248 26.91 115.32 25.38
N LEU B 249 26.70 116.11 26.43
CA LEU B 249 27.45 117.36 26.52
C LEU B 249 28.89 117.10 26.96
N LEU B 250 29.17 115.92 27.50
CA LEU B 250 30.54 115.60 27.92
C LEU B 250 31.43 115.33 26.71
N ASN B 251 30.93 114.52 25.76
CA ASN B 251 31.76 114.13 24.62
C ASN B 251 31.97 115.29 23.66
N LEU B 252 30.98 116.16 23.50
CA LEU B 252 31.17 117.38 22.72
C LEU B 252 32.24 118.27 23.34
N LEU B 253 32.34 118.29 24.67
CA LEU B 253 33.41 119.02 25.34
C LEU B 253 34.73 118.27 25.23
N LEU B 254 34.66 116.96 24.96
CA LEU B 254 35.87 116.15 24.93
C LEU B 254 36.36 115.89 23.51
N ARG B 255 35.45 115.83 22.53
CA ARG B 255 35.86 115.61 21.14
C ARG B 255 36.67 116.77 20.61
N ASN B 256 36.39 117.99 21.09
CA ASN B 256 37.08 119.15 20.56
C ASN B 256 38.50 119.23 21.09
N TYR B 257 38.70 118.82 22.34
CA TYR B 257 40.03 118.85 22.93
C TYR B 257 40.92 117.79 22.30
N LEU B 258 40.34 116.63 22.03
CA LEU B 258 41.01 115.58 21.27
C LEU B 258 41.23 116.01 19.82
N HIS B 259 40.38 116.89 19.29
CA HIS B 259 40.59 117.42 17.96
C HIS B 259 41.76 118.38 17.90
N TYR B 260 42.01 119.13 18.97
CA TYR B 260 43.16 120.00 19.02
C TYR B 260 44.31 119.31 19.75
N SER B 261 45.35 120.08 20.07
CA SER B 261 46.59 119.50 20.55
C SER B 261 46.47 119.05 22.00
N LEU B 262 45.79 119.84 22.82
CA LEU B 262 45.85 119.68 24.27
C LEU B 262 45.14 118.41 24.72
N TYR B 263 45.73 117.76 25.70
CA TYR B 263 45.23 116.52 26.27
C TYR B 263 44.97 116.71 27.76
N ASP B 264 45.55 117.77 28.34
CA ASP B 264 45.47 117.99 29.78
C ASP B 264 44.05 118.34 30.22
N GLN B 265 43.36 119.15 29.43
CA GLN B 265 41.98 119.52 29.75
C GLN B 265 41.05 118.33 29.62
N ALA B 266 41.33 117.44 28.68
CA ALA B 266 40.58 116.19 28.58
C ALA B 266 40.96 115.24 29.71
N GLU B 267 42.23 115.29 30.15
CA GLU B 267 42.70 114.43 31.22
C GLU B 267 42.05 114.80 32.56
N LYS B 268 41.89 116.10 32.82
CA LYS B 268 41.23 116.51 34.05
C LYS B 268 39.72 116.32 33.93
N LEU B 269 39.21 116.29 32.70
CA LEU B 269 37.78 116.04 32.50
C LEU B 269 37.44 114.59 32.76
N VAL B 270 38.27 113.68 32.25
CA VAL B 270 37.98 112.25 32.38
C VAL B 270 38.27 111.78 33.80
N SER B 271 39.07 112.53 34.55
CA SER B 271 39.46 112.19 35.92
C SER B 271 38.26 112.13 36.87
N LYS B 272 37.57 113.26 37.04
CA LYS B 272 36.49 113.33 38.02
C LYS B 272 35.17 113.74 37.35
N SER B 273 34.50 112.74 36.78
CA SER B 273 33.16 112.94 36.23
C SER B 273 32.42 111.60 36.31
N VAL B 274 31.56 111.45 37.32
CA VAL B 274 30.82 110.22 37.48
C VAL B 274 29.66 110.16 36.49
N PHE B 275 29.08 108.97 36.33
CA PHE B 275 28.25 108.67 35.18
C PHE B 275 26.87 108.16 35.59
N PRO B 276 25.85 108.44 34.78
CA PRO B 276 24.48 108.04 35.14
C PRO B 276 24.10 106.62 34.76
N GLU B 277 25.05 105.84 34.24
CA GLU B 277 24.89 104.48 33.68
C GLU B 277 23.67 104.34 32.76
N GLN B 278 23.33 105.43 32.05
CA GLN B 278 22.16 105.48 31.17
C GLN B 278 22.53 106.36 29.97
N ALA B 279 22.86 105.73 28.83
CA ALA B 279 23.07 106.49 27.61
C ALA B 279 22.57 105.76 26.37
N ASN B 280 21.80 104.70 26.55
CA ASN B 280 20.97 104.05 25.52
C ASN B 280 21.81 103.51 24.36
N ASN B 281 22.99 102.99 24.71
CA ASN B 281 23.87 102.21 23.84
C ASN B 281 24.30 102.98 22.59
N ASN B 282 24.34 104.27 22.68
CA ASN B 282 24.72 105.12 21.56
C ASN B 282 25.89 106.01 21.92
N GLU B 283 25.96 106.45 23.16
CA GLU B 283 27.07 107.21 23.71
C GLU B 283 28.10 106.31 24.38
N TRP B 284 27.69 105.12 24.81
CA TRP B 284 28.63 104.18 25.43
C TRP B 284 29.63 103.66 24.42
N ALA B 285 29.20 103.48 23.17
CA ALA B 285 30.13 103.11 22.12
C ALA B 285 31.11 104.26 21.86
N ARG B 286 30.61 105.49 21.87
CA ARG B 286 31.42 106.64 21.54
C ARG B 286 32.40 106.97 22.66
N TYR B 287 31.92 106.98 23.91
CA TYR B 287 32.74 107.44 25.02
C TYR B 287 33.88 106.48 25.33
N LEU B 288 33.61 105.18 25.26
CA LEU B 288 34.65 104.19 25.53
C LEU B 288 35.73 104.17 24.46
N TYR B 289 35.46 104.75 23.28
CA TYR B 289 36.53 105.00 22.33
C TYR B 289 37.38 106.20 22.75
N TYR B 290 36.75 107.26 23.26
CA TYR B 290 37.51 108.46 23.59
C TYR B 290 38.41 108.25 24.79
N THR B 291 37.90 107.64 25.87
CA THR B 291 38.73 107.41 27.03
C THR B 291 39.77 106.33 26.79
N GLY B 292 39.53 105.43 25.83
CA GLY B 292 40.58 104.51 25.41
C GLY B 292 41.67 105.21 24.64
N ARG B 293 41.33 106.23 23.86
CA ARG B 293 42.33 107.09 23.25
C ARG B 293 43.13 107.86 24.30
N ILE B 294 42.47 108.30 25.38
CA ILE B 294 43.15 109.07 26.41
C ILE B 294 44.10 108.20 27.21
N LYS B 295 43.65 107.02 27.63
CA LYS B 295 44.51 106.15 28.42
C LYS B 295 45.63 105.54 27.59
N ALA B 296 45.50 105.54 26.27
CA ALA B 296 46.61 105.16 25.41
C ALA B 296 47.73 106.17 25.46
N ILE B 297 47.40 107.47 25.49
CA ILE B 297 48.43 108.47 25.29
C ILE B 297 49.16 108.80 26.58
N GLN B 298 48.54 108.55 27.75
CA GLN B 298 49.23 108.64 29.02
C GLN B 298 49.73 107.28 29.49
N LEU B 299 49.93 106.34 28.56
CA LEU B 299 50.73 105.13 28.73
C LEU B 299 50.16 104.19 29.79
N GLU B 300 48.83 104.05 29.78
CA GLU B 300 48.13 103.09 30.63
C GLU B 300 47.47 102.12 29.67
N TYR B 301 48.21 101.08 29.30
CA TYR B 301 47.90 100.31 28.11
C TYR B 301 46.91 99.17 28.35
N SER B 302 47.01 98.47 29.47
CA SER B 302 46.19 97.27 29.68
C SER B 302 44.73 97.65 29.91
N GLU B 303 44.49 98.72 30.69
CA GLU B 303 43.14 99.22 30.85
C GLU B 303 42.61 99.85 29.57
N ALA B 304 43.49 100.36 28.71
CA ALA B 304 43.05 101.00 27.47
C ALA B 304 42.51 99.98 26.48
N ARG B 305 43.25 98.89 26.26
CA ARG B 305 42.90 97.94 25.21
C ARG B 305 41.62 97.16 25.54
N ARG B 306 41.29 97.03 26.82
CA ARG B 306 40.07 96.29 27.14
C ARG B 306 38.83 97.15 26.96
N THR B 307 38.92 98.46 27.19
CA THR B 307 37.79 99.33 26.92
C THR B 307 37.74 99.81 25.48
N MET B 308 38.85 99.72 24.75
CA MET B 308 38.79 99.82 23.30
C MET B 308 38.09 98.60 22.72
N THR B 309 38.31 97.42 23.33
CA THR B 309 37.59 96.23 22.93
C THR B 309 36.11 96.34 23.27
N ASN B 310 35.81 96.96 24.42
CA ASN B 310 34.44 96.99 24.92
C ASN B 310 33.53 97.84 24.04
N ALA B 311 34.08 98.89 23.42
CA ALA B 311 33.28 99.67 22.50
C ALA B 311 33.08 98.96 21.17
N LEU B 312 34.08 98.18 20.74
CA LEU B 312 34.00 97.52 19.44
C LEU B 312 33.00 96.36 19.46
N ARG B 313 33.06 95.52 20.49
CA ARG B 313 32.11 94.43 20.63
C ARG B 313 30.78 94.87 21.23
N LYS B 314 30.56 96.17 21.38
CA LYS B 314 29.29 96.66 21.93
C LYS B 314 28.18 96.57 20.90
N ALA B 315 28.33 97.27 19.77
CA ALA B 315 27.30 97.32 18.74
C ALA B 315 27.93 97.05 17.37
N PRO B 316 27.92 95.79 16.93
CA PRO B 316 28.41 95.48 15.57
C PRO B 316 27.31 95.57 14.52
N GLN B 317 26.18 96.16 14.88
CA GLN B 317 25.03 96.26 13.98
C GLN B 317 25.10 97.56 13.18
N HIS B 318 26.23 97.74 12.50
CA HIS B 318 26.48 98.93 11.70
C HIS B 318 27.13 98.50 10.41
N THR B 319 26.81 99.20 9.33
CA THR B 319 27.28 98.85 8.00
C THR B 319 28.13 100.01 7.47
N ALA B 320 29.46 99.83 7.59
CA ALA B 320 30.48 100.77 7.09
C ALA B 320 30.29 102.17 7.69
N VAL B 321 30.17 102.18 9.01
CA VAL B 321 29.88 103.41 9.73
C VAL B 321 31.12 104.28 9.88
N GLY B 322 32.30 103.67 9.79
CA GLY B 322 33.54 104.41 9.93
C GLY B 322 34.03 104.40 11.35
N PHE B 323 33.09 104.48 12.30
CA PHE B 323 33.46 104.39 13.71
C PHE B 323 33.93 102.99 14.05
N LYS B 324 33.17 101.98 13.64
CA LYS B 324 33.57 100.59 13.80
C LYS B 324 34.84 100.30 13.00
N GLN B 325 35.06 101.04 11.91
CA GLN B 325 36.32 101.01 11.19
C GLN B 325 37.46 101.66 11.97
N THR B 326 37.18 102.65 12.80
CA THR B 326 38.21 103.41 13.48
C THR B 326 38.59 102.84 14.84
N VAL B 327 37.62 102.36 15.63
CA VAL B 327 37.94 101.72 16.89
C VAL B 327 38.66 100.40 16.66
N HIS B 328 38.37 99.73 15.55
CA HIS B 328 39.14 98.58 15.11
C HIS B 328 40.53 98.97 14.65
N LYS B 329 40.69 100.18 14.13
CA LYS B 329 41.99 100.62 13.61
C LYS B 329 42.98 100.85 14.74
N LEU B 330 42.53 101.46 15.84
CA LEU B 330 43.43 101.74 16.95
C LEU B 330 43.68 100.50 17.80
N LEU B 331 42.73 99.56 17.81
CA LEU B 331 42.83 98.38 18.66
C LEU B 331 43.96 97.46 18.24
N ILE B 332 44.25 97.38 16.94
CA ILE B 332 45.37 96.56 16.51
C ILE B 332 46.69 97.29 16.69
N VAL B 333 46.66 98.61 16.79
CA VAL B 333 47.88 99.39 17.02
C VAL B 333 48.34 99.21 18.46
N VAL B 334 47.42 99.31 19.41
CA VAL B 334 47.79 99.19 20.81
C VAL B 334 48.13 97.74 21.19
N GLU B 335 47.54 96.75 20.52
CA GLU B 335 47.88 95.37 20.84
C GLU B 335 49.24 94.98 20.26
N LEU B 336 49.73 95.74 19.28
CA LEU B 336 51.13 95.63 18.92
C LEU B 336 52.02 96.15 20.04
N LEU B 337 51.58 97.18 20.76
CA LEU B 337 52.43 97.81 21.75
C LEU B 337 52.61 96.95 22.99
N LEU B 338 51.59 96.17 23.36
CA LEU B 338 51.75 95.23 24.46
C LEU B 338 52.46 93.95 24.03
N GLY B 339 52.71 93.78 22.74
CA GLY B 339 53.28 92.55 22.23
C GLY B 339 52.30 91.40 22.36
N GLU B 340 51.01 91.71 22.26
CA GLU B 340 49.96 90.72 22.42
C GLU B 340 49.42 90.20 21.10
N ILE B 341 50.17 90.40 20.01
CA ILE B 341 49.95 89.91 18.64
C ILE B 341 48.50 90.00 18.18
N PRO B 342 48.01 91.19 17.80
CA PRO B 342 46.66 91.33 17.26
C PRO B 342 46.50 90.47 16.01
N ASP B 343 45.32 89.84 15.90
CA ASP B 343 45.02 88.63 15.12
C ASP B 343 45.56 88.67 13.70
N ARG B 344 46.51 87.77 13.39
CA ARG B 344 47.45 88.01 12.31
C ARG B 344 46.79 87.88 10.94
N LEU B 345 45.76 87.04 10.83
CA LEU B 345 44.78 87.20 9.76
C LEU B 345 43.40 86.83 10.32
N GLN B 346 42.73 87.79 10.92
CA GLN B 346 41.30 87.68 11.15
C GLN B 346 40.60 89.01 10.90
N PHE B 347 41.35 90.09 10.75
CA PHE B 347 40.80 91.43 10.71
C PHE B 347 40.42 91.86 9.30
N ARG B 348 40.45 90.94 8.34
CA ARG B 348 39.89 91.24 7.02
C ARG B 348 38.42 90.78 7.04
N GLN B 349 37.56 91.75 7.31
CA GLN B 349 36.13 91.56 7.27
C GLN B 349 35.65 92.19 5.96
N PRO B 350 34.45 91.84 5.45
CA PRO B 350 33.94 92.53 4.27
C PRO B 350 33.51 93.96 4.51
N SER B 351 33.47 94.41 5.77
CA SER B 351 33.12 95.81 6.06
C SER B 351 34.23 96.75 5.62
N LEU B 352 35.41 96.65 6.24
CA LEU B 352 36.45 97.62 5.91
C LEU B 352 37.31 97.18 4.72
N LYS B 353 38.17 96.16 4.91
CA LYS B 353 38.98 95.45 3.92
C LYS B 353 40.02 96.33 3.20
N ARG B 354 39.95 97.66 3.37
CA ARG B 354 40.80 98.57 2.63
C ARG B 354 41.67 99.38 3.57
N SER B 355 41.23 99.53 4.81
CA SER B 355 41.98 100.24 5.85
C SER B 355 42.84 99.29 6.65
N LEU B 356 43.33 98.24 5.99
CA LEU B 356 44.24 97.29 6.59
C LEU B 356 45.59 97.23 5.91
N MET B 357 45.69 97.61 4.65
CA MET B 357 46.93 97.66 3.89
C MET B 357 48.00 98.56 4.52
N PRO B 358 47.68 99.71 5.19
CA PRO B 358 48.73 100.35 5.98
C PRO B 358 49.01 99.68 7.31
N TYR B 359 48.23 98.66 7.66
CA TYR B 359 48.40 98.01 8.97
C TYR B 359 48.74 96.53 8.89
N PHE B 360 48.22 95.79 7.91
CA PHE B 360 48.68 94.42 7.69
C PHE B 360 50.14 94.42 7.24
N LEU B 361 50.52 95.39 6.42
CA LEU B 361 51.93 95.57 6.09
C LEU B 361 52.73 96.06 7.29
N LEU B 362 52.09 96.76 8.22
CA LEU B 362 52.80 97.22 9.41
C LEU B 362 53.15 96.06 10.33
N THR B 363 52.14 95.27 10.73
CA THR B 363 52.35 94.17 11.66
C THR B 363 53.16 93.03 11.07
N GLN B 364 53.41 93.04 9.76
CA GLN B 364 54.30 92.06 9.17
C GLN B 364 55.75 92.31 9.58
N ALA B 365 56.22 93.54 9.40
CA ALA B 365 57.59 93.88 9.76
C ALA B 365 57.79 94.03 11.26
N VAL B 366 56.71 94.25 12.02
CA VAL B 366 56.83 94.28 13.48
C VAL B 366 57.07 92.88 14.01
N ARG B 367 56.46 91.89 13.38
CA ARG B 367 56.61 90.50 13.82
C ARG B 367 58.03 89.99 13.61
N THR B 368 58.58 90.20 12.42
CA THR B 368 59.97 89.83 12.19
C THR B 368 60.90 90.87 12.79
N GLY B 369 62.19 90.55 12.79
CA GLY B 369 63.18 91.47 13.29
C GLY B 369 63.82 92.29 12.20
N ASN B 370 63.08 92.51 11.12
CA ASN B 370 63.59 93.24 9.97
C ASN B 370 63.31 94.72 10.16
N LEU B 371 64.30 95.55 9.82
CA LEU B 371 64.21 96.98 10.00
C LEU B 371 64.26 97.76 8.69
N ALA B 372 65.04 97.28 7.72
CA ALA B 372 65.12 97.95 6.42
C ALA B 372 63.80 97.87 5.67
N LYS B 373 63.08 96.76 5.82
CA LYS B 373 61.70 96.70 5.34
C LYS B 373 60.79 97.55 6.22
N PHE B 374 61.02 97.52 7.54
CA PHE B 374 60.18 98.29 8.46
C PHE B 374 60.38 99.79 8.29
N ASN B 375 61.58 100.21 7.91
CA ASN B 375 61.75 101.61 7.55
C ASN B 375 61.14 101.92 6.20
N GLN B 376 61.07 100.92 5.31
CA GLN B 376 60.43 101.12 4.01
C GLN B 376 58.92 101.21 4.15
N VAL B 377 58.33 100.38 5.00
CA VAL B 377 56.89 100.43 5.24
C VAL B 377 56.49 101.75 5.89
N LEU B 378 57.31 102.21 6.84
CA LEU B 378 56.99 103.43 7.58
C LEU B 378 57.16 104.67 6.71
N ASP B 379 58.21 104.70 5.88
CA ASP B 379 58.42 105.88 5.04
C ASP B 379 57.42 105.94 3.89
N GLN B 380 56.99 104.79 3.38
CA GLN B 380 56.03 104.79 2.28
C GLN B 380 54.65 105.17 2.76
N PHE B 381 54.24 104.67 3.93
CA PHE B 381 52.88 104.89 4.43
C PHE B 381 52.85 105.97 5.51
N GLY B 382 53.84 106.86 5.53
CA GLY B 382 53.88 107.89 6.56
C GLY B 382 52.86 108.98 6.36
N GLU B 383 52.44 109.21 5.11
CA GLU B 383 51.38 110.17 4.85
C GLU B 383 50.04 109.66 5.35
N LYS B 384 49.82 108.35 5.24
CA LYS B 384 48.61 107.76 5.79
C LYS B 384 48.64 107.80 7.31
N PHE B 385 49.81 107.60 7.91
CA PHE B 385 49.91 107.48 9.36
C PHE B 385 49.74 108.83 10.06
N GLN B 386 49.90 109.93 9.31
CA GLN B 386 49.66 111.25 9.89
C GLN B 386 48.21 111.66 9.71
N ALA B 387 47.61 111.25 8.60
CA ALA B 387 46.26 111.73 8.26
C ALA B 387 45.21 111.10 9.17
N ASP B 388 45.35 109.81 9.46
CA ASP B 388 44.36 109.12 10.27
C ASP B 388 44.45 109.54 11.74
N GLY B 389 45.64 109.91 12.19
CA GLY B 389 45.82 110.43 13.53
C GLY B 389 46.63 109.55 14.46
N THR B 390 47.33 108.54 13.96
CA THR B 390 48.07 107.63 14.82
C THR B 390 49.57 107.73 14.60
N TYR B 391 50.08 108.96 14.46
CA TYR B 391 51.50 109.19 14.27
C TYR B 391 52.26 109.19 15.59
N THR B 392 51.61 108.72 16.66
CA THR B 392 52.26 108.44 17.94
C THR B 392 52.83 107.03 18.00
N LEU B 393 53.14 106.44 16.83
CA LEU B 393 53.83 105.16 16.75
C LEU B 393 55.32 105.32 16.50
N ILE B 394 55.74 106.52 16.09
CA ILE B 394 57.09 106.79 15.63
C ILE B 394 58.11 106.62 16.76
N ILE B 395 57.65 106.83 18.00
CA ILE B 395 58.53 106.71 19.15
C ILE B 395 58.22 105.40 19.85
N ARG B 396 57.05 104.84 19.60
CA ARG B 396 56.58 103.70 20.36
C ARG B 396 56.77 102.37 19.63
N LEU B 397 57.27 102.37 18.41
CA LEU B 397 57.51 101.13 17.69
C LEU B 397 58.97 100.74 17.57
N ARG B 398 59.91 101.67 17.74
CA ARG B 398 61.30 101.23 17.85
C ARG B 398 61.55 100.49 19.15
N HIS B 399 60.79 100.81 20.20
CA HIS B 399 60.85 100.02 21.42
C HIS B 399 60.26 98.63 21.20
N ASN B 400 59.24 98.53 20.36
CA ASN B 400 58.51 97.26 20.23
C ASN B 400 59.33 96.22 19.47
N VAL B 401 60.09 96.65 18.45
CA VAL B 401 60.82 95.71 17.61
C VAL B 401 61.98 95.10 18.38
N ILE B 402 62.69 95.92 19.17
CA ILE B 402 63.82 95.42 19.92
C ILE B 402 63.38 94.57 21.11
N LYS B 403 62.14 94.72 21.58
CA LYS B 403 61.63 93.86 22.63
C LYS B 403 60.88 92.66 22.11
N THR B 404 60.48 92.67 20.84
CA THR B 404 59.84 91.50 20.25
C THR B 404 60.85 90.37 20.09
N GLY B 405 62.08 90.71 19.69
CA GLY B 405 63.08 89.69 19.47
C GLY B 405 63.53 89.03 20.75
N VAL B 406 63.63 89.80 21.85
CA VAL B 406 64.02 89.20 23.12
C VAL B 406 62.84 88.45 23.74
N ARG B 407 61.61 88.79 23.36
CA ARG B 407 60.45 88.06 23.88
C ARG B 407 60.30 86.72 23.18
N MET B 408 60.60 86.68 21.89
CA MET B 408 60.52 85.43 21.13
C MET B 408 61.59 84.44 21.58
N ILE B 409 62.77 84.94 21.92
CA ILE B 409 63.85 84.08 22.39
C ILE B 409 63.53 83.53 23.77
N SER B 410 63.03 84.39 24.65
CA SER B 410 62.72 83.98 26.01
C SER B 410 61.49 83.06 26.06
N LEU B 411 60.61 83.16 25.06
CA LEU B 411 59.50 82.23 24.98
C LEU B 411 59.95 80.87 24.43
N SER B 412 60.83 80.89 23.44
CA SER B 412 61.31 79.65 22.83
C SER B 412 62.32 78.96 23.72
N TYR B 413 63.44 79.62 23.97
CA TYR B 413 64.53 79.04 24.73
C TYR B 413 64.21 79.05 26.22
N SER B 414 65.03 78.33 26.97
CA SER B 414 64.95 78.32 28.41
C SER B 414 66.23 78.73 29.10
N ARG B 415 67.38 78.52 28.45
CA ARG B 415 68.65 78.85 29.09
C ARG B 415 69.65 79.21 27.97
N ILE B 416 69.76 80.50 27.69
CA ILE B 416 70.56 80.98 26.57
C ILE B 416 71.73 81.78 27.13
N SER B 417 72.86 81.74 26.42
CA SER B 417 74.01 82.54 26.80
C SER B 417 73.85 83.96 26.27
N LEU B 418 74.54 84.90 26.94
CA LEU B 418 74.49 86.28 26.51
C LEU B 418 75.21 86.48 25.19
N ALA B 419 76.26 85.70 24.92
CA ALA B 419 76.93 85.78 23.64
C ALA B 419 76.08 85.18 22.53
N ASP B 420 75.25 84.19 22.87
CA ASP B 420 74.43 83.55 21.86
C ASP B 420 73.24 84.42 21.46
N ILE B 421 72.70 85.17 22.42
CA ILE B 421 71.58 86.05 22.11
C ILE B 421 72.06 87.33 21.44
N ALA B 422 73.29 87.75 21.71
CA ALA B 422 73.81 88.99 21.12
C ALA B 422 74.08 88.82 19.64
N GLN B 423 74.50 87.62 19.23
CA GLN B 423 74.67 87.33 17.82
C GLN B 423 73.36 86.96 17.14
N LYS B 424 72.36 86.54 17.91
CA LYS B 424 71.07 86.19 17.34
C LYS B 424 70.25 87.43 17.02
N LEU B 425 70.44 88.51 17.78
CA LEU B 425 69.69 89.74 17.60
C LEU B 425 70.44 90.78 16.79
N GLN B 426 71.42 90.34 15.98
CA GLN B 426 72.30 91.13 15.10
C GLN B 426 72.82 92.42 15.74
N LEU B 427 73.22 92.33 17.01
CA LEU B 427 73.56 93.50 17.82
C LEU B 427 75.07 93.75 17.89
N ASP B 428 75.87 92.68 17.85
CA ASP B 428 77.34 92.72 17.81
C ASP B 428 77.91 93.43 19.05
N SER B 429 77.34 93.11 20.21
CA SER B 429 77.83 93.63 21.47
C SER B 429 77.42 92.72 22.62
N PRO B 430 78.32 91.87 23.11
CA PRO B 430 77.99 91.03 24.27
C PRO B 430 78.14 91.75 25.61
N GLU B 431 78.27 93.08 25.60
CA GLU B 431 78.39 93.84 26.82
C GLU B 431 77.12 94.57 27.24
N ASP B 432 76.18 94.77 26.32
CA ASP B 432 74.86 95.28 26.67
C ASP B 432 73.76 94.24 26.51
N ALA B 433 74.12 92.99 26.23
CA ALA B 433 73.15 91.90 26.26
C ALA B 433 72.60 91.73 27.67
N GLU B 434 73.43 91.97 28.68
CA GLU B 434 72.96 92.04 30.05
C GLU B 434 72.04 93.24 30.27
N PHE B 435 72.24 94.31 29.50
CA PHE B 435 71.44 95.52 29.69
C PHE B 435 70.05 95.40 29.07
N ILE B 436 69.93 94.66 27.97
CA ILE B 436 68.64 94.49 27.31
C ILE B 436 67.71 93.64 28.18
N VAL B 437 68.24 92.53 28.68
CA VAL B 437 67.42 91.61 29.47
C VAL B 437 67.11 92.23 30.83
N ALA B 438 68.01 93.08 31.34
CA ALA B 438 67.73 93.81 32.57
C ALA B 438 66.56 94.77 32.39
N LYS B 439 66.49 95.44 31.25
CA LYS B 439 65.32 96.26 30.95
C LYS B 439 64.09 95.42 30.63
N ALA B 440 64.29 94.19 30.15
CA ALA B 440 63.16 93.32 29.85
C ALA B 440 62.49 92.84 31.14
N ILE B 441 63.30 92.48 32.14
CA ILE B 441 62.74 92.03 33.41
C ILE B 441 62.18 93.22 34.19
N ARG B 442 62.82 94.38 34.08
CA ARG B 442 62.33 95.59 34.75
C ARG B 442 61.00 96.06 34.17
N ASP B 443 60.87 96.03 32.84
CA ASP B 443 59.61 96.40 32.22
C ASP B 443 58.58 95.28 32.27
N GLY B 444 58.99 94.08 32.66
CA GLY B 444 58.05 92.97 32.75
C GLY B 444 57.79 92.26 31.45
N VAL B 445 58.73 92.29 30.51
CA VAL B 445 58.55 91.60 29.23
C VAL B 445 58.60 90.09 29.43
N ILE B 446 59.60 89.63 30.19
CA ILE B 446 59.68 88.22 30.56
C ILE B 446 60.21 88.13 31.99
N GLU B 447 59.70 87.15 32.73
CA GLU B 447 60.23 86.84 34.05
C GLU B 447 61.38 85.86 33.87
N ALA B 448 62.60 86.33 34.12
CA ALA B 448 63.79 85.48 34.01
C ALA B 448 64.81 85.96 35.03
N SER B 449 66.05 85.53 34.86
CA SER B 449 67.13 85.93 35.74
C SER B 449 68.44 85.79 34.99
N ILE B 450 69.39 86.68 35.29
CA ILE B 450 70.72 86.66 34.72
C ILE B 450 71.71 86.34 35.82
N ASN B 451 72.46 85.25 35.65
CA ASN B 451 73.56 84.92 36.54
C ASN B 451 74.80 85.62 35.98
N HIS B 452 75.26 86.64 36.70
CA HIS B 452 76.39 87.46 36.25
C HIS B 452 77.73 86.80 36.62
N GLU B 453 77.91 85.58 36.14
CA GLU B 453 79.15 84.86 36.31
C GLU B 453 79.82 84.53 34.98
N LYS B 454 79.10 83.89 34.08
CA LYS B 454 79.62 83.58 32.75
C LYS B 454 78.60 83.71 31.65
N GLY B 455 77.37 84.13 31.94
CA GLY B 455 76.38 84.35 30.92
C GLY B 455 75.15 83.47 30.99
N TYR B 456 74.81 83.01 32.18
CA TYR B 456 73.63 82.17 32.38
C TYR B 456 72.40 83.05 32.45
N VAL B 457 71.46 82.83 31.54
CA VAL B 457 70.16 83.50 31.56
C VAL B 457 69.12 82.40 31.64
N GLN B 458 68.64 82.12 32.85
CA GLN B 458 67.75 80.99 33.08
C GLN B 458 66.29 81.44 33.01
N SER B 459 65.41 80.47 32.83
CA SER B 459 63.98 80.71 32.76
C SER B 459 63.37 80.58 34.16
N LYS B 460 62.05 80.47 34.21
CA LYS B 460 61.30 80.44 35.46
C LYS B 460 61.34 79.06 36.12
N GLU B 461 60.49 78.86 37.10
CA GLU B 461 60.30 77.61 37.80
C GLU B 461 59.42 76.69 36.95
N MET B 462 59.27 75.44 37.36
CA MET B 462 58.32 74.53 36.72
C MET B 462 56.89 75.02 36.92
N ILE B 463 56.14 75.08 35.81
CA ILE B 463 54.84 75.71 35.78
C ILE B 463 53.85 74.78 36.47
N ASP B 464 53.31 75.23 37.60
CA ASP B 464 52.19 74.60 38.29
C ASP B 464 51.09 75.65 38.49
N ILE B 465 49.93 75.39 37.91
CA ILE B 465 48.82 76.33 37.96
C ILE B 465 47.75 75.85 38.93
N TYR B 466 47.38 74.59 38.83
CA TYR B 466 46.17 74.07 39.45
C TYR B 466 46.37 73.76 40.93
N SER B 467 47.58 74.01 41.45
CA SER B 467 47.88 73.66 42.83
C SER B 467 48.28 74.85 43.69
N THR B 468 48.19 76.08 43.17
CA THR B 468 48.60 77.25 43.92
C THR B 468 47.59 78.37 43.71
N ARG B 469 46.30 78.06 43.91
CA ARG B 469 45.18 79.00 44.01
C ARG B 469 44.87 79.74 42.70
N GLU B 470 45.67 79.54 41.65
CA GLU B 470 45.45 80.25 40.39
C GLU B 470 44.11 79.96 39.69
N PRO B 471 43.54 78.75 39.69
CA PRO B 471 42.17 78.64 39.17
C PRO B 471 41.13 79.35 40.02
N GLN B 472 41.39 79.56 41.30
CA GLN B 472 40.42 80.28 42.13
C GLN B 472 40.40 81.76 41.78
N LEU B 473 41.54 82.34 41.44
CA LEU B 473 41.59 83.77 41.15
C LEU B 473 40.91 84.08 39.81
N ALA B 474 41.00 83.17 38.85
CA ALA B 474 40.29 83.37 37.60
C ALA B 474 38.79 83.17 37.77
N PHE B 475 38.41 82.19 38.59
CA PHE B 475 36.99 81.86 38.72
C PHE B 475 36.27 82.89 39.58
N HIS B 476 36.95 83.47 40.57
CA HIS B 476 36.31 84.46 41.42
C HIS B 476 36.01 85.74 40.66
N GLN B 477 36.76 86.02 39.60
CA GLN B 477 36.39 87.12 38.72
C GLN B 477 35.18 86.78 37.87
N ARG B 478 34.88 85.50 37.71
CA ARG B 478 33.77 85.10 36.85
C ARG B 478 32.46 85.01 37.61
N ILE B 479 32.50 84.50 38.85
CA ILE B 479 31.29 84.31 39.64
C ILE B 479 30.64 85.64 39.96
N SER B 480 31.43 86.57 40.51
CA SER B 480 30.90 87.86 40.92
C SER B 480 30.50 88.72 39.73
N PHE B 481 31.05 88.45 38.56
CA PHE B 481 30.68 89.23 37.39
C PHE B 481 29.38 88.72 36.77
N CYS B 482 29.22 87.40 36.67
CA CYS B 482 28.05 86.86 35.99
C CYS B 482 26.81 86.88 36.86
N LEU B 483 26.95 86.94 38.18
CA LEU B 483 25.78 87.20 39.00
C LEU B 483 25.38 88.67 38.90
N ASP B 484 26.34 89.55 38.60
CA ASP B 484 26.02 90.94 38.35
C ASP B 484 25.30 91.11 37.02
N ILE B 485 25.56 90.23 36.05
CA ILE B 485 24.74 90.18 34.85
C ILE B 485 23.33 89.76 35.20
N HIS B 486 23.20 88.83 36.15
CA HIS B 486 21.89 88.38 36.59
C HIS B 486 21.15 89.47 37.36
N ASN B 487 21.86 90.20 38.22
CA ASN B 487 21.20 91.22 39.01
C ASN B 487 20.81 92.43 38.18
N MET B 488 21.55 92.70 37.10
CA MET B 488 21.14 93.76 36.18
C MET B 488 19.98 93.30 35.31
N SER B 489 19.94 92.02 34.95
CA SER B 489 18.85 91.53 34.13
C SER B 489 17.56 91.37 34.92
N VAL B 490 17.64 91.16 36.23
CA VAL B 490 16.43 91.13 37.03
C VAL B 490 15.85 92.54 37.17
N LYS B 491 16.70 93.53 37.44
CA LYS B 491 16.22 94.90 37.54
C LYS B 491 16.16 95.60 36.20
N ALA B 492 15.65 94.93 35.18
CA ALA B 492 15.25 95.60 33.95
C ALA B 492 14.01 95.01 33.33
N MET B 493 13.55 93.84 33.77
CA MET B 493 12.64 93.07 32.94
C MET B 493 11.17 93.40 33.16
N ARG B 494 10.77 93.71 34.38
CA ARG B 494 9.36 93.84 34.68
C ARG B 494 8.87 95.25 34.37
N PHE B 495 7.67 95.33 33.81
CA PHE B 495 6.99 96.57 33.47
C PHE B 495 5.51 96.36 33.71
N PRO B 496 4.67 97.43 33.71
CA PRO B 496 3.24 97.12 33.73
C PRO B 496 2.73 96.69 32.36
N MET C 1 29.71 -45.98 52.25
CA MET C 1 30.76 -45.94 51.25
C MET C 1 31.91 -45.06 51.73
N ALA C 2 31.56 -44.04 52.53
CA ALA C 2 32.54 -43.11 53.07
C ALA C 2 33.36 -43.68 54.21
N ASP C 3 32.95 -44.83 54.76
CA ASP C 3 33.77 -45.51 55.77
C ASP C 3 35.04 -46.08 55.15
N GLY C 4 34.98 -46.48 53.87
CA GLY C 4 36.18 -46.98 53.21
C GLY C 4 37.17 -45.89 52.90
N GLY C 5 36.69 -44.74 52.44
CA GLY C 5 37.57 -43.62 52.14
C GLY C 5 38.19 -42.98 53.37
N SER C 6 37.59 -43.17 54.54
CA SER C 6 38.20 -42.67 55.76
C SER C 6 39.25 -43.63 56.31
N GLU C 7 39.02 -44.94 56.17
CA GLU C 7 40.00 -45.91 56.63
C GLU C 7 41.17 -46.08 55.64
N ARG C 8 40.96 -45.72 54.37
CA ARG C 8 42.09 -45.60 53.46
C ARG C 8 42.92 -44.36 53.78
N ALA C 9 42.24 -43.27 54.15
CA ALA C 9 42.95 -42.09 54.63
C ALA C 9 43.64 -42.36 55.95
N ASP C 10 43.05 -43.24 56.78
CA ASP C 10 43.75 -43.73 57.96
C ASP C 10 44.91 -44.64 57.57
N GLY C 11 44.77 -45.35 56.45
CA GLY C 11 45.85 -46.21 55.98
C GLY C 11 46.99 -45.45 55.35
N ARG C 12 46.80 -44.15 55.08
CA ARG C 12 47.89 -43.36 54.51
C ARG C 12 48.61 -42.57 55.59
N ILE C 13 47.87 -41.94 56.52
CA ILE C 13 48.46 -41.07 57.52
C ILE C 13 49.31 -41.79 58.55
N VAL C 14 49.21 -43.12 58.62
CA VAL C 14 50.14 -43.92 59.41
C VAL C 14 51.27 -44.46 58.53
N LYS C 15 50.96 -44.84 57.29
CA LYS C 15 51.87 -45.56 56.42
C LYS C 15 52.49 -44.68 55.33
N MET C 16 52.83 -43.42 55.64
CA MET C 16 53.60 -42.63 54.68
C MET C 16 55.05 -43.11 54.62
N GLU C 17 55.64 -43.42 55.78
CA GLU C 17 57.06 -43.79 55.81
C GLU C 17 57.26 -45.24 55.39
N VAL C 18 56.36 -46.13 55.80
CA VAL C 18 56.54 -47.55 55.50
C VAL C 18 56.21 -47.83 54.04
N ASP C 19 55.04 -47.41 53.58
CA ASP C 19 54.61 -47.72 52.23
C ASP C 19 55.22 -46.72 51.24
N TYR C 20 55.42 -47.17 50.01
CA TYR C 20 56.05 -46.35 48.99
C TYR C 20 55.04 -45.38 48.37
N SER C 21 55.57 -44.25 47.89
CA SER C 21 54.75 -43.14 47.41
C SER C 21 53.96 -43.45 46.14
N ALA C 22 54.35 -44.48 45.38
CA ALA C 22 53.58 -44.82 44.18
C ALA C 22 52.24 -45.44 44.53
N THR C 23 52.11 -46.03 45.73
CA THR C 23 50.84 -46.58 46.15
C THR C 23 49.81 -45.49 46.43
N VAL C 24 50.27 -44.29 46.79
CA VAL C 24 49.38 -43.15 46.90
C VAL C 24 48.85 -42.78 45.51
N ASP C 25 49.70 -42.88 44.49
CA ASP C 25 49.24 -42.73 43.12
C ASP C 25 48.38 -43.92 42.68
N GLN C 26 48.60 -45.09 43.27
CA GLN C 26 47.75 -46.24 43.00
C GLN C 26 46.39 -46.13 43.68
N ARG C 27 46.29 -45.33 44.74
CA ARG C 27 45.03 -45.06 45.41
C ARG C 27 44.39 -43.77 44.88
N LEU C 28 45.15 -42.98 44.13
CA LEU C 28 44.65 -41.73 43.55
C LEU C 28 43.43 -41.87 42.61
N PRO C 29 43.33 -42.83 41.68
CA PRO C 29 42.08 -42.90 40.89
C PRO C 29 40.86 -43.37 41.66
N GLU C 30 41.04 -44.17 42.72
CA GLU C 30 39.90 -44.56 43.54
C GLU C 30 39.44 -43.40 44.42
N CYS C 31 40.38 -42.55 44.84
CA CYS C 31 40.02 -41.28 45.46
C CYS C 31 39.42 -40.31 44.45
N ALA C 32 39.77 -40.48 43.16
CA ALA C 32 39.20 -39.64 42.11
C ALA C 32 37.76 -40.04 41.79
N LYS C 33 37.47 -41.34 41.82
CA LYS C 33 36.13 -41.80 41.47
C LYS C 33 35.15 -41.56 42.61
N LEU C 34 35.61 -41.61 43.86
CA LEU C 34 34.76 -41.22 44.98
C LEU C 34 34.49 -39.72 44.97
N ALA C 35 35.45 -38.92 44.52
CA ALA C 35 35.25 -37.48 44.43
C ALA C 35 34.40 -37.09 43.23
N LYS C 36 34.29 -37.97 42.22
CA LYS C 36 33.58 -37.60 41.01
C LYS C 36 32.08 -37.83 41.14
N GLU C 37 31.67 -38.95 41.73
CA GLU C 37 30.28 -39.42 41.70
C GLU C 37 29.31 -38.47 42.39
N GLY C 38 29.39 -38.35 43.70
CA GLY C 38 28.56 -37.38 44.39
C GLY C 38 27.20 -37.94 44.72
N ARG C 39 26.91 -38.10 46.00
CA ARG C 39 25.61 -38.59 46.44
C ARG C 39 25.02 -37.64 47.48
N LEU C 40 23.86 -38.02 48.01
CA LEU C 40 23.16 -37.17 48.97
C LEU C 40 23.80 -37.27 50.34
N GLN C 41 23.82 -38.47 50.92
CA GLN C 41 24.23 -38.67 52.30
C GLN C 41 25.34 -39.69 52.50
N GLU C 42 25.57 -40.59 51.55
CA GLU C 42 26.57 -41.64 51.74
C GLU C 42 27.98 -41.07 51.67
N VAL C 43 28.35 -40.51 50.53
CA VAL C 43 29.51 -39.63 50.41
C VAL C 43 28.94 -38.24 50.22
N ILE C 44 29.65 -37.22 50.72
CA ILE C 44 29.07 -35.89 50.86
C ILE C 44 30.16 -34.85 50.63
N GLU C 45 29.72 -33.59 50.52
CA GLU C 45 30.59 -32.48 50.17
C GLU C 45 31.64 -32.23 51.25
N THR C 46 31.28 -32.45 52.51
CA THR C 46 32.21 -32.20 53.62
C THR C 46 33.14 -33.38 53.86
N LEU C 47 32.65 -34.61 53.70
CA LEU C 47 33.51 -35.77 53.90
C LEU C 47 34.56 -35.88 52.80
N LEU C 48 34.20 -35.48 51.58
CA LEU C 48 35.18 -35.42 50.50
C LEU C 48 36.20 -34.32 50.75
N SER C 49 35.80 -33.25 51.44
CA SER C 49 36.76 -32.22 51.79
C SER C 49 37.72 -32.69 52.86
N LEU C 50 37.28 -33.60 53.73
CA LEU C 50 38.17 -34.15 54.75
C LEU C 50 39.09 -35.21 54.17
N GLU C 51 38.62 -35.95 53.15
CA GLU C 51 39.49 -36.93 52.50
C GLU C 51 40.55 -36.25 51.63
N LYS C 52 40.26 -35.06 51.12
CA LYS C 52 41.31 -34.28 50.47
C LYS C 52 42.27 -33.69 51.48
N GLN C 53 41.76 -33.28 52.65
CA GLN C 53 42.61 -32.63 53.64
C GLN C 53 43.63 -33.60 54.24
N THR C 54 43.28 -34.89 54.33
CA THR C 54 44.21 -35.88 54.84
C THR C 54 45.32 -36.20 53.84
N ARG C 55 44.99 -36.27 52.55
CA ARG C 55 46.03 -36.62 51.57
C ARG C 55 46.93 -35.42 51.27
N THR C 56 46.39 -34.21 51.32
CA THR C 56 47.21 -33.04 51.08
C THR C 56 48.14 -32.76 52.26
N ALA C 57 47.70 -33.08 53.47
CA ALA C 57 48.59 -32.93 54.62
C ALA C 57 49.66 -34.00 54.63
N SER C 58 49.32 -35.22 54.19
CA SER C 58 50.31 -36.30 54.21
C SER C 58 51.34 -36.13 53.12
N ASP C 59 50.96 -35.56 51.97
CA ASP C 59 51.92 -35.32 50.91
C ASP C 59 52.88 -34.20 51.25
N MET C 60 52.46 -33.25 52.06
CA MET C 60 53.35 -32.16 52.45
C MET C 60 54.28 -32.53 53.60
N VAL C 61 53.87 -33.45 54.47
CA VAL C 61 54.78 -33.96 55.48
C VAL C 61 55.82 -34.87 54.84
N SER C 62 55.41 -35.64 53.83
CA SER C 62 56.37 -36.45 53.08
C SER C 62 57.31 -35.58 52.25
N THR C 63 56.78 -34.52 51.64
CA THR C 63 57.59 -33.56 50.89
C THR C 63 57.92 -32.33 51.74
N SER C 64 58.09 -32.51 53.04
CA SER C 64 58.61 -31.47 53.92
C SER C 64 60.13 -31.35 53.84
N ARG C 65 60.80 -32.30 53.21
CA ARG C 65 62.24 -32.27 53.04
C ARG C 65 62.60 -31.35 51.86
N ILE C 66 63.86 -31.39 51.43
CA ILE C 66 64.27 -30.61 50.26
C ILE C 66 63.70 -31.20 48.98
N LEU C 67 63.33 -32.48 48.99
CA LEU C 67 62.68 -33.13 47.86
C LEU C 67 61.20 -32.75 47.92
N VAL C 68 60.85 -31.71 47.18
CA VAL C 68 59.49 -31.20 47.15
C VAL C 68 58.78 -31.53 45.85
N ALA C 69 59.51 -31.67 44.73
CA ALA C 69 58.91 -31.81 43.40
C ALA C 69 58.37 -33.22 43.15
N VAL C 70 57.53 -33.67 44.08
CA VAL C 70 56.66 -34.82 43.90
C VAL C 70 55.20 -34.44 44.12
N VAL C 71 54.93 -33.66 45.17
CA VAL C 71 53.57 -33.19 45.46
C VAL C 71 53.08 -32.23 44.37
N LYS C 72 53.97 -31.52 43.69
CA LYS C 72 53.53 -30.63 42.62
C LYS C 72 53.22 -31.41 41.35
N MET C 73 54.11 -32.32 40.97
CA MET C 73 53.98 -33.02 39.71
C MET C 73 52.83 -34.02 39.74
N CYS C 74 52.47 -34.50 40.94
CA CYS C 74 51.31 -35.39 41.03
C CYS C 74 50.01 -34.60 41.02
N TYR C 75 49.96 -33.49 41.78
CA TYR C 75 48.71 -32.73 41.91
C TYR C 75 48.35 -32.01 40.61
N GLU C 76 49.35 -31.61 39.82
CA GLU C 76 49.07 -31.08 38.50
C GLU C 76 48.57 -32.17 37.55
N ALA C 77 49.19 -33.35 37.62
CA ALA C 77 48.76 -34.47 36.78
C ALA C 77 47.42 -35.03 37.23
N LYS C 78 47.14 -35.01 38.54
CA LYS C 78 45.82 -35.39 39.03
C LYS C 78 44.78 -34.34 38.64
N GLU C 79 45.18 -33.07 38.55
CA GLU C 79 44.28 -32.07 37.99
C GLU C 79 44.05 -32.30 36.50
N TRP C 80 45.10 -32.67 35.75
CA TRP C 80 44.97 -32.86 34.32
C TRP C 80 44.26 -34.17 33.96
N ASP C 81 44.43 -35.22 34.77
CA ASP C 81 43.71 -36.47 34.52
C ASP C 81 42.22 -36.29 34.77
N LEU C 82 41.87 -35.56 35.82
CA LEU C 82 40.47 -35.31 36.14
C LEU C 82 39.83 -34.32 35.17
N LEU C 83 40.61 -33.47 34.50
CA LEU C 83 40.04 -32.64 33.43
C LEU C 83 39.60 -33.48 32.25
N ASN C 84 40.45 -34.40 31.80
CA ASN C 84 40.10 -35.24 30.66
C ASN C 84 39.04 -36.27 30.99
N GLU C 85 38.87 -36.61 32.27
CA GLU C 85 37.80 -37.53 32.67
C GLU C 85 36.44 -36.84 32.62
N ASN C 86 36.35 -35.65 33.18
CA ASN C 86 35.13 -34.87 33.14
C ASN C 86 34.94 -34.21 31.79
N ILE C 87 33.74 -33.68 31.57
CA ILE C 87 33.39 -33.09 30.29
C ILE C 87 33.48 -31.56 30.39
N MET C 88 32.66 -30.97 31.26
CA MET C 88 32.57 -29.52 31.39
C MET C 88 33.18 -29.00 32.68
N LEU C 89 32.72 -29.50 33.83
CA LEU C 89 33.16 -29.04 35.14
C LEU C 89 33.75 -30.21 35.92
N LEU C 90 34.58 -29.88 36.93
CA LEU C 90 35.43 -30.92 37.49
C LEU C 90 34.70 -31.77 38.53
N SER C 91 34.42 -31.20 39.71
CA SER C 91 33.64 -31.92 40.69
C SER C 91 32.46 -31.08 41.15
N LYS C 92 32.76 -29.87 41.59
CA LYS C 92 31.84 -28.95 42.24
C LYS C 92 32.53 -27.59 42.33
N ARG C 93 31.92 -26.67 43.07
CA ARG C 93 32.47 -25.35 43.29
C ARG C 93 32.36 -24.95 44.76
N ARG C 94 32.65 -25.88 45.67
CA ARG C 94 32.88 -25.47 47.05
C ARG C 94 34.21 -25.93 47.63
N SER C 95 34.50 -27.23 47.57
CA SER C 95 35.47 -27.85 48.46
C SER C 95 36.62 -28.56 47.77
N GLN C 96 36.39 -29.18 46.62
CA GLN C 96 37.35 -30.12 46.06
C GLN C 96 38.59 -29.46 45.48
N LEU C 97 38.64 -28.13 45.43
CA LEU C 97 39.86 -27.44 45.05
C LEU C 97 40.46 -26.61 46.18
N LYS C 98 39.69 -25.67 46.73
CA LYS C 98 40.31 -24.58 47.48
C LYS C 98 40.63 -24.98 48.92
N GLN C 99 39.80 -25.83 49.55
CA GLN C 99 40.14 -26.30 50.89
C GLN C 99 41.39 -27.17 50.86
N ALA C 100 41.67 -27.81 49.72
CA ALA C 100 42.98 -28.39 49.50
C ALA C 100 44.02 -27.31 49.19
N VAL C 101 43.66 -26.31 48.39
CA VAL C 101 44.60 -25.28 47.97
C VAL C 101 44.94 -24.34 49.14
N ALA C 102 43.92 -23.91 49.88
CA ALA C 102 44.19 -23.12 51.08
C ALA C 102 44.88 -23.94 52.18
N LYS C 103 44.87 -25.27 52.07
CA LYS C 103 45.78 -26.08 52.88
C LYS C 103 47.17 -26.14 52.25
N MET C 104 47.24 -26.29 50.91
CA MET C 104 48.50 -26.28 50.17
C MET C 104 49.30 -25.00 50.41
N VAL C 105 48.66 -23.83 50.25
CA VAL C 105 49.37 -22.59 50.45
C VAL C 105 49.60 -22.30 51.92
N GLN C 106 48.86 -22.96 52.83
CA GLN C 106 49.15 -22.80 54.25
C GLN C 106 50.34 -23.65 54.67
N GLN C 107 50.40 -24.89 54.17
CA GLN C 107 51.55 -25.76 54.45
C GLN C 107 52.84 -25.16 53.92
N CYS C 108 52.80 -24.58 52.72
CA CYS C 108 54.01 -23.97 52.17
C CYS C 108 54.36 -22.68 52.90
N CYS C 109 53.37 -21.97 53.44
CA CYS C 109 53.66 -20.78 54.24
C CYS C 109 54.25 -21.16 55.59
N THR C 110 53.88 -22.34 56.11
CA THR C 110 54.47 -22.83 57.35
C THR C 110 55.74 -23.63 57.12
N TYR C 111 56.08 -23.96 55.88
CA TYR C 111 57.33 -24.66 55.58
C TYR C 111 58.39 -23.72 55.02
N VAL C 112 58.01 -22.53 54.56
CA VAL C 112 58.98 -21.56 54.05
C VAL C 112 59.78 -20.93 55.17
N GLU C 113 59.27 -20.96 56.40
CA GLU C 113 59.89 -20.21 57.50
C GLU C 113 61.21 -20.82 57.94
N GLU C 114 61.45 -22.08 57.60
CA GLU C 114 62.73 -22.73 57.85
C GLU C 114 63.52 -22.98 56.57
N ILE C 115 62.85 -23.30 55.47
CA ILE C 115 63.56 -23.77 54.29
C ILE C 115 64.07 -22.59 53.48
N THR C 116 65.09 -22.84 52.66
CA THR C 116 65.61 -21.87 51.72
C THR C 116 64.65 -21.71 50.53
N ASP C 117 64.96 -20.74 49.68
CA ASP C 117 64.02 -20.32 48.63
C ASP C 117 64.35 -21.04 47.33
N LEU C 118 64.87 -22.26 47.45
CA LEU C 118 65.02 -23.14 46.30
C LEU C 118 63.72 -23.85 45.90
N PRO C 119 62.96 -24.52 46.79
CA PRO C 119 61.74 -25.16 46.28
C PRO C 119 60.51 -24.27 46.23
N ILE C 120 60.44 -23.19 47.01
CA ILE C 120 59.15 -22.51 47.09
C ILE C 120 59.00 -21.47 45.96
N LYS C 121 60.10 -20.97 45.40
CA LYS C 121 59.93 -20.20 44.17
C LYS C 121 59.66 -21.09 42.98
N LEU C 122 59.91 -22.40 43.12
CA LEU C 122 59.34 -23.38 42.20
C LEU C 122 57.95 -23.82 42.62
N ARG C 123 57.66 -23.82 43.93
CA ARG C 123 56.32 -24.18 44.38
C ARG C 123 55.31 -23.10 44.06
N LEU C 124 55.65 -21.85 44.35
CA LEU C 124 54.69 -20.77 44.11
C LEU C 124 54.54 -20.48 42.62
N ILE C 125 55.55 -20.79 41.81
CA ILE C 125 55.37 -20.59 40.38
C ILE C 125 54.57 -21.73 39.77
N ASP C 126 54.54 -22.91 40.39
CA ASP C 126 53.77 -24.00 39.82
C ASP C 126 52.31 -23.92 40.23
N THR C 127 51.98 -23.05 41.19
CA THR C 127 50.58 -22.80 41.49
C THR C 127 50.10 -21.47 40.92
N LEU C 128 50.99 -20.48 40.74
CA LEU C 128 50.58 -19.21 40.15
C LEU C 128 50.41 -19.31 38.64
N ARG C 129 51.03 -20.30 37.99
CA ARG C 129 50.64 -20.60 36.61
C ARG C 129 49.29 -21.30 36.56
N MET C 130 48.89 -21.96 37.65
CA MET C 130 47.55 -22.52 37.74
C MET C 130 46.53 -21.45 38.11
N VAL C 131 47.00 -20.33 38.68
CA VAL C 131 46.14 -19.20 39.01
C VAL C 131 45.52 -18.57 37.76
N THR C 132 46.32 -18.40 36.70
CA THR C 132 45.93 -17.57 35.57
C THR C 132 44.81 -18.19 34.74
N GLU C 133 44.72 -19.53 34.71
CA GLU C 133 43.68 -20.17 33.90
C GLU C 133 42.93 -21.28 34.64
N GLY C 134 43.26 -21.53 35.90
CA GLY C 134 42.55 -22.61 36.59
C GLY C 134 42.14 -22.35 38.03
N LYS C 135 42.54 -21.23 38.62
CA LYS C 135 42.24 -20.92 40.01
C LYS C 135 41.56 -19.58 40.16
N ILE C 136 40.50 -19.31 39.39
CA ILE C 136 39.87 -18.00 39.38
C ILE C 136 38.53 -18.18 40.10
N TYR C 137 38.53 -19.04 41.12
CA TYR C 137 37.32 -19.41 41.83
C TYR C 137 36.81 -18.30 42.74
N VAL C 138 37.58 -17.88 43.75
CA VAL C 138 37.24 -16.70 44.55
C VAL C 138 38.41 -15.70 44.65
N GLU C 139 39.59 -16.17 45.06
CA GLU C 139 40.70 -15.27 45.39
C GLU C 139 41.99 -16.05 45.33
N ILE C 140 43.07 -15.33 45.00
CA ILE C 140 44.42 -15.88 45.02
C ILE C 140 45.29 -14.91 45.78
N GLU C 141 44.65 -13.95 46.45
CA GLU C 141 45.36 -12.86 47.09
C GLU C 141 46.16 -13.36 48.30
N ARG C 142 45.72 -14.46 48.90
CA ARG C 142 46.51 -15.09 49.96
C ARG C 142 47.78 -15.71 49.37
N ALA C 143 47.64 -16.43 48.25
CA ALA C 143 48.80 -17.05 47.61
C ALA C 143 49.66 -15.99 46.91
N ARG C 144 49.05 -14.87 46.51
CA ARG C 144 49.82 -13.77 45.98
C ARG C 144 50.66 -13.11 47.08
N LEU C 145 50.08 -12.98 48.28
CA LEU C 145 50.76 -12.34 49.40
C LEU C 145 52.02 -13.10 49.80
N THR C 146 51.99 -14.42 49.68
CA THR C 146 53.21 -15.19 49.90
C THR C 146 54.18 -15.02 48.74
N LYS C 147 53.68 -14.98 47.51
CA LYS C 147 54.55 -14.77 46.34
C LYS C 147 55.13 -13.37 46.34
N THR C 148 54.37 -12.39 46.84
CA THR C 148 54.89 -11.03 46.96
C THR C 148 56.00 -10.97 48.00
N LEU C 149 55.85 -11.75 49.07
CA LEU C 149 56.95 -11.92 50.02
C LEU C 149 58.07 -12.75 49.42
N ALA C 150 57.74 -13.70 48.54
CA ALA C 150 58.76 -14.56 47.95
C ALA C 150 59.70 -13.78 47.04
N THR C 151 59.15 -12.80 46.31
CA THR C 151 59.97 -12.01 45.39
C THR C 151 60.85 -11.02 46.14
N ILE C 152 60.42 -10.60 47.33
CA ILE C 152 61.21 -9.62 48.08
C ILE C 152 62.20 -10.34 48.99
N LYS C 153 61.95 -11.61 49.29
CA LYS C 153 62.89 -12.37 50.11
C LYS C 153 64.06 -12.91 49.27
N GLU C 154 63.81 -13.19 47.99
CA GLU C 154 64.88 -13.65 47.11
C GLU C 154 65.90 -12.53 46.87
N GLN C 155 65.45 -11.42 46.29
CA GLN C 155 66.29 -10.24 46.12
C GLN C 155 65.43 -9.03 46.42
N ASN C 156 66.05 -7.86 46.32
CA ASN C 156 65.30 -6.61 46.22
C ASN C 156 65.01 -6.22 44.76
N GLY C 157 64.46 -7.16 43.99
CA GLY C 157 64.07 -6.89 42.62
C GLY C 157 62.89 -5.95 42.60
N ASP C 158 63.16 -4.69 42.25
CA ASP C 158 62.20 -3.60 42.45
C ASP C 158 61.37 -3.30 41.22
N VAL C 159 61.58 -4.04 40.13
CA VAL C 159 60.87 -3.81 38.88
C VAL C 159 59.89 -4.96 38.71
N LYS C 160 60.32 -6.16 39.10
CA LYS C 160 59.50 -7.35 38.89
C LYS C 160 58.31 -7.40 39.83
N GLU C 161 58.52 -7.14 41.12
CA GLU C 161 57.42 -7.22 42.07
C GLU C 161 56.52 -5.99 42.00
N ALA C 162 57.04 -4.87 41.50
CA ALA C 162 56.26 -3.63 41.48
C ALA C 162 55.20 -3.68 40.41
N ALA C 163 55.59 -4.04 39.17
CA ALA C 163 54.63 -4.07 38.08
C ALA C 163 53.71 -5.28 38.17
N SER C 164 54.14 -6.34 38.84
CA SER C 164 53.31 -7.55 38.87
C SER C 164 52.24 -7.47 39.95
N ILE C 165 52.30 -6.49 40.84
CA ILE C 165 51.22 -6.29 41.80
C ILE C 165 50.27 -5.17 41.35
N LEU C 166 50.74 -4.23 40.53
CA LEU C 166 49.86 -3.20 39.98
C LEU C 166 48.92 -3.77 38.94
N GLN C 167 49.32 -4.84 38.26
CA GLN C 167 48.46 -5.53 37.32
C GLN C 167 47.45 -6.43 38.00
N GLU C 168 47.48 -6.55 39.33
CA GLU C 168 46.52 -7.37 40.06
C GLU C 168 45.73 -6.59 41.11
N LEU C 169 46.03 -5.30 41.32
CA LEU C 169 45.17 -4.49 42.18
C LEU C 169 43.80 -4.27 41.56
N GLN C 170 43.71 -4.32 40.22
CA GLN C 170 42.45 -4.28 39.51
C GLN C 170 41.65 -5.57 39.62
N VAL C 171 42.23 -6.64 40.15
CA VAL C 171 41.64 -7.97 40.12
C VAL C 171 40.82 -8.25 41.38
N GLU C 172 41.45 -8.24 42.56
CA GLU C 172 40.75 -8.62 43.79
C GLU C 172 40.10 -7.41 44.46
N THR C 173 39.37 -6.66 43.66
CA THR C 173 38.42 -5.65 44.14
C THR C 173 37.05 -6.26 44.37
N TYR C 174 36.89 -7.54 44.04
CA TYR C 174 35.59 -8.17 43.98
C TYR C 174 35.20 -8.86 45.27
N GLY C 175 36.19 -9.35 46.04
CA GLY C 175 35.98 -9.47 47.47
C GLY C 175 35.73 -8.08 48.03
N SER C 176 34.78 -7.99 48.97
CA SER C 176 34.30 -6.70 49.44
C SER C 176 35.38 -5.97 50.23
N MET C 177 35.32 -4.64 50.21
CA MET C 177 36.38 -3.82 50.76
C MET C 177 36.38 -3.87 52.28
N GLU C 178 37.03 -4.89 52.82
CA GLU C 178 37.07 -5.12 54.25
C GLU C 178 37.95 -4.06 54.92
N LYS C 179 37.60 -3.72 56.16
CA LYS C 179 38.15 -2.55 56.82
C LYS C 179 39.62 -2.70 57.20
N LYS C 180 40.14 -3.92 57.28
CA LYS C 180 41.52 -4.12 57.69
C LYS C 180 42.36 -4.79 56.61
N GLU C 181 41.96 -5.96 56.12
CA GLU C 181 42.83 -6.75 55.25
C GLU C 181 42.94 -6.13 53.87
N ARG C 182 41.83 -5.59 53.35
CA ARG C 182 41.87 -4.89 52.08
C ARG C 182 42.69 -3.61 52.18
N VAL C 183 42.58 -2.92 53.32
CA VAL C 183 43.31 -1.67 53.51
C VAL C 183 44.80 -1.94 53.68
N GLU C 184 45.16 -3.01 54.40
CA GLU C 184 46.57 -3.34 54.57
C GLU C 184 47.20 -3.81 53.27
N PHE C 185 46.44 -4.47 52.41
CA PHE C 185 47.00 -4.95 51.16
C PHE C 185 47.19 -3.81 50.17
N ILE C 186 46.37 -2.76 50.27
CA ILE C 186 46.43 -1.67 49.29
C ILE C 186 47.44 -0.61 49.71
N LEU C 187 47.95 -0.65 50.94
CA LEU C 187 49.06 0.22 51.33
C LEU C 187 50.41 -0.45 51.14
N GLU C 188 50.43 -1.70 50.70
CA GLU C 188 51.70 -2.42 50.60
C GLU C 188 52.48 -1.99 49.37
N GLN C 189 51.78 -1.77 48.26
CA GLN C 189 52.47 -1.50 47.00
C GLN C 189 52.93 -0.06 46.87
N MET C 190 52.43 0.85 47.70
CA MET C 190 52.81 2.25 47.55
C MET C 190 54.21 2.50 48.11
N ARG C 191 54.61 1.78 49.17
CA ARG C 191 55.98 1.92 49.65
C ARG C 191 56.97 1.28 48.68
N LEU C 192 56.51 0.31 47.89
CA LEU C 192 57.33 -0.19 46.80
C LEU C 192 57.52 0.86 45.74
N CYS C 193 56.43 1.51 45.31
CA CYS C 193 56.51 2.51 44.26
C CYS C 193 57.22 3.78 44.72
N LEU C 194 57.23 4.04 46.03
CA LEU C 194 58.09 5.10 46.52
C LEU C 194 59.55 4.72 46.42
N ALA C 195 59.86 3.42 46.46
CA ALA C 195 61.26 2.99 46.47
C ALA C 195 61.88 2.98 45.07
N VAL C 196 61.05 2.91 44.02
CA VAL C 196 61.57 2.82 42.67
C VAL C 196 61.32 4.17 41.99
N LYS C 197 61.09 5.20 42.82
CA LYS C 197 60.85 6.58 42.40
C LYS C 197 59.69 6.68 41.41
N ASP C 198 58.59 6.00 41.73
CA ASP C 198 57.36 6.05 40.97
C ASP C 198 56.39 6.82 41.84
N TYR C 199 56.44 8.14 41.74
CA TYR C 199 55.65 9.00 42.59
C TYR C 199 54.27 9.28 42.01
N ILE C 200 54.10 9.10 40.70
CA ILE C 200 52.80 9.31 40.08
C ILE C 200 51.86 8.17 40.43
N ARG C 201 52.41 7.00 40.74
CA ARG C 201 51.59 5.85 41.10
C ARG C 201 51.11 5.93 42.54
N THR C 202 52.01 6.32 43.45
CA THR C 202 51.76 6.26 44.89
C THR C 202 50.66 7.23 45.30
N GLN C 203 50.65 8.43 44.75
CA GLN C 203 49.72 9.46 45.16
C GLN C 203 48.29 9.23 44.70
N ILE C 204 48.03 8.19 43.91
CA ILE C 204 46.70 7.92 43.41
C ILE C 204 46.07 6.72 44.09
N ILE C 205 46.87 5.68 44.31
CA ILE C 205 46.44 4.57 45.14
C ILE C 205 46.32 4.99 46.60
N SER C 206 47.01 6.06 47.01
CA SER C 206 46.80 6.66 48.32
C SER C 206 45.65 7.65 48.32
N LYS C 207 45.28 8.17 47.16
CA LYS C 207 44.14 9.08 47.07
C LYS C 207 42.81 8.35 47.23
N LYS C 208 42.80 7.03 47.08
CA LYS C 208 41.60 6.23 47.28
C LYS C 208 41.31 6.00 48.76
N ILE C 209 42.31 6.12 49.63
CA ILE C 209 42.23 5.62 50.99
C ILE C 209 41.36 6.51 51.87
N ASN C 210 41.14 7.76 51.47
CA ASN C 210 40.38 8.73 52.25
C ASN C 210 38.89 8.39 52.38
N THR C 211 38.37 7.42 51.61
CA THR C 211 37.00 6.99 51.80
C THR C 211 36.82 6.12 53.05
N LYS C 212 37.91 5.66 53.65
CA LYS C 212 37.89 4.90 54.89
C LYS C 212 38.42 5.81 55.99
N PHE C 213 37.50 6.41 56.76
CA PHE C 213 37.85 7.32 57.83
C PHE C 213 37.42 6.73 59.16
N PHE C 214 38.05 7.24 60.24
CA PHE C 214 37.79 6.86 61.63
C PHE C 214 37.98 5.36 61.87
N GLN C 215 38.99 4.80 61.19
CA GLN C 215 39.30 3.39 61.30
C GLN C 215 40.35 3.13 62.38
N GLU C 216 40.81 4.16 63.05
CA GLU C 216 41.83 4.07 64.08
C GLU C 216 41.27 3.70 65.44
N GLU C 217 39.98 3.36 65.53
CA GLU C 217 39.38 3.01 66.81
C GLU C 217 39.79 1.61 67.25
N ASN C 218 39.91 0.68 66.31
CA ASN C 218 40.22 -0.71 66.63
C ASN C 218 41.71 -1.00 66.51
N THR C 219 42.37 -0.39 65.54
CA THR C 219 43.80 -0.59 65.33
C THR C 219 44.55 0.73 65.42
N GLU C 220 45.86 0.61 65.65
CA GLU C 220 46.73 1.77 65.75
C GLU C 220 47.93 1.74 64.81
N LYS C 221 48.36 0.57 64.32
CA LYS C 221 49.48 0.46 63.41
C LYS C 221 49.06 0.61 61.95
N LEU C 222 47.86 1.14 61.70
CA LEU C 222 47.35 1.38 60.37
C LEU C 222 47.62 2.81 59.94
N LYS C 223 47.21 3.78 60.76
CA LYS C 223 47.32 5.18 60.41
C LYS C 223 48.76 5.67 60.45
N LEU C 224 49.62 5.00 61.21
CA LEU C 224 51.02 5.41 61.33
C LEU C 224 51.77 5.18 60.04
N LYS C 225 51.76 3.94 59.53
CA LYS C 225 52.49 3.64 58.30
C LYS C 225 51.84 4.24 57.07
N TYR C 226 50.57 4.63 57.15
CA TYR C 226 49.95 5.37 56.06
C TYR C 226 50.54 6.78 55.97
N TYR C 227 50.51 7.52 57.08
CA TYR C 227 51.02 8.89 57.08
C TYR C 227 52.54 8.95 56.93
N ASN C 228 53.25 7.91 57.37
CA ASN C 228 54.70 7.89 57.24
C ASN C 228 55.12 7.77 55.78
N LEU C 229 54.25 7.23 54.93
CA LEU C 229 54.48 7.30 53.50
C LEU C 229 53.95 8.59 52.90
N MET C 230 52.93 9.19 53.52
CA MET C 230 52.39 10.44 52.98
C MET C 230 53.30 11.62 53.26
N ILE C 231 54.06 11.58 54.36
CA ILE C 231 55.00 12.67 54.63
C ILE C 231 56.17 12.61 53.66
N GLN C 232 56.52 11.42 53.19
CA GLN C 232 57.65 11.27 52.28
C GLN C 232 57.26 11.60 50.85
N LEU C 233 56.00 11.35 50.50
CA LEU C 233 55.51 11.64 49.16
C LEU C 233 55.45 13.14 48.90
N ASP C 234 54.95 13.91 49.86
CA ASP C 234 54.92 15.36 49.72
C ASP C 234 56.27 15.98 50.04
N GLN C 235 57.21 15.19 50.57
CA GLN C 235 58.55 15.68 50.86
C GLN C 235 59.31 16.01 49.59
N HIS C 236 59.13 15.21 48.54
CA HIS C 236 59.87 15.40 47.30
C HIS C 236 59.45 16.68 46.59
N GLU C 237 58.18 17.05 46.73
CA GLU C 237 57.71 18.34 46.22
C GLU C 237 57.71 19.35 47.37
N GLY C 238 57.13 20.52 47.13
CA GLY C 238 56.99 21.54 48.15
C GLY C 238 55.76 21.34 48.99
N SER C 239 55.06 22.46 49.23
CA SER C 239 53.77 22.54 49.92
C SER C 239 53.86 21.95 51.33
N TYR C 240 54.69 22.56 52.17
CA TYR C 240 55.07 21.97 53.45
C TYR C 240 53.96 21.91 54.48
N LEU C 241 52.83 22.59 54.25
CA LEU C 241 51.74 22.58 55.22
C LEU C 241 51.07 21.23 55.28
N SER C 242 51.11 20.46 54.19
CA SER C 242 50.49 19.14 54.19
C SER C 242 51.30 18.15 55.00
N ILE C 243 52.61 18.33 55.12
CA ILE C 243 53.40 17.47 55.98
C ILE C 243 53.16 17.84 57.44
N CYS C 244 52.93 19.14 57.69
CA CYS C 244 52.61 19.59 59.04
C CYS C 244 51.26 19.07 59.49
N LYS C 245 50.28 19.01 58.58
CA LYS C 245 48.99 18.44 58.91
C LYS C 245 49.10 16.94 59.19
N HIS C 246 50.04 16.27 58.53
CA HIS C 246 50.26 14.86 58.82
C HIS C 246 51.09 14.69 60.08
N TYR C 247 52.01 15.62 60.33
CA TYR C 247 52.78 15.59 61.57
C TYR C 247 51.91 15.82 62.80
N ARG C 248 50.92 16.70 62.70
CA ARG C 248 50.00 16.90 63.82
C ARG C 248 49.06 15.72 64.02
N ALA C 249 48.81 14.94 62.97
CA ALA C 249 47.91 13.81 63.10
C ALA C 249 48.64 12.56 63.58
N ILE C 250 49.96 12.49 63.42
CA ILE C 250 50.76 11.44 64.04
C ILE C 250 51.26 11.87 65.42
N TYR C 251 50.76 12.99 65.92
CA TYR C 251 51.14 13.49 67.24
C TYR C 251 50.20 13.01 68.35
N ASP C 252 48.96 12.68 68.03
CA ASP C 252 47.97 12.30 69.02
C ASP C 252 47.62 10.81 68.93
N THR C 253 48.09 10.13 67.89
CA THR C 253 47.79 8.71 67.74
C THR C 253 48.69 7.82 68.61
N PRO C 254 50.03 7.96 68.66
CA PRO C 254 50.78 7.08 69.59
C PRO C 254 50.62 7.52 71.03
N CYS C 255 50.31 8.80 71.26
CA CYS C 255 50.26 9.40 72.59
C CYS C 255 49.15 8.80 73.46
N ILE C 256 48.21 8.06 72.88
CA ILE C 256 47.14 7.41 73.63
C ILE C 256 47.68 6.28 74.50
N GLN C 257 48.88 5.78 74.21
CA GLN C 257 49.56 4.81 75.05
C GLN C 257 50.59 5.49 75.97
N ALA C 258 50.53 6.83 76.06
CA ALA C 258 51.40 7.68 76.86
C ALA C 258 52.87 7.47 76.51
N GLU C 259 53.24 7.81 75.27
CA GLU C 259 54.61 7.63 74.80
C GLU C 259 55.54 8.53 75.58
N SER C 260 56.58 7.95 76.17
CA SER C 260 57.55 8.76 76.88
C SER C 260 58.48 9.46 75.91
N GLU C 261 58.96 8.75 74.88
CA GLU C 261 59.90 9.33 73.95
C GLU C 261 59.33 9.56 72.56
N LYS C 262 58.40 8.71 72.08
CA LYS C 262 57.85 8.86 70.74
C LYS C 262 56.97 10.09 70.64
N TRP C 263 56.35 10.47 71.75
CA TRP C 263 55.58 11.70 71.82
C TRP C 263 56.47 12.93 71.68
N GLN C 264 57.74 12.83 72.08
CA GLN C 264 58.66 13.95 71.93
C GLN C 264 59.13 14.12 70.50
N GLN C 265 59.29 13.02 69.76
CA GLN C 265 59.69 13.13 68.37
C GLN C 265 58.60 13.73 67.50
N ALA C 266 57.34 13.30 67.71
CA ALA C 266 56.23 13.87 66.96
C ALA C 266 55.99 15.33 67.35
N LEU C 267 56.34 15.71 68.57
CA LEU C 267 56.25 17.12 68.96
C LEU C 267 57.32 17.94 68.25
N LYS C 268 58.51 17.37 68.10
CA LYS C 268 59.62 18.08 67.46
C LYS C 268 59.38 18.23 65.96
N SER C 269 58.69 17.27 65.34
CA SER C 269 58.45 17.33 63.90
C SER C 269 57.48 18.44 63.54
N VAL C 270 56.47 18.66 64.38
CA VAL C 270 55.49 19.72 64.12
C VAL C 270 56.15 21.08 64.30
N VAL C 271 56.81 21.28 65.43
CA VAL C 271 57.30 22.60 65.82
C VAL C 271 58.55 23.01 65.07
N LEU C 272 59.14 22.10 64.29
CA LEU C 272 60.40 22.42 63.61
C LEU C 272 60.16 23.40 62.48
N TYR C 273 59.35 23.02 61.50
CA TYR C 273 59.11 23.88 60.34
C TYR C 273 57.61 24.10 60.18
N VAL C 274 57.14 25.24 60.71
CA VAL C 274 55.86 25.81 60.32
C VAL C 274 56.06 27.10 59.53
N ILE C 275 57.13 27.84 59.86
CA ILE C 275 57.54 29.03 59.12
C ILE C 275 57.94 28.66 57.69
N LEU C 276 58.41 27.42 57.50
CA LEU C 276 58.79 26.95 56.17
C LEU C 276 57.62 26.83 55.21
N ALA C 277 56.39 26.76 55.73
CA ALA C 277 55.21 26.83 54.90
C ALA C 277 55.00 28.26 54.42
N PRO C 278 54.33 28.46 53.28
CA PRO C 278 53.97 29.81 52.86
C PRO C 278 52.96 30.44 53.81
N PHE C 279 53.09 31.76 54.00
CA PHE C 279 52.21 32.54 54.86
C PHE C 279 51.12 33.17 54.01
N ASP C 280 49.92 32.59 54.03
CA ASP C 280 48.76 33.26 53.42
C ASP C 280 47.73 33.62 54.47
N ASN C 281 47.08 32.64 55.08
CA ASN C 281 46.30 32.86 56.29
C ASN C 281 46.38 31.63 57.20
N GLU C 282 46.81 30.52 56.63
CA GLU C 282 46.80 29.24 57.33
C GLU C 282 47.97 29.07 58.26
N GLN C 283 49.04 29.83 58.08
CA GLN C 283 50.09 29.84 59.09
C GLN C 283 49.64 30.59 60.34
N SER C 284 48.72 31.54 60.18
CA SER C 284 48.36 32.47 61.26
C SER C 284 47.62 31.75 62.39
N ASP C 285 46.58 30.99 62.06
CA ASP C 285 45.88 30.24 63.09
C ASP C 285 46.63 29.00 63.52
N LEU C 286 47.51 28.47 62.67
CA LEU C 286 48.25 27.27 63.03
C LEU C 286 49.29 27.57 64.11
N VAL C 287 49.98 28.70 64.00
CA VAL C 287 50.92 29.10 65.04
C VAL C 287 50.21 29.63 66.29
N HIS C 288 48.91 29.87 66.20
CA HIS C 288 48.14 30.21 67.39
C HIS C 288 47.56 28.99 68.08
N ARG C 289 47.45 27.87 67.37
CA ARG C 289 46.92 26.66 67.97
C ARG C 289 48.00 25.73 68.51
N ILE C 290 49.10 25.56 67.78
CA ILE C 290 50.13 24.66 68.29
C ILE C 290 50.95 25.31 69.39
N SER C 291 50.96 26.64 69.46
CA SER C 291 51.65 27.32 70.53
C SER C 291 50.69 27.58 71.69
N GLY C 292 51.26 27.96 72.83
CA GLY C 292 50.45 28.22 74.01
C GLY C 292 49.86 26.98 74.64
N ASP C 293 50.58 25.87 74.62
CA ASP C 293 50.12 24.62 75.21
C ASP C 293 50.87 24.35 76.50
N LYS C 294 50.34 23.41 77.29
CA LYS C 294 50.94 23.08 78.55
C LYS C 294 52.24 22.30 78.39
N LYS C 295 52.33 21.42 77.41
CA LYS C 295 53.55 20.65 77.17
C LYS C 295 54.10 20.99 75.79
N LEU C 296 54.80 22.11 75.71
CA LEU C 296 55.69 22.38 74.58
C LEU C 296 56.99 23.04 74.98
N GLU C 297 57.05 23.71 76.13
CA GLU C 297 58.18 24.52 76.55
C GLU C 297 59.37 23.72 77.03
N GLU C 298 59.34 22.39 76.93
CA GLU C 298 60.46 21.55 77.32
C GLU C 298 61.64 21.63 76.36
N ILE C 299 61.50 22.33 75.24
CA ILE C 299 62.55 22.42 74.23
C ILE C 299 62.78 23.90 73.95
N PRO C 300 64.03 24.35 73.80
CA PRO C 300 64.27 25.76 73.42
C PRO C 300 63.82 26.13 72.01
N LYS C 301 63.38 25.16 71.20
CA LYS C 301 62.82 25.46 69.90
C LYS C 301 61.48 26.20 70.00
N TYR C 302 60.79 26.07 71.14
CA TYR C 302 59.62 26.91 71.37
C TYR C 302 59.99 28.37 71.54
N LYS C 303 61.16 28.64 72.12
CA LYS C 303 61.67 30.01 72.15
C LYS C 303 62.16 30.43 70.78
N ASP C 304 62.67 29.48 69.98
CA ASP C 304 62.95 29.77 68.58
C ASP C 304 61.67 30.05 67.82
N LEU C 305 60.59 29.33 68.14
CA LEU C 305 59.29 29.60 67.53
C LEU C 305 58.77 30.95 67.94
N LEU C 306 58.81 31.26 69.25
CA LEU C 306 58.27 32.50 69.78
C LEU C 306 59.04 33.72 69.27
N LYS C 307 60.32 33.52 68.93
CA LYS C 307 61.11 34.62 68.38
C LYS C 307 60.66 34.98 66.98
N LEU C 308 60.28 33.99 66.18
CA LEU C 308 59.91 34.24 64.80
C LEU C 308 58.42 34.44 64.61
N PHE C 309 57.70 34.85 65.66
CA PHE C 309 56.30 35.20 65.51
C PHE C 309 56.09 36.42 64.60
N THR C 310 56.50 37.59 65.10
CA THR C 310 56.26 38.87 64.45
C THR C 310 57.07 39.93 65.20
N THR C 311 56.99 41.18 64.70
CA THR C 311 57.62 42.38 65.25
C THR C 311 59.14 42.26 65.36
N MET C 312 59.71 41.35 64.57
CA MET C 312 61.12 41.02 64.36
C MET C 312 61.81 40.34 65.54
N GLU C 313 61.32 40.60 66.76
CA GLU C 313 61.88 40.17 68.04
C GLU C 313 63.41 40.08 68.09
N LEU C 314 64.08 41.09 67.53
CA LEU C 314 65.54 41.14 67.33
C LEU C 314 66.08 39.89 66.61
N MET C 315 65.69 39.74 65.35
CA MET C 315 66.16 38.61 64.56
C MET C 315 67.25 39.03 63.57
N ARG C 316 68.13 38.07 63.28
CA ARG C 316 69.20 38.17 62.30
C ARG C 316 69.71 36.77 62.05
N TRP C 317 69.87 36.42 60.77
CA TRP C 317 70.18 35.03 60.42
C TRP C 317 71.60 34.65 60.80
N SER C 318 72.54 35.60 60.76
CA SER C 318 73.89 35.33 61.25
C SER C 318 73.90 35.09 62.75
N THR C 319 73.05 35.80 63.49
CA THR C 319 72.88 35.50 64.90
C THR C 319 72.11 34.19 65.10
N LEU C 320 71.25 33.83 64.14
CA LEU C 320 70.42 32.65 64.30
C LEU C 320 71.21 31.39 64.03
N VAL C 321 72.21 31.46 63.13
CA VAL C 321 72.98 30.28 62.79
C VAL C 321 74.04 29.97 63.84
N GLU C 322 74.39 30.95 64.68
CA GLU C 322 75.50 30.79 65.61
C GLU C 322 75.08 30.36 67.01
N ASP C 323 73.83 30.63 67.41
CA ASP C 323 73.41 30.28 68.76
C ASP C 323 72.65 28.97 68.83
N TYR C 324 71.98 28.58 67.75
CA TYR C 324 71.17 27.37 67.73
C TYR C 324 71.83 26.26 66.92
N GLY C 325 73.13 26.38 66.67
CA GLY C 325 73.84 25.34 65.97
C GLY C 325 74.01 24.07 66.78
N MET C 326 74.11 24.21 68.11
CA MET C 326 74.19 23.04 68.99
C MET C 326 72.92 22.22 68.93
N GLU C 327 71.76 22.87 68.75
CA GLU C 327 70.54 22.14 68.47
C GLU C 327 70.61 21.45 67.11
N LEU C 328 71.30 22.07 66.15
CA LEU C 328 71.46 21.47 64.84
C LEU C 328 72.62 20.49 64.77
N ARG C 329 73.63 20.65 65.64
CA ARG C 329 74.65 19.63 65.82
C ARG C 329 74.15 18.59 66.81
N LYS C 330 75.05 17.72 67.30
CA LYS C 330 74.66 16.70 68.26
C LYS C 330 74.27 17.32 69.59
N GLY C 331 73.13 16.88 70.14
CA GLY C 331 72.64 17.33 71.42
C GLY C 331 72.44 16.14 72.36
N SER C 332 71.45 16.29 73.24
CA SER C 332 71.15 15.20 74.18
C SER C 332 70.36 14.10 73.49
N LEU C 333 69.15 14.42 73.02
CA LEU C 333 68.34 13.48 72.25
C LEU C 333 68.54 13.67 70.75
N GLU C 334 68.13 14.83 70.23
CA GLU C 334 68.44 15.36 68.89
C GLU C 334 68.02 14.38 67.80
N SER C 335 66.94 13.64 68.04
CA SER C 335 66.58 12.58 67.12
C SER C 335 65.78 13.00 65.88
N PRO C 336 64.83 13.96 65.94
CA PRO C 336 64.27 14.46 64.67
C PRO C 336 65.10 15.56 64.04
N ALA C 337 66.04 16.15 64.77
CA ALA C 337 66.84 17.25 64.25
C ALA C 337 67.77 16.80 63.14
N THR C 338 68.37 15.62 63.28
CA THR C 338 69.18 15.06 62.21
C THR C 338 68.28 14.55 61.08
N ASP C 339 67.04 14.18 61.42
CA ASP C 339 66.11 13.64 60.45
C ASP C 339 65.60 14.68 59.47
N VAL C 340 65.62 15.96 59.86
CA VAL C 340 65.12 17.01 58.97
C VAL C 340 66.29 17.78 58.37
N PHE C 341 67.08 18.42 59.22
CA PHE C 341 68.22 19.20 58.78
C PHE C 341 69.49 18.39 58.98
N GLY C 342 70.59 18.90 58.43
CA GLY C 342 71.88 18.27 58.58
C GLY C 342 71.96 16.94 57.86
N SER C 343 71.87 16.98 56.54
CA SER C 343 71.69 15.77 55.74
C SER C 343 72.33 15.99 54.39
N THR C 344 71.90 15.21 53.39
CA THR C 344 72.31 15.37 52.01
C THR C 344 71.56 16.52 51.37
N GLU C 345 71.54 16.56 50.03
CA GLU C 345 70.96 17.69 49.29
C GLU C 345 69.48 17.93 49.57
N GLU C 346 68.76 16.93 50.10
CA GLU C 346 67.43 17.18 50.65
C GLU C 346 67.50 18.13 51.85
N GLY C 347 68.50 17.94 52.71
CA GLY C 347 68.61 18.79 53.88
C GLY C 347 69.20 20.15 53.55
N GLU C 348 70.12 20.21 52.58
CA GLU C 348 70.79 21.46 52.25
C GLU C 348 69.83 22.46 51.62
N LYS C 349 68.88 21.98 50.83
CA LYS C 349 67.83 22.85 50.32
C LYS C 349 66.96 23.38 51.45
N ARG C 350 66.78 22.58 52.50
CA ARG C 350 66.02 23.04 53.65
C ARG C 350 66.77 24.08 54.47
N TRP C 351 68.11 24.11 54.37
CA TRP C 351 68.84 25.26 54.88
C TRP C 351 68.54 26.50 54.06
N LYS C 352 68.52 26.36 52.73
CA LYS C 352 68.27 27.49 51.85
C LYS C 352 66.85 27.99 51.99
N ASP C 353 65.91 27.06 52.17
CA ASP C 353 64.51 27.47 52.30
C ASP C 353 64.25 28.09 53.68
N LEU C 354 64.95 27.61 54.71
CA LEU C 354 64.90 28.28 56.01
C LEU C 354 65.55 29.66 55.93
N LYS C 355 66.63 29.78 55.16
CA LYS C 355 67.18 31.09 54.84
C LYS C 355 66.19 31.91 54.02
N ASN C 356 65.45 31.24 53.13
CA ASN C 356 64.48 31.94 52.29
C ASN C 356 63.29 32.44 53.12
N ARG C 357 62.86 31.68 54.13
CA ARG C 357 61.70 32.10 54.89
C ARG C 357 62.02 33.19 55.91
N VAL C 358 63.24 33.25 56.43
CA VAL C 358 63.52 34.28 57.42
C VAL C 358 63.71 35.64 56.74
N VAL C 359 64.29 35.68 55.55
CA VAL C 359 64.45 36.96 54.87
C VAL C 359 63.11 37.42 54.30
N GLU C 360 62.22 36.48 53.98
CA GLU C 360 60.85 36.85 53.64
C GLU C 360 60.12 37.38 54.86
N HIS C 361 60.46 36.89 56.04
CA HIS C 361 60.00 37.53 57.26
C HIS C 361 60.69 38.86 57.48
N ASN C 362 61.93 39.01 57.00
CA ASN C 362 62.65 40.26 57.21
C ASN C 362 62.24 41.35 56.23
N ILE C 363 61.64 40.99 55.09
CA ILE C 363 61.15 42.04 54.20
C ILE C 363 59.81 42.58 54.71
N ARG C 364 58.98 41.70 55.28
CA ARG C 364 57.65 42.11 55.74
C ARG C 364 57.73 43.05 56.93
N ILE C 365 58.71 42.87 57.81
CA ILE C 365 58.87 43.77 58.94
C ILE C 365 59.46 45.10 58.49
N MET C 366 60.20 45.13 57.39
CA MET C 366 60.74 46.40 56.92
C MET C 366 59.64 47.24 56.28
N ALA C 367 58.80 46.61 55.46
CA ALA C 367 57.75 47.35 54.76
C ALA C 367 56.64 47.84 55.69
N LYS C 368 56.59 47.34 56.92
CA LYS C 368 55.61 47.81 57.88
C LYS C 368 56.18 48.84 58.85
N TYR C 369 57.46 48.75 59.19
CA TYR C 369 58.05 49.62 60.20
C TYR C 369 58.99 50.65 59.58
N TYR C 370 58.90 50.90 58.29
CA TYR C 370 59.73 51.89 57.63
C TYR C 370 58.94 52.58 56.53
N THR C 371 59.49 53.68 56.06
CA THR C 371 59.00 54.34 54.86
C THR C 371 60.00 54.25 53.72
N ARG C 372 61.23 54.68 53.95
CA ARG C 372 62.29 54.59 52.96
C ARG C 372 63.55 54.09 53.64
N ILE C 373 64.40 53.45 52.83
CA ILE C 373 65.64 52.87 53.32
C ILE C 373 66.61 52.84 52.16
N THR C 374 67.89 53.10 52.45
CA THR C 374 68.91 52.99 51.44
C THR C 374 69.15 51.53 51.10
N MET C 375 69.63 51.29 49.89
CA MET C 375 69.81 49.91 49.44
C MET C 375 71.05 49.27 50.05
N LYS C 376 72.03 50.07 50.45
CA LYS C 376 73.20 49.52 51.10
C LYS C 376 72.90 49.04 52.51
N ARG C 377 71.96 49.69 53.19
CA ARG C 377 71.61 49.23 54.52
C ARG C 377 70.78 47.95 54.47
N MET C 378 69.86 47.84 53.52
CA MET C 378 69.05 46.64 53.38
C MET C 378 69.90 45.43 53.00
N ALA C 379 70.95 45.64 52.19
CA ALA C 379 71.80 44.54 51.77
C ALA C 379 72.62 44.00 52.94
N GLN C 380 73.19 44.89 53.75
CA GLN C 380 74.04 44.42 54.85
C GLN C 380 73.23 43.88 56.02
N LEU C 381 71.98 44.30 56.19
CA LEU C 381 71.13 43.77 57.23
C LEU C 381 70.51 42.43 56.88
N LEU C 382 70.61 42.00 55.63
CA LEU C 382 70.14 40.68 55.23
C LEU C 382 71.27 39.69 54.99
N ASP C 383 72.52 40.10 55.28
CA ASP C 383 73.71 39.24 55.25
C ASP C 383 73.97 38.66 53.86
N LEU C 384 73.77 39.49 52.83
CA LEU C 384 73.91 39.05 51.45
C LEU C 384 74.19 40.25 50.57
N SER C 385 74.50 39.98 49.31
CA SER C 385 75.00 41.01 48.40
C SER C 385 73.87 41.89 47.88
N VAL C 386 74.25 42.90 47.11
CA VAL C 386 73.25 43.81 46.56
C VAL C 386 72.51 43.18 45.39
N ASP C 387 73.14 42.23 44.69
CA ASP C 387 72.49 41.63 43.52
C ASP C 387 71.42 40.64 43.94
N GLU C 388 71.68 39.86 44.99
CA GLU C 388 70.67 38.92 45.47
C GLU C 388 69.50 39.65 46.11
N SER C 389 69.77 40.78 46.78
CA SER C 389 68.72 41.56 47.42
C SER C 389 67.75 42.16 46.41
N GLU C 390 68.27 42.58 45.25
CA GLU C 390 67.41 43.10 44.20
C GLU C 390 66.60 42.00 43.56
N ALA C 391 67.23 40.85 43.28
CA ALA C 391 66.52 39.75 42.64
C ALA C 391 65.53 39.08 43.58
N PHE C 392 65.80 39.14 44.89
CA PHE C 392 64.84 38.56 45.83
C PHE C 392 63.63 39.47 46.00
N LEU C 393 63.83 40.78 45.94
CA LEU C 393 62.69 41.69 45.99
C LEU C 393 61.92 41.66 44.69
N SER C 394 62.61 41.48 43.57
CA SER C 394 61.95 41.37 42.27
C SER C 394 61.13 40.10 42.16
N ASN C 395 61.51 39.06 42.91
CA ASN C 395 60.69 37.86 42.98
C ASN C 395 59.41 38.12 43.77
N LEU C 396 59.50 38.96 44.80
CA LEU C 396 58.35 39.19 45.66
C LEU C 396 57.35 40.13 45.00
N VAL C 397 57.83 41.11 44.25
CA VAL C 397 56.92 42.14 43.74
C VAL C 397 56.18 41.63 42.51
N VAL C 398 56.76 40.72 41.73
CA VAL C 398 56.01 40.07 40.66
C VAL C 398 55.07 39.00 41.21
N ASN C 399 55.29 38.58 42.46
CA ASN C 399 54.42 37.62 43.12
C ASN C 399 53.26 38.32 43.83
N LYS C 400 53.19 39.65 43.69
CA LYS C 400 52.22 40.57 44.32
C LYS C 400 51.96 40.26 45.79
N THR C 401 53.04 39.94 46.51
CA THR C 401 52.95 39.58 47.91
C THR C 401 53.64 40.56 48.85
N ILE C 402 54.63 41.32 48.38
CA ILE C 402 55.19 42.44 49.12
C ILE C 402 55.17 43.65 48.20
N PHE C 403 54.62 44.76 48.70
CA PHE C 403 54.08 45.85 47.91
C PHE C 403 55.01 47.07 48.04
N ALA C 404 56.02 47.15 47.19
CA ALA C 404 57.04 48.19 47.29
C ALA C 404 57.64 48.45 45.91
N LYS C 405 58.67 49.30 45.86
CA LYS C 405 59.21 49.82 44.60
C LYS C 405 60.60 50.39 44.83
N VAL C 406 61.56 50.06 43.96
CA VAL C 406 62.95 50.36 44.30
C VAL C 406 63.46 51.52 43.46
N ASP C 407 64.70 51.92 43.69
CA ASP C 407 65.39 52.89 42.86
C ASP C 407 66.82 52.39 42.64
N ARG C 408 67.26 52.30 41.39
CA ARG C 408 68.63 51.89 41.09
C ARG C 408 69.50 53.05 40.67
N LEU C 409 68.99 54.27 40.80
CA LEU C 409 69.76 55.47 40.53
C LEU C 409 70.24 56.17 41.79
N ALA C 410 69.50 56.08 42.90
CA ALA C 410 69.96 56.69 44.15
C ALA C 410 69.86 55.67 45.28
N GLY C 411 69.25 54.54 45.01
CA GLY C 411 69.26 53.44 45.95
C GLY C 411 68.23 53.50 47.06
N ILE C 412 67.13 54.22 46.86
CA ILE C 412 66.09 54.36 47.87
C ILE C 412 64.94 53.45 47.46
N ILE C 413 64.86 52.29 48.10
CA ILE C 413 63.64 51.47 48.13
C ILE C 413 62.67 52.15 49.09
N ASN C 414 61.52 52.56 48.55
CA ASN C 414 60.50 53.10 49.42
C ASN C 414 59.38 52.06 49.65
N PHE C 415 58.58 52.32 50.68
CA PHE C 415 57.57 51.38 51.11
C PHE C 415 56.15 51.89 51.02
N GLN C 416 55.96 53.20 51.02
CA GLN C 416 54.63 53.78 50.88
C GLN C 416 54.28 53.92 49.41
N ARG C 417 53.11 54.49 49.14
CA ARG C 417 52.63 54.72 47.79
C ARG C 417 52.29 56.20 47.62
N PRO C 418 52.32 56.70 46.39
CA PRO C 418 51.76 58.03 46.14
C PRO C 418 50.27 58.03 46.38
N LYS C 419 49.85 58.73 47.43
CA LYS C 419 48.45 58.74 47.83
C LYS C 419 47.68 59.79 47.05
N ASP C 420 46.38 59.57 46.95
CA ASP C 420 45.51 60.35 46.09
C ASP C 420 44.98 61.58 46.84
N PRO C 421 44.85 62.73 46.17
CA PRO C 421 44.33 63.93 46.86
C PRO C 421 42.91 63.80 47.34
N ASN C 422 42.09 62.97 46.69
CA ASN C 422 40.80 62.63 47.27
C ASN C 422 40.98 61.73 48.49
N ASN C 423 41.91 60.77 48.41
CA ASN C 423 42.18 59.86 49.52
C ASN C 423 42.84 60.59 50.68
N LEU C 424 43.77 61.51 50.39
CA LEU C 424 44.55 62.15 51.44
C LEU C 424 43.72 63.15 52.22
N LEU C 425 42.88 63.91 51.52
CA LEU C 425 42.02 64.87 52.20
C LEU C 425 40.90 64.18 52.96
N ASN C 426 40.43 63.03 52.48
CA ASN C 426 39.41 62.29 53.21
C ASN C 426 40.01 61.66 54.46
N ASP C 427 41.25 61.19 54.38
CA ASP C 427 41.94 60.71 55.57
C ASP C 427 42.36 61.85 56.48
N TRP C 428 42.46 63.07 55.95
CA TRP C 428 42.70 64.22 56.81
C TRP C 428 41.48 64.54 57.65
N SER C 429 40.30 64.58 57.03
CA SER C 429 39.09 64.92 57.76
C SER C 429 38.63 63.79 58.65
N GLN C 430 39.00 62.55 58.32
CA GLN C 430 38.62 61.42 59.16
C GLN C 430 39.41 61.41 60.46
N LYS C 431 40.71 61.73 60.37
CA LYS C 431 41.50 61.93 61.59
C LYS C 431 41.17 63.25 62.25
N LEU C 432 40.53 64.17 61.51
CA LEU C 432 40.03 65.40 62.12
C LEU C 432 38.74 65.15 62.87
N ASN C 433 37.89 64.26 62.35
CA ASN C 433 36.57 64.10 62.93
C ASN C 433 36.62 63.24 64.18
N SER C 434 37.11 62.02 64.06
CA SER C 434 37.04 61.04 65.14
C SER C 434 38.07 61.27 66.24
N LEU C 435 38.91 62.29 66.11
CA LEU C 435 39.92 62.59 67.10
C LEU C 435 39.71 63.96 67.74
N MET C 436 38.73 64.73 67.27
CA MET C 436 38.46 66.05 67.79
C MET C 436 36.98 66.29 68.05
N SER C 437 36.13 65.28 67.92
CA SER C 437 34.73 65.42 68.26
C SER C 437 34.28 64.45 69.33
N LEU C 438 34.67 63.18 69.22
CA LEU C 438 34.22 62.17 70.17
C LEU C 438 34.89 62.34 71.52
N VAL C 439 36.23 62.41 71.52
CA VAL C 439 36.97 62.67 72.75
C VAL C 439 36.74 64.08 73.24
N ASN C 440 36.36 65.00 72.34
CA ASN C 440 35.99 66.35 72.76
C ASN C 440 34.69 66.32 73.55
N LYS C 441 33.75 65.50 73.12
CA LYS C 441 32.55 65.25 73.90
C LYS C 441 32.87 64.57 75.22
N THR C 442 33.90 63.73 75.25
CA THR C 442 34.21 62.98 76.45
C THR C 442 34.89 63.85 77.50
N THR C 443 35.70 64.82 77.08
CA THR C 443 36.34 65.75 78.01
C THR C 443 35.32 66.59 78.76
N HIS C 444 34.21 66.93 78.10
CA HIS C 444 33.21 67.76 78.74
C HIS C 444 32.42 66.97 79.77
N LEU C 445 32.22 65.68 79.52
CA LEU C 445 31.31 64.90 80.35
C LEU C 445 32.01 64.22 81.51
N ILE C 446 33.32 63.92 81.38
CA ILE C 446 34.06 63.44 82.53
C ILE C 446 34.28 64.59 83.51
N ALA C 447 34.53 65.79 83.01
CA ALA C 447 34.64 66.97 83.88
C ALA C 447 33.31 67.30 84.55
N LYS C 448 32.20 66.97 83.90
CA LYS C 448 30.92 67.04 84.58
C LYS C 448 30.75 65.92 85.59
N GLU C 449 31.31 64.73 85.30
CA GLU C 449 31.21 63.61 86.23
C GLU C 449 32.10 63.83 87.45
N GLU C 450 33.17 64.60 87.32
CA GLU C 450 34.01 64.91 88.46
C GLU C 450 33.38 65.95 89.40
N MET C 451 32.33 66.63 88.95
CA MET C 451 31.63 67.57 89.82
C MET C 451 30.92 66.87 90.97
N ILE C 452 30.59 65.59 90.79
CA ILE C 452 29.88 64.86 91.82
C ILE C 452 30.85 64.29 92.85
N HIS C 453 31.96 63.71 92.39
CA HIS C 453 32.92 63.07 93.28
C HIS C 453 33.72 64.09 94.08
N ASN C 454 33.99 65.27 93.53
CA ASN C 454 34.84 66.23 94.21
C ASN C 454 34.07 67.02 95.27
N LEU C 455 33.02 67.71 94.86
CA LEU C 455 32.18 68.47 95.77
C LEU C 455 30.80 67.82 95.84
N GLN C 456 30.30 67.59 97.06
CA GLN C 456 30.93 68.04 98.30
C GLN C 456 31.32 66.85 99.18
N VAL D 43 54.70 2.62 -37.68
CA VAL D 43 53.71 3.40 -36.94
C VAL D 43 54.02 3.35 -35.46
N GLN D 44 53.99 2.14 -34.89
CA GLN D 44 54.21 1.99 -33.46
C GLN D 44 55.68 2.14 -33.10
N VAL D 45 56.58 1.71 -33.99
CA VAL D 45 58.01 1.83 -33.72
C VAL D 45 58.54 3.24 -33.94
N LYS D 46 57.80 4.09 -34.66
CA LYS D 46 58.20 5.47 -34.82
C LYS D 46 57.82 6.31 -33.61
N GLU D 47 56.68 6.00 -32.98
CA GLU D 47 56.23 6.75 -31.82
C GLU D 47 57.11 6.48 -30.60
N GLN D 48 57.50 5.21 -30.41
CA GLN D 48 58.35 4.85 -29.28
C GLN D 48 59.80 5.25 -29.49
N SER D 49 60.18 5.69 -30.69
CA SER D 49 61.48 6.31 -30.89
C SER D 49 61.49 7.75 -30.40
N ILE D 50 60.40 8.49 -30.62
CA ILE D 50 60.35 9.90 -30.26
C ILE D 50 60.10 10.07 -28.76
N LEU D 51 59.25 9.22 -28.17
CA LEU D 51 59.02 9.26 -26.74
C LEU D 51 60.23 8.78 -25.95
N GLU D 52 61.09 7.96 -26.56
CA GLU D 52 62.36 7.62 -25.94
C GLU D 52 63.35 8.77 -26.03
N LEU D 53 63.46 9.38 -27.21
CA LEU D 53 64.33 10.55 -27.37
C LEU D 53 63.77 11.76 -26.63
N GLY D 54 62.45 11.87 -26.54
CA GLY D 54 61.85 12.92 -25.73
C GLY D 54 62.07 12.71 -24.25
N SER D 55 62.26 11.45 -23.84
CA SER D 55 62.63 11.18 -22.46
C SER D 55 64.12 11.43 -22.22
N LEU D 56 64.95 11.31 -23.26
CA LEU D 56 66.37 11.57 -23.10
C LEU D 56 66.65 13.07 -22.98
N LEU D 57 66.00 13.88 -23.81
CA LEU D 57 66.26 15.32 -23.83
C LEU D 57 65.78 16.03 -22.57
N ALA D 58 64.87 15.41 -21.82
CA ALA D 58 64.50 15.95 -20.52
C ALA D 58 65.54 15.58 -19.46
N LYS D 59 66.04 14.35 -19.48
CA LYS D 59 66.98 13.90 -18.47
C LYS D 59 68.36 14.53 -18.65
N THR D 60 68.73 14.90 -19.88
CA THR D 60 70.01 15.54 -20.12
C THR D 60 70.02 16.97 -19.58
N GLY D 61 68.99 17.74 -19.87
CA GLY D 61 68.87 19.04 -19.22
C GLY D 61 68.99 20.24 -20.12
N GLN D 62 68.51 20.16 -21.37
CA GLN D 62 68.48 21.30 -22.26
C GLN D 62 67.09 21.47 -22.85
N ALA D 63 66.76 22.72 -23.19
CA ALA D 63 65.47 23.05 -23.75
C ALA D 63 65.52 23.43 -25.22
N ALA D 64 66.72 23.54 -25.81
CA ALA D 64 66.84 23.90 -27.21
C ALA D 64 66.49 22.72 -28.11
N GLU D 65 67.19 21.60 -27.96
CA GLU D 65 66.87 20.40 -28.72
C GLU D 65 65.56 19.77 -28.26
N LEU D 66 65.17 20.01 -27.00
CA LEU D 66 63.88 19.49 -26.53
C LEU D 66 62.72 20.35 -27.05
N GLY D 67 62.85 21.67 -26.96
CA GLY D 67 61.79 22.54 -27.44
C GLY D 67 61.62 22.49 -28.94
N GLY D 68 62.70 22.19 -29.68
CA GLY D 68 62.59 21.95 -31.10
C GLY D 68 61.84 20.67 -31.42
N LEU D 69 61.87 19.70 -30.49
CA LEU D 69 61.02 18.53 -30.63
C LEU D 69 59.57 18.87 -30.31
N LEU D 70 59.36 19.74 -29.32
CA LEU D 70 58.01 20.22 -29.01
C LEU D 70 57.42 21.05 -30.14
N LYS D 71 58.25 21.76 -30.91
CA LYS D 71 57.72 22.45 -32.09
C LYS D 71 57.39 21.50 -33.22
N TYR D 72 57.98 20.31 -33.24
CA TYR D 72 57.77 19.34 -34.32
C TYR D 72 56.55 18.45 -34.06
N VAL D 73 56.19 18.23 -32.80
CA VAL D 73 55.13 17.28 -32.47
C VAL D 73 53.80 18.00 -32.36
N ARG D 74 53.74 19.24 -32.85
CA ARG D 74 52.51 20.01 -32.93
C ARG D 74 51.51 19.45 -33.97
N PRO D 75 51.92 18.85 -35.09
CA PRO D 75 50.97 18.04 -35.85
C PRO D 75 50.82 16.60 -35.37
N PHE D 76 51.57 16.18 -34.35
CA PHE D 76 51.50 14.79 -33.91
C PHE D 76 50.26 14.50 -33.07
N LEU D 77 49.63 15.54 -32.50
CA LEU D 77 48.43 15.36 -31.69
C LEU D 77 47.25 14.84 -32.50
N ASN D 78 47.24 15.03 -33.81
CA ASN D 78 46.16 14.50 -34.64
C ASN D 78 46.51 13.09 -35.15
N SER D 79 46.86 12.21 -34.21
CA SER D 79 47.15 10.82 -34.53
C SER D 79 46.43 9.89 -33.56
N ILE D 80 46.19 10.38 -32.34
CA ILE D 80 45.55 9.57 -31.30
C ILE D 80 44.28 10.27 -30.84
N SER D 81 43.64 9.70 -29.82
CA SER D 81 42.30 10.11 -29.39
C SER D 81 42.26 11.53 -28.85
N LYS D 82 41.06 12.11 -28.85
CA LYS D 82 40.85 13.49 -28.44
C LYS D 82 40.87 13.69 -26.93
N ALA D 83 40.92 12.62 -26.15
CA ALA D 83 40.90 12.73 -24.70
C ALA D 83 42.20 12.35 -24.03
N LYS D 84 42.88 11.31 -24.52
CA LYS D 84 44.14 10.87 -23.93
C LYS D 84 45.35 11.63 -24.44
N ALA D 85 45.20 12.42 -25.51
CA ALA D 85 46.31 13.20 -26.02
C ALA D 85 46.65 14.38 -25.13
N ALA D 86 45.65 14.95 -24.44
CA ALA D 86 45.91 16.12 -23.60
C ALA D 86 46.67 15.76 -22.34
N ARG D 87 46.57 14.50 -21.89
CA ARG D 87 47.41 14.02 -20.80
C ARG D 87 48.87 13.95 -21.22
N LEU D 88 49.12 13.61 -22.49
CA LEU D 88 50.49 13.55 -23.00
C LEU D 88 51.07 14.94 -23.19
N VAL D 89 50.24 15.91 -23.60
CA VAL D 89 50.69 17.29 -23.73
C VAL D 89 50.97 17.89 -22.34
N ARG D 90 50.17 17.49 -21.34
CA ARG D 90 50.47 17.84 -19.96
C ARG D 90 51.76 17.18 -19.48
N SER D 91 52.00 15.94 -19.91
CA SER D 91 53.17 15.21 -19.44
C SER D 91 54.45 15.75 -20.05
N LEU D 92 54.40 16.21 -21.31
CA LEU D 92 55.57 16.84 -21.92
C LEU D 92 55.82 18.22 -21.35
N LEU D 93 54.75 18.97 -21.03
CA LEU D 93 54.93 20.31 -20.48
C LEU D 93 55.41 20.27 -19.03
N ASP D 94 55.06 19.21 -18.29
CA ASP D 94 55.55 19.09 -16.92
C ASP D 94 57.03 18.73 -16.89
N LEU D 95 57.46 17.85 -17.79
CA LEU D 95 58.88 17.54 -17.91
C LEU D 95 59.67 18.67 -18.58
N PHE D 96 59.00 19.58 -19.27
CA PHE D 96 59.70 20.72 -19.86
C PHE D 96 59.97 21.81 -18.83
N LEU D 97 59.01 22.06 -17.93
CA LEU D 97 59.16 23.13 -16.97
C LEU D 97 60.03 22.74 -15.78
N ASP D 98 60.09 21.46 -15.45
CA ASP D 98 60.83 21.01 -14.27
C ASP D 98 62.27 20.66 -14.61
N MET D 99 62.98 21.57 -15.28
CA MET D 99 64.37 21.37 -15.65
C MET D 99 65.28 22.44 -15.09
N GLU D 100 64.95 23.71 -15.32
CA GLU D 100 65.77 24.85 -14.96
C GLU D 100 64.90 26.08 -14.99
N ALA D 101 65.05 26.96 -14.01
CA ALA D 101 64.24 28.18 -13.94
C ALA D 101 64.69 29.15 -15.03
N ALA D 102 64.04 29.09 -16.18
CA ALA D 102 64.39 29.93 -17.33
C ALA D 102 63.09 30.37 -17.98
N THR D 103 62.61 31.56 -17.61
CA THR D 103 61.38 32.11 -18.13
C THR D 103 61.57 32.90 -19.43
N GLY D 104 62.74 32.79 -20.05
CA GLY D 104 62.98 33.48 -21.30
C GLY D 104 62.25 32.87 -22.48
N GLN D 105 61.86 31.59 -22.38
CA GLN D 105 61.10 30.94 -23.43
C GLN D 105 59.89 30.17 -22.93
N GLU D 106 59.80 29.86 -21.63
CA GLU D 106 58.71 29.02 -21.13
C GLU D 106 57.36 29.76 -21.18
N VAL D 107 57.38 31.08 -21.15
CA VAL D 107 56.15 31.82 -21.40
C VAL D 107 55.87 31.91 -22.90
N GLU D 108 56.91 31.79 -23.73
CA GLU D 108 56.73 31.92 -25.17
C GLU D 108 56.21 30.63 -25.79
N LEU D 109 56.60 29.47 -25.25
CA LEU D 109 56.04 28.21 -25.74
C LEU D 109 54.60 28.03 -25.28
N CYS D 110 54.24 28.61 -24.13
CA CYS D 110 52.85 28.57 -23.71
C CYS D 110 51.97 29.49 -24.55
N LEU D 111 52.55 30.57 -25.10
CA LEU D 111 51.79 31.41 -26.01
C LEU D 111 51.58 30.73 -27.36
N GLU D 112 52.48 29.82 -27.75
CA GLU D 112 52.28 29.08 -28.99
C GLU D 112 51.20 28.03 -28.83
N CYS D 113 51.16 27.35 -27.68
CA CYS D 113 50.23 26.24 -27.48
C CYS D 113 48.79 26.74 -27.34
N ILE D 114 48.61 27.90 -26.71
CA ILE D 114 47.26 28.43 -26.50
C ILE D 114 46.69 28.97 -27.80
N GLU D 115 47.52 29.62 -28.62
CA GLU D 115 47.03 30.15 -29.89
C GLU D 115 46.75 29.05 -30.90
N TRP D 116 47.37 27.88 -30.73
CA TRP D 116 46.93 26.72 -31.50
C TRP D 116 45.63 26.15 -30.96
N ALA D 117 45.46 26.19 -29.63
CA ALA D 117 44.22 25.73 -29.01
C ALA D 117 43.04 26.64 -29.33
N LYS D 118 43.31 27.92 -29.61
CA LYS D 118 42.26 28.78 -30.15
C LYS D 118 41.99 28.44 -31.61
N SER D 119 43.03 27.99 -32.34
CA SER D 119 42.85 27.65 -33.74
C SER D 119 42.19 26.28 -33.91
N GLU D 120 42.52 25.33 -33.03
CA GLU D 120 41.97 23.98 -33.11
C GLU D 120 40.65 23.84 -32.36
N LYS D 121 40.40 24.74 -31.38
CA LYS D 121 39.13 24.87 -30.65
C LYS D 121 38.77 23.59 -29.90
N ARG D 122 39.61 23.24 -28.93
CA ARG D 122 39.29 22.20 -27.97
C ARG D 122 39.04 22.83 -26.61
N THR D 123 37.95 22.40 -25.96
CA THR D 123 37.62 22.94 -24.64
C THR D 123 38.64 22.49 -23.59
N PHE D 124 38.95 21.18 -23.57
CA PHE D 124 39.81 20.65 -22.52
C PHE D 124 41.26 21.06 -22.70
N LEU D 125 41.68 21.32 -23.94
CA LEU D 125 43.07 21.70 -24.19
C LEU D 125 43.37 23.09 -23.66
N ARG D 126 42.50 24.06 -23.97
CA ARG D 126 42.67 25.39 -23.41
C ARG D 126 42.39 25.43 -21.91
N GLN D 127 41.66 24.47 -21.38
CA GLN D 127 41.55 24.33 -19.93
C GLN D 127 42.82 23.73 -19.32
N ALA D 128 43.59 22.99 -20.12
CA ALA D 128 44.81 22.40 -19.59
C ALA D 128 46.02 23.30 -19.79
N LEU D 129 46.00 24.15 -20.81
CA LEU D 129 47.15 25.00 -21.11
C LEU D 129 47.10 26.31 -20.32
N GLU D 130 45.90 26.84 -20.06
CA GLU D 130 45.79 28.02 -19.22
C GLU D 130 46.10 27.71 -17.77
N ALA D 131 45.71 26.50 -17.31
CA ALA D 131 45.85 26.13 -15.91
C ALA D 131 47.31 25.95 -15.50
N ARG D 132 48.17 25.61 -16.45
CA ARG D 132 49.60 25.56 -16.18
C ARG D 132 50.24 26.93 -16.32
N LEU D 133 49.70 27.79 -17.20
CA LEU D 133 50.23 29.14 -17.36
C LEU D 133 49.99 29.98 -16.11
N VAL D 134 48.79 29.89 -15.53
CA VAL D 134 48.52 30.65 -14.30
C VAL D 134 49.29 30.05 -13.12
N SER D 135 49.60 28.75 -13.17
CA SER D 135 50.48 28.15 -12.17
C SER D 135 51.91 28.66 -12.34
N LEU D 136 52.31 28.93 -13.58
CA LEU D 136 53.64 29.47 -13.82
C LEU D 136 53.72 30.94 -13.44
N TYR D 137 52.60 31.66 -13.50
CA TYR D 137 52.61 33.07 -13.18
C TYR D 137 52.73 33.31 -11.67
N PHE D 138 52.10 32.46 -10.86
CA PHE D 138 52.24 32.59 -9.41
C PHE D 138 53.63 32.17 -8.95
N ASP D 139 54.31 31.31 -9.72
CA ASP D 139 55.69 30.95 -9.43
C ASP D 139 56.66 32.09 -9.69
N THR D 140 56.24 33.16 -10.37
CA THR D 140 57.05 34.36 -10.56
C THR D 140 56.52 35.54 -9.75
N LYS D 141 55.45 35.35 -8.97
CA LYS D 141 54.79 36.37 -8.14
C LYS D 141 54.35 37.57 -8.98
N ARG D 142 53.36 37.31 -9.82
CA ARG D 142 52.73 38.36 -10.59
C ARG D 142 51.53 38.92 -9.84
N TYR D 143 51.27 40.21 -10.07
CA TYR D 143 50.36 40.97 -9.24
C TYR D 143 49.07 41.32 -9.96
N GLN D 144 49.16 42.02 -11.10
CA GLN D 144 47.95 42.39 -11.83
C GLN D 144 47.47 41.24 -12.70
N GLU D 145 48.34 40.74 -13.58
CA GLU D 145 47.96 39.80 -14.62
C GLU D 145 47.63 38.42 -14.10
N ALA D 146 48.06 38.08 -12.88
CA ALA D 146 47.65 36.81 -12.30
C ALA D 146 46.17 36.85 -11.90
N LEU D 147 45.72 37.98 -11.35
CA LEU D 147 44.31 38.16 -11.07
C LEU D 147 43.52 38.47 -12.33
N HIS D 148 44.15 39.14 -13.30
CA HIS D 148 43.48 39.42 -14.57
C HIS D 148 43.23 38.15 -15.37
N LEU D 149 44.16 37.21 -15.32
CA LEU D 149 43.94 35.92 -15.98
C LEU D 149 42.98 35.05 -15.18
N GLY D 150 42.99 35.17 -13.86
CA GLY D 150 42.10 34.38 -13.04
C GLY D 150 40.64 34.76 -13.19
N SER D 151 40.36 36.04 -13.44
CA SER D 151 38.98 36.47 -13.67
C SER D 151 38.49 36.02 -15.05
N GLN D 152 39.37 36.03 -16.05
CA GLN D 152 38.97 35.61 -17.40
C GLN D 152 38.70 34.12 -17.49
N LEU D 153 39.30 33.31 -16.62
CA LEU D 153 38.99 31.89 -16.61
C LEU D 153 37.67 31.60 -15.90
N LEU D 154 37.40 32.27 -14.77
CA LEU D 154 36.19 31.99 -14.00
C LEU D 154 34.93 32.48 -14.69
N ARG D 155 35.05 33.36 -15.69
CA ARG D 155 33.91 33.67 -16.54
C ARG D 155 33.54 32.51 -17.46
N GLU D 156 34.46 31.59 -17.72
CA GLU D 156 34.23 30.48 -18.62
C GLU D 156 34.32 29.11 -17.98
N LEU D 157 34.97 28.98 -16.82
CA LEU D 157 35.07 27.67 -16.17
C LEU D 157 33.73 27.23 -15.57
N LYS D 158 33.07 28.13 -14.85
CA LYS D 158 31.81 27.75 -14.20
C LYS D 158 30.67 27.62 -15.21
N LYS D 159 30.77 28.29 -16.36
CA LYS D 159 29.70 28.21 -17.35
C LYS D 159 29.71 26.85 -18.06
N MET D 160 30.88 26.25 -18.23
CA MET D 160 30.99 24.99 -18.96
C MET D 160 30.64 23.82 -18.04
N ASP D 161 30.82 22.61 -18.57
CA ASP D 161 30.42 21.37 -17.92
C ASP D 161 31.37 20.94 -16.81
N ASP D 162 32.65 21.31 -16.91
CA ASP D 162 33.68 20.79 -16.02
C ASP D 162 33.50 21.32 -14.60
N LYS D 163 33.93 20.54 -13.63
CA LYS D 163 33.80 20.89 -12.22
C LYS D 163 35.12 20.75 -11.49
N ALA D 164 35.97 19.82 -11.95
CA ALA D 164 37.17 19.46 -11.20
C ALA D 164 38.25 20.55 -11.28
N LEU D 165 38.40 21.22 -12.43
CA LEU D 165 39.38 22.29 -12.55
C LEU D 165 38.95 23.54 -11.77
N LEU D 166 37.65 23.68 -11.51
CA LEU D 166 37.15 24.77 -10.68
C LEU D 166 37.60 24.66 -9.24
N VAL D 167 38.01 23.47 -8.79
CA VAL D 167 38.65 23.35 -7.49
C VAL D 167 40.06 23.91 -7.55
N GLU D 168 40.78 23.63 -8.63
CA GLU D 168 42.20 23.94 -8.70
C GLU D 168 42.44 25.44 -8.88
N VAL D 169 41.56 26.13 -9.61
CA VAL D 169 41.77 27.55 -9.83
C VAL D 169 41.42 28.37 -8.60
N GLN D 170 40.56 27.85 -7.73
CA GLN D 170 40.25 28.56 -6.49
C GLN D 170 41.36 28.38 -5.47
N LEU D 171 41.95 27.18 -5.41
CA LEU D 171 43.09 26.95 -4.53
C LEU D 171 44.33 27.71 -4.98
N LEU D 172 44.46 27.96 -6.29
CA LEU D 172 45.59 28.77 -6.74
C LEU D 172 45.36 30.24 -6.43
N GLU D 173 44.13 30.71 -6.61
CA GLU D 173 43.79 32.06 -6.18
C GLU D 173 43.84 32.20 -4.67
N SER D 174 43.58 31.11 -3.93
CA SER D 174 43.71 31.13 -2.48
C SER D 174 45.13 31.38 -2.01
N LYS D 175 46.13 31.10 -2.84
CA LYS D 175 47.50 31.44 -2.47
C LYS D 175 47.88 32.84 -2.94
N THR D 176 47.31 33.30 -4.06
CA THR D 176 47.75 34.58 -4.62
C THR D 176 47.02 35.78 -4.04
N TYR D 177 45.92 35.57 -3.30
CA TYR D 177 45.45 36.67 -2.46
C TYR D 177 46.20 36.73 -1.14
N HIS D 178 46.58 35.55 -0.61
CA HIS D 178 47.37 35.52 0.62
C HIS D 178 48.80 36.00 0.39
N ALA D 179 49.32 35.83 -0.82
CA ALA D 179 50.65 36.34 -1.10
C ALA D 179 50.66 37.86 -1.23
N LEU D 180 49.52 38.44 -1.59
CA LEU D 180 49.40 39.89 -1.73
C LEU D 180 48.74 40.51 -0.51
N SER D 181 48.77 39.81 0.62
CA SER D 181 48.33 40.26 1.94
C SER D 181 46.85 40.66 1.95
N ASN D 182 46.02 39.66 1.68
CA ASN D 182 44.56 39.82 1.70
C ASN D 182 43.97 38.65 2.47
N LEU D 183 43.49 38.92 3.68
CA LEU D 183 42.87 37.90 4.53
C LEU D 183 41.40 37.58 4.20
N PRO D 184 40.46 38.57 4.01
CA PRO D 184 39.06 38.16 3.80
C PRO D 184 38.78 37.50 2.47
N LYS D 185 39.32 38.03 1.37
CA LYS D 185 38.98 37.48 0.05
C LYS D 185 39.64 36.14 -0.18
N ALA D 186 40.82 35.91 0.42
CA ALA D 186 41.39 34.57 0.41
C ALA D 186 40.57 33.62 1.26
N ARG D 187 39.99 34.12 2.36
CA ARG D 187 39.02 33.32 3.08
C ARG D 187 37.74 33.15 2.28
N ALA D 188 37.35 34.17 1.49
CA ALA D 188 36.19 34.04 0.62
C ALA D 188 36.43 33.06 -0.52
N ALA D 189 37.67 33.01 -1.03
CA ALA D 189 38.01 32.02 -2.03
C ALA D 189 38.18 30.64 -1.42
N LEU D 190 38.58 30.57 -0.16
CA LEU D 190 38.69 29.28 0.52
C LEU D 190 37.30 28.74 0.86
N THR D 191 36.36 29.64 1.18
CA THR D 191 35.00 29.23 1.48
C THR D 191 34.31 28.64 0.25
N SER D 192 34.58 29.22 -0.92
CA SER D 192 34.11 28.63 -2.17
C SER D 192 34.83 27.32 -2.47
N ALA D 193 36.09 27.22 -2.05
CA ALA D 193 36.87 26.01 -2.30
C ALA D 193 36.39 24.85 -1.43
N ARG D 194 35.82 25.14 -0.27
CA ARG D 194 35.30 24.08 0.59
C ARG D 194 33.95 23.59 0.09
N THR D 195 33.03 24.52 -0.23
CA THR D 195 31.68 24.16 -0.62
C THR D 195 31.59 23.58 -2.02
N THR D 196 32.66 23.63 -2.80
CA THR D 196 32.74 22.87 -4.04
C THR D 196 33.35 21.49 -3.80
N ALA D 197 34.38 21.41 -2.96
CA ALA D 197 35.01 20.13 -2.61
C ALA D 197 34.12 19.24 -1.77
N ASN D 198 33.03 19.76 -1.22
CA ASN D 198 32.00 18.91 -0.63
C ASN D 198 31.33 18.05 -1.69
N ALA D 199 31.17 18.60 -2.90
CA ALA D 199 30.52 17.89 -3.99
C ALA D 199 31.49 17.12 -4.88
N ILE D 200 32.80 17.25 -4.67
CA ILE D 200 33.78 16.57 -5.49
C ILE D 200 33.88 15.11 -5.04
N TYR D 201 33.99 14.21 -6.03
CA TYR D 201 34.05 12.77 -5.88
C TYR D 201 35.14 12.27 -4.94
N CYS D 202 36.40 12.38 -5.37
CA CYS D 202 37.57 11.92 -4.63
C CYS D 202 38.81 12.66 -5.10
N PRO D 203 39.22 13.73 -4.43
CA PRO D 203 40.47 14.41 -4.81
C PRO D 203 41.69 13.59 -4.42
N PRO D 204 42.54 13.23 -5.38
CA PRO D 204 43.71 12.40 -5.05
C PRO D 204 44.88 13.18 -4.47
N LYS D 205 45.02 14.44 -4.89
CA LYS D 205 46.15 15.27 -4.49
C LYS D 205 45.61 16.62 -4.01
N LEU D 206 44.42 16.97 -4.49
CA LEU D 206 43.77 18.23 -4.15
C LEU D 206 43.24 18.28 -2.73
N GLN D 207 43.33 17.20 -1.96
CA GLN D 207 42.84 17.23 -0.58
C GLN D 207 43.87 17.84 0.36
N ALA D 208 45.09 17.28 0.38
CA ALA D 208 46.12 17.77 1.29
C ALA D 208 46.60 19.15 0.90
N THR D 209 46.52 19.50 -0.39
CA THR D 209 46.79 20.87 -0.82
C THR D 209 45.76 21.82 -0.24
N LEU D 210 44.49 21.42 -0.30
CA LEU D 210 43.42 22.18 0.35
C LEU D 210 43.58 22.14 1.86
N ASP D 211 44.08 21.02 2.40
CA ASP D 211 44.38 20.97 3.83
C ASP D 211 45.58 21.84 4.18
N MET D 212 46.50 22.04 3.24
CA MET D 212 47.60 22.96 3.49
C MET D 212 47.11 24.40 3.51
N GLN D 213 46.41 24.81 2.45
CA GLN D 213 46.04 26.22 2.28
C GLN D 213 45.01 26.67 3.31
N SER D 214 44.17 25.76 3.78
CA SER D 214 43.21 26.11 4.83
C SER D 214 43.92 26.41 6.14
N GLY D 215 44.98 25.65 6.45
CA GLY D 215 45.75 25.95 7.63
C GLY D 215 46.59 27.21 7.49
N ILE D 216 46.84 27.64 6.25
CA ILE D 216 47.56 28.90 6.04
C ILE D 216 46.66 30.08 6.36
N ILE D 217 45.42 30.05 5.89
CA ILE D 217 44.50 31.16 6.12
C ILE D 217 44.05 31.17 7.57
N HIS D 218 43.93 29.99 8.19
CA HIS D 218 43.63 29.93 9.62
C HIS D 218 44.82 30.39 10.46
N ALA D 219 46.04 30.22 9.96
CA ALA D 219 47.20 30.82 10.62
C ALA D 219 47.26 32.32 10.38
N ALA D 220 46.71 32.79 9.26
CA ALA D 220 46.73 34.21 8.92
C ALA D 220 45.81 35.05 9.79
N GLU D 221 44.92 34.42 10.57
CA GLU D 221 44.00 35.15 11.43
C GLU D 221 44.70 35.73 12.65
N GLU D 222 45.83 35.12 13.06
CA GLU D 222 46.49 35.36 14.35
C GLU D 222 45.55 35.17 15.54
N LYS D 223 44.55 34.29 15.38
CA LYS D 223 43.62 33.95 16.45
C LYS D 223 43.69 32.48 16.79
N ASP D 224 43.57 31.60 15.79
CA ASP D 224 43.44 30.18 16.01
C ASP D 224 44.73 29.47 15.63
N TRP D 225 45.14 28.53 16.47
CA TRP D 225 46.31 27.71 16.22
C TRP D 225 46.06 26.26 16.63
N LYS D 226 44.80 25.86 16.81
CA LYS D 226 44.43 24.48 17.10
C LYS D 226 43.79 23.79 15.91
N THR D 227 42.84 24.46 15.25
CA THR D 227 42.30 23.92 14.00
C THR D 227 43.32 24.05 12.87
N ALA D 228 44.11 25.13 12.88
CA ALA D 228 45.15 25.33 11.88
C ALA D 228 46.22 24.26 11.96
N TYR D 229 46.47 23.73 13.15
CA TYR D 229 47.29 22.53 13.28
C TYR D 229 46.62 21.33 12.62
N SER D 230 45.29 21.21 12.81
CA SER D 230 44.59 20.03 12.31
C SER D 230 44.48 20.03 10.79
N TYR D 231 44.48 21.21 10.17
CA TYR D 231 44.60 21.24 8.71
C TYR D 231 46.02 20.86 8.28
N PHE D 232 47.02 21.23 9.09
CA PHE D 232 48.40 20.89 8.75
C PHE D 232 48.67 19.39 8.92
N TYR D 233 48.17 18.81 10.02
CA TYR D 233 48.40 17.39 10.28
C TYR D 233 47.67 16.51 9.28
N GLU D 234 46.48 16.92 8.85
CA GLU D 234 45.77 16.17 7.82
C GLU D 234 46.45 16.33 6.46
N ALA D 235 47.10 17.48 6.23
CA ALA D 235 47.87 17.65 5.00
C ALA D 235 49.12 16.77 4.99
N PHE D 236 49.66 16.45 6.18
CA PHE D 236 50.82 15.59 6.23
C PHE D 236 50.44 14.12 6.14
N GLU D 237 49.28 13.75 6.68
CA GLU D 237 48.81 12.37 6.58
C GLU D 237 48.30 12.04 5.18
N GLY D 238 47.97 13.06 4.39
CA GLY D 238 47.66 12.85 2.99
C GLY D 238 48.92 12.80 2.15
N TYR D 239 49.92 13.60 2.54
CA TYR D 239 51.22 13.61 1.89
C TYR D 239 52.18 12.70 2.65
N ASP D 240 51.88 11.41 2.61
CA ASP D 240 52.67 10.41 3.32
C ASP D 240 53.65 9.79 2.33
N SER D 241 54.80 10.45 2.18
CA SER D 241 55.95 10.00 1.36
C SER D 241 55.59 9.80 -0.12
N ILE D 242 54.59 10.52 -0.61
CA ILE D 242 54.23 10.47 -2.02
C ILE D 242 54.68 11.71 -2.78
N ASP D 243 54.89 12.84 -2.09
CA ASP D 243 55.43 14.04 -2.73
C ASP D 243 56.28 14.73 -1.65
N SER D 244 57.55 14.37 -1.61
CA SER D 244 58.48 14.83 -0.57
C SER D 244 58.80 16.34 -0.58
N PRO D 245 58.91 17.04 -1.73
CA PRO D 245 58.99 18.51 -1.62
C PRO D 245 57.73 19.17 -1.11
N LYS D 246 56.56 18.55 -1.29
CA LYS D 246 55.33 19.09 -0.77
C LYS D 246 54.90 18.45 0.54
N ALA D 247 55.67 17.48 1.05
CA ALA D 247 55.44 16.94 2.37
C ALA D 247 56.49 17.39 3.39
N ILE D 248 57.57 18.03 2.95
CA ILE D 248 58.56 18.52 3.90
C ILE D 248 58.09 19.81 4.55
N THR D 249 57.35 20.65 3.82
CA THR D 249 56.98 21.96 4.33
C THR D 249 55.82 21.92 5.31
N SER D 250 55.10 20.80 5.38
CA SER D 250 53.97 20.73 6.31
C SER D 250 54.44 20.54 7.74
N LEU D 251 55.57 19.85 7.93
CA LEU D 251 56.12 19.70 9.27
C LEU D 251 56.68 21.02 9.79
N LYS D 252 57.21 21.85 8.89
CA LYS D 252 57.63 23.20 9.29
C LYS D 252 56.43 24.06 9.65
N TYR D 253 55.30 23.84 8.99
CA TYR D 253 54.12 24.64 9.26
C TYR D 253 53.46 24.25 10.58
N MET D 254 53.37 22.95 10.86
CA MET D 254 52.66 22.51 12.06
C MET D 254 53.48 22.69 13.32
N LEU D 255 54.81 22.71 13.22
CA LEU D 255 55.61 22.96 14.41
C LEU D 255 55.69 24.45 14.70
N LEU D 256 55.69 25.30 13.67
CA LEU D 256 55.51 26.73 13.88
C LEU D 256 54.11 27.03 14.41
N CYS D 257 53.14 26.18 14.08
CA CYS D 257 51.80 26.31 14.63
C CYS D 257 51.77 25.92 16.11
N LYS D 258 52.68 25.05 16.53
CA LYS D 258 52.71 24.58 17.91
C LYS D 258 53.69 25.39 18.76
N ILE D 259 54.71 25.99 18.15
CA ILE D 259 55.52 26.97 18.87
C ILE D 259 54.69 28.21 19.18
N MET D 260 53.87 28.65 18.23
CA MET D 260 52.97 29.77 18.45
C MET D 260 51.87 29.43 19.44
N LEU D 261 51.56 28.14 19.62
CA LEU D 261 50.67 27.66 20.66
C LEU D 261 51.33 27.71 22.04
N ASN D 262 52.64 28.00 22.10
CA ASN D 262 53.44 28.09 23.33
C ASN D 262 53.44 26.77 24.10
N THR D 263 53.43 25.65 23.37
CA THR D 263 53.60 24.32 23.92
C THR D 263 54.79 23.67 23.21
N PRO D 264 56.02 24.04 23.57
CA PRO D 264 57.18 23.45 22.90
C PRO D 264 57.51 22.05 23.37
N GLU D 265 56.88 21.60 24.46
CA GLU D 265 57.08 20.22 24.91
C GLU D 265 56.46 19.23 23.94
N ASP D 266 55.27 19.56 23.41
CA ASP D 266 54.63 18.70 22.42
C ASP D 266 55.30 18.77 21.06
N VAL D 267 56.11 19.81 20.81
CA VAL D 267 56.95 19.84 19.62
C VAL D 267 57.99 18.73 19.69
N GLN D 268 58.62 18.55 20.85
CA GLN D 268 59.70 17.60 21.01
C GLN D 268 59.20 16.16 20.99
N ALA D 269 58.02 15.90 21.56
CA ALA D 269 57.51 14.55 21.62
C ALA D 269 57.06 14.02 20.26
N LEU D 270 56.75 14.91 19.31
CA LEU D 270 56.33 14.46 17.99
C LEU D 270 57.52 14.23 17.06
N VAL D 271 58.55 15.07 17.17
CA VAL D 271 59.76 14.86 16.37
C VAL D 271 60.62 13.73 16.91
N SER D 272 60.40 13.30 18.16
CA SER D 272 61.04 12.12 18.70
C SER D 272 60.29 10.85 18.33
N GLY D 273 59.16 10.97 17.64
CA GLY D 273 58.43 9.81 17.18
C GLY D 273 58.98 9.28 15.88
N LYS D 274 58.42 8.14 15.46
CA LYS D 274 58.92 7.44 14.28
C LYS D 274 58.44 8.04 12.97
N LEU D 275 57.36 8.83 13.00
CA LEU D 275 56.83 9.40 11.77
C LEU D 275 57.66 10.58 11.28
N ALA D 276 58.23 11.35 12.20
CA ALA D 276 59.13 12.45 11.83
C ALA D 276 60.55 11.97 11.56
N LEU D 277 60.85 10.69 11.78
CA LEU D 277 62.15 10.15 11.41
C LEU D 277 62.27 9.94 9.91
N ARG D 278 61.15 9.96 9.18
CA ARG D 278 61.19 9.83 7.73
C ARG D 278 61.85 11.05 7.09
N TYR D 279 61.50 12.24 7.55
CA TYR D 279 62.05 13.49 7.02
C TYR D 279 62.84 14.15 8.14
N ALA D 280 64.17 14.18 8.00
CA ALA D 280 65.03 14.81 8.99
C ALA D 280 66.17 15.52 8.27
N GLY D 281 66.78 16.47 8.98
CA GLY D 281 67.86 17.26 8.42
C GLY D 281 68.09 18.54 9.20
N ARG D 282 68.57 19.57 8.52
CA ARG D 282 68.84 20.85 9.17
C ARG D 282 67.57 21.66 9.39
N GLN D 283 66.50 21.39 8.65
CA GLN D 283 65.27 22.13 8.84
C GLN D 283 64.55 21.71 10.11
N THR D 284 64.56 20.41 10.43
CA THR D 284 63.97 19.98 11.68
C THR D 284 64.87 20.29 12.87
N GLU D 285 66.18 20.46 12.63
CA GLU D 285 67.06 20.95 13.67
C GLU D 285 66.99 22.45 13.81
N ALA D 286 66.47 23.15 12.79
CA ALA D 286 66.23 24.57 12.92
C ALA D 286 65.08 24.84 13.89
N LEU D 287 64.09 23.95 13.94
CA LEU D 287 62.95 24.16 14.81
C LEU D 287 63.23 23.70 16.23
N LYS D 288 64.11 22.71 16.41
CA LYS D 288 64.36 22.19 17.75
C LYS D 288 65.18 23.16 18.59
N CYS D 289 66.09 23.91 17.96
CA CYS D 289 66.83 24.91 18.70
C CYS D 289 65.98 26.15 18.98
N VAL D 290 65.03 26.47 18.09
CA VAL D 290 64.07 27.53 18.37
C VAL D 290 63.15 27.11 19.50
N ALA D 291 62.74 25.84 19.53
CA ALA D 291 61.87 25.35 20.58
C ALA D 291 62.57 25.34 21.93
N GLN D 292 63.88 25.07 21.95
CA GLN D 292 64.61 25.12 23.19
C GLN D 292 64.88 26.57 23.61
N ALA D 293 65.02 27.47 22.65
CA ALA D 293 65.26 28.87 22.98
C ALA D 293 63.99 29.57 23.47
N SER D 294 62.82 29.09 23.04
CA SER D 294 61.57 29.66 23.53
C SER D 294 61.14 29.05 24.86
N LYS D 295 61.45 27.76 25.06
CA LYS D 295 61.13 27.10 26.33
C LYS D 295 61.98 27.65 27.46
N ASN D 296 63.25 27.93 27.19
CA ASN D 296 64.12 28.54 28.19
C ASN D 296 63.82 30.01 28.39
N ARG D 297 63.06 30.62 27.47
CA ARG D 297 62.72 32.06 27.45
C ARG D 297 63.98 32.93 27.41
N SER D 298 65.01 32.44 26.75
CA SER D 298 66.27 33.15 26.62
C SER D 298 66.28 33.87 25.28
N LEU D 299 66.25 35.20 25.33
CA LEU D 299 66.12 36.01 24.13
C LEU D 299 67.43 36.04 23.34
N ALA D 300 68.56 36.09 24.04
CA ALA D 300 69.86 36.05 23.36
C ALA D 300 70.11 34.69 22.72
N ASP D 301 69.55 33.63 23.30
CA ASP D 301 69.66 32.31 22.69
C ASP D 301 68.79 32.21 21.45
N PHE D 302 67.64 32.88 21.45
CA PHE D 302 66.77 32.88 20.28
C PHE D 302 67.34 33.74 19.16
N GLU D 303 68.03 34.81 19.51
CA GLU D 303 68.68 35.62 18.50
C GLU D 303 69.92 34.92 17.95
N LYS D 304 70.58 34.12 18.79
CA LYS D 304 71.77 33.40 18.35
C LYS D 304 71.42 32.30 17.36
N ALA D 305 70.40 31.49 17.67
CA ALA D 305 70.03 30.38 16.79
C ALA D 305 69.45 30.87 15.47
N LEU D 306 68.80 32.04 15.49
CA LEU D 306 68.37 32.66 14.23
C LEU D 306 69.58 33.17 13.46
N THR D 307 70.59 33.68 14.16
CA THR D 307 71.82 34.10 13.50
C THR D 307 72.66 32.89 13.11
N ASP D 308 72.58 31.80 13.87
CA ASP D 308 73.29 30.58 13.50
C ASP D 308 72.70 29.95 12.24
N TYR D 309 71.42 29.63 12.28
CA TYR D 309 70.76 28.96 11.16
C TYR D 309 70.13 30.03 10.29
N ARG D 310 70.81 30.42 9.22
CA ARG D 310 70.33 31.51 8.37
C ARG D 310 69.43 31.01 7.25
N ALA D 311 69.99 30.19 6.35
CA ALA D 311 69.29 29.81 5.12
C ALA D 311 68.11 28.87 5.37
N GLU D 312 68.00 28.30 6.57
CA GLU D 312 66.90 27.41 6.87
C GLU D 312 65.59 28.17 7.02
N LEU D 313 65.63 29.34 7.66
CA LEU D 313 64.38 30.01 8.02
C LEU D 313 64.44 31.54 7.87
N ARG D 314 65.41 32.09 7.12
CA ARG D 314 65.38 33.52 6.87
C ARG D 314 64.33 33.92 5.84
N ASP D 315 63.91 33.00 4.97
CA ASP D 315 62.86 33.29 4.02
C ASP D 315 61.51 33.29 4.71
N ASP D 316 60.49 33.79 4.03
CA ASP D 316 59.13 33.84 4.57
C ASP D 316 58.16 33.15 3.62
N PRO D 317 58.15 31.78 3.55
CA PRO D 317 57.12 31.11 2.71
C PRO D 317 55.90 30.45 3.37
N ILE D 318 55.06 31.04 4.24
CA ILE D 318 55.14 32.35 4.87
C ILE D 318 55.14 32.11 6.38
N ILE D 319 56.35 32.06 6.96
CA ILE D 319 56.52 31.70 8.36
C ILE D 319 57.34 32.74 9.11
N SER D 320 58.16 33.51 8.40
CA SER D 320 59.04 34.45 9.09
C SER D 320 58.31 35.68 9.61
N THR D 321 57.10 35.94 9.12
CA THR D 321 56.29 37.02 9.68
C THR D 321 55.83 36.65 11.09
N HIS D 322 55.35 35.42 11.28
CA HIS D 322 54.95 34.95 12.60
C HIS D 322 56.14 34.78 13.53
N LEU D 323 57.31 34.48 12.97
CA LEU D 323 58.53 34.46 13.77
C LEU D 323 58.88 35.85 14.25
N ALA D 324 58.62 36.87 13.43
CA ALA D 324 58.87 38.25 13.87
C ALA D 324 57.85 38.68 14.90
N LYS D 325 56.61 38.21 14.78
CA LYS D 325 55.61 38.53 15.78
C LYS D 325 55.85 37.78 17.09
N LEU D 326 56.38 36.56 17.01
CA LEU D 326 56.76 35.85 18.22
C LEU D 326 58.04 36.44 18.81
N TYR D 327 58.89 37.02 17.96
CA TYR D 327 60.07 37.71 18.47
C TYR D 327 59.68 38.99 19.18
N ASP D 328 58.83 39.80 18.56
CA ASP D 328 58.40 41.05 19.17
C ASP D 328 57.46 40.83 20.35
N ASN D 329 56.77 39.69 20.41
CA ASN D 329 56.07 39.34 21.64
C ASN D 329 57.06 39.02 22.74
N LEU D 330 58.14 38.28 22.41
CA LEU D 330 59.07 37.83 23.43
C LEU D 330 59.89 38.99 24.00
N LEU D 331 60.06 40.07 23.23
CA LEU D 331 60.62 41.29 23.81
C LEU D 331 59.68 41.90 24.83
N GLU D 332 58.43 42.16 24.45
CA GLU D 332 57.51 42.86 25.34
C GLU D 332 57.00 42.00 26.48
N GLN D 333 57.19 40.68 26.41
CA GLN D 333 56.93 39.85 27.58
C GLN D 333 58.07 39.94 28.59
N ASN D 334 59.31 40.04 28.12
CA ASN D 334 60.44 40.15 29.03
C ASN D 334 60.62 41.56 29.54
N LEU D 335 60.22 42.56 28.74
CA LEU D 335 60.40 43.95 29.14
C LEU D 335 59.31 44.47 30.06
N ILE D 336 58.32 43.64 30.41
CA ILE D 336 57.36 44.03 31.45
C ILE D 336 57.65 43.34 32.78
N ARG D 337 58.55 42.37 32.81
CA ARG D 337 58.99 41.74 34.04
C ARG D 337 60.03 42.57 34.78
N VAL D 338 60.40 43.72 34.23
CA VAL D 338 61.43 44.58 34.79
C VAL D 338 60.83 45.96 34.99
N ILE D 339 59.53 46.00 35.27
CA ILE D 339 58.82 47.26 35.47
C ILE D 339 58.26 47.36 36.88
N GLU D 340 57.64 46.30 37.38
CA GLU D 340 57.13 46.28 38.75
C GLU D 340 58.14 46.53 39.87
N PRO D 341 59.43 46.14 39.79
CA PRO D 341 60.34 46.51 40.88
C PRO D 341 60.62 48.00 41.04
N PHE D 342 60.59 48.81 39.98
CA PHE D 342 61.05 50.19 40.14
C PHE D 342 60.33 51.20 39.26
N SER D 343 60.38 52.46 39.69
CA SER D 343 59.89 53.60 38.90
C SER D 343 61.03 54.20 38.08
N ARG D 344 62.06 54.67 38.78
CA ARG D 344 63.19 55.34 38.14
C ARG D 344 64.35 54.36 38.05
N VAL D 345 64.96 54.27 36.87
CA VAL D 345 66.03 53.32 36.63
C VAL D 345 66.93 53.87 35.54
N GLN D 346 68.19 53.45 35.57
CA GLN D 346 69.11 53.61 34.46
C GLN D 346 68.75 52.60 33.37
N ILE D 347 69.37 52.75 32.20
CA ILE D 347 69.07 51.86 31.09
C ILE D 347 70.11 50.75 30.94
N GLU D 348 71.33 50.95 31.43
CA GLU D 348 72.40 49.98 31.17
C GLU D 348 72.21 48.72 31.98
N HIS D 349 71.48 48.80 33.09
CA HIS D 349 71.11 47.61 33.82
C HIS D 349 70.10 46.79 33.05
N ILE D 350 69.17 47.47 32.38
CA ILE D 350 68.13 46.80 31.60
C ILE D 350 68.73 46.17 30.36
N SER D 351 69.73 46.83 29.77
CA SER D 351 70.49 46.22 28.68
C SER D 351 71.24 44.99 29.16
N SER D 352 71.83 45.07 30.36
CA SER D 352 72.59 43.95 30.89
C SER D 352 71.67 42.83 31.35
N LEU D 353 70.46 43.17 31.79
CA LEU D 353 69.54 42.13 32.25
C LEU D 353 68.90 41.42 31.06
N ILE D 354 68.60 42.15 29.98
CA ILE D 354 68.11 41.49 28.77
C ILE D 354 69.26 40.90 27.98
N LYS D 355 70.50 41.35 28.23
CA LYS D 355 71.75 40.77 27.73
C LYS D 355 71.78 40.77 26.19
N LEU D 356 71.09 41.74 25.59
CA LEU D 356 70.97 41.79 24.13
C LEU D 356 71.61 43.02 23.52
N SER D 357 71.14 44.21 23.87
CA SER D 357 71.61 45.50 23.34
C SER D 357 70.97 46.60 24.16
N LYS D 358 71.15 47.84 23.73
CA LYS D 358 70.51 48.97 24.37
C LYS D 358 69.70 49.80 23.37
N ALA D 359 70.07 49.72 22.09
CA ALA D 359 69.44 50.57 21.08
C ALA D 359 68.08 50.03 20.66
N ASP D 360 67.96 48.73 20.48
CA ASP D 360 66.67 48.14 20.15
C ASP D 360 65.72 48.16 21.35
N VAL D 361 66.28 48.19 22.57
CA VAL D 361 65.46 48.29 23.77
C VAL D 361 64.79 49.65 23.83
N GLU D 362 65.52 50.71 23.47
CA GLU D 362 64.93 52.05 23.43
C GLU D 362 63.87 52.18 22.35
N ARG D 363 64.13 51.62 21.16
CA ARG D 363 63.14 51.68 20.09
C ARG D 363 61.94 50.81 20.39
N LYS D 364 62.11 49.77 21.21
CA LYS D 364 60.96 48.99 21.65
C LYS D 364 60.19 49.71 22.75
N LEU D 365 60.90 50.32 23.69
CA LEU D 365 60.22 51.03 24.77
C LEU D 365 59.54 52.29 24.27
N SER D 366 60.13 52.97 23.28
CA SER D 366 59.45 54.11 22.68
C SER D 366 58.24 53.68 21.88
N GLN D 367 58.28 52.49 21.28
CA GLN D 367 57.11 51.97 20.57
C GLN D 367 55.99 51.60 21.54
N MET D 368 56.34 51.11 22.72
CA MET D 368 55.31 50.71 23.68
C MET D 368 54.62 51.92 24.30
N ILE D 369 55.32 53.06 24.38
CA ILE D 369 54.68 54.26 24.92
C ILE D 369 53.79 54.90 23.88
N LEU D 370 54.24 54.95 22.63
CA LEU D 370 53.43 55.52 21.55
C LEU D 370 52.19 54.69 21.27
N ASP D 371 52.23 53.39 21.55
CA ASP D 371 51.09 52.52 21.34
C ASP D 371 50.31 52.26 22.62
N LYS D 372 50.58 53.05 23.67
CA LYS D 372 49.88 53.01 24.96
C LYS D 372 49.96 51.66 25.65
N LYS D 373 50.98 50.86 25.35
CA LYS D 373 51.16 49.57 25.99
C LYS D 373 52.02 49.67 27.23
N PHE D 374 52.42 50.88 27.62
CA PHE D 374 53.39 51.06 28.68
C PHE D 374 53.32 52.51 29.16
N HIS D 375 53.48 52.71 30.47
CA HIS D 375 53.40 54.03 31.08
C HIS D 375 54.78 54.41 31.60
N GLY D 376 55.35 55.48 31.07
CA GLY D 376 56.67 55.90 31.47
C GLY D 376 57.20 56.95 30.52
N ILE D 377 58.48 57.28 30.70
CA ILE D 377 59.11 58.35 29.93
C ILE D 377 60.60 58.06 29.87
N LEU D 378 61.24 58.47 28.79
CA LEU D 378 62.65 58.23 28.59
C LEU D 378 63.44 59.52 28.66
N ASP D 379 64.75 59.38 28.89
CA ASP D 379 65.68 60.48 28.95
C ASP D 379 66.86 60.17 28.04
N GLN D 380 67.22 61.12 27.18
CA GLN D 380 68.39 60.98 26.32
C GLN D 380 69.62 61.62 26.91
N GLY D 381 69.46 62.71 27.65
CA GLY D 381 70.60 63.38 28.24
C GLY D 381 71.24 62.62 29.38
N GLU D 382 70.52 61.68 30.00
CA GLU D 382 71.04 60.90 31.11
C GLU D 382 70.89 59.41 30.94
N GLY D 383 70.06 58.94 30.01
CA GLY D 383 69.84 57.51 29.84
C GLY D 383 69.09 56.92 31.00
N VAL D 384 68.06 57.62 31.47
CA VAL D 384 67.31 57.23 32.65
C VAL D 384 65.86 56.96 32.24
N LEU D 385 65.41 55.74 32.44
CA LEU D 385 64.03 55.39 32.25
C LEU D 385 63.24 55.66 33.53
N ILE D 386 62.15 56.40 33.41
CA ILE D 386 61.32 56.74 34.56
C ILE D 386 59.90 56.28 34.29
N ILE D 387 59.42 55.36 35.13
CA ILE D 387 58.03 54.92 35.10
C ILE D 387 57.25 55.77 36.09
N PHE D 388 56.14 56.34 35.62
CA PHE D 388 55.29 57.17 36.45
C PHE D 388 53.85 56.71 36.27
N ASP D 389 52.98 57.23 37.12
CA ASP D 389 51.55 56.97 37.02
C ASP D 389 50.82 58.22 36.56
N GLU D 390 49.57 58.03 36.17
CA GLU D 390 48.74 59.10 35.67
C GLU D 390 47.55 59.32 36.59
N PRO D 391 46.98 60.51 36.62
CA PRO D 391 45.73 60.72 37.34
C PRO D 391 44.57 60.06 36.61
N PRO D 392 43.44 59.85 37.27
CA PRO D 392 42.22 59.43 36.56
C PRO D 392 41.73 60.44 35.54
N VAL D 393 40.83 59.99 34.67
CA VAL D 393 40.41 60.64 33.44
C VAL D 393 39.29 61.65 33.66
N ASP D 394 39.15 62.16 34.89
CA ASP D 394 37.92 62.46 35.63
C ASP D 394 36.73 62.96 34.84
N LYS D 395 35.56 62.45 35.19
CA LYS D 395 34.37 62.54 34.36
C LYS D 395 33.73 63.92 34.49
N THR D 396 33.87 64.51 35.67
CA THR D 396 33.10 65.70 36.02
C THR D 396 33.60 66.93 35.30
N TYR D 397 34.79 66.87 34.73
CA TYR D 397 35.38 68.08 34.18
C TYR D 397 34.96 68.29 32.73
N GLU D 398 35.27 67.34 31.84
CA GLU D 398 34.96 67.51 30.43
C GLU D 398 33.48 67.35 30.11
N ALA D 399 32.68 66.87 31.06
CA ALA D 399 31.23 66.99 30.92
C ALA D 399 30.82 68.46 30.92
N ALA D 400 31.50 69.28 31.72
CA ALA D 400 31.19 70.70 31.78
C ALA D 400 31.70 71.43 30.55
N LEU D 401 32.66 70.84 29.84
CA LEU D 401 33.10 71.36 28.56
C LEU D 401 31.97 71.31 27.54
N GLU D 402 31.18 70.25 27.60
CA GLU D 402 30.06 70.08 26.68
C GLU D 402 28.87 70.94 27.06
N THR D 403 28.75 71.33 28.33
CA THR D 403 27.68 72.25 28.72
C THR D 403 27.94 73.65 28.18
N ILE D 404 29.21 74.01 28.00
CA ILE D 404 29.54 75.32 27.44
C ILE D 404 29.14 75.38 25.97
N GLN D 405 29.25 74.25 25.26
CA GLN D 405 28.85 74.21 23.86
C GLN D 405 27.34 74.35 23.70
N ASN D 406 26.56 73.87 24.68
CA ASN D 406 25.13 74.08 24.62
C ASN D 406 24.77 75.51 24.98
N MET D 407 25.40 76.07 26.01
CA MET D 407 25.17 77.46 26.34
C MET D 407 25.72 78.41 25.30
N SER D 408 26.67 77.96 24.48
CA SER D 408 27.10 78.78 23.35
C SER D 408 26.05 78.77 22.25
N LYS D 409 25.29 77.69 22.11
CA LYS D 409 24.33 77.60 21.02
C LYS D 409 22.99 78.23 21.38
N VAL D 410 22.60 78.21 22.65
CA VAL D 410 21.31 78.80 23.00
C VAL D 410 21.39 80.32 23.01
N VAL D 411 22.58 80.88 23.28
CA VAL D 411 22.76 82.31 23.17
C VAL D 411 22.80 82.73 21.71
N ASP D 412 23.39 81.87 20.86
CA ASP D 412 23.30 82.05 19.42
C ASP D 412 21.85 81.94 18.96
N SER D 413 21.07 81.09 19.63
CA SER D 413 19.64 81.04 19.34
C SER D 413 18.93 82.28 19.87
N LEU D 414 19.36 82.83 21.00
CA LEU D 414 18.76 84.06 21.48
C LEU D 414 19.19 85.27 20.68
N TYR D 415 20.33 85.19 19.99
CA TYR D 415 20.86 86.36 19.30
C TYR D 415 20.06 86.69 18.05
N ASN D 416 19.86 85.69 17.19
CA ASN D 416 19.07 85.93 15.99
C ASN D 416 17.58 86.01 16.29
N LYS D 417 17.15 85.50 17.45
CA LYS D 417 15.78 85.76 17.89
C LYS D 417 15.60 87.23 18.23
N ALA D 418 16.52 87.79 19.03
CA ALA D 418 16.48 89.20 19.37
C ALA D 418 16.76 90.09 18.17
N LYS D 419 17.43 89.57 17.15
CA LYS D 419 17.66 90.35 15.94
C LYS D 419 16.41 90.37 15.05
N LYS D 420 15.76 89.21 14.89
CA LYS D 420 14.62 89.11 13.97
C LYS D 420 13.42 89.89 14.49
N LEU D 421 13.13 89.76 15.78
CA LEU D 421 12.19 90.63 16.46
C LEU D 421 12.89 91.21 17.68
N THR D 422 12.74 92.52 17.87
CA THR D 422 13.49 93.27 18.88
C THR D 422 13.21 92.83 20.32
N PRO E 12 29.75 61.05 -22.54
CA PRO E 12 30.17 62.31 -23.14
C PRO E 12 30.93 63.17 -22.14
N LYS E 13 30.70 62.92 -20.86
CA LYS E 13 31.39 63.61 -19.79
C LYS E 13 32.31 62.67 -19.03
N ASN E 14 32.69 61.56 -19.65
CA ASN E 14 33.59 60.60 -19.01
C ASN E 14 35.06 61.05 -19.05
N PRO E 15 35.71 61.39 -20.26
CA PRO E 15 37.15 61.72 -20.24
C PRO E 15 37.42 63.20 -19.96
N ASP E 16 36.69 63.76 -18.99
CA ASP E 16 36.71 65.20 -18.76
C ASP E 16 37.40 65.58 -17.45
N LEU E 17 37.68 64.62 -16.57
CA LEU E 17 38.46 64.93 -15.38
C LEU E 17 39.95 65.02 -15.71
N ARG E 18 40.37 64.41 -16.82
CA ARG E 18 41.75 64.55 -17.25
C ARG E 18 41.96 65.85 -18.03
N ILE E 19 40.93 66.33 -18.72
CA ILE E 19 41.04 67.56 -19.50
C ILE E 19 41.29 68.75 -18.58
N ALA E 20 40.48 68.87 -17.53
CA ALA E 20 40.64 69.94 -16.55
C ALA E 20 41.95 69.85 -15.79
N GLN E 21 42.54 68.66 -15.66
CA GLN E 21 43.91 68.56 -15.18
C GLN E 21 44.89 69.17 -16.17
N LEU E 22 44.76 68.79 -17.44
CA LEU E 22 45.68 69.28 -18.46
C LEU E 22 45.49 70.77 -18.75
N ARG E 23 44.27 71.28 -18.56
CA ARG E 23 44.08 72.73 -18.65
C ARG E 23 44.71 73.44 -17.46
N PHE E 24 44.60 72.83 -16.27
CA PHE E 24 45.22 73.42 -15.09
C PHE E 24 46.74 73.28 -15.12
N LEU E 25 47.25 72.19 -15.71
CA LEU E 25 48.68 71.94 -15.72
C LEU E 25 49.40 72.88 -16.68
N LEU E 26 48.75 73.26 -17.76
CA LEU E 26 49.36 74.17 -18.72
C LEU E 26 49.24 75.62 -18.31
N SER E 27 48.18 75.97 -17.58
CA SER E 27 47.87 77.38 -17.38
C SER E 27 48.67 78.00 -16.24
N LEU E 28 48.52 77.48 -15.03
CA LEU E 28 49.05 78.18 -13.86
C LEU E 28 50.57 78.05 -13.67
N PRO E 29 51.22 76.91 -13.97
CA PRO E 29 52.67 76.99 -14.17
C PRO E 29 53.02 77.22 -15.62
N GLU E 30 54.07 78.02 -15.83
CA GLU E 30 54.57 78.29 -17.17
C GLU E 30 55.75 77.41 -17.56
N HIS E 31 56.49 76.91 -16.57
CA HIS E 31 57.58 75.99 -16.84
C HIS E 31 57.07 74.66 -17.37
N ARG E 32 55.88 74.25 -16.95
CA ARG E 32 55.28 72.99 -17.41
C ARG E 32 54.48 73.30 -18.66
N GLY E 33 55.13 73.19 -19.81
CA GLY E 33 54.45 73.43 -21.07
C GLY E 33 54.88 72.56 -22.23
N ASP E 34 55.58 71.47 -21.93
CA ASP E 34 56.12 70.60 -22.98
C ASP E 34 55.09 69.57 -23.45
N ALA E 35 54.52 68.80 -22.52
CA ALA E 35 53.63 67.71 -22.89
C ALA E 35 52.16 68.09 -22.80
N ALA E 36 51.83 69.13 -22.04
CA ALA E 36 50.44 69.55 -21.91
C ALA E 36 49.91 70.17 -23.21
N VAL E 37 50.81 70.72 -24.04
CA VAL E 37 50.37 71.20 -25.33
C VAL E 37 50.30 70.07 -26.34
N ARG E 38 50.99 68.96 -26.07
CA ARG E 38 51.12 67.91 -27.08
C ARG E 38 49.87 67.06 -27.18
N ASP E 39 49.26 66.70 -26.05
CA ASP E 39 48.12 65.78 -26.06
C ASP E 39 46.77 66.48 -25.96
N GLU E 40 46.71 67.65 -25.34
CA GLU E 40 45.45 68.39 -25.27
C GLU E 40 45.08 69.01 -26.61
N LEU E 41 46.08 69.37 -27.42
CA LEU E 41 45.82 69.79 -28.80
C LEU E 41 45.23 68.65 -29.61
N MET E 42 45.60 67.41 -29.29
CA MET E 42 44.92 66.26 -29.87
C MET E 42 43.50 66.15 -29.33
N ALA E 43 43.31 66.45 -28.04
CA ALA E 43 41.97 66.47 -27.47
C ALA E 43 41.20 67.71 -27.87
N ALA E 44 41.88 68.76 -28.35
CA ALA E 44 41.18 69.94 -28.83
C ALA E 44 40.54 69.69 -30.19
N VAL E 45 41.30 69.11 -31.12
CA VAL E 45 40.76 68.83 -32.44
C VAL E 45 39.78 67.66 -32.42
N ARG E 46 39.83 66.81 -31.40
CA ARG E 46 38.84 65.78 -31.18
C ARG E 46 37.68 66.33 -30.37
N ASP E 47 36.72 65.46 -30.04
CA ASP E 47 35.72 65.66 -28.99
C ASP E 47 34.72 66.78 -29.30
N ASN E 48 34.88 67.44 -30.45
CA ASN E 48 34.16 68.64 -30.86
C ASN E 48 34.28 69.75 -29.81
N ASN E 49 35.47 69.87 -29.19
CA ASN E 49 35.71 70.88 -28.15
C ASN E 49 35.85 72.24 -28.82
N MET E 50 34.72 72.93 -28.97
CA MET E 50 34.73 74.19 -29.71
C MET E 50 34.18 75.38 -28.95
N ALA E 51 33.42 75.19 -27.90
CA ALA E 51 33.25 76.32 -27.02
C ALA E 51 34.37 76.46 -25.98
N PRO E 52 34.76 75.40 -25.17
CA PRO E 52 35.71 75.67 -24.07
C PRO E 52 37.18 75.49 -24.47
N TYR E 53 37.65 76.28 -25.44
CA TYR E 53 39.08 76.20 -25.74
C TYR E 53 39.76 77.54 -25.93
N TYR E 54 39.04 78.66 -25.91
CA TYR E 54 39.66 79.94 -26.19
C TYR E 54 40.53 80.41 -25.04
N GLU E 55 40.25 79.93 -23.82
CA GLU E 55 41.15 80.17 -22.71
C GLU E 55 42.39 79.31 -22.81
N ALA E 56 42.28 78.15 -23.47
CA ALA E 56 43.46 77.34 -23.71
C ALA E 56 44.21 77.78 -24.95
N LEU E 57 43.52 78.45 -25.89
CA LEU E 57 44.14 78.83 -27.15
C LEU E 57 44.89 80.16 -27.08
N CYS E 58 44.30 81.16 -26.43
CA CYS E 58 44.94 82.48 -26.38
C CYS E 58 46.10 82.52 -25.39
N LYS E 59 46.11 81.66 -24.38
CA LYS E 59 47.11 81.72 -23.33
C LYS E 59 48.31 80.79 -23.58
N SER E 60 48.24 79.93 -24.59
CA SER E 60 49.35 79.03 -24.90
C SER E 60 49.99 79.36 -26.25
N LEU E 61 49.21 79.35 -27.32
CA LEU E 61 49.70 79.58 -28.66
C LEU E 61 49.12 80.88 -29.17
N ASP E 62 49.36 81.18 -30.45
CA ASP E 62 48.83 82.42 -31.03
C ASP E 62 47.45 82.13 -31.62
N TRP E 63 47.40 81.33 -32.69
CA TRP E 63 46.21 80.97 -33.44
C TRP E 63 46.54 79.78 -34.31
N GLN E 64 45.49 79.11 -34.79
CA GLN E 64 45.63 78.04 -35.78
C GLN E 64 44.28 77.85 -36.46
N ILE E 65 44.30 77.61 -37.77
CA ILE E 65 43.07 77.49 -38.54
C ILE E 65 42.60 76.03 -38.60
N ASP E 66 41.87 75.61 -37.56
CA ASP E 66 40.99 74.45 -37.60
C ASP E 66 39.62 74.84 -37.07
N VAL E 67 39.35 76.13 -36.97
CA VAL E 67 38.26 76.67 -36.19
C VAL E 67 36.95 76.64 -36.97
N ASP E 68 36.99 77.13 -38.21
CA ASP E 68 35.76 77.25 -38.99
C ASP E 68 35.25 75.90 -39.49
N LEU E 69 36.13 74.89 -39.54
CA LEU E 69 35.72 73.58 -39.99
C LEU E 69 34.83 72.90 -38.97
N LEU E 70 35.23 72.92 -37.70
CA LEU E 70 34.43 72.29 -36.66
C LEU E 70 33.22 73.12 -36.27
N ASN E 71 33.20 74.42 -36.61
CA ASN E 71 32.05 75.24 -36.27
C ASN E 71 30.86 74.94 -37.17
N LYS E 72 31.10 74.70 -38.46
CA LYS E 72 30.01 74.31 -39.34
C LYS E 72 29.59 72.87 -39.13
N MET E 73 30.45 72.04 -38.55
CA MET E 73 30.05 70.68 -38.20
C MET E 73 29.18 70.67 -36.96
N LYS E 74 29.54 71.45 -35.95
CA LYS E 74 28.70 71.55 -34.75
C LYS E 74 27.44 72.36 -35.01
N LYS E 75 27.43 73.21 -36.02
CA LYS E 75 26.20 73.90 -36.39
C LYS E 75 25.26 72.98 -37.14
N ALA E 76 25.80 72.16 -38.04
CA ALA E 76 24.98 71.17 -38.73
C ALA E 76 24.52 70.08 -37.79
N ASN E 77 25.31 69.78 -36.76
CA ASN E 77 24.87 68.83 -35.74
C ASN E 77 23.80 69.45 -34.86
N GLU E 78 23.94 70.74 -34.53
CA GLU E 78 22.93 71.41 -33.71
C GLU E 78 21.63 71.58 -34.47
N ASP E 79 21.70 71.99 -35.74
CA ASP E 79 20.49 72.20 -36.53
C ASP E 79 19.81 70.88 -36.87
N GLU E 80 20.58 69.78 -36.98
CA GLU E 80 19.95 68.48 -37.12
C GLU E 80 19.25 68.08 -35.83
N LEU E 81 19.85 68.39 -34.69
CA LEU E 81 19.18 68.17 -33.41
C LEU E 81 18.18 69.26 -33.10
N LYS E 82 18.25 70.42 -33.77
CA LYS E 82 17.21 71.42 -33.63
C LYS E 82 15.93 70.97 -34.33
N ARG E 83 16.06 70.40 -35.54
CA ARG E 83 14.88 69.98 -36.28
C ARG E 83 14.36 68.62 -35.83
N LEU E 84 15.16 67.86 -35.08
CA LEU E 84 14.73 66.53 -34.65
C LEU E 84 13.70 66.62 -33.53
N ASP E 85 13.98 67.40 -32.49
CA ASP E 85 13.10 67.45 -31.33
C ASP E 85 11.93 68.41 -31.52
N GLU E 86 11.99 69.33 -32.48
CA GLU E 86 10.79 70.11 -32.76
C GLU E 86 9.81 69.31 -33.60
N GLU E 87 10.30 68.47 -34.49
CA GLU E 87 9.42 67.56 -35.23
C GLU E 87 8.85 66.50 -34.30
N LEU E 88 9.60 66.14 -33.26
CA LEU E 88 9.11 65.19 -32.26
C LEU E 88 7.96 65.79 -31.45
N GLU E 89 8.09 67.04 -31.03
CA GLU E 89 7.07 67.65 -30.19
C GLU E 89 5.87 68.16 -30.98
N ASP E 90 6.03 68.43 -32.27
CA ASP E 90 4.93 68.94 -33.08
C ASP E 90 4.09 67.82 -33.69
N ALA E 91 4.69 66.68 -33.99
CA ALA E 91 3.97 65.55 -34.59
C ALA E 91 3.53 64.52 -33.55
N GLU E 92 4.39 64.21 -32.59
CA GLU E 92 4.13 63.19 -31.59
C GLU E 92 3.80 63.86 -30.26
N LYS E 93 2.74 63.41 -29.61
CA LYS E 93 2.24 64.03 -28.38
C LYS E 93 2.38 63.06 -27.22
N ASN E 94 3.45 63.22 -26.44
CA ASN E 94 3.60 62.62 -25.12
C ASN E 94 4.38 63.58 -24.24
N LEU E 95 4.09 63.58 -22.94
CA LEU E 95 4.76 64.46 -21.99
C LEU E 95 5.46 63.63 -20.91
N GLY E 96 6.10 64.34 -20.00
CA GLY E 96 6.73 63.72 -18.83
C GLY E 96 8.12 63.18 -19.17
N GLU E 97 8.32 61.88 -18.92
CA GLU E 97 9.58 61.20 -19.23
C GLU E 97 9.29 60.27 -20.39
N SER E 98 9.71 60.67 -21.58
CA SER E 98 9.33 59.99 -22.81
C SER E 98 10.45 60.16 -23.82
N GLU E 99 10.13 59.96 -25.10
CA GLU E 99 11.06 60.23 -26.20
C GLU E 99 11.45 61.70 -26.25
N ILE E 100 10.57 62.60 -25.78
CA ILE E 100 10.91 64.01 -25.65
C ILE E 100 12.00 64.20 -24.58
N ARG E 101 11.90 63.47 -23.47
CA ARG E 101 12.76 63.71 -22.31
C ARG E 101 14.21 63.36 -22.58
N ASP E 102 14.47 62.14 -23.05
CA ASP E 102 15.85 61.73 -23.33
C ASP E 102 16.42 62.40 -24.58
N ALA E 103 15.59 63.03 -25.40
CA ALA E 103 16.12 63.90 -26.45
C ALA E 103 16.57 65.23 -25.88
N MET E 104 15.90 65.71 -24.83
CA MET E 104 16.30 66.96 -24.19
C MET E 104 17.62 66.80 -23.44
N MET E 105 17.81 65.68 -22.74
CA MET E 105 19.09 65.47 -22.08
C MET E 105 20.18 65.10 -23.06
N ALA E 106 19.82 64.59 -24.24
CA ALA E 106 20.80 64.44 -25.31
C ALA E 106 21.26 65.80 -25.82
N LYS E 107 20.37 66.79 -25.81
CA LYS E 107 20.80 68.17 -26.06
C LYS E 107 21.63 68.70 -24.90
N ALA E 108 21.27 68.31 -23.67
CA ALA E 108 21.99 68.80 -22.50
C ALA E 108 23.39 68.18 -22.42
N GLU E 109 23.51 66.89 -22.74
CA GLU E 109 24.83 66.28 -22.79
C GLU E 109 25.62 66.73 -24.02
N TYR E 110 24.95 67.27 -25.02
CA TYR E 110 25.67 67.93 -26.10
C TYR E 110 26.27 69.27 -25.64
N LEU E 111 25.52 70.03 -24.85
CA LEU E 111 25.98 71.34 -24.43
C LEU E 111 27.04 71.27 -23.34
N CYS E 112 27.17 70.13 -22.68
CA CYS E 112 28.23 69.99 -21.67
C CYS E 112 29.55 69.62 -22.32
N ARG E 113 29.54 68.61 -23.19
CA ARG E 113 30.76 68.13 -23.82
C ARG E 113 31.28 69.14 -24.85
N ILE E 114 30.38 69.77 -25.60
CA ILE E 114 30.76 70.58 -26.74
C ILE E 114 30.60 72.06 -26.40
N GLY E 115 29.39 72.44 -26.00
CA GLY E 115 29.06 73.84 -25.79
C GLY E 115 29.56 74.37 -24.47
N ASP E 116 29.21 75.63 -24.22
CA ASP E 116 29.52 76.31 -22.97
C ASP E 116 28.58 75.83 -21.86
N LYS E 117 28.82 76.34 -20.66
CA LYS E 117 27.97 76.01 -19.52
C LYS E 117 26.67 76.78 -19.50
N GLU E 118 26.61 77.93 -20.18
CA GLU E 118 25.44 78.80 -20.10
C GLU E 118 24.24 78.19 -20.82
N GLY E 119 24.48 77.56 -21.97
CA GLY E 119 23.42 76.80 -22.61
C GLY E 119 23.05 75.55 -21.84
N ALA E 120 24.02 74.97 -21.14
CA ALA E 120 23.76 73.73 -20.40
C ALA E 120 22.94 73.99 -19.15
N LEU E 121 23.19 75.12 -18.48
CA LEU E 121 22.50 75.39 -17.22
C LEU E 121 21.05 75.77 -17.45
N THR E 122 20.76 76.50 -18.53
CA THR E 122 19.39 76.86 -18.84
C THR E 122 18.61 75.69 -19.44
N ALA E 123 19.29 74.66 -19.92
CA ALA E 123 18.60 73.46 -20.36
C ALA E 123 18.35 72.52 -19.20
N PHE E 124 19.21 72.56 -18.18
CA PHE E 124 19.00 71.76 -16.97
C PHE E 124 17.76 72.24 -16.22
N ARG E 125 17.65 73.55 -16.01
CA ARG E 125 16.49 74.10 -15.30
C ARG E 125 15.22 73.97 -16.12
N LYS E 126 15.34 73.93 -17.44
CA LYS E 126 14.17 73.75 -18.29
C LYS E 126 13.64 72.32 -18.18
N THR E 127 14.53 71.34 -18.22
CA THR E 127 14.10 69.95 -18.15
C THR E 127 13.90 69.46 -16.73
N TYR E 128 14.29 70.24 -15.71
CA TYR E 128 14.09 69.79 -14.33
C TYR E 128 12.65 69.89 -13.90
N ASP E 129 11.92 70.87 -14.44
CA ASP E 129 10.48 70.98 -14.21
C ASP E 129 9.67 70.15 -15.20
N LYS E 130 10.35 69.39 -16.06
CA LYS E 130 9.71 68.48 -17.01
C LYS E 130 9.92 67.05 -16.52
N THR E 131 10.06 66.91 -15.20
CA THR E 131 10.33 65.64 -14.55
C THR E 131 9.36 65.43 -13.40
N VAL E 132 8.80 64.22 -13.32
CA VAL E 132 7.97 63.84 -12.19
C VAL E 132 8.53 62.66 -11.42
N ALA E 133 9.54 61.98 -11.94
CA ALA E 133 10.18 60.87 -11.24
C ALA E 133 11.29 61.42 -10.33
N LEU E 134 12.07 60.53 -9.73
CA LEU E 134 13.19 60.92 -8.90
C LEU E 134 14.54 60.58 -9.49
N GLY E 135 14.64 59.47 -10.23
CA GLY E 135 15.91 59.07 -10.80
C GLY E 135 16.36 60.00 -11.91
N HIS E 136 15.41 60.59 -12.63
CA HIS E 136 15.75 61.60 -13.62
C HIS E 136 16.19 62.89 -12.94
N ARG E 137 15.51 63.27 -11.84
CA ARG E 137 15.93 64.44 -11.08
C ARG E 137 17.26 64.19 -10.37
N LEU E 138 17.50 62.95 -9.96
CA LEU E 138 18.81 62.58 -9.43
C LEU E 138 19.89 62.69 -10.48
N ASP E 139 19.58 62.34 -11.72
CA ASP E 139 20.57 62.45 -12.79
C ASP E 139 20.79 63.88 -13.23
N ILE E 140 19.78 64.75 -13.11
CA ILE E 140 19.98 66.17 -13.40
C ILE E 140 20.93 66.80 -12.39
N VAL E 141 20.73 66.51 -11.10
CA VAL E 141 21.63 67.03 -10.09
C VAL E 141 23.01 66.37 -10.18
N PHE E 142 23.07 65.13 -10.69
CA PHE E 142 24.35 64.55 -11.08
C PHE E 142 25.02 65.36 -12.18
N TYR E 143 24.23 65.98 -13.06
CA TYR E 143 24.81 66.72 -14.16
C TYR E 143 25.29 68.10 -13.73
N LEU E 144 24.55 68.74 -12.81
CA LEU E 144 25.01 70.01 -12.26
C LEU E 144 26.26 69.83 -11.40
N LEU E 145 26.28 68.77 -10.57
CA LEU E 145 27.43 68.52 -9.71
C LEU E 145 28.65 68.03 -10.48
N ARG E 146 28.47 67.45 -11.65
CA ARG E 146 29.63 67.05 -12.43
C ARG E 146 30.22 68.23 -13.17
N ILE E 147 29.38 69.13 -13.69
CA ILE E 147 29.91 70.33 -14.32
C ILE E 147 30.31 71.36 -13.28
N GLY E 148 29.75 71.31 -12.07
CA GLY E 148 30.16 72.21 -11.01
C GLY E 148 31.54 71.91 -10.48
N LEU E 149 32.01 70.67 -10.65
CA LEU E 149 33.39 70.33 -10.33
C LEU E 149 34.32 70.58 -11.51
N PHE E 150 33.81 70.49 -12.73
CA PHE E 150 34.61 70.75 -13.92
C PHE E 150 35.01 72.22 -14.01
N TYR E 151 34.09 73.12 -13.66
CA TYR E 151 34.31 74.55 -13.75
C TYR E 151 34.46 75.20 -12.38
N MET E 152 34.80 74.41 -11.35
CA MET E 152 35.09 74.76 -9.96
C MET E 152 34.13 75.78 -9.34
N ASP E 153 32.85 75.70 -9.70
CA ASP E 153 31.87 76.64 -9.18
C ASP E 153 31.55 76.33 -7.73
N ASN E 154 31.77 77.32 -6.86
CA ASN E 154 31.43 77.20 -5.45
C ASN E 154 30.10 77.88 -5.14
N ASP E 155 29.31 78.16 -6.16
CA ASP E 155 28.05 78.87 -6.01
C ASP E 155 26.84 77.96 -6.15
N LEU E 156 26.77 77.20 -7.24
CA LEU E 156 25.64 76.29 -7.43
C LEU E 156 25.77 75.02 -6.61
N ILE E 157 26.93 74.73 -6.04
CA ILE E 157 27.06 73.58 -5.15
C ILE E 157 26.43 73.88 -3.80
N THR E 158 26.23 75.15 -3.49
CA THR E 158 25.52 75.52 -2.26
C THR E 158 24.02 75.27 -2.35
N ARG E 159 23.51 74.92 -3.53
CA ARG E 159 22.09 74.70 -3.73
C ARG E 159 21.76 73.26 -4.08
N ASN E 160 22.40 72.70 -5.10
CA ASN E 160 21.98 71.40 -5.63
C ASN E 160 22.35 70.25 -4.69
N THR E 161 23.41 70.41 -3.91
CA THR E 161 23.74 69.42 -2.88
C THR E 161 22.67 69.38 -1.81
N GLU E 162 22.18 70.55 -1.40
CA GLU E 162 21.06 70.60 -0.47
C GLU E 162 19.77 70.10 -1.13
N LYS E 163 19.56 70.44 -2.40
CA LYS E 163 18.36 70.02 -3.10
C LYS E 163 18.35 68.52 -3.39
N ALA E 164 19.51 67.88 -3.44
CA ALA E 164 19.55 66.44 -3.62
C ALA E 164 19.33 65.70 -2.31
N LYS E 165 20.00 66.13 -1.23
CA LYS E 165 19.93 65.45 0.05
C LYS E 165 18.59 65.62 0.76
N SER E 166 17.81 66.63 0.39
CA SER E 166 16.56 66.93 1.07
C SER E 166 15.31 66.64 0.25
N LEU E 167 15.41 66.56 -1.07
CA LEU E 167 14.25 66.32 -1.92
C LEU E 167 14.40 65.11 -2.83
N ILE E 168 15.60 64.54 -2.95
CA ILE E 168 15.84 63.40 -3.83
C ILE E 168 16.37 62.20 -3.06
N GLU E 169 17.32 62.41 -2.15
CA GLU E 169 18.01 61.32 -1.47
C GLU E 169 17.25 60.86 -0.24
N GLU E 170 16.02 60.43 -0.46
CA GLU E 170 15.22 59.77 0.57
C GLU E 170 14.53 58.51 0.07
N GLY E 171 14.51 58.29 -1.25
CA GLY E 171 13.94 57.08 -1.82
C GLY E 171 14.99 56.20 -2.45
N GLY E 172 16.19 56.75 -2.66
CA GLY E 172 17.26 55.97 -3.23
C GLY E 172 17.82 54.94 -2.26
N ASP E 173 18.55 53.98 -2.82
CA ASP E 173 19.13 52.88 -2.05
C ASP E 173 20.53 52.60 -2.60
N TRP E 174 21.53 53.21 -1.95
CA TRP E 174 22.95 53.05 -2.27
C TRP E 174 23.25 53.45 -3.72
N ASP E 175 22.62 54.53 -4.14
CA ASP E 175 22.92 55.19 -5.41
C ASP E 175 23.54 56.55 -5.15
N ARG E 176 24.13 56.73 -3.97
CA ARG E 176 24.56 58.02 -3.50
C ARG E 176 25.98 58.03 -2.98
N ARG E 177 26.66 56.88 -2.97
CA ARG E 177 28.08 56.82 -2.58
C ARG E 177 28.95 57.64 -3.52
N ASN E 178 28.50 57.83 -4.76
CA ASN E 178 29.26 58.59 -5.74
C ASN E 178 29.32 60.06 -5.35
N ARG E 179 28.20 60.61 -4.89
CA ARG E 179 28.21 61.99 -4.41
C ARG E 179 28.65 62.10 -2.97
N LEU E 180 28.73 60.99 -2.23
CA LEU E 180 29.57 61.00 -1.05
C LEU E 180 31.02 61.24 -1.42
N LYS E 181 31.49 60.60 -2.50
CA LYS E 181 32.85 60.86 -2.97
C LYS E 181 33.00 62.24 -3.61
N VAL E 182 31.94 62.80 -4.19
CA VAL E 182 32.04 64.12 -4.79
C VAL E 182 32.06 65.22 -3.72
N TYR E 183 31.35 65.03 -2.60
CA TYR E 183 31.30 66.09 -1.59
C TYR E 183 32.63 66.21 -0.85
N GLN E 184 33.28 65.07 -0.61
CA GLN E 184 34.61 65.09 0.01
C GLN E 184 35.65 65.67 -0.94
N GLY E 185 35.46 65.45 -2.26
CA GLY E 185 36.31 66.10 -3.24
C GLY E 185 36.17 67.62 -3.22
N LEU E 186 34.96 68.12 -2.98
CA LEU E 186 34.80 69.55 -2.73
C LEU E 186 35.34 69.94 -1.38
N TYR E 187 35.34 69.02 -0.42
CA TYR E 187 35.84 69.36 0.91
C TYR E 187 37.36 69.37 0.94
N CYS E 188 37.99 68.46 0.22
CA CYS E 188 39.45 68.47 0.14
C CYS E 188 39.96 69.68 -0.63
N VAL E 189 39.17 70.19 -1.59
CA VAL E 189 39.66 71.32 -2.36
C VAL E 189 39.32 72.63 -1.67
N ALA E 190 38.29 72.68 -0.82
CA ALA E 190 37.97 73.97 -0.25
C ALA E 190 38.89 74.27 0.92
N ILE E 191 38.65 73.70 2.10
CA ILE E 191 39.73 73.50 3.06
C ILE E 191 39.44 72.23 3.84
N ARG E 192 38.19 71.75 3.75
CA ARG E 192 37.59 70.88 4.78
C ARG E 192 38.22 69.49 4.72
N ASP E 193 39.51 69.46 5.02
CA ASP E 193 40.36 68.29 4.98
C ASP E 193 40.99 68.25 6.36
N PHE E 194 40.18 67.95 7.36
CA PHE E 194 40.74 67.71 8.67
C PHE E 194 40.28 66.36 9.17
N LYS E 195 38.98 66.21 9.32
CA LYS E 195 38.42 65.00 9.90
C LYS E 195 37.21 64.53 9.11
N GLN E 196 36.58 65.44 8.37
CA GLN E 196 35.45 65.03 7.55
C GLN E 196 35.92 64.32 6.29
N ALA E 197 37.07 64.73 5.75
CA ALA E 197 37.58 64.11 4.54
C ALA E 197 38.03 62.68 4.79
N ALA E 198 38.72 62.45 5.89
CA ALA E 198 39.21 61.10 6.21
C ALA E 198 38.11 60.19 6.74
N GLU E 199 36.99 60.75 7.18
CA GLU E 199 35.92 59.92 7.70
C GLU E 199 35.16 59.24 6.57
N LEU E 200 34.76 60.00 5.56
CA LEU E 200 34.00 59.42 4.46
C LEU E 200 34.89 58.79 3.41
N PHE E 201 36.21 58.94 3.52
CA PHE E 201 37.14 58.17 2.70
C PHE E 201 37.55 56.85 3.34
N LEU E 202 36.90 56.47 4.45
CA LEU E 202 37.23 55.21 5.09
C LEU E 202 36.62 54.03 4.35
N ASP E 203 35.42 54.20 3.83
CA ASP E 203 34.74 53.17 3.04
C ASP E 203 35.10 53.35 1.58
N THR E 204 36.00 52.50 1.08
CA THR E 204 36.41 52.54 -0.32
C THR E 204 36.08 51.17 -0.90
N VAL E 205 34.83 50.97 -1.25
CA VAL E 205 34.42 49.76 -1.95
C VAL E 205 33.80 50.24 -3.26
N SER E 206 34.66 50.43 -4.27
CA SER E 206 34.29 50.72 -5.64
C SER E 206 35.51 50.50 -6.50
N THR E 207 35.44 49.56 -7.43
CA THR E 207 36.58 49.21 -8.28
C THR E 207 36.38 49.60 -9.73
N PHE E 208 35.18 49.41 -10.27
CA PHE E 208 34.87 49.84 -11.61
C PHE E 208 34.73 51.36 -11.65
N THR E 209 35.36 51.98 -12.63
CA THR E 209 35.36 53.43 -12.78
C THR E 209 34.47 53.80 -13.95
N SER E 210 33.67 54.84 -13.79
CA SER E 210 32.55 55.09 -14.68
C SER E 210 32.35 56.60 -14.80
N TYR E 211 31.15 57.01 -15.23
CA TYR E 211 30.78 58.43 -15.20
C TYR E 211 30.76 58.96 -13.78
N GLU E 212 30.36 58.11 -12.83
CA GLU E 212 30.17 58.47 -11.44
C GLU E 212 31.44 58.47 -10.63
N LEU E 213 32.53 57.87 -11.14
CA LEU E 213 33.75 57.67 -10.38
C LEU E 213 34.95 58.15 -11.17
N MET E 214 35.98 58.58 -10.44
CA MET E 214 37.21 59.10 -11.01
C MET E 214 38.18 57.94 -11.27
N ASP E 215 39.44 58.27 -11.53
CA ASP E 215 40.49 57.26 -11.58
C ASP E 215 40.63 56.59 -10.21
N TYR E 216 40.74 55.26 -10.22
CA TYR E 216 40.79 54.54 -8.96
C TYR E 216 42.16 54.65 -8.31
N LYS E 217 43.22 54.74 -9.11
CA LYS E 217 44.58 54.82 -8.55
C LYS E 217 44.80 56.13 -7.81
N THR E 218 44.31 57.24 -8.36
CA THR E 218 44.42 58.52 -7.68
C THR E 218 43.47 58.62 -6.50
N PHE E 219 42.36 57.85 -6.53
CA PHE E 219 41.49 57.80 -5.37
C PHE E 219 42.16 57.07 -4.21
N VAL E 220 43.07 56.14 -4.51
CA VAL E 220 43.84 55.48 -3.45
C VAL E 220 44.80 56.46 -2.81
N THR E 221 45.49 57.27 -3.62
CA THR E 221 46.44 58.23 -3.08
C THR E 221 45.75 59.33 -2.29
N TYR E 222 44.51 59.66 -2.63
CA TYR E 222 43.81 60.72 -1.92
C TYR E 222 43.29 60.23 -0.58
N THR E 223 42.83 58.97 -0.50
CA THR E 223 42.30 58.46 0.75
C THR E 223 43.39 58.07 1.73
N VAL E 224 44.65 58.01 1.30
CA VAL E 224 45.74 57.65 2.18
C VAL E 224 46.54 58.86 2.63
N TYR E 225 46.53 59.97 1.87
CA TYR E 225 47.20 61.18 2.32
C TYR E 225 46.43 61.88 3.44
N VAL E 226 45.13 61.64 3.54
CA VAL E 226 44.29 62.35 4.52
C VAL E 226 44.07 61.53 5.78
N SER E 227 44.28 60.23 5.76
CA SER E 227 43.93 59.37 6.88
C SER E 227 44.97 59.38 8.00
N MET E 228 45.83 60.40 8.04
CA MET E 228 46.82 60.59 9.09
C MET E 228 46.64 61.91 9.81
N ILE E 229 45.74 62.77 9.34
CA ILE E 229 45.52 64.06 9.96
C ILE E 229 44.30 64.06 10.89
N ALA E 230 43.29 63.26 10.59
CA ALA E 230 42.09 63.21 11.42
C ALA E 230 42.37 62.59 12.78
N LEU E 231 43.03 61.46 12.78
CA LEU E 231 43.24 60.66 13.98
C LEU E 231 44.73 60.42 14.11
N GLU E 232 45.26 60.54 15.33
CA GLU E 232 46.70 60.40 15.47
C GLU E 232 47.11 58.93 15.52
N ARG E 233 46.82 58.27 16.66
CA ARG E 233 46.81 56.80 16.75
C ARG E 233 45.70 56.30 17.67
N PRO E 234 44.39 56.63 17.39
CA PRO E 234 43.41 55.78 18.09
C PRO E 234 43.07 54.56 17.24
N ASP E 235 44.04 53.63 17.24
CA ASP E 235 44.01 52.40 16.42
C ASP E 235 43.89 52.76 14.93
N LEU E 236 44.68 53.76 14.51
CA LEU E 236 44.83 54.08 13.10
C LEU E 236 45.39 52.91 12.31
N ARG E 237 46.21 52.08 12.95
CA ARG E 237 46.78 50.90 12.32
C ARG E 237 45.73 49.86 11.93
N GLU E 238 44.53 49.90 12.52
CA GLU E 238 43.49 48.96 12.14
C GLU E 238 42.87 49.34 10.80
N LYS E 239 42.84 50.63 10.47
CA LYS E 239 42.08 51.08 9.31
C LYS E 239 42.93 51.41 8.09
N VAL E 240 44.25 51.50 8.24
CA VAL E 240 45.12 51.71 7.08
C VAL E 240 46.10 50.58 6.86
N ILE E 241 46.30 49.71 7.84
CA ILE E 241 47.25 48.60 7.73
C ILE E 241 46.52 47.26 7.80
N LYS E 242 45.61 47.11 8.75
CA LYS E 242 44.84 45.88 8.89
C LYS E 242 43.68 45.78 7.91
N GLY E 243 43.53 46.75 7.01
CA GLY E 243 42.53 46.67 5.97
C GLY E 243 42.90 45.67 4.90
N ALA E 244 41.97 45.48 3.97
CA ALA E 244 42.19 44.54 2.88
C ALA E 244 42.17 45.22 1.52
N GLU E 245 41.11 45.96 1.20
CA GLU E 245 40.99 46.56 -0.12
C GLU E 245 41.87 47.78 -0.27
N ILE E 246 42.26 48.42 0.83
CA ILE E 246 43.21 49.51 0.77
C ILE E 246 44.64 48.97 0.87
N LEU E 247 44.83 47.82 1.51
CA LEU E 247 46.17 47.28 1.70
C LEU E 247 46.74 46.74 0.39
N GLU E 248 45.88 46.17 -0.46
CA GLU E 248 46.33 45.64 -1.75
C GLU E 248 46.81 46.76 -2.67
N VAL E 249 46.05 47.84 -2.76
CA VAL E 249 46.40 48.90 -3.70
C VAL E 249 47.55 49.76 -3.20
N LEU E 250 47.80 49.82 -1.90
CA LEU E 250 49.03 50.43 -1.44
C LEU E 250 50.19 49.45 -1.58
N HIS E 251 49.91 48.15 -1.59
CA HIS E 251 50.93 47.17 -1.94
C HIS E 251 51.29 47.25 -3.42
N SER E 252 50.39 47.79 -4.25
CA SER E 252 50.71 48.04 -5.64
C SER E 252 51.76 49.12 -5.80
N LEU E 253 51.66 50.17 -5.00
CA LEU E 253 52.51 51.34 -5.19
C LEU E 253 53.70 51.29 -4.24
N PRO E 254 54.92 51.48 -4.72
CA PRO E 254 56.08 51.37 -3.83
C PRO E 254 56.27 52.57 -2.92
N ALA E 255 55.97 53.78 -3.39
CA ALA E 255 56.28 54.98 -2.62
C ALA E 255 55.31 55.18 -1.46
N VAL E 256 54.03 54.88 -1.69
CA VAL E 256 53.02 55.08 -0.65
C VAL E 256 53.18 54.05 0.45
N ARG E 257 53.49 52.80 0.08
CA ARG E 257 53.79 51.77 1.06
C ARG E 257 55.06 52.09 1.83
N GLN E 258 56.03 52.73 1.18
CA GLN E 258 57.17 53.27 1.87
C GLN E 258 56.78 54.43 2.76
N TYR E 259 55.78 55.21 2.35
CA TYR E 259 55.43 56.43 3.08
C TYR E 259 54.72 56.12 4.39
N LEU E 260 53.89 55.07 4.40
CA LEU E 260 53.18 54.72 5.63
C LEU E 260 54.09 54.02 6.62
N PHE E 261 54.96 53.13 6.13
CA PHE E 261 55.86 52.40 7.02
C PHE E 261 56.89 53.33 7.64
N SER E 262 57.26 54.38 6.91
CA SER E 262 58.18 55.37 7.45
C SER E 262 57.54 56.18 8.56
N LEU E 263 56.23 56.34 8.52
CA LEU E 263 55.51 57.07 9.55
C LEU E 263 55.13 56.18 10.72
N TYR E 264 54.88 54.90 10.46
CA TYR E 264 54.38 54.02 11.50
C TYR E 264 55.50 53.42 12.33
N GLU E 265 56.55 52.92 11.68
CA GLU E 265 57.67 52.32 12.39
C GLU E 265 58.71 53.37 12.78
N CYS E 266 58.43 54.63 12.47
CA CYS E 266 59.19 55.81 12.91
C CYS E 266 60.62 55.78 12.35
N ARG E 267 60.72 55.48 11.06
CA ARG E 267 61.97 55.64 10.33
C ARG E 267 62.00 57.07 9.84
N TYR E 268 62.44 57.97 10.71
CA TYR E 268 62.37 59.40 10.40
C TYR E 268 63.39 59.82 9.35
N SER E 269 64.44 59.02 9.15
CA SER E 269 65.44 59.38 8.15
C SER E 269 64.91 59.21 6.74
N VAL E 270 64.04 58.23 6.52
CA VAL E 270 63.46 58.02 5.20
C VAL E 270 62.05 58.60 5.10
N PHE E 271 61.40 58.86 6.24
CA PHE E 271 60.19 59.68 6.22
C PHE E 271 60.51 61.12 5.84
N PHE E 272 61.73 61.55 6.16
CA PHE E 272 62.26 62.82 5.68
C PHE E 272 62.32 62.83 4.16
N GLN E 273 62.76 61.72 3.56
CA GLN E 273 62.85 61.67 2.11
C GLN E 273 61.51 61.43 1.46
N SER E 274 60.67 60.59 2.08
CA SER E 274 59.39 60.23 1.46
C SER E 274 58.42 61.39 1.43
N LEU E 275 58.60 62.38 2.30
CA LEU E 275 57.72 63.55 2.26
C LEU E 275 58.11 64.50 1.14
N ALA E 276 59.39 64.52 0.74
CA ALA E 276 59.81 65.39 -0.34
C ALA E 276 59.42 64.82 -1.70
N VAL E 277 59.40 63.49 -1.83
CA VAL E 277 59.03 62.87 -3.10
C VAL E 277 57.54 63.06 -3.37
N VAL E 278 56.72 62.99 -2.32
CA VAL E 278 55.29 63.26 -2.45
C VAL E 278 55.04 64.71 -2.83
N GLU E 279 55.87 65.62 -2.32
CA GLU E 279 55.52 67.03 -2.44
C GLU E 279 55.91 67.58 -3.82
N GLN E 280 56.97 67.03 -4.42
CA GLN E 280 57.23 67.37 -5.81
C GLN E 280 56.17 66.78 -6.72
N GLU E 281 55.63 65.62 -6.34
CA GLU E 281 54.50 65.02 -7.04
C GLU E 281 53.22 65.82 -6.86
N MET E 282 53.14 66.63 -5.79
CA MET E 282 51.94 67.41 -5.50
C MET E 282 51.66 68.47 -6.57
N LYS E 283 52.70 68.98 -7.24
CA LYS E 283 52.53 69.97 -8.31
C LYS E 283 51.73 69.44 -9.48
N LYS E 284 51.78 68.14 -9.74
CA LYS E 284 51.04 67.53 -10.83
C LYS E 284 49.66 67.09 -10.33
N ASP E 285 48.86 68.09 -9.97
CA ASP E 285 47.52 67.85 -9.48
C ASP E 285 46.66 69.02 -9.92
N TRP E 286 45.34 68.81 -9.94
CA TRP E 286 44.40 69.85 -10.31
C TRP E 286 43.66 70.45 -9.13
N LEU E 287 43.97 70.03 -7.90
CA LEU E 287 43.33 70.58 -6.72
C LEU E 287 44.29 70.73 -5.53
N PHE E 288 45.59 70.91 -5.78
CA PHE E 288 46.57 70.91 -4.71
C PHE E 288 46.85 72.30 -4.14
N ALA E 289 45.97 73.28 -4.35
CA ALA E 289 46.30 74.65 -3.97
C ALA E 289 46.38 74.88 -2.47
N PRO E 290 45.40 74.45 -1.61
CA PRO E 290 45.66 74.56 -0.17
C PRO E 290 46.38 73.35 0.39
N HIS E 291 47.38 72.84 -0.32
CA HIS E 291 48.07 71.63 0.11
C HIS E 291 49.58 71.86 0.12
N TYR E 292 50.08 72.61 -0.86
CA TYR E 292 51.51 72.81 -1.04
C TYR E 292 52.15 73.57 0.11
N ARG E 293 51.39 74.32 0.89
CA ARG E 293 51.93 75.08 1.99
C ARG E 293 51.33 74.71 3.33
N TYR E 294 50.41 73.76 3.37
CA TYR E 294 49.71 73.44 4.61
C TYR E 294 49.84 71.97 4.95
N TYR E 295 49.89 71.12 3.93
CA TYR E 295 50.04 69.69 4.19
C TYR E 295 51.45 69.36 4.62
N VAL E 296 52.43 70.18 4.23
CA VAL E 296 53.80 69.94 4.63
C VAL E 296 53.99 70.25 6.11
N ARG E 297 53.66 71.48 6.50
CA ARG E 297 53.89 71.95 7.86
C ARG E 297 53.01 71.26 8.88
N GLU E 298 51.88 70.69 8.45
CA GLU E 298 51.11 69.86 9.37
C GLU E 298 51.75 68.51 9.55
N MET E 299 52.21 67.89 8.45
CA MET E 299 52.89 66.61 8.57
C MET E 299 54.28 66.74 9.18
N ARG E 300 54.92 67.89 9.02
CA ARG E 300 56.19 68.13 9.69
C ARG E 300 55.99 68.25 11.20
N ILE E 301 54.96 68.97 11.62
CA ILE E 301 54.73 69.15 13.05
C ILE E 301 54.05 67.91 13.65
N HIS E 302 53.51 67.02 12.83
CA HIS E 302 53.00 65.76 13.34
C HIS E 302 54.13 64.77 13.57
N ALA E 303 55.18 64.83 12.74
CA ALA E 303 56.33 63.96 12.93
C ALA E 303 57.14 64.37 14.16
N TYR E 304 57.22 65.67 14.42
CA TYR E 304 57.90 66.15 15.62
C TYR E 304 57.14 65.80 16.88
N SER E 305 55.80 65.83 16.81
CA SER E 305 55.00 65.68 18.02
C SER E 305 55.05 64.25 18.54
N GLN E 306 54.97 63.26 17.65
CA GLN E 306 55.12 61.88 18.10
C GLN E 306 56.56 61.54 18.44
N LEU E 307 57.52 62.28 17.88
CA LEU E 307 58.92 62.05 18.25
C LEU E 307 59.19 62.61 19.64
N LEU E 308 58.64 63.79 19.94
CA LEU E 308 58.82 64.38 21.27
C LEU E 308 57.99 63.70 22.33
N GLU E 309 57.04 62.85 21.96
CA GLU E 309 56.47 61.93 22.94
C GLU E 309 57.52 60.89 23.33
N SER E 310 57.30 60.26 24.49
CA SER E 310 58.13 59.22 25.08
C SER E 310 59.55 59.68 25.41
N TYR E 311 59.80 61.00 25.45
CA TYR E 311 61.12 61.54 25.73
C TYR E 311 60.88 62.91 26.37
N ARG E 312 61.37 63.12 27.58
CA ARG E 312 61.30 64.45 28.15
C ARG E 312 62.67 65.08 28.37
N SER E 313 63.74 64.32 28.23
CA SER E 313 65.09 64.87 28.28
C SER E 313 65.84 64.57 26.98
N LEU E 314 65.16 64.79 25.85
CA LEU E 314 65.74 64.48 24.55
C LEU E 314 66.83 65.47 24.19
N THR E 315 67.89 64.94 23.57
CA THR E 315 69.01 65.74 23.10
C THR E 315 69.00 65.84 21.58
N LEU E 316 69.55 66.94 21.06
CA LEU E 316 69.66 67.08 19.61
C LEU E 316 70.89 66.40 19.06
N GLY E 317 71.82 65.99 19.94
CA GLY E 317 72.91 65.13 19.53
C GLY E 317 72.45 63.76 19.10
N TYR E 318 71.28 63.33 19.58
CA TYR E 318 70.63 62.13 19.07
C TYR E 318 69.81 62.44 17.82
N MET E 319 69.40 63.70 17.65
CA MET E 319 68.69 64.10 16.44
C MET E 319 69.60 64.21 15.23
N ALA E 320 70.92 64.28 15.44
CA ALA E 320 71.86 64.41 14.34
C ALA E 320 71.99 63.13 13.52
N GLU E 321 71.48 62.01 14.02
CA GLU E 321 71.51 60.75 13.28
C GLU E 321 70.18 60.00 13.25
N ALA E 322 69.27 60.25 14.19
CA ALA E 322 68.03 59.49 14.24
C ALA E 322 66.96 60.10 13.32
N PHE E 323 66.68 61.39 13.49
CA PHE E 323 65.70 62.04 12.62
C PHE E 323 66.27 62.23 11.22
N GLY E 324 67.51 62.68 11.14
CA GLY E 324 68.13 62.99 9.87
C GLY E 324 69.59 63.33 10.09
N VAL E 325 70.05 64.42 9.48
CA VAL E 325 71.38 64.95 9.70
C VAL E 325 71.24 66.38 10.20
N GLY E 326 72.37 67.07 10.30
CA GLY E 326 72.36 68.48 10.64
C GLY E 326 72.19 68.71 12.13
N VAL E 327 72.60 69.91 12.56
CA VAL E 327 72.50 70.33 13.95
C VAL E 327 71.70 71.62 14.08
N GLU E 328 72.14 72.69 13.42
CA GLU E 328 71.53 73.99 13.61
C GLU E 328 70.22 74.14 12.84
N PHE E 329 69.93 73.23 11.91
CA PHE E 329 68.66 73.35 11.20
C PHE E 329 67.50 72.94 12.07
N ILE E 330 67.68 71.90 12.89
CA ILE E 330 66.61 71.42 13.76
C ILE E 330 66.35 72.43 14.86
N ASP E 331 67.41 73.12 15.31
CA ASP E 331 67.28 74.12 16.36
C ASP E 331 66.42 75.29 15.93
N GLN E 332 66.66 75.80 14.72
CA GLN E 332 65.83 76.89 14.24
C GLN E 332 64.47 76.39 13.74
N GLU E 333 64.37 75.09 13.46
CA GLU E 333 63.07 74.56 13.06
C GLU E 333 62.16 74.43 14.25
N LEU E 334 62.68 73.89 15.36
CA LEU E 334 61.87 73.77 16.57
C LEU E 334 61.58 75.13 17.18
N SER E 335 62.47 76.09 17.00
CA SER E 335 62.26 77.42 17.54
C SER E 335 61.12 78.14 16.82
N ARG E 336 60.94 77.86 15.53
CA ARG E 336 59.83 78.48 14.81
C ARG E 336 58.49 77.89 15.20
N PHE E 337 58.47 76.64 15.68
CA PHE E 337 57.20 76.03 16.02
C PHE E 337 56.83 76.23 17.48
N ILE E 338 57.83 76.32 18.37
CA ILE E 338 57.55 76.71 19.75
C ILE E 338 57.05 78.14 19.80
N ALA E 339 57.66 79.03 19.01
CA ALA E 339 57.16 80.39 18.90
C ALA E 339 55.88 80.49 18.06
N ALA E 340 55.51 79.43 17.35
CA ALA E 340 54.23 79.43 16.66
C ALA E 340 53.07 79.28 17.63
N GLY E 341 53.33 78.71 18.81
CA GLY E 341 52.28 78.46 19.77
C GLY E 341 52.08 76.98 19.97
N ARG E 342 52.47 76.20 18.97
CA ARG E 342 52.31 74.75 18.99
C ARG E 342 53.56 74.11 19.61
N LEU E 343 53.52 72.76 19.73
CA LEU E 343 54.63 71.94 20.22
C LEU E 343 55.06 72.36 21.63
N HIS E 344 54.21 72.03 22.60
CA HIS E 344 54.42 72.50 23.96
C HIS E 344 55.63 71.78 24.56
N CYS E 345 56.80 72.35 24.29
CA CYS E 345 58.09 71.87 24.78
C CYS E 345 59.05 73.06 24.78
N LYS E 346 60.07 72.99 25.63
CA LYS E 346 61.08 74.02 25.69
C LYS E 346 62.36 73.53 25.03
N ILE E 347 63.20 74.48 24.63
CA ILE E 347 64.47 74.17 24.00
C ILE E 347 65.57 74.83 24.81
N ASP E 348 66.75 74.19 24.79
CA ASP E 348 67.92 74.67 25.51
C ASP E 348 69.13 74.47 24.61
N LYS E 349 70.02 75.46 24.64
CA LYS E 349 71.19 75.47 23.78
C LYS E 349 72.45 75.04 24.50
N VAL E 350 72.81 75.71 25.60
CA VAL E 350 74.09 75.46 26.26
C VAL E 350 74.10 74.21 27.13
N ASN E 351 72.99 73.48 27.22
CA ASN E 351 72.97 72.19 27.87
C ASN E 351 72.57 71.06 26.95
N GLU E 352 72.08 71.37 25.75
CA GLU E 352 71.73 70.41 24.69
C GLU E 352 70.67 69.42 25.19
N ILE E 353 69.64 69.95 25.86
CA ILE E 353 68.55 69.14 26.38
C ILE E 353 67.24 69.81 25.95
N VAL E 354 66.50 69.14 25.07
CA VAL E 354 65.20 69.64 24.65
C VAL E 354 64.21 69.14 25.70
N GLU E 355 64.07 69.91 26.77
CA GLU E 355 63.25 69.52 27.91
C GLU E 355 61.81 69.90 27.61
N THR E 356 60.92 68.91 27.55
CA THR E 356 59.53 69.25 27.30
C THR E 356 58.80 69.58 28.60
N ASN E 357 57.69 70.26 28.45
CA ASN E 357 56.81 70.63 29.55
C ASN E 357 55.36 70.36 29.18
N ARG E 358 55.11 69.15 28.69
CA ARG E 358 53.76 68.78 28.30
C ARG E 358 52.83 68.70 29.52
N PRO E 359 51.61 69.21 29.40
CA PRO E 359 50.70 69.21 30.55
C PRO E 359 50.16 67.82 30.87
N ASP E 360 49.61 67.70 32.08
CA ASP E 360 49.25 66.42 32.67
C ASP E 360 47.76 66.12 32.56
N SER E 361 47.13 66.51 31.45
CA SER E 361 45.69 66.40 31.17
C SER E 361 44.83 67.13 32.19
N LYS E 362 45.39 68.09 32.92
CA LYS E 362 44.65 68.99 33.78
C LYS E 362 44.88 70.44 33.38
N ASN E 363 46.15 70.85 33.26
CA ASN E 363 46.47 72.21 32.89
C ASN E 363 46.11 72.49 31.44
N TRP E 364 46.14 71.48 30.58
CA TRP E 364 45.56 71.65 29.25
C TRP E 364 44.05 71.71 29.32
N GLN E 365 43.46 70.90 30.19
CA GLN E 365 42.02 70.95 30.35
C GLN E 365 41.58 72.21 31.08
N TYR E 366 42.45 72.77 31.92
CA TYR E 366 42.17 74.06 32.53
C TYR E 366 42.14 75.18 31.49
N GLN E 367 42.97 75.07 30.45
CA GLN E 367 42.93 76.05 29.38
C GLN E 367 41.65 75.93 28.57
N GLU E 368 41.11 74.72 28.45
CA GLU E 368 39.96 74.52 27.58
C GLU E 368 38.68 75.10 28.20
N THR E 369 38.63 75.25 29.51
CA THR E 369 37.51 75.97 30.10
C THR E 369 37.67 77.48 29.97
N ILE E 370 38.90 77.98 30.07
CA ILE E 370 39.08 79.43 30.05
C ILE E 370 39.07 79.98 28.62
N LYS E 371 39.29 79.13 27.61
CA LYS E 371 39.16 79.59 26.23
C LYS E 371 37.72 79.52 25.74
N LYS E 372 36.99 78.48 26.12
CA LYS E 372 35.59 78.40 25.75
C LYS E 372 34.69 79.23 26.66
N GLY E 373 35.19 79.63 27.82
CA GLY E 373 34.38 80.41 28.74
C GLY E 373 34.19 81.83 28.30
N ASP E 374 35.30 82.56 28.13
CA ASP E 374 35.24 83.98 27.79
C ASP E 374 34.75 84.20 26.36
N LEU E 375 34.93 83.21 25.50
CA LEU E 375 34.35 83.26 24.16
C LEU E 375 32.84 83.27 24.23
N LEU E 376 32.28 82.56 25.22
CA LEU E 376 30.86 82.65 25.49
C LEU E 376 30.50 83.93 26.21
N LEU E 377 31.40 84.44 27.05
CA LEU E 377 31.10 85.63 27.84
C LEU E 377 31.07 86.87 26.99
N ASN E 378 31.94 86.96 25.98
CA ASN E 378 31.87 88.06 25.05
C ASN E 378 30.64 87.96 24.15
N ARG E 379 30.10 86.75 24.00
CA ARG E 379 28.88 86.57 23.24
C ARG E 379 27.66 86.98 24.04
N VAL E 380 27.68 86.80 25.37
CA VAL E 380 26.47 87.12 26.13
C VAL E 380 26.40 88.60 26.47
N GLN E 381 27.53 89.31 26.54
CA GLN E 381 27.45 90.74 26.78
C GLN E 381 27.04 91.48 25.52
N LYS E 382 27.58 91.06 24.38
CA LYS E 382 27.21 91.64 23.09
C LYS E 382 25.75 91.38 22.79
N LEU E 383 25.23 90.23 23.23
CA LEU E 383 23.79 90.02 23.22
C LEU E 383 23.09 90.96 24.19
N SER E 384 23.68 91.18 25.38
CA SER E 384 23.04 91.95 26.43
C SER E 384 22.99 93.44 26.16
N ARG E 385 23.74 93.94 25.18
CA ARG E 385 23.75 95.37 24.92
C ARG E 385 22.97 95.75 23.67
N VAL E 386 22.80 94.83 22.73
CA VAL E 386 21.90 95.06 21.59
C VAL E 386 20.47 95.23 22.09
N ILE E 387 20.05 94.39 23.03
CA ILE E 387 18.80 94.60 23.75
C ILE E 387 19.04 95.62 24.87
N ASN E 388 17.95 96.02 25.53
CA ASN E 388 17.89 97.13 26.50
C ASN E 388 18.24 98.44 25.78
N MET E 389 17.53 98.67 24.67
CA MET E 389 17.65 99.82 23.78
C MET E 389 19.06 100.01 23.24
N ALA F 5 28.21 46.15 79.10
CA ALA F 5 28.63 46.31 77.72
C ALA F 5 27.56 47.01 76.89
N VAL F 6 27.10 48.15 77.39
CA VAL F 6 26.06 48.94 76.73
C VAL F 6 26.74 49.91 75.79
N GLN F 7 26.40 49.83 74.51
CA GLN F 7 26.88 50.81 73.55
C GLN F 7 26.20 52.16 73.76
N LYS F 8 24.86 52.18 73.62
CA LYS F 8 24.08 53.40 73.75
C LYS F 8 22.64 53.02 74.05
N VAL F 9 21.88 54.01 74.47
CA VAL F 9 20.46 53.83 74.74
C VAL F 9 19.67 54.59 73.68
N VAL F 10 18.43 54.15 73.48
CA VAL F 10 17.50 54.81 72.59
C VAL F 10 16.28 55.23 73.40
N VAL F 11 16.11 56.53 73.57
CA VAL F 11 14.98 57.08 74.32
C VAL F 11 13.95 57.54 73.29
N HIS F 12 12.79 56.89 73.29
CA HIS F 12 11.69 57.29 72.43
C HIS F 12 11.14 58.64 72.92
N PRO F 13 10.56 59.46 72.03
CA PRO F 13 9.97 60.72 72.48
C PRO F 13 8.60 60.57 73.13
N LEU F 14 8.46 59.69 74.12
CA LEU F 14 7.20 59.53 74.82
C LEU F 14 7.45 59.61 76.31
N VAL F 15 8.58 59.06 76.75
CA VAL F 15 8.82 58.87 78.18
C VAL F 15 9.18 60.21 78.84
N LEU F 16 9.93 61.06 78.13
CA LEU F 16 10.27 62.36 78.70
C LEU F 16 9.05 63.26 78.81
N LEU F 17 8.05 63.04 77.96
CA LEU F 17 6.78 63.75 78.11
C LEU F 17 6.05 63.27 79.35
N SER F 18 6.22 62.00 79.72
CA SER F 18 5.62 61.50 80.95
C SER F 18 6.36 62.04 82.17
N VAL F 19 7.64 62.37 82.00
CA VAL F 19 8.39 62.99 83.10
C VAL F 19 7.96 64.44 83.28
N VAL F 20 7.80 65.17 82.16
CA VAL F 20 7.32 66.54 82.21
C VAL F 20 5.89 66.58 82.74
N ASP F 21 5.10 65.55 82.43
CA ASP F 21 3.81 65.35 83.09
C ASP F 21 3.99 65.21 84.59
N HIS F 22 4.83 64.25 85.02
CA HIS F 22 4.94 63.98 86.44
C HIS F 22 5.79 65.02 87.16
N PHE F 23 6.52 65.84 86.41
CA PHE F 23 7.11 67.03 87.02
C PHE F 23 6.04 68.06 87.35
N ASN F 24 4.93 68.02 86.61
CA ASN F 24 3.80 68.88 86.93
C ASN F 24 2.72 68.13 87.70
N ARG F 25 2.84 66.81 87.87
CA ARG F 25 1.85 66.09 88.65
C ARG F 25 2.11 66.21 90.15
N ILE F 26 3.26 66.78 90.53
CA ILE F 26 3.59 66.95 91.94
C ILE F 26 3.79 68.40 92.34
N GLY F 27 4.07 69.32 91.41
CA GLY F 27 4.45 70.68 91.73
C GLY F 27 3.34 71.56 92.28
N LYS F 28 2.12 71.05 92.43
CA LYS F 28 1.06 71.86 92.99
C LYS F 28 1.18 71.99 94.51
N VAL F 29 1.69 70.96 95.18
CA VAL F 29 1.78 70.98 96.64
C VAL F 29 3.16 70.47 97.05
N GLY F 30 3.86 69.82 96.12
CA GLY F 30 5.16 69.26 96.44
C GLY F 30 6.28 70.28 96.29
N ASN F 31 7.23 70.22 97.22
CA ASN F 31 8.46 71.00 97.16
C ASN F 31 9.66 70.08 97.11
N GLN F 32 9.45 68.88 96.57
CA GLN F 32 10.48 67.86 96.45
C GLN F 32 11.59 68.25 95.48
N LYS F 33 11.25 69.05 94.45
CA LYS F 33 12.08 69.52 93.33
C LYS F 33 12.97 68.45 92.72
N ARG F 34 12.49 67.21 92.70
CA ARG F 34 13.07 66.11 91.96
C ARG F 34 11.98 65.07 91.75
N VAL F 35 12.05 64.39 90.62
CA VAL F 35 11.08 63.38 90.22
C VAL F 35 11.82 62.08 89.99
N VAL F 36 11.45 61.04 90.73
CA VAL F 36 12.09 59.73 90.61
C VAL F 36 11.02 58.73 90.21
N GLY F 37 11.23 58.04 89.10
CA GLY F 37 10.30 57.01 88.68
C GLY F 37 10.98 55.76 88.16
N VAL F 38 10.21 54.87 87.54
CA VAL F 38 10.71 53.58 87.09
C VAL F 38 10.77 53.58 85.57
N LEU F 39 11.93 53.27 85.02
CA LEU F 39 12.12 53.23 83.58
C LEU F 39 11.93 51.81 83.07
N LEU F 40 11.06 51.65 82.08
CA LEU F 40 10.86 50.36 81.43
C LEU F 40 11.53 50.38 80.07
N GLY F 41 12.03 49.22 79.64
CA GLY F 41 12.79 49.17 78.41
C GLY F 41 12.61 47.88 77.65
N SER F 42 13.28 47.80 76.51
CA SER F 42 13.29 46.62 75.66
C SER F 42 14.74 46.36 75.25
N TRP F 43 15.44 45.57 76.06
CA TRP F 43 16.83 45.23 75.80
C TRP F 43 16.89 44.21 74.67
N GLN F 44 17.36 44.63 73.50
CA GLN F 44 17.22 43.77 72.31
C GLN F 44 18.45 42.90 72.12
N LYS F 45 19.58 43.49 71.73
CA LYS F 45 20.80 42.70 71.70
C LYS F 45 21.94 43.34 72.48
N LYS F 46 22.35 44.52 72.05
CA LYS F 46 23.40 45.31 72.67
C LYS F 46 22.99 46.77 72.85
N VAL F 47 22.25 47.32 71.90
CA VAL F 47 21.72 48.67 72.05
C VAL F 47 20.46 48.61 72.90
N LEU F 48 20.27 49.63 73.73
CA LEU F 48 19.16 49.67 74.67
C LEU F 48 18.05 50.54 74.08
N ASP F 49 16.81 50.16 74.37
CA ASP F 49 15.64 50.89 73.88
C ASP F 49 14.70 51.12 75.04
N VAL F 50 14.06 52.29 75.07
CA VAL F 50 13.07 52.65 76.07
C VAL F 50 11.80 53.08 75.36
N SER F 51 10.71 52.34 75.61
CA SER F 51 9.44 52.62 74.97
C SER F 51 8.46 53.31 75.92
N ASN F 52 8.18 52.69 77.07
CA ASN F 52 7.22 53.22 78.03
C ASN F 52 7.92 53.31 79.37
N SER F 53 7.31 54.06 80.29
CA SER F 53 7.75 54.11 81.68
C SER F 53 6.61 54.62 82.54
N PHE F 54 6.87 54.74 83.83
CA PHE F 54 5.91 55.25 84.79
C PHE F 54 6.68 55.82 85.98
N ALA F 55 5.94 56.34 86.95
CA ALA F 55 6.56 56.95 88.12
C ALA F 55 6.11 56.24 89.39
N VAL F 56 6.70 56.65 90.50
CA VAL F 56 6.55 55.97 91.78
C VAL F 56 6.67 57.04 92.86
N PRO F 57 5.89 56.98 93.95
CA PRO F 57 6.06 57.98 95.02
C PRO F 57 7.40 57.83 95.72
N PHE F 58 8.15 58.94 95.77
CA PHE F 58 9.49 58.96 96.33
C PHE F 58 9.71 60.30 97.00
N ASP F 59 10.20 60.30 98.23
CA ASP F 59 10.65 61.53 98.89
C ASP F 59 12.07 61.34 99.41
N GLU F 60 12.64 62.46 99.87
CA GLU F 60 14.03 62.50 100.30
C GLU F 60 14.20 63.74 101.16
N ASP F 61 14.70 63.55 102.38
CA ASP F 61 14.96 64.66 103.29
C ASP F 61 16.39 65.14 103.12
N ASP F 62 16.57 66.46 103.14
CA ASP F 62 17.90 67.04 102.97
C ASP F 62 18.78 66.79 104.18
N LYS F 63 18.19 66.63 105.35
CA LYS F 63 18.96 66.29 106.54
C LYS F 63 19.46 64.86 106.45
N ASP F 64 20.78 64.69 106.60
CA ASP F 64 21.55 63.44 106.66
C ASP F 64 21.67 62.74 105.29
N ASP F 65 20.91 63.24 104.30
CA ASP F 65 20.77 62.84 102.88
C ASP F 65 20.95 61.34 102.63
N SER F 66 20.36 60.52 103.48
CA SER F 66 20.53 59.08 103.42
C SER F 66 19.21 58.36 103.64
N VAL F 67 18.11 59.09 103.70
CA VAL F 67 16.79 58.54 104.01
C VAL F 67 15.94 58.63 102.76
N TRP F 68 15.28 57.52 102.43
CA TRP F 68 14.49 57.44 101.22
C TRP F 68 13.39 56.42 101.45
N PHE F 69 12.38 56.45 100.58
CA PHE F 69 11.34 55.44 100.61
C PHE F 69 10.86 55.17 99.20
N LEU F 70 10.89 53.90 98.80
CA LEU F 70 10.30 53.46 97.55
C LEU F 70 9.08 52.60 97.83
N ASP F 71 8.11 52.66 96.95
CA ASP F 71 6.87 51.90 97.08
C ASP F 71 7.03 50.64 96.22
N HIS F 72 7.26 49.51 96.88
CA HIS F 72 7.47 48.26 96.16
C HIS F 72 6.16 47.63 95.71
N ASP F 73 5.12 47.72 96.54
CA ASP F 73 3.83 47.14 96.18
C ASP F 73 3.24 47.83 94.96
N TYR F 74 3.37 49.15 94.89
CA TYR F 74 2.97 49.87 93.69
C TYR F 74 3.87 49.53 92.50
N LEU F 75 5.12 49.16 92.77
CA LEU F 75 5.99 48.70 91.69
C LEU F 75 5.64 47.28 91.26
N GLU F 76 5.18 46.44 92.18
CA GLU F 76 4.88 45.06 91.81
C GLU F 76 3.58 44.96 91.03
N ASN F 77 2.57 45.74 91.42
CA ASN F 77 1.28 45.64 90.73
C ASN F 77 1.34 46.28 89.35
N MET F 78 1.84 47.52 89.26
CA MET F 78 1.70 48.29 88.03
C MET F 78 2.62 47.77 86.93
N TYR F 79 3.80 47.27 87.29
CA TYR F 79 4.60 46.54 86.30
C TYR F 79 3.94 45.24 85.91
N GLY F 80 3.30 44.57 86.87
CA GLY F 80 2.53 43.38 86.56
C GLY F 80 1.29 43.68 85.75
N MET F 81 0.70 44.87 85.93
CA MET F 81 -0.40 45.29 85.08
C MET F 81 0.04 45.55 83.66
N PHE F 82 1.23 46.13 83.50
CA PHE F 82 1.73 46.43 82.16
C PHE F 82 2.12 45.16 81.42
N LYS F 83 2.55 44.14 82.14
CA LYS F 83 2.87 42.86 81.52
C LYS F 83 1.63 42.20 80.95
N LYS F 84 0.49 42.38 81.61
CA LYS F 84 -0.74 41.77 81.12
C LYS F 84 -1.27 42.50 79.89
N VAL F 85 -1.13 43.82 79.85
CA VAL F 85 -1.63 44.57 78.70
C VAL F 85 -0.60 44.52 77.57
N ASN F 86 0.67 44.25 77.88
CA ASN F 86 1.71 44.22 76.85
C ASN F 86 2.83 43.33 77.37
N ALA F 87 2.88 42.10 76.86
CA ALA F 87 3.94 41.16 77.24
C ALA F 87 5.15 41.28 76.31
N ARG F 88 5.58 42.53 76.08
CA ARG F 88 6.74 42.82 75.26
C ARG F 88 7.71 43.69 76.06
N GLU F 89 7.15 44.57 76.87
CA GLU F 89 7.89 45.56 77.64
C GLU F 89 8.30 44.97 78.98
N ARG F 90 9.50 45.31 79.43
CA ARG F 90 9.94 44.89 80.75
C ARG F 90 10.80 45.98 81.36
N ILE F 91 11.33 45.68 82.55
CA ILE F 91 12.12 46.64 83.30
C ILE F 91 13.50 46.80 82.67
N VAL F 92 14.06 48.00 82.75
CA VAL F 92 15.44 48.20 82.33
C VAL F 92 16.16 49.05 83.37
N GLY F 93 15.41 49.74 84.23
CA GLY F 93 16.02 50.59 85.23
C GLY F 93 15.10 51.64 85.82
N TRP F 94 15.63 52.85 85.99
CA TRP F 94 14.94 53.93 86.66
C TRP F 94 15.42 55.24 86.05
N TYR F 95 14.90 56.35 86.58
CA TYR F 95 15.28 57.67 86.09
C TYR F 95 15.08 58.66 87.23
N HIS F 96 15.82 59.77 87.16
CA HIS F 96 15.48 60.92 87.98
C HIS F 96 15.90 62.19 87.26
N THR F 97 15.29 63.29 87.65
CA THR F 97 15.58 64.60 87.09
C THR F 97 16.30 65.46 88.12
N GLY F 98 16.63 66.68 87.71
CA GLY F 98 17.49 67.53 88.48
C GLY F 98 18.94 67.29 88.10
N PRO F 99 19.66 68.37 87.78
CA PRO F 99 21.07 68.22 87.36
C PRO F 99 21.95 67.76 88.51
N LYS F 100 21.85 68.45 89.64
CA LYS F 100 22.56 68.04 90.85
C LYS F 100 21.85 66.84 91.45
N LEU F 101 22.48 65.68 91.36
CA LEU F 101 21.89 64.46 91.88
C LEU F 101 22.26 64.27 93.35
N HIS F 102 21.27 63.84 94.13
CA HIS F 102 21.54 63.48 95.51
C HIS F 102 22.25 62.14 95.56
N LYS F 103 22.75 61.80 96.75
CA LYS F 103 23.65 60.67 96.89
C LYS F 103 22.96 59.41 97.38
N ASN F 104 21.64 59.36 97.35
CA ASN F 104 20.93 58.11 97.52
C ASN F 104 20.84 57.32 96.22
N ASP F 105 21.37 57.84 95.12
CA ASP F 105 21.21 57.21 93.83
C ASP F 105 22.03 55.93 93.71
N ILE F 106 23.04 55.76 94.57
CA ILE F 106 23.66 54.45 94.70
C ILE F 106 22.79 53.53 95.55
N ALA F 107 22.13 54.09 96.58
CA ALA F 107 21.29 53.30 97.45
C ALA F 107 20.00 52.87 96.75
N ILE F 108 19.47 53.70 95.86
CA ILE F 108 18.33 53.30 95.06
C ILE F 108 18.74 52.25 94.04
N ASN F 109 19.92 52.41 93.45
CA ASN F 109 20.36 51.53 92.38
C ASN F 109 20.64 50.13 92.90
N GLU F 110 21.37 50.02 94.01
CA GLU F 110 21.78 48.72 94.51
C GLU F 110 20.62 47.93 95.11
N LEU F 111 19.48 48.57 95.36
CA LEU F 111 18.31 47.81 95.77
C LEU F 111 17.64 47.16 94.57
N MET F 112 17.28 47.96 93.57
CA MET F 112 16.50 47.49 92.44
C MET F 112 17.35 46.82 91.36
N LYS F 113 18.60 46.45 91.66
CA LYS F 113 19.31 45.53 90.79
C LYS F 113 18.80 44.10 90.92
N ARG F 114 18.00 43.82 91.95
CA ARG F 114 17.32 42.53 92.04
C ARG F 114 16.22 42.40 91.00
N TYR F 115 15.78 43.51 90.41
CA TYR F 115 14.89 43.46 89.27
C TYR F 115 15.67 43.35 87.96
N CYS F 116 16.63 44.25 87.75
CA CYS F 116 17.32 44.33 86.49
C CYS F 116 18.82 44.15 86.72
N PRO F 117 19.45 43.18 86.03
CA PRO F 117 20.91 42.97 86.19
C PRO F 117 21.73 44.12 85.64
N ASN F 118 21.45 44.50 84.39
CA ASN F 118 22.05 45.69 83.79
C ASN F 118 21.16 46.90 84.06
N SER F 119 21.14 47.31 85.32
CA SER F 119 20.34 48.44 85.74
C SER F 119 20.96 49.74 85.22
N VAL F 120 20.11 50.64 84.75
CA VAL F 120 20.55 51.88 84.12
C VAL F 120 19.68 53.01 84.65
N LEU F 121 20.27 54.21 84.72
CA LEU F 121 19.56 55.42 85.10
C LEU F 121 19.63 56.41 83.94
N VAL F 122 18.60 57.22 83.82
CA VAL F 122 18.56 58.29 82.82
C VAL F 122 18.26 59.60 83.53
N ILE F 123 19.14 60.58 83.36
CA ILE F 123 18.93 61.93 83.87
C ILE F 123 18.43 62.80 82.73
N ILE F 124 17.29 63.46 82.95
CA ILE F 124 16.74 64.39 81.98
C ILE F 124 16.89 65.80 82.56
N ASP F 125 16.52 66.78 81.73
CA ASP F 125 16.55 68.18 82.15
C ASP F 125 15.22 68.81 81.81
N VAL F 126 14.50 69.26 82.83
CA VAL F 126 13.23 69.94 82.59
C VAL F 126 13.44 71.46 82.50
N LYS F 127 14.13 72.05 83.47
CA LYS F 127 14.44 73.48 83.43
C LYS F 127 15.72 73.80 82.66
N PRO F 128 16.88 73.08 82.86
CA PRO F 128 18.02 73.45 81.98
C PRO F 128 17.83 72.96 80.55
N LYS F 129 17.12 73.78 79.77
CA LYS F 129 16.70 73.42 78.42
C LYS F 129 17.08 74.49 77.40
N ASP F 130 17.79 75.53 77.82
CA ASP F 130 18.01 76.68 76.95
C ASP F 130 19.11 76.43 75.92
N LEU F 131 20.23 75.83 76.32
CA LEU F 131 21.32 75.55 75.40
C LEU F 131 21.10 74.16 74.79
N GLY F 132 22.09 73.67 74.05
CA GLY F 132 22.00 72.34 73.50
C GLY F 132 22.51 71.33 74.51
N LEU F 133 21.60 70.72 75.25
CA LEU F 133 21.96 69.74 76.27
C LEU F 133 20.89 68.64 76.28
N PRO F 134 21.23 67.44 75.81
CA PRO F 134 20.26 66.34 75.79
C PRO F 134 20.09 65.68 77.15
N THR F 135 19.36 64.56 77.17
CA THR F 135 19.29 63.74 78.37
C THR F 135 20.64 63.05 78.60
N GLU F 136 20.79 62.51 79.80
CA GLU F 136 22.05 61.92 80.22
C GLU F 136 21.78 60.57 80.86
N ALA F 137 22.69 59.62 80.63
CA ALA F 137 22.59 58.30 81.25
C ALA F 137 23.95 57.87 81.80
N TYR F 138 23.91 57.14 82.90
CA TYR F 138 25.08 56.50 83.47
C TYR F 138 24.91 54.98 83.44
N ILE F 139 25.81 54.27 84.10
CA ILE F 139 25.74 52.82 84.19
C ILE F 139 26.19 52.41 85.59
N SER F 140 25.67 51.28 86.06
CA SER F 140 26.05 50.71 87.35
C SER F 140 27.26 49.81 87.14
N VAL F 141 28.43 50.27 87.61
CA VAL F 141 29.65 49.47 87.58
C VAL F 141 30.23 49.44 88.98
N GLU F 142 30.94 48.35 89.28
CA GLU F 142 31.55 48.14 90.60
C GLU F 142 33.00 47.74 90.38
N GLU F 143 33.91 48.69 90.62
CA GLU F 143 35.35 48.47 90.59
C GLU F 143 35.91 49.01 91.90
N VAL F 144 37.23 49.04 92.04
CA VAL F 144 37.73 49.53 93.32
C VAL F 144 37.80 51.06 93.23
N HIS F 145 38.88 51.62 92.69
CA HIS F 145 38.73 52.85 91.93
C HIS F 145 39.57 52.87 90.66
N ASP F 146 40.90 52.96 90.81
CA ASP F 146 41.78 52.94 89.65
C ASP F 146 42.90 51.90 89.78
N ASP F 147 43.87 52.17 90.64
CA ASP F 147 44.91 51.20 90.98
C ASP F 147 45.11 51.06 92.49
N GLY F 148 45.26 52.18 93.19
CA GLY F 148 45.68 52.16 94.59
C GLY F 148 45.01 53.22 95.43
N THR F 149 44.04 53.81 94.89
CA THR F 149 43.08 54.78 95.39
C THR F 149 41.93 54.06 96.09
N PRO F 150 41.32 54.68 97.11
CA PRO F 150 40.27 53.99 97.88
C PRO F 150 39.02 53.71 97.06
N THR F 151 38.25 52.74 97.54
CA THR F 151 37.14 52.20 96.75
C THR F 151 35.91 53.11 96.79
N SER F 152 35.18 53.11 95.69
CA SER F 152 33.97 53.90 95.52
C SER F 152 33.13 53.26 94.42
N LYS F 153 32.12 54.00 93.94
CA LYS F 153 31.20 53.53 92.90
C LYS F 153 31.65 53.90 91.50
N THR F 154 31.78 55.22 91.23
CA THR F 154 32.23 55.79 89.96
C THR F 154 31.31 55.34 88.81
N PHE F 155 30.10 55.90 88.84
CA PHE F 155 29.13 55.72 87.75
C PHE F 155 29.72 56.15 86.42
N GLU F 156 29.98 55.20 85.53
CA GLU F 156 30.53 55.52 84.24
C GLU F 156 29.45 56.01 83.29
N HIS F 157 29.84 56.87 82.36
CA HIS F 157 28.89 57.43 81.42
C HIS F 157 28.72 56.51 80.21
N VAL F 158 27.47 56.34 79.79
CA VAL F 158 27.12 55.73 78.51
C VAL F 158 26.49 56.81 77.65
N THR F 159 26.93 56.90 76.40
CA THR F 159 26.37 57.88 75.48
C THR F 159 24.93 57.54 75.14
N SER F 160 24.17 58.58 74.79
CA SER F 160 22.73 58.46 74.59
C SER F 160 22.35 59.06 73.25
N GLU F 161 21.25 58.55 72.69
CA GLU F 161 20.68 59.12 71.48
C GLU F 161 19.16 59.08 71.60
N ILE F 162 18.50 59.73 70.65
CA ILE F 162 17.05 59.78 70.60
C ILE F 162 16.61 59.14 69.29
N GLY F 163 15.69 58.19 69.39
CA GLY F 163 15.11 57.60 68.20
C GLY F 163 13.62 57.41 68.40
N ALA F 164 12.84 57.75 67.38
CA ALA F 164 11.39 57.57 67.48
C ALA F 164 10.95 56.25 66.87
N GLU F 165 9.64 56.09 66.71
CA GLU F 165 9.11 54.99 65.92
C GLU F 165 8.41 55.58 64.71
N GLU F 166 7.75 54.74 63.91
CA GLU F 166 7.13 55.24 62.68
C GLU F 166 5.96 56.18 62.97
N ALA F 167 5.07 55.81 63.88
CA ALA F 167 3.96 56.69 64.20
C ALA F 167 4.39 57.77 65.17
N GLU F 168 5.45 57.50 65.93
CA GLU F 168 5.91 58.40 66.95
C GLU F 168 6.71 59.54 66.32
N GLU F 169 7.14 59.38 65.07
CA GLU F 169 7.81 60.44 64.35
C GLU F 169 6.88 61.23 63.44
N VAL F 170 5.90 60.58 62.83
CA VAL F 170 4.91 61.27 62.01
C VAL F 170 3.93 62.06 62.87
N GLY F 171 3.56 61.54 64.04
CA GLY F 171 2.73 62.30 64.96
C GLY F 171 3.39 63.53 65.56
N VAL F 172 4.72 63.61 65.50
CA VAL F 172 5.41 64.80 65.99
C VAL F 172 5.25 65.97 65.02
N GLU F 173 5.38 65.69 63.71
CA GLU F 173 5.32 66.74 62.70
C GLU F 173 3.96 67.41 62.65
N HIS F 174 2.90 66.69 62.97
CA HIS F 174 1.57 67.28 63.06
C HIS F 174 1.42 68.19 64.27
N LEU F 175 2.27 68.03 65.29
CA LEU F 175 2.12 68.82 66.51
C LEU F 175 2.78 70.18 66.41
N LEU F 176 3.95 70.27 65.77
CA LEU F 176 4.74 71.49 65.80
C LEU F 176 4.08 72.66 65.09
N ARG F 177 3.95 72.58 63.76
CA ARG F 177 3.19 73.51 62.91
C ARG F 177 3.63 74.97 63.05
N ASP F 178 4.89 75.21 63.39
CA ASP F 178 5.28 76.60 63.56
C ASP F 178 6.45 77.02 62.69
N ILE F 179 7.50 76.21 62.59
CA ILE F 179 8.60 76.49 61.68
C ILE F 179 8.86 75.28 60.77
N LYS F 180 8.81 74.08 61.36
CA LYS F 180 8.78 72.75 60.76
C LYS F 180 10.13 72.30 60.17
N ASP F 181 11.05 73.25 59.92
CA ASP F 181 12.44 73.00 59.52
C ASP F 181 12.63 71.98 58.40
N THR F 182 12.28 72.36 57.17
CA THR F 182 12.30 71.47 56.00
C THR F 182 13.65 70.81 55.78
N THR F 183 13.62 69.69 55.06
CA THR F 183 14.83 69.01 54.62
C THR F 183 15.51 69.83 53.52
N VAL F 184 16.54 69.24 52.91
CA VAL F 184 17.86 69.83 52.64
C VAL F 184 17.82 71.34 52.36
N GLY F 185 18.60 72.08 53.15
CA GLY F 185 18.34 73.49 53.33
C GLY F 185 18.86 74.36 52.21
N THR F 186 18.19 75.48 52.03
CA THR F 186 18.52 76.42 50.96
C THR F 186 19.41 77.54 51.50
N LEU F 187 20.62 77.14 51.90
CA LEU F 187 21.75 78.01 52.26
C LEU F 187 21.55 78.86 53.51
N SER F 188 20.36 78.85 54.10
CA SER F 188 20.11 79.63 55.30
C SER F 188 20.09 78.76 56.54
N GLN F 189 19.48 77.59 56.46
CA GLN F 189 19.50 76.67 57.58
C GLN F 189 20.87 76.02 57.73
N ARG F 190 21.60 75.86 56.62
CA ARG F 190 22.90 75.20 56.66
C ARG F 190 23.97 76.07 57.31
N ILE F 191 23.91 77.38 57.12
CA ILE F 191 24.89 78.25 57.77
C ILE F 191 24.61 78.36 59.25
N THR F 192 23.33 78.41 59.63
CA THR F 192 22.97 78.41 61.05
C THR F 192 23.32 77.09 61.72
N ASN F 193 23.31 75.99 60.98
CA ASN F 193 23.81 74.73 61.52
C ASN F 193 25.31 74.79 61.76
N GLN F 194 26.02 75.66 61.06
CA GLN F 194 27.41 75.94 61.39
C GLN F 194 27.55 77.07 62.39
N VAL F 195 26.54 77.93 62.53
CA VAL F 195 26.58 78.96 63.55
C VAL F 195 26.35 78.35 64.93
N HIS F 196 25.18 77.74 65.15
CA HIS F 196 24.93 77.12 66.45
C HIS F 196 25.58 75.75 66.58
N GLY F 197 26.20 75.24 65.51
CA GLY F 197 27.12 74.13 65.67
C GLY F 197 28.40 74.55 66.34
N LEU F 198 28.73 75.85 66.26
CA LEU F 198 29.94 76.37 66.88
C LEU F 198 29.65 77.08 68.20
N LYS F 199 28.39 77.48 68.44
CA LYS F 199 28.02 78.06 69.73
C LYS F 199 28.13 77.04 70.87
N GLY F 200 27.94 75.76 70.58
CA GLY F 200 28.20 74.71 71.53
C GLY F 200 29.64 74.28 71.61
N LEU F 201 30.48 74.73 70.69
CA LEU F 201 31.88 74.33 70.70
C LEU F 201 32.63 75.02 71.83
N ASN F 202 32.65 76.35 71.83
CA ASN F 202 33.40 77.08 72.85
C ASN F 202 32.73 76.98 74.22
N SER F 203 31.42 76.71 74.25
CA SER F 203 30.76 76.42 75.52
C SER F 203 31.32 75.16 76.15
N LYS F 204 31.76 74.19 75.34
CA LYS F 204 32.55 73.09 75.86
C LYS F 204 33.95 73.54 76.21
N LEU F 205 34.54 74.43 75.39
CA LEU F 205 35.93 74.82 75.62
C LEU F 205 36.08 75.77 76.79
N LEU F 206 35.09 76.62 77.04
CA LEU F 206 35.07 77.37 78.30
C LEU F 206 34.91 76.45 79.50
N ASP F 207 34.21 75.34 79.32
CA ASP F 207 33.96 74.43 80.43
C ASP F 207 35.20 73.61 80.76
N ILE F 208 36.07 73.36 79.78
CA ILE F 208 37.27 72.58 80.03
C ILE F 208 38.25 73.38 80.88
N ARG F 209 38.47 74.64 80.54
CA ARG F 209 39.40 75.47 81.31
C ARG F 209 38.83 75.86 82.67
N SER F 210 37.49 75.83 82.82
CA SER F 210 36.89 76.16 84.11
C SER F 210 37.16 75.07 85.13
N TYR F 211 37.07 73.81 84.72
CA TYR F 211 37.48 72.71 85.57
C TYR F 211 39.01 72.62 85.66
N LEU F 212 39.71 73.10 84.64
CA LEU F 212 41.15 72.98 84.66
C LEU F 212 41.76 73.99 85.62
N GLU F 213 41.29 75.24 85.54
CA GLU F 213 41.73 76.26 86.48
C GLU F 213 41.23 76.00 87.89
N LYS F 214 40.14 75.24 88.04
CA LYS F 214 39.72 74.79 89.37
C LYS F 214 40.75 73.81 89.94
N VAL F 215 41.33 72.97 89.08
CA VAL F 215 42.28 71.95 89.55
C VAL F 215 43.73 72.40 89.34
N ALA F 216 43.97 73.43 88.51
CA ALA F 216 45.30 74.04 88.48
C ALA F 216 45.57 74.80 89.78
N THR F 217 44.53 75.38 90.38
CA THR F 217 44.65 75.94 91.72
C THR F 217 44.90 74.83 92.74
N GLY F 218 44.09 73.77 92.70
CA GLY F 218 44.24 72.66 93.59
C GLY F 218 43.21 72.57 94.70
N LYS F 219 42.00 73.08 94.50
CA LYS F 219 40.95 72.92 95.49
C LYS F 219 40.50 71.46 95.56
N LEU F 220 40.00 70.95 94.48
CA LEU F 220 39.64 69.55 94.45
C LEU F 220 40.83 68.70 94.03
N PRO F 221 40.91 67.47 94.54
CA PRO F 221 42.00 66.57 94.13
C PRO F 221 41.88 66.17 92.66
N ILE F 222 43.01 65.73 92.12
CA ILE F 222 43.09 65.43 90.70
C ILE F 222 42.44 64.08 90.41
N ASN F 223 42.09 63.85 89.15
CA ASN F 223 41.81 62.53 88.63
C ASN F 223 42.74 62.32 87.46
N HIS F 224 43.61 61.30 87.56
CA HIS F 224 44.51 60.96 86.47
C HIS F 224 43.75 60.48 85.23
N GLN F 225 42.53 59.97 85.42
CA GLN F 225 41.71 59.47 84.33
C GLN F 225 41.42 60.54 83.28
N ILE F 226 41.09 61.75 83.73
CA ILE F 226 40.74 62.81 82.80
C ILE F 226 41.99 63.43 82.18
N ILE F 227 43.17 63.20 82.77
CA ILE F 227 44.38 63.88 82.32
C ILE F 227 44.83 63.36 80.96
N TYR F 228 45.07 62.06 80.87
CA TYR F 228 45.44 61.50 79.58
C TYR F 228 44.26 61.42 78.62
N GLN F 229 43.03 61.45 79.15
CA GLN F 229 41.86 61.61 78.31
C GLN F 229 41.78 63.00 77.69
N LEU F 230 42.39 64.00 78.34
CA LEU F 230 42.53 65.32 77.74
C LEU F 230 43.81 65.45 76.92
N GLN F 231 44.83 64.65 77.24
CA GLN F 231 46.14 64.86 76.65
C GLN F 231 46.22 64.33 75.23
N ASP F 232 45.47 63.28 74.90
CA ASP F 232 45.42 62.81 73.53
C ASP F 232 44.56 63.68 72.62
N VAL F 233 43.87 64.68 73.15
CA VAL F 233 43.20 65.64 72.28
C VAL F 233 44.23 66.53 71.59
N PHE F 234 45.22 67.02 72.35
CA PHE F 234 46.08 68.09 71.87
C PHE F 234 47.20 67.58 71.00
N ASN F 235 47.67 66.35 71.19
CA ASN F 235 48.71 65.79 70.34
C ASN F 235 48.11 64.83 69.32
N LEU F 236 46.85 65.04 68.96
CA LEU F 236 46.26 64.32 67.84
C LEU F 236 45.45 65.22 66.92
N LEU F 237 45.43 66.52 67.17
CA LEU F 237 44.89 67.45 66.18
C LEU F 237 45.88 67.60 65.03
N PRO F 238 45.38 67.75 63.80
CA PRO F 238 46.27 67.82 62.64
C PRO F 238 46.99 69.15 62.54
N ASP F 239 48.17 69.09 61.91
CA ASP F 239 48.98 70.27 61.65
C ASP F 239 49.20 70.39 60.15
N VAL F 240 48.71 71.47 59.56
CA VAL F 240 48.73 71.63 58.10
C VAL F 240 50.02 72.34 57.69
N SER F 241 50.92 71.58 57.05
CA SER F 241 52.24 72.15 56.73
C SER F 241 52.49 72.24 55.23
N LEU F 242 52.58 71.12 54.52
CA LEU F 242 53.05 71.15 53.13
C LEU F 242 52.83 69.80 52.48
N GLN F 243 52.31 69.79 51.24
CA GLN F 243 52.19 68.67 50.31
C GLN F 243 51.17 67.62 50.78
N GLU F 244 50.71 67.68 52.01
CA GLU F 244 49.64 66.83 52.49
C GLU F 244 48.32 67.55 52.58
N PHE F 245 48.35 68.85 52.82
CA PHE F 245 47.14 69.65 52.82
C PHE F 245 47.14 70.68 51.71
N VAL F 246 48.17 71.55 51.64
CA VAL F 246 48.15 72.74 50.80
C VAL F 246 48.14 72.36 49.32
N LYS F 247 48.66 71.18 48.98
CA LYS F 247 48.43 70.63 47.66
C LYS F 247 47.02 70.07 47.56
N ALA F 248 46.66 69.19 48.49
CA ALA F 248 45.41 68.44 48.38
C ALA F 248 44.18 69.26 48.74
N PHE F 249 44.33 70.42 49.37
CA PHE F 249 43.16 71.24 49.63
C PHE F 249 42.72 71.99 48.39
N TYR F 250 43.67 72.47 47.59
CA TYR F 250 43.31 73.17 46.36
C TYR F 250 42.82 72.21 45.30
N LEU F 251 43.21 70.93 45.38
CA LEU F 251 42.75 69.93 44.41
C LEU F 251 41.26 69.68 44.53
N LYS F 252 40.67 69.89 45.70
CA LYS F 252 39.21 69.81 45.80
C LYS F 252 38.55 71.19 45.89
N THR F 253 39.31 72.25 46.13
CA THR F 253 38.76 73.59 46.10
C THR F 253 38.70 74.14 44.68
N ASN F 254 39.76 73.96 43.90
CA ASN F 254 39.70 74.29 42.47
C ASN F 254 38.87 73.28 41.69
N ASP F 255 38.48 72.17 42.30
CA ASP F 255 37.50 71.28 41.69
C ASP F 255 36.09 71.84 41.85
N GLN F 256 35.72 72.23 43.06
CA GLN F 256 34.37 72.67 43.33
C GLN F 256 34.09 74.08 42.84
N MET F 257 35.11 74.85 42.47
CA MET F 257 34.86 76.13 41.83
C MET F 257 34.55 76.01 40.35
N VAL F 258 34.75 74.83 39.75
CA VAL F 258 34.39 74.64 38.35
C VAL F 258 32.89 74.47 38.20
N VAL F 259 32.27 73.75 39.12
CA VAL F 259 30.85 73.47 38.98
C VAL F 259 29.96 74.63 39.42
N VAL F 260 30.42 75.47 40.35
CA VAL F 260 29.69 76.70 40.63
C VAL F 260 29.94 77.75 39.56
N TYR F 261 30.97 77.56 38.73
CA TYR F 261 31.17 78.41 37.56
C TYR F 261 30.12 78.16 36.50
N LEU F 262 29.48 76.98 36.50
CA LEU F 262 28.31 76.78 35.65
C LEU F 262 27.13 77.62 36.15
N ALA F 263 26.99 77.77 37.47
CA ALA F 263 25.90 78.57 38.03
C ALA F 263 26.03 80.04 37.64
N SER F 264 27.26 80.51 37.48
CA SER F 264 27.49 81.82 36.89
C SER F 264 27.03 81.86 35.44
N LEU F 265 27.32 80.80 34.68
CA LEU F 265 26.98 80.80 33.26
C LEU F 265 25.49 80.56 33.04
N ILE F 266 24.93 79.52 33.67
CA ILE F 266 23.57 79.10 33.33
C ILE F 266 22.53 80.10 33.83
N ARG F 267 22.67 80.56 35.09
CA ARG F 267 21.63 81.40 35.67
C ARG F 267 21.58 82.78 35.02
N SER F 268 22.70 83.23 34.47
CA SER F 268 22.71 84.48 33.71
C SER F 268 21.95 84.34 32.39
N VAL F 269 21.93 83.15 31.80
CA VAL F 269 21.18 82.95 30.57
C VAL F 269 19.70 82.74 30.89
N VAL F 270 19.39 82.28 32.11
CA VAL F 270 18.00 82.09 32.52
C VAL F 270 17.29 83.44 32.60
N ALA F 271 17.83 84.36 33.38
CA ALA F 271 17.15 85.64 33.57
C ALA F 271 17.28 86.55 32.36
N LEU F 272 18.25 86.29 31.49
CA LEU F 272 18.32 87.07 30.26
C LEU F 272 17.20 86.68 29.31
N HIS F 273 16.88 85.38 29.24
CA HIS F 273 15.79 84.93 28.39
C HIS F 273 14.45 85.42 28.91
N ASN F 274 14.28 85.48 30.23
CA ASN F 274 13.07 86.05 30.79
C ASN F 274 12.99 87.55 30.57
N LEU F 275 14.12 88.21 30.37
CA LEU F 275 14.11 89.63 30.03
C LEU F 275 13.67 89.84 28.59
N ILE F 276 14.08 88.96 27.67
CA ILE F 276 13.77 89.14 26.26
C ILE F 276 12.29 88.94 26.01
N ASN F 277 11.71 87.90 26.62
CA ASN F 277 10.30 87.59 26.42
C ASN F 277 9.39 88.64 27.01
N ASN F 278 9.83 89.33 28.06
CA ASN F 278 9.02 90.42 28.58
C ASN F 278 9.16 91.67 27.72
N LYS F 279 10.37 91.96 27.24
CA LYS F 279 10.55 93.14 26.40
C LYS F 279 9.98 92.98 25.01
N ILE F 280 9.75 91.74 24.56
CA ILE F 280 8.98 91.53 23.34
C ILE F 280 7.50 91.76 23.62
N ALA F 281 7.00 91.15 24.70
CA ALA F 281 5.58 91.27 25.03
C ALA F 281 5.21 92.66 25.50
N ASN F 282 6.16 93.44 26.00
CA ASN F 282 5.85 94.80 26.43
C ASN F 282 5.62 95.70 25.23
N ARG F 283 6.58 95.74 24.30
CA ARG F 283 6.51 96.66 23.17
C ARG F 283 5.44 96.27 22.17
N ASP F 284 5.01 95.00 22.14
CA ASP F 284 3.99 94.59 21.19
C ASP F 284 2.59 94.87 21.71
N ALA F 285 2.39 94.79 23.03
CA ALA F 285 1.14 95.28 23.60
C ALA F 285 1.09 96.80 23.56
N GLU F 286 2.26 97.45 23.59
CA GLU F 286 2.31 98.91 23.56
C GLU F 286 2.04 99.45 22.16
N LYS F 287 2.60 98.83 21.12
CA LYS F 287 2.44 99.30 19.76
C LYS F 287 1.07 98.99 19.18
N LYS F 288 0.30 98.11 19.80
CA LYS F 288 -1.00 97.72 19.28
C LYS F 288 -2.15 98.17 20.17
N GLU F 289 -1.88 98.82 21.29
CA GLU F 289 -2.96 99.35 22.11
C GLU F 289 -3.58 100.59 21.47
N GLY F 290 -2.75 101.46 20.91
CA GLY F 290 -3.24 102.62 20.19
C GLY F 290 -3.63 102.31 18.77
N VAL G 4 32.88 21.94 133.51
CA VAL G 4 33.11 23.13 132.69
C VAL G 4 33.30 24.42 133.53
N PRO G 5 32.53 24.68 134.60
CA PRO G 5 32.96 25.75 135.51
C PRO G 5 34.21 25.39 136.30
N GLY G 6 34.45 24.11 136.55
CA GLY G 6 35.71 23.71 137.15
C GLY G 6 36.89 23.80 136.20
N PHE G 7 36.64 23.76 134.89
CA PHE G 7 37.72 23.87 133.93
C PHE G 7 38.25 25.29 133.85
N LEU G 8 37.37 26.28 134.03
CA LEU G 8 37.79 27.68 133.95
C LEU G 8 38.39 28.19 135.26
N GLN G 9 38.15 27.51 136.38
CA GLN G 9 38.80 27.90 137.62
C GLN G 9 40.26 27.47 137.62
N GLN G 10 40.56 26.30 137.07
CA GLN G 10 41.93 25.81 137.01
C GLN G 10 42.69 26.38 135.82
N SER G 11 42.00 26.93 134.82
CA SER G 11 42.64 27.61 133.70
C SER G 11 42.63 29.11 133.86
N GLN G 12 42.44 29.60 135.09
CA GLN G 12 42.39 31.03 135.35
C GLN G 12 43.75 31.71 135.20
N ASN G 13 44.83 30.98 135.44
CA ASN G 13 46.15 31.61 135.57
C ASN G 13 46.77 31.85 134.20
N SER G 14 48.03 32.29 134.22
CA SER G 14 48.87 32.55 133.04
C SER G 14 48.25 33.60 132.10
N GLY G 15 47.78 34.68 132.72
CA GLY G 15 47.38 35.86 131.99
C GLY G 15 47.19 37.02 132.96
N PRO G 16 47.87 38.14 132.71
CA PRO G 16 48.12 39.12 133.77
C PRO G 16 46.85 39.86 134.20
N GLY G 17 46.67 39.98 135.51
CA GLY G 17 45.41 40.45 136.06
C GLY G 17 44.34 39.41 135.85
N GLN G 18 44.48 38.27 136.54
CA GLN G 18 43.63 37.11 136.32
C GLN G 18 42.15 37.38 136.66
N PRO G 19 41.74 37.66 137.91
CA PRO G 19 40.32 37.47 138.25
C PRO G 19 39.39 38.50 137.64
N ALA G 20 39.87 39.69 137.32
CA ALA G 20 39.04 40.72 136.71
C ALA G 20 38.61 40.37 135.29
N VAL G 21 39.33 39.47 134.61
CA VAL G 21 38.92 39.03 133.29
C VAL G 21 38.45 37.59 133.26
N TRP G 22 38.68 36.80 134.31
CA TRP G 22 38.13 35.45 134.34
C TRP G 22 36.79 35.39 135.06
N HIS G 23 36.52 36.32 135.98
CA HIS G 23 35.16 36.47 136.47
C HIS G 23 34.25 37.06 135.39
N ARG G 24 34.81 37.89 134.51
CA ARG G 24 34.02 38.40 133.40
C ARG G 24 33.71 37.31 132.39
N LEU G 25 34.63 36.36 132.20
CA LEU G 25 34.41 35.32 131.22
C LEU G 25 33.39 34.29 131.70
N GLU G 26 33.41 33.96 132.99
CA GLU G 26 32.45 32.99 133.51
C GLU G 26 31.03 33.54 133.58
N GLU G 27 30.86 34.85 133.73
CA GLU G 27 29.51 35.42 133.79
C GLU G 27 28.91 35.56 132.40
N LEU G 28 29.72 35.92 131.41
CA LEU G 28 29.24 36.01 130.05
C LEU G 28 29.00 34.63 129.42
N TYR G 29 29.57 33.58 130.01
CA TYR G 29 29.20 32.23 129.60
C TYR G 29 27.78 31.90 130.03
N THR G 30 27.40 32.30 131.24
CA THR G 30 26.10 31.96 131.79
C THR G 30 24.97 32.76 131.18
N LYS G 31 25.27 33.95 130.64
CA LYS G 31 24.24 34.74 129.97
C LYS G 31 23.95 34.24 128.57
N LYS G 32 24.77 33.31 128.04
CA LYS G 32 24.61 32.64 126.76
C LYS G 32 24.63 33.58 125.57
N LEU G 33 25.13 34.80 125.75
CA LEU G 33 25.39 35.66 124.61
C LEU G 33 26.68 35.21 123.92
N TRP G 34 26.88 35.71 122.72
CA TRP G 34 27.99 35.23 121.91
C TRP G 34 28.74 36.35 121.19
N HIS G 35 28.62 37.60 121.64
CA HIS G 35 29.29 38.70 120.97
C HIS G 35 30.27 39.42 121.88
N GLN G 36 29.84 39.86 123.05
CA GLN G 36 30.80 40.33 124.05
C GLN G 36 31.63 39.17 124.58
N LEU G 37 31.06 37.96 124.56
CA LEU G 37 31.83 36.75 124.84
C LEU G 37 32.87 36.50 123.76
N THR G 38 32.52 36.77 122.50
CA THR G 38 33.44 36.54 121.40
C THR G 38 34.57 37.57 121.40
N LEU G 39 34.23 38.83 121.64
CA LEU G 39 35.24 39.90 121.62
C LEU G 39 36.21 39.79 122.79
N GLN G 40 35.84 39.08 123.85
CA GLN G 40 36.77 38.86 124.95
C GLN G 40 37.73 37.72 124.65
N VAL G 41 37.26 36.71 123.90
CA VAL G 41 38.14 35.63 123.47
C VAL G 41 39.11 36.15 122.41
N LEU G 42 38.62 37.01 121.51
CA LEU G 42 39.48 37.67 120.54
C LEU G 42 40.46 38.61 121.22
N ASP G 43 40.06 39.20 122.35
CA ASP G 43 40.99 39.98 123.15
C ASP G 43 42.07 39.12 123.77
N PHE G 44 41.73 37.87 124.12
CA PHE G 44 42.73 36.97 124.70
C PHE G 44 43.74 36.49 123.67
N VAL G 45 43.33 36.38 122.41
CA VAL G 45 44.26 35.96 121.38
C VAL G 45 45.15 37.13 120.94
N GLN G 46 44.57 38.33 120.87
CA GLN G 46 45.29 39.52 120.43
C GLN G 46 46.37 39.96 121.42
N ASP G 47 46.30 39.52 122.69
CA ASP G 47 47.27 39.77 123.75
C ASP G 47 48.65 39.29 123.33
N PRO G 48 49.62 40.21 123.12
CA PRO G 48 50.96 39.78 122.66
C PRO G 48 51.77 39.10 123.74
N CYS G 49 51.38 37.89 124.10
CA CYS G 49 52.12 37.08 125.06
C CYS G 49 52.57 35.80 124.36
N PHE G 50 53.10 34.85 125.13
CA PHE G 50 53.56 33.61 124.52
C PHE G 50 52.40 32.74 124.08
N ALA G 51 51.29 32.79 124.82
CA ALA G 51 50.02 32.10 124.52
C ALA G 51 50.23 30.58 124.39
N GLN G 52 50.65 29.98 125.50
CA GLN G 52 50.87 28.55 125.58
C GLN G 52 49.63 27.76 125.95
N GLY G 53 48.49 28.44 126.11
CA GLY G 53 47.26 27.78 126.51
C GLY G 53 46.43 27.30 125.35
N ASP G 54 47.09 26.79 124.31
CA ASP G 54 46.39 26.25 123.16
C ASP G 54 45.67 24.95 123.50
N GLY G 55 46.25 24.12 124.35
CA GLY G 55 45.61 22.89 124.75
C GLY G 55 44.40 23.08 125.65
N LEU G 56 44.35 24.20 126.36
CA LEU G 56 43.19 24.53 127.18
C LEU G 56 42.10 25.23 126.38
N ILE G 57 42.49 26.01 125.37
CA ILE G 57 41.50 26.75 124.59
C ILE G 57 40.90 25.85 123.51
N LYS G 58 41.61 24.80 123.09
CA LYS G 58 41.07 23.88 122.09
C LYS G 58 40.00 22.97 122.67
N LEU G 59 39.95 22.83 124.00
CA LEU G 59 38.79 22.22 124.63
C LEU G 59 37.68 23.24 124.81
N TYR G 60 38.04 24.51 125.00
CA TYR G 60 37.02 25.55 125.13
C TYR G 60 36.42 25.90 123.78
N GLU G 61 37.24 25.95 122.73
CA GLU G 61 36.70 26.12 121.38
C GLU G 61 35.91 24.88 120.95
N ASN G 62 36.24 23.71 121.49
CA ASN G 62 35.38 22.55 121.33
C ASN G 62 34.08 22.75 122.11
N PHE G 63 34.18 23.34 123.32
CA PHE G 63 32.98 23.59 124.11
C PHE G 63 32.10 24.66 123.50
N ILE G 64 32.68 25.57 122.72
CA ILE G 64 31.88 26.53 121.97
C ILE G 64 31.05 25.80 120.91
N SER G 65 31.73 25.08 120.02
CA SER G 65 31.12 24.54 118.80
C SER G 65 30.13 23.40 119.06
N GLU G 66 30.03 22.88 120.29
CA GLU G 66 29.00 21.90 120.60
C GLU G 66 27.61 22.53 120.53
N PHE G 67 27.38 23.58 121.33
CA PHE G 67 26.10 24.28 121.34
C PHE G 67 26.23 25.68 120.73
N GLU G 68 27.06 25.83 119.71
CA GLU G 68 27.31 27.16 119.17
C GLU G 68 26.15 27.63 118.31
N HIS G 69 26.03 27.08 117.10
CA HIS G 69 24.93 27.18 116.13
C HIS G 69 24.30 28.58 115.97
N ARG G 70 25.01 29.63 116.36
CA ARG G 70 24.48 30.99 116.33
C ARG G 70 25.52 31.94 115.78
N VAL G 71 26.78 31.59 115.97
CA VAL G 71 27.88 32.53 115.76
C VAL G 71 28.25 32.57 114.29
N ASN G 72 28.54 33.78 113.81
CA ASN G 72 29.11 34.01 112.49
C ASN G 72 30.41 33.22 112.36
N PRO G 73 30.50 32.28 111.41
CA PRO G 73 31.75 31.52 111.22
C PRO G 73 32.88 32.34 110.62
N LEU G 74 32.61 33.56 110.17
CA LEU G 74 33.67 34.45 109.71
C LEU G 74 34.62 34.79 110.85
N SER G 75 34.08 35.21 111.98
CA SER G 75 34.91 35.47 113.16
C SER G 75 35.46 34.17 113.75
N LEU G 76 34.75 33.05 113.55
CA LEU G 76 35.24 31.76 114.06
C LEU G 76 36.44 31.28 113.27
N VAL G 77 36.41 31.41 111.94
CA VAL G 77 37.55 31.06 111.12
C VAL G 77 38.71 32.01 111.39
N GLU G 78 38.40 33.30 111.55
CA GLU G 78 39.45 34.30 111.80
C GLU G 78 40.10 34.14 113.16
N ILE G 79 39.41 33.52 114.12
CA ILE G 79 40.03 33.33 115.43
C ILE G 79 40.70 31.96 115.53
N ILE G 80 40.27 30.98 114.72
CA ILE G 80 40.90 29.66 114.80
C ILE G 80 42.18 29.61 113.96
N LEU G 81 42.34 30.52 112.99
CA LEU G 81 43.57 30.54 112.20
C LEU G 81 44.73 31.13 112.98
N HIS G 82 44.44 31.94 114.01
CA HIS G 82 45.50 32.40 114.89
C HIS G 82 45.88 31.34 115.92
N VAL G 83 44.92 30.48 116.29
CA VAL G 83 45.20 29.44 117.27
C VAL G 83 46.09 28.36 116.68
N VAL G 84 45.75 27.88 115.48
CA VAL G 84 46.55 26.85 114.83
C VAL G 84 47.89 27.41 114.36
N ARG G 85 47.99 28.73 114.16
CA ARG G 85 49.29 29.34 113.90
C ARG G 85 50.14 29.36 115.16
N GLN G 86 49.51 29.51 116.33
CA GLN G 86 50.25 29.49 117.58
C GLN G 86 50.62 28.06 117.99
N MET G 87 49.84 27.05 117.56
CA MET G 87 50.14 25.67 117.93
C MET G 87 51.40 25.16 117.24
N THR G 88 51.71 25.68 116.05
CA THR G 88 52.94 25.42 115.29
C THR G 88 53.15 23.92 115.05
N ASP G 89 52.18 23.31 114.37
CA ASP G 89 52.19 21.86 114.15
C ASP G 89 51.76 21.60 112.72
N PRO G 90 52.69 21.65 111.75
CA PRO G 90 52.31 21.55 110.34
C PRO G 90 51.86 20.17 109.90
N ASN G 91 52.02 19.15 110.75
CA ASN G 91 51.52 17.83 110.41
C ASN G 91 49.99 17.79 110.47
N VAL G 92 49.40 18.29 111.55
CA VAL G 92 47.97 18.21 111.76
C VAL G 92 47.28 19.55 111.59
N ALA G 93 48.01 20.60 111.22
CA ALA G 93 47.36 21.88 110.95
C ALA G 93 46.45 21.79 109.75
N LEU G 94 46.85 21.03 108.73
CA LEU G 94 46.03 20.89 107.54
C LEU G 94 44.81 20.01 107.80
N THR G 95 44.99 18.95 108.59
CA THR G 95 43.88 18.04 108.87
C THR G 95 42.88 18.68 109.83
N PHE G 96 43.35 19.59 110.69
CA PHE G 96 42.43 20.31 111.57
C PHE G 96 41.69 21.40 110.81
N LEU G 97 42.40 22.11 109.93
CA LEU G 97 41.80 23.25 109.23
C LEU G 97 40.80 22.79 108.18
N GLU G 98 41.05 21.64 107.54
CA GLU G 98 40.07 21.07 106.64
C GLU G 98 38.84 20.59 107.39
N LYS G 99 39.01 20.15 108.63
CA LYS G 99 37.87 19.78 109.45
C LYS G 99 37.05 21.01 109.83
N THR G 100 37.73 22.14 110.09
CA THR G 100 37.00 23.39 110.34
C THR G 100 36.36 23.91 109.06
N ARG G 101 36.98 23.64 107.92
CA ARG G 101 36.44 24.13 106.66
C ARG G 101 35.19 23.37 106.25
N GLU G 102 35.18 22.05 106.45
CA GLU G 102 34.03 21.26 106.04
C GLU G 102 32.90 21.30 107.05
N LYS G 103 33.18 21.64 108.32
CA LYS G 103 32.10 21.64 109.30
C LYS G 103 31.20 22.87 109.17
N VAL G 104 31.66 23.90 108.47
CA VAL G 104 30.81 25.04 108.11
C VAL G 104 30.91 25.23 106.61
N LYS G 105 29.87 24.86 105.90
CA LYS G 105 29.74 25.12 104.47
C LYS G 105 28.54 26.02 104.23
N SER G 106 28.20 26.84 105.23
CA SER G 106 26.96 27.61 105.24
C SER G 106 27.05 28.79 104.28
N SER G 107 25.99 29.59 104.23
CA SER G 107 25.85 30.69 103.27
C SER G 107 26.81 31.84 103.53
N ASP G 108 27.50 31.86 104.66
CA ASP G 108 28.55 32.84 104.88
C ASP G 108 29.83 32.41 104.17
N GLU G 109 30.55 33.39 103.64
CA GLU G 109 31.72 33.12 102.81
C GLU G 109 32.97 33.04 103.69
N ALA G 110 33.01 31.97 104.49
CA ALA G 110 34.18 31.68 105.31
C ALA G 110 35.11 30.67 104.67
N VAL G 111 34.63 29.90 103.69
CA VAL G 111 35.47 28.91 103.02
C VAL G 111 36.51 29.60 102.14
N ILE G 112 36.21 30.81 101.66
CA ILE G 112 37.18 31.56 100.87
C ILE G 112 38.30 32.09 101.74
N LEU G 113 38.04 32.27 103.04
CA LEU G 113 39.12 32.56 103.97
C LEU G 113 39.83 31.30 104.40
N CYS G 114 39.14 30.16 104.34
CA CYS G 114 39.77 28.89 104.72
C CYS G 114 40.73 28.41 103.63
N LYS G 115 40.39 28.65 102.36
CA LYS G 115 41.30 28.27 101.28
C LYS G 115 42.56 29.12 101.28
N THR G 116 42.45 30.39 101.70
CA THR G 116 43.65 31.18 101.94
C THR G 116 44.40 30.66 103.15
N ALA G 117 43.67 30.22 104.17
CA ALA G 117 44.30 29.63 105.35
C ALA G 117 44.92 28.27 105.05
N ILE G 118 44.46 27.58 104.00
CA ILE G 118 45.15 26.36 103.55
C ILE G 118 46.52 26.71 103.00
N GLY G 119 46.57 27.65 102.05
CA GLY G 119 47.84 27.97 101.39
C GLY G 119 48.82 28.68 102.28
N ALA G 120 48.35 29.63 103.09
CA ALA G 120 49.22 30.42 103.94
C ALA G 120 49.90 29.60 105.03
N LEU G 121 49.33 28.45 105.38
CA LEU G 121 50.02 27.49 106.22
C LEU G 121 50.82 26.47 105.42
N LYS G 122 50.50 26.29 104.13
CA LYS G 122 51.18 25.30 103.31
C LYS G 122 52.33 25.89 102.51
N LEU G 123 52.28 27.18 102.16
CA LEU G 123 53.34 27.76 101.35
C LEU G 123 54.65 27.97 102.13
N ASN G 124 55.23 26.87 102.58
CA ASN G 124 56.60 26.82 103.05
C ASN G 124 57.41 25.77 102.30
N ILE G 125 56.84 24.57 102.12
CA ILE G 125 57.54 23.46 101.47
C ILE G 125 56.60 22.81 100.45
N GLY G 126 57.18 22.38 99.33
CA GLY G 126 56.46 21.68 98.28
C GLY G 126 55.39 22.50 97.60
N ASP G 127 55.76 23.70 97.16
CA ASP G 127 54.77 24.67 96.71
C ASP G 127 54.61 24.63 95.19
N LEU G 128 54.25 23.45 94.69
CA LEU G 128 53.96 23.30 93.27
C LEU G 128 52.68 22.53 92.98
N GLN G 129 52.26 21.60 93.83
CA GLN G 129 51.23 20.63 93.46
C GLN G 129 49.81 21.17 93.59
N VAL G 130 49.55 22.03 94.57
CA VAL G 130 48.19 22.49 94.84
C VAL G 130 48.11 24.00 94.97
N THR G 131 49.24 24.70 94.92
CA THR G 131 49.27 26.12 95.22
C THR G 131 48.65 26.95 94.09
N LYS G 132 48.93 26.60 92.83
CA LYS G 132 48.28 27.29 91.71
C LYS G 132 46.78 27.02 91.70
N GLU G 133 46.37 25.84 92.16
CA GLU G 133 44.94 25.54 92.27
C GLU G 133 44.28 26.39 93.34
N THR G 134 44.91 26.52 94.52
CA THR G 134 44.28 27.29 95.58
C THR G 134 44.46 28.80 95.42
N ILE G 135 45.41 29.24 94.59
CA ILE G 135 45.41 30.63 94.14
C ILE G 135 44.21 30.87 93.23
N GLU G 136 44.00 29.96 92.28
CA GLU G 136 42.90 30.08 91.32
C GLU G 136 41.54 29.92 92.00
N ASP G 137 41.47 29.13 93.07
CA ASP G 137 40.20 28.87 93.73
C ASP G 137 39.67 30.10 94.45
N VAL G 138 40.56 30.95 94.95
CA VAL G 138 40.11 32.15 95.67
C VAL G 138 39.58 33.20 94.71
N GLU G 139 40.31 33.45 93.62
CA GLU G 139 39.92 34.49 92.67
C GLU G 139 38.68 34.12 91.88
N GLU G 140 38.40 32.83 91.69
CA GLU G 140 37.14 32.42 91.10
C GLU G 140 35.99 32.55 92.08
N MET G 141 36.28 32.44 93.37
CA MET G 141 35.29 32.61 94.42
C MET G 141 35.35 34.01 95.02
N LEU G 142 35.74 34.99 94.20
CA LEU G 142 35.79 36.39 94.60
C LEU G 142 34.80 37.16 93.74
N ASN G 143 33.61 36.57 93.59
CA ASN G 143 32.57 37.09 92.71
C ASN G 143 31.32 37.43 93.52
N ASN G 144 30.58 38.41 93.01
CA ASN G 144 29.27 38.85 93.50
C ASN G 144 29.31 39.41 94.91
N LEU G 145 30.50 39.68 95.48
CA LEU G 145 30.59 40.32 96.79
C LEU G 145 31.95 40.98 96.94
N PRO G 146 32.13 42.24 96.46
CA PRO G 146 33.37 42.98 96.69
C PRO G 146 33.36 43.76 98.00
N GLY G 147 32.94 43.11 99.08
CA GLY G 147 32.74 43.78 100.35
C GLY G 147 33.34 43.10 101.56
N VAL G 148 34.07 42.00 101.34
CA VAL G 148 34.76 41.35 102.45
C VAL G 148 35.98 42.16 102.86
N THR G 149 36.86 42.41 101.87
CA THR G 149 38.08 43.22 101.88
C THR G 149 39.20 42.53 102.67
N SER G 150 38.86 41.43 103.36
CA SER G 150 39.84 40.57 103.98
C SER G 150 40.24 39.42 103.08
N VAL G 151 39.33 38.95 102.23
CA VAL G 151 39.67 37.84 101.36
C VAL G 151 40.61 38.31 100.25
N HIS G 152 40.53 39.59 99.84
CA HIS G 152 41.54 40.12 98.94
C HIS G 152 42.84 40.41 99.68
N SER G 153 42.74 40.73 100.97
CA SER G 153 43.93 40.95 101.78
C SER G 153 44.73 39.67 101.94
N ARG G 154 44.07 38.56 102.27
CA ARG G 154 44.78 37.30 102.42
C ARG G 154 45.16 36.72 101.06
N PHE G 155 44.45 37.10 100.00
CA PHE G 155 44.86 36.67 98.66
C PHE G 155 46.14 37.40 98.24
N TYR G 156 46.33 38.62 98.72
CA TYR G 156 47.59 39.30 98.46
C TYR G 156 48.71 38.77 99.34
N ASP G 157 48.36 38.26 100.53
CA ASP G 157 49.39 37.75 101.43
C ASP G 157 49.96 36.43 100.93
N LEU G 158 49.12 35.60 100.30
CA LEU G 158 49.64 34.39 99.67
C LEU G 158 50.39 34.70 98.38
N SER G 159 49.98 35.77 97.68
CA SER G 159 50.71 36.19 96.49
C SER G 159 52.08 36.75 96.87
N SER G 160 52.19 37.35 98.04
CA SER G 160 53.48 37.80 98.54
C SER G 160 54.38 36.62 98.88
N LYS G 161 53.81 35.54 99.39
CA LYS G 161 54.58 34.32 99.60
C LYS G 161 54.87 33.63 98.27
N TYR G 162 54.01 33.84 97.27
CA TYR G 162 54.21 33.30 95.94
C TYR G 162 55.14 34.19 95.12
N TYR G 163 55.53 35.35 95.63
CA TYR G 163 56.50 36.19 94.96
C TYR G 163 57.89 35.57 94.98
N GLN G 164 58.19 34.73 95.98
CA GLN G 164 59.47 34.03 96.04
C GLN G 164 59.41 32.77 95.16
N THR G 165 59.19 33.00 93.87
CA THR G 165 59.27 31.98 92.85
C THR G 165 60.16 32.52 91.74
N ILE G 166 60.24 31.80 90.63
CA ILE G 166 61.11 32.24 89.55
C ILE G 166 60.38 33.29 88.74
N GLY G 167 59.27 32.91 88.12
CA GLY G 167 58.50 33.90 87.40
C GLY G 167 57.30 34.42 88.16
N ASN G 168 57.49 35.54 88.85
CA ASN G 168 56.38 36.30 89.42
C ASN G 168 56.89 37.73 89.57
N HIS G 169 56.63 38.57 88.57
CA HIS G 169 57.00 39.98 88.68
C HIS G 169 55.95 40.95 88.18
N ALA G 170 55.07 40.54 87.27
CA ALA G 170 54.09 41.46 86.73
C ALA G 170 52.78 41.37 87.49
N SER G 171 52.29 40.15 87.72
CA SER G 171 51.06 39.95 88.47
C SER G 171 51.22 40.32 89.94
N TYR G 172 52.44 40.27 90.47
CA TYR G 172 52.67 40.68 91.85
C TYR G 172 52.55 42.19 91.99
N TYR G 173 53.16 42.95 91.08
CA TYR G 173 53.09 44.40 91.15
C TYR G 173 51.67 44.89 90.91
N LYS G 174 50.93 44.21 90.03
CA LYS G 174 49.54 44.58 89.81
C LYS G 174 48.69 44.24 91.03
N ASP G 175 49.04 43.17 91.75
CA ASP G 175 48.33 42.86 92.98
C ASP G 175 48.84 43.73 94.14
N ALA G 176 50.07 44.23 94.05
CA ALA G 176 50.56 45.16 95.05
C ALA G 176 49.82 46.49 94.98
N LEU G 177 49.31 46.84 93.81
CA LEU G 177 48.43 47.99 93.71
C LEU G 177 47.06 47.66 94.30
N ARG G 178 46.51 46.48 93.97
CA ARG G 178 45.14 46.16 94.34
C ARG G 178 44.97 45.95 95.84
N PHE G 179 46.03 45.53 96.53
CA PHE G 179 45.95 45.48 97.98
C PHE G 179 45.89 46.88 98.57
N LEU G 180 46.69 47.80 98.04
CA LEU G 180 46.61 49.18 98.50
C LEU G 180 45.37 49.88 97.99
N GLY G 181 44.70 49.33 96.98
CA GLY G 181 43.45 49.89 96.50
C GLY G 181 42.27 49.58 97.40
N CYS G 182 42.25 48.36 97.94
CA CYS G 182 41.13 47.97 98.81
C CYS G 182 41.34 48.45 100.24
N VAL G 183 42.59 48.51 100.72
CA VAL G 183 42.84 48.95 102.08
C VAL G 183 42.80 50.48 102.11
N ASP G 184 42.40 51.02 103.26
CA ASP G 184 42.28 52.45 103.46
C ASP G 184 43.07 52.97 104.65
N ILE G 185 43.18 52.17 105.71
CA ILE G 185 43.94 52.54 106.88
C ILE G 185 45.29 51.86 106.82
N LYS G 186 46.20 52.27 107.70
CA LYS G 186 47.56 51.78 107.71
C LYS G 186 47.81 50.78 108.84
N ASP G 187 47.27 51.06 110.03
CA ASP G 187 47.13 50.24 111.26
C ASP G 187 48.28 49.30 111.57
N LEU G 188 49.51 49.71 111.26
CA LEU G 188 50.72 48.94 111.54
C LEU G 188 51.90 49.87 111.32
N PRO G 189 52.99 49.72 112.08
CA PRO G 189 54.05 50.75 112.09
C PRO G 189 54.85 50.87 110.80
N VAL G 190 55.84 51.77 110.83
CA VAL G 190 56.67 52.04 109.67
C VAL G 190 57.62 50.89 109.38
N SER G 191 58.02 50.16 110.42
CA SER G 191 59.07 49.14 110.32
C SER G 191 58.65 47.90 109.56
N GLU G 192 57.44 47.83 109.03
CA GLU G 192 57.08 46.85 108.03
C GLU G 192 56.68 47.49 106.72
N GLN G 193 56.22 48.73 106.73
CA GLN G 193 55.83 49.42 105.50
C GLN G 193 57.03 49.90 104.69
N GLN G 194 58.18 50.09 105.31
CA GLN G 194 59.35 50.49 104.54
C GLN G 194 59.93 49.34 103.74
N GLU G 195 59.68 48.10 104.16
CA GLU G 195 60.05 46.95 103.34
C GLU G 195 59.02 46.71 102.25
N ARG G 196 57.78 47.13 102.46
CA ARG G 196 56.75 46.95 101.45
C ARG G 196 57.00 47.87 100.27
N ALA G 197 57.32 49.14 100.53
CA ALA G 197 57.60 50.08 99.45
C ALA G 197 58.95 49.80 98.80
N PHE G 198 59.82 49.04 99.47
CA PHE G 198 61.08 48.64 98.84
C PHE G 198 60.83 47.58 97.77
N THR G 199 60.10 46.51 98.12
CA THR G 199 59.76 45.50 97.13
C THR G 199 58.68 45.97 96.17
N LEU G 200 57.93 47.02 96.51
CA LEU G 200 57.08 47.68 95.53
C LEU G 200 57.92 48.38 94.48
N GLY G 201 59.03 49.00 94.91
CA GLY G 201 59.93 49.63 93.97
C GLY G 201 60.71 48.63 93.13
N LEU G 202 60.85 47.39 93.61
CA LEU G 202 61.55 46.37 92.84
C LEU G 202 60.61 45.70 91.84
N ALA G 203 59.35 45.50 92.24
CA ALA G 203 58.40 44.85 91.33
C ALA G 203 58.02 45.78 90.18
N GLY G 204 57.90 47.07 90.45
CA GLY G 204 57.69 48.03 89.37
C GLY G 204 58.93 48.25 88.52
N LEU G 205 60.10 47.89 89.02
CA LEU G 205 61.34 48.04 88.26
C LEU G 205 61.63 46.80 87.42
N LEU G 206 61.67 45.64 88.06
CA LEU G 206 61.91 44.37 87.38
C LEU G 206 60.59 43.89 86.80
N GLY G 207 60.21 44.49 85.67
CA GLY G 207 58.98 44.12 85.00
C GLY G 207 59.17 44.15 83.50
N GLU G 208 58.21 43.54 82.80
CA GLU G 208 58.27 43.44 81.34
C GLU G 208 57.53 44.58 80.67
N GLY G 209 56.26 44.78 81.00
CA GLY G 209 55.47 45.82 80.35
C GLY G 209 55.19 47.00 81.24
N VAL G 210 56.18 47.46 81.99
CA VAL G 210 56.00 48.58 82.91
C VAL G 210 57.25 49.45 82.84
N PHE G 211 57.04 50.76 82.71
CA PHE G 211 58.14 51.72 82.72
C PHE G 211 58.37 52.32 84.10
N ASN G 212 57.39 53.05 84.64
CA ASN G 212 57.24 53.20 86.07
C ASN G 212 55.79 53.19 86.52
N PHE G 213 54.84 53.30 85.60
CA PHE G 213 53.39 53.36 85.87
C PHE G 213 53.03 54.50 86.82
N GLY G 214 53.18 55.72 86.28
CA GLY G 214 52.79 56.95 86.96
C GLY G 214 51.40 56.99 87.54
N GLU G 215 51.16 57.97 88.42
CA GLU G 215 50.30 57.84 89.60
C GLU G 215 50.83 56.67 90.46
N LEU G 216 52.14 56.69 90.69
CA LEU G 216 52.83 55.82 91.63
C LEU G 216 53.54 56.61 92.72
N LEU G 217 54.33 57.61 92.34
CA LEU G 217 55.09 58.39 93.29
C LEU G 217 54.23 59.42 94.02
N MET G 218 53.01 59.66 93.54
CA MET G 218 52.07 60.50 94.27
C MET G 218 51.50 59.78 95.49
N HIS G 219 51.44 58.44 95.42
CA HIS G 219 50.94 57.57 96.47
C HIS G 219 51.80 57.72 97.72
N PRO G 220 51.25 58.33 98.79
CA PRO G 220 52.12 58.94 99.80
C PRO G 220 52.75 57.98 100.80
N VAL G 221 52.41 56.69 100.78
CA VAL G 221 52.92 55.80 101.82
C VAL G 221 54.35 55.38 101.56
N LEU G 222 54.89 55.68 100.39
CA LEU G 222 56.25 55.30 100.05
C LEU G 222 57.24 56.47 100.18
N GLU G 223 56.82 57.67 99.82
CA GLU G 223 57.71 58.82 99.83
C GLU G 223 57.78 59.50 101.18
N SER G 224 56.77 59.33 102.02
CA SER G 224 56.80 59.90 103.36
C SER G 224 57.62 59.06 104.32
N LEU G 225 57.87 57.80 104.00
CA LEU G 225 58.61 56.90 104.88
C LEU G 225 60.04 56.66 104.42
N ARG G 226 60.36 56.94 103.16
CA ARG G 226 61.70 56.69 102.64
C ARG G 226 62.40 57.95 102.17
N ASN G 227 61.79 59.13 102.38
CA ASN G 227 62.51 60.37 102.16
C ASN G 227 63.66 60.54 103.15
N THR G 228 63.53 59.94 104.34
CA THR G 228 64.62 59.96 105.30
C THR G 228 65.67 58.91 104.97
N ASP G 229 65.25 57.70 104.63
CA ASP G 229 66.15 56.56 104.64
C ASP G 229 66.39 56.02 103.24
N ARG G 230 67.68 55.81 102.95
CA ARG G 230 68.35 55.27 101.77
C ARG G 230 68.34 56.19 100.55
N GLN G 231 67.34 57.07 100.45
CA GLN G 231 67.19 58.16 99.47
C GLN G 231 67.60 57.86 98.02
N TRP G 232 67.46 56.62 97.56
CA TRP G 232 67.95 56.31 96.22
C TRP G 232 66.88 55.68 95.35
N LEU G 233 65.99 54.90 95.96
CA LEU G 233 64.93 54.26 95.20
C LEU G 233 63.90 55.27 94.71
N ILE G 234 63.71 56.36 95.45
CA ILE G 234 62.87 57.44 94.96
C ILE G 234 63.60 58.20 93.86
N ASP G 235 64.93 58.31 94.01
CA ASP G 235 65.72 59.11 93.09
C ASP G 235 65.89 58.42 91.75
N THR G 236 65.98 57.08 91.74
CA THR G 236 66.04 56.36 90.47
C THR G 236 64.70 56.35 89.76
N LEU G 237 63.60 56.55 90.50
CA LEU G 237 62.31 56.73 89.83
C LEU G 237 62.11 58.16 89.37
N TYR G 238 62.83 59.12 89.96
CA TYR G 238 62.82 60.48 89.44
C TYR G 238 63.44 60.53 88.06
N ALA G 239 64.56 59.84 87.87
CA ALA G 239 65.24 59.85 86.58
C ALA G 239 64.45 59.07 85.54
N PHE G 240 63.68 58.07 85.96
CA PHE G 240 62.94 57.29 84.98
C PHE G 240 61.64 57.99 84.60
N ASN G 241 61.04 58.73 85.53
CA ASN G 241 59.89 59.55 85.17
C ASN G 241 60.32 60.71 84.30
N SER G 242 61.51 61.25 84.56
CA SER G 242 62.07 62.27 83.68
C SER G 242 62.54 61.68 82.37
N GLY G 243 62.85 60.38 82.36
CA GLY G 243 63.21 59.68 81.15
C GLY G 243 64.63 59.88 80.68
N ASN G 244 65.43 60.68 81.37
CA ASN G 244 66.83 60.83 80.98
C ASN G 244 67.61 59.56 81.30
N VAL G 245 68.76 59.43 80.65
CA VAL G 245 69.70 58.39 81.04
C VAL G 245 70.24 58.68 82.43
N GLU G 246 70.89 59.84 82.57
CA GLU G 246 71.52 60.32 83.80
C GLU G 246 72.45 59.24 84.37
N ARG G 247 73.52 59.01 83.58
CA ARG G 247 74.37 57.84 83.72
C ARG G 247 75.02 57.75 85.10
N PHE G 248 75.25 58.89 85.75
CA PHE G 248 75.78 58.89 87.11
C PHE G 248 74.79 58.30 88.10
N GLN G 249 73.54 58.75 88.06
CA GLN G 249 72.55 58.32 89.06
C GLN G 249 72.15 56.86 88.88
N THR G 250 72.01 56.41 87.64
CA THR G 250 71.69 55.01 87.40
C THR G 250 72.89 54.09 87.61
N LEU G 251 74.08 54.66 87.77
CA LEU G 251 75.23 53.88 88.20
C LEU G 251 75.30 53.79 89.72
N LYS G 252 74.91 54.84 90.42
CA LYS G 252 74.98 54.83 91.88
C LYS G 252 73.97 53.88 92.50
N THR G 253 72.84 53.65 91.82
CA THR G 253 71.95 52.59 92.27
C THR G 253 72.51 51.22 91.95
N ALA G 254 73.37 51.10 90.94
CA ALA G 254 74.01 49.82 90.66
C ALA G 254 75.08 49.52 91.69
N TRP G 255 75.76 50.56 92.18
CA TRP G 255 76.66 50.37 93.31
C TRP G 255 75.87 50.11 94.60
N GLY G 256 74.75 50.78 94.77
CA GLY G 256 73.94 50.62 95.96
C GLY G 256 73.28 49.26 96.04
N GLN G 257 72.38 48.97 95.10
CA GLN G 257 71.64 47.72 95.10
C GLN G 257 72.48 46.66 94.40
N GLN G 258 73.16 45.83 95.19
CA GLN G 258 73.98 44.76 94.64
C GLN G 258 73.17 43.53 94.19
N PRO G 259 72.23 42.96 94.97
CA PRO G 259 71.48 41.84 94.41
C PRO G 259 70.31 42.29 93.56
N ASP G 260 69.91 41.39 92.65
CA ASP G 260 68.75 41.54 91.75
C ASP G 260 68.88 42.76 90.84
N LEU G 261 70.11 43.20 90.57
CA LEU G 261 70.32 44.31 89.65
C LEU G 261 71.45 44.06 88.66
N ALA G 262 72.42 43.21 88.96
CA ALA G 262 73.46 42.90 87.99
C ALA G 262 72.93 42.07 86.83
N ALA G 263 71.91 41.25 87.08
CA ALA G 263 71.29 40.45 86.04
C ALA G 263 70.29 41.23 85.21
N ASN G 264 69.98 42.47 85.57
CA ASN G 264 68.97 43.25 84.87
C ASN G 264 69.47 44.65 84.52
N GLU G 265 70.77 44.90 84.63
CA GLU G 265 71.31 46.24 84.38
C GLU G 265 71.28 46.56 82.89
N ALA G 266 71.50 45.56 82.04
CA ALA G 266 71.33 45.76 80.61
C ALA G 266 69.87 45.97 80.24
N GLN G 267 68.95 45.37 81.00
CA GLN G 267 67.53 45.54 80.73
C GLN G 267 67.07 46.94 81.07
N LEU G 268 67.56 47.50 82.17
CA LEU G 268 67.12 48.83 82.57
C LEU G 268 67.72 49.91 81.70
N LEU G 269 68.92 49.66 81.14
CA LEU G 269 69.41 50.54 80.10
C LEU G 269 68.56 50.44 78.85
N ARG G 270 68.05 49.24 78.57
CA ARG G 270 67.15 49.06 77.43
C ARG G 270 65.79 49.70 77.70
N LYS G 271 65.34 49.70 78.97
CA LYS G 271 64.02 50.22 79.27
C LYS G 271 63.97 51.74 79.27
N ILE G 272 65.11 52.40 79.51
CA ILE G 272 65.09 53.85 79.50
C ILE G 272 65.29 54.40 78.09
N GLN G 273 65.94 53.64 77.22
CA GLN G 273 66.13 54.09 75.85
C GLN G 273 64.83 54.07 75.07
N LEU G 274 63.91 53.18 75.44
CA LEU G 274 62.55 53.24 74.92
C LEU G 274 61.68 54.20 75.71
N LEU G 275 62.22 54.81 76.76
CA LEU G 275 61.45 55.70 77.61
C LEU G 275 61.79 57.16 77.41
N CYS G 276 63.02 57.45 76.96
CA CYS G 276 63.36 58.81 76.59
C CYS G 276 62.63 59.27 75.34
N LEU G 277 62.16 58.33 74.51
CA LEU G 277 61.42 58.68 73.29
C LEU G 277 60.10 59.38 73.63
N MET G 278 59.34 58.82 74.56
CA MET G 278 58.09 59.45 74.95
C MET G 278 58.29 60.68 75.82
N GLU G 279 59.52 60.98 76.23
CA GLU G 279 59.83 62.26 76.84
C GLU G 279 60.21 63.30 75.78
N MET G 280 61.02 62.90 74.80
CA MET G 280 61.49 63.86 73.80
C MET G 280 60.40 64.21 72.79
N THR G 281 59.40 63.36 72.58
CA THR G 281 58.25 63.77 71.81
C THR G 281 57.27 64.58 72.65
N PHE G 282 57.44 64.57 73.97
CA PHE G 282 56.70 65.43 74.87
C PHE G 282 57.38 66.77 75.10
N THR G 283 58.71 66.83 74.87
CA THR G 283 59.45 68.08 75.03
C THR G 283 59.03 69.10 73.97
N ARG G 284 58.92 68.66 72.71
CA ARG G 284 58.42 69.54 71.66
C ARG G 284 56.94 69.26 71.44
N PRO G 285 56.06 70.25 71.65
CA PRO G 285 54.60 70.01 71.56
C PRO G 285 54.10 69.95 70.12
N ALA G 286 54.50 68.87 69.43
CA ALA G 286 54.08 68.52 68.06
C ALA G 286 54.37 69.61 67.04
N ASN G 287 55.36 70.46 67.31
CA ASN G 287 55.68 71.53 66.36
C ASN G 287 56.42 70.98 65.15
N HIS G 288 57.60 70.40 65.39
CA HIS G 288 58.34 69.66 64.37
C HIS G 288 58.70 68.31 64.99
N ARG G 289 57.74 67.40 64.95
CA ARG G 289 57.85 66.08 65.57
C ARG G 289 58.77 65.14 64.80
N GLN G 290 59.16 65.50 63.58
CA GLN G 290 60.09 64.69 62.80
C GLN G 290 61.51 64.86 63.34
N LEU G 291 61.93 63.96 64.22
CA LEU G 291 63.22 64.06 64.89
C LEU G 291 64.27 63.27 64.14
N THR G 292 65.47 63.85 64.03
CA THR G 292 66.57 63.22 63.34
C THR G 292 67.37 62.33 64.27
N PHE G 293 68.28 61.54 63.67
CA PHE G 293 69.04 60.52 64.39
C PHE G 293 69.98 61.11 65.44
N GLU G 294 70.46 62.34 65.24
CA GLU G 294 71.45 62.93 66.12
C GLU G 294 70.89 63.19 67.52
N GLU G 295 69.61 63.54 67.61
CA GLU G 295 69.04 63.91 68.90
C GLU G 295 68.76 62.68 69.76
N ILE G 296 68.37 61.57 69.14
CA ILE G 296 68.19 60.32 69.88
C ILE G 296 69.54 59.76 70.30
N ALA G 297 70.53 59.83 69.41
CA ALA G 297 71.88 59.32 69.73
C ALA G 297 72.56 60.15 70.82
N LYS G 298 72.18 61.42 70.95
CA LYS G 298 72.74 62.24 72.01
C LYS G 298 72.01 62.02 73.33
N SER G 299 70.68 61.96 73.29
CA SER G 299 69.90 61.86 74.52
C SER G 299 69.97 60.45 75.12
N ALA G 300 69.76 59.43 74.30
CA ALA G 300 69.79 58.06 74.78
C ALA G 300 71.19 57.47 74.87
N LYS G 301 72.22 58.27 74.55
CA LYS G 301 73.64 57.92 74.39
C LYS G 301 73.86 56.57 73.70
N ILE G 302 73.07 56.32 72.65
CA ILE G 302 73.14 55.10 71.88
C ILE G 302 73.79 55.43 70.53
N THR G 303 74.41 54.43 69.92
CA THR G 303 75.10 54.66 68.66
C THR G 303 74.09 54.75 67.51
N VAL G 304 74.59 55.17 66.35
CA VAL G 304 73.74 55.36 65.18
C VAL G 304 73.29 54.02 64.61
N ASN G 305 74.09 52.98 64.78
CA ASN G 305 73.72 51.66 64.28
C ASN G 305 72.67 50.96 65.12
N GLU G 306 72.19 51.58 66.20
CA GLU G 306 71.18 50.97 67.05
C GLU G 306 69.91 51.79 67.19
N VAL G 307 69.85 53.00 66.60
CA VAL G 307 68.65 53.80 66.70
C VAL G 307 67.51 53.22 65.87
N GLU G 308 67.82 52.40 64.86
CA GLU G 308 66.76 51.76 64.09
C GLU G 308 66.18 50.58 64.83
N LEU G 309 67.03 49.78 65.49
CA LEU G 309 66.55 48.68 66.32
C LEU G 309 65.84 49.18 67.56
N LEU G 310 66.16 50.39 68.01
CA LEU G 310 65.54 50.94 69.21
C LEU G 310 64.09 51.32 68.95
N VAL G 311 63.82 51.92 67.79
CA VAL G 311 62.48 52.43 67.54
C VAL G 311 61.54 51.33 67.04
N MET G 312 62.08 50.26 66.45
CA MET G 312 61.22 49.14 66.08
C MET G 312 60.75 48.38 67.31
N LYS G 313 61.57 48.35 68.35
CA LYS G 313 61.14 47.79 69.63
C LYS G 313 60.05 48.64 70.25
N ALA G 314 60.14 49.96 70.11
CA ALA G 314 59.12 50.84 70.67
C ALA G 314 57.81 50.76 69.87
N LEU G 315 57.90 50.59 68.55
CA LEU G 315 56.69 50.38 67.76
C LEU G 315 56.09 49.01 68.02
N SER G 316 56.92 48.04 68.40
CA SER G 316 56.42 46.70 68.68
C SER G 316 55.61 46.68 69.97
N VAL G 317 56.03 47.43 70.98
CA VAL G 317 55.31 47.42 72.25
C VAL G 317 54.00 48.19 72.13
N GLY G 318 54.05 49.39 71.58
CA GLY G 318 52.84 50.16 71.39
C GLY G 318 52.86 51.50 72.10
N LEU G 319 54.06 51.99 72.40
CA LEU G 319 54.24 53.28 73.03
C LEU G 319 54.15 54.43 72.03
N VAL G 320 54.19 54.13 70.73
CA VAL G 320 54.15 55.13 69.67
C VAL G 320 53.74 54.41 68.39
N LYS G 321 53.19 55.14 67.42
CA LYS G 321 52.78 54.56 66.15
C LYS G 321 53.30 55.37 64.97
N GLY G 322 54.56 55.80 65.04
CA GLY G 322 55.17 56.55 63.97
C GLY G 322 55.80 55.65 62.90
N SER G 323 56.55 56.29 62.02
CA SER G 323 57.28 55.59 60.97
C SER G 323 58.73 56.04 60.95
N ILE G 324 59.53 55.41 60.11
CA ILE G 324 60.96 55.72 60.03
C ILE G 324 61.32 55.99 58.57
N ASP G 325 61.86 57.17 58.31
CA ASP G 325 62.37 57.57 57.01
C ASP G 325 63.89 57.60 57.08
N GLU G 326 64.54 57.14 56.02
CA GLU G 326 65.99 57.17 55.97
C GLU G 326 66.54 57.94 54.77
N VAL G 327 65.69 58.53 53.94
CA VAL G 327 66.18 59.39 52.87
C VAL G 327 66.66 60.71 53.45
N ASP G 328 66.19 61.08 54.63
CA ASP G 328 66.72 62.21 55.37
C ASP G 328 67.22 61.81 56.74
N LYS G 329 67.19 60.51 57.06
CA LYS G 329 67.55 59.95 58.36
C LYS G 329 66.77 60.60 59.50
N ARG G 330 65.48 60.79 59.30
CA ARG G 330 64.62 61.47 60.26
C ARG G 330 63.43 60.58 60.57
N VAL G 331 63.00 60.57 61.83
CA VAL G 331 61.94 59.67 62.28
C VAL G 331 60.66 60.47 62.49
N HIS G 332 59.60 60.06 61.82
CA HIS G 332 58.29 60.66 62.00
C HIS G 332 57.64 60.03 63.23
N MET G 333 56.95 60.84 64.02
CA MET G 333 56.46 60.45 65.36
C MET G 333 55.02 60.89 65.54
N THR G 334 54.13 59.92 65.74
CA THR G 334 52.73 60.16 66.09
C THR G 334 52.48 59.53 67.45
N TRP G 335 52.72 60.31 68.51
CA TRP G 335 52.68 59.81 69.88
C TRP G 335 51.24 59.56 70.31
N VAL G 336 50.97 58.34 70.76
CA VAL G 336 49.62 57.88 71.05
C VAL G 336 49.50 57.26 72.43
N GLN G 337 50.55 57.35 73.26
CA GLN G 337 50.53 56.71 74.59
C GLN G 337 50.74 57.75 75.67
N PRO G 338 49.69 58.33 76.22
CA PRO G 338 49.83 59.46 77.14
C PRO G 338 50.06 59.02 78.58
N ARG G 339 50.36 60.01 79.43
CA ARG G 339 50.77 59.75 80.80
C ARG G 339 50.39 60.92 81.72
N VAL G 340 51.01 60.99 82.90
CA VAL G 340 50.82 62.09 83.84
C VAL G 340 51.82 63.19 83.50
N LEU G 341 51.45 64.42 83.83
CA LEU G 341 52.33 65.59 83.75
C LEU G 341 52.09 66.47 84.98
N ASP G 342 52.91 67.50 85.11
CA ASP G 342 52.92 68.35 86.28
C ASP G 342 52.09 69.62 86.07
N LEU G 343 52.11 70.51 87.05
CA LEU G 343 51.46 71.80 86.93
C LEU G 343 52.19 72.73 85.98
N GLN G 344 53.49 72.50 85.74
CA GLN G 344 54.24 73.36 84.83
C GLN G 344 53.83 73.19 83.39
N GLN G 345 53.44 71.98 82.99
CA GLN G 345 52.88 71.79 81.66
C GLN G 345 51.41 72.16 81.61
N ILE G 346 50.75 72.26 82.76
CA ILE G 346 49.36 72.73 82.83
C ILE G 346 49.27 74.20 82.44
N LYS G 347 50.30 74.98 82.77
CA LYS G 347 50.29 76.43 82.55
C LYS G 347 50.29 76.77 81.07
N GLY G 348 51.26 76.24 80.32
CA GLY G 348 51.28 76.43 78.88
C GLY G 348 50.13 75.76 78.16
N MET G 349 49.55 74.72 78.77
CA MET G 349 48.37 74.08 78.20
C MET G 349 47.17 75.00 78.25
N LYS G 350 47.06 75.82 79.30
CA LYS G 350 45.97 76.79 79.38
C LYS G 350 46.19 77.96 78.43
N ASP G 351 47.44 78.38 78.26
CA ASP G 351 47.75 79.47 77.34
C ASP G 351 47.51 79.06 75.90
N ARG G 352 47.80 77.80 75.57
CA ARG G 352 47.38 77.29 74.27
C ARG G 352 45.88 77.14 74.19
N LEU G 353 45.24 76.84 75.32
CA LEU G 353 43.79 76.74 75.35
C LEU G 353 43.14 78.11 75.31
N GLU G 354 43.78 79.12 75.92
CA GLU G 354 43.28 80.48 75.83
C GLU G 354 43.45 81.02 74.42
N PHE G 355 44.55 80.65 73.75
CA PHE G 355 44.67 80.94 72.32
C PHE G 355 43.64 80.18 71.52
N TRP G 356 43.39 78.93 71.90
CA TRP G 356 42.35 78.13 71.27
C TRP G 356 40.97 78.72 71.52
N CYS G 357 40.78 79.35 72.68
CA CYS G 357 39.50 79.96 72.98
C CYS G 357 39.28 81.24 72.16
N THR G 358 40.27 82.12 72.13
CA THR G 358 40.08 83.43 71.53
C THR G 358 40.13 83.40 70.00
N ASP G 359 40.66 82.34 69.40
CA ASP G 359 40.70 82.29 67.94
C ASP G 359 39.38 81.79 67.38
N VAL G 360 38.77 80.83 68.06
CA VAL G 360 37.48 80.28 67.62
C VAL G 360 36.37 81.30 67.83
N LYS G 361 36.41 82.02 68.95
CA LYS G 361 35.38 83.01 69.24
C LYS G 361 35.49 84.22 68.32
N SER G 362 36.70 84.57 67.89
CA SER G 362 36.88 85.68 66.96
C SER G 362 36.33 85.34 65.59
N MET G 363 36.49 84.08 65.15
CA MET G 363 35.98 83.68 63.86
C MET G 363 34.47 83.48 63.85
N GLU G 364 33.88 83.17 65.01
CA GLU G 364 32.42 83.16 65.08
C GLU G 364 31.85 84.57 64.96
N MET G 365 32.56 85.55 65.51
CA MET G 365 32.15 86.94 65.35
C MET G 365 32.31 87.44 63.92
N LEU G 366 33.21 86.85 63.14
CA LEU G 366 33.32 87.23 61.74
C LEU G 366 32.23 86.56 60.91
N VAL G 367 31.83 85.35 61.28
CA VAL G 367 30.76 84.67 60.56
C VAL G 367 29.40 85.25 60.92
N GLU G 368 29.17 85.53 62.21
CA GLU G 368 27.88 86.06 62.64
C GLU G 368 27.65 87.48 62.11
N HIS G 369 28.72 88.25 61.94
CA HIS G 369 28.55 89.58 61.39
C HIS G 369 28.35 89.53 59.88
N GLN G 370 29.03 88.62 59.19
CA GLN G 370 28.98 88.60 57.73
C GLN G 370 27.69 87.99 57.22
N ALA G 371 27.22 86.91 57.85
CA ALA G 371 26.06 86.17 57.38
C ALA G 371 24.83 86.39 58.24
N HIS G 372 24.68 87.59 58.81
CA HIS G 372 23.52 87.86 59.65
C HIS G 372 22.27 88.07 58.81
N ASP G 373 22.42 88.66 57.61
CA ASP G 373 21.27 88.95 56.79
C ASP G 373 20.68 87.70 56.14
N ILE G 374 21.43 86.62 56.09
CA ILE G 374 20.97 85.35 55.55
C ILE G 374 20.86 84.30 56.65
N LEU G 375 20.79 84.73 57.90
CA LEU G 375 20.72 83.79 59.02
C LEU G 375 19.29 83.28 59.22
N THR G 376 18.36 84.20 59.49
CA THR G 376 16.92 83.96 59.68
C THR G 376 16.57 82.95 60.78
N MET H 1 -12.85 48.92 115.17
CA MET H 1 -13.05 49.66 113.93
C MET H 1 -12.12 50.88 113.88
N VAL H 2 -11.02 50.80 114.61
CA VAL H 2 -10.04 51.86 114.64
C VAL H 2 -9.19 51.82 113.37
N LEU H 3 -8.95 52.99 112.78
CA LEU H 3 -8.24 53.10 111.52
C LEU H 3 -6.86 53.66 111.80
N GLU H 4 -5.83 52.82 111.66
CA GLU H 4 -4.46 53.22 111.89
C GLU H 4 -3.56 52.56 110.86
N SER H 5 -2.27 52.91 110.92
CA SER H 5 -1.24 52.32 110.07
C SER H 5 -0.13 51.80 110.96
N THR H 6 -0.27 50.55 111.41
CA THR H 6 0.69 49.95 112.32
C THR H 6 1.93 49.53 111.53
N MET H 7 3.07 50.09 111.91
CA MET H 7 4.34 49.87 111.21
C MET H 7 5.28 49.12 112.15
N VAL H 8 5.42 47.81 111.94
CA VAL H 8 6.30 47.01 112.78
C VAL H 8 7.74 47.15 112.26
N CYS H 9 8.70 47.09 113.19
CA CYS H 9 10.10 47.37 112.87
C CYS H 9 10.97 46.36 113.61
N VAL H 10 11.37 45.30 112.92
CA VAL H 10 12.15 44.23 113.52
C VAL H 10 13.62 44.63 113.53
N ASP H 11 14.44 43.88 114.26
CA ASP H 11 15.88 44.07 114.29
C ASP H 11 16.55 42.80 113.77
N ASN H 12 17.35 42.93 112.72
CA ASN H 12 18.21 41.85 112.26
C ASN H 12 19.66 42.25 112.35
N SER H 13 20.04 42.85 113.47
CA SER H 13 21.44 43.19 113.72
C SER H 13 22.24 41.92 114.00
N GLU H 14 23.55 42.10 114.14
CA GLU H 14 24.40 40.96 114.41
C GLU H 14 24.22 40.42 115.83
N TYR H 15 23.83 41.29 116.77
CA TYR H 15 23.68 40.86 118.17
C TYR H 15 22.47 39.97 118.39
N MET H 16 21.62 39.76 117.39
CA MET H 16 20.54 38.80 117.47
C MET H 16 21.02 37.37 117.24
N ARG H 17 22.26 37.16 116.84
CA ARG H 17 22.82 35.83 116.59
C ARG H 17 23.23 35.14 117.89
N ASN H 18 22.31 35.05 118.85
CA ASN H 18 22.52 34.34 120.10
C ASN H 18 21.17 33.99 120.70
N GLY H 19 21.19 33.05 121.63
CA GLY H 19 20.00 32.81 122.42
C GLY H 19 20.30 32.98 123.90
N ASP H 20 19.84 34.08 124.48
CA ASP H 20 19.79 34.18 125.92
C ASP H 20 18.60 33.43 126.46
N PHE H 21 17.59 33.24 125.64
CA PHE H 21 16.38 32.53 125.98
C PHE H 21 16.59 31.04 125.70
N LEU H 22 15.68 30.20 126.17
CA LEU H 22 15.69 28.82 125.74
C LEU H 22 15.34 28.66 124.25
N PRO H 23 14.33 29.41 123.67
CA PRO H 23 14.25 29.40 122.21
C PRO H 23 15.21 30.39 121.57
N THR H 24 15.10 30.51 120.25
CA THR H 24 15.90 31.45 119.50
C THR H 24 15.32 32.86 119.61
N ARG H 25 16.20 33.85 119.80
CA ARG H 25 15.78 35.25 119.78
C ARG H 25 15.14 35.65 118.46
N LEU H 26 15.64 35.11 117.35
CA LEU H 26 14.97 35.30 116.07
C LEU H 26 13.60 34.64 116.07
N GLN H 27 13.49 33.44 116.65
CA GLN H 27 12.19 32.81 116.79
C GLN H 27 11.33 33.55 117.82
N ALA H 28 11.97 34.15 118.83
CA ALA H 28 11.24 34.96 119.79
C ALA H 28 10.70 36.23 119.15
N GLN H 29 11.53 36.90 118.32
CA GLN H 29 11.04 38.12 117.70
C GLN H 29 10.10 37.84 116.55
N GLN H 30 10.19 36.66 115.92
CA GLN H 30 9.30 36.34 114.81
C GLN H 30 7.89 36.07 115.33
N ASP H 31 7.79 35.28 116.40
CA ASP H 31 6.50 35.04 117.03
C ASP H 31 5.93 36.31 117.66
N ALA H 32 6.80 37.25 118.02
CA ALA H 32 6.33 38.56 118.47
C ALA H 32 5.61 39.31 117.35
N VAL H 33 6.09 39.15 116.11
CA VAL H 33 5.40 39.76 114.98
C VAL H 33 4.08 39.04 114.71
N ASN H 34 4.04 37.72 114.93
CA ASN H 34 2.82 36.95 114.68
C ASN H 34 1.70 37.36 115.63
N ILE H 35 2.02 37.62 116.90
CA ILE H 35 0.95 37.93 117.85
C ILE H 35 0.50 39.38 117.76
N VAL H 36 1.24 40.25 117.06
CA VAL H 36 0.76 41.62 116.88
C VAL H 36 0.08 41.80 115.52
N CYS H 37 0.49 41.05 114.49
CA CYS H 37 -0.20 41.15 113.21
C CYS H 37 -1.56 40.45 113.27
N HIS H 38 -1.66 39.40 114.09
CA HIS H 38 -2.96 38.81 114.35
C HIS H 38 -3.77 39.64 115.33
N SER H 39 -3.11 40.47 116.14
CA SER H 39 -3.82 41.37 117.02
C SER H 39 -4.49 42.50 116.24
N LYS H 40 -3.75 43.11 115.31
CA LYS H 40 -4.31 44.18 114.50
C LYS H 40 -5.28 43.66 113.45
N THR H 41 -5.27 42.36 113.18
CA THR H 41 -6.21 41.79 112.23
C THR H 41 -7.60 41.68 112.84
N ARG H 42 -7.69 41.09 114.03
CA ARG H 42 -8.98 40.80 114.64
C ARG H 42 -9.64 42.04 115.21
N SER H 43 -8.88 43.09 115.50
CA SER H 43 -9.47 44.33 115.99
C SER H 43 -10.17 45.09 114.87
N ASN H 44 -9.49 45.23 113.72
CA ASN H 44 -10.05 45.90 112.56
C ASN H 44 -9.35 45.36 111.32
N PRO H 45 -10.08 44.77 110.37
CA PRO H 45 -9.44 44.33 109.12
C PRO H 45 -9.07 45.48 108.18
N GLU H 46 -9.43 46.72 108.50
CA GLU H 46 -9.15 47.87 107.67
C GLU H 46 -7.85 48.58 108.06
N ASN H 47 -6.90 47.86 108.63
CA ASN H 47 -5.59 48.39 108.97
C ASN H 47 -4.53 47.75 108.05
N ASN H 48 -3.26 48.05 108.31
CA ASN H 48 -2.19 47.49 107.52
C ASN H 48 -0.92 47.36 108.35
N VAL H 49 -0.18 46.28 108.12
CA VAL H 49 1.05 45.98 108.84
C VAL H 49 2.16 45.78 107.82
N GLY H 50 3.29 46.46 108.03
CA GLY H 50 4.45 46.33 107.16
C GLY H 50 5.74 46.27 107.93
N LEU H 51 6.65 45.38 107.55
CA LEU H 51 7.90 45.21 108.27
C LEU H 51 9.00 46.08 107.68
N ILE H 52 9.93 46.48 108.53
CA ILE H 52 11.07 47.28 108.12
C ILE H 52 12.27 46.92 109.00
N THR H 53 13.43 46.83 108.37
CA THR H 53 14.68 46.62 109.09
C THR H 53 15.40 47.94 109.32
N LEU H 54 16.43 47.88 110.16
CA LEU H 54 17.29 49.04 110.37
C LEU H 54 18.78 48.69 110.44
N ALA H 55 19.17 47.43 110.35
CA ALA H 55 20.57 47.04 110.51
C ALA H 55 21.30 47.26 109.20
N ASN H 56 22.21 48.25 109.20
CA ASN H 56 23.19 48.58 108.16
C ASN H 56 22.54 49.23 106.94
N ASP H 57 21.21 49.18 106.85
CA ASP H 57 20.39 49.81 105.83
C ASP H 57 18.93 49.61 106.25
N CYS H 58 18.07 50.56 105.91
CA CYS H 58 16.64 50.42 106.19
C CYS H 58 15.92 50.01 104.91
N GLU H 59 16.20 48.77 104.49
CA GLU H 59 15.63 48.24 103.26
C GLU H 59 14.16 47.92 103.46
N VAL H 60 13.31 48.52 102.63
CA VAL H 60 11.87 48.28 102.68
C VAL H 60 11.64 46.91 102.04
N LEU H 61 11.53 45.88 102.87
CA LEU H 61 11.33 44.55 102.32
C LEU H 61 9.88 44.34 101.89
N THR H 62 8.93 44.70 102.74
CA THR H 62 7.53 44.68 102.39
C THR H 62 6.96 46.09 102.57
N THR H 63 6.19 46.55 101.59
CA THR H 63 5.47 47.80 101.72
C THR H 63 4.35 47.62 102.74
N LEU H 64 3.95 48.72 103.38
CA LEU H 64 2.87 48.73 104.36
C LEU H 64 1.56 48.38 103.66
N THR H 65 1.14 47.13 103.80
CA THR H 65 0.02 46.56 103.05
C THR H 65 -0.95 45.88 104.01
N PRO H 66 -2.26 45.93 103.71
CA PRO H 66 -3.22 45.22 104.56
C PRO H 66 -3.16 43.70 104.45
N ASP H 67 -2.49 43.16 103.43
CA ASP H 67 -2.25 41.73 103.38
C ASP H 67 -1.24 41.33 104.44
N THR H 68 -1.30 40.06 104.85
CA THR H 68 -0.33 39.50 105.79
C THR H 68 0.48 38.37 105.21
N GLY H 69 0.09 37.81 104.06
CA GLY H 69 0.79 36.66 103.51
C GLY H 69 2.14 37.02 102.92
N ARG H 70 2.29 38.26 102.46
CA ARG H 70 3.59 38.73 102.01
C ARG H 70 4.56 38.86 103.19
N ILE H 71 4.04 39.26 104.35
CA ILE H 71 4.88 39.40 105.54
C ILE H 71 5.35 38.03 106.03
N LEU H 72 4.42 37.07 106.11
CA LEU H 72 4.73 35.73 106.62
C LEU H 72 5.73 34.99 105.74
N SER H 73 5.75 35.28 104.45
CA SER H 73 6.79 34.74 103.59
C SER H 73 8.14 35.39 103.87
N LYS H 74 8.13 36.65 104.29
CA LYS H 74 9.36 37.39 104.49
C LYS H 74 9.79 37.49 105.95
N LEU H 75 8.99 36.97 106.90
CA LEU H 75 9.44 36.92 108.28
C LEU H 75 10.56 35.91 108.45
N HIS H 76 10.57 34.85 107.65
CA HIS H 76 11.63 33.86 107.72
C HIS H 76 12.88 34.40 107.04
N THR H 77 13.96 33.61 107.16
CA THR H 77 15.25 33.71 106.44
C THR H 77 15.79 35.13 106.31
N VAL H 78 15.79 35.84 107.44
CA VAL H 78 16.16 37.25 107.45
C VAL H 78 17.67 37.47 107.39
N GLN H 79 18.48 36.47 107.82
CA GLN H 79 19.94 36.47 107.88
C GLN H 79 20.47 37.69 108.64
N PRO H 80 20.42 37.67 109.98
CA PRO H 80 20.92 38.82 110.74
C PRO H 80 22.44 38.92 110.77
N LYS H 81 23.01 39.88 110.03
CA LYS H 81 24.45 40.03 110.04
C LYS H 81 24.89 41.48 110.05
N GLY H 82 23.98 42.42 110.30
CA GLY H 82 24.28 43.83 110.17
C GLY H 82 24.61 44.50 111.50
N LYS H 83 25.04 45.76 111.38
CA LYS H 83 25.28 46.63 112.52
C LYS H 83 24.04 47.49 112.76
N ILE H 84 23.64 47.60 114.02
CA ILE H 84 22.40 48.30 114.37
C ILE H 84 22.56 49.79 114.14
N THR H 85 21.58 50.38 113.44
CA THR H 85 21.56 51.82 113.16
C THR H 85 20.14 52.30 113.47
N PHE H 86 19.99 53.04 114.56
CA PHE H 86 18.68 53.38 115.08
C PHE H 86 18.24 54.81 114.76
N CYS H 87 19.19 55.73 114.57
CA CYS H 87 18.83 57.15 114.40
C CYS H 87 18.10 57.38 113.07
N THR H 88 18.48 56.65 112.03
CA THR H 88 17.75 56.75 110.76
C THR H 88 16.52 55.87 110.72
N GLY H 89 16.30 55.03 111.73
CA GLY H 89 15.17 54.10 111.68
C GLY H 89 13.83 54.76 111.94
N ILE H 90 13.82 55.84 112.72
CA ILE H 90 12.57 56.55 112.95
C ILE H 90 12.20 57.37 111.73
N ARG H 91 13.18 58.04 111.12
CA ARG H 91 12.92 58.93 109.99
C ARG H 91 12.48 58.16 108.75
N VAL H 92 12.97 56.94 108.57
CA VAL H 92 12.51 56.12 107.45
C VAL H 92 11.14 55.51 107.74
N ALA H 93 10.77 55.37 109.02
CA ALA H 93 9.44 54.85 109.33
C ALA H 93 8.40 55.94 109.18
N HIS H 94 8.73 57.18 109.56
CA HIS H 94 7.83 58.30 109.36
C HIS H 94 7.72 58.67 107.89
N LEU H 95 8.78 58.42 107.11
CA LEU H 95 8.70 58.64 105.68
C LEU H 95 7.81 57.58 105.02
N ALA H 96 7.74 56.38 105.61
CA ALA H 96 6.82 55.37 105.11
C ALA H 96 5.38 55.70 105.47
N LEU H 97 5.15 56.36 106.61
CA LEU H 97 3.79 56.73 106.98
C LEU H 97 3.30 57.97 106.26
N LYS H 98 4.17 58.72 105.59
CA LYS H 98 3.67 59.78 104.72
C LYS H 98 3.21 59.23 103.38
N HIS H 99 3.96 58.27 102.82
CA HIS H 99 3.57 57.64 101.56
C HIS H 99 2.52 56.57 101.86
N ARG H 100 1.29 57.02 102.08
CA ARG H 100 0.16 56.12 102.29
C ARG H 100 -0.90 56.38 101.25
N GLN H 101 -1.78 55.41 101.07
CA GLN H 101 -2.88 55.52 100.12
C GLN H 101 -4.09 56.22 100.70
N GLY H 102 -4.19 56.31 102.03
CA GLY H 102 -5.28 57.01 102.67
C GLY H 102 -4.80 57.81 103.86
N LYS H 103 -5.19 59.09 103.92
CA LYS H 103 -4.77 59.99 104.98
C LYS H 103 -5.82 60.11 106.08
N ASN H 104 -6.61 59.06 106.30
CA ASN H 104 -7.58 59.04 107.38
C ASN H 104 -7.23 58.05 108.47
N HIS H 105 -6.14 57.31 108.32
CA HIS H 105 -5.70 56.36 109.32
C HIS H 105 -4.83 57.05 110.36
N LYS H 106 -4.89 56.54 111.57
CA LYS H 106 -4.01 57.02 112.63
C LYS H 106 -2.60 56.51 112.42
N MET H 107 -1.69 56.92 113.29
CA MET H 107 -0.27 56.61 113.14
C MET H 107 0.23 55.90 114.37
N ARG H 108 0.69 54.67 114.20
CA ARG H 108 1.30 53.89 115.26
C ARG H 108 2.50 53.14 114.71
N ILE H 109 3.64 53.28 115.40
CA ILE H 109 4.87 52.62 115.01
C ILE H 109 5.35 51.79 116.20
N ILE H 110 5.50 50.49 116.00
CA ILE H 110 6.11 49.63 117.01
C ILE H 110 7.47 49.20 116.50
N ALA H 111 8.44 49.13 117.42
CA ALA H 111 9.81 48.83 117.07
C ALA H 111 10.36 47.79 118.04
N PHE H 112 11.30 47.00 117.54
CA PHE H 112 11.87 45.88 118.28
C PHE H 112 13.35 46.13 118.46
N VAL H 113 13.75 46.37 119.70
CA VAL H 113 15.14 46.70 120.04
C VAL H 113 15.74 45.44 120.65
N GLY H 114 16.53 44.72 119.86
CA GLY H 114 17.16 43.52 120.36
C GLY H 114 18.65 43.69 120.52
N SER H 115 19.12 44.93 120.51
CA SER H 115 20.55 45.21 120.56
C SER H 115 20.73 46.58 121.22
N PRO H 116 21.82 46.80 121.94
CA PRO H 116 22.00 48.09 122.62
C PRO H 116 22.27 49.21 121.64
N VAL H 117 21.67 50.36 121.89
CA VAL H 117 21.78 51.53 121.02
C VAL H 117 22.90 52.42 121.55
N GLU H 118 23.66 53.00 120.63
CA GLU H 118 24.81 53.84 120.95
C GLU H 118 24.64 55.12 120.15
N ASP H 119 23.93 56.09 120.74
CA ASP H 119 23.49 57.26 120.02
C ASP H 119 23.66 58.49 120.92
N ASN H 120 23.81 59.65 120.29
CA ASN H 120 23.90 60.90 121.03
C ASN H 120 22.57 61.24 121.67
N GLU H 121 22.62 61.94 122.80
CA GLU H 121 21.40 62.42 123.44
C GLU H 121 20.78 63.59 122.68
N LYS H 122 21.57 64.27 121.85
CA LYS H 122 21.01 65.32 120.99
C LYS H 122 20.21 64.70 119.85
N ASP H 123 20.70 63.58 119.30
CA ASP H 123 20.06 62.99 118.13
C ASP H 123 18.73 62.34 118.47
N LEU H 124 18.55 61.89 119.72
CA LEU H 124 17.26 61.34 120.11
C LEU H 124 16.25 62.43 120.43
N VAL H 125 16.71 63.56 120.97
CA VAL H 125 15.77 64.60 121.35
C VAL H 125 15.36 65.45 120.15
N LYS H 126 16.18 65.50 119.09
CA LYS H 126 15.74 66.16 117.87
C LYS H 126 14.66 65.34 117.17
N LEU H 127 14.80 64.01 117.19
CA LEU H 127 13.74 63.16 116.66
C LEU H 127 12.50 63.21 117.56
N ALA H 128 12.70 63.36 118.86
CA ALA H 128 11.57 63.42 119.79
C ALA H 128 10.80 64.72 119.64
N LYS H 129 11.51 65.85 119.49
CA LYS H 129 10.82 67.11 119.25
C LYS H 129 10.27 67.21 117.85
N ARG H 130 10.75 66.39 116.92
CA ARG H 130 10.15 66.36 115.60
C ARG H 130 8.81 65.65 115.63
N LEU H 131 8.72 64.51 116.34
CA LEU H 131 7.48 63.76 116.39
C LEU H 131 6.43 64.45 117.24
N LYS H 132 6.84 65.32 118.16
CA LYS H 132 5.88 66.17 118.86
C LYS H 132 5.24 67.16 117.91
N LYS H 133 6.02 67.75 117.01
CA LYS H 133 5.50 68.64 115.99
C LYS H 133 4.81 67.89 114.85
N GLU H 134 4.92 66.57 114.81
CA GLU H 134 4.27 65.77 113.79
C GLU H 134 3.14 64.90 114.33
N LYS H 135 2.99 64.83 115.66
CA LYS H 135 1.92 64.11 116.36
C LYS H 135 1.95 62.62 115.99
N VAL H 136 3.06 61.98 116.36
CA VAL H 136 3.35 60.60 115.97
C VAL H 136 3.67 59.80 117.23
N ASN H 137 2.97 58.69 117.42
CA ASN H 137 3.14 57.85 118.60
C ASN H 137 3.93 56.60 118.21
N VAL H 138 5.09 56.43 118.83
CA VAL H 138 6.00 55.32 118.53
C VAL H 138 6.18 54.48 119.78
N ASP H 139 5.98 53.17 119.66
CA ASP H 139 6.16 52.24 120.76
C ASP H 139 7.53 51.59 120.66
N ILE H 140 8.17 51.40 121.81
CA ILE H 140 9.52 50.86 121.89
C ILE H 140 9.47 49.60 122.75
N ILE H 141 9.88 48.47 122.16
CA ILE H 141 9.88 47.18 122.82
C ILE H 141 11.29 46.62 122.79
N ASN H 142 11.81 46.25 123.95
CA ASN H 142 13.18 45.75 124.08
C ASN H 142 13.19 44.23 124.04
N PHE H 143 14.12 43.68 123.27
CA PHE H 143 14.33 42.24 123.16
C PHE H 143 15.73 41.86 123.62
N GLY H 144 15.85 40.64 124.13
CA GLY H 144 17.16 40.04 124.34
C GLY H 144 17.93 40.70 125.45
N GLU H 145 19.15 41.15 125.13
CA GLU H 145 19.93 41.92 126.08
C GLU H 145 19.34 43.32 126.23
N GLU H 146 19.44 43.85 127.45
CA GLU H 146 18.89 45.16 127.74
C GLU H 146 19.56 45.69 129.00
N GLU H 147 20.14 46.87 128.90
CA GLU H 147 20.48 47.59 130.12
C GLU H 147 19.21 48.08 130.77
N VAL H 148 19.03 47.73 132.05
CA VAL H 148 17.82 48.13 132.77
C VAL H 148 17.91 49.61 133.11
N ASN H 149 16.82 50.33 132.82
CA ASN H 149 16.66 51.78 133.06
C ASN H 149 17.75 52.59 132.36
N THR H 150 17.75 52.51 131.02
CA THR H 150 18.65 53.31 130.22
C THR H 150 18.27 54.80 130.29
N GLU H 151 19.27 55.64 130.06
CA GLU H 151 19.05 57.07 129.97
C GLU H 151 18.42 57.45 128.63
N LYS H 152 18.86 56.82 127.55
CA LYS H 152 18.48 57.26 126.22
C LYS H 152 17.04 56.89 125.88
N LEU H 153 16.64 55.66 126.21
CA LEU H 153 15.31 55.20 125.82
C LEU H 153 14.24 55.83 126.71
N THR H 154 14.50 55.94 128.01
CA THR H 154 13.51 56.45 128.95
C THR H 154 13.24 57.93 128.73
N ALA H 155 14.29 58.70 128.45
CA ALA H 155 14.11 60.10 128.07
C ALA H 155 13.50 60.25 126.70
N PHE H 156 13.60 59.24 125.84
CA PHE H 156 12.94 59.33 124.54
C PHE H 156 11.45 59.04 124.67
N VAL H 157 11.07 58.09 125.53
CA VAL H 157 9.65 57.84 125.79
C VAL H 157 9.02 59.05 126.46
N ASN H 158 9.76 59.71 127.36
CA ASN H 158 9.25 60.88 128.06
C ASN H 158 9.04 62.05 127.11
N THR H 159 10.04 62.35 126.29
CA THR H 159 9.96 63.44 125.32
C THR H 159 9.14 63.10 124.10
N LEU H 160 8.64 61.87 123.98
CA LEU H 160 7.73 61.54 122.90
C LEU H 160 6.34 62.12 123.15
N ASN H 161 5.72 61.70 124.24
CA ASN H 161 4.33 62.00 124.55
C ASN H 161 4.21 62.65 125.93
N GLY H 162 5.03 63.67 126.17
CA GLY H 162 4.97 64.39 127.42
C GLY H 162 3.73 65.24 127.55
N LYS H 163 3.39 65.54 128.80
CA LYS H 163 2.21 66.31 129.22
C LYS H 163 0.91 65.68 128.70
N ASP H 164 0.66 64.49 129.23
CA ASP H 164 -0.54 63.67 128.97
C ASP H 164 -0.66 63.32 127.49
N GLY H 165 0.30 62.54 127.02
CA GLY H 165 0.25 62.01 125.67
C GLY H 165 -0.54 60.71 125.57
N THR H 166 0.03 59.72 124.89
CA THR H 166 -0.68 58.47 124.62
C THR H 166 -0.42 57.41 125.67
N GLY H 167 0.82 57.23 126.08
CA GLY H 167 1.17 56.11 126.94
C GLY H 167 1.93 55.05 126.20
N SER H 168 2.91 55.45 125.39
CA SER H 168 3.77 54.52 124.67
C SER H 168 4.60 53.73 125.68
N HIS H 169 4.23 52.49 125.91
CA HIS H 169 4.81 51.70 126.98
C HIS H 169 6.18 51.18 126.59
N LEU H 170 7.13 51.29 127.52
CA LEU H 170 8.48 50.76 127.34
C LEU H 170 8.50 49.35 127.89
N VAL H 171 8.61 48.37 127.00
CA VAL H 171 8.58 46.96 127.40
C VAL H 171 9.98 46.53 127.79
N THR H 172 10.16 46.14 129.05
CA THR H 172 11.43 45.69 129.60
C THR H 172 11.26 44.23 129.99
N VAL H 173 11.61 43.33 129.08
CA VAL H 173 11.50 41.90 129.35
C VAL H 173 12.76 41.45 130.08
N PRO H 174 12.66 40.58 131.09
CA PRO H 174 13.85 40.00 131.69
C PRO H 174 14.35 38.83 130.88
N PRO H 175 15.65 38.55 130.90
CA PRO H 175 16.16 37.35 130.24
C PRO H 175 15.71 36.08 130.98
N GLY H 176 15.36 35.06 130.21
CA GLY H 176 14.81 33.84 130.75
C GLY H 176 13.75 33.28 129.83
N PRO H 177 13.13 32.16 130.21
CA PRO H 177 12.17 31.50 129.31
C PRO H 177 10.83 32.21 129.15
N SER H 178 10.68 33.43 129.66
CA SER H 178 9.46 34.20 129.47
C SER H 178 9.26 34.56 128.00
N LEU H 179 8.05 34.26 127.51
CA LEU H 179 7.62 34.62 126.18
C LEU H 179 7.08 36.04 126.18
N ALA H 180 6.25 36.37 125.20
CA ALA H 180 5.73 37.72 125.03
C ALA H 180 4.55 38.03 125.96
N ASP H 181 4.47 37.35 127.11
CA ASP H 181 3.45 37.64 128.11
C ASP H 181 3.57 39.06 128.66
N ALA H 182 4.78 39.61 128.71
CA ALA H 182 4.92 41.03 129.03
C ALA H 182 4.49 41.91 127.86
N LEU H 183 4.48 41.37 126.64
CA LEU H 183 4.05 42.10 125.47
C LEU H 183 2.56 41.96 125.17
N ILE H 184 1.88 41.00 125.81
CA ILE H 184 0.43 40.87 125.65
C ILE H 184 -0.33 41.17 126.93
N SER H 185 0.34 41.67 127.97
CA SER H 185 -0.39 42.09 129.16
C SER H 185 -0.93 43.50 128.98
N SER H 186 -0.03 44.49 128.93
CA SER H 186 -0.39 45.85 128.57
C SER H 186 -0.42 46.19 127.07
N PRO H 187 0.63 45.96 126.27
CA PRO H 187 0.70 46.65 124.98
C PRO H 187 -0.20 46.09 123.88
N ILE H 188 -0.81 44.93 124.08
CA ILE H 188 -1.68 44.40 123.02
C ILE H 188 -3.02 45.11 123.02
N LEU H 189 -3.42 45.70 124.15
CA LEU H 189 -4.66 46.46 124.24
C LEU H 189 -4.42 47.90 124.70
N ALA H 190 -3.62 48.09 125.76
CA ALA H 190 -3.25 49.42 126.23
C ALA H 190 -1.84 49.73 125.74
N GLY H 191 -1.77 50.32 124.55
CA GLY H 191 -0.48 50.68 123.97
C GLY H 191 -0.07 52.09 124.35
N ALA I 23 -28.69 74.10 75.93
CA ALA I 23 -27.87 73.13 76.62
C ALA I 23 -26.60 72.83 75.84
N VAL I 24 -26.77 72.12 74.73
CA VAL I 24 -25.61 71.75 73.92
C VAL I 24 -25.15 72.95 73.10
N ASP I 25 -23.84 73.11 73.01
CA ASP I 25 -23.21 74.22 72.32
C ASP I 25 -22.56 73.70 71.05
N THR I 26 -21.99 74.61 70.26
CA THR I 26 -21.21 74.26 69.08
C THR I 26 -19.87 74.99 69.17
N ALA I 27 -19.41 75.18 70.40
CA ALA I 27 -18.11 75.79 70.66
C ALA I 27 -17.24 74.93 71.54
N GLU I 28 -17.56 73.64 71.67
CA GLU I 28 -16.74 72.74 72.47
C GLU I 28 -15.42 72.48 71.78
N GLN I 29 -14.35 72.48 72.56
CA GLN I 29 -13.03 72.09 72.07
C GLN I 29 -12.43 71.13 73.08
N VAL I 30 -12.20 69.89 72.67
CA VAL I 30 -11.47 68.96 73.50
C VAL I 30 -10.02 69.41 73.58
N TYR I 31 -9.44 69.34 74.77
CA TYR I 31 -8.07 69.78 75.00
C TYR I 31 -7.24 68.52 75.26
N ILE I 32 -6.79 67.90 74.22
CA ILE I 32 -5.92 66.75 74.37
C ILE I 32 -4.50 67.27 74.59
N SER I 33 -3.72 66.53 75.36
CA SER I 33 -2.33 66.90 75.57
C SER I 33 -1.46 66.27 74.50
N SER I 34 -0.18 66.66 74.50
CA SER I 34 0.74 66.09 73.53
C SER I 34 1.08 64.65 73.86
N LEU I 35 1.26 64.35 75.16
CA LEU I 35 1.55 62.97 75.54
C LEU I 35 0.31 62.10 75.54
N ALA I 36 -0.88 62.68 75.42
CA ALA I 36 -2.06 61.84 75.22
C ALA I 36 -2.03 61.23 73.83
N LEU I 37 -1.80 62.05 72.80
CA LEU I 37 -1.88 61.60 71.42
C LEU I 37 -0.76 60.62 71.07
N LEU I 38 0.38 60.70 71.77
CA LEU I 38 1.43 59.74 71.52
C LEU I 38 1.10 58.39 72.13
N LYS I 39 0.27 58.36 73.17
CA LYS I 39 -0.27 57.08 73.63
C LYS I 39 -1.27 56.52 72.64
N MET I 40 -1.96 57.39 71.92
CA MET I 40 -3.02 56.95 71.02
C MET I 40 -2.45 56.25 69.80
N LEU I 41 -1.41 56.82 69.20
CA LEU I 41 -0.84 56.24 67.99
C LEU I 41 0.00 55.01 68.30
N LYS I 42 0.65 54.97 69.47
CA LYS I 42 1.50 53.82 69.78
C LYS I 42 0.66 52.61 70.15
N HIS I 43 -0.42 52.83 70.90
CA HIS I 43 -1.33 51.73 71.20
C HIS I 43 -2.10 51.31 69.97
N GLY I 44 -2.34 52.23 69.04
CA GLY I 44 -3.03 51.89 67.80
C GLY I 44 -2.15 51.17 66.80
N ARG I 45 -0.86 51.47 66.79
CA ARG I 45 0.04 50.79 65.87
C ARG I 45 0.49 49.45 66.45
N ALA I 46 0.34 49.27 67.76
CA ALA I 46 0.76 48.02 68.41
C ALA I 46 -0.10 46.85 67.94
N GLY I 47 -1.40 46.92 68.15
CA GLY I 47 -2.27 45.97 67.50
C GLY I 47 -2.94 46.61 66.30
N VAL I 48 -2.39 46.39 65.12
CA VAL I 48 -3.02 46.85 63.88
C VAL I 48 -4.17 45.94 63.47
N PRO I 49 -4.00 44.58 63.30
CA PRO I 49 -5.13 43.84 62.73
C PRO I 49 -6.12 43.36 63.77
N MET I 50 -6.18 43.96 64.96
CA MET I 50 -7.05 43.40 65.99
C MET I 50 -7.87 44.44 66.76
N GLU I 51 -7.90 45.70 66.31
CA GLU I 51 -8.77 46.76 66.84
C GLU I 51 -8.56 47.02 68.33
N VAL I 52 -7.46 47.70 68.68
CA VAL I 52 -7.19 48.05 70.07
C VAL I 52 -8.28 48.97 70.64
N MET I 53 -8.33 49.04 71.97
CA MET I 53 -9.52 49.51 72.67
C MET I 53 -9.10 49.94 74.08
N GLY I 54 -9.30 51.21 74.42
CA GLY I 54 -8.91 51.71 75.73
C GLY I 54 -9.85 52.78 76.23
N LEU I 55 -9.53 53.28 77.42
CA LEU I 55 -10.37 54.25 78.12
C LEU I 55 -9.65 55.58 78.23
N MET I 56 -10.41 56.65 78.10
CA MET I 56 -9.87 57.99 78.00
C MET I 56 -10.13 58.75 79.28
N LEU I 57 -9.07 59.28 79.89
CA LEU I 57 -9.13 59.88 81.21
C LEU I 57 -8.81 61.37 81.12
N GLY I 58 -9.70 62.21 81.65
CA GLY I 58 -9.49 63.63 81.63
C GLY I 58 -10.24 64.36 82.72
N GLU I 59 -10.80 65.53 82.40
CA GLU I 59 -11.43 66.36 83.41
C GLU I 59 -12.40 67.31 82.74
N PHE I 60 -13.56 67.50 83.35
CA PHE I 60 -14.55 68.47 82.88
C PHE I 60 -14.37 69.74 83.68
N VAL I 61 -13.77 70.76 83.06
CA VAL I 61 -13.47 71.97 83.81
C VAL I 61 -14.70 72.89 83.85
N ASP I 62 -15.55 72.85 82.84
CA ASP I 62 -16.80 73.60 82.86
C ASP I 62 -17.83 72.82 82.04
N ASP I 63 -18.87 73.52 81.60
CA ASP I 63 -19.94 72.88 80.83
C ASP I 63 -19.44 72.38 79.49
N TYR I 64 -18.74 73.22 78.72
CA TYR I 64 -18.48 72.87 77.33
C TYR I 64 -17.03 73.08 76.89
N THR I 65 -16.06 72.99 77.81
CA THR I 65 -14.68 72.72 77.45
C THR I 65 -14.22 71.55 78.30
N VAL I 66 -13.65 70.53 77.66
CA VAL I 66 -13.21 69.32 78.32
C VAL I 66 -11.75 69.08 77.95
N ARG I 67 -10.93 68.73 78.95
CA ARG I 67 -9.54 68.43 78.74
C ARG I 67 -9.28 66.96 78.99
N VAL I 68 -8.18 66.48 78.41
CA VAL I 68 -7.72 65.12 78.59
C VAL I 68 -6.21 65.10 78.42
N ILE I 69 -5.50 64.69 79.46
CA ILE I 69 -4.06 64.85 79.51
C ILE I 69 -3.34 63.50 79.50
N ASP I 70 -3.77 62.56 80.33
CA ASP I 70 -3.16 61.25 80.42
C ASP I 70 -4.17 60.18 80.06
N VAL I 71 -3.76 59.24 79.20
CA VAL I 71 -4.62 58.17 78.72
C VAL I 71 -3.93 56.85 78.98
N PHE I 72 -4.60 55.95 79.69
CA PHE I 72 -4.10 54.60 79.87
C PHE I 72 -4.79 53.67 78.89
N ALA I 73 -4.41 52.40 78.91
CA ALA I 73 -4.95 51.40 78.00
C ALA I 73 -5.54 50.25 78.79
N MET I 74 -6.34 49.44 78.09
CA MET I 74 -6.94 48.23 78.62
C MET I 74 -6.49 47.05 77.77
N PRO I 75 -6.31 45.87 78.35
CA PRO I 75 -6.05 44.69 77.54
C PRO I 75 -7.30 44.25 76.81
N GLN I 76 -7.10 43.65 75.65
CA GLN I 76 -8.20 43.26 74.77
C GLN I 76 -8.10 41.78 74.42
N SER I 77 -9.19 41.27 73.86
CA SER I 77 -9.20 39.94 73.28
C SER I 77 -10.04 39.90 72.00
N GLY I 78 -10.06 40.99 71.24
CA GLY I 78 -10.94 41.09 70.10
C GLY I 78 -10.30 40.71 68.77
N THR I 79 -11.15 40.55 67.77
CA THR I 79 -10.74 40.17 66.43
C THR I 79 -10.47 41.43 65.60
N GLY I 80 -10.34 41.27 64.29
CA GLY I 80 -10.05 42.36 63.38
C GLY I 80 -11.22 43.24 63.01
N VAL I 81 -12.44 42.86 63.38
CA VAL I 81 -13.61 43.68 63.08
C VAL I 81 -14.39 44.05 64.34
N SER I 82 -14.23 43.35 65.45
CA SER I 82 -14.87 43.72 66.71
C SER I 82 -13.87 43.49 67.83
N VAL I 83 -14.11 44.15 68.96
CA VAL I 83 -13.22 44.05 70.10
C VAL I 83 -14.04 43.91 71.38
N GLU I 84 -13.70 42.91 72.19
CA GLU I 84 -14.33 42.66 73.47
C GLU I 84 -13.47 43.26 74.58
N ALA I 85 -13.78 42.89 75.83
CA ALA I 85 -13.05 43.42 76.97
C ALA I 85 -12.49 42.31 77.85
N VAL I 86 -12.02 42.68 79.04
CA VAL I 86 -11.43 41.76 80.00
C VAL I 86 -12.17 41.93 81.32
N ASP I 87 -11.65 41.28 82.37
CA ASP I 87 -12.25 41.38 83.69
C ASP I 87 -12.25 42.82 84.20
N PRO I 88 -13.36 43.29 84.78
CA PRO I 88 -13.45 44.69 85.20
C PRO I 88 -12.82 44.95 86.56
N VAL I 89 -12.06 43.99 87.08
CA VAL I 89 -11.34 44.17 88.33
C VAL I 89 -10.01 44.83 88.03
N PHE I 90 -9.68 44.93 86.75
CA PHE I 90 -8.46 45.60 86.31
C PHE I 90 -8.61 47.12 86.26
N GLN I 91 -9.79 47.60 85.88
CA GLN I 91 -10.01 49.04 85.74
C GLN I 91 -10.02 49.73 87.10
N ALA I 92 -10.84 49.22 88.03
CA ALA I 92 -10.98 49.87 89.33
C ALA I 92 -9.71 49.75 90.17
N LYS I 93 -8.92 48.70 89.94
CA LYS I 93 -7.65 48.59 90.64
C LYS I 93 -6.61 49.51 89.99
N MET I 94 -6.76 49.81 88.71
CA MET I 94 -5.87 50.74 88.04
C MET I 94 -6.09 52.17 88.52
N LEU I 95 -7.36 52.59 88.57
CA LEU I 95 -7.68 53.96 88.93
C LEU I 95 -7.42 54.22 90.41
N ASP I 96 -7.49 53.17 91.23
CA ASP I 96 -7.16 53.31 92.64
C ASP I 96 -5.68 53.59 92.83
N MET I 97 -4.84 52.99 91.99
CA MET I 97 -3.40 53.19 92.12
C MET I 97 -2.92 54.46 91.44
N LEU I 98 -3.70 55.00 90.51
CA LEU I 98 -3.35 56.29 89.92
C LEU I 98 -3.76 57.47 90.80
N LYS I 99 -4.47 57.22 91.90
CA LYS I 99 -4.80 58.31 92.81
C LYS I 99 -3.59 58.71 93.65
N GLN I 100 -2.89 57.71 94.19
CA GLN I 100 -1.78 57.98 95.08
C GLN I 100 -0.53 58.44 94.35
N THR I 101 -0.44 58.18 93.05
CA THR I 101 0.74 58.52 92.27
C THR I 101 0.32 59.49 91.17
N GLY I 102 0.94 60.66 91.15
CA GLY I 102 0.57 61.67 90.19
C GLY I 102 -0.65 62.44 90.67
N ARG I 103 -1.81 62.20 90.04
CA ARG I 103 -3.03 62.86 90.44
C ARG I 103 -4.25 62.05 90.04
N PRO I 104 -5.38 62.18 90.75
CA PRO I 104 -6.58 61.43 90.36
C PRO I 104 -7.50 62.22 89.47
N GLU I 105 -8.23 61.52 88.60
CA GLU I 105 -9.32 62.10 87.83
C GLU I 105 -10.46 61.10 87.69
N MET I 106 -11.51 61.54 87.02
CA MET I 106 -12.64 60.72 86.60
C MET I 106 -12.68 60.70 85.07
N VAL I 107 -13.19 59.60 84.50
CA VAL I 107 -13.04 59.35 83.07
C VAL I 107 -13.95 60.25 82.25
N VAL I 108 -13.51 60.59 81.05
CA VAL I 108 -14.26 61.48 80.17
C VAL I 108 -14.60 60.84 78.83
N GLY I 109 -14.30 59.57 78.65
CA GLY I 109 -14.70 58.92 77.41
C GLY I 109 -13.87 57.68 77.17
N TRP I 110 -13.69 57.38 75.89
CA TRP I 110 -13.05 56.15 75.47
C TRP I 110 -12.62 56.31 74.03
N TYR I 111 -11.92 55.30 73.53
CA TYR I 111 -11.43 55.33 72.16
C TYR I 111 -11.28 53.91 71.67
N HIS I 112 -10.86 53.79 70.42
CA HIS I 112 -10.58 52.52 69.76
C HIS I 112 -9.69 52.81 68.56
N SER I 113 -9.60 51.84 67.66
CA SER I 113 -8.96 52.07 66.37
C SER I 113 -9.81 51.45 65.28
N HIS I 114 -10.10 52.23 64.24
CA HIS I 114 -10.75 51.73 63.03
C HIS I 114 -9.73 51.78 61.91
N PRO I 115 -8.93 50.71 61.73
CA PRO I 115 -7.85 50.78 60.75
C PRO I 115 -8.32 50.70 59.32
N GLY I 116 -9.34 49.88 59.05
CA GLY I 116 -9.78 49.65 57.69
C GLY I 116 -10.43 50.86 57.03
N PHE I 117 -11.58 51.26 57.54
CA PHE I 117 -12.32 52.38 56.96
C PHE I 117 -11.89 53.67 57.67
N GLY I 118 -12.64 54.74 57.47
CA GLY I 118 -12.36 55.99 58.14
C GLY I 118 -12.92 56.02 59.54
N CYS I 119 -13.69 57.06 59.84
CA CYS I 119 -14.17 57.32 61.19
C CYS I 119 -15.69 57.44 61.21
N TRP I 120 -16.36 56.40 61.71
CA TRP I 120 -17.78 56.44 62.00
C TRP I 120 -18.08 55.36 63.03
N LEU I 121 -19.20 55.54 63.73
CA LEU I 121 -19.50 54.74 64.91
C LEU I 121 -20.31 53.52 64.50
N SER I 122 -19.79 52.34 64.81
CA SER I 122 -20.38 51.09 64.37
C SER I 122 -21.55 50.70 65.28
N GLY I 123 -22.03 49.46 65.13
CA GLY I 123 -23.17 48.94 65.85
C GLY I 123 -23.00 48.88 67.35
N VAL I 124 -22.01 48.12 67.83
CA VAL I 124 -21.74 48.10 69.27
C VAL I 124 -21.07 49.37 69.75
N ASP I 125 -20.55 50.20 68.84
CA ASP I 125 -19.94 51.45 69.25
C ASP I 125 -20.99 52.43 69.77
N ILE I 126 -22.21 52.37 69.22
CA ILE I 126 -23.24 53.26 69.73
C ILE I 126 -23.88 52.67 70.99
N ASN I 127 -23.77 51.35 71.19
CA ASN I 127 -24.32 50.76 72.40
C ASN I 127 -23.48 51.09 73.62
N THR I 128 -22.16 51.03 73.48
CA THR I 128 -21.28 51.42 74.58
C THR I 128 -21.26 52.93 74.78
N GLN I 129 -21.69 53.70 73.77
CA GLN I 129 -21.80 55.14 73.96
C GLN I 129 -23.01 55.49 74.81
N GLN I 130 -24.13 54.78 74.60
CA GLN I 130 -25.32 55.01 75.41
C GLN I 130 -25.10 54.59 76.85
N SER I 131 -24.26 53.59 77.08
CA SER I 131 -23.98 53.16 78.43
C SER I 131 -23.14 54.17 79.19
N PHE I 132 -22.26 54.89 78.49
CA PHE I 132 -21.32 55.75 79.18
C PHE I 132 -21.90 57.13 79.44
N GLU I 133 -22.70 57.64 78.51
CA GLU I 133 -23.33 58.95 78.71
C GLU I 133 -24.44 58.89 79.75
N ALA I 134 -24.94 57.70 80.08
CA ALA I 134 -25.89 57.54 81.16
C ALA I 134 -25.20 57.30 82.49
N LEU I 135 -24.14 56.50 82.50
CA LEU I 135 -23.38 56.27 83.72
C LEU I 135 -22.59 57.52 84.10
N SER I 136 -21.72 57.97 83.21
CA SER I 136 -21.01 59.23 83.38
C SER I 136 -21.87 60.35 82.77
N GLU I 137 -21.29 61.53 82.58
CA GLU I 137 -22.07 62.67 82.12
C GLU I 137 -22.22 62.70 80.60
N ARG I 138 -21.12 62.89 79.87
CA ARG I 138 -21.22 63.12 78.43
C ARG I 138 -20.32 62.25 77.57
N ALA I 139 -19.09 61.92 77.98
CA ALA I 139 -18.32 60.76 77.50
C ALA I 139 -18.04 60.79 75.99
N VAL I 140 -17.19 61.73 75.58
CA VAL I 140 -16.81 61.86 74.18
C VAL I 140 -16.01 60.65 73.73
N ALA I 141 -16.35 60.08 72.57
CA ALA I 141 -15.62 58.96 71.99
C ALA I 141 -14.72 59.44 70.86
N VAL I 142 -13.54 58.82 70.73
CA VAL I 142 -12.50 59.24 69.80
C VAL I 142 -12.18 58.07 68.87
N VAL I 143 -12.04 58.34 67.57
CA VAL I 143 -11.73 57.34 66.55
C VAL I 143 -10.35 57.63 65.99
N VAL I 144 -9.52 56.60 65.86
CA VAL I 144 -8.15 56.71 65.38
C VAL I 144 -7.94 55.72 64.24
N ASP I 145 -7.42 56.20 63.10
CA ASP I 145 -6.94 55.32 62.06
C ASP I 145 -5.42 55.27 62.14
N PRO I 146 -4.82 54.14 62.54
CA PRO I 146 -3.37 54.11 62.72
C PRO I 146 -2.62 53.99 61.41
N ILE I 147 -3.22 53.35 60.40
CA ILE I 147 -2.53 53.09 59.14
C ILE I 147 -2.75 54.20 58.14
N GLN I 148 -3.43 55.27 58.53
CA GLN I 148 -3.57 56.44 57.67
C GLN I 148 -2.58 57.54 58.00
N SER I 149 -2.23 57.70 59.27
CA SER I 149 -1.31 58.74 59.70
C SER I 149 0.12 58.35 59.30
N VAL I 150 0.44 58.62 58.03
CA VAL I 150 1.63 58.09 57.38
C VAL I 150 2.54 59.20 56.88
N LYS I 151 2.03 60.10 56.05
CA LYS I 151 2.90 61.05 55.35
C LYS I 151 3.26 62.21 56.27
N GLY I 152 2.29 63.06 56.59
CA GLY I 152 2.50 64.12 57.55
C GLY I 152 1.26 64.46 58.34
N LYS I 153 0.16 63.76 58.10
CA LYS I 153 -1.14 64.19 58.58
C LYS I 153 -1.86 63.01 59.23
N VAL I 154 -2.76 63.34 60.16
CA VAL I 154 -3.49 62.36 60.94
C VAL I 154 -4.97 62.62 60.77
N VAL I 155 -5.77 61.55 60.82
CA VAL I 155 -7.20 61.63 60.61
C VAL I 155 -7.96 61.32 61.90
N ILE I 156 -7.34 61.61 63.03
CA ILE I 156 -8.01 61.44 64.32
C ILE I 156 -9.18 62.40 64.43
N ASP I 157 -10.29 61.91 64.97
CA ASP I 157 -11.46 62.73 65.17
C ASP I 157 -12.22 62.18 66.38
N ALA I 158 -13.05 63.04 66.96
CA ALA I 158 -13.86 62.66 68.12
C ALA I 158 -15.32 62.95 67.81
N PHE I 159 -16.18 62.02 68.24
CA PHE I 159 -17.60 62.15 67.96
C PHE I 159 -18.37 62.03 69.26
N ARG I 160 -19.68 62.24 69.16
CA ARG I 160 -20.48 62.46 70.35
C ARG I 160 -21.96 62.27 70.01
N LEU I 161 -22.62 61.41 70.75
CA LEU I 161 -23.99 61.01 70.45
C LEU I 161 -24.97 62.10 70.82
N ILE I 162 -26.00 62.27 69.99
CA ILE I 162 -27.10 63.18 70.30
C ILE I 162 -28.35 62.34 70.55
N ASN I 163 -29.22 62.87 71.42
CA ASN I 163 -30.46 62.18 71.75
C ASN I 163 -31.40 62.18 70.57
N ALA I 164 -32.23 61.13 70.49
CA ALA I 164 -33.17 60.97 69.39
C ALA I 164 -34.51 61.65 69.64
N ASN I 165 -34.77 62.14 70.85
CA ASN I 165 -36.05 62.78 71.13
C ASN I 165 -36.13 64.16 70.50
N MET I 166 -35.02 64.88 70.47
CA MET I 166 -34.98 66.22 69.91
C MET I 166 -34.59 66.13 68.44
N MET I 167 -35.51 65.56 67.65
CA MET I 167 -35.34 65.43 66.21
C MET I 167 -36.37 66.26 65.44
N VAL I 168 -37.16 67.05 66.16
CA VAL I 168 -38.01 68.06 65.53
C VAL I 168 -37.50 69.47 65.76
N LEU I 169 -36.45 69.65 66.54
CA LEU I 169 -35.85 70.97 66.79
C LEU I 169 -34.37 70.80 66.49
N GLY I 170 -33.53 71.78 66.83
CA GLY I 170 -32.12 71.71 66.51
C GLY I 170 -31.41 70.57 67.22
N HIS I 171 -30.33 70.11 66.58
CA HIS I 171 -29.65 68.90 67.00
C HIS I 171 -28.33 69.24 67.66
N GLU I 172 -27.55 70.09 67.01
CA GLU I 172 -26.50 70.81 67.70
C GLU I 172 -26.79 72.30 67.48
N PRO I 173 -27.85 72.84 68.09
CA PRO I 173 -28.35 74.16 67.69
C PRO I 173 -27.60 75.28 68.37
N ARG I 174 -28.22 76.46 68.32
CA ARG I 174 -27.88 77.60 69.16
C ARG I 174 -26.47 78.12 68.83
N GLN I 175 -26.39 78.73 67.65
CA GLN I 175 -25.18 79.36 67.16
C GLN I 175 -24.76 80.48 68.08
N THR I 176 -23.72 80.24 68.87
CA THR I 176 -23.20 81.29 69.72
C THR I 176 -22.09 82.00 68.99
N THR I 177 -21.23 81.21 68.35
CA THR I 177 -20.08 81.75 67.65
C THR I 177 -20.18 81.48 66.15
N SER I 178 -19.12 81.83 65.42
CA SER I 178 -19.06 81.54 63.99
C SER I 178 -17.76 80.84 63.64
N ASN I 179 -17.14 80.19 64.62
CA ASN I 179 -15.89 79.47 64.41
C ASN I 179 -16.10 77.97 64.25
N LEU I 180 -17.35 77.54 64.09
CA LEU I 180 -17.71 76.12 64.07
C LEU I 180 -17.90 75.61 62.66
N GLY I 181 -17.45 76.38 61.68
CA GLY I 181 -17.73 76.04 60.30
C GLY I 181 -16.48 75.69 59.55
N HIS I 182 -15.37 76.32 59.91
CA HIS I 182 -14.10 76.08 59.26
C HIS I 182 -13.19 75.18 60.07
N LEU I 183 -13.60 74.78 61.27
CA LEU I 183 -12.85 73.79 62.03
C LEU I 183 -13.22 72.37 61.67
N ASN I 184 -14.34 72.16 60.98
CA ASN I 184 -14.73 70.82 60.59
C ASN I 184 -15.59 70.89 59.34
N LYS I 185 -15.23 70.11 58.34
CA LYS I 185 -16.03 69.97 57.12
C LYS I 185 -16.18 68.48 56.87
N PRO I 186 -17.35 67.91 57.16
CA PRO I 186 -17.53 66.46 57.03
C PRO I 186 -17.55 66.03 55.57
N SER I 187 -16.71 65.04 55.26
CA SER I 187 -16.59 64.52 53.90
C SER I 187 -17.72 63.53 53.63
N ILE I 188 -17.81 63.07 52.38
CA ILE I 188 -18.91 62.25 51.90
C ILE I 188 -18.92 60.89 52.60
N GLN I 189 -17.75 60.40 52.99
CA GLN I 189 -17.66 59.12 53.69
C GLN I 189 -18.08 59.21 55.15
N ALA I 190 -18.21 60.42 55.69
CA ALA I 190 -18.60 60.61 57.08
C ALA I 190 -20.09 60.82 57.25
N LEU I 191 -20.72 61.57 56.34
CA LEU I 191 -22.12 61.92 56.46
C LEU I 191 -23.08 60.83 55.99
N ILE I 192 -22.58 59.63 55.71
CA ILE I 192 -23.46 58.57 55.24
C ILE I 192 -23.83 57.59 56.37
N HIS I 193 -23.03 57.51 57.43
CA HIS I 193 -23.29 56.51 58.46
C HIS I 193 -24.16 57.05 59.59
N GLY I 194 -23.69 58.09 60.27
CA GLY I 194 -24.45 58.61 61.38
C GLY I 194 -24.68 60.11 61.36
N LEU I 195 -23.86 60.82 60.61
CA LEU I 195 -24.00 62.26 60.52
C LEU I 195 -25.17 62.61 59.62
N ASN I 196 -26.08 63.46 60.09
CA ASN I 196 -25.97 64.08 61.40
C ASN I 196 -27.17 63.68 62.24
N ARG I 197 -27.88 62.65 61.77
CA ARG I 197 -29.11 62.21 62.42
C ARG I 197 -28.88 61.35 63.64
N HIS I 198 -27.68 60.78 63.79
CA HIS I 198 -27.39 59.91 64.92
C HIS I 198 -26.46 60.57 65.94
N TYR I 199 -25.30 61.03 65.50
CA TYR I 199 -24.36 61.72 66.37
C TYR I 199 -23.89 62.98 65.67
N TYR I 200 -22.89 63.64 66.26
CA TYR I 200 -22.25 64.78 65.63
C TYR I 200 -20.77 64.80 65.96
N SER I 201 -20.04 65.61 65.20
CA SER I 201 -18.61 65.77 65.36
C SER I 201 -18.31 66.95 66.27
N ILE I 202 -17.07 67.02 66.74
CA ILE I 202 -16.66 68.01 67.72
C ILE I 202 -15.25 68.45 67.34
N THR I 203 -14.89 69.67 67.74
CA THR I 203 -13.67 70.29 67.27
C THR I 203 -12.49 69.94 68.16
N ILE I 204 -11.31 69.88 67.56
CA ILE I 204 -10.09 69.48 68.25
C ILE I 204 -9.05 70.57 68.08
N ASN I 205 -8.54 71.09 69.18
CA ASN I 205 -7.32 71.88 69.20
C ASN I 205 -6.31 71.19 70.10
N TYR I 206 -5.08 71.69 70.06
CA TYR I 206 -3.95 71.06 70.73
C TYR I 206 -3.45 71.99 71.83
N ARG I 207 -3.38 71.48 73.05
CA ARG I 207 -2.94 72.29 74.18
C ARG I 207 -1.42 72.30 74.17
N LYS I 208 -0.85 73.28 73.50
CA LYS I 208 0.59 73.46 73.42
C LYS I 208 1.02 74.58 74.35
N ASN I 209 2.10 74.33 75.11
CA ASN I 209 2.58 75.28 76.10
C ASN I 209 4.11 75.29 76.06
N GLU I 210 4.72 75.88 77.07
CA GLU I 210 6.17 75.85 77.13
C GLU I 210 6.64 74.78 78.11
N LEU I 211 7.98 74.59 78.12
CA LEU I 211 8.72 73.52 78.80
C LEU I 211 8.23 72.11 78.43
N GLU I 212 7.44 72.00 77.37
CA GLU I 212 6.98 70.72 76.86
C GLU I 212 7.15 70.71 75.35
N GLN I 213 6.86 71.83 74.71
CA GLN I 213 6.90 71.91 73.25
C GLN I 213 8.27 72.32 72.75
N LYS I 214 8.91 73.27 73.43
CA LYS I 214 10.21 73.74 73.00
C LYS I 214 11.27 72.67 73.23
N MET I 215 11.21 72.00 74.38
CA MET I 215 12.10 70.89 74.64
C MET I 215 11.76 69.65 73.81
N LEU I 216 10.57 69.61 73.22
CA LEU I 216 10.25 68.54 72.28
C LEU I 216 11.07 68.67 71.01
N LEU I 217 11.34 69.91 70.59
CA LEU I 217 12.19 70.17 69.43
C LEU I 217 13.64 70.43 69.83
N ASN I 218 13.90 70.69 71.11
CA ASN I 218 15.26 70.79 71.62
C ASN I 218 15.93 69.43 71.80
N LEU I 219 15.27 68.35 71.40
CA LEU I 219 15.84 67.03 71.55
C LEU I 219 15.69 66.18 70.29
N HIS I 220 14.78 66.51 69.37
CA HIS I 220 14.54 65.68 68.20
C HIS I 220 15.36 66.12 67.00
N LYS I 221 15.15 67.37 66.55
CA LYS I 221 15.78 67.86 65.32
C LYS I 221 16.93 68.80 65.68
N LYS I 222 17.90 68.27 66.42
CA LYS I 222 19.03 69.05 66.89
C LYS I 222 20.32 68.39 66.42
N SER I 223 21.43 69.09 66.63
CA SER I 223 22.75 68.66 66.17
C SER I 223 23.84 69.42 66.91
N TRP I 224 25.06 68.89 66.91
CA TRP I 224 26.22 69.63 67.40
C TRP I 224 27.33 69.74 66.36
N MET I 225 27.68 68.62 65.73
CA MET I 225 28.82 68.56 64.83
C MET I 225 28.39 68.43 63.37
N GLU I 226 27.07 68.42 63.12
CA GLU I 226 26.54 68.21 61.78
C GLU I 226 26.90 69.35 60.84
N GLY I 227 27.03 70.57 61.35
CA GLY I 227 27.40 71.69 60.52
C GLY I 227 28.86 71.65 60.12
N LEU I 228 29.75 71.34 61.07
CA LEU I 228 31.18 71.33 60.82
C LEU I 228 31.70 69.92 60.52
N THR I 229 31.06 69.24 59.57
CA THR I 229 31.47 67.88 59.19
C THR I 229 31.47 67.77 57.67
N LEU I 230 32.55 67.20 57.14
CA LEU I 230 32.74 67.07 55.71
C LEU I 230 31.79 66.02 55.14
N GLN I 231 31.50 66.14 53.84
CA GLN I 231 30.61 65.22 53.14
C GLN I 231 31.37 64.02 52.57
N ASP I 232 32.64 63.85 52.94
CA ASP I 232 33.44 62.67 52.61
C ASP I 232 33.57 62.46 51.11
N TYR I 233 34.43 63.24 50.44
CA TYR I 233 34.49 63.44 48.99
C TYR I 233 34.55 62.19 48.11
N SER I 234 34.70 61.01 48.71
CA SER I 234 34.56 59.75 47.98
C SER I 234 33.22 59.63 47.26
N GLU I 235 32.16 60.23 47.80
CA GLU I 235 30.88 60.22 47.11
C GLU I 235 30.33 61.62 46.86
N HIS I 236 31.00 62.68 47.32
CA HIS I 236 30.50 64.03 47.09
C HIS I 236 30.75 64.46 45.65
N CYS I 237 32.01 64.47 45.22
CA CYS I 237 32.33 64.82 43.85
C CYS I 237 31.90 63.71 42.89
N LYS I 238 31.76 62.48 43.38
CA LYS I 238 31.17 61.41 42.59
C LYS I 238 29.69 61.69 42.32
N HIS I 239 29.00 62.32 43.27
CA HIS I 239 27.61 62.70 43.05
C HIS I 239 27.48 63.82 42.04
N ASN I 240 28.46 64.73 41.99
CA ASN I 240 28.40 65.85 41.06
C ASN I 240 28.67 65.44 39.63
N GLU I 241 29.22 64.24 39.39
CA GLU I 241 29.35 63.76 38.03
C GLU I 241 27.98 63.49 37.42
N SER I 242 27.12 62.81 38.16
CA SER I 242 25.80 62.42 37.68
C SER I 242 24.79 63.55 37.74
N VAL I 243 25.19 64.74 38.18
CA VAL I 243 24.33 65.91 38.14
C VAL I 243 24.67 66.81 36.96
N VAL I 244 25.97 66.94 36.66
CA VAL I 244 26.40 67.71 35.48
C VAL I 244 25.97 67.02 34.20
N LYS I 245 26.04 65.70 34.16
CA LYS I 245 25.72 64.97 32.94
C LYS I 245 24.22 64.98 32.64
N GLU I 246 23.37 65.09 33.65
CA GLU I 246 21.94 65.09 33.36
C GLU I 246 21.43 66.48 32.99
N MET I 247 22.01 67.54 33.55
CA MET I 247 21.69 68.87 33.06
C MET I 247 22.38 69.15 31.73
N LEU I 248 23.44 68.41 31.41
CA LEU I 248 24.00 68.41 30.06
C LEU I 248 22.95 67.98 29.06
N GLU I 249 22.23 66.88 29.37
CA GLU I 249 21.22 66.39 28.46
C GLU I 249 20.00 67.31 28.43
N LEU I 250 19.70 67.98 29.54
CA LEU I 250 18.60 68.93 29.51
C LEU I 250 18.97 70.16 28.71
N ALA I 251 20.26 70.51 28.69
CA ALA I 251 20.71 71.58 27.81
C ALA I 251 20.76 71.15 26.35
N LYS I 252 20.96 69.85 26.08
CA LYS I 252 20.74 69.34 24.74
C LYS I 252 19.28 69.45 24.34
N ASN I 253 18.38 69.22 25.29
CA ASN I 253 16.95 69.32 25.03
C ASN I 253 16.52 70.77 24.91
N TYR I 254 17.22 71.68 25.56
CA TYR I 254 16.75 73.05 25.63
C TYR I 254 17.07 73.83 24.36
N ASN I 255 18.14 73.46 23.67
CA ASN I 255 18.64 74.17 22.48
C ASN I 255 17.60 74.22 21.37
N LYS I 256 17.10 73.06 20.97
CA LYS I 256 16.13 72.99 19.89
C LYS I 256 14.77 73.55 20.28
N ALA I 257 14.32 73.27 21.51
CA ALA I 257 12.92 73.38 21.91
C ALA I 257 12.32 74.77 21.79
N VAL I 258 12.92 75.75 22.45
CA VAL I 258 12.36 77.11 22.47
C VAL I 258 12.52 77.77 21.11
N GLU I 259 13.69 77.63 20.50
CA GLU I 259 13.98 78.38 19.28
C GLU I 259 13.20 77.85 18.08
N GLU I 260 12.92 76.54 18.08
CA GLU I 260 12.08 76.00 17.02
C GLU I 260 10.63 76.41 17.22
N GLU I 261 10.17 76.47 18.47
CA GLU I 261 8.79 76.82 18.76
C GLU I 261 8.52 78.29 18.40
N ASP I 262 9.50 79.15 18.64
CA ASP I 262 9.28 80.58 18.39
C ASP I 262 9.40 80.91 16.90
N LYS I 263 10.20 80.16 16.15
CA LYS I 263 10.44 80.48 14.76
C LYS I 263 9.44 79.85 13.80
N MET I 264 8.65 78.87 14.25
CA MET I 264 7.66 78.27 13.38
C MET I 264 6.30 78.93 13.48
N THR I 265 5.69 78.97 14.66
CA THR I 265 4.43 79.66 14.87
C THR I 265 4.49 80.44 16.18
N PRO I 266 4.12 81.72 16.18
CA PRO I 266 4.07 82.51 17.41
C PRO I 266 2.71 82.49 18.11
N GLU I 267 2.29 81.30 18.55
CA GLU I 267 0.97 81.22 19.14
C GLU I 267 0.99 81.37 20.66
N GLN I 268 2.14 81.13 21.29
CA GLN I 268 2.32 81.15 22.75
C GLN I 268 1.29 80.26 23.46
N LEU I 269 1.15 79.05 22.95
CA LEU I 269 0.01 78.21 23.26
C LEU I 269 0.44 76.77 22.93
N ALA I 270 -0.45 75.98 22.34
CA ALA I 270 -0.79 74.52 22.33
C ALA I 270 0.43 73.60 22.16
N ILE I 271 0.23 72.28 22.07
CA ILE I 271 0.77 71.20 22.92
C ILE I 271 2.07 71.52 23.69
N LYS I 272 2.96 72.35 23.15
CA LYS I 272 4.03 72.91 24.00
C LYS I 272 3.44 73.82 25.25
N ASN I 273 2.12 73.99 25.42
CA ASN I 273 1.54 74.62 26.61
C ASN I 273 0.70 73.67 27.46
N VAL I 274 0.13 72.60 26.92
CA VAL I 274 -0.91 71.90 27.67
C VAL I 274 -0.35 70.66 28.39
N GLY I 275 0.67 70.02 27.82
CA GLY I 275 1.13 68.77 28.40
C GLY I 275 2.64 68.62 28.40
N LYS I 276 3.36 69.73 28.51
CA LYS I 276 4.80 69.76 28.36
C LYS I 276 5.48 69.68 29.71
N GLN I 277 6.72 69.18 29.72
CA GLN I 277 7.64 69.49 30.83
C GLN I 277 9.06 69.50 30.26
N ASP I 278 9.46 70.66 29.73
CA ASP I 278 10.85 71.11 29.71
C ASP I 278 10.93 72.65 29.67
N PRO I 279 10.35 73.40 30.64
CA PRO I 279 10.49 74.86 30.57
C PRO I 279 11.81 75.31 31.18
N LYS I 280 11.87 76.62 31.43
CA LYS I 280 12.92 77.23 32.25
C LYS I 280 12.63 77.15 33.74
N ARG I 281 11.81 76.17 34.16
CA ARG I 281 11.66 75.82 35.55
C ARG I 281 12.51 74.62 35.93
N HIS I 282 12.85 73.77 34.97
CA HIS I 282 13.52 72.51 35.24
C HIS I 282 15.04 72.60 35.19
N LEU I 283 15.58 73.56 34.44
CA LEU I 283 17.01 73.59 34.17
C LEU I 283 17.82 74.31 35.24
N GLU I 284 17.20 75.14 36.07
CA GLU I 284 17.95 75.86 37.10
C GLU I 284 17.81 75.24 38.49
N GLU I 285 16.84 74.35 38.69
CA GLU I 285 16.73 73.69 39.98
C GLU I 285 17.82 72.65 40.18
N HIS I 286 18.33 72.08 39.09
CA HIS I 286 19.53 71.27 39.20
C HIS I 286 20.75 72.14 39.51
N VAL I 287 20.75 73.37 39.00
CA VAL I 287 21.79 74.33 39.37
C VAL I 287 21.60 74.78 40.81
N ASP I 288 20.34 74.85 41.26
CA ASP I 288 20.05 75.28 42.63
C ASP I 288 20.52 74.24 43.64
N VAL I 289 20.32 72.95 43.34
CA VAL I 289 20.80 71.88 44.21
C VAL I 289 22.32 71.85 44.21
N LEU I 290 22.93 72.06 43.05
CA LEU I 290 24.38 71.95 42.91
C LEU I 290 25.12 73.09 43.60
N MET I 291 24.46 74.21 43.85
CA MET I 291 25.11 75.29 44.59
C MET I 291 25.04 75.03 46.10
N THR I 292 23.85 74.74 46.60
CA THR I 292 23.64 74.54 48.04
C THR I 292 24.42 73.33 48.56
N SER I 293 24.61 72.32 47.71
CA SER I 293 25.40 71.17 48.10
C SER I 293 26.89 71.44 48.09
N ASN I 294 27.33 72.54 47.47
CA ASN I 294 28.75 72.78 47.31
C ASN I 294 29.24 74.05 47.97
N ILE I 295 28.44 75.13 47.96
CA ILE I 295 28.84 76.37 48.64
C ILE I 295 28.93 76.14 50.14
N VAL I 296 28.01 75.34 50.69
CA VAL I 296 28.11 74.91 52.07
C VAL I 296 29.33 74.02 52.25
N GLN I 297 29.55 73.10 51.31
CA GLN I 297 30.64 72.15 51.43
C GLN I 297 31.99 72.79 51.19
N CYS I 298 32.03 73.86 50.41
CA CYS I 298 33.27 74.64 50.30
C CYS I 298 33.57 75.36 51.61
N LEU I 299 32.56 76.06 52.14
CA LEU I 299 32.75 76.86 53.34
C LEU I 299 32.91 76.02 54.59
N ALA I 300 32.39 74.78 54.60
CA ALA I 300 32.60 73.90 55.75
C ALA I 300 34.05 73.47 55.87
N ALA I 301 34.75 73.34 54.75
CA ALA I 301 36.18 73.05 54.79
C ALA I 301 37.03 74.30 54.93
N MET I 302 36.42 75.47 55.11
CA MET I 302 37.23 76.65 55.36
C MET I 302 37.39 76.94 56.84
N LEU I 303 36.44 76.53 57.67
CA LEU I 303 36.48 76.86 59.08
C LEU I 303 37.58 76.08 59.80
N ASP I 304 37.66 74.77 59.55
CA ASP I 304 38.62 73.91 60.23
C ASP I 304 40.07 74.20 59.88
N THR I 305 40.32 74.92 58.80
CA THR I 305 41.68 75.39 58.53
C THR I 305 42.10 76.45 59.54
N VAL I 306 41.15 77.25 60.00
CA VAL I 306 41.45 78.29 60.98
C VAL I 306 41.29 77.75 62.39
N VAL I 307 40.22 76.98 62.63
CA VAL I 307 39.83 76.62 63.98
C VAL I 307 40.74 75.54 64.54
N PHE I 308 41.09 74.56 63.72
CA PHE I 308 41.85 73.39 64.14
C PHE I 308 43.34 73.53 63.88
N LYS I 309 43.90 74.70 64.22
CA LYS I 309 45.23 75.27 63.89
C LYS I 309 45.21 75.82 62.48
N MET J 93 58.08 151.27 33.39
CA MET J 93 57.84 151.45 31.96
C MET J 93 59.14 151.46 31.20
N TYR J 94 59.40 150.36 30.48
CA TYR J 94 60.64 150.09 29.74
C TYR J 94 61.87 150.21 30.65
N GLU J 95 61.88 149.36 31.67
CA GLU J 95 62.87 149.42 32.75
C GLU J 95 63.77 148.19 32.67
N GLN J 96 65.03 148.40 32.31
CA GLN J 96 66.07 147.38 32.21
C GLN J 96 65.65 146.23 31.28
N LEU J 97 65.50 146.60 30.01
CA LEU J 97 65.13 145.63 28.98
C LEU J 97 66.21 144.58 28.81
N LYS J 98 67.40 145.00 28.40
CA LYS J 98 68.55 144.11 28.24
C LYS J 98 69.68 144.65 29.10
N GLY J 99 69.75 144.18 30.34
CA GLY J 99 70.84 144.57 31.21
C GLY J 99 72.04 143.67 31.02
N GLU J 100 72.60 143.16 32.12
CA GLU J 100 73.72 142.24 32.07
C GLU J 100 73.20 140.83 31.78
N TRP J 101 73.00 140.57 30.50
CA TRP J 101 72.57 139.25 30.04
C TRP J 101 73.47 138.67 28.97
N ASN J 102 74.03 139.50 28.10
CA ASN J 102 74.86 139.01 27.00
C ASN J 102 76.19 138.41 27.46
N ARG J 103 76.75 138.89 28.57
CA ARG J 103 78.08 138.46 29.00
C ARG J 103 78.05 137.66 30.29
N LYS J 104 77.55 138.25 31.38
CA LYS J 104 77.45 137.58 32.67
C LYS J 104 76.25 138.14 33.41
N SER J 105 75.86 137.43 34.47
CA SER J 105 74.88 137.94 35.43
C SER J 105 75.28 137.49 36.83
N PRO J 106 76.26 138.18 37.44
CA PRO J 106 76.65 137.79 38.80
C PRO J 106 75.79 138.44 39.87
N ASN J 107 75.03 139.48 39.53
CA ASN J 107 74.34 140.28 40.53
C ASN J 107 72.97 139.69 40.85
N LEU J 108 72.49 140.02 42.05
CA LEU J 108 71.16 139.62 42.49
C LEU J 108 70.21 140.81 42.60
N SER J 109 70.71 142.04 42.50
CA SER J 109 69.85 143.21 42.39
C SER J 109 69.12 143.26 41.06
N LYS J 110 69.66 142.58 40.03
CA LYS J 110 68.93 142.40 38.79
C LYS J 110 67.66 141.59 38.99
N CYS J 111 67.69 140.64 39.93
CA CYS J 111 66.56 139.73 40.12
C CYS J 111 65.37 140.45 40.74
N GLY J 112 65.63 141.30 41.75
CA GLY J 112 64.55 142.08 42.34
C GLY J 112 64.07 143.20 41.43
N GLU J 113 64.96 143.74 40.59
CA GLU J 113 64.54 144.76 39.65
C GLU J 113 63.71 144.14 38.53
N GLU J 114 64.08 142.93 38.09
CA GLU J 114 63.21 142.16 37.21
C GLU J 114 61.91 141.80 37.91
N LEU J 115 61.96 141.55 39.22
CA LEU J 115 60.74 141.24 39.96
C LEU J 115 59.82 142.46 40.04
N GLY J 116 60.40 143.64 40.29
CA GLY J 116 59.63 144.87 40.16
C GLY J 116 59.18 145.13 38.74
N ARG J 117 59.96 144.66 37.76
CA ARG J 117 59.51 144.73 36.37
C ARG J 117 58.40 143.72 36.11
N LEU J 118 58.42 142.57 36.78
CA LEU J 118 57.30 141.65 36.69
C LEU J 118 56.06 142.15 37.41
N LYS J 119 56.23 143.08 38.36
CA LYS J 119 55.06 143.69 38.99
C LYS J 119 54.38 144.65 38.03
N LEU J 120 55.15 145.55 37.42
CA LEU J 120 54.57 146.69 36.71
C LEU J 120 53.84 146.26 35.44
N VAL J 121 54.31 145.19 34.78
CA VAL J 121 53.63 144.69 33.59
C VAL J 121 52.27 144.11 33.96
N LEU J 122 52.19 143.40 35.08
CA LEU J 122 50.90 142.88 35.53
C LEU J 122 50.04 143.97 36.14
N LEU J 123 50.65 145.02 36.70
CA LEU J 123 49.87 146.18 37.13
C LEU J 123 49.32 147.01 35.96
N GLU J 124 49.93 146.92 34.77
CA GLU J 124 49.39 147.59 33.59
C GLU J 124 48.03 147.06 33.18
N LEU J 125 47.99 145.80 32.72
CA LEU J 125 46.77 145.22 32.19
C LEU J 125 46.89 143.71 32.27
N ASN J 126 45.74 143.05 32.34
CA ASN J 126 45.66 141.60 32.42
C ASN J 126 45.66 141.01 31.02
N PHE J 127 46.26 139.83 30.90
CA PHE J 127 46.31 139.08 29.65
C PHE J 127 45.15 138.13 29.47
N LEU J 128 44.08 138.27 30.26
CA LEU J 128 43.03 137.27 30.32
C LEU J 128 42.01 137.30 29.16
N PRO J 129 41.44 138.48 28.70
CA PRO J 129 40.57 138.40 27.52
C PRO J 129 41.29 138.04 26.23
N THR J 130 42.30 138.85 25.84
CA THR J 130 43.23 138.58 24.74
C THR J 130 42.49 138.31 23.42
N THR J 131 41.79 139.33 22.93
CA THR J 131 41.00 139.19 21.72
C THR J 131 41.75 139.65 20.47
N GLY J 132 42.08 140.94 20.41
CA GLY J 132 42.77 141.51 19.26
C GLY J 132 43.60 142.70 19.68
N THR J 133 43.51 143.80 18.92
CA THR J 133 43.99 145.13 19.30
C THR J 133 45.50 145.15 19.54
N LYS J 134 46.28 145.14 18.46
CA LYS J 134 47.75 145.04 18.41
C LYS J 134 48.51 145.92 19.43
N LEU J 135 47.89 147.02 19.87
CA LEU J 135 48.39 147.83 20.98
C LEU J 135 48.64 146.99 22.23
N THR J 136 47.65 146.20 22.66
CA THR J 136 47.87 145.34 23.81
C THR J 136 48.63 144.07 23.44
N LYS J 137 48.83 143.82 22.15
CA LYS J 137 49.76 142.78 21.72
C LYS J 137 51.20 143.23 21.83
N GLN J 138 51.45 144.54 21.84
CA GLN J 138 52.80 145.03 22.06
C GLN J 138 53.31 144.69 23.45
N GLN J 139 52.46 144.84 24.47
CA GLN J 139 52.88 144.47 25.80
C GLN J 139 52.81 142.96 26.04
N LEU J 140 52.22 142.20 25.12
CA LEU J 140 52.37 140.74 25.16
C LEU J 140 53.68 140.29 24.53
N ILE J 141 54.24 141.09 23.63
CA ILE J 141 55.61 140.83 23.14
C ILE J 141 56.60 141.03 24.28
N LEU J 142 56.47 142.13 25.01
CA LEU J 142 57.41 142.45 26.08
C LEU J 142 57.28 141.49 27.25
N ALA J 143 56.05 141.10 27.61
CA ALA J 143 55.87 140.23 28.77
C ALA J 143 56.39 138.83 28.51
N ARG J 144 56.28 138.34 27.28
CA ARG J 144 56.82 137.02 26.98
C ARG J 144 58.32 137.06 26.81
N ASP J 145 58.87 138.22 26.44
CA ASP J 145 60.32 138.32 26.30
C ASP J 145 61.00 138.44 27.66
N ILE J 146 60.38 139.15 28.60
CA ILE J 146 60.99 139.31 29.92
C ILE J 146 60.87 138.06 30.79
N LEU J 147 60.05 137.09 30.38
CA LEU J 147 60.02 135.82 31.09
C LEU J 147 60.92 134.77 30.45
N GLU J 148 61.12 134.84 29.13
CA GLU J 148 62.09 133.95 28.50
C GLU J 148 63.51 134.26 28.98
N ILE J 149 63.82 135.54 29.18
CA ILE J 149 65.09 135.88 29.80
C ILE J 149 65.04 135.55 31.29
N GLY J 150 63.85 135.56 31.89
CA GLY J 150 63.71 135.12 33.26
C GLY J 150 63.83 133.61 33.39
N ALA J 151 63.52 132.88 32.32
CA ALA J 151 63.74 131.44 32.33
C ALA J 151 65.21 131.12 32.14
N GLN J 152 65.91 131.89 31.30
CA GLN J 152 67.35 131.70 31.12
C GLN J 152 68.11 132.06 32.39
N TRP J 153 67.63 133.06 33.12
CA TRP J 153 68.24 133.38 34.42
C TRP J 153 67.96 132.29 35.44
N SER J 154 66.79 131.66 35.36
CA SER J 154 66.40 130.68 36.36
C SER J 154 67.16 129.37 36.19
N ILE J 155 67.42 128.96 34.95
CA ILE J 155 68.21 127.76 34.74
C ILE J 155 69.69 128.02 35.02
N LEU J 156 70.12 129.28 34.94
CA LEU J 156 71.52 129.62 35.21
C LEU J 156 71.82 129.61 36.71
N ARG J 157 70.83 129.94 37.53
CA ARG J 157 71.06 130.16 38.95
C ARG J 157 70.82 128.91 39.79
N LYS J 158 70.66 127.74 39.16
CA LYS J 158 70.40 126.45 39.79
C LYS J 158 69.12 126.53 40.64
N ASP J 159 68.00 126.69 39.95
CA ASP J 159 66.72 126.88 40.61
C ASP J 159 65.70 126.00 39.91
N ILE J 160 65.31 124.89 40.56
CA ILE J 160 64.34 123.95 40.01
C ILE J 160 62.89 124.43 40.16
N PRO J 161 62.39 124.88 41.34
CA PRO J 161 60.96 125.27 41.38
C PRO J 161 60.64 126.56 40.63
N SER J 162 61.63 127.36 40.28
CA SER J 162 61.35 128.54 39.47
C SER J 162 61.35 128.21 37.99
N PHE J 163 62.20 127.27 37.55
CA PHE J 163 62.29 126.95 36.13
C PHE J 163 60.99 126.31 35.62
N GLU J 164 60.32 125.54 36.47
CA GLU J 164 58.98 125.09 36.15
C GLU J 164 57.95 126.21 36.30
N ARG J 165 58.24 127.23 37.10
CA ARG J 165 57.28 128.28 37.35
C ARG J 165 57.25 129.28 36.20
N TYR J 166 58.43 129.74 35.76
CA TYR J 166 58.49 130.68 34.65
C TYR J 166 58.10 130.02 33.34
N MET J 167 58.33 128.70 33.21
CA MET J 167 57.89 127.99 32.02
C MET J 167 56.38 127.86 31.99
N ALA J 168 55.76 127.63 33.15
CA ALA J 168 54.31 127.56 33.22
C ALA J 168 53.66 128.91 32.95
N GLN J 169 54.37 130.00 33.26
CA GLN J 169 53.89 131.32 32.85
C GLN J 169 53.96 131.47 31.34
N LEU J 170 55.03 130.95 30.73
CA LEU J 170 55.18 131.06 29.29
C LEU J 170 54.27 130.09 28.55
N LYS J 171 54.12 128.87 29.08
CA LYS J 171 53.29 127.87 28.42
C LYS J 171 51.81 128.25 28.49
N CYS J 172 51.40 128.93 29.57
CA CYS J 172 50.07 129.53 29.58
C CYS J 172 49.97 130.75 28.67
N TYR J 173 51.10 131.39 28.34
CA TYR J 173 51.06 132.46 27.35
C TYR J 173 50.98 131.90 25.94
N TYR J 174 51.62 130.75 25.69
CA TYR J 174 51.44 130.10 24.40
C TYR J 174 50.03 129.53 24.26
N PHE J 175 49.40 129.15 25.36
CA PHE J 175 47.98 128.84 25.31
C PHE J 175 47.20 130.14 25.17
N ASP J 176 46.93 130.53 23.94
CA ASP J 176 46.07 131.65 23.64
C ASP J 176 44.87 131.12 22.88
N TYR J 177 43.70 131.71 23.17
CA TYR J 177 42.51 131.40 22.39
C TYR J 177 42.70 131.85 20.95
N LYS J 178 42.88 133.16 20.76
CA LYS J 178 43.10 133.74 19.44
C LYS J 178 44.60 133.92 19.27
N GLU J 179 45.28 132.84 18.86
CA GLU J 179 46.74 132.86 18.82
C GLU J 179 47.22 133.68 17.63
N GLN J 180 48.14 134.59 17.92
CA GLN J 180 48.61 135.68 17.09
C GLN J 180 50.06 135.81 17.48
N LEU J 181 50.62 137.04 17.39
CA LEU J 181 51.90 137.39 17.98
C LEU J 181 53.03 136.59 17.35
N PRO J 182 53.47 136.97 16.13
CA PRO J 182 54.27 136.08 15.27
C PRO J 182 55.61 135.60 15.80
N GLU J 183 56.23 134.73 15.02
CA GLU J 183 57.16 133.71 15.48
C GLU J 183 58.41 134.30 16.14
N SER J 184 58.57 133.99 17.43
CA SER J 184 59.80 134.28 18.15
C SER J 184 60.77 133.12 18.01
N ALA J 185 62.04 133.44 17.75
CA ALA J 185 63.03 132.41 17.48
C ALA J 185 63.42 131.62 18.73
N TYR J 186 63.14 132.16 19.92
CA TYR J 186 63.45 131.47 21.16
C TYR J 186 62.43 130.41 21.54
N MET J 187 61.41 130.20 20.71
CA MET J 187 60.35 129.26 21.06
C MET J 187 60.84 127.82 20.98
N HIS J 188 61.56 127.47 19.92
CA HIS J 188 62.00 126.10 19.73
C HIS J 188 63.12 125.73 20.69
N GLN J 189 63.89 126.72 21.14
CA GLN J 189 64.86 126.46 22.20
C GLN J 189 64.17 126.27 23.54
N LEU J 190 63.04 126.95 23.75
CA LEU J 190 62.38 126.94 25.05
C LEU J 190 61.66 125.61 25.29
N LEU J 191 61.03 125.05 24.26
CA LEU J 191 60.36 123.77 24.41
C LEU J 191 61.35 122.64 24.59
N GLY J 192 62.56 122.77 24.03
CA GLY J 192 63.59 121.77 24.28
C GLY J 192 64.06 121.79 25.72
N LEU J 193 64.05 122.97 26.34
CA LEU J 193 64.42 123.08 27.74
C LEU J 193 63.34 122.47 28.63
N ASN J 194 62.07 122.63 28.25
CA ASN J 194 60.98 122.09 29.04
C ASN J 194 60.91 120.58 28.91
N LEU J 195 61.03 120.07 27.68
CA LEU J 195 60.86 118.65 27.44
C LEU J 195 62.01 117.83 27.99
N LEU J 196 63.22 118.39 27.97
CA LEU J 196 64.35 117.69 28.56
C LEU J 196 64.30 117.76 30.10
N PHE J 197 63.75 118.85 30.64
CA PHE J 197 63.51 118.93 32.07
C PHE J 197 62.43 117.95 32.49
N LEU J 198 61.45 117.72 31.62
CA LEU J 198 60.38 116.77 31.91
C LEU J 198 60.88 115.34 31.77
N LEU J 199 61.84 115.11 30.87
CA LEU J 199 62.50 113.81 30.78
C LEU J 199 63.39 113.56 31.98
N SER J 200 63.90 114.63 32.60
CA SER J 200 64.80 114.49 33.74
C SER J 200 64.04 114.28 35.04
N GLN J 201 62.76 114.67 35.08
CA GLN J 201 61.94 114.44 36.26
C GLN J 201 61.46 113.01 36.41
N ASN J 202 61.83 112.12 35.49
CA ASN J 202 61.25 110.78 35.34
C ASN J 202 59.73 110.88 35.18
N ARG J 203 59.31 111.57 34.12
CA ARG J 203 57.90 111.73 33.75
C ARG J 203 57.73 111.18 32.35
N VAL J 204 57.53 109.86 32.26
CA VAL J 204 57.34 109.26 30.95
C VAL J 204 55.90 109.44 30.48
N ALA J 205 54.95 109.61 31.41
CA ALA J 205 53.58 109.85 31.02
C ALA J 205 53.40 111.27 30.49
N GLU J 206 54.08 112.24 31.10
CA GLU J 206 53.96 113.62 30.67
C GLU J 206 54.81 113.91 29.44
N PHE J 207 55.84 113.09 29.20
CA PHE J 207 56.71 113.28 28.04
C PHE J 207 55.94 113.14 26.73
N HIS J 208 55.12 112.11 26.63
CA HIS J 208 54.44 111.82 25.38
C HIS J 208 53.17 112.65 25.20
N THR J 209 52.51 113.04 26.29
CA THR J 209 51.30 113.83 26.16
C THR J 209 51.59 115.29 25.84
N GLU J 210 52.84 115.71 25.89
CA GLU J 210 53.20 117.04 25.43
C GLU J 210 53.43 117.05 23.93
N LEU J 211 53.88 115.92 23.37
CA LEU J 211 54.28 115.84 21.98
C LEU J 211 53.09 115.74 21.03
N GLU J 212 52.24 116.75 21.02
CA GLU J 212 51.13 116.80 20.08
C GLU J 212 51.07 118.17 19.42
N ARG J 213 51.60 119.19 20.11
CA ARG J 213 51.52 120.55 19.61
C ARG J 213 52.56 120.86 18.53
N LEU J 214 53.41 119.91 18.18
CA LEU J 214 54.39 120.10 17.12
C LEU J 214 54.05 119.17 15.96
N PRO J 215 53.50 119.68 14.84
CA PRO J 215 53.03 118.81 13.76
C PRO J 215 54.13 118.04 13.03
N ALA J 216 55.10 118.77 12.48
CA ALA J 216 56.19 118.15 11.73
C ALA J 216 57.54 118.70 12.18
N LYS J 217 57.60 119.19 13.41
CA LYS J 217 58.82 119.77 13.96
C LYS J 217 59.63 118.77 14.76
N ASP J 218 59.45 117.48 14.51
CA ASP J 218 60.14 116.44 15.26
C ASP J 218 61.12 115.64 14.42
N ILE J 219 60.89 115.53 13.13
CA ILE J 219 61.68 114.66 12.25
C ILE J 219 62.42 115.47 11.20
N GLN J 220 61.74 116.44 10.59
CA GLN J 220 62.31 117.20 9.47
C GLN J 220 63.44 118.10 9.94
N THR J 221 63.22 118.81 11.05
CA THR J 221 64.16 119.81 11.53
C THR J 221 64.02 119.86 13.05
N ASN J 222 64.47 120.99 13.63
CA ASN J 222 64.30 121.34 15.04
C ASN J 222 65.01 120.32 15.95
N VAL J 223 66.33 120.37 15.87
CA VAL J 223 67.22 119.50 16.64
C VAL J 223 67.06 119.71 18.15
N TYR J 224 66.51 120.86 18.58
CA TYR J 224 66.24 121.10 19.99
C TYR J 224 65.16 120.18 20.53
N ILE J 225 64.24 119.74 19.67
CA ILE J 225 63.18 118.83 20.07
C ILE J 225 63.58 117.42 19.61
N LYS J 226 64.38 117.37 18.54
CA LYS J 226 64.81 116.08 18.01
C LYS J 226 65.78 115.38 18.95
N HIS J 227 66.58 116.15 19.69
CA HIS J 227 67.55 115.57 20.61
C HIS J 227 66.92 114.84 21.82
N PRO J 228 65.85 115.33 22.47
CA PRO J 228 65.22 114.47 23.49
C PRO J 228 64.50 113.26 22.94
N VAL J 229 63.79 113.39 21.80
CA VAL J 229 63.08 112.24 21.28
C VAL J 229 64.04 111.23 20.65
N SER J 230 65.24 111.65 20.27
CA SER J 230 66.29 110.68 19.97
C SER J 230 66.80 110.04 21.25
N LEU J 231 66.90 110.84 22.32
CA LEU J 231 67.39 110.33 23.60
C LEU J 231 66.40 109.36 24.23
N GLU J 232 65.11 109.70 24.22
CA GLU J 232 64.10 108.80 24.78
C GLU J 232 64.01 107.51 23.99
N GLN J 233 64.19 107.59 22.67
CA GLN J 233 64.29 106.41 21.83
C GLN J 233 65.48 105.53 22.23
N TYR J 234 66.56 106.14 22.69
CA TYR J 234 67.74 105.37 23.12
C TYR J 234 67.48 104.65 24.44
N LEU J 235 66.70 105.27 25.34
CA LEU J 235 66.38 104.60 26.61
C LEU J 235 65.39 103.46 26.43
N MET J 236 64.55 103.52 25.39
CA MET J 236 63.59 102.46 25.18
C MET J 236 64.21 101.27 24.45
N GLU J 237 65.18 101.52 23.58
CA GLU J 237 65.85 100.44 22.87
C GLU J 237 66.74 99.65 23.83
N GLY J 238 67.52 100.34 24.65
CA GLY J 238 68.29 99.66 25.67
C GLY J 238 69.79 99.91 25.56
N SER J 239 70.17 100.94 24.82
CA SER J 239 71.58 101.23 24.57
C SER J 239 72.00 102.35 25.52
N TYR J 240 72.59 101.97 26.66
CA TYR J 240 73.16 102.94 27.57
C TYR J 240 74.38 103.64 26.98
N ASN J 241 75.12 102.95 26.11
CA ASN J 241 76.33 103.52 25.53
C ASN J 241 76.00 104.67 24.60
N LYS J 242 74.90 104.56 23.87
CA LYS J 242 74.49 105.62 22.95
C LYS J 242 73.98 106.85 23.71
N VAL J 243 73.55 106.67 24.96
CA VAL J 243 73.08 107.80 25.76
C VAL J 243 74.24 108.73 26.12
N PHE J 244 75.37 108.16 26.53
CA PHE J 244 76.47 108.98 27.05
C PHE J 244 77.46 109.40 25.98
N LEU J 245 77.50 108.73 24.84
CA LEU J 245 78.27 109.24 23.72
C LEU J 245 77.61 110.49 23.13
N ALA J 246 76.28 110.55 23.17
CA ALA J 246 75.55 111.75 22.78
C ALA J 246 75.43 112.76 23.91
N LYS J 247 75.94 112.44 25.11
CA LYS J 247 75.89 113.37 26.22
C LYS J 247 76.82 114.56 25.99
N GLY J 248 77.91 114.35 25.24
CA GLY J 248 78.76 115.45 24.86
C GLY J 248 78.37 116.04 23.52
N ASN J 249 77.07 116.14 23.25
CA ASN J 249 76.60 116.65 21.97
C ASN J 249 75.32 117.44 22.24
N ILE J 250 75.44 118.76 22.27
CA ILE J 250 74.33 119.66 22.58
C ILE J 250 74.33 120.76 21.52
N PRO J 251 73.16 121.19 21.01
CA PRO J 251 73.14 122.34 20.10
C PRO J 251 73.63 123.64 20.70
N ALA J 252 73.02 124.15 21.78
CA ALA J 252 73.35 125.51 22.17
C ALA J 252 74.27 125.65 23.39
N GLU J 253 73.82 125.25 24.57
CA GLU J 253 74.60 125.35 25.80
C GLU J 253 75.30 124.02 26.06
N SER J 254 75.66 123.77 27.32
CA SER J 254 76.16 122.46 27.71
C SER J 254 75.07 121.52 28.24
N TYR J 255 73.83 122.01 28.43
CA TYR J 255 72.74 121.28 29.08
C TYR J 255 73.15 120.70 30.43
N THR J 256 73.87 121.50 31.23
CA THR J 256 74.59 120.96 32.39
C THR J 256 73.64 120.48 33.48
N PHE J 257 72.68 121.31 33.88
CA PHE J 257 71.74 120.92 34.91
C PHE J 257 70.74 119.88 34.43
N PHE J 258 70.62 119.68 33.12
CA PHE J 258 69.71 118.67 32.59
C PHE J 258 70.37 117.31 32.49
N ILE J 259 71.66 117.25 32.13
CA ILE J 259 72.31 115.94 32.02
C ILE J 259 72.66 115.40 33.40
N ASP J 260 72.88 116.26 34.40
CA ASP J 260 73.27 115.79 35.72
C ASP J 260 72.11 115.15 36.44
N ILE J 261 70.90 115.72 36.27
CA ILE J 261 69.71 115.05 36.76
C ILE J 261 69.45 113.79 35.92
N LEU J 262 69.81 113.83 34.64
CA LEU J 262 69.76 112.62 33.82
C LEU J 262 70.81 111.61 34.26
N LEU J 263 71.99 112.08 34.66
CA LEU J 263 72.96 111.20 35.27
C LEU J 263 72.47 110.64 36.60
N ASP J 264 71.68 111.43 37.33
CA ASP J 264 71.19 110.97 38.62
C ASP J 264 70.09 109.92 38.43
N THR J 265 69.17 110.15 37.50
CA THR J 265 68.00 109.30 37.36
C THR J 265 68.29 107.97 36.67
N ILE J 266 69.49 107.78 36.14
CA ILE J 266 69.87 106.51 35.56
C ILE J 266 70.58 105.62 36.57
N ARG J 267 71.56 106.17 37.29
CA ARG J 267 72.46 105.36 38.11
C ARG J 267 71.76 104.73 39.30
N ASP J 268 70.78 105.45 39.88
CA ASP J 268 69.98 104.87 40.96
C ASP J 268 69.11 103.74 40.47
N GLU J 269 68.65 103.80 39.21
CA GLU J 269 67.97 102.67 38.61
C GLU J 269 68.96 101.55 38.31
N ILE J 270 70.19 101.91 37.92
CA ILE J 270 71.24 100.91 37.73
C ILE J 270 71.63 100.31 39.09
N ALA J 271 71.73 101.14 40.12
CA ALA J 271 71.88 100.62 41.47
C ALA J 271 70.65 99.85 41.90
N GLY J 272 69.47 100.29 41.48
CA GLY J 272 68.26 99.55 41.77
C GLY J 272 68.16 98.23 41.01
N CYS J 273 68.81 98.13 39.86
CA CYS J 273 68.78 96.90 39.09
C CYS J 273 69.84 95.91 39.54
N ILE J 274 70.90 96.38 40.19
CA ILE J 274 71.95 95.46 40.61
C ILE J 274 71.75 94.98 42.05
N GLU J 275 71.02 95.73 42.88
CA GLU J 275 70.72 95.30 44.24
C GLU J 275 69.62 94.25 44.18
N LYS J 276 70.05 93.00 44.10
CA LYS J 276 69.18 91.84 43.86
C LYS J 276 69.68 90.73 44.76
N ALA J 277 69.37 89.48 44.40
CA ALA J 277 69.88 88.30 45.09
C ALA J 277 71.37 88.00 44.77
N TYR J 278 72.09 88.97 44.23
CA TYR J 278 73.50 88.83 43.87
C TYR J 278 74.37 88.95 45.11
N GLU J 279 75.38 88.09 45.20
CA GLU J 279 76.24 88.02 46.39
C GLU J 279 77.53 88.83 46.23
N LYS J 280 78.31 88.53 45.21
CA LYS J 280 79.60 89.17 45.05
C LYS J 280 79.98 89.22 43.57
N ILE J 281 80.64 90.31 43.17
CA ILE J 281 81.26 90.45 41.86
C ILE J 281 82.59 91.17 42.03
N LEU J 282 83.44 91.03 41.03
CA LEU J 282 84.76 91.64 41.03
C LEU J 282 84.65 93.07 40.47
N PHE J 283 85.79 93.77 40.42
CA PHE J 283 85.80 95.16 39.94
C PHE J 283 85.41 95.27 38.47
N THR J 284 85.70 94.24 37.68
CA THR J 284 85.43 94.31 36.25
C THR J 284 83.95 94.25 35.92
N GLU J 285 83.12 93.77 36.84
CA GLU J 285 81.67 93.84 36.63
C GLU J 285 81.16 95.25 36.85
N ALA J 286 81.74 95.97 37.81
CA ALA J 286 81.42 97.39 37.96
C ALA J 286 82.15 98.25 36.94
N THR J 287 83.09 97.68 36.19
CA THR J 287 83.64 98.38 35.03
C THR J 287 82.67 98.36 33.86
N ARG J 288 81.79 97.36 33.79
CA ARG J 288 80.81 97.21 32.71
C ARG J 288 79.42 97.68 33.08
N ILE J 289 78.88 97.21 34.23
CA ILE J 289 77.57 97.68 34.69
C ILE J 289 77.63 99.16 35.03
N LEU J 290 78.57 99.53 35.88
CA LEU J 290 78.93 100.94 36.07
C LEU J 290 80.08 101.28 35.13
N PHE J 291 80.77 102.37 35.42
CA PHE J 291 81.60 103.14 34.49
C PHE J 291 82.90 103.44 35.18
N PHE J 292 83.53 104.60 34.88
CA PHE J 292 84.95 104.93 34.78
C PHE J 292 85.99 104.23 35.66
N ASN J 293 87.23 104.19 35.17
CA ASN J 293 88.34 103.48 35.79
C ASN J 293 88.80 104.11 37.10
N THR J 294 88.16 103.67 38.19
CA THR J 294 88.36 104.05 39.59
C THR J 294 88.31 105.56 39.77
N PRO J 295 87.12 106.19 39.72
CA PRO J 295 87.01 107.59 40.14
C PRO J 295 86.63 107.69 41.60
N LYS J 296 86.31 108.89 42.05
CA LYS J 296 85.68 109.07 43.36
C LYS J 296 84.22 108.61 43.40
N LYS J 297 83.65 108.22 42.25
CA LYS J 297 82.25 107.78 42.19
C LYS J 297 82.05 106.46 42.92
N MET J 298 83.00 105.52 42.78
CA MET J 298 82.87 104.26 43.52
C MET J 298 83.11 104.45 45.00
N THR J 299 83.80 105.51 45.40
CA THR J 299 83.86 105.89 46.81
C THR J 299 82.48 106.35 47.29
N ASP J 300 81.74 107.04 46.42
CA ASP J 300 80.41 107.55 46.78
C ASP J 300 79.43 106.40 47.02
N TYR J 301 79.52 105.34 46.20
CA TYR J 301 78.71 104.16 46.49
C TYR J 301 79.26 103.40 47.69
N ALA J 302 80.55 103.56 47.99
CA ALA J 302 81.12 102.90 49.17
C ALA J 302 80.82 103.65 50.44
N LYS J 303 80.74 104.99 50.38
CA LYS J 303 80.45 105.77 51.58
C LYS J 303 78.96 105.86 51.86
N LYS J 304 78.13 105.92 50.83
CA LYS J 304 76.67 105.94 51.03
C LYS J 304 76.16 104.52 51.26
N ARG J 305 76.30 103.67 50.26
CA ARG J 305 75.83 102.30 50.28
C ARG J 305 76.96 101.35 50.67
N GLY J 306 76.79 100.06 50.41
CA GLY J 306 77.83 99.09 50.69
C GLY J 306 78.81 99.03 49.55
N TRP J 307 78.94 97.86 48.90
CA TRP J 307 79.88 97.61 47.80
C TRP J 307 81.32 97.86 48.24
N VAL J 308 81.69 97.21 49.33
CA VAL J 308 82.99 97.44 49.96
C VAL J 308 84.06 96.70 49.17
N LEU J 309 85.02 97.44 48.62
CA LEU J 309 86.15 96.86 47.90
C LEU J 309 87.13 96.28 48.91
N GLY J 310 87.21 94.95 48.94
CA GLY J 310 88.14 94.27 49.81
C GLY J 310 89.33 93.74 49.04
N PRO J 311 89.49 92.42 48.99
CA PRO J 311 90.56 91.82 48.20
C PRO J 311 90.19 91.67 46.72
N ASN J 312 89.96 92.81 46.07
CA ASN J 312 89.47 92.92 44.69
C ASN J 312 88.15 92.15 44.51
N ASN J 313 87.21 92.42 45.41
CA ASN J 313 85.94 91.73 45.42
C ASN J 313 84.91 92.61 46.09
N TYR J 314 83.81 92.86 45.42
CA TYR J 314 82.72 93.58 46.05
C TYR J 314 81.83 92.60 46.80
N TYR J 315 80.99 93.14 47.68
CA TYR J 315 80.11 92.30 48.50
C TYR J 315 78.76 93.00 48.59
N SER J 316 77.80 92.53 47.79
CA SER J 316 76.44 93.05 47.80
C SER J 316 75.57 92.12 48.63
N PHE J 317 74.90 92.68 49.64
CA PHE J 317 74.09 91.86 50.54
C PHE J 317 72.83 91.38 49.86
N ALA J 318 72.41 90.17 50.21
CA ALA J 318 71.32 89.50 49.53
C ALA J 318 70.76 88.34 50.35
N SER J 319 69.45 88.14 50.27
CA SER J 319 68.77 87.05 50.97
C SER J 319 67.44 86.80 50.26
N GLN J 320 66.69 85.81 50.76
CA GLN J 320 65.34 85.57 50.30
C GLN J 320 64.56 84.91 51.43
N GLN J 321 63.24 85.11 51.40
CA GLN J 321 62.33 84.54 52.38
C GLN J 321 61.60 83.35 51.75
N GLN J 322 60.63 82.79 52.46
CA GLN J 322 59.94 81.60 52.00
C GLN J 322 58.49 81.57 52.44
N LYS J 323 57.56 81.51 51.49
CA LYS J 323 56.16 81.49 51.86
C LYS J 323 55.28 80.73 50.86
N PRO J 324 55.31 79.39 50.82
CA PRO J 324 54.19 78.66 50.21
C PRO J 324 53.23 78.05 51.22
N GLU J 325 53.53 78.18 52.51
CA GLU J 325 52.95 77.35 53.55
C GLU J 325 51.64 77.92 54.05
N ASP J 326 51.40 79.21 53.79
CA ASP J 326 50.27 79.91 54.35
C ASP J 326 49.03 79.62 53.51
N THR J 327 48.31 78.59 53.91
CA THR J 327 46.92 78.42 53.51
C THR J 327 46.00 79.27 54.40
N THR J 328 46.56 79.87 55.45
CA THR J 328 45.74 80.54 56.45
C THR J 328 45.28 81.92 55.96
N ILE J 329 46.11 82.65 55.22
CA ILE J 329 45.61 83.90 54.66
C ILE J 329 44.65 83.68 53.49
N PRO J 330 44.73 82.64 52.65
CA PRO J 330 43.54 82.33 51.84
C PRO J 330 42.51 81.46 52.55
N SER J 331 42.51 81.41 53.88
CA SER J 331 41.42 80.75 54.59
C SER J 331 40.37 81.76 55.02
N THR J 332 40.80 82.89 55.59
CA THR J 332 39.87 83.91 56.05
C THR J 332 39.21 84.62 54.88
N GLU J 333 40.01 85.07 53.90
CA GLU J 333 39.46 85.87 52.81
C GLU J 333 38.68 85.01 51.81
N LEU J 334 39.01 83.73 51.70
CA LEU J 334 38.20 82.85 50.87
C LEU J 334 36.85 82.58 51.51
N ALA J 335 36.83 82.44 52.84
CA ALA J 335 35.57 82.30 53.56
C ALA J 335 34.71 83.55 53.41
N LYS J 336 35.32 84.71 53.25
CA LYS J 336 34.56 85.91 52.94
C LYS J 336 34.01 85.85 51.51
N GLN J 337 34.80 85.32 50.58
CA GLN J 337 34.39 85.30 49.18
C GLN J 337 33.31 84.26 48.92
N VAL J 338 33.30 83.17 49.69
CA VAL J 338 32.27 82.15 49.50
C VAL J 338 30.94 82.62 50.09
N ILE J 339 30.97 83.31 51.23
CA ILE J 339 29.74 83.78 51.85
C ILE J 339 29.12 84.92 51.03
N GLU J 340 29.95 85.83 50.51
CA GLU J 340 29.41 86.91 49.69
C GLU J 340 28.88 86.43 48.35
N TYR J 341 29.27 85.23 47.92
CA TYR J 341 28.50 84.55 46.88
C TYR J 341 27.10 84.26 47.40
N ALA J 342 27.01 83.44 48.45
CA ALA J 342 25.73 82.97 48.97
C ALA J 342 24.90 84.07 49.59
N ARG J 343 25.53 85.18 49.97
CA ARG J 343 24.77 86.39 50.30
C ARG J 343 24.02 86.90 49.08
N GLN J 344 24.60 86.76 47.90
CA GLN J 344 24.08 87.34 46.67
C GLN J 344 23.42 86.32 45.75
N LEU J 345 23.38 85.04 46.14
CA LEU J 345 22.51 84.11 45.43
C LEU J 345 21.05 84.31 45.84
N GLU J 346 20.81 85.06 46.91
CA GLU J 346 19.50 85.57 47.26
C GLU J 346 19.71 87.05 47.55
N MET J 347 18.74 87.68 48.20
CA MET J 347 18.72 89.10 48.55
C MET J 347 18.67 89.96 47.28
N ILE J 348 17.59 89.73 46.55
CA ILE J 348 16.72 90.82 46.12
C ILE J 348 15.38 90.36 46.66
N VAL J 349 15.23 90.47 47.98
CA VAL J 349 14.12 89.95 48.76
C VAL J 349 14.28 90.75 50.06
N MET K 1 22.57 105.39 10.57
CA MET K 1 23.11 105.85 11.84
C MET K 1 24.60 106.20 11.69
N SER K 2 24.87 107.45 11.32
CA SER K 2 26.25 107.90 11.26
C SER K 2 26.77 108.18 12.67
N GLU K 3 28.07 107.95 12.87
CA GLU K 3 28.71 108.25 14.14
C GLU K 3 29.75 109.36 14.00
N LYS K 4 29.52 110.26 13.03
CA LYS K 4 30.40 111.39 12.72
C LYS K 4 31.82 110.89 12.41
N LYS K 5 31.91 110.05 11.38
CA LYS K 5 33.15 109.46 10.90
C LYS K 5 33.11 109.44 9.37
N GLN K 6 34.01 108.66 8.79
CA GLN K 6 34.13 108.57 7.34
C GLN K 6 34.44 107.14 6.91
N PRO K 7 33.74 106.62 5.89
CA PRO K 7 34.14 105.34 5.29
C PRO K 7 35.04 105.58 4.08
N VAL K 8 35.88 104.60 3.77
CA VAL K 8 36.78 104.74 2.64
C VAL K 8 36.23 104.00 1.41
N ASP K 9 35.42 102.97 1.63
CA ASP K 9 34.90 102.20 0.50
C ASP K 9 33.52 102.71 0.06
N GLU K 40 43.06 77.84 2.08
CA GLU K 40 42.43 78.44 0.91
C GLU K 40 42.48 79.95 1.07
N ASP K 41 42.50 80.67 -0.04
CA ASP K 41 42.64 82.12 -0.01
C ASP K 41 41.28 82.78 0.23
N ASN K 42 40.21 82.16 -0.25
CA ASN K 42 38.92 82.84 -0.26
C ASN K 42 37.81 82.07 0.44
N TRP K 43 38.15 81.02 1.21
CA TRP K 43 37.15 80.29 1.99
C TRP K 43 36.90 80.99 3.33
N ASP K 44 37.46 82.19 3.50
CA ASP K 44 37.57 82.93 4.75
C ASP K 44 38.35 82.06 5.73
N ASP K 45 39.54 81.65 5.31
CA ASP K 45 40.48 80.92 6.13
C ASP K 45 41.77 81.73 6.26
N ASP K 46 42.41 81.57 7.42
CA ASP K 46 43.85 81.59 7.66
C ASP K 46 44.16 81.26 9.11
N ASN K 47 45.44 81.32 9.43
CA ASN K 47 45.91 81.15 10.80
C ASN K 47 46.91 82.26 11.05
N VAL K 48 47.67 82.12 12.13
CA VAL K 48 48.58 83.18 12.53
C VAL K 48 49.73 83.34 11.55
N GLU K 49 50.41 82.24 11.19
CA GLU K 49 51.44 82.44 10.18
C GLU K 49 50.92 82.33 8.77
N ASP K 50 50.82 81.09 8.26
CA ASP K 50 50.31 80.69 6.94
C ASP K 50 50.98 81.31 5.71
N ASP K 51 51.75 82.38 5.89
CA ASP K 51 52.42 83.11 4.83
C ASP K 51 53.74 83.69 5.30
N PHE K 52 54.06 83.54 6.59
CA PHE K 52 55.24 84.21 7.16
C PHE K 52 56.53 83.64 6.61
N SER K 53 56.65 82.32 6.62
CA SER K 53 57.76 81.70 5.92
C SER K 53 57.57 81.87 4.42
N ASN K 54 58.63 82.30 3.77
CA ASN K 54 58.75 82.25 2.32
C ASN K 54 60.17 81.87 1.96
N GLN K 55 60.99 81.62 2.98
CA GLN K 55 62.39 81.26 2.75
C GLN K 55 62.50 79.85 2.17
N LEU K 56 62.64 79.80 0.85
CA LEU K 56 63.00 78.67 0.01
C LEU K 56 61.92 77.59 -0.11
N ARG K 57 61.00 77.51 0.87
CA ARG K 57 59.59 77.11 0.84
C ARG K 57 59.20 76.16 -0.29
N ALA K 58 60.00 75.11 -0.50
CA ALA K 58 59.67 74.12 -1.50
C ALA K 58 59.92 72.72 -0.97
N GLU K 59 60.79 72.60 0.04
CA GLU K 59 61.08 71.41 0.85
C GLU K 59 61.79 70.31 0.07
N LEU K 60 62.00 70.52 -1.23
CA LEU K 60 62.89 69.66 -1.98
C LEU K 60 64.33 70.13 -1.82
N GLU K 61 64.51 71.44 -1.76
CA GLU K 61 65.84 71.99 -1.59
C GLU K 61 66.26 71.97 -0.13
N LYS K 62 65.33 72.32 0.76
CA LYS K 62 65.63 72.44 2.18
C LYS K 62 65.94 71.08 2.79
N HIS K 63 65.27 70.03 2.29
CA HIS K 63 65.68 68.67 2.61
C HIS K 63 67.02 68.35 1.98
N GLY K 64 67.20 68.76 0.72
CA GLY K 64 68.40 68.37 -0.02
C GLY K 64 69.65 69.09 0.44
N TYR K 65 69.52 70.37 0.79
CA TYR K 65 70.67 71.15 1.26
C TYR K 65 71.15 70.64 2.62
N LYS K 66 70.21 70.19 3.44
CA LYS K 66 70.52 69.67 4.77
C LYS K 66 71.35 68.40 4.69
N MET K 67 71.04 67.54 3.71
CA MET K 67 71.71 66.25 3.61
C MET K 67 73.15 66.39 3.13
N GLU K 68 73.39 67.30 2.19
CA GLU K 68 74.72 67.40 1.58
C GLU K 68 75.70 68.11 2.50
N THR K 69 75.20 68.90 3.46
CA THR K 69 76.11 69.55 4.41
C THR K 69 76.62 68.57 5.45
N SER K 70 76.00 67.40 5.56
CA SER K 70 76.49 66.35 6.44
C SER K 70 77.82 65.78 5.95
N MET L 1 -21.37 68.24 -15.74
CA MET L 1 -22.12 69.48 -15.88
C MET L 1 -21.94 70.10 -17.27
N GLU L 2 -22.82 69.71 -18.19
CA GLU L 2 -22.75 70.18 -19.58
C GLU L 2 -23.72 71.35 -19.77
N GLU L 3 -23.37 72.49 -19.18
CA GLU L 3 -24.08 73.74 -19.43
C GLU L 3 -23.52 74.40 -20.67
N GLY L 4 -24.25 75.41 -21.16
CA GLY L 4 -23.73 76.25 -22.22
C GLY L 4 -23.85 75.69 -23.62
N GLY L 5 -23.95 76.57 -24.61
CA GLY L 5 -23.97 76.20 -25.99
C GLY L 5 -25.35 75.97 -26.58
N ARG L 6 -26.28 75.46 -25.77
CA ARG L 6 -27.65 75.25 -26.21
C ARG L 6 -28.64 76.02 -25.32
N ASP L 7 -28.15 77.04 -24.61
CA ASP L 7 -28.99 77.86 -23.75
C ASP L 7 -29.60 78.96 -24.61
N LYS L 8 -30.52 78.56 -25.48
CA LYS L 8 -31.24 79.55 -26.30
C LYS L 8 -32.29 80.26 -25.46
N ALA L 9 -33.17 79.49 -24.83
CA ALA L 9 -34.23 79.98 -23.96
C ALA L 9 -33.77 80.70 -22.69
N PRO L 10 -32.58 80.40 -22.08
CA PRO L 10 -32.08 81.34 -21.06
C PRO L 10 -31.36 82.56 -21.59
N VAL L 11 -31.50 82.87 -22.88
CA VAL L 11 -30.86 84.07 -23.44
C VAL L 11 -31.88 84.95 -24.14
N GLN L 12 -32.62 84.41 -25.10
CA GLN L 12 -33.50 85.27 -25.89
C GLN L 12 -34.80 85.58 -25.14
N PRO L 13 -35.44 84.66 -24.41
CA PRO L 13 -36.41 85.10 -23.39
C PRO L 13 -35.81 85.67 -22.13
N GLN L 14 -34.47 85.76 -22.03
CA GLN L 14 -33.86 86.60 -21.01
C GLN L 14 -33.70 88.03 -21.49
N GLN L 15 -33.57 88.22 -22.80
CA GLN L 15 -33.32 89.54 -23.39
C GLN L 15 -34.59 90.24 -23.86
N SER L 16 -35.49 89.52 -24.53
CA SER L 16 -36.67 90.16 -25.11
C SER L 16 -37.70 90.63 -24.08
N PRO L 17 -37.96 89.93 -22.96
CA PRO L 17 -38.67 90.61 -21.87
C PRO L 17 -37.85 91.65 -21.14
N ALA L 18 -36.51 91.58 -21.19
CA ALA L 18 -35.71 92.67 -20.67
C ALA L 18 -35.74 93.86 -21.61
N ALA L 19 -35.91 93.60 -22.91
CA ALA L 19 -36.13 94.66 -23.89
C ALA L 19 -37.59 95.06 -24.01
N ALA L 20 -38.46 94.47 -23.21
CA ALA L 20 -39.88 94.86 -23.21
C ALA L 20 -40.10 96.21 -22.54
N PRO L 21 -39.43 96.59 -21.42
CA PRO L 21 -39.43 98.03 -21.07
C PRO L 21 -38.64 98.87 -22.03
N GLY L 22 -37.66 98.30 -22.73
CA GLY L 22 -37.01 99.00 -23.81
C GLY L 22 -37.81 99.05 -25.09
N GLY L 23 -38.94 98.35 -25.13
CA GLY L 23 -39.79 98.35 -26.31
C GLY L 23 -41.28 98.38 -26.02
N THR L 24 -41.68 98.82 -24.82
CA THR L 24 -43.09 99.12 -24.58
C THR L 24 -43.43 100.50 -25.11
N ASP L 25 -42.78 101.53 -24.59
CA ASP L 25 -42.82 102.85 -25.19
C ASP L 25 -41.91 102.86 -26.42
N GLU L 26 -42.22 103.76 -27.36
CA GLU L 26 -41.60 104.00 -28.67
C GLU L 26 -41.48 102.78 -29.57
N LYS L 27 -42.14 101.67 -29.22
CA LYS L 27 -42.20 100.48 -30.07
C LYS L 27 -43.57 99.85 -29.86
N PRO L 28 -44.56 100.27 -30.64
CA PRO L 28 -45.91 99.69 -30.47
C PRO L 28 -46.02 98.27 -31.00
N SER L 29 -45.17 97.88 -31.94
CA SER L 29 -45.20 96.52 -32.47
C SER L 29 -44.43 95.57 -31.55
N GLY L 30 -43.22 95.97 -31.14
CA GLY L 30 -42.41 95.14 -30.27
C GLY L 30 -42.97 94.97 -28.88
N LYS L 31 -43.83 95.88 -28.45
CA LYS L 31 -44.58 95.68 -27.21
C LYS L 31 -45.59 94.57 -27.34
N GLU L 32 -46.19 94.40 -28.53
CA GLU L 32 -47.30 93.48 -28.74
C GLU L 32 -46.86 92.15 -29.33
N ARG L 33 -46.06 92.18 -30.39
CA ARG L 33 -45.75 90.95 -31.11
C ARG L 33 -44.70 90.10 -30.41
N ARG L 34 -43.74 90.74 -29.74
CA ARG L 34 -42.81 89.98 -28.91
C ARG L 34 -43.50 89.46 -27.66
N ASP L 35 -44.54 90.14 -27.20
CA ASP L 35 -45.34 89.63 -26.09
C ASP L 35 -46.13 88.40 -26.53
N ALA L 36 -46.72 88.45 -27.72
CA ALA L 36 -47.47 87.30 -28.23
C ALA L 36 -46.54 86.15 -28.59
N GLY L 37 -45.34 86.45 -29.09
CA GLY L 37 -44.33 85.43 -29.29
C GLY L 37 -43.79 84.87 -28.00
N ASP L 38 -43.78 85.66 -26.93
CA ASP L 38 -43.44 85.15 -25.61
C ASP L 38 -44.60 84.31 -25.05
N LYS L 39 -45.84 84.73 -25.32
CA LYS L 39 -46.98 84.14 -24.65
C LYS L 39 -47.27 82.73 -25.16
N ASP L 40 -47.29 82.55 -26.48
CA ASP L 40 -47.63 81.24 -27.03
C ASP L 40 -46.52 80.22 -26.82
N LYS L 41 -45.27 80.68 -26.83
CA LYS L 41 -44.14 79.78 -26.68
C LYS L 41 -44.00 79.33 -25.24
N GLU L 42 -44.22 80.22 -24.29
CA GLU L 42 -44.27 79.82 -22.88
C GLU L 42 -45.48 78.96 -22.60
N GLN L 43 -46.58 79.19 -23.31
CA GLN L 43 -47.73 78.31 -23.25
C GLN L 43 -47.41 76.94 -23.83
N GLU L 44 -46.62 76.89 -24.90
CA GLU L 44 -46.32 75.62 -25.56
C GLU L 44 -45.31 74.79 -24.76
N LEU L 45 -44.38 75.43 -24.07
CA LEU L 45 -43.41 74.73 -23.23
C LEU L 45 -43.96 74.35 -21.87
N SER L 46 -45.28 74.31 -21.71
CA SER L 46 -45.91 73.81 -20.49
C SER L 46 -46.99 72.77 -20.72
N GLU L 47 -47.52 72.64 -21.94
CA GLU L 47 -48.70 71.80 -22.16
C GLU L 47 -48.38 70.32 -22.11
N GLU L 48 -47.21 69.93 -22.58
CA GLU L 48 -46.77 68.57 -22.33
C GLU L 48 -46.44 68.46 -20.85
N ASP L 49 -47.08 67.51 -20.16
CA ASP L 49 -46.71 67.23 -18.78
C ASP L 49 -45.68 66.09 -18.74
N LYS L 50 -44.68 66.28 -19.59
CA LYS L 50 -43.54 65.39 -19.75
C LYS L 50 -42.27 66.19 -19.80
N GLN L 51 -42.35 67.50 -19.56
CA GLN L 51 -41.21 68.36 -19.24
C GLN L 51 -41.75 69.27 -18.15
N LEU L 52 -41.61 68.86 -16.89
CA LEU L 52 -41.99 69.79 -15.82
C LEU L 52 -41.01 70.95 -15.76
N GLN L 53 -39.72 70.66 -15.93
CA GLN L 53 -38.73 71.72 -16.03
C GLN L 53 -38.95 72.48 -17.32
N ASP L 54 -39.35 73.74 -17.19
CA ASP L 54 -39.67 74.57 -18.34
C ASP L 54 -38.51 75.54 -18.54
N GLU L 55 -38.06 75.66 -19.78
CA GLU L 55 -36.88 76.45 -20.07
C GLU L 55 -37.13 77.95 -19.98
N LEU L 56 -38.36 78.38 -19.73
CA LEU L 56 -38.68 79.77 -19.45
C LEU L 56 -39.18 79.99 -18.03
N GLU L 57 -40.10 79.14 -17.56
CA GLU L 57 -40.94 79.44 -16.40
C GLU L 57 -40.15 79.60 -15.11
N MET L 58 -38.97 78.98 -15.03
CA MET L 58 -38.04 79.26 -13.95
C MET L 58 -36.70 79.76 -14.48
N LEU L 59 -36.71 80.43 -15.62
CA LEU L 59 -35.54 81.11 -16.18
C LEU L 59 -35.77 82.60 -16.39
N VAL L 60 -37.01 83.01 -16.65
CA VAL L 60 -37.25 84.40 -17.01
C VAL L 60 -37.46 85.27 -15.76
N GLU L 61 -38.04 84.73 -14.69
CA GLU L 61 -38.48 85.56 -13.57
C GLU L 61 -37.33 85.98 -12.66
N ARG L 62 -36.12 85.47 -12.90
CA ARG L 62 -34.95 85.93 -12.13
C ARG L 62 -34.72 87.42 -12.32
N LEU L 63 -34.98 87.92 -13.52
CA LEU L 63 -35.19 89.35 -13.73
C LEU L 63 -36.67 89.68 -13.98
N GLY L 64 -37.47 88.71 -14.42
CA GLY L 64 -38.85 88.96 -14.80
C GLY L 64 -39.78 89.23 -13.65
N GLU L 65 -39.42 88.85 -12.43
CA GLU L 65 -40.23 89.23 -11.27
C GLU L 65 -40.13 90.72 -11.01
N LYS L 66 -38.92 91.27 -11.04
CA LYS L 66 -38.75 92.72 -10.94
C LYS L 66 -39.23 93.42 -12.21
N ASP L 67 -39.23 92.71 -13.34
CA ASP L 67 -39.78 93.27 -14.57
C ASP L 67 -41.29 93.43 -14.48
N THR L 68 -42.00 92.36 -14.08
CA THR L 68 -43.45 92.36 -14.01
C THR L 68 -43.95 93.35 -12.95
N SER L 69 -43.14 93.58 -11.91
CA SER L 69 -43.45 94.61 -10.93
C SER L 69 -43.34 96.01 -11.53
N LEU L 70 -42.60 96.17 -12.62
CA LEU L 70 -42.48 97.45 -13.31
C LEU L 70 -43.13 97.45 -14.69
N TYR L 71 -43.69 96.32 -15.12
CA TYR L 71 -44.35 96.22 -16.42
C TYR L 71 -45.87 96.24 -16.29
N ARG L 72 -46.43 95.48 -15.36
CA ARG L 72 -47.88 95.46 -15.21
C ARG L 72 -48.42 96.68 -14.46
N PRO L 73 -47.94 97.05 -13.22
CA PRO L 73 -48.51 98.24 -12.58
C PRO L 73 -48.10 99.54 -13.25
N ALA L 74 -46.78 99.69 -13.44
CA ALA L 74 -46.18 100.97 -13.82
C ALA L 74 -46.45 101.37 -15.26
N LEU L 75 -47.12 100.53 -16.06
CA LEU L 75 -47.50 100.96 -17.39
C LEU L 75 -48.64 101.96 -17.34
N GLU L 76 -49.66 101.68 -16.51
CA GLU L 76 -50.74 102.59 -16.12
C GLU L 76 -51.66 103.04 -17.26
N GLU L 77 -51.44 102.56 -18.47
CA GLU L 77 -52.27 102.91 -19.62
C GLU L 77 -52.60 101.64 -20.39
N LEU L 78 -53.02 100.62 -19.65
CA LEU L 78 -53.15 99.27 -20.17
C LEU L 78 -54.29 99.18 -21.18
N ARG L 79 -53.98 98.71 -22.38
CA ARG L 79 -54.91 98.60 -23.47
C ARG L 79 -55.85 97.41 -23.25
N ARG L 80 -56.73 97.19 -24.22
CA ARG L 80 -57.68 96.08 -24.16
C ARG L 80 -57.08 94.76 -24.62
N GLN L 81 -55.95 94.79 -25.32
CA GLN L 81 -55.33 93.57 -25.83
C GLN L 81 -54.05 93.28 -25.08
N ILE L 82 -53.34 94.33 -24.66
CA ILE L 82 -52.05 94.12 -24.01
C ILE L 82 -52.24 93.63 -22.57
N ARG L 83 -53.43 93.77 -22.00
CA ARG L 83 -53.72 93.14 -20.73
C ARG L 83 -54.02 91.66 -20.91
N SER L 84 -54.57 91.30 -22.07
CA SER L 84 -54.83 89.90 -22.40
C SER L 84 -53.59 89.17 -22.87
N SER L 85 -52.49 89.89 -23.11
CA SER L 85 -51.21 89.27 -23.43
C SER L 85 -50.29 89.26 -22.22
N THR L 86 -50.38 90.28 -21.36
CA THR L 86 -49.56 90.30 -20.16
C THR L 86 -50.06 89.31 -19.12
N THR L 87 -51.34 89.41 -18.75
CA THR L 87 -51.89 88.59 -17.68
C THR L 87 -52.03 87.13 -18.10
N SER L 88 -52.15 86.85 -19.39
CA SER L 88 -52.17 85.46 -19.82
C SER L 88 -50.78 84.84 -19.77
N MET L 89 -49.74 85.67 -19.87
CA MET L 89 -48.37 85.16 -19.88
C MET L 89 -47.74 85.21 -18.49
N THR L 90 -48.15 86.15 -17.64
CA THR L 90 -47.50 86.36 -16.36
C THR L 90 -48.29 85.85 -15.16
N SER L 91 -49.54 85.41 -15.34
CA SER L 91 -50.22 84.73 -14.24
C SER L 91 -49.87 83.25 -14.18
N VAL L 92 -49.19 82.74 -15.19
CA VAL L 92 -48.75 81.34 -15.19
C VAL L 92 -47.57 81.11 -14.21
N PRO L 93 -46.47 81.87 -14.21
CA PRO L 93 -45.37 81.48 -13.31
C PRO L 93 -45.54 81.93 -11.87
N LYS L 94 -46.60 82.68 -11.54
CA LYS L 94 -46.74 83.26 -10.21
C LYS L 94 -46.88 82.28 -9.01
N PRO L 95 -47.32 81.00 -9.15
CA PRO L 95 -47.12 80.10 -7.99
C PRO L 95 -45.66 79.80 -7.72
N LEU L 96 -44.80 79.91 -8.72
CA LEU L 96 -43.39 79.62 -8.55
C LEU L 96 -42.52 80.87 -8.65
N LYS L 97 -43.07 81.98 -9.15
CA LYS L 97 -42.43 83.27 -8.95
C LYS L 97 -42.41 83.62 -7.46
N PHE L 98 -43.52 83.36 -6.78
CA PHE L 98 -43.68 83.77 -5.39
C PHE L 98 -43.54 82.59 -4.46
N LEU L 99 -43.13 82.88 -3.23
CA LEU L 99 -43.03 81.89 -2.18
C LEU L 99 -44.35 81.83 -1.43
N ARG L 100 -44.36 81.16 -0.27
CA ARG L 100 -45.57 80.80 0.48
C ARG L 100 -46.50 81.93 0.90
N PRO L 101 -46.04 83.21 1.03
CA PRO L 101 -47.04 84.30 0.96
C PRO L 101 -47.39 84.73 -0.45
N HIS L 102 -47.59 83.75 -1.35
CA HIS L 102 -48.35 83.99 -2.56
C HIS L 102 -49.84 84.08 -2.27
N TYR L 103 -50.26 83.53 -1.13
CA TYR L 103 -51.68 83.30 -0.81
C TYR L 103 -52.49 84.57 -0.68
N GLY L 104 -51.84 85.71 -0.45
CA GLY L 104 -52.54 86.97 -0.47
C GLY L 104 -52.47 87.66 -1.81
N LYS L 105 -51.61 87.17 -2.70
CA LYS L 105 -51.33 87.86 -3.97
C LYS L 105 -51.30 86.88 -5.14
N LEU L 106 -52.33 86.03 -5.24
CA LEU L 106 -52.63 85.38 -6.52
C LEU L 106 -53.44 86.27 -7.44
N LYS L 107 -53.52 87.57 -7.14
CA LYS L 107 -54.41 88.49 -7.82
C LYS L 107 -53.71 89.71 -8.40
N GLU L 108 -52.51 90.05 -7.94
CA GLU L 108 -51.82 91.26 -8.37
C GLU L 108 -51.26 91.15 -9.77
N ILE L 109 -51.29 89.97 -10.37
CA ILE L 109 -51.15 89.81 -11.80
C ILE L 109 -52.45 89.37 -12.44
N TYR L 110 -53.16 88.42 -11.82
CA TYR L 110 -54.32 87.80 -12.44
C TYR L 110 -55.53 88.71 -12.41
N GLU L 111 -55.92 89.18 -11.22
CA GLU L 111 -57.19 89.86 -11.05
C GLU L 111 -57.11 91.36 -11.37
N ASN L 112 -56.04 91.80 -12.03
CA ASN L 112 -56.11 93.08 -12.74
C ASN L 112 -57.17 93.02 -13.82
N MET L 113 -57.09 91.99 -14.67
CA MET L 113 -58.20 91.53 -15.50
C MET L 113 -57.91 90.09 -15.87
N ALA L 114 -58.81 89.18 -15.52
CA ALA L 114 -58.70 87.79 -15.96
C ALA L 114 -58.93 87.73 -17.47
N PRO L 115 -57.91 87.37 -18.27
CA PRO L 115 -58.09 87.48 -19.73
C PRO L 115 -58.97 86.40 -20.33
N GLY L 116 -60.23 86.77 -20.60
CA GLY L 116 -61.14 85.93 -21.32
C GLY L 116 -61.52 84.61 -20.69
N GLU L 117 -60.97 83.53 -21.24
CA GLU L 117 -61.46 82.17 -21.06
C GLU L 117 -60.30 81.24 -20.70
N ASN L 118 -59.56 81.61 -19.63
CA ASN L 118 -58.23 81.16 -19.23
C ASN L 118 -57.90 79.67 -19.41
N LYS L 119 -58.93 78.81 -19.38
CA LYS L 119 -58.78 77.43 -19.81
C LYS L 119 -58.54 77.27 -21.31
N ARG L 120 -58.66 78.35 -22.11
CA ARG L 120 -58.36 78.27 -23.53
C ARG L 120 -56.89 77.91 -23.79
N PHE L 121 -56.00 78.37 -22.91
CA PHE L 121 -54.60 77.97 -22.93
C PHE L 121 -54.28 77.07 -21.74
N ALA L 122 -55.32 76.51 -21.12
CA ALA L 122 -55.16 75.60 -20.00
C ALA L 122 -56.11 74.42 -20.08
N ALA L 123 -56.44 73.94 -21.28
CA ALA L 123 -57.44 72.88 -21.41
C ALA L 123 -56.84 71.49 -21.22
N ASP L 124 -55.86 71.12 -22.05
CA ASP L 124 -55.33 69.76 -22.05
C ASP L 124 -54.34 69.51 -20.91
N ILE L 125 -53.87 70.55 -20.25
CA ILE L 125 -52.96 70.40 -19.12
C ILE L 125 -53.78 70.16 -17.85
N ILE L 126 -53.30 69.26 -17.00
CA ILE L 126 -54.09 68.80 -15.87
C ILE L 126 -54.09 69.84 -14.76
N SER L 127 -52.94 70.08 -14.15
CA SER L 127 -52.90 71.01 -13.04
C SER L 127 -51.65 71.88 -12.99
N VAL L 128 -50.74 71.76 -13.95
CA VAL L 128 -49.47 72.48 -13.83
C VAL L 128 -49.65 73.95 -14.17
N LEU L 129 -50.60 74.27 -15.06
CA LEU L 129 -50.77 75.66 -15.49
C LEU L 129 -51.45 76.48 -14.40
N ALA L 130 -52.73 76.20 -14.15
CA ALA L 130 -53.49 77.02 -13.22
C ALA L 130 -54.45 76.25 -12.32
N MET L 131 -54.59 74.94 -12.48
CA MET L 131 -55.62 74.24 -11.74
C MET L 131 -55.19 73.97 -10.30
N THR L 132 -53.90 73.73 -10.08
CA THR L 132 -53.36 73.81 -8.73
C THR L 132 -53.44 75.23 -8.21
N MET L 133 -53.15 76.20 -9.08
CA MET L 133 -53.26 77.61 -8.72
C MET L 133 -54.71 78.01 -8.45
N SER L 134 -55.66 77.36 -9.10
CA SER L 134 -57.07 77.64 -8.83
C SER L 134 -57.48 77.13 -7.46
N GLY L 135 -56.95 75.98 -7.06
CA GLY L 135 -57.18 75.52 -5.69
C GLY L 135 -56.48 76.38 -4.66
N GLU L 136 -55.38 77.02 -5.05
CA GLU L 136 -54.71 77.97 -4.16
C GLU L 136 -55.55 79.23 -3.97
N ARG L 137 -56.34 79.60 -4.97
CA ARG L 137 -57.26 80.72 -4.80
C ARG L 137 -58.41 80.35 -3.88
N GLU L 138 -58.99 79.17 -4.06
CA GLU L 138 -60.17 78.81 -3.29
C GLU L 138 -59.82 78.40 -1.86
N CYS L 139 -58.56 78.04 -1.61
CA CYS L 139 -58.12 77.71 -0.25
C CYS L 139 -58.17 78.93 0.65
N LEU L 140 -57.36 79.94 0.35
CA LEU L 140 -57.13 81.05 1.26
C LEU L 140 -57.87 82.32 0.84
N LYS L 141 -57.90 82.64 -0.45
CA LYS L 141 -58.43 83.94 -0.89
C LYS L 141 -59.95 83.98 -0.78
N TYR L 142 -60.62 82.90 -1.20
CA TYR L 142 -62.08 82.91 -1.15
C TYR L 142 -62.59 82.73 0.27
N ARG L 143 -61.82 82.06 1.12
CA ARG L 143 -62.30 81.78 2.48
C ARG L 143 -62.27 83.05 3.33
N LEU L 144 -61.26 83.90 3.14
CA LEU L 144 -61.23 85.16 3.87
C LEU L 144 -62.31 86.12 3.37
N VAL L 145 -62.65 86.05 2.10
CA VAL L 145 -63.81 86.78 1.60
C VAL L 145 -65.09 86.15 2.12
N GLY L 146 -65.25 84.84 1.91
CA GLY L 146 -66.46 84.16 2.32
C GLY L 146 -66.48 83.69 3.76
N SER L 147 -65.74 84.36 4.64
CA SER L 147 -65.87 84.09 6.07
C SER L 147 -67.12 84.76 6.64
N GLN L 148 -67.33 86.02 6.30
CA GLN L 148 -68.53 86.76 6.68
C GLN L 148 -69.12 87.54 5.52
N GLU L 149 -68.46 87.57 4.36
CA GLU L 149 -68.80 88.43 3.23
C GLU L 149 -68.83 87.56 1.97
N GLU L 150 -69.64 86.50 2.04
CA GLU L 150 -69.87 85.65 0.86
C GLU L 150 -70.43 86.47 -0.29
N LEU L 151 -71.54 87.17 -0.07
CA LEU L 151 -72.12 88.03 -1.08
C LEU L 151 -71.25 89.27 -1.27
N ALA L 152 -70.34 89.22 -2.25
CA ALA L 152 -69.29 90.22 -2.35
C ALA L 152 -68.93 90.42 -3.82
N SER L 153 -67.74 90.97 -4.05
CA SER L 153 -67.26 91.43 -5.35
C SER L 153 -66.81 90.29 -6.25
N TRP L 154 -66.04 90.65 -7.28
CA TRP L 154 -65.43 89.79 -8.29
C TRP L 154 -64.73 88.55 -7.74
N GLY L 155 -64.23 88.63 -6.49
CA GLY L 155 -63.73 87.48 -5.76
C GLY L 155 -64.80 86.46 -5.39
N HIS L 156 -66.08 86.75 -5.63
CA HIS L 156 -67.16 85.78 -5.51
C HIS L 156 -67.94 85.62 -6.80
N GLU L 157 -68.14 86.72 -7.55
CA GLU L 157 -69.10 86.74 -8.64
C GLU L 157 -68.61 85.93 -9.83
N TYR L 158 -67.47 86.31 -10.40
CA TYR L 158 -66.88 85.51 -11.47
C TYR L 158 -66.30 84.22 -10.92
N VAL L 159 -65.86 84.23 -9.66
CA VAL L 159 -65.24 83.08 -9.01
C VAL L 159 -66.21 81.91 -8.89
N ARG L 160 -67.51 82.20 -8.81
CA ARG L 160 -68.55 81.15 -8.87
C ARG L 160 -68.45 80.37 -10.19
N HIS L 161 -68.62 81.07 -11.31
CA HIS L 161 -68.56 80.38 -12.60
C HIS L 161 -67.15 79.96 -12.95
N LEU L 162 -66.14 80.65 -12.41
CA LEU L 162 -64.76 80.19 -12.57
C LEU L 162 -64.56 78.84 -11.90
N ALA L 163 -65.07 78.69 -10.68
CA ALA L 163 -65.05 77.39 -10.03
C ALA L 163 -66.03 76.43 -10.68
N GLY L 164 -67.03 76.95 -11.40
CA GLY L 164 -67.96 76.07 -12.10
C GLY L 164 -67.32 75.35 -13.27
N GLU L 165 -66.62 76.10 -14.12
CA GLU L 165 -65.98 75.48 -15.29
C GLU L 165 -64.76 74.67 -14.90
N VAL L 166 -64.06 75.03 -13.82
CA VAL L 166 -62.95 74.23 -13.33
C VAL L 166 -63.46 72.89 -12.80
N ALA L 167 -64.58 72.91 -12.07
CA ALA L 167 -65.16 71.67 -11.57
C ALA L 167 -65.73 70.82 -12.71
N LYS L 168 -66.11 71.44 -13.82
CA LYS L 168 -66.41 70.66 -15.01
C LYS L 168 -65.13 70.10 -15.62
N GLU L 169 -64.03 70.82 -15.51
CA GLU L 169 -62.78 70.42 -16.14
C GLU L 169 -62.14 69.21 -15.46
N TRP L 170 -62.45 68.97 -14.17
CA TRP L 170 -61.92 67.78 -13.50
C TRP L 170 -62.51 66.51 -14.09
N GLN L 171 -63.82 66.50 -14.36
CA GLN L 171 -64.37 65.40 -15.14
C GLN L 171 -64.47 65.74 -16.62
N GLU L 172 -63.43 66.33 -17.21
CA GLU L 172 -63.46 66.58 -18.64
C GLU L 172 -62.24 66.01 -19.35
N LEU L 173 -61.06 66.31 -18.81
CA LEU L 173 -59.78 66.03 -19.46
C LEU L 173 -59.54 64.54 -19.61
N ASP L 174 -59.41 63.84 -18.48
CA ASP L 174 -59.05 62.44 -18.46
C ASP L 174 -60.09 61.58 -17.76
N ASP L 175 -60.99 62.18 -16.97
CA ASP L 175 -61.98 61.51 -16.12
C ASP L 175 -61.32 60.50 -15.19
N ALA L 176 -60.17 60.87 -14.64
CA ALA L 176 -59.40 60.04 -13.73
C ALA L 176 -59.97 60.16 -12.32
N GLU L 177 -59.21 59.75 -11.30
CA GLU L 177 -59.63 59.89 -9.89
C GLU L 177 -59.70 61.37 -9.39
N LYS L 178 -59.47 62.36 -10.28
CA LYS L 178 -59.76 63.77 -10.06
C LYS L 178 -61.26 64.08 -10.08
N VAL L 179 -62.11 63.07 -10.31
CA VAL L 179 -63.53 63.19 -9.99
C VAL L 179 -63.70 63.56 -8.52
N GLN L 180 -63.00 62.85 -7.64
CA GLN L 180 -63.03 63.14 -6.23
C GLN L 180 -62.35 64.46 -5.88
N ARG L 181 -61.57 65.03 -6.79
CA ARG L 181 -61.03 66.36 -6.57
C ARG L 181 -62.13 67.43 -6.62
N GLU L 182 -63.27 67.13 -7.26
CA GLU L 182 -64.37 68.09 -7.26
C GLU L 182 -65.00 68.25 -5.87
N PRO L 183 -65.26 67.21 -5.07
CA PRO L 183 -65.60 67.49 -3.66
C PRO L 183 -64.45 68.06 -2.85
N LEU L 184 -63.20 67.81 -3.24
CA LEU L 184 -62.09 68.55 -2.66
C LEU L 184 -62.15 70.03 -3.01
N LEU L 185 -62.74 70.37 -4.15
CA LEU L 185 -62.86 71.77 -4.52
C LEU L 185 -64.14 72.38 -3.96
N THR L 186 -65.23 71.60 -3.97
CA THR L 186 -66.55 72.14 -3.64
C THR L 186 -66.69 72.39 -2.14
N LEU L 187 -65.92 71.66 -1.32
CA LEU L 187 -66.06 71.80 0.12
C LEU L 187 -65.07 72.79 0.70
N VAL L 188 -63.88 72.94 0.12
CA VAL L 188 -62.96 73.97 0.56
C VAL L 188 -63.50 75.36 0.21
N LYS L 189 -64.01 75.51 -1.00
CA LYS L 189 -64.76 76.71 -1.38
C LYS L 189 -66.07 76.74 -0.61
N GLU L 190 -66.29 77.82 0.15
CA GLU L 190 -67.51 78.10 0.94
C GLU L 190 -67.98 76.88 1.75
N ILE L 191 -67.17 76.61 2.79
CA ILE L 191 -67.31 75.42 3.64
C ILE L 191 -68.73 75.31 4.21
N VAL L 192 -69.22 76.38 4.81
CA VAL L 192 -70.58 76.39 5.36
C VAL L 192 -71.61 76.57 4.26
N PRO L 193 -71.43 77.54 3.18
CA PRO L 193 -72.34 77.53 2.03
C PRO L 193 -71.99 76.47 0.98
N TYR L 194 -71.80 75.22 1.45
CA TYR L 194 -71.48 74.12 0.55
C TYR L 194 -72.62 73.85 -0.42
N ASN L 195 -73.86 73.96 0.05
CA ASN L 195 -75.02 73.74 -0.80
C ASN L 195 -75.13 74.80 -1.88
N MET L 196 -74.73 76.03 -1.59
CA MET L 196 -74.73 77.08 -2.62
C MET L 196 -73.66 76.79 -3.67
N ALA L 197 -72.58 76.13 -3.27
CA ALA L 197 -71.66 75.57 -4.25
C ALA L 197 -72.21 74.30 -4.87
N HIS L 198 -72.79 73.42 -4.06
CA HIS L 198 -73.25 72.13 -4.53
C HIS L 198 -74.48 72.20 -5.43
N ASN L 199 -75.31 73.24 -5.31
CA ASN L 199 -76.53 73.32 -6.12
C ASN L 199 -76.20 73.48 -7.59
N ALA L 200 -75.18 74.29 -7.90
CA ALA L 200 -74.65 74.31 -9.26
C ALA L 200 -73.94 73.01 -9.58
N GLU L 201 -73.26 72.41 -8.59
CA GLU L 201 -72.54 71.18 -8.82
C GLU L 201 -73.45 69.97 -8.79
N HIS L 202 -74.68 70.12 -8.28
CA HIS L 202 -75.67 69.06 -8.44
C HIS L 202 -76.13 68.97 -9.88
N GLU L 203 -76.56 70.11 -10.44
CA GLU L 203 -77.08 70.14 -11.80
C GLU L 203 -75.99 69.88 -12.82
N ALA L 204 -74.76 70.28 -12.52
CA ALA L 204 -73.63 69.93 -13.39
C ALA L 204 -73.34 68.45 -13.33
N CYS L 205 -73.51 67.82 -12.17
CA CYS L 205 -73.30 66.37 -12.07
C CYS L 205 -74.45 65.60 -12.71
N ASP L 206 -75.65 66.20 -12.75
CA ASP L 206 -76.81 65.54 -13.36
C ASP L 206 -76.61 65.39 -14.86
N LEU L 207 -75.92 66.35 -15.49
CA LEU L 207 -75.59 66.29 -16.90
C LEU L 207 -74.14 65.88 -17.15
N LEU L 208 -73.44 65.39 -16.13
CA LEU L 208 -72.04 65.01 -16.29
C LEU L 208 -71.91 63.61 -16.87
N MET L 209 -72.38 62.61 -16.13
CA MET L 209 -72.26 61.21 -16.54
C MET L 209 -73.30 60.44 -15.75
N GLU L 210 -73.56 59.20 -16.17
CA GLU L 210 -74.38 58.29 -15.40
C GLU L 210 -73.64 57.00 -15.07
N ILE L 211 -72.38 56.89 -15.49
CA ILE L 211 -71.51 55.81 -15.07
C ILE L 211 -70.48 56.29 -14.05
N GLU L 212 -70.06 57.54 -14.17
CA GLU L 212 -69.09 58.15 -13.26
C GLU L 212 -69.81 58.95 -12.16
N GLN L 213 -70.93 58.40 -11.70
CA GLN L 213 -71.60 58.89 -10.51
C GLN L 213 -71.19 58.16 -9.25
N VAL L 214 -71.00 56.84 -9.35
CA VAL L 214 -71.08 55.98 -8.18
C VAL L 214 -69.84 56.08 -7.28
N ASP L 215 -68.65 56.33 -7.82
CA ASP L 215 -67.50 56.44 -6.94
C ASP L 215 -67.44 57.80 -6.27
N MET L 216 -67.93 58.84 -6.93
CA MET L 216 -68.14 60.12 -6.26
C MET L 216 -69.31 60.03 -5.29
N LEU L 217 -70.30 59.19 -5.61
CA LEU L 217 -71.44 58.96 -4.73
C LEU L 217 -71.00 58.34 -3.40
N GLU L 218 -70.11 57.36 -3.44
CA GLU L 218 -69.58 56.82 -2.20
C GLU L 218 -68.48 57.69 -1.61
N LYS L 219 -67.90 58.60 -2.41
CA LYS L 219 -66.95 59.57 -1.87
C LYS L 219 -67.65 60.55 -0.94
N ASP L 220 -68.89 60.91 -1.26
CA ASP L 220 -69.66 61.82 -0.41
C ASP L 220 -69.98 61.19 0.94
N ILE L 221 -70.49 59.95 0.93
CA ILE L 221 -70.89 59.31 2.17
C ILE L 221 -69.67 58.90 3.00
N ASP L 222 -68.50 58.75 2.37
CA ASP L 222 -67.29 58.55 3.16
C ASP L 222 -66.88 59.84 3.84
N GLU L 223 -67.05 60.97 3.16
CA GLU L 223 -66.88 62.26 3.79
C GLU L 223 -68.03 62.58 4.74
N ASN L 224 -69.19 61.97 4.54
CA ASN L 224 -70.32 62.13 5.45
C ASN L 224 -70.28 61.14 6.60
N ALA L 225 -69.21 60.36 6.73
CA ALA L 225 -69.08 59.49 7.90
C ALA L 225 -68.75 60.30 9.14
N TYR L 226 -68.12 61.46 8.97
CA TYR L 226 -67.79 62.35 10.06
C TYR L 226 -67.51 63.73 9.47
N ALA L 227 -68.03 64.76 10.11
CA ALA L 227 -67.85 66.14 9.70
C ALA L 227 -68.14 67.03 10.91
N LYS L 228 -68.29 68.33 10.66
CA LYS L 228 -68.85 69.24 11.64
C LYS L 228 -70.37 69.01 11.70
N VAL L 229 -71.05 69.60 12.69
CA VAL L 229 -72.51 69.50 12.79
C VAL L 229 -73.18 70.07 11.55
N CYS L 230 -72.76 71.27 11.13
CA CYS L 230 -73.38 71.90 9.97
C CYS L 230 -72.95 71.26 8.65
N LEU L 231 -71.72 70.74 8.57
CA LEU L 231 -71.29 70.06 7.35
C LEU L 231 -72.00 68.73 7.17
N TYR L 232 -72.17 67.99 8.26
CA TYR L 232 -72.99 66.78 8.22
C TYR L 232 -74.45 67.11 8.00
N LEU L 233 -74.86 68.32 8.41
CA LEU L 233 -76.20 68.82 8.10
C LEU L 233 -76.36 69.18 6.62
N THR L 234 -75.28 69.59 5.96
CA THR L 234 -75.37 70.13 4.61
C THR L 234 -75.12 69.08 3.54
N SER L 235 -73.97 68.40 3.59
CA SER L 235 -73.58 67.50 2.52
C SER L 235 -74.37 66.19 2.53
N CYS L 236 -75.12 65.91 3.59
CA CYS L 236 -75.99 64.75 3.57
C CYS L 236 -77.28 65.02 2.80
N VAL L 237 -77.78 66.25 2.85
CA VAL L 237 -78.97 66.54 2.05
C VAL L 237 -78.57 66.89 0.62
N ASN L 238 -77.31 67.31 0.39
CA ASN L 238 -76.79 67.34 -0.97
C ASN L 238 -76.64 65.93 -1.54
N TYR L 239 -76.40 64.95 -0.66
CA TYR L 239 -76.25 63.57 -1.08
C TYR L 239 -77.55 62.97 -1.59
N VAL L 240 -78.69 63.51 -1.14
CA VAL L 240 -79.99 62.88 -1.41
C VAL L 240 -80.37 62.85 -2.90
N PRO L 241 -80.44 63.97 -3.62
CA PRO L 241 -81.09 63.90 -4.94
C PRO L 241 -80.23 63.34 -6.06
N GLU L 242 -79.00 62.87 -5.79
CA GLU L 242 -78.14 62.42 -6.88
C GLU L 242 -78.56 61.02 -7.40
N PRO L 243 -78.96 60.04 -6.57
CA PRO L 243 -79.71 58.91 -7.12
C PRO L 243 -81.20 59.17 -7.34
N GLU L 244 -81.67 60.40 -7.13
CA GLU L 244 -83.05 60.74 -7.45
C GLU L 244 -83.17 61.49 -8.77
N ASN L 245 -82.21 62.35 -9.09
CA ASN L 245 -82.30 63.19 -10.27
C ASN L 245 -81.38 62.75 -11.40
N SER L 246 -80.10 62.52 -11.11
CA SER L 246 -79.18 62.09 -12.17
C SER L 246 -79.47 60.66 -12.58
N ALA L 247 -79.29 59.72 -11.66
CA ALA L 247 -79.64 58.34 -11.88
C ALA L 247 -80.93 58.02 -11.15
N LEU L 248 -81.44 56.81 -11.35
CA LEU L 248 -82.56 56.28 -10.60
C LEU L 248 -82.21 54.91 -10.05
N LEU L 249 -81.04 54.82 -9.42
CA LEU L 249 -80.71 53.66 -8.60
C LEU L 249 -81.73 53.49 -7.49
N ARG L 250 -81.92 54.55 -6.69
CA ARG L 250 -83.14 54.95 -5.96
C ARG L 250 -83.67 53.92 -4.97
N CYS L 251 -83.02 52.76 -4.84
CA CYS L 251 -83.40 51.82 -3.79
C CYS L 251 -82.55 52.06 -2.56
N ALA L 252 -81.57 52.95 -2.67
CA ALA L 252 -80.81 53.46 -1.54
C ALA L 252 -81.47 54.68 -0.90
N LEU L 253 -82.79 54.81 -1.03
CA LEU L 253 -83.46 55.94 -0.39
C LEU L 253 -83.67 55.67 1.09
N GLY L 254 -84.48 54.67 1.41
CA GLY L 254 -85.07 54.48 2.74
C GLY L 254 -84.16 54.40 3.94
N VAL L 255 -83.09 53.60 3.83
CA VAL L 255 -82.13 53.51 4.91
C VAL L 255 -81.05 54.57 4.80
N PHE L 256 -80.67 54.94 3.59
CA PHE L 256 -79.57 55.88 3.41
C PHE L 256 -80.05 57.31 3.39
N ARG L 257 -81.35 57.54 3.59
CA ARG L 257 -81.86 58.84 3.95
C ARG L 257 -82.48 58.83 5.34
N LYS L 258 -82.55 57.66 5.98
CA LYS L 258 -82.60 57.59 7.43
C LYS L 258 -81.29 58.12 8.03
N PHE L 259 -80.19 58.05 7.26
CA PHE L 259 -79.05 58.94 7.43
C PHE L 259 -79.48 60.38 7.64
N SER L 260 -80.36 60.87 6.76
CA SER L 260 -80.73 62.28 6.72
C SER L 260 -82.08 62.56 7.37
N ARG L 261 -82.64 61.63 8.15
CA ARG L 261 -83.93 61.88 8.78
C ARG L 261 -83.79 62.79 9.99
N PHE L 262 -83.06 62.35 11.00
CA PHE L 262 -82.84 63.13 12.21
C PHE L 262 -82.00 64.41 12.08
N PRO L 263 -80.88 64.47 11.25
CA PRO L 263 -80.14 65.74 11.18
C PRO L 263 -80.90 66.92 10.57
N GLU L 264 -81.41 66.77 9.33
CA GLU L 264 -81.96 67.92 8.63
C GLU L 264 -83.38 68.24 9.10
N ALA L 265 -84.31 67.33 8.85
CA ALA L 265 -85.69 67.50 9.26
C ALA L 265 -86.38 66.14 9.25
N LEU L 266 -87.18 65.88 10.28
CA LEU L 266 -87.94 64.63 10.36
C LEU L 266 -88.97 64.54 9.23
N ARG L 267 -89.57 65.67 8.88
CA ARG L 267 -90.51 65.72 7.77
C ARG L 267 -89.82 65.59 6.42
N LEU L 268 -88.52 65.89 6.34
CA LEU L 268 -87.81 65.85 5.07
C LEU L 268 -87.67 64.43 4.55
N ALA L 269 -87.28 63.50 5.43
CA ALA L 269 -87.32 62.09 5.07
C ALA L 269 -88.74 61.57 4.94
N LEU L 270 -89.71 62.22 5.60
CA LEU L 270 -91.11 61.90 5.36
C LEU L 270 -91.54 62.42 4.00
N MET L 271 -90.97 63.53 3.55
CA MET L 271 -91.13 63.91 2.15
C MET L 271 -90.35 62.98 1.23
N LEU L 272 -89.28 62.37 1.74
CA LEU L 272 -88.62 61.31 0.98
C LEU L 272 -89.38 60.00 1.12
N ASN L 273 -90.07 59.79 2.24
CA ASN L 273 -91.07 58.73 2.32
C ASN L 273 -92.21 59.02 1.34
N ASP L 274 -92.52 60.30 1.11
CA ASP L 274 -93.43 60.64 0.03
C ASP L 274 -92.78 60.40 -1.32
N MET L 275 -91.47 60.65 -1.42
CA MET L 275 -90.75 60.32 -2.65
C MET L 275 -90.63 58.81 -2.85
N GLU L 276 -90.74 58.02 -1.77
CA GLU L 276 -90.93 56.58 -1.93
C GLU L 276 -92.28 56.30 -2.59
N LEU L 277 -93.33 56.96 -2.11
CA LEU L 277 -94.67 56.74 -2.65
C LEU L 277 -94.90 57.41 -3.99
N VAL L 278 -93.92 58.17 -4.51
CA VAL L 278 -94.00 58.63 -5.89
C VAL L 278 -93.51 57.55 -6.83
N GLU L 279 -92.27 57.10 -6.65
CA GLU L 279 -91.65 56.15 -7.59
C GLU L 279 -92.06 54.71 -7.23
N ASP L 280 -93.28 54.39 -7.62
CA ASP L 280 -93.91 53.11 -7.29
C ASP L 280 -93.70 52.05 -8.36
N ILE L 281 -92.66 52.16 -9.19
CA ILE L 281 -92.47 51.24 -10.30
C ILE L 281 -91.26 50.35 -10.01
N PHE L 282 -91.46 49.04 -10.08
CA PHE L 282 -92.79 48.45 -10.26
C PHE L 282 -93.23 47.71 -8.97
N THR L 283 -92.47 46.70 -8.55
CA THR L 283 -92.63 46.11 -7.22
C THR L 283 -91.31 45.78 -6.54
N SER L 284 -90.27 45.39 -7.30
CA SER L 284 -89.12 44.69 -6.72
C SER L 284 -88.20 45.63 -5.94
N CYS L 285 -87.88 46.78 -6.51
CA CYS L 285 -87.17 47.80 -5.75
C CYS L 285 -88.10 48.40 -4.70
N LYS L 286 -89.39 48.53 -5.03
CA LYS L 286 -90.39 49.02 -4.08
C LYS L 286 -90.52 48.09 -2.88
N ASP L 287 -90.44 46.78 -3.12
CA ASP L 287 -90.54 45.79 -2.05
C ASP L 287 -89.44 45.96 -1.02
N VAL L 288 -88.21 46.19 -1.47
CA VAL L 288 -87.08 46.12 -0.56
C VAL L 288 -86.72 47.52 -0.03
N VAL L 289 -87.20 48.57 -0.72
CA VAL L 289 -87.29 49.88 -0.08
C VAL L 289 -88.17 49.81 1.17
N VAL L 290 -89.32 49.15 1.07
CA VAL L 290 -90.18 49.10 2.24
C VAL L 290 -89.97 47.87 3.12
N GLN L 291 -89.03 46.96 2.78
CA GLN L 291 -88.71 45.89 3.73
C GLN L 291 -88.08 46.44 4.99
N LYS L 292 -87.25 47.48 4.86
CA LYS L 292 -86.52 47.96 6.02
C LYS L 292 -87.39 48.83 6.92
N GLN L 293 -88.45 49.41 6.38
CA GLN L 293 -89.32 50.39 7.04
C GLN L 293 -90.09 49.83 8.26
N MET L 294 -89.99 48.56 8.67
CA MET L 294 -90.76 48.04 9.80
C MET L 294 -89.88 47.64 10.97
N ALA L 295 -88.92 46.76 10.75
CA ALA L 295 -88.06 46.23 11.80
C ALA L 295 -86.64 46.15 11.31
N PHE L 296 -86.12 47.23 10.74
CA PHE L 296 -84.71 47.30 10.43
C PHE L 296 -84.10 48.62 10.85
N MET L 297 -84.87 49.71 10.77
CA MET L 297 -84.42 50.94 11.43
C MET L 297 -85.51 51.68 12.20
N LEU L 298 -86.79 51.53 11.86
CA LEU L 298 -87.88 52.11 12.61
C LEU L 298 -89.15 51.38 12.22
N GLY L 299 -90.19 51.55 13.04
CA GLY L 299 -91.52 51.10 12.67
C GLY L 299 -92.38 52.25 12.22
N ARG L 300 -93.54 52.41 12.89
CA ARG L 300 -94.47 53.57 12.85
C ARG L 300 -94.81 54.06 11.44
N HIS L 301 -94.78 53.18 10.43
CA HIS L 301 -95.08 53.56 9.07
C HIS L 301 -96.41 52.99 8.59
N GLY L 302 -97.19 52.41 9.50
CA GLY L 302 -98.41 51.71 9.13
C GLY L 302 -99.65 52.57 9.00
N VAL L 303 -99.45 53.88 8.81
CA VAL L 303 -100.55 54.82 8.68
C VAL L 303 -100.58 55.52 7.33
N PHE L 304 -99.56 55.34 6.49
CA PHE L 304 -99.44 56.09 5.26
C PHE L 304 -99.56 55.24 4.01
N LEU L 305 -99.89 53.96 4.14
CA LEU L 305 -100.04 53.09 2.99
C LEU L 305 -101.44 52.44 2.94
N GLU L 306 -102.45 53.11 3.49
CA GLU L 306 -103.84 52.69 3.39
C GLU L 306 -104.63 53.74 2.62
N LEU L 307 -104.06 54.19 1.50
CA LEU L 307 -104.70 55.15 0.61
C LEU L 307 -105.39 54.39 -0.51
N SER L 308 -105.78 55.11 -1.57
CA SER L 308 -106.68 54.67 -2.64
C SER L 308 -106.18 53.45 -3.48
N GLU L 309 -105.03 52.81 -3.26
CA GLU L 309 -104.64 51.67 -4.09
C GLU L 309 -104.49 50.40 -3.27
N ASP L 310 -105.46 50.12 -2.40
CA ASP L 310 -105.43 48.97 -1.49
C ASP L 310 -105.83 47.67 -2.19
N VAL L 311 -104.99 47.23 -3.13
CA VAL L 311 -105.21 45.92 -3.74
C VAL L 311 -103.98 45.05 -3.53
N GLU L 312 -102.86 45.42 -4.14
CA GLU L 312 -101.56 44.84 -3.86
C GLU L 312 -100.47 45.87 -3.71
N GLU L 313 -100.63 47.06 -4.30
CA GLU L 313 -99.57 48.07 -4.25
C GLU L 313 -99.56 48.80 -2.92
N TYR L 314 -100.71 48.89 -2.24
CA TYR L 314 -100.76 49.41 -0.88
C TYR L 314 -101.10 48.34 0.15
N GLU L 315 -101.34 47.11 -0.28
CA GLU L 315 -101.53 46.00 0.65
C GLU L 315 -100.22 45.29 0.98
N ASP L 316 -99.10 45.88 0.60
CA ASP L 316 -97.81 45.44 1.11
C ASP L 316 -97.58 45.91 2.54
N LEU L 317 -98.37 46.88 3.01
CA LEU L 317 -98.15 47.52 4.31
C LEU L 317 -98.27 46.54 5.46
N THR L 318 -99.39 45.82 5.52
CA THR L 318 -99.56 44.80 6.55
C THR L 318 -98.63 43.62 6.30
N GLU L 319 -98.32 43.33 5.03
CA GLU L 319 -97.33 42.33 4.69
C GLU L 319 -95.96 42.72 5.24
N ILE L 320 -95.61 44.00 5.13
CA ILE L 320 -94.40 44.51 5.75
C ILE L 320 -94.51 44.47 7.28
N MET L 321 -95.70 44.75 7.80
CA MET L 321 -95.87 45.00 9.23
C MET L 321 -95.74 43.71 10.04
N SER L 322 -96.42 42.65 9.64
CA SER L 322 -96.41 41.41 10.41
C SER L 322 -96.23 40.14 9.58
N ASN L 323 -96.44 40.15 8.26
CA ASN L 323 -96.41 38.90 7.51
C ASN L 323 -94.98 38.51 7.15
N VAL L 324 -94.16 39.46 6.68
CA VAL L 324 -92.75 39.15 6.48
C VAL L 324 -92.03 39.05 7.82
N GLN L 325 -92.60 39.64 8.87
CA GLN L 325 -92.19 39.32 10.23
C GLN L 325 -92.45 37.86 10.54
N LEU L 326 -93.62 37.36 10.14
CA LEU L 326 -93.95 35.96 10.32
C LEU L 326 -93.23 35.08 9.31
N ASN L 327 -92.86 35.62 8.15
CA ASN L 327 -91.98 34.89 7.24
C ASN L 327 -90.57 34.81 7.82
N SER L 328 -90.19 35.83 8.60
CA SER L 328 -88.97 35.74 9.39
C SER L 328 -89.13 34.78 10.56
N ASN L 329 -90.35 34.61 11.07
CA ASN L 329 -90.59 33.52 12.01
C ASN L 329 -90.50 32.17 11.31
N PHE L 330 -90.84 32.14 10.03
CA PHE L 330 -90.72 30.91 9.25
C PHE L 330 -89.25 30.59 8.95
N LEU L 331 -88.37 31.58 9.03
CA LEU L 331 -86.94 31.31 9.05
C LEU L 331 -86.56 30.48 10.28
N ALA L 332 -86.92 30.97 11.46
CA ALA L 332 -86.58 30.29 12.69
C ALA L 332 -87.42 29.03 12.91
N LEU L 333 -88.59 28.95 12.28
CA LEU L 333 -89.36 27.71 12.31
C LEU L 333 -88.79 26.69 11.34
N ALA L 334 -88.81 26.99 10.04
CA ALA L 334 -88.43 25.98 9.06
C ALA L 334 -86.92 25.84 8.97
N ARG L 335 -86.23 26.94 8.63
CA ARG L 335 -84.84 26.84 8.22
C ARG L 335 -83.90 26.57 9.38
N GLU L 336 -84.25 26.99 10.59
CA GLU L 336 -83.31 26.87 11.70
C GLU L 336 -83.55 25.66 12.57
N LEU L 337 -84.66 24.94 12.38
CA LEU L 337 -84.70 23.56 12.81
C LEU L 337 -83.97 22.64 11.85
N ASP L 338 -83.75 23.10 10.61
CA ASP L 338 -83.06 22.28 9.62
C ASP L 338 -81.56 22.33 9.79
N ILE L 339 -81.02 23.50 10.15
CA ILE L 339 -79.57 23.67 10.18
C ILE L 339 -78.98 23.01 11.43
N MET L 340 -79.46 23.41 12.61
CA MET L 340 -78.75 22.90 13.78
C MET L 340 -79.65 22.31 14.86
N GLU L 341 -80.81 22.91 15.10
CA GLU L 341 -81.29 23.07 16.47
C GLU L 341 -82.53 22.25 16.77
N PRO L 342 -82.46 21.24 17.65
CA PRO L 342 -83.67 20.63 18.20
C PRO L 342 -84.24 21.48 19.33
N LYS L 343 -85.37 21.11 19.93
CA LYS L 343 -86.16 22.04 20.75
C LYS L 343 -85.44 22.42 22.04
N VAL L 344 -84.70 21.48 22.63
CA VAL L 344 -83.94 21.78 23.84
C VAL L 344 -82.51 21.25 23.73
N PRO L 345 -81.52 22.12 23.51
CA PRO L 345 -80.15 21.72 23.78
C PRO L 345 -79.95 21.46 25.26
N ASP L 346 -80.19 22.48 26.09
CA ASP L 346 -80.28 22.41 27.57
C ASP L 346 -78.99 21.85 28.20
N ASP L 347 -77.85 21.95 27.50
CA ASP L 347 -76.66 21.23 27.92
C ASP L 347 -75.41 22.09 28.01
N ILE L 348 -75.54 23.42 28.00
CA ILE L 348 -74.40 24.22 28.40
C ILE L 348 -74.21 24.10 29.91
N TYR L 349 -75.33 23.90 30.63
CA TYR L 349 -75.26 23.45 32.01
C TYR L 349 -74.58 22.09 32.11
N LYS L 350 -74.91 21.18 31.20
CA LYS L 350 -74.27 19.87 31.16
C LYS L 350 -72.81 19.97 30.70
N THR L 351 -72.42 21.05 30.02
CA THR L 351 -71.01 21.22 29.67
C THR L 351 -70.14 21.44 30.91
N HIS L 352 -70.74 21.82 32.04
CA HIS L 352 -70.09 21.77 33.35
C HIS L 352 -70.15 20.36 33.94
N LEU L 353 -69.59 19.39 33.21
CA LEU L 353 -69.55 18.00 33.63
C LEU L 353 -68.17 17.58 34.13
N GLU L 354 -67.11 18.03 33.45
CA GLU L 354 -65.75 17.63 33.79
C GLU L 354 -65.23 18.31 35.05
N ASN L 355 -65.97 19.28 35.60
CA ASN L 355 -65.51 19.98 36.80
C ASN L 355 -65.56 19.10 38.04
N ASN L 356 -66.45 18.10 38.05
CA ASN L 356 -66.66 17.27 39.24
C ASN L 356 -65.51 16.32 39.53
N ARG L 357 -64.64 16.07 38.56
CA ARG L 357 -63.42 15.30 38.79
C ARG L 357 -62.18 16.17 38.90
N PHE L 358 -62.31 17.47 38.65
CA PHE L 358 -61.17 18.40 38.71
C PHE L 358 -60.92 18.73 40.18
N GLY L 359 -60.05 17.95 40.81
CA GLY L 359 -59.71 18.17 42.20
C GLY L 359 -60.49 17.33 43.17
N GLY L 360 -60.57 16.03 42.89
CA GLY L 360 -61.21 15.10 43.81
C GLY L 360 -62.67 14.83 43.50
N SER L 361 -63.57 15.42 44.29
CA SER L 361 -64.99 15.15 44.19
C SER L 361 -65.74 16.45 43.84
N GLY L 362 -67.06 16.35 43.81
CA GLY L 362 -67.91 17.50 43.54
C GLY L 362 -69.13 17.52 44.44
N SER L 363 -70.22 18.10 43.92
CA SER L 363 -71.52 18.23 44.61
C SER L 363 -71.37 18.98 45.93
N GLN L 364 -70.74 20.16 45.86
CA GLN L 364 -70.53 21.01 47.02
C GLN L 364 -71.33 22.30 46.93
N VAL L 365 -71.84 22.64 45.73
CA VAL L 365 -72.50 23.91 45.49
C VAL L 365 -73.98 23.72 45.71
N ASP L 366 -74.51 24.40 46.74
CA ASP L 366 -75.94 24.34 47.06
C ASP L 366 -76.54 25.74 47.26
N SER L 367 -75.98 26.76 46.61
CA SER L 367 -76.44 28.13 46.80
C SER L 367 -77.79 28.35 46.13
N ALA L 368 -78.70 28.98 46.87
CA ALA L 368 -80.07 29.18 46.39
C ALA L 368 -80.14 30.24 45.29
N ARG L 369 -79.18 31.16 45.25
CA ARG L 369 -79.16 32.18 44.20
C ARG L 369 -78.58 31.67 42.88
N MET L 370 -77.97 30.48 42.89
CA MET L 370 -77.63 29.82 41.63
C MET L 370 -78.88 29.43 40.86
N ASN L 371 -79.97 29.15 41.58
CA ASN L 371 -81.23 28.73 40.98
C ASN L 371 -81.90 29.85 40.18
N LEU L 372 -81.46 31.10 40.37
CA LEU L 372 -81.79 32.17 39.44
C LEU L 372 -81.18 31.92 38.07
N ALA L 373 -79.91 31.52 38.04
CA ALA L 373 -79.24 31.20 36.79
C ALA L 373 -79.69 29.88 36.20
N SER L 374 -80.33 29.02 37.01
CA SER L 374 -80.86 27.77 36.51
C SER L 374 -82.03 27.97 35.56
N SER L 375 -82.68 29.13 35.62
CA SER L 375 -83.77 29.44 34.69
C SER L 375 -83.26 29.76 33.29
N PHE L 376 -81.98 30.08 33.13
CA PHE L 376 -81.45 30.48 31.83
C PHE L 376 -80.89 29.31 31.03
N VAL L 377 -80.79 28.13 31.62
CA VAL L 377 -80.61 26.91 30.83
C VAL L 377 -81.87 26.67 30.00
N ASN L 378 -83.02 27.05 30.55
CA ASN L 378 -84.28 27.09 29.83
C ASN L 378 -84.53 28.43 29.15
N GLY L 379 -84.04 29.52 29.73
CA GLY L 379 -84.40 30.85 29.29
C GLY L 379 -83.77 31.33 27.99
N PHE L 380 -82.44 31.39 27.95
CA PHE L 380 -81.78 32.01 26.81
C PHE L 380 -81.74 31.10 25.59
N VAL L 381 -81.75 29.78 25.78
CA VAL L 381 -81.58 28.88 24.64
C VAL L 381 -82.87 28.74 23.86
N ASN L 382 -84.00 29.16 24.43
CA ASN L 382 -85.30 28.91 23.85
C ASN L 382 -85.87 30.12 23.12
N ALA L 383 -85.04 31.12 22.83
CA ALA L 383 -85.48 32.18 21.93
C ALA L 383 -85.60 31.63 20.52
N ALA L 384 -86.44 32.29 19.72
CA ALA L 384 -86.80 31.90 18.35
C ALA L 384 -87.33 30.46 18.30
N PHE L 385 -88.51 30.30 18.91
CA PHE L 385 -89.32 29.08 18.91
C PHE L 385 -88.62 27.92 19.62
N GLY L 386 -88.17 28.17 20.85
CA GLY L 386 -87.77 27.08 21.71
C GLY L 386 -88.91 26.66 22.62
N GLN L 387 -90.07 26.36 22.03
CA GLN L 387 -91.28 26.12 22.81
C GLN L 387 -91.17 24.83 23.62
N ASP L 388 -91.61 24.89 24.86
CA ASP L 388 -91.34 23.84 25.84
C ASP L 388 -92.61 23.54 26.63
N LYS L 389 -93.22 22.39 26.37
CA LYS L 389 -94.18 21.79 27.29
C LYS L 389 -93.46 20.75 28.13
N LEU L 390 -93.50 20.93 29.45
CA LEU L 390 -92.90 20.11 30.50
C LEU L 390 -91.37 20.14 30.51
N LEU L 391 -90.72 20.85 29.58
CA LEU L 391 -89.33 21.21 29.75
C LEU L 391 -89.18 22.47 30.58
N THR L 392 -90.28 23.15 30.89
CA THR L 392 -90.33 24.22 31.86
C THR L 392 -90.67 23.71 33.26
N ASP L 393 -90.49 22.41 33.51
CA ASP L 393 -90.77 21.87 34.84
C ASP L 393 -89.70 22.29 35.85
N ASP L 394 -88.49 22.57 35.40
CA ASP L 394 -87.51 23.22 36.27
C ASP L 394 -87.96 24.63 36.62
N GLY L 395 -88.64 25.29 35.68
CA GLY L 395 -89.35 26.51 36.02
C GLY L 395 -90.57 26.27 36.88
N ASN L 396 -91.36 25.24 36.55
CA ASN L 396 -92.65 25.01 37.20
C ASN L 396 -92.49 24.64 38.67
N LYS L 397 -91.43 23.90 39.00
CA LYS L 397 -91.18 23.59 40.40
C LYS L 397 -90.66 24.84 41.13
N TRP L 398 -89.63 25.48 40.59
CA TRP L 398 -89.01 26.65 41.22
C TRP L 398 -89.92 27.87 41.24
N LEU L 399 -90.90 27.95 40.32
CA LEU L 399 -91.95 28.96 40.45
C LEU L 399 -92.75 28.74 41.72
N TYR L 400 -93.12 27.49 41.99
CA TYR L 400 -93.95 27.16 43.14
C TYR L 400 -93.14 26.69 44.34
N LYS L 401 -91.87 27.11 44.45
CA LYS L 401 -91.02 26.67 45.55
C LYS L 401 -90.60 27.84 46.44
N ASN L 402 -89.92 28.85 45.90
CA ASN L 402 -89.49 30.03 46.65
C ASN L 402 -89.19 31.17 45.68
N LYS L 403 -88.47 32.18 46.18
CA LYS L 403 -87.80 33.20 45.36
C LYS L 403 -88.81 34.01 44.55
N ASP L 404 -89.50 34.89 45.28
CA ASP L 404 -90.54 35.75 44.71
C ASP L 404 -90.04 36.57 43.52
N HIS L 405 -88.83 37.11 43.59
CA HIS L 405 -88.28 37.81 42.44
C HIS L 405 -87.91 36.83 41.32
N GLY L 406 -87.61 35.58 41.68
CA GLY L 406 -87.45 34.56 40.67
C GLY L 406 -88.76 33.97 40.18
N MET L 407 -89.83 34.14 40.97
CA MET L 407 -91.17 33.84 40.44
C MET L 407 -91.53 34.83 39.35
N LEU L 408 -91.11 36.08 39.51
CA LEU L 408 -91.28 37.06 38.45
C LEU L 408 -90.32 36.78 37.30
N SER L 409 -89.12 36.29 37.62
CA SER L 409 -88.10 36.09 36.59
C SER L 409 -88.41 34.88 35.73
N ALA L 410 -88.84 33.77 36.34
CA ALA L 410 -89.20 32.58 35.56
C ALA L 410 -90.46 32.82 34.74
N ALA L 411 -91.36 33.67 35.23
CA ALA L 411 -92.53 34.04 34.44
C ALA L 411 -92.17 35.00 33.33
N ALA L 412 -91.13 35.82 33.52
CA ALA L 412 -90.67 36.72 32.46
C ALA L 412 -89.87 35.98 31.40
N SER L 413 -89.35 34.79 31.73
CA SER L 413 -88.58 34.03 30.75
C SER L 413 -89.48 33.41 29.68
N LEU L 414 -90.79 33.30 29.96
CA LEU L 414 -91.71 32.72 28.99
C LEU L 414 -91.91 33.62 27.78
N GLY L 415 -91.77 34.93 27.96
CA GLY L 415 -91.81 35.83 26.83
C GLY L 415 -90.60 35.71 25.93
N MET L 416 -89.44 35.37 26.51
CA MET L 416 -88.27 35.08 25.69
C MET L 416 -88.35 33.73 25.01
N ILE L 417 -89.10 32.78 25.58
CA ILE L 417 -89.28 31.49 24.92
C ILE L 417 -90.13 31.63 23.67
N LEU L 418 -91.23 32.37 23.76
CA LEU L 418 -92.04 32.70 22.58
C LEU L 418 -91.80 34.17 22.25
N LEU L 419 -90.78 34.42 21.44
CA LEU L 419 -90.44 35.77 21.00
C LEU L 419 -90.88 35.94 19.55
N TRP L 420 -91.24 37.19 19.20
CA TRP L 420 -91.72 37.58 17.86
C TRP L 420 -92.96 36.80 17.46
N ASP L 421 -93.88 36.58 18.40
CA ASP L 421 -95.03 35.72 18.17
C ASP L 421 -96.33 36.47 18.41
N VAL L 422 -97.34 36.15 17.61
CA VAL L 422 -98.67 36.75 17.79
C VAL L 422 -99.73 35.66 17.67
N ASP L 423 -99.34 34.49 17.14
CA ASP L 423 -100.33 33.48 16.76
C ASP L 423 -100.88 32.73 17.97
N GLY L 424 -100.02 32.27 18.87
CA GLY L 424 -100.46 31.53 20.03
C GLY L 424 -99.63 31.84 21.26
N GLY L 425 -99.04 33.02 21.29
CA GLY L 425 -98.14 33.38 22.39
C GLY L 425 -98.89 33.65 23.68
N LEU L 426 -100.09 34.23 23.59
CA LEU L 426 -100.89 34.46 24.78
C LEU L 426 -101.49 33.17 25.31
N THR L 427 -101.73 32.19 24.44
CA THR L 427 -102.31 30.92 24.88
C THR L 427 -101.33 30.12 25.73
N GLN L 428 -100.03 30.30 25.48
CA GLN L 428 -99.01 29.66 26.31
C GLN L 428 -98.97 30.28 27.70
N ILE L 429 -99.20 31.59 27.80
CA ILE L 429 -99.14 32.27 29.08
C ILE L 429 -100.34 31.94 29.97
N ASP L 430 -101.53 31.77 29.37
CA ASP L 430 -102.79 31.69 30.12
C ASP L 430 -102.85 30.46 31.02
N LYS L 431 -102.27 29.34 30.59
CA LYS L 431 -102.21 28.16 31.46
C LYS L 431 -101.23 28.35 32.60
N TYR L 432 -100.18 29.13 32.41
CA TYR L 432 -99.24 29.47 33.47
C TYR L 432 -99.54 30.80 34.12
N LEU L 433 -100.72 31.37 33.88
CA LEU L 433 -101.09 32.69 34.39
C LEU L 433 -101.91 32.63 35.67
N TYR L 434 -102.93 31.77 35.71
CA TYR L 434 -103.92 31.81 36.78
C TYR L 434 -103.39 31.05 38.00
N SER L 435 -102.48 31.70 38.71
CA SER L 435 -102.04 31.26 40.02
C SER L 435 -102.43 32.25 41.11
N SER L 436 -102.99 33.40 40.74
CA SER L 436 -103.51 34.43 41.65
C SER L 436 -102.43 34.97 42.59
N GLU L 437 -101.22 35.14 42.06
CA GLU L 437 -100.11 35.66 42.84
C GLU L 437 -99.65 36.99 42.25
N ASP L 438 -99.01 37.80 43.10
CA ASP L 438 -98.47 39.08 42.65
C ASP L 438 -97.29 38.87 41.70
N TYR L 439 -96.31 38.07 42.12
CA TYR L 439 -95.06 37.95 41.38
C TYR L 439 -95.21 37.12 40.12
N ILE L 440 -96.13 36.15 40.12
CA ILE L 440 -96.27 35.25 38.97
C ILE L 440 -96.91 35.99 37.81
N LYS L 441 -98.01 36.69 38.07
CA LYS L 441 -98.71 37.39 36.98
C LYS L 441 -97.97 38.63 36.52
N SER L 442 -97.25 39.31 37.42
CA SER L 442 -96.52 40.51 37.03
C SER L 442 -95.31 40.18 36.16
N GLY L 443 -94.76 38.98 36.28
CA GLY L 443 -93.70 38.56 35.39
C GLY L 443 -94.24 38.00 34.10
N ALA L 444 -95.39 37.34 34.18
CA ALA L 444 -95.98 36.71 32.99
C ALA L 444 -96.62 37.74 32.08
N LEU L 445 -97.33 38.72 32.64
CA LEU L 445 -98.00 39.73 31.82
C LEU L 445 -97.04 40.81 31.36
N LEU L 446 -95.90 40.99 32.05
CA LEU L 446 -94.81 41.76 31.46
C LEU L 446 -94.21 41.00 30.29
N ALA L 447 -94.16 39.67 30.39
CA ALA L 447 -93.67 38.85 29.30
C ALA L 447 -94.63 38.81 28.12
N CYS L 448 -95.90 39.13 28.35
CA CYS L 448 -96.85 39.22 27.24
C CYS L 448 -96.52 40.40 26.33
N GLY L 449 -95.97 41.48 26.88
CA GLY L 449 -95.48 42.56 26.05
C GLY L 449 -94.24 42.17 25.25
N ILE L 450 -93.47 41.22 25.77
CA ILE L 450 -92.30 40.72 25.08
C ILE L 450 -92.69 39.82 23.91
N VAL L 451 -93.81 39.09 24.04
CA VAL L 451 -94.25 38.17 22.99
C VAL L 451 -94.68 38.95 21.74
N ASN L 452 -95.53 39.96 21.93
CA ASN L 452 -95.98 40.79 20.82
C ASN L 452 -95.09 42.00 20.56
N SER L 453 -93.85 41.97 21.06
CA SER L 453 -92.91 43.04 20.79
C SER L 453 -92.43 42.98 19.35
N GLY L 454 -92.44 44.13 18.68
CA GLY L 454 -92.14 44.19 17.26
C GLY L 454 -93.31 43.86 16.35
N VAL L 455 -94.45 43.45 16.90
CA VAL L 455 -95.63 43.17 16.10
C VAL L 455 -96.42 44.44 15.83
N ARG L 456 -96.68 45.20 16.91
CA ARG L 456 -97.46 46.44 16.99
C ARG L 456 -98.82 46.37 16.27
N ASN L 457 -99.39 45.18 16.11
CA ASN L 457 -100.70 45.00 15.52
C ASN L 457 -101.74 45.07 16.65
N GLU L 458 -102.97 44.65 16.37
CA GLU L 458 -103.98 44.62 17.44
C GLU L 458 -103.82 43.33 18.23
N CYS L 459 -103.09 43.43 19.33
CA CYS L 459 -103.05 42.36 20.32
C CYS L 459 -103.60 42.84 21.65
N ASP L 460 -103.03 43.90 22.20
CA ASP L 460 -103.49 44.58 23.41
C ASP L 460 -102.91 46.00 23.50
N PRO L 461 -103.47 46.97 22.77
CA PRO L 461 -103.05 48.36 23.02
C PRO L 461 -103.50 48.87 24.36
N ALA L 462 -104.71 48.50 24.79
CA ALA L 462 -105.16 48.73 26.15
C ALA L 462 -105.95 47.54 26.69
N LEU L 463 -105.83 46.37 26.06
CA LEU L 463 -106.70 45.25 26.41
C LEU L 463 -106.21 44.53 27.66
N ALA L 464 -105.01 43.95 27.59
CA ALA L 464 -104.54 43.07 28.66
C ALA L 464 -103.75 43.83 29.72
N LEU L 465 -102.69 44.53 29.32
CA LEU L 465 -101.78 45.12 30.29
C LEU L 465 -102.31 46.41 30.88
N LEU L 466 -103.26 47.08 30.23
CA LEU L 466 -103.91 48.21 30.89
C LEU L 466 -104.88 47.72 31.96
N SER L 467 -105.54 46.58 31.71
CA SER L 467 -106.34 45.95 32.75
C SER L 467 -105.48 45.36 33.85
N ASP L 468 -104.27 44.93 33.51
CA ASP L 468 -103.32 44.50 34.54
C ASP L 468 -102.89 45.69 35.40
N TYR L 469 -102.80 46.87 34.78
CA TYR L 469 -102.28 48.02 35.51
C TYR L 469 -103.31 48.57 36.50
N VAL L 470 -104.58 48.64 36.09
CA VAL L 470 -105.62 49.19 36.96
C VAL L 470 -106.01 48.26 38.09
N LEU L 471 -105.39 47.08 38.19
CA LEU L 471 -105.50 46.20 39.34
C LEU L 471 -104.72 46.71 40.54
N HIS L 472 -103.91 47.77 40.37
CA HIS L 472 -102.90 48.16 41.35
C HIS L 472 -103.52 48.77 42.60
N ASN L 473 -103.13 48.23 43.75
CA ASN L 473 -103.17 48.89 45.05
C ASN L 473 -101.96 48.48 45.87
N SER L 474 -100.92 48.01 45.20
CA SER L 474 -100.01 47.03 45.76
C SER L 474 -98.68 47.09 45.02
N ASN L 475 -97.94 45.98 45.08
CA ASN L 475 -96.61 45.78 44.50
C ASN L 475 -96.74 45.57 42.99
N THR L 476 -95.77 44.88 42.39
CA THR L 476 -95.40 44.87 40.96
C THR L 476 -96.50 44.73 39.91
N MET L 477 -97.74 44.42 40.32
CA MET L 477 -98.90 44.77 39.51
C MET L 477 -98.89 46.27 39.18
N ARG L 478 -98.54 47.09 40.17
CA ARG L 478 -98.30 48.51 39.93
C ARG L 478 -97.11 48.75 39.00
N LEU L 479 -96.10 47.88 39.06
CA LEU L 479 -94.86 48.11 38.31
C LEU L 479 -94.86 47.39 36.97
N GLY L 480 -95.01 46.07 36.98
CA GLY L 480 -94.70 45.24 35.82
C GLY L 480 -95.71 45.31 34.68
N SER L 481 -96.75 46.13 34.81
CA SER L 481 -97.75 46.21 33.76
C SER L 481 -97.46 47.32 32.75
N ILE L 482 -96.87 48.43 33.18
CA ILE L 482 -96.56 49.52 32.25
C ILE L 482 -95.32 49.22 31.42
N PHE L 483 -94.46 48.30 31.87
CA PHE L 483 -93.17 48.10 31.23
C PHE L 483 -93.28 47.29 29.94
N GLY L 484 -94.14 46.27 29.94
CA GLY L 484 -94.21 45.38 28.80
C GLY L 484 -94.88 45.99 27.58
N LEU L 485 -95.88 46.85 27.80
CA LEU L 485 -96.60 47.43 26.68
C LEU L 485 -95.79 48.54 26.01
N GLY L 486 -95.04 49.31 26.80
CA GLY L 486 -94.10 50.25 26.23
C GLY L 486 -92.92 49.57 25.58
N LEU L 487 -92.60 48.35 26.02
CA LEU L 487 -91.61 47.53 25.34
C LEU L 487 -92.15 47.04 23.99
N ALA L 488 -93.43 46.68 23.95
CA ALA L 488 -94.02 46.18 22.71
C ALA L 488 -94.22 47.30 21.69
N TYR L 489 -94.63 48.48 22.17
CA TYR L 489 -94.87 49.63 21.30
C TYR L 489 -93.72 50.63 21.34
N ALA L 490 -92.50 50.13 21.56
CA ALA L 490 -91.33 50.99 21.53
C ALA L 490 -91.02 51.46 20.12
N GLY L 491 -91.34 50.65 19.11
CA GLY L 491 -91.12 51.05 17.73
C GLY L 491 -92.11 52.09 17.25
N SER L 492 -93.25 52.20 17.93
CA SER L 492 -94.25 53.17 17.56
C SER L 492 -94.05 54.49 18.31
N ASN L 493 -94.62 55.56 17.74
CA ASN L 493 -94.67 56.84 18.43
C ASN L 493 -96.14 57.23 18.56
N ARG L 494 -96.97 56.28 18.98
CA ARG L 494 -98.39 56.56 19.18
C ARG L 494 -98.57 57.44 20.41
N GLU L 495 -99.50 58.38 20.32
CA GLU L 495 -99.72 59.36 21.37
C GLU L 495 -100.74 58.88 22.40
N ASP L 496 -101.66 58.00 22.01
CA ASP L 496 -102.83 57.68 22.84
C ASP L 496 -102.44 56.93 24.11
N VAL L 497 -101.76 55.79 23.98
CA VAL L 497 -101.43 55.00 25.17
C VAL L 497 -100.29 55.64 25.95
N LEU L 498 -99.55 56.56 25.32
CA LEU L 498 -98.66 57.44 26.06
C LEU L 498 -99.46 58.33 27.01
N THR L 499 -100.61 58.82 26.57
CA THR L 499 -101.48 59.58 27.45
C THR L 499 -102.32 58.70 28.35
N LEU L 500 -102.47 57.41 28.03
CA LEU L 500 -103.04 56.48 29.00
C LEU L 500 -102.07 56.21 30.13
N LEU L 501 -100.77 56.17 29.84
CA LEU L 501 -99.76 55.83 30.83
C LEU L 501 -99.01 57.05 31.36
N LEU L 502 -99.43 58.24 30.99
CA LEU L 502 -98.96 59.47 31.64
C LEU L 502 -99.55 59.70 33.03
N PRO L 503 -100.82 59.35 33.35
CA PRO L 503 -101.22 59.38 34.77
C PRO L 503 -100.54 58.35 35.66
N VAL L 504 -99.75 57.43 35.12
CA VAL L 504 -98.82 56.68 35.97
C VAL L 504 -97.81 57.63 36.58
N MET L 505 -97.30 58.57 35.78
CA MET L 505 -96.41 59.61 36.29
C MET L 505 -97.18 60.63 37.13
N GLY L 506 -98.43 60.92 36.75
CA GLY L 506 -99.24 61.90 37.45
C GLY L 506 -100.02 61.39 38.63
N ASP L 507 -99.88 60.11 38.99
CA ASP L 507 -100.61 59.56 40.14
C ASP L 507 -100.04 60.08 41.45
N SER L 508 -98.71 60.25 41.50
CA SER L 508 -97.91 60.54 42.71
C SER L 508 -98.09 59.49 43.81
N LYS L 509 -98.53 58.29 43.45
CA LYS L 509 -98.39 57.12 44.32
C LYS L 509 -96.91 56.79 44.40
N SER L 510 -96.32 56.91 45.58
CA SER L 510 -94.89 57.16 45.70
C SER L 510 -94.05 55.89 45.70
N SER L 511 -94.53 54.83 45.06
CA SER L 511 -93.69 53.68 44.76
C SER L 511 -92.58 54.12 43.81
N MET L 512 -91.33 54.13 44.31
CA MET L 512 -90.26 54.81 43.61
C MET L 512 -89.80 54.05 42.37
N GLU L 513 -89.72 52.72 42.47
CA GLU L 513 -89.27 51.93 41.33
C GLU L 513 -90.30 51.89 40.22
N VAL L 514 -91.56 52.14 40.54
CA VAL L 514 -92.61 52.17 39.52
C VAL L 514 -92.48 53.42 38.67
N ALA L 515 -92.27 54.58 39.31
CA ALA L 515 -92.09 55.82 38.59
C ALA L 515 -90.77 55.86 37.82
N GLY L 516 -89.77 55.12 38.27
CA GLY L 516 -88.49 55.09 37.57
C GLY L 516 -88.57 54.36 36.25
N VAL L 517 -89.19 53.17 36.26
CA VAL L 517 -89.39 52.43 35.02
C VAL L 517 -90.52 53.01 34.19
N THR L 518 -91.33 53.89 34.76
CA THR L 518 -92.30 54.64 33.97
C THR L 518 -91.60 55.59 33.01
N ALA L 519 -90.51 56.21 33.47
CA ALA L 519 -89.67 57.01 32.57
C ALA L 519 -88.99 56.13 31.54
N LEU L 520 -88.61 54.92 31.93
CA LEU L 520 -88.00 53.99 30.98
C LEU L 520 -89.02 53.43 30.00
N ALA L 521 -90.28 53.28 30.43
CA ALA L 521 -91.30 52.76 29.53
C ALA L 521 -91.71 53.79 28.49
N CYS L 522 -91.87 55.05 28.90
CA CYS L 522 -92.21 56.11 27.95
C CYS L 522 -90.99 56.53 27.14
N GLY L 523 -89.80 56.31 27.67
CA GLY L 523 -88.58 56.63 26.93
C GLY L 523 -88.38 55.72 25.73
N MET L 524 -88.76 54.45 25.86
CA MET L 524 -88.64 53.51 24.75
C MET L 524 -89.59 53.85 23.60
N ILE L 525 -90.66 54.56 23.89
CA ILE L 525 -91.67 54.83 22.87
C ILE L 525 -91.20 55.92 21.91
N ALA L 526 -90.92 57.12 22.43
CA ALA L 526 -90.72 58.29 21.61
C ALA L 526 -89.28 58.78 21.68
N VAL L 527 -88.82 59.37 20.57
CA VAL L 527 -87.51 60.03 20.52
C VAL L 527 -87.60 61.49 20.09
N GLY L 528 -88.76 61.95 19.64
CA GLY L 528 -88.89 63.28 19.08
C GLY L 528 -89.72 64.24 19.89
N SER L 529 -90.99 64.37 19.49
CA SER L 529 -91.93 65.36 19.99
C SER L 529 -92.49 64.98 21.37
N CYS L 530 -93.62 65.61 21.72
CA CYS L 530 -94.32 65.48 23.01
C CYS L 530 -93.42 65.95 24.16
N ASN L 531 -93.21 67.27 24.15
CA ASN L 531 -92.50 67.96 25.23
C ASN L 531 -93.23 67.86 26.58
N GLY L 532 -94.52 67.53 26.58
CA GLY L 532 -95.25 67.29 27.80
C GLY L 532 -94.80 66.07 28.59
N ASP L 533 -94.14 65.11 27.92
CA ASP L 533 -93.46 64.04 28.64
C ASP L 533 -92.30 64.59 29.46
N VAL L 534 -91.56 65.54 28.88
CA VAL L 534 -90.47 66.19 29.60
C VAL L 534 -91.04 67.03 30.75
N THR L 535 -92.21 67.61 30.54
CA THR L 535 -92.89 68.33 31.62
C THR L 535 -93.36 67.37 32.72
N SER L 536 -93.96 66.24 32.34
CA SER L 536 -94.52 65.29 33.31
C SER L 536 -93.42 64.63 34.16
N THR L 537 -92.27 64.34 33.57
CA THR L 537 -91.19 63.71 34.32
C THR L 537 -90.57 64.67 35.33
N ILE L 538 -90.32 65.93 34.93
CA ILE L 538 -89.62 66.84 35.82
C ILE L 538 -90.51 67.35 36.95
N LEU L 539 -91.82 67.24 36.83
CA LEU L 539 -92.70 67.64 37.92
C LEU L 539 -92.52 66.74 39.13
N GLN L 540 -92.64 65.42 38.93
CA GLN L 540 -92.39 64.49 40.03
C GLN L 540 -90.92 64.45 40.43
N THR L 541 -90.01 64.79 39.50
CA THR L 541 -88.59 64.89 39.83
C THR L 541 -88.32 66.02 40.80
N ILE L 542 -88.93 67.19 40.57
CA ILE L 542 -88.78 68.30 41.49
C ILE L 542 -89.57 68.05 42.78
N MET L 543 -90.65 67.26 42.72
CA MET L 543 -91.38 66.94 43.95
C MET L 543 -90.61 65.95 44.82
N GLU L 544 -90.02 64.91 44.21
CA GLU L 544 -89.45 63.82 44.99
C GLU L 544 -87.94 63.99 45.24
N LYS L 545 -87.17 64.17 44.16
CA LYS L 545 -85.72 64.14 44.27
C LYS L 545 -85.16 65.38 44.97
N SER L 546 -85.92 66.48 45.00
CA SER L 546 -85.49 67.65 45.77
C SER L 546 -85.53 67.39 47.26
N GLU L 547 -86.50 66.60 47.72
CA GLU L 547 -86.58 66.27 49.15
C GLU L 547 -85.87 64.96 49.46
N THR L 548 -84.65 64.80 48.94
CA THR L 548 -83.78 63.66 49.21
C THR L 548 -82.39 64.00 48.67
N GLU L 549 -81.40 63.24 49.14
CA GLU L 549 -80.03 63.29 48.62
C GLU L 549 -79.50 61.88 48.52
N LEU L 550 -80.32 60.98 47.98
CA LEU L 550 -80.15 59.55 48.17
C LEU L 550 -80.09 58.82 46.83
N LYS L 551 -80.31 57.51 46.87
CA LYS L 551 -79.93 56.48 45.90
C LYS L 551 -80.30 56.76 44.44
N ASP L 552 -79.60 56.07 43.54
CA ASP L 552 -79.69 56.27 42.10
C ASP L 552 -80.93 55.67 41.47
N THR L 553 -81.88 55.13 42.25
CA THR L 553 -83.20 54.81 41.73
C THR L 553 -83.89 56.06 41.20
N TYR L 554 -83.67 57.19 41.88
CA TYR L 554 -83.94 58.51 41.30
C TYR L 554 -83.13 58.73 40.02
N ALA L 555 -81.82 58.47 40.08
CA ALA L 555 -80.89 59.02 39.12
C ALA L 555 -80.70 58.14 37.88
N ARG L 556 -80.76 56.81 38.04
CA ARG L 556 -80.51 55.92 36.92
C ARG L 556 -81.71 55.73 36.01
N TRP L 557 -82.90 56.19 36.41
CA TRP L 557 -84.11 55.84 35.68
C TRP L 557 -84.90 57.05 35.20
N LEU L 558 -84.99 58.10 36.00
CA LEU L 558 -85.81 59.25 35.66
C LEU L 558 -85.21 60.19 34.61
N PRO L 559 -83.91 60.57 34.65
CA PRO L 559 -83.39 61.37 33.54
C PRO L 559 -83.12 60.56 32.28
N LEU L 560 -83.16 59.23 32.36
CA LEU L 560 -82.82 58.41 31.22
C LEU L 560 -83.93 58.42 30.18
N GLY L 561 -85.19 58.42 30.61
CA GLY L 561 -86.29 58.54 29.68
C GLY L 561 -86.36 59.91 29.02
N LEU L 562 -85.84 60.93 29.71
CA LEU L 562 -85.64 62.23 29.10
C LEU L 562 -84.66 62.15 27.93
N GLY L 563 -83.54 61.46 28.14
CA GLY L 563 -82.57 61.29 27.08
C GLY L 563 -83.08 60.41 25.95
N LEU L 564 -83.94 59.44 26.28
CA LEU L 564 -84.51 58.59 25.24
C LEU L 564 -85.59 59.32 24.46
N ASN L 565 -86.24 60.30 25.10
CA ASN L 565 -87.22 61.13 24.39
C ASN L 565 -86.55 62.22 23.56
N HIS L 566 -85.24 62.38 23.68
CA HIS L 566 -84.49 63.35 22.89
C HIS L 566 -83.17 62.76 22.42
N LEU L 567 -83.24 61.56 21.82
CA LEU L 567 -82.05 60.88 21.34
C LEU L 567 -81.75 61.26 19.89
N GLY L 568 -80.46 61.44 19.60
CA GLY L 568 -79.97 61.50 18.23
C GLY L 568 -80.21 62.78 17.45
N LYS L 569 -79.72 63.91 17.97
CA LYS L 569 -79.66 65.16 17.21
C LYS L 569 -78.59 66.06 17.81
N GLY L 570 -77.66 66.51 16.97
CA GLY L 570 -76.56 67.31 17.43
C GLY L 570 -76.83 68.80 17.32
N GLU L 571 -78.09 69.18 17.51
CA GLU L 571 -78.48 70.57 17.35
C GLU L 571 -78.03 71.44 18.52
N ALA L 572 -77.80 70.83 19.69
CA ALA L 572 -77.45 71.50 20.95
C ALA L 572 -78.49 72.54 21.37
N ILE L 573 -79.76 72.29 21.05
CA ILE L 573 -80.88 73.04 21.61
C ILE L 573 -81.41 72.21 22.76
N GLU L 574 -81.32 70.88 22.63
CA GLU L 574 -81.81 69.97 23.65
C GLU L 574 -81.01 70.06 24.94
N ALA L 575 -79.72 70.42 24.85
CA ALA L 575 -78.95 70.73 26.04
C ALA L 575 -79.37 72.06 26.63
N ILE L 576 -79.70 73.04 25.77
CA ILE L 576 -80.23 74.31 26.25
C ILE L 576 -81.62 74.12 26.83
N LEU L 577 -82.40 73.18 26.29
CA LEU L 577 -83.70 72.85 26.87
C LEU L 577 -83.56 72.21 28.23
N ALA L 578 -82.82 71.10 28.32
CA ALA L 578 -82.87 70.24 29.49
C ALA L 578 -82.07 70.81 30.66
N ALA L 579 -80.86 71.32 30.40
CA ALA L 579 -79.98 71.72 31.49
C ALA L 579 -80.44 73.01 32.15
N LEU L 580 -81.08 73.91 31.38
CA LEU L 580 -81.66 75.11 31.95
C LEU L 580 -83.03 74.86 32.56
N GLU L 581 -83.58 73.66 32.38
CA GLU L 581 -84.85 73.27 32.96
C GLU L 581 -84.69 72.69 34.37
N VAL L 582 -83.55 72.05 34.64
CA VAL L 582 -83.33 71.37 35.91
C VAL L 582 -82.12 72.06 36.56
N VAL L 583 -82.04 73.38 36.40
CA VAL L 583 -81.06 74.18 37.14
C VAL L 583 -81.31 74.01 38.64
N SER L 584 -80.37 73.36 39.31
CA SER L 584 -80.65 72.74 40.61
C SER L 584 -79.33 72.40 41.30
N GLU L 585 -79.44 71.66 42.40
CA GLU L 585 -78.29 71.22 43.19
C GLU L 585 -77.50 70.16 42.42
N PRO L 586 -76.20 69.96 42.74
CA PRO L 586 -75.37 69.08 41.89
C PRO L 586 -75.75 67.60 41.90
N PHE L 587 -76.44 67.12 42.93
CA PHE L 587 -76.87 65.73 42.87
C PHE L 587 -78.10 65.54 41.98
N ARG L 588 -78.87 66.61 41.74
CA ARG L 588 -79.83 66.63 40.65
C ARG L 588 -79.21 67.10 39.34
N SER L 589 -78.07 67.80 39.39
CA SER L 589 -77.29 68.11 38.20
C SER L 589 -76.37 66.98 37.79
N PHE L 590 -76.52 65.81 38.43
CA PHE L 590 -76.10 64.55 37.83
C PHE L 590 -76.76 64.34 36.46
N ALA L 591 -78.01 64.80 36.32
CA ALA L 591 -78.77 64.70 35.09
C ALA L 591 -78.29 65.65 33.99
N ASN L 592 -77.29 66.50 34.26
CA ASN L 592 -76.78 67.41 33.25
C ASN L 592 -76.12 66.67 32.10
N THR L 593 -75.37 65.61 32.41
CA THR L 593 -74.65 64.86 31.38
C THR L 593 -75.53 63.84 30.66
N LEU L 594 -76.76 63.62 31.13
CA LEU L 594 -77.60 62.59 30.51
C LEU L 594 -78.18 63.08 29.18
N VAL L 595 -79.02 64.11 29.24
CA VAL L 595 -79.74 64.55 28.05
C VAL L 595 -78.82 65.38 27.15
N ASP L 596 -77.64 65.77 27.67
CA ASP L 596 -76.59 66.37 26.85
C ASP L 596 -76.16 65.41 25.74
N VAL L 597 -75.75 64.20 26.10
CA VAL L 597 -75.06 63.32 25.18
C VAL L 597 -75.96 62.17 24.70
N CYS L 598 -77.15 62.00 25.27
CA CYS L 598 -78.10 61.06 24.69
C CYS L 598 -78.62 61.56 23.34
N ALA L 599 -78.60 62.87 23.12
CA ALA L 599 -78.84 63.45 21.81
C ALA L 599 -77.63 63.33 20.89
N TYR L 600 -76.55 62.76 21.38
CA TYR L 600 -75.24 62.73 20.75
C TYR L 600 -74.84 61.26 20.58
N ALA L 601 -75.69 60.50 19.89
CA ALA L 601 -75.49 59.06 19.73
C ALA L 601 -74.22 58.74 18.94
N GLY L 602 -74.07 59.31 17.75
CA GLY L 602 -72.86 59.06 16.98
C GLY L 602 -72.60 59.99 15.82
N SER L 603 -71.39 60.55 15.81
CA SER L 603 -70.86 61.52 14.85
C SER L 603 -69.40 61.82 15.20
N GLY L 604 -68.79 62.76 14.48
CA GLY L 604 -67.58 63.37 14.98
C GLY L 604 -67.82 64.76 15.54
N ASN L 605 -67.96 64.89 16.87
CA ASN L 605 -68.12 66.18 17.51
C ASN L 605 -67.13 66.32 18.66
N VAL L 606 -65.85 66.09 18.35
CA VAL L 606 -64.71 66.00 19.28
C VAL L 606 -64.67 67.14 20.31
N LEU L 607 -65.19 68.31 19.94
CA LEU L 607 -65.38 69.42 20.89
C LEU L 607 -66.32 69.04 22.03
N LYS L 608 -67.26 68.13 21.80
CA LYS L 608 -68.04 67.61 22.92
C LYS L 608 -67.22 66.60 23.70
N VAL L 609 -66.32 65.88 23.04
CA VAL L 609 -65.62 64.79 23.72
C VAL L 609 -64.58 65.37 24.68
N GLN L 610 -64.10 66.60 24.41
CA GLN L 610 -63.21 67.25 25.36
C GLN L 610 -63.97 67.83 26.55
N GLN L 611 -65.19 68.33 26.36
CA GLN L 611 -65.99 68.74 27.52
C GLN L 611 -66.60 67.52 28.20
N LEU L 612 -66.55 66.37 27.54
CA LEU L 612 -66.81 65.08 28.15
C LEU L 612 -65.65 64.61 29.03
N LEU L 613 -64.52 65.34 29.00
CA LEU L 613 -63.38 65.03 29.87
C LEU L 613 -63.01 66.18 30.79
N HIS L 614 -62.86 67.39 30.25
CA HIS L 614 -62.11 68.44 30.93
C HIS L 614 -62.83 69.05 32.12
N ILE L 615 -64.16 69.00 32.18
CA ILE L 615 -64.85 69.61 33.32
C ILE L 615 -64.70 68.75 34.57
N CYS L 616 -65.24 67.54 34.56
CA CYS L 616 -65.10 66.61 35.67
C CYS L 616 -64.09 65.52 35.31
N SER L 617 -62.81 65.89 35.34
CA SER L 617 -61.79 64.91 34.93
C SER L 617 -61.42 63.96 36.07
N GLU L 618 -60.71 64.47 37.09
CA GLU L 618 -60.45 63.65 38.27
C GLU L 618 -60.89 64.33 39.56
N HIS L 619 -60.20 65.41 39.98
CA HIS L 619 -60.42 66.23 41.18
C HIS L 619 -60.23 65.51 42.52
N PHE L 620 -60.09 64.18 42.47
CA PHE L 620 -59.95 63.18 43.54
C PHE L 620 -61.21 63.01 44.41
N ASP L 621 -62.08 64.04 44.45
CA ASP L 621 -63.51 64.00 44.76
C ASP L 621 -63.95 63.09 45.90
N SER L 622 -63.74 63.49 47.16
CA SER L 622 -63.91 62.59 48.30
C SER L 622 -65.40 62.23 48.47
N LYS L 623 -65.84 61.31 47.59
CA LYS L 623 -67.09 60.56 47.69
C LYS L 623 -68.32 61.45 47.59
N GLU L 624 -68.30 62.43 46.68
CA GLU L 624 -69.45 63.31 46.48
C GLU L 624 -70.07 63.18 45.09
N LYS L 625 -69.32 63.45 44.02
CA LYS L 625 -69.88 63.38 42.68
C LYS L 625 -69.28 62.24 41.85
N GLU L 626 -68.80 61.18 42.51
CA GLU L 626 -68.22 60.02 41.84
C GLU L 626 -69.18 59.31 40.89
N GLU L 627 -70.49 59.44 41.12
CA GLU L 627 -71.47 58.91 40.17
C GLU L 627 -71.47 59.71 38.88
N ASP L 628 -71.22 61.02 38.98
CA ASP L 628 -71.31 61.88 37.80
C ASP L 628 -70.14 61.67 36.87
N LYS L 629 -68.94 61.43 37.41
CA LYS L 629 -67.79 61.14 36.56
C LYS L 629 -67.88 59.74 35.96
N ASP L 630 -68.61 58.83 36.61
CA ASP L 630 -68.92 57.56 35.96
C ASP L 630 -69.92 57.77 34.83
N LYS L 631 -70.93 58.59 35.06
CA LYS L 631 -71.94 58.82 34.02
C LYS L 631 -71.41 59.74 32.92
N LYS L 632 -70.47 60.63 33.24
CA LYS L 632 -69.78 61.35 32.18
C LYS L 632 -68.92 60.40 31.35
N GLU L 633 -68.38 59.36 31.99
CA GLU L 633 -67.67 58.33 31.23
C GLU L 633 -68.63 57.40 30.51
N LYS L 634 -69.85 57.24 31.06
CA LYS L 634 -70.89 56.47 30.39
C LYS L 634 -71.26 57.07 29.05
N LYS L 635 -71.21 58.39 28.95
CA LYS L 635 -71.55 59.03 27.69
C LYS L 635 -70.34 59.15 26.78
N ASP L 636 -69.15 58.76 27.25
CA ASP L 636 -68.01 58.57 26.38
C ASP L 636 -68.11 57.26 25.62
N LYS L 637 -68.95 56.34 26.10
CA LYS L 637 -69.06 55.01 25.51
C LYS L 637 -69.76 55.06 24.16
N ASP L 638 -70.84 55.82 24.06
CA ASP L 638 -71.39 56.17 22.76
C ASP L 638 -70.63 57.40 22.25
N LYS L 639 -70.96 57.83 21.02
CA LYS L 639 -70.16 58.75 20.17
C LYS L 639 -68.79 58.12 19.86
N LYS L 640 -68.73 56.79 19.98
CA LYS L 640 -67.51 56.03 19.76
C LYS L 640 -67.83 54.76 19.00
N GLU L 641 -69.09 54.33 19.04
CA GLU L 641 -69.50 53.05 18.47
C GLU L 641 -70.03 53.19 17.05
N ALA L 642 -70.07 54.40 16.50
CA ALA L 642 -70.32 54.57 15.08
C ALA L 642 -69.61 55.76 14.39
N PRO L 643 -68.27 55.96 14.52
CA PRO L 643 -67.54 56.58 13.40
C PRO L 643 -66.93 55.52 12.49
N ALA L 644 -67.36 54.27 12.71
CA ALA L 644 -66.89 53.07 12.00
C ALA L 644 -65.38 52.88 12.19
N ASP L 645 -65.03 52.59 13.44
CA ASP L 645 -63.75 52.02 13.89
C ASP L 645 -62.61 53.05 13.86
N MET L 646 -62.90 54.27 13.41
CA MET L 646 -61.91 55.33 13.35
C MET L 646 -61.54 55.81 14.74
N GLY L 647 -62.52 55.83 15.65
CA GLY L 647 -62.27 56.25 17.01
C GLY L 647 -62.35 55.10 17.98
N ALA L 648 -62.72 53.91 17.47
CA ALA L 648 -62.79 52.73 18.31
C ALA L 648 -61.39 52.27 18.73
N HIS L 649 -60.42 52.34 17.82
CA HIS L 649 -59.03 52.09 18.20
C HIS L 649 -58.53 53.17 19.14
N GLN L 650 -59.00 54.40 18.95
CA GLN L 650 -58.60 55.47 19.85
C GLN L 650 -59.34 55.37 21.17
N GLY L 651 -60.55 54.78 21.16
CA GLY L 651 -61.26 54.60 22.41
C GLY L 651 -60.63 53.55 23.28
N VAL L 652 -60.18 52.45 22.68
CA VAL L 652 -59.55 51.39 23.46
C VAL L 652 -58.12 51.79 23.84
N ALA L 653 -57.52 52.73 23.11
CA ALA L 653 -56.19 53.21 23.48
C ALA L 653 -56.26 54.13 24.68
N VAL L 654 -57.24 55.04 24.70
CA VAL L 654 -57.37 55.98 25.80
C VAL L 654 -57.88 55.28 27.05
N LEU L 655 -59.01 54.58 26.96
CA LEU L 655 -59.65 54.03 28.14
C LEU L 655 -58.95 52.80 28.70
N GLY L 656 -57.98 52.25 27.97
CA GLY L 656 -57.14 51.22 28.53
C GLY L 656 -56.04 51.83 29.37
N ILE L 657 -55.52 52.97 28.92
CA ILE L 657 -54.39 53.59 29.60
C ILE L 657 -54.86 54.53 30.70
N ALA L 658 -55.80 55.42 30.38
CA ALA L 658 -56.06 56.57 31.24
C ALA L 658 -56.81 56.21 32.51
N LEU L 659 -57.80 55.32 32.43
CA LEU L 659 -58.65 55.08 33.58
C LEU L 659 -58.20 53.88 34.41
N ILE L 660 -58.19 52.71 33.78
CA ILE L 660 -57.80 51.48 34.46
C ILE L 660 -56.31 51.52 34.83
N ALA L 661 -55.62 52.56 34.36
CA ALA L 661 -54.21 52.71 34.65
C ALA L 661 -53.97 53.78 35.72
N MET L 662 -54.32 55.02 35.38
CA MET L 662 -54.16 56.14 36.30
C MET L 662 -55.50 56.72 36.71
N GLY L 663 -56.35 55.88 37.28
CA GLY L 663 -57.67 56.31 37.71
C GLY L 663 -57.92 56.00 39.17
N GLU L 664 -59.18 55.80 39.53
CA GLU L 664 -59.57 55.50 40.90
C GLU L 664 -60.95 54.86 40.96
N GLU L 665 -61.98 55.69 41.13
CA GLU L 665 -63.35 55.21 41.20
C GLU L 665 -63.97 55.20 39.82
N ILE L 666 -63.42 56.03 38.94
CA ILE L 666 -63.89 56.13 37.57
C ILE L 666 -63.47 54.88 36.80
N GLY L 667 -62.22 54.49 36.92
CA GLY L 667 -61.70 53.33 36.21
C GLY L 667 -62.06 52.00 36.83
N ALA L 668 -61.65 51.80 38.08
CA ALA L 668 -61.70 50.50 38.73
C ALA L 668 -63.09 50.13 39.26
N GLU L 669 -64.12 50.87 38.91
CA GLU L 669 -65.48 50.51 39.28
C GLU L 669 -66.38 50.35 38.07
N MET L 670 -66.22 51.20 37.06
CA MET L 670 -67.25 51.41 36.05
C MET L 670 -66.74 51.43 34.62
N ALA L 671 -65.46 51.74 34.37
CA ALA L 671 -65.00 52.09 33.04
C ALA L 671 -64.77 50.87 32.14
N LEU L 672 -65.28 49.70 32.48
CA LEU L 672 -65.23 48.56 31.60
C LEU L 672 -66.50 48.40 30.79
N ARG L 673 -67.57 49.10 31.16
CA ARG L 673 -68.82 49.05 30.40
C ARG L 673 -68.71 49.68 29.03
N THR L 674 -67.60 50.36 28.73
CA THR L 674 -67.30 50.74 27.35
C THR L 674 -67.20 49.51 26.46
N PHE L 675 -66.43 48.52 26.92
CA PHE L 675 -66.23 47.30 26.14
C PHE L 675 -67.51 46.47 26.10
N GLY L 676 -68.37 46.63 27.10
CA GLY L 676 -69.73 46.13 27.06
C GLY L 676 -70.70 47.01 26.33
N HIS L 677 -70.23 48.05 25.64
CA HIS L 677 -71.09 48.90 24.83
C HIS L 677 -70.48 49.20 23.45
N LEU L 678 -69.16 49.09 23.30
CA LEU L 678 -68.52 49.48 22.05
C LEU L 678 -68.81 48.47 20.94
N LEU L 679 -68.50 47.21 21.18
CA LEU L 679 -68.75 46.18 20.19
C LEU L 679 -69.32 44.94 20.86
N ARG L 680 -69.97 44.08 20.08
CA ARG L 680 -70.43 42.79 20.60
C ARG L 680 -69.94 41.70 19.66
N TYR L 681 -68.96 42.04 18.83
CA TYR L 681 -68.41 41.09 17.88
C TYR L 681 -67.37 40.17 18.51
N GLY L 682 -66.44 40.73 19.25
CA GLY L 682 -65.38 39.94 19.86
C GLY L 682 -64.13 39.85 19.01
N GLU L 683 -62.99 40.17 19.62
CA GLU L 683 -61.68 40.10 19.00
C GLU L 683 -60.68 40.08 20.14
N PRO L 684 -59.56 39.37 20.01
CA PRO L 684 -58.73 39.08 21.20
C PRO L 684 -57.92 40.25 21.74
N THR L 685 -58.05 41.45 21.19
CA THR L 685 -57.41 42.61 21.79
C THR L 685 -58.09 42.98 23.10
N LEU L 686 -59.37 43.34 23.04
CA LEU L 686 -60.09 43.70 24.26
C LEU L 686 -60.59 42.49 25.01
N ARG L 687 -60.81 41.36 24.31
CA ARG L 687 -61.26 40.15 24.99
C ARG L 687 -60.18 39.56 25.88
N ARG L 688 -58.91 39.89 25.64
CA ARG L 688 -57.85 39.48 26.55
C ARG L 688 -57.41 40.59 27.48
N ALA L 689 -57.74 41.85 27.19
CA ALA L 689 -57.38 42.96 28.06
C ALA L 689 -58.26 43.06 29.28
N VAL L 690 -59.48 42.54 29.23
CA VAL L 690 -60.37 42.53 30.39
C VAL L 690 -59.96 41.49 31.43
N PRO L 691 -59.54 40.24 31.09
CA PRO L 691 -59.00 39.38 32.16
C PRO L 691 -57.63 39.80 32.68
N LEU L 692 -56.98 40.81 32.08
CA LEU L 692 -55.85 41.43 32.74
C LEU L 692 -56.28 42.14 34.01
N ALA L 693 -57.52 42.65 34.04
CA ALA L 693 -58.11 43.24 35.22
C ALA L 693 -59.22 42.40 35.83
N LEU L 694 -59.39 41.16 35.38
CA LEU L 694 -60.37 40.25 35.96
C LEU L 694 -59.77 39.05 36.64
N ALA L 695 -58.77 38.39 36.03
CA ALA L 695 -58.02 37.34 36.71
C ALA L 695 -57.32 37.92 37.94
N LEU L 696 -56.81 39.14 37.82
CA LEU L 696 -56.56 40.00 38.97
C LEU L 696 -57.91 40.59 39.37
N ILE L 697 -58.57 39.97 40.34
CA ILE L 697 -59.90 40.41 40.75
C ILE L 697 -59.83 41.75 41.47
N SER L 698 -58.70 42.01 42.16
CA SER L 698 -58.48 43.16 43.04
C SER L 698 -59.58 43.22 44.11
N VAL L 699 -59.58 42.20 44.97
CA VAL L 699 -60.69 41.92 45.87
C VAL L 699 -60.87 42.92 47.00
N SER L 700 -59.98 43.91 47.14
CA SER L 700 -60.07 44.87 48.23
C SER L 700 -61.29 45.79 48.13
N ASN L 701 -61.78 46.03 46.92
CA ASN L 701 -62.98 46.83 46.72
C ASN L 701 -64.21 45.96 46.95
N PRO L 702 -65.44 46.52 46.90
CA PRO L 702 -66.61 45.64 46.80
C PRO L 702 -66.65 44.93 45.46
N ARG L 703 -65.94 43.80 45.38
CA ARG L 703 -65.47 43.12 44.16
C ARG L 703 -66.52 42.83 43.11
N LEU L 704 -67.81 42.92 43.46
CA LEU L 704 -68.88 42.87 42.46
C LEU L 704 -68.88 44.08 41.54
N ASN L 705 -68.11 45.12 41.86
CA ASN L 705 -67.78 46.11 40.84
C ASN L 705 -66.95 45.50 39.72
N ILE L 706 -65.85 44.83 40.07
CA ILE L 706 -65.05 44.10 39.09
C ILE L 706 -65.79 42.87 38.60
N LEU L 707 -66.65 42.28 39.42
CA LEU L 707 -67.46 41.19 38.93
C LEU L 707 -68.68 41.67 38.14
N ASP L 708 -69.03 42.96 38.22
CA ASP L 708 -69.92 43.50 37.19
C ASP L 708 -69.19 43.57 35.85
N THR L 709 -67.89 43.84 35.90
CA THR L 709 -67.10 43.86 34.69
C THR L 709 -66.81 42.45 34.19
N LEU L 710 -66.97 41.45 35.07
CA LEU L 710 -67.01 40.07 34.61
C LEU L 710 -68.26 39.82 33.77
N SER L 711 -69.39 40.39 34.21
CA SER L 711 -70.70 40.00 33.69
C SER L 711 -70.86 40.39 32.23
N LYS L 712 -70.66 41.66 31.91
CA LYS L 712 -70.77 42.12 30.53
C LYS L 712 -69.41 42.22 29.85
N PHE L 713 -68.41 41.50 30.35
CA PHE L 713 -67.33 41.02 29.50
C PHE L 713 -67.84 40.04 28.47
N SER L 714 -68.84 39.24 28.83
CA SER L 714 -69.54 38.34 27.92
C SER L 714 -70.74 39.00 27.28
N HIS L 715 -70.69 40.33 27.12
CA HIS L 715 -71.67 41.07 26.36
C HIS L 715 -71.27 41.14 24.88
N ASP L 716 -70.50 40.16 24.42
CA ASP L 716 -70.21 39.99 23.01
C ASP L 716 -70.99 38.78 22.53
N ALA L 717 -71.87 38.99 21.56
CA ALA L 717 -72.69 37.96 20.96
C ALA L 717 -71.87 37.27 19.87
N ASP L 718 -72.54 36.51 18.96
CA ASP L 718 -71.92 35.65 17.93
C ASP L 718 -71.01 34.63 18.57
N PRO L 719 -71.56 33.47 19.06
CA PRO L 719 -70.82 32.49 19.88
C PRO L 719 -69.41 32.11 19.44
N GLU L 720 -68.51 31.98 20.42
CA GLU L 720 -67.09 31.89 20.13
C GLU L 720 -66.40 30.79 20.94
N VAL L 721 -65.07 30.83 20.92
CA VAL L 721 -64.21 29.95 21.70
C VAL L 721 -63.92 30.54 23.07
N SER L 722 -64.69 31.55 23.47
CA SER L 722 -64.45 32.27 24.72
C SER L 722 -64.81 31.45 25.96
N TYR L 723 -65.38 30.25 25.76
CA TYR L 723 -65.66 29.27 26.81
C TYR L 723 -64.41 28.92 27.63
N ASN L 724 -63.24 28.99 26.99
CA ASN L 724 -61.97 28.76 27.69
C ASN L 724 -61.77 29.75 28.84
N SER L 725 -62.20 31.00 28.65
CA SER L 725 -62.04 32.00 29.70
C SER L 725 -63.09 31.82 30.79
N ILE L 726 -64.35 31.62 30.41
CA ILE L 726 -65.44 31.70 31.36
C ILE L 726 -65.51 30.45 32.23
N PHE L 727 -65.32 29.28 31.62
CA PHE L 727 -65.37 28.04 32.40
C PHE L 727 -64.19 27.91 33.33
N ALA L 728 -63.01 28.38 32.91
CA ALA L 728 -61.85 28.32 33.79
C ALA L 728 -61.94 29.36 34.90
N MET L 729 -62.60 30.48 34.63
CA MET L 729 -62.85 31.44 35.70
C MET L 729 -64.05 31.02 36.53
N GLY L 730 -64.94 30.21 35.97
CA GLY L 730 -65.99 29.61 36.77
C GLY L 730 -65.47 28.53 37.69
N MET L 731 -64.33 27.92 37.35
CA MET L 731 -63.73 26.91 38.22
C MET L 731 -63.10 27.55 39.44
N VAL L 732 -62.40 28.67 39.26
CA VAL L 732 -61.92 29.46 40.38
C VAL L 732 -63.04 30.31 40.97
N GLY L 733 -64.17 30.43 40.26
CA GLY L 733 -65.29 31.21 40.71
C GLY L 733 -66.32 30.47 41.53
N SER L 734 -66.16 29.16 41.73
CA SER L 734 -67.07 28.43 42.59
C SER L 734 -66.74 28.64 44.06
N GLY L 735 -65.55 28.22 44.48
CA GLY L 735 -65.10 28.41 45.85
C GLY L 735 -64.76 29.85 46.16
N THR L 736 -63.68 30.36 45.56
CA THR L 736 -63.39 31.79 45.63
C THR L 736 -64.32 32.54 44.68
N ASN L 737 -64.32 33.86 44.78
CA ASN L 737 -65.28 34.76 44.12
C ASN L 737 -66.72 34.29 44.41
N ASN L 738 -67.06 34.42 45.70
CA ASN L 738 -67.98 33.52 46.39
C ASN L 738 -69.33 33.36 45.70
N ALA L 739 -69.87 32.14 45.79
CA ALA L 739 -71.08 31.77 45.05
C ALA L 739 -72.35 32.34 45.66
N ARG L 740 -72.26 33.00 46.81
CA ARG L 740 -73.43 33.68 47.36
C ARG L 740 -73.86 34.86 46.50
N LEU L 741 -72.91 35.48 45.80
CA LEU L 741 -73.19 36.74 45.13
C LEU L 741 -73.25 36.63 43.61
N ALA L 742 -72.31 35.90 43.00
CA ALA L 742 -72.17 35.92 41.56
C ALA L 742 -72.24 34.54 40.91
N ALA L 743 -72.74 33.53 41.62
CA ALA L 743 -72.94 32.24 40.97
C ALA L 743 -74.03 32.31 39.92
N MET L 744 -74.99 33.23 40.11
CA MET L 744 -75.88 33.60 39.03
C MET L 744 -75.10 34.25 37.90
N LEU L 745 -74.10 35.08 38.24
CA LEU L 745 -73.52 36.01 37.27
C LEU L 745 -72.60 35.32 36.28
N ARG L 746 -71.69 34.46 36.77
CA ARG L 746 -70.72 33.79 35.92
C ARG L 746 -71.42 32.89 34.91
N GLN L 747 -72.48 32.21 35.35
CA GLN L 747 -73.28 31.41 34.44
C GLN L 747 -74.26 32.27 33.65
N LEU L 748 -74.59 33.47 34.12
CA LEU L 748 -75.25 34.42 33.23
C LEU L 748 -74.32 34.84 32.10
N ALA L 749 -73.04 35.01 32.42
CA ALA L 749 -72.05 35.31 31.39
C ALA L 749 -71.78 34.08 30.52
N GLN L 750 -71.82 32.89 31.11
CA GLN L 750 -71.55 31.67 30.37
C GLN L 750 -72.66 31.37 29.38
N TYR L 751 -73.92 31.57 29.78
CA TYR L 751 -75.03 31.11 28.99
C TYR L 751 -75.50 32.15 27.98
N HIS L 752 -74.92 33.34 27.99
CA HIS L 752 -75.40 34.41 27.12
C HIS L 752 -74.68 34.44 25.78
N ALA L 753 -73.45 33.95 25.71
CA ALA L 753 -72.72 33.93 24.44
C ALA L 753 -73.36 32.97 23.46
N LYS L 754 -73.70 31.78 23.90
CA LYS L 754 -74.50 30.84 23.11
C LYS L 754 -75.99 31.06 23.44
N ASP L 755 -76.51 32.21 23.00
CA ASP L 755 -77.88 32.53 23.35
C ASP L 755 -78.88 31.67 22.56
N PRO L 756 -79.24 31.92 21.25
CA PRO L 756 -79.29 30.78 20.33
C PRO L 756 -77.98 30.55 19.59
N ASN L 757 -78.04 29.63 18.62
CA ASN L 757 -77.01 29.53 17.58
C ASN L 757 -76.89 30.84 16.82
N ASN L 758 -78.02 31.49 16.57
CA ASN L 758 -78.13 32.61 15.66
C ASN L 758 -78.77 33.77 16.40
N LEU L 759 -79.19 34.79 15.64
CA LEU L 759 -79.88 35.97 16.15
C LEU L 759 -79.01 36.70 17.17
N PHE L 760 -77.85 37.16 16.68
CA PHE L 760 -76.92 37.91 17.50
C PHE L 760 -76.80 39.38 17.09
N MET L 761 -77.63 39.84 16.16
CA MET L 761 -77.50 41.22 15.71
C MET L 761 -78.18 42.17 16.69
N VAL L 762 -77.41 42.67 17.66
CA VAL L 762 -77.85 43.63 18.66
C VAL L 762 -76.92 44.82 18.71
N ARG L 763 -76.36 45.19 17.57
CA ARG L 763 -75.16 46.00 17.59
C ARG L 763 -75.32 47.30 16.80
N LEU L 764 -76.54 47.65 16.43
CA LEU L 764 -76.94 49.00 16.00
C LEU L 764 -76.24 49.44 14.72
N ALA L 765 -76.09 48.49 13.81
CA ALA L 765 -75.45 48.80 12.53
C ALA L 765 -76.09 47.97 11.44
N GLN L 766 -76.82 48.63 10.55
CA GLN L 766 -77.55 47.94 9.50
C GLN L 766 -77.09 48.47 8.15
N GLY L 767 -77.12 47.58 7.16
CA GLY L 767 -76.77 47.92 5.80
C GLY L 767 -75.28 48.10 5.65
N LEU L 768 -74.78 49.26 6.09
CA LEU L 768 -73.36 49.38 6.38
C LEU L 768 -73.16 49.99 7.77
N THR L 769 -73.87 51.08 8.08
CA THR L 769 -73.55 51.80 9.30
C THR L 769 -74.72 52.46 10.02
N HIS L 770 -75.96 52.34 9.54
CA HIS L 770 -76.98 53.16 10.18
C HIS L 770 -77.55 52.47 11.41
N LEU L 771 -78.13 53.28 12.29
CA LEU L 771 -78.28 52.90 13.69
C LEU L 771 -79.39 51.87 13.90
N GLY L 772 -80.64 52.25 13.65
CA GLY L 772 -81.75 51.35 13.89
C GLY L 772 -82.01 51.07 15.36
N LYS L 773 -82.46 52.08 16.09
CA LYS L 773 -82.51 52.04 17.55
C LYS L 773 -83.69 51.19 18.04
N GLY L 774 -83.41 50.19 18.87
CA GLY L 774 -82.08 49.72 19.22
C GLY L 774 -81.38 50.23 20.47
N THR L 775 -80.93 51.49 20.45
CA THR L 775 -80.24 52.07 21.60
C THR L 775 -81.18 52.25 22.78
N LEU L 776 -82.46 52.47 22.50
CA LEU L 776 -83.45 52.75 23.54
C LEU L 776 -83.73 51.53 24.40
N THR L 777 -83.38 50.34 23.93
CA THR L 777 -83.68 49.09 24.60
C THR L 777 -82.47 48.52 25.33
N LEU L 778 -81.26 48.82 24.85
CA LEU L 778 -80.04 48.31 25.49
C LEU L 778 -79.60 49.21 26.63
N CYS L 779 -79.34 50.49 26.33
CA CYS L 779 -78.81 51.53 27.22
C CYS L 779 -79.48 51.65 28.60
N PRO L 780 -80.77 51.30 28.78
CA PRO L 780 -81.25 51.09 30.16
C PRO L 780 -80.48 50.06 30.98
N TYR L 781 -79.92 49.00 30.38
CA TYR L 781 -79.26 48.00 31.21
C TYR L 781 -77.90 48.48 31.70
N HIS L 782 -77.10 49.10 30.83
CA HIS L 782 -75.81 49.58 31.26
C HIS L 782 -75.94 50.83 32.11
N SER L 783 -77.09 51.51 32.05
CA SER L 783 -77.42 52.51 33.05
C SER L 783 -77.92 51.86 34.34
N ASP L 784 -78.46 50.65 34.26
CA ASP L 784 -79.02 49.98 35.44
C ASP L 784 -77.91 49.46 36.34
N ARG L 785 -76.81 48.98 35.76
CA ARG L 785 -75.76 48.36 36.54
C ARG L 785 -74.86 49.36 37.24
N GLN L 786 -75.46 50.23 38.08
CA GLN L 786 -74.70 51.22 38.86
C GLN L 786 -75.25 51.26 40.29
N LEU L 787 -74.73 50.41 41.18
CA LEU L 787 -73.89 49.27 40.86
C LEU L 787 -74.43 47.95 41.43
N MET L 788 -74.67 47.97 42.74
CA MET L 788 -74.99 46.77 43.51
C MET L 788 -76.46 46.88 43.93
N SER L 789 -76.97 45.86 44.66
CA SER L 789 -78.30 45.76 45.27
C SER L 789 -79.42 45.60 44.25
N GLN L 790 -79.06 45.60 42.97
CA GLN L 790 -80.00 45.24 41.92
C GLN L 790 -79.62 43.89 41.34
N VAL L 791 -78.58 43.29 41.93
CA VAL L 791 -78.29 41.88 41.68
C VAL L 791 -79.21 40.95 42.45
N ALA L 792 -80.00 41.50 43.38
CA ALA L 792 -80.88 40.71 44.24
C ALA L 792 -82.36 41.03 44.04
N VAL L 793 -82.74 42.31 44.03
CA VAL L 793 -84.14 42.71 44.14
C VAL L 793 -84.63 43.43 42.88
N ALA L 794 -84.08 44.61 42.59
CA ALA L 794 -84.73 45.52 41.66
C ALA L 794 -84.29 45.34 40.21
N GLY L 795 -83.03 45.00 39.98
CA GLY L 795 -82.53 44.86 38.62
C GLY L 795 -82.94 43.59 37.94
N LEU L 796 -83.57 42.66 38.67
CA LEU L 796 -84.11 41.45 38.05
C LEU L 796 -85.27 41.73 37.11
N LEU L 797 -85.93 42.87 37.24
CA LEU L 797 -86.82 43.35 36.18
C LEU L 797 -86.02 43.66 34.92
N THR L 798 -84.82 44.22 35.08
CA THR L 798 -84.01 44.68 33.97
C THR L 798 -83.15 43.57 33.37
N VAL L 799 -82.36 42.88 34.21
CA VAL L 799 -81.23 42.06 33.76
C VAL L 799 -81.66 40.89 32.87
N LEU L 800 -82.90 40.43 33.01
CA LEU L 800 -83.39 39.40 32.11
C LEU L 800 -83.77 39.97 30.75
N VAL L 801 -84.66 40.96 30.76
CA VAL L 801 -85.38 41.35 29.56
C VAL L 801 -85.16 42.83 29.21
N SER L 802 -83.97 43.37 29.50
CA SER L 802 -83.68 44.75 29.14
C SER L 802 -83.65 44.96 27.63
N PHE L 803 -82.70 44.34 26.95
CA PHE L 803 -82.48 44.56 25.53
C PHE L 803 -83.13 43.44 24.74
N LEU L 804 -84.11 43.80 23.93
CA LEU L 804 -84.93 42.85 23.19
C LEU L 804 -85.19 43.37 21.78
N ASP L 805 -84.15 43.92 21.15
CA ASP L 805 -84.27 44.41 19.79
C ASP L 805 -83.37 43.62 18.85
N VAL L 806 -83.44 42.33 18.91
CA VAL L 806 -82.60 41.52 18.06
C VAL L 806 -83.31 41.36 16.73
N ARG L 807 -82.65 41.78 15.66
CA ARG L 807 -83.24 41.75 14.32
C ARG L 807 -82.37 40.82 13.48
N ASN L 808 -82.99 40.09 12.56
CA ASN L 808 -83.04 38.62 12.66
C ASN L 808 -81.64 38.02 12.82
N ILE L 809 -80.95 37.62 11.75
CA ILE L 809 -79.49 37.50 11.72
C ILE L 809 -78.91 37.66 10.32
N ILE L 810 -79.40 36.83 9.39
CA ILE L 810 -78.65 36.31 8.25
C ILE L 810 -79.15 36.91 6.95
N LEU L 811 -78.24 37.08 6.00
CA LEU L 811 -78.65 37.54 4.67
C LEU L 811 -78.75 36.37 3.69
N GLY L 812 -79.34 35.29 4.17
CA GLY L 812 -79.68 34.20 3.30
C GLY L 812 -81.16 33.91 3.29
N LYS L 813 -81.79 34.30 2.17
CA LYS L 813 -83.13 34.01 1.65
C LYS L 813 -83.17 34.70 0.30
N SER L 814 -84.13 34.36 -0.56
CA SER L 814 -84.10 34.93 -1.90
C SER L 814 -85.40 35.64 -2.29
N HIS L 815 -86.54 35.07 -1.88
CA HIS L 815 -87.86 35.70 -1.96
C HIS L 815 -88.37 36.01 -3.36
N TYR L 816 -87.67 35.56 -4.42
CA TYR L 816 -88.22 35.63 -5.78
C TYR L 816 -89.51 34.82 -5.82
N VAL L 817 -90.57 35.48 -6.32
CA VAL L 817 -91.88 35.61 -5.67
C VAL L 817 -92.37 34.36 -4.93
N LEU L 818 -92.10 33.18 -5.46
CA LEU L 818 -92.60 31.95 -4.86
C LEU L 818 -91.75 31.51 -3.67
N TYR L 819 -90.61 32.16 -3.45
CA TYR L 819 -89.60 31.79 -2.45
C TYR L 819 -89.14 30.34 -2.65
N GLY L 820 -88.45 30.13 -3.77
CA GLY L 820 -87.86 28.85 -4.05
C GLY L 820 -86.37 28.90 -4.34
N LEU L 821 -85.89 30.09 -4.71
CA LEU L 821 -84.49 30.26 -5.07
C LEU L 821 -83.61 30.22 -3.82
N VAL L 822 -82.35 29.82 -4.00
CA VAL L 822 -81.49 29.73 -2.82
C VAL L 822 -80.42 30.83 -2.80
N ALA L 823 -79.31 30.64 -3.55
CA ALA L 823 -78.47 31.58 -4.30
C ALA L 823 -77.19 30.84 -4.69
N ALA L 824 -76.24 31.57 -5.27
CA ALA L 824 -74.83 31.23 -5.10
C ALA L 824 -74.10 32.43 -4.50
N MET L 825 -74.14 32.56 -3.17
CA MET L 825 -73.54 33.71 -2.49
C MET L 825 -72.10 33.41 -2.08
N GLN L 826 -71.30 34.45 -1.92
CA GLN L 826 -69.88 34.19 -1.74
C GLN L 826 -69.32 35.05 -0.60
N PRO L 827 -69.28 34.51 0.63
CA PRO L 827 -69.03 35.32 1.83
C PRO L 827 -67.55 35.61 2.08
N ARG L 828 -67.25 36.84 2.48
CA ARG L 828 -65.89 37.36 2.60
C ARG L 828 -65.76 38.38 3.75
N MET L 829 -64.54 38.51 4.30
CA MET L 829 -64.07 39.62 5.14
C MET L 829 -64.30 40.93 4.37
N LEU L 830 -64.85 41.93 5.07
CA LEU L 830 -65.47 43.11 4.43
C LEU L 830 -64.53 44.00 3.63
N VAL L 831 -65.14 44.96 2.92
CA VAL L 831 -64.52 45.85 1.95
C VAL L 831 -63.45 46.70 2.58
N THR L 832 -62.49 47.14 1.76
CA THR L 832 -61.49 48.10 2.15
C THR L 832 -61.42 49.17 1.07
N PHE L 833 -62.08 48.91 -0.05
CA PHE L 833 -61.86 49.70 -1.27
C PHE L 833 -62.47 51.11 -1.15
N ASP L 834 -61.61 52.11 -1.26
CA ASP L 834 -62.07 53.48 -1.10
C ASP L 834 -61.90 54.28 -2.38
N GLU L 835 -60.66 54.39 -2.86
CA GLU L 835 -60.41 54.83 -4.25
C GLU L 835 -59.11 54.19 -4.72
N GLU L 836 -59.27 53.25 -5.65
CA GLU L 836 -58.18 52.53 -6.32
C GLU L 836 -58.58 52.38 -7.78
N LEU L 837 -57.90 51.46 -8.48
CA LEU L 837 -58.17 51.24 -9.89
C LEU L 837 -59.57 50.69 -10.12
N ARG L 838 -60.20 51.14 -11.20
CA ARG L 838 -61.52 50.67 -11.60
C ARG L 838 -61.39 49.40 -12.43
N PRO L 839 -62.21 48.38 -12.16
CA PRO L 839 -63.17 48.31 -11.05
C PRO L 839 -62.49 47.82 -9.79
N LEU L 840 -63.12 48.00 -8.70
CA LEU L 840 -62.40 47.70 -7.49
C LEU L 840 -62.88 46.37 -6.92
N PRO L 841 -61.96 45.46 -6.58
CA PRO L 841 -62.36 44.19 -5.97
C PRO L 841 -62.90 44.43 -4.57
N VAL L 842 -64.14 44.01 -4.36
CA VAL L 842 -64.90 44.39 -3.19
C VAL L 842 -64.33 43.72 -1.94
N SER L 843 -63.91 42.46 -2.04
CA SER L 843 -63.35 41.84 -0.84
C SER L 843 -62.25 40.81 -1.14
N VAL L 844 -61.84 40.09 -0.10
CA VAL L 844 -60.49 39.53 -0.02
C VAL L 844 -60.45 38.09 0.54
N ARG L 845 -61.57 37.54 0.97
CA ARG L 845 -61.55 36.29 1.73
C ARG L 845 -62.29 35.16 1.00
N VAL L 846 -61.90 34.88 -0.25
CA VAL L 846 -62.69 34.16 -1.25
C VAL L 846 -62.99 32.71 -0.86
N GLY L 847 -62.31 32.19 0.19
CA GLY L 847 -62.41 30.81 0.63
C GLY L 847 -63.79 30.28 1.00
N GLN L 848 -64.55 31.03 1.78
CA GLN L 848 -65.90 30.59 2.13
C GLN L 848 -66.84 30.75 0.93
N ALA L 849 -67.67 29.73 0.71
CA ALA L 849 -68.60 29.69 -0.42
C ALA L 849 -69.83 28.88 -0.03
N VAL L 850 -70.96 29.57 0.16
CA VAL L 850 -72.22 28.94 0.54
C VAL L 850 -73.26 29.20 -0.55
N ASP L 851 -74.49 28.75 -0.34
CA ASP L 851 -75.55 29.00 -1.30
C ASP L 851 -76.71 29.79 -0.72
N VAL L 852 -77.11 29.44 0.50
CA VAL L 852 -78.37 29.83 1.12
C VAL L 852 -78.00 30.18 2.57
N VAL L 853 -78.95 30.10 3.51
CA VAL L 853 -79.12 30.82 4.77
C VAL L 853 -77.92 31.00 5.70
N GLY L 854 -76.70 30.65 5.27
CA GLY L 854 -75.50 30.87 6.05
C GLY L 854 -75.24 32.26 6.60
N GLN L 855 -74.23 32.37 7.46
CA GLN L 855 -74.17 33.30 8.58
C GLN L 855 -73.83 34.72 8.14
N ALA L 856 -73.91 35.64 9.10
CA ALA L 856 -73.54 37.02 8.88
C ALA L 856 -72.10 37.20 9.29
N GLY L 857 -71.75 37.02 10.57
CA GLY L 857 -70.37 37.24 11.00
C GLY L 857 -70.04 38.72 11.17
N LYS L 858 -68.80 38.98 11.63
CA LYS L 858 -68.43 40.37 11.91
C LYS L 858 -68.26 41.20 10.64
N PRO L 859 -67.19 41.03 9.77
CA PRO L 859 -67.17 41.99 8.67
C PRO L 859 -67.56 41.36 7.33
N LYS L 860 -68.85 41.15 7.07
CA LYS L 860 -69.17 40.39 5.86
C LYS L 860 -70.13 41.16 4.95
N THR L 861 -69.58 41.63 3.83
CA THR L 861 -70.37 42.02 2.66
C THR L 861 -70.36 40.88 1.65
N ILE L 862 -71.39 40.03 1.75
CA ILE L 862 -71.41 38.81 0.95
C ILE L 862 -71.95 39.11 -0.43
N THR L 863 -71.21 38.74 -1.46
CA THR L 863 -71.59 39.01 -2.85
C THR L 863 -72.03 37.73 -3.53
N GLY L 864 -72.51 37.88 -4.77
CA GLY L 864 -73.03 36.77 -5.52
C GLY L 864 -72.58 36.83 -6.96
N PHE L 865 -72.73 35.70 -7.66
CA PHE L 865 -72.27 35.53 -9.03
C PHE L 865 -73.28 34.74 -9.85
N GLN L 866 -72.83 34.20 -11.00
CA GLN L 866 -73.58 33.28 -11.89
C GLN L 866 -74.63 34.07 -12.70
N THR L 867 -74.39 35.39 -12.81
CA THR L 867 -75.16 36.36 -13.59
C THR L 867 -76.63 36.29 -13.20
N HIS L 868 -76.91 36.60 -11.93
CA HIS L 868 -78.27 36.75 -11.46
C HIS L 868 -78.60 38.22 -11.28
N THR L 869 -77.59 39.08 -11.47
CA THR L 869 -77.53 40.54 -11.51
C THR L 869 -77.69 41.20 -10.14
N THR L 870 -78.20 40.46 -9.15
CA THR L 870 -78.44 40.92 -7.78
C THR L 870 -78.90 42.38 -7.64
N PRO L 871 -79.87 42.83 -8.44
CA PRO L 871 -79.88 44.24 -8.87
C PRO L 871 -80.46 45.21 -7.86
N VAL L 872 -80.96 44.67 -6.75
CA VAL L 872 -81.99 45.28 -5.92
C VAL L 872 -81.62 46.64 -5.34
N LEU L 873 -80.63 46.69 -4.46
CA LEU L 873 -80.22 47.95 -3.86
C LEU L 873 -78.71 48.07 -3.91
N LEU L 874 -78.06 46.94 -4.17
CA LEU L 874 -76.60 46.82 -4.33
C LEU L 874 -75.86 47.28 -3.06
N ALA L 875 -76.52 47.13 -1.91
CA ALA L 875 -75.74 47.34 -0.71
C ALA L 875 -75.65 46.03 0.08
N HIS L 876 -76.73 45.67 0.77
CA HIS L 876 -77.32 44.35 1.09
C HIS L 876 -78.40 44.66 2.13
N GLY L 877 -78.84 43.69 2.92
CA GLY L 877 -79.91 43.93 3.86
C GLY L 877 -80.87 42.80 4.13
N GLU L 878 -80.50 41.57 3.77
CA GLU L 878 -81.00 40.30 4.31
C GLU L 878 -82.43 40.00 3.91
N ARG L 879 -83.01 40.78 3.01
CA ARG L 879 -84.20 40.36 2.30
C ARG L 879 -84.09 40.79 0.84
N ALA L 880 -83.01 40.37 0.18
CA ALA L 880 -82.81 40.66 -1.23
C ALA L 880 -83.92 40.06 -2.10
N GLU L 881 -84.15 40.64 -3.27
CA GLU L 881 -85.28 40.29 -4.13
C GLU L 881 -84.85 39.46 -5.33
N LEU L 882 -83.67 39.75 -5.90
CA LEU L 882 -82.94 38.84 -6.80
C LEU L 882 -83.66 38.46 -8.09
N ALA L 883 -83.76 39.40 -9.03
CA ALA L 883 -84.34 39.09 -10.35
C ALA L 883 -83.39 38.27 -11.22
N THR L 884 -83.66 38.17 -12.51
CA THR L 884 -82.91 37.24 -13.35
C THR L 884 -82.72 37.83 -14.75
N GLU L 885 -81.47 37.84 -15.23
CA GLU L 885 -81.13 38.40 -16.52
C GLU L 885 -79.73 37.97 -16.93
N GLU L 886 -79.56 37.56 -18.20
CA GLU L 886 -78.29 37.06 -18.70
C GLU L 886 -77.99 37.50 -20.15
N PHE L 887 -78.06 38.78 -20.48
CA PHE L 887 -77.89 39.20 -21.88
C PHE L 887 -76.41 39.50 -22.17
N LEU L 888 -75.50 38.62 -21.73
CA LEU L 888 -74.12 38.80 -22.17
C LEU L 888 -73.46 37.61 -22.88
N PRO L 889 -74.08 36.98 -23.91
CA PRO L 889 -73.11 36.22 -24.72
C PRO L 889 -72.75 36.93 -26.02
N GLU M 67 -41.18 51.80 34.77
CA GLU M 67 -40.91 52.63 35.94
C GLU M 67 -40.41 51.78 37.11
N SER M 68 -39.76 52.44 38.05
CA SER M 68 -39.23 51.77 39.24
C SER M 68 -40.40 51.50 40.18
N ASP M 69 -40.97 50.29 40.06
CA ASP M 69 -42.12 49.92 40.87
C ASP M 69 -41.70 49.61 42.31
N THR M 70 -40.78 48.65 42.47
CA THR M 70 -40.18 48.22 43.73
C THR M 70 -41.21 47.78 44.76
N GLY M 71 -42.27 47.11 44.29
CA GLY M 71 -43.27 46.58 45.19
C GLY M 71 -44.09 47.66 45.86
N LEU M 72 -44.98 48.30 45.09
CA LEU M 72 -45.71 49.47 45.57
C LEU M 72 -46.61 49.11 46.76
N ALA M 73 -47.44 48.04 46.62
CA ALA M 73 -48.34 47.51 47.64
C ALA M 73 -49.28 48.60 48.16
N PRO M 74 -50.36 48.91 47.45
CA PRO M 74 -51.25 50.07 47.79
C PRO M 74 -51.68 50.07 49.25
N PRO M 75 -51.48 51.20 49.96
CA PRO M 75 -51.30 51.21 51.42
C PRO M 75 -52.53 50.86 52.26
N ALA M 76 -52.80 49.57 52.36
CA ALA M 76 -53.76 49.03 53.30
C ALA M 76 -53.26 47.79 54.02
N LEU M 77 -52.17 47.18 53.54
CA LEU M 77 -51.67 45.93 54.09
C LEU M 77 -50.33 46.05 54.79
N TRP M 78 -49.63 47.18 54.67
CA TRP M 78 -48.31 47.37 55.22
C TRP M 78 -48.17 48.65 56.02
N ASP M 79 -49.25 49.43 56.15
CA ASP M 79 -49.17 50.72 56.83
C ASP M 79 -48.86 50.55 58.31
N LEU M 80 -49.46 49.54 58.95
CA LEU M 80 -49.09 49.21 60.33
C LEU M 80 -47.76 48.48 60.40
N ALA M 81 -47.36 47.80 59.33
CA ALA M 81 -46.12 47.05 59.33
C ALA M 81 -44.90 47.93 59.12
N ALA M 82 -45.06 49.11 58.54
CA ALA M 82 -43.94 49.99 58.24
C ALA M 82 -43.65 50.98 59.35
N ASP M 83 -44.29 50.84 60.52
CA ASP M 83 -44.09 51.81 61.57
C ASP M 83 -42.80 51.56 62.33
N LYS M 84 -42.72 50.43 63.03
CA LYS M 84 -41.50 50.06 63.74
C LYS M 84 -41.13 48.59 63.58
N GLN M 85 -41.98 47.78 62.94
CA GLN M 85 -41.65 46.38 62.69
C GLN M 85 -40.49 46.25 61.72
N THR M 86 -40.33 47.23 60.83
CA THR M 86 -39.14 47.27 60.00
C THR M 86 -37.90 47.54 60.82
N LEU M 87 -38.01 48.44 61.81
CA LEU M 87 -36.88 48.80 62.66
C LEU M 87 -36.46 47.66 63.56
N GLN M 88 -37.38 46.79 63.95
CA GLN M 88 -37.02 45.61 64.71
C GLN M 88 -36.51 44.48 63.83
N SER M 89 -36.58 44.64 62.53
CA SER M 89 -35.96 43.71 61.59
C SER M 89 -34.58 44.18 61.15
N GLU M 90 -34.17 45.38 61.53
CA GLU M 90 -32.88 45.93 61.11
C GLU M 90 -31.78 45.64 62.13
N GLN M 91 -31.96 46.10 63.35
CA GLN M 91 -30.89 45.97 64.34
C GLN M 91 -30.91 44.64 65.11
N PRO M 92 -32.04 44.09 65.59
CA PRO M 92 -31.95 42.76 66.20
C PRO M 92 -31.74 41.63 65.19
N LEU M 93 -32.41 41.68 64.05
CA LEU M 93 -32.33 40.59 63.09
C LEU M 93 -31.05 40.72 62.28
N GLN M 94 -30.08 39.84 62.54
CA GLN M 94 -28.82 39.88 61.84
C GLN M 94 -28.92 39.17 60.50
N VAL M 95 -27.85 39.24 59.75
CA VAL M 95 -27.73 38.57 58.46
C VAL M 95 -26.87 37.33 58.62
N ALA M 96 -27.37 36.21 58.14
CA ALA M 96 -26.64 34.95 58.20
C ALA M 96 -26.32 34.48 56.79
N ARG M 97 -25.48 33.46 56.70
CA ARG M 97 -25.11 32.86 55.44
C ARG M 97 -25.25 31.35 55.54
N CYS M 98 -25.69 30.75 54.44
CA CYS M 98 -25.83 29.29 54.37
C CYS M 98 -24.57 28.68 53.76
N THR M 99 -24.11 27.59 54.36
CA THR M 99 -22.85 26.94 53.97
C THR M 99 -23.06 25.43 54.00
N LYS M 100 -21.94 24.70 54.00
CA LYS M 100 -21.92 23.26 53.95
C LYS M 100 -21.05 22.71 55.07
N ILE M 101 -21.49 21.61 55.68
CA ILE M 101 -20.76 20.94 56.74
C ILE M 101 -20.01 19.76 56.15
N ILE M 102 -18.71 19.68 56.42
CA ILE M 102 -17.90 18.57 55.92
C ILE M 102 -17.97 17.40 56.88
N ASN M 103 -17.59 17.62 58.13
CA ASN M 103 -17.61 16.54 59.11
C ASN M 103 -17.88 17.12 60.49
N ALA M 104 -17.64 16.30 61.51
CA ALA M 104 -17.85 16.69 62.89
C ALA M 104 -16.90 15.86 63.75
N ASP M 105 -16.86 16.19 65.04
CA ASP M 105 -16.04 15.45 65.99
C ASP M 105 -16.88 15.04 67.19
N SER M 106 -16.39 14.04 67.92
CA SER M 106 -17.10 13.46 69.04
C SER M 106 -16.75 14.19 70.32
N GLU M 107 -17.78 14.46 71.15
CA GLU M 107 -17.73 15.02 72.51
C GLU M 107 -17.31 16.49 72.56
N ASP M 108 -16.92 17.05 71.42
CA ASP M 108 -16.52 18.40 71.23
C ASP M 108 -16.98 18.61 69.79
N PRO M 109 -17.73 19.69 69.50
CA PRO M 109 -18.27 19.88 68.14
C PRO M 109 -17.22 20.00 67.04
N LYS M 110 -16.40 21.04 67.06
CA LYS M 110 -15.28 21.26 66.14
C LYS M 110 -15.68 21.07 64.68
N TYR M 111 -16.66 21.85 64.24
CA TYR M 111 -17.28 21.62 62.96
C TYR M 111 -16.46 22.26 61.84
N ILE M 112 -16.05 21.48 60.87
CA ILE M 112 -15.32 21.99 59.70
C ILE M 112 -16.33 22.32 58.61
N ILE M 113 -16.32 23.57 58.17
CA ILE M 113 -17.35 24.11 57.30
C ILE M 113 -16.70 24.97 56.22
N ASN M 114 -17.08 24.72 54.97
CA ASN M 114 -16.61 25.53 53.85
C ASN M 114 -17.72 26.43 53.31
N VAL M 115 -17.30 27.43 52.56
CA VAL M 115 -18.20 28.36 51.88
C VAL M 115 -18.16 28.00 50.40
N LYS M 116 -17.01 27.44 49.97
CA LYS M 116 -16.59 26.98 48.63
C LYS M 116 -16.26 28.17 47.73
N GLN M 117 -16.61 29.38 48.15
CA GLN M 117 -16.16 30.58 47.50
C GLN M 117 -15.10 31.31 48.29
N PHE M 118 -15.16 31.25 49.62
CA PHE M 118 -14.16 31.91 50.45
C PHE M 118 -13.05 30.96 50.89
N ALA M 119 -13.41 29.97 51.71
CA ALA M 119 -12.43 29.19 52.47
C ALA M 119 -13.16 28.06 53.17
N LYS M 120 -12.43 27.32 54.00
CA LYS M 120 -12.99 26.35 54.92
C LYS M 120 -12.74 26.84 56.34
N PHE M 121 -13.75 26.74 57.19
CA PHE M 121 -13.70 27.32 58.54
C PHE M 121 -13.96 26.24 59.57
N VAL M 122 -13.31 26.35 60.72
CA VAL M 122 -13.53 25.45 61.83
C VAL M 122 -14.21 26.28 62.92
N VAL M 123 -15.52 26.10 63.06
CA VAL M 123 -16.35 26.96 63.89
C VAL M 123 -17.18 26.11 64.84
N ASP M 124 -18.03 26.78 65.61
CA ASP M 124 -18.91 26.13 66.57
C ASP M 124 -20.31 26.71 66.47
N LEU M 125 -21.29 25.89 66.86
CA LEU M 125 -22.65 26.34 67.02
C LEU M 125 -22.77 27.34 68.17
N SER M 126 -23.70 28.27 68.02
CA SER M 126 -24.01 29.21 69.08
C SER M 126 -24.89 28.53 70.13
N ASP M 127 -25.20 29.26 71.19
CA ASP M 127 -25.87 28.69 72.35
C ASP M 127 -27.39 28.76 72.26
N GLN M 128 -27.94 28.72 71.05
CA GLN M 128 -29.38 28.75 70.85
C GLN M 128 -29.95 27.42 70.39
N VAL M 129 -29.15 26.58 69.74
CA VAL M 129 -29.63 25.29 69.25
C VAL M 129 -28.90 24.18 69.97
N ALA M 130 -29.28 22.93 69.69
CA ALA M 130 -28.68 21.78 70.33
C ALA M 130 -27.83 21.00 69.34
N PRO M 131 -26.72 20.40 69.79
CA PRO M 131 -25.89 19.57 68.87
C PRO M 131 -26.47 18.18 68.66
N THR M 132 -27.70 18.12 68.18
CA THR M 132 -28.39 16.85 67.92
C THR M 132 -28.77 16.71 66.46
N ASP M 133 -29.29 17.77 65.84
CA ASP M 133 -29.70 17.72 64.45
C ASP M 133 -28.58 18.01 63.48
N ILE M 134 -27.47 18.58 63.94
CA ILE M 134 -26.38 19.00 63.07
C ILE M 134 -25.60 17.76 62.64
N GLU M 135 -25.69 17.43 61.36
CA GLU M 135 -24.98 16.30 60.78
C GLU M 135 -24.11 16.78 59.63
N GLU M 136 -23.50 15.83 58.93
CA GLU M 136 -22.69 16.15 57.77
C GLU M 136 -23.59 16.49 56.59
N GLY M 137 -23.23 17.55 55.87
CA GLY M 137 -24.00 17.94 54.70
C GLY M 137 -25.31 18.60 55.06
N MET M 138 -25.25 19.74 55.73
CA MET M 138 -26.45 20.43 56.16
C MET M 138 -26.16 21.92 56.19
N ARG M 139 -27.12 22.71 55.71
CA ARG M 139 -26.96 24.15 55.72
C ARG M 139 -27.15 24.70 57.12
N VAL M 140 -26.38 25.73 57.46
CA VAL M 140 -26.44 26.35 58.78
C VAL M 140 -26.51 27.87 58.62
N GLY M 141 -26.85 28.54 59.73
CA GLY M 141 -26.86 29.99 59.77
C GLY M 141 -25.58 30.55 60.35
N VAL M 142 -24.67 30.96 59.47
CA VAL M 142 -23.33 31.38 59.87
C VAL M 142 -23.36 32.86 60.21
N ASP M 143 -22.82 33.21 61.38
CA ASP M 143 -22.64 34.59 61.78
C ASP M 143 -21.73 35.32 60.81
N ARG M 144 -22.00 36.60 60.58
CA ARG M 144 -21.21 37.38 59.64
C ARG M 144 -19.82 37.71 60.16
N ASN M 145 -19.62 37.74 61.47
CA ASN M 145 -18.34 38.10 62.05
C ASN M 145 -17.72 36.95 62.85
N LYS M 146 -18.44 36.43 63.83
CA LYS M 146 -17.92 35.34 64.65
C LYS M 146 -18.05 33.98 63.99
N TYR M 147 -18.74 33.91 62.84
CA TYR M 147 -18.86 32.72 62.00
C TYR M 147 -19.52 31.54 62.71
N GLN M 148 -20.31 31.82 63.75
CA GLN M 148 -20.93 30.76 64.52
C GLN M 148 -22.22 30.31 63.85
N ILE M 149 -22.52 29.02 64.01
CA ILE M 149 -23.80 28.48 63.57
C ILE M 149 -24.88 29.01 64.51
N HIS M 150 -25.82 29.77 63.97
CA HIS M 150 -26.93 30.25 64.78
C HIS M 150 -28.14 29.33 64.63
N ILE M 151 -28.63 29.15 63.42
CA ILE M 151 -29.80 28.32 63.15
C ILE M 151 -29.49 27.38 61.98
N PRO M 152 -29.67 26.07 62.14
CA PRO M 152 -29.40 25.16 61.03
C PRO M 152 -30.48 25.22 59.97
N LEU M 153 -30.07 25.12 58.72
CA LEU M 153 -31.13 25.16 57.72
C LEU M 153 -31.30 23.80 57.08
N PRO M 154 -32.54 23.32 57.00
CA PRO M 154 -32.81 22.11 56.23
C PRO M 154 -32.77 22.41 54.75
N PRO M 155 -32.20 21.52 53.94
CA PRO M 155 -32.20 21.74 52.49
C PRO M 155 -33.56 21.56 51.83
N LYS M 156 -34.51 22.43 52.19
CA LYS M 156 -35.83 22.56 51.56
C LYS M 156 -36.62 21.26 51.63
N ILE M 157 -36.94 20.88 52.86
CA ILE M 157 -37.78 19.74 53.16
C ILE M 157 -39.22 20.23 53.33
N ASP M 158 -40.21 19.42 52.95
CA ASP M 158 -40.05 18.12 52.27
C ASP M 158 -41.10 17.92 51.16
N PRO M 159 -40.96 18.64 50.02
CA PRO M 159 -41.98 18.52 48.97
C PRO M 159 -41.74 17.36 48.01
N THR M 160 -41.41 16.17 48.55
CA THR M 160 -41.18 15.00 47.72
C THR M 160 -41.65 13.71 48.42
N VAL M 161 -42.62 13.83 49.33
CA VAL M 161 -43.18 12.70 50.05
C VAL M 161 -44.69 12.62 49.85
N THR M 162 -45.37 13.76 49.95
CA THR M 162 -46.82 13.80 49.77
C THR M 162 -47.21 13.44 48.34
N MET M 163 -46.37 13.81 47.36
CA MET M 163 -46.60 13.42 45.99
C MET M 163 -46.35 11.93 45.75
N MET M 164 -45.51 11.30 46.57
CA MET M 164 -45.20 9.89 46.38
C MET M 164 -46.29 9.00 46.96
N GLN M 165 -46.52 9.09 48.27
CA GLN M 165 -47.53 8.27 48.93
C GLN M 165 -48.88 8.92 48.69
N VAL M 166 -49.48 8.60 47.54
CA VAL M 166 -50.77 9.18 47.21
C VAL M 166 -51.92 8.37 47.79
N GLU M 167 -51.72 7.06 48.03
CA GLU M 167 -52.70 6.14 48.60
C GLU M 167 -53.99 6.13 47.79
N GLU M 168 -53.85 6.20 46.47
CA GLU M 168 -54.96 6.41 45.55
C GLU M 168 -55.27 5.10 44.83
N LYS M 169 -56.56 4.84 44.61
CA LYS M 169 -57.01 3.66 43.89
C LYS M 169 -56.56 3.74 42.43
N PRO M 170 -55.86 2.73 41.91
CA PRO M 170 -55.49 2.72 40.49
C PRO M 170 -56.55 2.07 39.62
N ASP M 171 -56.65 2.57 38.38
CA ASP M 171 -57.62 2.06 37.42
C ASP M 171 -56.99 0.99 36.52
N VAL M 172 -56.51 -0.06 37.17
CA VAL M 172 -55.92 -1.21 36.49
C VAL M 172 -56.67 -2.46 36.92
N THR M 173 -57.31 -3.12 35.96
CA THR M 173 -57.98 -4.38 36.21
C THR M 173 -56.92 -5.44 36.55
N TYR M 174 -57.29 -6.37 37.44
CA TYR M 174 -56.40 -7.49 37.74
C TYR M 174 -56.22 -8.41 36.52
N SER M 175 -57.18 -8.41 35.60
CA SER M 175 -57.08 -9.16 34.36
C SER M 175 -56.22 -8.48 33.31
N ASP M 176 -55.60 -7.34 33.62
CA ASP M 176 -54.73 -6.66 32.67
C ASP M 176 -53.33 -7.24 32.64
N VAL M 177 -53.05 -8.27 33.41
CA VAL M 177 -51.78 -9.01 33.34
C VAL M 177 -52.16 -10.46 33.14
N GLY M 178 -52.07 -10.93 31.90
CA GLY M 178 -52.46 -12.29 31.57
C GLY M 178 -51.43 -12.96 30.69
N GLY M 179 -51.21 -14.24 30.93
CA GLY M 179 -50.26 -15.01 30.17
C GLY M 179 -49.03 -15.34 30.99
N CYS M 180 -48.47 -14.35 31.67
CA CYS M 180 -47.34 -14.54 32.55
C CYS M 180 -47.86 -14.74 33.98
N LYS M 181 -48.61 -15.82 34.16
CA LYS M 181 -49.24 -16.12 35.44
C LYS M 181 -48.27 -16.69 36.46
N GLU M 182 -47.13 -17.22 36.01
CA GLU M 182 -46.17 -17.82 36.94
C GLU M 182 -45.50 -16.77 37.81
N GLN M 183 -45.34 -15.56 37.27
CA GLN M 183 -44.70 -14.48 38.01
C GLN M 183 -45.67 -13.77 38.93
N ILE M 184 -46.98 -13.90 38.69
CA ILE M 184 -47.97 -13.29 39.57
C ILE M 184 -48.02 -14.02 40.89
N GLU M 185 -47.97 -15.36 40.86
CA GLU M 185 -47.98 -16.13 42.09
C GLU M 185 -46.67 -15.98 42.87
N LYS M 186 -45.55 -15.80 42.16
CA LYS M 186 -44.29 -15.52 42.84
C LYS M 186 -44.32 -14.16 43.51
N LEU M 187 -44.98 -13.18 42.88
CA LEU M 187 -45.21 -11.91 43.55
C LEU M 187 -46.31 -12.02 44.61
N ARG M 188 -47.18 -13.01 44.48
CA ARG M 188 -48.24 -13.18 45.48
C ARG M 188 -47.68 -13.73 46.78
N GLU M 189 -46.67 -14.59 46.70
CA GLU M 189 -46.12 -15.19 47.90
C GLU M 189 -45.23 -14.19 48.65
N VAL M 190 -44.52 -13.34 47.92
CA VAL M 190 -43.58 -12.44 48.58
C VAL M 190 -44.32 -11.27 49.22
N VAL M 191 -45.35 -10.74 48.56
CA VAL M 191 -46.01 -9.55 49.07
C VAL M 191 -47.15 -9.93 50.01
N GLU M 192 -48.12 -10.69 49.48
CA GLU M 192 -49.39 -10.86 50.18
C GLU M 192 -49.27 -11.80 51.36
N THR M 193 -48.53 -12.90 51.22
CA THR M 193 -48.54 -13.91 52.28
C THR M 193 -47.85 -13.51 53.60
N PRO M 194 -46.66 -12.90 53.68
CA PRO M 194 -46.14 -12.58 55.02
C PRO M 194 -46.79 -11.36 55.67
N LEU M 195 -47.73 -10.70 54.99
CA LEU M 195 -48.50 -9.62 55.59
C LEU M 195 -49.84 -10.07 56.15
N LEU M 196 -50.41 -11.15 55.60
CA LEU M 196 -51.71 -11.63 56.03
C LEU M 196 -51.71 -13.05 56.58
N HIS M 197 -50.77 -13.90 56.15
CA HIS M 197 -50.58 -15.23 56.74
C HIS M 197 -49.10 -15.45 57.00
N PRO M 198 -48.53 -14.83 58.03
CA PRO M 198 -47.10 -14.99 58.30
C PRO M 198 -46.76 -16.20 59.16
N GLU M 199 -47.75 -17.01 59.52
CA GLU M 199 -47.54 -18.07 60.50
C GLU M 199 -46.76 -19.23 59.91
N ARG M 200 -46.94 -19.48 58.60
CA ARG M 200 -46.26 -20.60 57.95
C ARG M 200 -44.76 -20.40 57.89
N PHE M 201 -44.31 -19.15 57.80
CA PHE M 201 -42.88 -18.85 57.93
C PHE M 201 -42.39 -19.06 59.35
N VAL M 202 -43.26 -18.82 60.33
CA VAL M 202 -42.91 -19.05 61.74
C VAL M 202 -42.86 -20.53 62.06
N ASN M 203 -43.83 -21.31 61.55
CA ASN M 203 -43.95 -22.71 61.91
C ASN M 203 -42.83 -23.60 61.37
N LEU M 204 -41.98 -23.11 60.47
CA LEU M 204 -40.99 -23.99 59.86
C LEU M 204 -39.57 -23.61 60.26
N GLY M 205 -39.17 -22.36 60.03
CA GLY M 205 -37.83 -21.93 60.33
C GLY M 205 -37.02 -21.33 59.20
N ILE M 206 -37.70 -20.76 58.20
CA ILE M 206 -37.06 -19.94 57.20
C ILE M 206 -37.47 -18.50 57.48
N GLU M 207 -36.51 -17.58 57.35
CA GLU M 207 -36.71 -16.14 57.50
C GLU M 207 -37.77 -15.64 56.50
N PRO M 208 -38.57 -14.66 56.90
CA PRO M 208 -39.53 -14.05 55.96
C PRO M 208 -38.78 -13.27 54.89
N PRO M 209 -39.11 -13.50 53.62
CA PRO M 209 -38.37 -12.84 52.55
C PRO M 209 -38.70 -11.36 52.47
N LYS M 210 -37.66 -10.54 52.35
CA LYS M 210 -37.84 -9.11 52.16
C LYS M 210 -36.84 -8.64 51.09
N GLY M 211 -37.35 -7.94 50.09
CA GLY M 211 -36.50 -7.41 49.05
C GLY M 211 -36.38 -8.39 47.90
N VAL M 212 -36.97 -8.07 46.76
CA VAL M 212 -36.89 -8.88 45.55
C VAL M 212 -36.56 -7.95 44.39
N LEU M 213 -35.45 -8.21 43.72
CA LEU M 213 -35.06 -7.43 42.55
C LEU M 213 -35.81 -7.94 41.33
N LEU M 214 -36.23 -7.02 40.48
CA LEU M 214 -36.91 -7.33 39.23
C LEU M 214 -36.00 -6.89 38.08
N PHE M 215 -35.94 -7.69 37.03
CA PHE M 215 -35.00 -7.42 35.95
C PHE M 215 -35.47 -8.15 34.70
N GLY M 216 -35.25 -7.54 33.55
CA GLY M 216 -35.63 -8.13 32.30
C GLY M 216 -35.71 -7.12 31.17
N PRO M 217 -36.37 -7.51 30.08
CA PRO M 217 -36.49 -6.60 28.95
C PRO M 217 -37.45 -5.46 29.27
N PRO M 218 -37.26 -4.29 28.67
CA PRO M 218 -38.15 -3.16 28.96
C PRO M 218 -39.46 -3.30 28.22
N GLY M 219 -40.50 -2.69 28.79
CA GLY M 219 -41.83 -2.81 28.23
C GLY M 219 -42.48 -4.15 28.46
N THR M 220 -41.91 -4.98 29.33
CA THR M 220 -42.46 -6.31 29.57
C THR M 220 -43.72 -6.24 30.42
N GLY M 221 -43.84 -5.22 31.25
CA GLY M 221 -44.94 -5.13 32.19
C GLY M 221 -44.44 -5.07 33.60
N LYS M 222 -43.25 -4.46 33.79
CA LYS M 222 -42.68 -4.29 35.11
C LYS M 222 -43.58 -3.45 36.00
N THR M 223 -44.18 -2.40 35.44
CA THR M 223 -45.03 -1.53 36.24
C THR M 223 -46.37 -2.20 36.53
N LEU M 224 -46.91 -2.93 35.56
CA LEU M 224 -48.22 -3.57 35.74
C LEU M 224 -48.16 -4.66 36.79
N CYS M 225 -47.06 -5.41 36.84
CA CYS M 225 -46.89 -6.38 37.91
C CYS M 225 -46.66 -5.68 39.24
N ALA M 226 -45.99 -4.53 39.21
CA ALA M 226 -45.89 -3.69 40.40
C ALA M 226 -47.19 -2.98 40.69
N ARG M 227 -48.10 -2.88 39.72
CA ARG M 227 -49.43 -2.36 39.94
C ARG M 227 -50.40 -3.42 40.40
N ALA M 228 -50.19 -4.68 39.99
CA ALA M 228 -51.10 -5.76 40.37
C ALA M 228 -51.04 -6.06 41.86
N VAL M 229 -49.94 -5.72 42.52
CA VAL M 229 -49.89 -5.82 43.97
C VAL M 229 -50.37 -4.54 44.64
N ALA M 230 -50.46 -3.43 43.89
CA ALA M 230 -50.84 -2.15 44.48
C ALA M 230 -52.33 -2.09 44.79
N ASN M 231 -53.16 -2.43 43.80
CA ASN M 231 -54.60 -2.50 43.98
C ASN M 231 -55.06 -3.69 44.80
N ARG M 232 -54.17 -4.62 45.11
CA ARG M 232 -54.55 -5.81 45.86
C ARG M 232 -54.82 -5.48 47.32
N THR M 233 -53.97 -4.68 47.96
CA THR M 233 -54.12 -4.38 49.37
C THR M 233 -54.58 -2.97 49.67
N ASP M 234 -54.32 -2.00 48.76
CA ASP M 234 -54.78 -0.61 48.85
C ASP M 234 -54.33 0.09 50.14
N ALA M 235 -53.05 -0.07 50.47
CA ALA M 235 -52.52 0.50 51.71
C ALA M 235 -51.08 0.93 51.50
N CYS M 236 -50.86 2.25 51.45
CA CYS M 236 -49.54 2.89 51.48
C CYS M 236 -48.66 2.42 50.32
N PHE M 237 -49.09 2.74 49.11
CA PHE M 237 -48.29 2.43 47.93
C PHE M 237 -47.41 3.62 47.59
N ILE M 238 -46.10 3.39 47.56
CA ILE M 238 -45.13 4.44 47.31
C ILE M 238 -44.29 4.03 46.11
N ARG M 239 -44.33 4.84 45.06
CA ARG M 239 -43.52 4.63 43.86
C ARG M 239 -42.40 5.66 43.89
N VAL M 240 -41.18 5.19 43.96
CA VAL M 240 -40.02 6.08 43.91
C VAL M 240 -39.47 6.12 42.49
N ILE M 241 -39.40 7.31 41.93
CA ILE M 241 -38.81 7.53 40.63
C ILE M 241 -37.29 7.60 40.79
N GLY M 242 -36.57 6.81 40.01
CA GLY M 242 -35.12 6.72 40.18
C GLY M 242 -34.38 7.97 39.76
N SER M 243 -34.90 8.69 38.79
CA SER M 243 -34.31 9.95 38.36
C SER M 243 -34.65 11.11 39.28
N GLU M 244 -35.62 10.92 40.19
CA GLU M 244 -36.01 12.00 41.08
C GLU M 244 -34.95 12.24 42.15
N LEU M 245 -34.32 11.18 42.63
CA LEU M 245 -33.29 11.33 43.66
C LEU M 245 -32.00 11.92 43.12
N VAL M 246 -31.84 11.98 41.80
CA VAL M 246 -30.71 12.65 41.18
C VAL M 246 -30.93 14.14 41.35
N GLN M 247 -30.24 14.74 42.31
CA GLN M 247 -30.39 16.14 42.64
C GLN M 247 -29.09 16.89 42.32
N LYS M 248 -29.14 18.21 42.50
CA LYS M 248 -27.96 19.06 42.28
C LYS M 248 -27.10 19.17 43.53
N TYR M 249 -27.73 19.32 44.70
CA TYR M 249 -26.99 19.55 45.93
C TYR M 249 -26.31 18.27 46.40
N VAL M 250 -25.11 18.42 46.94
CA VAL M 250 -24.36 17.29 47.47
C VAL M 250 -24.99 16.86 48.80
N GLY M 251 -25.34 15.59 48.90
CA GLY M 251 -25.98 15.07 50.08
C GLY M 251 -27.44 15.49 50.20
N GLU M 252 -28.11 15.61 49.06
CA GLU M 252 -29.51 16.05 49.02
C GLU M 252 -30.48 14.88 49.11
N GLY M 253 -30.25 13.83 48.31
CA GLY M 253 -31.16 12.70 48.32
C GLY M 253 -30.97 11.75 49.48
N ALA M 254 -29.78 11.75 50.10
CA ALA M 254 -29.49 10.81 51.19
C ALA M 254 -30.28 11.15 52.45
N ARG M 255 -30.61 12.43 52.65
CA ARG M 255 -31.49 12.78 53.75
C ARG M 255 -32.91 12.29 53.50
N MET M 256 -33.35 12.29 52.23
CA MET M 256 -34.72 11.89 51.90
C MET M 256 -34.94 10.41 52.15
N VAL M 257 -33.92 9.58 51.87
CA VAL M 257 -34.02 8.14 52.08
C VAL M 257 -34.09 7.83 53.58
N ARG M 258 -33.49 8.67 54.41
CA ARG M 258 -33.78 8.63 55.84
C ARG M 258 -35.22 9.02 56.10
N GLU M 259 -35.69 10.10 55.45
CA GLU M 259 -37.02 10.61 55.75
C GLU M 259 -38.11 9.71 55.19
N LEU M 260 -37.91 9.14 54.00
CA LEU M 260 -38.90 8.23 53.44
C LEU M 260 -38.97 6.91 54.20
N PHE M 261 -37.88 6.47 54.82
CA PHE M 261 -37.95 5.23 55.58
C PHE M 261 -38.63 5.43 56.94
N GLU M 262 -38.33 6.54 57.62
CA GLU M 262 -38.86 6.73 58.97
C GLU M 262 -40.35 7.04 58.96
N MET M 263 -40.85 7.64 57.88
CA MET M 263 -42.26 7.96 57.80
C MET M 263 -43.10 6.83 57.21
N ALA M 264 -42.46 5.85 56.58
CA ALA M 264 -43.19 4.66 56.16
C ALA M 264 -43.38 3.67 57.29
N ARG M 265 -42.61 3.78 58.36
CA ARG M 265 -42.71 2.89 59.50
C ARG M 265 -43.72 3.35 60.53
N THR M 266 -44.25 4.57 60.39
CA THR M 266 -45.27 5.06 61.30
C THR M 266 -46.61 4.33 61.09
N LYS M 267 -46.84 3.83 59.88
CA LYS M 267 -48.02 3.05 59.56
C LYS M 267 -47.60 1.66 59.08
N LYS M 268 -48.48 0.69 59.32
CA LYS M 268 -48.22 -0.69 58.94
C LYS M 268 -48.75 -0.98 57.54
N ALA M 269 -48.31 -2.12 57.01
CA ALA M 269 -48.73 -2.67 55.70
C ALA M 269 -48.49 -1.67 54.57
N CYS M 270 -47.23 -1.30 54.40
CA CYS M 270 -46.85 -0.29 53.43
C CYS M 270 -45.90 -0.90 52.39
N LEU M 271 -46.11 -0.51 51.14
CA LEU M 271 -45.39 -1.10 50.01
C LEU M 271 -44.69 0.01 49.25
N ILE M 272 -43.37 -0.09 49.17
CA ILE M 272 -42.53 0.91 48.52
C ILE M 272 -41.86 0.25 47.33
N PHE M 273 -42.00 0.85 46.16
CA PHE M 273 -41.42 0.32 44.94
C PHE M 273 -40.35 1.27 44.41
N PHE M 274 -39.24 0.70 43.97
CA PHE M 274 -38.14 1.46 43.40
C PHE M 274 -38.11 1.19 41.90
N ASP M 275 -38.22 2.26 41.12
CA ASP M 275 -38.31 2.15 39.67
C ASP M 275 -37.17 2.92 39.03
N GLU M 276 -36.59 2.32 37.99
CA GLU M 276 -35.42 2.83 37.27
C GLU M 276 -34.25 3.09 38.21
N ILE M 277 -33.74 1.98 38.75
CA ILE M 277 -32.65 2.00 39.70
C ILE M 277 -31.30 2.04 38.97
N ASP M 278 -31.33 2.26 37.65
CA ASP M 278 -30.14 2.53 36.88
C ASP M 278 -29.52 3.89 37.22
N ALA M 279 -30.26 4.77 37.87
CA ALA M 279 -29.75 6.07 38.29
C ALA M 279 -29.02 6.02 39.63
N ILE M 280 -29.70 5.57 40.69
CA ILE M 280 -29.13 5.61 42.03
C ILE M 280 -28.99 4.23 42.67
N GLY M 281 -29.63 3.20 42.15
CA GLY M 281 -29.63 1.91 42.80
C GLY M 281 -28.42 1.05 42.50
N GLY M 282 -27.24 1.58 42.80
CA GLY M 282 -26.00 0.84 42.64
C GLY M 282 -25.62 0.50 41.22
N ALA M 283 -25.45 1.51 40.37
CA ALA M 283 -25.22 1.25 38.95
C ALA M 283 -23.75 0.99 38.64
N ARG M 284 -22.89 1.99 38.87
CA ARG M 284 -21.51 1.97 38.42
C ARG M 284 -20.58 2.44 39.55
N PHE M 285 -20.79 1.86 40.73
CA PHE M 285 -20.96 2.56 42.02
C PHE M 285 -20.29 3.92 42.09
N ASP M 286 -18.99 3.98 41.83
CA ASP M 286 -18.29 5.27 41.66
C ASP M 286 -17.14 5.01 40.67
N ASP M 287 -17.41 5.20 39.38
CA ASP M 287 -16.41 5.09 38.33
C ASP M 287 -16.45 6.22 37.34
N GLY M 288 -17.52 7.03 37.31
CA GLY M 288 -17.63 8.12 36.36
C GLY M 288 -17.70 9.47 37.03
N ALA M 289 -18.20 9.50 38.26
CA ALA M 289 -18.31 10.73 39.03
C ALA M 289 -17.06 10.89 39.88
N GLY M 290 -16.15 11.75 39.45
CA GLY M 290 -14.91 11.98 40.17
C GLY M 290 -14.88 13.33 40.86
N GLY M 291 -15.94 14.12 40.65
CA GLY M 291 -16.06 15.41 41.31
C GLY M 291 -17.37 15.59 42.05
N ASP M 292 -18.40 14.85 41.65
CA ASP M 292 -19.74 15.08 42.18
C ASP M 292 -19.99 14.31 43.47
N ASN M 293 -19.93 12.97 43.38
CA ASN M 293 -20.08 12.04 44.52
C ASN M 293 -21.42 12.24 45.24
N GLU M 294 -22.49 11.93 44.53
CA GLU M 294 -23.83 11.90 45.11
C GLU M 294 -24.52 10.56 44.94
N VAL M 295 -24.27 9.87 43.82
CA VAL M 295 -24.79 8.52 43.61
C VAL M 295 -24.22 7.56 44.65
N GLN M 296 -22.93 7.73 44.98
CA GLN M 296 -22.30 6.88 45.98
C GLN M 296 -22.82 7.19 47.38
N ARG M 297 -23.01 8.48 47.70
CA ARG M 297 -23.42 8.87 49.04
C ARG M 297 -24.86 8.49 49.34
N THR M 298 -25.71 8.42 48.31
CA THR M 298 -27.05 7.94 48.52
C THR M 298 -27.07 6.42 48.63
N MET M 299 -26.26 5.75 47.79
CA MET M 299 -26.27 4.28 47.75
C MET M 299 -25.66 3.69 49.03
N LEU M 300 -24.61 4.31 49.55
CA LEU M 300 -24.05 3.85 50.82
C LEU M 300 -24.99 4.12 51.98
N GLU M 301 -25.82 5.14 51.86
CA GLU M 301 -26.74 5.45 52.95
C GLU M 301 -27.94 4.51 52.95
N LEU M 302 -28.40 4.10 51.78
CA LEU M 302 -29.61 3.27 51.74
C LEU M 302 -29.31 1.82 52.11
N ILE M 303 -28.13 1.30 51.78
CA ILE M 303 -27.79 -0.05 52.17
C ILE M 303 -27.45 -0.12 53.66
N ASN M 304 -27.14 1.01 54.27
CA ASN M 304 -26.89 1.05 55.70
C ASN M 304 -28.20 1.10 56.48
N GLN M 305 -29.19 1.85 55.98
CA GLN M 305 -30.45 2.00 56.68
C GLN M 305 -31.40 0.84 56.40
N LEU M 306 -31.16 0.09 55.32
CA LEU M 306 -31.99 -1.07 55.04
C LEU M 306 -31.80 -2.17 56.08
N ASP M 307 -30.55 -2.50 56.37
CA ASP M 307 -30.24 -3.46 57.43
C ASP M 307 -29.97 -2.73 58.73
N GLY M 308 -29.60 -3.50 59.74
CA GLY M 308 -29.46 -3.01 61.10
C GLY M 308 -30.73 -3.11 61.91
N PHE M 309 -31.88 -3.13 61.26
CA PHE M 309 -33.17 -3.24 61.93
C PHE M 309 -34.18 -3.79 60.92
N ASP M 310 -35.47 -3.67 61.26
CA ASP M 310 -36.63 -4.23 60.57
C ASP M 310 -36.55 -5.74 60.37
N PRO M 311 -36.76 -6.56 61.40
CA PRO M 311 -37.03 -7.98 61.15
C PRO M 311 -38.53 -8.22 61.05
N ARG M 312 -38.86 -9.44 60.61
CA ARG M 312 -40.18 -10.06 60.60
C ARG M 312 -41.21 -9.38 59.71
N GLY M 313 -40.85 -8.31 58.99
CA GLY M 313 -41.72 -7.73 57.98
C GLY M 313 -42.64 -6.64 58.49
N ASN M 314 -42.41 -5.42 58.05
CA ASN M 314 -43.34 -4.33 58.33
C ASN M 314 -43.64 -3.56 57.04
N ILE M 315 -42.61 -3.35 56.23
CA ILE M 315 -42.71 -2.64 54.96
C ILE M 315 -41.89 -3.39 53.93
N LYS M 316 -42.53 -3.80 52.83
CA LYS M 316 -41.83 -4.53 51.78
C LYS M 316 -41.31 -3.57 50.72
N VAL M 317 -40.09 -3.82 50.27
CA VAL M 317 -39.37 -2.96 49.34
C VAL M 317 -39.04 -3.75 48.09
N LEU M 318 -39.37 -3.20 46.93
CA LEU M 318 -39.09 -3.83 45.66
C LEU M 318 -38.32 -2.89 44.76
N MET M 319 -37.42 -3.47 43.96
CA MET M 319 -36.66 -2.74 42.97
C MET M 319 -36.91 -3.34 41.60
N ALA M 320 -36.65 -2.54 40.57
CA ALA M 320 -36.70 -3.03 39.20
C ALA M 320 -35.68 -2.28 38.37
N THR M 321 -34.93 -3.02 37.56
CA THR M 321 -33.96 -2.44 36.64
C THR M 321 -34.28 -2.94 35.24
N ASN M 322 -33.61 -2.33 34.26
CA ASN M 322 -33.60 -2.83 32.90
C ASN M 322 -32.31 -3.53 32.55
N ARG M 323 -31.18 -2.95 32.94
CA ARG M 323 -29.89 -3.57 32.68
C ARG M 323 -29.60 -4.62 33.75
N PRO M 324 -29.35 -5.88 33.37
CA PRO M 324 -28.94 -6.91 34.34
C PRO M 324 -27.43 -6.91 34.60
N ASP M 325 -26.88 -5.72 34.85
CA ASP M 325 -25.45 -5.55 35.06
C ASP M 325 -25.24 -4.87 36.40
N THR M 326 -26.16 -3.99 36.76
CA THR M 326 -26.08 -3.20 37.99
C THR M 326 -26.56 -4.07 39.16
N LEU M 327 -25.74 -5.07 39.48
CA LEU M 327 -26.10 -6.12 40.43
C LEU M 327 -25.00 -6.18 41.48
N ASP M 328 -25.32 -5.76 42.69
CA ASP M 328 -24.38 -5.77 43.80
C ASP M 328 -24.37 -7.14 44.47
N PRO M 329 -23.20 -7.76 44.65
CA PRO M 329 -23.14 -8.94 45.53
C PRO M 329 -23.41 -8.61 46.99
N ALA M 330 -23.15 -7.37 47.42
CA ALA M 330 -23.47 -6.99 48.79
C ALA M 330 -24.97 -6.86 49.01
N LEU M 331 -25.72 -6.48 47.97
CA LEU M 331 -27.17 -6.56 48.04
C LEU M 331 -27.64 -8.00 48.00
N MET M 332 -26.87 -8.90 47.39
CA MET M 332 -27.21 -10.32 47.38
C MET M 332 -26.74 -11.06 48.62
N ARG M 333 -26.22 -10.34 49.61
CA ARG M 333 -26.12 -10.91 50.95
C ARG M 333 -27.53 -11.11 51.49
N PRO M 334 -27.80 -12.28 52.11
CA PRO M 334 -29.15 -12.53 52.66
C PRO M 334 -29.54 -11.57 53.77
N GLY M 335 -30.64 -10.85 53.53
CA GLY M 335 -31.08 -9.80 54.40
C GLY M 335 -31.55 -8.61 53.61
N ARG M 336 -31.05 -8.47 52.38
CA ARG M 336 -31.42 -7.37 51.49
C ARG M 336 -32.21 -7.86 50.28
N LEU M 337 -31.63 -8.75 49.48
CA LEU M 337 -32.25 -9.25 48.26
C LEU M 337 -32.04 -10.76 48.19
N ASP M 338 -33.14 -11.49 48.23
CA ASP M 338 -33.09 -12.95 48.34
C ASP M 338 -33.62 -13.65 47.09
N ARG M 339 -34.84 -13.32 46.67
CA ARG M 339 -35.50 -14.06 45.60
C ARG M 339 -35.30 -13.37 44.26
N LYS M 340 -35.01 -14.16 43.24
CA LYS M 340 -34.85 -13.69 41.87
C LYS M 340 -36.19 -13.87 41.13
N ILE M 341 -36.81 -12.75 40.76
CA ILE M 341 -37.99 -12.76 39.90
C ILE M 341 -37.67 -11.91 38.67
N GLU M 342 -37.61 -12.56 37.52
CA GLU M 342 -37.40 -11.89 36.26
C GLU M 342 -38.65 -12.01 35.40
N PHE M 343 -38.72 -11.19 34.36
CA PHE M 343 -39.87 -11.15 33.47
C PHE M 343 -39.43 -11.52 32.07
N SER M 344 -40.25 -12.29 31.38
CA SER M 344 -39.94 -12.82 30.05
C SER M 344 -41.04 -12.46 29.06
N LEU M 345 -40.82 -12.84 27.80
CA LEU M 345 -41.71 -12.52 26.69
C LEU M 345 -42.85 -13.52 26.58
N PRO M 346 -44.01 -13.09 26.07
CA PRO M 346 -45.12 -14.03 25.91
C PRO M 346 -44.90 -14.97 24.74
N ASP M 347 -45.37 -16.21 24.90
CA ASP M 347 -45.16 -17.23 23.88
C ASP M 347 -46.10 -17.04 22.69
N LEU M 348 -47.42 -17.18 22.90
CA LEU M 348 -48.40 -16.79 21.91
C LEU M 348 -49.54 -15.99 22.53
N GLU M 349 -49.99 -16.42 23.71
CA GLU M 349 -51.29 -16.02 24.22
C GLU M 349 -51.23 -14.78 25.08
N GLY M 350 -50.09 -14.55 25.74
CA GLY M 350 -49.90 -13.31 26.45
C GLY M 350 -49.82 -12.13 25.50
N ARG M 351 -49.35 -12.34 24.28
CA ARG M 351 -49.40 -11.30 23.28
C ARG M 351 -50.84 -11.03 22.86
N THR M 352 -51.61 -12.09 22.57
CA THR M 352 -53.01 -11.92 22.18
C THR M 352 -53.85 -11.40 23.31
N HIS M 353 -53.41 -11.60 24.55
CA HIS M 353 -54.05 -10.94 25.69
C HIS M 353 -53.87 -9.44 25.61
N ILE M 354 -52.75 -8.96 25.06
CA ILE M 354 -52.52 -7.52 24.95
C ILE M 354 -53.35 -6.95 23.81
N PHE M 355 -53.47 -7.70 22.71
CA PHE M 355 -54.22 -7.23 21.53
C PHE M 355 -55.70 -7.07 21.83
N LYS M 356 -56.27 -7.94 22.67
CA LYS M 356 -57.68 -7.83 22.96
C LYS M 356 -57.98 -6.68 23.91
N ILE M 357 -57.04 -6.34 24.78
CA ILE M 357 -57.27 -5.24 25.71
C ILE M 357 -57.09 -3.90 25.01
N HIS M 358 -56.05 -3.78 24.18
CA HIS M 358 -55.75 -2.52 23.50
C HIS M 358 -56.64 -2.26 22.30
N ALA M 359 -57.69 -3.05 22.10
CA ALA M 359 -58.63 -2.83 21.00
C ALA M 359 -60.06 -2.65 21.45
N ARG M 360 -60.41 -2.97 22.69
CA ARG M 360 -61.76 -2.71 23.16
C ARG M 360 -61.98 -1.23 23.42
N SER M 361 -60.91 -0.49 23.75
CA SER M 361 -61.03 0.93 24.04
C SER M 361 -61.33 1.76 22.80
N MET M 362 -61.01 1.24 21.62
CA MET M 362 -61.30 1.92 20.37
C MET M 362 -62.36 1.13 19.60
N SER M 363 -63.00 1.80 18.66
CA SER M 363 -64.04 1.17 17.85
C SER M 363 -63.37 0.33 16.77
N VAL M 364 -63.47 -0.98 16.90
CA VAL M 364 -62.86 -1.90 15.95
C VAL M 364 -63.95 -2.72 15.27
N GLU M 365 -63.55 -3.59 14.35
CA GLU M 365 -64.46 -4.54 13.75
C GLU M 365 -64.62 -5.74 14.66
N ARG M 366 -65.85 -6.23 14.80
CA ARG M 366 -66.14 -7.40 15.61
C ARG M 366 -65.96 -8.70 14.85
N ASP M 367 -65.41 -8.65 13.64
CA ASP M 367 -65.24 -9.83 12.81
C ASP M 367 -63.78 -10.09 12.47
N ILE M 368 -62.86 -9.56 13.28
CA ILE M 368 -61.44 -9.74 13.05
C ILE M 368 -60.88 -10.67 14.13
N ARG M 369 -59.63 -11.08 13.92
CA ARG M 369 -58.92 -11.93 14.85
C ARG M 369 -57.61 -11.26 15.26
N PHE M 370 -57.09 -11.71 16.40
CA PHE M 370 -55.85 -11.16 16.93
C PHE M 370 -54.73 -12.17 17.03
N GLU M 371 -54.99 -13.44 16.70
CA GLU M 371 -53.94 -14.45 16.69
C GLU M 371 -53.01 -14.25 15.51
N LEU M 372 -53.56 -13.77 14.39
CA LEU M 372 -52.76 -13.51 13.20
C LEU M 372 -51.76 -12.37 13.41
N LEU M 373 -52.12 -11.41 14.25
CA LEU M 373 -51.21 -10.30 14.52
C LEU M 373 -50.04 -10.73 15.39
N ALA M 374 -50.28 -11.60 16.36
CA ALA M 374 -49.19 -12.07 17.22
C ALA M 374 -48.25 -13.00 16.48
N ARG M 375 -48.74 -13.71 15.47
CA ARG M 375 -47.87 -14.50 14.61
C ARG M 375 -46.93 -13.61 13.81
N LEU M 376 -47.38 -12.42 13.43
CA LEU M 376 -46.53 -11.49 12.71
C LEU M 376 -45.56 -10.75 13.62
N CYS M 377 -45.67 -10.93 14.93
CA CYS M 377 -44.77 -10.31 15.91
C CYS M 377 -43.95 -11.39 16.59
N PRO M 378 -42.77 -11.75 16.05
CA PRO M 378 -41.96 -12.79 16.68
C PRO M 378 -41.37 -12.36 18.01
N ASN M 379 -40.73 -11.19 18.01
CA ASN M 379 -40.13 -10.62 19.20
C ASN M 379 -40.69 -9.21 19.35
N SER M 380 -41.56 -9.02 20.34
CA SER M 380 -42.21 -7.75 20.56
C SER M 380 -42.63 -7.63 22.01
N THR M 381 -42.74 -6.39 22.47
CA THR M 381 -43.23 -6.09 23.80
C THR M 381 -44.60 -5.46 23.70
N GLY M 382 -45.26 -5.34 24.86
CA GLY M 382 -46.56 -4.70 24.91
C GLY M 382 -46.53 -3.22 24.61
N ALA M 383 -45.37 -2.58 24.77
CA ALA M 383 -45.21 -1.21 24.31
C ALA M 383 -45.23 -1.13 22.79
N GLU M 384 -44.62 -2.12 22.13
CA GLU M 384 -44.64 -2.16 20.68
C GLU M 384 -46.03 -2.52 20.17
N ILE M 385 -46.72 -3.41 20.87
CA ILE M 385 -48.07 -3.79 20.49
C ILE M 385 -49.03 -2.62 20.66
N ARG M 386 -48.83 -1.82 21.70
CA ARG M 386 -49.58 -0.58 21.88
C ARG M 386 -49.30 0.40 20.77
N SER M 387 -48.06 0.43 20.26
CA SER M 387 -47.71 1.35 19.19
C SER M 387 -48.37 0.97 17.89
N VAL M 388 -48.63 -0.32 17.69
CA VAL M 388 -49.35 -0.77 16.50
C VAL M 388 -50.81 -0.36 16.58
N CYS M 389 -51.41 -0.52 17.77
CA CYS M 389 -52.83 -0.19 17.96
C CYS M 389 -53.08 1.30 17.79
N THR M 390 -52.10 2.13 18.17
CA THR M 390 -52.21 3.55 17.89
C THR M 390 -52.00 3.84 16.41
N GLU M 391 -51.07 3.13 15.78
CA GLU M 391 -50.81 3.36 14.37
C GLU M 391 -51.96 2.88 13.50
N ALA M 392 -52.49 1.69 13.79
CA ALA M 392 -53.58 1.13 12.99
C ALA M 392 -54.87 1.90 13.18
N GLY M 393 -55.03 2.55 14.34
CA GLY M 393 -56.16 3.44 14.52
C GLY M 393 -56.11 4.64 13.60
N MET M 394 -54.91 5.14 13.33
CA MET M 394 -54.78 6.33 12.50
C MET M 394 -55.07 6.06 11.03
N PHE M 395 -54.92 4.82 10.56
CA PHE M 395 -55.24 4.51 9.18
C PHE M 395 -56.74 4.62 8.93
N ALA M 396 -57.55 4.30 9.93
CA ALA M 396 -58.99 4.54 9.83
C ALA M 396 -59.31 6.02 9.88
N ILE M 397 -58.41 6.82 10.45
CA ILE M 397 -58.58 8.27 10.54
C ILE M 397 -58.08 8.96 9.28
N ARG M 398 -57.22 8.31 8.49
CA ARG M 398 -56.82 8.84 7.19
C ARG M 398 -58.01 8.94 6.25
N ALA M 399 -58.69 7.83 6.02
CA ALA M 399 -59.96 7.88 5.32
C ALA M 399 -61.07 8.23 6.32
N ARG M 400 -62.31 8.20 5.85
CA ARG M 400 -63.44 8.50 6.72
C ARG M 400 -64.06 7.23 7.29
N ARG M 401 -63.24 6.40 7.93
CA ARG M 401 -63.69 5.15 8.54
C ARG M 401 -63.88 5.36 10.04
N LYS M 402 -65.04 4.96 10.55
CA LYS M 402 -65.37 5.09 11.96
C LYS M 402 -65.11 3.82 12.75
N ILE M 403 -64.55 2.80 12.12
CA ILE M 403 -64.18 1.55 12.78
C ILE M 403 -62.81 1.12 12.28
N ALA M 404 -62.25 0.11 12.92
CA ALA M 404 -60.92 -0.39 12.58
C ALA M 404 -61.07 -1.70 11.83
N THR M 405 -60.74 -1.68 10.54
CA THR M 405 -60.75 -2.90 9.74
C THR M 405 -59.41 -3.61 9.85
N GLU M 406 -59.33 -4.78 9.22
CA GLU M 406 -58.17 -5.64 9.37
C GLU M 406 -56.94 -5.08 8.66
N LYS M 407 -57.12 -4.48 7.48
CA LYS M 407 -55.99 -4.02 6.69
C LYS M 407 -55.27 -2.84 7.31
N ASP M 408 -55.95 -2.10 8.18
CA ASP M 408 -55.28 -1.05 8.94
C ASP M 408 -54.27 -1.65 9.92
N PHE M 409 -54.62 -2.78 10.53
CA PHE M 409 -53.68 -3.48 11.38
C PHE M 409 -52.54 -4.08 10.57
N LEU M 410 -52.84 -4.60 9.38
CA LEU M 410 -51.84 -5.30 8.59
C LEU M 410 -50.79 -4.34 8.05
N GLU M 411 -51.20 -3.14 7.66
CA GLU M 411 -50.22 -2.15 7.23
C GLU M 411 -49.43 -1.60 8.39
N ALA M 412 -50.03 -1.53 9.58
CA ALA M 412 -49.33 -1.02 10.75
C ALA M 412 -48.24 -1.97 11.20
N VAL M 413 -48.50 -3.29 11.10
CA VAL M 413 -47.49 -4.29 11.44
C VAL M 413 -46.33 -4.20 10.46
N ASN M 414 -46.63 -4.03 9.17
CA ASN M 414 -45.58 -3.87 8.17
C ASN M 414 -44.88 -2.53 8.30
N LYS M 415 -45.55 -1.54 8.88
CA LYS M 415 -44.92 -0.24 9.10
C LYS M 415 -43.99 -0.28 10.31
N VAL M 416 -44.41 -0.91 11.40
CA VAL M 416 -43.61 -0.90 12.62
C VAL M 416 -42.45 -1.88 12.52
N ILE M 417 -42.76 -3.15 12.22
CA ILE M 417 -41.75 -4.19 12.31
C ILE M 417 -40.80 -4.14 11.12
N LYS M 418 -41.34 -4.07 9.91
CA LYS M 418 -40.50 -4.08 8.71
C LYS M 418 -40.04 -2.68 8.32
N SER M 419 -39.53 -1.92 9.30
CA SER M 419 -38.86 -0.67 9.06
C SER M 419 -37.43 -0.66 9.59
N TYR M 420 -37.26 -1.00 10.87
CA TYR M 420 -35.96 -0.95 11.51
C TYR M 420 -35.68 -2.16 12.39
N ALA M 421 -36.68 -2.95 12.72
CA ALA M 421 -36.51 -4.03 13.69
C ALA M 421 -35.75 -5.21 13.09
N LYS M 422 -36.31 -5.81 12.04
CA LYS M 422 -35.68 -6.96 11.41
C LYS M 422 -35.50 -6.71 9.91
N GLU N 94 -46.72 61.65 52.11
CA GLU N 94 -45.94 61.67 53.34
C GLU N 94 -45.46 60.28 53.73
N GLU N 95 -46.42 59.36 53.85
CA GLU N 95 -46.09 57.98 54.21
C GLU N 95 -45.32 57.27 53.10
N ARG N 96 -45.56 57.67 51.84
CA ARG N 96 -44.82 57.09 50.73
C ARG N 96 -43.37 57.56 50.73
N SER N 97 -43.10 58.78 51.20
CA SER N 97 -41.74 59.29 51.23
C SER N 97 -40.93 58.73 52.39
N LYS N 98 -41.60 58.34 53.48
CA LYS N 98 -40.88 57.81 54.64
C LYS N 98 -40.35 56.42 54.37
N VAL N 99 -41.14 55.59 53.68
CA VAL N 99 -40.73 54.21 53.44
C VAL N 99 -39.77 54.15 52.26
N ASP N 100 -39.92 55.05 51.29
CA ASP N 100 -38.92 55.20 50.22
C ASP N 100 -37.60 55.74 50.74
N ASP N 101 -37.57 56.34 51.91
CA ASP N 101 -36.34 56.77 52.55
C ASP N 101 -35.98 55.93 53.76
N LEU N 102 -36.76 54.90 54.08
CA LEU N 102 -36.41 54.02 55.19
C LEU N 102 -35.28 53.08 54.81
N ARG N 103 -35.26 52.62 53.56
CA ARG N 103 -34.19 51.77 53.07
C ARG N 103 -32.97 52.61 52.69
N GLY N 104 -31.86 51.93 52.41
CA GLY N 104 -30.66 52.60 51.99
C GLY N 104 -30.72 53.04 50.54
N THR N 105 -29.93 54.06 50.22
CA THR N 105 -29.97 54.63 48.88
C THR N 105 -29.20 53.79 47.85
N PRO N 106 -27.91 53.37 48.08
CA PRO N 106 -27.29 52.50 47.05
C PRO N 106 -27.85 51.08 47.09
N MET N 107 -29.03 50.91 46.51
CA MET N 107 -29.67 49.60 46.51
C MET N 107 -28.94 48.66 45.55
N SER N 108 -28.65 47.46 46.04
CA SER N 108 -27.92 46.47 45.28
C SER N 108 -28.88 45.49 44.63
N VAL N 109 -28.58 45.13 43.38
CA VAL N 109 -29.42 44.21 42.63
C VAL N 109 -29.14 42.79 43.10
N GLY N 110 -30.13 42.18 43.74
CA GLY N 110 -30.01 40.83 44.24
C GLY N 110 -30.64 39.82 43.30
N THR N 111 -30.66 38.57 43.77
CA THR N 111 -31.25 37.46 43.03
C THR N 111 -31.93 36.52 44.00
N LEU N 112 -33.21 36.29 43.80
CA LEU N 112 -33.92 35.29 44.59
C LEU N 112 -33.45 33.89 44.23
N GLU N 113 -33.37 33.04 45.25
CA GLU N 113 -33.24 31.61 45.02
C GLU N 113 -34.45 30.84 45.52
N GLU N 114 -34.79 30.97 46.80
CA GLU N 114 -35.93 30.26 47.36
C GLU N 114 -36.65 31.16 48.35
N ILE N 115 -37.84 30.72 48.76
CA ILE N 115 -38.74 31.51 49.57
C ILE N 115 -39.25 30.64 50.71
N ILE N 116 -39.10 31.12 51.94
CA ILE N 116 -39.74 30.52 53.10
C ILE N 116 -40.74 31.53 53.63
N ASP N 117 -41.94 31.06 53.98
CA ASP N 117 -43.03 31.97 54.31
C ASP N 117 -43.01 32.42 55.77
N ASP N 118 -41.87 32.90 56.24
CA ASP N 118 -41.73 33.26 57.65
C ASP N 118 -40.93 34.54 57.81
N ASN N 119 -41.24 35.55 56.98
CA ASN N 119 -40.69 36.90 57.00
C ASN N 119 -39.17 36.93 56.79
N HIS N 120 -38.63 35.90 56.15
CA HIS N 120 -37.24 35.88 55.71
C HIS N 120 -37.15 34.89 54.55
N ALA N 121 -36.02 34.93 53.85
CA ALA N 121 -35.81 34.04 52.71
C ALA N 121 -34.32 33.91 52.47
N ILE N 122 -33.96 33.07 51.52
CA ILE N 122 -32.57 32.96 51.06
C ILE N 122 -32.47 33.65 49.71
N VAL N 123 -31.39 34.41 49.53
CA VAL N 123 -31.13 35.13 48.28
C VAL N 123 -29.73 34.76 47.81
N SER N 124 -29.31 35.40 46.73
CA SER N 124 -28.00 35.15 46.16
C SER N 124 -27.46 36.47 45.61
N THR N 125 -26.22 36.78 45.94
CA THR N 125 -25.57 37.95 45.40
C THR N 125 -25.09 37.69 43.98
N SER N 126 -24.54 38.72 43.33
CA SER N 126 -23.99 38.55 42.00
C SER N 126 -22.69 37.77 42.00
N VAL N 127 -22.03 37.66 43.15
CA VAL N 127 -20.79 36.90 43.27
C VAL N 127 -21.09 35.48 43.69
N GLY N 128 -22.39 35.15 43.80
CA GLY N 128 -22.80 33.83 44.21
C GLY N 128 -22.81 33.59 45.70
N SER N 129 -22.39 34.57 46.50
CA SER N 129 -22.49 34.44 47.94
C SER N 129 -23.95 34.53 48.35
N GLU N 130 -24.41 33.54 49.10
CA GLU N 130 -25.82 33.42 49.46
C GLU N 130 -26.01 33.84 50.90
N HIS N 131 -26.99 34.70 51.14
CA HIS N 131 -27.17 35.37 52.42
C HIS N 131 -28.57 35.08 52.94
N TYR N 132 -28.64 34.56 54.16
CA TYR N 132 -29.88 34.22 54.84
C TYR N 132 -30.44 35.49 55.47
N VAL N 133 -31.20 36.25 54.68
CA VAL N 133 -31.62 37.57 55.08
C VAL N 133 -33.13 37.60 55.32
N SER N 134 -33.58 38.71 55.89
CA SER N 134 -34.99 38.90 56.18
C SER N 134 -35.64 39.70 55.05
N ILE N 135 -36.96 39.56 54.94
CA ILE N 135 -37.74 40.27 53.93
C ILE N 135 -38.73 41.17 54.66
N LEU N 136 -38.99 42.33 54.08
CA LEU N 136 -39.87 43.30 54.71
C LEU N 136 -41.33 42.91 54.47
N SER N 137 -42.25 43.82 54.83
CA SER N 137 -43.67 43.54 54.70
C SER N 137 -44.37 44.43 53.68
N PHE N 138 -43.73 45.52 53.25
CA PHE N 138 -44.23 46.32 52.14
C PHE N 138 -43.71 45.84 50.80
N VAL N 139 -43.11 44.65 50.75
CA VAL N 139 -42.46 44.15 49.54
C VAL N 139 -43.45 43.56 48.54
N ASP N 140 -44.75 43.57 48.85
CA ASP N 140 -45.84 43.07 48.00
C ASP N 140 -45.63 41.61 47.63
N LYS N 141 -45.80 40.77 48.65
CA LYS N 141 -45.51 39.32 48.57
C LYS N 141 -46.58 38.63 47.72
N ASP N 142 -46.55 38.88 46.42
CA ASP N 142 -47.33 38.10 45.46
C ASP N 142 -46.57 37.73 44.20
N LEU N 143 -45.61 38.55 43.76
CA LEU N 143 -44.85 38.31 42.54
C LEU N 143 -43.53 37.62 42.81
N LEU N 144 -43.29 37.24 44.06
CA LEU N 144 -42.00 36.69 44.45
C LEU N 144 -41.88 35.27 43.90
N GLU N 145 -40.98 35.10 42.94
CA GLU N 145 -40.79 33.82 42.30
C GLU N 145 -39.33 33.41 42.40
N PRO N 146 -39.05 32.12 42.53
CA PRO N 146 -37.66 31.66 42.53
C PRO N 146 -37.00 31.83 41.18
N GLY N 147 -36.11 32.82 41.07
CA GLY N 147 -35.47 33.13 39.81
C GLY N 147 -35.56 34.61 39.47
N CYS N 148 -36.38 35.35 40.21
CA CYS N 148 -36.52 36.78 39.97
C CYS N 148 -35.40 37.54 40.69
N SER N 149 -35.44 38.86 40.58
CA SER N 149 -34.44 39.73 41.19
C SER N 149 -35.12 40.68 42.17
N VAL N 150 -34.42 40.98 43.27
CA VAL N 150 -34.92 41.89 44.29
C VAL N 150 -33.85 42.93 44.59
N LEU N 151 -34.14 43.78 45.55
CA LEU N 151 -33.25 44.84 45.99
C LEU N 151 -32.76 44.54 47.39
N LEU N 152 -31.46 44.70 47.61
CA LEU N 152 -30.86 44.34 48.89
C LEU N 152 -30.14 45.55 49.50
N ASN N 153 -29.82 45.41 50.77
CA ASN N 153 -29.12 46.44 51.53
C ASN N 153 -27.63 46.12 51.54
N HIS N 154 -26.83 47.11 51.95
CA HIS N 154 -25.42 46.83 52.20
C HIS N 154 -25.15 46.42 53.63
N LYS N 155 -25.95 46.91 54.58
CA LYS N 155 -25.68 46.65 55.99
C LYS N 155 -26.18 45.27 56.39
N VAL N 156 -27.49 45.04 56.25
CA VAL N 156 -28.10 43.77 56.63
C VAL N 156 -28.52 42.94 55.43
N HIS N 157 -28.39 43.48 54.22
CA HIS N 157 -28.78 42.84 52.96
C HIS N 157 -30.23 42.40 52.94
N ALA N 158 -31.10 43.14 53.61
CA ALA N 158 -32.51 42.78 53.66
C ALA N 158 -33.18 43.06 52.32
N VAL N 159 -34.22 42.28 52.04
CA VAL N 159 -34.92 42.38 50.76
C VAL N 159 -35.74 43.65 50.77
N ILE N 160 -35.30 44.64 50.00
CA ILE N 160 -35.96 45.94 50.02
C ILE N 160 -37.23 45.91 49.18
N GLY N 161 -37.11 45.50 47.92
CA GLY N 161 -38.26 45.47 47.03
C GLY N 161 -37.98 44.64 45.80
N VAL N 162 -39.06 44.21 45.16
CA VAL N 162 -38.97 43.36 43.98
C VAL N 162 -38.53 44.21 42.79
N LEU N 163 -37.83 43.59 41.85
CA LEU N 163 -37.29 44.30 40.69
C LEU N 163 -37.89 43.72 39.42
N MET N 164 -38.37 44.61 38.55
CA MET N 164 -38.84 44.18 37.24
C MET N 164 -37.65 43.86 36.34
N ASP N 165 -37.92 43.10 35.28
CA ASP N 165 -36.87 42.72 34.34
C ASP N 165 -37.34 42.72 32.89
N ASP N 166 -38.23 43.68 32.52
CA ASP N 166 -39.00 43.72 31.25
C ASP N 166 -39.97 42.53 31.14
N THR N 167 -40.18 41.87 32.29
CA THR N 167 -41.18 40.87 32.70
C THR N 167 -40.98 39.51 32.04
N ASP N 168 -40.45 39.45 30.79
CA ASP N 168 -39.68 38.36 30.19
C ASP N 168 -39.16 38.80 28.83
N PRO N 169 -37.91 39.23 28.70
CA PRO N 169 -37.38 39.57 27.36
C PRO N 169 -37.15 38.38 26.44
N LEU N 170 -37.32 37.16 26.92
CA LEU N 170 -36.84 35.98 26.21
C LEU N 170 -37.94 34.98 25.83
N VAL N 171 -39.22 35.39 25.87
CA VAL N 171 -40.27 34.50 25.37
C VAL N 171 -41.14 35.31 24.41
N THR N 172 -41.00 36.63 24.46
CA THR N 172 -41.75 37.50 23.57
C THR N 172 -41.03 37.78 22.25
N VAL N 173 -39.71 37.58 22.21
CA VAL N 173 -38.98 37.73 20.97
C VAL N 173 -39.21 36.54 20.04
N MET N 174 -39.18 35.33 20.59
CA MET N 174 -39.33 34.12 19.78
C MET N 174 -40.77 33.86 19.34
N LYS N 175 -41.76 34.57 19.90
CA LYS N 175 -43.14 34.37 19.46
C LYS N 175 -43.37 35.05 18.13
N VAL N 176 -43.92 34.32 17.18
CA VAL N 176 -44.28 34.87 15.88
C VAL N 176 -45.56 35.68 16.02
N GLU N 177 -45.55 36.91 15.52
CA GLU N 177 -46.74 37.74 15.47
C GLU N 177 -47.29 37.94 14.06
N LYS N 178 -46.40 37.95 13.06
CA LYS N 178 -46.77 38.29 11.70
C LYS N 178 -46.97 37.02 10.87
N ALA N 179 -47.19 37.21 9.57
CA ALA N 179 -47.50 36.06 8.73
C ALA N 179 -46.23 35.49 8.12
N PRO N 180 -46.12 34.16 8.09
CA PRO N 180 -45.03 33.49 7.35
C PRO N 180 -45.22 33.52 5.84
N GLN N 181 -44.45 32.68 5.14
CA GLN N 181 -44.39 32.66 3.69
C GLN N 181 -45.66 32.06 3.08
N GLU N 182 -45.58 31.74 1.79
CA GLU N 182 -46.70 31.16 1.06
C GLU N 182 -47.16 29.85 1.68
N THR N 183 -48.47 29.62 1.61
CA THR N 183 -49.12 28.62 2.47
C THR N 183 -48.79 27.19 2.03
N TYR N 184 -49.24 26.82 0.83
CA TYR N 184 -49.06 25.46 0.31
C TYR N 184 -48.42 25.43 -1.07
N ALA N 185 -48.46 26.53 -1.81
CA ALA N 185 -47.93 26.56 -3.17
C ALA N 185 -46.43 26.83 -3.23
N ASP N 186 -45.82 27.18 -2.10
CA ASP N 186 -44.38 27.41 -2.08
C ASP N 186 -43.63 26.08 -2.23
N ILE N 187 -44.07 25.06 -1.50
CA ILE N 187 -43.45 23.74 -1.52
C ILE N 187 -43.96 22.95 -2.72
N GLY N 188 -43.31 21.83 -3.01
CA GLY N 188 -43.74 20.96 -4.08
C GLY N 188 -43.12 19.58 -4.01
N GLY N 189 -43.89 18.55 -4.35
CA GLY N 189 -43.39 17.20 -4.40
C GLY N 189 -43.36 16.46 -3.07
N LEU N 190 -43.64 17.14 -1.97
CA LEU N 190 -43.60 16.52 -0.65
C LEU N 190 -45.00 16.28 -0.09
N ASP N 191 -45.97 16.02 -0.97
CA ASP N 191 -47.37 15.88 -0.56
C ASP N 191 -47.67 14.55 0.10
N ASN N 192 -46.69 13.64 0.17
CA ASN N 192 -46.85 12.42 0.95
C ASN N 192 -46.95 12.73 2.44
N GLN N 193 -46.22 13.75 2.89
CA GLN N 193 -46.09 14.06 4.31
C GLN N 193 -47.07 15.11 4.79
N ILE N 194 -47.84 15.70 3.87
CA ILE N 194 -48.76 16.77 4.22
C ILE N 194 -49.97 16.22 4.97
N GLN N 195 -50.44 15.03 4.57
CA GLN N 195 -51.54 14.37 5.27
C GLN N 195 -51.13 13.96 6.68
N GLU N 196 -49.85 13.68 6.90
CA GLU N 196 -49.34 13.41 8.23
C GLU N 196 -49.51 14.62 9.15
N ILE N 197 -48.99 15.76 8.73
CA ILE N 197 -48.96 16.94 9.59
C ILE N 197 -50.31 17.63 9.67
N LYS N 198 -51.18 17.46 8.68
CA LYS N 198 -52.51 18.06 8.75
C LYS N 198 -53.39 17.30 9.74
N GLU N 199 -53.39 15.97 9.65
CA GLU N 199 -54.23 15.17 10.52
C GLU N 199 -53.70 15.09 11.94
N SER N 200 -52.42 15.39 12.15
CA SER N 200 -51.86 15.39 13.49
C SER N 200 -52.02 16.72 14.21
N VAL N 201 -52.28 17.80 13.48
CA VAL N 201 -52.34 19.15 14.04
C VAL N 201 -53.71 19.78 13.85
N GLU N 202 -54.16 19.90 12.59
CA GLU N 202 -55.41 20.59 12.32
C GLU N 202 -56.60 19.75 12.74
N LEU N 203 -56.53 18.44 12.55
CA LEU N 203 -57.61 17.53 12.90
C LEU N 203 -57.84 17.36 14.40
N PRO N 204 -56.82 17.33 15.29
CA PRO N 204 -57.16 17.43 16.73
C PRO N 204 -57.77 18.76 17.12
N LEU N 205 -57.49 19.84 16.41
CA LEU N 205 -58.00 21.16 16.75
C LEU N 205 -59.33 21.48 16.07
N THR N 206 -59.38 21.41 14.74
CA THR N 206 -60.57 21.86 14.03
C THR N 206 -61.70 20.85 14.09
N HIS N 207 -61.41 19.57 13.92
CA HIS N 207 -62.44 18.52 13.92
C HIS N 207 -62.09 17.44 14.92
N PRO N 208 -62.25 17.70 16.26
CA PRO N 208 -61.91 16.70 17.26
C PRO N 208 -63.04 15.70 17.53
N GLU N 209 -63.65 15.20 16.46
CA GLU N 209 -64.73 14.23 16.55
C GLU N 209 -64.36 12.86 16.05
N TYR N 210 -63.37 12.75 15.15
CA TYR N 210 -62.84 11.44 14.77
C TYR N 210 -62.19 10.76 15.95
N TYR N 211 -61.62 11.53 16.87
CA TYR N 211 -61.00 10.99 18.06
C TYR N 211 -62.03 10.65 19.13
N GLU N 212 -63.25 11.14 19.00
CA GLU N 212 -64.30 10.89 19.98
C GLU N 212 -65.29 9.83 19.53
N GLU N 213 -65.41 9.57 18.22
CA GLU N 213 -66.26 8.47 17.78
C GLU N 213 -65.65 7.12 18.12
N MET N 214 -64.33 7.05 18.22
CA MET N 214 -63.61 5.81 18.45
C MET N 214 -62.87 5.79 19.78
N GLY N 215 -62.21 6.88 20.15
CA GLY N 215 -61.45 6.89 21.38
C GLY N 215 -59.97 6.71 21.15
N ILE N 216 -59.41 7.44 20.21
CA ILE N 216 -58.00 7.38 19.87
C ILE N 216 -57.39 8.75 20.14
N LYS N 217 -56.38 8.80 20.99
CA LYS N 217 -55.79 10.05 21.43
C LYS N 217 -54.92 10.66 20.33
N PRO N 218 -54.83 11.99 20.27
CA PRO N 218 -53.99 12.63 19.26
C PRO N 218 -52.51 12.48 19.60
N PRO N 219 -51.64 12.52 18.60
CA PRO N 219 -50.20 12.47 18.87
C PRO N 219 -49.68 13.79 19.39
N LYS N 220 -48.53 13.72 20.08
CA LYS N 220 -47.92 14.88 20.69
C LYS N 220 -46.64 15.31 19.98
N GLY N 221 -45.69 14.39 19.81
CA GLY N 221 -44.40 14.71 19.23
C GLY N 221 -44.33 14.33 17.75
N VAL N 222 -43.71 15.22 16.96
CA VAL N 222 -43.51 15.01 15.53
C VAL N 222 -42.06 15.34 15.22
N ILE N 223 -41.31 14.36 14.71
CA ILE N 223 -39.88 14.52 14.44
C ILE N 223 -39.67 14.68 12.93
N LEU N 224 -38.87 15.68 12.56
CA LEU N 224 -38.50 15.96 11.17
C LEU N 224 -36.99 15.81 11.05
N TYR N 225 -36.54 14.75 10.38
CA TYR N 225 -35.11 14.54 10.18
C TYR N 225 -34.86 14.03 8.77
N GLY N 226 -33.58 14.06 8.37
CA GLY N 226 -33.18 13.63 7.05
C GLY N 226 -31.88 14.26 6.61
N PRO N 227 -31.79 14.60 5.33
CA PRO N 227 -30.60 15.31 4.81
C PRO N 227 -30.50 16.71 5.40
N PRO N 228 -29.30 17.28 5.45
CA PRO N 228 -29.17 18.66 5.95
C PRO N 228 -29.72 19.69 4.99
N GLY N 229 -30.75 20.42 5.43
CA GLY N 229 -31.39 21.39 4.56
C GLY N 229 -32.24 20.76 3.48
N THR N 230 -32.97 19.69 3.81
CA THR N 230 -33.83 19.00 2.86
C THR N 230 -35.21 19.64 2.74
N GLY N 231 -35.37 20.87 3.24
CA GLY N 231 -36.64 21.56 3.18
C GLY N 231 -37.47 21.35 4.42
N LYS N 232 -36.83 21.38 5.57
CA LYS N 232 -37.51 21.30 6.86
C LYS N 232 -37.92 22.67 7.39
N THR N 233 -37.13 23.69 7.06
CA THR N 233 -37.50 25.06 7.43
C THR N 233 -38.67 25.54 6.58
N LEU N 234 -38.63 25.25 5.28
CA LEU N 234 -39.70 25.66 4.38
C LEU N 234 -41.00 24.93 4.69
N LEU N 235 -40.91 23.68 5.13
CA LEU N 235 -42.13 22.92 5.42
C LEU N 235 -42.77 23.38 6.72
N ALA N 236 -41.95 23.74 7.71
CA ALA N 236 -42.48 24.18 9.00
C ALA N 236 -43.18 25.52 8.89
N LYS N 237 -42.70 26.38 7.99
CA LYS N 237 -43.39 27.64 7.74
C LYS N 237 -44.62 27.46 6.87
N ALA N 238 -44.64 26.40 6.07
CA ALA N 238 -45.80 26.13 5.22
C ALA N 238 -46.98 25.64 6.04
N VAL N 239 -46.72 24.83 7.07
CA VAL N 239 -47.80 24.34 7.93
C VAL N 239 -48.27 25.45 8.86
N ALA N 240 -47.32 26.24 9.39
CA ALA N 240 -47.65 27.27 10.36
C ALA N 240 -48.42 28.44 9.75
N ASN N 241 -48.46 28.55 8.42
CA ASN N 241 -49.25 29.60 7.79
C ASN N 241 -50.73 29.26 7.87
N GLN N 242 -51.11 28.08 7.38
CA GLN N 242 -52.49 27.61 7.47
C GLN N 242 -52.71 27.15 8.91
N THR N 243 -53.21 28.06 9.74
CA THR N 243 -53.47 27.75 11.13
C THR N 243 -54.62 28.62 11.62
N SER N 244 -55.16 28.26 12.79
CA SER N 244 -56.15 29.07 13.48
C SER N 244 -55.70 29.36 14.91
N ALA N 245 -54.47 29.00 15.25
CA ALA N 245 -53.93 29.18 16.59
C ALA N 245 -52.60 29.89 16.49
N THR N 246 -52.07 30.28 17.65
CA THR N 246 -50.77 30.92 17.70
C THR N 246 -49.66 29.91 17.39
N PHE N 247 -48.50 30.42 17.01
CA PHE N 247 -47.36 29.59 16.65
C PHE N 247 -46.11 30.10 17.35
N LEU N 248 -45.24 29.17 17.75
CA LEU N 248 -44.00 29.51 18.43
C LEU N 248 -42.81 29.05 17.59
N ARG N 249 -41.78 29.88 17.54
CA ARG N 249 -40.58 29.65 16.73
C ARG N 249 -39.35 29.79 17.62
N VAL N 250 -38.70 28.67 17.93
CA VAL N 250 -37.52 28.65 18.78
C VAL N 250 -36.31 28.34 17.91
N VAL N 251 -35.25 29.14 18.06
CA VAL N 251 -34.04 28.94 17.28
C VAL N 251 -33.31 27.67 17.72
N GLY N 252 -33.15 27.50 19.04
CA GLY N 252 -32.39 26.40 19.60
C GLY N 252 -31.16 26.85 20.36
N SER N 253 -30.62 28.01 20.01
CA SER N 253 -29.50 28.61 20.73
C SER N 253 -29.93 29.69 21.71
N GLU N 254 -31.19 30.10 21.67
CA GLU N 254 -31.76 30.95 22.73
C GLU N 254 -32.43 30.10 23.81
N LEU N 255 -31.71 29.08 24.26
CA LEU N 255 -32.14 28.24 25.37
C LEU N 255 -31.05 27.99 26.40
N ILE N 256 -29.77 27.99 26.02
CA ILE N 256 -28.68 27.65 26.90
C ILE N 256 -27.99 28.93 27.34
N GLN N 257 -28.04 29.21 28.63
CA GLN N 257 -27.33 30.32 29.25
C GLN N 257 -26.35 29.76 30.27
N LYS N 258 -25.74 30.66 31.03
CA LYS N 258 -24.75 30.28 32.05
C LYS N 258 -25.19 30.70 33.45
N TYR N 259 -26.46 31.03 33.64
CA TYR N 259 -26.95 31.55 34.91
C TYR N 259 -27.45 30.46 35.84
N LEU N 260 -27.31 29.19 35.46
CA LEU N 260 -27.55 27.96 36.24
C LEU N 260 -29.04 27.69 36.48
N GLY N 261 -29.90 28.66 36.20
CA GLY N 261 -31.33 28.46 36.37
C GLY N 261 -32.12 28.91 35.17
N ASP N 262 -31.47 29.63 34.25
CA ASP N 262 -32.15 30.18 33.09
C ASP N 262 -32.45 29.10 32.05
N GLY N 263 -31.80 27.95 32.15
CA GLY N 263 -32.11 26.81 31.31
C GLY N 263 -33.49 26.25 31.54
N PRO N 264 -33.75 25.70 32.73
CA PRO N 264 -35.09 25.22 33.05
C PRO N 264 -36.13 26.31 33.31
N LYS N 265 -35.76 27.58 33.34
CA LYS N 265 -36.75 28.63 33.57
C LYS N 265 -37.59 28.89 32.32
N LEU N 266 -36.93 29.04 31.17
CA LEU N 266 -37.64 29.39 29.94
C LEU N 266 -38.48 28.25 29.38
N VAL N 267 -38.29 27.04 29.90
CA VAL N 267 -39.19 25.93 29.58
C VAL N 267 -40.59 26.23 30.13
N ARG N 268 -40.66 26.66 31.39
CA ARG N 268 -41.93 27.05 31.97
C ARG N 268 -42.42 28.38 31.41
N GLU N 269 -41.51 29.26 31.01
CA GLU N 269 -41.92 30.53 30.39
C GLU N 269 -42.55 30.30 29.03
N LEU N 270 -42.01 29.37 28.25
CA LEU N 270 -42.55 29.08 26.94
C LEU N 270 -43.89 28.38 27.02
N PHE N 271 -43.99 27.38 27.90
CA PHE N 271 -45.21 26.58 28.00
C PHE N 271 -46.34 27.33 28.68
N ARG N 272 -46.02 28.38 29.44
CA ARG N 272 -47.06 29.25 29.97
C ARG N 272 -47.66 30.11 28.87
N VAL N 273 -46.81 30.63 27.98
CA VAL N 273 -47.28 31.33 26.78
C VAL N 273 -48.07 30.38 25.89
N ALA N 274 -47.65 29.12 25.82
CA ALA N 274 -48.41 28.11 25.10
C ALA N 274 -49.73 27.79 25.79
N GLU N 275 -49.81 28.01 27.11
CA GLU N 275 -51.03 27.74 27.86
C GLU N 275 -51.96 28.94 27.91
N GLU N 276 -51.42 30.13 28.16
CA GLU N 276 -52.24 31.34 28.28
C GLU N 276 -52.86 31.72 26.95
N HIS N 277 -52.15 31.48 25.86
CA HIS N 277 -52.65 31.77 24.52
C HIS N 277 -53.33 30.51 23.96
N ALA N 278 -53.55 30.49 22.65
CA ALA N 278 -54.10 29.34 21.96
C ALA N 278 -53.20 28.11 22.12
N PRO N 279 -53.74 26.88 21.93
CA PRO N 279 -52.89 25.68 22.01
C PRO N 279 -51.87 25.61 20.90
N SER N 280 -50.78 26.36 21.10
CA SER N 280 -49.81 26.66 20.06
C SER N 280 -48.97 25.45 19.69
N ILE N 281 -48.11 25.64 18.70
CA ILE N 281 -47.24 24.60 18.18
C ILE N 281 -45.81 24.92 18.64
N VAL N 282 -45.29 24.10 19.54
CA VAL N 282 -43.93 24.29 20.03
C VAL N 282 -42.96 23.79 18.97
N PHE N 283 -42.26 24.71 18.32
CA PHE N 283 -41.26 24.36 17.31
C PHE N 283 -39.88 24.76 17.83
N ILE N 284 -39.19 23.82 18.44
CA ILE N 284 -37.84 24.02 18.91
C ILE N 284 -36.91 23.33 17.92
N ASP N 285 -36.22 24.13 17.12
CA ASP N 285 -35.39 23.62 16.04
C ASP N 285 -33.97 23.37 16.55
N GLU N 286 -33.32 22.35 15.98
CA GLU N 286 -31.96 21.92 16.30
C GLU N 286 -31.81 21.55 17.77
N ILE N 287 -32.51 20.47 18.16
CA ILE N 287 -32.40 19.94 19.52
C ILE N 287 -31.25 18.95 19.68
N ASP N 288 -30.41 18.78 18.65
CA ASP N 288 -29.32 17.82 18.72
C ASP N 288 -28.12 18.32 19.50
N ALA N 289 -27.95 19.64 19.61
CA ALA N 289 -26.85 20.20 20.37
C ALA N 289 -27.03 20.03 21.88
N ILE N 290 -28.26 19.93 22.36
CA ILE N 290 -28.55 19.76 23.77
C ILE N 290 -28.79 18.30 24.13
N GLY N 291 -29.53 17.57 23.30
CA GLY N 291 -29.85 16.20 23.62
C GLY N 291 -29.06 15.18 22.83
N THR N 292 -28.04 14.60 23.45
CA THR N 292 -27.26 13.52 22.84
C THR N 292 -26.58 12.69 23.93
N LYS N 293 -26.71 11.37 23.80
CA LYS N 293 -25.93 10.28 24.41
C LYS N 293 -26.00 10.20 25.95
N ARG N 294 -26.61 11.19 26.59
CA ARG N 294 -26.88 11.25 28.04
C ARG N 294 -25.66 10.94 28.90
N TYR N 295 -24.66 11.82 28.81
CA TYR N 295 -23.42 11.64 29.56
C TYR N 295 -23.37 12.59 30.75
N ASP N 296 -22.76 12.12 31.84
CA ASP N 296 -22.55 12.92 33.04
C ASP N 296 -21.05 13.01 33.29
N SER N 297 -20.55 14.24 33.46
CA SER N 297 -19.17 14.49 33.80
C SER N 297 -19.10 15.12 35.21
N ASN N 298 -17.89 15.52 35.60
CA ASN N 298 -17.65 16.09 36.92
C ASN N 298 -17.45 17.61 36.91
N SER N 299 -17.30 18.22 35.74
CA SER N 299 -17.06 19.65 35.68
C SER N 299 -18.37 20.42 35.80
N GLY N 300 -18.26 21.75 35.80
CA GLY N 300 -19.43 22.60 35.82
C GLY N 300 -19.80 23.13 34.45
N GLY N 301 -19.52 22.35 33.41
CA GLY N 301 -19.81 22.77 32.05
C GLY N 301 -20.97 22.01 31.43
N GLU N 302 -21.12 20.74 31.78
CA GLU N 302 -22.15 19.89 31.21
C GLU N 302 -23.39 19.81 32.10
N ARG N 303 -23.28 20.25 33.37
CA ARG N 303 -24.39 20.15 34.30
C ARG N 303 -25.54 21.10 33.97
N GLU N 304 -25.28 22.18 33.22
CA GLU N 304 -26.33 23.08 32.80
C GLU N 304 -27.09 22.56 31.58
N ILE N 305 -26.66 21.44 31.03
CA ILE N 305 -27.26 20.84 29.85
C ILE N 305 -28.16 19.68 30.24
N GLN N 306 -27.64 18.79 31.09
CA GLN N 306 -28.32 17.53 31.40
C GLN N 306 -29.57 17.74 32.24
N ARG N 307 -29.53 18.71 33.15
CA ARG N 307 -30.72 19.05 33.94
C ARG N 307 -31.79 19.69 33.07
N THR N 308 -31.39 20.63 32.22
CA THR N 308 -32.32 21.31 31.33
C THR N 308 -32.90 20.33 30.30
N MET N 309 -32.11 19.36 29.87
CA MET N 309 -32.62 18.26 29.06
C MET N 309 -33.61 17.42 29.85
N LEU N 310 -33.29 17.13 31.11
CA LEU N 310 -34.19 16.31 31.93
C LEU N 310 -35.43 17.09 32.36
N GLU N 311 -35.29 18.41 32.57
CA GLU N 311 -36.44 19.19 33.01
C GLU N 311 -37.42 19.42 31.88
N LEU N 312 -36.94 19.54 30.64
CA LEU N 312 -37.83 19.66 29.50
C LEU N 312 -38.59 18.37 29.26
N LEU N 313 -37.91 17.23 29.37
CA LEU N 313 -38.57 15.93 29.32
C LEU N 313 -39.53 15.74 30.49
N ASN N 314 -39.25 16.38 31.62
CA ASN N 314 -40.17 16.35 32.75
C ASN N 314 -41.35 17.27 32.51
N GLN N 315 -41.11 18.49 32.01
CA GLN N 315 -42.17 19.47 31.85
C GLN N 315 -43.06 19.18 30.66
N LEU N 316 -42.54 18.49 29.64
CA LEU N 316 -43.39 18.00 28.55
C LEU N 316 -44.37 16.96 29.05
N ASP N 317 -43.92 16.08 29.93
CA ASP N 317 -44.73 14.97 30.38
C ASP N 317 -44.95 15.02 31.89
N GLY N 318 -45.29 16.19 32.41
CA GLY N 318 -45.74 16.29 33.78
C GLY N 318 -47.07 15.59 34.03
N PHE N 319 -47.90 15.45 32.98
CA PHE N 319 -49.12 14.64 32.97
C PHE N 319 -50.14 15.13 33.99
N ASP N 320 -50.23 16.44 34.15
CA ASP N 320 -51.22 17.05 35.03
C ASP N 320 -52.30 17.77 34.25
N SER N 321 -51.91 18.76 33.44
CA SER N 321 -52.84 19.46 32.54
C SER N 321 -51.97 20.16 31.50
N ARG N 322 -52.13 19.78 30.23
CA ARG N 322 -51.38 20.43 29.17
C ARG N 322 -52.25 21.18 28.18
N GLY N 323 -53.51 20.79 28.00
CA GLY N 323 -54.40 21.51 27.11
C GLY N 323 -54.09 21.35 25.64
N ASP N 324 -53.65 20.16 25.23
CA ASP N 324 -53.39 19.76 23.84
C ASP N 324 -52.35 20.68 23.19
N VAL N 325 -51.13 20.60 23.73
CA VAL N 325 -49.97 21.31 23.17
C VAL N 325 -49.32 20.43 22.11
N LYS N 326 -49.19 20.96 20.90
CA LYS N 326 -48.50 20.25 19.83
C LYS N 326 -47.04 20.67 19.80
N VAL N 327 -46.16 19.69 19.60
CA VAL N 327 -44.72 19.91 19.63
C VAL N 327 -44.12 19.34 18.35
N ILE N 328 -43.46 20.19 17.57
CA ILE N 328 -42.72 19.77 16.39
C ILE N 328 -41.24 19.97 16.68
N MET N 329 -40.47 18.90 16.52
CA MET N 329 -39.04 18.93 16.77
C MET N 329 -38.32 18.53 15.49
N ALA N 330 -37.25 19.26 15.16
CA ALA N 330 -36.56 19.03 13.90
C ALA N 330 -35.07 19.15 14.09
N THR N 331 -34.34 18.14 13.63
CA THR N 331 -32.89 18.17 13.44
C THR N 331 -32.56 17.62 12.06
N ASN N 332 -31.29 17.69 11.71
CA ASN N 332 -30.86 17.01 10.49
C ASN N 332 -30.66 15.53 10.75
N ARG N 333 -29.73 15.20 11.65
CA ARG N 333 -29.39 13.82 11.93
C ARG N 333 -30.28 13.25 13.03
N ILE N 334 -30.26 11.92 13.13
CA ILE N 334 -31.02 11.21 14.16
C ILE N 334 -30.19 10.19 14.92
N GLU N 335 -29.04 9.76 14.39
CA GLU N 335 -28.30 8.62 14.94
C GLU N 335 -27.47 8.97 16.15
N THR N 336 -27.20 10.25 16.40
CA THR N 336 -26.50 10.70 17.59
C THR N 336 -27.42 11.52 18.48
N LEU N 337 -28.65 11.06 18.63
CA LEU N 337 -29.68 11.76 19.37
C LEU N 337 -30.07 10.95 20.60
N ASP N 338 -31.02 11.49 21.34
CA ASP N 338 -31.48 10.86 22.57
C ASP N 338 -32.37 9.67 22.25
N PRO N 339 -32.01 8.46 22.65
CA PRO N 339 -32.84 7.29 22.31
C PRO N 339 -34.17 7.25 23.06
N ALA N 340 -34.22 7.77 24.29
CA ALA N 340 -35.44 7.67 25.08
C ALA N 340 -36.50 8.70 24.71
N LEU N 341 -36.25 9.51 23.68
CA LEU N 341 -37.30 10.30 23.05
C LEU N 341 -37.79 9.67 21.76
N ILE N 342 -37.08 8.65 21.27
CA ILE N 342 -37.45 7.94 20.05
C ILE N 342 -38.37 6.80 20.47
N ARG N 343 -38.26 6.39 21.74
CA ARG N 343 -39.10 5.32 22.26
C ARG N 343 -40.55 5.80 22.38
N PRO N 344 -41.52 4.89 22.25
CA PRO N 344 -42.92 5.29 22.35
C PRO N 344 -43.31 5.67 23.79
N GLY N 345 -44.45 6.32 23.89
CA GLY N 345 -44.91 6.94 25.12
C GLY N 345 -44.70 8.43 25.14
N ARG N 346 -43.75 8.94 24.35
CA ARG N 346 -43.52 10.37 24.24
C ARG N 346 -43.75 10.87 22.82
N ILE N 347 -43.08 10.28 21.84
CA ILE N 347 -43.20 10.68 20.44
C ILE N 347 -43.48 9.43 19.63
N ASP N 348 -44.57 9.45 18.87
CA ASP N 348 -44.94 8.33 18.00
C ASP N 348 -45.03 8.75 16.54
N ARG N 349 -44.39 9.86 16.17
CA ARG N 349 -44.34 10.30 14.78
C ARG N 349 -42.90 10.58 14.41
N LYS N 350 -42.39 9.87 13.41
CA LYS N 350 -41.02 9.99 12.92
C LYS N 350 -41.12 10.25 11.42
N ILE N 351 -41.24 11.51 11.05
CA ILE N 351 -41.42 11.90 9.65
C ILE N 351 -40.06 12.16 9.01
N GLU N 352 -39.79 11.46 7.92
CA GLU N 352 -38.56 11.62 7.16
C GLU N 352 -38.83 12.41 5.90
N PHE N 353 -37.83 13.16 5.44
CA PHE N 353 -37.90 13.94 4.20
C PHE N 353 -36.85 13.43 3.23
N PRO N 354 -37.20 12.52 2.34
CA PRO N 354 -36.23 12.03 1.35
C PRO N 354 -35.92 13.08 0.29
N LEU N 355 -34.88 12.79 -0.50
CA LEU N 355 -34.33 13.71 -1.50
C LEU N 355 -35.28 13.90 -2.68
N PRO N 356 -35.40 15.12 -3.20
CA PRO N 356 -36.31 15.37 -4.33
C PRO N 356 -35.68 15.05 -5.68
N ASP N 357 -36.40 15.42 -6.75
CA ASP N 357 -36.01 15.13 -8.12
C ASP N 357 -35.96 16.44 -8.89
N GLU N 358 -35.82 16.38 -10.21
CA GLU N 358 -35.84 17.55 -11.06
C GLU N 358 -37.26 18.08 -11.30
N LYS N 359 -38.27 17.36 -10.82
CA LYS N 359 -39.66 17.78 -10.92
C LYS N 359 -39.97 18.91 -9.96
N THR N 360 -39.47 18.84 -8.74
CA THR N 360 -39.71 19.87 -7.75
C THR N 360 -38.88 21.12 -7.99
N LYS N 361 -37.89 21.06 -8.89
CA LYS N 361 -36.98 22.18 -9.07
C LYS N 361 -37.63 23.32 -9.85
N LYS N 362 -38.48 22.98 -10.83
CA LYS N 362 -38.97 23.97 -11.79
C LYS N 362 -39.84 25.04 -11.15
N ARG N 363 -40.53 24.69 -10.06
CA ARG N 363 -41.21 25.72 -9.27
C ARG N 363 -40.21 26.56 -8.50
N ILE N 364 -39.19 25.92 -7.93
CA ILE N 364 -38.18 26.62 -7.13
C ILE N 364 -37.36 27.55 -8.02
N PHE N 365 -37.12 27.14 -9.27
CA PHE N 365 -36.57 28.07 -10.25
C PHE N 365 -37.54 29.21 -10.56
N GLN N 366 -38.83 28.94 -10.56
CA GLN N 366 -39.79 30.00 -10.86
C GLN N 366 -39.97 30.93 -9.66
N ILE N 367 -39.98 30.37 -8.46
CA ILE N 367 -40.19 31.18 -7.25
C ILE N 367 -38.99 32.08 -6.99
N HIS N 368 -37.78 31.55 -7.19
CA HIS N 368 -36.60 32.36 -6.96
C HIS N 368 -36.38 33.40 -8.06
N THR N 369 -36.77 33.07 -9.29
CA THR N 369 -36.74 34.05 -10.38
C THR N 369 -38.11 34.68 -10.57
N SER N 370 -38.61 35.26 -9.49
CA SER N 370 -39.90 35.93 -9.53
C SER N 370 -39.84 37.37 -9.05
N ARG N 371 -39.09 37.64 -7.98
CA ARG N 371 -38.93 39.00 -7.46
C ARG N 371 -37.66 39.65 -7.99
N MET N 372 -37.54 39.69 -9.32
CA MET N 372 -36.38 40.27 -9.96
C MET N 372 -36.79 40.77 -11.33
N THR N 373 -35.88 41.53 -11.96
CA THR N 373 -36.09 42.03 -13.31
C THR N 373 -35.64 40.96 -14.31
N LEU N 374 -36.47 39.92 -14.43
CA LEU N 374 -36.20 38.84 -15.39
C LEU N 374 -36.47 39.36 -16.79
N ALA N 375 -35.41 39.56 -17.56
CA ALA N 375 -35.56 40.03 -18.93
C ALA N 375 -36.14 38.92 -19.80
N ASP N 376 -36.79 39.33 -20.89
CA ASP N 376 -37.48 38.40 -21.78
C ASP N 376 -36.56 37.81 -22.83
N ASP N 377 -35.25 37.84 -22.61
CA ASP N 377 -34.28 37.23 -23.50
C ASP N 377 -33.46 36.15 -22.82
N VAL N 378 -33.95 35.60 -21.71
CA VAL N 378 -33.23 34.62 -20.93
C VAL N 378 -33.91 33.27 -21.06
N THR N 379 -33.15 32.21 -20.82
CA THR N 379 -33.66 30.84 -20.83
C THR N 379 -33.27 30.17 -19.53
N LEU N 380 -34.26 29.64 -18.82
CA LEU N 380 -34.03 28.88 -17.60
C LEU N 380 -34.13 27.38 -17.80
N ASP N 381 -34.84 26.92 -18.84
CA ASP N 381 -35.11 25.51 -19.03
C ASP N 381 -33.86 24.73 -19.43
N ASP N 382 -32.91 25.40 -20.07
CA ASP N 382 -31.61 24.76 -20.33
C ASP N 382 -30.81 24.61 -19.05
N LEU N 383 -30.97 25.53 -18.09
CA LEU N 383 -30.25 25.43 -16.84
C LEU N 383 -30.82 24.33 -15.96
N ILE N 384 -32.11 24.02 -16.11
CA ILE N 384 -32.70 22.91 -15.39
C ILE N 384 -32.23 21.58 -15.97
N MET N 385 -32.12 21.51 -17.30
CA MET N 385 -31.82 20.25 -17.97
C MET N 385 -30.37 19.83 -17.79
N ALA N 386 -29.44 20.77 -17.74
CA ALA N 386 -28.02 20.43 -17.69
C ALA N 386 -27.62 19.93 -16.32
N LYS N 387 -27.76 20.78 -15.30
CA LYS N 387 -27.34 20.43 -13.95
C LYS N 387 -28.35 19.47 -13.32
N ASP N 388 -27.83 18.43 -12.65
CA ASP N 388 -28.65 17.36 -12.10
C ASP N 388 -28.60 17.25 -10.59
N ASP N 389 -27.95 18.20 -9.90
CA ASP N 389 -27.90 18.17 -8.44
C ASP N 389 -27.72 19.60 -7.91
N LEU N 390 -28.82 20.19 -7.45
CA LEU N 390 -28.79 21.54 -6.90
C LEU N 390 -30.06 21.73 -6.08
N SER N 391 -29.93 22.49 -4.99
CA SER N 391 -31.00 22.68 -4.03
C SER N 391 -31.52 24.11 -4.12
N GLY N 392 -32.42 24.45 -3.18
CA GLY N 392 -32.95 25.80 -3.13
C GLY N 392 -31.91 26.85 -2.78
N ALA N 393 -30.91 26.46 -1.99
CA ALA N 393 -29.84 27.40 -1.66
C ALA N 393 -28.97 27.68 -2.88
N ASP N 394 -28.83 26.71 -3.77
CA ASP N 394 -27.98 26.88 -4.94
C ASP N 394 -28.62 27.80 -5.96
N ILE N 395 -29.93 27.65 -6.17
CA ILE N 395 -30.66 28.49 -7.11
C ILE N 395 -30.69 29.93 -6.61
N LYS N 396 -30.87 30.11 -5.31
CA LYS N 396 -30.80 31.44 -4.71
C LYS N 396 -29.39 32.01 -4.83
N ALA N 397 -28.36 31.16 -4.73
CA ALA N 397 -27.00 31.61 -4.98
C ALA N 397 -26.77 31.93 -6.45
N ILE N 398 -27.51 31.28 -7.34
CA ILE N 398 -27.46 31.66 -8.76
C ILE N 398 -28.15 33.00 -8.97
N CYS N 399 -29.31 33.20 -8.34
CA CYS N 399 -30.10 34.40 -8.55
C CYS N 399 -29.40 35.65 -8.02
N THR N 400 -28.64 35.51 -6.93
CA THR N 400 -27.86 36.64 -6.45
C THR N 400 -26.66 36.91 -7.35
N GLU N 401 -25.99 35.86 -7.83
CA GLU N 401 -24.89 36.03 -8.76
C GLU N 401 -25.40 36.58 -10.09
N ALA N 402 -26.60 36.15 -10.52
CA ALA N 402 -27.22 36.76 -11.67
C ALA N 402 -27.59 38.22 -11.41
N GLY N 403 -27.92 38.55 -10.15
CA GLY N 403 -28.16 39.94 -9.81
C GLY N 403 -26.89 40.76 -9.72
N LEU N 404 -25.78 40.14 -9.31
CA LEU N 404 -24.53 40.87 -9.17
C LEU N 404 -23.91 41.19 -10.53
N MET N 405 -24.01 40.26 -11.48
CA MET N 405 -23.40 40.48 -12.79
C MET N 405 -24.10 41.57 -13.59
N ALA N 406 -25.38 41.81 -13.29
CA ALA N 406 -26.09 42.91 -13.95
C ALA N 406 -25.65 44.27 -13.42
N LEU N 407 -25.31 44.33 -12.14
CA LEU N 407 -24.90 45.60 -11.55
C LEU N 407 -23.46 45.96 -11.87
N ARG N 408 -22.65 44.99 -12.33
CA ARG N 408 -21.24 45.28 -12.59
C ARG N 408 -21.08 46.15 -13.83
N GLU N 409 -21.75 45.79 -14.91
CA GLU N 409 -21.69 46.56 -16.15
C GLU N 409 -22.79 47.61 -16.24
N ARG N 410 -23.36 48.01 -15.09
CA ARG N 410 -24.29 49.13 -14.95
C ARG N 410 -25.57 48.93 -15.78
N ARG N 411 -26.30 47.87 -15.43
CA ARG N 411 -27.58 47.58 -16.06
C ARG N 411 -28.66 47.44 -15.01
N MET N 412 -29.89 47.30 -15.48
CA MET N 412 -31.07 47.08 -14.64
C MET N 412 -31.58 45.65 -14.74
N LYS N 413 -31.84 45.16 -15.96
CA LYS N 413 -32.28 43.80 -16.16
C LYS N 413 -31.09 42.85 -16.23
N VAL N 414 -31.38 41.56 -16.25
CA VAL N 414 -30.36 40.51 -16.23
C VAL N 414 -30.47 39.73 -17.54
N THR N 415 -29.35 39.57 -18.23
CA THR N 415 -29.30 38.91 -19.52
C THR N 415 -29.06 37.41 -19.37
N ASN N 416 -29.20 36.69 -20.49
CA ASN N 416 -29.15 35.23 -20.46
C ASN N 416 -27.75 34.71 -20.18
N GLU N 417 -26.74 35.41 -20.68
CA GLU N 417 -25.34 35.01 -20.45
C GLU N 417 -24.97 35.14 -18.98
N ASP N 418 -25.61 36.07 -18.27
CA ASP N 418 -25.41 36.16 -16.82
C ASP N 418 -25.91 34.90 -16.12
N PHE N 419 -27.07 34.37 -16.54
CA PHE N 419 -27.55 33.13 -15.96
C PHE N 419 -26.69 31.94 -16.36
N LYS N 420 -26.10 31.98 -17.55
CA LYS N 420 -25.19 30.91 -17.97
C LYS N 420 -23.88 30.99 -17.21
N LYS N 421 -23.33 32.18 -17.06
CA LYS N 421 -22.07 32.33 -16.32
C LYS N 421 -22.27 32.15 -14.84
N SER N 422 -23.45 32.47 -14.31
CA SER N 422 -23.74 32.14 -12.92
C SER N 422 -23.94 30.65 -12.73
N LYS N 423 -24.43 29.95 -13.75
CA LYS N 423 -24.59 28.50 -13.62
C LYS N 423 -23.25 27.79 -13.69
N GLU N 424 -22.28 28.36 -14.40
CA GLU N 424 -21.01 27.71 -14.58
C GLU N 424 -19.96 28.16 -13.56
N ASN N 425 -20.24 29.21 -12.78
CA ASN N 425 -19.35 29.66 -11.72
C ASN N 425 -19.82 29.23 -10.34
N VAL N 426 -21.12 29.41 -10.04
CA VAL N 426 -21.62 29.11 -8.69
C VAL N 426 -21.70 27.60 -8.48
N LEU N 427 -22.23 26.87 -9.45
CA LEU N 427 -22.51 25.44 -9.27
C LEU N 427 -21.26 24.57 -9.37
N TYR N 428 -20.08 25.15 -9.54
CA TYR N 428 -18.84 24.36 -9.53
C TYR N 428 -18.19 24.45 -8.14
N LYS N 429 -18.87 23.83 -7.17
CA LYS N 429 -18.30 23.70 -5.82
C LYS N 429 -18.48 22.33 -5.20
N LYS N 430 -19.44 21.51 -5.64
CA LYS N 430 -19.70 20.21 -5.01
C LYS N 430 -19.87 19.08 -6.02
N GLN N 431 -19.67 19.32 -7.31
CA GLN N 431 -19.82 18.26 -8.29
C GLN N 431 -18.63 17.31 -8.22
N GLU N 432 -18.75 16.25 -7.42
CA GLU N 432 -17.67 15.29 -7.24
C GLU N 432 -18.26 13.97 -6.77
N GLY N 433 -18.11 12.93 -7.59
CA GLY N 433 -18.55 11.60 -7.23
C GLY N 433 -19.85 11.16 -7.84
N THR N 434 -19.77 10.37 -8.92
CA THR N 434 -20.93 9.77 -9.57
C THR N 434 -20.48 8.57 -10.40
N PRO N 435 -21.24 7.48 -10.41
CA PRO N 435 -20.92 6.32 -11.27
C PRO N 435 -21.56 6.39 -12.65
N GLU N 436 -20.97 7.19 -13.54
CA GLU N 436 -21.55 7.32 -14.88
C GLU N 436 -21.00 6.23 -15.80
N GLY N 437 -21.81 5.87 -16.79
CA GLY N 437 -21.38 4.95 -17.83
C GLY N 437 -21.17 3.52 -17.39
N LEU N 438 -21.83 3.08 -16.33
CA LEU N 438 -21.62 1.73 -15.83
C LEU N 438 -22.96 1.05 -15.60
N TYR N 439 -23.98 1.85 -15.32
CA TYR N 439 -25.27 1.36 -14.87
C TYR N 439 -26.33 1.47 -15.95
N LEU N 440 -27.22 0.47 -15.98
CA LEU N 440 -28.41 0.52 -16.82
C LEU N 440 -29.48 -0.32 -16.15
N LEU O 3 11.96 144.12 38.59
CA LEU O 3 10.99 143.05 38.36
C LEU O 3 10.48 142.49 39.69
N GLU O 4 9.17 142.57 39.90
CA GLU O 4 8.56 142.05 41.12
C GLU O 4 8.39 140.54 41.09
N GLU O 5 8.39 139.93 39.91
CA GLU O 5 8.18 138.49 39.78
C GLU O 5 9.27 137.89 38.89
N GLY O 6 9.81 138.70 37.98
CA GLY O 6 10.80 138.24 37.02
C GLY O 6 12.15 137.89 37.63
N LYS O 7 12.74 138.85 38.34
CA LYS O 7 14.01 138.60 39.02
C LYS O 7 13.83 137.69 40.23
N ALA O 8 12.61 137.57 40.75
CA ALA O 8 12.38 136.75 41.93
C ALA O 8 12.01 135.31 41.61
N GLY O 9 11.84 134.97 40.32
CA GLY O 9 11.57 133.59 39.96
C GLY O 9 12.73 132.64 40.21
N SER O 10 13.95 133.17 40.29
CA SER O 10 15.12 132.39 40.64
C SER O 10 15.63 132.69 42.04
N GLY O 11 14.80 133.29 42.89
CA GLY O 11 15.21 133.59 44.25
C GLY O 11 14.42 132.90 45.35
N LEU O 12 13.11 132.74 45.16
CA LEU O 12 12.32 132.07 46.19
C LEU O 12 11.45 130.95 45.65
N ARG O 13 10.89 131.12 44.45
CA ARG O 13 10.07 130.06 43.88
C ARG O 13 10.92 128.94 43.31
N GLN O 14 12.14 129.26 42.88
CA GLN O 14 13.04 128.26 42.33
C GLN O 14 13.50 127.27 43.39
N TYR O 15 13.44 127.65 44.67
CA TYR O 15 13.72 126.72 45.75
C TYR O 15 12.72 125.58 45.80
N TYR O 16 11.47 125.81 45.41
CA TYR O 16 10.48 124.75 45.42
C TYR O 16 10.49 123.93 44.13
N LEU O 17 10.51 124.62 42.98
CA LEU O 17 10.37 123.93 41.70
C LEU O 17 11.59 123.08 41.36
N SER O 18 12.77 123.50 41.80
CA SER O 18 13.94 122.65 41.63
C SER O 18 14.04 121.57 42.71
N LYS O 19 13.17 121.59 43.71
CA LYS O 19 13.17 120.56 44.75
C LYS O 19 12.13 119.48 44.51
N ILE O 20 10.98 119.85 43.92
CA ILE O 20 9.92 118.89 43.68
C ILE O 20 10.28 117.89 42.59
N GLU O 21 11.25 118.23 41.73
CA GLU O 21 11.62 117.36 40.63
C GLU O 21 12.29 116.08 41.14
N GLU O 22 13.10 116.20 42.20
CA GLU O 22 13.63 115.00 42.85
C GLU O 22 12.51 114.23 43.54
N LEU O 23 11.56 114.94 44.12
CA LEU O 23 10.40 114.28 44.71
C LEU O 23 9.45 113.74 43.64
N GLN O 24 9.61 114.16 42.39
CA GLN O 24 8.77 113.64 41.32
C GLN O 24 9.41 112.46 40.60
N LEU O 25 10.71 112.52 40.34
CA LEU O 25 11.32 111.45 39.55
C LEU O 25 11.58 110.19 40.36
N ILE O 26 11.91 110.31 41.64
CA ILE O 26 12.16 109.13 42.46
C ILE O 26 10.89 108.31 42.63
N VAL O 27 9.76 108.99 42.83
CA VAL O 27 8.47 108.31 42.86
C VAL O 27 8.17 107.71 41.48
N ASN O 28 8.56 108.41 40.42
CA ASN O 28 8.41 107.85 39.08
C ASN O 28 9.40 106.71 38.83
N ASP O 29 10.60 106.79 39.42
CA ASP O 29 11.58 105.74 39.21
C ASP O 29 11.26 104.50 40.04
N LYS O 30 10.90 104.69 41.31
CA LYS O 30 10.58 103.55 42.16
C LYS O 30 9.22 102.95 41.86
N SER O 31 8.40 103.60 41.03
CA SER O 31 7.20 102.96 40.54
C SER O 31 7.53 101.82 39.59
N GLN O 32 8.62 101.97 38.82
CA GLN O 32 9.16 100.86 38.07
C GLN O 32 9.66 99.77 39.00
N ASN O 33 10.21 100.16 40.15
CA ASN O 33 10.70 99.19 41.12
C ASN O 33 9.57 98.58 41.93
N LEU O 34 8.53 99.36 42.25
CA LEU O 34 7.42 98.81 43.04
C LEU O 34 6.60 97.84 42.22
N ARG O 35 6.34 98.15 40.95
CA ARG O 35 5.60 97.24 40.09
C ARG O 35 6.42 96.00 39.74
N ARG O 36 7.74 96.04 39.93
CA ARG O 36 8.54 94.83 39.77
C ARG O 36 8.25 93.85 40.90
N LEU O 37 8.25 94.34 42.14
CA LEU O 37 8.13 93.45 43.29
C LEU O 37 6.72 92.90 43.45
N GLN O 38 5.72 93.62 42.97
CA GLN O 38 4.34 93.14 43.09
C GLN O 38 4.10 91.96 42.17
N ALA O 39 4.48 92.09 40.90
CA ALA O 39 4.22 91.02 39.94
C ALA O 39 5.07 89.79 40.20
N GLN O 40 6.28 89.97 40.74
CA GLN O 40 7.06 88.83 41.23
C GLN O 40 6.34 88.12 42.36
N ARG O 41 5.69 88.90 43.24
CA ARG O 41 4.88 88.28 44.28
C ARG O 41 3.65 87.60 43.69
N ASN O 42 3.10 88.15 42.60
CA ASN O 42 1.94 87.51 41.98
C ASN O 42 2.31 86.24 41.23
N GLU O 43 3.58 86.07 40.87
CA GLU O 43 4.01 84.82 40.26
C GLU O 43 4.05 83.70 41.29
N LEU O 44 4.73 83.94 42.42
CA LEU O 44 4.90 82.91 43.42
C LEU O 44 3.61 82.61 44.17
N ASN O 45 2.73 83.60 44.31
CA ASN O 45 1.45 83.36 44.97
C ASN O 45 0.53 82.53 44.08
N ALA O 46 0.69 82.64 42.77
CA ALA O 46 -0.07 81.79 41.86
C ALA O 46 0.44 80.36 41.88
N LYS O 47 1.70 80.15 42.26
CA LYS O 47 2.23 78.79 42.36
C LYS O 47 1.73 78.10 43.62
N VAL O 48 1.72 78.81 44.73
CA VAL O 48 1.45 78.18 46.03
C VAL O 48 -0.03 77.82 46.14
N ARG O 49 -0.91 78.69 45.63
CA ARG O 49 -2.34 78.41 45.63
C ARG O 49 -2.68 77.19 44.78
N LEU O 50 -2.01 77.04 43.65
CA LEU O 50 -2.29 75.91 42.77
C LEU O 50 -1.69 74.62 43.32
N LEU O 51 -0.54 74.71 43.98
CA LEU O 51 0.06 73.50 44.56
C LEU O 51 -0.75 73.00 45.74
N ARG O 52 -1.36 73.90 46.51
CA ARG O 52 -2.28 73.44 47.56
C ARG O 52 -3.59 72.93 46.96
N GLU O 53 -4.00 73.48 45.82
CA GLU O 53 -5.23 73.02 45.18
C GLU O 53 -5.05 71.62 44.61
N GLU O 54 -3.88 71.34 44.03
CA GLU O 54 -3.59 69.99 43.55
C GLU O 54 -3.42 69.01 44.71
N LEU O 55 -3.01 69.49 45.88
CA LEU O 55 -2.75 68.62 47.01
C LEU O 55 -4.00 68.33 47.82
N GLN O 56 -4.97 69.25 47.82
CA GLN O 56 -6.17 69.01 48.60
C GLN O 56 -7.10 68.02 47.90
N LEU O 57 -7.22 68.12 46.58
CA LEU O 57 -7.98 67.11 45.84
C LEU O 57 -7.21 65.81 45.72
N LEU O 58 -5.89 65.83 45.94
CA LEU O 58 -5.13 64.59 45.91
C LEU O 58 -5.49 63.70 47.10
N GLN O 59 -5.65 64.29 48.28
CA GLN O 59 -6.07 63.54 49.47
C GLN O 59 -7.57 63.30 49.39
N GLU O 60 -7.95 62.37 48.50
CA GLU O 60 -9.35 62.03 48.28
C GLU O 60 -9.40 60.67 47.61
N GLN O 61 -10.34 59.84 48.04
CA GLN O 61 -10.47 58.49 47.52
C GLN O 61 -10.87 58.49 46.05
N GLY O 62 -10.62 57.35 45.40
CA GLY O 62 -10.89 57.25 43.99
C GLY O 62 -12.36 57.03 43.67
N SER O 63 -12.68 57.22 42.39
CA SER O 63 -14.04 57.05 41.91
C SER O 63 -14.13 55.80 41.04
N TYR O 64 -15.30 55.18 41.03
CA TYR O 64 -15.50 53.98 40.25
C TYR O 64 -15.85 54.34 38.81
N VAL O 65 -16.07 53.32 38.00
CA VAL O 65 -16.61 53.49 36.67
C VAL O 65 -17.77 52.51 36.53
N GLY O 66 -18.78 52.90 35.78
CA GLY O 66 -19.88 52.01 35.50
C GLY O 66 -20.40 52.23 34.10
N GLU O 67 -20.57 51.15 33.35
CA GLU O 67 -21.07 51.25 31.98
C GLU O 67 -22.59 51.21 32.03
N VAL O 68 -23.22 52.26 31.51
CA VAL O 68 -24.68 52.36 31.47
C VAL O 68 -25.08 52.53 30.01
N VAL O 69 -25.91 51.61 29.53
CA VAL O 69 -26.54 51.73 28.22
C VAL O 69 -27.91 52.39 28.33
N ARG O 70 -28.71 51.91 29.28
CA ARG O 70 -30.03 52.45 29.52
C ARG O 70 -30.38 52.24 30.99
N ALA O 71 -31.34 53.02 31.47
CA ALA O 71 -31.75 52.99 32.85
C ALA O 71 -33.20 53.41 32.93
N MET O 72 -33.71 53.57 34.15
CA MET O 72 -35.05 54.06 34.36
C MET O 72 -35.02 55.52 34.80
N ASP O 73 -36.20 56.12 34.87
CA ASP O 73 -36.38 57.50 35.26
C ASP O 73 -36.60 57.56 36.78
N LYS O 74 -37.15 58.69 37.25
CA LYS O 74 -37.50 58.96 38.66
C LYS O 74 -36.25 59.02 39.54
N LYS O 75 -35.20 59.65 39.01
CA LYS O 75 -33.97 60.00 39.73
C LYS O 75 -33.23 58.77 40.27
N LYS O 76 -33.43 57.62 39.64
CA LYS O 76 -32.69 56.41 39.98
C LYS O 76 -32.23 55.79 38.68
N VAL O 77 -30.93 55.53 38.56
CA VAL O 77 -30.36 54.99 37.35
C VAL O 77 -29.78 53.60 37.64
N LEU O 78 -29.48 52.88 36.58
CA LEU O 78 -29.04 51.49 36.63
C LEU O 78 -27.59 51.44 36.18
N VAL O 79 -26.69 51.19 37.12
CA VAL O 79 -25.26 51.17 36.86
C VAL O 79 -24.75 49.76 37.11
N LYS O 80 -24.06 49.21 36.13
CA LYS O 80 -23.38 47.92 36.28
C LYS O 80 -21.89 48.16 36.31
N VAL O 81 -21.26 47.79 37.43
CA VAL O 81 -19.81 47.89 37.56
C VAL O 81 -19.17 46.68 36.91
N HIS O 82 -17.87 46.71 36.72
CA HIS O 82 -17.20 45.57 36.10
C HIS O 82 -17.01 44.37 37.04
N PRO O 83 -16.38 44.48 38.24
CA PRO O 83 -16.13 43.25 39.00
C PRO O 83 -17.36 42.69 39.68
N GLU O 84 -18.38 43.50 39.93
CA GLU O 84 -19.62 43.04 40.55
C GLU O 84 -20.77 43.29 39.59
N GLY O 85 -21.99 43.09 40.10
CA GLY O 85 -23.20 43.18 39.29
C GLY O 85 -23.72 44.58 39.14
N LYS O 86 -25.04 44.68 38.99
CA LYS O 86 -25.71 45.94 38.77
C LYS O 86 -26.09 46.59 40.10
N PHE O 87 -26.32 47.88 40.07
CA PHE O 87 -26.70 48.64 41.24
C PHE O 87 -27.68 49.73 40.87
N VAL O 88 -28.76 49.84 41.64
CA VAL O 88 -29.71 50.94 41.51
C VAL O 88 -29.23 52.04 42.44
N VAL O 89 -28.79 53.16 41.86
CA VAL O 89 -28.15 54.22 42.60
C VAL O 89 -28.89 55.53 42.40
N ASP O 90 -28.35 56.61 42.96
CA ASP O 90 -28.97 57.92 42.87
C ASP O 90 -28.09 58.86 42.05
N VAL O 91 -28.74 59.78 41.35
CA VAL O 91 -28.05 60.76 40.51
C VAL O 91 -27.52 61.89 41.37
N ASP O 92 -26.67 62.73 40.79
CA ASP O 92 -26.18 63.93 41.45
C ASP O 92 -27.05 65.12 41.10
N LYS O 93 -26.82 66.22 41.80
CA LYS O 93 -27.52 67.46 41.54
C LYS O 93 -26.76 68.38 40.57
N ASN O 94 -25.51 68.03 40.23
CA ASN O 94 -24.76 68.78 39.24
C ASN O 94 -25.02 68.29 37.83
N ILE O 95 -25.59 67.11 37.68
CA ILE O 95 -25.89 66.55 36.37
C ILE O 95 -27.41 66.47 36.22
N ASP O 96 -27.84 66.17 35.01
CA ASP O 96 -29.26 66.08 34.70
C ASP O 96 -29.74 64.65 34.89
N ILE O 97 -30.95 64.38 34.42
CA ILE O 97 -31.47 63.02 34.42
C ILE O 97 -31.40 62.41 33.03
N ASN O 98 -31.60 63.22 31.99
CA ASN O 98 -31.58 62.76 30.60
C ASN O 98 -30.12 62.51 30.19
N ASP O 99 -29.61 61.36 30.66
CA ASP O 99 -28.23 60.97 30.43
C ASP O 99 -28.15 59.55 29.89
N VAL O 100 -29.28 58.97 29.52
CA VAL O 100 -29.34 57.62 28.96
C VAL O 100 -28.66 57.65 27.61
N THR O 101 -27.49 57.01 27.52
CA THR O 101 -26.75 56.95 26.29
C THR O 101 -26.22 55.53 26.18
N PRO O 102 -26.22 54.95 24.97
CA PRO O 102 -25.79 53.56 24.82
C PRO O 102 -24.29 53.43 25.04
N ASN O 103 -23.91 52.46 25.88
CA ASN O 103 -22.53 52.14 26.24
C ASN O 103 -21.82 53.35 26.85
N CYS O 104 -22.56 54.11 27.65
CA CYS O 104 -22.03 55.29 28.30
C CYS O 104 -21.42 54.93 29.65
N ARG O 105 -20.32 55.59 29.97
CA ARG O 105 -19.66 55.42 31.24
C ARG O 105 -19.88 56.64 32.11
N VAL O 106 -19.90 56.42 33.42
CA VAL O 106 -20.09 57.46 34.40
C VAL O 106 -18.95 57.42 35.40
N ALA O 107 -18.81 58.51 36.14
CA ALA O 107 -17.94 58.56 37.30
C ALA O 107 -18.80 58.27 38.52
N LEU O 108 -18.49 57.20 39.23
CA LEU O 108 -19.29 56.75 40.35
C LEU O 108 -18.50 56.90 41.65
N ARG O 109 -19.17 57.43 42.67
CA ARG O 109 -18.56 57.49 43.99
C ARG O 109 -18.41 56.08 44.55
N ASN O 110 -17.41 55.91 45.42
CA ASN O 110 -17.06 54.60 45.92
C ASN O 110 -17.68 54.28 47.27
N ASP O 111 -18.13 55.28 48.02
CA ASP O 111 -18.68 55.05 49.34
C ASP O 111 -20.19 55.16 49.37
N SER O 112 -20.74 56.21 48.75
CA SER O 112 -22.18 56.39 48.71
C SER O 112 -22.80 55.86 47.44
N TYR O 113 -21.98 55.52 46.44
CA TYR O 113 -22.40 55.06 45.12
C TYR O 113 -23.36 56.05 44.45
N THR O 114 -22.89 57.27 44.28
CA THR O 114 -23.67 58.27 43.59
C THR O 114 -22.92 58.74 42.36
N LEU O 115 -23.67 59.31 41.42
CA LEU O 115 -23.06 59.75 40.18
C LEU O 115 -22.21 60.99 40.42
N HIS O 116 -21.13 61.09 39.66
CA HIS O 116 -20.24 62.24 39.75
C HIS O 116 -20.17 62.99 38.43
N LYS O 117 -19.94 62.28 37.32
CA LYS O 117 -19.80 62.93 36.03
C LYS O 117 -20.05 61.90 34.94
N ILE O 118 -20.67 62.34 33.85
CA ILE O 118 -20.74 61.54 32.63
C ILE O 118 -19.34 61.40 32.06
N LEU O 119 -18.96 60.17 31.69
CA LEU O 119 -17.64 60.12 31.08
C LEU O 119 -17.75 60.19 29.56
N PRO O 120 -16.80 60.86 28.91
CA PRO O 120 -16.71 60.81 27.46
C PRO O 120 -16.02 59.53 27.00
N ASN O 121 -15.74 59.43 25.69
CA ASN O 121 -14.87 58.40 25.12
C ASN O 121 -15.40 56.99 25.37
N LYS O 122 -16.46 56.61 24.65
CA LYS O 122 -17.21 55.36 24.79
C LYS O 122 -16.35 54.11 24.83
N VAL O 123 -16.92 53.02 25.36
CA VAL O 123 -16.19 51.89 25.92
C VAL O 123 -15.40 51.18 24.81
N ASP O 124 -14.08 51.20 24.92
CA ASP O 124 -13.22 50.41 24.05
C ASP O 124 -11.88 50.13 24.74
N PRO O 125 -11.85 49.16 25.65
CA PRO O 125 -10.58 48.75 26.23
C PRO O 125 -9.81 47.87 25.28
N LEU O 126 -8.47 47.95 25.38
CA LEU O 126 -7.50 47.22 24.57
C LEU O 126 -7.73 47.50 23.08
N VAL O 127 -7.46 48.75 22.72
CA VAL O 127 -7.46 49.16 21.33
C VAL O 127 -6.04 49.34 20.81
N SER O 128 -5.05 48.71 21.46
CA SER O 128 -3.68 48.78 20.99
C SER O 128 -3.48 47.93 19.73
N LEU O 129 -4.14 46.78 19.67
CA LEU O 129 -4.10 45.95 18.47
C LEU O 129 -4.90 46.58 17.34
N MET O 130 -5.97 47.30 17.69
CA MET O 130 -6.76 48.04 16.73
C MET O 130 -6.10 49.40 16.50
N MET O 131 -6.74 50.22 15.65
CA MET O 131 -6.34 51.59 15.27
C MET O 131 -4.84 51.68 14.94
N VAL O 132 -4.50 51.07 13.80
CA VAL O 132 -3.10 50.84 13.42
C VAL O 132 -2.35 52.15 13.19
N GLU O 133 -3.05 53.22 12.80
CA GLU O 133 -2.62 54.62 12.74
C GLU O 133 -1.47 54.91 11.77
N LYS O 134 -0.96 53.93 11.04
CA LYS O 134 0.09 54.19 10.05
C LYS O 134 -0.27 53.49 8.73
N VAL O 135 -0.49 54.31 7.71
CA VAL O 135 -0.84 53.84 6.37
C VAL O 135 0.38 53.39 5.56
N PRO O 136 1.54 54.16 5.46
CA PRO O 136 2.61 53.66 4.59
C PRO O 136 3.40 52.48 5.16
N ASP O 137 3.13 51.29 4.61
CA ASP O 137 3.94 50.11 4.87
C ASP O 137 4.26 49.37 3.56
N SER O 138 3.36 49.51 2.59
CA SER O 138 3.53 48.87 1.29
C SER O 138 2.67 49.61 0.28
N THR O 139 3.18 49.69 -0.95
CA THR O 139 2.48 50.32 -2.05
C THR O 139 1.57 49.30 -2.73
N TYR O 140 1.10 49.64 -3.93
CA TYR O 140 0.11 48.85 -4.63
C TYR O 140 0.69 47.89 -5.65
N GLU O 141 1.76 48.28 -6.33
CA GLU O 141 2.26 47.53 -7.47
C GLU O 141 3.11 46.32 -7.10
N MET O 142 3.49 46.18 -5.83
CA MET O 142 4.44 45.15 -5.43
C MET O 142 3.82 43.77 -5.27
N ILE O 143 2.64 43.51 -5.82
CA ILE O 143 2.05 42.19 -5.73
C ILE O 143 2.19 41.50 -7.09
N GLY O 144 1.52 42.02 -8.11
CA GLY O 144 1.61 41.47 -9.43
C GLY O 144 0.95 40.12 -9.65
N GLY O 145 0.70 39.77 -10.91
CA GLY O 145 0.17 38.47 -11.25
C GLY O 145 -1.28 38.27 -10.90
N LEU O 146 -1.58 38.20 -9.61
CA LEU O 146 -2.94 37.95 -9.13
C LEU O 146 -3.72 39.27 -9.14
N ASP O 147 -4.14 39.65 -10.36
CA ASP O 147 -4.84 40.91 -10.56
C ASP O 147 -6.35 40.75 -10.58
N LYS O 148 -6.86 39.53 -10.80
CA LYS O 148 -8.29 39.30 -10.74
C LYS O 148 -8.80 39.40 -9.30
N GLN O 149 -8.03 38.86 -8.35
CA GLN O 149 -8.45 38.85 -6.95
C GLN O 149 -8.46 40.25 -6.35
N ILE O 150 -7.67 41.16 -6.92
CA ILE O 150 -7.67 42.54 -6.44
C ILE O 150 -8.98 43.22 -6.80
N LYS O 151 -9.45 43.03 -8.03
CA LYS O 151 -10.68 43.67 -8.50
C LYS O 151 -11.90 43.11 -7.78
N GLU O 152 -11.82 41.86 -7.31
CA GLU O 152 -12.90 41.28 -6.54
C GLU O 152 -12.98 41.89 -5.14
N ILE O 153 -11.83 42.28 -4.58
CA ILE O 153 -11.81 42.84 -3.24
C ILE O 153 -12.08 44.34 -3.27
N LYS O 154 -11.58 45.03 -4.31
CA LYS O 154 -11.85 46.46 -4.45
C LYS O 154 -13.32 46.74 -4.69
N GLU O 155 -14.01 45.84 -5.37
CA GLU O 155 -15.41 46.03 -5.69
C GLU O 155 -16.36 45.40 -4.70
N VAL O 156 -15.83 44.75 -3.65
CA VAL O 156 -16.65 44.26 -2.55
C VAL O 156 -16.50 45.12 -1.30
N ILE O 157 -15.52 46.03 -1.29
CA ILE O 157 -15.29 46.93 -0.17
C ILE O 157 -15.52 48.39 -0.55
N GLU O 158 -14.76 48.88 -1.53
CA GLU O 158 -14.86 50.29 -1.89
C GLU O 158 -16.13 50.60 -2.67
N LEU O 159 -16.57 49.68 -3.53
CA LEU O 159 -17.79 49.87 -4.31
C LEU O 159 -19.08 49.91 -3.48
N PRO O 160 -19.32 49.07 -2.46
CA PRO O 160 -20.53 49.28 -1.64
C PRO O 160 -20.49 50.53 -0.78
N VAL O 161 -19.30 51.04 -0.45
CA VAL O 161 -19.20 52.18 0.45
C VAL O 161 -19.19 53.49 -0.31
N LYS O 162 -18.35 53.61 -1.34
CA LYS O 162 -18.24 54.87 -2.07
C LYS O 162 -19.46 55.11 -2.94
N HIS O 163 -19.98 54.06 -3.57
CA HIS O 163 -21.16 54.15 -4.43
C HIS O 163 -22.24 53.20 -3.92
N PRO O 164 -22.95 53.55 -2.84
CA PRO O 164 -24.00 52.66 -2.34
C PRO O 164 -25.28 52.71 -3.15
N GLU O 165 -25.48 53.77 -3.94
CA GLU O 165 -26.71 53.93 -4.71
C GLU O 165 -26.79 52.96 -5.88
N LEU O 166 -25.65 52.38 -6.29
CA LEU O 166 -25.69 51.34 -7.32
C LEU O 166 -26.34 50.08 -6.79
N PHE O 167 -26.13 49.75 -5.52
CA PHE O 167 -26.64 48.53 -4.93
C PHE O 167 -28.01 48.71 -4.29
N GLU O 168 -28.33 49.92 -3.84
CA GLU O 168 -29.62 50.21 -3.25
C GLU O 168 -30.68 50.54 -4.29
N ALA O 169 -30.35 50.45 -5.58
CA ALA O 169 -31.31 50.69 -6.64
C ALA O 169 -31.85 49.41 -7.27
N LEU O 170 -31.16 48.27 -7.10
CA LEU O 170 -31.62 47.03 -7.72
C LEU O 170 -32.73 46.39 -6.88
N GLY O 171 -32.45 46.13 -5.61
CA GLY O 171 -33.40 45.44 -4.75
C GLY O 171 -32.76 44.37 -3.90
N ILE O 172 -31.45 44.23 -4.01
CA ILE O 172 -30.70 43.28 -3.19
C ILE O 172 -29.81 44.06 -2.23
N ALA O 173 -29.32 43.35 -1.22
CA ALA O 173 -28.52 43.97 -0.16
C ALA O 173 -27.05 44.02 -0.58
N GLN O 174 -26.19 44.40 0.35
CA GLN O 174 -24.77 44.41 0.05
C GLN O 174 -24.06 43.27 0.77
N PRO O 175 -23.04 42.67 0.14
CA PRO O 175 -22.30 41.60 0.82
C PRO O 175 -21.41 42.15 1.91
N LYS O 176 -21.23 41.34 2.96
CA LYS O 176 -20.41 41.76 4.09
C LYS O 176 -19.49 40.66 4.62
N GLY O 177 -19.59 39.44 4.11
CA GLY O 177 -18.72 38.37 4.55
C GLY O 177 -17.75 37.94 3.48
N VAL O 178 -16.46 38.10 3.74
CA VAL O 178 -15.41 37.78 2.77
C VAL O 178 -14.49 36.74 3.38
N LEU O 179 -14.41 35.59 2.73
CA LEU O 179 -13.50 34.52 3.14
C LEU O 179 -12.33 34.46 2.16
N LEU O 180 -11.12 34.32 2.70
CA LEU O 180 -9.91 34.26 1.89
C LEU O 180 -9.11 33.04 2.32
N TYR O 181 -8.74 32.20 1.35
CA TYR O 181 -8.00 30.99 1.69
C TYR O 181 -6.96 30.68 0.63
N GLY O 182 -5.75 30.40 1.09
CA GLY O 182 -4.69 29.88 0.26
C GLY O 182 -3.78 29.02 1.11
N PRO O 183 -3.60 27.76 0.72
CA PRO O 183 -2.99 26.78 1.64
C PRO O 183 -1.49 26.94 1.82
N PRO O 184 -0.71 27.44 0.85
CA PRO O 184 0.60 27.99 1.22
C PRO O 184 0.58 29.48 1.51
N GLY O 185 -0.54 30.15 1.28
CA GLY O 185 -0.60 31.59 1.48
C GLY O 185 0.12 32.35 0.39
N THR O 186 -0.43 32.31 -0.82
CA THR O 186 0.16 32.97 -1.99
C THR O 186 -0.28 34.43 -2.07
N GLY O 187 -0.10 35.14 -0.96
CA GLY O 187 -0.52 36.51 -0.84
C GLY O 187 -1.81 36.59 -0.07
N LYS O 188 -1.71 36.80 1.21
CA LYS O 188 -2.83 37.04 2.09
C LYS O 188 -2.62 38.28 2.93
N THR O 189 -1.39 38.48 3.41
CA THR O 189 -1.00 39.58 4.27
C THR O 189 -0.62 40.80 3.44
N LEU O 190 0.15 40.57 2.36
CA LEU O 190 0.57 41.65 1.49
C LEU O 190 -0.62 42.25 0.74
N LEU O 191 -1.58 41.41 0.36
CA LEU O 191 -2.75 41.89 -0.36
C LEU O 191 -3.63 42.74 0.54
N ALA O 192 -3.71 42.39 1.83
CA ALA O 192 -4.55 43.15 2.74
C ALA O 192 -3.93 44.48 3.12
N ARG O 193 -2.60 44.56 3.19
CA ARG O 193 -1.97 45.83 3.53
C ARG O 193 -2.06 46.84 2.40
N ALA O 194 -1.99 46.37 1.15
CA ALA O 194 -2.14 47.27 0.02
C ALA O 194 -3.58 47.79 -0.07
N VAL O 195 -4.55 46.94 0.29
CA VAL O 195 -5.92 47.41 0.49
C VAL O 195 -5.98 48.40 1.64
N ALA O 196 -5.33 48.07 2.76
CA ALA O 196 -5.28 48.98 3.90
C ALA O 196 -4.47 50.23 3.61
N HIS O 197 -3.54 50.18 2.65
CA HIS O 197 -2.83 51.38 2.26
C HIS O 197 -3.71 52.26 1.38
N HIS O 198 -4.19 51.71 0.27
CA HIS O 198 -4.93 52.48 -0.72
C HIS O 198 -6.44 52.32 -0.49
N THR O 199 -6.91 52.86 0.64
CA THR O 199 -8.34 52.98 0.89
C THR O 199 -8.79 54.32 1.44
N ASP O 200 -7.91 55.06 2.14
CA ASP O 200 -8.26 56.24 2.95
C ASP O 200 -9.45 55.93 3.87
N CYS O 201 -9.23 54.98 4.77
CA CYS O 201 -10.30 54.52 5.64
C CYS O 201 -9.71 53.95 6.91
N THR O 202 -10.48 54.03 7.99
CA THR O 202 -10.05 53.49 9.27
C THR O 202 -10.04 51.98 9.23
N PHE O 203 -9.03 51.38 9.86
CA PHE O 203 -8.75 49.96 9.75
C PHE O 203 -8.63 49.35 11.13
N ILE O 204 -9.13 48.12 11.26
CA ILE O 204 -9.10 47.36 12.50
C ILE O 204 -8.48 46.00 12.22
N ARG O 205 -7.43 45.68 12.94
CA ARG O 205 -6.74 44.40 12.84
C ARG O 205 -7.02 43.57 14.09
N VAL O 206 -7.47 42.33 13.89
CA VAL O 206 -7.89 41.45 14.97
C VAL O 206 -7.11 40.15 14.84
N SER O 207 -6.22 39.88 15.78
CA SER O 207 -5.53 38.59 15.84
C SER O 207 -6.46 37.52 16.40
N GLY O 208 -6.26 36.29 15.94
CA GLY O 208 -7.17 35.22 16.29
C GLY O 208 -6.77 34.35 17.46
N SER O 209 -6.30 34.95 18.53
CA SER O 209 -6.17 34.22 19.79
C SER O 209 -6.48 35.07 21.02
N GLU O 210 -6.85 36.34 20.86
CA GLU O 210 -6.87 37.30 21.95
C GLU O 210 -8.24 37.44 22.59
N LEU O 211 -9.02 36.36 22.64
CA LEU O 211 -10.35 36.39 23.21
C LEU O 211 -10.56 35.29 24.25
N VAL O 212 -9.47 34.72 24.75
CA VAL O 212 -9.57 33.58 25.65
C VAL O 212 -9.01 33.95 27.02
N GLN O 213 -9.19 35.22 27.43
CA GLN O 213 -8.26 36.03 28.23
C GLN O 213 -7.64 35.34 29.46
N LYS O 214 -8.40 35.10 30.52
CA LYS O 214 -7.97 34.12 31.50
C LYS O 214 -9.08 33.14 31.83
N PHE O 215 -10.25 33.68 32.15
CA PHE O 215 -11.33 32.95 32.77
C PHE O 215 -12.64 33.27 32.06
N ILE O 216 -13.75 32.77 32.62
CA ILE O 216 -15.01 32.72 31.90
C ILE O 216 -15.63 34.10 31.80
N GLY O 217 -16.30 34.35 30.67
CA GLY O 217 -17.10 35.53 30.48
C GLY O 217 -16.36 36.74 29.98
N GLU O 218 -15.06 36.85 30.27
CA GLU O 218 -14.33 38.06 29.96
C GLU O 218 -14.05 38.18 28.47
N GLY O 219 -13.60 37.09 27.83
CA GLY O 219 -13.46 37.11 26.39
C GLY O 219 -14.78 37.18 25.67
N ALA O 220 -15.84 36.66 26.28
CA ALA O 220 -17.18 36.84 25.74
C ALA O 220 -17.71 38.24 25.96
N ARG O 221 -17.13 39.00 26.88
CA ARG O 221 -17.61 40.35 27.12
C ARG O 221 -17.06 41.34 26.10
N MET O 222 -15.80 41.18 25.70
CA MET O 222 -15.14 42.15 24.83
C MET O 222 -15.61 42.08 23.40
N VAL O 223 -16.42 41.08 23.04
CA VAL O 223 -16.92 40.96 21.67
C VAL O 223 -17.89 42.09 21.37
N ARG O 224 -18.89 42.27 22.22
CA ARG O 224 -19.86 43.33 22.04
C ARG O 224 -19.23 44.71 22.22
N GLU O 225 -18.20 44.81 23.05
CA GLU O 225 -17.49 46.08 23.20
C GLU O 225 -16.54 46.35 22.04
N LEU O 226 -16.27 45.35 21.20
CA LEU O 226 -15.39 45.61 20.06
C LEU O 226 -16.14 46.22 18.89
N PHE O 227 -17.25 45.61 18.49
CA PHE O 227 -17.87 46.01 17.22
C PHE O 227 -18.67 47.29 17.34
N VAL O 228 -18.98 47.73 18.56
CA VAL O 228 -19.57 49.05 18.73
C VAL O 228 -18.56 50.14 18.39
N MET O 229 -17.26 49.88 18.61
CA MET O 229 -16.23 50.81 18.19
C MET O 229 -16.12 50.86 16.67
N ALA O 230 -16.28 49.71 16.02
CA ALA O 230 -16.37 49.70 14.56
C ALA O 230 -17.70 50.25 14.07
N ARG O 231 -18.71 50.28 14.93
CA ARG O 231 -19.96 50.95 14.59
C ARG O 231 -19.88 52.43 14.94
N GLU O 232 -19.02 52.79 15.90
CA GLU O 232 -18.82 54.20 16.24
C GLU O 232 -18.17 54.95 15.07
N HIS O 233 -17.23 54.32 14.39
CA HIS O 233 -16.62 54.88 13.18
C HIS O 233 -17.13 54.06 12.01
N ALA O 234 -18.14 54.59 11.31
CA ALA O 234 -18.77 53.83 10.24
C ALA O 234 -17.86 53.55 9.04
N PRO O 235 -16.90 54.42 8.63
CA PRO O 235 -15.87 53.91 7.71
C PRO O 235 -14.84 53.05 8.42
N SER O 236 -15.11 51.75 8.57
CA SER O 236 -14.14 50.87 9.21
C SER O 236 -14.22 49.47 8.63
N ILE O 237 -13.07 48.84 8.47
CA ILE O 237 -12.98 47.46 8.01
C ILE O 237 -12.30 46.64 9.10
N ILE O 238 -12.94 45.55 9.50
CA ILE O 238 -12.40 44.62 10.49
C ILE O 238 -11.71 43.48 9.74
N PHE O 239 -10.50 43.15 10.18
CA PHE O 239 -9.71 42.10 9.55
C PHE O 239 -9.40 41.03 10.59
N MET O 240 -9.87 39.82 10.32
CA MET O 240 -9.55 38.68 11.15
C MET O 240 -8.28 38.02 10.65
N ASP O 241 -7.74 37.13 11.48
CA ASP O 241 -6.48 36.46 11.18
C ASP O 241 -6.51 35.10 11.84
N GLU O 242 -6.45 34.03 11.03
CA GLU O 242 -6.35 32.64 11.47
C GLU O 242 -7.52 32.24 12.38
N ILE O 243 -8.68 32.14 11.74
CA ILE O 243 -9.93 31.87 12.43
C ILE O 243 -10.05 30.35 12.60
N ASP O 244 -9.04 29.63 12.12
CA ASP O 244 -8.86 28.22 12.47
C ASP O 244 -8.78 28.02 13.98
N SER O 245 -8.13 28.95 14.68
CA SER O 245 -8.01 28.83 16.13
C SER O 245 -9.33 29.15 16.82
N ILE O 246 -10.03 30.17 16.33
CA ILE O 246 -11.27 30.62 16.96
C ILE O 246 -12.41 29.91 16.25
N GLY O 247 -12.78 28.74 16.77
CA GLY O 247 -13.94 28.06 16.23
C GLY O 247 -13.61 26.96 15.24
N SER O 248 -13.73 25.71 15.67
CA SER O 248 -13.57 24.56 14.80
C SER O 248 -14.86 23.77 14.65
N SER O 249 -15.42 23.28 15.76
CA SER O 249 -16.55 22.37 15.68
C SER O 249 -17.27 22.35 17.01
N ARG O 250 -18.59 22.38 16.96
CA ARG O 250 -19.40 22.31 18.16
C ARG O 250 -19.37 20.88 18.68
N LEU O 251 -18.59 20.64 19.71
CA LEU O 251 -18.47 19.33 20.32
C LEU O 251 -19.49 19.22 21.46
N GLU O 252 -19.33 18.21 22.31
CA GLU O 252 -20.18 17.97 23.46
C GLU O 252 -19.83 18.93 24.59
N GLY O 253 -20.30 18.64 25.81
CA GLY O 253 -19.98 19.47 26.96
C GLY O 253 -18.56 19.33 27.48
N GLY O 254 -18.39 19.49 28.78
CA GLY O 254 -17.06 19.55 29.37
C GLY O 254 -16.28 18.26 29.46
N SER O 255 -16.74 17.18 28.83
CA SER O 255 -16.05 15.91 28.93
C SER O 255 -14.85 15.84 28.00
N GLY O 256 -15.09 15.92 26.70
CA GLY O 256 -14.03 15.86 25.72
C GLY O 256 -14.04 17.07 24.80
N GLY O 257 -14.48 18.21 25.33
CA GLY O 257 -14.52 19.43 24.55
C GLY O 257 -14.13 20.62 25.40
N ASP O 258 -13.88 21.74 24.72
CA ASP O 258 -13.58 22.97 25.43
C ASP O 258 -14.84 23.53 26.08
N SER O 259 -15.88 23.77 25.26
CA SER O 259 -17.16 24.35 25.67
C SER O 259 -17.00 25.72 26.33
N GLU O 260 -15.95 26.43 26.00
CA GLU O 260 -15.78 27.79 26.48
C GLU O 260 -15.58 28.77 25.33
N VAL O 261 -14.78 28.41 24.33
CA VAL O 261 -14.73 29.21 23.10
C VAL O 261 -15.99 29.04 22.27
N GLN O 262 -16.80 28.03 22.56
CA GLN O 262 -18.15 27.95 22.00
C GLN O 262 -19.00 29.11 22.46
N ARG O 263 -18.81 29.57 23.69
CA ARG O 263 -19.57 30.71 24.19
C ARG O 263 -19.18 32.00 23.49
N THR O 264 -17.90 32.13 23.11
CA THR O 264 -17.47 33.32 22.41
C THR O 264 -17.79 33.24 20.92
N MET O 265 -17.66 32.05 20.33
CA MET O 265 -17.94 31.88 18.91
C MET O 265 -19.42 32.13 18.59
N LEU O 266 -20.30 31.68 19.50
CA LEU O 266 -21.73 31.85 19.30
C LEU O 266 -22.13 33.32 19.27
N GLU O 267 -21.37 34.17 19.96
CA GLU O 267 -21.62 35.61 19.91
C GLU O 267 -21.26 36.20 18.55
N LEU O 268 -20.15 35.76 17.97
CA LEU O 268 -19.68 36.32 16.70
C LEU O 268 -20.64 36.02 15.56
N LEU O 269 -21.28 34.86 15.59
CA LEU O 269 -22.35 34.58 14.64
C LEU O 269 -23.55 35.49 14.89
N ASN O 270 -23.82 35.79 16.17
CA ASN O 270 -24.98 36.57 16.53
C ASN O 270 -24.73 38.08 16.50
N GLN O 271 -23.49 38.52 16.64
CA GLN O 271 -23.22 39.95 16.72
C GLN O 271 -23.36 40.64 15.36
N LEU O 272 -23.13 39.93 14.26
CA LEU O 272 -23.30 40.49 12.94
C LEU O 272 -24.65 40.17 12.32
N ASP O 273 -25.35 39.15 12.81
CA ASP O 273 -26.61 38.76 12.21
C ASP O 273 -27.50 38.19 13.30
N GLY O 274 -28.70 38.76 13.44
CA GLY O 274 -29.69 38.22 14.35
C GLY O 274 -30.40 39.27 15.17
N PHE O 275 -29.69 40.32 15.57
CA PHE O 275 -30.29 41.47 16.25
C PHE O 275 -30.59 42.59 15.27
N GLU O 276 -29.56 43.13 14.63
CA GLU O 276 -29.71 44.18 13.62
C GLU O 276 -28.70 43.93 12.51
N ALA O 277 -29.19 43.96 11.27
CA ALA O 277 -28.31 43.83 10.11
C ALA O 277 -27.49 45.11 9.99
N THR O 278 -26.21 45.02 10.34
CA THR O 278 -25.35 46.19 10.39
C THR O 278 -25.02 46.67 8.97
N LYS O 279 -24.50 47.89 8.90
CA LYS O 279 -24.17 48.52 7.63
C LYS O 279 -22.82 49.21 7.76
N ASN O 280 -22.18 49.39 6.59
CA ASN O 280 -20.86 50.04 6.44
C ASN O 280 -19.76 49.32 7.20
N ILE O 281 -19.95 48.04 7.52
CA ILE O 281 -18.98 47.25 8.26
C ILE O 281 -18.74 45.97 7.49
N LYS O 282 -17.51 45.77 7.04
CA LYS O 282 -17.12 44.61 6.25
C LYS O 282 -16.04 43.87 7.00
N VAL O 283 -16.22 42.57 7.15
CA VAL O 283 -15.23 41.72 7.80
C VAL O 283 -14.47 40.96 6.74
N ILE O 284 -13.21 40.65 7.02
CA ILE O 284 -12.36 39.90 6.11
C ILE O 284 -11.80 38.72 6.88
N MET O 285 -12.05 37.51 6.39
CA MET O 285 -11.65 36.30 7.06
C MET O 285 -10.56 35.61 6.25
N ALA O 286 -9.38 35.46 6.84
CA ALA O 286 -8.21 34.93 6.16
C ALA O 286 -7.66 33.75 6.95
N THR O 287 -7.99 32.54 6.51
CA THR O 287 -7.36 31.32 6.98
C THR O 287 -7.48 30.26 5.90
N ASN O 288 -6.55 29.32 5.89
CA ASN O 288 -6.55 28.26 4.90
C ASN O 288 -7.19 27.00 5.48
N ARG O 289 -7.17 25.91 4.71
CA ARG O 289 -7.50 24.55 5.13
C ARG O 289 -8.93 24.44 5.64
N ILE O 290 -9.88 24.63 4.72
CA ILE O 290 -11.27 24.75 5.16
C ILE O 290 -11.89 23.38 5.36
N ASP O 291 -11.54 22.71 6.45
CA ASP O 291 -12.34 21.61 6.93
C ASP O 291 -12.42 21.62 8.44
N ILE O 292 -11.43 22.27 9.07
CA ILE O 292 -11.39 22.26 10.53
C ILE O 292 -12.47 23.16 11.11
N LEU O 293 -12.61 24.37 10.56
CA LEU O 293 -13.57 25.34 11.08
C LEU O 293 -15.00 24.93 10.73
N ASP O 294 -15.94 25.58 11.41
CA ASP O 294 -17.35 25.25 11.26
C ASP O 294 -17.89 25.76 9.94
N SER O 295 -18.84 25.03 9.38
CA SER O 295 -19.51 25.42 8.15
C SER O 295 -20.83 26.13 8.40
N ALA O 296 -21.14 26.43 9.66
CA ALA O 296 -22.40 27.11 9.97
C ALA O 296 -22.38 28.56 9.49
N LEU O 297 -21.27 29.26 9.72
CA LEU O 297 -21.09 30.61 9.21
C LEU O 297 -20.62 30.62 7.76
N LEU O 298 -20.32 29.45 7.19
CA LEU O 298 -19.92 29.36 5.79
C LEU O 298 -21.10 29.24 4.84
N ARG O 299 -22.32 29.34 5.35
CA ARG O 299 -23.48 29.36 4.50
C ARG O 299 -23.58 30.72 3.79
N PRO O 300 -24.27 30.79 2.65
CA PRO O 300 -24.39 32.08 1.96
C PRO O 300 -25.26 33.11 2.68
N GLY O 301 -25.96 32.73 3.74
CA GLY O 301 -26.63 33.73 4.57
C GLY O 301 -25.67 34.60 5.35
N ARG O 302 -24.42 34.18 5.52
CA ARG O 302 -23.43 34.92 6.27
C ARG O 302 -22.27 35.40 5.39
N ILE O 303 -21.62 34.49 4.68
CA ILE O 303 -20.47 34.82 3.85
C ILE O 303 -20.88 34.71 2.39
N ASP O 304 -20.83 35.83 1.68
CA ASP O 304 -21.20 35.89 0.28
C ASP O 304 -20.02 35.69 -0.66
N ARG O 305 -18.79 35.88 -0.19
CA ARG O 305 -17.62 35.89 -1.05
C ARG O 305 -16.57 34.94 -0.49
N LYS O 306 -16.17 33.96 -1.31
CA LYS O 306 -15.13 33.00 -0.98
C LYS O 306 -14.07 33.07 -2.09
N ILE O 307 -13.07 33.91 -1.91
CA ILE O 307 -12.02 34.07 -2.91
C ILE O 307 -10.87 33.14 -2.56
N GLU O 308 -10.54 32.25 -3.48
CA GLU O 308 -9.40 31.36 -3.32
C GLU O 308 -8.12 32.07 -3.76
N PHE O 309 -7.00 31.37 -3.62
CA PHE O 309 -5.70 31.89 -4.05
C PHE O 309 -4.92 30.76 -4.69
N PRO O 310 -4.92 30.68 -6.02
CA PRO O 310 -4.25 29.58 -6.69
C PRO O 310 -2.74 29.76 -6.68
N PRO O 311 -1.98 28.70 -6.95
CA PRO O 311 -0.54 28.87 -7.17
C PRO O 311 -0.28 29.67 -8.42
N PRO O 312 0.82 30.42 -8.48
CA PRO O 312 1.01 31.35 -9.59
C PRO O 312 1.39 30.64 -10.88
N ASN O 313 1.14 31.32 -12.00
CA ASN O 313 1.46 30.82 -13.32
C ASN O 313 2.84 31.32 -13.75
N GLU O 314 3.20 31.07 -15.01
CA GLU O 314 4.54 31.38 -15.46
C GLU O 314 4.77 32.87 -15.57
N GLU O 315 3.80 33.60 -16.11
CA GLU O 315 3.89 35.06 -16.13
C GLU O 315 3.75 35.64 -14.73
N ALA O 316 2.99 34.98 -13.86
CA ALA O 316 2.84 35.44 -12.50
C ALA O 316 4.13 35.23 -11.70
N ARG O 317 4.81 34.10 -11.93
CA ARG O 317 6.13 33.91 -11.35
C ARG O 317 7.14 34.89 -11.91
N LEU O 318 7.00 35.26 -13.19
CA LEU O 318 7.93 36.20 -13.82
C LEU O 318 7.76 37.60 -13.25
N ASP O 319 6.54 38.02 -12.96
CA ASP O 319 6.30 39.38 -12.52
C ASP O 319 6.71 39.59 -11.07
N ILE O 320 6.51 38.59 -10.22
CA ILE O 320 6.98 38.67 -8.84
C ILE O 320 8.50 38.67 -8.81
N LEU O 321 9.12 37.90 -9.71
CA LEU O 321 10.57 37.87 -9.82
C LEU O 321 11.14 39.21 -10.26
N LYS O 322 10.41 39.95 -11.09
CA LYS O 322 10.88 41.27 -11.50
C LYS O 322 10.73 42.30 -10.39
N ILE O 323 9.81 42.08 -9.45
CA ILE O 323 9.68 43.00 -8.32
C ILE O 323 10.85 42.82 -7.37
N HIS O 324 11.20 41.58 -7.05
CA HIS O 324 12.28 41.34 -6.11
C HIS O 324 13.65 41.62 -6.71
N SER O 325 13.80 41.41 -8.02
CA SER O 325 15.05 41.75 -8.69
C SER O 325 15.18 43.22 -9.01
N ARG O 326 14.13 44.02 -8.78
CA ARG O 326 14.20 45.44 -9.07
C ARG O 326 15.11 46.18 -8.10
N LYS O 327 15.05 45.80 -6.82
CA LYS O 327 15.92 46.41 -5.82
C LYS O 327 17.31 45.80 -5.79
N MET O 328 17.58 44.82 -6.63
CA MET O 328 18.86 44.12 -6.62
C MET O 328 19.77 44.66 -7.72
N ASN O 329 20.96 44.07 -7.84
CA ASN O 329 21.94 44.44 -8.85
C ASN O 329 22.10 43.27 -9.80
N LEU O 330 21.87 43.50 -11.09
CA LEU O 330 21.89 42.43 -12.08
C LEU O 330 22.99 42.67 -13.11
N THR O 331 23.48 41.59 -13.67
CA THR O 331 24.43 41.62 -14.78
C THR O 331 23.69 41.26 -16.06
N ARG O 332 24.11 41.88 -17.17
CA ARG O 332 23.50 41.66 -18.47
C ARG O 332 23.71 40.22 -18.94
N GLY O 333 22.84 39.80 -19.86
CA GLY O 333 22.87 38.44 -20.36
C GLY O 333 22.30 37.45 -19.35
N ILE O 334 21.05 37.67 -18.95
CA ILE O 334 20.38 36.82 -17.98
C ILE O 334 18.91 36.74 -18.39
N ASN O 335 18.29 35.59 -18.14
CA ASN O 335 16.90 35.36 -18.55
C ASN O 335 16.09 35.03 -17.31
N LEU O 336 15.24 35.98 -16.89
CA LEU O 336 14.36 35.74 -15.76
C LEU O 336 13.21 34.81 -16.10
N ARG O 337 12.90 34.64 -17.39
CA ARG O 337 11.79 33.78 -17.78
C ARG O 337 12.10 32.32 -17.51
N LYS O 338 13.35 31.90 -17.77
CA LYS O 338 13.75 30.52 -17.54
C LYS O 338 13.77 30.19 -16.06
N ILE O 339 13.98 31.20 -15.20
CA ILE O 339 13.90 30.98 -13.77
C ILE O 339 12.48 30.65 -13.36
N ALA O 340 11.50 31.34 -13.95
CA ALA O 340 10.10 30.98 -13.72
C ALA O 340 9.74 29.66 -14.38
N GLU O 341 10.42 29.31 -15.47
CA GLU O 341 10.14 28.06 -16.17
C GLU O 341 10.77 26.86 -15.50
N LEU O 342 11.75 27.05 -14.63
CA LEU O 342 12.32 25.97 -13.85
C LEU O 342 11.59 25.76 -12.53
N MET O 343 10.44 26.40 -12.35
CA MET O 343 9.64 26.27 -11.14
C MET O 343 8.35 25.55 -11.48
N PRO O 344 8.28 24.23 -11.30
CA PRO O 344 7.08 23.49 -11.70
C PRO O 344 5.92 23.69 -10.74
N GLY O 345 5.20 24.79 -10.93
CA GLY O 345 4.09 25.09 -10.04
C GLY O 345 4.59 25.57 -8.69
N ALA O 346 5.22 26.73 -8.66
CA ALA O 346 5.80 27.25 -7.44
C ALA O 346 4.72 27.85 -6.54
N SER O 347 5.17 28.52 -5.48
CA SER O 347 4.28 29.11 -4.50
C SER O 347 4.30 30.63 -4.50
N GLY O 348 5.33 31.25 -5.06
CA GLY O 348 5.44 32.70 -5.01
C GLY O 348 6.17 33.19 -3.77
N ALA O 349 5.98 32.50 -2.65
CA ALA O 349 6.74 32.80 -1.44
C ALA O 349 8.21 32.45 -1.58
N GLU O 350 8.53 31.45 -2.38
CA GLU O 350 9.92 31.06 -2.60
C GLU O 350 10.60 31.85 -3.69
N VAL O 351 9.92 32.83 -4.29
CA VAL O 351 10.58 33.79 -5.16
C VAL O 351 11.52 34.67 -4.36
N LYS O 352 11.13 34.99 -3.12
CA LYS O 352 12.05 35.60 -2.17
C LYS O 352 13.22 34.68 -1.88
N GLY O 353 12.94 33.38 -1.66
CA GLY O 353 13.97 32.43 -1.30
C GLY O 353 15.02 32.22 -2.37
N VAL O 354 14.63 32.38 -3.64
CA VAL O 354 15.62 32.38 -4.70
C VAL O 354 16.44 33.66 -4.66
N CYS O 355 15.77 34.80 -4.42
CA CYS O 355 16.47 36.08 -4.39
C CYS O 355 17.32 36.25 -3.14
N THR O 356 17.04 35.49 -2.09
CA THR O 356 17.97 35.48 -0.96
C THR O 356 19.19 34.63 -1.26
N GLU O 357 19.00 33.43 -1.82
CA GLU O 357 20.12 32.52 -2.04
C GLU O 357 21.03 32.99 -3.17
N ALA O 358 20.47 33.72 -4.15
CA ALA O 358 21.30 34.22 -5.23
C ALA O 358 22.19 35.37 -4.77
N GLY O 359 21.64 36.29 -3.98
CA GLY O 359 22.45 37.38 -3.45
C GLY O 359 23.44 36.93 -2.40
N MET O 360 23.14 35.83 -1.71
CA MET O 360 24.04 35.30 -0.70
C MET O 360 25.22 34.57 -1.32
N TYR O 361 25.00 33.94 -2.48
CA TYR O 361 26.12 33.34 -3.20
C TYR O 361 27.01 34.40 -3.81
N ALA O 362 26.44 35.54 -4.20
CA ALA O 362 27.25 36.66 -4.65
C ALA O 362 27.92 37.36 -3.48
N LEU O 363 27.39 37.19 -2.27
CA LEU O 363 28.01 37.79 -1.10
C LEU O 363 29.34 37.12 -0.78
N ARG O 364 29.39 35.78 -0.82
CA ARG O 364 30.58 35.05 -0.43
C ARG O 364 31.71 35.14 -1.45
N GLU O 365 31.50 35.80 -2.58
CA GLU O 365 32.57 36.15 -3.50
C GLU O 365 32.96 37.61 -3.40
N ARG O 366 32.32 38.37 -2.50
CA ARG O 366 32.45 39.82 -2.37
C ARG O 366 32.19 40.51 -3.70
N ARG O 367 31.13 40.08 -4.38
CA ARG O 367 30.85 40.50 -5.74
C ARG O 367 29.43 41.03 -5.82
N VAL O 368 29.28 42.22 -6.39
CA VAL O 368 27.95 42.80 -6.59
C VAL O 368 27.29 42.32 -7.88
N HIS O 369 27.97 41.47 -8.65
CA HIS O 369 27.43 40.95 -9.88
C HIS O 369 26.91 39.53 -9.68
N VAL O 370 25.88 39.19 -10.44
CA VAL O 370 25.22 37.89 -10.32
C VAL O 370 24.93 37.36 -11.73
N THR O 371 25.15 36.07 -11.93
CA THR O 371 24.91 35.43 -13.21
C THR O 371 23.61 34.64 -13.14
N GLN O 372 23.26 34.04 -14.27
CA GLN O 372 22.10 33.15 -14.29
C GLN O 372 22.39 31.86 -13.54
N GLU O 373 23.67 31.43 -13.53
CA GLU O 373 24.06 30.20 -12.85
C GLU O 373 23.86 30.30 -11.33
N ASP O 374 23.97 31.50 -10.77
CA ASP O 374 23.69 31.68 -9.36
C ASP O 374 22.21 31.48 -9.05
N PHE O 375 21.33 31.89 -9.97
CA PHE O 375 19.91 31.62 -9.79
C PHE O 375 19.58 30.16 -10.03
N GLU O 376 20.34 29.50 -10.90
CA GLU O 376 20.06 28.10 -11.20
C GLU O 376 20.43 27.18 -10.03
N MET O 377 21.44 27.57 -9.25
CA MET O 377 21.75 26.83 -8.04
C MET O 377 20.83 27.23 -6.89
N ALA O 378 20.23 28.42 -6.97
CA ALA O 378 19.33 28.87 -5.92
C ALA O 378 17.97 28.19 -6.02
N VAL O 379 17.48 27.98 -7.25
CA VAL O 379 16.21 27.28 -7.42
C VAL O 379 16.35 25.81 -7.10
N ALA O 380 17.44 25.19 -7.56
CA ALA O 380 17.67 23.76 -7.33
C ALA O 380 17.91 23.42 -5.87
N LYS O 381 18.34 24.39 -5.05
CA LYS O 381 18.47 24.16 -3.62
C LYS O 381 17.11 24.15 -2.94
N VAL O 382 16.22 25.07 -3.31
CA VAL O 382 14.91 25.15 -2.67
C VAL O 382 14.02 23.99 -3.10
N MET O 383 14.21 23.50 -4.33
CA MET O 383 13.43 22.35 -4.82
C MET O 383 13.94 21.08 -4.16
N GLN O 384 13.56 20.90 -2.90
CA GLN O 384 13.86 19.71 -2.12
C GLN O 384 12.52 19.09 -1.78
N LYS O 385 12.03 18.21 -2.65
CA LYS O 385 10.76 17.56 -2.49
C LYS O 385 10.98 16.07 -2.29
N ASP O 386 10.06 15.43 -1.58
CA ASP O 386 10.12 13.98 -1.37
C ASP O 386 9.37 13.29 -2.51
N SER O 387 9.97 13.38 -3.69
CA SER O 387 9.34 12.91 -4.92
C SER O 387 9.84 11.56 -5.40
N GLU O 388 10.98 11.08 -4.85
CA GLU O 388 11.52 9.73 -5.08
C GLU O 388 11.79 9.47 -6.56
N LYS O 389 12.75 10.22 -7.10
CA LYS O 389 13.01 10.27 -8.53
C LYS O 389 13.85 9.09 -9.04
N ASN O 390 13.39 7.88 -8.70
CA ASN O 390 14.06 6.66 -9.13
C ASN O 390 13.74 6.28 -10.57
N MET O 391 12.85 7.03 -11.24
CA MET O 391 12.25 6.67 -12.54
C MET O 391 11.61 5.29 -12.48
N SER O 392 10.98 5.01 -11.34
CA SER O 392 10.24 3.77 -11.14
C SER O 392 8.96 3.96 -10.36
N ILE O 393 8.74 5.10 -9.72
CA ILE O 393 7.50 5.38 -9.01
C ILE O 393 6.54 6.15 -9.90
N LYS O 394 7.03 7.16 -10.61
CA LYS O 394 6.24 7.85 -11.62
C LYS O 394 6.31 7.16 -12.98
N LYS O 395 6.88 5.96 -13.04
CA LYS O 395 7.14 5.31 -14.31
C LYS O 395 6.60 3.89 -14.44
N LEU O 396 6.04 3.29 -13.38
CA LEU O 396 5.24 2.09 -13.56
C LEU O 396 3.79 2.41 -13.88
N TRP O 397 3.47 3.70 -14.02
CA TRP O 397 2.10 4.19 -14.03
C TRP O 397 1.90 5.15 -15.19
N LYS O 398 2.34 4.79 -16.40
CA LYS O 398 2.33 5.76 -17.50
C LYS O 398 0.93 5.94 -18.05
N ASP P 39 0.15 127.14 44.57
CA ASP P 39 0.07 125.74 44.96
C ASP P 39 1.44 125.09 44.91
N LEU P 40 2.41 125.71 45.58
CA LEU P 40 3.79 125.24 45.53
C LEU P 40 4.27 124.61 46.82
N TYR P 41 3.54 124.78 47.92
CA TYR P 41 3.92 124.12 49.17
C TYR P 41 3.00 122.96 49.52
N SER P 42 1.71 123.05 49.17
CA SER P 42 0.79 121.97 49.47
C SER P 42 1.10 120.72 48.67
N ARG P 43 1.61 120.88 47.45
CA ARG P 43 2.07 119.74 46.67
C ARG P 43 3.34 119.13 47.24
N TYR P 44 4.17 119.92 47.91
CA TYR P 44 5.50 119.46 48.27
C TYR P 44 5.46 118.47 49.42
N LYS P 45 4.52 118.64 50.35
CA LYS P 45 4.38 117.63 51.39
C LYS P 45 3.68 116.38 50.85
N LYS P 46 2.77 116.56 49.89
CA LYS P 46 2.08 115.42 49.30
C LYS P 46 3.02 114.54 48.49
N LEU P 47 4.08 115.12 47.92
CA LEU P 47 5.06 114.29 47.23
C LEU P 47 5.91 113.51 48.21
N GLN P 48 6.01 113.98 49.46
CA GLN P 48 6.76 113.23 50.47
C GLN P 48 5.95 112.06 50.98
N GLN P 49 4.65 112.26 51.21
CA GLN P 49 3.81 111.21 51.75
C GLN P 49 3.58 110.11 50.73
N GLU P 50 3.50 110.47 49.45
CA GLU P 50 3.49 109.46 48.40
C GLU P 50 4.83 108.74 48.31
N LEU P 51 5.92 109.43 48.67
CA LEU P 51 7.22 108.79 48.68
C LEU P 51 7.35 107.86 49.88
N GLU P 52 6.88 108.30 51.04
CA GLU P 52 7.09 107.50 52.25
C GLU P 52 6.19 106.28 52.29
N PHE P 53 4.97 106.38 51.77
CA PHE P 53 4.10 105.21 51.68
C PHE P 53 4.67 104.19 50.72
N LEU P 54 5.20 104.66 49.59
CA LEU P 54 5.72 103.76 48.57
C LEU P 54 6.99 103.07 49.03
N GLU P 55 7.78 103.73 49.88
CA GLU P 55 8.95 103.06 50.45
C GLU P 55 8.54 102.02 51.48
N VAL P 56 7.37 102.17 52.09
CA VAL P 56 6.82 101.12 52.93
C VAL P 56 6.22 100.03 52.06
N GLN P 57 5.51 100.42 51.00
CA GLN P 57 4.83 99.44 50.15
C GLN P 57 5.81 98.59 49.34
N GLU P 58 7.02 99.10 49.10
CA GLU P 58 8.03 98.24 48.50
C GLU P 58 8.68 97.33 49.52
N GLU P 59 8.52 97.62 50.81
CA GLU P 59 9.27 96.88 51.83
C GLU P 59 8.63 95.54 52.11
N TYR P 60 7.35 95.55 52.51
CA TYR P 60 6.76 94.34 53.05
C TYR P 60 6.39 93.34 51.96
N ILE P 61 6.11 93.81 50.75
CA ILE P 61 5.94 92.88 49.62
C ILE P 61 7.25 92.20 49.31
N LYS P 62 8.35 92.94 49.39
CA LYS P 62 9.67 92.35 49.32
C LYS P 62 9.93 91.44 50.52
N ASP P 63 9.35 91.76 51.66
CA ASP P 63 9.46 90.89 52.83
C ASP P 63 8.56 89.67 52.69
N GLU P 64 7.37 89.84 52.10
CA GLU P 64 6.41 88.74 51.98
C GLU P 64 6.95 87.64 51.08
N GLN P 65 7.75 88.01 50.09
CA GLN P 65 8.27 87.05 49.12
C GLN P 65 9.24 86.06 49.77
N LYS P 66 9.90 86.46 50.86
CA LYS P 66 10.72 85.51 51.61
C LYS P 66 9.85 84.48 52.30
N ASN P 67 8.83 84.92 53.02
CA ASN P 67 7.97 84.00 53.75
C ASN P 67 7.06 83.22 52.83
N LEU P 68 6.83 83.70 51.61
CA LEU P 68 5.98 82.95 50.69
C LEU P 68 6.77 81.84 50.01
N LYS P 69 8.10 81.95 49.98
CA LYS P 69 8.92 80.83 49.54
C LYS P 69 8.95 79.72 50.57
N LYS P 70 8.78 80.05 51.85
CA LYS P 70 8.77 79.03 52.88
C LYS P 70 7.57 78.11 52.74
N GLU P 71 6.42 78.67 52.37
CA GLU P 71 5.27 77.83 52.05
C GLU P 71 5.47 77.11 50.73
N PHE P 72 6.22 77.71 49.81
CA PHE P 72 6.48 77.05 48.55
C PHE P 72 7.51 75.94 48.71
N LEU P 73 8.44 76.09 49.65
CA LEU P 73 9.34 74.99 49.97
C LEU P 73 8.63 73.89 50.74
N HIS P 74 7.54 74.22 51.42
CA HIS P 74 6.71 73.18 52.04
C HIS P 74 6.04 72.33 50.98
N ALA P 75 5.49 72.96 49.94
CA ALA P 75 4.73 72.24 48.93
C ALA P 75 5.64 71.39 48.04
N GLN P 76 6.91 71.78 47.90
CA GLN P 76 7.85 70.93 47.18
C GLN P 76 8.10 69.64 47.93
N GLU P 77 8.27 69.72 49.25
CA GLU P 77 8.55 68.53 50.04
C GLU P 77 7.31 67.67 50.20
N GLU P 78 6.12 68.28 50.15
CA GLU P 78 4.88 67.52 50.27
C GLU P 78 4.65 66.64 49.05
N VAL P 79 4.87 67.20 47.86
CA VAL P 79 4.80 66.43 46.63
C VAL P 79 5.96 65.43 46.56
N LYS P 80 7.08 65.75 47.22
CA LYS P 80 8.23 64.85 47.22
C LYS P 80 7.92 63.58 48.00
N ARG P 81 7.27 63.69 49.15
CA ARG P 81 6.98 62.52 49.98
C ARG P 81 5.58 61.95 49.74
N ILE P 82 4.92 62.34 48.65
CA ILE P 82 3.67 61.68 48.30
C ILE P 82 3.95 60.43 47.46
N GLN P 83 5.17 60.27 46.98
CA GLN P 83 5.49 59.26 45.99
C GLN P 83 6.49 58.22 46.46
N SER P 84 7.22 58.47 47.54
CA SER P 84 8.32 57.63 47.98
C SER P 84 7.89 56.53 48.92
N ILE P 85 6.65 56.05 48.77
CA ILE P 85 6.01 55.18 49.75
C ILE P 85 5.77 53.84 49.09
N PRO P 86 5.55 52.78 49.86
CA PRO P 86 5.05 51.55 49.26
C PRO P 86 3.66 51.74 48.66
N LEU P 87 3.49 51.21 47.46
CA LEU P 87 2.31 51.49 46.64
C LEU P 87 2.07 50.33 45.69
N VAL P 88 0.93 50.36 45.01
CA VAL P 88 0.55 49.30 44.11
C VAL P 88 0.87 49.70 42.68
N ILE P 89 0.82 48.74 41.76
CA ILE P 89 1.10 48.98 40.36
C ILE P 89 -0.14 48.64 39.55
N GLY P 90 -0.66 49.62 38.83
CA GLY P 90 -1.75 49.38 37.91
C GLY P 90 -1.31 49.68 36.49
N GLN P 91 -2.27 49.80 35.58
CA GLN P 91 -1.99 50.11 34.19
C GLN P 91 -2.80 51.31 33.77
N PHE P 92 -2.18 52.16 32.94
CA PHE P 92 -2.88 53.30 32.37
C PHE P 92 -3.86 52.79 31.32
N LEU P 93 -5.13 53.18 31.46
CA LEU P 93 -6.07 52.76 30.44
C LEU P 93 -6.37 53.87 29.44
N GLU P 94 -6.94 54.98 29.92
CA GLU P 94 -7.35 56.08 29.04
C GLU P 94 -7.12 57.40 29.76
N ALA P 95 -7.28 58.49 29.01
CA ALA P 95 -7.12 59.83 29.55
C ALA P 95 -8.33 60.66 29.15
N VAL P 96 -8.99 61.26 30.15
CA VAL P 96 -10.17 62.07 29.89
C VAL P 96 -9.77 63.39 29.23
N ASP P 97 -8.96 64.17 29.93
CA ASP P 97 -8.53 65.49 29.48
C ASP P 97 -7.25 65.85 30.21
N GLN P 98 -6.94 67.15 30.26
CA GLN P 98 -5.95 67.68 31.18
C GLN P 98 -6.25 67.26 32.62
N ASN P 99 -5.18 66.91 33.34
CA ASN P 99 -5.07 66.49 34.74
C ASN P 99 -6.19 65.58 35.26
N THR P 100 -6.64 64.64 34.44
CA THR P 100 -7.62 63.63 34.84
C THR P 100 -7.54 62.47 33.86
N ALA P 101 -7.44 61.24 34.37
CA ALA P 101 -7.33 60.06 33.53
C ALA P 101 -8.23 58.95 34.06
N ILE P 102 -8.28 57.85 33.31
CA ILE P 102 -9.01 56.66 33.67
C ILE P 102 -8.01 55.52 33.70
N VAL P 103 -7.76 54.97 34.89
CA VAL P 103 -6.82 53.86 35.02
C VAL P 103 -7.50 52.69 35.72
N GLY P 104 -7.07 51.50 35.35
CA GLY P 104 -7.53 50.29 36.00
C GLY P 104 -6.35 49.56 36.60
N SER P 105 -6.56 49.06 37.81
CA SER P 105 -5.51 48.39 38.53
C SER P 105 -5.42 46.94 38.07
N THR P 106 -4.45 46.21 38.62
CA THR P 106 -4.28 44.80 38.31
C THR P 106 -5.21 43.91 39.12
N THR P 107 -5.96 44.47 40.07
CA THR P 107 -6.95 43.72 40.84
C THR P 107 -8.34 43.84 40.26
N GLY P 108 -8.47 44.00 38.93
CA GLY P 108 -9.74 44.30 38.32
C GLY P 108 -10.19 45.70 38.74
N SER P 109 -11.50 45.93 38.61
CA SER P 109 -12.22 47.07 39.20
C SER P 109 -11.64 48.40 38.71
N ASN P 110 -11.87 48.66 37.42
CA ASN P 110 -11.40 49.88 36.76
C ASN P 110 -11.85 51.14 37.51
N TYR P 111 -10.90 52.05 37.75
CA TYR P 111 -11.13 53.19 38.61
C TYR P 111 -11.24 54.49 37.82
N TYR P 112 -11.30 55.59 38.54
CA TYR P 112 -11.36 56.93 37.96
C TYR P 112 -10.76 57.90 38.96
N VAL P 113 -9.54 58.35 38.69
CA VAL P 113 -8.82 59.25 39.60
C VAL P 113 -8.23 60.42 38.83
N ARG P 114 -7.48 61.26 39.52
CA ARG P 114 -6.78 62.40 38.92
C ARG P 114 -5.28 62.15 38.92
N ILE P 115 -4.56 62.93 38.13
CA ILE P 115 -3.12 62.73 37.95
C ILE P 115 -2.40 63.95 38.49
N LEU P 116 -1.07 63.93 38.47
CA LEU P 116 -0.28 65.08 38.88
C LEU P 116 0.34 65.76 37.66
N SER P 117 0.78 67.00 37.87
CA SER P 117 1.40 67.76 36.80
C SER P 117 2.87 67.40 36.60
N THR P 118 3.48 66.72 37.57
CA THR P 118 4.87 66.32 37.42
C THR P 118 5.00 65.17 36.44
N ILE P 119 3.99 64.30 36.40
CA ILE P 119 3.95 63.22 35.42
C ILE P 119 3.81 63.82 34.03
N ASP P 120 4.76 63.49 33.15
CA ASP P 120 4.75 64.02 31.79
C ASP P 120 3.62 63.41 30.98
N ARG P 121 2.87 64.28 30.29
CA ARG P 121 1.70 63.81 29.57
C ARG P 121 2.04 63.18 28.23
N GLU P 122 3.30 63.28 27.77
CA GLU P 122 3.73 62.64 26.54
C GLU P 122 4.39 61.29 26.80
N LEU P 123 4.01 60.61 27.86
CA LEU P 123 4.49 59.28 28.17
C LEU P 123 3.37 58.27 28.31
N LEU P 124 2.13 58.67 28.06
CA LEU P 124 0.96 57.89 28.48
C LEU P 124 0.05 57.61 27.30
N LYS P 125 0.63 57.24 26.18
CA LYS P 125 -0.24 56.76 25.09
C LYS P 125 -0.70 55.32 25.31
N PRO P 126 0.20 54.29 25.49
CA PRO P 126 -0.33 52.92 25.51
C PRO P 126 -0.82 52.50 26.87
N ASN P 127 -1.13 51.22 27.02
CA ASN P 127 -1.37 50.63 28.33
C ASN P 127 -0.05 50.45 29.05
N ALA P 128 0.44 51.51 29.66
CA ALA P 128 1.77 51.52 30.26
C ALA P 128 1.68 51.26 31.76
N SER P 129 2.81 50.82 32.32
CA SER P 129 2.87 50.49 33.74
C SER P 129 2.96 51.77 34.55
N VAL P 130 2.00 51.96 35.45
CA VAL P 130 1.92 53.16 36.26
C VAL P 130 1.90 52.80 37.74
N ALA P 131 1.91 53.81 38.59
CA ALA P 131 1.89 53.63 40.03
C ALA P 131 0.62 54.24 40.61
N LEU P 132 0.14 53.68 41.71
CA LEU P 132 -1.11 54.13 42.30
C LEU P 132 -0.98 54.14 43.82
N HIS P 133 -1.63 55.12 44.46
CA HIS P 133 -1.70 55.14 45.91
C HIS P 133 -2.63 54.03 46.40
N LYS P 134 -2.49 53.69 47.68
CA LYS P 134 -3.37 52.66 48.24
C LYS P 134 -4.73 53.23 48.65
N HIS P 135 -4.80 54.51 49.00
CA HIS P 135 -6.03 55.12 49.44
C HIS P 135 -6.59 56.12 48.44
N SER P 136 -5.79 57.11 48.07
CA SER P 136 -6.23 58.09 47.09
C SER P 136 -6.27 57.51 45.69
N ASN P 137 -5.43 56.50 45.44
CA ASN P 137 -5.47 55.64 44.26
C ASN P 137 -5.14 56.41 42.98
N ALA P 138 -4.45 57.53 43.11
CA ALA P 138 -4.21 58.42 41.98
C ALA P 138 -2.96 58.02 41.21
N LEU P 139 -2.77 58.61 40.04
CA LEU P 139 -1.54 58.38 39.28
C LEU P 139 -0.39 59.14 39.94
N VAL P 140 0.23 58.51 40.93
CA VAL P 140 1.32 59.14 41.65
C VAL P 140 2.60 59.12 40.83
N ASP P 141 2.80 58.08 40.03
CA ASP P 141 4.02 57.94 39.25
C ASP P 141 3.75 57.02 38.07
N VAL P 142 4.59 57.16 37.03
CA VAL P 142 4.57 56.28 35.87
C VAL P 142 5.86 55.47 35.86
N LEU P 143 5.73 54.15 35.89
CA LEU P 143 6.89 53.28 35.91
C LEU P 143 7.59 53.30 34.56
N PRO P 144 8.88 53.00 34.54
CA PRO P 144 9.52 52.64 33.28
C PRO P 144 8.91 51.35 32.73
N PRO P 145 8.83 51.22 31.41
CA PRO P 145 8.13 50.07 30.83
C PRO P 145 8.88 48.77 31.05
N GLU P 146 8.12 47.67 30.92
CA GLU P 146 8.54 46.30 31.24
C GLU P 146 9.06 46.20 32.67
N ALA P 147 8.14 46.54 33.57
CA ALA P 147 8.21 46.28 35.01
C ALA P 147 7.43 45.03 35.35
N ASP P 148 7.60 44.02 34.49
CA ASP P 148 6.53 43.14 34.04
C ASP P 148 7.05 41.73 33.81
N SER P 149 6.44 41.03 32.85
CA SER P 149 6.50 39.59 32.59
C SER P 149 7.90 38.99 32.45
N SER P 150 7.92 37.66 32.30
CA SER P 150 8.92 36.77 32.88
C SER P 150 10.32 36.90 32.26
N ILE P 151 11.18 35.97 32.69
CA ILE P 151 12.62 36.08 32.88
C ILE P 151 13.41 36.79 31.79
N MET P 152 14.26 37.73 32.20
CA MET P 152 15.37 38.19 31.39
C MET P 152 16.44 37.12 31.54
N MET P 153 16.71 36.43 30.45
CA MET P 153 17.31 35.10 30.44
C MET P 153 18.74 35.02 31.00
N LEU P 154 19.76 35.51 30.29
CA LEU P 154 20.99 35.89 30.95
C LEU P 154 21.52 37.25 30.48
N THR P 155 21.84 37.33 29.18
CA THR P 155 22.50 38.39 28.41
C THR P 155 23.92 38.75 28.87
N SER P 156 24.29 38.42 30.12
CA SER P 156 25.68 38.30 30.54
C SER P 156 25.84 37.33 31.71
N ASP P 157 24.77 36.70 32.18
CA ASP P 157 24.73 36.27 33.57
C ASP P 157 25.42 34.93 33.78
N GLN P 158 24.85 33.86 33.21
CA GLN P 158 25.40 32.53 33.38
C GLN P 158 25.82 31.91 32.06
N LYS P 159 26.08 32.75 31.03
CA LYS P 159 26.31 32.48 29.61
C LYS P 159 27.21 31.27 29.37
N PRO P 160 26.92 30.46 28.35
CA PRO P 160 27.61 29.17 28.24
C PRO P 160 29.06 29.31 27.83
N ASP P 161 29.88 28.49 28.46
CA ASP P 161 31.33 28.49 28.31
C ASP P 161 31.70 27.50 27.21
N VAL P 162 31.73 28.00 25.98
CA VAL P 162 32.21 27.23 24.85
C VAL P 162 32.79 28.22 23.86
N MET P 163 33.91 27.85 23.24
CA MET P 163 34.44 28.69 22.19
C MET P 163 33.76 28.37 20.87
N TYR P 164 34.00 29.23 19.89
CA TYR P 164 33.41 29.01 18.57
C TYR P 164 34.10 27.85 17.87
N ALA P 165 35.43 27.78 17.97
CA ALA P 165 36.21 26.73 17.33
C ALA P 165 36.27 25.44 18.15
N ASP P 166 35.49 25.35 19.23
CA ASP P 166 35.40 24.11 19.98
C ASP P 166 34.61 23.04 19.23
N ILE P 167 33.84 23.43 18.22
CA ILE P 167 33.10 22.46 17.42
C ILE P 167 34.06 21.70 16.52
N GLY P 168 33.97 20.37 16.57
CA GLY P 168 34.75 19.55 15.67
C GLY P 168 33.91 18.99 14.54
N GLY P 169 34.31 19.26 13.29
CA GLY P 169 33.70 18.64 12.13
C GLY P 169 32.77 19.55 11.35
N MET P 170 31.97 20.38 12.03
CA MET P 170 31.02 21.23 11.34
C MET P 170 31.75 22.40 10.72
N ASP P 171 31.68 22.51 9.39
CA ASP P 171 32.30 23.61 8.66
C ASP P 171 31.31 24.41 7.85
N ILE P 172 30.46 23.75 7.06
CA ILE P 172 29.45 24.46 6.27
C ILE P 172 28.35 24.98 7.18
N GLN P 173 27.82 24.10 8.02
CA GLN P 173 26.72 24.44 8.91
C GLN P 173 27.17 25.41 9.97
N LYS P 174 28.43 25.31 10.39
CA LYS P 174 29.02 26.29 11.29
C LYS P 174 29.11 27.65 10.63
N GLN P 175 29.34 27.68 9.31
CA GLN P 175 29.44 28.94 8.60
C GLN P 175 28.07 29.47 8.20
N GLU P 176 27.13 28.56 7.91
CA GLU P 176 25.84 28.96 7.37
C GLU P 176 24.99 29.67 8.42
N VAL P 177 25.05 29.20 9.67
CA VAL P 177 24.31 29.85 10.75
C VAL P 177 24.92 31.20 11.06
N ARG P 178 26.26 31.29 11.02
CA ARG P 178 26.96 32.55 11.25
C ARG P 178 26.63 33.56 10.16
N GLU P 179 26.46 33.11 8.92
CA GLU P 179 26.20 33.98 7.79
C GLU P 179 24.78 34.53 7.80
N ALA P 180 23.88 33.94 8.57
CA ALA P 180 22.51 34.41 8.63
C ALA P 180 22.08 34.88 10.01
N VAL P 181 22.92 34.79 11.04
CA VAL P 181 22.59 35.26 12.38
C VAL P 181 23.59 36.30 12.88
N GLU P 182 24.88 35.96 12.90
CA GLU P 182 25.90 36.82 13.46
C GLU P 182 26.38 37.88 12.49
N LEU P 183 26.82 37.46 11.30
CA LEU P 183 27.18 38.32 10.17
C LEU P 183 26.12 39.37 9.78
N PRO P 184 24.81 39.11 9.89
CA PRO P 184 23.86 40.24 9.76
C PRO P 184 23.99 41.30 10.85
N LEU P 185 24.40 40.92 12.06
CA LEU P 185 24.52 41.93 13.10
C LEU P 185 25.78 42.76 12.92
N THR P 186 26.85 42.17 12.39
CA THR P 186 28.12 42.90 12.28
C THR P 186 28.18 43.71 10.99
N HIS P 187 28.07 43.04 9.85
CA HIS P 187 28.25 43.66 8.55
C HIS P 187 26.87 43.87 7.93
N PHE P 188 26.39 45.12 8.00
CA PHE P 188 25.05 45.45 7.55
C PHE P 188 25.01 46.16 6.22
N GLU P 189 26.06 46.89 5.85
CA GLU P 189 26.06 47.62 4.60
C GLU P 189 26.23 46.70 3.39
N LEU P 190 26.75 45.49 3.61
CA LEU P 190 26.89 44.53 2.52
C LEU P 190 25.52 44.02 2.06
N TYR P 191 24.59 43.87 2.99
CA TYR P 191 23.28 43.37 2.63
C TYR P 191 22.45 44.42 1.94
N LYS P 192 22.46 45.65 2.46
CA LYS P 192 21.65 46.72 1.89
C LYS P 192 22.18 47.19 0.54
N GLN P 193 23.46 46.97 0.26
CA GLN P 193 24.01 47.30 -1.05
C GLN P 193 23.54 46.32 -2.12
N ILE P 194 23.54 45.03 -1.81
CA ILE P 194 23.11 44.03 -2.78
C ILE P 194 21.59 43.90 -2.79
N GLY P 195 20.97 43.99 -1.61
CA GLY P 195 19.54 43.75 -1.50
C GLY P 195 19.26 42.31 -1.17
N ILE P 196 19.91 41.80 -0.12
CA ILE P 196 19.83 40.40 0.25
C ILE P 196 18.73 40.15 1.27
N ASP P 197 18.61 41.04 2.29
CA ASP P 197 17.63 40.98 3.37
C ASP P 197 17.69 39.66 4.12
N PRO P 198 18.62 39.52 5.07
CA PRO P 198 18.96 38.21 5.63
C PRO P 198 17.76 37.58 6.33
N PRO P 199 17.71 36.24 6.38
CA PRO P 199 16.46 35.56 6.75
C PRO P 199 16.02 35.78 8.19
N ARG P 200 14.72 35.61 8.40
CA ARG P 200 14.09 35.82 9.69
C ARG P 200 14.47 34.74 10.70
N GLY P 201 14.79 33.54 10.23
CA GLY P 201 15.05 32.45 11.15
C GLY P 201 15.64 31.26 10.44
N VAL P 202 15.90 30.22 11.22
CA VAL P 202 16.65 29.05 10.75
C VAL P 202 16.05 27.81 11.41
N LEU P 203 15.83 26.77 10.60
CA LEU P 203 15.36 25.49 11.10
C LEU P 203 16.52 24.51 11.06
N MET P 204 16.75 23.83 12.18
CA MET P 204 17.80 22.84 12.28
C MET P 204 17.18 21.51 12.68
N TYR P 205 17.72 20.42 12.16
CA TYR P 205 17.14 19.10 12.38
C TYR P 205 18.22 18.05 12.16
N GLY P 206 17.83 16.79 12.34
CA GLY P 206 18.73 15.69 12.14
C GLY P 206 18.70 14.70 13.29
N PRO P 207 19.44 13.60 13.15
CA PRO P 207 19.47 12.56 14.19
C PRO P 207 20.15 13.05 15.45
N PRO P 208 19.91 12.41 16.60
CA PRO P 208 20.53 12.89 17.84
C PRO P 208 22.03 12.62 17.88
N GLY P 209 22.77 13.56 18.46
CA GLY P 209 24.20 13.42 18.59
C GLY P 209 24.98 13.94 17.41
N CYS P 210 24.53 15.06 16.85
CA CYS P 210 25.27 15.73 15.80
C CYS P 210 25.76 17.11 16.20
N GLY P 211 25.18 17.70 17.23
CA GLY P 211 25.52 19.01 17.72
C GLY P 211 24.48 20.02 17.28
N LYS P 212 23.48 20.25 18.13
CA LYS P 212 22.51 21.31 17.95
C LYS P 212 22.71 22.38 19.01
N THR P 213 22.66 21.97 20.28
CA THR P 213 22.74 22.92 21.38
C THR P 213 24.15 23.47 21.50
N MET P 214 25.16 22.63 21.28
CA MET P 214 26.55 23.05 21.41
C MET P 214 26.92 24.08 20.35
N LEU P 215 26.37 23.94 19.14
CA LEU P 215 26.56 24.95 18.11
C LEU P 215 25.82 26.23 18.45
N ALA P 216 24.64 26.11 19.07
CA ALA P 216 23.88 27.29 19.45
C ALA P 216 24.56 28.04 20.58
N LYS P 217 25.21 27.32 21.49
CA LYS P 217 25.92 27.98 22.59
C LYS P 217 27.15 28.72 22.10
N ALA P 218 27.78 28.22 21.04
CA ALA P 218 28.89 28.96 20.43
C ALA P 218 28.39 30.25 19.78
N VAL P 219 27.14 30.23 19.29
CA VAL P 219 26.52 31.48 18.85
C VAL P 219 26.20 32.35 20.06
N ALA P 220 25.68 31.74 21.13
CA ALA P 220 25.33 32.48 22.33
C ALA P 220 26.55 33.00 23.07
N HIS P 221 27.71 32.39 22.86
CA HIS P 221 28.94 32.93 23.46
C HIS P 221 29.40 34.17 22.72
N HIS P 222 29.36 34.15 21.40
CA HIS P 222 30.02 35.16 20.59
C HIS P 222 29.07 36.18 19.99
N THR P 223 27.79 36.11 20.30
CA THR P 223 26.89 37.18 19.90
C THR P 223 27.06 38.38 20.83
N THR P 224 26.73 39.55 20.29
CA THR P 224 26.64 40.78 21.07
C THR P 224 25.20 41.26 21.17
N ALA P 225 24.29 40.66 20.44
CA ALA P 225 22.87 40.98 20.53
C ALA P 225 22.24 40.21 21.69
N ALA P 226 20.96 40.46 21.92
CA ALA P 226 20.26 39.79 23.00
C ALA P 226 19.91 38.37 22.60
N PHE P 227 20.31 37.41 23.42
CA PHE P 227 19.85 36.03 23.27
C PHE P 227 18.56 35.87 24.06
N ILE P 228 17.74 34.89 23.66
CA ILE P 228 16.55 34.50 24.41
C ILE P 228 16.48 32.98 24.40
N ARG P 229 16.60 32.36 25.58
CA ARG P 229 16.36 30.93 25.69
C ARG P 229 14.89 30.70 26.02
N VAL P 230 14.29 29.74 25.32
CA VAL P 230 12.88 29.38 25.52
C VAL P 230 12.80 27.87 25.44
N VAL P 231 12.34 27.25 26.53
CA VAL P 231 11.94 25.85 26.48
C VAL P 231 10.65 25.73 25.68
N GLY P 232 10.60 24.77 24.75
CA GLY P 232 9.41 24.64 23.92
C GLY P 232 8.19 24.11 24.65
N SER P 233 8.37 23.49 25.82
CA SER P 233 7.25 23.01 26.60
C SER P 233 7.02 23.89 27.81
N GLU P 234 7.52 25.12 27.75
CA GLU P 234 7.27 26.09 28.81
C GLU P 234 5.83 26.58 28.80
N PHE P 235 5.20 26.61 27.62
CA PHE P 235 3.81 27.05 27.48
C PHE P 235 2.96 25.82 27.22
N VAL P 236 2.56 25.18 28.30
CA VAL P 236 1.71 24.01 28.20
C VAL P 236 0.64 24.11 29.28
N GLN P 237 0.52 25.30 29.89
CA GLN P 237 -0.08 25.46 31.22
C GLN P 237 -1.55 25.09 31.25
N LYS P 238 -2.02 24.81 32.47
CA LYS P 238 -3.41 24.42 32.70
C LYS P 238 -4.36 25.57 32.42
N TYR P 239 -3.99 26.77 32.87
CA TYR P 239 -4.83 27.95 32.78
C TYR P 239 -5.10 28.35 31.35
N LEU P 240 -6.36 28.23 30.93
CA LEU P 240 -6.75 28.40 29.54
C LEU P 240 -6.58 29.84 29.08
N GLY P 241 -5.84 30.01 27.99
CA GLY P 241 -5.63 31.32 27.43
C GLY P 241 -4.22 31.84 27.62
N GLU P 242 -3.61 31.46 28.74
CA GLU P 242 -2.27 31.96 29.06
C GLU P 242 -1.20 31.34 28.16
N GLY P 243 -1.47 30.16 27.61
CA GLY P 243 -0.63 29.55 26.59
C GLY P 243 -0.34 30.43 25.40
N PRO P 244 -1.37 30.91 24.69
CA PRO P 244 -1.12 31.88 23.61
C PRO P 244 -0.66 33.23 24.10
N ARG P 245 -0.92 33.59 25.35
CA ARG P 245 -0.50 34.89 25.83
C ARG P 245 1.00 34.95 26.09
N MET P 246 1.61 33.82 26.48
CA MET P 246 3.04 33.85 26.81
C MET P 246 3.88 34.02 25.56
N VAL P 247 3.43 33.46 24.44
CA VAL P 247 4.09 33.71 23.15
C VAL P 247 4.00 35.18 22.79
N ARG P 248 2.85 35.79 23.08
CA ARG P 248 2.70 37.23 22.94
C ARG P 248 3.58 37.97 23.95
N ASP P 249 3.82 37.38 25.12
CA ASP P 249 4.61 38.06 26.15
C ASP P 249 6.08 38.11 25.79
N VAL P 250 6.60 37.05 25.18
CA VAL P 250 8.03 36.97 24.87
C VAL P 250 8.38 37.92 23.73
N PHE P 251 7.50 38.03 22.75
CA PHE P 251 7.83 38.82 21.56
C PHE P 251 7.78 40.31 21.83
N ARG P 252 6.95 40.77 22.77
CA ARG P 252 7.00 42.16 23.18
C ARG P 252 8.27 42.47 23.95
N LEU P 253 8.80 41.47 24.67
CA LEU P 253 10.10 41.63 25.31
C LEU P 253 11.21 41.72 24.27
N ALA P 254 11.04 41.03 23.13
CA ALA P 254 12.04 41.12 22.07
C ALA P 254 11.96 42.44 21.32
N LYS P 255 10.77 43.03 21.23
CA LYS P 255 10.64 44.26 20.45
C LYS P 255 11.15 45.46 21.24
N GLU P 256 11.01 45.44 22.56
CA GLU P 256 11.55 46.54 23.35
C GLU P 256 13.06 46.44 23.47
N ASN P 257 13.60 45.24 23.49
CA ASN P 257 15.03 45.07 23.70
C ASN P 257 15.82 45.26 22.41
N ALA P 258 17.07 44.81 22.43
CA ALA P 258 18.06 44.86 21.35
C ALA P 258 17.58 44.10 20.10
N PRO P 259 18.30 44.18 18.96
CA PRO P 259 17.97 43.29 17.83
C PRO P 259 18.21 41.82 18.17
N ALA P 260 17.24 41.26 18.89
CA ALA P 260 17.45 40.10 19.73
C ALA P 260 17.49 38.81 18.91
N ILE P 261 17.78 37.71 19.61
CA ILE P 261 17.87 36.37 19.05
C ILE P 261 17.05 35.46 19.93
N ILE P 262 16.08 34.77 19.34
CA ILE P 262 15.18 33.87 20.06
C ILE P 262 15.56 32.44 19.71
N PHE P 263 15.80 31.62 20.72
CA PHE P 263 16.03 30.20 20.53
C PHE P 263 14.95 29.43 21.26
N ILE P 264 14.25 28.55 20.53
CA ILE P 264 13.30 27.62 21.11
C ILE P 264 13.75 26.22 20.74
N ASP P 265 13.90 25.37 21.75
CA ASP P 265 14.56 24.09 21.51
C ASP P 265 13.66 23.10 20.79
N GLU P 266 12.59 22.66 21.45
CA GLU P 266 11.72 21.65 20.87
C GLU P 266 10.55 22.32 20.17
N ILE P 267 10.34 21.95 18.90
CA ILE P 267 9.24 22.48 18.12
C ILE P 267 8.23 21.38 17.79
N ASP P 268 8.68 20.12 17.75
CA ASP P 268 7.81 18.97 17.51
C ASP P 268 6.73 18.79 18.58
N ALA P 269 6.90 19.39 19.75
CA ALA P 269 5.85 19.33 20.77
C ALA P 269 4.66 20.20 20.40
N ILE P 270 4.87 21.25 19.61
CA ILE P 270 3.85 22.27 19.39
C ILE P 270 3.48 22.44 17.92
N ALA P 271 4.26 21.90 16.98
CA ALA P 271 4.11 22.29 15.59
C ALA P 271 3.43 21.26 14.71
N THR P 272 2.93 20.17 15.27
CA THR P 272 2.35 19.08 14.49
C THR P 272 1.10 19.56 13.75
N LYS P 273 0.87 18.97 12.58
CA LYS P 273 -0.20 19.42 11.70
C LYS P 273 -1.56 19.06 12.28
N ARG P 274 -2.59 19.70 11.74
CA ARG P 274 -3.88 19.77 12.40
C ARG P 274 -4.93 18.88 11.75
N PHE P 275 -6.02 18.72 12.48
CA PHE P 275 -7.12 17.83 12.14
C PHE P 275 -8.30 18.27 13.00
N ASP P 276 -9.36 17.48 12.99
CA ASP P 276 -10.50 17.77 13.86
C ASP P 276 -10.11 17.46 15.30
N ALA P 277 -9.78 18.52 16.04
CA ALA P 277 -9.30 18.39 17.41
C ALA P 277 -10.48 18.02 18.29
N GLN P 278 -10.77 16.72 18.37
CA GLN P 278 -11.95 16.21 19.02
C GLN P 278 -11.83 16.15 20.54
N THR P 279 -10.68 16.53 21.10
CA THR P 279 -10.51 16.64 22.54
C THR P 279 -10.36 18.11 22.91
N GLY P 280 -10.20 18.37 24.19
CA GLY P 280 -9.94 19.72 24.65
C GLY P 280 -8.46 20.05 24.53
N ALA P 281 -7.62 19.06 24.87
CA ALA P 281 -6.17 19.28 24.90
C ALA P 281 -5.59 19.46 23.50
N ASP P 282 -6.23 18.89 22.49
CA ASP P 282 -5.75 19.08 21.12
C ASP P 282 -6.06 20.50 20.63
N ARG P 283 -7.15 21.09 21.09
CA ARG P 283 -7.41 22.49 20.79
C ARG P 283 -6.49 23.44 21.55
N GLU P 284 -5.92 22.98 22.67
CA GLU P 284 -5.00 23.82 23.43
C GLU P 284 -3.73 24.08 22.65
N VAL P 285 -3.08 23.01 22.17
CA VAL P 285 -1.81 23.12 21.47
C VAL P 285 -1.99 23.77 20.11
N GLN P 286 -3.19 23.61 19.52
CA GLN P 286 -3.41 24.03 18.14
C GLN P 286 -3.43 25.54 18.00
N ARG P 287 -4.10 26.25 18.90
CA ARG P 287 -4.20 27.69 18.77
C ARG P 287 -2.89 28.41 19.12
N ILE P 288 -2.01 27.77 19.89
CA ILE P 288 -0.76 28.45 20.25
C ILE P 288 0.19 28.43 19.06
N LEU P 289 0.05 27.42 18.20
CA LEU P 289 0.74 27.39 16.91
C LEU P 289 0.39 28.61 16.07
N LEU P 290 -0.88 28.99 16.09
CA LEU P 290 -1.33 30.07 15.22
C LEU P 290 -0.98 31.44 15.79
N GLU P 291 -0.98 31.60 17.11
CA GLU P 291 -0.47 32.84 17.69
C GLU P 291 1.03 32.98 17.46
N LEU P 292 1.75 31.85 17.48
CA LEU P 292 3.13 31.86 17.02
C LEU P 292 3.22 32.18 15.55
N LEU P 293 2.25 31.68 14.76
CA LEU P 293 2.25 31.92 13.32
C LEU P 293 1.91 33.36 13.00
N ASN P 294 1.07 34.00 13.81
CA ASN P 294 0.68 35.38 13.54
C ASN P 294 1.77 36.36 13.91
N GLN P 295 2.41 36.18 15.07
CA GLN P 295 3.46 37.09 15.49
C GLN P 295 4.83 36.63 15.02
N MET P 296 4.94 36.31 13.77
CA MET P 296 6.19 36.10 13.06
C MET P 296 6.14 36.73 11.68
N ASP P 297 4.96 36.75 11.06
CA ASP P 297 4.76 37.44 9.79
C ASP P 297 3.31 37.93 9.79
N GLY P 298 3.11 39.15 10.26
CA GLY P 298 1.80 39.76 10.33
C GLY P 298 1.84 41.09 9.60
N PHE P 299 1.13 42.07 10.16
CA PHE P 299 1.24 43.41 9.59
C PHE P 299 2.38 44.20 10.18
N ASP P 300 2.77 43.92 11.43
CA ASP P 300 3.87 44.65 12.03
C ASP P 300 5.21 44.19 11.47
N GLN P 301 5.37 42.87 11.30
CA GLN P 301 6.56 42.23 10.73
C GLN P 301 7.82 42.61 11.53
N ASN P 302 7.86 42.07 12.75
CA ASN P 302 8.86 42.35 13.77
C ASN P 302 10.28 42.25 13.23
N VAL P 303 10.96 43.39 13.19
CA VAL P 303 12.26 43.50 12.52
C VAL P 303 13.37 43.13 13.49
N ASN P 304 14.50 42.73 12.90
CA ASN P 304 15.80 42.57 13.57
C ASN P 304 15.81 41.47 14.60
N VAL P 305 14.81 40.60 14.63
CA VAL P 305 14.76 39.50 15.58
C VAL P 305 14.90 38.20 14.82
N LYS P 306 15.55 37.23 15.45
CA LYS P 306 15.87 35.97 14.82
C LYS P 306 15.31 34.85 15.67
N VAL P 307 14.72 33.86 15.02
CA VAL P 307 14.09 32.73 15.69
C VAL P 307 14.81 31.47 15.25
N ILE P 308 15.55 30.88 16.18
CA ILE P 308 16.36 29.69 15.91
C ILE P 308 15.63 28.48 16.48
N MET P 309 15.43 27.46 15.65
CA MET P 309 14.75 26.23 16.04
C MET P 309 15.67 25.06 15.76
N ALA P 310 15.58 24.02 16.59
CA ALA P 310 16.45 22.85 16.44
C ALA P 310 15.66 21.61 16.88
N THR P 311 15.00 20.98 15.91
CA THR P 311 14.11 19.88 16.22
C THR P 311 14.88 18.57 16.22
N ASN P 312 14.15 17.47 16.33
CA ASN P 312 14.72 16.15 16.12
C ASN P 312 14.33 15.59 14.76
N ARG P 313 13.04 15.54 14.44
CA ARG P 313 12.60 15.07 13.13
C ARG P 313 11.62 16.09 12.55
N ALA P 314 12.06 16.78 11.49
CA ALA P 314 11.30 17.87 10.90
C ALA P 314 10.53 17.40 9.67
N ASP P 315 9.58 16.50 9.91
CA ASP P 315 8.54 16.23 8.93
C ASP P 315 7.16 16.12 9.55
N THR P 316 7.06 15.92 10.86
CA THR P 316 5.81 15.71 11.56
C THR P 316 5.32 17.04 12.11
N LEU P 317 5.49 18.10 11.33
CA LEU P 317 5.10 19.43 11.74
C LEU P 317 4.35 20.11 10.61
N ASP P 318 3.96 21.35 10.86
CA ASP P 318 3.05 22.05 9.97
C ASP P 318 3.78 22.56 8.73
N PRO P 319 3.21 22.38 7.54
CA PRO P 319 3.90 22.81 6.32
C PRO P 319 3.95 24.30 6.13
N ALA P 320 3.07 25.07 6.79
CA ALA P 320 3.15 26.52 6.69
C ALA P 320 4.22 27.10 7.60
N LEU P 321 4.86 26.28 8.42
CA LEU P 321 6.09 26.67 9.10
C LEU P 321 7.32 26.47 8.21
N LEU P 322 7.29 25.45 7.36
CA LEU P 322 8.40 25.16 6.45
C LEU P 322 8.37 26.01 5.19
N ARG P 323 7.44 26.95 5.08
CA ARG P 323 7.46 27.76 3.88
C ARG P 323 8.52 28.85 4.03
N PRO P 324 9.20 29.21 2.95
CA PRO P 324 10.21 30.26 3.04
C PRO P 324 9.60 31.63 3.26
N GLY P 325 10.26 32.42 4.10
CA GLY P 325 9.72 33.67 4.62
C GLY P 325 9.77 33.76 6.12
N ARG P 326 9.68 32.63 6.82
CA ARG P 326 9.98 32.54 8.24
C ARG P 326 11.22 31.70 8.51
N LEU P 327 11.32 30.55 7.85
CA LEU P 327 12.46 29.65 7.98
C LEU P 327 13.07 29.47 6.60
N ASP P 328 14.06 30.28 6.26
CA ASP P 328 14.67 30.20 4.94
C ASP P 328 15.88 29.28 4.90
N ARG P 329 16.30 28.72 6.03
CA ARG P 329 17.50 27.90 6.10
C ARG P 329 17.12 26.52 6.61
N LYS P 330 17.01 25.56 5.69
CA LYS P 330 16.57 24.21 6.02
C LYS P 330 17.79 23.31 6.29
N ILE P 331 18.55 23.68 7.32
CA ILE P 331 19.86 23.10 7.55
C ILE P 331 19.72 21.73 8.20
N GLU P 332 20.29 20.71 7.57
CA GLU P 332 20.33 19.36 8.10
C GLU P 332 21.64 19.16 8.84
N PHE P 333 21.58 18.43 9.96
CA PHE P 333 22.78 17.98 10.66
C PHE P 333 22.89 16.48 10.51
N PRO P 334 23.57 15.99 9.48
CA PRO P 334 23.69 14.55 9.27
C PRO P 334 24.80 13.98 10.16
N LEU P 335 24.95 12.66 10.10
CA LEU P 335 26.01 12.01 10.86
C LEU P 335 27.36 12.30 10.22
N PRO P 336 28.41 12.45 11.00
CA PRO P 336 29.73 12.74 10.42
C PRO P 336 30.33 11.51 9.75
N ASP P 337 30.80 11.70 8.52
CA ASP P 337 31.42 10.65 7.72
C ASP P 337 32.95 10.69 7.91
N ARG P 338 33.67 10.02 7.02
CA ARG P 338 35.11 10.18 6.89
C ARG P 338 35.45 11.62 6.50
N ARG P 339 36.72 11.98 6.75
CA ARG P 339 37.35 13.31 6.64
C ARG P 339 36.84 14.28 7.70
N GLN P 340 35.89 13.85 8.53
CA GLN P 340 35.40 14.63 9.66
C GLN P 340 35.65 13.96 10.99
N LYS P 341 35.72 12.62 11.01
CA LYS P 341 36.04 11.89 12.23
C LYS P 341 37.42 12.26 12.73
N ARG P 342 38.39 12.38 11.82
CA ARG P 342 39.73 12.83 12.16
C ARG P 342 39.75 14.28 12.63
N LEU P 343 38.74 15.06 12.28
CA LEU P 343 38.63 16.41 12.84
C LEU P 343 38.08 16.35 14.25
N ILE P 344 37.12 15.47 14.50
CA ILE P 344 36.52 15.35 15.83
C ILE P 344 37.47 14.63 16.77
N PHE P 345 38.21 13.64 16.25
CA PHE P 345 39.24 12.97 17.03
C PHE P 345 40.37 13.91 17.41
N SER P 346 40.64 14.92 16.57
CA SER P 346 41.67 15.90 16.89
C SER P 346 41.22 16.84 18.00
N THR P 347 39.97 17.33 17.94
CA THR P 347 39.52 18.34 18.88
C THR P 347 39.29 17.79 20.28
N ILE P 348 38.97 16.50 20.40
CA ILE P 348 38.85 15.91 21.72
C ILE P 348 40.21 15.71 22.36
N THR P 349 41.15 15.14 21.60
CA THR P 349 42.45 14.78 22.11
C THR P 349 43.46 15.93 22.06
N SER P 350 43.03 17.13 21.68
CA SER P 350 43.93 18.28 21.75
C SER P 350 44.13 18.73 23.18
N LYS P 351 43.14 18.49 24.05
CA LYS P 351 43.25 18.77 25.48
C LYS P 351 43.61 17.53 26.29
N MET P 352 43.03 16.38 25.94
CA MET P 352 43.38 15.13 26.59
C MET P 352 44.80 14.72 26.23
N ASN P 353 45.55 14.28 27.24
CA ASN P 353 46.91 13.79 27.01
C ASN P 353 46.85 12.45 26.28
N LEU P 354 47.38 12.42 25.06
CA LEU P 354 47.50 11.18 24.31
C LEU P 354 48.97 10.80 24.17
N SER P 355 49.76 11.61 23.45
CA SER P 355 51.22 11.53 23.32
C SER P 355 51.73 10.12 22.97
N GLU P 356 51.01 9.43 22.10
CA GLU P 356 51.34 8.03 21.81
C GLU P 356 51.76 7.84 20.37
N GLU P 357 52.37 6.68 20.13
CA GLU P 357 52.64 6.24 18.77
C GLU P 357 51.42 5.57 18.15
N VAL P 358 50.53 5.04 18.99
CA VAL P 358 49.38 4.27 18.53
C VAL P 358 48.25 5.25 18.20
N ASP P 359 48.05 5.49 16.91
CA ASP P 359 47.05 6.44 16.44
C ASP P 359 45.73 5.72 16.16
N LEU P 360 44.64 6.48 16.27
CA LEU P 360 43.29 6.01 15.97
C LEU P 360 42.93 6.01 14.49
N GLU P 361 43.82 5.52 13.64
CA GLU P 361 43.55 5.55 12.22
C GLU P 361 42.75 4.34 11.76
N ASP P 362 42.89 3.20 12.45
CA ASP P 362 42.10 2.02 12.13
C ASP P 362 40.63 2.24 12.42
N TYR P 363 40.32 3.04 13.44
CA TYR P 363 38.94 3.34 13.81
C TYR P 363 38.47 4.65 13.19
N VAL P 364 38.64 4.79 11.88
CA VAL P 364 38.12 5.94 11.15
C VAL P 364 37.24 5.44 10.02
N ALA P 365 37.79 4.59 9.16
CA ALA P 365 37.09 4.11 7.97
C ALA P 365 36.23 2.88 8.25
N ARG P 366 35.81 2.69 9.50
CA ARG P 366 34.99 1.56 9.85
C ARG P 366 33.56 1.75 9.33
N PRO P 367 32.81 0.65 9.15
CA PRO P 367 31.35 0.77 8.95
C PRO P 367 30.62 1.08 10.25
N ASP P 368 29.27 0.99 10.22
CA ASP P 368 28.38 1.29 11.34
C ASP P 368 28.56 2.73 11.83
N LYS P 369 28.07 3.63 10.97
CA LYS P 369 28.12 5.10 11.10
C LYS P 369 27.89 5.59 12.52
N ILE P 370 28.77 6.49 12.94
CA ILE P 370 28.93 6.89 14.33
C ILE P 370 28.54 8.34 14.48
N SER P 371 27.63 8.63 15.42
CA SER P 371 27.21 9.99 15.68
C SER P 371 28.31 10.76 16.39
N GLY P 372 28.21 12.09 16.34
CA GLY P 372 29.24 12.95 16.90
C GLY P 372 29.33 12.95 18.41
N ALA P 373 28.26 12.57 19.09
CA ALA P 373 28.30 12.44 20.54
C ALA P 373 29.02 11.18 20.99
N ASP P 374 29.17 10.19 20.10
CA ASP P 374 29.79 8.94 20.50
C ASP P 374 31.30 9.05 20.58
N ILE P 375 31.90 9.98 19.84
CA ILE P 375 33.33 10.25 19.96
C ILE P 375 33.65 10.75 21.36
N ASN P 376 32.76 11.56 21.93
CA ASN P 376 32.93 12.02 23.30
C ASN P 376 32.77 10.88 24.29
N SER P 377 31.88 9.92 23.99
CA SER P 377 31.64 8.84 24.94
C SER P 377 32.76 7.83 24.95
N ILE P 378 33.38 7.57 23.79
CA ILE P 378 34.49 6.62 23.74
C ILE P 378 35.73 7.20 24.41
N CYS P 379 36.01 8.48 24.17
CA CYS P 379 37.17 9.11 24.77
C CYS P 379 37.01 9.32 26.27
N GLN P 380 35.76 9.44 26.75
CA GLN P 380 35.54 9.42 28.19
C GLN P 380 35.72 8.02 28.75
N GLU P 381 35.19 7.01 28.06
CA GLU P 381 35.28 5.64 28.55
C GLU P 381 36.71 5.13 28.50
N SER P 382 37.49 5.57 27.52
CA SER P 382 38.92 5.27 27.52
C SER P 382 39.62 6.01 28.64
N GLY P 383 39.16 7.23 28.96
CA GLY P 383 39.72 7.96 30.07
C GLY P 383 39.39 7.32 31.41
N MET P 384 38.21 6.70 31.52
CA MET P 384 37.88 5.96 32.72
C MET P 384 38.73 4.70 32.85
N LEU P 385 39.12 4.11 31.74
CA LEU P 385 39.89 2.89 31.76
C LEU P 385 41.38 3.15 31.96
N ALA P 386 41.80 4.41 31.99
CA ALA P 386 43.14 4.72 32.47
C ALA P 386 43.12 5.09 33.95
N VAL P 387 42.10 5.83 34.39
CA VAL P 387 42.06 6.33 35.75
C VAL P 387 41.73 5.21 36.75
N ARG P 388 40.80 4.32 36.38
CA ARG P 388 40.37 3.22 37.25
C ARG P 388 41.49 2.24 37.55
N GLU P 389 42.40 2.08 36.61
CA GLU P 389 43.54 1.18 36.78
C GLU P 389 44.79 1.92 37.17
N ASN P 390 44.64 3.18 37.59
CA ASN P 390 45.68 4.02 38.20
C ASN P 390 46.78 4.38 37.21
N ARG P 391 46.40 4.65 35.96
CA ARG P 391 47.32 5.17 34.96
C ARG P 391 47.05 6.66 34.75
N TYR P 392 47.76 7.22 33.78
CA TYR P 392 47.61 8.61 33.41
C TYR P 392 47.61 8.80 31.90
N ILE P 393 47.93 7.76 31.15
CA ILE P 393 48.23 7.89 29.74
C ILE P 393 47.53 6.76 29.01
N VAL P 394 47.24 6.99 27.74
CA VAL P 394 46.63 5.97 26.90
C VAL P 394 47.67 4.88 26.64
N LEU P 395 47.35 3.64 27.01
CA LEU P 395 48.25 2.52 26.78
C LEU P 395 47.78 1.65 25.63
N ALA P 396 47.15 2.25 24.61
CA ALA P 396 46.80 1.62 23.33
C ALA P 396 45.82 0.47 23.48
N LYS P 397 45.11 0.39 24.60
CA LYS P 397 44.10 -0.63 24.77
C LYS P 397 42.79 -0.10 25.32
N ASP P 398 42.79 1.07 25.97
CA ASP P 398 41.55 1.66 26.46
C ASP P 398 40.68 2.17 25.32
N PHE P 399 41.30 2.59 24.22
CA PHE P 399 40.52 3.07 23.08
C PHE P 399 39.79 1.92 22.38
N GLU P 400 40.39 0.73 22.38
CA GLU P 400 39.78 -0.39 21.70
C GLU P 400 38.70 -1.05 22.55
N LYS P 401 38.91 -1.11 23.87
CA LYS P 401 37.89 -1.68 24.75
C LYS P 401 36.68 -0.76 24.87
N ALA P 402 36.88 0.55 24.78
CA ALA P 402 35.76 1.47 24.81
C ALA P 402 34.96 1.42 23.52
N TYR P 403 35.63 1.15 22.40
CA TYR P 403 34.91 1.03 21.14
C TYR P 403 34.08 -0.24 21.09
N LYS P 404 34.64 -1.36 21.58
CA LYS P 404 33.93 -2.63 21.57
C LYS P 404 32.80 -2.66 22.59
N THR P 405 32.79 -1.73 23.55
CA THR P 405 31.68 -1.65 24.49
C THR P 405 30.50 -0.90 23.89
N VAL P 406 30.79 0.19 23.16
CA VAL P 406 29.72 1.10 22.72
C VAL P 406 29.01 0.60 21.46
N ILE P 407 29.62 -0.28 20.68
CA ILE P 407 29.07 -0.65 19.38
C ILE P 407 28.09 -1.81 19.47
N LYS P 408 28.12 -2.58 20.55
CA LYS P 408 27.32 -3.80 20.67
C LYS P 408 25.86 -3.42 20.91
N LYS P 409 25.16 -3.07 19.82
CA LYS P 409 23.72 -2.88 19.88
C LYS P 409 22.97 -3.84 18.97
N ASP P 410 23.24 -3.84 17.67
CA ASP P 410 22.58 -4.67 16.66
C ASP P 410 23.35 -4.61 15.36
N GLU P 411 23.38 -5.74 14.63
CA GLU P 411 24.42 -5.99 13.65
C GLU P 411 23.89 -6.90 12.54
N GLN P 412 24.76 -7.71 11.94
CA GLN P 412 24.82 -8.13 10.53
C GLN P 412 23.57 -8.17 9.65
N GLU P 413 23.76 -7.67 8.43
CA GLU P 413 22.86 -7.72 7.27
C GLU P 413 22.65 -9.16 6.75
N HIS P 414 23.36 -10.15 7.31
CA HIS P 414 23.18 -11.58 7.09
C HIS P 414 23.57 -12.04 5.69
N GLU P 415 24.35 -11.21 4.97
CA GLU P 415 24.84 -11.48 3.61
C GLU P 415 23.66 -11.75 2.67
N PHE P 416 22.57 -11.04 2.93
CA PHE P 416 21.33 -11.21 2.21
C PHE P 416 20.98 -9.85 1.64
N TYR P 417 20.26 -9.87 0.52
CA TYR P 417 20.00 -8.72 -0.37
C TYR P 417 21.20 -7.83 -0.67
N LYS P 418 22.39 -8.44 -0.71
CA LYS P 418 23.68 -7.77 -0.92
C LYS P 418 23.93 -6.59 0.00
N MET Q 15 23.30 13.71 130.54
CA MET Q 15 24.13 14.72 131.19
C MET Q 15 25.63 14.47 130.95
N ALA Q 16 26.16 13.36 131.45
CA ALA Q 16 27.54 12.97 131.18
C ALA Q 16 27.61 12.27 129.83
N ASP Q 17 28.73 11.60 129.58
CA ASP Q 17 28.92 10.85 128.34
C ASP Q 17 28.98 9.35 128.59
N PRO Q 18 27.86 8.61 128.59
CA PRO Q 18 27.94 7.15 128.57
C PRO Q 18 28.01 6.64 127.14
N ARG Q 19 28.05 5.33 126.97
CA ARG Q 19 27.97 4.74 125.64
C ARG Q 19 26.59 4.21 125.31
N ASP Q 20 25.59 4.47 126.16
CA ASP Q 20 24.22 4.04 125.93
C ASP Q 20 23.30 5.18 125.53
N LYS Q 21 23.37 6.31 126.23
CA LYS Q 21 22.47 7.42 125.91
C LYS Q 21 22.90 8.14 124.64
N ALA Q 22 24.20 8.41 124.49
CA ALA Q 22 24.71 9.07 123.29
C ALA Q 22 24.65 8.15 122.07
N LEU Q 23 24.63 6.84 122.27
CA LEU Q 23 24.42 5.91 121.17
C LEU Q 23 22.99 6.00 120.63
N GLN Q 24 22.04 6.35 121.49
CA GLN Q 24 20.65 6.51 121.09
C GLN Q 24 20.24 7.97 120.97
N ASP Q 25 21.15 8.90 121.25
CA ASP Q 25 20.81 10.32 121.22
C ASP Q 25 20.60 10.82 119.80
N TYR Q 26 21.31 10.25 118.83
CA TYR Q 26 21.21 10.67 117.44
C TYR Q 26 20.34 9.76 116.60
N ARG Q 27 20.14 8.51 117.03
CA ARG Q 27 19.31 7.59 116.26
C ARG Q 27 17.85 7.99 116.30
N LYS Q 28 17.42 8.69 117.36
CA LYS Q 28 16.12 9.34 117.37
C LYS Q 28 16.09 10.59 116.51
N LYS Q 29 17.24 11.11 116.09
CA LYS Q 29 17.30 12.26 115.20
C LYS Q 29 17.45 11.90 113.74
N LEU Q 30 18.20 10.83 113.42
CA LEU Q 30 18.41 10.45 112.02
C LEU Q 30 17.14 9.93 111.36
N LEU Q 31 16.14 9.50 112.14
CA LEU Q 31 14.84 9.23 111.56
C LEU Q 31 14.08 10.51 111.20
N GLU Q 32 14.51 11.66 111.71
CA GLU Q 32 13.89 12.94 111.42
C GLU Q 32 14.66 13.76 110.40
N HIS Q 33 16.00 13.71 110.43
CA HIS Q 33 16.77 14.54 109.50
C HIS Q 33 16.72 14.00 108.09
N LYS Q 34 16.51 12.69 107.93
CA LYS Q 34 16.26 12.12 106.62
C LYS Q 34 14.80 12.23 106.21
N GLU Q 35 13.91 12.43 107.18
CA GLU Q 35 12.48 12.60 106.88
C GLU Q 35 12.24 13.94 106.19
N ILE Q 36 12.84 15.01 106.69
CA ILE Q 36 12.69 16.32 106.08
C ILE Q 36 13.56 16.47 104.83
N ASP Q 37 14.59 15.65 104.68
CA ASP Q 37 15.46 15.71 103.52
C ASP Q 37 14.91 14.95 102.32
N GLY Q 38 14.09 13.92 102.56
CA GLY Q 38 13.66 13.05 101.47
C GLY Q 38 12.68 13.72 100.52
N ARG Q 39 11.71 14.45 101.05
CA ARG Q 39 10.75 15.14 100.22
C ARG Q 39 11.30 16.43 99.63
N LEU Q 40 12.48 16.86 100.06
CA LEU Q 40 13.10 18.05 99.51
C LEU Q 40 13.49 17.83 98.05
N LYS Q 41 13.88 16.60 97.72
CA LYS Q 41 14.16 16.26 96.34
C LYS Q 41 12.88 16.19 95.51
N GLU Q 42 11.77 15.81 96.15
CA GLU Q 42 10.48 15.84 95.46
C GLU Q 42 10.03 17.26 95.18
N LEU Q 43 10.28 18.17 96.13
CA LEU Q 43 9.88 19.57 95.95
C LEU Q 43 10.70 20.26 94.87
N ARG Q 44 12.00 19.96 94.80
CA ARG Q 44 12.82 20.56 93.77
C ARG Q 44 12.51 19.97 92.39
N GLU Q 45 12.14 18.69 92.35
CA GLU Q 45 11.71 18.09 91.09
C GLU Q 45 10.37 18.66 90.64
N GLN Q 46 9.47 18.93 91.60
CA GLN Q 46 8.19 19.55 91.28
C GLN Q 46 8.38 20.99 90.82
N LEU Q 47 9.35 21.69 91.41
CA LEU Q 47 9.64 23.05 90.99
C LEU Q 47 10.30 23.09 89.62
N LYS Q 48 11.11 22.07 89.31
CA LYS Q 48 11.82 22.04 88.04
C LYS Q 48 10.89 21.75 86.87
N GLU Q 49 9.93 20.83 87.07
CA GLU Q 49 8.96 20.54 86.03
C GLU Q 49 8.00 21.71 85.83
N LEU Q 50 7.67 22.42 86.91
CA LEU Q 50 6.79 23.57 86.81
C LEU Q 50 7.47 24.73 86.10
N THR Q 51 8.78 24.88 86.28
CA THR Q 51 9.53 25.90 85.57
C THR Q 51 9.61 25.58 84.08
N LYS Q 52 9.76 24.29 83.74
CA LYS Q 52 9.70 23.87 82.35
C LYS Q 52 8.33 24.15 81.76
N GLN Q 53 7.28 23.90 82.54
CA GLN Q 53 5.94 24.24 82.09
C GLN Q 53 5.73 25.75 82.05
N TYR Q 54 6.42 26.49 82.91
CA TYR Q 54 6.38 27.94 82.83
C TYR Q 54 7.12 28.45 81.61
N GLU Q 55 8.24 27.81 81.26
CA GLU Q 55 9.01 28.22 80.09
C GLU Q 55 8.24 27.95 78.80
N LYS Q 56 7.47 26.87 78.79
CA LYS Q 56 6.59 26.59 77.64
C LYS Q 56 5.47 27.61 77.55
N SER Q 57 5.02 28.15 78.68
CA SER Q 57 3.96 29.15 78.66
C SER Q 57 4.47 30.48 78.13
N GLU Q 58 5.68 30.88 78.55
CA GLU Q 58 6.20 32.19 78.17
C GLU Q 58 6.64 32.22 76.72
N ASN Q 59 7.02 31.07 76.16
CA ASN Q 59 7.32 31.02 74.73
C ASN Q 59 6.06 31.22 73.90
N ASP Q 60 4.92 30.75 74.40
CA ASP Q 60 3.67 30.94 73.70
C ASP Q 60 3.17 32.37 73.83
N LEU Q 61 3.56 33.07 74.89
CA LEU Q 61 3.21 34.47 75.03
C LEU Q 61 3.99 35.31 74.02
N LYS Q 62 5.26 34.98 73.80
CA LYS Q 62 6.02 35.65 72.76
C LYS Q 62 5.55 35.23 71.39
N ALA Q 63 5.10 33.99 71.25
CA ALA Q 63 4.57 33.53 69.97
C ALA Q 63 3.23 34.21 69.65
N LEU Q 64 2.47 34.57 70.69
CA LEU Q 64 1.15 35.15 70.47
C LEU Q 64 1.24 36.55 69.87
N GLN Q 65 2.33 37.26 70.12
CA GLN Q 65 2.54 38.57 69.52
C GLN Q 65 3.31 38.39 68.21
N SER Q 66 2.61 37.87 67.21
CA SER Q 66 3.17 37.65 65.88
C SER Q 66 2.20 38.15 64.84
N VAL Q 67 2.74 38.51 63.68
CA VAL Q 67 1.96 39.15 62.62
C VAL Q 67 1.71 38.21 61.45
N GLY Q 68 2.76 37.63 60.90
CA GLY Q 68 2.64 36.93 59.64
C GLY Q 68 3.08 37.81 58.49
N GLN Q 69 3.76 37.19 57.52
CA GLN Q 69 4.42 37.93 56.47
C GLN Q 69 3.95 37.45 55.10
N ILE Q 70 3.85 38.40 54.17
CA ILE Q 70 3.31 38.12 52.84
C ILE Q 70 4.43 37.55 51.99
N VAL Q 71 4.23 36.34 51.49
CA VAL Q 71 5.23 35.68 50.66
C VAL Q 71 5.15 36.28 49.25
N GLY Q 72 6.29 36.79 48.77
CA GLY Q 72 6.31 37.40 47.45
C GLY Q 72 7.65 37.18 46.78
N GLU Q 73 7.70 37.52 45.50
CA GLU Q 73 8.89 37.31 44.69
C GLU Q 73 9.30 38.59 44.01
N VAL Q 74 10.60 38.86 44.00
CA VAL Q 74 11.15 40.05 43.35
C VAL Q 74 11.11 39.86 41.84
N LEU Q 75 10.50 40.82 41.15
CA LEU Q 75 10.50 40.75 39.68
C LEU Q 75 11.76 41.37 39.10
N LYS Q 76 12.03 42.63 39.48
CA LYS Q 76 13.25 43.29 39.06
C LYS Q 76 13.58 44.36 40.09
N GLN Q 77 14.71 45.05 39.87
CA GLN Q 77 15.16 46.14 40.72
C GLN Q 77 15.05 47.44 39.93
N LEU Q 78 14.30 48.39 40.46
CA LEU Q 78 14.13 49.67 39.76
C LEU Q 78 15.28 50.62 40.05
N THR Q 79 15.43 51.03 41.31
CA THR Q 79 16.52 51.91 41.73
C THR Q 79 17.25 51.27 42.90
N GLU Q 80 18.08 52.05 43.59
CA GLU Q 80 18.80 51.54 44.75
C GLU Q 80 17.90 51.20 45.92
N GLU Q 81 16.68 51.75 45.96
CA GLU Q 81 15.76 51.48 47.06
C GLU Q 81 14.36 51.11 46.58
N LYS Q 82 14.16 50.96 45.29
CA LYS Q 82 12.86 50.59 44.75
C LYS Q 82 12.96 49.21 44.12
N PHE Q 83 12.15 48.28 44.64
CA PHE Q 83 12.12 46.90 44.18
C PHE Q 83 10.70 46.57 43.76
N ILE Q 84 10.56 46.02 42.56
CA ILE Q 84 9.26 45.65 42.04
C ILE Q 84 9.03 44.18 42.37
N VAL Q 85 8.14 43.92 43.32
CA VAL Q 85 7.87 42.56 43.77
C VAL Q 85 6.44 42.21 43.40
N LYS Q 86 6.07 40.96 43.66
CA LYS Q 86 4.73 40.49 43.35
C LYS Q 86 4.41 39.33 44.26
N ALA Q 87 3.20 39.32 44.81
CA ALA Q 87 2.73 38.21 45.62
C ALA Q 87 2.34 37.04 44.74
N THR Q 88 1.92 35.94 45.37
CA THR Q 88 1.61 34.72 44.63
C THR Q 88 0.32 34.84 43.85
N ASN Q 89 -0.59 35.69 44.29
CA ASN Q 89 -1.77 36.03 43.51
C ASN Q 89 -2.08 37.51 43.47
N GLY Q 90 -1.52 38.30 44.37
CA GLY Q 90 -1.89 39.69 44.48
C GLY Q 90 -1.21 40.55 43.45
N PRO Q 91 -1.34 41.86 43.62
CA PRO Q 91 -0.78 42.80 42.66
C PRO Q 91 0.72 42.98 42.78
N ARG Q 92 1.25 43.93 42.03
CA ARG Q 92 2.68 44.24 42.05
C ARG Q 92 2.92 45.52 42.83
N TYR Q 93 4.01 45.56 43.58
CA TYR Q 93 4.29 46.61 44.54
C TYR Q 93 5.63 47.26 44.22
N VAL Q 94 5.84 48.45 44.80
CA VAL Q 94 7.12 49.15 44.74
C VAL Q 94 7.51 49.47 46.18
N VAL Q 95 8.44 48.69 46.74
CA VAL Q 95 8.80 48.79 48.14
C VAL Q 95 10.32 48.89 48.28
N GLY Q 96 10.79 48.89 49.51
CA GLY Q 96 12.20 48.96 49.83
C GLY Q 96 12.59 47.89 50.84
N CYS Q 97 13.80 48.03 51.36
CA CYS Q 97 14.40 47.08 52.29
C CYS Q 97 14.45 47.71 53.68
N ARG Q 98 14.85 46.92 54.68
CA ARG Q 98 14.75 47.45 56.03
C ARG Q 98 15.93 48.33 56.44
N ARG Q 99 17.04 47.72 56.83
CA ARG Q 99 18.27 48.48 57.04
C ARG Q 99 19.46 47.78 56.41
N GLN Q 100 19.62 46.51 56.75
CA GLN Q 100 20.79 45.69 56.39
C GLN Q 100 20.26 44.38 55.87
N LEU Q 101 20.01 44.33 54.56
CA LEU Q 101 19.48 43.15 53.93
C LEU Q 101 20.38 42.66 52.79
N ASP Q 102 21.43 43.43 52.46
CA ASP Q 102 22.40 43.12 51.41
C ASP Q 102 21.70 42.95 50.06
N LYS Q 103 21.23 44.10 49.56
CA LYS Q 103 20.41 44.20 48.35
C LYS Q 103 21.03 43.56 47.11
N SER Q 104 22.35 43.34 47.10
CA SER Q 104 22.98 42.57 46.03
C SER Q 104 22.50 41.11 46.01
N LYS Q 105 22.05 40.59 47.15
CA LYS Q 105 21.45 39.26 47.19
C LYS Q 105 20.03 39.23 46.64
N LEU Q 106 19.44 40.38 46.35
CA LEU Q 106 18.09 40.44 45.78
C LEU Q 106 18.20 40.31 44.27
N LYS Q 107 18.32 39.09 43.82
CA LYS Q 107 18.35 38.83 42.40
C LYS Q 107 16.94 38.88 41.83
N PRO Q 108 16.80 39.32 40.58
CA PRO Q 108 15.45 39.47 40.01
C PRO Q 108 14.80 38.13 39.71
N GLY Q 109 14.14 37.57 40.73
CA GLY Q 109 13.54 36.25 40.64
C GLY Q 109 13.72 35.44 41.90
N THR Q 110 14.18 36.07 42.97
CA THR Q 110 14.23 35.42 44.27
C THR Q 110 12.87 35.52 44.94
N ARG Q 111 12.76 34.96 46.14
CA ARG Q 111 11.52 34.96 46.91
C ARG Q 111 11.77 35.65 48.24
N VAL Q 112 10.88 36.56 48.62
CA VAL Q 112 11.02 37.37 49.83
C VAL Q 112 9.76 37.22 50.67
N ALA Q 113 9.78 37.86 51.84
CA ALA Q 113 8.63 37.89 52.73
C ALA Q 113 8.34 39.34 53.08
N LEU Q 114 7.18 39.83 52.64
CA LEU Q 114 6.83 41.23 52.82
C LEU Q 114 6.14 41.45 54.16
N ASP Q 115 6.15 42.69 54.60
CA ASP Q 115 5.40 43.04 55.80
C ASP Q 115 3.90 43.04 55.50
N MET Q 116 3.10 42.79 56.54
CA MET Q 116 1.66 42.79 56.34
C MET Q 116 1.10 44.20 56.16
N THR Q 117 1.69 45.19 56.84
CA THR Q 117 1.19 46.56 56.77
C THR Q 117 2.17 47.53 56.13
N THR Q 118 3.46 47.44 56.47
CA THR Q 118 4.45 48.31 55.84
C THR Q 118 4.71 47.87 54.41
N LEU Q 119 4.52 46.58 54.13
CA LEU Q 119 4.68 45.89 52.85
C LEU Q 119 6.11 45.84 52.35
N THR Q 120 7.09 46.29 53.13
CA THR Q 120 8.48 46.23 52.72
C THR Q 120 9.08 44.87 53.04
N ILE Q 121 10.26 44.63 52.50
CA ILE Q 121 10.87 43.31 52.53
C ILE Q 121 11.48 43.06 53.91
N MET Q 122 11.06 41.99 54.56
CA MET Q 122 11.63 41.60 55.84
C MET Q 122 12.78 40.61 55.67
N ARG Q 123 12.49 39.44 55.10
CA ARG Q 123 13.46 38.37 54.99
C ARG Q 123 13.24 37.64 53.67
N TYR Q 124 14.32 37.35 52.97
CA TYR Q 124 14.22 36.63 51.71
C TYR Q 124 14.28 35.13 51.98
N LEU Q 125 13.72 34.36 51.04
CA LEU Q 125 13.62 32.92 51.15
C LEU Q 125 14.30 32.26 49.95
N PRO Q 126 14.91 31.08 50.15
CA PRO Q 126 15.61 30.41 49.03
C PRO Q 126 14.73 30.02 47.85
N ARG Q 127 13.80 29.10 48.07
CA ARG Q 127 12.96 28.51 47.03
C ARG Q 127 11.91 27.61 47.65
N GLU Q 128 10.73 27.53 47.04
CA GLU Q 128 9.75 26.52 47.40
C GLU Q 128 10.24 25.13 47.04
N VAL Q 129 9.72 24.12 47.73
CA VAL Q 129 10.18 22.75 47.52
C VAL Q 129 9.00 21.82 47.23
N ASP Q 130 7.81 22.40 46.94
CA ASP Q 130 6.57 21.84 46.37
C ASP Q 130 6.26 20.42 46.87
N PRO Q 131 5.57 20.30 48.04
CA PRO Q 131 5.56 19.06 48.85
C PRO Q 131 5.25 17.71 48.20
N LEU Q 132 4.88 17.71 46.92
CA LEU Q 132 4.80 16.48 46.14
C LEU Q 132 6.13 15.75 46.09
N VAL Q 133 7.25 16.47 46.08
CA VAL Q 133 8.57 15.86 46.06
C VAL Q 133 9.24 15.89 47.42
N TYR Q 134 8.55 16.40 48.45
CA TYR Q 134 9.07 16.33 49.81
C TYR Q 134 9.21 14.89 50.26
N ASN Q 135 8.22 14.06 49.93
CA ASN Q 135 8.25 12.66 50.29
C ASN Q 135 9.24 11.87 49.45
N MET Q 136 9.73 12.44 48.34
CA MET Q 136 10.69 11.78 47.48
C MET Q 136 12.12 11.94 47.96
N SER Q 137 12.32 12.51 49.14
CA SER Q 137 13.64 12.62 49.74
C SER Q 137 13.72 11.90 51.08
N HIS Q 138 12.73 12.12 51.94
CA HIS Q 138 12.78 11.64 53.32
C HIS Q 138 12.33 10.19 53.37
N GLU Q 139 13.30 9.28 53.26
CA GLU Q 139 13.10 7.85 53.40
C GLU Q 139 14.45 7.19 53.62
N ASP Q 140 14.44 6.06 54.32
CA ASP Q 140 15.65 5.30 54.60
C ASP Q 140 15.78 4.13 53.63
N PRO Q 141 16.92 3.98 52.93
CA PRO Q 141 17.04 2.90 51.94
C PRO Q 141 17.00 1.50 52.55
N GLY Q 142 18.06 1.10 53.23
CA GLY Q 142 18.03 -0.15 53.99
C GLY Q 142 19.00 -0.24 55.14
N ASN Q 143 19.76 0.83 55.37
CA ASN Q 143 20.95 0.84 56.22
C ASN Q 143 21.91 -0.30 55.85
N VAL Q 144 22.12 -0.48 54.55
CA VAL Q 144 22.92 -1.56 54.01
C VAL Q 144 24.34 -1.05 53.77
N SER Q 145 25.29 -1.98 53.63
CA SER Q 145 26.71 -1.64 53.52
C SER Q 145 27.43 -2.53 52.51
N TYR Q 146 26.83 -2.72 51.33
CA TYR Q 146 27.33 -3.58 50.24
C TYR Q 146 27.55 -5.02 50.68
N SER Q 147 26.84 -5.48 51.70
CA SER Q 147 27.00 -6.83 52.22
C SER Q 147 25.75 -7.66 52.01
N GLU Q 148 24.68 -7.05 51.51
CA GLU Q 148 23.45 -7.75 51.17
C GLU Q 148 23.38 -8.01 49.66
N ILE Q 149 24.54 -7.98 49.00
CA ILE Q 149 24.62 -8.08 47.55
C ILE Q 149 25.83 -8.94 47.21
N GLY Q 150 25.70 -9.71 46.14
CA GLY Q 150 26.78 -10.60 45.74
C GLY Q 150 26.58 -11.13 44.34
N GLY Q 151 27.69 -11.59 43.76
CA GLY Q 151 27.66 -12.07 42.40
C GLY Q 151 27.46 -11.01 41.36
N LEU Q 152 27.79 -9.75 41.69
CA LEU Q 152 27.54 -8.64 40.80
C LEU Q 152 28.70 -7.64 40.85
N SER Q 153 29.79 -8.02 41.51
CA SER Q 153 30.91 -7.13 41.83
C SER Q 153 31.62 -6.56 40.62
N GLU Q 154 31.54 -7.25 39.47
CA GLU Q 154 32.07 -6.67 38.24
C GLU Q 154 31.23 -5.49 37.78
N GLN Q 155 29.93 -5.53 38.04
CA GLN Q 155 29.02 -4.47 37.66
C GLN Q 155 28.79 -3.46 38.77
N ILE Q 156 28.96 -3.88 40.02
CA ILE Q 156 28.82 -2.97 41.15
C ILE Q 156 29.92 -1.93 41.13
N ARG Q 157 31.17 -2.39 41.03
CA ARG Q 157 32.33 -1.50 41.05
C ARG Q 157 32.34 -0.58 39.83
N GLU Q 158 31.91 -1.10 38.69
CA GLU Q 158 31.87 -0.29 37.48
C GLU Q 158 30.84 0.83 37.59
N LEU Q 159 29.75 0.59 38.32
CA LEU Q 159 28.79 1.66 38.61
C LEU Q 159 29.29 2.59 39.69
N ARG Q 160 30.02 2.06 40.68
CA ARG Q 160 30.62 2.90 41.69
C ARG Q 160 31.75 3.75 41.12
N GLU Q 161 32.29 3.35 39.98
CA GLU Q 161 33.36 4.11 39.35
C GLU Q 161 32.83 5.40 38.73
N VAL Q 162 31.67 5.34 38.08
CA VAL Q 162 31.18 6.46 37.31
C VAL Q 162 30.47 7.50 38.16
N ILE Q 163 30.09 7.16 39.39
CA ILE Q 163 29.30 8.03 40.24
C ILE Q 163 30.12 8.59 41.39
N GLU Q 164 30.86 7.73 42.09
CA GLU Q 164 31.53 8.16 43.32
C GLU Q 164 32.73 9.06 43.05
N LEU Q 165 33.35 8.95 41.86
CA LEU Q 165 34.51 9.78 41.57
C LEU Q 165 34.20 11.27 41.38
N PRO Q 166 33.18 11.70 40.61
CA PRO Q 166 32.97 13.15 40.52
C PRO Q 166 32.48 13.79 41.82
N LEU Q 167 31.79 13.06 42.68
CA LEU Q 167 31.33 13.62 43.95
C LEU Q 167 32.35 13.51 45.06
N THR Q 168 33.47 12.83 44.85
CA THR Q 168 34.56 12.81 45.82
C THR Q 168 35.88 13.31 45.25
N ASN Q 169 36.27 12.87 44.06
CA ASN Q 169 37.66 12.97 43.62
C ASN Q 169 37.70 13.58 42.23
N PRO Q 170 37.58 14.92 42.14
CA PRO Q 170 37.63 15.55 40.82
C PRO Q 170 39.04 15.76 40.30
N GLU Q 171 40.07 15.55 41.13
CA GLU Q 171 41.44 15.74 40.68
C GLU Q 171 41.87 14.70 39.66
N LEU Q 172 41.28 13.51 39.70
CA LEU Q 172 41.54 12.50 38.69
C LEU Q 172 40.89 12.82 37.36
N PHE Q 173 39.97 13.79 37.33
CA PHE Q 173 39.31 14.19 36.11
C PHE Q 173 39.81 15.53 35.58
N GLN Q 174 40.61 16.24 36.36
CA GLN Q 174 41.29 17.43 35.89
C GLN Q 174 42.64 17.11 35.27
N ARG Q 175 43.29 16.05 35.76
CA ARG Q 175 44.57 15.62 35.23
C ARG Q 175 44.45 15.02 33.83
N VAL Q 176 43.27 14.53 33.47
CA VAL Q 176 43.00 13.96 32.15
C VAL Q 176 41.92 14.82 31.51
N GLY Q 177 42.13 15.21 30.26
CA GLY Q 177 41.23 16.13 29.61
C GLY Q 177 39.88 15.54 29.26
N ILE Q 178 39.09 15.21 30.28
CA ILE Q 178 37.77 14.62 30.12
C ILE Q 178 36.78 15.42 30.96
N ILE Q 179 35.56 15.53 30.45
CA ILE Q 179 34.46 16.07 31.25
C ILE Q 179 33.95 14.97 32.17
N PRO Q 180 33.63 15.26 33.43
CA PRO Q 180 33.03 14.25 34.30
C PRO Q 180 31.70 13.77 33.72
N PRO Q 181 31.41 12.49 33.85
CA PRO Q 181 30.30 11.92 33.10
C PRO Q 181 28.95 12.16 33.78
N LYS Q 182 27.89 11.91 33.01
CA LYS Q 182 26.54 11.93 33.53
C LYS Q 182 26.16 10.53 34.00
N GLY Q 183 24.88 10.32 34.27
CA GLY Q 183 24.42 9.09 34.89
C GLY Q 183 24.42 7.88 33.98
N CYS Q 184 24.07 6.74 34.60
CA CYS Q 184 24.10 5.43 33.97
C CYS Q 184 22.68 4.86 33.86
N LEU Q 185 22.60 3.59 33.45
CA LEU Q 185 21.32 2.90 33.27
C LEU Q 185 21.42 1.46 33.73
N LEU Q 186 20.36 0.99 34.38
CA LEU Q 186 20.24 -0.39 34.82
C LEU Q 186 19.14 -1.05 34.01
N TYR Q 187 19.49 -2.08 33.24
CA TYR Q 187 18.52 -2.80 32.44
C TYR Q 187 18.77 -4.30 32.55
N GLY Q 188 17.68 -5.06 32.47
CA GLY Q 188 17.75 -6.50 32.60
C GLY Q 188 16.44 -7.09 33.05
N PRO Q 189 16.44 -8.40 33.31
CA PRO Q 189 15.21 -9.08 33.74
C PRO Q 189 14.92 -8.79 35.21
N PRO Q 190 13.66 -8.87 35.63
CA PRO Q 190 13.33 -8.48 37.00
C PRO Q 190 13.80 -9.50 38.02
N GLY Q 191 14.43 -9.02 39.08
CA GLY Q 191 14.84 -9.91 40.15
C GLY Q 191 16.28 -9.78 40.60
N THR Q 192 17.16 -9.27 39.73
CA THR Q 192 18.57 -9.19 40.09
C THR Q 192 18.90 -7.73 40.38
N GLY Q 193 18.73 -7.36 41.63
CA GLY Q 193 19.07 -6.01 42.05
C GLY Q 193 18.05 -5.00 41.57
N LYS Q 194 18.54 -3.95 40.90
CA LYS Q 194 17.80 -2.89 40.21
C LYS Q 194 17.06 -1.93 41.14
N THR Q 195 16.93 -2.29 42.38
CA THR Q 195 16.40 -1.44 43.41
C THR Q 195 17.24 -1.49 44.66
N LEU Q 196 17.71 -2.70 45.03
CA LEU Q 196 18.65 -2.85 46.13
C LEU Q 196 20.01 -2.27 45.78
N LEU Q 197 20.36 -2.23 44.49
CA LEU Q 197 21.64 -1.65 44.10
C LEU Q 197 21.62 -0.14 44.28
N ALA Q 198 20.49 0.51 43.97
CA ALA Q 198 20.36 1.93 44.29
C ALA Q 198 20.15 2.14 45.77
N ARG Q 199 19.56 1.14 46.44
CA ARG Q 199 19.44 1.17 47.89
C ARG Q 199 20.79 1.05 48.56
N ALA Q 200 21.75 0.40 47.90
CA ALA Q 200 23.10 0.33 48.43
C ALA Q 200 23.81 1.67 48.31
N VAL Q 201 23.71 2.32 47.15
CA VAL Q 201 24.48 3.53 46.93
C VAL Q 201 23.83 4.74 47.61
N ALA Q 202 22.56 4.66 47.97
CA ALA Q 202 21.93 5.73 48.73
C ALA Q 202 22.12 5.57 50.22
N SER Q 203 22.77 4.50 50.65
CA SER Q 203 23.20 4.36 52.04
C SER Q 203 24.63 4.83 52.25
N GLN Q 204 25.47 4.71 51.23
CA GLN Q 204 26.85 5.17 51.27
C GLN Q 204 26.92 6.57 50.69
N LEU Q 205 27.28 7.54 51.53
CA LEU Q 205 27.48 8.95 51.17
C LEU Q 205 26.21 9.53 50.55
N ASP Q 206 25.19 9.63 51.40
CA ASP Q 206 23.92 10.23 51.01
C ASP Q 206 23.93 11.71 51.37
N CYS Q 207 24.52 12.51 50.47
CA CYS Q 207 24.40 13.96 50.59
C CYS Q 207 22.96 14.39 50.34
N ASN Q 208 22.47 14.13 49.14
CA ASN Q 208 21.08 14.39 48.78
C ASN Q 208 20.62 13.28 47.85
N PHE Q 209 19.35 12.93 47.96
CA PHE Q 209 18.86 11.79 47.22
C PHE Q 209 17.40 12.02 46.87
N LEU Q 210 17.03 11.66 45.64
CA LEU Q 210 15.65 11.68 45.19
C LEU Q 210 15.34 10.37 44.50
N LYS Q 211 14.19 9.78 44.86
CA LYS Q 211 13.73 8.54 44.25
C LYS Q 211 12.42 8.85 43.55
N VAL Q 212 12.45 8.85 42.23
CA VAL Q 212 11.27 9.13 41.42
C VAL Q 212 10.61 7.81 41.07
N VAL Q 213 9.29 7.72 41.27
CA VAL Q 213 8.57 6.51 40.91
C VAL Q 213 8.17 6.48 39.43
N SER Q 214 8.26 7.62 38.73
CA SER Q 214 7.90 7.79 37.32
C SER Q 214 6.46 7.40 36.98
N SER Q 215 5.58 7.33 37.98
CA SER Q 215 4.17 7.12 37.72
C SER Q 215 3.29 8.02 38.56
N SER Q 216 3.85 8.81 39.47
CA SER Q 216 3.09 9.84 40.17
C SER Q 216 3.38 11.22 39.59
N ILE Q 217 3.79 11.28 38.32
CA ILE Q 217 4.27 12.52 37.74
C ILE Q 217 3.34 13.07 36.68
N VAL Q 218 2.26 12.35 36.34
CA VAL Q 218 1.24 12.88 35.45
C VAL Q 218 -0.09 12.80 36.18
N ASP Q 219 -1.07 13.56 35.70
CA ASP Q 219 -2.41 13.57 36.27
C ASP Q 219 -3.44 13.99 35.22
N LYS Q 220 -4.60 14.43 35.69
CA LYS Q 220 -5.64 14.94 34.80
C LYS Q 220 -5.17 16.18 34.04
N TYR Q 221 -4.39 17.02 34.72
CA TYR Q 221 -4.02 18.30 34.16
C TYR Q 221 -2.93 18.13 33.12
N ILE Q 222 -3.09 18.84 32.01
CA ILE Q 222 -2.28 18.54 30.83
C ILE Q 222 -0.92 19.22 30.85
N GLY Q 223 -0.75 20.27 31.64
CA GLY Q 223 0.53 20.93 31.70
C GLY Q 223 1.25 20.76 33.01
N GLU Q 224 0.75 19.86 33.84
CA GLU Q 224 1.30 19.62 35.17
C GLU Q 224 2.57 18.78 35.12
N SER Q 225 2.64 17.84 34.18
CA SER Q 225 3.70 16.83 34.15
C SER Q 225 5.07 17.46 33.92
N ALA Q 226 5.18 18.31 32.90
CA ALA Q 226 6.46 18.95 32.60
C ALA Q 226 6.78 20.05 33.61
N ARG Q 227 5.76 20.58 34.29
CA ARG Q 227 6.01 21.57 35.34
C ARG Q 227 6.61 20.90 36.57
N LEU Q 228 6.19 19.66 36.85
CA LEU Q 228 6.70 18.95 38.01
C LEU Q 228 8.15 18.52 37.81
N ILE Q 229 8.55 18.26 36.57
CA ILE Q 229 9.92 17.82 36.32
C ILE Q 229 10.89 19.00 36.45
N ARG Q 230 10.48 20.18 35.97
CA ARG Q 230 11.34 21.35 36.04
C ARG Q 230 11.60 21.78 37.46
N GLU Q 231 10.56 21.77 38.30
CA GLU Q 231 10.73 22.13 39.69
C GLU Q 231 11.42 21.04 40.50
N MET Q 232 11.43 19.81 39.98
CA MET Q 232 12.16 18.74 40.64
C MET Q 232 13.66 18.93 40.51
N PHE Q 233 14.14 19.14 39.29
CA PHE Q 233 15.57 19.27 39.06
C PHE Q 233 16.15 20.55 39.64
N ASN Q 234 15.33 21.60 39.77
CA ASN Q 234 15.81 22.82 40.39
C ASN Q 234 16.06 22.62 41.87
N TYR Q 235 15.26 21.78 42.53
CA TYR Q 235 15.60 21.32 43.87
C TYR Q 235 16.86 20.49 43.85
N ALA Q 236 17.01 19.65 42.84
CA ALA Q 236 18.21 18.85 42.71
C ALA Q 236 19.42 19.70 42.34
N ARG Q 237 19.22 20.74 41.52
CA ARG Q 237 20.33 21.59 41.12
C ARG Q 237 20.82 22.44 42.28
N ASP Q 238 19.89 22.95 43.09
CA ASP Q 238 20.25 23.84 44.19
C ASP Q 238 21.06 23.12 45.25
N HIS Q 239 20.63 21.93 45.63
CA HIS Q 239 21.38 21.10 46.58
C HIS Q 239 22.36 20.24 45.78
N GLN Q 240 23.50 20.88 45.45
CA GLN Q 240 24.51 20.51 44.46
C GLN Q 240 24.87 19.03 44.44
N PRO Q 241 25.38 18.40 45.53
CA PRO Q 241 25.95 17.06 45.26
C PRO Q 241 24.90 15.96 45.41
N CYS Q 242 23.87 16.02 44.57
CA CYS Q 242 22.75 15.10 44.72
C CYS Q 242 22.86 13.95 43.73
N ILE Q 243 22.15 12.88 44.03
CA ILE Q 243 22.03 11.72 43.16
C ILE Q 243 20.55 11.47 42.92
N ILE Q 244 20.21 11.17 41.68
CA ILE Q 244 18.82 11.05 41.25
C ILE Q 244 18.58 9.62 40.80
N PHE Q 245 17.51 9.01 41.31
CA PHE Q 245 17.11 7.68 40.92
C PHE Q 245 15.71 7.72 40.35
N MET Q 246 15.52 7.09 39.19
CA MET Q 246 14.22 7.00 38.54
C MET Q 246 13.96 5.54 38.19
N ASP Q 247 13.01 4.92 38.88
CA ASP Q 247 12.55 3.61 38.48
C ASP Q 247 11.61 3.75 37.29
N GLU Q 248 11.50 2.68 36.50
CA GLU Q 248 10.52 2.45 35.43
C GLU Q 248 10.43 3.61 34.42
N ILE Q 249 11.53 3.79 33.69
CA ILE Q 249 11.57 4.74 32.58
C ILE Q 249 10.65 4.30 31.45
N ASP Q 250 10.32 3.00 31.38
CA ASP Q 250 9.39 2.48 30.38
C ASP Q 250 7.99 3.08 30.51
N ALA Q 251 7.63 3.55 31.71
CA ALA Q 251 6.31 4.15 31.91
C ALA Q 251 6.15 5.45 31.14
N ILE Q 252 7.21 6.28 31.07
CA ILE Q 252 7.18 7.50 30.29
C ILE Q 252 8.13 7.44 29.11
N GLY Q 253 8.55 6.24 28.72
CA GLY Q 253 9.39 6.10 27.55
C GLY Q 253 8.59 6.10 26.27
N GLY Q 254 8.86 5.16 25.40
CA GLY Q 254 8.12 5.10 24.15
C GLY Q 254 8.89 5.76 23.03
N ARG Q 255 8.75 5.21 21.84
CA ARG Q 255 9.30 5.85 20.65
C ARG Q 255 8.32 6.92 20.20
N ARG Q 256 8.85 8.09 19.86
CA ARG Q 256 8.01 9.22 19.49
C ARG Q 256 7.46 9.00 18.09
N PHE Q 257 6.19 8.62 18.01
CA PHE Q 257 5.55 8.19 16.77
C PHE Q 257 4.50 9.21 16.34
N SER Q 258 3.72 8.83 15.33
CA SER Q 258 2.71 9.68 14.70
C SER Q 258 1.46 9.82 15.56
N GLU Q 259 0.35 10.25 14.93
CA GLU Q 259 -0.96 10.53 15.52
C GLU Q 259 -1.39 9.49 16.54
N GLY Q 260 -1.55 9.95 17.78
CA GLY Q 260 -1.53 9.06 18.93
C GLY Q 260 -2.51 9.34 20.05
N THR Q 261 -3.73 9.81 19.73
CA THR Q 261 -4.88 9.98 20.64
C THR Q 261 -4.53 10.71 21.94
N SER Q 262 -4.57 12.05 21.90
CA SER Q 262 -3.80 13.03 22.69
C SER Q 262 -3.36 12.70 24.12
N ALA Q 263 -4.04 11.76 24.79
CA ALA Q 263 -3.57 11.24 26.07
C ALA Q 263 -2.13 10.72 26.00
N ASP Q 264 -1.71 10.19 24.85
CA ASP Q 264 -0.31 9.81 24.70
C ASP Q 264 0.57 10.95 24.20
N ARG Q 265 -0.03 11.99 23.61
CA ARG Q 265 0.76 13.15 23.18
C ARG Q 265 1.33 13.91 24.36
N GLU Q 266 0.64 13.87 25.51
CA GLU Q 266 1.15 14.53 26.71
C GLU Q 266 2.40 13.84 27.22
N ILE Q 267 2.44 12.51 27.12
CA ILE Q 267 3.61 11.74 27.56
C ILE Q 267 4.81 12.04 26.67
N GLN Q 268 4.57 12.24 25.38
CA GLN Q 268 5.65 12.66 24.49
C GLN Q 268 6.13 14.05 24.83
N ARG Q 269 5.21 14.99 25.11
CA ARG Q 269 5.63 16.32 25.54
C ARG Q 269 6.26 16.30 26.93
N THR Q 270 5.86 15.33 27.75
CA THR Q 270 6.53 15.13 29.03
C THR Q 270 7.96 14.65 28.82
N LEU Q 271 8.15 13.74 27.86
CA LEU Q 271 9.46 13.17 27.62
C LEU Q 271 10.41 14.20 27.01
N MET Q 272 9.88 15.07 26.15
CA MET Q 272 10.72 16.09 25.52
C MET Q 272 11.20 17.11 26.54
N GLU Q 273 10.43 17.32 27.61
CA GLU Q 273 10.91 18.15 28.70
C GLU Q 273 12.05 17.46 29.44
N LEU Q 274 11.93 16.14 29.65
CA LEU Q 274 12.95 15.39 30.36
C LEU Q 274 14.25 15.32 29.57
N LEU Q 275 14.16 15.40 28.24
CA LEU Q 275 15.36 15.39 27.40
C LEU Q 275 16.19 16.64 27.61
N ASN Q 276 15.57 17.82 27.51
CA ASN Q 276 16.31 19.06 27.56
C ASN Q 276 16.76 19.42 28.96
N GLN Q 277 16.11 18.88 29.99
CA GLN Q 277 16.56 19.16 31.34
C GLN Q 277 17.78 18.32 31.70
N MET Q 278 17.88 17.12 31.15
CA MET Q 278 19.06 16.28 31.38
C MET Q 278 20.27 16.82 30.62
N ASP Q 279 20.17 16.87 29.29
CA ASP Q 279 21.26 17.32 28.43
C ASP Q 279 20.71 18.39 27.49
N GLY Q 280 20.70 19.63 27.95
CA GLY Q 280 20.23 20.73 27.13
C GLY Q 280 21.06 21.98 27.29
N PHE Q 281 20.38 23.11 27.49
CA PHE Q 281 21.10 24.38 27.55
C PHE Q 281 21.75 24.59 28.91
N ASP Q 282 21.10 24.16 29.98
CA ASP Q 282 21.66 24.34 31.31
C ASP Q 282 22.72 23.28 31.58
N THR Q 283 23.90 23.73 31.99
CA THR Q 283 25.00 22.82 32.32
C THR Q 283 24.69 22.11 33.63
N LEU Q 284 24.31 20.85 33.55
CA LEU Q 284 23.96 20.09 34.75
C LEU Q 284 25.24 19.67 35.45
N HIS Q 285 25.49 20.23 36.63
CA HIS Q 285 26.74 20.02 37.34
C HIS Q 285 26.44 19.45 38.72
N ARG Q 286 27.31 18.53 39.15
CA ARG Q 286 27.25 17.79 40.42
C ARG Q 286 26.01 16.92 40.58
N VAL Q 287 25.24 16.70 39.51
CA VAL Q 287 23.97 16.00 39.59
C VAL Q 287 24.05 14.78 38.68
N LYS Q 288 23.86 13.60 39.26
CA LYS Q 288 23.96 12.36 38.49
C LYS Q 288 22.66 11.57 38.64
N MET Q 289 22.35 10.78 37.62
CA MET Q 289 21.02 10.24 37.42
C MET Q 289 21.07 8.74 37.15
N ILE Q 290 20.60 7.94 38.10
CA ILE Q 290 20.56 6.49 37.97
C ILE Q 290 19.18 6.13 37.43
N MET Q 291 19.12 5.78 36.15
CA MET Q 291 17.88 5.34 35.53
C MET Q 291 17.81 3.82 35.61
N ALA Q 292 16.58 3.31 35.72
CA ALA Q 292 16.38 1.87 35.86
C ALA Q 292 15.10 1.46 35.15
N THR Q 293 15.18 0.41 34.35
CA THR Q 293 14.04 -0.07 33.57
C THR Q 293 13.94 -1.57 33.71
N ASN Q 294 12.94 -2.13 33.03
CA ASN Q 294 12.77 -3.57 32.96
C ASN Q 294 12.73 -4.10 31.53
N ARG Q 295 12.50 -3.23 30.53
CA ARG Q 295 12.52 -3.64 29.14
C ARG Q 295 13.19 -2.54 28.31
N PRO Q 296 14.47 -2.70 27.99
CA PRO Q 296 15.23 -1.63 27.32
C PRO Q 296 15.14 -1.72 25.80
N ASP Q 297 13.92 -1.72 25.29
CA ASP Q 297 13.73 -1.92 23.86
C ASP Q 297 12.99 -0.76 23.20
N THR Q 298 12.00 -0.21 23.90
CA THR Q 298 11.13 0.78 23.27
C THR Q 298 11.43 2.19 23.73
N LEU Q 299 12.67 2.48 24.09
CA LEU Q 299 12.99 3.82 24.54
C LEU Q 299 13.43 4.69 23.38
N ASP Q 300 13.49 5.98 23.63
CA ASP Q 300 13.83 6.94 22.60
C ASP Q 300 15.32 6.84 22.26
N PRO Q 301 15.69 6.72 20.99
CA PRO Q 301 17.12 6.81 20.63
C PRO Q 301 17.76 8.15 20.95
N ALA Q 302 16.98 9.23 21.01
CA ALA Q 302 17.51 10.49 21.49
C ALA Q 302 17.74 10.47 22.99
N LEU Q 303 17.06 9.58 23.71
CA LEU Q 303 17.27 9.40 25.15
C LEU Q 303 18.39 8.43 25.44
N LEU Q 304 18.43 7.32 24.71
CA LEU Q 304 19.48 6.32 24.88
C LEU Q 304 20.77 6.66 24.17
N ARG Q 305 20.97 7.91 23.74
CA ARG Q 305 22.25 8.17 23.08
C ARG Q 305 23.36 8.29 24.11
N PRO Q 306 24.56 7.83 23.80
CA PRO Q 306 25.71 8.10 24.66
C PRO Q 306 26.07 9.57 24.61
N GLY Q 307 26.13 10.18 25.79
CA GLY Q 307 26.28 11.62 25.90
C GLY Q 307 25.35 12.17 26.96
N ARG Q 308 24.17 11.57 27.07
CA ARG Q 308 23.27 11.83 28.20
C ARG Q 308 23.02 10.58 29.04
N LEU Q 309 23.13 9.40 28.44
CA LEU Q 309 23.21 8.13 29.14
C LEU Q 309 24.56 7.58 28.71
N ASP Q 310 25.57 7.78 29.56
CA ASP Q 310 26.94 7.53 29.15
C ASP Q 310 27.22 6.03 29.04
N ARG Q 311 26.92 5.28 30.10
CA ARG Q 311 27.14 3.84 30.07
C ARG Q 311 25.89 3.13 30.52
N LYS Q 312 25.48 2.14 29.74
CA LYS Q 312 24.29 1.33 30.02
C LYS Q 312 24.75 -0.07 30.35
N ILE Q 313 24.58 -0.48 31.60
CA ILE Q 313 25.14 -1.74 32.09
C ILE Q 313 24.01 -2.76 32.23
N HIS Q 314 24.30 -3.99 31.84
CA HIS Q 314 23.33 -5.09 31.86
C HIS Q 314 23.50 -5.87 33.16
N ILE Q 315 22.39 -6.24 33.76
CA ILE Q 315 22.41 -7.03 34.98
C ILE Q 315 21.87 -8.42 34.65
N ASP Q 316 22.74 -9.42 34.76
CA ASP Q 316 22.41 -10.77 34.32
C ASP Q 316 21.71 -11.57 35.41
N LEU Q 317 21.62 -12.87 35.20
CA LEU Q 317 21.06 -13.83 36.13
C LEU Q 317 22.15 -14.45 36.98
N PRO Q 318 21.82 -15.02 38.14
CA PRO Q 318 22.85 -15.71 38.93
C PRO Q 318 23.27 -17.04 38.31
N ASN Q 319 24.30 -17.00 37.47
CA ASN Q 319 24.78 -18.16 36.74
C ASN Q 319 25.56 -19.16 37.59
N GLU Q 320 24.85 -19.77 38.56
CA GLU Q 320 25.24 -20.96 39.32
C GLU Q 320 26.38 -20.71 40.32
N GLN Q 321 27.06 -19.57 40.21
CA GLN Q 321 28.07 -19.15 41.17
C GLN Q 321 27.53 -18.09 42.12
N ALA Q 322 26.75 -17.15 41.59
CA ALA Q 322 26.03 -16.21 42.43
C ALA Q 322 24.86 -16.88 43.15
N ARG Q 323 24.35 -18.01 42.64
CA ARG Q 323 23.37 -18.77 43.40
C ARG Q 323 23.99 -19.37 44.65
N LEU Q 324 25.30 -19.62 44.62
CA LEU Q 324 26.00 -20.00 45.84
C LEU Q 324 26.29 -18.76 46.70
N ASP Q 325 26.48 -17.61 46.06
CA ASP Q 325 26.83 -16.39 46.80
C ASP Q 325 25.62 -15.82 47.52
N ILE Q 326 24.53 -15.59 46.79
CA ILE Q 326 23.35 -14.94 47.33
C ILE Q 326 22.68 -15.80 48.40
N LEU Q 327 22.80 -17.12 48.27
CA LEU Q 327 22.27 -18.02 49.28
C LEU Q 327 23.02 -17.90 50.60
N LYS Q 328 24.35 -17.79 50.54
CA LYS Q 328 25.15 -17.65 51.75
C LYS Q 328 24.95 -16.27 52.39
N ILE Q 329 24.65 -15.25 51.58
CA ILE Q 329 24.36 -13.93 52.12
C ILE Q 329 23.03 -13.96 52.87
N HIS Q 330 22.05 -14.69 52.36
CA HIS Q 330 20.75 -14.82 53.00
C HIS Q 330 20.67 -16.03 53.92
N ALA Q 331 21.80 -16.59 54.35
CA ALA Q 331 21.81 -17.66 55.34
C ALA Q 331 22.58 -17.24 56.58
N GLY Q 332 22.73 -15.93 56.77
CA GLY Q 332 23.46 -15.40 57.90
C GLY Q 332 22.79 -15.62 59.24
N PRO Q 333 21.67 -14.93 59.49
CA PRO Q 333 21.02 -15.04 60.80
C PRO Q 333 20.19 -16.30 61.00
N ILE Q 334 20.08 -17.17 60.00
CA ILE Q 334 19.22 -18.34 60.12
C ILE Q 334 19.91 -19.39 60.98
N THR Q 335 19.22 -19.80 62.05
CA THR Q 335 19.73 -20.76 63.03
C THR Q 335 19.62 -22.16 62.45
N LYS Q 336 20.73 -22.66 61.91
CA LYS Q 336 20.79 -23.99 61.33
C LYS Q 336 21.40 -24.98 62.33
N HIS Q 337 21.32 -26.27 61.98
CA HIS Q 337 21.89 -27.34 62.78
C HIS Q 337 23.23 -27.81 62.24
N GLY Q 338 23.89 -27.00 61.42
CA GLY Q 338 25.23 -27.32 60.97
C GLY Q 338 25.31 -28.07 59.66
N GLU Q 339 24.62 -29.22 59.58
CA GLU Q 339 24.67 -30.05 58.40
C GLU Q 339 23.85 -29.41 57.27
N ILE Q 340 24.48 -28.53 56.51
CA ILE Q 340 23.81 -27.79 55.44
C ILE Q 340 24.53 -28.09 54.14
N ASP Q 341 23.88 -28.86 53.26
CA ASP Q 341 24.43 -29.17 51.96
C ASP Q 341 24.09 -27.99 51.04
N TYR Q 342 25.05 -27.07 50.90
CA TYR Q 342 24.82 -25.87 50.10
C TYR Q 342 24.70 -26.19 48.62
N GLU Q 343 25.44 -27.20 48.14
CA GLU Q 343 25.40 -27.52 46.73
C GLU Q 343 24.06 -28.13 46.33
N ALA Q 344 23.50 -28.97 47.20
CA ALA Q 344 22.19 -29.55 46.94
C ALA Q 344 21.09 -28.49 46.96
N ILE Q 345 21.31 -27.37 47.64
CA ILE Q 345 20.36 -26.28 47.55
C ILE Q 345 20.59 -25.49 46.26
N VAL Q 346 21.86 -25.32 45.86
CA VAL Q 346 22.16 -24.57 44.63
C VAL Q 346 21.72 -25.36 43.41
N LYS Q 347 22.00 -26.66 43.37
CA LYS Q 347 21.74 -27.45 42.17
C LYS Q 347 20.25 -27.71 41.97
N LEU Q 348 19.54 -28.07 43.03
CA LEU Q 348 18.11 -28.36 42.91
C LEU Q 348 17.25 -27.13 42.69
N SER Q 349 17.76 -25.93 42.99
CA SER Q 349 16.96 -24.73 42.85
C SER Q 349 16.99 -24.21 41.43
N ASP Q 350 15.82 -23.82 40.94
CA ASP Q 350 15.68 -23.04 39.72
C ASP Q 350 14.86 -21.83 40.10
N GLY Q 351 15.51 -20.83 40.70
CA GLY Q 351 14.79 -19.64 41.08
C GLY Q 351 15.30 -18.44 40.33
N PHE Q 352 16.62 -18.40 40.09
CA PHE Q 352 17.31 -17.43 39.25
C PHE Q 352 17.09 -15.98 39.67
N ASN Q 353 16.74 -15.77 40.93
CA ASN Q 353 16.48 -14.45 41.49
C ASN Q 353 16.92 -14.48 42.94
N GLY Q 354 17.51 -13.38 43.40
CA GLY Q 354 17.84 -13.28 44.80
C GLY Q 354 16.62 -13.20 45.68
N ALA Q 355 15.52 -12.66 45.16
CA ALA Q 355 14.28 -12.61 45.92
C ALA Q 355 13.68 -14.00 46.13
N ASP Q 356 13.94 -14.92 45.20
CA ASP Q 356 13.52 -16.29 45.43
C ASP Q 356 14.41 -16.99 46.44
N LEU Q 357 15.69 -16.63 46.49
CA LEU Q 357 16.63 -17.33 47.36
C LEU Q 357 16.42 -17.00 48.84
N ARG Q 358 15.92 -15.80 49.14
CA ARG Q 358 15.54 -15.54 50.52
C ARG Q 358 14.26 -16.28 50.87
N ASN Q 359 13.42 -16.57 49.89
CA ASN Q 359 12.19 -17.29 50.18
C ASN Q 359 12.47 -18.77 50.34
N VAL Q 360 13.54 -19.27 49.72
CA VAL Q 360 14.04 -20.59 50.06
C VAL Q 360 14.43 -20.64 51.53
N CYS Q 361 15.10 -19.59 52.00
CA CYS Q 361 15.42 -19.50 53.41
C CYS Q 361 14.19 -19.17 54.25
N THR Q 362 13.19 -18.52 53.65
CA THR Q 362 11.98 -18.19 54.41
C THR Q 362 11.11 -19.42 54.63
N GLU Q 363 10.86 -20.16 53.55
CA GLU Q 363 9.97 -21.33 53.64
C GLU Q 363 10.60 -22.43 54.49
N ALA Q 364 11.93 -22.58 54.41
CA ALA Q 364 12.62 -23.49 55.31
C ALA Q 364 12.52 -23.02 56.75
N GLY Q 365 12.48 -21.70 56.96
CA GLY Q 365 12.16 -21.18 58.27
C GLY Q 365 10.72 -21.47 58.66
N MET Q 366 9.82 -21.42 57.68
CA MET Q 366 8.42 -21.74 57.95
C MET Q 366 8.20 -23.23 58.18
N PHE Q 367 9.10 -24.07 57.66
CA PHE Q 367 8.97 -25.50 57.85
C PHE Q 367 9.59 -25.97 59.15
N ALA Q 368 10.41 -25.14 59.80
CA ALA Q 368 10.78 -25.40 61.18
C ALA Q 368 9.63 -25.09 62.12
N ILE Q 369 8.65 -24.30 61.68
CA ILE Q 369 7.45 -24.06 62.47
C ILE Q 369 6.45 -25.20 62.31
N ARG Q 370 6.63 -26.04 61.29
CA ARG Q 370 5.86 -27.27 61.14
C ARG Q 370 6.18 -28.22 62.28
N ALA Q 371 5.18 -28.48 63.13
CA ALA Q 371 5.27 -29.33 64.33
C ALA Q 371 6.31 -28.83 65.34
N ASP Q 372 6.63 -27.53 65.27
CA ASP Q 372 7.48 -26.80 66.23
C ASP Q 372 8.85 -27.45 66.40
N HIS Q 373 9.61 -27.46 65.30
CA HIS Q 373 10.96 -28.00 65.33
C HIS Q 373 11.88 -27.06 66.12
N ASP Q 374 13.01 -27.61 66.55
CA ASP Q 374 14.00 -26.89 67.33
C ASP Q 374 14.55 -25.70 66.57
N PHE Q 375 15.27 -25.96 65.47
CA PHE Q 375 15.75 -24.89 64.61
C PHE Q 375 15.66 -25.37 63.16
N VAL Q 376 16.24 -24.58 62.26
CA VAL Q 376 16.13 -24.86 60.84
C VAL Q 376 17.01 -26.06 60.49
N VAL Q 377 16.39 -27.06 59.87
CA VAL Q 377 17.05 -28.31 59.54
C VAL Q 377 17.19 -28.36 58.03
N GLN Q 378 18.09 -29.24 57.55
CA GLN Q 378 18.37 -29.35 56.13
C GLN Q 378 17.19 -29.89 55.34
N GLU Q 379 16.31 -30.67 55.98
CA GLU Q 379 15.14 -31.19 55.28
C GLU Q 379 14.12 -30.10 55.00
N ASP Q 380 14.16 -29.01 55.78
CA ASP Q 380 13.30 -27.87 55.49
C ASP Q 380 13.75 -27.14 54.23
N PHE Q 381 15.04 -27.17 53.93
CA PHE Q 381 15.54 -26.52 52.73
C PHE Q 381 15.07 -27.23 51.47
N MET Q 382 15.09 -28.57 51.48
CA MET Q 382 14.68 -29.32 50.31
C MET Q 382 13.19 -29.21 50.07
N LYS Q 383 12.40 -29.12 51.14
CA LYS Q 383 10.98 -28.85 51.00
C LYS Q 383 10.71 -27.42 50.56
N ALA Q 384 11.63 -26.50 50.85
CA ALA Q 384 11.44 -25.11 50.44
C ALA Q 384 11.69 -24.94 48.95
N VAL Q 385 12.61 -25.72 48.38
CA VAL Q 385 12.88 -25.62 46.95
C VAL Q 385 11.71 -26.15 46.14
N ARG Q 386 11.06 -27.22 46.63
CA ARG Q 386 9.99 -27.84 45.86
C ARG Q 386 8.73 -26.99 45.85
N LYS Q 387 8.44 -26.29 46.95
CA LYS Q 387 7.28 -25.42 46.96
C LYS Q 387 7.51 -24.17 46.11
N VAL Q 388 8.74 -23.66 46.09
CA VAL Q 388 9.11 -22.57 45.19
C VAL Q 388 8.97 -23.00 43.73
N ALA Q 389 9.42 -24.21 43.42
CA ALA Q 389 9.25 -24.74 42.08
C ALA Q 389 7.79 -25.04 41.78
N ASP Q 390 7.00 -25.41 42.80
CA ASP Q 390 5.58 -25.66 42.60
C ASP Q 390 4.83 -24.36 42.33
N SER Q 391 5.24 -23.27 42.96
CA SER Q 391 4.57 -22.00 42.73
C SER Q 391 4.94 -21.39 41.39
N LYS Q 392 6.15 -21.65 40.91
CA LYS Q 392 6.59 -21.07 39.65
C LYS Q 392 6.03 -21.84 38.45
N LYS Q 393 5.94 -23.17 38.58
CA LYS Q 393 5.45 -23.98 37.46
C LYS Q 393 3.95 -23.86 37.25
N LEU Q 394 3.22 -23.24 38.18
CA LEU Q 394 1.82 -22.89 37.95
C LEU Q 394 1.71 -21.47 37.39
N GLU Q 395 2.50 -21.18 36.36
CA GLU Q 395 2.49 -19.89 35.68
C GLU Q 395 2.52 -20.14 34.18
N SER Q 396 2.10 -19.13 33.42
CA SER Q 396 1.98 -19.26 31.97
C SER Q 396 2.63 -18.07 31.27
N LYS Q 397 3.25 -18.38 30.12
CA LYS Q 397 3.99 -17.48 29.21
C LYS Q 397 4.84 -16.45 29.96
N LEU Q 398 5.69 -16.96 30.84
CA LEU Q 398 6.54 -16.14 31.72
C LEU Q 398 7.86 -15.74 31.05
N ASP Q 399 7.75 -15.19 29.83
CA ASP Q 399 8.94 -14.82 29.07
C ASP Q 399 9.52 -13.51 29.59
N TYR Q 400 10.79 -13.29 29.26
CA TYR Q 400 11.63 -12.34 29.97
C TYR Q 400 12.45 -11.50 28.99
N LYS Q 401 11.86 -11.23 27.81
CA LYS Q 401 12.63 -10.83 26.63
C LYS Q 401 13.16 -9.41 26.75
N PRO Q 402 14.48 -9.22 26.78
CA PRO Q 402 15.04 -7.86 26.73
C PRO Q 402 15.18 -7.39 25.30
N VAL Q 403 15.92 -6.29 25.10
CA VAL Q 403 16.40 -5.86 23.80
C VAL Q 403 17.06 -6.97 23.00
N GLU R 25 26.66 0.02 109.49
CA GLU R 25 26.27 0.31 110.86
C GLU R 25 27.42 0.01 111.83
N GLN R 26 28.55 -0.42 111.27
CA GLN R 26 29.73 -0.67 112.09
C GLN R 26 30.42 0.63 112.47
N ASP R 27 30.37 1.64 111.60
CA ASP R 27 30.96 2.93 111.94
C ASP R 27 30.12 3.67 112.97
N GLY R 28 28.81 3.39 113.01
CA GLY R 28 27.95 4.00 114.01
C GLY R 28 28.18 3.46 115.40
N ILE R 29 28.71 2.24 115.52
CA ILE R 29 29.04 1.65 116.81
C ILE R 29 30.49 1.94 117.19
N GLY R 30 31.41 1.83 116.22
CA GLY R 30 32.83 2.00 116.49
C GLY R 30 33.25 3.40 116.86
N GLU R 31 32.44 4.40 116.54
CA GLU R 31 32.71 5.77 116.93
C GLU R 31 32.07 6.14 118.26
N GLU R 32 31.47 5.17 118.95
CA GLU R 32 30.89 5.38 120.26
C GLU R 32 31.59 4.57 121.35
N VAL R 33 32.63 3.82 120.99
CA VAL R 33 33.32 2.93 121.92
C VAL R 33 34.74 3.40 122.19
N LEU R 34 35.49 3.77 121.15
CA LEU R 34 36.87 4.19 121.31
C LEU R 34 36.96 5.54 122.02
N LYS R 35 36.10 6.48 121.64
CA LYS R 35 36.05 7.80 122.25
C LYS R 35 34.83 7.91 123.17
N MET R 36 34.88 8.88 124.07
CA MET R 36 33.73 9.17 124.92
C MET R 36 33.43 10.67 124.95
N SER R 37 34.43 11.50 124.73
CA SER R 37 34.27 12.95 124.83
C SER R 37 35.01 13.64 123.69
N THR R 38 35.02 13.00 122.52
CA THR R 38 35.70 13.56 121.36
C THR R 38 34.74 13.90 120.24
N GLU R 39 33.92 12.94 119.80
CA GLU R 39 32.98 13.18 118.72
C GLU R 39 31.61 12.55 118.98
N GLU R 40 31.27 12.25 120.24
CA GLU R 40 29.96 11.68 120.52
C GLU R 40 28.88 12.75 120.49
N ILE R 41 28.98 13.74 121.38
CA ILE R 41 28.03 14.85 121.41
C ILE R 41 28.67 16.04 120.73
N ILE R 42 29.62 15.77 119.84
CA ILE R 42 30.38 16.79 119.13
C ILE R 42 30.17 16.68 117.62
N GLN R 43 30.33 15.47 117.07
CA GLN R 43 30.06 15.25 115.65
C GLN R 43 28.56 15.18 115.39
N ARG R 44 27.81 14.58 116.31
CA ARG R 44 26.38 14.44 116.11
C ARG R 44 25.63 15.75 116.33
N THR R 45 26.28 16.77 116.90
CA THR R 45 25.67 18.07 117.11
C THR R 45 26.14 19.11 116.11
N ARG R 46 26.82 18.70 115.04
CA ARG R 46 27.14 19.61 113.94
C ARG R 46 26.46 19.23 112.63
N LEU R 47 26.55 17.98 112.18
CA LEU R 47 25.99 17.64 110.89
C LEU R 47 24.51 17.30 110.96
N LEU R 48 23.95 17.25 112.16
CA LEU R 48 22.51 17.21 112.33
C LEU R 48 21.93 18.58 112.61
N ASP R 49 22.68 19.42 113.33
CA ASP R 49 22.21 20.75 113.68
C ASP R 49 22.32 21.71 112.49
N SER R 50 23.42 21.64 111.74
CA SER R 50 23.52 22.45 110.53
C SER R 50 22.67 21.91 109.39
N GLU R 51 22.24 20.66 109.47
CA GLU R 51 21.32 20.14 108.48
C GLU R 51 19.92 20.71 108.65
N ILE R 52 19.38 20.61 109.87
CA ILE R 52 17.97 20.89 110.12
C ILE R 52 17.66 22.38 110.00
N LYS R 53 18.66 23.25 110.22
CA LYS R 53 18.43 24.68 110.05
C LYS R 53 18.33 25.03 108.57
N ILE R 54 19.11 24.34 107.74
CA ILE R 54 18.94 24.47 106.29
C ILE R 54 17.63 23.84 105.84
N MET R 55 17.27 22.70 106.44
CA MET R 55 16.03 22.02 106.09
C MET R 55 14.81 22.83 106.53
N LYS R 56 14.91 23.53 107.66
CA LYS R 56 13.82 24.41 108.05
C LYS R 56 13.76 25.64 107.14
N SER R 57 14.92 26.14 106.71
CA SER R 57 14.94 27.33 105.86
C SER R 57 14.53 27.00 104.43
N GLU R 58 14.71 25.76 103.99
CA GLU R 58 14.42 25.39 102.61
C GLU R 58 13.12 24.63 102.44
N VAL R 59 12.46 24.24 103.52
CA VAL R 59 11.12 23.68 103.38
C VAL R 59 10.11 24.79 103.07
N LEU R 60 10.46 26.04 103.33
CA LEU R 60 9.56 27.15 103.12
C LEU R 60 9.92 28.03 101.93
N ARG R 61 11.21 28.32 101.72
CA ARG R 61 11.64 29.14 100.59
C ARG R 61 11.31 28.48 99.26
N VAL R 62 11.52 27.16 99.18
CA VAL R 62 11.08 26.40 98.01
C VAL R 62 9.57 26.43 97.90
N THR R 63 8.87 26.37 99.04
CA THR R 63 7.42 26.36 99.03
C THR R 63 6.85 27.71 98.61
N HIS R 64 7.44 28.81 99.10
CA HIS R 64 6.98 30.14 98.70
C HIS R 64 7.28 30.41 97.23
N GLU R 65 8.36 29.81 96.71
CA GLU R 65 8.61 29.90 95.28
C GLU R 65 7.69 29.00 94.48
N LEU R 66 7.36 27.82 95.02
CA LEU R 66 6.51 26.87 94.30
C LEU R 66 5.08 27.38 94.17
N GLN R 67 4.58 28.03 95.21
CA GLN R 67 3.22 28.56 95.17
C GLN R 67 3.12 29.78 94.26
N ALA R 68 4.19 30.59 94.22
CA ALA R 68 4.19 31.78 93.37
C ALA R 68 4.27 31.40 91.90
N MET R 69 4.95 30.30 91.59
CA MET R 69 5.03 29.83 90.22
C MET R 69 3.78 29.10 89.77
N LYS R 70 2.96 28.61 90.71
CA LYS R 70 1.64 28.14 90.34
C LYS R 70 0.74 29.30 89.94
N ASP R 71 0.96 30.48 90.54
CA ASP R 71 0.18 31.65 90.17
C ASP R 71 0.59 32.16 88.79
N LYS R 72 1.87 32.06 88.46
CA LYS R 72 2.36 32.56 87.18
C LYS R 72 1.92 31.67 86.02
N ILE R 73 1.90 30.35 86.24
CA ILE R 73 1.42 29.47 85.19
C ILE R 73 -0.11 29.55 85.06
N LYS R 74 -0.81 29.93 86.13
CA LYS R 74 -2.26 30.04 86.04
C LYS R 74 -2.65 31.31 85.29
N GLU R 75 -1.92 32.41 85.52
CA GLU R 75 -2.26 33.67 84.89
C GLU R 75 -1.93 33.66 83.40
N ASN R 76 -0.85 32.98 83.01
CA ASN R 76 -0.46 32.92 81.62
C ASN R 76 -1.40 32.02 80.82
N SER R 77 -1.75 30.86 81.40
CA SER R 77 -2.66 29.93 80.73
C SER R 77 -4.06 30.51 80.62
N GLU R 78 -4.44 31.37 81.55
CA GLU R 78 -5.72 32.07 81.42
C GLU R 78 -5.67 33.08 80.29
N LYS R 79 -4.51 33.72 80.09
CA LYS R 79 -4.38 34.70 79.03
C LYS R 79 -4.30 34.04 77.65
N ILE R 80 -3.76 32.82 77.59
CA ILE R 80 -3.78 32.06 76.34
C ILE R 80 -5.21 31.66 75.99
N LYS R 81 -6.00 31.33 77.00
CA LYS R 81 -7.34 30.80 76.78
C LYS R 81 -8.28 31.86 76.21
N VAL R 82 -8.22 33.09 76.74
CA VAL R 82 -9.16 34.10 76.30
C VAL R 82 -8.80 34.60 74.90
N ASN R 83 -7.49 34.72 74.63
CA ASN R 83 -7.02 35.13 73.31
C ASN R 83 -7.06 33.99 72.30
N LYS R 84 -7.32 32.76 72.73
CA LYS R 84 -7.58 31.67 71.80
C LYS R 84 -9.04 31.83 71.35
N THR R 85 -9.23 32.35 70.15
CA THR R 85 -10.57 32.34 69.56
C THR R 85 -10.82 30.97 68.93
N LEU R 86 -12.09 30.63 68.81
CA LEU R 86 -12.45 29.36 68.19
C LEU R 86 -12.47 29.35 66.65
N PRO R 87 -12.98 30.37 65.92
CA PRO R 87 -12.98 30.26 64.44
C PRO R 87 -11.57 30.24 63.86
N TYR R 88 -11.29 29.16 63.14
CA TYR R 88 -9.98 28.88 62.59
C TYR R 88 -10.01 29.10 61.07
N LEU R 89 -8.90 28.74 60.43
CA LEU R 89 -8.79 28.80 58.98
C LEU R 89 -7.86 27.68 58.57
N VAL R 90 -8.36 26.69 57.84
CA VAL R 90 -7.51 25.57 57.49
C VAL R 90 -6.56 26.00 56.38
N SER R 91 -5.45 25.27 56.27
CA SER R 91 -4.37 25.68 55.40
C SER R 91 -3.50 24.45 55.12
N ASN R 92 -2.34 24.69 54.53
CA ASN R 92 -1.41 23.64 54.20
C ASN R 92 0.00 24.14 54.43
N VAL R 93 0.79 23.39 55.20
CA VAL R 93 2.21 23.67 55.31
C VAL R 93 2.88 23.32 53.99
N ILE R 94 3.67 24.23 53.46
CA ILE R 94 4.40 23.95 52.24
C ILE R 94 5.78 23.40 52.60
N GLU R 95 6.59 24.20 53.30
CA GLU R 95 7.83 23.67 53.86
C GLU R 95 8.00 24.15 55.29
N LEU R 96 9.04 23.61 55.93
CA LEU R 96 9.39 23.94 57.30
C LEU R 96 10.88 24.16 57.36
N LEU R 97 11.28 25.36 57.79
CA LEU R 97 12.68 25.73 57.89
C LEU R 97 13.03 25.98 59.36
N ASP R 98 14.30 26.32 59.59
CA ASP R 98 14.77 26.60 60.93
C ASP R 98 15.26 28.02 61.12
N VAL R 99 15.96 28.58 60.14
CA VAL R 99 16.47 29.94 60.28
C VAL R 99 15.85 30.86 59.24
N LYS R 120 11.36 25.72 62.51
CA LYS R 120 10.98 26.91 63.26
C LYS R 120 10.10 27.83 62.42
N CYS R 121 10.53 28.06 61.18
CA CYS R 121 9.83 28.93 60.24
C CYS R 121 9.13 28.06 59.21
N ALA R 122 7.88 28.40 58.90
CA ALA R 122 7.09 27.59 57.97
C ALA R 122 6.27 28.49 57.06
N VAL R 123 6.26 28.14 55.77
CA VAL R 123 5.42 28.83 54.80
C VAL R 123 4.06 28.17 54.78
N ILE R 124 3.00 28.99 54.88
CA ILE R 124 1.64 28.50 55.02
C ILE R 124 0.82 29.02 53.86
N LYS R 125 0.17 28.11 53.13
CA LYS R 125 -0.79 28.48 52.10
C LYS R 125 -2.17 28.12 52.61
N THR R 126 -3.05 29.11 52.68
CA THR R 126 -4.38 28.92 53.21
C THR R 126 -5.29 28.35 52.14
N SER R 127 -6.56 28.14 52.51
CA SER R 127 -7.61 27.81 51.57
C SER R 127 -8.19 29.05 50.89
N THR R 128 -7.62 30.23 51.16
CA THR R 128 -7.97 31.45 50.45
C THR R 128 -7.02 31.75 49.30
N ARG R 129 -6.27 30.74 48.86
CA ARG R 129 -5.27 30.83 47.79
C ARG R 129 -4.21 31.89 48.10
N GLN R 130 -3.87 32.05 49.37
CA GLN R 130 -2.91 33.04 49.79
C GLN R 130 -1.79 32.39 50.60
N THR R 131 -0.59 32.88 50.39
CA THR R 131 0.60 32.35 51.04
C THR R 131 1.07 33.29 52.12
N TYR R 132 1.48 32.73 53.25
CA TYR R 132 1.94 33.51 54.39
C TYR R 132 3.21 32.91 54.94
N PHE R 133 3.95 33.73 55.67
CA PHE R 133 5.20 33.30 56.29
C PHE R 133 5.23 33.81 57.72
N LEU R 134 5.65 32.95 58.63
CA LEU R 134 5.78 33.31 60.03
C LEU R 134 7.16 32.93 60.55
N PRO R 135 7.72 33.75 61.45
CA PRO R 135 8.97 33.34 62.11
C PRO R 135 8.75 32.24 63.13
N VAL R 136 7.68 32.32 63.92
CA VAL R 136 7.41 31.38 65.00
C VAL R 136 6.11 30.65 64.69
N ILE R 137 6.12 29.33 64.84
CA ILE R 137 4.94 28.53 64.53
C ILE R 137 3.82 28.80 65.53
N GLY R 138 4.11 28.63 66.82
CA GLY R 138 3.09 28.90 67.81
C GLY R 138 2.93 27.83 68.86
N LEU R 139 1.74 27.23 68.93
CA LEU R 139 1.47 26.30 70.02
C LEU R 139 2.09 24.93 69.77
N VAL R 140 1.92 24.40 68.57
CA VAL R 140 2.44 23.07 68.25
C VAL R 140 3.94 23.16 68.00
N ASP R 141 4.60 21.99 67.94
CA ASP R 141 6.04 21.95 67.78
C ASP R 141 6.45 21.93 66.32
N ALA R 142 7.71 22.30 66.07
CA ALA R 142 8.27 22.21 64.74
C ALA R 142 8.63 20.79 64.35
N GLU R 143 8.75 19.89 65.33
CA GLU R 143 9.10 18.50 65.07
C GLU R 143 7.88 17.58 65.00
N LYS R 144 6.68 18.13 65.05
CA LYS R 144 5.46 17.33 64.94
C LYS R 144 4.68 17.62 63.67
N LEU R 145 5.15 18.54 62.85
CA LEU R 145 4.44 18.93 61.65
C LEU R 145 5.05 18.28 60.43
N LYS R 146 4.31 18.33 59.33
CA LYS R 146 4.77 17.82 58.04
C LYS R 146 4.01 18.56 56.96
N PRO R 147 4.59 18.72 55.78
CA PRO R 147 3.90 19.41 54.67
C PRO R 147 2.68 18.62 54.21
N GLY R 148 1.52 19.25 54.29
CA GLY R 148 0.29 18.60 53.92
C GLY R 148 -0.63 18.35 55.09
N ASP R 149 -0.60 19.25 56.08
CA ASP R 149 -1.46 19.15 57.24
C ASP R 149 -2.48 20.28 57.22
N LEU R 150 -3.68 19.99 57.71
CA LEU R 150 -4.77 20.95 57.72
C LEU R 150 -4.84 21.59 59.11
N VAL R 151 -3.90 22.49 59.38
CA VAL R 151 -3.81 23.09 60.69
C VAL R 151 -4.83 24.22 60.83
N GLY R 152 -5.14 24.55 62.08
CA GLY R 152 -6.08 25.63 62.38
C GLY R 152 -5.36 26.95 62.60
N VAL R 153 -5.55 27.87 61.67
CA VAL R 153 -4.80 29.13 61.65
C VAL R 153 -5.74 30.26 62.01
N ASN R 154 -5.23 31.24 62.76
CA ASN R 154 -5.98 32.45 63.03
C ASN R 154 -6.25 33.24 61.75
N LYS R 155 -7.41 33.87 61.70
CA LYS R 155 -7.80 34.67 60.55
C LYS R 155 -7.03 35.99 60.47
N ASP R 156 -6.51 36.47 61.59
CA ASP R 156 -5.90 37.80 61.63
C ASP R 156 -4.40 37.73 61.93
N SER R 157 -4.01 37.05 63.00
CA SER R 157 -2.60 36.97 63.36
C SER R 157 -1.85 35.88 62.61
N TYR R 158 -2.59 34.96 61.98
CA TYR R 158 -2.04 33.84 61.21
C TYR R 158 -1.10 32.97 62.05
N LEU R 159 -1.66 32.39 63.11
CA LEU R 159 -0.90 31.58 64.03
C LEU R 159 -1.47 30.17 64.01
N ILE R 160 -0.59 29.18 63.97
CA ILE R 160 -1.04 27.79 63.97
C ILE R 160 -1.54 27.45 65.37
N LEU R 161 -2.85 27.32 65.50
CA LEU R 161 -3.50 27.12 66.80
C LEU R 161 -3.73 25.65 67.12
N GLU R 162 -4.42 24.93 66.24
CA GLU R 162 -4.66 23.51 66.41
C GLU R 162 -4.37 22.81 65.09
N THR R 163 -4.19 21.49 65.14
CA THR R 163 -3.85 20.77 63.92
C THR R 163 -4.92 19.77 63.50
N LEU R 164 -5.10 18.66 64.24
CA LEU R 164 -6.08 17.56 64.15
C LEU R 164 -6.66 17.24 62.76
N PRO R 165 -5.82 17.05 61.70
CA PRO R 165 -6.39 17.02 60.34
C PRO R 165 -7.26 15.80 60.02
N THR R 166 -6.67 14.60 60.02
CA THR R 166 -7.31 13.31 59.72
C THR R 166 -8.28 13.35 58.53
N GLU R 167 -7.75 13.73 57.37
CA GLU R 167 -8.57 13.86 56.17
C GLU R 167 -7.97 13.10 55.00
N TYR R 168 -8.83 12.51 54.19
CA TYR R 168 -8.43 11.72 53.04
C TYR R 168 -9.41 11.94 51.89
N ASP R 169 -9.18 11.22 50.79
CA ASP R 169 -10.09 11.22 49.67
C ASP R 169 -11.39 10.51 50.05
N SER R 170 -12.47 10.88 49.37
CA SER R 170 -13.76 10.27 49.65
C SER R 170 -13.82 8.82 49.20
N ARG R 171 -13.10 8.49 48.11
CA ARG R 171 -13.10 7.12 47.62
C ARG R 171 -12.31 6.19 48.50
N VAL R 172 -11.23 6.69 49.12
CA VAL R 172 -10.43 5.85 50.00
C VAL R 172 -11.17 5.61 51.32
N LYS R 173 -11.84 6.64 51.84
CA LYS R 173 -12.63 6.47 53.06
C LYS R 173 -13.86 5.61 52.83
N ALA R 174 -14.34 5.53 51.58
CA ALA R 174 -15.43 4.62 51.26
C ALA R 174 -14.99 3.16 51.29
N MET R 175 -13.69 2.90 51.15
CA MET R 175 -13.17 1.53 51.11
C MET R 175 -12.95 0.92 52.49
N GLU R 176 -12.99 1.72 53.54
CA GLU R 176 -12.72 1.23 54.89
C GLU R 176 -13.94 0.45 55.37
N VAL R 177 -13.88 -0.87 55.24
CA VAL R 177 -15.01 -1.74 55.55
C VAL R 177 -14.62 -2.64 56.71
N ASP R 178 -15.23 -2.40 57.86
CA ASP R 178 -14.94 -3.14 59.09
C ASP R 178 -16.24 -3.56 59.75
N GLU R 179 -16.10 -4.31 60.85
CA GLU R 179 -17.17 -4.66 61.79
C GLU R 179 -18.30 -5.44 61.11
N ARG R 180 -17.94 -6.64 60.72
CA ARG R 180 -18.83 -7.62 60.11
C ARG R 180 -19.32 -8.62 61.14
N PRO R 181 -20.41 -9.34 60.87
CA PRO R 181 -20.72 -10.53 61.65
C PRO R 181 -19.69 -11.62 61.42
N THR R 182 -19.50 -12.44 62.44
CA THR R 182 -18.42 -13.42 62.42
C THR R 182 -18.75 -14.59 61.52
N GLU R 183 -17.73 -15.41 61.26
CA GLU R 183 -17.88 -16.60 60.44
C GLU R 183 -16.82 -17.60 60.87
N GLN R 184 -17.21 -18.87 60.97
CA GLN R 184 -16.28 -19.88 61.43
C GLN R 184 -15.49 -20.47 60.28
N TYR R 185 -14.32 -21.03 60.60
CA TYR R 185 -13.53 -21.73 59.59
C TYR R 185 -14.17 -23.05 59.19
N SER R 186 -15.01 -23.63 60.05
CA SER R 186 -15.71 -24.86 59.74
C SER R 186 -16.81 -24.68 58.69
N ASP R 187 -17.13 -23.44 58.33
CA ASP R 187 -18.11 -23.21 57.27
C ASP R 187 -17.59 -23.65 55.91
N ILE R 188 -16.29 -23.56 55.69
CA ILE R 188 -15.66 -24.04 54.47
C ILE R 188 -15.25 -25.49 54.68
N GLY R 189 -15.86 -26.40 53.93
CA GLY R 189 -15.49 -27.80 53.96
C GLY R 189 -14.71 -28.19 52.72
N GLY R 190 -13.74 -29.08 52.91
CA GLY R 190 -13.00 -29.66 51.82
C GLY R 190 -11.74 -28.92 51.43
N LEU R 191 -11.62 -27.64 51.77
CA LEU R 191 -10.44 -26.85 51.44
C LEU R 191 -9.64 -26.52 52.70
N ASP R 192 -9.58 -27.49 53.63
CA ASP R 192 -9.03 -27.21 54.95
C ASP R 192 -7.51 -27.09 54.93
N LYS R 193 -6.86 -27.70 53.93
CA LYS R 193 -5.41 -27.55 53.79
C LYS R 193 -5.04 -26.12 53.42
N GLN R 194 -5.81 -25.52 52.51
CA GLN R 194 -5.58 -24.13 52.15
C GLN R 194 -5.95 -23.20 53.29
N ILE R 195 -6.89 -23.60 54.14
CA ILE R 195 -7.19 -22.82 55.34
C ILE R 195 -6.02 -22.90 56.31
N GLN R 196 -5.48 -24.10 56.51
CA GLN R 196 -4.31 -24.25 57.38
C GLN R 196 -3.08 -23.55 56.81
N GLU R 197 -2.96 -23.52 55.48
CA GLU R 197 -1.89 -22.75 54.86
C GLU R 197 -2.11 -21.25 54.96
N LEU R 198 -3.31 -20.80 55.32
CA LEU R 198 -3.52 -19.39 55.60
C LEU R 198 -3.24 -19.09 57.07
N VAL R 199 -3.65 -20.01 57.96
CA VAL R 199 -3.34 -19.87 59.38
C VAL R 199 -1.84 -19.98 59.59
N GLU R 200 -1.15 -20.75 58.75
CA GLU R 200 0.30 -20.77 58.75
C GLU R 200 0.91 -19.68 57.89
N ALA R 201 0.18 -18.58 57.64
CA ALA R 201 0.74 -17.52 56.81
C ALA R 201 0.63 -16.13 57.40
N ILE R 202 -0.49 -15.81 58.07
CA ILE R 202 -0.87 -14.42 58.32
C ILE R 202 -1.05 -14.14 59.81
N VAL R 203 -1.72 -15.03 60.53
CA VAL R 203 -2.05 -14.74 61.92
C VAL R 203 -0.81 -14.83 62.81
N LEU R 204 0.08 -15.80 62.56
CA LEU R 204 1.29 -15.87 63.38
C LEU R 204 2.32 -14.76 63.12
N PRO R 205 2.46 -14.17 61.92
CA PRO R 205 3.16 -12.86 61.88
C PRO R 205 2.47 -11.78 62.68
N MET R 206 1.15 -11.83 62.84
CA MET R 206 0.46 -10.83 63.61
C MET R 206 0.46 -11.17 65.11
N ASN R 207 0.23 -12.43 65.45
CA ASN R 207 0.11 -12.81 66.85
C ASN R 207 1.48 -12.90 67.52
N HIS R 208 2.34 -13.78 67.01
CA HIS R 208 3.61 -14.06 67.64
C HIS R 208 4.74 -13.60 66.73
N LYS R 209 5.10 -12.33 66.84
CA LYS R 209 6.26 -11.81 66.13
C LYS R 209 7.55 -12.37 66.70
N GLU R 210 7.57 -12.67 68.01
CA GLU R 210 8.74 -13.27 68.64
C GLU R 210 8.93 -14.73 68.26
N LYS R 211 7.95 -15.35 67.61
CA LYS R 211 8.13 -16.68 67.05
C LYS R 211 9.07 -16.66 65.84
N PHE R 212 9.18 -15.52 65.16
CA PHE R 212 10.03 -15.42 63.98
C PHE R 212 11.38 -14.79 64.27
N GLU R 213 11.43 -13.84 65.21
CA GLU R 213 12.61 -13.04 65.44
C GLU R 213 13.72 -13.79 66.14
N ASN R 214 13.41 -14.91 66.78
CA ASN R 214 14.44 -15.78 67.33
C ASN R 214 15.04 -16.72 66.30
N LEU R 215 14.28 -17.08 65.27
CA LEU R 215 14.83 -17.90 64.20
C LEU R 215 15.65 -17.07 63.22
N GLY R 216 15.29 -15.80 63.04
CA GLY R 216 16.00 -14.92 62.14
C GLY R 216 15.37 -14.77 60.78
N ILE R 217 14.23 -15.42 60.55
CA ILE R 217 13.55 -15.37 59.25
C ILE R 217 12.61 -14.18 59.21
N GLN R 218 12.18 -13.81 58.01
CA GLN R 218 11.29 -12.68 57.78
C GLN R 218 9.99 -13.19 57.19
N PRO R 219 8.84 -12.83 57.76
CA PRO R 219 7.56 -13.30 57.22
C PRO R 219 7.25 -12.65 55.88
N PRO R 220 6.69 -13.41 54.94
CA PRO R 220 6.24 -12.81 53.67
C PRO R 220 4.99 -11.96 53.87
N LYS R 221 4.56 -11.26 52.82
CA LYS R 221 3.37 -10.43 52.95
C LYS R 221 2.46 -10.51 51.74
N GLY R 222 2.55 -11.56 50.92
CA GLY R 222 1.65 -11.69 49.78
C GLY R 222 1.07 -13.08 49.65
N VAL R 223 -0.25 -13.19 49.66
CA VAL R 223 -0.95 -14.47 49.53
C VAL R 223 -2.02 -14.32 48.45
N LEU R 224 -2.04 -15.26 47.50
CA LEU R 224 -2.99 -15.23 46.39
C LEU R 224 -4.01 -16.36 46.50
N MET R 225 -5.25 -16.04 46.18
CA MET R 225 -6.31 -17.02 45.98
C MET R 225 -6.61 -17.12 44.50
N TYR R 226 -6.52 -18.33 43.95
CA TYR R 226 -6.82 -18.51 42.54
C TYR R 226 -7.39 -19.89 42.33
N GLY R 227 -8.10 -20.06 41.22
CA GLY R 227 -8.78 -21.28 40.90
C GLY R 227 -10.10 -21.01 40.20
N PRO R 228 -11.07 -21.90 40.37
CA PRO R 228 -12.40 -21.65 39.81
C PRO R 228 -13.11 -20.56 40.57
N PRO R 229 -13.85 -19.69 39.88
CA PRO R 229 -14.55 -18.60 40.57
C PRO R 229 -15.71 -19.12 41.42
N GLY R 230 -15.90 -18.51 42.57
CA GLY R 230 -17.03 -18.80 43.41
C GLY R 230 -16.83 -19.85 44.48
N THR R 231 -15.58 -20.16 44.84
CA THR R 231 -15.32 -21.24 45.79
C THR R 231 -14.74 -20.73 47.12
N GLY R 232 -13.58 -20.11 47.12
CA GLY R 232 -12.96 -19.84 48.40
C GLY R 232 -12.12 -18.59 48.46
N LYS R 233 -12.35 -17.66 47.54
CA LYS R 233 -11.39 -16.58 47.38
C LYS R 233 -11.76 -15.40 48.27
N THR R 234 -12.95 -14.86 48.09
CA THR R 234 -13.36 -13.74 48.93
C THR R 234 -13.92 -14.23 50.26
N LEU R 235 -14.57 -15.39 50.28
CA LEU R 235 -15.27 -15.85 51.47
C LEU R 235 -14.31 -16.30 52.56
N LEU R 236 -13.12 -16.77 52.19
CA LEU R 236 -12.16 -17.22 53.20
C LEU R 236 -11.58 -16.03 53.95
N ALA R 237 -11.18 -14.98 53.23
CA ALA R 237 -10.61 -13.81 53.89
C ALA R 237 -11.69 -12.96 54.56
N ARG R 238 -12.96 -13.14 54.19
CA ARG R 238 -14.05 -12.52 54.92
C ARG R 238 -14.15 -13.10 56.33
N ALA R 239 -13.99 -14.42 56.46
CA ALA R 239 -14.03 -15.06 57.77
C ALA R 239 -12.75 -14.81 58.56
N CYS R 240 -11.62 -14.65 57.86
CA CYS R 240 -10.37 -14.34 58.54
C CYS R 240 -10.39 -12.94 59.12
N ALA R 241 -11.01 -12.00 58.41
CA ALA R 241 -11.19 -10.66 58.96
C ALA R 241 -12.33 -10.60 59.97
N ALA R 242 -13.21 -11.61 59.97
CA ALA R 242 -14.33 -11.63 60.91
C ALA R 242 -13.85 -11.96 62.31
N GLN R 243 -13.08 -13.04 62.45
CA GLN R 243 -12.62 -13.45 63.77
C GLN R 243 -11.40 -12.65 64.21
N THR R 244 -10.32 -12.74 63.46
CA THR R 244 -9.11 -11.97 63.75
C THR R 244 -9.30 -10.56 63.23
N LYS R 245 -9.69 -9.64 64.10
CA LYS R 245 -9.95 -8.27 63.69
C LYS R 245 -8.63 -7.54 63.44
N ALA R 246 -8.41 -7.13 62.19
CA ALA R 246 -7.17 -6.49 61.81
C ALA R 246 -7.43 -5.38 60.80
N THR R 247 -8.57 -4.69 60.95
CA THR R 247 -8.91 -3.45 60.23
C THR R 247 -8.91 -3.67 58.71
N PHE R 248 -9.91 -4.44 58.28
CA PHE R 248 -10.03 -4.87 56.89
C PHE R 248 -10.14 -3.68 55.95
N LEU R 249 -9.57 -3.86 54.75
CA LEU R 249 -9.58 -2.81 53.74
C LEU R 249 -9.63 -3.51 52.38
N LYS R 250 -10.81 -3.51 51.77
CA LYS R 250 -10.99 -4.10 50.46
C LYS R 250 -10.39 -3.19 49.39
N LEU R 251 -10.28 -3.74 48.18
CA LEU R 251 -9.84 -2.98 47.01
C LEU R 251 -10.34 -3.67 45.77
N ALA R 252 -11.20 -2.99 45.01
CA ALA R 252 -11.76 -3.56 43.81
C ALA R 252 -10.86 -3.27 42.61
N GLY R 253 -11.07 -4.04 41.54
CA GLY R 253 -10.28 -3.92 40.34
C GLY R 253 -10.70 -2.80 39.40
N PRO R 254 -11.93 -2.83 38.88
CA PRO R 254 -12.34 -1.77 37.93
C PRO R 254 -12.50 -0.40 38.56
N GLN R 255 -12.61 -0.31 39.88
CA GLN R 255 -12.67 0.99 40.53
C GLN R 255 -11.34 1.73 40.45
N LEU R 256 -10.25 1.01 40.23
CA LEU R 256 -8.98 1.66 39.99
C LEU R 256 -8.93 2.30 38.60
N VAL R 257 -9.71 1.78 37.67
CA VAL R 257 -9.73 2.28 36.29
C VAL R 257 -10.74 3.41 36.24
N GLN R 258 -10.25 4.65 36.19
CA GLN R 258 -11.11 5.80 36.06
C GLN R 258 -11.06 6.33 34.63
N MET R 259 -11.85 7.38 34.37
CA MET R 259 -11.90 7.94 33.03
C MET R 259 -10.65 8.75 32.72
N PHE R 260 -10.29 9.67 33.60
CA PHE R 260 -9.18 10.56 33.33
C PHE R 260 -7.84 9.85 33.54
N ILE R 261 -6.81 10.45 32.99
CA ILE R 261 -5.46 9.89 33.07
C ILE R 261 -4.86 10.24 34.42
N GLY R 262 -4.15 9.27 35.00
CA GLY R 262 -3.43 9.52 36.24
C GLY R 262 -4.31 9.53 37.47
N ASP R 263 -5.26 8.59 37.56
CA ASP R 263 -6.13 8.51 38.72
C ASP R 263 -5.86 7.29 39.58
N GLY R 264 -5.52 6.16 38.96
CA GLY R 264 -5.26 4.95 39.74
C GLY R 264 -3.96 5.04 40.51
N ALA R 265 -2.95 5.70 39.95
CA ALA R 265 -1.71 5.92 40.68
C ALA R 265 -1.92 6.86 41.86
N LYS R 266 -2.90 7.75 41.76
CA LYS R 266 -3.31 8.52 42.94
C LYS R 266 -4.06 7.63 43.92
N LEU R 267 -4.94 6.76 43.41
CA LEU R 267 -5.87 6.06 44.27
C LEU R 267 -5.20 4.91 45.01
N VAL R 268 -4.31 4.18 44.33
CA VAL R 268 -3.59 3.07 44.96
C VAL R 268 -2.63 3.59 46.02
N ARG R 269 -1.91 4.67 45.71
CA ARG R 269 -0.93 5.21 46.64
C ARG R 269 -1.60 5.87 47.84
N ASP R 270 -2.78 6.46 47.65
CA ASP R 270 -3.54 6.96 48.79
C ASP R 270 -4.16 5.83 49.58
N ALA R 271 -4.38 4.67 48.95
CA ALA R 271 -4.90 3.53 49.67
C ALA R 271 -3.86 2.89 50.57
N PHE R 272 -2.58 3.13 50.28
CA PHE R 272 -1.52 2.52 51.08
C PHE R 272 -0.91 3.49 52.07
N ALA R 273 -1.04 4.80 51.84
CA ALA R 273 -0.70 5.75 52.88
C ALA R 273 -1.66 5.64 54.05
N LEU R 274 -2.93 5.34 53.76
CA LEU R 274 -3.89 5.01 54.81
C LEU R 274 -3.54 3.69 55.47
N ALA R 275 -3.04 2.73 54.68
CA ALA R 275 -2.70 1.43 55.24
C ALA R 275 -1.44 1.49 56.09
N LYS R 276 -0.54 2.43 55.80
CA LYS R 276 0.67 2.55 56.60
C LYS R 276 0.40 3.20 57.95
N GLU R 277 -0.49 4.18 57.98
CA GLU R 277 -0.76 4.88 59.23
C GLU R 277 -1.56 4.03 60.19
N LYS R 278 -2.43 3.17 59.68
CA LYS R 278 -3.14 2.20 60.50
C LYS R 278 -2.27 0.95 60.60
N ALA R 279 -1.54 0.83 61.70
CA ALA R 279 -0.58 -0.26 61.91
C ALA R 279 -1.18 -1.67 61.97
N PRO R 280 -2.31 -1.96 62.65
CA PRO R 280 -2.84 -3.32 62.57
C PRO R 280 -3.62 -3.62 61.30
N SER R 281 -3.74 -2.67 60.37
CA SER R 281 -4.55 -2.85 59.19
C SER R 281 -3.93 -3.85 58.23
N ILE R 282 -4.76 -4.38 57.33
CA ILE R 282 -4.36 -5.27 56.26
C ILE R 282 -4.95 -4.77 54.94
N ILE R 283 -4.50 -5.35 53.84
CA ILE R 283 -4.93 -4.96 52.50
C ILE R 283 -5.47 -6.19 51.80
N PHE R 284 -6.68 -6.07 51.25
CA PHE R 284 -7.27 -7.13 50.44
C PHE R 284 -7.59 -6.59 49.05
N ILE R 285 -7.06 -7.25 48.03
CA ILE R 285 -7.23 -6.84 46.64
C ILE R 285 -7.98 -7.94 45.91
N ASP R 286 -9.07 -7.57 45.25
CA ASP R 286 -9.91 -8.52 44.56
C ASP R 286 -9.97 -8.16 43.08
N GLU R 287 -10.27 -9.18 42.27
CA GLU R 287 -10.24 -9.17 40.79
C GLU R 287 -9.02 -8.45 40.21
N LEU R 288 -7.85 -8.86 40.69
CA LEU R 288 -6.58 -8.23 40.28
C LEU R 288 -6.24 -8.50 38.82
N ASP R 289 -6.79 -9.57 38.23
CA ASP R 289 -6.64 -9.84 36.81
C ASP R 289 -7.28 -8.78 35.92
N ALA R 290 -8.23 -7.99 36.45
CA ALA R 290 -8.84 -6.93 35.66
C ALA R 290 -7.87 -5.82 35.31
N ILE R 291 -6.88 -5.59 36.18
CA ILE R 291 -5.77 -4.71 35.87
C ILE R 291 -4.49 -5.49 35.62
N GLY R 292 -4.57 -6.81 35.57
CA GLY R 292 -3.40 -7.63 35.31
C GLY R 292 -3.23 -7.96 33.84
N THR R 293 -2.46 -7.15 33.14
CA THR R 293 -2.05 -7.44 31.78
C THR R 293 -0.63 -7.99 31.81
N LYS R 294 -0.06 -8.16 30.63
CA LYS R 294 1.30 -8.70 30.51
C LYS R 294 2.35 -7.67 30.19
N ARG R 295 1.99 -6.38 30.06
CA ARG R 295 2.84 -5.23 29.76
C ARG R 295 3.37 -5.28 28.31
N PHE R 296 3.05 -6.32 27.54
CA PHE R 296 3.74 -6.61 26.30
C PHE R 296 3.04 -5.99 25.09
N ASP R 297 1.77 -6.33 24.88
CA ASP R 297 1.04 -5.93 23.69
C ASP R 297 0.68 -4.46 23.79
N SER R 298 1.52 -3.61 23.18
CA SER R 298 1.29 -2.17 23.19
C SER R 298 0.16 -1.83 22.22
N GLU R 299 -1.06 -2.08 22.68
CA GLU R 299 -2.25 -1.93 21.86
C GLU R 299 -3.17 -0.87 22.46
N LYS R 300 -3.70 -0.02 21.58
CA LYS R 300 -4.49 1.13 21.96
C LYS R 300 -5.86 0.69 22.49
N ALA R 301 -6.30 1.29 23.59
CA ALA R 301 -5.58 2.35 24.31
C ALA R 301 -5.35 1.97 25.77
N GLY R 302 -5.10 0.68 26.01
CA GLY R 302 -4.94 0.20 27.36
C GLY R 302 -3.50 0.21 27.84
N ASP R 303 -2.63 0.91 27.12
CA ASP R 303 -1.24 1.04 27.54
C ASP R 303 -1.03 2.12 28.59
N ARG R 304 -2.09 2.81 29.02
CA ARG R 304 -1.93 3.93 29.93
C ARG R 304 -2.83 3.78 31.13
N GLU R 305 -4.06 3.32 30.90
CA GLU R 305 -5.05 3.22 31.96
C GLU R 305 -4.87 1.98 32.82
N VAL R 306 -4.19 0.96 32.32
CA VAL R 306 -3.96 -0.27 33.07
C VAL R 306 -2.50 -0.40 33.48
N GLN R 307 -1.60 0.08 32.64
CA GLN R 307 -0.16 -0.15 32.84
C GLN R 307 0.36 0.61 34.05
N ARG R 308 0.14 1.92 34.08
CA ARG R 308 0.66 2.73 35.18
C ARG R 308 -0.03 2.40 36.49
N THR R 309 -1.31 2.06 36.44
CA THR R 309 -2.01 1.60 37.64
C THR R 309 -1.46 0.28 38.13
N MET R 310 -0.99 -0.57 37.22
CA MET R 310 -0.23 -1.75 37.62
C MET R 310 1.12 -1.35 38.20
N LEU R 311 1.87 -0.52 37.46
CA LEU R 311 3.28 -0.31 37.78
C LEU R 311 3.47 0.63 38.97
N GLU R 312 2.48 1.48 39.27
CA GLU R 312 2.52 2.17 40.55
C GLU R 312 2.28 1.21 41.69
N LEU R 313 1.34 0.27 41.50
CA LEU R 313 1.07 -0.76 42.49
C LEU R 313 2.27 -1.69 42.68
N LEU R 314 2.96 -2.03 41.59
CA LEU R 314 4.15 -2.85 41.68
C LEU R 314 5.27 -2.16 42.45
N ASN R 315 5.34 -0.84 42.36
CA ASN R 315 6.36 -0.10 43.08
C ASN R 315 6.02 0.03 44.55
N GLN R 316 4.77 -0.22 44.93
CA GLN R 316 4.37 -0.16 46.32
C GLN R 316 4.56 -1.47 47.06
N LEU R 317 4.94 -2.54 46.39
CA LEU R 317 5.11 -3.81 47.08
C LEU R 317 6.46 -3.90 47.79
N ASP R 318 7.56 -3.74 47.04
CA ASP R 318 8.87 -3.70 47.68
C ASP R 318 9.47 -2.30 47.73
N GLY R 319 9.46 -1.58 46.61
CA GLY R 319 9.93 -0.23 46.41
C GLY R 319 11.38 0.00 46.83
N PHE R 320 11.72 1.29 46.90
CA PHE R 320 13.01 1.68 47.43
C PHE R 320 13.07 1.49 48.94
N GLN R 321 12.00 1.82 49.62
CA GLN R 321 11.80 1.81 51.04
C GLN R 321 10.96 0.60 51.44
N PRO R 322 11.33 -0.10 52.52
CA PRO R 322 10.56 -1.26 52.94
C PRO R 322 9.19 -0.88 53.47
N ASN R 323 8.28 -1.85 53.41
CA ASN R 323 6.95 -1.71 53.98
C ASN R 323 6.59 -3.06 54.61
N THR R 324 6.91 -3.20 55.90
CA THR R 324 6.64 -4.43 56.64
C THR R 324 5.49 -4.26 57.63
N GLN R 325 4.86 -3.09 57.66
CA GLN R 325 3.81 -2.83 58.63
C GLN R 325 2.49 -3.48 58.24
N VAL R 326 2.20 -3.59 56.96
CA VAL R 326 0.88 -3.98 56.48
C VAL R 326 1.03 -5.22 55.60
N LYS R 327 -0.02 -6.03 55.56
CA LYS R 327 -0.03 -7.27 54.81
C LYS R 327 -0.96 -7.16 53.60
N VAL R 328 -0.61 -7.90 52.54
CA VAL R 328 -1.30 -7.82 51.26
C VAL R 328 -1.89 -9.19 50.94
N ILE R 329 -3.19 -9.21 50.60
CA ILE R 329 -3.86 -10.41 50.13
C ILE R 329 -4.49 -10.11 48.79
N ALA R 330 -4.11 -10.86 47.77
CA ALA R 330 -4.65 -10.73 46.43
C ALA R 330 -5.54 -11.92 46.11
N ALA R 331 -6.50 -11.71 45.21
CA ALA R 331 -7.45 -12.75 44.84
C ALA R 331 -7.78 -12.60 43.36
N THR R 332 -7.41 -13.59 42.56
CA THR R 332 -7.63 -13.57 41.12
C THR R 332 -8.42 -14.79 40.69
N ASN R 333 -8.64 -14.88 39.38
CA ASN R 333 -9.11 -16.09 38.73
C ASN R 333 -8.22 -16.54 37.60
N ARG R 334 -7.30 -15.69 37.14
CA ARG R 334 -6.48 -15.96 35.96
C ARG R 334 -5.03 -15.68 36.32
N VAL R 335 -4.20 -16.72 36.30
CA VAL R 335 -2.78 -16.60 36.60
C VAL R 335 -1.98 -16.32 35.33
N ASP R 336 -2.47 -16.82 34.20
CA ASP R 336 -1.83 -16.70 32.89
C ASP R 336 -1.70 -15.26 32.39
N ILE R 337 -2.54 -14.35 32.86
CA ILE R 337 -2.60 -13.00 32.33
C ILE R 337 -1.75 -12.04 33.16
N LEU R 338 -1.14 -12.51 34.24
CA LEU R 338 -0.49 -11.64 35.20
C LEU R 338 0.95 -11.35 34.79
N ASP R 339 1.38 -10.13 35.12
CA ASP R 339 2.73 -9.65 34.86
C ASP R 339 3.77 -10.54 35.53
N PRO R 340 4.89 -10.83 34.86
CA PRO R 340 6.04 -11.43 35.56
C PRO R 340 6.65 -10.57 36.68
N ALA R 341 6.22 -9.32 36.87
CA ALA R 341 6.53 -8.61 38.10
C ALA R 341 5.44 -8.73 39.15
N LEU R 342 4.22 -9.13 38.76
CA LEU R 342 3.08 -9.18 39.68
C LEU R 342 3.02 -10.49 40.47
N LEU R 343 3.75 -11.50 40.01
CA LEU R 343 4.13 -12.73 40.71
C LEU R 343 5.27 -12.42 41.69
N ARG R 344 6.24 -13.33 41.80
CA ARG R 344 7.13 -13.75 42.88
C ARG R 344 7.45 -12.92 44.13
N SER R 345 8.18 -13.58 45.05
CA SER R 345 8.59 -13.16 46.38
C SER R 345 9.04 -11.71 46.47
N GLY R 346 8.83 -11.10 47.62
CA GLY R 346 8.84 -9.66 47.71
C GLY R 346 7.43 -9.16 47.51
N ARG R 347 6.84 -9.48 46.35
CA ARG R 347 5.42 -9.23 46.14
C ARG R 347 4.56 -10.33 46.75
N LEU R 348 4.57 -11.50 46.11
CA LEU R 348 3.58 -12.51 46.49
C LEU R 348 4.14 -13.89 46.83
N ASP R 349 4.50 -14.64 45.78
CA ASP R 349 5.05 -16.01 45.72
C ASP R 349 4.18 -17.13 46.32
N ARG R 350 3.13 -16.79 47.07
CA ARG R 350 2.40 -17.80 47.82
C ARG R 350 1.18 -18.20 46.99
N LYS R 351 1.46 -19.00 45.98
CA LYS R 351 0.42 -19.45 45.05
C LYS R 351 -0.38 -20.54 45.76
N ILE R 352 -1.49 -20.12 46.35
CA ILE R 352 -2.39 -21.04 47.05
C ILE R 352 -3.48 -21.43 46.04
N GLU R 353 -3.30 -22.58 45.41
CA GLU R 353 -4.27 -23.03 44.42
C GLU R 353 -5.52 -23.56 45.08
N PHE R 354 -6.64 -23.41 44.40
CA PHE R 354 -7.91 -23.94 44.86
C PHE R 354 -8.37 -25.03 43.90
N PRO R 355 -8.46 -26.27 44.33
CA PRO R 355 -8.99 -27.33 43.46
C PRO R 355 -10.51 -27.26 43.40
N MET R 356 -11.07 -28.14 42.60
CA MET R 356 -12.51 -28.28 42.55
C MET R 356 -12.97 -29.03 43.78
N PRO R 357 -14.08 -28.62 44.42
CA PRO R 357 -14.64 -29.42 45.52
C PRO R 357 -15.20 -30.73 45.00
N ASN R 358 -14.81 -31.82 45.64
CA ASN R 358 -15.15 -33.16 45.19
C ASN R 358 -16.55 -33.54 45.67
N GLU R 359 -16.88 -34.82 45.56
CA GLU R 359 -18.21 -35.30 45.92
C GLU R 359 -18.47 -35.17 47.42
N GLU R 360 -17.52 -35.63 48.25
CA GLU R 360 -17.66 -35.48 49.69
C GLU R 360 -17.56 -34.01 50.11
N ALA R 361 -16.80 -33.21 49.37
CA ALA R 361 -16.73 -31.79 49.66
C ALA R 361 -18.04 -31.10 49.34
N ARG R 362 -18.67 -31.45 48.21
CA ARG R 362 -19.99 -30.90 47.88
C ARG R 362 -21.05 -31.41 48.84
N ALA R 363 -20.90 -32.64 49.33
CA ALA R 363 -21.78 -33.13 50.39
C ALA R 363 -21.51 -32.41 51.70
N ARG R 364 -20.29 -31.91 51.89
CA ARG R 364 -19.95 -31.21 53.12
C ARG R 364 -20.46 -29.77 53.10
N ILE R 365 -20.43 -29.12 51.93
CA ILE R 365 -20.92 -27.75 51.82
C ILE R 365 -22.43 -27.69 52.03
N MET R 366 -23.17 -28.63 51.42
CA MET R 366 -24.63 -28.59 51.47
C MET R 366 -25.17 -28.89 52.85
N GLN R 367 -24.42 -29.63 53.66
CA GLN R 367 -24.89 -29.96 55.01
C GLN R 367 -24.84 -28.73 55.91
N ILE R 368 -23.86 -27.86 55.69
CA ILE R 368 -23.70 -26.67 56.54
C ILE R 368 -24.78 -25.65 56.23
N HIS R 369 -25.06 -25.42 54.94
CA HIS R 369 -26.09 -24.47 54.55
C HIS R 369 -27.49 -24.98 54.87
N SER R 370 -27.68 -26.28 54.98
CA SER R 370 -28.98 -26.83 55.36
C SER R 370 -29.14 -26.98 56.87
N ARG R 371 -28.10 -26.68 57.65
CA ARG R 371 -28.18 -26.87 59.09
C ARG R 371 -29.06 -25.82 59.76
N LYS R 372 -29.08 -24.60 59.22
CA LYS R 372 -29.88 -23.54 59.80
C LYS R 372 -31.37 -23.71 59.57
N MET R 373 -31.77 -24.63 58.70
CA MET R 373 -33.17 -24.87 58.38
C MET R 373 -33.60 -26.24 58.87
N ASN R 374 -34.90 -26.50 58.78
CA ASN R 374 -35.46 -27.77 59.21
C ASN R 374 -35.27 -28.80 58.09
N VAL R 375 -34.47 -29.83 58.37
CA VAL R 375 -34.20 -30.90 57.43
C VAL R 375 -34.55 -32.22 58.10
N SER R 376 -35.30 -33.06 57.40
CA SER R 376 -35.59 -34.41 57.89
C SER R 376 -34.29 -35.22 57.97
N PRO R 377 -34.16 -36.10 58.96
CA PRO R 377 -32.92 -36.87 59.10
C PRO R 377 -32.73 -37.98 58.07
N ASP R 378 -33.72 -38.24 57.23
CA ASP R 378 -33.62 -39.25 56.19
C ASP R 378 -33.15 -38.63 54.87
N VAL R 379 -31.93 -38.11 54.90
CA VAL R 379 -31.29 -37.51 53.74
C VAL R 379 -29.98 -38.24 53.50
N ASN R 380 -29.84 -38.82 52.31
CA ASN R 380 -28.63 -39.54 51.94
C ASN R 380 -27.64 -38.58 51.31
N TYR R 381 -26.45 -38.49 51.89
CA TYR R 381 -25.39 -37.67 51.33
C TYR R 381 -24.63 -38.37 50.22
N GLU R 382 -24.78 -39.70 50.11
CA GLU R 382 -24.21 -40.41 48.97
C GLU R 382 -24.94 -40.06 47.69
N GLU R 383 -26.27 -39.98 47.74
CA GLU R 383 -27.06 -39.58 46.58
C GLU R 383 -26.80 -38.14 46.20
N LEU R 384 -26.62 -37.25 47.19
CA LEU R 384 -26.35 -35.85 46.92
C LEU R 384 -24.97 -35.66 46.33
N ALA R 385 -23.98 -36.40 46.83
CA ALA R 385 -22.63 -36.33 46.28
C ALA R 385 -22.57 -36.86 44.86
N ARG R 386 -23.43 -37.83 44.54
CA ARG R 386 -23.46 -38.43 43.21
C ARG R 386 -24.12 -37.50 42.20
N CYS R 387 -25.28 -36.94 42.53
CA CYS R 387 -26.03 -36.15 41.55
C CYS R 387 -25.44 -34.76 41.34
N THR R 388 -24.82 -34.17 42.36
CA THR R 388 -24.15 -32.90 42.19
C THR R 388 -22.86 -33.10 41.42
N ASP R 389 -22.81 -32.57 40.19
CA ASP R 389 -21.68 -32.73 39.31
C ASP R 389 -21.26 -31.36 38.80
N ASP R 390 -19.97 -31.05 38.93
CA ASP R 390 -19.35 -29.80 38.47
C ASP R 390 -20.02 -28.57 39.09
N PHE R 391 -20.30 -28.65 40.38
CA PHE R 391 -20.87 -27.53 41.13
C PHE R 391 -19.81 -26.96 42.05
N ASN R 392 -19.92 -25.68 42.35
CA ASN R 392 -19.15 -25.10 43.44
C ASN R 392 -20.07 -24.93 44.64
N GLY R 393 -19.50 -24.40 45.73
CA GLY R 393 -20.30 -24.17 46.92
C GLY R 393 -21.32 -23.07 46.73
N ALA R 394 -21.07 -22.15 45.78
CA ALA R 394 -22.06 -21.13 45.47
C ALA R 394 -23.28 -21.74 44.80
N GLN R 395 -23.07 -22.63 43.83
CA GLN R 395 -24.20 -23.31 43.21
C GLN R 395 -24.85 -24.30 44.16
N CYS R 396 -24.06 -24.97 45.01
CA CYS R 396 -24.63 -25.87 45.99
C CYS R 396 -25.41 -25.12 47.06
N LYS R 397 -25.03 -23.88 47.34
CA LYS R 397 -25.87 -23.04 48.18
C LYS R 397 -27.16 -22.67 47.46
N ALA R 398 -27.06 -22.41 46.15
CA ALA R 398 -28.25 -22.02 45.39
C ALA R 398 -29.22 -23.19 45.23
N VAL R 399 -28.71 -24.43 45.22
CA VAL R 399 -29.60 -25.58 45.25
C VAL R 399 -30.29 -25.69 46.61
N CYS R 400 -29.54 -25.41 47.68
CA CYS R 400 -30.08 -25.53 49.04
C CYS R 400 -31.15 -24.48 49.32
N VAL R 401 -31.05 -23.32 48.69
CA VAL R 401 -32.11 -22.32 48.83
C VAL R 401 -33.36 -22.76 48.09
N GLU R 402 -33.19 -23.28 46.87
CA GLU R 402 -34.33 -23.66 46.05
C GLU R 402 -35.05 -24.88 46.59
N ALA R 403 -34.31 -25.80 47.23
CA ALA R 403 -34.95 -26.96 47.83
C ALA R 403 -35.80 -26.58 49.03
N GLY R 404 -35.41 -25.52 49.75
CA GLY R 404 -36.22 -25.06 50.86
C GLY R 404 -37.46 -24.30 50.42
N MET R 405 -37.38 -23.61 49.28
CA MET R 405 -38.51 -22.80 48.84
C MET R 405 -39.62 -23.68 48.24
N ILE R 406 -39.25 -24.77 47.58
CA ILE R 406 -40.26 -25.69 47.03
C ILE R 406 -41.00 -26.38 48.18
N ALA R 407 -40.28 -26.71 49.25
CA ALA R 407 -40.94 -27.22 50.45
C ALA R 407 -41.78 -26.15 51.14
N LEU R 408 -41.46 -24.88 50.91
CA LEU R 408 -42.25 -23.80 51.46
C LEU R 408 -43.54 -23.59 50.68
N ARG R 409 -43.55 -23.94 49.38
CA ARG R 409 -44.76 -23.77 48.59
C ARG R 409 -45.84 -24.78 48.99
N ARG R 410 -45.46 -26.04 49.09
CA ARG R 410 -46.40 -27.07 49.54
C ARG R 410 -46.54 -27.13 51.05
N GLY R 411 -45.80 -26.31 51.79
CA GLY R 411 -45.94 -26.25 53.22
C GLY R 411 -45.32 -27.41 53.97
N ALA R 412 -44.36 -28.10 53.37
CA ALA R 412 -43.70 -29.23 54.01
C ALA R 412 -42.56 -28.75 54.89
N THR R 413 -42.52 -29.26 56.12
CA THR R 413 -41.53 -28.85 57.09
C THR R 413 -40.30 -29.76 57.10
N GLU R 414 -40.01 -30.41 55.98
CA GLU R 414 -38.90 -31.34 55.91
C GLU R 414 -38.40 -31.37 54.47
N LEU R 415 -37.28 -32.05 54.26
CA LEU R 415 -36.66 -32.13 52.94
C LEU R 415 -36.36 -33.58 52.58
N THR R 416 -36.49 -33.88 51.29
CA THR R 416 -36.18 -35.19 50.73
C THR R 416 -35.11 -35.02 49.67
N HIS R 417 -34.64 -36.15 49.13
CA HIS R 417 -33.68 -36.09 48.03
C HIS R 417 -34.33 -35.56 46.75
N GLU R 418 -35.63 -35.79 46.57
CA GLU R 418 -36.36 -35.25 45.43
C GLU R 418 -36.41 -33.73 45.48
N ASP R 419 -36.42 -33.15 46.68
CA ASP R 419 -36.39 -31.70 46.82
C ASP R 419 -35.07 -31.13 46.30
N TYR R 420 -33.99 -31.89 46.42
CA TYR R 420 -32.72 -31.45 45.86
C TYR R 420 -32.60 -31.79 44.38
N MET R 421 -33.20 -32.89 43.94
CA MET R 421 -33.20 -33.20 42.51
C MET R 421 -34.04 -32.20 41.73
N GLU R 422 -35.08 -31.65 42.35
CA GLU R 422 -35.79 -30.52 41.75
C GLU R 422 -34.96 -29.25 41.82
N GLY R 423 -34.24 -29.05 42.93
CA GLY R 423 -33.45 -27.84 43.08
C GLY R 423 -32.23 -27.80 42.19
N ILE R 424 -31.70 -28.96 41.80
CA ILE R 424 -30.56 -28.98 40.89
C ILE R 424 -30.99 -28.64 39.48
N LEU R 425 -32.07 -29.26 38.99
CA LEU R 425 -32.53 -29.02 37.64
C LEU R 425 -33.11 -27.62 37.46
N GLU R 426 -33.49 -26.95 38.54
CA GLU R 426 -33.98 -25.59 38.47
C GLU R 426 -32.86 -24.61 38.17
N VAL R 427 -31.61 -24.97 38.46
CA VAL R 427 -30.50 -24.05 38.35
C VAL R 427 -30.19 -23.73 36.89
N GLN R 428 -30.01 -24.76 36.06
CA GLN R 428 -29.63 -24.55 34.67
C GLN R 428 -30.81 -24.30 33.74
N ALA R 429 -32.03 -24.22 34.27
CA ALA R 429 -33.26 -23.93 33.53
C ALA R 429 -33.48 -24.96 32.41
N LYS R 430 -33.83 -26.17 32.85
CA LYS R 430 -33.91 -27.39 32.03
C LYS R 430 -34.69 -27.19 30.74
N LYS R 431 -34.09 -27.65 29.63
CA LYS R 431 -34.42 -27.17 28.30
C LYS R 431 -34.20 -28.33 27.32
N LYS R 432 -34.04 -28.04 26.02
CA LYS R 432 -34.35 -28.83 24.82
C LYS R 432 -34.17 -30.33 24.91
N ALA R 433 -35.20 -31.07 24.47
CA ALA R 433 -35.12 -32.53 24.43
C ALA R 433 -34.36 -33.01 23.20
N ASN R 434 -34.66 -32.44 22.04
CA ASN R 434 -34.02 -32.87 20.80
C ASN R 434 -33.73 -31.67 19.92
N LEU R 435 -33.08 -31.95 18.79
CA LEU R 435 -32.63 -30.92 17.86
C LEU R 435 -32.94 -31.33 16.41
N GLN R 436 -33.66 -32.44 16.24
CA GLN R 436 -34.04 -33.13 14.99
C GLN R 436 -32.89 -33.29 13.99
N TYR R 437 -31.67 -33.42 14.51
CA TYR R 437 -30.52 -33.77 13.69
C TYR R 437 -29.95 -35.13 14.05
N TYR R 438 -30.36 -35.71 15.17
CA TYR R 438 -29.61 -36.78 15.80
C TYR R 438 -30.44 -38.02 15.99
N ALA R 439 -31.33 -38.29 15.03
CA ALA R 439 -32.17 -39.49 14.95
C ALA R 439 -33.04 -39.73 16.18
N MET S 1 -31.49 47.43 104.07
CA MET S 1 -30.28 48.18 104.38
C MET S 1 -29.91 49.13 103.24
N GLN S 2 -29.08 50.12 103.54
CA GLN S 2 -28.64 51.12 102.57
C GLN S 2 -27.21 50.83 102.17
N ILE S 3 -26.95 50.78 100.86
CA ILE S 3 -25.62 50.54 100.33
C ILE S 3 -25.19 51.74 99.50
N PHE S 4 -23.88 51.89 99.37
CA PHE S 4 -23.27 52.99 98.62
C PHE S 4 -22.52 52.40 97.43
N VAL S 5 -23.18 52.36 96.28
CA VAL S 5 -22.56 51.85 95.06
C VAL S 5 -21.64 52.91 94.48
N LYS S 6 -20.36 52.85 94.85
CA LYS S 6 -19.38 53.83 94.38
C LYS S 6 -18.98 53.54 92.94
N THR S 7 -19.60 54.23 91.99
CA THR S 7 -19.26 54.02 90.59
C THR S 7 -17.91 54.63 90.26
N LEU S 8 -17.38 54.25 89.11
CA LEU S 8 -16.08 54.74 88.64
C LEU S 8 -16.18 56.11 87.97
N THR S 9 -17.34 56.75 88.02
CA THR S 9 -17.54 58.07 87.43
C THR S 9 -17.70 59.16 88.48
N GLY S 10 -17.32 58.88 89.72
CA GLY S 10 -17.44 59.87 90.77
C GLY S 10 -18.86 60.15 91.21
N LYS S 11 -19.74 59.15 91.14
CA LYS S 11 -21.14 59.30 91.54
C LYS S 11 -21.53 58.11 92.40
N THR S 12 -21.96 58.39 93.62
CA THR S 12 -22.39 57.36 94.56
C THR S 12 -23.89 57.17 94.46
N ILE S 13 -24.32 55.96 94.13
CA ILE S 13 -25.74 55.62 93.98
C ILE S 13 -26.18 54.85 95.21
N THR S 14 -27.14 55.42 95.95
CA THR S 14 -27.66 54.79 97.15
C THR S 14 -28.86 53.90 96.79
N LEU S 15 -28.83 52.66 97.26
CA LEU S 15 -29.88 51.69 96.99
C LEU S 15 -30.44 51.15 98.30
N GLU S 16 -31.70 50.70 98.24
CA GLU S 16 -32.39 50.11 99.38
C GLU S 16 -32.67 48.65 99.05
N VAL S 17 -31.74 47.78 99.43
CA VAL S 17 -31.86 46.35 99.16
C VAL S 17 -31.88 45.59 100.47
N GLU S 18 -31.99 44.26 100.39
CA GLU S 18 -32.01 43.40 101.55
C GLU S 18 -30.83 42.43 101.52
N PRO S 19 -30.35 42.00 102.67
CA PRO S 19 -29.23 41.04 102.68
C PRO S 19 -29.55 39.71 102.02
N SER S 20 -30.83 39.35 101.92
CA SER S 20 -31.25 38.10 101.29
C SER S 20 -31.42 38.21 99.79
N ASP S 21 -31.15 39.39 99.20
CA ASP S 21 -31.29 39.58 97.77
C ASP S 21 -30.06 39.05 97.04
N THR S 22 -30.11 39.12 95.72
CA THR S 22 -29.03 38.64 94.86
C THR S 22 -28.48 39.80 94.04
N ILE S 23 -27.79 39.46 92.94
CA ILE S 23 -27.22 40.49 92.08
C ILE S 23 -28.17 40.91 90.98
N GLU S 24 -29.01 39.99 90.48
CA GLU S 24 -29.97 40.35 89.44
C GLU S 24 -30.98 41.37 89.93
N ASN S 25 -31.37 41.31 91.21
CA ASN S 25 -32.27 42.32 91.75
C ASN S 25 -31.63 43.70 91.77
N VAL S 26 -30.34 43.77 92.15
CA VAL S 26 -29.63 45.03 92.15
C VAL S 26 -29.50 45.57 90.72
N LYS S 27 -29.23 44.68 89.77
CA LYS S 27 -29.14 45.09 88.37
C LYS S 27 -30.48 45.63 87.86
N ALA S 28 -31.58 44.97 88.23
CA ALA S 28 -32.90 45.44 87.84
C ALA S 28 -33.22 46.79 88.47
N LYS S 29 -32.83 46.99 89.73
CA LYS S 29 -33.06 48.28 90.38
C LYS S 29 -32.25 49.37 89.71
N ILE S 30 -30.99 49.09 89.35
CA ILE S 30 -30.17 50.08 88.67
C ILE S 30 -30.75 50.40 87.30
N GLN S 31 -31.27 49.39 86.60
CA GLN S 31 -31.89 49.62 85.30
C GLN S 31 -33.15 50.47 85.43
N ASP S 32 -33.94 50.23 86.48
CA ASP S 32 -35.16 51.01 86.67
C ASP S 32 -34.83 52.46 87.06
N LYS S 33 -33.78 52.66 87.86
CA LYS S 33 -33.40 54.01 88.27
C LYS S 33 -32.70 54.78 87.17
N GLU S 34 -32.03 54.09 86.24
CA GLU S 34 -31.33 54.76 85.15
C GLU S 34 -31.78 54.21 83.81
N GLY S 35 -30.99 53.30 83.23
CA GLY S 35 -31.33 52.72 81.95
C GLY S 35 -30.23 51.88 81.36
N ILE S 36 -29.60 51.05 82.19
CA ILE S 36 -28.51 50.17 81.78
C ILE S 36 -28.99 48.73 81.92
N PRO S 37 -28.90 47.90 80.88
CA PRO S 37 -29.38 46.52 80.99
C PRO S 37 -28.53 45.71 81.94
N PRO S 38 -29.08 44.63 82.51
CA PRO S 38 -28.31 43.85 83.50
C PRO S 38 -27.07 43.19 82.93
N ASP S 39 -27.09 42.80 81.65
CA ASP S 39 -25.93 42.14 81.06
C ASP S 39 -24.76 43.08 80.83
N GLN S 40 -24.94 44.39 81.01
CA GLN S 40 -23.88 45.37 80.84
C GLN S 40 -23.46 46.00 82.17
N GLN S 41 -23.63 45.26 83.27
CA GLN S 41 -23.27 45.74 84.60
C GLN S 41 -22.39 44.71 85.28
N ARG S 42 -21.26 45.15 85.82
CA ARG S 42 -20.32 44.27 86.52
C ARG S 42 -20.03 44.87 87.89
N LEU S 43 -20.67 44.32 88.92
CA LEU S 43 -20.47 44.78 90.29
C LEU S 43 -19.21 44.15 90.87
N ILE S 44 -18.33 44.99 91.39
CA ILE S 44 -17.06 44.56 91.97
C ILE S 44 -17.03 44.98 93.43
N PHE S 45 -16.71 44.03 94.31
CA PHE S 45 -16.63 44.28 95.75
C PHE S 45 -15.23 43.94 96.22
N ALA S 46 -14.43 44.97 96.52
CA ALA S 46 -13.07 44.81 97.02
C ALA S 46 -12.22 43.98 96.05
N GLY S 47 -12.33 44.30 94.76
CA GLY S 47 -11.56 43.61 93.76
C GLY S 47 -12.01 42.18 93.49
N LYS S 48 -13.27 41.86 93.76
CA LYS S 48 -13.80 40.53 93.55
C LYS S 48 -15.02 40.61 92.64
N GLN S 49 -15.06 39.74 91.64
CA GLN S 49 -16.18 39.72 90.69
C GLN S 49 -17.38 39.01 91.32
N LEU S 50 -18.53 39.69 91.29
CA LEU S 50 -19.75 39.13 91.85
C LEU S 50 -20.50 38.36 90.76
N GLU S 51 -21.02 37.19 91.13
CA GLU S 51 -21.77 36.34 90.21
C GLU S 51 -23.25 36.41 90.53
N ASP S 52 -24.07 36.26 89.49
CA ASP S 52 -25.52 36.32 89.63
C ASP S 52 -26.10 35.08 90.29
N GLY S 53 -25.34 34.00 90.39
CA GLY S 53 -25.82 32.79 91.01
C GLY S 53 -25.73 32.72 92.51
N ARG S 54 -25.26 33.78 93.16
CA ARG S 54 -25.13 33.83 94.60
C ARG S 54 -25.90 35.02 95.17
N THR S 55 -25.96 35.08 96.49
CA THR S 55 -26.67 36.15 97.18
C THR S 55 -25.67 37.18 97.71
N LEU S 56 -26.18 38.15 98.47
CA LEU S 56 -25.33 39.18 99.05
C LEU S 56 -24.63 38.71 100.32
N SER S 57 -25.21 37.72 101.01
CA SER S 57 -24.62 37.22 102.24
C SER S 57 -23.44 36.29 101.98
N ASP S 58 -23.26 35.83 100.74
CA ASP S 58 -22.15 34.93 100.45
C ASP S 58 -20.83 35.70 100.35
N TYR S 59 -20.87 36.95 99.91
CA TYR S 59 -19.67 37.78 99.78
C TYR S 59 -19.47 38.69 100.98
N ASN S 60 -20.18 38.45 102.09
CA ASN S 60 -20.06 39.25 103.30
C ASN S 60 -20.35 40.72 103.02
N ILE S 61 -21.48 40.97 102.37
CA ILE S 61 -21.92 42.33 102.03
C ILE S 61 -22.94 42.74 103.09
N GLN S 62 -22.53 43.60 104.01
CA GLN S 62 -23.37 44.08 105.08
C GLN S 62 -23.92 45.46 104.73
N ARG S 63 -24.38 46.20 105.74
CA ARG S 63 -24.92 47.53 105.50
C ARG S 63 -23.80 48.52 105.22
N GLU S 64 -24.05 49.43 104.26
CA GLU S 64 -23.09 50.46 103.87
C GLU S 64 -21.78 49.84 103.40
N SER S 65 -21.78 49.27 102.20
CA SER S 65 -20.60 48.65 101.62
C SER S 65 -20.22 49.36 100.33
N THR S 66 -18.92 49.56 100.12
CA THR S 66 -18.43 50.24 98.93
C THR S 66 -18.36 49.24 97.78
N LEU S 67 -19.09 49.53 96.70
CA LEU S 67 -19.12 48.69 95.51
C LEU S 67 -18.40 49.40 94.36
N HIS S 68 -18.36 48.72 93.22
CA HIS S 68 -17.72 49.25 92.01
C HIS S 68 -18.53 48.80 90.80
N LEU S 69 -19.06 49.76 90.06
CA LEU S 69 -19.89 49.48 88.88
C LEU S 69 -19.04 49.63 87.63
N VAL S 70 -18.91 48.55 86.87
CA VAL S 70 -18.16 48.53 85.62
C VAL S 70 -19.12 48.13 84.50
N LEU S 71 -19.16 48.92 83.44
CA LEU S 71 -20.04 48.66 82.32
C LEU S 71 -19.39 47.74 81.31
N ARG S 72 -20.21 47.25 80.37
CA ARG S 72 -19.73 46.36 79.32
C ARG S 72 -18.95 47.17 78.29
N LEU S 73 -17.64 46.92 78.19
CA LEU S 73 -16.77 47.63 77.28
C LEU S 73 -16.54 46.78 76.04
N ARG S 74 -17.02 47.26 74.90
CA ARG S 74 -16.87 46.53 73.64
C ARG S 74 -17.01 47.48 72.45
N GLY S 75 -16.01 47.48 71.58
CA GLY S 75 -16.02 48.34 70.41
C GLY S 75 -15.98 47.57 69.11
N GLY S 76 -16.23 48.27 68.00
CA GLY S 76 -16.21 47.65 66.69
C GLY S 76 -15.91 48.64 65.58
N UNK T 1 -14.37 1.39 25.95
CA UNK T 1 -13.85 1.85 27.23
C UNK T 1 -13.76 3.38 27.27
N UNK T 2 -13.88 3.95 28.47
CA UNK T 2 -13.81 5.39 28.64
C UNK T 2 -12.51 5.94 28.07
N UNK T 3 -12.61 6.64 26.94
CA UNK T 3 -11.45 7.23 26.29
C UNK T 3 -10.66 8.11 27.26
N UNK T 4 -9.65 7.53 27.89
CA UNK T 4 -8.82 8.25 28.85
C UNK T 4 -8.19 9.50 28.23
N UNK T 5 -8.91 10.61 28.30
CA UNK T 5 -8.43 11.87 27.75
C UNK T 5 -7.68 12.64 28.84
N UNK T 6 -7.52 13.94 28.62
CA UNK T 6 -6.83 14.78 29.61
C UNK T 6 -7.84 15.60 30.40
N UNK T 7 -7.63 16.91 30.43
CA UNK T 7 -8.42 17.69 31.06
C UNK T 7 -8.00 19.13 31.05
N UNK T 8 -8.93 20.01 30.72
CA UNK T 8 -8.66 21.45 30.72
C UNK T 8 -9.57 22.16 31.74
N UNK T 9 -8.97 22.98 32.60
CA UNK T 9 -9.72 23.71 33.63
C UNK T 9 -10.08 25.14 33.20
N UNK T 10 -10.63 25.92 34.13
CA UNK T 10 -11.02 27.29 33.82
C UNK T 10 -11.53 28.01 35.06
N UNK T 11 -10.77 27.93 36.15
CA UNK T 11 -11.15 28.58 37.39
C UNK T 11 -11.29 30.09 37.21
N UNK T 12 -12.53 30.56 37.18
CA UNK T 12 -12.80 31.98 37.00
C UNK T 12 -12.56 32.75 38.30
N UNK T 13 -12.47 34.07 38.18
CA UNK T 13 -12.23 34.92 39.35
C UNK T 13 -13.47 34.99 40.24
N UNK T 14 -13.25 34.88 41.54
CA UNK T 14 -14.35 34.92 42.50
C UNK T 14 -13.85 35.29 43.90
N UNK T 15 -14.29 36.45 44.40
CA UNK T 15 -13.90 36.91 45.71
C UNK T 15 -14.87 37.95 46.24
N UNK T 16 -14.79 38.23 47.54
CA UNK T 16 -15.67 39.21 48.17
C UNK T 16 -15.09 39.72 49.48
N UNK T 17 -15.66 40.81 50.00
CA UNK T 17 -15.20 41.40 51.25
C UNK T 17 -16.35 42.11 51.96
N UNK T 18 -16.35 42.03 53.29
CA UNK T 18 -17.40 42.67 54.09
C UNK T 18 -16.94 42.90 55.52
N UNK T 19 -16.98 41.84 56.33
CA UNK T 19 -16.57 41.93 57.73
C UNK T 19 -17.39 42.96 58.49
N UNK T 20 -18.66 43.08 58.10
CA UNK T 20 -19.57 44.02 58.74
C UNK T 20 -20.98 43.44 58.87
N UNK T 21 -21.70 43.88 59.90
CA UNK T 21 -23.05 43.40 60.14
C UNK T 21 -24.01 44.54 60.47
N UNK T 22 -23.46 45.57 61.12
CA UNK T 22 -24.23 46.75 61.53
C UNK T 22 -25.52 46.38 62.25
N UNK T 23 -25.39 45.68 63.36
CA UNK T 23 -26.56 45.26 64.14
C UNK T 23 -26.48 45.80 65.57
N UNK T 24 -26.68 44.91 66.54
CA UNK T 24 -26.65 45.27 67.96
C UNK T 24 -27.52 46.48 68.27
N SER U 4 8.30 -2.30 11.32
CA SER U 4 6.88 -2.38 11.64
C SER U 4 6.22 -3.58 10.98
N SER U 5 4.99 -3.89 11.40
CA SER U 5 4.23 -5.00 10.85
C SER U 5 3.11 -4.44 9.99
N ALA U 6 3.13 -4.76 8.70
CA ALA U 6 2.12 -4.32 7.76
C ALA U 6 1.56 -5.54 7.04
N GLY U 7 0.24 -5.68 7.08
CA GLY U 7 -0.41 -6.83 6.48
C GLY U 7 -0.14 -8.10 7.26
N PHE U 8 0.60 -9.02 6.64
CA PHE U 8 1.00 -10.27 7.27
C PHE U 8 2.47 -10.52 7.03
N ASP U 9 3.28 -9.47 7.21
CA ASP U 9 4.71 -9.56 6.94
C ASP U 9 5.46 -10.35 8.01
N ARG U 10 4.89 -10.48 9.20
CA ARG U 10 5.49 -11.26 10.27
C ARG U 10 5.15 -12.73 10.18
N HIS U 11 4.24 -13.12 9.29
CA HIS U 11 3.72 -14.47 9.25
C HIS U 11 4.10 -15.22 7.98
N ILE U 12 3.81 -14.65 6.82
CA ILE U 12 4.15 -15.29 5.56
C ILE U 12 5.29 -14.51 4.92
N THR U 13 5.81 -15.06 3.82
CA THR U 13 7.01 -14.51 3.18
C THR U 13 6.59 -13.43 2.19
N ILE U 14 6.28 -12.25 2.71
CA ILE U 14 6.03 -11.06 1.93
C ILE U 14 6.93 -9.95 2.45
N PHE U 15 6.86 -8.80 1.79
CA PHE U 15 7.77 -7.70 2.13
C PHE U 15 7.21 -6.84 3.24
N SER U 16 8.12 -6.21 3.96
CA SER U 16 7.88 -5.19 4.95
C SER U 16 7.92 -3.82 4.28
N PRO U 17 7.43 -2.76 4.95
CA PRO U 17 7.62 -1.42 4.38
C PRO U 17 9.07 -0.97 4.32
N GLU U 18 9.94 -1.54 5.15
CA GLU U 18 11.36 -1.18 5.15
C GLU U 18 12.15 -1.87 4.05
N GLY U 19 11.49 -2.65 3.20
CA GLY U 19 12.21 -3.40 2.19
C GLY U 19 12.82 -4.69 2.69
N ARG U 20 12.33 -5.20 3.82
CA ARG U 20 12.85 -6.43 4.38
C ARG U 20 11.78 -7.52 4.40
N LEU U 21 12.14 -8.68 4.92
CA LEU U 21 11.19 -9.74 5.22
C LEU U 21 11.74 -10.52 6.41
N TYR U 22 10.87 -11.22 7.12
CA TYR U 22 11.22 -11.61 8.48
C TYR U 22 11.32 -13.12 8.65
N GLN U 23 10.52 -13.88 7.90
CA GLN U 23 10.46 -15.33 8.09
C GLN U 23 11.77 -15.99 7.68
N VAL U 24 12.50 -15.40 6.74
CA VAL U 24 13.80 -15.94 6.39
C VAL U 24 14.84 -15.58 7.45
N GLU U 25 14.82 -14.34 7.92
CA GLU U 25 15.78 -13.99 8.96
C GLU U 25 15.35 -14.50 10.34
N TYR U 26 14.12 -15.00 10.48
CA TYR U 26 13.81 -15.84 11.62
C TYR U 26 14.44 -17.22 11.47
N ALA U 27 14.53 -17.72 10.23
CA ALA U 27 15.12 -19.02 10.00
C ALA U 27 16.63 -19.01 10.17
N PHE U 28 17.27 -17.85 10.09
CA PHE U 28 18.71 -17.77 10.31
C PHE U 28 19.08 -18.10 11.75
N LYS U 29 18.22 -17.76 12.70
CA LYS U 29 18.41 -18.20 14.08
C LYS U 29 17.50 -19.37 14.43
N ALA U 30 17.03 -20.10 13.44
CA ALA U 30 16.49 -21.43 13.67
C ALA U 30 17.57 -22.49 13.72
N ILE U 31 18.80 -22.14 13.32
CA ILE U 31 19.92 -23.07 13.43
C ILE U 31 20.36 -23.19 14.89
N ASN U 32 20.32 -22.07 15.63
CA ASN U 32 21.02 -21.98 16.90
C ASN U 32 20.37 -22.79 18.02
N GLN U 33 19.14 -23.27 17.83
CA GLN U 33 18.52 -24.08 18.88
C GLN U 33 19.09 -25.48 18.98
N GLY U 34 19.91 -25.90 18.02
CA GLY U 34 20.60 -27.18 18.15
C GLY U 34 21.66 -27.16 19.24
N GLY U 35 22.29 -26.01 19.46
CA GLY U 35 23.36 -25.88 20.42
C GLY U 35 24.59 -26.66 19.99
N LEU U 36 25.12 -26.34 18.81
CA LEU U 36 26.13 -27.17 18.20
C LEU U 36 26.88 -26.32 17.20
N THR U 37 28.14 -26.66 16.94
CA THR U 37 29.02 -25.83 16.12
C THR U 37 29.83 -26.73 15.19
N SER U 38 29.96 -26.29 13.94
CA SER U 38 30.73 -27.01 12.93
C SER U 38 31.75 -26.08 12.31
N VAL U 39 32.95 -26.60 12.02
CA VAL U 39 34.05 -25.81 11.49
C VAL U 39 34.52 -26.46 10.19
N ALA U 40 34.66 -25.64 9.14
CA ALA U 40 35.18 -26.07 7.85
C ALA U 40 36.48 -25.33 7.58
N VAL U 41 37.55 -26.08 7.32
CA VAL U 41 38.86 -25.51 7.01
C VAL U 41 39.39 -26.17 5.74
N ARG U 42 39.81 -25.38 4.77
CA ARG U 42 40.46 -25.87 3.57
C ARG U 42 41.95 -25.60 3.65
N GLY U 43 42.76 -26.58 3.29
CA GLY U 43 44.19 -26.45 3.19
C GLY U 43 44.66 -26.29 1.76
N LYS U 44 45.94 -26.62 1.53
CA LYS U 44 46.46 -26.57 0.17
C LYS U 44 46.24 -27.88 -0.57
N ASP U 45 46.07 -28.98 0.16
CA ASP U 45 45.81 -30.27 -0.48
C ASP U 45 44.77 -31.09 0.28
N CYS U 46 43.98 -30.47 1.14
CA CYS U 46 43.03 -31.20 1.97
C CYS U 46 41.89 -30.27 2.35
N ALA U 47 40.89 -30.84 3.04
CA ALA U 47 39.73 -30.08 3.49
C ALA U 47 39.18 -30.79 4.72
N VAL U 48 39.26 -30.12 5.86
CA VAL U 48 38.93 -30.72 7.15
C VAL U 48 37.53 -30.26 7.57
N ILE U 49 36.72 -31.20 8.05
CA ILE U 49 35.43 -30.90 8.65
C ILE U 49 35.44 -31.44 10.07
N VAL U 50 35.38 -30.55 11.05
CA VAL U 50 35.38 -30.93 12.46
C VAL U 50 34.13 -30.38 13.12
N THR U 51 33.46 -31.24 13.90
CA THR U 51 32.19 -30.91 14.52
C THR U 51 32.04 -31.77 15.77
N GLN U 52 31.68 -31.15 16.90
CA GLN U 52 31.48 -31.95 18.10
C GLN U 52 30.09 -32.57 18.09
N LYS U 53 29.86 -33.48 19.02
CA LYS U 53 28.51 -33.96 19.29
C LYS U 53 28.32 -34.04 20.79
N LYS U 54 27.06 -33.92 21.21
CA LYS U 54 26.68 -34.00 22.61
C LYS U 54 25.86 -35.26 22.83
N VAL U 55 26.35 -36.14 23.68
CA VAL U 55 25.65 -37.37 24.02
C VAL U 55 25.21 -37.27 25.48
N PRO U 56 24.00 -36.84 25.76
CA PRO U 56 23.59 -36.65 27.16
C PRO U 56 23.22 -37.95 27.85
N ASP U 57 22.77 -38.95 27.09
CA ASP U 57 22.27 -40.19 27.66
C ASP U 57 23.34 -41.27 27.60
N LYS U 58 23.39 -42.09 28.64
CA LYS U 58 24.20 -43.30 28.58
C LYS U 58 23.51 -44.39 27.78
N LEU U 59 22.18 -44.35 27.72
CA LEU U 59 21.40 -45.31 26.95
C LEU U 59 21.16 -44.82 25.52
N LEU U 60 22.23 -44.45 24.83
CA LEU U 60 22.11 -43.84 23.51
C LEU U 60 23.39 -44.12 22.75
N ASP U 61 23.25 -44.51 21.48
CA ASP U 61 24.38 -44.97 20.68
C ASP U 61 25.33 -43.83 20.34
N SER U 62 26.57 -44.18 20.02
CA SER U 62 27.56 -43.21 19.57
C SER U 62 27.77 -43.29 18.07
N SER U 63 26.95 -44.06 17.37
CA SER U 63 27.09 -44.25 15.93
C SER U 63 25.93 -43.69 15.13
N THR U 64 24.78 -43.44 15.76
CA THR U 64 23.61 -42.94 15.07
C THR U 64 23.43 -41.45 15.26
N VAL U 65 24.47 -40.76 15.74
CA VAL U 65 24.37 -39.36 16.10
C VAL U 65 25.09 -38.45 15.10
N THR U 66 26.19 -38.92 14.51
CA THR U 66 27.15 -38.07 13.83
C THR U 66 26.55 -37.40 12.59
N HIS U 67 26.67 -36.08 12.52
CA HIS U 67 26.14 -35.28 11.44
C HIS U 67 26.97 -35.32 10.18
N LEU U 68 28.11 -36.02 10.19
CA LEU U 68 28.91 -36.19 8.99
C LEU U 68 28.20 -37.16 8.07
N PHE U 69 27.72 -36.67 6.95
CA PHE U 69 26.97 -37.47 6.01
C PHE U 69 27.71 -37.56 4.68
N LYS U 70 27.63 -38.74 4.07
CA LYS U 70 28.32 -39.05 2.83
C LYS U 70 27.35 -38.86 1.68
N ILE U 71 27.56 -37.82 0.90
CA ILE U 71 26.68 -37.57 -0.24
C ILE U 71 27.01 -38.50 -1.39
N THR U 72 28.24 -38.44 -1.88
CA THR U 72 28.69 -39.35 -2.92
C THR U 72 30.04 -39.88 -2.43
N GLU U 73 30.76 -40.64 -3.25
CA GLU U 73 32.06 -41.18 -2.82
C GLU U 73 33.13 -40.10 -2.71
N ASN U 74 32.90 -38.92 -3.27
CA ASN U 74 33.92 -37.87 -3.26
C ASN U 74 33.43 -36.58 -2.64
N ILE U 75 32.19 -36.53 -2.18
CA ILE U 75 31.60 -35.34 -1.59
C ILE U 75 31.01 -35.71 -0.25
N GLY U 76 31.51 -35.08 0.82
CA GLY U 76 30.95 -35.24 2.14
C GLY U 76 30.38 -33.91 2.63
N CYS U 77 29.56 -34.00 3.66
CA CYS U 77 28.91 -32.81 4.19
C CYS U 77 28.73 -32.92 5.69
N VAL U 78 28.44 -31.79 6.31
CA VAL U 78 28.07 -31.72 7.72
C VAL U 78 26.81 -30.89 7.81
N MET U 79 25.96 -31.22 8.78
CA MET U 79 24.64 -30.62 8.90
C MET U 79 24.52 -29.94 10.26
N THR U 80 24.14 -28.67 10.26
CA THR U 80 23.74 -27.99 11.48
C THR U 80 22.30 -27.52 11.34
N GLY U 81 21.79 -26.94 12.41
CA GLY U 81 20.39 -26.61 12.49
C GLY U 81 19.65 -27.67 13.26
N MET U 82 18.35 -27.85 12.98
CA MET U 82 17.64 -28.92 13.65
C MET U 82 17.79 -30.20 12.84
N THR U 83 17.49 -31.32 13.48
CA THR U 83 17.85 -32.64 12.97
C THR U 83 16.89 -33.14 11.92
N ALA U 84 15.59 -32.93 12.14
CA ALA U 84 14.58 -33.44 11.21
C ALA U 84 14.64 -32.74 9.87
N ASP U 85 14.92 -31.43 9.87
CA ASP U 85 15.02 -30.72 8.61
C ASP U 85 16.33 -31.00 7.90
N SER U 86 17.38 -31.37 8.64
CA SER U 86 18.68 -31.57 8.02
C SER U 86 18.70 -32.86 7.21
N ARG U 87 18.01 -33.91 7.68
CA ARG U 87 18.04 -35.18 6.98
C ARG U 87 17.20 -35.15 5.70
N SER U 88 16.18 -34.29 5.65
CA SER U 88 15.45 -34.12 4.40
C SER U 88 16.29 -33.38 3.37
N GLN U 89 17.21 -32.53 3.84
CA GLN U 89 18.09 -31.82 2.93
C GLN U 89 19.13 -32.76 2.34
N VAL U 90 19.49 -33.81 3.07
CA VAL U 90 20.53 -34.73 2.61
C VAL U 90 19.99 -35.65 1.53
N GLN U 91 18.76 -36.14 1.69
CA GLN U 91 18.17 -37.02 0.67
C GLN U 91 17.91 -36.28 -0.63
N ARG U 92 17.72 -34.96 -0.59
CA ARG U 92 17.73 -34.20 -1.82
C ARG U 92 19.12 -34.14 -2.42
N ALA U 93 20.15 -34.05 -1.59
CA ALA U 93 21.51 -33.95 -2.10
C ALA U 93 22.00 -35.28 -2.63
N ARG U 94 21.60 -36.38 -1.98
CA ARG U 94 21.96 -37.70 -2.49
C ARG U 94 21.28 -38.01 -3.81
N TYR U 95 20.07 -37.48 -4.00
CA TYR U 95 19.27 -37.82 -5.17
C TYR U 95 19.73 -37.06 -6.40
N GLU U 96 19.92 -35.75 -6.28
CA GLU U 96 20.28 -34.96 -7.45
C GLU U 96 21.75 -35.09 -7.82
N ALA U 97 22.57 -35.66 -6.94
CA ALA U 97 23.91 -36.06 -7.35
C ALA U 97 23.87 -37.32 -8.18
N ALA U 98 22.85 -38.14 -8.00
CA ALA U 98 22.72 -39.36 -8.78
C ALA U 98 22.16 -39.08 -10.17
N ASN U 99 21.27 -38.10 -10.27
CA ASN U 99 20.74 -37.72 -11.59
C ASN U 99 21.79 -37.02 -12.44
N TRP U 100 22.81 -36.43 -11.83
CA TRP U 100 23.90 -35.89 -12.64
C TRP U 100 24.67 -37.00 -13.32
N LYS U 101 24.79 -38.15 -12.67
CA LYS U 101 25.46 -39.29 -13.29
C LYS U 101 24.63 -39.89 -14.41
N TYR U 102 23.31 -39.97 -14.21
CA TYR U 102 22.47 -40.62 -15.22
C TYR U 102 22.29 -39.72 -16.43
N LYS U 103 22.14 -38.42 -16.23
CA LYS U 103 21.90 -37.52 -17.35
C LYS U 103 23.18 -37.18 -18.10
N TYR U 104 24.28 -36.99 -17.40
CA TYR U 104 25.44 -36.31 -17.97
C TYR U 104 26.64 -37.22 -18.14
N GLY U 105 26.83 -38.15 -17.21
CA GLY U 105 27.82 -39.19 -17.42
C GLY U 105 29.02 -39.07 -16.52
N TYR U 106 29.46 -37.84 -16.26
CA TYR U 106 30.61 -37.63 -15.40
C TYR U 106 30.16 -37.25 -13.99
N GLU U 107 31.12 -37.20 -13.08
CA GLU U 107 30.82 -36.95 -11.68
C GLU U 107 30.54 -35.47 -11.44
N ILE U 108 29.54 -35.18 -10.61
CA ILE U 108 29.09 -33.82 -10.36
C ILE U 108 30.17 -33.03 -9.61
N PRO U 109 30.43 -31.79 -9.99
CA PRO U 109 31.32 -30.96 -9.18
C PRO U 109 30.65 -30.58 -7.87
N VAL U 110 31.48 -30.21 -6.89
CA VAL U 110 30.92 -29.76 -5.62
C VAL U 110 30.32 -28.37 -5.75
N ASP U 111 30.74 -27.60 -6.75
CA ASP U 111 30.19 -26.26 -6.93
C ASP U 111 28.81 -26.31 -7.56
N MET U 112 28.58 -27.26 -8.48
CA MET U 112 27.29 -27.35 -9.13
C MET U 112 26.22 -27.92 -8.21
N LEU U 113 26.62 -28.65 -7.18
CA LEU U 113 25.62 -29.28 -6.32
C LEU U 113 25.00 -28.25 -5.38
N CYS U 114 25.74 -27.22 -5.02
CA CYS U 114 25.17 -26.15 -4.19
C CYS U 114 24.25 -25.23 -4.98
N LYS U 115 24.37 -25.17 -6.30
CA LYS U 115 23.38 -24.46 -7.09
C LYS U 115 22.04 -25.19 -7.08
N ARG U 116 22.08 -26.52 -7.14
CA ARG U 116 20.86 -27.30 -7.12
C ARG U 116 20.17 -27.20 -5.76
N ILE U 117 20.95 -27.15 -4.68
CA ILE U 117 20.37 -27.07 -3.34
C ILE U 117 19.80 -25.69 -3.07
N ALA U 118 20.54 -24.64 -3.44
CA ALA U 118 20.12 -23.29 -3.10
C ALA U 118 18.92 -22.84 -3.93
N ASP U 119 18.73 -23.43 -5.11
CA ASP U 119 17.54 -23.10 -5.89
C ASP U 119 16.30 -23.76 -5.31
N ILE U 120 16.46 -24.92 -4.68
CA ILE U 120 15.33 -25.56 -4.01
C ILE U 120 14.91 -24.74 -2.79
N SER U 121 15.89 -24.20 -2.05
CA SER U 121 15.58 -23.39 -0.89
C SER U 121 15.02 -22.02 -1.29
N GLN U 122 15.32 -21.57 -2.50
CA GLN U 122 14.71 -20.36 -3.04
C GLN U 122 13.20 -20.51 -3.13
N VAL U 123 12.73 -21.63 -3.67
CA VAL U 123 11.30 -21.80 -3.93
C VAL U 123 10.51 -21.90 -2.63
N TYR U 124 11.11 -22.50 -1.59
CA TYR U 124 10.44 -22.62 -0.31
C TYR U 124 10.29 -21.26 0.36
N THR U 125 11.28 -20.38 0.18
CA THR U 125 11.12 -18.97 0.50
C THR U 125 10.02 -18.34 -0.35
N GLN U 126 9.93 -18.76 -1.61
CA GLN U 126 9.18 -18.04 -2.61
C GLN U 126 7.67 -18.26 -2.49
N ASN U 127 7.24 -19.52 -2.42
CA ASN U 127 5.83 -19.81 -2.18
C ASN U 127 5.48 -19.45 -0.75
N ALA U 128 4.37 -18.76 -0.57
CA ALA U 128 4.03 -18.23 0.75
C ALA U 128 3.30 -19.23 1.64
N GLU U 129 3.06 -20.44 1.17
CA GLU U 129 2.25 -21.39 1.92
C GLU U 129 3.03 -22.61 2.39
N MET U 130 4.35 -22.47 2.58
CA MET U 130 5.12 -23.56 3.16
C MET U 130 6.37 -23.01 3.85
N ARG U 131 6.96 -23.86 4.67
CA ARG U 131 8.03 -23.62 5.63
C ARG U 131 9.39 -23.71 4.94
N PRO U 132 10.34 -22.81 5.28
CA PRO U 132 11.58 -22.72 4.50
C PRO U 132 12.76 -23.59 4.94
N LEU U 133 12.55 -24.56 5.83
CA LEU U 133 13.55 -25.58 6.22
C LEU U 133 14.83 -24.97 6.79
N GLY U 134 14.70 -24.40 7.98
CA GLY U 134 15.85 -23.81 8.63
C GLY U 134 16.91 -24.81 9.06
N CYS U 135 18.00 -24.85 8.28
CA CYS U 135 19.17 -25.67 8.54
C CYS U 135 20.27 -25.19 7.61
N CYS U 136 21.51 -25.52 7.95
CA CYS U 136 22.64 -25.15 7.12
C CYS U 136 23.20 -26.37 6.41
N MET U 137 24.27 -26.14 5.64
CA MET U 137 24.76 -27.12 4.67
C MET U 137 26.17 -26.73 4.29
N ILE U 138 27.16 -27.55 4.60
CA ILE U 138 28.56 -27.27 4.30
C ILE U 138 29.13 -28.45 3.54
N LEU U 139 29.71 -28.20 2.37
CA LEU U 139 30.23 -29.25 1.52
C LEU U 139 31.73 -29.13 1.35
N ILE U 140 32.38 -30.29 1.21
CA ILE U 140 33.79 -30.35 0.83
C ILE U 140 33.95 -31.39 -0.27
N GLY U 141 35.05 -31.28 -1.00
CA GLY U 141 35.30 -32.15 -2.13
C GLY U 141 36.49 -31.69 -2.93
N ILE U 142 37.06 -32.63 -3.67
CA ILE U 142 38.22 -32.40 -4.50
C ILE U 142 37.75 -32.26 -5.93
N ASP U 143 38.15 -31.19 -6.60
CA ASP U 143 37.81 -30.98 -7.99
C ASP U 143 39.04 -31.25 -8.86
N GLU U 144 38.78 -31.68 -10.09
CA GLU U 144 39.85 -31.92 -11.05
C GLU U 144 40.42 -30.59 -11.51
N GLU U 145 41.75 -30.43 -11.36
CA GLU U 145 42.50 -29.24 -11.76
C GLU U 145 42.02 -27.97 -11.07
N GLN U 146 41.43 -28.11 -9.89
CA GLN U 146 41.01 -26.97 -9.09
C GLN U 146 41.35 -27.09 -7.61
N GLY U 147 41.73 -28.27 -7.13
CA GLY U 147 42.04 -28.44 -5.73
C GLY U 147 40.80 -28.66 -4.90
N PRO U 148 40.93 -28.57 -3.57
CA PRO U 148 39.78 -28.74 -2.70
C PRO U 148 38.89 -27.50 -2.70
N GLN U 149 37.64 -27.70 -2.30
CA GLN U 149 36.68 -26.61 -2.18
C GLN U 149 35.87 -26.73 -0.92
N VAL U 150 35.40 -25.59 -0.43
CA VAL U 150 34.48 -25.51 0.70
C VAL U 150 33.34 -24.58 0.29
N TYR U 151 32.10 -25.06 0.38
CA TYR U 151 30.94 -24.24 0.10
C TYR U 151 29.96 -24.32 1.24
N LYS U 152 29.06 -23.34 1.30
CA LYS U 152 28.05 -23.27 2.36
C LYS U 152 26.73 -22.85 1.74
N CYS U 153 25.68 -23.62 2.00
CA CYS U 153 24.34 -23.20 1.61
C CYS U 153 23.60 -22.65 2.82
N ASP U 154 22.56 -21.87 2.55
CA ASP U 154 21.79 -21.17 3.56
C ASP U 154 20.31 -21.36 3.32
N PRO U 155 19.47 -21.23 4.35
CA PRO U 155 18.02 -21.32 4.13
C PRO U 155 17.44 -20.15 3.34
N ALA U 156 18.18 -19.06 3.18
CA ALA U 156 17.77 -18.03 2.24
C ALA U 156 17.93 -18.50 0.81
N GLY U 157 18.94 -19.32 0.55
CA GLY U 157 19.13 -19.87 -0.78
C GLY U 157 20.28 -19.23 -1.53
N TYR U 158 21.40 -18.98 -0.86
CA TYR U 158 22.59 -18.49 -1.53
C TYR U 158 23.82 -19.21 -1.01
N TYR U 159 24.83 -19.28 -1.86
CA TYR U 159 26.07 -19.98 -1.61
C TYR U 159 27.22 -19.07 -2.01
N CYS U 160 28.41 -19.37 -1.49
CA CYS U 160 29.64 -18.79 -2.03
C CYS U 160 30.81 -19.69 -1.65
N GLY U 161 31.94 -19.45 -2.31
CA GLY U 161 33.15 -20.18 -2.00
C GLY U 161 33.81 -19.68 -0.74
N PHE U 162 34.69 -20.51 -0.18
CA PHE U 162 35.30 -20.19 1.09
C PHE U 162 36.73 -20.70 1.14
N LYS U 163 37.47 -20.18 2.11
CA LYS U 163 38.76 -20.72 2.51
C LYS U 163 38.67 -21.42 3.87
N ALA U 164 38.06 -20.77 4.86
CA ALA U 164 37.84 -21.39 6.16
C ALA U 164 36.71 -20.62 6.83
N THR U 165 35.57 -21.28 7.06
CA THR U 165 34.44 -20.63 7.71
C THR U 165 33.62 -21.64 8.48
N ALA U 166 33.43 -21.36 9.75
CA ALA U 166 32.64 -22.20 10.64
C ALA U 166 31.17 -21.81 10.57
N ALA U 167 30.32 -22.69 11.09
CA ALA U 167 28.90 -22.42 11.22
C ALA U 167 28.40 -23.04 12.51
N GLY U 168 27.10 -22.94 12.74
CA GLY U 168 26.50 -23.47 13.95
C GLY U 168 26.02 -22.37 14.86
N VAL U 169 26.48 -22.36 16.10
CA VAL U 169 26.09 -21.34 17.07
C VAL U 169 27.11 -20.22 17.12
N LYS U 170 28.39 -20.56 17.18
CA LYS U 170 29.45 -19.60 17.35
C LYS U 170 30.06 -19.29 15.98
N GLN U 171 29.57 -18.23 15.34
CA GLN U 171 30.20 -17.76 14.11
C GLN U 171 31.09 -16.55 14.34
N THR U 172 30.59 -15.55 15.07
CA THR U 172 31.32 -14.31 15.25
C THR U 172 32.57 -14.49 16.10
N GLU U 173 32.60 -15.52 16.95
CA GLU U 173 33.78 -15.81 17.71
C GLU U 173 34.73 -16.76 16.98
N SER U 174 34.18 -17.66 16.17
CA SER U 174 35.02 -18.62 15.49
C SER U 174 35.66 -18.04 14.24
N THR U 175 34.90 -17.26 13.45
CA THR U 175 35.46 -16.68 12.24
C THR U 175 36.44 -15.56 12.55
N SER U 176 36.23 -14.84 13.65
CA SER U 176 37.19 -13.81 14.05
C SER U 176 38.51 -14.43 14.49
N PHE U 177 38.48 -15.66 15.00
CA PHE U 177 39.72 -16.38 15.25
C PHE U 177 40.37 -16.81 13.93
N LEU U 178 39.55 -17.24 12.97
CA LEU U 178 40.08 -17.72 11.70
C LEU U 178 40.54 -16.60 10.79
N GLU U 179 40.08 -15.36 11.01
CA GLU U 179 40.59 -14.25 10.23
C GLU U 179 42.05 -13.97 10.57
N LYS U 180 42.37 -13.86 11.85
CA LYS U 180 43.75 -13.64 12.27
C LYS U 180 44.64 -14.84 11.98
N LYS U 181 44.06 -16.03 11.85
CA LYS U 181 44.84 -17.21 11.54
C LYS U 181 45.27 -17.25 10.07
N VAL U 182 44.41 -16.79 9.17
CA VAL U 182 44.67 -16.91 7.74
C VAL U 182 45.50 -15.75 7.21
N LYS U 183 45.16 -14.51 7.59
CA LYS U 183 45.79 -13.35 6.98
C LYS U 183 47.22 -13.11 7.45
N LYS U 184 47.73 -13.89 8.41
CA LYS U 184 49.13 -13.87 8.75
C LYS U 184 49.97 -14.81 7.89
N LYS U 185 49.33 -15.47 6.90
CA LYS U 185 49.98 -16.21 5.82
C LYS U 185 50.84 -17.36 6.33
N PHE U 186 50.19 -18.26 7.07
CA PHE U 186 50.88 -19.44 7.57
C PHE U 186 50.90 -20.54 6.51
N ASP U 187 51.64 -21.60 6.80
CA ASP U 187 51.64 -22.76 5.93
C ASP U 187 50.40 -23.61 6.19
N TRP U 188 50.05 -24.42 5.19
CA TRP U 188 48.85 -25.26 5.27
C TRP U 188 49.18 -26.54 4.51
N THR U 189 49.53 -27.61 5.21
CA THR U 189 49.83 -28.81 4.43
C THR U 189 48.86 -29.96 4.65
N PHE U 190 48.93 -30.64 5.80
CA PHE U 190 47.83 -31.50 6.21
C PHE U 190 47.52 -31.31 7.69
N GLU U 191 48.54 -31.47 8.53
CA GLU U 191 48.34 -31.50 9.96
C GLU U 191 48.29 -30.11 10.55
N GLN U 192 48.87 -29.14 9.86
CA GLN U 192 48.67 -27.75 10.24
C GLN U 192 47.21 -27.34 10.04
N THR U 193 46.56 -27.92 9.03
CA THR U 193 45.14 -27.63 8.83
C THR U 193 44.29 -28.31 9.89
N VAL U 194 44.64 -29.55 10.26
CA VAL U 194 43.86 -30.27 11.24
C VAL U 194 44.04 -29.68 12.64
N GLU U 195 45.28 -29.26 12.96
CA GLU U 195 45.55 -28.71 14.28
C GLU U 195 44.88 -27.36 14.49
N THR U 196 44.85 -26.53 13.44
CA THR U 196 44.12 -25.26 13.56
C THR U 196 42.62 -25.46 13.52
N ALA U 197 42.16 -26.58 12.96
CA ALA U 197 40.73 -26.87 12.99
C ALA U 197 40.26 -27.36 14.34
N ILE U 198 41.15 -27.98 15.12
CA ILE U 198 40.79 -28.39 16.48
C ILE U 198 40.86 -27.21 17.43
N THR U 199 41.97 -26.45 17.39
CA THR U 199 42.21 -25.40 18.36
C THR U 199 41.25 -24.22 18.19
N CYS U 200 40.73 -24.00 16.98
CA CYS U 200 39.75 -22.94 16.81
C CYS U 200 38.44 -23.30 17.50
N LEU U 201 38.05 -24.57 17.44
CA LEU U 201 36.90 -25.01 18.22
C LEU U 201 37.25 -25.11 19.69
N SER U 202 38.52 -25.37 20.01
CA SER U 202 38.91 -25.55 21.39
C SER U 202 39.16 -24.24 22.11
N THR U 203 39.33 -23.14 21.40
CA THR U 203 39.45 -21.85 22.06
C THR U 203 38.14 -21.08 22.13
N VAL U 204 37.25 -21.29 21.17
CA VAL U 204 35.94 -20.63 21.23
C VAL U 204 35.07 -21.28 22.30
N LEU U 205 34.94 -22.60 22.25
CA LEU U 205 34.13 -23.29 23.25
C LEU U 205 34.85 -23.38 24.58
N SER U 206 36.19 -23.43 24.54
CA SER U 206 37.07 -23.51 25.71
C SER U 206 36.76 -24.74 26.57
N ILE U 207 36.97 -25.91 25.96
CA ILE U 207 36.63 -27.18 26.57
C ILE U 207 37.87 -28.01 26.90
N ASP U 208 38.81 -28.12 25.95
CA ASP U 208 39.98 -29.00 26.01
C ASP U 208 39.55 -30.45 26.28
N PHE U 209 38.84 -30.99 25.30
CA PHE U 209 38.13 -32.25 25.43
C PHE U 209 39.08 -33.44 25.40
N LYS U 210 38.49 -34.64 25.43
CA LYS U 210 38.76 -36.06 25.29
C LYS U 210 38.35 -36.50 23.89
N PRO U 211 39.12 -37.34 23.20
CA PRO U 211 38.80 -37.66 21.80
C PRO U 211 37.59 -38.57 21.62
N SER U 212 36.40 -38.10 21.98
CA SER U 212 35.20 -38.87 21.74
C SER U 212 34.02 -38.06 21.26
N GLU U 213 34.07 -36.72 21.31
CA GLU U 213 32.95 -35.89 20.93
C GLU U 213 33.06 -35.31 19.53
N ILE U 214 34.25 -35.00 19.08
CA ILE U 214 34.40 -34.37 17.78
C ILE U 214 34.62 -35.45 16.74
N GLU U 215 34.27 -35.15 15.49
CA GLU U 215 34.49 -36.05 14.37
C GLU U 215 35.17 -35.29 13.25
N VAL U 216 36.14 -35.93 12.60
CA VAL U 216 36.91 -35.31 11.53
C VAL U 216 36.56 -36.00 10.22
N GLY U 217 36.21 -35.21 9.21
CA GLY U 217 35.76 -35.72 7.93
C GLY U 217 36.66 -35.35 6.78
N VAL U 218 37.98 -35.51 6.95
CA VAL U 218 38.93 -34.94 6.01
C VAL U 218 38.88 -35.69 4.67
N VAL U 219 39.19 -34.95 3.60
CA VAL U 219 39.35 -35.49 2.26
C VAL U 219 40.71 -35.01 1.75
N THR U 220 41.31 -35.78 0.85
CA THR U 220 42.69 -35.57 0.44
C THR U 220 42.73 -35.48 -1.10
N VAL U 221 43.71 -34.76 -1.62
CA VAL U 221 43.99 -34.83 -3.05
C VAL U 221 44.51 -36.22 -3.42
N GLU U 222 45.41 -36.77 -2.62
CA GLU U 222 45.93 -38.11 -2.88
C GLU U 222 44.89 -39.18 -2.61
N ASN U 223 43.95 -38.95 -1.69
CA ASN U 223 42.87 -39.88 -1.39
C ASN U 223 41.56 -39.12 -1.54
N PRO U 224 40.96 -39.09 -2.74
CA PRO U 224 39.77 -38.27 -2.96
C PRO U 224 38.50 -38.81 -2.31
N LYS U 225 38.53 -39.98 -1.71
CA LYS U 225 37.34 -40.52 -1.07
C LYS U 225 37.07 -39.77 0.23
N PHE U 226 35.79 -39.48 0.48
CA PHE U 226 35.40 -38.89 1.75
C PHE U 226 35.58 -39.90 2.86
N ARG U 227 36.28 -39.50 3.91
CA ARG U 227 36.74 -40.41 4.94
C ARG U 227 36.40 -39.86 6.32
N ILE U 228 35.76 -40.67 7.13
CA ILE U 228 35.49 -40.33 8.52
C ILE U 228 36.56 -40.97 9.38
N LEU U 229 37.15 -40.19 10.28
CA LEU U 229 38.28 -40.67 11.06
C LEU U 229 37.85 -41.58 12.19
N THR U 230 38.77 -42.45 12.60
CA THR U 230 38.56 -43.37 13.69
C THR U 230 38.87 -42.66 15.01
N GLU U 231 38.26 -43.15 16.10
CA GLU U 231 38.47 -42.56 17.42
C GLU U 231 39.93 -42.67 17.87
N ALA U 232 40.62 -43.72 17.45
CA ALA U 232 42.03 -43.89 17.83
C ALA U 232 42.92 -42.84 17.16
N GLU U 233 42.69 -42.56 15.88
CA GLU U 233 43.54 -41.63 15.16
C GLU U 233 43.15 -40.17 15.37
N ILE U 234 41.93 -39.91 15.84
CA ILE U 234 41.60 -38.57 16.33
C ILE U 234 42.43 -38.25 17.56
N ASP U 235 42.63 -39.25 18.42
CA ASP U 235 43.48 -39.09 19.60
C ASP U 235 44.94 -38.85 19.21
N ALA U 236 45.36 -39.39 18.05
CA ALA U 236 46.71 -39.17 17.57
C ALA U 236 46.93 -37.70 17.21
N HIS U 237 45.97 -37.09 16.51
CA HIS U 237 46.08 -35.68 16.18
C HIS U 237 45.90 -34.77 17.38
N LEU U 238 45.22 -35.24 18.43
CA LEU U 238 44.94 -34.36 19.55
C LEU U 238 46.13 -34.27 20.50
N VAL U 239 46.79 -35.40 20.76
CA VAL U 239 47.98 -35.38 21.63
C VAL U 239 49.21 -34.87 20.90
N ALA U 240 49.16 -34.76 19.58
CA ALA U 240 50.29 -34.21 18.84
C ALA U 240 50.37 -32.70 19.01
N LEU U 241 49.22 -32.03 19.07
CA LEU U 241 49.21 -30.60 19.31
C LEU U 241 49.30 -30.25 20.77
N ALA U 242 49.14 -31.22 21.66
CA ALA U 242 49.44 -31.03 23.08
C ALA U 242 50.94 -31.21 23.29
N GLU U 243 51.65 -30.10 23.43
CA GLU U 243 53.11 -30.17 23.60
C GLU U 243 53.45 -30.58 25.02
N GLU V 2 0.17 -28.59 -2.99
CA GLU V 2 -0.67 -27.52 -2.48
C GLU V 2 -2.14 -27.91 -2.45
N ARG V 3 -3.01 -26.93 -2.26
CA ARG V 3 -4.45 -27.15 -2.19
C ARG V 3 -5.20 -26.68 -3.43
N GLY V 4 -4.77 -25.58 -4.05
CA GLY V 4 -5.52 -24.98 -5.12
C GLY V 4 -6.04 -23.60 -4.74
N TYR V 5 -5.26 -22.87 -3.94
CA TYR V 5 -5.70 -21.58 -3.41
C TYR V 5 -5.66 -20.50 -4.49
N SER V 6 -4.46 -20.18 -4.99
CA SER V 6 -4.21 -19.29 -6.14
C SER V 6 -4.87 -17.91 -6.02
N PHE V 7 -4.97 -17.40 -4.79
CA PHE V 7 -5.59 -16.11 -4.57
C PHE V 7 -4.54 -15.02 -4.54
N SER V 8 -4.79 -13.94 -5.28
CA SER V 8 -3.81 -12.85 -5.42
C SER V 8 -3.69 -12.07 -4.12
N LEU V 9 -2.47 -11.94 -3.63
CA LEU V 9 -2.20 -11.22 -2.39
C LEU V 9 -1.74 -9.78 -2.62
N THR V 10 -1.76 -9.31 -3.88
CA THR V 10 -1.40 -7.94 -4.22
C THR V 10 -2.62 -7.28 -4.85
N THR V 11 -3.26 -6.39 -4.11
CA THR V 11 -4.48 -5.71 -4.56
C THR V 11 -4.26 -4.21 -4.60
N PHE V 12 -5.27 -3.51 -5.13
CA PHE V 12 -5.19 -2.06 -5.21
C PHE V 12 -5.47 -1.41 -3.85
N SER V 13 -4.68 -0.40 -3.53
CA SER V 13 -4.98 0.44 -2.39
C SER V 13 -6.21 1.29 -2.70
N PRO V 14 -6.91 1.78 -1.67
CA PRO V 14 -8.00 2.74 -1.92
C PRO V 14 -7.51 4.05 -2.50
N SER V 15 -6.25 4.43 -2.26
CA SER V 15 -5.66 5.55 -2.98
C SER V 15 -5.45 5.22 -4.45
N GLY V 16 -5.23 3.96 -4.77
CA GLY V 16 -5.10 3.54 -6.15
C GLY V 16 -3.69 3.18 -6.56
N LYS V 17 -2.93 2.57 -5.64
CA LYS V 17 -1.58 2.13 -5.93
C LYS V 17 -1.43 0.68 -5.50
N LEU V 18 -0.35 0.05 -5.97
CA LEU V 18 0.00 -1.31 -5.56
C LEU V 18 1.09 -1.23 -4.50
N VAL V 19 0.79 -1.75 -3.32
CA VAL V 19 1.63 -1.50 -2.16
C VAL V 19 2.85 -2.40 -2.17
N GLN V 20 2.67 -3.68 -2.49
CA GLN V 20 3.77 -4.64 -2.42
C GLN V 20 4.84 -4.40 -3.47
N ILE V 21 4.47 -3.86 -4.63
CA ILE V 21 5.46 -3.55 -5.64
C ILE V 21 6.29 -2.33 -5.22
N GLU V 22 5.66 -1.36 -4.53
CA GLU V 22 6.40 -0.24 -3.97
C GLU V 22 7.35 -0.70 -2.87
N TYR V 23 7.03 -1.78 -2.18
CA TYR V 23 7.93 -2.29 -1.16
C TYR V 23 9.06 -3.10 -1.78
N ALA V 24 8.81 -3.73 -2.93
CA ALA V 24 9.86 -4.46 -3.60
C ALA V 24 10.89 -3.51 -4.19
N LEU V 25 10.50 -2.29 -4.53
CA LEU V 25 11.46 -1.30 -4.99
C LEU V 25 12.32 -0.78 -3.83
N ALA V 26 11.82 -0.90 -2.60
CA ALA V 26 12.63 -0.52 -1.46
C ALA V 26 13.75 -1.52 -1.22
N ALA V 27 13.52 -2.79 -1.56
CA ALA V 27 14.58 -3.79 -1.42
C ALA V 27 15.63 -3.65 -2.51
N VAL V 28 15.26 -3.07 -3.65
CA VAL V 28 16.22 -2.85 -4.72
C VAL V 28 17.18 -1.72 -4.35
N ALA V 29 16.65 -0.66 -3.73
CA ALA V 29 17.48 0.49 -3.37
C ALA V 29 18.47 0.17 -2.26
N GLY V 30 18.22 -0.87 -1.47
CA GLY V 30 19.16 -1.28 -0.45
C GLY V 30 20.04 -2.44 -0.90
N GLY V 31 20.46 -2.41 -2.17
CA GLY V 31 21.31 -3.44 -2.72
C GLY V 31 22.68 -2.93 -3.09
N ALA V 32 23.38 -3.70 -3.91
CA ALA V 32 24.71 -3.25 -4.29
C ALA V 32 24.61 -2.24 -5.43
N PRO V 33 25.43 -1.19 -5.44
CA PRO V 33 25.34 -0.20 -6.50
C PRO V 33 25.89 -0.72 -7.82
N SER V 34 25.39 -0.15 -8.90
CA SER V 34 25.84 -0.53 -10.24
C SER V 34 25.72 0.67 -11.16
N VAL V 35 26.33 0.55 -12.34
CA VAL V 35 26.35 1.63 -13.32
C VAL V 35 26.51 1.03 -14.70
N GLY V 36 25.67 1.47 -15.63
CA GLY V 36 25.73 0.98 -17.00
C GLY V 36 25.71 2.12 -18.00
N ILE V 37 26.70 2.16 -18.88
CA ILE V 37 26.91 3.32 -19.77
C ILE V 37 27.00 2.83 -21.21
N LYS V 38 26.20 3.44 -22.08
CA LYS V 38 26.23 3.19 -23.51
C LYS V 38 27.04 4.28 -24.19
N ALA V 39 28.01 3.90 -25.01
CA ALA V 39 28.98 4.86 -25.53
C ALA V 39 29.28 4.64 -27.01
N ALA V 40 28.23 4.41 -27.80
CA ALA V 40 28.19 4.48 -29.27
C ALA V 40 29.03 3.42 -30.00
N ASN V 41 29.84 2.64 -29.29
CA ASN V 41 30.43 1.44 -29.88
C ASN V 41 30.34 0.22 -28.99
N GLY V 42 30.15 0.38 -27.68
CA GLY V 42 29.94 -0.73 -26.78
C GLY V 42 29.22 -0.24 -25.55
N VAL V 43 28.77 -1.18 -24.72
CA VAL V 43 28.11 -0.88 -23.47
C VAL V 43 28.96 -1.46 -22.34
N VAL V 44 29.10 -0.70 -21.27
CA VAL V 44 29.93 -1.10 -20.13
C VAL V 44 29.02 -1.30 -18.93
N LEU V 45 29.06 -2.50 -18.37
CA LEU V 45 28.38 -2.80 -17.11
C LEU V 45 29.44 -2.88 -16.02
N ALA V 46 29.22 -2.16 -14.93
CA ALA V 46 30.16 -2.13 -13.81
C ALA V 46 29.38 -2.25 -12.50
N THR V 47 29.65 -3.31 -11.76
CA THR V 47 29.02 -3.50 -10.46
C THR V 47 30.03 -3.22 -9.35
N GLU V 48 29.57 -3.37 -8.11
CA GLU V 48 30.39 -3.08 -6.94
C GLU V 48 30.29 -4.30 -6.02
N LYS V 49 31.29 -5.16 -6.05
CA LYS V 49 31.25 -6.47 -5.44
C LYS V 49 32.22 -6.54 -4.28
N LYS V 50 31.68 -6.62 -3.07
CA LYS V 50 32.50 -6.72 -1.86
C LYS V 50 32.25 -8.04 -1.16
N GLN V 51 33.11 -8.31 -0.19
CA GLN V 51 32.97 -9.47 0.67
C GLN V 51 32.91 -9.00 2.11
N LYS V 52 32.12 -9.70 2.93
CA LYS V 52 31.98 -9.31 4.32
C LYS V 52 33.23 -9.59 5.13
N SER V 53 34.07 -10.53 4.70
CA SER V 53 35.30 -10.88 5.39
C SER V 53 36.36 -11.21 4.35
N ILE V 54 37.55 -11.57 4.83
CA ILE V 54 38.65 -11.95 3.95
C ILE V 54 38.64 -13.45 3.77
N LEU V 55 37.57 -14.11 4.21
CA LEU V 55 37.46 -15.56 4.15
C LEU V 55 36.74 -16.05 2.91
N TYR V 56 36.11 -15.17 2.15
CA TYR V 56 35.33 -15.62 1.02
C TYR V 56 36.23 -15.90 -0.18
N ASP V 57 35.65 -16.41 -1.25
CA ASP V 57 36.38 -16.68 -2.48
C ASP V 57 35.70 -15.94 -3.61
N GLU V 58 36.39 -14.94 -4.16
CA GLU V 58 35.81 -14.07 -5.17
C GLU V 58 35.71 -14.71 -6.54
N ARG V 59 36.35 -15.85 -6.75
CA ARG V 59 36.28 -16.55 -8.02
C ARG V 59 35.14 -17.57 -8.06
N SER V 60 34.14 -17.43 -7.21
CA SER V 60 33.05 -18.39 -7.12
C SER V 60 31.72 -17.83 -7.56
N VAL V 61 31.27 -16.73 -6.96
CA VAL V 61 30.00 -16.11 -7.31
C VAL V 61 30.26 -14.93 -8.23
N HIS V 62 29.55 -14.90 -9.36
CA HIS V 62 29.80 -13.94 -10.42
C HIS V 62 28.61 -13.00 -10.56
N LYS V 63 28.90 -11.75 -10.88
CA LYS V 63 27.86 -10.73 -11.07
C LYS V 63 27.55 -10.48 -12.53
N VAL V 64 28.55 -10.05 -13.31
CA VAL V 64 28.34 -9.78 -14.72
C VAL V 64 28.22 -11.12 -15.43
N GLU V 65 27.01 -11.41 -15.92
CA GLU V 65 26.69 -12.74 -16.37
C GLU V 65 26.31 -12.72 -17.84
N PRO V 66 26.82 -13.64 -18.66
CA PRO V 66 26.38 -13.72 -20.05
C PRO V 66 25.05 -14.43 -20.17
N ILE V 67 24.38 -14.17 -21.29
CA ILE V 67 23.10 -14.80 -21.61
C ILE V 67 23.23 -15.76 -22.78
N THR V 68 23.60 -15.27 -23.96
CA THR V 68 23.83 -16.16 -25.08
C THR V 68 25.26 -16.11 -25.61
N LYS V 69 25.65 -15.04 -26.29
CA LYS V 69 27.04 -14.85 -26.66
C LYS V 69 27.38 -13.37 -26.67
N HIS V 70 26.34 -12.54 -26.70
CA HIS V 70 26.52 -11.11 -26.92
C HIS V 70 25.59 -10.29 -26.05
N ILE V 71 25.00 -10.89 -25.02
CA ILE V 71 24.00 -10.25 -24.19
C ILE V 71 24.46 -10.40 -22.75
N GLY V 72 24.86 -9.29 -22.13
CA GLY V 72 25.23 -9.30 -20.74
C GLY V 72 24.10 -8.83 -19.84
N LEU V 73 24.26 -9.09 -18.55
CA LEU V 73 23.16 -8.86 -17.62
C LEU V 73 23.71 -8.78 -16.20
N VAL V 74 23.36 -7.71 -15.49
CA VAL V 74 23.73 -7.53 -14.09
C VAL V 74 22.49 -7.20 -13.29
N TYR V 75 22.66 -6.94 -11.99
CA TYR V 75 21.54 -6.65 -11.13
C TYR V 75 21.98 -5.71 -10.02
N SER V 76 21.00 -5.21 -9.28
CA SER V 76 21.27 -4.41 -8.11
C SER V 76 20.32 -4.72 -6.96
N GLY V 77 19.49 -5.74 -7.07
CA GLY V 77 18.53 -6.03 -6.03
C GLY V 77 19.07 -7.00 -5.00
N MET V 78 18.47 -8.19 -4.90
CA MET V 78 18.95 -9.19 -3.96
C MET V 78 19.59 -10.36 -4.70
N GLY V 79 20.18 -11.24 -3.91
CA GLY V 79 21.03 -12.30 -4.41
C GLY V 79 20.34 -13.53 -4.94
N PRO V 80 19.59 -14.26 -4.09
CA PRO V 80 19.02 -15.53 -4.56
C PRO V 80 17.93 -15.39 -5.60
N ASP V 81 17.20 -14.27 -5.64
CA ASP V 81 16.20 -14.10 -6.70
C ASP V 81 16.82 -13.81 -8.05
N TYR V 82 18.10 -13.44 -8.08
CA TYR V 82 18.78 -13.15 -9.34
C TYR V 82 19.02 -14.41 -10.15
N ARG V 83 19.40 -15.49 -9.50
CA ARG V 83 19.77 -16.71 -10.20
C ARG V 83 18.57 -17.43 -10.81
N VAL V 84 17.36 -17.10 -10.38
CA VAL V 84 16.17 -17.73 -10.96
C VAL V 84 15.92 -17.18 -12.36
N LEU V 85 15.76 -15.86 -12.46
CA LEU V 85 15.43 -15.27 -13.74
C LEU V 85 16.63 -15.16 -14.68
N VAL V 86 17.83 -15.47 -14.22
CA VAL V 86 18.93 -15.70 -15.15
C VAL V 86 18.75 -17.04 -15.85
N HIS V 87 18.54 -18.11 -15.07
CA HIS V 87 18.29 -19.42 -15.63
C HIS V 87 17.01 -19.46 -16.46
N ARG V 88 16.04 -18.65 -16.09
CA ARG V 88 14.85 -18.48 -16.93
C ARG V 88 15.19 -17.81 -18.25
N ALA V 89 16.06 -16.81 -18.23
CA ALA V 89 16.40 -16.10 -19.45
C ALA V 89 17.37 -16.88 -20.32
N ARG V 90 18.18 -17.77 -19.71
CA ARG V 90 19.02 -18.67 -20.48
C ARG V 90 18.19 -19.61 -21.34
N LYS V 91 17.20 -20.28 -20.72
CA LYS V 91 16.35 -21.21 -21.44
C LYS V 91 15.45 -20.49 -22.44
N LEU V 92 15.01 -19.28 -22.11
CA LEU V 92 14.09 -18.55 -22.98
C LEU V 92 14.77 -18.06 -24.24
N ALA V 93 16.08 -17.81 -24.20
CA ALA V 93 16.82 -17.44 -25.40
C ALA V 93 17.11 -18.62 -26.31
N GLN V 94 16.84 -19.85 -25.86
CA GLN V 94 17.12 -21.01 -26.70
C GLN V 94 15.91 -21.36 -27.57
N GLN V 95 14.69 -21.14 -27.07
CA GLN V 95 13.53 -21.35 -27.92
C GLN V 95 13.43 -20.32 -29.03
N TYR V 96 14.10 -19.17 -28.90
CA TYR V 96 14.21 -18.28 -30.05
C TYR V 96 15.14 -18.89 -31.09
N TYR V 97 16.21 -19.55 -30.63
CA TYR V 97 17.21 -20.07 -31.54
C TYR V 97 16.81 -21.40 -32.16
N LEU V 98 15.99 -22.20 -31.47
CA LEU V 98 15.55 -23.45 -32.08
C LEU V 98 14.47 -23.22 -33.12
N VAL V 99 13.81 -22.09 -33.09
CA VAL V 99 12.76 -21.78 -34.06
C VAL V 99 13.32 -20.95 -35.21
N TYR V 100 14.02 -19.88 -34.90
CA TYR V 100 14.42 -18.90 -35.90
C TYR V 100 15.84 -19.09 -36.41
N GLN V 101 16.65 -19.91 -35.72
CA GLN V 101 18.04 -20.24 -36.11
C GLN V 101 18.90 -18.99 -36.22
N GLU V 102 18.71 -18.06 -35.28
CA GLU V 102 19.30 -16.74 -35.39
C GLU V 102 19.39 -16.19 -33.97
N PRO V 103 20.45 -15.48 -33.61
CA PRO V 103 20.58 -15.01 -32.22
C PRO V 103 19.53 -13.94 -31.90
N ILE V 104 19.01 -14.01 -30.68
CA ILE V 104 17.85 -13.20 -30.30
C ILE V 104 18.27 -11.74 -30.15
N PRO V 105 17.48 -10.80 -30.64
CA PRO V 105 17.80 -9.38 -30.40
C PRO V 105 17.62 -9.03 -28.94
N THR V 106 18.38 -8.03 -28.48
CA THR V 106 18.35 -7.66 -27.08
C THR V 106 17.03 -6.99 -26.72
N ALA V 107 16.35 -6.39 -27.69
CA ALA V 107 15.02 -5.87 -27.45
C ALA V 107 14.01 -6.97 -27.26
N GLN V 108 14.31 -8.17 -27.75
CA GLN V 108 13.31 -9.24 -27.73
C GLN V 108 13.32 -10.00 -26.41
N LEU V 109 14.47 -10.13 -25.75
CA LEU V 109 14.51 -10.75 -24.42
C LEU V 109 13.74 -9.93 -23.40
N VAL V 110 13.91 -8.61 -23.43
CA VAL V 110 13.36 -7.77 -22.37
C VAL V 110 11.84 -7.69 -22.50
N GLN V 111 11.31 -7.87 -23.71
CA GLN V 111 9.87 -8.05 -23.84
C GLN V 111 9.41 -9.34 -23.21
N ARG V 112 10.27 -10.36 -23.20
CA ARG V 112 9.88 -11.68 -22.74
C ARG V 112 10.24 -11.93 -21.28
N VAL V 113 11.39 -11.42 -20.81
CA VAL V 113 11.75 -11.54 -19.40
C VAL V 113 10.77 -10.75 -18.53
N ALA V 114 10.41 -9.55 -18.98
CA ALA V 114 9.46 -8.74 -18.21
C ALA V 114 8.05 -9.30 -18.28
N SER V 115 7.70 -10.01 -19.37
CA SER V 115 6.37 -10.59 -19.43
C SER V 115 6.25 -11.81 -18.52
N VAL V 116 7.37 -12.51 -18.30
CA VAL V 116 7.44 -13.47 -17.20
C VAL V 116 7.22 -12.76 -15.87
N MET V 117 7.81 -11.59 -15.72
CA MET V 117 7.92 -10.93 -14.43
C MET V 117 6.64 -10.17 -14.07
N GLN V 118 5.93 -9.62 -15.06
CA GLN V 118 4.63 -9.00 -14.78
C GLN V 118 3.59 -10.02 -14.37
N GLU V 119 3.43 -11.07 -15.17
CA GLU V 119 2.51 -12.16 -14.87
C GLU V 119 2.84 -12.85 -13.55
N TYR V 120 4.09 -12.75 -13.12
CA TYR V 120 4.51 -13.32 -11.85
C TYR V 120 3.91 -12.56 -10.67
N THR V 121 3.69 -11.26 -10.83
CA THR V 121 3.15 -10.45 -9.74
C THR V 121 1.64 -10.58 -9.63
N GLN V 122 0.94 -10.73 -10.76
CA GLN V 122 -0.51 -10.78 -10.73
C GLN V 122 -1.00 -12.12 -10.19
N SER V 123 -0.21 -13.17 -10.37
CA SER V 123 -0.57 -14.50 -9.89
C SER V 123 -0.57 -14.53 -8.37
N GLY V 124 -1.24 -15.55 -7.83
CA GLY V 124 -1.48 -15.61 -6.41
C GLY V 124 -0.55 -16.54 -5.66
N GLY V 125 -0.36 -16.22 -4.38
CA GLY V 125 0.43 -17.04 -3.49
C GLY V 125 1.91 -16.76 -3.49
N VAL V 126 2.38 -15.83 -4.31
CA VAL V 126 3.80 -15.53 -4.44
C VAL V 126 4.02 -14.06 -4.11
N ARG V 127 5.28 -13.70 -3.94
CA ARG V 127 5.70 -12.32 -3.84
C ARG V 127 6.36 -11.91 -5.15
N PRO V 128 6.45 -10.61 -5.45
CA PRO V 128 7.24 -10.19 -6.61
C PRO V 128 8.73 -10.42 -6.37
N PHE V 129 9.49 -10.31 -7.45
CA PHE V 129 10.94 -10.35 -7.33
C PHE V 129 11.45 -9.10 -6.63
N GLY V 130 12.68 -9.17 -6.16
CA GLY V 130 13.30 -8.02 -5.55
C GLY V 130 14.58 -7.66 -6.26
N VAL V 131 14.56 -7.75 -7.60
CA VAL V 131 15.75 -7.60 -8.43
C VAL V 131 15.40 -6.69 -9.60
N SER V 132 16.18 -5.64 -9.79
CA SER V 132 16.16 -4.86 -11.03
C SER V 132 17.36 -5.25 -11.86
N LEU V 133 17.23 -5.16 -13.17
CA LEU V 133 18.25 -5.65 -14.09
C LEU V 133 18.79 -4.53 -14.96
N LEU V 134 19.95 -4.80 -15.57
CA LEU V 134 20.51 -3.96 -16.63
C LEU V 134 20.97 -4.90 -17.73
N ILE V 135 20.20 -4.96 -18.78
CA ILE V 135 20.44 -5.87 -19.89
C ILE V 135 21.02 -5.07 -21.04
N CYS V 136 22.08 -5.58 -21.65
CA CYS V 136 22.74 -4.88 -22.73
C CYS V 136 23.20 -5.86 -23.78
N GLY V 137 23.64 -5.33 -24.90
CA GLY V 137 24.11 -6.15 -26.01
C GLY V 137 24.14 -5.35 -27.30
N TRP V 138 25.08 -5.71 -28.16
CA TRP V 138 25.27 -5.04 -29.45
C TRP V 138 24.71 -5.94 -30.54
N ASN V 139 23.49 -5.65 -30.98
CA ASN V 139 22.85 -6.38 -32.06
C ASN V 139 22.52 -5.41 -33.18
N GLU V 140 22.79 -5.83 -34.42
CA GLU V 140 22.56 -5.07 -35.65
C GLU V 140 23.30 -3.73 -35.63
N GLY V 141 24.56 -3.76 -35.21
CA GLY V 141 25.38 -2.56 -35.23
C GLY V 141 25.20 -1.70 -33.98
N ARG V 142 24.02 -1.13 -33.81
CA ARG V 142 23.77 -0.23 -32.70
C ARG V 142 23.63 -1.02 -31.41
N PRO V 143 24.36 -0.65 -30.36
CA PRO V 143 24.23 -1.37 -29.08
C PRO V 143 22.97 -0.93 -28.36
N TYR V 144 22.65 -1.66 -27.30
CA TYR V 144 21.44 -1.40 -26.54
C TYR V 144 21.74 -1.49 -25.05
N LEU V 145 20.91 -0.82 -24.25
CA LEU V 145 21.03 -0.86 -22.80
C LEU V 145 19.66 -0.63 -22.20
N PHE V 146 19.13 -1.67 -21.57
CA PHE V 146 17.78 -1.65 -21.03
C PHE V 146 17.81 -1.88 -19.53
N GLN V 147 16.70 -1.55 -18.88
CA GLN V 147 16.54 -1.74 -17.44
C GLN V 147 15.13 -2.26 -17.15
N SER V 148 15.04 -3.32 -16.34
CA SER V 148 13.76 -3.81 -15.87
C SER V 148 13.57 -3.42 -14.40
N ASP V 149 12.47 -3.87 -13.81
CA ASP V 149 12.14 -3.57 -12.42
C ASP V 149 11.20 -4.65 -11.92
N PRO V 150 10.99 -4.75 -10.59
CA PRO V 150 10.03 -5.74 -10.08
C PRO V 150 8.58 -5.55 -10.52
N SER V 151 8.18 -4.37 -11.01
CA SER V 151 6.85 -4.23 -11.59
C SER V 151 6.77 -4.88 -12.95
N GLY V 152 7.91 -5.13 -13.59
CA GLY V 152 7.96 -5.69 -14.91
C GLY V 152 7.95 -4.68 -16.04
N ALA V 153 8.29 -3.43 -15.77
CA ALA V 153 8.39 -2.43 -16.81
C ALA V 153 9.79 -2.44 -17.40
N TYR V 154 9.93 -1.85 -18.59
CA TYR V 154 11.22 -1.82 -19.26
C TYR V 154 11.48 -0.43 -19.80
N PHE V 155 12.74 -0.02 -19.79
CA PHE V 155 13.11 1.30 -20.23
C PHE V 155 14.36 1.20 -21.10
N ALA V 156 14.76 2.31 -21.68
CA ALA V 156 15.93 2.37 -22.54
C ALA V 156 16.77 3.57 -22.07
N TRP V 157 17.89 3.28 -21.42
CA TRP V 157 18.74 4.33 -20.87
C TRP V 157 19.93 4.59 -21.79
N LYS V 158 20.65 5.65 -21.47
CA LYS V 158 21.99 5.90 -22.00
C LYS V 158 23.05 5.68 -20.93
N ALA V 159 22.80 6.18 -19.73
CA ALA V 159 23.72 6.01 -18.60
C ALA V 159 22.89 6.10 -17.33
N THR V 160 22.64 4.97 -16.69
CA THR V 160 21.85 4.94 -15.47
C THR V 160 22.64 4.27 -14.36
N ALA V 161 22.08 4.31 -13.16
CA ALA V 161 22.69 3.69 -12.01
C ALA V 161 21.61 3.23 -11.04
N MET V 162 21.83 2.07 -10.44
CA MET V 162 20.88 1.49 -9.50
C MET V 162 21.61 1.16 -8.21
N GLY V 163 20.90 0.57 -7.26
CA GLY V 163 21.51 0.23 -6.00
C GLY V 163 21.49 1.38 -5.02
N LYS V 164 22.43 1.36 -4.08
CA LYS V 164 22.51 2.41 -3.08
C LYS V 164 23.14 3.66 -3.67
N ASN V 165 22.63 4.82 -3.22
CA ASN V 165 23.11 6.16 -3.62
C ASN V 165 23.04 6.36 -5.13
N TYR V 166 21.93 5.89 -5.71
CA TYR V 166 21.78 5.99 -7.16
C TYR V 166 21.50 7.42 -7.59
N VAL V 167 20.90 8.23 -6.72
CA VAL V 167 20.64 9.63 -7.07
C VAL V 167 21.93 10.42 -7.11
N ASN V 168 22.94 10.01 -6.35
CA ASN V 168 24.24 10.66 -6.44
C ASN V 168 24.93 10.28 -7.74
N GLY V 169 24.82 9.01 -8.14
CA GLY V 169 25.36 8.60 -9.42
C GLY V 169 24.55 9.10 -10.59
N LYS V 170 23.28 9.40 -10.37
CA LYS V 170 22.45 9.88 -11.47
C LYS V 170 22.82 11.31 -11.84
N THR V 171 23.11 12.14 -10.84
CA THR V 171 23.55 13.50 -11.12
C THR V 171 24.98 13.54 -11.62
N PHE V 172 25.80 12.55 -11.24
CA PHE V 172 27.18 12.53 -11.71
C PHE V 172 27.25 12.13 -13.18
N LEU V 173 26.51 11.08 -13.56
CA LEU V 173 26.48 10.67 -14.96
C LEU V 173 25.76 11.67 -15.84
N GLU V 174 24.86 12.48 -15.27
CA GLU V 174 24.21 13.51 -16.07
C GLU V 174 25.18 14.62 -16.43
N LYS V 175 26.19 14.85 -15.59
CA LYS V 175 27.20 15.84 -15.89
C LYS V 175 28.40 15.25 -16.62
N ARG V 176 28.82 14.03 -16.28
CA ARG V 176 30.04 13.49 -16.84
C ARG V 176 29.83 12.93 -18.25
N TYR V 177 28.77 12.14 -18.43
CA TYR V 177 28.54 11.48 -19.72
C TYR V 177 27.99 12.47 -20.72
N ASN V 178 28.67 12.60 -21.86
CA ASN V 178 28.22 13.41 -22.97
C ASN V 178 27.34 12.56 -23.89
N GLU V 179 27.10 13.03 -25.11
CA GLU V 179 26.30 12.27 -26.07
C GLU V 179 27.03 11.00 -26.51
N ASP V 180 28.34 11.08 -26.70
CA ASP V 180 29.06 9.93 -27.23
C ASP V 180 30.50 9.91 -26.74
N LEU V 181 31.02 8.71 -26.56
CA LEU V 181 32.39 8.45 -26.13
C LEU V 181 32.91 7.25 -26.92
N GLU V 182 34.00 6.68 -26.43
CA GLU V 182 34.42 5.36 -26.86
C GLU V 182 34.18 4.37 -25.73
N LEU V 183 34.54 3.11 -25.97
CA LEU V 183 34.41 2.11 -24.92
C LEU V 183 35.41 2.36 -23.79
N GLU V 184 36.62 2.78 -24.15
CA GLU V 184 37.65 3.02 -23.13
C GLU V 184 37.38 4.29 -22.33
N ASP V 185 36.72 5.27 -22.94
CA ASP V 185 36.28 6.42 -22.16
C ASP V 185 35.11 6.05 -21.26
N ALA V 186 34.32 5.05 -21.66
CA ALA V 186 33.17 4.64 -20.86
C ALA V 186 33.59 3.84 -19.64
N ILE V 187 34.62 3.01 -19.78
CA ILE V 187 35.13 2.24 -18.65
C ILE V 187 35.75 3.18 -17.62
N HIS V 188 36.42 4.22 -18.09
CA HIS V 188 37.07 5.17 -17.20
C HIS V 188 36.05 5.96 -16.39
N THR V 189 34.91 6.30 -17.00
CA THR V 189 33.91 7.05 -16.27
C THR V 189 32.93 6.15 -15.52
N ALA V 190 32.87 4.85 -15.85
CA ALA V 190 32.08 3.94 -15.03
C ALA V 190 32.78 3.64 -13.71
N ILE V 191 34.10 3.55 -13.72
CA ILE V 191 34.84 3.41 -12.48
C ILE V 191 34.85 4.74 -11.72
N LEU V 192 34.81 5.85 -12.44
CA LEU V 192 34.80 7.17 -11.81
C LEU V 192 33.45 7.49 -11.19
N THR V 193 32.43 6.67 -11.43
CA THR V 193 31.17 6.76 -10.70
C THR V 193 30.88 5.53 -9.85
N LEU V 194 31.68 4.48 -9.97
CA LEU V 194 31.43 3.27 -9.20
C LEU V 194 31.75 3.49 -7.72
N LYS V 195 32.89 4.11 -7.43
CA LYS V 195 33.23 4.39 -6.04
C LYS V 195 32.77 5.76 -5.60
N GLU V 196 31.51 6.09 -5.89
CA GLU V 196 30.88 7.22 -5.23
C GLU V 196 30.61 6.90 -3.77
N SER V 197 30.24 5.65 -3.49
CA SER V 197 29.97 5.22 -2.12
C SER V 197 30.62 3.88 -1.81
N PHE V 198 31.70 3.55 -2.50
CA PHE V 198 32.45 2.35 -2.17
C PHE V 198 33.44 2.64 -1.06
N GLU V 199 34.21 1.63 -0.67
CA GLU V 199 35.23 1.79 0.34
C GLU V 199 36.47 2.42 -0.28
N GLY V 200 37.53 2.54 0.51
CA GLY V 200 38.75 3.17 0.06
C GLY V 200 39.53 2.34 -0.95
N GLN V 201 39.66 1.05 -0.67
CA GLN V 201 40.43 0.17 -1.53
C GLN V 201 39.58 -0.29 -2.72
N MET V 202 40.08 -0.08 -3.92
CA MET V 202 39.48 -0.64 -5.14
C MET V 202 40.52 -1.54 -5.77
N THR V 203 40.51 -2.80 -5.39
CA THR V 203 41.41 -3.77 -5.96
C THR V 203 40.76 -4.41 -7.17
N GLU V 204 41.34 -5.51 -7.66
CA GLU V 204 40.73 -6.26 -8.74
C GLU V 204 39.53 -7.06 -8.26
N ASP V 205 39.34 -7.21 -6.94
CA ASP V 205 38.25 -7.99 -6.38
C ASP V 205 37.11 -7.14 -5.83
N ASN V 206 37.30 -5.83 -5.74
CA ASN V 206 36.25 -4.95 -5.24
C ASN V 206 35.24 -4.57 -6.32
N ILE V 207 35.62 -4.64 -7.59
CA ILE V 207 34.74 -4.34 -8.71
C ILE V 207 34.86 -5.45 -9.72
N GLU V 208 33.90 -5.50 -10.64
CA GLU V 208 33.92 -6.53 -11.68
C GLU V 208 33.11 -6.03 -12.87
N VAL V 209 33.79 -5.81 -13.99
CA VAL V 209 33.28 -5.03 -15.12
C VAL V 209 33.19 -5.94 -16.34
N GLY V 210 32.06 -5.87 -17.05
CA GLY V 210 31.90 -6.61 -18.30
C GLY V 210 31.44 -5.71 -19.44
N ILE V 211 31.98 -5.92 -20.63
CA ILE V 211 31.67 -5.07 -21.78
C ILE V 211 31.00 -5.88 -22.87
N CYS V 212 30.36 -5.18 -23.80
CA CYS V 212 29.77 -5.78 -24.99
C CYS V 212 30.32 -5.07 -26.21
N ASN V 213 31.34 -5.65 -26.83
CA ASN V 213 31.82 -5.14 -28.10
C ASN V 213 30.87 -5.56 -29.21
N GLU V 214 31.17 -5.10 -30.43
CA GLU V 214 30.48 -5.65 -31.58
C GLU V 214 31.01 -7.04 -31.92
N ALA V 215 32.18 -7.40 -31.41
CA ALA V 215 32.66 -8.76 -31.51
C ALA V 215 31.89 -9.69 -30.58
N GLY V 216 31.33 -9.17 -29.50
CA GLY V 216 30.49 -9.96 -28.64
C GLY V 216 30.62 -9.53 -27.20
N PHE V 217 29.88 -10.23 -26.34
CA PHE V 217 30.01 -10.02 -24.90
C PHE V 217 31.37 -10.51 -24.43
N ARG V 218 32.03 -9.69 -23.62
CA ARG V 218 33.35 -10.03 -23.12
C ARG V 218 33.43 -9.59 -21.67
N ARG V 219 33.56 -10.54 -20.78
CA ARG V 219 33.74 -10.24 -19.37
C ARG V 219 35.23 -10.07 -19.07
N LEU V 220 35.57 -8.97 -18.40
CA LEU V 220 36.97 -8.66 -18.14
C LEU V 220 37.49 -9.47 -16.96
N THR V 221 38.63 -10.13 -17.16
CA THR V 221 39.30 -10.84 -16.08
C THR V 221 39.90 -9.82 -15.10
N PRO V 222 40.15 -10.23 -13.85
CA PRO V 222 40.72 -9.28 -12.87
C PRO V 222 42.12 -8.78 -13.19
N THR V 223 42.82 -9.38 -14.13
CA THR V 223 44.11 -8.85 -14.56
C THR V 223 43.94 -7.49 -15.24
N GLU V 224 43.06 -7.42 -16.24
CA GLU V 224 42.82 -6.16 -16.92
C GLU V 224 42.09 -5.15 -16.06
N VAL V 225 41.28 -5.61 -15.10
CA VAL V 225 40.66 -4.68 -14.17
C VAL V 225 41.70 -4.04 -13.26
N LYS V 226 42.67 -4.84 -12.80
CA LYS V 226 43.75 -4.29 -11.99
C LYS V 226 44.71 -3.46 -12.82
N ASP V 227 44.83 -3.76 -14.10
CA ASP V 227 45.69 -2.97 -14.98
C ASP V 227 45.04 -1.69 -15.44
N TYR V 228 43.71 -1.62 -15.43
CA TYR V 228 43.04 -0.39 -15.80
C TYR V 228 42.73 0.49 -14.61
N LEU V 229 42.61 -0.08 -13.41
CA LEU V 229 42.32 0.69 -12.20
C LEU V 229 43.45 1.62 -11.78
N ALA V 230 44.65 1.44 -12.34
CA ALA V 230 45.71 2.42 -12.14
C ALA V 230 45.35 3.70 -12.89
N ALA V 231 45.53 4.84 -12.20
CA ALA V 231 45.19 6.18 -12.69
C ALA V 231 43.71 6.27 -13.08
N ILE V 232 42.86 5.62 -12.28
CA ILE V 232 41.43 5.68 -12.53
C ILE V 232 40.84 6.91 -11.85
N ALA V 233 39.81 7.47 -12.48
CA ALA V 233 39.10 8.68 -12.06
C ALA V 233 40.02 9.88 -11.85
N SER W 1 -4.09 -19.49 5.88
CA SER W 1 -4.86 -20.47 5.12
C SER W 1 -6.05 -19.80 4.44
N ARG W 2 -6.95 -19.26 5.26
CA ARG W 2 -8.09 -18.49 4.77
C ARG W 2 -8.10 -17.06 5.27
N ARG W 3 -7.29 -16.72 6.27
CA ARG W 3 -7.25 -15.36 6.78
C ARG W 3 -6.32 -14.46 5.98
N TYR W 4 -5.70 -14.97 4.92
CA TYR W 4 -4.86 -14.17 4.05
C TYR W 4 -5.57 -13.76 2.76
N ASP W 5 -6.80 -14.20 2.56
CA ASP W 5 -7.53 -13.90 1.34
C ASP W 5 -8.01 -12.46 1.34
N SER W 6 -7.89 -11.81 0.19
CA SER W 6 -8.14 -10.38 0.10
C SER W 6 -9.57 -10.02 -0.28
N ARG W 7 -10.33 -10.97 -0.83
CA ARG W 7 -11.76 -10.84 -1.15
C ARG W 7 -12.02 -9.70 -2.13
N THR W 8 -11.50 -9.86 -3.35
CA THR W 8 -11.70 -8.90 -4.44
C THR W 8 -12.95 -9.19 -5.25
N THR W 9 -13.92 -9.87 -4.66
CA THR W 9 -15.09 -10.43 -5.32
C THR W 9 -16.39 -9.98 -4.69
N ILE W 10 -16.40 -9.85 -3.37
CA ILE W 10 -17.62 -9.52 -2.63
C ILE W 10 -18.05 -8.09 -2.92
N PHE W 11 -19.35 -7.91 -3.10
CA PHE W 11 -19.95 -6.58 -3.24
C PHE W 11 -19.73 -5.74 -1.98
N SER W 12 -19.80 -4.43 -2.15
CA SER W 12 -19.82 -3.55 -1.01
C SER W 12 -21.15 -3.71 -0.27
N PRO W 13 -21.16 -3.54 1.06
CA PRO W 13 -22.44 -3.53 1.79
C PRO W 13 -23.32 -2.35 1.42
N GLU W 14 -22.75 -1.28 0.86
CA GLU W 14 -23.54 -0.25 0.21
C GLU W 14 -24.33 -0.81 -0.97
N GLY W 15 -23.75 -1.77 -1.69
CA GLY W 15 -24.43 -2.38 -2.81
C GLY W 15 -23.80 -2.00 -4.14
N ARG W 16 -22.49 -1.85 -4.16
CA ARG W 16 -21.77 -1.50 -5.37
C ARG W 16 -20.42 -2.19 -5.34
N LEU W 17 -19.52 -1.79 -6.24
CA LEU W 17 -18.21 -2.42 -6.28
C LEU W 17 -17.26 -1.74 -5.29
N TYR W 18 -16.21 -2.46 -4.97
CA TYR W 18 -15.26 -2.05 -3.96
C TYR W 18 -13.82 -2.07 -4.46
N GLN W 19 -13.50 -2.98 -5.38
CA GLN W 19 -12.14 -3.11 -5.90
C GLN W 19 -11.97 -2.44 -7.25
N VAL W 20 -12.97 -2.53 -8.12
CA VAL W 20 -12.89 -1.91 -9.44
C VAL W 20 -12.97 -0.40 -9.32
N GLU W 21 -13.69 0.10 -8.31
CA GLU W 21 -13.82 1.53 -8.08
C GLU W 21 -12.48 2.17 -7.73
N TYR W 22 -11.59 1.42 -7.08
CA TYR W 22 -10.28 1.96 -6.74
C TYR W 22 -9.44 2.17 -7.99
N ALA W 23 -9.51 1.25 -8.94
CA ALA W 23 -8.72 1.38 -10.16
C ALA W 23 -9.30 2.45 -11.08
N MET W 24 -10.63 2.54 -11.16
CA MET W 24 -11.25 3.55 -12.01
C MET W 24 -11.07 4.96 -11.47
N GLU W 25 -10.81 5.11 -10.17
CA GLU W 25 -10.40 6.39 -9.63
C GLU W 25 -8.90 6.59 -9.70
N ALA W 26 -8.14 5.51 -9.85
CA ALA W 26 -6.69 5.63 -9.98
C ALA W 26 -6.28 6.02 -11.38
N ILE W 27 -7.07 5.67 -12.38
CA ILE W 27 -6.67 5.73 -13.79
C ILE W 27 -6.44 7.16 -14.27
N GLY W 28 -7.00 8.15 -13.59
CA GLY W 28 -6.80 9.52 -14.00
C GLY W 28 -5.46 10.11 -13.64
N HIS W 29 -4.66 9.40 -12.85
CA HIS W 29 -3.34 9.87 -12.46
C HIS W 29 -2.30 9.37 -13.45
N ALA W 30 -1.49 10.31 -13.95
CA ALA W 30 -0.33 10.07 -14.82
C ALA W 30 -0.74 9.34 -16.12
N GLY W 31 -1.52 10.05 -16.91
CA GLY W 31 -1.82 9.64 -18.27
C GLY W 31 -2.70 10.67 -18.94
N THR W 32 -2.50 10.91 -20.23
CA THR W 32 -3.35 11.83 -20.98
C THR W 32 -3.40 11.38 -22.42
N CYS W 33 -4.58 10.99 -22.89
CA CYS W 33 -4.78 10.57 -24.27
C CYS W 33 -6.13 11.10 -24.74
N LEU W 34 -6.23 11.32 -26.05
CA LEU W 34 -7.49 11.72 -26.67
C LEU W 34 -7.45 11.36 -28.14
N GLY W 35 -8.60 11.50 -28.80
CA GLY W 35 -8.71 11.22 -30.22
C GLY W 35 -9.97 11.82 -30.79
N ILE W 36 -9.89 12.40 -31.98
CA ILE W 36 -11.02 13.10 -32.57
C ILE W 36 -11.23 12.61 -34.00
N LEU W 37 -12.50 12.52 -34.40
CA LEU W 37 -12.85 12.31 -35.79
C LEU W 37 -14.19 12.97 -36.05
N ALA W 38 -14.34 13.53 -37.24
CA ALA W 38 -15.66 13.72 -37.84
C ALA W 38 -15.70 13.44 -39.34
N ASN W 39 -14.56 13.34 -40.01
CA ASN W 39 -14.50 13.04 -41.44
C ASN W 39 -13.34 12.07 -41.63
N ASP W 40 -12.88 11.96 -42.88
CA ASP W 40 -11.88 10.97 -43.27
C ASP W 40 -10.55 11.18 -42.57
N GLY W 41 -10.25 10.32 -41.61
CA GLY W 41 -9.05 10.45 -40.78
C GLY W 41 -9.43 10.45 -39.31
N VAL W 42 -8.53 9.95 -38.49
CA VAL W 42 -8.70 9.93 -37.03
C VAL W 42 -7.33 9.94 -36.39
N LEU W 43 -7.18 10.74 -35.33
CA LEU W 43 -5.88 10.96 -34.71
C LEU W 43 -5.87 10.39 -33.29
N LEU W 44 -4.67 10.39 -32.70
CA LEU W 44 -4.47 9.96 -31.31
C LEU W 44 -3.37 10.84 -30.73
N ALA W 45 -3.74 11.70 -29.78
CA ALA W 45 -2.75 12.51 -29.09
C ALA W 45 -2.32 11.79 -27.82
N ALA W 46 -1.01 11.76 -27.56
CA ALA W 46 -0.46 11.16 -26.37
C ALA W 46 0.34 12.21 -25.61
N GLU W 47 1.02 11.76 -24.56
CA GLU W 47 1.77 12.68 -23.70
C GLU W 47 2.91 11.91 -23.04
N ARG W 48 4.14 12.35 -23.32
CA ARG W 48 5.33 11.79 -22.67
C ARG W 48 5.31 12.21 -21.21
N ARG W 49 5.10 11.25 -20.31
CA ARG W 49 4.91 11.58 -18.90
C ARG W 49 6.22 12.00 -18.24
N ASN W 50 7.32 11.37 -18.60
CA ASN W 50 8.63 11.76 -18.11
C ASN W 50 9.62 11.66 -19.27
N ILE W 51 10.20 12.79 -19.66
CA ILE W 51 11.17 12.83 -20.75
C ILE W 51 12.49 13.26 -20.13
N HIS W 52 13.28 12.27 -19.71
CA HIS W 52 14.59 12.52 -19.14
C HIS W 52 15.65 12.50 -20.23
N LYS W 53 16.73 13.23 -20.00
CA LYS W 53 17.76 13.42 -21.03
C LYS W 53 18.57 12.17 -21.30
N LEU W 54 18.66 11.25 -20.36
CA LEU W 54 19.42 10.02 -20.56
C LEU W 54 18.55 8.87 -21.03
N LEU W 55 17.78 9.09 -22.09
CA LEU W 55 16.88 8.08 -22.63
C LEU W 55 17.07 7.97 -24.13
N ASP W 56 16.71 6.80 -24.68
CA ASP W 56 17.02 6.48 -26.06
C ASP W 56 15.93 6.92 -27.04
N GLU W 57 14.67 6.57 -26.75
CA GLU W 57 13.53 6.71 -27.67
C GLU W 57 13.79 6.05 -29.02
N VAL W 58 14.39 4.86 -28.99
CA VAL W 58 14.72 4.13 -30.21
C VAL W 58 13.56 3.27 -30.70
N PHE W 59 12.44 3.24 -29.99
CA PHE W 59 11.33 2.37 -30.38
C PHE W 59 10.42 3.00 -31.42
N PHE W 60 10.28 4.33 -31.39
CA PHE W 60 9.51 5.18 -32.30
C PHE W 60 8.00 4.94 -32.22
N SER W 61 7.53 4.02 -31.37
CA SER W 61 6.12 3.87 -31.07
C SER W 61 6.06 3.50 -29.58
N GLU W 62 5.94 4.52 -28.73
CA GLU W 62 6.07 4.32 -27.30
C GLU W 62 4.73 3.96 -26.66
N LYS W 63 3.74 4.83 -26.85
CA LYS W 63 2.42 4.59 -26.27
C LYS W 63 1.43 4.06 -27.31
N ILE W 64 1.62 4.39 -28.58
CA ILE W 64 0.80 3.84 -29.65
C ILE W 64 1.23 2.41 -29.89
N TYR W 65 0.27 1.49 -29.94
CA TYR W 65 0.54 0.10 -30.27
C TYR W 65 -0.25 -0.27 -31.51
N LYS W 66 0.43 -0.36 -32.64
CA LYS W 66 -0.20 -0.78 -33.89
C LYS W 66 -0.51 -2.27 -33.79
N LEU W 67 -1.77 -2.59 -33.52
CA LEU W 67 -2.18 -3.95 -33.21
C LEU W 67 -2.68 -4.72 -34.41
N ASN W 68 -2.85 -4.07 -35.55
CA ASN W 68 -3.38 -4.72 -36.74
C ASN W 68 -2.91 -3.91 -37.93
N GLU W 69 -3.26 -4.37 -39.14
CA GLU W 69 -3.03 -3.56 -40.32
C GLU W 69 -4.06 -2.45 -40.48
N ASP W 70 -5.12 -2.44 -39.67
CA ASP W 70 -6.14 -1.43 -39.78
C ASP W 70 -6.41 -0.68 -38.48
N MET W 71 -5.81 -1.06 -37.36
CA MET W 71 -6.16 -0.49 -36.08
C MET W 71 -4.93 -0.26 -35.22
N ALA W 72 -5.10 0.59 -34.21
CA ALA W 72 -4.07 0.89 -33.24
C ALA W 72 -4.75 1.34 -31.96
N CYS W 73 -3.96 1.57 -30.91
CA CYS W 73 -4.55 1.88 -29.62
C CYS W 73 -3.61 2.78 -28.82
N SER W 74 -4.20 3.52 -27.89
CA SER W 74 -3.46 4.40 -26.99
C SER W 74 -3.80 3.94 -25.57
N VAL W 75 -2.80 3.50 -24.83
CA VAL W 75 -3.04 2.85 -23.54
C VAL W 75 -2.59 3.79 -22.43
N ALA W 76 -3.21 3.63 -21.26
CA ALA W 76 -2.87 4.43 -20.09
C ALA W 76 -3.24 3.63 -18.84
N GLY W 77 -2.28 3.46 -17.94
CA GLY W 77 -2.52 2.74 -16.70
C GLY W 77 -1.25 2.15 -16.13
N ILE W 78 -1.32 0.91 -15.64
CA ILE W 78 -0.10 0.14 -15.36
C ILE W 78 0.61 -0.14 -16.68
N THR W 79 1.91 0.14 -16.71
CA THR W 79 2.71 -0.06 -17.92
C THR W 79 2.76 -1.53 -18.31
N SER W 80 2.94 -2.40 -17.33
CA SER W 80 3.20 -3.79 -17.62
C SER W 80 1.91 -4.57 -17.82
N ASP W 81 0.82 -4.10 -17.22
CA ASP W 81 -0.47 -4.72 -17.45
C ASP W 81 -1.00 -4.36 -18.83
N ALA W 82 -0.50 -3.27 -19.42
CA ALA W 82 -0.78 -2.96 -20.81
C ALA W 82 -0.15 -3.99 -21.74
N ASN W 83 1.07 -4.43 -21.42
CA ASN W 83 1.78 -5.38 -22.29
C ASN W 83 1.12 -6.75 -22.29
N VAL W 84 0.37 -7.08 -21.24
CA VAL W 84 -0.39 -8.33 -21.25
C VAL W 84 -1.58 -8.21 -22.19
N LEU W 85 -2.29 -7.09 -22.15
CA LEU W 85 -3.47 -6.92 -22.97
C LEU W 85 -3.13 -6.67 -24.43
N THR W 86 -2.04 -5.95 -24.71
CA THR W 86 -1.69 -5.70 -26.10
C THR W 86 -1.11 -6.93 -26.77
N ASN W 87 -0.50 -7.84 -26.01
CA ASN W 87 -0.11 -9.12 -26.59
C ASN W 87 -1.31 -10.01 -26.83
N GLU W 88 -2.34 -9.88 -25.99
CA GLU W 88 -3.52 -10.71 -26.16
C GLU W 88 -4.39 -10.20 -27.30
N LEU W 89 -4.65 -8.89 -27.33
CA LEU W 89 -5.58 -8.33 -28.31
C LEU W 89 -5.00 -8.34 -29.72
N ARG W 90 -3.67 -8.32 -29.82
CA ARG W 90 -3.03 -8.49 -31.12
C ARG W 90 -3.21 -9.90 -31.64
N LEU W 91 -3.37 -10.86 -30.75
CA LEU W 91 -3.49 -12.25 -31.14
C LEU W 91 -4.93 -12.65 -31.40
N ILE W 92 -5.88 -11.95 -30.78
CA ILE W 92 -7.29 -12.17 -31.07
C ILE W 92 -7.61 -11.70 -32.49
N ALA W 93 -7.00 -10.60 -32.92
CA ALA W 93 -7.24 -10.08 -34.26
C ALA W 93 -6.65 -10.95 -35.35
N GLN W 94 -5.72 -11.85 -35.00
CA GLN W 94 -5.06 -12.66 -36.00
C GLN W 94 -5.70 -14.03 -36.13
N ARG W 95 -6.29 -14.56 -35.05
CA ARG W 95 -7.03 -15.81 -35.17
C ARG W 95 -8.37 -15.60 -35.87
N TYR W 96 -8.85 -14.36 -35.96
CA TYR W 96 -10.02 -14.07 -36.76
C TYR W 96 -9.70 -14.15 -38.24
N LEU W 97 -8.54 -13.63 -38.63
CA LEU W 97 -8.13 -13.64 -40.03
C LEU W 97 -7.80 -15.05 -40.48
N LEU W 98 -7.32 -15.90 -39.57
CA LEU W 98 -7.09 -17.30 -39.91
C LEU W 98 -8.39 -18.01 -40.22
N GLN W 99 -9.45 -17.64 -39.52
CA GLN W 99 -10.70 -18.39 -39.63
C GLN W 99 -11.52 -17.93 -40.83
N TYR W 100 -11.45 -16.64 -41.18
CA TYR W 100 -12.35 -16.08 -42.18
C TYR W 100 -11.68 -15.50 -43.41
N GLN W 101 -10.36 -15.31 -43.38
CA GLN W 101 -9.60 -14.56 -44.40
C GLN W 101 -10.22 -13.19 -44.68
N GLU W 102 -10.58 -12.48 -43.61
CA GLU W 102 -11.27 -11.22 -43.70
C GLU W 102 -10.83 -10.43 -42.47
N PRO W 103 -10.52 -9.14 -42.61
CA PRO W 103 -10.02 -8.38 -41.47
C PRO W 103 -11.08 -8.18 -40.40
N ILE W 104 -10.64 -8.13 -39.16
CA ILE W 104 -11.56 -8.03 -38.02
C ILE W 104 -12.16 -6.63 -37.96
N PRO W 105 -13.47 -6.49 -37.86
CA PRO W 105 -14.07 -5.18 -37.66
C PRO W 105 -13.75 -4.64 -36.28
N CYS W 106 -13.90 -3.33 -36.14
CA CYS W 106 -13.49 -2.65 -34.91
C CYS W 106 -14.44 -2.92 -33.76
N GLU W 107 -15.70 -3.22 -34.04
CA GLU W 107 -16.69 -3.42 -32.97
C GLU W 107 -16.43 -4.71 -32.22
N GLN W 108 -16.35 -5.82 -32.94
CA GLN W 108 -16.21 -7.12 -32.32
C GLN W 108 -14.77 -7.49 -32.01
N LEU W 109 -13.84 -6.53 -32.05
CA LEU W 109 -12.56 -6.72 -31.40
C LEU W 109 -12.59 -6.19 -29.98
N VAL W 110 -13.26 -5.05 -29.77
CA VAL W 110 -13.34 -4.43 -28.46
C VAL W 110 -14.16 -5.29 -27.51
N THR W 111 -15.25 -5.88 -28.03
CA THR W 111 -16.06 -6.79 -27.22
C THR W 111 -15.32 -8.06 -26.85
N ALA W 112 -14.33 -8.46 -27.64
CA ALA W 112 -13.55 -9.64 -27.30
C ALA W 112 -12.60 -9.37 -26.15
N LEU W 113 -12.14 -8.13 -26.00
CA LEU W 113 -11.26 -7.82 -24.88
C LEU W 113 -12.07 -7.58 -23.61
N CYS W 114 -13.21 -6.89 -23.73
CA CYS W 114 -14.00 -6.52 -22.56
C CYS W 114 -14.65 -7.73 -21.91
N ASP W 115 -14.76 -8.86 -22.61
CA ASP W 115 -15.18 -10.08 -21.96
C ASP W 115 -14.05 -10.71 -21.16
N ILE W 116 -12.80 -10.44 -21.55
CA ILE W 116 -11.67 -10.97 -20.80
C ILE W 116 -11.45 -10.17 -19.52
N LYS W 117 -11.57 -8.84 -19.61
CA LYS W 117 -11.35 -8.00 -18.44
C LYS W 117 -12.45 -8.18 -17.41
N GLN W 118 -13.66 -8.51 -17.85
CA GLN W 118 -14.75 -8.73 -16.91
C GLN W 118 -14.56 -10.03 -16.15
N ALA W 119 -14.12 -11.09 -16.84
CA ALA W 119 -14.04 -12.40 -16.23
C ALA W 119 -12.96 -12.47 -15.15
N TYR W 120 -11.97 -11.59 -15.21
CA TYR W 120 -10.99 -11.50 -14.13
C TYR W 120 -11.45 -10.60 -12.99
N THR W 121 -12.72 -10.16 -13.00
CA THR W 121 -13.31 -9.46 -11.87
C THR W 121 -14.32 -10.30 -11.11
N GLN W 122 -15.08 -11.14 -11.80
CA GLN W 122 -16.12 -11.91 -11.13
C GLN W 122 -15.54 -13.07 -10.32
N PHE W 123 -14.90 -14.01 -10.99
CA PHE W 123 -14.48 -15.24 -10.34
C PHE W 123 -12.97 -15.37 -10.34
N GLY W 124 -12.44 -15.89 -9.23
CA GLY W 124 -11.04 -16.19 -9.10
C GLY W 124 -10.32 -15.40 -8.03
N GLY W 125 -10.83 -14.25 -7.63
CA GLY W 125 -10.09 -13.41 -6.70
C GLY W 125 -8.84 -12.81 -7.29
N LYS W 126 -8.77 -12.70 -8.61
CA LYS W 126 -7.62 -12.13 -9.27
C LYS W 126 -7.67 -10.61 -9.14
N ARG W 127 -6.49 -10.00 -9.11
CA ARG W 127 -6.40 -8.55 -9.21
C ARG W 127 -6.93 -8.09 -10.56
N PRO W 128 -7.87 -7.16 -10.59
CA PRO W 128 -8.42 -6.71 -11.87
C PRO W 128 -7.44 -5.80 -12.60
N PHE W 129 -7.77 -5.51 -13.84
CA PHE W 129 -6.92 -4.67 -14.67
C PHE W 129 -7.07 -3.21 -14.29
N GLY W 130 -5.98 -2.47 -14.37
CA GLY W 130 -6.01 -1.04 -14.13
C GLY W 130 -5.70 -0.29 -15.40
N VAL W 131 -6.30 -0.74 -16.50
CA VAL W 131 -5.95 -0.29 -17.84
C VAL W 131 -7.19 0.28 -18.51
N SER W 132 -7.10 1.51 -18.98
CA SER W 132 -8.13 2.12 -19.82
C SER W 132 -7.45 2.55 -21.11
N LEU W 133 -7.91 2.05 -22.24
CA LEU W 133 -7.25 2.35 -23.49
C LEU W 133 -8.27 2.73 -24.57
N LEU W 134 -7.76 3.29 -25.66
CA LEU W 134 -8.58 3.82 -26.73
C LEU W 134 -8.48 2.95 -27.96
N TYR W 135 -9.31 3.24 -28.95
CA TYR W 135 -9.35 2.45 -30.17
C TYR W 135 -9.59 3.35 -31.35
N ILE W 136 -8.87 3.12 -32.44
CA ILE W 136 -9.15 3.76 -33.70
C ILE W 136 -9.26 2.65 -34.73
N GLY W 137 -9.51 2.99 -35.98
CA GLY W 137 -9.49 2.00 -37.03
C GLY W 137 -10.48 2.30 -38.12
N TRP W 138 -10.68 1.29 -38.97
CA TRP W 138 -11.52 1.41 -40.15
C TRP W 138 -12.08 0.03 -40.46
N ASP W 139 -13.38 -0.05 -40.67
CA ASP W 139 -13.98 -1.30 -41.13
C ASP W 139 -14.68 -1.07 -42.47
N LYS W 140 -15.36 -2.10 -42.95
CA LYS W 140 -16.09 -2.03 -44.21
C LYS W 140 -17.55 -1.68 -44.01
N HIS W 141 -17.96 -1.41 -42.78
CA HIS W 141 -19.37 -1.20 -42.48
C HIS W 141 -19.68 0.20 -42.04
N TYR W 142 -18.85 0.81 -41.23
CA TYR W 142 -19.06 2.18 -40.80
C TYR W 142 -17.89 3.09 -41.13
N GLY W 143 -16.67 2.60 -40.97
CA GLY W 143 -15.52 3.41 -41.30
C GLY W 143 -14.70 3.78 -40.10
N PHE W 144 -14.45 5.08 -39.94
CA PHE W 144 -13.56 5.56 -38.89
C PHE W 144 -14.29 5.59 -37.56
N GLN W 145 -13.75 4.88 -36.56
CA GLN W 145 -14.47 4.65 -35.32
C GLN W 145 -13.55 4.93 -34.13
N LEU W 146 -14.16 5.30 -33.00
CA LEU W 146 -13.49 5.50 -31.73
C LEU W 146 -14.17 4.72 -30.63
N TYR W 147 -13.38 4.16 -29.71
CA TYR W 147 -13.93 3.43 -28.59
C TYR W 147 -13.12 3.68 -27.34
N GLN W 148 -13.80 3.59 -26.20
CA GLN W 148 -13.25 3.86 -24.88
C GLN W 148 -13.39 2.62 -24.03
N SER W 149 -12.27 2.04 -23.61
CA SER W 149 -12.30 0.84 -22.78
C SER W 149 -12.19 1.23 -21.31
N ASP W 150 -12.70 0.38 -20.44
CA ASP W 150 -12.75 0.60 -19.01
C ASP W 150 -12.18 -0.62 -18.29
N PRO W 151 -11.70 -0.46 -17.05
CA PRO W 151 -11.28 -1.65 -16.28
C PRO W 151 -12.43 -2.55 -15.89
N SER W 152 -13.65 -2.03 -15.86
CA SER W 152 -14.81 -2.85 -15.55
C SER W 152 -15.20 -3.77 -16.70
N GLY W 153 -14.70 -3.50 -17.91
CA GLY W 153 -15.13 -4.27 -19.07
C GLY W 153 -16.25 -3.62 -19.83
N ASN W 154 -16.40 -2.31 -19.75
CA ASN W 154 -17.46 -1.58 -20.41
C ASN W 154 -16.86 -0.71 -21.50
N TYR W 155 -17.53 -0.64 -22.65
CA TYR W 155 -17.03 0.15 -23.77
C TYR W 155 -18.14 1.09 -24.24
N GLY W 156 -17.85 1.85 -25.28
CA GLY W 156 -18.83 2.75 -25.83
C GLY W 156 -18.27 3.44 -27.06
N GLY W 157 -19.19 3.96 -27.87
CA GLY W 157 -18.84 4.71 -29.06
C GLY W 157 -18.68 6.18 -28.76
N TRP W 158 -17.61 6.78 -29.27
CA TRP W 158 -17.26 8.16 -28.94
C TRP W 158 -16.84 8.91 -30.20
N LYS W 159 -16.67 10.22 -30.04
CA LYS W 159 -16.00 11.03 -31.04
C LYS W 159 -14.95 11.98 -30.47
N ALA W 160 -14.97 12.29 -29.18
CA ALA W 160 -14.01 13.22 -28.62
C ALA W 160 -13.59 12.79 -27.22
N THR W 161 -13.50 11.49 -26.97
CA THR W 161 -13.28 11.00 -25.62
C THR W 161 -11.84 11.25 -25.16
N CYS W 162 -11.56 10.87 -23.91
CA CYS W 162 -10.26 11.08 -23.29
C CYS W 162 -10.01 9.98 -22.27
N ILE W 163 -8.91 10.10 -21.53
CA ILE W 163 -8.60 9.14 -20.48
C ILE W 163 -8.31 9.82 -19.15
N GLY W 164 -7.37 10.77 -19.14
CA GLY W 164 -6.84 11.28 -17.89
C GLY W 164 -7.79 12.20 -17.14
N ASN W 165 -7.56 12.28 -15.82
CA ASN W 165 -8.32 13.19 -14.97
C ASN W 165 -7.98 14.65 -15.25
N ASN W 166 -6.74 14.93 -15.67
CA ASN W 166 -6.40 16.24 -16.17
C ASN W 166 -7.17 16.57 -17.43
N SER W 167 -7.56 15.57 -18.21
CA SER W 167 -8.30 15.77 -19.44
C SER W 167 -9.80 15.79 -19.22
N ALA W 168 -10.25 15.81 -17.97
CA ALA W 168 -11.67 16.06 -17.71
C ALA W 168 -12.04 17.50 -18.01
N ALA W 169 -11.09 18.43 -17.90
CA ALA W 169 -11.32 19.79 -18.36
C ALA W 169 -11.33 19.87 -19.88
N ALA W 170 -10.70 18.91 -20.56
CA ALA W 170 -10.68 18.90 -22.01
C ALA W 170 -12.04 18.53 -22.58
N VAL W 171 -12.78 17.67 -21.87
CA VAL W 171 -14.12 17.30 -22.30
C VAL W 171 -15.04 18.52 -22.23
N SER W 172 -14.83 19.40 -21.24
CA SER W 172 -15.54 20.66 -21.18
C SER W 172 -15.17 21.57 -22.35
N MET W 173 -13.94 21.48 -22.84
CA MET W 173 -13.59 22.19 -24.07
C MET W 173 -14.21 21.52 -25.28
N LEU W 174 -14.19 20.18 -25.31
CA LEU W 174 -14.69 19.46 -26.47
C LEU W 174 -16.20 19.49 -26.57
N LYS W 175 -16.91 19.65 -25.46
CA LYS W 175 -18.33 19.96 -25.57
C LYS W 175 -18.54 21.38 -26.05
N GLN W 176 -17.63 22.28 -25.71
CA GLN W 176 -17.76 23.67 -26.12
C GLN W 176 -17.39 23.84 -27.59
N ASP W 177 -16.34 23.16 -28.04
CA ASP W 177 -15.79 23.38 -29.37
C ASP W 177 -15.66 22.05 -30.09
N TYR W 178 -16.69 21.65 -30.83
CA TYR W 178 -16.61 20.49 -31.69
C TYR W 178 -17.61 20.63 -32.83
N LYS W 179 -17.16 20.20 -34.01
CA LYS W 179 -17.90 20.33 -35.24
C LYS W 179 -18.44 18.97 -35.67
N GLU W 180 -19.57 18.97 -36.35
CA GLU W 180 -20.25 17.74 -36.73
C GLU W 180 -20.16 17.58 -38.24
N GLY W 181 -19.13 16.85 -38.68
CA GLY W 181 -18.94 16.64 -40.10
C GLY W 181 -18.18 17.74 -40.79
N GLU W 182 -17.23 18.37 -40.10
CA GLU W 182 -16.37 19.38 -40.72
C GLU W 182 -14.90 19.13 -40.40
N MET W 183 -14.54 17.89 -40.09
CA MET W 183 -13.16 17.59 -39.73
C MET W 183 -12.27 17.60 -40.96
N THR W 184 -11.10 18.19 -40.83
CA THR W 184 -10.04 18.02 -41.80
C THR W 184 -8.89 17.29 -41.12
N LEU W 185 -7.77 17.19 -41.82
CA LEU W 185 -6.52 16.82 -41.18
C LEU W 185 -5.74 18.04 -40.73
N LYS W 186 -6.37 19.20 -40.73
CA LYS W 186 -5.78 20.41 -40.16
C LYS W 186 -6.62 20.99 -39.03
N SER W 187 -7.94 21.00 -39.20
CA SER W 187 -8.82 21.46 -38.14
C SER W 187 -8.86 20.49 -36.97
N ALA W 188 -8.59 19.21 -37.22
CA ALA W 188 -8.57 18.25 -36.13
C ALA W 188 -7.24 18.27 -35.40
N LEU W 189 -6.13 18.48 -36.12
CA LEU W 189 -4.83 18.52 -35.46
C LEU W 189 -4.63 19.80 -34.69
N ALA W 190 -5.06 20.94 -35.24
CA ALA W 190 -4.90 22.21 -34.54
C ALA W 190 -5.79 22.31 -33.32
N LEU W 191 -6.91 21.57 -33.32
CA LEU W 191 -7.73 21.50 -32.12
C LEU W 191 -7.02 20.73 -31.02
N ALA W 192 -6.38 19.61 -31.37
CA ALA W 192 -5.70 18.80 -30.37
C ALA W 192 -4.47 19.50 -29.81
N ILE W 193 -3.77 20.29 -30.64
CA ILE W 193 -2.66 21.08 -30.14
C ILE W 193 -3.16 22.19 -29.23
N LYS W 194 -4.38 22.67 -29.46
CA LYS W 194 -4.97 23.66 -28.58
C LYS W 194 -5.40 23.05 -27.25
N VAL W 195 -5.82 21.79 -27.26
CA VAL W 195 -6.23 21.12 -26.03
C VAL W 195 -5.03 20.87 -25.13
N LEU W 196 -3.98 20.23 -25.67
CA LEU W 196 -2.82 19.87 -24.87
C LEU W 196 -1.99 21.08 -24.47
N ASN W 197 -2.20 22.23 -25.10
CA ASN W 197 -1.55 23.45 -24.63
C ASN W 197 -2.15 23.91 -23.31
N LYS W 198 -3.44 23.68 -23.12
CA LYS W 198 -4.11 24.12 -21.91
C LYS W 198 -4.17 23.03 -20.85
N THR W 199 -4.46 21.80 -21.24
CA THR W 199 -4.68 20.73 -20.26
C THR W 199 -3.38 20.26 -19.63
N MET W 200 -2.33 20.12 -20.43
CA MET W 200 -1.02 19.84 -19.85
C MET W 200 -0.48 21.08 -19.17
N ASP W 201 0.30 20.87 -18.11
CA ASP W 201 0.91 21.95 -17.37
C ASP W 201 2.29 22.30 -17.89
N VAL W 202 2.74 21.64 -18.96
CA VAL W 202 4.01 21.97 -19.59
C VAL W 202 3.85 23.27 -20.34
N SER W 203 4.69 24.25 -20.01
CA SER W 203 4.65 25.54 -20.68
C SER W 203 5.22 25.41 -22.09
N LYS W 204 4.58 26.12 -23.03
CA LYS W 204 4.97 26.30 -24.42
C LYS W 204 4.86 25.04 -25.28
N LEU W 205 4.45 23.89 -24.70
CA LEU W 205 4.20 22.62 -25.38
C LEU W 205 5.44 22.14 -26.14
N SER W 206 6.44 21.72 -25.35
CA SER W 206 7.66 21.16 -25.91
C SER W 206 7.35 19.93 -26.76
N ALA W 207 7.95 19.90 -27.96
CA ALA W 207 7.62 18.87 -28.95
C ALA W 207 8.13 17.48 -28.57
N GLU W 208 8.99 17.37 -27.56
CA GLU W 208 9.44 16.08 -27.06
C GLU W 208 8.58 15.58 -25.92
N LYS W 209 7.42 16.20 -25.70
CA LYS W 209 6.51 15.77 -24.66
C LYS W 209 5.18 15.27 -25.19
N VAL W 210 4.87 15.48 -26.47
CA VAL W 210 3.63 15.04 -27.08
C VAL W 210 3.94 13.99 -28.13
N GLU W 211 2.88 13.36 -28.64
CA GLU W 211 3.01 12.29 -29.61
C GLU W 211 1.67 12.14 -30.33
N ILE W 212 1.70 12.17 -31.66
CA ILE W 212 0.49 12.21 -32.47
C ILE W 212 0.59 11.14 -33.55
N ALA W 213 -0.43 10.29 -33.65
CA ALA W 213 -0.51 9.26 -34.68
C ALA W 213 -1.87 9.33 -35.35
N THR W 214 -1.88 9.32 -36.69
CA THR W 214 -3.10 9.43 -37.47
C THR W 214 -3.30 8.21 -38.34
N LEU W 215 -4.56 7.96 -38.69
CA LEU W 215 -4.93 6.88 -39.59
C LEU W 215 -5.75 7.45 -40.73
N THR W 216 -5.25 7.31 -41.95
CA THR W 216 -5.96 7.70 -43.15
C THR W 216 -6.16 6.49 -44.05
N ARG W 217 -7.07 6.64 -45.01
CA ARG W 217 -7.44 5.59 -45.95
C ARG W 217 -7.01 6.08 -47.34
N GLU W 218 -5.87 5.57 -47.82
CA GLU W 218 -5.27 6.18 -49.02
C GLU W 218 -5.91 5.67 -50.31
N ASN W 219 -5.67 4.41 -50.64
CA ASN W 219 -6.38 3.79 -51.76
C ASN W 219 -7.09 2.52 -51.34
N GLY W 220 -6.33 1.58 -50.79
CA GLY W 220 -6.89 0.37 -50.23
C GLY W 220 -6.06 -0.10 -49.06
N LYS W 221 -5.25 0.79 -48.51
CA LYS W 221 -4.16 0.40 -47.62
C LYS W 221 -4.42 0.67 -46.15
N THR W 222 -5.20 1.70 -45.81
CA THR W 222 -5.41 2.18 -44.43
C THR W 222 -4.07 2.49 -43.76
N VAL W 223 -3.45 3.55 -44.27
CA VAL W 223 -2.09 3.91 -43.87
C VAL W 223 -2.12 4.47 -42.46
N ILE W 224 -1.39 3.83 -41.55
CA ILE W 224 -1.28 4.30 -40.17
C ILE W 224 -0.02 5.18 -40.09
N ARG W 225 -0.23 6.48 -39.96
CA ARG W 225 0.85 7.45 -40.03
C ARG W 225 1.33 7.79 -38.62
N VAL W 226 2.63 7.66 -38.38
CA VAL W 226 3.23 8.09 -37.12
C VAL W 226 4.22 9.19 -37.44
N LEU W 227 3.85 10.43 -37.11
CA LEU W 227 4.63 11.59 -37.47
C LEU W 227 5.58 11.97 -36.34
N LYS W 228 6.79 12.41 -36.69
CA LYS W 228 7.93 12.25 -35.80
C LYS W 228 8.51 13.55 -35.24
N GLN W 229 9.07 14.42 -36.08
CA GLN W 229 10.03 15.35 -35.46
C GLN W 229 9.85 16.83 -35.77
N LYS W 230 9.51 17.19 -37.00
CA LYS W 230 9.48 18.59 -37.40
C LYS W 230 8.07 19.08 -37.72
N GLU W 231 7.22 18.15 -38.13
CA GLU W 231 5.81 18.45 -38.35
C GLU W 231 5.09 18.77 -37.05
N VAL W 232 5.57 18.24 -35.92
CA VAL W 232 5.02 18.64 -34.62
C VAL W 232 5.38 20.08 -34.32
N GLU W 233 6.63 20.46 -34.60
CA GLU W 233 7.12 21.78 -34.24
C GLU W 233 6.47 22.87 -35.08
N GLN W 234 6.33 22.65 -36.39
CA GLN W 234 5.68 23.64 -37.23
C GLN W 234 4.18 23.69 -36.99
N LEU W 235 3.61 22.63 -36.42
CA LEU W 235 2.22 22.71 -35.96
C LEU W 235 2.10 23.64 -34.75
N ILE W 236 3.13 23.64 -33.90
CA ILE W 236 3.15 24.54 -32.75
C ILE W 236 3.38 25.98 -33.20
N LYS W 237 4.31 26.17 -34.14
CA LYS W 237 4.55 27.49 -34.71
C LYS W 237 3.36 27.98 -35.52
N LYS W 238 2.54 27.06 -36.04
CA LYS W 238 1.27 27.47 -36.61
C LYS W 238 0.29 27.86 -35.51
N HIS W 239 0.29 27.12 -34.40
CA HIS W 239 -0.67 27.37 -33.33
C HIS W 239 -0.30 28.60 -32.53
N GLU W 240 1.00 28.83 -32.30
CA GLU W 240 1.43 30.02 -31.59
C GLU W 240 1.20 31.28 -32.42
N GLU W 241 1.24 31.16 -33.74
CA GLU W 241 0.98 32.31 -34.59
C GLU W 241 -0.49 32.68 -34.59
N GLU W 242 -1.37 31.68 -34.54
CA GLU W 242 -2.80 31.95 -34.50
C GLU W 242 -3.22 32.48 -33.14
N GLU W 243 -2.51 32.11 -32.09
CA GLU W 243 -2.78 32.69 -30.77
C GLU W 243 -2.28 34.13 -30.72
N ALA W 244 -1.18 34.42 -31.42
CA ALA W 244 -0.67 35.79 -31.46
C ALA W 244 -1.52 36.68 -32.35
N LYS W 245 -2.21 36.09 -33.32
CA LYS W 245 -3.09 36.88 -34.18
C LYS W 245 -4.41 37.18 -33.50
N ALA W 246 -4.98 36.19 -32.81
CA ALA W 246 -6.29 36.36 -32.18
C ALA W 246 -6.23 37.25 -30.95
N GLU W 247 -5.05 37.41 -30.35
CA GLU W 247 -4.92 38.27 -29.18
C GLU W 247 -4.78 39.74 -29.53
N ARG W 248 -4.74 40.08 -30.83
CA ARG W 248 -4.67 41.48 -31.23
C ARG W 248 -5.98 42.21 -31.01
N GLU W 249 -7.09 41.50 -30.84
CA GLU W 249 -8.35 42.12 -30.46
C GLU W 249 -8.33 42.63 -29.03
N LYS W 250 -7.44 42.09 -28.19
CA LYS W 250 -7.31 42.55 -26.82
C LYS W 250 -6.60 43.90 -26.76
N SER X 1 -9.35 -23.91 -10.68
CA SER X 1 -8.98 -24.47 -9.39
C SER X 1 -9.12 -23.43 -8.29
N TYR X 2 -10.35 -23.20 -7.83
CA TYR X 2 -10.61 -22.28 -6.74
C TYR X 2 -11.69 -22.88 -5.85
N ASP X 3 -11.40 -23.00 -4.56
CA ASP X 3 -12.30 -23.62 -3.59
C ASP X 3 -12.50 -22.64 -2.44
N ARG X 4 -13.45 -21.72 -2.59
CA ARG X 4 -13.81 -20.83 -1.50
C ARG X 4 -15.27 -20.44 -1.66
N ALA X 5 -16.08 -20.77 -0.66
CA ALA X 5 -17.48 -20.38 -0.66
C ALA X 5 -17.59 -18.88 -0.42
N ILE X 6 -18.41 -18.22 -1.23
CA ILE X 6 -18.64 -16.79 -1.12
C ILE X 6 -20.01 -16.50 -0.52
N THR X 7 -21.03 -17.20 -1.00
CA THR X 7 -22.39 -17.02 -0.51
C THR X 7 -22.65 -18.04 0.59
N VAL X 8 -22.74 -17.55 1.83
CA VAL X 8 -23.04 -18.41 2.97
C VAL X 8 -24.31 -17.88 3.64
N PHE X 9 -24.76 -18.55 4.68
CA PHE X 9 -25.95 -18.13 5.41
C PHE X 9 -25.60 -17.13 6.49
N SER X 10 -26.64 -16.45 6.95
CA SER X 10 -26.59 -15.45 8.00
C SER X 10 -27.21 -16.03 9.27
N PRO X 11 -26.92 -15.45 10.44
CA PRO X 11 -27.54 -15.98 11.68
C PRO X 11 -29.05 -15.82 11.75
N ASP X 12 -29.64 -14.89 11.02
CA ASP X 12 -31.08 -14.71 11.06
C ASP X 12 -31.82 -15.54 10.02
N GLY X 13 -31.12 -16.13 9.07
CA GLY X 13 -31.76 -16.97 8.07
C GLY X 13 -31.88 -16.30 6.72
N HIS X 14 -30.93 -15.43 6.38
CA HIS X 14 -30.91 -14.79 5.08
C HIS X 14 -29.57 -15.05 4.39
N LEU X 15 -29.36 -14.39 3.26
CA LEU X 15 -28.09 -14.39 2.56
C LEU X 15 -27.44 -13.02 2.68
N PHE X 16 -26.27 -12.88 2.06
CA PHE X 16 -25.58 -11.60 2.00
C PHE X 16 -25.44 -11.07 0.59
N GLN X 17 -24.93 -11.88 -0.35
CA GLN X 17 -24.59 -11.36 -1.66
C GLN X 17 -25.81 -11.09 -2.50
N VAL X 18 -26.91 -11.81 -2.25
CA VAL X 18 -28.10 -11.67 -3.07
C VAL X 18 -28.81 -10.36 -2.77
N GLU X 19 -28.91 -10.00 -1.49
CA GLU X 19 -29.47 -8.70 -1.13
C GLU X 19 -28.54 -7.56 -1.55
N TYR X 20 -27.24 -7.83 -1.60
CA TYR X 20 -26.31 -6.82 -2.08
C TYR X 20 -26.38 -6.66 -3.58
N ALA X 21 -26.62 -7.76 -4.31
CA ALA X 21 -26.70 -7.67 -5.76
C ALA X 21 -27.99 -7.01 -6.22
N GLN X 22 -29.05 -7.10 -5.42
CA GLN X 22 -30.28 -6.39 -5.76
C GLN X 22 -30.17 -4.89 -5.55
N GLU X 23 -29.18 -4.45 -4.75
CA GLU X 23 -28.93 -3.03 -4.61
C GLU X 23 -28.38 -2.44 -5.89
N ALA X 24 -27.56 -3.19 -6.62
CA ALA X 24 -27.01 -2.69 -7.89
C ALA X 24 -28.08 -2.64 -8.96
N VAL X 25 -29.10 -3.50 -8.86
CA VAL X 25 -30.24 -3.40 -9.76
C VAL X 25 -31.04 -2.14 -9.47
N LYS X 26 -31.11 -1.75 -8.20
CA LYS X 26 -31.80 -0.53 -7.81
C LYS X 26 -31.06 0.72 -8.27
N LYS X 27 -29.75 0.64 -8.49
CA LYS X 27 -29.00 1.76 -9.04
C LYS X 27 -28.86 1.67 -10.55
N GLY X 28 -29.97 1.56 -11.26
CA GLY X 28 -29.94 1.46 -12.71
C GLY X 28 -31.04 2.28 -13.34
N SER X 29 -30.98 2.40 -14.66
CA SER X 29 -32.00 3.13 -15.39
C SER X 29 -33.28 2.31 -15.46
N THR X 30 -34.41 2.99 -15.33
CA THR X 30 -35.69 2.31 -15.33
C THR X 30 -36.09 1.90 -16.73
N ALA X 31 -36.72 0.74 -16.83
CA ALA X 31 -37.21 0.26 -18.12
C ALA X 31 -38.47 -0.56 -17.87
N VAL X 32 -39.58 -0.13 -18.46
CA VAL X 32 -40.87 -0.76 -18.22
C VAL X 32 -41.27 -1.54 -19.46
N GLY X 33 -42.31 -2.33 -19.32
CA GLY X 33 -42.84 -3.09 -20.43
C GLY X 33 -44.18 -3.69 -20.12
N VAL X 34 -45.15 -3.46 -21.00
CA VAL X 34 -46.49 -4.01 -20.84
C VAL X 34 -46.76 -4.93 -22.02
N ARG X 35 -47.91 -5.58 -22.01
CA ARG X 35 -48.29 -6.40 -23.15
C ARG X 35 -49.71 -6.07 -23.59
N GLY X 36 -50.19 -6.77 -24.61
CA GLY X 36 -51.55 -6.60 -25.09
C GLY X 36 -52.09 -7.91 -25.60
N ARG X 37 -52.75 -7.88 -26.76
CA ARG X 37 -53.21 -9.09 -27.40
C ARG X 37 -52.55 -9.37 -28.74
N ASP X 38 -52.00 -8.36 -29.40
CA ASP X 38 -51.37 -8.54 -30.69
C ASP X 38 -49.99 -7.90 -30.72
N ILE X 39 -49.82 -6.82 -29.96
CA ILE X 39 -48.59 -6.05 -29.97
C ILE X 39 -48.11 -5.85 -28.54
N VAL X 40 -46.82 -6.04 -28.33
CA VAL X 40 -46.19 -5.80 -27.04
C VAL X 40 -45.38 -4.51 -27.14
N VAL X 41 -45.05 -3.95 -25.98
CA VAL X 41 -44.34 -2.68 -25.94
C VAL X 41 -43.40 -2.69 -24.75
N LEU X 42 -42.23 -2.09 -24.93
CA LEU X 42 -41.26 -1.93 -23.87
C LEU X 42 -40.42 -0.70 -24.16
N GLY X 43 -40.11 0.05 -23.12
CA GLY X 43 -39.32 1.26 -23.28
C GLY X 43 -38.39 1.46 -22.11
N VAL X 44 -37.32 2.19 -22.37
CA VAL X 44 -36.30 2.45 -21.36
C VAL X 44 -36.27 3.95 -21.12
N GLU X 45 -35.94 4.33 -19.90
CA GLU X 45 -35.75 5.72 -19.53
C GLU X 45 -34.30 5.94 -19.15
N LYS X 46 -33.99 7.20 -18.83
CA LYS X 46 -32.67 7.67 -18.41
C LYS X 46 -31.60 7.32 -19.44
N LYS X 47 -31.76 7.91 -20.63
CA LYS X 47 -30.78 7.70 -21.70
C LYS X 47 -29.44 8.33 -21.33
N SER X 48 -29.46 9.58 -20.88
CA SER X 48 -28.30 10.33 -20.36
C SER X 48 -27.17 10.41 -21.39
N VAL X 49 -27.53 10.84 -22.58
CA VAL X 49 -26.58 10.96 -23.67
C VAL X 49 -25.74 12.20 -23.46
N ALA X 50 -24.49 12.15 -23.92
CA ALA X 50 -23.61 13.30 -23.88
C ALA X 50 -23.93 14.32 -24.97
N LYS X 51 -24.76 13.93 -25.95
CA LYS X 51 -25.23 14.77 -27.06
C LYS X 51 -24.11 15.27 -27.96
N LEU X 52 -22.94 14.65 -27.89
CA LEU X 52 -21.89 14.90 -28.85
C LEU X 52 -21.17 13.62 -29.24
N GLN X 53 -21.68 12.45 -28.84
CA GLN X 53 -20.97 11.19 -28.92
C GLN X 53 -21.85 10.15 -29.59
N ASP X 54 -21.26 9.00 -29.89
CA ASP X 54 -21.95 7.97 -30.65
C ASP X 54 -22.98 7.28 -29.77
N GLU X 55 -24.00 6.71 -30.41
CA GLU X 55 -25.15 6.18 -29.70
C GLU X 55 -25.67 4.85 -30.23
N ARG X 56 -25.09 4.31 -31.30
CA ARG X 56 -25.54 3.00 -31.76
C ARG X 56 -24.98 1.88 -30.91
N THR X 57 -23.91 2.14 -30.16
CA THR X 57 -23.29 1.12 -29.32
C THR X 57 -23.76 1.18 -27.87
N VAL X 58 -24.66 2.11 -27.54
CA VAL X 58 -25.13 2.25 -26.18
C VAL X 58 -26.54 1.67 -26.11
N ARG X 59 -26.95 1.01 -27.18
CA ARG X 59 -28.28 0.41 -27.25
C ARG X 59 -28.36 -0.80 -26.33
N LYS X 60 -29.31 -0.76 -25.40
CA LYS X 60 -29.46 -1.80 -24.39
C LYS X 60 -30.79 -2.54 -24.49
N ILE X 61 -31.45 -2.49 -25.65
CA ILE X 61 -32.55 -3.39 -25.96
C ILE X 61 -32.12 -4.22 -27.16
N CYS X 62 -31.96 -5.53 -26.96
CA CYS X 62 -31.50 -6.41 -28.02
C CYS X 62 -32.47 -7.56 -28.16
N ALA X 63 -32.18 -8.43 -29.14
CA ALA X 63 -33.03 -9.58 -29.41
C ALA X 63 -32.17 -10.84 -29.38
N LEU X 64 -32.66 -11.86 -28.69
CA LEU X 64 -31.93 -13.13 -28.68
C LEU X 64 -32.20 -13.93 -29.94
N ASP X 65 -33.40 -13.83 -30.49
CA ASP X 65 -33.77 -14.55 -31.70
C ASP X 65 -34.65 -13.60 -32.49
N ASP X 66 -35.38 -14.12 -33.48
CA ASP X 66 -36.35 -13.31 -34.21
C ASP X 66 -37.68 -13.18 -33.48
N ASN X 67 -37.78 -13.67 -32.26
CA ASN X 67 -39.02 -13.61 -31.51
C ASN X 67 -38.86 -12.96 -30.15
N VAL X 68 -37.71 -13.14 -29.51
CA VAL X 68 -37.54 -12.80 -28.11
C VAL X 68 -36.73 -11.52 -28.00
N CYS X 69 -37.14 -10.61 -27.12
CA CYS X 69 -36.50 -9.31 -26.95
C CYS X 69 -36.09 -9.12 -25.50
N MET X 70 -35.01 -8.36 -25.29
CA MET X 70 -34.41 -8.18 -23.97
C MET X 70 -34.55 -6.74 -23.48
N ALA X 71 -34.55 -6.60 -22.15
CA ALA X 71 -34.44 -5.31 -21.49
C ALA X 71 -33.96 -5.58 -20.07
N PHE X 72 -32.74 -5.16 -19.76
CA PHE X 72 -32.14 -5.54 -18.48
C PHE X 72 -32.05 -4.33 -17.54
N ALA X 73 -31.41 -4.55 -16.40
CA ALA X 73 -31.13 -3.50 -15.42
C ALA X 73 -29.72 -3.70 -14.90
N GLY X 74 -29.35 -2.92 -13.89
CA GLY X 74 -28.08 -3.10 -13.23
C GLY X 74 -26.90 -2.68 -14.09
N LEU X 75 -25.75 -3.30 -13.83
CA LEU X 75 -24.53 -2.96 -14.52
C LEU X 75 -24.50 -3.62 -15.89
N THR X 76 -23.81 -2.95 -16.83
CA THR X 76 -23.86 -3.31 -18.23
C THR X 76 -22.90 -4.43 -18.61
N ALA X 77 -21.84 -4.62 -17.83
CA ALA X 77 -20.88 -5.66 -18.15
C ALA X 77 -21.48 -7.05 -17.94
N ASP X 78 -22.23 -7.24 -16.85
CA ASP X 78 -22.81 -8.54 -16.58
C ASP X 78 -23.94 -8.88 -17.53
N ALA X 79 -24.57 -7.89 -18.15
CA ALA X 79 -25.62 -8.17 -19.11
C ALA X 79 -25.07 -8.78 -20.38
N ARG X 80 -23.89 -8.33 -20.81
CA ARG X 80 -23.32 -8.76 -22.09
C ARG X 80 -22.92 -10.23 -22.05
N ILE X 81 -22.55 -10.74 -20.87
CA ILE X 81 -22.23 -12.16 -20.76
C ILE X 81 -23.49 -13.00 -20.83
N VAL X 82 -24.56 -12.53 -20.19
CA VAL X 82 -25.80 -13.30 -20.13
C VAL X 82 -26.48 -13.33 -21.50
N ILE X 83 -26.42 -12.20 -22.23
CA ILE X 83 -27.06 -12.10 -23.53
C ILE X 83 -26.38 -13.00 -24.54
N ASN X 84 -25.05 -12.88 -24.67
CA ASN X 84 -24.33 -13.72 -25.62
C ASN X 84 -24.28 -15.19 -25.21
N ARG X 85 -24.54 -15.49 -23.94
CA ARG X 85 -24.76 -16.88 -23.56
C ARG X 85 -26.13 -17.35 -24.04
N ALA X 86 -27.15 -16.52 -23.87
CA ALA X 86 -28.51 -16.92 -24.21
C ALA X 86 -28.77 -16.95 -25.71
N ARG X 87 -27.96 -16.21 -26.49
CA ARG X 87 -28.06 -16.32 -27.94
C ARG X 87 -27.62 -17.69 -28.42
N VAL X 88 -26.64 -18.29 -27.73
CA VAL X 88 -26.15 -19.61 -28.10
C VAL X 88 -27.20 -20.67 -27.78
N GLU X 89 -27.88 -20.53 -26.64
CA GLU X 89 -28.84 -21.54 -26.20
C GLU X 89 -30.08 -21.55 -27.07
N CYS X 90 -30.59 -20.37 -27.43
CA CYS X 90 -31.76 -20.32 -28.31
C CYS X 90 -31.40 -20.67 -29.75
N GLN X 91 -30.11 -20.75 -30.08
CA GLN X 91 -29.72 -21.18 -31.41
C GLN X 91 -29.45 -22.68 -31.43
N SER X 92 -28.98 -23.23 -30.32
CA SER X 92 -28.75 -24.67 -30.22
C SER X 92 -30.04 -25.44 -29.93
N HIS X 93 -31.04 -24.80 -29.34
CA HIS X 93 -32.36 -25.43 -29.23
C HIS X 93 -32.98 -25.60 -30.61
N ARG X 94 -32.76 -24.62 -31.49
CA ARG X 94 -33.28 -24.71 -32.86
C ARG X 94 -32.60 -25.82 -33.64
N LEU X 95 -31.38 -26.19 -33.26
CA LEU X 95 -30.68 -27.30 -33.92
C LEU X 95 -31.35 -28.63 -33.59
N THR X 96 -31.72 -28.85 -32.33
CA THR X 96 -32.33 -30.12 -31.96
C THR X 96 -33.82 -30.12 -32.30
N VAL X 97 -34.58 -29.24 -31.67
CA VAL X 97 -36.01 -29.15 -31.91
C VAL X 97 -36.24 -28.04 -32.93
N GLU X 98 -36.97 -28.36 -34.00
CA GLU X 98 -37.04 -27.48 -35.16
C GLU X 98 -37.87 -26.22 -34.94
N ASP X 99 -38.53 -26.07 -33.79
CA ASP X 99 -39.37 -24.92 -33.55
C ASP X 99 -38.54 -23.68 -33.25
N PRO X 100 -39.12 -22.49 -33.33
CA PRO X 100 -38.54 -21.36 -32.61
C PRO X 100 -38.68 -21.55 -31.12
N VAL X 101 -37.72 -21.00 -30.38
CA VAL X 101 -37.68 -21.19 -28.94
C VAL X 101 -38.79 -20.40 -28.29
N THR X 102 -39.52 -21.03 -27.38
CA THR X 102 -40.56 -20.34 -26.66
C THR X 102 -39.95 -19.36 -25.65
N VAL X 103 -40.78 -18.42 -25.20
CA VAL X 103 -40.33 -17.45 -24.21
C VAL X 103 -40.21 -18.11 -22.85
N GLU X 104 -40.85 -19.26 -22.64
CA GLU X 104 -40.76 -19.95 -21.37
C GLU X 104 -39.46 -20.73 -21.24
N TYR X 105 -38.98 -21.31 -22.34
CA TYR X 105 -37.77 -22.10 -22.29
C TYR X 105 -36.52 -21.25 -22.12
N ILE X 106 -36.51 -20.04 -22.68
CA ILE X 106 -35.29 -19.26 -22.61
C ILE X 106 -35.15 -18.57 -21.25
N THR X 107 -36.26 -18.35 -20.53
CA THR X 107 -36.15 -17.77 -19.20
C THR X 107 -35.74 -18.80 -18.17
N ARG X 108 -36.13 -20.06 -18.34
CA ARG X 108 -35.60 -21.09 -17.46
C ARG X 108 -34.13 -21.36 -17.72
N TYR X 109 -33.63 -21.06 -18.91
CA TYR X 109 -32.20 -21.19 -19.13
C TYR X 109 -31.44 -20.10 -18.40
N ILE X 110 -31.96 -18.87 -18.42
CA ILE X 110 -31.26 -17.75 -17.79
C ILE X 110 -31.34 -17.86 -16.27
N ALA X 111 -32.53 -18.18 -15.75
CA ALA X 111 -32.71 -18.23 -14.30
C ALA X 111 -31.98 -19.39 -13.66
N SER X 112 -31.93 -20.54 -14.34
CA SER X 112 -31.18 -21.67 -13.77
C SER X 112 -29.69 -21.50 -13.96
N LEU X 113 -29.27 -20.72 -14.96
CA LEU X 113 -27.86 -20.35 -15.05
C LEU X 113 -27.49 -19.46 -13.87
N LYS X 114 -28.32 -18.50 -13.55
CA LYS X 114 -27.98 -17.49 -12.57
C LYS X 114 -28.05 -18.04 -11.15
N GLN X 115 -28.81 -19.12 -10.94
CA GLN X 115 -28.88 -19.73 -9.63
C GLN X 115 -27.63 -20.54 -9.32
N ARG X 116 -27.26 -21.46 -10.23
CA ARG X 116 -26.06 -22.27 -10.03
C ARG X 116 -24.78 -21.44 -10.08
N TYR X 117 -24.87 -20.23 -10.60
CA TYR X 117 -23.78 -19.28 -10.57
C TYR X 117 -23.65 -18.61 -9.21
N THR X 118 -24.69 -18.70 -8.37
CA THR X 118 -24.59 -18.31 -6.97
C THR X 118 -24.36 -19.49 -6.05
N GLN X 119 -24.73 -20.69 -6.50
CA GLN X 119 -24.53 -21.88 -5.69
C GLN X 119 -23.05 -22.25 -5.58
N SER X 120 -22.30 -22.00 -6.65
CA SER X 120 -20.92 -22.47 -6.72
C SER X 120 -19.99 -21.59 -5.89
N ASN X 121 -18.70 -21.91 -5.98
CA ASN X 121 -17.69 -21.35 -5.10
C ASN X 121 -16.82 -20.35 -5.85
N GLY X 122 -16.50 -19.24 -5.19
CA GLY X 122 -15.56 -18.29 -5.75
C GLY X 122 -16.07 -17.47 -6.91
N ARG X 123 -17.38 -17.25 -7.00
CA ARG X 123 -17.98 -16.62 -8.18
C ARG X 123 -18.85 -15.46 -7.73
N ARG X 124 -18.54 -14.27 -8.21
CA ARG X 124 -19.35 -13.08 -7.93
C ARG X 124 -20.67 -13.15 -8.68
N PRO X 125 -21.82 -13.13 -8.01
CA PRO X 125 -23.11 -13.24 -8.70
C PRO X 125 -23.38 -12.06 -9.62
N PHE X 126 -24.35 -12.25 -10.50
CA PHE X 126 -24.71 -11.19 -11.43
C PHE X 126 -25.46 -10.08 -10.71
N GLY X 127 -25.55 -8.93 -11.37
CA GLY X 127 -26.25 -7.80 -10.80
C GLY X 127 -27.24 -7.20 -11.77
N ILE X 128 -27.86 -8.04 -12.59
CA ILE X 128 -28.81 -7.59 -13.60
C ILE X 128 -30.17 -8.20 -13.32
N SER X 129 -31.18 -7.66 -13.98
CA SER X 129 -32.54 -8.17 -13.90
C SER X 129 -33.21 -7.90 -15.24
N ALA X 130 -33.57 -8.96 -15.94
CA ALA X 130 -34.02 -8.82 -17.33
C ALA X 130 -35.54 -8.74 -17.42
N LEU X 131 -36.01 -8.18 -18.53
CA LEU X 131 -37.41 -8.23 -18.92
C LEU X 131 -37.44 -8.97 -20.25
N ILE X 132 -38.00 -10.18 -20.24
CA ILE X 132 -37.99 -11.05 -21.40
C ILE X 132 -39.36 -10.99 -22.04
N VAL X 133 -39.44 -10.42 -23.23
CA VAL X 133 -40.70 -10.19 -23.92
C VAL X 133 -40.66 -10.90 -25.26
N GLY X 134 -41.68 -11.71 -25.53
CA GLY X 134 -41.78 -12.37 -26.82
C GLY X 134 -43.08 -13.12 -26.97
N PHE X 135 -43.73 -12.98 -28.12
CA PHE X 135 -45.02 -13.62 -28.39
C PHE X 135 -44.76 -14.94 -29.11
N ASP X 136 -45.16 -16.04 -28.48
CA ASP X 136 -44.86 -17.38 -28.97
C ASP X 136 -45.77 -17.74 -30.13
N PHE X 137 -45.77 -19.02 -30.51
CA PHE X 137 -46.75 -19.52 -31.46
C PHE X 137 -48.15 -19.48 -30.86
N ASP X 138 -49.14 -19.60 -31.74
CA ASP X 138 -50.59 -19.42 -31.49
C ASP X 138 -50.92 -17.98 -31.08
N GLY X 139 -50.00 -17.04 -31.25
CA GLY X 139 -50.22 -15.65 -30.90
C GLY X 139 -50.45 -15.41 -29.42
N THR X 140 -49.43 -15.66 -28.61
CA THR X 140 -49.53 -15.57 -27.16
C THR X 140 -48.57 -14.50 -26.64
N PRO X 141 -49.00 -13.24 -26.56
CA PRO X 141 -48.13 -12.19 -26.03
C PRO X 141 -48.01 -12.30 -24.52
N ARG X 142 -46.78 -12.44 -24.04
CA ARG X 142 -46.52 -12.51 -22.61
C ARG X 142 -45.10 -12.04 -22.34
N LEU X 143 -44.86 -11.66 -21.09
CA LEU X 143 -43.56 -11.16 -20.69
C LEU X 143 -43.20 -11.74 -19.33
N TYR X 144 -41.94 -12.09 -19.15
CA TYR X 144 -41.43 -12.62 -17.91
C TYR X 144 -40.41 -11.65 -17.33
N GLN X 145 -39.85 -12.01 -16.18
CA GLN X 145 -38.72 -11.26 -15.66
C GLN X 145 -37.79 -12.21 -14.93
N THR X 146 -36.58 -11.73 -14.65
CA THR X 146 -35.62 -12.46 -13.84
C THR X 146 -35.27 -11.66 -12.60
N ASP X 147 -34.29 -12.18 -11.86
CA ASP X 147 -33.90 -11.66 -10.57
C ASP X 147 -32.51 -12.20 -10.33
N PRO X 148 -31.62 -11.47 -9.63
CA PRO X 148 -30.27 -12.02 -9.38
C PRO X 148 -30.26 -13.26 -8.50
N SER X 149 -31.32 -13.53 -7.74
CA SER X 149 -31.38 -14.77 -6.98
C SER X 149 -31.61 -15.97 -7.89
N GLY X 150 -32.25 -15.77 -9.02
CA GLY X 150 -32.56 -16.85 -9.92
C GLY X 150 -34.02 -17.22 -10.04
N THR X 151 -34.94 -16.35 -9.60
CA THR X 151 -36.36 -16.59 -9.72
C THR X 151 -36.90 -15.94 -10.99
N TYR X 152 -38.02 -16.47 -11.47
CA TYR X 152 -38.66 -15.90 -12.64
C TYR X 152 -40.17 -15.96 -12.45
N HIS X 153 -40.87 -14.99 -13.03
CA HIS X 153 -42.31 -14.89 -12.90
C HIS X 153 -42.92 -14.52 -14.24
N ALA X 154 -44.21 -14.23 -14.24
CA ALA X 154 -44.91 -13.68 -15.39
C ALA X 154 -45.68 -12.46 -14.91
N TRP X 155 -45.37 -11.30 -15.46
CA TRP X 155 -46.13 -10.12 -15.11
C TRP X 155 -46.87 -9.60 -16.34
N LYS X 156 -47.76 -8.65 -16.08
CA LYS X 156 -48.43 -7.91 -17.15
C LYS X 156 -47.87 -6.51 -17.33
N ALA X 157 -47.17 -5.99 -16.31
CA ALA X 157 -46.52 -4.68 -16.40
C ALA X 157 -45.39 -4.67 -15.39
N ASN X 158 -44.16 -4.58 -15.87
CA ASN X 158 -43.00 -4.63 -14.99
C ASN X 158 -42.33 -3.26 -14.92
N ALA X 159 -41.61 -3.03 -13.83
CA ALA X 159 -40.77 -1.84 -13.69
C ALA X 159 -39.53 -2.21 -12.89
N ILE X 160 -38.37 -1.77 -13.36
CA ILE X 160 -37.10 -2.02 -12.71
C ILE X 160 -36.35 -0.69 -12.59
N GLY X 161 -35.11 -0.77 -12.10
CA GLY X 161 -34.25 0.40 -12.09
C GLY X 161 -34.34 1.27 -10.85
N ARG X 162 -34.04 2.56 -11.03
CA ARG X 162 -34.04 3.52 -9.92
C ARG X 162 -35.41 4.17 -9.81
N GLY X 163 -36.23 3.67 -8.89
CA GLY X 163 -37.56 4.20 -8.72
C GLY X 163 -38.60 3.33 -9.37
N ALA X 164 -38.41 2.02 -9.31
CA ALA X 164 -39.40 1.10 -9.83
C ALA X 164 -40.65 1.05 -8.97
N LYS X 165 -40.52 1.29 -7.66
CA LYS X 165 -41.67 1.24 -6.77
C LYS X 165 -42.65 2.36 -7.05
N SER X 166 -42.16 3.52 -7.51
CA SER X 166 -43.05 4.61 -7.89
C SER X 166 -43.77 4.30 -9.19
N VAL X 167 -43.08 3.66 -10.13
CA VAL X 167 -43.69 3.32 -11.41
C VAL X 167 -44.66 2.17 -11.26
N ARG X 168 -44.30 1.18 -10.43
CA ARG X 168 -45.21 0.07 -10.17
C ARG X 168 -46.43 0.52 -9.40
N GLU X 169 -46.29 1.52 -8.53
CA GLU X 169 -47.46 2.09 -7.87
C GLU X 169 -48.31 2.89 -8.85
N PHE X 170 -47.69 3.49 -9.87
CA PHE X 170 -48.46 4.20 -10.89
C PHE X 170 -49.23 3.23 -11.76
N LEU X 171 -48.60 2.13 -12.16
CA LEU X 171 -49.29 1.10 -12.92
C LEU X 171 -50.31 0.35 -12.08
N GLU X 172 -50.13 0.36 -10.75
CA GLU X 172 -51.09 -0.30 -9.87
C GLU X 172 -52.45 0.39 -9.90
N LYS X 173 -52.45 1.71 -10.04
CA LYS X 173 -53.68 2.49 -10.15
C LYS X 173 -54.15 2.63 -11.60
N ASN X 174 -53.83 1.68 -12.45
CA ASN X 174 -54.09 1.80 -13.87
C ASN X 174 -54.45 0.44 -14.47
N TYR X 175 -55.35 -0.27 -13.79
CA TYR X 175 -55.73 -1.64 -14.15
C TYR X 175 -56.87 -1.66 -15.17
N THR X 176 -56.67 -1.02 -16.31
CA THR X 176 -57.71 -0.92 -17.31
C THR X 176 -57.49 -1.90 -18.44
N ASP X 177 -58.60 -2.32 -19.06
CA ASP X 177 -58.53 -3.13 -20.28
C ASP X 177 -58.60 -2.25 -21.52
N GLU X 178 -59.03 -1.00 -21.38
CA GLU X 178 -59.09 -0.09 -22.52
C GLU X 178 -57.71 0.34 -22.97
N ALA X 179 -56.77 0.48 -22.04
CA ALA X 179 -55.42 0.87 -22.41
C ALA X 179 -54.66 -0.23 -23.14
N ILE X 180 -55.08 -1.48 -22.99
CA ILE X 180 -54.52 -2.58 -23.75
C ILE X 180 -55.41 -2.94 -24.95
N GLU X 181 -56.35 -2.05 -25.30
CA GLU X 181 -57.19 -2.27 -26.46
C GLU X 181 -56.62 -1.58 -27.70
N THR X 182 -56.38 -0.28 -27.61
CA THR X 182 -55.78 0.46 -28.71
C THR X 182 -54.26 0.35 -28.64
N ASP X 183 -53.63 0.33 -29.82
CA ASP X 183 -52.20 0.10 -29.88
C ASP X 183 -51.42 1.35 -29.49
N ASP X 184 -51.69 2.48 -30.14
CA ASP X 184 -50.97 3.72 -29.84
C ASP X 184 -51.34 4.28 -28.48
N LEU X 185 -52.49 3.90 -27.92
CA LEU X 185 -52.80 4.25 -26.54
C LEU X 185 -51.89 3.52 -25.58
N THR X 186 -51.59 2.25 -25.86
CA THR X 186 -50.69 1.48 -25.02
C THR X 186 -49.26 1.99 -25.12
N ILE X 187 -48.86 2.44 -26.32
CA ILE X 187 -47.54 3.00 -26.51
C ILE X 187 -47.42 4.34 -25.79
N LYS X 188 -48.47 5.15 -25.86
CA LYS X 188 -48.48 6.40 -25.10
C LYS X 188 -48.61 6.13 -23.61
N LEU X 189 -49.21 4.99 -23.23
CA LEU X 189 -49.30 4.62 -21.82
C LEU X 189 -47.92 4.35 -21.24
N VAL X 190 -47.08 3.65 -22.02
CA VAL X 190 -45.68 3.45 -21.63
C VAL X 190 -44.97 4.79 -21.57
N ILE X 191 -45.27 5.69 -22.51
CA ILE X 191 -44.71 7.03 -22.47
C ILE X 191 -45.29 7.82 -21.31
N LYS X 192 -46.53 7.53 -20.93
CA LYS X 192 -47.11 8.17 -19.75
C LYS X 192 -46.49 7.64 -18.47
N ALA X 193 -46.23 6.34 -18.40
CA ALA X 193 -45.62 5.75 -17.22
C ALA X 193 -44.15 6.14 -17.09
N LEU X 194 -43.43 6.19 -18.22
CA LEU X 194 -42.03 6.59 -18.17
C LEU X 194 -41.85 8.10 -18.02
N LEU X 195 -42.92 8.88 -18.18
CA LEU X 195 -42.82 10.32 -18.03
C LEU X 195 -42.54 10.72 -16.59
N GLU X 196 -43.19 10.06 -15.63
CA GLU X 196 -42.94 10.34 -14.22
C GLU X 196 -41.86 9.43 -13.66
N VAL X 197 -40.73 9.35 -14.37
CA VAL X 197 -39.56 8.62 -13.90
C VAL X 197 -38.36 9.53 -14.02
N VAL X 198 -38.17 10.10 -15.21
CA VAL X 198 -37.10 11.01 -15.53
C VAL X 198 -37.70 12.34 -15.94
N GLN X 199 -36.84 13.28 -16.35
CA GLN X 199 -37.32 14.59 -16.81
C GLN X 199 -38.15 14.46 -18.08
N SER X 200 -37.82 13.49 -18.93
CA SER X 200 -38.66 12.96 -20.01
C SER X 200 -39.06 14.03 -21.03
N GLY X 201 -38.05 14.58 -21.69
CA GLY X 201 -38.29 15.60 -22.70
C GLY X 201 -38.46 15.03 -24.09
N GLY X 202 -38.91 13.78 -24.19
CA GLY X 202 -39.05 13.13 -25.47
C GLY X 202 -37.75 12.79 -26.17
N LYS X 203 -36.63 12.86 -25.46
CA LYS X 203 -35.33 12.60 -26.06
C LYS X 203 -34.58 11.55 -25.25
N ASN X 204 -35.04 11.32 -24.01
CA ASN X 204 -34.46 10.31 -23.14
C ASN X 204 -35.35 9.08 -23.03
N ILE X 205 -36.29 8.92 -23.95
CA ILE X 205 -37.23 7.80 -23.95
C ILE X 205 -37.00 7.00 -25.22
N GLU X 206 -36.46 5.81 -25.07
CA GLU X 206 -36.22 4.89 -26.19
C GLU X 206 -37.15 3.70 -26.02
N LEU X 207 -38.14 3.60 -26.89
CA LEU X 207 -39.12 2.53 -26.84
C LEU X 207 -39.05 1.70 -28.12
N ALA X 208 -39.53 0.47 -28.02
CA ALA X 208 -39.52 -0.44 -29.16
C ALA X 208 -40.69 -1.39 -29.04
N VAL X 209 -41.39 -1.61 -30.14
CA VAL X 209 -42.60 -2.41 -30.15
C VAL X 209 -42.36 -3.68 -30.95
N MET X 210 -43.31 -4.60 -30.86
CA MET X 210 -43.26 -5.84 -31.63
C MET X 210 -44.69 -6.33 -31.79
N ARG X 211 -45.17 -6.39 -33.03
CA ARG X 211 -46.55 -6.74 -33.31
C ARG X 211 -46.76 -8.23 -33.53
N ARG X 212 -45.90 -9.07 -32.96
CA ARG X 212 -45.99 -10.54 -32.95
C ARG X 212 -45.92 -11.16 -34.34
N ASP X 213 -45.48 -10.40 -35.34
CA ASP X 213 -45.31 -10.89 -36.69
C ASP X 213 -44.00 -10.45 -37.32
N GLN X 214 -43.19 -9.69 -36.60
CA GLN X 214 -42.04 -9.01 -37.17
C GLN X 214 -41.03 -8.80 -36.05
N SER X 215 -39.77 -8.62 -36.43
CA SER X 215 -38.73 -8.26 -35.47
C SER X 215 -38.96 -6.85 -34.93
N LEU X 216 -38.19 -6.51 -33.90
CA LEU X 216 -38.40 -5.26 -33.17
C LEU X 216 -38.08 -4.05 -34.03
N LYS X 217 -38.91 -3.03 -33.91
CA LYS X 217 -38.78 -1.81 -34.70
C LYS X 217 -38.76 -0.63 -33.76
N ILE X 218 -37.62 0.05 -33.67
CA ILE X 218 -37.50 1.22 -32.81
C ILE X 218 -38.24 2.39 -33.45
N LEU X 219 -39.11 3.03 -32.67
CA LEU X 219 -39.82 4.19 -33.14
C LEU X 219 -38.87 5.38 -33.30
N ASN X 220 -39.27 6.31 -34.15
CA ASN X 220 -38.42 7.44 -34.50
C ASN X 220 -38.47 8.51 -33.41
N PRO X 221 -37.44 9.36 -33.31
CA PRO X 221 -37.55 10.53 -32.43
C PRO X 221 -38.60 11.53 -32.89
N GLU X 222 -38.93 11.57 -34.18
CA GLU X 222 -40.09 12.32 -34.62
C GLU X 222 -41.39 11.64 -34.21
N GLU X 223 -41.40 10.32 -34.13
CA GLU X 223 -42.57 9.61 -33.62
C GLU X 223 -42.75 9.87 -32.13
N ILE X 224 -41.65 10.00 -31.39
CA ILE X 224 -41.72 10.25 -29.96
C ILE X 224 -42.20 11.67 -29.69
N GLU X 225 -42.00 12.59 -30.63
CA GLU X 225 -42.52 13.94 -30.47
C GLU X 225 -44.04 13.97 -30.62
N LYS X 226 -44.57 13.25 -31.61
CA LYS X 226 -46.01 13.22 -31.82
C LYS X 226 -46.72 12.43 -30.72
N TYR X 227 -46.03 11.48 -30.10
CA TYR X 227 -46.63 10.71 -29.02
C TYR X 227 -46.62 11.48 -27.72
N VAL X 228 -45.58 12.29 -27.49
CA VAL X 228 -45.56 13.13 -26.29
C VAL X 228 -46.54 14.30 -26.44
N ALA X 229 -46.82 14.70 -27.68
CA ALA X 229 -47.75 15.81 -27.90
C ALA X 229 -49.19 15.38 -27.65
N GLU X 230 -49.58 14.20 -28.14
CA GLU X 230 -50.93 13.71 -27.90
C GLU X 230 -51.15 13.28 -26.46
N ILE X 231 -50.06 12.99 -25.72
CA ILE X 231 -50.20 12.73 -24.30
C ILE X 231 -50.45 14.02 -23.54
N GLU X 232 -49.76 15.09 -23.91
CA GLU X 232 -49.97 16.38 -23.26
C GLU X 232 -51.28 17.01 -23.70
N LYS X 233 -51.81 16.61 -24.86
CA LYS X 233 -53.06 17.19 -25.33
C LYS X 233 -54.25 16.63 -24.56
N GLU X 234 -54.31 15.31 -24.41
CA GLU X 234 -55.43 14.69 -23.69
C GLU X 234 -55.33 14.87 -22.19
N LYS X 235 -54.15 15.18 -21.67
CA LYS X 235 -54.01 15.40 -20.23
C LYS X 235 -54.56 16.77 -19.82
N GLU X 236 -54.50 17.74 -20.71
CA GLU X 236 -55.00 19.09 -20.42
C GLU X 236 -56.52 19.18 -20.55
N GLU X 237 -57.19 18.11 -20.97
CA GLU X 237 -58.64 18.10 -21.14
C GLU X 237 -59.37 17.67 -19.89
N ASN X 238 -58.73 17.75 -18.72
CA ASN X 238 -59.39 17.44 -17.46
C ASN X 238 -60.26 18.57 -16.95
N GLU X 239 -60.12 19.77 -17.51
CA GLU X 239 -60.92 20.92 -17.11
C GLU X 239 -62.35 20.79 -17.64
N TYR Y 7 -16.60 -11.97 11.95
CA TYR Y 7 -17.90 -12.64 11.96
C TYR Y 7 -17.94 -13.77 10.94
N ASP Y 8 -16.78 -14.10 10.39
CA ASP Y 8 -16.66 -15.12 9.35
C ASP Y 8 -15.84 -16.28 9.90
N ARG Y 9 -16.54 -17.28 10.44
CA ARG Y 9 -15.92 -18.49 10.94
C ARG Y 9 -15.86 -19.53 9.83
N GLY Y 10 -15.52 -20.77 10.18
CA GLY Y 10 -15.53 -21.84 9.20
C GLY Y 10 -16.95 -22.23 8.83
N VAL Y 11 -17.15 -22.55 7.55
CA VAL Y 11 -18.46 -22.97 7.08
C VAL Y 11 -18.77 -24.41 7.47
N ASN Y 12 -17.77 -25.17 7.90
CA ASN Y 12 -17.96 -26.56 8.31
C ASN Y 12 -17.28 -26.71 9.66
N THR Y 13 -17.99 -26.35 10.72
CA THR Y 13 -17.40 -26.28 12.05
C THR Y 13 -18.45 -26.64 13.08
N PHE Y 14 -18.12 -27.57 13.97
CA PHE Y 14 -19.04 -27.94 15.03
C PHE Y 14 -19.12 -26.86 16.08
N SER Y 15 -20.32 -26.67 16.62
CA SER Y 15 -20.52 -25.77 17.73
C SER Y 15 -19.83 -26.31 18.98
N PRO Y 16 -19.42 -25.44 19.91
CA PRO Y 16 -18.94 -25.93 21.21
C PRO Y 16 -20.00 -26.66 22.01
N GLU Y 17 -21.27 -26.38 21.77
CA GLU Y 17 -22.34 -27.15 22.39
C GLU Y 17 -22.57 -28.47 21.67
N GLY Y 18 -22.24 -28.55 20.38
CA GLY Y 18 -22.30 -29.82 19.68
C GLY Y 18 -23.03 -29.77 18.36
N ARG Y 19 -23.80 -28.72 18.12
CA ARG Y 19 -24.62 -28.64 16.92
C ARG Y 19 -23.79 -28.08 15.76
N LEU Y 20 -24.46 -27.75 14.66
CA LEU Y 20 -23.83 -27.12 13.52
C LEU Y 20 -24.15 -25.62 13.50
N PHE Y 21 -23.43 -24.91 12.65
CA PHE Y 21 -23.64 -23.48 12.46
C PHE Y 21 -24.59 -23.19 11.32
N GLN Y 22 -24.24 -23.63 10.11
CA GLN Y 22 -24.95 -23.16 8.92
C GLN Y 22 -26.16 -24.02 8.60
N VAL Y 23 -26.14 -25.29 8.99
CA VAL Y 23 -27.33 -26.14 8.83
C VAL Y 23 -28.41 -25.70 9.80
N GLU Y 24 -28.02 -25.18 10.97
CA GLU Y 24 -28.98 -24.59 11.89
C GLU Y 24 -29.62 -23.34 11.30
N TYR Y 25 -28.87 -22.57 10.52
CA TYR Y 25 -29.42 -21.38 9.91
C TYR Y 25 -30.31 -21.72 8.72
N ALA Y 26 -30.11 -22.90 8.14
CA ALA Y 26 -30.92 -23.32 7.00
C ALA Y 26 -32.35 -23.61 7.41
N ILE Y 27 -32.53 -24.21 8.59
CA ILE Y 27 -33.86 -24.53 9.09
C ILE Y 27 -34.61 -23.25 9.44
N GLU Y 28 -33.87 -22.20 9.83
CA GLU Y 28 -34.50 -20.93 10.12
C GLU Y 28 -35.02 -20.26 8.86
N ALA Y 29 -34.41 -20.51 7.71
CA ALA Y 29 -34.79 -19.87 6.46
C ALA Y 29 -36.02 -20.50 5.81
N ILE Y 30 -36.59 -21.53 6.43
CA ILE Y 30 -37.84 -22.10 5.95
C ILE Y 30 -39.03 -21.32 6.48
N LYS Y 31 -38.89 -20.65 7.64
CA LYS Y 31 -39.99 -20.00 8.33
C LYS Y 31 -40.57 -18.84 7.53
N LEU Y 32 -39.75 -18.18 6.72
CA LEU Y 32 -40.25 -17.09 5.88
C LEU Y 32 -41.01 -17.58 4.66
N GLY Y 33 -40.93 -18.85 4.31
CA GLY Y 33 -41.63 -19.35 3.15
C GLY Y 33 -43.13 -19.50 3.40
N SER Y 34 -43.85 -19.80 2.31
CA SER Y 34 -45.29 -19.97 2.40
C SER Y 34 -45.65 -21.32 3.02
N THR Y 35 -46.83 -21.38 3.63
CA THR Y 35 -47.26 -22.58 4.31
C THR Y 35 -47.76 -23.62 3.31
N ALA Y 36 -47.77 -24.89 3.75
CA ALA Y 36 -48.17 -26.01 2.91
C ALA Y 36 -48.62 -27.15 3.82
N ILE Y 37 -49.71 -27.81 3.44
CA ILE Y 37 -50.33 -28.84 4.26
C ILE Y 37 -50.59 -30.07 3.40
N GLY Y 38 -50.13 -31.23 3.85
CA GLY Y 38 -50.45 -32.48 3.21
C GLY Y 38 -50.92 -33.52 4.21
N ILE Y 39 -51.96 -34.27 3.87
CA ILE Y 39 -52.57 -35.25 4.77
C ILE Y 39 -52.61 -36.59 4.08
N GLN Y 40 -52.08 -37.62 4.73
CA GLN Y 40 -52.17 -38.99 4.24
C GLN Y 40 -53.47 -39.61 4.74
N THR Y 41 -54.22 -40.18 3.81
CA THR Y 41 -55.48 -40.85 4.11
C THR Y 41 -55.51 -42.10 3.25
N SER Y 42 -56.12 -43.17 3.78
CA SER Y 42 -56.16 -44.45 3.08
C SER Y 42 -56.92 -44.38 1.76
N GLU Y 43 -57.81 -43.41 1.58
CA GLU Y 43 -58.43 -43.20 0.29
C GLU Y 43 -57.50 -42.49 -0.68
N GLY Y 44 -56.48 -41.81 -0.16
CA GLY Y 44 -55.54 -41.09 -1.00
C GLY Y 44 -54.89 -39.93 -0.28
N VAL Y 45 -53.88 -39.32 -0.89
CA VAL Y 45 -53.13 -38.24 -0.27
C VAL Y 45 -53.59 -36.91 -0.88
N CYS Y 46 -54.12 -36.02 -0.05
CA CYS Y 46 -54.40 -34.67 -0.47
C CYS Y 46 -53.24 -33.76 -0.11
N LEU Y 47 -53.21 -32.57 -0.70
CA LEU Y 47 -52.05 -31.71 -0.55
C LEU Y 47 -52.47 -30.28 -0.89
N ALA Y 48 -52.07 -29.32 -0.05
CA ALA Y 48 -52.52 -27.94 -0.17
C ALA Y 48 -51.36 -26.99 0.03
N VAL Y 49 -51.49 -25.78 -0.53
CA VAL Y 49 -50.45 -24.76 -0.40
C VAL Y 49 -51.13 -23.39 -0.59
N GLU Y 50 -50.43 -22.32 -0.21
CA GLU Y 50 -50.86 -20.95 -0.45
C GLU Y 50 -49.87 -20.26 -1.36
N LYS Y 51 -50.38 -19.56 -2.39
CA LYS Y 51 -49.48 -19.00 -3.39
C LYS Y 51 -48.82 -17.69 -2.95
N ARG Y 52 -49.53 -16.88 -2.15
CA ARG Y 52 -49.09 -15.57 -1.66
C ARG Y 52 -48.75 -14.64 -2.83
N ILE Y 53 -49.81 -14.27 -3.56
CA ILE Y 53 -49.69 -13.34 -4.66
C ILE Y 53 -49.37 -11.96 -4.12
N THR Y 54 -48.34 -11.32 -4.69
CA THR Y 54 -47.87 -10.02 -4.22
C THR Y 54 -48.48 -8.85 -4.96
N SER Y 55 -48.85 -9.03 -6.23
CA SER Y 55 -49.37 -7.93 -7.03
C SER Y 55 -50.37 -8.46 -8.04
N PRO Y 56 -51.42 -7.69 -8.36
CA PRO Y 56 -52.40 -8.15 -9.35
C PRO Y 56 -51.87 -8.15 -10.77
N LEU Y 57 -50.80 -7.40 -11.06
CA LEU Y 57 -50.14 -7.49 -12.35
C LEU Y 57 -49.45 -8.83 -12.56
N MET Y 58 -49.08 -9.51 -11.48
CA MET Y 58 -48.42 -10.81 -11.60
C MET Y 58 -49.44 -11.88 -11.96
N GLU Y 59 -49.21 -12.54 -13.08
CA GLU Y 59 -50.09 -13.63 -13.49
C GLU Y 59 -49.86 -14.82 -12.57
N PRO Y 60 -50.92 -15.39 -11.99
CA PRO Y 60 -50.72 -16.31 -10.87
C PRO Y 60 -50.27 -17.70 -11.27
N SER Y 61 -50.66 -18.18 -12.45
CA SER Y 61 -50.42 -19.57 -12.79
C SER Y 61 -48.98 -19.88 -13.17
N SER Y 62 -48.14 -18.85 -13.31
CA SER Y 62 -46.70 -19.11 -13.46
C SER Y 62 -46.03 -19.39 -12.12
N ILE Y 63 -46.74 -19.17 -11.02
CA ILE Y 63 -46.26 -19.52 -9.69
C ILE Y 63 -46.86 -20.86 -9.32
N GLU Y 64 -46.03 -21.86 -9.10
CA GLU Y 64 -46.52 -23.17 -8.69
C GLU Y 64 -45.70 -23.66 -7.52
N LYS Y 65 -46.34 -24.46 -6.69
CA LYS Y 65 -45.71 -25.14 -5.58
C LYS Y 65 -45.85 -26.64 -5.67
N ILE Y 66 -46.98 -27.12 -6.16
CA ILE Y 66 -47.17 -28.54 -6.45
C ILE Y 66 -46.53 -28.84 -7.80
N VAL Y 67 -45.60 -29.79 -7.81
CA VAL Y 67 -44.92 -30.24 -9.01
C VAL Y 67 -45.02 -31.76 -9.06
N GLU Y 68 -45.50 -32.30 -10.17
CA GLU Y 68 -45.51 -33.75 -10.31
C GLU Y 68 -44.10 -34.28 -10.51
N ILE Y 69 -43.90 -35.54 -10.15
CA ILE Y 69 -42.54 -36.09 -10.21
C ILE Y 69 -42.43 -37.07 -11.37
N ASP Y 70 -43.15 -38.20 -11.31
CA ASP Y 70 -43.19 -39.10 -12.46
C ASP Y 70 -44.60 -39.30 -12.99
N ALA Y 71 -45.47 -39.98 -12.25
CA ALA Y 71 -46.87 -40.12 -12.62
C ALA Y 71 -47.81 -40.07 -11.44
N HIS Y 72 -47.34 -40.38 -10.25
CA HIS Y 72 -48.19 -40.60 -9.08
C HIS Y 72 -47.60 -39.98 -7.83
N ILE Y 73 -46.56 -39.16 -7.96
CA ILE Y 73 -45.88 -38.56 -6.83
C ILE Y 73 -45.92 -37.05 -6.98
N GLY Y 74 -46.48 -36.36 -5.99
CA GLY Y 74 -46.49 -34.92 -5.96
C GLY Y 74 -45.39 -34.35 -5.10
N CYS Y 75 -45.38 -33.03 -4.97
CA CYS Y 75 -44.38 -32.35 -4.18
C CYS Y 75 -44.95 -31.04 -3.65
N ALA Y 76 -44.24 -30.44 -2.70
CA ALA Y 76 -44.65 -29.17 -2.11
C ALA Y 76 -43.39 -28.50 -1.57
N MET Y 77 -42.99 -27.42 -2.21
CA MET Y 77 -41.79 -26.71 -1.78
C MET Y 77 -42.16 -25.54 -0.87
N SER Y 78 -41.25 -25.21 0.03
CA SER Y 78 -41.45 -24.09 0.96
C SER Y 78 -40.07 -23.58 1.35
N GLY Y 79 -39.72 -22.40 0.85
CA GLY Y 79 -38.41 -21.84 1.12
C GLY Y 79 -37.92 -21.05 -0.07
N LEU Y 80 -36.71 -21.35 -0.54
CA LEU Y 80 -36.19 -20.69 -1.72
C LEU Y 80 -36.65 -21.43 -2.96
N ILE Y 81 -37.08 -20.68 -3.96
CA ILE Y 81 -37.75 -21.28 -5.10
C ILE Y 81 -36.76 -21.94 -6.04
N ALA Y 82 -35.68 -21.23 -6.39
CA ALA Y 82 -34.77 -21.73 -7.41
C ALA Y 82 -33.84 -22.80 -6.85
N ASP Y 83 -33.66 -22.85 -5.53
CA ASP Y 83 -32.93 -23.98 -4.96
C ASP Y 83 -33.77 -25.24 -5.00
N ALA Y 84 -35.10 -25.11 -4.89
CA ALA Y 84 -35.98 -26.25 -4.98
C ALA Y 84 -36.05 -26.81 -6.39
N LYS Y 85 -35.80 -25.97 -7.40
CA LYS Y 85 -35.85 -26.43 -8.79
C LYS Y 85 -34.72 -27.38 -9.12
N THR Y 86 -33.62 -27.34 -8.36
CA THR Y 86 -32.56 -28.31 -8.57
C THR Y 86 -32.95 -29.67 -8.02
N LEU Y 87 -33.59 -29.69 -6.85
CA LEU Y 87 -34.01 -30.94 -6.24
C LEU Y 87 -35.14 -31.60 -7.01
N ILE Y 88 -36.00 -30.81 -7.64
CA ILE Y 88 -37.09 -31.37 -8.45
C ILE Y 88 -36.54 -32.02 -9.72
N ASP Y 89 -35.64 -31.31 -10.42
CA ASP Y 89 -35.12 -31.81 -11.68
C ASP Y 89 -34.26 -33.04 -11.50
N LYS Y 90 -33.68 -33.23 -10.31
CA LYS Y 90 -32.99 -34.48 -10.07
C LYS Y 90 -33.95 -35.60 -9.73
N ALA Y 91 -35.01 -35.29 -8.98
CA ALA Y 91 -35.96 -36.32 -8.54
C ALA Y 91 -36.77 -36.87 -9.70
N ARG Y 92 -36.97 -36.07 -10.75
CA ARG Y 92 -37.63 -36.57 -11.95
C ARG Y 92 -36.75 -37.58 -12.68
N VAL Y 93 -35.45 -37.30 -12.78
CA VAL Y 93 -34.54 -38.16 -13.52
C VAL Y 93 -34.34 -39.49 -12.81
N GLU Y 94 -34.19 -39.45 -11.49
CA GLU Y 94 -33.91 -40.65 -10.72
C GLU Y 94 -35.11 -41.59 -10.62
N THR Y 95 -36.31 -41.13 -10.97
CA THR Y 95 -37.41 -42.07 -11.17
C THR Y 95 -37.38 -42.67 -12.56
N GLN Y 96 -36.81 -41.96 -13.53
CA GLN Y 96 -36.74 -42.49 -14.88
C GLN Y 96 -35.63 -43.51 -15.02
N ASN Y 97 -34.52 -43.34 -14.31
CA ASN Y 97 -33.48 -44.36 -14.33
C ASN Y 97 -33.93 -45.65 -13.66
N HIS Y 98 -34.86 -45.54 -12.72
CA HIS Y 98 -35.39 -46.74 -12.08
C HIS Y 98 -36.32 -47.49 -13.00
N TRP Y 99 -37.01 -46.78 -13.90
CA TRP Y 99 -37.97 -47.47 -14.72
C TRP Y 99 -37.33 -48.02 -15.98
N PHE Y 100 -36.31 -47.35 -16.50
CA PHE Y 100 -35.61 -47.83 -17.68
C PHE Y 100 -34.40 -48.68 -17.32
N THR Y 101 -34.37 -49.19 -16.09
CA THR Y 101 -33.49 -50.28 -15.70
C THR Y 101 -34.20 -51.40 -14.97
N TYR Y 102 -35.47 -51.22 -14.60
CA TYR Y 102 -36.19 -52.28 -13.88
C TYR Y 102 -37.62 -52.53 -14.35
N ASN Y 103 -38.19 -51.67 -15.21
CA ASN Y 103 -39.60 -51.74 -15.67
C ASN Y 103 -40.59 -51.73 -14.52
N GLU Y 104 -40.31 -50.92 -13.51
CA GLU Y 104 -41.25 -50.76 -12.41
C GLU Y 104 -41.11 -49.35 -11.85
N THR Y 105 -42.16 -48.91 -11.17
CA THR Y 105 -42.19 -47.57 -10.62
C THR Y 105 -41.43 -47.52 -9.31
N MET Y 106 -40.58 -46.51 -9.16
CA MET Y 106 -39.85 -46.32 -7.91
C MET Y 106 -40.81 -45.90 -6.80
N THR Y 107 -40.69 -46.55 -5.65
CA THR Y 107 -41.57 -46.26 -4.52
C THR Y 107 -41.26 -44.89 -3.93
N VAL Y 108 -42.26 -44.35 -3.23
CA VAL Y 108 -42.20 -42.97 -2.73
C VAL Y 108 -41.10 -42.81 -1.69
N GLU Y 109 -40.86 -43.84 -0.89
CA GLU Y 109 -39.79 -43.79 0.10
C GLU Y 109 -38.42 -43.77 -0.58
N SER Y 110 -38.23 -44.60 -1.58
CA SER Y 110 -36.93 -44.68 -2.24
C SER Y 110 -36.69 -43.52 -3.20
N VAL Y 111 -37.72 -42.73 -3.53
CA VAL Y 111 -37.47 -41.46 -4.21
C VAL Y 111 -36.80 -40.49 -3.25
N THR Y 112 -37.28 -40.44 -2.02
CA THR Y 112 -36.82 -39.44 -1.08
C THR Y 112 -35.42 -39.77 -0.57
N GLN Y 113 -35.06 -41.07 -0.55
CA GLN Y 113 -33.69 -41.47 -0.24
C GLN Y 113 -32.71 -40.95 -1.28
N ALA Y 114 -33.09 -40.97 -2.56
CA ALA Y 114 -32.21 -40.47 -3.61
C ALA Y 114 -32.11 -38.96 -3.60
N VAL Y 115 -33.14 -38.27 -3.09
CA VAL Y 115 -33.05 -36.82 -3.00
C VAL Y 115 -32.23 -36.42 -1.78
N SER Y 116 -32.39 -37.14 -0.68
CA SER Y 116 -31.76 -36.79 0.58
C SER Y 116 -30.29 -37.18 0.65
N ASN Y 117 -29.71 -37.74 -0.42
CA ASN Y 117 -28.29 -38.05 -0.39
C ASN Y 117 -27.46 -36.78 -0.48
N LEU Y 118 -27.76 -35.92 -1.45
CA LEU Y 118 -27.03 -34.68 -1.62
C LEU Y 118 -27.64 -33.52 -0.86
N ALA Y 119 -28.36 -33.79 0.22
CA ALA Y 119 -28.83 -32.69 1.06
C ALA Y 119 -27.69 -32.04 1.82
N LEU Y 120 -26.67 -32.82 2.20
CA LEU Y 120 -25.51 -32.27 2.90
C LEU Y 120 -24.20 -32.71 2.25
N GLN Y 121 -24.17 -32.76 0.92
CA GLN Y 121 -22.94 -33.06 0.20
C GLN Y 121 -22.21 -31.81 -0.27
N PHE Y 122 -22.30 -30.73 0.48
CA PHE Y 122 -21.61 -29.49 0.14
C PHE Y 122 -20.22 -29.46 0.78
N GLY Y 123 -19.38 -28.56 0.26
CA GLY Y 123 -18.03 -28.43 0.76
C GLY Y 123 -17.20 -27.60 -0.19
N GLU Y 124 -15.88 -27.65 0.03
CA GLU Y 124 -14.95 -26.95 -0.85
C GLU Y 124 -14.61 -27.79 -2.08
N GLU Y 125 -14.31 -29.07 -1.88
CA GLU Y 125 -13.97 -29.98 -2.96
C GLU Y 125 -15.11 -30.95 -3.21
N ASP Y 126 -14.86 -31.92 -4.10
CA ASP Y 126 -15.77 -33.01 -4.46
C ASP Y 126 -17.10 -32.53 -5.02
N SER Y 133 -19.89 -26.01 -1.53
CA SER Y 133 -20.91 -24.98 -1.61
C SER Y 133 -21.61 -24.81 -0.27
N ARG Y 134 -22.89 -24.48 -0.31
CA ARG Y 134 -23.72 -24.23 0.86
C ARG Y 134 -24.87 -25.22 0.90
N PRO Y 135 -25.46 -25.47 2.07
CA PRO Y 135 -26.65 -26.32 2.11
C PRO Y 135 -27.86 -25.62 1.52
N PHE Y 136 -28.82 -26.42 1.07
CA PHE Y 136 -30.02 -25.93 0.42
C PHE Y 136 -30.94 -25.26 1.43
N GLY Y 137 -31.97 -24.59 0.91
CA GLY Y 137 -32.84 -23.80 1.76
C GLY Y 137 -34.32 -24.05 1.57
N VAL Y 138 -34.70 -25.31 1.38
CA VAL Y 138 -36.09 -25.64 1.11
C VAL Y 138 -36.42 -26.97 1.80
N ALA Y 139 -37.63 -27.07 2.34
CA ALA Y 139 -38.17 -28.31 2.84
C ALA Y 139 -39.27 -28.80 1.90
N LEU Y 140 -39.42 -30.11 1.81
CA LEU Y 140 -40.31 -30.71 0.83
C LEU Y 140 -41.35 -31.59 1.49
N LEU Y 141 -42.40 -31.90 0.73
CA LEU Y 141 -43.43 -32.86 1.12
C LEU Y 141 -43.72 -33.75 -0.09
N PHE Y 142 -43.10 -34.92 -0.10
CA PHE Y 142 -43.38 -35.91 -1.12
C PHE Y 142 -44.58 -36.76 -0.70
N GLY Y 143 -45.55 -36.86 -1.60
CA GLY Y 143 -46.71 -37.70 -1.36
C GLY Y 143 -47.07 -38.51 -2.58
N GLY Y 144 -47.42 -39.76 -2.40
CA GLY Y 144 -47.71 -40.60 -3.55
C GLY Y 144 -48.37 -41.90 -3.15
N VAL Y 145 -48.76 -42.66 -4.16
CA VAL Y 145 -49.40 -43.96 -3.97
C VAL Y 145 -48.53 -45.01 -4.65
N ASP Y 146 -47.99 -45.92 -3.84
CA ASP Y 146 -47.20 -47.02 -4.34
C ASP Y 146 -47.76 -48.34 -3.82
N GLU Y 147 -46.99 -49.42 -3.91
CA GLU Y 147 -47.48 -50.76 -3.62
C GLU Y 147 -47.89 -50.94 -2.16
N LYS Y 148 -47.39 -50.11 -1.25
CA LYS Y 148 -47.80 -50.17 0.15
C LYS Y 148 -48.90 -49.17 0.48
N GLY Y 149 -49.77 -48.88 -0.48
CA GLY Y 149 -50.83 -47.92 -0.28
C GLY Y 149 -50.34 -46.51 -0.50
N PRO Y 150 -51.11 -45.52 -0.06
CA PRO Y 150 -50.66 -44.14 -0.17
C PRO Y 150 -49.65 -43.81 0.92
N GLN Y 151 -48.70 -42.94 0.58
CA GLN Y 151 -47.61 -42.57 1.46
C GLN Y 151 -47.46 -41.07 1.51
N LEU Y 152 -46.81 -40.58 2.56
CA LEU Y 152 -46.53 -39.15 2.71
C LEU Y 152 -45.26 -39.00 3.52
N PHE Y 153 -44.27 -38.35 2.92
CA PHE Y 153 -42.97 -38.19 3.56
C PHE Y 153 -42.60 -36.71 3.64
N HIS Y 154 -41.65 -36.42 4.52
CA HIS Y 154 -41.21 -35.07 4.78
C HIS Y 154 -39.70 -35.05 4.94
N MET Y 155 -39.04 -34.07 4.32
CA MET Y 155 -37.61 -33.91 4.47
C MET Y 155 -37.29 -32.45 4.78
N ASP Y 156 -36.00 -32.20 4.96
CA ASP Y 156 -35.50 -30.91 5.44
C ASP Y 156 -34.10 -30.72 4.87
N PRO Y 157 -33.55 -29.50 4.92
CA PRO Y 157 -32.18 -29.30 4.44
C PRO Y 157 -31.10 -30.01 5.25
N SER Y 158 -31.40 -30.53 6.43
CA SER Y 158 -30.43 -31.36 7.13
C SER Y 158 -30.42 -32.80 6.66
N GLY Y 159 -31.23 -33.14 5.66
CA GLY Y 159 -31.27 -34.51 5.18
C GLY Y 159 -31.94 -35.48 6.09
N THR Y 160 -32.72 -35.00 7.06
CA THR Y 160 -33.38 -35.87 8.03
C THR Y 160 -34.69 -36.33 7.41
N PHE Y 161 -34.60 -37.42 6.66
CA PHE Y 161 -35.77 -38.09 6.10
C PHE Y 161 -36.65 -38.67 7.20
N VAL Y 162 -37.97 -38.56 7.01
CA VAL Y 162 -38.94 -39.04 8.00
C VAL Y 162 -40.26 -39.26 7.29
N GLN Y 163 -41.15 -40.03 7.90
CA GLN Y 163 -42.52 -40.20 7.44
C GLN Y 163 -43.48 -39.55 8.41
N CYS Y 164 -44.41 -38.76 7.88
CA CYS Y 164 -45.44 -38.13 8.68
C CYS Y 164 -46.81 -38.58 8.19
N ASP Y 165 -47.79 -38.54 9.09
CA ASP Y 165 -49.16 -38.81 8.69
C ASP Y 165 -49.81 -37.57 8.09
N ALA Y 166 -49.66 -36.42 8.77
CA ALA Y 166 -50.18 -35.17 8.22
C ALA Y 166 -49.28 -34.04 8.71
N ARG Y 167 -48.32 -33.65 7.87
CA ARG Y 167 -47.32 -32.65 8.20
C ARG Y 167 -47.74 -31.30 7.62
N ALA Y 168 -47.45 -30.23 8.35
CA ALA Y 168 -47.75 -28.87 7.86
C ALA Y 168 -46.52 -28.01 8.07
N ILE Y 169 -45.92 -27.54 6.99
CA ILE Y 169 -44.67 -26.81 7.05
C ILE Y 169 -44.80 -25.48 6.30
N GLY Y 170 -43.93 -24.55 6.65
CA GLY Y 170 -43.95 -23.22 6.07
C GLY Y 170 -43.95 -22.12 7.12
N SER Y 171 -44.73 -21.07 6.88
CA SER Y 171 -44.82 -19.97 7.83
C SER Y 171 -45.63 -20.37 9.05
N ALA Y 172 -46.79 -20.96 8.84
CA ALA Y 172 -47.60 -21.47 9.95
C ALA Y 172 -47.13 -22.88 10.27
N SER Y 173 -45.92 -22.98 10.82
CA SER Y 173 -45.35 -24.27 11.17
C SER Y 173 -45.88 -24.78 12.50
N GLU Y 174 -45.88 -23.93 13.53
CA GLU Y 174 -46.38 -24.35 14.82
C GLU Y 174 -47.90 -24.22 14.89
N GLY Y 175 -48.45 -23.18 14.27
CA GLY Y 175 -49.88 -22.92 14.40
C GLY Y 175 -50.76 -23.94 13.70
N ALA Y 176 -50.31 -24.46 12.57
CA ALA Y 176 -51.12 -25.43 11.85
C ALA Y 176 -51.04 -26.80 12.51
N GLN Y 177 -49.82 -27.24 12.89
CA GLN Y 177 -49.62 -28.56 13.50
C GLN Y 177 -50.38 -28.71 14.82
N SER Y 178 -50.57 -27.62 15.55
CA SER Y 178 -51.37 -27.70 16.76
C SER Y 178 -52.85 -27.85 16.43
N SER Y 179 -53.33 -27.09 15.44
CA SER Y 179 -54.73 -27.18 15.05
C SER Y 179 -55.02 -28.47 14.30
N LEU Y 180 -54.02 -29.05 13.66
CA LEU Y 180 -54.23 -30.25 12.87
C LEU Y 180 -54.38 -31.48 13.75
N GLN Y 181 -53.58 -31.59 14.80
CA GLN Y 181 -53.70 -32.70 15.73
C GLN Y 181 -54.98 -32.63 16.54
N GLU Y 182 -55.60 -31.44 16.62
CA GLU Y 182 -56.90 -31.32 17.25
C GLU Y 182 -57.97 -32.07 16.49
N VAL Y 183 -57.95 -32.01 15.16
CA VAL Y 183 -58.96 -32.66 14.32
C VAL Y 183 -58.25 -33.57 13.32
N TYR Y 184 -57.95 -34.79 13.76
CA TYR Y 184 -57.39 -35.83 12.90
C TYR Y 184 -57.59 -37.17 13.58
N HIS Y 185 -57.83 -38.19 12.76
CA HIS Y 185 -57.89 -39.56 13.25
C HIS Y 185 -57.46 -40.48 12.12
N LYS Y 186 -57.52 -41.78 12.37
CA LYS Y 186 -57.00 -42.74 11.39
C LYS Y 186 -57.97 -42.98 10.25
N SER Y 187 -59.26 -43.10 10.55
CA SER Y 187 -60.25 -43.48 9.53
C SER Y 187 -60.86 -42.27 8.84
N MET Y 188 -60.02 -41.39 8.33
CA MET Y 188 -60.49 -40.25 7.57
C MET Y 188 -60.95 -40.71 6.18
N THR Y 189 -61.64 -39.82 5.49
CA THR Y 189 -61.93 -40.00 4.07
C THR Y 189 -61.19 -38.93 3.28
N LEU Y 190 -61.32 -38.99 1.96
CA LEU Y 190 -60.61 -38.03 1.13
C LEU Y 190 -61.33 -36.70 1.08
N LYS Y 191 -62.66 -36.72 0.95
CA LYS Y 191 -63.42 -35.48 0.90
C LYS Y 191 -63.42 -34.77 2.24
N GLU Y 192 -63.31 -35.51 3.33
CA GLU Y 192 -63.23 -34.89 4.65
C GLU Y 192 -61.87 -34.24 4.86
N ALA Y 193 -60.81 -34.86 4.32
CA ALA Y 193 -59.48 -34.32 4.51
C ALA Y 193 -59.23 -33.09 3.66
N ILE Y 194 -59.91 -32.98 2.53
CA ILE Y 194 -59.75 -31.81 1.66
C ILE Y 194 -60.37 -30.58 2.31
N LYS Y 195 -61.62 -30.69 2.78
CA LYS Y 195 -62.28 -29.56 3.40
C LYS Y 195 -61.68 -29.22 4.76
N SER Y 196 -61.04 -30.17 5.44
CA SER Y 196 -60.44 -29.88 6.73
C SER Y 196 -59.14 -29.10 6.58
N SER Y 197 -58.45 -29.28 5.46
CA SER Y 197 -57.16 -28.63 5.28
C SER Y 197 -57.33 -27.14 5.00
N LEU Y 198 -58.32 -26.77 4.21
CA LEU Y 198 -58.50 -25.36 3.87
C LEU Y 198 -59.11 -24.57 5.03
N ILE Y 199 -59.79 -25.25 5.96
CA ILE Y 199 -60.17 -24.62 7.22
C ILE Y 199 -58.94 -24.18 7.99
N ILE Y 200 -57.90 -25.03 7.99
CA ILE Y 200 -56.64 -24.69 8.64
C ILE Y 200 -55.95 -23.56 7.89
N LEU Y 201 -56.05 -23.56 6.55
CA LEU Y 201 -55.36 -22.55 5.75
C LEU Y 201 -55.96 -21.16 5.93
N LYS Y 202 -57.29 -21.05 5.94
CA LYS Y 202 -57.91 -19.74 6.05
C LYS Y 202 -57.76 -19.16 7.45
N GLN Y 203 -57.49 -19.99 8.45
CA GLN Y 203 -57.19 -19.47 9.79
C GLN Y 203 -55.77 -18.94 9.88
N VAL Y 204 -54.87 -19.42 9.04
CA VAL Y 204 -53.47 -19.03 9.14
C VAL Y 204 -53.04 -18.08 8.04
N MET Y 205 -53.81 -17.94 6.98
CA MET Y 205 -53.44 -16.96 5.97
C MET Y 205 -53.95 -15.59 6.34
N GLU Y 206 -53.46 -14.57 5.63
CA GLU Y 206 -53.83 -13.20 5.90
C GLU Y 206 -54.79 -12.61 4.88
N GLU Y 207 -54.84 -13.16 3.67
CA GLU Y 207 -55.78 -12.70 2.66
C GLU Y 207 -57.05 -13.55 2.72
N LYS Y 208 -57.98 -13.29 1.80
CA LYS Y 208 -59.19 -14.06 1.72
C LYS Y 208 -58.93 -15.38 0.99
N LEU Y 209 -59.95 -16.22 0.91
CA LEU Y 209 -59.82 -17.54 0.33
C LEU Y 209 -60.58 -17.58 -0.99
N ASN Y 210 -59.84 -17.57 -2.09
CA ASN Y 210 -60.46 -17.63 -3.41
C ASN Y 210 -59.82 -18.70 -4.28
N ALA Y 211 -60.12 -18.69 -5.57
CA ALA Y 211 -59.59 -19.66 -6.51
C ALA Y 211 -58.20 -19.31 -7.01
N THR Y 212 -57.59 -18.23 -6.52
CA THR Y 212 -56.28 -17.82 -6.97
C THR Y 212 -55.20 -17.85 -5.89
N ASN Y 213 -55.57 -17.99 -4.63
CA ASN Y 213 -54.58 -18.03 -3.56
C ASN Y 213 -54.06 -19.43 -3.28
N ILE Y 214 -54.91 -20.45 -3.38
CA ILE Y 214 -54.54 -21.80 -3.01
C ILE Y 214 -54.66 -22.70 -4.23
N GLU Y 215 -54.19 -23.93 -4.05
CA GLU Y 215 -54.34 -24.98 -5.06
C GLU Y 215 -54.19 -26.33 -4.39
N LEU Y 216 -54.83 -27.33 -4.97
CA LEU Y 216 -54.86 -28.67 -4.42
C LEU Y 216 -54.30 -29.67 -5.43
N ALA Y 217 -53.93 -30.83 -4.91
CA ALA Y 217 -53.48 -31.95 -5.74
C ALA Y 217 -53.71 -33.22 -4.95
N THR Y 218 -54.69 -34.01 -5.36
CA THR Y 218 -55.01 -35.25 -4.69
C THR Y 218 -54.66 -36.44 -5.57
N VAL Y 219 -53.86 -37.34 -5.05
CA VAL Y 219 -53.49 -38.57 -5.74
C VAL Y 219 -54.28 -39.73 -5.11
N GLN Y 220 -54.87 -40.56 -5.97
CA GLN Y 220 -55.72 -41.66 -5.56
C GLN Y 220 -55.09 -42.97 -6.05
N PRO Y 221 -55.46 -44.11 -5.44
CA PRO Y 221 -55.01 -45.39 -6.02
C PRO Y 221 -55.58 -45.67 -7.38
N GLY Y 222 -56.82 -45.29 -7.64
CA GLY Y 222 -57.39 -45.49 -8.97
C GLY Y 222 -57.04 -44.35 -9.91
N GLN Y 223 -57.44 -43.13 -9.54
CA GLN Y 223 -57.06 -41.93 -10.28
C GLN Y 223 -55.63 -41.63 -9.87
N ASN Y 224 -54.68 -42.24 -10.59
CA ASN Y 224 -53.28 -42.13 -10.20
C ASN Y 224 -52.74 -40.75 -10.54
N PHE Y 225 -53.13 -40.21 -11.69
CA PHE Y 225 -52.68 -38.87 -12.08
C PHE Y 225 -53.42 -37.85 -11.24
N HIS Y 226 -52.68 -37.15 -10.37
CA HIS Y 226 -53.32 -36.13 -9.55
C HIS Y 226 -53.70 -34.92 -10.41
N MET Y 227 -54.95 -34.51 -10.30
CA MET Y 227 -55.53 -33.58 -11.26
C MET Y 227 -56.50 -32.67 -10.52
N PHE Y 228 -56.19 -31.37 -10.46
CA PHE Y 228 -57.08 -30.42 -9.80
C PHE Y 228 -56.84 -29.04 -10.38
N THR Y 229 -57.90 -28.43 -10.91
CA THR Y 229 -57.81 -27.12 -11.54
C THR Y 229 -58.78 -26.13 -10.93
N LYS Y 230 -58.91 -24.96 -11.58
CA LYS Y 230 -59.94 -24.00 -11.20
C LYS Y 230 -61.30 -24.50 -11.64
N GLU Y 231 -62.34 -23.78 -11.21
CA GLU Y 231 -63.78 -24.04 -11.35
C GLU Y 231 -64.23 -25.30 -10.61
N GLU Y 232 -63.33 -26.05 -10.00
CA GLU Y 232 -63.65 -27.07 -9.01
C GLU Y 232 -63.23 -26.65 -7.62
N LEU Y 233 -62.19 -25.83 -7.54
CA LEU Y 233 -61.74 -25.28 -6.27
C LEU Y 233 -62.77 -24.30 -5.71
N GLU Y 234 -63.51 -23.62 -6.61
CA GLU Y 234 -64.61 -22.77 -6.18
C GLU Y 234 -65.76 -23.57 -5.63
N GLU Y 235 -65.93 -24.80 -6.11
CA GLU Y 235 -67.02 -25.64 -5.64
C GLU Y 235 -66.75 -26.12 -4.22
N VAL Y 236 -65.49 -26.38 -3.89
CA VAL Y 236 -65.14 -26.83 -2.56
C VAL Y 236 -65.26 -25.69 -1.55
N ILE Y 237 -64.95 -24.46 -1.98
CA ILE Y 237 -65.05 -23.30 -1.09
C ILE Y 237 -66.51 -23.00 -0.77
N LYS Y 238 -67.37 -22.95 -1.78
CA LYS Y 238 -68.76 -22.57 -1.59
C LYS Y 238 -69.58 -23.63 -0.84
N ASP Y 239 -69.06 -24.85 -0.72
CA ASP Y 239 -69.73 -25.89 0.05
C ASP Y 239 -69.27 -25.93 1.50
N ILE Y 240 -68.56 -24.91 1.96
CA ILE Y 240 -68.11 -24.86 3.33
C ILE Y 240 -68.14 -23.41 3.80
N ASN Z 9 -9.60 -18.62 22.31
CA ASN Z 9 -10.67 -19.17 21.49
C ASN Z 9 -10.32 -19.17 20.01
N GLN Z 10 -9.16 -18.59 19.67
CA GLN Z 10 -8.74 -18.52 18.29
C GLN Z 10 -8.19 -19.83 17.77
N TYR Z 11 -7.82 -20.75 18.66
CA TYR Z 11 -7.37 -22.09 18.27
C TYR Z 11 -8.47 -23.13 18.45
N ASP Z 12 -9.73 -22.69 18.58
CA ASP Z 12 -10.85 -23.59 18.80
C ASP Z 12 -11.76 -23.64 17.57
N ASN Z 13 -11.20 -23.41 16.40
CA ASN Z 13 -11.96 -23.24 15.18
C ASN Z 13 -11.71 -24.36 14.17
N ASP Z 14 -10.46 -24.58 13.79
CA ASP Z 14 -10.14 -25.56 12.76
C ASP Z 14 -9.70 -26.88 13.38
N VAL Z 15 -9.61 -27.89 12.52
CA VAL Z 15 -9.16 -29.21 12.96
C VAL Z 15 -7.64 -29.31 12.89
N THR Z 16 -7.02 -28.60 11.95
CA THR Z 16 -5.57 -28.61 11.79
C THR Z 16 -4.86 -27.98 12.99
N VAL Z 17 -5.48 -26.99 13.61
CA VAL Z 17 -4.81 -26.24 14.67
C VAL Z 17 -4.80 -27.04 15.96
N TRP Z 18 -3.62 -27.17 16.56
CA TRP Z 18 -3.48 -27.80 17.87
C TRP Z 18 -3.86 -26.81 18.97
N SER Z 19 -3.59 -27.18 20.21
CA SER Z 19 -3.89 -26.29 21.31
C SER Z 19 -2.63 -26.08 22.14
N PRO Z 20 -2.55 -24.96 22.87
CA PRO Z 20 -1.49 -24.83 23.89
C PRO Z 20 -1.65 -25.79 25.05
N GLN Z 21 -2.82 -26.40 25.23
CA GLN Z 21 -3.00 -27.49 26.18
C GLN Z 21 -2.69 -28.84 25.57
N GLY Z 22 -2.66 -28.94 24.24
CA GLY Z 22 -2.33 -30.18 23.58
C GLY Z 22 -3.51 -31.01 23.12
N ARG Z 23 -4.71 -30.44 23.08
CA ARG Z 23 -5.93 -31.18 22.80
C ARG Z 23 -6.71 -30.48 21.70
N ILE Z 24 -7.01 -31.20 20.63
CA ILE Z 24 -7.75 -30.63 19.52
C ILE Z 24 -9.22 -30.51 19.91
N HIS Z 25 -9.76 -29.30 19.83
CA HIS Z 25 -11.10 -29.08 20.35
C HIS Z 25 -12.20 -29.46 19.36
N GLN Z 26 -11.89 -29.63 18.08
CA GLN Z 26 -12.93 -30.03 17.14
C GLN Z 26 -13.32 -31.49 17.33
N ILE Z 27 -12.39 -32.34 17.72
CA ILE Z 27 -12.74 -33.70 18.14
C ILE Z 27 -13.55 -33.65 19.43
N GLU Z 28 -13.17 -32.77 20.36
CA GLU Z 28 -13.90 -32.64 21.61
C GLU Z 28 -15.29 -32.06 21.41
N TYR Z 29 -15.49 -31.31 20.33
CA TYR Z 29 -16.82 -30.83 20.00
C TYR Z 29 -17.63 -31.87 19.24
N ALA Z 30 -16.96 -32.88 18.69
CA ALA Z 30 -17.65 -33.95 17.98
C ALA Z 30 -18.17 -35.01 18.93
N MET Z 31 -17.50 -35.20 20.07
CA MET Z 31 -17.99 -36.10 21.10
C MET Z 31 -19.32 -35.63 21.67
N GLU Z 32 -19.55 -34.33 21.69
CA GLU Z 32 -20.81 -33.81 22.22
C GLU Z 32 -21.96 -33.97 21.24
N ALA Z 33 -21.67 -34.20 19.96
CA ALA Z 33 -22.73 -34.48 19.01
C ALA Z 33 -23.29 -35.88 19.20
N VAL Z 34 -22.47 -36.81 19.69
CA VAL Z 34 -22.93 -38.17 19.92
C VAL Z 34 -23.90 -38.21 21.10
N LYS Z 35 -23.65 -37.40 22.12
CA LYS Z 35 -24.50 -37.37 23.31
C LYS Z 35 -25.87 -36.76 23.03
N GLN Z 36 -26.04 -36.05 21.92
CA GLN Z 36 -27.35 -35.52 21.56
C GLN Z 36 -28.31 -36.59 21.06
N GLY Z 37 -27.80 -37.70 20.55
CA GLY Z 37 -28.67 -38.74 20.05
C GLY Z 37 -29.28 -39.55 21.17
N SER Z 38 -30.28 -40.34 20.80
CA SER Z 38 -30.95 -41.19 21.78
C SER Z 38 -30.08 -42.38 22.15
N ALA Z 39 -30.41 -43.01 23.27
CA ALA Z 39 -29.57 -44.05 23.84
C ALA Z 39 -29.85 -45.39 23.18
N THR Z 40 -28.82 -46.24 23.18
CA THR Z 40 -28.91 -47.59 22.65
C THR Z 40 -27.87 -48.46 23.33
N VAL Z 41 -28.20 -49.74 23.49
CA VAL Z 41 -27.40 -50.67 24.29
C VAL Z 41 -27.09 -51.90 23.47
N GLY Z 42 -25.80 -52.24 23.37
CA GLY Z 42 -25.39 -53.47 22.72
C GLY Z 42 -24.62 -54.39 23.66
N LEU Z 43 -24.98 -55.67 23.68
CA LEU Z 43 -24.31 -56.67 24.49
C LEU Z 43 -24.27 -58.00 23.75
N LYS Z 44 -23.59 -58.99 24.32
CA LYS Z 44 -23.42 -60.26 23.66
C LYS Z 44 -23.41 -61.39 24.68
N SER Z 45 -23.32 -62.61 24.17
CA SER Z 45 -23.26 -63.82 24.97
C SER Z 45 -22.22 -64.72 24.32
N LYS Z 46 -22.24 -66.00 24.65
CA LYS Z 46 -21.35 -66.93 23.97
C LYS Z 46 -21.74 -67.14 22.51
N THR Z 47 -23.04 -67.11 22.22
CA THR Z 47 -23.52 -67.49 20.91
C THR Z 47 -24.33 -66.41 20.20
N HIS Z 48 -24.61 -65.28 20.84
CA HIS Z 48 -25.46 -64.27 20.24
C HIS Z 48 -24.97 -62.88 20.59
N ALA Z 49 -25.33 -61.92 19.73
CA ALA Z 49 -24.97 -60.51 19.89
C ALA Z 49 -26.24 -59.72 19.65
N VAL Z 50 -26.79 -59.16 20.72
CA VAL Z 50 -28.07 -58.46 20.68
C VAL Z 50 -27.84 -56.99 20.99
N LEU Z 51 -28.27 -56.11 20.11
CA LEU Z 51 -28.29 -54.67 20.39
C LEU Z 51 -29.73 -54.18 20.36
N VAL Z 52 -30.09 -53.37 21.36
CA VAL Z 52 -31.43 -52.84 21.52
C VAL Z 52 -31.35 -51.33 21.50
N ALA Z 53 -32.20 -50.69 20.69
CA ALA Z 53 -32.16 -49.26 20.51
C ALA Z 53 -33.46 -48.61 20.99
N LEU Z 54 -33.41 -47.29 21.13
CA LEU Z 54 -34.54 -46.50 21.59
C LEU Z 54 -34.82 -45.40 20.58
N LYS Z 55 -36.03 -45.39 20.03
CA LYS Z 55 -36.41 -44.45 19.00
C LYS Z 55 -37.03 -43.21 19.59
N ARG Z 56 -36.97 -42.12 18.81
CA ARG Z 56 -37.62 -40.86 19.17
C ARG Z 56 -38.50 -40.40 18.02
N ALA Z 57 -39.72 -39.99 18.35
CA ALA Z 57 -40.64 -39.43 17.37
C ALA Z 57 -40.54 -37.92 17.37
N GLN Z 58 -40.69 -37.32 16.20
CA GLN Z 58 -40.62 -35.87 16.12
C GLN Z 58 -41.92 -35.22 16.58
N SER Z 59 -43.05 -35.74 16.11
CA SER Z 59 -44.35 -35.26 16.55
C SER Z 59 -45.21 -36.47 16.89
N GLU Z 60 -46.45 -36.22 17.24
CA GLU Z 60 -47.35 -37.30 17.62
C GLU Z 60 -47.84 -38.09 16.42
N LEU Z 61 -47.84 -37.48 15.24
CA LEU Z 61 -48.32 -38.13 14.03
C LEU Z 61 -47.20 -38.71 13.19
N ALA Z 62 -46.00 -38.14 13.25
CA ALA Z 62 -44.86 -38.63 12.50
C ALA Z 62 -44.38 -39.97 13.06
N ALA Z 63 -43.77 -40.77 12.19
CA ALA Z 63 -43.23 -42.04 12.63
C ALA Z 63 -41.92 -41.84 13.36
N HIS Z 64 -41.52 -42.88 14.09
CA HIS Z 64 -40.27 -42.83 14.83
C HIS Z 64 -39.09 -43.01 13.88
N GLN Z 65 -38.03 -42.25 14.14
CA GLN Z 65 -36.81 -42.37 13.34
C GLN Z 65 -36.11 -43.68 13.64
N LYS Z 66 -35.76 -44.42 12.58
CA LYS Z 66 -35.19 -45.74 12.77
C LYS Z 66 -33.72 -45.65 13.18
N LYS Z 67 -33.31 -46.62 13.98
CA LYS Z 67 -31.98 -46.62 14.58
C LYS Z 67 -31.14 -47.79 14.07
N ILE Z 68 -31.68 -49.00 14.11
CA ILE Z 68 -30.95 -50.20 13.70
C ILE Z 68 -31.11 -50.36 12.20
N LEU Z 69 -30.02 -50.62 11.50
CA LEU Z 69 -30.08 -50.82 10.07
C LEU Z 69 -29.20 -51.99 9.65
N HIS Z 70 -29.72 -52.78 8.71
CA HIS Z 70 -29.05 -53.99 8.26
C HIS Z 70 -27.93 -53.68 7.29
N VAL Z 71 -26.83 -54.41 7.43
CA VAL Z 71 -25.65 -54.24 6.59
C VAL Z 71 -25.35 -55.50 5.80
N ASP Z 72 -25.20 -56.63 6.50
CA ASP Z 72 -24.88 -57.89 5.86
C ASP Z 72 -25.66 -58.98 6.60
N ASN Z 73 -25.51 -60.23 6.15
CA ASN Z 73 -26.20 -61.35 6.78
C ASN Z 73 -25.65 -61.71 8.16
N HIS Z 74 -24.57 -61.08 8.59
CA HIS Z 74 -24.03 -61.34 9.91
C HIS Z 74 -23.53 -60.08 10.61
N ILE Z 75 -23.71 -58.90 10.02
CA ILE Z 75 -23.26 -57.64 10.60
C ILE Z 75 -24.43 -56.67 10.62
N GLY Z 76 -24.71 -56.09 11.79
CA GLY Z 76 -25.65 -55.01 11.88
C GLY Z 76 -25.19 -53.94 12.83
N ILE Z 77 -25.49 -52.67 12.55
CA ILE Z 77 -24.98 -51.56 13.33
C ILE Z 77 -26.15 -50.79 13.93
N SER Z 78 -25.84 -49.97 14.92
CA SER Z 78 -26.74 -48.99 15.51
C SER Z 78 -26.24 -47.60 15.15
N ILE Z 79 -26.88 -46.57 15.69
CA ILE Z 79 -26.56 -45.20 15.31
C ILE Z 79 -26.79 -44.29 16.50
N ALA Z 80 -25.95 -43.24 16.61
CA ALA Z 80 -26.19 -42.24 17.66
C ALA Z 80 -25.80 -40.81 17.28
N GLY Z 81 -25.57 -40.52 16.00
CA GLY Z 81 -25.14 -39.17 15.67
C GLY Z 81 -25.99 -38.52 14.60
N LEU Z 82 -25.34 -37.90 13.61
CA LEU Z 82 -26.05 -37.25 12.52
C LEU Z 82 -26.66 -38.30 11.60
N THR Z 83 -27.39 -37.84 10.61
CA THR Z 83 -28.00 -38.73 9.63
C THR Z 83 -27.29 -38.73 8.30
N ALA Z 84 -26.66 -37.61 7.92
CA ALA Z 84 -25.82 -37.62 6.73
C ALA Z 84 -24.57 -38.45 6.94
N ASP Z 85 -23.91 -38.29 8.10
CA ASP Z 85 -22.77 -39.12 8.42
C ASP Z 85 -23.15 -40.54 8.75
N ALA Z 86 -24.43 -40.80 9.04
CA ALA Z 86 -24.91 -42.17 9.20
C ALA Z 86 -24.89 -42.91 7.88
N ARG Z 87 -25.61 -42.39 6.88
CA ARG Z 87 -25.71 -43.08 5.60
C ARG Z 87 -24.43 -43.00 4.79
N LEU Z 88 -23.56 -42.04 5.08
CA LEU Z 88 -22.30 -41.96 4.35
C LEU Z 88 -21.36 -43.08 4.77
N LEU Z 89 -21.36 -43.44 6.05
CA LEU Z 89 -20.59 -44.60 6.48
C LEU Z 89 -21.34 -45.89 6.26
N CYS Z 90 -22.67 -45.84 6.17
CA CYS Z 90 -23.44 -47.03 5.85
C CYS Z 90 -23.20 -47.50 4.43
N ASN Z 91 -23.15 -46.55 3.48
CA ASN Z 91 -22.88 -46.92 2.09
C ASN Z 91 -21.46 -47.39 1.91
N PHE Z 92 -20.53 -46.90 2.73
CA PHE Z 92 -19.20 -47.46 2.75
C PHE Z 92 -19.19 -48.85 3.39
N MET Z 93 -20.10 -49.08 4.33
CA MET Z 93 -20.11 -50.34 5.07
C MET Z 93 -20.65 -51.47 4.22
N ARG Z 94 -21.75 -51.24 3.51
CA ARG Z 94 -22.29 -52.24 2.58
C ARG Z 94 -21.33 -52.53 1.45
N GLN Z 95 -20.58 -51.53 1.00
CA GLN Z 95 -19.73 -51.70 -0.16
C GLN Z 95 -18.56 -52.63 0.13
N GLU Z 96 -18.01 -52.54 1.34
CA GLU Z 96 -16.85 -53.38 1.66
C GLU Z 96 -17.24 -54.83 1.91
N CYS Z 97 -18.47 -55.07 2.36
CA CYS Z 97 -18.88 -56.44 2.67
C CYS Z 97 -19.11 -57.24 1.40
N LEU Z 98 -19.63 -56.62 0.35
CA LEU Z 98 -19.88 -57.35 -0.88
C LEU Z 98 -18.67 -57.38 -1.80
N ASP Z 99 -17.63 -56.58 -1.54
CA ASP Z 99 -16.41 -56.70 -2.31
C ASP Z 99 -15.65 -57.97 -1.94
N SER Z 100 -15.49 -58.22 -0.63
CA SER Z 100 -14.86 -59.47 -0.19
C SER Z 100 -15.75 -60.66 -0.47
N ARG Z 101 -17.06 -60.46 -0.53
CA ARG Z 101 -17.96 -61.50 -1.00
C ARG Z 101 -17.73 -61.78 -2.48
N PHE Z 102 -17.34 -60.75 -3.24
CA PHE Z 102 -17.08 -60.93 -4.67
C PHE Z 102 -15.69 -61.47 -4.93
N VAL Z 103 -14.69 -61.03 -4.17
CA VAL Z 103 -13.31 -61.38 -4.49
C VAL Z 103 -12.95 -62.72 -3.85
N PHE Z 104 -13.06 -62.82 -2.53
CA PHE Z 104 -12.63 -64.02 -1.84
C PHE Z 104 -13.73 -65.05 -1.64
N ASP Z 105 -14.98 -64.67 -1.91
CA ASP Z 105 -16.18 -65.50 -1.71
C ASP Z 105 -16.26 -66.00 -0.28
N ARG Z 106 -16.16 -65.06 0.65
CA ARG Z 106 -16.26 -65.36 2.07
C ARG Z 106 -16.79 -64.11 2.76
N PRO Z 107 -17.49 -64.26 3.88
CA PRO Z 107 -17.87 -63.08 4.66
C PRO Z 107 -16.66 -62.47 5.34
N LEU Z 108 -16.68 -61.15 5.48
CA LEU Z 108 -15.60 -60.46 6.18
C LEU Z 108 -15.59 -60.82 7.66
N PRO Z 109 -14.42 -60.94 8.27
CA PRO Z 109 -14.35 -60.89 9.72
C PRO Z 109 -14.74 -59.51 10.21
N VAL Z 110 -15.32 -59.47 11.40
CA VAL Z 110 -15.84 -58.22 11.91
C VAL Z 110 -14.71 -57.29 12.34
N SER Z 111 -13.59 -57.86 12.80
CA SER Z 111 -12.51 -57.05 13.35
C SER Z 111 -11.78 -56.27 12.27
N ARG Z 112 -11.54 -56.89 11.12
CA ARG Z 112 -10.82 -56.19 10.06
C ARG Z 112 -11.73 -55.30 9.22
N LEU Z 113 -13.04 -55.40 9.38
CA LEU Z 113 -13.93 -54.41 8.78
C LEU Z 113 -13.81 -53.08 9.51
N VAL Z 114 -13.80 -53.13 10.84
CA VAL Z 114 -13.80 -51.91 11.64
C VAL Z 114 -12.45 -51.22 11.58
N SER Z 115 -11.38 -51.97 11.32
CA SER Z 115 -10.08 -51.36 11.07
C SER Z 115 -10.07 -50.55 9.78
N LEU Z 116 -10.92 -50.90 8.82
CA LEU Z 116 -11.07 -50.06 7.64
C LEU Z 116 -11.88 -48.81 7.95
N ILE Z 117 -12.71 -48.86 8.98
CA ILE Z 117 -13.56 -47.72 9.32
C ILE Z 117 -12.74 -46.66 10.04
N GLY Z 118 -11.88 -47.09 10.97
CA GLY Z 118 -11.01 -46.15 11.66
C GLY Z 118 -9.98 -45.53 10.76
N SER Z 119 -9.55 -46.24 9.71
CA SER Z 119 -8.70 -45.65 8.70
C SER Z 119 -9.49 -44.72 7.79
N LYS Z 120 -10.79 -44.97 7.65
CA LYS Z 120 -11.61 -44.11 6.79
C LYS Z 120 -11.87 -42.76 7.44
N THR Z 121 -12.18 -42.75 8.73
CA THR Z 121 -12.53 -41.52 9.43
C THR Z 121 -11.30 -40.76 9.92
N GLN Z 122 -10.10 -41.23 9.60
CA GLN Z 122 -8.90 -40.53 10.03
C GLN Z 122 -8.59 -39.34 9.12
N ILE Z 123 -8.77 -39.53 7.80
CA ILE Z 123 -8.47 -38.46 6.85
C ILE Z 123 -9.28 -37.18 7.05
N PRO Z 124 -10.60 -37.19 7.27
CA PRO Z 124 -11.28 -35.93 7.55
C PRO Z 124 -11.05 -35.36 8.94
N THR Z 125 -10.12 -35.90 9.72
CA THR Z 125 -9.74 -35.31 11.00
C THR Z 125 -8.31 -34.78 10.98
N GLN Z 126 -7.67 -34.75 9.84
CA GLN Z 126 -6.33 -34.19 9.84
C GLN Z 126 -6.10 -33.15 8.74
N ARG Z 127 -6.72 -33.32 7.58
CA ARG Z 127 -6.57 -32.36 6.51
C ARG Z 127 -7.45 -31.13 6.74
N TYR Z 128 -7.12 -30.05 6.05
CA TYR Z 128 -7.86 -28.80 6.20
C TYR Z 128 -9.15 -28.85 5.37
N GLY Z 129 -10.19 -28.22 5.90
CA GLY Z 129 -11.42 -28.04 5.17
C GLY Z 129 -12.43 -29.16 5.31
N ARG Z 130 -12.17 -30.12 6.18
CA ARG Z 130 -13.08 -31.24 6.40
C ARG Z 130 -13.51 -31.29 7.85
N ARG Z 131 -14.73 -31.75 8.07
CA ARG Z 131 -15.16 -31.96 9.44
C ARG Z 131 -14.92 -33.40 9.84
N PRO Z 132 -14.78 -33.67 11.14
CA PRO Z 132 -14.85 -35.05 11.61
C PRO Z 132 -16.25 -35.60 11.42
N TYR Z 133 -16.34 -36.91 11.19
CA TYR Z 133 -17.62 -37.57 11.09
C TYR Z 133 -18.23 -37.66 12.47
N GLY Z 134 -19.19 -36.77 12.77
CA GLY Z 134 -19.77 -36.79 14.09
C GLY Z 134 -20.87 -37.82 14.16
N VAL Z 135 -20.53 -39.00 14.66
CA VAL Z 135 -21.41 -40.16 14.59
C VAL Z 135 -20.86 -41.21 15.56
N GLY Z 136 -21.77 -42.00 16.12
CA GLY Z 136 -21.38 -43.09 16.99
C GLY Z 136 -21.99 -44.40 16.54
N LEU Z 137 -21.22 -45.48 16.57
CA LEU Z 137 -21.69 -46.76 16.08
C LEU Z 137 -21.61 -47.82 17.18
N LEU Z 138 -22.48 -48.83 17.04
CA LEU Z 138 -22.40 -50.06 17.83
C LEU Z 138 -22.46 -51.22 16.85
N ILE Z 139 -21.29 -51.68 16.42
CA ILE Z 139 -21.21 -52.72 15.41
C ILE Z 139 -21.29 -54.08 16.09
N ALA Z 140 -22.28 -54.88 15.71
CA ALA Z 140 -22.48 -56.21 16.27
C ALA Z 140 -22.39 -57.22 15.14
N GLY Z 141 -21.43 -58.13 15.23
CA GLY Z 141 -21.25 -59.10 14.18
C GLY Z 141 -21.12 -60.52 14.67
N TYR Z 142 -20.87 -61.43 13.74
CA TYR Z 142 -20.61 -62.82 14.09
C TYR Z 142 -19.75 -63.41 12.98
N ASP Z 143 -18.71 -64.14 13.38
CA ASP Z 143 -17.77 -64.70 12.43
C ASP Z 143 -17.26 -66.02 13.00
N ASP Z 144 -16.11 -66.49 12.49
CA ASP Z 144 -15.59 -67.80 12.80
C ASP Z 144 -15.02 -67.93 14.21
N MET Z 145 -15.09 -66.89 15.03
CA MET Z 145 -14.58 -66.95 16.38
C MET Z 145 -15.57 -66.51 17.43
N GLY Z 146 -16.80 -66.16 17.06
CA GLY Z 146 -17.81 -65.81 18.02
C GLY Z 146 -18.44 -64.47 17.72
N PRO Z 147 -19.41 -64.07 18.53
CA PRO Z 147 -20.01 -62.74 18.36
C PRO Z 147 -19.05 -61.66 18.84
N HIS Z 148 -19.31 -60.44 18.35
CA HIS Z 148 -18.48 -59.30 18.68
C HIS Z 148 -19.37 -58.09 18.89
N ILE Z 149 -18.96 -57.21 19.80
CA ILE Z 149 -19.60 -55.92 20.03
C ILE Z 149 -18.51 -54.87 19.94
N PHE Z 150 -18.61 -53.98 18.96
CA PHE Z 150 -17.63 -52.92 18.74
C PHE Z 150 -18.32 -51.57 18.83
N GLN Z 151 -17.67 -50.62 19.49
CA GLN Z 151 -18.13 -49.24 19.44
C GLN Z 151 -17.05 -48.36 18.84
N THR Z 152 -17.48 -47.29 18.18
CA THR Z 152 -16.57 -46.34 17.58
C THR Z 152 -16.79 -44.96 18.20
N CYS Z 153 -16.14 -43.96 17.62
CA CYS Z 153 -16.21 -42.58 18.08
C CYS Z 153 -15.74 -41.70 16.95
N PRO Z 154 -16.08 -40.40 16.95
CA PRO Z 154 -15.52 -39.49 15.94
C PRO Z 154 -14.03 -39.28 16.06
N SER Z 155 -13.39 -39.64 17.17
CA SER Z 155 -11.95 -39.58 17.29
C SER Z 155 -11.25 -40.79 16.68
N ALA Z 156 -11.99 -41.67 16.02
CA ALA Z 156 -11.48 -42.86 15.31
C ALA Z 156 -10.74 -43.80 16.27
N ASN Z 157 -11.39 -44.14 17.36
CA ASN Z 157 -10.88 -45.11 18.32
C ASN Z 157 -11.94 -46.19 18.51
N TYR Z 158 -11.75 -47.34 17.90
CA TYR Z 158 -12.70 -48.43 18.01
C TYR Z 158 -12.32 -49.33 19.18
N PHE Z 159 -13.34 -49.82 19.89
CA PHE Z 159 -13.17 -50.58 21.12
C PHE Z 159 -13.83 -51.94 20.98
N ASP Z 160 -13.08 -53.00 21.31
CA ASP Z 160 -13.64 -54.33 21.46
C ASP Z 160 -14.16 -54.43 22.89
N CYS Z 161 -15.47 -54.46 23.03
CA CYS Z 161 -16.11 -54.51 24.34
C CYS Z 161 -17.03 -55.73 24.42
N ARG Z 162 -17.57 -55.95 25.62
CA ARG Z 162 -18.59 -56.96 25.82
C ARG Z 162 -19.99 -56.38 26.00
N ALA Z 163 -20.10 -55.17 26.55
CA ALA Z 163 -21.39 -54.52 26.74
C ALA Z 163 -21.13 -53.04 26.90
N MET Z 164 -21.68 -52.22 26.01
CA MET Z 164 -21.55 -50.77 26.10
C MET Z 164 -22.88 -50.11 25.76
N SER Z 165 -22.90 -48.79 25.90
CA SER Z 165 -24.07 -47.99 25.59
C SER Z 165 -23.63 -46.57 25.32
N ILE Z 166 -24.21 -45.97 24.28
CA ILE Z 166 -23.84 -44.63 23.83
C ILE Z 166 -25.09 -43.88 23.41
N GLY Z 167 -25.06 -42.56 23.61
CA GLY Z 167 -26.21 -41.71 23.42
C GLY Z 167 -26.46 -40.83 24.63
N ALA Z 168 -27.67 -40.30 24.72
CA ALA Z 168 -28.03 -39.45 25.84
C ALA Z 168 -28.25 -40.28 27.09
N ARG Z 169 -27.80 -39.74 28.23
CA ARG Z 169 -27.78 -40.31 29.57
C ARG Z 169 -27.38 -41.79 29.62
N SER Z 170 -26.39 -42.16 28.81
CA SER Z 170 -25.96 -43.55 28.72
C SER Z 170 -25.10 -43.98 29.90
N GLN Z 171 -24.71 -43.05 30.78
CA GLN Z 171 -23.94 -43.39 31.96
C GLN Z 171 -24.75 -44.26 32.91
N SER Z 172 -26.06 -44.02 32.98
CA SER Z 172 -26.94 -44.85 33.81
C SER Z 172 -27.09 -46.24 33.24
N ALA Z 173 -26.93 -46.40 31.93
CA ALA Z 173 -27.02 -47.74 31.34
C ALA Z 173 -25.75 -48.53 31.60
N ARG Z 174 -24.60 -47.85 31.67
CA ARG Z 174 -23.34 -48.55 31.88
C ARG Z 174 -23.26 -49.13 33.29
N THR Z 175 -23.82 -48.43 34.27
CA THR Z 175 -23.78 -48.90 35.65
C THR Z 175 -24.63 -50.14 35.82
N TYR Z 176 -25.69 -50.29 35.03
CA TYR Z 176 -26.47 -51.52 35.06
C TYR Z 176 -25.68 -52.68 34.47
N LEU Z 177 -24.88 -52.40 33.44
CA LEU Z 177 -24.15 -53.45 32.76
C LEU Z 177 -22.93 -53.93 33.52
N GLU Z 178 -22.36 -53.08 34.39
CA GLU Z 178 -21.18 -53.49 35.13
C GLU Z 178 -21.55 -54.48 36.23
N ARG Z 179 -22.69 -54.28 36.88
CA ARG Z 179 -23.13 -55.18 37.93
C ARG Z 179 -23.93 -56.37 37.41
N HIS Z 180 -23.92 -56.60 36.09
CA HIS Z 180 -24.56 -57.76 35.51
C HIS Z 180 -23.72 -58.38 34.39
N MET Z 181 -22.44 -58.01 34.30
CA MET Z 181 -21.59 -58.54 33.24
C MET Z 181 -21.23 -60.01 33.44
N SER Z 182 -21.40 -60.53 34.66
CA SER Z 182 -21.09 -61.93 34.90
C SER Z 182 -22.18 -62.86 34.40
N GLU Z 183 -23.42 -62.38 34.38
CA GLU Z 183 -24.55 -63.19 33.95
C GLU Z 183 -24.74 -63.19 32.44
N PHE Z 184 -23.91 -62.46 31.70
CA PHE Z 184 -24.11 -62.27 30.27
C PHE Z 184 -23.45 -63.36 29.43
N MET Z 185 -23.15 -64.51 30.02
CA MET Z 185 -22.54 -65.61 29.30
C MET Z 185 -23.43 -66.84 29.27
N GLU Z 186 -23.97 -67.25 30.41
CA GLU Z 186 -24.85 -68.40 30.50
C GLU Z 186 -26.31 -67.97 30.38
N CYS Z 187 -26.62 -67.36 29.24
CA CYS Z 187 -27.97 -66.88 28.98
C CYS Z 187 -28.25 -67.00 27.50
N ASN Z 188 -29.38 -67.61 27.16
CA ASN Z 188 -29.58 -68.09 25.80
C ASN Z 188 -30.05 -67.04 24.81
N LEU Z 189 -31.33 -66.65 24.84
CA LEU Z 189 -31.78 -65.46 24.14
C LEU Z 189 -32.73 -64.63 24.97
N ASN Z 190 -33.64 -65.31 25.67
CA ASN Z 190 -34.80 -64.61 26.23
C ASN Z 190 -34.40 -63.81 27.46
N GLU Z 191 -33.57 -64.39 28.32
CA GLU Z 191 -32.95 -63.64 29.39
C GLU Z 191 -31.72 -62.90 28.92
N LEU Z 192 -31.27 -63.12 27.68
CA LEU Z 192 -30.22 -62.28 27.11
C LEU Z 192 -30.78 -60.95 26.64
N VAL Z 193 -31.94 -60.98 25.97
CA VAL Z 193 -32.56 -59.75 25.50
C VAL Z 193 -33.12 -58.93 26.65
N LYS Z 194 -33.82 -59.57 27.59
CA LYS Z 194 -34.49 -58.82 28.64
C LYS Z 194 -33.52 -58.29 29.69
N HIS Z 195 -32.26 -58.73 29.69
CA HIS Z 195 -31.24 -57.98 30.41
C HIS Z 195 -30.87 -56.71 29.67
N GLY Z 196 -30.96 -56.71 28.35
CA GLY Z 196 -30.55 -55.55 27.59
C GLY Z 196 -31.57 -54.42 27.68
N LEU Z 197 -32.85 -54.75 27.62
CA LEU Z 197 -33.86 -53.70 27.66
C LEU Z 197 -34.11 -53.16 29.05
N ARG Z 198 -33.63 -53.85 30.10
CA ARG Z 198 -33.62 -53.22 31.40
C ARG Z 198 -32.55 -52.13 31.50
N ALA Z 199 -31.56 -52.15 30.62
CA ALA Z 199 -30.58 -51.07 30.59
C ALA Z 199 -31.14 -49.83 29.89
N LEU Z 200 -32.02 -50.02 28.92
CA LEU Z 200 -32.63 -48.87 28.25
C LEU Z 200 -33.61 -48.15 29.16
N ARG Z 201 -34.39 -48.90 29.93
CA ARG Z 201 -35.43 -48.29 30.76
C ARG Z 201 -34.83 -47.53 31.94
N GLU Z 202 -33.56 -47.72 32.25
CA GLU Z 202 -32.89 -46.88 33.23
C GLU Z 202 -32.31 -45.62 32.62
N THR Z 203 -32.37 -45.49 31.29
CA THR Z 203 -32.12 -44.23 30.61
C THR Z 203 -33.40 -43.49 30.29
N LEU Z 204 -34.46 -43.73 31.06
CA LEU Z 204 -35.74 -43.10 30.84
C LEU Z 204 -36.19 -42.36 32.09
N PRO Z 205 -36.98 -41.30 31.93
CA PRO Z 205 -37.70 -40.73 33.08
C PRO Z 205 -38.71 -41.72 33.64
N ALA Z 206 -39.15 -41.43 34.87
CA ALA Z 206 -39.94 -42.36 35.64
C ALA Z 206 -41.44 -42.24 35.37
N GLU Z 207 -41.83 -41.73 34.21
CA GLU Z 207 -43.25 -41.59 33.88
C GLU Z 207 -43.61 -42.16 32.51
N GLN Z 208 -42.62 -42.47 31.67
CA GLN Z 208 -42.90 -43.17 30.42
C GLN Z 208 -41.90 -44.31 30.30
N ASP Z 209 -42.20 -45.22 29.37
CA ASP Z 209 -41.37 -46.39 29.16
C ASP Z 209 -41.56 -46.89 27.74
N LEU Z 210 -41.01 -48.07 27.47
CA LEU Z 210 -41.14 -48.72 26.18
C LEU Z 210 -42.58 -49.17 25.94
N THR Z 211 -43.10 -48.85 24.74
CA THR Z 211 -44.52 -49.04 24.42
C THR Z 211 -44.72 -49.76 23.09
N THR Z 212 -43.75 -50.62 22.71
CA THR Z 212 -43.72 -51.34 21.42
C THR Z 212 -43.80 -50.40 20.22
N LYS Z 213 -43.37 -49.15 20.39
CA LYS Z 213 -43.43 -48.17 19.33
C LYS Z 213 -42.17 -47.34 19.21
N ASN Z 214 -41.23 -47.46 20.15
CA ASN Z 214 -40.03 -46.66 20.16
C ASN Z 214 -38.83 -47.52 20.50
N VAL Z 215 -38.86 -48.80 20.12
CA VAL Z 215 -37.84 -49.75 20.53
C VAL Z 215 -37.70 -50.81 19.45
N SER Z 216 -36.46 -51.17 19.13
CA SER Z 216 -36.18 -52.20 18.15
C SER Z 216 -35.04 -53.08 18.66
N ILE Z 217 -35.06 -54.34 18.25
CA ILE Z 217 -34.12 -55.34 18.73
C ILE Z 217 -33.56 -56.07 17.53
N GLY Z 218 -32.23 -56.10 17.41
CA GLY Z 218 -31.58 -56.88 16.37
C GLY Z 218 -30.76 -58.01 16.96
N ILE Z 219 -30.98 -59.23 16.48
CA ILE Z 219 -30.24 -60.40 16.97
C ILE Z 219 -29.47 -61.00 15.81
N VAL Z 220 -28.19 -61.30 16.06
CA VAL Z 220 -27.38 -62.11 15.16
C VAL Z 220 -26.70 -63.17 16.01
N GLY Z 221 -26.50 -64.35 15.44
CA GLY Z 221 -25.94 -65.45 16.21
C GLY Z 221 -25.29 -66.52 15.37
N LYS Z 222 -25.18 -67.72 15.93
CA LYS Z 222 -24.54 -68.82 15.22
C LYS Z 222 -25.43 -69.31 14.07
N ASP Z 223 -26.64 -69.74 14.38
CA ASP Z 223 -27.56 -70.23 13.37
C ASP Z 223 -28.64 -69.22 13.02
N LEU Z 224 -28.34 -67.93 13.10
CA LEU Z 224 -29.34 -66.89 12.90
C LEU Z 224 -28.75 -65.74 12.11
N GLU Z 225 -29.36 -65.43 10.97
CA GLU Z 225 -29.04 -64.23 10.22
C GLU Z 225 -29.49 -63.00 11.01
N PHE Z 226 -28.82 -61.87 10.78
CA PHE Z 226 -29.12 -60.64 11.49
C PHE Z 226 -30.52 -60.14 11.13
N THR Z 227 -31.42 -60.17 12.10
CA THR Z 227 -32.83 -59.90 11.90
C THR Z 227 -33.25 -58.70 12.73
N ILE Z 228 -33.93 -57.75 12.11
CA ILE Z 228 -34.40 -56.54 12.78
C ILE Z 228 -35.88 -56.70 13.08
N TYR Z 229 -36.24 -56.54 14.36
CA TYR Z 229 -37.63 -56.60 14.78
C TYR Z 229 -38.07 -55.21 15.21
N ASP Z 230 -39.29 -54.83 14.82
CA ASP Z 230 -39.84 -53.54 15.21
C ASP Z 230 -41.36 -53.57 15.20
N ASP Z 231 -41.95 -53.19 16.34
CA ASP Z 231 -43.34 -52.77 16.53
C ASP Z 231 -44.37 -53.90 16.44
N ASP Z 232 -43.97 -55.07 15.96
CA ASP Z 232 -44.91 -56.18 15.90
C ASP Z 232 -44.38 -57.36 16.69
N ASP Z 233 -43.11 -57.71 16.46
CA ASP Z 233 -42.47 -58.82 17.12
C ASP Z 233 -41.69 -58.40 18.36
N VAL Z 234 -41.73 -57.12 18.70
CA VAL Z 234 -41.14 -56.67 19.96
C VAL Z 234 -42.03 -57.07 21.12
N SER Z 235 -43.34 -57.20 20.86
CA SER Z 235 -44.29 -57.58 21.91
C SER Z 235 -44.08 -58.96 22.52
N PRO Z 236 -43.61 -60.01 21.81
CA PRO Z 236 -43.18 -61.22 22.55
C PRO Z 236 -41.95 -61.00 23.41
N PHE Z 237 -41.08 -60.06 23.04
CA PHE Z 237 -39.93 -59.75 23.88
C PHE Z 237 -40.30 -58.90 25.08
N LEU Z 238 -41.38 -58.12 24.99
CA LEU Z 238 -41.79 -57.24 26.09
C LEU Z 238 -42.89 -57.90 26.91
N GLU Z 239 -42.48 -58.89 27.69
CA GLU Z 239 -43.37 -59.58 28.61
C GLU Z 239 -42.57 -60.15 29.76
N GLY Z 240 -43.26 -60.35 30.89
CA GLY Z 240 -42.61 -60.84 32.08
C GLY Z 240 -41.67 -59.84 32.72
N LEU Z 241 -41.92 -58.56 32.54
CA LEU Z 241 -41.08 -57.52 33.09
C LEU Z 241 -41.63 -57.06 34.44
N GLU Z 242 -40.98 -56.07 35.03
CA GLU Z 242 -41.45 -55.46 36.26
C GLU Z 242 -41.24 -53.96 36.16
N GLU Z 243 -42.09 -53.21 36.85
CA GLU Z 243 -41.96 -51.76 36.84
C GLU Z 243 -40.74 -51.32 37.63
N ARG Z 244 -40.28 -50.11 37.35
CA ARG Z 244 -39.14 -49.57 38.06
C ARG Z 244 -39.57 -49.12 39.45
N PRO Z 245 -38.91 -49.61 40.50
CA PRO Z 245 -39.30 -49.22 41.86
C PRO Z 245 -38.84 -47.80 42.19
N GLN Z 246 -39.54 -47.19 43.14
CA GLN Z 246 -39.22 -45.83 43.57
C GLN Z 246 -39.57 -45.63 45.04
N THR AA 5 1.39 -16.09 21.01
CA THR AA 5 0.11 -16.05 20.29
C THR AA 5 0.25 -15.30 18.99
N GLY AA 6 -0.55 -15.67 17.99
CA GLY AA 6 -0.45 -15.13 16.66
C GLY AA 6 0.54 -15.86 15.78
N TYR AA 7 1.51 -16.54 16.35
CA TYR AA 7 2.49 -17.32 15.60
C TYR AA 7 2.31 -18.81 15.75
N ASP AA 8 1.35 -19.25 16.54
CA ASP AA 8 1.20 -20.65 16.89
C ASP AA 8 -0.03 -21.30 16.27
N LEU AA 9 -0.47 -20.80 15.11
CA LEU AA 9 -1.63 -21.36 14.43
C LEU AA 9 -1.22 -22.31 13.31
N SER AA 10 -0.41 -21.84 12.37
CA SER AA 10 0.02 -22.66 11.26
C SER AA 10 1.35 -23.35 11.59
N ALA AA 11 1.54 -24.53 11.00
CA ALA AA 11 2.81 -25.22 11.12
C ALA AA 11 3.84 -24.72 10.12
N SER AA 12 3.48 -23.76 9.27
CA SER AA 12 4.42 -23.20 8.31
C SER AA 12 5.12 -21.95 8.81
N THR AA 13 4.46 -21.17 9.66
CA THR AA 13 5.06 -19.95 10.15
C THR AA 13 6.05 -20.25 11.27
N PHE AA 14 7.02 -19.36 11.43
CA PHE AA 14 7.99 -19.44 12.50
C PHE AA 14 7.65 -18.50 13.63
N SER AA 15 8.14 -18.84 14.82
CA SER AA 15 8.13 -17.92 15.93
C SER AA 15 9.13 -16.80 15.68
N PRO AA 16 8.98 -15.65 16.35
CA PRO AA 16 9.97 -14.57 16.16
C PRO AA 16 11.35 -14.87 16.72
N ASP AA 17 11.54 -15.97 17.46
CA ASP AA 17 12.88 -16.42 17.80
C ASP AA 17 13.33 -17.63 17.00
N GLY AA 18 12.43 -18.27 16.26
CA GLY AA 18 12.84 -19.29 15.32
C GLY AA 18 12.49 -20.72 15.65
N ARG AA 19 11.31 -20.98 16.20
CA ARG AA 19 10.83 -22.35 16.35
C ARG AA 19 9.36 -22.44 15.92
N VAL AA 20 8.83 -23.65 15.97
CA VAL AA 20 7.48 -23.95 15.50
C VAL AA 20 6.68 -24.47 16.68
N PHE AA 21 5.64 -23.73 17.07
CA PHE AA 21 4.87 -24.15 18.23
C PHE AA 21 3.88 -25.27 17.93
N GLN AA 22 3.51 -25.47 16.67
CA GLN AA 22 2.61 -26.57 16.34
C GLN AA 22 3.28 -27.91 16.55
N VAL AA 23 4.60 -27.99 16.36
CA VAL AA 23 5.33 -29.20 16.70
C VAL AA 23 5.49 -29.30 18.21
N GLU AA 24 5.70 -28.16 18.88
CA GLU AA 24 5.87 -28.13 20.33
C GLU AA 24 4.59 -28.52 21.05
N TYR AA 25 3.43 -28.15 20.50
CA TYR AA 25 2.17 -28.51 21.12
C TYR AA 25 1.87 -29.99 20.95
N ALA AA 26 2.29 -30.58 19.84
CA ALA AA 26 1.99 -31.99 19.60
C ALA AA 26 2.85 -32.92 20.44
N MET AA 27 4.03 -32.46 20.87
CA MET AA 27 4.92 -33.33 21.65
C MET AA 27 4.37 -33.56 23.04
N LYS AA 28 3.82 -32.53 23.66
CA LYS AA 28 3.25 -32.70 24.99
C LYS AA 28 1.85 -33.31 24.96
N ALA AA 29 1.26 -33.48 23.77
CA ALA AA 29 0.09 -34.34 23.67
C ALA AA 29 0.48 -35.80 23.81
N VAL AA 30 1.67 -36.16 23.31
CA VAL AA 30 2.19 -37.51 23.48
C VAL AA 30 2.60 -37.71 24.93
N GLU AA 31 2.98 -36.63 25.62
CA GLU AA 31 3.39 -36.72 27.02
C GLU AA 31 2.22 -37.10 27.91
N ASN AA 32 1.00 -36.72 27.54
CA ASN AA 32 -0.18 -37.08 28.32
C ASN AA 32 -0.74 -38.42 27.84
N SER AA 33 0.08 -39.46 28.04
CA SER AA 33 -0.30 -40.82 27.67
C SER AA 33 0.44 -41.79 28.58
N SER AA 34 -0.04 -43.02 28.63
CA SER AA 34 0.50 -44.01 29.53
C SER AA 34 1.88 -44.49 29.07
N THR AA 35 2.60 -45.12 30.00
CA THR AA 35 4.02 -45.37 29.81
C THR AA 35 4.23 -46.62 28.96
N ALA AA 36 5.11 -46.50 27.96
CA ALA AA 36 5.53 -47.64 27.15
C ALA AA 36 7.05 -47.60 27.05
N ILE AA 37 7.71 -48.67 27.48
CA ILE AA 37 9.17 -48.71 27.51
C ILE AA 37 9.65 -49.80 26.57
N GLY AA 38 10.93 -49.70 26.22
CA GLY AA 38 11.57 -50.71 25.39
C GLY AA 38 13.03 -50.80 25.73
N ILE AA 39 13.57 -52.01 25.61
CA ILE AA 39 14.96 -52.30 25.97
C ILE AA 39 15.38 -53.53 25.19
N ARG AA 40 16.64 -53.54 24.75
CA ARG AA 40 17.18 -54.68 24.03
C ARG AA 40 18.26 -55.37 24.87
N CYS AA 41 18.29 -56.69 24.78
CA CYS AA 41 19.37 -57.46 25.37
C CYS AA 41 20.41 -57.71 24.28
N LYS AA 42 21.31 -58.66 24.51
CA LYS AA 42 22.35 -58.96 23.51
C LYS AA 42 21.78 -59.66 22.28
N ASP AA 43 20.65 -60.36 22.39
CA ASP AA 43 20.12 -61.11 21.26
C ASP AA 43 18.60 -60.96 21.19
N GLY AA 44 18.10 -59.74 21.29
CA GLY AA 44 16.68 -59.51 21.08
C GLY AA 44 16.23 -58.21 21.70
N VAL AA 45 14.99 -57.84 21.38
CA VAL AA 45 14.37 -56.62 21.86
C VAL AA 45 13.08 -56.99 22.59
N VAL AA 46 12.88 -56.43 23.78
CA VAL AA 46 11.70 -56.70 24.59
C VAL AA 46 10.91 -55.41 24.74
N PHE AA 47 9.63 -55.45 24.35
CA PHE AA 47 8.72 -54.33 24.48
C PHE AA 47 7.86 -54.49 25.72
N GLY AA 48 7.49 -53.37 26.32
CA GLY AA 48 6.55 -53.36 27.43
C GLY AA 48 5.67 -52.13 27.40
N VAL AA 49 4.36 -52.34 27.42
CA VAL AA 49 3.38 -51.26 27.33
C VAL AA 49 2.43 -51.38 28.50
N GLU AA 50 2.32 -50.31 29.29
CA GLU AA 50 1.27 -50.24 30.29
C GLU AA 50 -0.05 -49.88 29.63
N LYS AA 51 -1.10 -50.59 29.98
CA LYS AA 51 -2.41 -50.42 29.37
C LYS AA 51 -3.44 -50.19 30.47
N LEU AA 52 -4.30 -49.21 30.27
CA LEU AA 52 -5.21 -48.75 31.31
C LEU AA 52 -6.60 -49.35 31.13
N VAL AA 53 -7.19 -49.81 32.23
CA VAL AA 53 -8.57 -50.29 32.28
C VAL AA 53 -9.31 -49.38 33.23
N LEU AA 54 -10.26 -48.59 32.70
CA LEU AA 54 -10.95 -47.62 33.53
C LEU AA 54 -11.83 -48.26 34.60
N SER AA 55 -12.95 -48.89 34.21
CA SER AA 55 -13.63 -49.83 35.10
C SER AA 55 -13.79 -51.20 34.45
N LYS AA 56 -14.57 -51.31 33.37
CA LYS AA 56 -14.47 -52.43 32.44
C LYS AA 56 -14.11 -51.91 31.06
N LEU AA 57 -15.02 -51.16 30.43
CA LEU AA 57 -14.83 -50.24 29.31
C LEU AA 57 -14.47 -50.88 27.97
N TYR AA 58 -14.08 -52.16 27.99
CA TYR AA 58 -13.73 -52.96 26.83
C TYR AA 58 -13.50 -54.41 27.22
N GLU AA 59 -12.97 -55.21 26.30
CA GLU AA 59 -12.67 -56.62 26.51
C GLU AA 59 -11.37 -56.79 27.31
N GLU AA 60 -10.82 -57.99 27.28
CA GLU AA 60 -9.48 -58.27 27.78
C GLU AA 60 -8.61 -58.56 26.56
N GLY AA 61 -8.06 -57.50 25.97
CA GLY AA 61 -7.24 -57.67 24.79
C GLY AA 61 -7.67 -56.80 23.63
N SER AA 62 -8.47 -55.78 23.91
CA SER AA 62 -8.78 -54.79 22.89
C SER AA 62 -7.59 -53.86 22.68
N ASN AA 63 -7.66 -53.11 21.58
CA ASN AA 63 -6.87 -51.90 21.22
C ASN AA 63 -5.42 -51.92 21.70
N LYS AA 64 -4.76 -53.05 21.45
CA LYS AA 64 -3.41 -53.28 21.95
C LYS AA 64 -2.42 -52.40 21.19
N ARG AA 65 -1.55 -51.71 21.91
CA ARG AA 65 -0.59 -50.81 21.29
C ARG AA 65 0.71 -51.50 20.91
N LEU AA 66 0.73 -52.83 20.89
CA LEU AA 66 1.88 -53.59 20.40
C LEU AA 66 1.54 -54.10 19.01
N PHE AA 67 1.75 -53.23 18.02
CA PHE AA 67 1.45 -53.57 16.64
C PHE AA 67 2.55 -54.47 16.07
N ASN AA 68 2.36 -54.85 14.81
CA ASN AA 68 3.22 -55.84 14.16
C ASN AA 68 3.34 -55.43 12.69
N VAL AA 69 4.39 -54.67 12.39
CA VAL AA 69 4.62 -54.13 11.04
C VAL AA 69 5.05 -55.22 10.08
N ASP AA 70 6.15 -55.88 10.38
CA ASP AA 70 6.68 -56.87 9.46
C ASP AA 70 6.80 -58.19 10.21
N ARG AA 71 7.37 -59.20 9.54
CA ARG AA 71 7.61 -60.48 10.20
C ARG AA 71 8.65 -60.35 11.31
N HIS AA 72 9.55 -59.37 11.20
CA HIS AA 72 10.64 -59.23 12.15
C HIS AA 72 10.69 -57.84 12.78
N VAL AA 73 9.61 -57.06 12.72
CA VAL AA 73 9.60 -55.67 13.16
C VAL AA 73 8.39 -55.46 14.07
N GLY AA 74 8.59 -54.74 15.18
CA GLY AA 74 7.52 -54.43 16.11
C GLY AA 74 7.29 -52.95 16.32
N MET AA 75 6.18 -52.66 17.02
CA MET AA 75 5.77 -51.30 17.36
C MET AA 75 5.43 -51.21 18.84
N ALA AA 76 5.68 -50.04 19.42
CA ALA AA 76 5.32 -49.74 20.80
C ALA AA 76 4.73 -48.34 20.86
N VAL AA 77 3.68 -48.11 20.06
CA VAL AA 77 3.08 -46.79 19.94
C VAL AA 77 2.51 -46.29 21.27
N ALA AA 78 2.51 -44.97 21.42
CA ALA AA 78 1.99 -44.32 22.61
C ALA AA 78 1.62 -42.89 22.23
N GLY AA 79 0.49 -42.43 22.75
CA GLY AA 79 -0.01 -41.11 22.41
C GLY AA 79 -1.43 -41.16 21.90
N LEU AA 80 -1.72 -40.42 20.83
CA LEU AA 80 -3.04 -40.44 20.24
C LEU AA 80 -3.18 -41.73 19.43
N LEU AA 81 -4.09 -42.61 19.85
CA LEU AA 81 -4.11 -43.97 19.33
C LEU AA 81 -4.60 -44.03 17.88
N ALA AA 82 -5.42 -43.05 17.46
CA ALA AA 82 -5.98 -43.08 16.12
C ALA AA 82 -4.92 -42.83 15.05
N ASP AA 83 -4.02 -41.88 15.30
CA ASP AA 83 -2.94 -41.61 14.36
C ASP AA 83 -1.86 -42.68 14.42
N ALA AA 84 -1.81 -43.46 15.50
CA ALA AA 84 -0.85 -44.55 15.60
C ALA AA 84 -1.19 -45.67 14.63
N ARG AA 85 -2.48 -45.94 14.44
CA ARG AA 85 -2.89 -46.94 13.46
C ARG AA 85 -2.71 -46.44 12.03
N SER AA 86 -2.56 -45.13 11.83
CA SER AA 86 -2.24 -44.62 10.51
C SER AA 86 -0.78 -44.89 10.17
N LEU AA 87 0.12 -44.60 11.11
CA LEU AA 87 1.54 -44.89 10.92
C LEU AA 87 1.80 -46.38 10.80
N ALA AA 88 1.01 -47.20 11.49
CA ALA AA 88 1.16 -48.64 11.39
C ALA AA 88 0.78 -49.16 10.01
N ASP AA 89 -0.14 -48.47 9.32
CA ASP AA 89 -0.47 -48.87 7.96
C ASP AA 89 0.56 -48.36 6.97
N ILE AA 90 1.14 -47.19 7.24
CA ILE AA 90 2.16 -46.65 6.34
C ILE AA 90 3.43 -47.47 6.44
N ALA AA 91 3.81 -47.88 7.66
CA ALA AA 91 4.98 -48.72 7.83
C ALA AA 91 4.73 -50.13 7.29
N ARG AA 92 3.49 -50.62 7.39
CA ARG AA 92 3.14 -51.89 6.75
C ARG AA 92 3.29 -51.81 5.24
N GLU AA 93 2.79 -50.72 4.65
CA GLU AA 93 2.81 -50.56 3.21
C GLU AA 93 4.23 -50.29 2.70
N GLU AA 94 5.07 -49.69 3.54
CA GLU AA 94 6.44 -49.40 3.13
C GLU AA 94 7.28 -50.67 3.05
N ALA AA 95 7.04 -51.61 3.96
CA ALA AA 95 7.86 -52.82 4.01
C ALA AA 95 7.52 -53.78 2.89
N SER AA 96 6.31 -53.69 2.33
CA SER AA 96 5.94 -54.56 1.22
C SER AA 96 6.60 -54.14 -0.08
N ASN AA 97 6.78 -52.84 -0.30
CA ASN AA 97 7.41 -52.40 -1.54
C ASN AA 97 8.89 -52.67 -1.55
N PHE AA 98 9.53 -52.70 -0.38
CA PHE AA 98 10.93 -53.13 -0.32
C PHE AA 98 11.03 -54.61 -0.66
N ARG AA 99 10.03 -55.40 -0.26
CA ARG AA 99 10.00 -56.81 -0.58
C ARG AA 99 9.80 -57.03 -2.07
N SER AA 100 8.93 -56.22 -2.69
CA SER AA 100 8.59 -56.44 -4.08
C SER AA 100 9.70 -55.95 -5.01
N ASN AA 101 10.34 -54.83 -4.67
CA ASN AA 101 11.32 -54.24 -5.56
C ASN AA 101 12.66 -54.95 -5.46
N PHE AA 102 13.08 -55.29 -4.25
CA PHE AA 102 14.45 -55.69 -3.97
C PHE AA 102 14.56 -57.16 -3.58
N GLY AA 103 13.54 -57.72 -2.97
CA GLY AA 103 13.44 -59.15 -2.80
C GLY AA 103 13.94 -59.73 -1.49
N TYR AA 104 14.10 -58.92 -0.45
CA TYR AA 104 14.53 -59.42 0.85
C TYR AA 104 13.95 -58.53 1.93
N ASN AA 105 14.20 -58.89 3.18
CA ASN AA 105 13.57 -58.23 4.31
C ASN AA 105 14.14 -56.84 4.53
N ILE AA 106 13.25 -55.90 4.89
CA ILE AA 106 13.60 -54.51 5.10
C ILE AA 106 14.55 -54.35 6.29
N PRO AA 107 15.69 -53.69 6.11
CA PRO AA 107 16.53 -53.35 7.26
C PRO AA 107 15.87 -52.25 8.07
N LEU AA 108 16.10 -52.28 9.37
CA LEU AA 108 15.43 -51.35 10.27
C LEU AA 108 15.98 -49.94 10.13
N LYS AA 109 17.20 -49.79 9.63
CA LYS AA 109 17.76 -48.46 9.40
C LYS AA 109 17.00 -47.73 8.30
N HIS AA 110 16.56 -48.45 7.26
CA HIS AA 110 15.72 -47.83 6.25
C HIS AA 110 14.33 -47.55 6.79
N LEU AA 111 13.74 -48.52 7.49
CA LEU AA 111 12.34 -48.43 7.90
C LEU AA 111 12.11 -47.33 8.92
N ALA AA 112 13.14 -46.97 9.69
CA ALA AA 112 13.02 -45.77 10.51
C ALA AA 112 13.11 -44.51 9.66
N ASP AA 113 13.95 -44.53 8.63
CA ASP AA 113 14.14 -43.33 7.83
C ASP AA 113 12.98 -43.10 6.88
N ARG AA 114 12.37 -44.17 6.37
CA ARG AA 114 11.25 -44.00 5.45
C ARG AA 114 10.01 -43.49 6.16
N VAL AA 115 9.80 -43.90 7.41
CA VAL AA 115 8.64 -43.44 8.15
C VAL AA 115 8.85 -42.01 8.63
N ALA AA 116 10.06 -41.69 9.10
CA ALA AA 116 10.33 -40.37 9.66
C ALA AA 116 10.28 -39.27 8.60
N MET AA 117 10.55 -39.60 7.35
CA MET AA 117 10.39 -38.61 6.29
C MET AA 117 8.91 -38.38 5.97
N TYR AA 118 8.06 -39.34 6.31
CA TYR AA 118 6.62 -39.12 6.16
C TYR AA 118 6.06 -38.34 7.34
N VAL AA 119 6.65 -38.51 8.53
CA VAL AA 119 6.24 -37.73 9.68
C VAL AA 119 6.70 -36.28 9.51
N HIS AA 120 7.91 -36.10 8.99
CA HIS AA 120 8.47 -34.77 8.76
C HIS AA 120 7.66 -33.99 7.73
N ALA AA 121 7.07 -34.68 6.75
CA ALA AA 121 6.38 -33.99 5.67
C ALA AA 121 5.06 -33.37 6.12
N TYR AA 122 4.53 -33.78 7.27
CA TYR AA 122 3.33 -33.17 7.84
C TYR AA 122 3.66 -32.05 8.81
N THR AA 123 4.89 -31.53 8.77
CA THR AA 123 5.30 -30.41 9.60
C THR AA 123 5.75 -29.22 8.75
N LEU AA 124 5.26 -29.12 7.52
CA LEU AA 124 5.71 -28.10 6.58
C LEU AA 124 4.59 -27.24 6.02
N TYR AA 125 3.36 -27.73 6.03
CA TYR AA 125 2.26 -27.11 5.32
C TYR AA 125 1.18 -26.67 6.28
N SER AA 126 0.39 -25.69 5.85
CA SER AA 126 -0.75 -25.24 6.62
C SER AA 126 -1.99 -26.08 6.38
N ALA AA 127 -1.94 -27.03 5.45
CA ALA AA 127 -3.11 -27.86 5.17
C ALA AA 127 -3.26 -28.98 6.19
N VAL AA 128 -2.15 -29.50 6.69
CA VAL AA 128 -2.17 -30.68 7.54
C VAL AA 128 -1.51 -30.34 8.87
N ARG AA 129 -1.75 -31.18 9.85
CA ARG AA 129 -1.14 -30.99 11.15
C ARG AA 129 -0.07 -32.05 11.38
N PRO AA 130 0.85 -31.82 12.32
CA PRO AA 130 1.77 -32.90 12.69
C PRO AA 130 1.05 -34.03 13.41
N PHE AA 131 1.58 -35.24 13.23
CA PHE AA 131 1.10 -36.42 13.94
C PHE AA 131 1.34 -36.29 15.43
N GLY AA 132 0.33 -36.64 16.21
CA GLY AA 132 0.49 -36.68 17.66
C GLY AA 132 0.83 -38.06 18.17
N CYS AA 133 1.94 -38.62 17.70
CA CYS AA 133 2.35 -39.97 18.08
C CYS AA 133 3.84 -40.04 18.26
N SER AA 134 4.25 -41.05 19.01
CA SER AA 134 5.65 -41.43 19.11
C SER AA 134 5.69 -42.93 19.35
N PHE AA 135 6.74 -43.57 18.84
CA PHE AA 135 6.71 -45.03 18.82
C PHE AA 135 8.13 -45.58 18.76
N MET AA 136 8.20 -46.90 18.85
CA MET AA 136 9.44 -47.64 18.93
C MET AA 136 9.48 -48.64 17.79
N LEU AA 137 10.69 -48.91 17.29
CA LEU AA 137 10.90 -49.90 16.25
C LEU AA 137 11.91 -50.92 16.75
N GLY AA 138 11.48 -52.17 16.92
CA GLY AA 138 12.35 -53.20 17.40
C GLY AA 138 12.45 -54.34 16.41
N SER AA 139 13.68 -54.78 16.12
CA SER AA 139 13.90 -55.85 15.16
C SER AA 139 15.04 -56.74 15.63
N TYR AA 140 15.26 -57.80 14.87
CA TYR AA 140 16.38 -58.69 15.10
C TYR AA 140 16.73 -59.38 13.79
N SER AA 141 18.03 -59.54 13.55
CA SER AA 141 18.50 -60.21 12.35
C SER AA 141 19.78 -60.97 12.68
N VAL AA 142 20.06 -61.98 11.86
CA VAL AA 142 21.28 -62.76 12.05
C VAL AA 142 22.51 -62.10 11.45
N ASN AA 143 22.32 -61.11 10.58
CA ASN AA 143 23.43 -60.39 9.98
C ASN AA 143 23.55 -58.97 10.49
N ASP AA 144 22.57 -58.48 11.26
CA ASP AA 144 22.61 -57.13 11.80
C ASP AA 144 22.38 -57.07 13.30
N GLY AA 145 22.08 -58.17 13.96
CA GLY AA 145 21.77 -58.14 15.37
C GLY AA 145 20.41 -57.52 15.63
N ALA AA 146 20.21 -57.12 16.87
CA ALA AA 146 19.00 -56.43 17.29
C ALA AA 146 19.21 -54.93 17.24
N GLN AA 147 18.20 -54.20 16.81
CA GLN AA 147 18.21 -52.76 16.85
C GLN AA 147 16.95 -52.25 17.52
N LEU AA 148 17.04 -51.04 18.07
CA LEU AA 148 15.90 -50.39 18.72
C LEU AA 148 15.91 -48.92 18.35
N TYR AA 149 14.82 -48.46 17.74
CA TYR AA 149 14.71 -47.08 17.28
C TYR AA 149 13.54 -46.39 17.95
N MET AA 150 13.38 -45.11 17.63
CA MET AA 150 12.56 -44.17 18.40
C MET AA 150 12.30 -42.93 17.58
N ILE AA 151 11.04 -42.61 17.38
CA ILE AA 151 10.61 -41.52 16.49
C ILE AA 151 9.71 -40.58 17.27
N ASP AA 152 10.07 -39.31 17.28
CA ASP AA 152 9.29 -38.23 17.89
C ASP AA 152 8.33 -37.65 16.87
N PRO AA 153 7.38 -36.80 17.28
CA PRO AA 153 6.52 -36.14 16.29
C PRO AA 153 7.24 -35.18 15.35
N SER AA 154 8.44 -34.70 15.70
CA SER AA 154 9.14 -33.83 14.77
C SER AA 154 9.76 -34.63 13.63
N GLY AA 155 10.33 -35.79 13.93
CA GLY AA 155 10.88 -36.64 12.91
C GLY AA 155 12.32 -37.04 13.18
N VAL AA 156 12.80 -36.72 14.37
CA VAL AA 156 14.18 -37.01 14.76
C VAL AA 156 14.24 -38.48 15.16
N SER AA 157 14.96 -39.28 14.38
CA SER AA 157 14.96 -40.73 14.56
C SER AA 157 16.38 -41.25 14.62
N TYR AA 158 16.77 -41.77 15.78
CA TYR AA 158 18.08 -42.41 15.91
C TYR AA 158 18.00 -43.50 16.98
N GLY AA 159 19.14 -44.13 17.23
CA GLY AA 159 19.18 -45.37 17.99
C GLY AA 159 19.26 -45.20 19.48
N TYR AA 160 18.86 -46.26 20.20
CA TYR AA 160 18.89 -46.30 21.64
C TYR AA 160 19.17 -47.72 22.09
N TRP AA 161 19.52 -47.87 23.36
CA TRP AA 161 19.42 -49.17 24.01
C TRP AA 161 18.14 -49.30 24.81
N GLY AA 162 17.79 -48.27 25.60
CA GLY AA 162 16.55 -48.25 26.33
C GLY AA 162 15.89 -46.90 26.26
N CYS AA 163 14.61 -46.86 25.90
CA CYS AA 163 13.87 -45.62 25.80
C CYS AA 163 12.50 -45.80 26.46
N ALA AA 164 11.82 -44.68 26.67
CA ALA AA 164 10.54 -44.67 27.36
C ALA AA 164 9.67 -43.55 26.81
N ILE AA 165 8.40 -43.86 26.58
CA ILE AA 165 7.44 -42.90 26.06
C ILE AA 165 6.23 -42.88 26.97
N GLY AA 166 5.81 -41.69 27.39
CA GLY AA 166 4.59 -41.54 28.14
C GLY AA 166 4.72 -40.46 29.20
N LYS AA 167 3.78 -40.48 30.15
CA LYS AA 167 3.86 -39.59 31.31
C LYS AA 167 5.11 -39.85 32.13
N ALA AA 168 5.38 -41.11 32.44
CA ALA AA 168 6.55 -41.47 33.22
C ALA AA 168 7.72 -41.76 32.27
N ARG AA 169 8.18 -40.68 31.63
CA ARG AA 169 9.29 -40.78 30.70
C ARG AA 169 10.62 -40.69 31.43
N GLN AA 170 10.87 -39.59 32.13
CA GLN AA 170 12.12 -39.42 32.85
C GLN AA 170 12.18 -40.20 34.14
N ALA AA 171 11.02 -40.56 34.70
CA ALA AA 171 10.99 -41.29 35.95
C ALA AA 171 11.25 -42.78 35.77
N ALA AA 172 10.92 -43.34 34.61
CA ALA AA 172 11.13 -44.76 34.38
C ALA AA 172 12.51 -45.07 33.83
N LYS AA 173 13.09 -44.18 33.02
CA LYS AA 173 14.40 -44.42 32.44
C LYS AA 173 15.54 -44.19 33.43
N THR AA 174 15.23 -43.71 34.63
CA THR AA 174 16.24 -43.56 35.66
C THR AA 174 16.74 -44.92 36.14
N GLU AA 175 15.82 -45.88 36.31
CA GLU AA 175 16.20 -47.21 36.74
C GLU AA 175 16.35 -48.20 35.60
N ILE AA 176 16.10 -47.79 34.36
CA ILE AA 176 16.47 -48.63 33.23
C ILE AA 176 17.98 -48.67 33.06
N GLU AA 177 18.63 -47.52 33.24
CA GLU AA 177 20.08 -47.47 33.13
C GLU AA 177 20.79 -48.05 34.34
N LYS AA 178 20.06 -48.40 35.40
CA LYS AA 178 20.65 -49.18 36.49
C LYS AA 178 20.87 -50.63 36.11
N LEU AA 179 20.21 -51.11 35.07
CA LEU AA 179 20.37 -52.49 34.61
C LEU AA 179 21.60 -52.61 33.72
N GLN AA 180 21.92 -53.85 33.36
CA GLN AA 180 22.94 -54.13 32.37
C GLN AA 180 22.29 -54.61 31.09
N MET AA 181 23.04 -54.53 30.02
CA MET AA 181 22.48 -54.77 28.69
C MET AA 181 23.15 -55.91 27.96
N LYS AA 182 24.48 -55.99 27.98
CA LYS AA 182 25.18 -57.00 27.20
C LYS AA 182 25.08 -58.38 27.85
N GLU AA 183 25.16 -58.43 29.17
CA GLU AA 183 25.26 -59.69 29.89
C GLU AA 183 23.90 -60.17 30.40
N MET AA 184 22.85 -59.90 29.64
CA MET AA 184 21.50 -60.29 30.00
C MET AA 184 20.88 -61.05 28.83
N THR AA 185 20.29 -62.20 29.13
CA THR AA 185 19.43 -62.86 28.15
C THR AA 185 18.08 -62.16 28.14
N CYS AA 186 17.40 -62.24 27.00
CA CYS AA 186 16.09 -61.61 26.92
C CYS AA 186 15.01 -62.38 27.68
N ARG AA 187 15.29 -63.59 28.13
CA ARG AA 187 14.35 -64.23 29.06
C ARG AA 187 14.46 -63.58 30.44
N ASP AA 188 15.64 -63.10 30.81
CA ASP AA 188 15.79 -62.36 32.05
C ASP AA 188 15.19 -60.97 31.95
N ILE AA 189 15.23 -60.38 30.75
CA ILE AA 189 14.75 -59.01 30.54
C ILE AA 189 13.24 -58.93 30.71
N VAL AA 190 12.53 -60.01 30.40
CA VAL AA 190 11.06 -60.03 30.47
C VAL AA 190 10.57 -59.79 31.89
N LYS AA 191 11.18 -60.45 32.86
CA LYS AA 191 10.83 -60.18 34.25
C LYS AA 191 11.47 -58.89 34.76
N GLU AA 192 12.44 -58.32 34.04
CA GLU AA 192 12.99 -57.03 34.44
C GLU AA 192 12.17 -55.88 33.89
N VAL AA 193 11.52 -56.06 32.73
CA VAL AA 193 10.60 -55.04 32.23
C VAL AA 193 9.36 -54.96 33.13
N ALA AA 194 8.92 -56.11 33.63
CA ALA AA 194 7.65 -56.18 34.35
C ALA AA 194 7.69 -55.44 35.68
N LYS AA 195 8.86 -55.31 36.29
CA LYS AA 195 8.92 -54.53 37.52
C LYS AA 195 8.96 -53.03 37.26
N ILE AA 196 9.46 -52.60 36.10
CA ILE AA 196 9.59 -51.17 35.85
C ILE AA 196 8.22 -50.56 35.62
N ILE AA 197 7.35 -51.28 34.92
CA ILE AA 197 5.95 -50.89 34.78
C ILE AA 197 5.25 -50.96 36.13
N TYR AA 198 5.64 -51.92 36.97
CA TYR AA 198 4.96 -52.08 38.25
C TYR AA 198 5.45 -51.08 39.29
N ILE AA 199 6.73 -50.68 39.23
CA ILE AA 199 7.25 -49.69 40.17
C ILE AA 199 6.62 -48.33 39.93
N VAL AA 200 6.66 -47.86 38.68
CA VAL AA 200 6.16 -46.53 38.37
C VAL AA 200 4.65 -46.67 38.16
N HIS AA 201 3.94 -45.53 38.10
CA HIS AA 201 2.48 -45.46 37.93
C HIS AA 201 1.75 -46.18 39.07
N ASP AA 202 1.84 -45.56 40.25
CA ASP AA 202 1.08 -45.99 41.41
C ASP AA 202 -0.42 -45.94 41.13
N GLU AA 203 -1.16 -46.83 41.79
CA GLU AA 203 -2.61 -46.93 41.62
C GLU AA 203 -3.34 -45.84 42.40
N VAL AA 204 -3.16 -44.61 41.95
CA VAL AA 204 -3.82 -43.44 42.53
C VAL AA 204 -4.77 -42.80 41.54
N LYS AA 205 -4.26 -42.40 40.37
CA LYS AA 205 -5.13 -41.88 39.33
C LYS AA 205 -5.83 -43.01 38.59
N ASP AA 206 -5.13 -44.12 38.37
CA ASP AA 206 -5.69 -45.28 37.69
C ASP AA 206 -5.44 -46.51 38.55
N LYS AA 207 -6.52 -47.11 39.05
CA LYS AA 207 -6.38 -48.24 39.97
C LYS AA 207 -5.94 -49.50 39.23
N ALA AA 208 -6.75 -49.95 38.29
CA ALA AA 208 -6.45 -51.16 37.55
C ALA AA 208 -5.73 -50.83 36.25
N PHE AA 209 -4.82 -51.71 35.86
CA PHE AA 209 -4.10 -51.56 34.61
C PHE AA 209 -3.61 -52.92 34.15
N GLU AA 210 -3.29 -53.01 32.87
CA GLU AA 210 -2.78 -54.24 32.28
C GLU AA 210 -1.29 -54.14 32.01
N LEU AA 211 -0.72 -55.24 31.53
CA LEU AA 211 0.69 -55.32 31.20
C LEU AA 211 0.86 -56.26 30.02
N GLU AA 212 1.16 -55.69 28.86
CA GLU AA 212 1.38 -56.47 27.66
C GLU AA 212 2.84 -56.44 27.26
N LEU AA 213 3.42 -57.60 27.05
CA LEU AA 213 4.82 -57.74 26.68
C LEU AA 213 4.93 -58.36 25.30
N SER AA 214 5.73 -57.73 24.45
CA SER AA 214 6.01 -58.27 23.13
C SER AA 214 7.53 -58.36 22.97
N TRP AA 215 7.94 -59.27 22.10
CA TRP AA 215 9.32 -59.75 22.15
C TRP AA 215 9.72 -60.40 20.85
N VAL AA 216 10.85 -59.96 20.31
CA VAL AA 216 11.44 -60.51 19.10
C VAL AA 216 12.92 -60.70 19.35
N GLY AA 217 13.49 -61.77 18.80
CA GLY AA 217 14.89 -61.99 18.98
C GLY AA 217 15.36 -63.36 18.55
N GLU AA 218 16.45 -63.81 19.16
CA GLU AA 218 17.06 -65.07 18.77
C GLU AA 218 16.23 -66.27 19.21
N LEU AA 219 15.55 -66.18 20.34
CA LEU AA 219 14.73 -67.30 20.79
C LEU AA 219 13.47 -67.42 19.94
N THR AA 220 12.99 -66.32 19.37
CA THR AA 220 11.81 -66.34 18.54
C THR AA 220 12.14 -66.48 17.06
N ASN AA 221 13.38 -66.87 16.74
CA ASN AA 221 13.85 -67.17 15.38
C ASN AA 221 13.72 -65.98 14.43
N GLY AA 222 13.83 -64.77 14.96
CA GLY AA 222 13.65 -63.57 14.17
C GLY AA 222 12.23 -63.13 13.99
N ARG AA 223 11.26 -64.04 14.13
CA ARG AA 223 9.86 -63.67 14.03
C ARG AA 223 9.44 -62.89 15.26
N HIS AA 224 8.53 -61.94 15.05
CA HIS AA 224 7.97 -61.15 16.15
C HIS AA 224 6.65 -61.77 16.59
N GLU AA 225 6.49 -61.95 17.90
CA GLU AA 225 5.21 -62.36 18.45
C GLU AA 225 5.11 -61.88 19.88
N ILE AA 226 3.88 -61.94 20.41
CA ILE AA 226 3.64 -61.63 21.81
C ILE AA 226 4.23 -62.76 22.66
N VAL AA 227 4.61 -62.43 23.89
CA VAL AA 227 5.13 -63.44 24.82
C VAL AA 227 3.98 -64.36 25.21
N PRO AA 228 4.25 -65.58 25.65
CA PRO AA 228 3.16 -66.37 26.25
C PRO AA 228 2.74 -65.75 27.56
N LYS AA 229 1.57 -65.11 27.55
CA LYS AA 229 1.14 -64.28 28.67
C LYS AA 229 0.45 -65.11 29.74
N ASP AA 230 -0.64 -65.79 29.38
CA ASP AA 230 -1.31 -66.70 30.29
C ASP AA 230 -0.45 -67.91 30.62
N ILE AA 231 0.48 -68.28 29.74
CA ILE AA 231 1.39 -69.38 29.98
C ILE AA 231 2.54 -68.87 30.83
N ARG AA 232 2.81 -69.61 31.92
CA ARG AA 232 3.98 -69.57 32.80
C ARG AA 232 4.05 -68.35 33.71
N GLU AA 233 3.35 -67.27 33.31
CA GLU AA 233 2.99 -66.06 34.08
C GLU AA 233 4.05 -65.64 35.10
N GLU AA 234 5.27 -65.46 34.62
CA GLU AA 234 6.39 -65.11 35.49
C GLU AA 234 6.60 -63.61 35.60
N ALA AA 235 5.86 -62.82 34.85
CA ALA AA 235 6.10 -61.39 34.83
C ALA AA 235 5.58 -60.73 36.10
N GLU AA 236 4.28 -60.85 36.36
CA GLU AA 236 3.68 -60.10 37.44
C GLU AA 236 3.97 -60.69 38.82
N LYS AA 237 4.27 -62.00 38.88
CA LYS AA 237 4.62 -62.59 40.16
C LYS AA 237 5.97 -62.12 40.65
N TYR AA 238 6.94 -62.01 39.74
CA TYR AA 238 8.25 -61.50 40.11
C TYR AA 238 8.22 -59.99 40.30
N ALA AA 239 7.28 -59.31 39.66
CA ALA AA 239 7.21 -57.85 39.76
C ALA AA 239 6.61 -57.39 41.07
N LYS AA 240 5.61 -58.11 41.59
CA LYS AA 240 4.96 -57.73 42.83
C LYS AA 240 5.75 -58.12 44.07
N GLU AA 241 6.92 -58.73 43.90
CA GLU AA 241 7.79 -58.99 45.03
C GLU AA 241 8.47 -57.74 45.54
N SER AA 242 8.47 -56.66 44.77
CA SER AA 242 9.00 -55.36 45.22
C SER AA 242 7.91 -54.60 45.97
N LEU AA 243 7.58 -55.13 47.16
CA LEU AA 243 6.59 -54.52 48.04
C LEU AA 243 7.24 -53.67 49.13
N LYS AA 244 8.55 -53.64 49.20
CA LYS AA 244 9.27 -52.88 50.22
C LYS AA 244 10.65 -52.51 49.73
N THR BA 34 27.11 -63.90 -30.68
CA THR BA 34 27.13 -63.52 -29.27
C THR BA 34 27.06 -64.74 -28.38
N THR BA 35 28.06 -64.91 -27.52
CA THR BA 35 28.10 -66.03 -26.58
C THR BA 35 28.69 -65.54 -25.27
N ILE BA 36 27.96 -65.73 -24.18
CA ILE BA 36 28.37 -65.26 -22.87
C ILE BA 36 28.50 -66.45 -21.92
N MET BA 37 29.34 -66.27 -20.91
CA MET BA 37 29.81 -67.38 -20.08
C MET BA 37 29.96 -66.89 -18.65
N ALA BA 38 29.57 -67.73 -17.69
CA ALA BA 38 29.70 -67.39 -16.28
C ALA BA 38 29.79 -68.66 -15.46
N VAL BA 39 30.88 -68.81 -14.70
CA VAL BA 39 31.12 -69.96 -13.85
C VAL BA 39 31.56 -69.47 -12.49
N GLN BA 40 30.91 -69.95 -11.44
CA GLN BA 40 31.36 -69.61 -10.09
C GLN BA 40 32.35 -70.65 -9.58
N PHE BA 41 33.11 -70.24 -8.57
CA PHE BA 41 34.06 -71.14 -7.92
C PHE BA 41 34.06 -70.79 -6.43
N ASP BA 42 35.07 -71.30 -5.72
CA ASP BA 42 35.08 -71.20 -4.25
C ASP BA 42 35.24 -69.77 -3.79
N GLY BA 43 36.18 -69.03 -4.39
CA GLY BA 43 36.37 -67.64 -4.04
C GLY BA 43 35.29 -66.73 -4.59
N GLY BA 44 35.17 -66.67 -5.92
CA GLY BA 44 34.21 -65.80 -6.55
C GLY BA 44 33.64 -66.38 -7.83
N VAL BA 45 33.56 -65.57 -8.88
CA VAL BA 45 33.00 -65.98 -10.16
C VAL BA 45 33.98 -65.64 -11.28
N VAL BA 46 33.76 -66.28 -12.43
CA VAL BA 46 34.53 -66.01 -13.64
C VAL BA 46 33.55 -65.73 -14.77
N LEU BA 47 33.71 -64.59 -15.41
CA LEU BA 47 32.87 -64.21 -16.54
C LEU BA 47 33.66 -64.36 -17.84
N GLY BA 48 32.93 -64.27 -18.95
CA GLY BA 48 33.57 -64.38 -20.25
C GLY BA 48 32.61 -64.20 -21.40
N ALA BA 49 33.05 -63.53 -22.46
CA ALA BA 49 32.20 -63.28 -23.61
C ALA BA 49 33.08 -63.04 -24.82
N ASP BA 50 32.47 -63.12 -26.00
CA ASP BA 50 33.12 -62.75 -27.24
C ASP BA 50 32.99 -61.24 -27.44
N SER BA 51 33.25 -60.78 -28.66
CA SER BA 51 33.23 -59.36 -28.93
C SER BA 51 32.56 -58.98 -30.24
N ARG BA 52 31.92 -59.92 -30.93
CA ARG BA 52 31.48 -59.72 -32.31
C ARG BA 52 30.05 -59.20 -32.29
N THR BA 53 29.84 -57.99 -32.80
CA THR BA 53 28.52 -57.40 -32.87
C THR BA 53 28.12 -57.25 -34.34
N THR BA 54 27.10 -57.98 -34.76
CA THR BA 54 26.68 -58.02 -36.15
C THR BA 54 25.41 -57.21 -36.35
N THR BA 55 25.26 -56.65 -37.55
CA THR BA 55 24.01 -56.03 -37.96
C THR BA 55 23.11 -57.02 -38.67
N GLY BA 56 23.51 -58.29 -38.74
CA GLY BA 56 22.70 -59.33 -39.35
C GLY BA 56 23.49 -60.17 -40.34
N SER BA 57 24.33 -59.53 -41.14
CA SER BA 57 25.33 -60.27 -41.91
C SER BA 57 26.65 -59.51 -42.06
N TYR BA 58 26.76 -58.32 -41.49
CA TYR BA 58 27.96 -57.50 -41.59
C TYR BA 58 28.47 -57.19 -40.19
N ILE BA 59 29.79 -57.22 -40.02
CA ILE BA 59 30.39 -57.01 -38.71
C ILE BA 59 30.44 -55.49 -38.49
N ALA BA 60 29.50 -54.99 -37.68
CA ALA BA 60 29.52 -53.58 -37.34
C ALA BA 60 30.64 -53.25 -36.36
N ASN BA 61 31.11 -54.22 -35.60
CA ASN BA 61 32.15 -53.95 -34.60
C ASN BA 61 32.89 -55.24 -34.31
N ARG BA 62 34.22 -55.17 -34.34
CA ARG BA 62 35.06 -56.32 -34.08
C ARG BA 62 35.17 -56.56 -32.58
N VAL BA 63 35.46 -55.50 -31.84
CA VAL BA 63 35.76 -55.57 -30.42
C VAL BA 63 34.68 -54.80 -29.65
N THR BA 64 34.05 -55.47 -28.71
CA THR BA 64 32.92 -54.89 -27.98
C THR BA 64 32.91 -55.43 -26.56
N ASP BA 65 32.85 -54.52 -25.59
CA ASP BA 65 32.71 -54.89 -24.19
C ASP BA 65 31.28 -55.39 -23.96
N LYS BA 66 31.10 -56.70 -24.02
CA LYS BA 66 29.81 -57.28 -23.66
C LYS BA 66 29.56 -57.23 -22.16
N LEU BA 67 30.61 -57.20 -21.35
CA LEU BA 67 30.46 -57.20 -19.90
C LEU BA 67 30.59 -55.78 -19.35
N THR BA 68 29.74 -55.46 -18.39
CA THR BA 68 29.51 -54.08 -17.96
C THR BA 68 29.63 -53.98 -16.44
N PRO BA 69 30.45 -53.07 -15.93
CA PRO BA 69 30.50 -52.87 -14.47
C PRO BA 69 29.29 -52.14 -13.92
N ILE BA 70 28.48 -52.81 -13.10
CA ILE BA 70 27.44 -52.10 -12.36
C ILE BA 70 28.01 -51.51 -11.08
N HIS BA 71 28.57 -52.36 -10.25
CA HIS BA 71 29.19 -51.95 -9.00
C HIS BA 71 30.63 -52.48 -9.04
N ASP BA 72 31.38 -52.27 -7.96
CA ASP BA 72 32.77 -52.68 -7.93
C ASP BA 72 32.93 -54.20 -7.81
N ARG BA 73 31.88 -54.90 -7.40
CA ARG BA 73 31.96 -56.35 -7.24
C ARG BA 73 30.90 -57.09 -8.03
N ILE BA 74 30.08 -56.40 -8.82
CA ILE BA 74 28.95 -57.00 -9.52
C ILE BA 74 29.03 -56.60 -10.98
N PHE BA 75 29.18 -57.58 -11.86
CA PHE BA 75 29.11 -57.36 -13.30
C PHE BA 75 27.84 -57.98 -13.86
N CYS BA 76 27.53 -57.62 -15.11
CA CYS BA 76 26.59 -58.36 -15.91
C CYS BA 76 27.19 -58.51 -17.31
N CYS BA 77 26.72 -59.50 -18.04
CA CYS BA 77 27.08 -59.66 -19.44
C CYS BA 77 25.80 -59.77 -20.24
N ARG BA 78 25.66 -58.92 -21.24
CA ARG BA 78 24.39 -58.67 -21.90
C ARG BA 78 24.36 -59.35 -23.26
N SER BA 79 23.15 -59.71 -23.69
CA SER BA 79 22.96 -60.40 -24.96
C SER BA 79 21.57 -60.09 -25.49
N GLY BA 80 21.35 -60.47 -26.74
CA GLY BA 80 20.08 -60.20 -27.40
C GLY BA 80 20.14 -58.91 -28.22
N SER BA 81 19.37 -57.92 -27.79
CA SER BA 81 19.39 -56.63 -28.45
C SER BA 81 20.63 -55.85 -28.05
N ALA BA 82 20.82 -54.70 -28.66
CA ALA BA 82 21.95 -53.83 -28.34
C ALA BA 82 21.51 -52.54 -27.69
N ALA BA 83 20.51 -51.86 -28.27
CA ALA BA 83 20.03 -50.63 -27.66
C ALA BA 83 19.22 -50.89 -26.40
N ASP BA 84 18.56 -52.05 -26.34
CA ASP BA 84 17.75 -52.37 -25.18
C ASP BA 84 18.60 -52.74 -23.97
N THR BA 85 19.63 -53.55 -24.17
CA THR BA 85 20.45 -54.00 -23.05
C THR BA 85 21.31 -52.88 -22.49
N GLN BA 86 21.76 -51.96 -23.34
CA GLN BA 86 22.51 -50.81 -22.83
C GLN BA 86 21.62 -49.85 -22.06
N ALA BA 87 20.35 -49.76 -22.43
CA ALA BA 87 19.45 -48.85 -21.73
C ALA BA 87 19.04 -49.40 -20.38
N VAL BA 88 18.90 -50.72 -20.27
CA VAL BA 88 18.54 -51.32 -18.98
C VAL BA 88 19.72 -51.28 -18.03
N ALA BA 89 20.92 -51.60 -18.53
CA ALA BA 89 22.10 -51.68 -17.66
C ALA BA 89 22.54 -50.31 -17.16
N ASP BA 90 22.20 -49.25 -17.89
CA ASP BA 90 22.46 -47.90 -17.36
C ASP BA 90 21.43 -47.51 -16.31
N ALA BA 91 20.25 -48.10 -16.35
CA ALA BA 91 19.21 -47.76 -15.38
C ALA BA 91 19.42 -48.51 -14.06
N VAL BA 92 19.90 -49.75 -14.12
CA VAL BA 92 20.14 -50.53 -12.92
C VAL BA 92 21.32 -49.96 -12.15
N THR BA 93 22.33 -49.44 -12.86
CA THR BA 93 23.46 -48.78 -12.24
C THR BA 93 23.03 -47.52 -11.50
N TYR BA 94 22.04 -46.81 -12.04
CA TYR BA 94 21.47 -45.66 -11.36
C TYR BA 94 20.69 -46.07 -10.11
N GLN BA 95 19.93 -47.15 -10.19
CA GLN BA 95 19.10 -47.55 -9.06
C GLN BA 95 19.95 -48.19 -7.96
N LEU BA 96 20.86 -49.09 -8.33
CA LEU BA 96 21.67 -49.75 -7.33
C LEU BA 96 22.74 -48.83 -6.78
N GLY BA 97 23.20 -47.87 -7.58
CA GLY BA 97 24.20 -46.93 -7.10
C GLY BA 97 23.64 -45.96 -6.08
N PHE BA 98 22.38 -45.58 -6.24
CA PHE BA 98 21.72 -44.75 -5.24
C PHE BA 98 21.36 -45.56 -4.00
N HIS BA 99 21.05 -46.84 -4.17
CA HIS BA 99 20.57 -47.64 -3.05
C HIS BA 99 21.70 -48.02 -2.10
N SER BA 100 22.92 -48.15 -2.60
CA SER BA 100 24.02 -48.54 -1.73
C SER BA 100 24.56 -47.38 -0.92
N ILE BA 101 24.45 -46.16 -1.43
CA ILE BA 101 24.88 -44.99 -0.66
C ILE BA 101 23.93 -44.77 0.50
N GLU BA 102 22.63 -44.99 0.28
CA GLU BA 102 21.64 -44.75 1.32
C GLU BA 102 21.71 -45.80 2.41
N LEU BA 103 22.07 -47.04 2.06
CA LEU BA 103 22.15 -48.11 3.04
C LEU BA 103 23.52 -48.17 3.70
N ASN BA 104 24.52 -47.52 3.10
CA ASN BA 104 25.87 -47.36 3.62
C ASN BA 104 26.57 -48.71 3.83
N GLU BA 105 26.26 -49.67 2.98
CA GLU BA 105 26.91 -50.97 2.97
C GLU BA 105 27.06 -51.40 1.51
N PRO BA 106 28.01 -52.27 1.21
CA PRO BA 106 28.08 -52.83 -0.15
C PRO BA 106 26.87 -53.68 -0.45
N PRO BA 107 26.32 -53.58 -1.66
CA PRO BA 107 25.04 -54.22 -1.96
C PRO BA 107 25.20 -55.73 -2.15
N LEU BA 108 24.07 -56.37 -2.46
CA LEU BA 108 24.01 -57.81 -2.64
C LEU BA 108 23.86 -58.12 -4.12
N VAL BA 109 24.37 -59.28 -4.52
CA VAL BA 109 24.21 -59.71 -5.91
C VAL BA 109 22.75 -60.05 -6.19
N HIS BA 110 22.07 -60.66 -5.23
CA HIS BA 110 20.65 -60.95 -5.36
C HIS BA 110 19.80 -59.70 -5.42
N THR BA 111 20.27 -58.61 -4.82
CA THR BA 111 19.57 -57.33 -4.96
C THR BA 111 19.70 -56.81 -6.39
N ALA BA 112 20.87 -56.96 -6.99
CA ALA BA 112 21.09 -56.46 -8.34
C ALA BA 112 20.30 -57.25 -9.37
N ALA BA 113 20.24 -58.57 -9.20
CA ALA BA 113 19.51 -59.40 -10.15
C ALA BA 113 18.00 -59.21 -10.04
N SER BA 114 17.51 -58.74 -8.89
CA SER BA 114 16.09 -58.44 -8.76
C SER BA 114 15.73 -57.18 -9.52
N LEU BA 115 16.68 -56.25 -9.66
CA LEU BA 115 16.40 -55.03 -10.40
C LEU BA 115 16.32 -55.27 -11.90
N PHE BA 116 17.11 -56.21 -12.42
CA PHE BA 116 16.96 -56.60 -13.81
C PHE BA 116 15.67 -57.36 -14.04
N LYS BA 117 15.20 -58.10 -13.04
CA LYS BA 117 13.98 -58.88 -13.20
C LYS BA 117 12.76 -57.98 -13.30
N GLU BA 118 12.72 -56.90 -12.53
CA GLU BA 118 11.55 -56.05 -12.52
C GLU BA 118 11.45 -55.19 -13.77
N MET BA 119 12.57 -54.95 -14.46
CA MET BA 119 12.48 -54.22 -15.71
C MET BA 119 12.19 -55.15 -16.88
N CYS BA 120 12.78 -56.34 -16.87
CA CYS BA 120 12.59 -57.27 -17.97
C CYS BA 120 11.24 -57.96 -17.94
N TYR BA 121 10.56 -57.98 -16.80
CA TYR BA 121 9.23 -58.56 -16.73
C TYR BA 121 8.15 -57.53 -17.00
N ARG BA 122 8.35 -56.30 -16.56
CA ARG BA 122 7.39 -55.24 -16.82
C ARG BA 122 7.34 -54.87 -18.30
N TYR BA 123 8.49 -54.87 -18.96
CA TYR BA 123 8.59 -54.51 -20.36
C TYR BA 123 9.02 -55.70 -21.19
N ARG BA 124 8.44 -56.86 -20.90
CA ARG BA 124 8.78 -58.08 -21.64
C ARG BA 124 8.23 -58.06 -23.06
N GLU BA 125 7.25 -57.21 -23.34
CA GLU BA 125 6.73 -57.06 -24.68
C GLU BA 125 7.50 -56.06 -25.52
N ASP BA 126 8.46 -55.36 -24.92
CA ASP BA 126 9.20 -54.32 -25.61
C ASP BA 126 10.70 -54.54 -25.57
N LEU BA 127 11.19 -55.52 -24.81
CA LEU BA 127 12.61 -55.74 -24.63
C LEU BA 127 12.95 -57.17 -24.99
N MET BA 128 13.99 -57.35 -25.79
CA MET BA 128 14.55 -58.66 -26.11
C MET BA 128 15.97 -58.67 -25.53
N ALA BA 129 16.08 -59.04 -24.26
CA ALA BA 129 17.34 -58.97 -23.55
C ALA BA 129 17.59 -60.28 -22.82
N GLY BA 130 18.83 -60.75 -22.88
CA GLY BA 130 19.26 -61.88 -22.09
C GLY BA 130 20.46 -61.50 -21.24
N ILE BA 131 20.28 -61.49 -19.92
CA ILE BA 131 21.27 -60.94 -18.99
C ILE BA 131 21.70 -62.05 -18.05
N ILE BA 132 23.01 -62.15 -17.83
CA ILE BA 132 23.56 -62.98 -16.75
C ILE BA 132 24.25 -62.05 -15.77
N ILE BA 133 23.80 -62.08 -14.52
CA ILE BA 133 24.38 -61.28 -13.45
C ILE BA 133 25.28 -62.19 -12.62
N ALA BA 134 26.54 -61.80 -12.45
CA ALA BA 134 27.47 -62.59 -11.68
C ALA BA 134 28.43 -61.66 -10.95
N GLY BA 135 28.65 -61.93 -9.67
CA GLY BA 135 29.59 -61.14 -8.90
C GLY BA 135 29.79 -61.70 -7.51
N TRP BA 136 30.87 -61.24 -6.88
CA TRP BA 136 31.16 -61.64 -5.52
C TRP BA 136 30.38 -60.78 -4.54
N ASP BA 137 29.99 -61.39 -3.42
CA ASP BA 137 29.27 -60.69 -2.38
C ASP BA 137 29.85 -61.05 -1.02
N PRO BA 138 29.94 -60.09 -0.09
CA PRO BA 138 30.52 -60.39 1.22
C PRO BA 138 29.69 -61.31 2.08
N GLN BA 139 28.39 -61.42 1.82
CA GLN BA 139 27.54 -62.28 2.64
C GLN BA 139 27.58 -63.73 2.17
N GLU BA 140 27.40 -63.95 0.87
CA GLU BA 140 27.23 -65.30 0.33
C GLU BA 140 28.26 -65.67 -0.71
N GLY BA 141 29.38 -64.96 -0.79
CA GLY BA 141 30.45 -65.34 -1.68
C GLY BA 141 30.17 -65.01 -3.14
N GLY BA 142 30.39 -65.98 -4.03
CA GLY BA 142 30.21 -65.80 -5.45
C GLY BA 142 28.87 -66.37 -5.89
N GLN BA 143 28.18 -65.63 -6.75
CA GLN BA 143 26.85 -65.99 -7.20
C GLN BA 143 26.72 -65.74 -8.70
N VAL BA 144 25.94 -66.56 -9.38
CA VAL BA 144 25.62 -66.39 -10.80
C VAL BA 144 24.12 -66.53 -10.97
N TYR BA 145 23.48 -65.52 -11.56
CA TYR BA 145 22.06 -65.55 -11.83
C TYR BA 145 21.81 -65.43 -13.32
N SER BA 146 20.62 -65.89 -13.74
CA SER BA 146 20.25 -65.93 -15.14
C SER BA 146 18.92 -65.22 -15.32
N VAL BA 147 18.91 -64.19 -16.15
CA VAL BA 147 17.67 -63.53 -16.51
C VAL BA 147 17.49 -63.68 -18.02
N PRO BA 148 16.73 -64.66 -18.48
CA PRO BA 148 16.50 -64.80 -19.92
C PRO BA 148 15.47 -63.83 -20.45
N MET BA 149 15.06 -64.02 -21.70
CA MET BA 149 14.16 -63.08 -22.37
C MET BA 149 12.76 -63.04 -21.77
N GLY BA 150 12.35 -64.08 -21.04
CA GLY BA 150 11.05 -64.05 -20.42
C GLY BA 150 10.97 -63.10 -19.25
N GLY BA 151 12.00 -63.08 -18.41
CA GLY BA 151 12.01 -62.22 -17.25
C GLY BA 151 11.98 -62.99 -15.95
N MET BA 152 12.34 -64.26 -15.99
CA MET BA 152 12.48 -65.07 -14.79
C MET BA 152 13.90 -64.95 -14.27
N MET BA 153 14.15 -65.56 -13.11
CA MET BA 153 15.43 -65.44 -12.43
C MET BA 153 15.71 -66.72 -11.68
N VAL BA 154 16.91 -67.27 -11.85
CA VAL BA 154 17.29 -68.52 -11.20
C VAL BA 154 18.79 -68.51 -10.97
N ARG BA 155 19.22 -69.03 -9.81
CA ARG BA 155 20.62 -69.15 -9.49
C ARG BA 155 21.16 -70.46 -10.04
N GLN BA 156 22.35 -70.42 -10.64
CA GLN BA 156 22.98 -71.60 -11.19
C GLN BA 156 24.44 -71.65 -10.79
N SER BA 157 25.05 -72.81 -11.00
CA SER BA 157 26.49 -72.95 -10.80
C SER BA 157 27.25 -72.40 -11.99
N PHE BA 158 26.83 -72.74 -13.20
CA PHE BA 158 27.34 -72.13 -14.41
C PHE BA 158 26.16 -71.77 -15.30
N ALA BA 159 26.32 -70.67 -16.03
CA ALA BA 159 25.23 -70.16 -16.86
C ALA BA 159 25.80 -69.63 -18.16
N ILE BA 160 25.25 -70.10 -19.28
CA ILE BA 160 25.65 -69.62 -20.60
C ILE BA 160 24.43 -69.06 -21.31
N GLY BA 161 24.69 -68.22 -22.31
CA GLY BA 161 23.62 -67.57 -23.04
C GLY BA 161 24.12 -67.01 -24.34
N GLY BA 162 23.19 -66.48 -25.11
CA GLY BA 162 23.50 -65.91 -26.41
C GLY BA 162 23.10 -66.84 -27.54
N SER BA 163 23.31 -66.35 -28.76
CA SER BA 163 22.92 -67.10 -29.94
C SER BA 163 23.83 -68.29 -30.22
N GLY BA 164 25.08 -68.24 -29.77
CA GLY BA 164 26.02 -69.31 -30.00
C GLY BA 164 26.15 -70.30 -28.87
N SER BA 165 25.41 -70.10 -27.78
CA SER BA 165 25.52 -70.97 -26.62
C SER BA 165 24.83 -72.31 -26.83
N SER BA 166 24.07 -72.49 -27.90
CA SER BA 166 23.41 -73.76 -28.15
C SER BA 166 24.35 -74.80 -28.71
N TYR BA 167 25.57 -74.43 -29.08
CA TYR BA 167 26.53 -75.34 -29.69
C TYR BA 167 27.44 -76.00 -28.67
N ILE BA 168 27.38 -75.56 -27.42
CA ILE BA 168 28.33 -76.00 -26.40
C ILE BA 168 27.59 -76.53 -25.18
N TYR BA 169 26.32 -76.93 -25.35
CA TYR BA 169 25.61 -77.60 -24.28
C TYR BA 169 26.22 -78.95 -23.95
N GLY BA 170 26.61 -79.71 -24.97
CA GLY BA 170 27.20 -81.01 -24.73
C GLY BA 170 28.58 -80.91 -24.13
N TYR BA 171 29.36 -79.90 -24.53
CA TYR BA 171 30.69 -79.74 -23.97
C TYR BA 171 30.63 -79.29 -22.51
N VAL BA 172 29.74 -78.36 -22.20
CA VAL BA 172 29.72 -77.79 -20.85
C VAL BA 172 29.12 -78.74 -19.84
N ASP BA 173 28.45 -79.80 -20.28
CA ASP BA 173 27.91 -80.78 -19.35
C ASP BA 173 28.91 -81.85 -18.98
N ALA BA 174 29.69 -82.33 -19.94
CA ALA BA 174 30.62 -83.40 -19.69
C ALA BA 174 31.97 -82.92 -19.17
N THR BA 175 32.30 -81.65 -19.37
CA THR BA 175 33.57 -81.12 -18.90
C THR BA 175 33.48 -80.55 -17.50
N TYR BA 176 32.33 -79.99 -17.12
CA TYR BA 176 32.18 -79.34 -15.82
C TYR BA 176 32.29 -80.34 -14.69
N ARG BA 177 32.97 -79.93 -13.63
CA ARG BA 177 33.23 -80.74 -12.47
C ARG BA 177 33.20 -79.84 -11.25
N GLU BA 178 32.45 -80.24 -10.23
CA GLU BA 178 32.27 -79.39 -9.06
C GLU BA 178 33.53 -79.39 -8.22
N GLY BA 179 33.99 -78.19 -7.84
CA GLY BA 179 35.16 -78.07 -7.00
C GLY BA 179 36.37 -77.55 -7.76
N MET BA 180 36.13 -76.72 -8.77
CA MET BA 180 37.22 -76.17 -9.55
C MET BA 180 37.92 -75.04 -8.79
N THR BA 181 39.18 -74.84 -9.12
CA THR BA 181 39.93 -73.69 -8.63
C THR BA 181 39.69 -72.52 -9.57
N LYS BA 182 40.39 -71.41 -9.36
CA LYS BA 182 40.21 -70.25 -10.21
C LYS BA 182 40.86 -70.46 -11.58
N GLU BA 183 42.09 -70.98 -11.59
CA GLU BA 183 42.82 -71.16 -12.84
C GLU BA 183 42.20 -72.25 -13.70
N GLU BA 184 41.50 -73.20 -13.09
CA GLU BA 184 40.76 -74.18 -13.87
C GLU BA 184 39.55 -73.55 -14.53
N CYS BA 185 38.91 -72.58 -13.86
CA CYS BA 185 37.75 -71.92 -14.45
C CYS BA 185 38.15 -70.98 -15.58
N LEU BA 186 39.28 -70.27 -15.43
CA LEU BA 186 39.78 -69.44 -16.53
C LEU BA 186 40.22 -70.28 -17.71
N GLN BA 187 40.62 -71.52 -17.47
CA GLN BA 187 40.86 -72.43 -18.57
C GLN BA 187 39.56 -72.99 -19.12
N PHE BA 188 38.57 -73.21 -18.25
CA PHE BA 188 37.31 -73.82 -18.67
C PHE BA 188 36.50 -72.89 -19.55
N THR BA 189 36.41 -71.61 -19.19
CA THR BA 189 35.66 -70.68 -20.01
C THR BA 189 36.40 -70.29 -21.27
N ALA BA 190 37.72 -70.44 -21.31
CA ALA BA 190 38.46 -70.12 -22.51
C ALA BA 190 38.24 -71.17 -23.59
N ASN BA 191 38.13 -72.44 -23.20
CA ASN BA 191 37.85 -73.48 -24.18
C ASN BA 191 36.41 -73.44 -24.64
N ALA BA 192 35.49 -73.12 -23.73
CA ALA BA 192 34.07 -73.18 -24.06
C ALA BA 192 33.67 -72.06 -25.01
N LEU BA 193 34.25 -70.88 -24.84
CA LEU BA 193 33.97 -69.80 -25.78
C LEU BA 193 34.64 -70.03 -27.11
N ALA BA 194 35.81 -70.69 -27.13
CA ALA BA 194 36.51 -70.91 -28.38
C ALA BA 194 35.80 -71.92 -29.27
N LEU BA 195 35.03 -72.83 -28.67
CA LEU BA 195 34.28 -73.78 -29.48
C LEU BA 195 33.07 -73.13 -30.13
N ALA BA 196 32.45 -72.15 -29.47
CA ALA BA 196 31.31 -71.49 -30.06
C ALA BA 196 31.74 -70.49 -31.13
N MET BA 197 32.86 -69.80 -30.92
CA MET BA 197 33.39 -68.86 -31.89
C MET BA 197 33.82 -69.56 -33.17
N GLU BA 198 34.30 -70.79 -33.06
CA GLU BA 198 34.69 -71.54 -34.24
C GLU BA 198 33.47 -71.97 -35.05
N ARG BA 199 32.38 -72.31 -34.37
CA ARG BA 199 31.26 -72.95 -35.02
C ARG BA 199 30.17 -71.96 -35.43
N ASP BA 200 29.83 -71.02 -34.56
CA ASP BA 200 28.79 -70.05 -34.87
C ASP BA 200 29.33 -68.98 -35.82
N GLY BA 201 28.43 -68.44 -36.64
CA GLY BA 201 28.79 -67.34 -37.50
C GLY BA 201 28.65 -65.99 -36.82
N SER BA 202 27.63 -65.87 -35.97
CA SER BA 202 27.36 -64.61 -35.27
C SER BA 202 28.36 -64.34 -34.15
N SER BA 203 29.08 -65.36 -33.70
CA SER BA 203 30.02 -65.23 -32.59
C SER BA 203 31.44 -65.33 -33.12
N GLY BA 204 32.33 -64.54 -32.51
CA GLY BA 204 33.72 -64.58 -32.90
C GLY BA 204 34.46 -63.37 -32.38
N GLY BA 205 35.57 -63.05 -33.03
CA GLY BA 205 36.37 -61.91 -32.64
C GLY BA 205 37.43 -62.23 -31.61
N VAL BA 206 37.30 -61.67 -30.42
CA VAL BA 206 38.32 -61.82 -29.39
C VAL BA 206 37.63 -62.16 -28.07
N ILE BA 207 38.36 -62.81 -27.18
CA ILE BA 207 37.79 -63.28 -25.92
C ILE BA 207 38.14 -62.32 -24.79
N ARG BA 208 37.13 -61.83 -24.11
CA ARG BA 208 37.30 -60.98 -22.94
C ARG BA 208 36.89 -61.76 -21.70
N LEU BA 209 37.74 -61.77 -20.70
CA LEU BA 209 37.51 -62.50 -19.46
C LEU BA 209 37.54 -61.55 -18.28
N ALA BA 210 36.92 -62.00 -17.19
CA ALA BA 210 36.91 -61.22 -15.95
C ALA BA 210 36.69 -62.18 -14.78
N ALA BA 211 37.57 -62.11 -13.79
CA ALA BA 211 37.48 -62.95 -12.60
C ALA BA 211 37.26 -62.05 -11.40
N ILE BA 212 36.08 -62.13 -10.81
CA ILE BA 212 35.69 -61.31 -9.67
C ILE BA 212 35.89 -62.12 -8.40
N ALA BA 213 36.65 -61.59 -7.46
CA ALA BA 213 36.89 -62.27 -6.20
C ALA BA 213 36.78 -61.25 -5.08
N GLU BA 214 37.18 -61.65 -3.88
CA GLU BA 214 37.14 -60.76 -2.73
C GLU BA 214 38.19 -59.66 -2.84
N SER BA 215 39.34 -59.96 -3.44
CA SER BA 215 40.42 -58.98 -3.51
C SER BA 215 40.12 -57.90 -4.53
N GLY BA 216 39.99 -58.28 -5.80
CA GLY BA 216 39.79 -57.29 -6.83
C GLY BA 216 39.09 -57.89 -8.03
N VAL BA 217 39.19 -57.17 -9.15
CA VAL BA 217 38.64 -57.60 -10.42
C VAL BA 217 39.80 -57.74 -11.39
N GLU BA 218 39.95 -58.92 -11.97
CA GLU BA 218 41.06 -59.21 -12.88
C GLU BA 218 40.49 -59.39 -14.28
N ARG BA 219 40.75 -58.45 -15.17
CA ARG BA 219 40.24 -58.47 -16.53
C ARG BA 219 41.38 -58.72 -17.50
N GLN BA 220 41.15 -59.60 -18.46
CA GLN BA 220 42.19 -59.93 -19.44
C GLN BA 220 41.53 -60.23 -20.78
N VAL BA 221 42.36 -60.22 -21.82
CA VAL BA 221 41.93 -60.43 -23.20
C VAL BA 221 42.82 -61.52 -23.80
N LEU BA 222 42.20 -62.57 -24.33
CA LEU BA 222 42.94 -63.71 -24.85
C LEU BA 222 42.59 -64.00 -26.29
N LEU BA 223 43.21 -65.05 -26.83
CA LEU BA 223 42.89 -65.60 -28.15
C LEU BA 223 43.36 -67.05 -28.20
N GLY BA 224 42.51 -67.90 -28.75
CA GLY BA 224 42.82 -69.32 -28.86
C GLY BA 224 42.45 -70.13 -27.64
N THR CA 43 25.57 -40.68 -49.38
CA THR CA 43 25.89 -40.39 -47.99
C THR CA 43 27.00 -41.28 -47.49
N THR CA 44 28.15 -40.68 -47.18
CA THR CA 44 29.31 -41.44 -46.70
C THR CA 44 30.05 -40.56 -45.71
N ILE CA 45 30.03 -40.94 -44.44
CA ILE CA 45 30.72 -40.22 -43.39
C ILE CA 45 31.70 -41.15 -42.71
N ALA CA 46 32.81 -40.60 -42.24
CA ALA CA 46 33.86 -41.39 -41.60
C ALA CA 46 34.53 -40.53 -40.54
N GLY CA 47 35.46 -41.15 -39.81
CA GLY CA 47 36.15 -40.46 -38.74
C GLY CA 47 37.27 -41.30 -38.16
N VAL CA 48 38.33 -40.67 -37.66
CA VAL CA 48 39.50 -41.40 -37.19
C VAL CA 48 40.14 -40.59 -36.06
N VAL CA 49 40.92 -41.27 -35.22
CA VAL CA 49 41.58 -40.65 -34.08
C VAL CA 49 43.09 -40.80 -34.28
N TYR CA 50 43.77 -39.69 -34.54
CA TYR CA 50 45.22 -39.74 -34.69
C TYR CA 50 45.88 -39.41 -33.35
N LYS CA 51 47.18 -39.12 -33.39
CA LYS CA 51 47.99 -39.00 -32.17
C LYS CA 51 47.61 -37.78 -31.33
N ASP CA 52 46.96 -36.78 -31.91
CA ASP CA 52 46.56 -35.61 -31.15
C ASP CA 52 45.06 -35.42 -31.12
N GLY CA 53 44.40 -35.45 -32.28
CA GLY CA 53 42.99 -35.14 -32.31
C GLY CA 53 42.15 -36.07 -33.15
N ILE CA 54 41.09 -35.52 -33.75
CA ILE CA 54 40.09 -36.29 -34.47
C ILE CA 54 39.86 -35.64 -35.83
N VAL CA 55 39.90 -36.43 -36.89
CA VAL CA 55 39.63 -35.98 -38.25
C VAL CA 55 38.33 -36.61 -38.72
N LEU CA 56 37.35 -35.77 -39.05
CA LEU CA 56 36.08 -36.20 -39.60
C LEU CA 56 36.04 -35.90 -41.10
N GLY CA 57 35.10 -36.52 -41.79
CA GLY CA 57 34.96 -36.31 -43.22
C GLY CA 57 33.66 -36.81 -43.81
N ALA CA 58 33.18 -36.15 -44.86
CA ALA CA 58 31.89 -36.46 -45.46
C ALA CA 58 31.86 -35.97 -46.90
N ASP CA 59 30.86 -36.45 -47.64
CA ASP CA 59 30.60 -35.95 -48.98
C ASP CA 59 29.58 -34.81 -48.93
N THR CA 60 29.22 -34.28 -50.10
CA THR CA 60 28.28 -33.16 -50.20
C THR CA 60 27.19 -33.45 -51.22
N ARG CA 61 26.68 -34.68 -51.24
CA ARG CA 61 25.55 -35.03 -52.11
C ARG CA 61 24.40 -35.54 -51.27
N ALA CA 62 23.22 -34.93 -51.46
CA ALA CA 62 21.98 -35.39 -50.86
C ALA CA 62 21.02 -35.73 -51.99
N THR CA 63 20.65 -37.00 -52.10
CA THR CA 63 19.76 -37.43 -53.17
C THR CA 63 18.32 -37.44 -52.68
N GLU CA 64 17.39 -37.36 -53.63
CA GLU CA 64 15.97 -37.47 -53.37
C GLU CA 64 15.40 -38.48 -54.36
N GLY CA 65 15.02 -39.65 -53.87
CA GLY CA 65 14.66 -40.74 -54.74
C GLY CA 65 15.91 -41.28 -55.40
N MET CA 66 15.98 -41.20 -56.73
CA MET CA 66 17.20 -41.53 -57.45
C MET CA 66 17.69 -40.33 -58.25
N VAL CA 67 17.28 -39.12 -57.86
CA VAL CA 67 17.65 -37.89 -58.53
C VAL CA 67 18.47 -37.07 -57.54
N VAL CA 68 19.60 -36.55 -58.01
CA VAL CA 68 20.47 -35.73 -57.18
C VAL CA 68 19.78 -34.39 -56.92
N ALA CA 69 19.35 -34.17 -55.68
CA ALA CA 69 18.64 -32.96 -55.33
C ALA CA 69 19.55 -31.82 -54.89
N ASP CA 70 20.79 -32.13 -54.51
CA ASP CA 70 21.70 -31.09 -54.03
C ASP CA 70 23.12 -31.49 -54.35
N LYS CA 71 23.83 -30.62 -55.06
CA LYS CA 71 25.22 -30.88 -55.43
C LYS CA 71 26.20 -30.49 -54.33
N ASN CA 72 25.79 -29.63 -53.41
CA ASN CA 72 26.66 -29.20 -52.32
C ASN CA 72 25.79 -29.06 -51.07
N CYS CA 73 25.71 -30.13 -50.29
CA CYS CA 73 25.00 -30.11 -49.02
C CYS CA 73 26.00 -29.86 -47.89
N SER CA 74 25.55 -30.03 -46.66
CA SER CA 74 26.42 -29.82 -45.51
C SER CA 74 26.02 -30.84 -44.45
N LYS CA 75 26.96 -31.72 -44.07
CA LYS CA 75 26.65 -32.79 -43.14
C LYS CA 75 27.58 -32.88 -41.94
N ILE CA 76 28.49 -31.92 -41.77
CA ILE CA 76 29.26 -31.81 -40.54
C ILE CA 76 28.72 -30.64 -39.76
N HIS CA 77 28.21 -30.90 -38.56
CA HIS CA 77 27.45 -29.91 -37.82
C HIS CA 77 28.23 -29.39 -36.62
N PHE CA 78 27.67 -28.34 -36.02
CA PHE CA 78 28.24 -27.71 -34.83
C PHE CA 78 27.51 -28.21 -33.60
N ILE CA 79 28.27 -28.59 -32.58
CA ILE CA 79 27.74 -28.91 -31.26
C ILE CA 79 28.35 -28.02 -30.18
N SER CA 80 29.66 -27.89 -30.19
CA SER CA 80 30.39 -27.04 -29.26
C SER CA 80 31.62 -26.55 -30.00
N PRO CA 81 32.38 -25.61 -29.41
CA PRO CA 81 33.68 -25.27 -30.01
C PRO CA 81 34.72 -26.39 -30.03
N ASN CA 82 34.48 -27.54 -29.36
CA ASN CA 82 35.39 -28.66 -29.47
C ASN CA 82 34.76 -29.94 -29.99
N ILE CA 83 33.44 -30.03 -30.08
CA ILE CA 83 32.75 -31.24 -30.47
C ILE CA 83 31.93 -30.95 -31.72
N TYR CA 84 32.15 -31.74 -32.77
CA TYR CA 84 31.29 -31.72 -33.94
C TYR CA 84 30.62 -33.08 -34.12
N CYS CA 85 29.75 -33.16 -35.12
CA CYS CA 85 29.00 -34.37 -35.39
C CYS CA 85 28.71 -34.47 -36.88
N CYS CA 86 28.65 -35.70 -37.37
CA CYS CA 86 28.31 -35.99 -38.76
C CYS CA 86 27.00 -36.76 -38.81
N GLY CA 87 26.16 -36.43 -39.79
CA GLY CA 87 24.85 -37.02 -39.85
C GLY CA 87 24.60 -37.92 -41.05
N ALA CA 88 23.72 -38.90 -40.88
CA ALA CA 88 23.36 -39.81 -41.96
C ALA CA 88 21.95 -40.31 -41.72
N GLY CA 89 21.34 -40.81 -42.78
CA GLY CA 89 19.97 -41.29 -42.70
C GLY CA 89 19.00 -40.22 -43.18
N THR CA 90 17.90 -40.04 -42.44
CA THR CA 90 16.95 -39.00 -42.78
C THR CA 90 17.53 -37.64 -42.46
N ALA CA 91 17.52 -36.74 -43.44
CA ALA CA 91 18.24 -35.48 -43.32
C ALA CA 91 17.57 -34.55 -42.32
N ALA CA 92 16.24 -34.46 -42.36
CA ALA CA 92 15.55 -33.55 -41.46
C ALA CA 92 15.52 -34.05 -40.03
N ASP CA 93 15.58 -35.37 -39.83
CA ASP CA 93 15.66 -35.90 -38.47
C ASP CA 93 17.02 -35.65 -37.86
N THR CA 94 18.09 -35.70 -38.65
CA THR CA 94 19.41 -35.42 -38.09
C THR CA 94 19.63 -33.94 -37.86
N ASP CA 95 18.95 -33.08 -38.63
CA ASP CA 95 19.13 -31.64 -38.45
C ASP CA 95 18.48 -31.18 -37.16
N MET CA 96 17.27 -31.63 -36.88
CA MET CA 96 16.58 -31.20 -35.68
C MET CA 96 17.13 -31.86 -34.43
N THR CA 97 17.75 -33.03 -34.56
CA THR CA 97 18.35 -33.68 -33.40
C THR CA 97 19.65 -32.99 -33.01
N THR CA 98 20.47 -32.64 -34.00
CA THR CA 98 21.77 -32.06 -33.70
C THR CA 98 21.68 -30.61 -33.26
N GLN CA 99 20.54 -29.96 -33.46
CA GLN CA 99 20.37 -28.59 -32.97
C GLN CA 99 19.85 -28.57 -31.54
N LEU CA 100 19.06 -29.57 -31.15
CA LEU CA 100 18.53 -29.61 -29.80
C LEU CA 100 19.63 -29.93 -28.79
N ILE CA 101 20.53 -30.84 -29.13
CA ILE CA 101 21.62 -31.19 -28.24
C ILE CA 101 22.66 -30.09 -28.20
N SER CA 102 22.90 -29.41 -29.33
CA SER CA 102 23.82 -28.28 -29.33
C SER CA 102 23.25 -27.10 -28.57
N SER CA 103 21.93 -27.02 -28.45
CA SER CA 103 21.34 -25.97 -27.62
C SER CA 103 21.49 -26.31 -26.14
N ASN CA 104 21.38 -27.58 -25.78
CA ASN CA 104 21.42 -27.96 -24.38
C ASN CA 104 22.83 -27.91 -23.82
N LEU CA 105 23.83 -28.26 -24.64
CA LEU CA 105 25.20 -28.14 -24.18
C LEU CA 105 25.65 -26.69 -24.09
N GLU CA 106 25.08 -25.82 -24.93
CA GLU CA 106 25.30 -24.40 -24.73
C GLU CA 106 24.67 -23.94 -23.42
N LEU CA 107 23.54 -24.53 -23.04
CA LEU CA 107 22.94 -24.20 -21.76
C LEU CA 107 23.72 -24.83 -20.61
N HIS CA 108 24.21 -26.04 -20.81
CA HIS CA 108 24.88 -26.76 -19.73
C HIS CA 108 26.26 -26.17 -19.43
N SER CA 109 27.03 -25.90 -20.47
CA SER CA 109 28.40 -25.41 -20.27
C SER CA 109 28.42 -23.99 -19.74
N LEU CA 110 27.50 -23.15 -20.19
CA LEU CA 110 27.44 -21.78 -19.72
C LEU CA 110 26.96 -21.70 -18.28
N SER CA 111 26.17 -22.67 -17.84
CA SER CA 111 25.80 -22.74 -16.43
C SER CA 111 26.96 -23.21 -15.57
N THR CA 112 27.73 -24.19 -16.04
CA THR CA 112 28.89 -24.64 -15.27
C THR CA 112 30.04 -23.68 -15.39
N GLY CA 113 30.08 -22.89 -16.45
CA GLY CA 113 31.22 -22.03 -16.70
C GLY CA 113 32.44 -22.77 -17.18
N ARG CA 114 32.28 -23.99 -17.69
CA ARG CA 114 33.42 -24.80 -18.11
C ARG CA 114 33.23 -25.28 -19.53
N LEU CA 115 34.09 -26.19 -19.95
CA LEU CA 115 34.14 -26.81 -21.27
C LEU CA 115 33.33 -28.10 -21.26
N PRO CA 116 32.56 -28.38 -22.31
CA PRO CA 116 31.73 -29.59 -22.33
C PRO CA 116 32.58 -30.84 -22.49
N ARG CA 117 31.93 -31.99 -22.31
CA ARG CA 117 32.58 -33.28 -22.48
C ARG CA 117 31.82 -34.12 -23.49
N VAL CA 118 32.56 -34.97 -24.21
CA VAL CA 118 31.97 -35.77 -25.27
C VAL CA 118 31.05 -36.85 -24.69
N VAL CA 119 31.33 -37.31 -23.48
CA VAL CA 119 30.43 -38.26 -22.83
C VAL CA 119 29.11 -37.63 -22.41
N THR CA 120 29.06 -36.31 -22.31
CA THR CA 120 27.78 -35.66 -22.05
C THR CA 120 26.92 -35.64 -23.30
N ALA CA 121 27.53 -35.36 -24.46
CA ALA CA 121 26.79 -35.38 -25.71
C ALA CA 121 26.41 -36.79 -26.12
N ASN CA 122 27.20 -37.79 -25.70
CA ASN CA 122 26.82 -39.17 -25.94
C ASN CA 122 25.60 -39.56 -25.13
N ARG CA 123 25.56 -39.15 -23.87
CA ARG CA 123 24.49 -39.58 -22.98
C ARG CA 123 23.19 -38.87 -23.30
N MET CA 124 23.27 -37.65 -23.85
CA MET CA 124 22.04 -36.98 -24.27
C MET CA 124 21.47 -37.61 -25.53
N LEU CA 125 22.33 -38.05 -26.45
CA LEU CA 125 21.83 -38.61 -27.70
C LEU CA 125 21.30 -40.02 -27.54
N LYS CA 126 21.99 -40.89 -26.79
CA LYS CA 126 21.52 -42.26 -26.66
C LYS CA 126 20.27 -42.36 -25.79
N GLN CA 127 20.00 -41.36 -24.97
CA GLN CA 127 18.82 -41.39 -24.13
C GLN CA 127 17.62 -40.79 -24.87
N MET CA 128 17.87 -39.85 -25.78
CA MET CA 128 16.78 -39.30 -26.57
C MET CA 128 16.29 -40.29 -27.63
N LEU CA 129 17.22 -40.92 -28.34
CA LEU CA 129 16.84 -41.79 -29.44
C LEU CA 129 16.20 -43.08 -28.96
N PHE CA 130 16.58 -43.57 -27.78
CA PHE CA 130 15.93 -44.74 -27.23
C PHE CA 130 14.50 -44.43 -26.80
N ARG CA 131 14.24 -43.19 -26.42
CA ARG CA 131 12.90 -42.81 -25.98
C ARG CA 131 11.92 -42.81 -27.13
N TYR CA 132 12.35 -42.43 -28.34
CA TYR CA 132 11.50 -42.41 -29.51
C TYR CA 132 11.42 -43.76 -30.21
N GLN CA 133 11.97 -44.82 -29.61
CA GLN CA 133 11.84 -46.21 -30.06
C GLN CA 133 12.38 -46.43 -31.46
N GLY CA 134 13.36 -45.63 -31.87
CA GLY CA 134 13.92 -45.76 -33.20
C GLY CA 134 13.07 -45.24 -34.33
N TYR CA 135 11.96 -44.55 -34.04
CA TYR CA 135 11.18 -43.94 -35.09
C TYR CA 135 11.85 -42.72 -35.70
N ILE CA 136 12.82 -42.14 -35.02
CA ILE CA 136 13.61 -41.03 -35.56
C ILE CA 136 14.92 -41.62 -36.06
N GLY CA 137 15.08 -41.67 -37.38
CA GLY CA 137 16.26 -42.25 -37.96
C GLY CA 137 17.42 -41.29 -38.02
N ALA CA 138 18.45 -41.55 -37.23
CA ALA CA 138 19.62 -40.69 -37.17
C ALA CA 138 20.84 -41.57 -36.91
N ALA CA 139 21.75 -41.62 -37.88
CA ALA CA 139 23.00 -42.38 -37.75
C ALA CA 139 24.13 -41.38 -37.59
N LEU CA 140 24.46 -41.08 -36.33
CA LEU CA 140 25.40 -40.01 -36.03
C LEU CA 140 26.79 -40.54 -35.75
N VAL CA 141 27.79 -39.73 -36.08
CA VAL CA 141 29.18 -39.97 -35.70
C VAL CA 141 29.63 -38.79 -34.87
N LEU CA 142 29.92 -39.03 -33.60
CA LEU CA 142 30.23 -37.97 -32.66
C LEU CA 142 31.72 -37.99 -32.37
N GLY CA 143 32.33 -36.81 -32.33
CA GLY CA 143 33.77 -36.71 -32.09
C GLY CA 143 34.21 -35.37 -31.57
N GLY CA 144 35.06 -35.39 -30.55
CA GLY CA 144 35.56 -34.15 -29.98
C GLY CA 144 36.72 -34.40 -29.05
N VAL CA 145 37.35 -33.30 -28.65
CA VAL CA 145 38.53 -33.34 -27.78
C VAL CA 145 38.17 -32.70 -26.45
N ASP CA 146 38.25 -33.48 -25.38
CA ASP CA 146 37.94 -33.03 -24.05
C ASP CA 146 39.22 -32.74 -23.27
N VAL CA 147 39.06 -32.52 -21.96
CA VAL CA 147 40.20 -32.51 -21.06
C VAL CA 147 40.81 -33.90 -20.98
N THR CA 148 39.97 -34.93 -21.01
CA THR CA 148 40.47 -36.30 -20.90
C THR CA 148 41.12 -36.78 -22.18
N GLY CA 149 40.74 -36.22 -23.33
CA GLY CA 149 41.35 -36.58 -24.58
C GLY CA 149 40.37 -36.64 -25.72
N PRO CA 150 40.82 -37.12 -26.88
CA PRO CA 150 39.91 -37.30 -28.01
C PRO CA 150 39.00 -38.50 -27.79
N HIS CA 151 37.77 -38.39 -28.28
CA HIS CA 151 36.78 -39.45 -28.14
C HIS CA 151 35.93 -39.52 -29.40
N LEU CA 152 35.81 -40.71 -29.96
CA LEU CA 152 35.05 -40.91 -31.19
C LEU CA 152 33.94 -41.91 -30.95
N TYR CA 153 32.72 -41.55 -31.33
CA TYR CA 153 31.53 -42.32 -31.04
C TYR CA 153 30.72 -42.54 -32.30
N SER CA 154 30.05 -43.69 -32.36
CA SER CA 154 29.11 -44.01 -33.43
C SER CA 154 27.77 -44.33 -32.80
N ILE CA 155 26.74 -43.60 -33.19
CA ILE CA 155 25.44 -43.65 -32.52
C ILE CA 155 24.42 -44.15 -33.53
N TYR CA 156 23.76 -45.24 -33.19
CA TYR CA 156 22.77 -45.87 -34.05
C TYR CA 156 21.38 -45.35 -33.73
N PRO CA 157 20.46 -45.36 -34.70
CA PRO CA 157 19.15 -44.72 -34.47
C PRO CA 157 18.24 -45.43 -33.48
N HIS CA 158 18.63 -46.59 -32.94
CA HIS CA 158 17.83 -47.18 -31.87
C HIS CA 158 18.36 -46.78 -30.49
N GLY CA 159 19.61 -46.39 -30.39
CA GLY CA 159 20.13 -45.94 -29.11
C GLY CA 159 21.41 -46.62 -28.69
N SER CA 160 21.86 -47.59 -29.48
CA SER CA 160 23.09 -48.31 -29.16
C SER CA 160 24.30 -47.54 -29.68
N THR CA 161 25.28 -47.32 -28.81
CA THR CA 161 26.46 -46.54 -29.14
C THR CA 161 27.72 -47.36 -28.94
N ASP CA 162 28.81 -46.88 -29.53
CA ASP CA 162 30.12 -47.54 -29.47
C ASP CA 162 31.21 -46.50 -29.27
N LYS CA 163 32.33 -46.94 -28.72
CA LYS CA 163 33.55 -46.14 -28.66
C LYS CA 163 34.64 -46.88 -29.44
N LEU CA 164 35.02 -46.32 -30.57
CA LEU CA 164 35.97 -46.96 -31.48
C LEU CA 164 36.98 -45.95 -31.97
N PRO CA 165 38.18 -46.40 -32.38
CA PRO CA 165 39.15 -45.47 -32.95
C PRO CA 165 38.83 -45.03 -34.37
N TYR CA 166 38.02 -45.78 -35.12
CA TYR CA 166 37.60 -45.35 -36.45
C TYR CA 166 36.25 -45.96 -36.77
N VAL CA 167 35.35 -45.15 -37.31
CA VAL CA 167 33.99 -45.57 -37.65
C VAL CA 167 33.62 -45.00 -39.01
N THR CA 168 32.70 -45.69 -39.69
CA THR CA 168 32.08 -45.21 -40.91
C THR CA 168 30.58 -45.48 -40.84
N MET CA 169 29.79 -44.49 -41.23
CA MET CA 169 28.35 -44.65 -41.36
C MET CA 169 27.93 -44.15 -42.73
N GLY CA 170 26.69 -44.45 -43.09
CA GLY CA 170 26.14 -44.00 -44.35
C GLY CA 170 25.83 -45.17 -45.28
N SER CA 171 25.34 -44.81 -46.47
CA SER CA 171 25.03 -45.81 -47.49
C SER CA 171 26.29 -46.40 -48.09
N GLY CA 172 27.28 -45.55 -48.37
CA GLY CA 172 28.55 -46.03 -48.88
C GLY CA 172 29.56 -46.25 -47.78
N SER CA 173 29.10 -46.70 -46.62
CA SER CA 173 29.98 -46.91 -45.48
C SER CA 173 30.87 -48.14 -45.64
N LEU CA 174 30.42 -49.14 -46.37
CA LEU CA 174 31.20 -50.37 -46.48
C LEU CA 174 32.44 -50.17 -47.35
N ALA CA 175 32.38 -49.25 -48.32
CA ALA CA 175 33.55 -48.95 -49.13
C ALA CA 175 34.60 -48.21 -48.32
N ALA CA 176 34.18 -47.32 -47.43
CA ALA CA 176 35.13 -46.55 -46.65
C ALA CA 176 35.79 -47.38 -45.56
N MET CA 177 35.05 -48.35 -45.01
CA MET CA 177 35.62 -49.22 -43.98
C MET CA 177 36.70 -50.12 -44.53
N ALA CA 178 36.60 -50.48 -45.81
CA ALA CA 178 37.61 -51.32 -46.44
C ALA CA 178 38.93 -50.59 -46.61
N VAL CA 179 38.89 -49.27 -46.72
CA VAL CA 179 40.13 -48.50 -46.82
C VAL CA 179 40.75 -48.33 -45.44
N PHE CA 180 39.91 -48.20 -44.40
CA PHE CA 180 40.43 -48.07 -43.04
C PHE CA 180 41.13 -49.34 -42.57
N GLU CA 181 40.52 -50.51 -42.77
CA GLU CA 181 41.15 -51.73 -42.29
C GLU CA 181 42.41 -52.07 -43.07
N ASP CA 182 42.42 -51.77 -44.36
CA ASP CA 182 43.62 -52.02 -45.16
C ASP CA 182 44.75 -51.05 -44.81
N LYS CA 183 44.43 -49.84 -44.38
CA LYS CA 183 45.42 -48.81 -44.09
C LYS CA 183 45.09 -48.15 -42.76
N PHE CA 184 45.62 -48.69 -41.66
CA PHE CA 184 45.48 -48.04 -40.37
C PHE CA 184 46.63 -48.45 -39.49
N ARG CA 185 47.11 -47.50 -38.69
CA ARG CA 185 48.11 -47.75 -37.71
C ARG CA 185 47.81 -46.77 -36.59
N PRO CA 186 48.07 -47.14 -35.34
CA PRO CA 186 47.80 -46.21 -34.23
C PRO CA 186 48.82 -45.08 -34.20
N ASP CA 187 48.35 -43.94 -33.70
CA ASP CA 187 49.13 -42.71 -33.52
C ASP CA 187 49.73 -42.22 -34.84
N MET CA 188 48.84 -41.94 -35.79
CA MET CA 188 49.27 -41.36 -37.04
C MET CA 188 49.56 -39.87 -36.87
N GLU CA 189 50.11 -39.28 -37.92
CA GLU CA 189 50.34 -37.85 -37.94
C GLU CA 189 49.11 -37.14 -38.50
N GLU CA 190 49.12 -35.82 -38.43
CA GLU CA 190 47.97 -35.04 -38.91
C GLU CA 190 47.88 -35.07 -40.43
N GLU CA 191 49.02 -35.02 -41.12
CA GLU CA 191 49.00 -35.12 -42.57
C GLU CA 191 48.74 -36.55 -43.03
N GLU CA 192 49.10 -37.53 -42.22
CA GLU CA 192 48.78 -38.91 -42.56
C GLU CA 192 47.30 -39.21 -42.34
N ALA CA 193 46.70 -38.58 -41.32
CA ALA CA 193 45.29 -38.83 -41.04
C ALA CA 193 44.39 -38.12 -42.05
N LYS CA 194 44.75 -36.90 -42.45
CA LYS CA 194 43.98 -36.21 -43.47
C LYS CA 194 44.08 -36.88 -44.82
N ASN CA 195 45.22 -37.50 -45.10
CA ASN CA 195 45.35 -38.26 -46.34
C ASN CA 195 44.54 -39.54 -46.28
N LEU CA 196 44.36 -40.11 -45.09
CA LEU CA 196 43.63 -41.37 -44.98
C LEU CA 196 42.13 -41.19 -45.12
N VAL CA 197 41.58 -40.14 -44.51
CA VAL CA 197 40.13 -39.95 -44.51
C VAL CA 197 39.65 -39.51 -45.89
N SER CA 198 40.39 -38.61 -46.54
CA SER CA 198 40.04 -38.19 -47.89
C SER CA 198 40.17 -39.33 -48.88
N GLU CA 199 41.05 -40.28 -48.61
CA GLU CA 199 41.11 -41.49 -49.42
C GLU CA 199 39.90 -42.37 -49.19
N ALA CA 200 39.43 -42.45 -47.95
CA ALA CA 200 38.32 -43.34 -47.63
C ALA CA 200 36.99 -42.80 -48.14
N ILE CA 201 36.84 -41.47 -48.12
CA ILE CA 201 35.62 -40.87 -48.64
C ILE CA 201 35.57 -40.98 -50.15
N ALA CA 202 36.71 -40.76 -50.82
CA ALA CA 202 36.77 -40.85 -52.28
C ALA CA 202 36.54 -42.27 -52.78
N ALA CA 203 36.84 -43.28 -51.96
CA ALA CA 203 36.44 -44.64 -52.31
C ALA CA 203 34.94 -44.81 -52.22
N GLY CA 204 34.30 -44.13 -51.26
CA GLY CA 204 32.85 -44.18 -51.17
C GLY CA 204 32.14 -43.39 -52.23
N ILE CA 205 32.83 -42.43 -52.85
CA ILE CA 205 32.24 -41.67 -53.93
C ILE CA 205 32.21 -42.48 -55.21
N PHE CA 206 33.35 -43.05 -55.57
CA PHE CA 206 33.52 -43.71 -56.85
C PHE CA 206 32.93 -45.11 -56.91
N ASN CA 207 32.43 -45.63 -55.78
CA ASN CA 207 31.95 -47.00 -55.73
C ASN CA 207 30.56 -47.09 -55.11
N ASP CA 208 29.81 -46.00 -55.11
CA ASP CA 208 28.47 -45.99 -54.54
C ASP CA 208 27.66 -44.88 -55.21
N LEU CA 209 26.38 -45.16 -55.44
CA LEU CA 209 25.51 -44.23 -56.13
C LEU CA 209 24.92 -43.16 -55.21
N GLY CA 210 25.12 -43.27 -53.90
CA GLY CA 210 24.66 -42.24 -52.98
C GLY CA 210 25.69 -41.21 -52.60
N SER CA 211 26.88 -41.28 -53.17
CA SER CA 211 27.95 -40.34 -52.84
C SER CA 211 28.59 -39.86 -54.14
N GLY CA 212 28.40 -38.59 -54.47
CA GLY CA 212 28.92 -38.10 -55.75
C GLY CA 212 29.40 -36.67 -55.85
N SER CA 213 29.98 -36.11 -54.79
CA SER CA 213 30.27 -34.69 -54.81
C SER CA 213 31.56 -34.45 -54.05
N ASN CA 214 31.77 -33.22 -53.60
CA ASN CA 214 33.03 -32.80 -53.01
C ASN CA 214 33.25 -33.44 -51.65
N ILE CA 215 34.45 -33.25 -51.11
CA ILE CA 215 34.87 -33.90 -49.86
C ILE CA 215 35.06 -32.83 -48.81
N ASP CA 216 34.48 -33.04 -47.63
CA ASP CA 216 34.67 -32.18 -46.49
C ASP CA 216 35.63 -32.81 -45.50
N LEU CA 217 36.29 -31.97 -44.72
CA LEU CA 217 37.07 -32.44 -43.57
C LEU CA 217 36.86 -31.51 -42.39
N CYS CA 218 37.31 -31.98 -41.23
CA CYS CA 218 37.41 -31.16 -40.03
C CYS CA 218 38.46 -31.77 -39.13
N VAL CA 219 39.43 -30.97 -38.72
CA VAL CA 219 40.49 -31.41 -37.83
C VAL CA 219 40.30 -30.73 -36.49
N ILE CA 220 40.13 -31.53 -35.45
CA ILE CA 220 39.86 -31.02 -34.11
C ILE CA 220 41.03 -31.46 -33.24
N SER CA 221 42.01 -30.57 -33.07
CA SER CA 221 43.14 -30.87 -32.19
C SER CA 221 42.83 -30.36 -30.79
N LYS CA 222 43.86 -30.31 -29.94
CA LYS CA 222 43.66 -29.85 -28.57
C LYS CA 222 43.47 -28.35 -28.51
N ASN CA 223 43.99 -27.61 -29.48
CA ASN CA 223 43.85 -26.16 -29.52
C ASN CA 223 43.43 -25.59 -30.85
N LYS CA 224 43.62 -26.29 -31.97
CA LYS CA 224 43.31 -25.78 -33.30
C LYS CA 224 42.07 -26.47 -33.84
N LEU CA 225 41.15 -25.68 -34.40
CA LEU CA 225 39.95 -26.19 -35.05
C LEU CA 225 39.95 -25.74 -36.50
N ASP CA 226 40.10 -26.69 -37.42
CA ASP CA 226 40.08 -26.39 -38.84
C ASP CA 226 38.82 -26.96 -39.47
N PHE CA 227 38.24 -26.21 -40.39
CA PHE CA 227 36.99 -26.60 -41.05
C PHE CA 227 37.16 -26.32 -42.53
N LEU CA 228 37.26 -27.38 -43.33
CA LEU CA 228 37.63 -27.30 -44.73
C LEU CA 228 36.47 -27.77 -45.60
N ARG CA 229 35.60 -26.85 -46.00
CA ARG CA 229 34.44 -27.25 -46.78
C ARG CA 229 34.80 -27.53 -48.25
N PRO CA 230 35.55 -26.68 -48.98
CA PRO CA 230 35.97 -27.20 -50.31
C PRO CA 230 37.34 -27.84 -50.28
N TYR CA 231 37.46 -29.01 -49.64
CA TYR CA 231 38.78 -29.59 -49.46
C TYR CA 231 39.30 -30.24 -50.74
N THR CA 232 38.46 -31.02 -51.42
CA THR CA 232 38.88 -31.67 -52.65
C THR CA 232 37.70 -31.78 -53.58
N VAL CA 233 37.90 -31.37 -54.84
CA VAL CA 233 36.89 -31.50 -55.88
C VAL CA 233 37.37 -32.57 -56.86
N PRO CA 234 36.90 -33.80 -56.75
CA PRO CA 234 37.35 -34.84 -57.68
C PRO CA 234 36.61 -34.84 -59.01
N ASN CA 235 35.38 -34.35 -59.01
CA ASN CA 235 34.53 -34.40 -60.20
C ASN CA 235 34.08 -33.00 -60.57
N LYS CA 236 34.42 -32.56 -61.78
CA LYS CA 236 33.98 -31.29 -62.29
C LYS CA 236 32.68 -31.48 -63.09
N LYS CA 237 32.25 -30.42 -63.77
CA LYS CA 237 31.15 -30.49 -64.71
C LYS CA 237 31.70 -30.20 -66.10
N GLY CA 238 31.22 -30.95 -67.10
CA GLY CA 238 31.65 -30.73 -68.46
C GLY CA 238 31.16 -29.40 -69.01
N THR CA 239 31.91 -28.85 -69.95
CA THR CA 239 31.60 -27.55 -70.49
C THR CA 239 30.49 -27.65 -71.53
N ARG CA 240 29.75 -26.55 -71.67
CA ARG CA 240 28.67 -26.46 -72.63
C ARG CA 240 29.20 -25.95 -73.96
N LEU CA 241 28.80 -26.60 -75.05
CA LEU CA 241 29.32 -26.27 -76.37
C LEU CA 241 28.31 -25.53 -77.25
N GLY CA 242 27.04 -25.51 -76.87
CA GLY CA 242 26.03 -24.95 -77.75
C GLY CA 242 25.33 -23.72 -77.21
N ARG CA 243 25.27 -22.66 -78.02
CA ARG CA 243 24.48 -21.49 -77.68
C ARG CA 243 23.00 -21.83 -77.78
N TYR CA 244 22.27 -21.61 -76.70
CA TYR CA 244 20.87 -21.99 -76.64
C TYR CA 244 19.92 -20.81 -76.52
N ARG CA 245 20.33 -19.74 -75.86
CA ARG CA 245 19.44 -18.63 -75.58
C ARG CA 245 19.16 -17.83 -76.85
N CYS CA 246 17.88 -17.57 -77.10
CA CYS CA 246 17.47 -16.68 -78.18
C CYS CA 246 17.29 -15.27 -77.62
N GLU CA 247 16.81 -14.37 -78.47
CA GLU CA 247 16.70 -12.98 -78.09
C GLU CA 247 15.49 -12.76 -77.18
N LYS CA 248 15.43 -11.56 -76.60
CA LYS CA 248 14.30 -11.20 -75.76
C LYS CA 248 13.07 -10.94 -76.63
N GLY CA 249 12.00 -11.69 -76.38
CA GLY CA 249 10.79 -11.55 -77.15
C GLY CA 249 10.38 -12.83 -77.83
N THR CA 250 11.09 -13.92 -77.54
CA THR CA 250 10.78 -15.23 -78.10
C THR CA 250 9.76 -15.99 -77.28
N THR CA 251 9.11 -15.33 -76.31
CA THR CA 251 8.08 -15.96 -75.49
C THR CA 251 6.86 -15.06 -75.50
N ALA CA 252 5.71 -15.64 -75.88
CA ALA CA 252 4.47 -14.88 -75.95
C ALA CA 252 3.94 -14.59 -74.55
N VAL CA 253 3.46 -13.36 -74.36
CA VAL CA 253 2.95 -12.90 -73.08
C VAL CA 253 1.50 -12.48 -73.27
N LEU CA 254 0.61 -13.02 -72.43
CA LEU CA 254 -0.78 -12.60 -72.48
C LEU CA 254 -1.01 -11.28 -71.77
N THR CA 255 -0.56 -11.18 -70.51
CA THR CA 255 -0.88 -10.04 -69.68
C THR CA 255 0.33 -9.67 -68.83
N GLU CA 256 0.72 -8.40 -68.88
CA GLU CA 256 1.79 -7.89 -68.04
C GLU CA 256 1.22 -7.08 -66.89
N LYS CA 257 2.07 -6.80 -65.91
CA LYS CA 257 1.68 -6.05 -64.72
C LYS CA 257 2.93 -5.46 -64.08
N ILE CA 258 2.89 -4.17 -63.77
CA ILE CA 258 4.02 -3.46 -63.19
C ILE CA 258 3.60 -2.90 -61.84
N THR CA 259 4.40 -3.13 -60.82
CA THR CA 259 4.16 -2.58 -59.48
C THR CA 259 5.47 -1.99 -58.97
N PRO CA 260 5.61 -0.67 -58.90
CA PRO CA 260 6.82 -0.08 -58.35
C PRO CA 260 6.90 -0.26 -56.85
N LEU CA 261 8.09 -0.06 -56.32
CA LEU CA 261 8.36 -0.17 -54.89
C LEU CA 261 9.00 1.12 -54.38
N GLU CA 262 9.44 1.09 -53.14
CA GLU CA 262 10.07 2.26 -52.55
C GLU CA 262 11.51 1.95 -52.11
N SER DA 1 -0.27 -41.36 -56.64
CA SER DA 1 0.04 -41.16 -55.22
C SER DA 1 -0.63 -39.91 -54.68
N ILE DA 2 -0.26 -39.53 -53.46
CA ILE DA 2 -0.90 -38.39 -52.81
C ILE DA 2 -0.39 -37.08 -53.40
N MET DA 3 0.91 -37.01 -53.72
CA MET DA 3 1.44 -35.83 -54.38
C MET DA 3 0.91 -35.67 -55.80
N SER DA 4 0.53 -36.77 -56.45
CA SER DA 4 -0.01 -36.74 -57.79
C SER DA 4 -1.53 -36.64 -57.80
N TYR DA 5 -2.14 -36.28 -56.67
CA TYR DA 5 -3.59 -36.20 -56.63
C TYR DA 5 -4.12 -34.97 -57.34
N ASN DA 6 -3.35 -33.89 -57.34
CA ASN DA 6 -3.79 -32.65 -57.97
C ASN DA 6 -2.74 -32.13 -58.95
N GLY DA 7 -1.47 -32.35 -58.65
CA GLY DA 7 -0.39 -31.87 -59.49
C GLY DA 7 0.09 -30.51 -59.06
N GLY DA 8 1.08 -30.02 -59.78
CA GLY DA 8 1.68 -28.73 -59.50
C GLY DA 8 3.12 -28.69 -59.95
N ALA DA 9 3.61 -27.48 -60.18
CA ALA DA 9 4.99 -27.28 -60.62
C ALA DA 9 5.41 -25.88 -60.20
N VAL DA 10 6.38 -25.79 -59.29
CA VAL DA 10 6.89 -24.52 -58.80
C VAL DA 10 8.38 -24.46 -59.07
N MET DA 11 8.83 -23.39 -59.72
CA MET DA 11 10.22 -23.21 -60.09
C MET DA 11 10.68 -21.83 -59.65
N ALA DA 12 11.88 -21.75 -59.08
CA ALA DA 12 12.50 -20.49 -58.71
C ALA DA 12 13.92 -20.47 -59.25
N MET DA 13 14.29 -19.38 -59.91
CA MET DA 13 15.60 -19.25 -60.54
C MET DA 13 16.26 -17.95 -60.11
N LYS DA 14 17.55 -18.02 -59.78
CA LYS DA 14 18.29 -16.86 -59.31
C LYS DA 14 19.02 -16.19 -60.47
N GLY DA 15 18.95 -14.87 -60.51
CA GLY DA 15 19.61 -14.09 -61.54
C GLY DA 15 20.82 -13.34 -61.02
N LYS DA 16 21.01 -12.11 -61.51
CA LYS DA 16 22.15 -11.29 -61.12
C LYS DA 16 21.84 -10.47 -59.88
N ASN DA 17 20.84 -9.58 -59.97
CA ASN DA 17 20.39 -8.79 -58.82
C ASN DA 17 18.90 -8.98 -58.62
N CYS DA 18 18.32 -10.03 -59.20
CA CYS DA 18 16.89 -10.23 -59.26
C CYS DA 18 16.62 -11.72 -59.21
N VAL DA 19 15.42 -12.07 -58.76
CA VAL DA 19 15.02 -13.48 -58.66
C VAL DA 19 13.64 -13.62 -59.29
N ALA DA 20 13.39 -14.76 -59.92
CA ALA DA 20 12.13 -15.05 -60.57
C ALA DA 20 11.54 -16.35 -60.05
N ILE DA 21 10.23 -16.39 -59.96
CA ILE DA 21 9.49 -17.56 -59.50
C ILE DA 21 8.32 -17.79 -60.44
N ALA DA 22 7.97 -19.06 -60.67
CA ALA DA 22 6.95 -19.42 -61.64
C ALA DA 22 6.16 -20.61 -61.14
N ALA DA 23 4.90 -20.69 -61.58
CA ALA DA 23 4.02 -21.79 -61.20
C ALA DA 23 2.97 -21.98 -62.28
N ASP DA 24 2.28 -23.13 -62.21
CA ASP DA 24 1.22 -23.45 -63.15
C ASP DA 24 -0.13 -23.00 -62.61
N ARG DA 25 -1.16 -23.16 -63.44
CA ARG DA 25 -2.47 -22.58 -63.19
C ARG DA 25 -3.57 -23.62 -63.32
N ARG DA 26 -3.37 -24.79 -62.74
CA ARG DA 26 -4.34 -25.88 -62.89
C ARG DA 26 -4.79 -26.40 -61.53
N PHE DA 27 -6.08 -26.60 -61.38
CA PHE DA 27 -6.66 -27.30 -60.24
C PHE DA 27 -7.54 -28.43 -60.75
N GLY DA 28 -7.11 -29.67 -60.50
CA GLY DA 28 -7.83 -30.83 -60.98
C GLY DA 28 -7.79 -31.96 -59.98
N ILE DA 29 -8.63 -32.96 -60.22
CA ILE DA 29 -8.71 -34.16 -59.37
C ILE DA 29 -8.46 -35.36 -60.28
N GLN DA 30 -7.18 -35.69 -60.44
CA GLN DA 30 -6.61 -36.91 -61.00
C GLN DA 30 -6.84 -37.16 -62.49
N ALA DA 31 -7.90 -36.62 -63.06
CA ALA DA 31 -8.06 -36.59 -64.50
C ALA DA 31 -8.87 -35.39 -64.97
N GLN DA 32 -9.43 -34.61 -64.06
CA GLN DA 32 -10.55 -33.73 -64.36
C GLN DA 32 -10.26 -32.36 -63.76
N MET DA 33 -9.97 -31.39 -64.61
CA MET DA 33 -9.74 -30.04 -64.11
C MET DA 33 -11.05 -29.42 -63.62
N VAL DA 34 -10.90 -28.44 -62.75
CA VAL DA 34 -12.03 -27.68 -62.23
C VAL DA 34 -11.94 -26.21 -62.62
N THR DA 35 -10.75 -25.61 -62.53
CA THR DA 35 -10.59 -24.21 -62.87
C THR DA 35 -9.19 -23.97 -63.42
N THR DA 36 -8.94 -22.74 -63.83
CA THR DA 36 -7.69 -22.35 -64.47
C THR DA 36 -6.94 -21.25 -63.72
N ASP DA 37 -7.37 -20.90 -62.52
CA ASP DA 37 -6.82 -19.75 -61.82
C ASP DA 37 -6.53 -20.08 -60.36
N PHE DA 38 -6.01 -21.27 -60.10
CA PHE DA 38 -5.70 -21.69 -58.74
C PHE DA 38 -4.38 -21.05 -58.31
N GLN DA 39 -4.43 -20.22 -57.27
CA GLN DA 39 -3.23 -19.52 -56.82
C GLN DA 39 -2.29 -20.47 -56.10
N LYS DA 40 -1.01 -20.43 -56.47
CA LYS DA 40 0.00 -21.24 -55.82
C LYS DA 40 1.20 -20.44 -55.32
N ILE DA 41 1.25 -19.14 -55.57
CA ILE DA 41 2.34 -18.28 -55.12
C ILE DA 41 1.75 -17.20 -54.22
N PHE DA 42 2.23 -17.13 -52.99
CA PHE DA 42 1.66 -16.20 -52.05
C PHE DA 42 2.69 -15.17 -51.61
N PRO DA 43 2.34 -13.89 -51.53
CA PRO DA 43 3.30 -12.89 -51.11
C PRO DA 43 3.49 -12.89 -49.60
N MET DA 44 4.74 -12.73 -49.17
CA MET DA 44 5.10 -12.62 -47.76
C MET DA 44 5.97 -11.37 -47.64
N GLY DA 45 5.34 -10.21 -47.50
CA GLY DA 45 6.08 -8.97 -47.47
C GLY DA 45 6.41 -8.47 -48.86
N ASP DA 46 7.37 -7.56 -48.97
CA ASP DA 46 7.76 -6.98 -50.25
C ASP DA 46 9.06 -7.62 -50.69
N ARG DA 47 9.13 -7.94 -51.99
CA ARG DA 47 10.29 -8.57 -52.63
C ARG DA 47 10.64 -9.90 -51.97
N LEU DA 48 9.62 -10.65 -51.56
CA LEU DA 48 9.82 -11.95 -50.94
C LEU DA 48 8.53 -12.75 -51.10
N TYR DA 49 8.55 -13.77 -51.96
CA TYR DA 49 7.38 -14.60 -52.21
C TYR DA 49 7.64 -16.03 -51.76
N ILE DA 50 6.59 -16.83 -51.79
CA ILE DA 50 6.70 -18.26 -51.48
C ILE DA 50 5.76 -19.02 -52.41
N GLY DA 51 6.23 -20.16 -52.91
CA GLY DA 51 5.44 -21.03 -53.76
C GLY DA 51 5.19 -22.35 -53.07
N LEU DA 52 4.03 -22.93 -53.35
CA LEU DA 52 3.60 -24.17 -52.73
C LEU DA 52 3.05 -25.12 -53.79
N ALA DA 53 3.35 -26.40 -53.62
CA ALA DA 53 2.88 -27.40 -54.56
C ALA DA 53 2.64 -28.70 -53.81
N GLY DA 54 1.80 -29.55 -54.40
CA GLY DA 54 1.44 -30.80 -53.76
C GLY DA 54 -0.05 -30.94 -53.58
N LEU DA 55 -0.47 -31.41 -52.42
CA LEU DA 55 -1.89 -31.57 -52.13
C LEU DA 55 -2.52 -30.21 -51.89
N ALA DA 56 -3.63 -29.94 -52.60
CA ALA DA 56 -4.23 -28.61 -52.60
C ALA DA 56 -4.83 -28.21 -51.26
N THR DA 57 -5.13 -29.18 -50.40
CA THR DA 57 -5.52 -28.86 -49.04
C THR DA 57 -4.37 -28.26 -48.26
N ASP DA 58 -3.22 -28.93 -48.28
CA ASP DA 58 -2.06 -28.46 -47.54
C ASP DA 58 -1.42 -27.24 -48.19
N VAL DA 59 -1.74 -26.96 -49.45
CA VAL DA 59 -1.32 -25.69 -50.05
C VAL DA 59 -2.02 -24.54 -49.35
N GLN DA 60 -3.35 -24.60 -49.27
CA GLN DA 60 -4.09 -23.51 -48.65
C GLN DA 60 -4.05 -23.53 -47.13
N THR DA 61 -3.68 -24.65 -46.52
CA THR DA 61 -3.62 -24.70 -45.06
C THR DA 61 -2.32 -24.09 -44.56
N VAL DA 62 -1.19 -24.48 -45.15
CA VAL DA 62 0.11 -23.97 -44.73
C VAL DA 62 0.27 -22.50 -45.07
N ALA DA 63 -0.33 -22.05 -46.18
CA ALA DA 63 -0.23 -20.65 -46.57
C ALA DA 63 -1.00 -19.73 -45.63
N GLN DA 64 -1.94 -20.28 -44.86
CA GLN DA 64 -2.67 -19.49 -43.88
C GLN DA 64 -2.07 -19.60 -42.49
N ARG DA 65 -1.49 -20.75 -42.15
CA ARG DA 65 -0.78 -20.87 -40.89
C ARG DA 65 0.52 -20.09 -40.90
N LEU DA 66 1.18 -20.02 -42.06
CA LEU DA 66 2.41 -19.23 -42.14
C LEU DA 66 2.10 -17.74 -42.11
N LYS DA 67 0.97 -17.34 -42.71
CA LYS DA 67 0.56 -15.95 -42.64
C LYS DA 67 0.10 -15.59 -41.24
N PHE DA 68 -0.42 -16.57 -40.50
CA PHE DA 68 -0.78 -16.37 -39.10
C PHE DA 68 0.45 -16.05 -38.26
N ARG DA 69 1.54 -16.78 -38.47
CA ARG DA 69 2.73 -16.58 -37.67
C ARG DA 69 3.59 -15.43 -38.16
N LEU DA 70 3.40 -15.00 -39.41
CA LEU DA 70 4.25 -13.94 -39.94
C LEU DA 70 3.80 -12.58 -39.45
N ASN DA 71 2.50 -12.35 -39.37
CA ASN DA 71 2.02 -11.05 -38.92
C ASN DA 71 2.27 -10.85 -37.43
N LEU DA 72 2.28 -11.92 -36.64
CA LEU DA 72 2.65 -11.79 -35.25
C LEU DA 72 4.13 -11.51 -35.08
N TYR DA 73 4.96 -12.00 -36.00
CA TYR DA 73 6.38 -11.72 -35.94
C TYR DA 73 6.69 -10.28 -36.33
N GLU DA 74 5.99 -9.77 -37.34
CA GLU DA 74 6.25 -8.42 -37.80
C GLU DA 74 5.69 -7.35 -36.88
N LEU DA 75 4.81 -7.71 -35.96
CA LEU DA 75 4.28 -6.74 -35.01
C LEU DA 75 5.01 -6.76 -33.68
N LYS DA 76 5.48 -7.93 -33.23
CA LYS DA 76 6.33 -7.98 -32.04
C LYS DA 76 7.69 -7.35 -32.28
N GLU DA 77 8.13 -7.27 -33.52
CA GLU DA 77 9.29 -6.51 -33.89
C GLU DA 77 8.82 -5.34 -34.74
N GLY DA 78 9.75 -4.57 -35.28
CA GLY DA 78 9.35 -3.46 -36.12
C GLY DA 78 9.71 -3.72 -37.56
N ARG DA 79 10.75 -4.53 -37.76
CA ARG DA 79 11.31 -4.78 -39.07
C ARG DA 79 10.47 -5.82 -39.82
N GLN DA 80 10.79 -6.00 -41.10
CA GLN DA 80 10.26 -7.11 -41.87
C GLN DA 80 11.13 -8.33 -41.62
N ILE DA 81 10.76 -9.46 -42.20
CA ILE DA 81 11.46 -10.72 -41.95
C ILE DA 81 12.57 -10.88 -42.98
N LYS DA 82 13.69 -11.43 -42.54
CA LYS DA 82 14.77 -11.82 -43.42
C LYS DA 82 14.43 -13.15 -44.10
N PRO DA 83 15.00 -13.43 -45.27
CA PRO DA 83 14.69 -14.69 -45.95
C PRO DA 83 15.19 -15.93 -45.22
N TYR DA 84 16.29 -15.83 -44.47
CA TYR DA 84 16.74 -16.96 -43.68
C TYR DA 84 15.78 -17.26 -42.53
N THR DA 85 15.21 -16.21 -41.94
CA THR DA 85 14.32 -16.40 -40.80
C THR DA 85 13.00 -17.00 -41.24
N LEU DA 86 12.58 -16.74 -42.48
CA LEU DA 86 11.38 -17.38 -43.00
C LEU DA 86 11.60 -18.87 -43.21
N MET DA 87 12.78 -19.24 -43.73
CA MET DA 87 13.09 -20.64 -43.98
C MET DA 87 13.15 -21.43 -42.68
N SER DA 88 13.66 -20.82 -41.61
CA SER DA 88 13.66 -21.49 -40.32
C SER DA 88 12.25 -21.54 -39.73
N MET DA 89 11.40 -20.58 -40.10
CA MET DA 89 10.03 -20.58 -39.57
C MET DA 89 9.20 -21.67 -40.22
N VAL DA 90 9.35 -21.86 -41.54
CA VAL DA 90 8.58 -22.88 -42.24
C VAL DA 90 9.05 -24.28 -41.83
N ALA DA 91 10.36 -24.45 -41.64
CA ALA DA 91 10.91 -25.75 -41.26
C ALA DA 91 10.47 -26.17 -39.87
N ASN DA 92 10.16 -25.22 -39.00
CA ASN DA 92 9.57 -25.57 -37.72
C ASN DA 92 8.13 -26.04 -37.91
N LEU DA 93 7.36 -25.36 -38.76
CA LEU DA 93 5.95 -25.64 -38.88
C LEU DA 93 5.70 -26.98 -39.56
N LEU DA 94 6.61 -27.40 -40.43
CA LEU DA 94 6.47 -28.69 -41.07
C LEU DA 94 6.94 -29.84 -40.20
N TYR DA 95 7.82 -29.59 -39.24
CA TYR DA 95 8.38 -30.65 -38.43
C TYR DA 95 7.53 -30.96 -37.21
N GLU DA 96 6.68 -30.02 -36.78
CA GLU DA 96 5.76 -30.29 -35.68
C GLU DA 96 4.76 -31.37 -36.07
N LYS DA 97 4.33 -31.38 -37.33
CA LYS DA 97 3.55 -32.48 -37.86
C LYS DA 97 4.50 -33.52 -38.46
N ARG DA 98 5.26 -34.15 -37.57
CA ARG DA 98 6.26 -35.10 -38.01
C ARG DA 98 5.64 -36.41 -38.47
N PHE DA 99 4.61 -36.88 -37.77
CA PHE DA 99 4.10 -38.22 -38.03
C PHE DA 99 2.97 -38.20 -39.05
N GLY DA 100 2.02 -37.29 -38.90
CA GLY DA 100 1.09 -37.00 -39.97
C GLY DA 100 1.39 -35.64 -40.56
N PRO DA 101 2.09 -35.62 -41.68
CA PRO DA 101 2.62 -34.35 -42.20
C PRO DA 101 1.67 -33.68 -43.17
N TYR DA 102 2.04 -32.45 -43.54
CA TYR DA 102 1.38 -31.74 -44.63
C TYR DA 102 2.02 -32.17 -45.93
N TYR DA 103 1.22 -32.67 -46.86
CA TYR DA 103 1.72 -33.15 -48.14
C TYR DA 103 1.93 -31.96 -49.07
N THR DA 104 3.00 -31.23 -48.82
CA THR DA 104 3.34 -30.06 -49.61
C THR DA 104 4.84 -29.82 -49.51
N GLU DA 105 5.37 -29.12 -50.50
CA GLU DA 105 6.80 -28.81 -50.56
C GLU DA 105 6.96 -27.34 -50.93
N PRO DA 106 7.33 -26.50 -49.97
CA PRO DA 106 7.43 -25.06 -50.25
C PRO DA 106 8.69 -24.71 -51.02
N VAL DA 107 8.61 -23.58 -51.73
CA VAL DA 107 9.74 -22.97 -52.42
C VAL DA 107 9.74 -21.50 -52.07
N ILE DA 108 10.85 -21.01 -51.50
CA ILE DA 108 10.98 -19.62 -51.08
C ILE DA 108 11.93 -18.91 -52.02
N ALA DA 109 11.52 -17.76 -52.52
CA ALA DA 109 12.37 -16.97 -53.42
C ALA DA 109 12.12 -15.50 -53.13
N GLY DA 110 13.14 -14.83 -52.59
CA GLY DA 110 12.99 -13.41 -52.28
C GLY DA 110 14.29 -12.65 -52.34
N LEU DA 111 14.28 -11.42 -51.83
CA LEU DA 111 15.43 -10.56 -51.79
C LEU DA 111 15.74 -10.18 -50.34
N ASP DA 112 16.88 -9.56 -50.16
CA ASP DA 112 17.28 -9.03 -48.85
C ASP DA 112 16.41 -7.83 -48.53
N PRO DA 113 15.86 -7.72 -47.32
CA PRO DA 113 15.22 -6.46 -46.93
C PRO DA 113 16.21 -5.32 -46.71
N LYS DA 114 17.50 -5.60 -46.51
CA LYS DA 114 18.49 -4.53 -46.39
C LYS DA 114 19.20 -4.25 -47.71
N THR DA 115 19.91 -5.23 -48.25
CA THR DA 115 20.59 -5.09 -49.53
C THR DA 115 19.67 -5.61 -50.64
N PHE DA 116 20.24 -5.91 -51.79
CA PHE DA 116 19.49 -6.48 -52.92
C PHE DA 116 19.84 -7.94 -53.17
N LYS DA 117 20.36 -8.63 -52.16
CA LYS DA 117 20.88 -9.97 -52.38
C LYS DA 117 19.76 -10.99 -52.55
N PRO DA 118 19.76 -11.77 -53.62
CA PRO DA 118 18.70 -12.75 -53.83
C PRO DA 118 18.87 -13.98 -52.95
N PHE DA 119 17.78 -14.73 -52.83
CA PHE DA 119 17.74 -15.92 -52.00
C PHE DA 119 16.76 -16.91 -52.59
N ILE DA 120 17.18 -18.18 -52.68
CA ILE DA 120 16.30 -19.27 -53.06
C ILE DA 120 16.55 -20.46 -52.16
N CYS DA 121 15.48 -21.19 -51.85
CA CYS DA 121 15.58 -22.46 -51.13
C CYS DA 121 14.31 -23.25 -51.38
N SER DA 122 14.40 -24.55 -51.13
CA SER DA 122 13.24 -25.42 -51.17
C SER DA 122 13.33 -26.40 -50.00
N LEU DA 123 12.18 -26.86 -49.53
CA LEU DA 123 12.12 -27.70 -48.36
C LEU DA 123 11.43 -29.02 -48.69
N ASP DA 124 11.66 -30.01 -47.84
CA ASP DA 124 10.98 -31.29 -47.97
C ASP DA 124 9.63 -31.20 -47.26
N LEU DA 125 8.89 -32.31 -47.29
CA LEU DA 125 7.58 -32.31 -46.65
C LEU DA 125 7.67 -32.42 -45.13
N ILE DA 126 8.85 -32.72 -44.59
CA ILE DA 126 9.08 -32.72 -43.15
C ILE DA 126 10.07 -31.65 -42.71
N GLY DA 127 10.55 -30.82 -43.64
CA GLY DA 127 11.28 -29.63 -43.23
C GLY DA 127 12.78 -29.73 -43.23
N CYS DA 128 13.38 -30.20 -44.32
CA CYS DA 128 14.83 -30.14 -44.47
C CYS DA 128 15.19 -28.95 -45.35
N PRO DA 129 15.76 -27.89 -44.80
CA PRO DA 129 16.06 -26.71 -45.63
C PRO DA 129 17.26 -26.91 -46.52
N MET DA 130 17.09 -26.60 -47.80
CA MET DA 130 18.14 -26.81 -48.80
C MET DA 130 18.27 -25.54 -49.64
N VAL DA 131 19.37 -24.83 -49.46
CA VAL DA 131 19.64 -23.62 -50.25
C VAL DA 131 20.55 -23.99 -51.40
N THR DA 132 20.35 -23.30 -52.52
CA THR DA 132 21.19 -23.46 -53.71
C THR DA 132 21.66 -22.10 -54.16
N ASP DA 133 22.36 -22.09 -55.30
CA ASP DA 133 22.83 -20.85 -55.91
C ASP DA 133 22.29 -20.62 -57.30
N ASP DA 134 21.62 -21.60 -57.90
CA ASP DA 134 21.13 -21.48 -59.26
C ASP DA 134 19.62 -21.59 -59.38
N PHE DA 135 19.01 -22.67 -58.91
CA PHE DA 135 17.59 -22.90 -59.09
C PHE DA 135 17.13 -23.96 -58.10
N VAL DA 136 15.85 -23.90 -57.75
CA VAL DA 136 15.18 -24.96 -57.02
C VAL DA 136 13.85 -25.23 -57.70
N VAL DA 137 13.42 -26.49 -57.70
CA VAL DA 137 12.16 -26.90 -58.30
C VAL DA 137 11.43 -27.81 -57.34
N SER DA 138 10.10 -27.89 -57.51
CA SER DA 138 9.26 -28.77 -56.72
C SER DA 138 7.97 -29.02 -57.50
N GLY DA 139 7.46 -30.23 -57.37
CA GLY DA 139 6.21 -30.58 -58.01
C GLY DA 139 6.24 -32.02 -58.47
N THR DA 140 5.20 -32.40 -59.20
CA THR DA 140 5.13 -33.76 -59.75
C THR DA 140 6.08 -33.93 -60.91
N CYS DA 141 6.18 -32.93 -61.77
CA CYS DA 141 7.06 -32.99 -62.93
C CYS DA 141 8.44 -32.41 -62.61
N ALA DA 142 9.07 -33.00 -61.60
CA ALA DA 142 10.35 -32.49 -61.12
C ALA DA 142 11.48 -32.80 -62.09
N GLU DA 143 11.50 -34.02 -62.65
CA GLU DA 143 12.63 -34.46 -63.45
C GLU DA 143 12.71 -33.72 -64.78
N GLN DA 144 11.57 -33.31 -65.32
CA GLN DA 144 11.59 -32.51 -66.55
C GLN DA 144 12.15 -31.13 -66.28
N MET DA 145 11.92 -30.60 -65.09
CA MET DA 145 12.41 -29.27 -64.78
C MET DA 145 13.91 -29.27 -64.49
N TYR DA 146 14.48 -30.40 -64.06
CA TYR DA 146 15.93 -30.47 -63.95
C TYR DA 146 16.61 -30.53 -65.32
N GLY DA 147 15.94 -31.12 -66.30
CA GLY DA 147 16.52 -31.17 -67.63
C GLY DA 147 16.54 -29.82 -68.31
N MET DA 148 15.63 -28.94 -67.93
CA MET DA 148 15.65 -27.58 -68.45
C MET DA 148 16.79 -26.77 -67.84
N CYS DA 149 16.78 -26.63 -66.52
CA CYS DA 149 17.63 -25.65 -65.85
C CYS DA 149 19.10 -26.02 -65.83
N GLU DA 150 19.45 -27.28 -66.06
CA GLU DA 150 20.86 -27.63 -66.17
C GLU DA 150 21.45 -27.19 -67.48
N SER DA 151 20.68 -27.22 -68.56
CA SER DA 151 21.17 -26.81 -69.87
C SER DA 151 20.78 -25.37 -70.20
N LEU DA 152 20.07 -24.69 -69.31
CA LEU DA 152 19.58 -23.34 -69.55
C LEU DA 152 19.82 -22.48 -68.34
N TRP DA 153 21.04 -22.42 -67.85
CA TRP DA 153 21.34 -21.49 -66.78
C TRP DA 153 22.73 -20.90 -66.97
N GLU DA 154 22.83 -19.60 -66.80
CA GLU DA 154 24.06 -18.85 -66.80
C GLU DA 154 24.17 -18.08 -65.49
N PRO DA 155 25.40 -17.80 -65.01
CA PRO DA 155 25.54 -17.17 -63.69
C PRO DA 155 24.99 -15.75 -63.61
N ASN DA 156 25.44 -14.86 -64.49
CA ASN DA 156 25.07 -13.46 -64.42
C ASN DA 156 24.02 -13.16 -65.48
N MET DA 157 22.80 -12.90 -65.05
CA MET DA 157 21.67 -12.77 -65.95
C MET DA 157 20.91 -11.49 -65.65
N ASP DA 158 20.81 -10.60 -66.64
CA ASP DA 158 19.95 -9.44 -66.56
C ASP DA 158 18.47 -9.87 -66.49
N PRO DA 159 17.58 -9.01 -65.98
CA PRO DA 159 16.16 -9.41 -65.85
C PRO DA 159 15.45 -9.68 -67.18
N ASP DA 160 16.00 -9.24 -68.30
CA ASP DA 160 15.39 -9.57 -69.58
C ASP DA 160 15.63 -11.03 -69.94
N HIS DA 161 16.88 -11.47 -69.88
CA HIS DA 161 17.19 -12.85 -70.19
C HIS DA 161 16.83 -13.81 -69.07
N LEU DA 162 16.63 -13.30 -67.85
CA LEU DA 162 16.12 -14.16 -66.80
C LEU DA 162 14.68 -14.54 -67.06
N PHE DA 163 13.89 -13.60 -67.57
CA PHE DA 163 12.49 -13.91 -67.89
C PHE DA 163 12.39 -14.83 -69.09
N GLU DA 164 13.25 -14.64 -70.10
CA GLU DA 164 13.17 -15.49 -71.29
C GLU DA 164 13.67 -16.90 -71.03
N THR DA 165 14.39 -17.11 -69.93
CA THR DA 165 14.95 -18.41 -69.64
C THR DA 165 13.99 -19.26 -68.81
N ILE DA 166 13.44 -18.70 -67.74
CA ILE DA 166 12.52 -19.43 -66.89
C ILE DA 166 11.18 -19.66 -67.60
N SER DA 167 10.86 -18.84 -68.61
CA SER DA 167 9.67 -19.09 -69.41
C SER DA 167 9.84 -20.33 -70.27
N GLN DA 168 11.00 -20.47 -70.94
CA GLN DA 168 11.26 -21.66 -71.73
C GLN DA 168 11.49 -22.88 -70.87
N ALA DA 169 11.89 -22.70 -69.62
CA ALA DA 169 12.03 -23.84 -68.72
C ALA DA 169 10.68 -24.37 -68.28
N MET DA 170 9.71 -23.48 -68.12
CA MET DA 170 8.38 -23.93 -67.68
C MET DA 170 7.53 -24.43 -68.83
N LEU DA 171 7.55 -23.74 -69.97
CA LEU DA 171 6.68 -24.11 -71.07
C LEU DA 171 7.06 -25.42 -71.72
N ASN DA 172 8.30 -25.88 -71.56
CA ASN DA 172 8.68 -27.15 -72.15
C ASN DA 172 8.57 -28.30 -71.18
N ALA DA 173 8.77 -28.05 -69.89
CA ALA DA 173 8.71 -29.13 -68.91
C ALA DA 173 7.28 -29.47 -68.54
N VAL DA 174 6.42 -28.46 -68.45
CA VAL DA 174 5.05 -28.69 -68.02
C VAL DA 174 4.20 -29.29 -69.14
N ASP DA 175 4.48 -28.92 -70.39
CA ASP DA 175 3.76 -29.52 -71.52
C ASP DA 175 4.13 -30.98 -71.75
N ARG DA 176 5.19 -31.46 -71.12
CA ARG DA 176 5.48 -32.89 -71.12
C ARG DA 176 4.74 -33.62 -69.99
N ASP DA 177 4.35 -32.89 -68.94
CA ASP DA 177 3.58 -33.48 -67.86
C ASP DA 177 2.11 -33.59 -68.23
N ALA DA 178 1.43 -34.56 -67.63
CA ALA DA 178 0.02 -34.81 -67.92
C ALA DA 178 -0.93 -34.07 -66.98
N VAL DA 179 -0.59 -34.00 -65.70
CA VAL DA 179 -1.49 -33.41 -64.70
C VAL DA 179 -1.11 -31.96 -64.39
N SER DA 180 -0.29 -31.34 -65.24
CA SER DA 180 0.09 -29.96 -65.06
C SER DA 180 -0.08 -29.22 -66.38
N GLY DA 181 -0.42 -27.96 -66.29
CA GLY DA 181 -0.60 -27.16 -67.48
C GLY DA 181 -1.60 -26.04 -67.24
N MET DA 182 -2.33 -25.73 -68.29
CA MET DA 182 -3.43 -24.77 -68.29
C MET DA 182 -2.96 -23.37 -67.90
N GLY DA 183 -1.78 -22.98 -68.34
CA GLY DA 183 -1.32 -21.62 -68.09
C GLY DA 183 -0.21 -21.57 -67.05
N VAL DA 184 0.70 -20.61 -67.24
CA VAL DA 184 1.85 -20.42 -66.36
C VAL DA 184 1.94 -18.95 -66.01
N ILE DA 185 2.03 -18.65 -64.71
CA ILE DA 185 2.25 -17.28 -64.23
C ILE DA 185 3.70 -17.16 -63.74
N VAL DA 186 4.33 -16.03 -64.03
CA VAL DA 186 5.73 -15.79 -63.72
C VAL DA 186 5.85 -14.46 -62.99
N HIS DA 187 6.40 -14.49 -61.78
CA HIS DA 187 6.75 -13.29 -61.04
C HIS DA 187 8.26 -13.07 -61.16
N ILE DA 188 8.65 -11.94 -61.74
CA ILE DA 188 10.04 -11.52 -61.76
C ILE DA 188 10.16 -10.26 -60.91
N ILE DA 189 10.83 -10.38 -59.78
CA ILE DA 189 10.96 -9.28 -58.83
C ILE DA 189 12.41 -8.81 -58.78
N GLU DA 190 12.59 -7.56 -58.39
CA GLU DA 190 13.90 -6.94 -58.29
C GLU DA 190 13.81 -5.80 -57.29
N LYS DA 191 14.85 -4.98 -57.25
CA LYS DA 191 14.94 -3.95 -56.21
C LYS DA 191 13.95 -2.82 -56.47
N ASP DA 192 13.71 -2.50 -57.73
CA ASP DA 192 12.90 -1.33 -58.07
C ASP DA 192 11.42 -1.66 -58.11
N LYS DA 193 11.05 -2.77 -58.74
CA LYS DA 193 9.65 -3.05 -59.01
C LYS DA 193 9.42 -4.55 -59.03
N ILE DA 194 8.16 -4.93 -59.27
CA ILE DA 194 7.72 -6.32 -59.32
C ILE DA 194 6.91 -6.50 -60.60
N THR DA 195 7.33 -7.42 -61.44
CA THR DA 195 6.67 -7.66 -62.72
C THR DA 195 6.03 -9.03 -62.72
N THR DA 196 4.75 -9.08 -63.07
CA THR DA 196 3.97 -10.32 -63.11
C THR DA 196 3.45 -10.51 -64.52
N ARG DA 197 3.77 -11.65 -65.12
CA ARG DA 197 3.29 -11.96 -66.46
C ARG DA 197 2.68 -13.35 -66.48
N THR DA 198 1.68 -13.52 -67.34
CA THR DA 198 1.06 -14.81 -67.59
C THR DA 198 1.37 -15.23 -69.02
N LEU DA 199 1.95 -16.41 -69.18
CA LEU DA 199 2.45 -16.85 -70.48
C LEU DA 199 1.31 -17.40 -71.33
N LYS DA 200 1.63 -17.76 -72.56
CA LYS DA 200 0.68 -18.33 -73.52
C LYS DA 200 1.04 -19.80 -73.71
N ALA DA 201 0.28 -20.68 -73.06
CA ALA DA 201 0.59 -22.09 -73.02
C ALA DA 201 -0.49 -22.92 -73.71
N ARG DA 202 -0.20 -24.21 -73.83
CA ARG DA 202 -1.16 -25.15 -74.42
C ARG DA 202 -2.28 -25.43 -73.42
N MET DA 203 -3.51 -25.17 -73.83
CA MET DA 203 -4.66 -25.27 -72.93
C MET DA 203 -5.36 -26.61 -73.14
N ASP DA 204 -4.66 -27.68 -72.81
CA ASP DA 204 -5.22 -29.02 -72.93
C ASP DA 204 -4.89 -29.93 -71.74
N MET EA 1 -22.75 -40.01 -56.92
CA MET EA 1 -24.05 -40.69 -56.92
C MET EA 1 -25.16 -39.75 -57.36
N GLU EA 2 -25.54 -38.84 -56.48
CA GLU EA 2 -26.55 -37.86 -56.83
C GLU EA 2 -25.87 -36.58 -57.32
N TYR EA 3 -26.63 -35.78 -58.09
CA TYR EA 3 -26.09 -34.78 -58.99
C TYR EA 3 -26.52 -33.38 -58.58
N LEU EA 4 -25.56 -32.46 -58.50
CA LEU EA 4 -25.84 -31.04 -58.27
C LEU EA 4 -25.12 -30.23 -59.34
N ILE EA 5 -25.55 -28.97 -59.49
CA ILE EA 5 -25.09 -28.11 -60.59
C ILE EA 5 -25.34 -26.65 -60.20
N GLY EA 6 -24.39 -25.77 -60.57
CA GLY EA 6 -24.53 -24.35 -60.33
C GLY EA 6 -23.89 -23.49 -61.40
N ILE EA 7 -24.54 -22.37 -61.76
CA ILE EA 7 -24.10 -21.52 -62.88
C ILE EA 7 -24.01 -20.08 -62.39
N GLN EA 8 -22.87 -19.45 -62.63
CA GLN EA 8 -22.63 -18.04 -62.28
C GLN EA 8 -23.05 -17.13 -63.42
N GLY EA 9 -23.85 -16.11 -63.10
CA GLY EA 9 -24.23 -15.13 -64.07
C GLY EA 9 -23.53 -13.80 -63.87
N PRO EA 10 -23.91 -12.79 -64.64
CA PRO EA 10 -23.35 -11.45 -64.41
C PRO EA 10 -23.87 -10.81 -63.14
N ASP EA 11 -25.12 -11.07 -62.77
CA ASP EA 11 -25.70 -10.53 -61.56
C ASP EA 11 -26.59 -11.53 -60.83
N TYR EA 12 -26.46 -12.82 -61.10
CA TYR EA 12 -27.28 -13.84 -60.48
C TYR EA 12 -26.46 -15.11 -60.33
N VAL EA 13 -26.98 -16.03 -59.53
CA VAL EA 13 -26.41 -17.38 -59.42
C VAL EA 13 -27.55 -18.38 -59.56
N LEU EA 14 -27.44 -19.25 -60.55
CA LEU EA 14 -28.46 -20.25 -60.83
C LEU EA 14 -27.95 -21.60 -60.31
N VAL EA 15 -28.65 -22.16 -59.34
CA VAL EA 15 -28.31 -23.48 -58.81
C VAL EA 15 -29.48 -24.43 -59.04
N ALA EA 16 -29.16 -25.71 -59.08
CA ALA EA 16 -30.18 -26.74 -59.26
C ALA EA 16 -29.72 -28.03 -58.64
N SER EA 17 -30.68 -28.76 -58.07
CA SER EA 17 -30.42 -29.97 -57.30
C SER EA 17 -31.39 -31.04 -57.76
N ASP EA 18 -31.10 -32.29 -57.41
CA ASP EA 18 -32.01 -33.39 -57.64
C ASP EA 18 -32.80 -33.70 -56.37
N ARG EA 19 -33.77 -34.60 -56.51
CA ARG EA 19 -34.76 -34.85 -55.47
C ARG EA 19 -34.89 -36.35 -55.20
N VAL EA 20 -33.78 -37.08 -55.17
CA VAL EA 20 -33.81 -38.53 -55.06
C VAL EA 20 -33.02 -38.94 -53.83
N ALA EA 21 -33.64 -39.78 -53.00
CA ALA EA 21 -33.01 -40.34 -51.80
C ALA EA 21 -33.17 -41.85 -51.85
N ALA EA 22 -32.16 -42.52 -52.37
CA ALA EA 22 -32.16 -43.97 -52.56
C ALA EA 22 -31.44 -44.66 -51.41
N SER EA 23 -31.77 -45.94 -51.18
CA SER EA 23 -31.18 -46.69 -50.08
C SER EA 23 -30.31 -47.84 -50.57
N ASN EA 24 -30.86 -48.84 -51.23
CA ASN EA 24 -30.07 -49.97 -51.69
C ASN EA 24 -30.20 -50.13 -53.21
N ILE EA 25 -31.40 -50.42 -53.70
CA ILE EA 25 -31.70 -50.52 -55.12
C ILE EA 25 -33.01 -49.79 -55.34
N VAL EA 26 -33.65 -49.42 -54.23
CA VAL EA 26 -34.95 -48.79 -54.25
C VAL EA 26 -34.78 -47.30 -54.03
N GLN EA 27 -35.86 -46.58 -54.25
CA GLN EA 27 -35.88 -45.13 -54.13
C GLN EA 27 -36.91 -44.80 -53.06
N MET EA 28 -36.42 -44.50 -51.85
CA MET EA 28 -37.31 -44.32 -50.71
C MET EA 28 -38.10 -43.03 -50.83
N LYS EA 29 -37.42 -41.91 -51.00
CA LYS EA 29 -38.07 -40.61 -51.05
C LYS EA 29 -37.83 -39.99 -52.42
N ASP EA 30 -38.90 -39.57 -53.07
CA ASP EA 30 -38.83 -39.01 -54.41
C ASP EA 30 -38.94 -37.49 -54.44
N ASP EA 31 -39.01 -36.85 -53.28
CA ASP EA 31 -39.07 -35.40 -53.20
C ASP EA 31 -38.13 -34.89 -52.11
N HIS EA 32 -36.92 -35.43 -52.08
CA HIS EA 32 -35.93 -35.03 -51.11
C HIS EA 32 -35.41 -33.64 -51.44
N ASP EA 33 -35.02 -32.89 -50.42
CA ASP EA 33 -34.46 -31.56 -50.62
C ASP EA 33 -33.01 -31.54 -50.17
N LYS EA 34 -32.15 -30.96 -51.01
CA LYS EA 34 -30.73 -30.83 -50.71
C LYS EA 34 -30.37 -29.45 -50.21
N MET EA 35 -31.31 -28.51 -50.23
CA MET EA 35 -31.07 -27.09 -50.04
C MET EA 35 -30.98 -26.74 -48.57
N PHE EA 36 -30.14 -25.75 -48.25
CA PHE EA 36 -30.00 -25.25 -46.87
C PHE EA 36 -29.79 -23.73 -46.96
N LYS EA 37 -30.83 -22.98 -46.62
CA LYS EA 37 -30.74 -21.53 -46.62
C LYS EA 37 -29.95 -21.08 -45.40
N MET EA 38 -28.70 -20.70 -45.62
CA MET EA 38 -27.88 -20.20 -44.52
C MET EA 38 -28.33 -18.81 -44.09
N SER EA 39 -28.58 -17.92 -45.05
CA SER EA 39 -29.06 -16.59 -44.74
C SER EA 39 -29.93 -16.12 -45.90
N GLU EA 40 -30.19 -14.82 -45.96
CA GLU EA 40 -31.07 -14.28 -46.99
C GLU EA 40 -30.43 -14.17 -48.35
N LYS EA 41 -29.13 -14.39 -48.47
CA LYS EA 41 -28.48 -14.30 -49.77
C LYS EA 41 -27.44 -15.39 -50.01
N ILE EA 42 -27.40 -16.43 -49.18
CA ILE EA 42 -26.42 -17.51 -49.29
C ILE EA 42 -27.15 -18.84 -49.21
N LEU EA 43 -26.98 -19.68 -50.23
CA LEU EA 43 -27.50 -21.04 -50.21
C LEU EA 43 -26.41 -22.04 -49.91
N LEU EA 44 -26.83 -23.27 -49.66
CA LEU EA 44 -25.92 -24.38 -49.39
C LEU EA 44 -26.63 -25.67 -49.73
N LEU EA 45 -25.99 -26.51 -50.53
CA LEU EA 45 -26.46 -27.87 -50.75
C LEU EA 45 -25.43 -28.79 -50.10
N CYS EA 46 -25.65 -30.10 -50.20
CA CYS EA 46 -24.66 -31.04 -49.66
C CYS EA 46 -24.84 -32.41 -50.27
N VAL EA 47 -23.71 -33.02 -50.63
CA VAL EA 47 -23.65 -34.38 -51.18
C VAL EA 47 -22.45 -35.09 -50.57
N GLY EA 48 -22.68 -36.29 -50.04
CA GLY EA 48 -21.59 -37.09 -49.55
C GLY EA 48 -22.02 -38.34 -48.82
N GLU EA 49 -21.38 -38.59 -47.67
CA GLU EA 49 -21.71 -39.75 -46.86
C GLU EA 49 -23.08 -39.57 -46.21
N ALA EA 50 -23.91 -40.60 -46.32
CA ALA EA 50 -25.26 -40.56 -45.77
C ALA EA 50 -25.22 -40.49 -44.26
N GLY EA 51 -25.61 -39.35 -43.71
CA GLY EA 51 -25.55 -39.13 -42.29
C GLY EA 51 -24.66 -37.95 -41.96
N ASP EA 52 -23.55 -37.83 -42.66
CA ASP EA 52 -22.64 -36.71 -42.47
C ASP EA 52 -23.10 -35.47 -43.19
N THR EA 53 -23.94 -35.60 -44.21
CA THR EA 53 -24.39 -34.45 -44.97
C THR EA 53 -25.34 -33.58 -44.16
N VAL EA 54 -26.10 -34.18 -43.26
CA VAL EA 54 -27.12 -33.42 -42.54
C VAL EA 54 -26.47 -32.59 -41.44
N GLN EA 55 -25.39 -33.07 -40.84
CA GLN EA 55 -24.89 -32.44 -39.64
C GLN EA 55 -23.87 -31.35 -39.88
N PHE EA 56 -23.15 -31.37 -41.01
CA PHE EA 56 -22.45 -30.14 -41.41
C PHE EA 56 -23.44 -29.04 -41.77
N ALA EA 57 -24.52 -29.40 -42.46
CA ALA EA 57 -25.52 -28.43 -42.87
C ALA EA 57 -26.37 -27.93 -41.70
N GLU EA 58 -26.13 -28.39 -40.49
CA GLU EA 58 -26.69 -27.79 -39.29
C GLU EA 58 -25.62 -27.04 -38.50
N TYR EA 59 -24.40 -27.56 -38.46
CA TYR EA 59 -23.34 -26.88 -37.73
C TYR EA 59 -22.94 -25.58 -38.43
N ILE EA 60 -22.89 -25.60 -39.76
CA ILE EA 60 -22.62 -24.37 -40.49
C ILE EA 60 -23.84 -23.46 -40.46
N GLN EA 61 -25.05 -24.04 -40.44
CA GLN EA 61 -26.28 -23.26 -40.43
C GLN EA 61 -26.42 -22.47 -39.14
N LYS EA 62 -26.24 -23.12 -38.00
CA LYS EA 62 -26.49 -22.44 -36.74
C LYS EA 62 -25.34 -21.53 -36.34
N ASN EA 63 -24.17 -21.66 -36.96
CA ASN EA 63 -23.08 -20.75 -36.64
C ASN EA 63 -23.19 -19.46 -37.44
N VAL EA 64 -23.68 -19.53 -38.67
CA VAL EA 64 -23.85 -18.32 -39.48
C VAL EA 64 -25.05 -17.51 -38.99
N GLN EA 65 -26.10 -18.19 -38.52
CA GLN EA 65 -27.19 -17.48 -37.86
C GLN EA 65 -26.75 -16.88 -36.54
N LEU EA 66 -25.76 -17.50 -35.88
CA LEU EA 66 -25.25 -16.95 -34.64
C LEU EA 66 -24.39 -15.73 -34.87
N TYR EA 67 -23.78 -15.62 -36.06
CA TYR EA 67 -22.96 -14.46 -36.36
C TYR EA 67 -23.82 -13.22 -36.57
N LYS EA 68 -24.90 -13.36 -37.32
CA LYS EA 68 -25.75 -12.23 -37.64
C LYS EA 68 -26.54 -11.76 -36.42
N MET EA 69 -26.87 -12.68 -35.53
CA MET EA 69 -27.64 -12.32 -34.35
C MET EA 69 -26.81 -11.57 -33.32
N ARG EA 70 -25.49 -11.75 -33.33
CA ARG EA 70 -24.61 -11.07 -32.40
C ARG EA 70 -24.06 -9.76 -32.94
N ASN EA 71 -24.13 -9.55 -34.24
CA ASN EA 71 -23.50 -8.39 -34.85
C ASN EA 71 -24.46 -7.55 -35.67
N GLY EA 72 -25.63 -8.04 -35.97
CA GLY EA 72 -26.59 -7.27 -36.76
C GLY EA 72 -26.46 -7.43 -38.25
N TYR EA 73 -25.23 -7.42 -38.75
CA TYR EA 73 -25.01 -7.57 -40.17
C TYR EA 73 -24.70 -9.02 -40.53
N GLU EA 74 -24.70 -9.29 -41.83
CA GLU EA 74 -24.62 -10.62 -42.39
C GLU EA 74 -23.20 -10.89 -42.89
N LEU EA 75 -22.81 -12.16 -42.84
CA LEU EA 75 -21.57 -12.58 -43.49
C LEU EA 75 -21.63 -12.38 -45.00
N SER EA 76 -20.47 -12.16 -45.57
CA SER EA 76 -20.31 -12.16 -47.01
C SER EA 76 -20.28 -13.60 -47.51
N PRO EA 77 -20.51 -13.83 -48.81
CA PRO EA 77 -20.30 -15.18 -49.33
C PRO EA 77 -18.86 -15.65 -49.28
N THR EA 78 -17.90 -14.72 -49.30
CA THR EA 78 -16.51 -15.11 -49.24
C THR EA 78 -16.12 -15.55 -47.83
N ALA EA 79 -16.62 -14.84 -46.81
CA ALA EA 79 -16.27 -15.17 -45.44
C ALA EA 79 -16.94 -16.47 -44.99
N ALA EA 80 -18.11 -16.78 -45.52
CA ALA EA 80 -18.74 -18.05 -45.23
C ALA EA 80 -18.04 -19.21 -45.91
N ALA EA 81 -17.31 -18.95 -46.99
CA ALA EA 81 -16.62 -20.02 -47.70
C ALA EA 81 -15.42 -20.53 -46.93
N ASN EA 82 -14.63 -19.63 -46.33
CA ASN EA 82 -13.50 -20.07 -45.55
C ASN EA 82 -13.94 -20.74 -44.26
N PHE EA 83 -15.08 -20.31 -43.70
CA PHE EA 83 -15.55 -20.88 -42.45
C PHE EA 83 -15.96 -22.33 -42.62
N THR EA 84 -16.50 -22.68 -43.78
CA THR EA 84 -16.76 -24.09 -44.06
C THR EA 84 -15.46 -24.83 -44.29
N ARG EA 85 -14.52 -24.22 -45.01
CA ARG EA 85 -13.26 -24.90 -45.33
C ARG EA 85 -12.42 -25.11 -44.07
N ARG EA 86 -12.56 -24.24 -43.08
CA ARG EA 86 -11.78 -24.40 -41.87
C ARG EA 86 -12.28 -25.56 -41.02
N ASN EA 87 -13.61 -25.75 -40.98
CA ASN EA 87 -14.17 -26.78 -40.13
C ASN EA 87 -13.98 -28.18 -40.69
N LEU EA 88 -13.87 -28.30 -42.02
CA LEU EA 88 -13.55 -29.60 -42.60
C LEU EA 88 -12.07 -29.92 -42.45
N ALA EA 89 -11.21 -28.91 -42.63
CA ALA EA 89 -9.77 -29.16 -42.61
C ALA EA 89 -9.27 -29.43 -41.20
N ASP EA 90 -9.92 -28.87 -40.19
CA ASP EA 90 -9.51 -29.16 -38.81
C ASP EA 90 -9.92 -30.57 -38.41
N CYS EA 91 -11.13 -30.99 -38.80
CA CYS EA 91 -11.64 -32.29 -38.44
C CYS EA 91 -11.22 -33.36 -39.44
N LEU EA 92 -10.40 -33.00 -40.44
CA LEU EA 92 -9.90 -33.98 -41.39
C LEU EA 92 -8.90 -34.92 -40.75
N ARG EA 93 -7.97 -34.38 -39.97
CA ARG EA 93 -6.95 -35.17 -39.29
C ARG EA 93 -7.43 -35.56 -37.88
N SER EA 94 -8.66 -36.06 -37.81
CA SER EA 94 -9.28 -36.38 -36.55
C SER EA 94 -9.54 -37.86 -36.49
N ARG EA 95 -10.07 -38.31 -35.35
CA ARG EA 95 -10.39 -39.72 -35.19
C ARG EA 95 -11.56 -40.14 -36.06
N THR EA 96 -12.46 -39.21 -36.37
CA THR EA 96 -13.61 -39.47 -37.23
C THR EA 96 -13.68 -38.40 -38.31
N PRO EA 97 -13.03 -38.63 -39.45
CA PRO EA 97 -13.10 -37.65 -40.54
C PRO EA 97 -14.45 -37.73 -41.23
N TYR EA 98 -14.86 -36.61 -41.82
CA TYR EA 98 -16.19 -36.44 -42.38
C TYR EA 98 -16.07 -36.27 -43.89
N HIS EA 99 -17.12 -36.68 -44.61
CA HIS EA 99 -17.00 -36.90 -46.06
C HIS EA 99 -18.22 -36.29 -46.77
N VAL EA 100 -18.10 -35.02 -47.16
CA VAL EA 100 -19.13 -34.32 -47.92
C VAL EA 100 -18.46 -33.62 -49.09
N ASN EA 101 -19.25 -33.30 -50.10
CA ASN EA 101 -18.74 -32.63 -51.30
C ASN EA 101 -19.73 -31.57 -51.75
N LEU EA 102 -19.63 -30.35 -51.20
CA LEU EA 102 -20.40 -29.28 -51.82
C LEU EA 102 -19.84 -27.89 -51.52
N LEU EA 103 -19.98 -27.06 -52.54
CA LEU EA 103 -19.66 -25.65 -52.70
C LEU EA 103 -20.59 -24.73 -51.88
N LEU EA 104 -20.50 -23.44 -52.19
CA LEU EA 104 -21.45 -22.42 -51.79
C LEU EA 104 -21.92 -21.62 -53.00
N ALA EA 105 -22.97 -20.86 -52.78
CA ALA EA 105 -23.52 -19.99 -53.81
C ALA EA 105 -24.18 -18.81 -53.11
N GLY EA 106 -23.62 -17.62 -53.30
CA GLY EA 106 -24.12 -16.46 -52.60
C GLY EA 106 -24.15 -15.20 -53.44
N TYR EA 107 -24.58 -14.10 -52.81
CA TYR EA 107 -24.61 -12.81 -53.47
C TYR EA 107 -24.15 -11.76 -52.48
N ASP EA 108 -23.09 -11.02 -52.84
CA ASP EA 108 -22.61 -9.94 -52.00
C ASP EA 108 -23.13 -8.62 -52.52
N GLU EA 109 -23.39 -7.69 -51.59
CA GLU EA 109 -23.89 -6.37 -51.97
C GLU EA 109 -22.79 -5.52 -52.60
N HIS EA 110 -21.53 -5.83 -52.36
CA HIS EA 110 -20.40 -5.12 -52.94
C HIS EA 110 -19.67 -5.93 -54.00
N GLU EA 111 -19.29 -7.17 -53.67
CA GLU EA 111 -18.52 -7.99 -54.58
C GLU EA 111 -19.38 -8.69 -55.62
N GLY EA 112 -20.69 -8.62 -55.50
CA GLY EA 112 -21.57 -9.22 -56.47
C GLY EA 112 -21.85 -10.68 -56.17
N PRO EA 113 -22.25 -11.44 -57.17
CA PRO EA 113 -22.54 -12.86 -56.96
C PRO EA 113 -21.28 -13.71 -56.94
N ALA EA 114 -21.38 -14.84 -56.24
CA ALA EA 114 -20.23 -15.71 -56.03
C ALA EA 114 -20.66 -17.17 -56.11
N LEU EA 115 -19.72 -18.02 -56.55
CA LEU EA 115 -19.96 -19.45 -56.69
C LEU EA 115 -18.65 -20.18 -56.45
N TYR EA 116 -18.59 -20.97 -55.39
CA TYR EA 116 -17.36 -21.61 -54.94
C TYR EA 116 -17.35 -23.09 -55.35
N TYR EA 117 -16.39 -23.83 -54.79
CA TYR EA 117 -16.28 -25.27 -54.99
C TYR EA 117 -15.58 -25.87 -53.78
N MET EA 118 -15.95 -27.11 -53.44
CA MET EA 118 -15.39 -27.74 -52.27
C MET EA 118 -15.26 -29.24 -52.48
N ASP EA 119 -14.12 -29.79 -52.08
CA ASP EA 119 -13.87 -31.22 -52.14
C ASP EA 119 -14.10 -31.81 -50.76
N TYR EA 120 -13.96 -33.12 -50.63
CA TYR EA 120 -14.03 -33.75 -49.32
C TYR EA 120 -12.69 -33.71 -48.62
N LEU EA 121 -11.66 -33.23 -49.31
CA LEU EA 121 -10.39 -32.89 -48.68
C LEU EA 121 -10.29 -31.41 -48.37
N ALA EA 122 -11.41 -30.68 -48.49
CA ALA EA 122 -11.54 -29.26 -48.15
C ALA EA 122 -10.59 -28.38 -48.97
N ALA EA 123 -10.85 -28.31 -50.26
CA ALA EA 123 -10.12 -27.43 -51.16
C ALA EA 123 -11.10 -26.44 -51.78
N LEU EA 124 -10.86 -25.15 -51.57
CA LEU EA 124 -11.71 -24.13 -52.18
C LEU EA 124 -11.29 -23.83 -53.59
N ALA EA 125 -12.27 -23.40 -54.39
CA ALA EA 125 -12.04 -23.01 -55.77
C ALA EA 125 -13.18 -22.08 -56.18
N LYS EA 126 -12.83 -20.92 -56.69
CA LYS EA 126 -13.80 -19.94 -57.19
C LYS EA 126 -14.04 -20.21 -58.66
N ALA EA 127 -15.23 -20.72 -59.01
CA ALA EA 127 -15.46 -21.16 -60.37
C ALA EA 127 -16.72 -20.54 -60.95
N PRO EA 128 -16.77 -20.32 -62.28
CA PRO EA 128 -18.02 -19.84 -62.88
C PRO EA 128 -19.07 -20.91 -63.11
N PHE EA 129 -18.71 -22.19 -63.08
CA PHE EA 129 -19.69 -23.27 -63.07
C PHE EA 129 -19.01 -24.53 -62.57
N ALA EA 130 -19.76 -25.33 -61.83
CA ALA EA 130 -19.22 -26.54 -61.24
C ALA EA 130 -20.35 -27.52 -61.01
N ALA EA 131 -19.98 -28.77 -60.74
CA ALA EA 131 -20.94 -29.84 -60.52
C ALA EA 131 -20.29 -30.96 -59.73
N HIS EA 132 -21.12 -31.73 -59.04
CA HIS EA 132 -20.68 -32.92 -58.33
C HIS EA 132 -21.49 -34.13 -58.79
N GLY EA 133 -20.97 -35.31 -58.45
CA GLY EA 133 -21.62 -36.56 -58.78
C GLY EA 133 -21.06 -37.15 -60.05
N TYR EA 134 -21.57 -38.34 -60.39
CA TYR EA 134 -21.17 -38.99 -61.63
C TYR EA 134 -21.73 -38.27 -62.83
N GLY EA 135 -22.85 -37.57 -62.66
CA GLY EA 135 -23.42 -36.80 -63.74
C GLY EA 135 -22.59 -35.59 -64.14
N ALA EA 136 -21.64 -35.18 -63.30
CA ALA EA 136 -20.73 -34.10 -63.67
C ALA EA 136 -19.82 -34.47 -64.82
N PHE EA 137 -19.57 -35.76 -65.03
CA PHE EA 137 -18.73 -36.18 -66.14
C PHE EA 137 -19.41 -36.00 -67.49
N LEU EA 138 -20.73 -36.02 -67.54
CA LEU EA 138 -21.42 -35.92 -68.82
C LEU EA 138 -22.11 -34.58 -69.02
N THR EA 139 -21.93 -33.63 -68.12
CA THR EA 139 -22.62 -32.36 -68.21
C THR EA 139 -21.72 -31.14 -68.26
N LEU EA 140 -20.44 -31.28 -67.88
CA LEU EA 140 -19.56 -30.13 -67.94
C LEU EA 140 -19.18 -29.77 -69.35
N SER EA 141 -19.24 -30.72 -70.28
CA SER EA 141 -18.83 -30.43 -71.64
C SER EA 141 -19.88 -29.63 -72.40
N ILE EA 142 -21.16 -29.85 -72.12
CA ILE EA 142 -22.19 -28.97 -72.68
C ILE EA 142 -22.06 -27.60 -72.06
N LEU EA 143 -21.84 -27.55 -70.76
CA LEU EA 143 -21.83 -26.29 -70.03
C LEU EA 143 -20.57 -25.49 -70.30
N ASP EA 144 -19.52 -26.14 -70.78
CA ASP EA 144 -18.34 -25.42 -71.26
C ASP EA 144 -18.53 -24.99 -72.71
N ARG EA 145 -19.39 -25.69 -73.44
CA ARG EA 145 -19.64 -25.35 -74.83
C ARG EA 145 -20.51 -24.10 -74.95
N TYR EA 146 -21.71 -24.17 -74.42
CA TYR EA 146 -22.71 -23.11 -74.59
C TYR EA 146 -22.67 -22.08 -73.48
N TYR EA 147 -21.51 -21.50 -73.20
CA TYR EA 147 -21.40 -20.57 -72.09
C TYR EA 147 -20.81 -19.25 -72.55
N THR EA 148 -21.28 -18.18 -71.94
CA THR EA 148 -20.81 -16.83 -72.17
C THR EA 148 -20.89 -16.18 -70.80
N PRO EA 149 -19.86 -15.43 -70.37
CA PRO EA 149 -19.92 -14.76 -69.07
C PRO EA 149 -20.98 -13.69 -68.98
N THR EA 150 -21.42 -13.14 -70.12
CA THR EA 150 -22.53 -12.20 -70.16
C THR EA 150 -23.71 -12.96 -70.75
N ILE EA 151 -24.48 -13.61 -69.91
CA ILE EA 151 -25.62 -14.42 -70.34
C ILE EA 151 -26.83 -14.02 -69.52
N SER EA 152 -28.01 -14.07 -70.15
CA SER EA 152 -29.22 -13.69 -69.45
C SER EA 152 -29.74 -14.89 -68.67
N ARG EA 153 -30.66 -14.65 -67.74
CA ARG EA 153 -31.17 -15.74 -66.92
C ARG EA 153 -32.25 -16.55 -67.63
N GLU EA 154 -32.81 -16.02 -68.72
CA GLU EA 154 -33.69 -16.85 -69.53
C GLU EA 154 -32.89 -17.84 -70.36
N ARG EA 155 -31.70 -17.43 -70.83
CA ARG EA 155 -30.82 -18.35 -71.51
C ARG EA 155 -30.21 -19.36 -70.55
N ALA EA 156 -29.99 -18.95 -69.29
CA ALA EA 156 -29.38 -19.84 -68.32
C ALA EA 156 -30.31 -20.99 -67.95
N VAL EA 157 -31.61 -20.75 -67.93
CA VAL EA 157 -32.56 -21.83 -67.73
C VAL EA 157 -32.60 -22.74 -68.95
N GLU EA 158 -32.55 -22.15 -70.15
CA GLU EA 158 -32.56 -22.96 -71.37
C GLU EA 158 -31.26 -23.73 -71.52
N LEU EA 159 -30.15 -23.15 -71.07
CA LEU EA 159 -28.90 -23.89 -70.99
C LEU EA 159 -28.99 -25.02 -69.97
N LEU EA 160 -29.79 -24.83 -68.92
CA LEU EA 160 -29.99 -25.89 -67.95
C LEU EA 160 -30.89 -26.99 -68.50
N ARG EA 161 -31.79 -26.66 -69.43
CA ARG EA 161 -32.62 -27.67 -70.08
C ARG EA 161 -31.77 -28.62 -70.90
N LYS EA 162 -30.82 -28.09 -71.66
CA LYS EA 162 -29.93 -28.93 -72.45
C LYS EA 162 -29.03 -29.77 -71.58
N CYS EA 163 -28.61 -29.22 -70.44
CA CYS EA 163 -27.72 -29.92 -69.53
C CYS EA 163 -28.43 -31.08 -68.85
N LEU EA 164 -29.75 -30.96 -68.68
CA LEU EA 164 -30.55 -31.95 -67.97
C LEU EA 164 -31.00 -33.10 -68.85
N GLU EA 165 -31.21 -32.86 -70.14
CA GLU EA 165 -31.67 -33.91 -71.04
C GLU EA 165 -30.59 -34.94 -71.32
N GLU EA 166 -29.32 -34.61 -71.13
CA GLU EA 166 -28.27 -35.59 -71.29
C GLU EA 166 -28.24 -36.60 -70.14
N LEU EA 167 -28.74 -36.23 -68.97
CA LEU EA 167 -28.80 -37.17 -67.87
C LEU EA 167 -29.93 -38.18 -68.04
N GLN EA 168 -30.81 -37.99 -69.02
CA GLN EA 168 -31.86 -38.95 -69.28
C GLN EA 168 -31.76 -39.53 -70.68
N LYS EA 169 -30.60 -39.40 -71.31
CA LYS EA 169 -30.37 -40.07 -72.58
C LYS EA 169 -29.27 -41.11 -72.40
N ARG EA 170 -28.13 -40.71 -71.85
CA ARG EA 170 -27.02 -41.61 -71.56
C ARG EA 170 -26.64 -41.42 -70.11
N PHE EA 171 -27.36 -42.09 -69.21
CA PHE EA 171 -26.99 -42.14 -67.80
C PHE EA 171 -27.83 -43.24 -67.17
N ILE EA 172 -27.16 -44.12 -66.42
CA ILE EA 172 -27.79 -45.36 -65.98
C ILE EA 172 -28.77 -45.17 -64.85
N LEU EA 173 -28.69 -44.07 -64.11
CA LEU EA 173 -29.60 -43.84 -63.00
C LEU EA 173 -30.85 -43.14 -63.50
N ASN EA 174 -31.83 -43.02 -62.60
CA ASN EA 174 -33.16 -42.60 -63.02
C ASN EA 174 -33.29 -41.08 -63.07
N LEU EA 175 -33.15 -40.43 -61.91
CA LEU EA 175 -33.23 -38.98 -61.67
C LEU EA 175 -34.41 -38.29 -62.37
N PRO EA 176 -35.65 -38.54 -61.94
CA PRO EA 176 -36.79 -37.96 -62.67
C PRO EA 176 -36.96 -36.45 -62.54
N THR EA 177 -37.02 -35.92 -61.32
CA THR EA 177 -37.45 -34.54 -61.08
C THR EA 177 -36.37 -33.77 -60.34
N PHE EA 178 -36.06 -32.57 -60.81
CA PHE EA 178 -35.03 -31.73 -60.21
C PHE EA 178 -35.66 -30.48 -59.63
N SER EA 179 -34.86 -29.68 -58.91
CA SER EA 179 -35.37 -28.49 -58.25
C SER EA 179 -34.38 -27.35 -58.39
N VAL EA 180 -34.89 -26.19 -58.78
CA VAL EA 180 -34.07 -25.06 -59.23
C VAL EA 180 -34.35 -23.85 -58.36
N ARG EA 181 -33.29 -23.19 -57.89
CA ARG EA 181 -33.35 -21.90 -57.24
C ARG EA 181 -32.58 -20.87 -58.05
N ILE EA 182 -32.74 -19.60 -57.66
CA ILE EA 182 -32.05 -18.49 -58.29
C ILE EA 182 -31.81 -17.43 -57.23
N ILE EA 183 -30.61 -16.84 -57.25
CA ILE EA 183 -30.21 -15.85 -56.25
C ILE EA 183 -29.97 -14.53 -56.97
N ASP EA 184 -30.64 -13.47 -56.52
CA ASP EA 184 -30.47 -12.17 -57.14
C ASP EA 184 -30.10 -11.12 -56.10
N LYS EA 185 -30.22 -9.84 -56.48
CA LYS EA 185 -30.07 -8.76 -55.51
C LYS EA 185 -31.21 -8.73 -54.51
N ASN EA 186 -32.34 -9.32 -54.83
CA ASN EA 186 -33.51 -9.32 -53.95
C ASN EA 186 -33.49 -10.44 -52.94
N GLY EA 187 -32.96 -11.60 -53.30
CA GLY EA 187 -32.87 -12.69 -52.35
C GLY EA 187 -32.89 -14.07 -52.98
N ILE EA 188 -33.63 -14.99 -52.37
CA ILE EA 188 -33.73 -16.36 -52.82
C ILE EA 188 -35.12 -16.54 -53.43
N HIS EA 189 -35.16 -16.87 -54.72
CA HIS EA 189 -36.42 -17.09 -55.40
C HIS EA 189 -36.54 -18.55 -55.82
N ASP EA 190 -37.71 -19.11 -55.59
CA ASP EA 190 -38.01 -20.48 -56.00
C ASP EA 190 -38.52 -20.49 -57.42
N LEU EA 191 -37.77 -21.11 -58.32
CA LEU EA 191 -38.26 -21.33 -59.67
C LEU EA 191 -39.13 -22.58 -59.70
N ASP EA 192 -39.60 -22.94 -60.89
CA ASP EA 192 -40.55 -24.03 -61.01
C ASP EA 192 -39.86 -25.39 -60.86
N ASN EA 193 -40.64 -26.36 -60.40
CA ASN EA 193 -40.14 -27.71 -60.15
C ASN EA 193 -39.90 -28.42 -61.47
N ILE EA 194 -38.66 -28.47 -61.92
CA ILE EA 194 -38.33 -29.04 -63.22
C ILE EA 194 -38.48 -30.56 -63.16
N SER EA 195 -39.38 -31.08 -63.97
CA SER EA 195 -39.71 -32.50 -63.95
C SER EA 195 -39.68 -33.05 -65.36
N PHE EA 196 -39.55 -34.38 -65.43
CA PHE EA 196 -39.62 -35.11 -66.69
C PHE EA 196 -40.69 -36.18 -66.52
N PRO EA 197 -41.80 -36.10 -67.26
CA PRO EA 197 -42.89 -37.06 -67.07
C PRO EA 197 -42.52 -38.45 -67.55
N LYS EA 198 -43.30 -39.43 -67.11
CA LYS EA 198 -43.02 -40.83 -67.40
C LYS EA 198 -43.92 -41.46 -68.45
N GLN EA 199 -45.18 -41.04 -68.53
CA GLN EA 199 -46.10 -41.61 -69.51
C GLN EA 199 -46.32 -40.66 -70.69
N THR FA 59 -37.49 -60.62 -41.97
CA THR FA 59 -37.89 -59.40 -41.28
C THR FA 59 -38.52 -58.42 -42.27
N THR FA 60 -39.76 -58.01 -42.00
CA THR FA 60 -40.44 -57.09 -42.89
C THR FA 60 -41.39 -56.22 -42.08
N THR FA 61 -41.15 -54.92 -42.11
CA THR FA 61 -42.06 -53.93 -41.54
C THR FA 61 -42.50 -52.98 -42.64
N LEU FA 62 -43.62 -52.30 -42.42
CA LEU FA 62 -44.02 -51.23 -43.31
C LEU FA 62 -44.86 -50.23 -42.52
N ALA FA 63 -44.91 -49.01 -43.04
CA ALA FA 63 -45.70 -47.95 -42.43
C ALA FA 63 -46.07 -46.96 -43.51
N PHE FA 64 -47.33 -46.59 -43.56
CA PHE FA 64 -47.80 -45.55 -44.47
C PHE FA 64 -48.84 -44.70 -43.77
N LYS FA 65 -48.89 -43.44 -44.16
CA LYS FA 65 -49.86 -42.52 -43.60
C LYS FA 65 -50.85 -42.11 -44.68
N PHE FA 66 -52.07 -41.80 -44.24
CA PHE FA 66 -53.17 -41.47 -45.13
C PHE FA 66 -54.05 -40.48 -44.39
N ARG FA 67 -55.31 -40.35 -44.82
CA ARG FA 67 -56.23 -39.40 -44.21
C ARG FA 67 -56.48 -39.69 -42.74
N HIS FA 68 -56.82 -40.93 -42.42
CA HIS FA 68 -57.18 -41.30 -41.06
C HIS FA 68 -55.99 -41.94 -40.36
N GLY FA 69 -54.93 -41.16 -40.18
CA GLY FA 69 -53.82 -41.61 -39.38
C GLY FA 69 -52.81 -42.47 -40.12
N VAL FA 70 -52.06 -43.24 -39.34
CA VAL FA 70 -50.91 -44.00 -39.81
C VAL FA 70 -51.15 -45.47 -39.50
N ILE FA 71 -50.84 -46.36 -40.45
CA ILE FA 71 -50.94 -47.81 -40.28
C ILE FA 71 -49.54 -48.39 -40.20
N VAL FA 72 -49.28 -49.17 -39.15
CA VAL FA 72 -48.00 -49.82 -38.94
C VAL FA 72 -48.22 -51.33 -38.93
N ALA FA 73 -47.44 -52.06 -39.73
CA ALA FA 73 -47.56 -53.51 -39.80
C ALA FA 73 -46.18 -54.15 -39.84
N ALA FA 74 -46.08 -55.35 -39.29
CA ALA FA 74 -44.82 -56.07 -39.22
C ALA FA 74 -45.10 -57.56 -39.07
N ASP FA 75 -44.08 -58.36 -39.37
CA ASP FA 75 -44.15 -59.80 -39.18
C ASP FA 75 -43.66 -60.15 -37.77
N SER FA 76 -43.47 -61.45 -37.53
CA SER FA 76 -42.90 -61.92 -36.26
C SER FA 76 -42.05 -63.15 -36.54
N ARG FA 77 -40.77 -62.93 -36.80
CA ARG FA 77 -39.82 -64.03 -36.95
C ARG FA 77 -38.42 -63.48 -36.73
N ALA FA 78 -37.66 -64.12 -35.84
CA ALA FA 78 -36.26 -63.79 -35.61
C ALA FA 78 -35.44 -65.04 -35.89
N THR FA 79 -34.57 -64.98 -36.90
CA THR FA 79 -33.77 -66.12 -37.28
C THR FA 79 -32.38 -66.04 -36.66
N ALA FA 80 -31.60 -67.09 -36.84
CA ALA FA 80 -30.22 -67.18 -36.39
C ALA FA 80 -29.33 -67.64 -37.54
N GLY FA 81 -29.52 -67.02 -38.71
CA GLY FA 81 -28.80 -67.44 -39.90
C GLY FA 81 -29.59 -68.44 -40.71
N ALA FA 82 -29.69 -69.66 -40.21
CA ALA FA 82 -30.50 -70.69 -40.84
C ALA FA 82 -31.42 -71.36 -39.84
N TYR FA 83 -31.56 -70.78 -38.66
CA TYR FA 83 -32.32 -71.38 -37.58
C TYR FA 83 -33.29 -70.35 -37.04
N ILE FA 84 -34.58 -70.68 -37.04
CA ILE FA 84 -35.59 -69.77 -36.52
C ILE FA 84 -35.57 -69.83 -35.01
N ALA FA 85 -35.24 -68.71 -34.38
CA ALA FA 85 -35.20 -68.67 -32.93
C ALA FA 85 -36.61 -68.62 -32.35
N SER FA 86 -37.47 -67.77 -32.90
CA SER FA 86 -38.82 -67.63 -32.38
C SER FA 86 -39.79 -67.30 -33.49
N GLN FA 87 -41.06 -67.56 -33.22
CA GLN FA 87 -42.16 -67.21 -34.11
C GLN FA 87 -42.99 -66.05 -33.58
N THR FA 88 -42.76 -65.61 -32.35
CA THR FA 88 -43.54 -64.54 -31.73
C THR FA 88 -42.57 -63.48 -31.22
N VAL FA 89 -42.21 -62.54 -32.07
CA VAL FA 89 -41.34 -61.44 -31.70
C VAL FA 89 -42.10 -60.15 -32.00
N LYS FA 90 -42.41 -59.39 -30.96
CA LYS FA 90 -43.14 -58.14 -31.12
C LYS FA 90 -42.20 -57.09 -31.65
N LYS FA 91 -42.24 -56.85 -32.96
CA LYS FA 91 -41.25 -55.97 -33.59
C LYS FA 91 -41.66 -54.51 -33.53
N VAL FA 92 -42.94 -54.22 -33.35
CA VAL FA 92 -43.39 -52.83 -33.27
C VAL FA 92 -43.32 -52.42 -31.81
N ILE FA 93 -42.31 -51.65 -31.45
CA ILE FA 93 -42.03 -51.32 -30.05
C ILE FA 93 -42.90 -50.15 -29.64
N GLU FA 94 -43.67 -50.36 -28.59
CA GLU FA 94 -44.61 -49.36 -28.08
C GLU FA 94 -43.84 -48.39 -27.21
N ILE FA 95 -43.49 -47.24 -27.78
CA ILE FA 95 -42.66 -46.28 -27.05
C ILE FA 95 -43.49 -45.54 -26.01
N ASN FA 96 -44.60 -44.96 -26.43
CA ASN FA 96 -45.44 -44.15 -25.58
C ASN FA 96 -46.90 -44.53 -25.83
N PRO FA 97 -47.87 -43.96 -25.12
CA PRO FA 97 -49.26 -44.02 -25.61
C PRO FA 97 -49.50 -43.23 -26.88
N TYR FA 98 -48.53 -42.43 -27.35
CA TYR FA 98 -48.73 -41.62 -28.54
C TYR FA 98 -47.59 -41.71 -29.54
N LEU FA 99 -46.67 -42.66 -29.36
CA LEU FA 99 -45.58 -42.88 -30.31
C LEU FA 99 -45.33 -44.37 -30.47
N LEU FA 100 -44.98 -44.78 -31.69
CA LEU FA 100 -44.62 -46.15 -31.97
C LEU FA 100 -43.28 -46.19 -32.70
N GLY FA 101 -42.59 -47.31 -32.53
CA GLY FA 101 -41.31 -47.52 -33.17
C GLY FA 101 -41.15 -48.94 -33.65
N THR FA 102 -40.40 -49.15 -34.72
CA THR FA 102 -40.25 -50.46 -35.32
C THR FA 102 -38.88 -51.05 -34.96
N MET FA 103 -38.61 -52.24 -35.51
CA MET FA 103 -37.37 -52.96 -35.24
C MET FA 103 -36.85 -53.49 -36.57
N ALA FA 104 -35.56 -53.27 -36.83
CA ALA FA 104 -34.96 -53.71 -38.07
C ALA FA 104 -33.46 -53.86 -37.85
N GLY FA 105 -32.93 -54.99 -38.25
CA GLY FA 105 -31.51 -55.25 -38.08
C GLY FA 105 -31.22 -55.82 -36.69
N GLY FA 106 -30.46 -55.08 -35.89
CA GLY FA 106 -30.13 -55.52 -34.56
C GLY FA 106 -31.35 -55.46 -33.66
N ALA FA 107 -31.76 -56.61 -33.11
CA ALA FA 107 -32.94 -56.64 -32.26
C ALA FA 107 -32.69 -55.96 -30.93
N ALA FA 108 -31.52 -56.20 -30.33
CA ALA FA 108 -31.20 -55.55 -29.07
C ALA FA 108 -30.83 -54.10 -29.27
N ASP FA 109 -30.36 -53.74 -30.46
CA ASP FA 109 -30.01 -52.35 -30.73
C ASP FA 109 -31.27 -51.49 -30.87
N CYS FA 110 -32.27 -52.01 -31.57
CA CYS FA 110 -33.53 -51.28 -31.66
C CYS FA 110 -34.28 -51.30 -30.33
N SER FA 111 -34.09 -52.36 -29.53
CA SER FA 111 -34.79 -52.44 -28.25
C SER FA 111 -34.18 -51.52 -27.22
N PHE FA 112 -32.87 -51.27 -27.29
CA PHE FA 112 -32.21 -50.45 -26.29
C PHE FA 112 -32.44 -48.97 -26.56
N TRP FA 113 -32.13 -48.52 -27.77
CA TRP FA 113 -32.06 -47.10 -28.06
C TRP FA 113 -33.44 -46.47 -28.16
N GLU FA 114 -34.46 -47.24 -28.54
CA GLU FA 114 -35.80 -46.71 -28.48
C GLU FA 114 -36.32 -46.68 -27.05
N ARG FA 115 -35.89 -47.63 -26.22
CA ARG FA 115 -36.19 -47.54 -24.80
C ARG FA 115 -35.50 -46.36 -24.17
N LEU FA 116 -34.28 -46.05 -24.62
CA LEU FA 116 -33.60 -44.86 -24.16
C LEU FA 116 -34.25 -43.60 -24.70
N LEU FA 117 -34.90 -43.68 -25.87
CA LEU FA 117 -35.62 -42.55 -26.43
C LEU FA 117 -36.85 -42.21 -25.61
N ALA FA 118 -37.52 -43.23 -25.06
CA ALA FA 118 -38.71 -42.99 -24.25
C ALA FA 118 -38.37 -42.32 -22.92
N ARG FA 119 -37.12 -42.49 -22.47
CA ARG FA 119 -36.67 -41.80 -21.28
C ARG FA 119 -36.58 -40.30 -21.51
N GLN FA 120 -35.99 -39.91 -22.63
CA GLN FA 120 -35.83 -38.51 -22.97
C GLN FA 120 -37.16 -37.84 -23.28
N CYS FA 121 -38.08 -38.56 -23.92
CA CYS FA 121 -39.39 -38.00 -24.24
C CYS FA 121 -40.23 -37.78 -22.99
N ARG FA 122 -40.03 -38.59 -21.96
CA ARG FA 122 -40.80 -38.42 -20.74
C ARG FA 122 -40.32 -37.22 -19.94
N ILE FA 123 -38.99 -37.04 -19.86
CA ILE FA 123 -38.43 -35.92 -19.12
C ILE FA 123 -38.73 -34.61 -19.83
N TYR FA 124 -38.77 -34.63 -21.16
CA TYR FA 124 -39.20 -33.46 -21.93
C TYR FA 124 -40.64 -33.09 -21.64
N GLU FA 125 -41.49 -34.08 -21.40
CA GLU FA 125 -42.89 -33.81 -21.11
C GLU FA 125 -43.08 -33.27 -19.70
N LEU FA 126 -42.27 -33.73 -18.75
CA LEU FA 126 -42.42 -33.27 -17.37
C LEU FA 126 -41.92 -31.85 -17.20
N ARG FA 127 -40.96 -31.41 -18.02
CA ARG FA 127 -40.43 -30.07 -17.87
C ARG FA 127 -41.27 -29.04 -18.60
N ASN FA 128 -41.71 -29.36 -19.81
CA ASN FA 128 -42.41 -28.40 -20.65
C ASN FA 128 -43.91 -28.47 -20.51
N LYS FA 129 -44.43 -29.49 -19.80
CA LYS FA 129 -45.87 -29.73 -19.62
C LYS FA 129 -46.58 -29.86 -20.97
N GLU FA 130 -45.94 -30.56 -21.90
CA GLU FA 130 -46.40 -30.66 -23.27
C GLU FA 130 -45.69 -31.85 -23.91
N ARG FA 131 -46.44 -32.65 -24.67
CA ARG FA 131 -45.86 -33.81 -25.32
C ARG FA 131 -44.91 -33.38 -26.44
N ILE FA 132 -43.93 -34.23 -26.71
CA ILE FA 132 -42.92 -33.91 -27.72
C ILE FA 132 -43.53 -34.09 -29.10
N SER FA 133 -43.02 -33.33 -30.06
CA SER FA 133 -43.45 -33.51 -31.45
C SER FA 133 -42.75 -34.72 -32.05
N VAL FA 134 -43.24 -35.14 -33.21
CA VAL FA 134 -42.68 -36.32 -33.86
C VAL FA 134 -41.32 -36.00 -34.47
N ALA FA 135 -41.18 -34.80 -35.06
CA ALA FA 135 -39.92 -34.42 -35.68
C ALA FA 135 -38.82 -34.19 -34.64
N ALA FA 136 -39.18 -33.81 -33.43
CA ALA FA 136 -38.18 -33.64 -32.39
C ALA FA 136 -37.71 -34.99 -31.86
N ALA FA 137 -38.63 -35.96 -31.73
CA ALA FA 137 -38.27 -37.26 -31.17
C ALA FA 137 -37.46 -38.08 -32.16
N SER FA 138 -37.68 -37.89 -33.45
CA SER FA 138 -36.87 -38.59 -34.44
C SER FA 138 -35.46 -38.02 -34.48
N LYS FA 139 -35.31 -36.73 -34.23
CA LYS FA 139 -34.00 -36.10 -34.32
C LYS FA 139 -33.14 -36.47 -33.12
N LEU FA 140 -33.75 -36.60 -31.95
CA LEU FA 140 -33.01 -37.03 -30.76
C LEU FA 140 -32.51 -38.44 -30.90
N LEU FA 141 -33.25 -39.30 -31.60
CA LEU FA 141 -32.79 -40.65 -31.84
C LEU FA 141 -31.61 -40.67 -32.80
N ALA FA 142 -31.66 -39.83 -33.83
CA ALA FA 142 -30.60 -39.81 -34.82
C ALA FA 142 -29.30 -39.23 -34.26
N ASN FA 143 -29.40 -38.35 -33.26
CA ASN FA 143 -28.21 -37.76 -32.67
C ASN FA 143 -27.49 -38.74 -31.75
N MET FA 144 -28.25 -39.62 -31.08
CA MET FA 144 -27.62 -40.58 -30.18
C MET FA 144 -26.88 -41.65 -30.95
N VAL FA 145 -27.41 -42.06 -32.09
CA VAL FA 145 -26.81 -43.17 -32.84
C VAL FA 145 -25.56 -42.68 -33.58
N TYR FA 146 -25.53 -41.40 -33.96
CA TYR FA 146 -24.39 -40.86 -34.70
C TYR FA 146 -23.11 -40.85 -33.87
N GLN FA 147 -23.21 -40.84 -32.55
CA GLN FA 147 -22.03 -40.90 -31.70
C GLN FA 147 -21.32 -42.24 -31.78
N TYR FA 148 -22.02 -43.29 -32.20
CA TYR FA 148 -21.42 -44.62 -32.35
C TYR FA 148 -21.32 -45.00 -33.82
N LYS FA 149 -21.04 -44.02 -34.66
CA LYS FA 149 -20.91 -44.27 -36.09
C LYS FA 149 -19.63 -45.02 -36.38
N GLY FA 150 -19.73 -46.07 -37.19
CA GLY FA 150 -18.57 -46.88 -37.49
C GLY FA 150 -18.15 -47.79 -36.36
N MET FA 151 -19.10 -48.24 -35.54
CA MET FA 151 -18.79 -49.19 -34.48
C MET FA 151 -19.66 -50.44 -34.56
N GLY FA 152 -20.43 -50.60 -35.63
CA GLY FA 152 -21.20 -51.82 -35.82
C GLY FA 152 -22.54 -51.81 -35.12
N LEU FA 153 -23.36 -50.80 -35.40
CA LEU FA 153 -24.75 -50.80 -34.98
C LEU FA 153 -25.64 -51.03 -36.20
N SER FA 154 -26.63 -51.89 -36.05
CA SER FA 154 -27.57 -52.22 -37.12
C SER FA 154 -28.95 -51.79 -36.66
N MET FA 155 -29.38 -50.62 -37.10
CA MET FA 155 -30.63 -50.03 -36.65
C MET FA 155 -31.26 -49.27 -37.80
N GLY FA 156 -32.49 -49.66 -38.16
CA GLY FA 156 -33.16 -49.06 -39.30
C GLY FA 156 -34.61 -48.73 -39.04
N THR FA 157 -34.91 -48.30 -37.83
CA THR FA 157 -36.28 -48.21 -37.38
C THR FA 157 -37.02 -47.03 -38.00
N MET FA 158 -38.32 -46.96 -37.71
CA MET FA 158 -39.21 -45.90 -38.14
C MET FA 158 -39.92 -45.33 -36.93
N ILE FA 159 -40.19 -44.03 -36.94
CA ILE FA 159 -40.87 -43.37 -35.85
C ILE FA 159 -42.22 -42.90 -36.35
N CYS FA 160 -43.29 -43.36 -35.70
CA CYS FA 160 -44.65 -43.04 -36.10
C CYS FA 160 -45.37 -42.36 -34.96
N GLY FA 161 -46.35 -41.53 -35.29
CA GLY FA 161 -47.15 -40.91 -34.27
C GLY FA 161 -47.87 -39.69 -34.81
N TRP FA 162 -48.90 -39.30 -34.08
CA TRP FA 162 -49.68 -38.12 -34.39
C TRP FA 162 -48.98 -36.90 -33.79
N ASP FA 163 -49.11 -35.77 -34.47
CA ASP FA 163 -48.45 -34.55 -34.04
C ASP FA 163 -49.42 -33.39 -34.23
N LYS FA 164 -49.03 -32.22 -33.73
CA LYS FA 164 -49.82 -31.00 -33.93
C LYS FA 164 -49.87 -30.57 -35.39
N ARG FA 165 -48.91 -30.98 -36.21
CA ARG FA 165 -48.93 -30.72 -37.65
C ARG FA 165 -49.59 -31.84 -38.43
N GLY FA 166 -50.32 -32.73 -37.76
CA GLY FA 166 -50.98 -33.84 -38.43
C GLY FA 166 -50.31 -35.15 -38.09
N PRO FA 167 -50.46 -36.14 -38.97
CA PRO FA 167 -49.70 -37.39 -38.81
C PRO FA 167 -48.21 -37.14 -39.02
N GLY FA 168 -47.40 -37.99 -38.41
CA GLY FA 168 -45.96 -37.90 -38.53
C GLY FA 168 -45.34 -39.25 -38.87
N LEU FA 169 -44.35 -39.24 -39.75
CA LEU FA 169 -43.71 -40.46 -40.18
C LEU FA 169 -42.29 -40.14 -40.62
N TYR FA 170 -41.32 -40.71 -39.92
CA TYR FA 170 -39.92 -40.52 -40.25
C TYR FA 170 -39.23 -41.87 -40.34
N TYR FA 171 -37.93 -41.83 -40.57
CA TYR FA 171 -37.16 -43.04 -40.85
C TYR FA 171 -35.72 -42.78 -40.45
N VAL FA 172 -35.26 -43.48 -39.42
CA VAL FA 172 -33.95 -43.25 -38.84
C VAL FA 172 -33.10 -44.48 -39.04
N ASP FA 173 -31.93 -44.31 -39.65
CA ASP FA 173 -30.96 -45.37 -39.85
C ASP FA 173 -29.86 -45.31 -38.80
N SER FA 174 -29.07 -46.39 -38.75
CA SER FA 174 -27.85 -46.39 -37.97
C SER FA 174 -26.71 -45.65 -38.65
N GLU FA 175 -26.89 -45.29 -39.91
CA GLU FA 175 -25.87 -44.54 -40.64
C GLU FA 175 -26.05 -43.03 -40.53
N GLY FA 176 -27.20 -42.58 -40.04
CA GLY FA 176 -27.47 -41.18 -39.88
C GLY FA 176 -28.53 -40.62 -40.81
N ASN FA 177 -29.22 -41.48 -41.56
CA ASN FA 177 -30.29 -40.99 -42.42
C ASN FA 177 -31.52 -40.63 -41.58
N ARG FA 178 -32.14 -39.51 -41.93
CA ARG FA 178 -33.37 -39.08 -41.26
C ARG FA 178 -34.21 -38.38 -42.34
N ILE FA 179 -35.16 -39.11 -42.90
CA ILE FA 179 -36.01 -38.56 -43.94
C ILE FA 179 -37.46 -38.70 -43.51
N SER FA 180 -38.29 -37.83 -44.06
CA SER FA 180 -39.72 -37.95 -43.94
C SER FA 180 -40.27 -38.65 -45.17
N GLY FA 181 -41.56 -38.86 -45.19
CA GLY FA 181 -42.19 -39.48 -46.34
C GLY FA 181 -43.61 -39.90 -46.02
N ALA FA 182 -44.23 -40.56 -46.99
CA ALA FA 182 -45.59 -41.01 -46.86
C ALA FA 182 -45.74 -42.52 -46.81
N THR FA 183 -44.83 -43.27 -47.44
CA THR FA 183 -44.82 -44.72 -47.41
C THR FA 183 -43.39 -45.20 -47.17
N PHE FA 184 -43.24 -46.19 -46.30
CA PHE FA 184 -41.95 -46.81 -46.10
C PHE FA 184 -42.14 -48.30 -45.86
N SER FA 185 -41.08 -49.06 -46.13
CA SER FA 185 -41.04 -50.48 -45.79
C SER FA 185 -39.60 -50.87 -45.57
N VAL FA 186 -39.31 -51.44 -44.40
CA VAL FA 186 -37.95 -51.69 -43.95
C VAL FA 186 -37.81 -53.18 -43.66
N GLY FA 187 -36.67 -53.76 -44.07
CA GLY FA 187 -36.38 -55.15 -43.75
C GLY FA 187 -35.73 -55.93 -44.87
N SER FA 188 -35.48 -57.22 -44.66
CA SER FA 188 -34.92 -58.04 -45.72
C SER FA 188 -35.95 -58.30 -46.81
N GLY FA 189 -37.22 -58.42 -46.44
CA GLY FA 189 -38.28 -58.59 -47.41
C GLY FA 189 -39.02 -57.29 -47.67
N SER FA 190 -38.30 -56.17 -47.59
CA SER FA 190 -38.93 -54.88 -47.80
C SER FA 190 -39.24 -54.63 -49.27
N VAL FA 191 -38.42 -55.14 -50.18
CA VAL FA 191 -38.68 -54.96 -51.60
C VAL FA 191 -39.87 -55.78 -52.07
N TYR FA 192 -40.23 -56.83 -51.33
CA TYR FA 192 -41.42 -57.59 -51.66
C TYR FA 192 -42.67 -56.85 -51.22
N ALA FA 193 -42.55 -55.97 -50.23
CA ALA FA 193 -43.68 -55.20 -49.75
C ALA FA 193 -43.86 -53.89 -50.50
N TYR FA 194 -42.85 -53.42 -51.24
CA TYR FA 194 -42.98 -52.19 -51.99
C TYR FA 194 -43.99 -52.32 -53.13
N GLY FA 195 -43.90 -53.40 -53.90
CA GLY FA 195 -44.66 -53.47 -55.13
C GLY FA 195 -46.15 -53.69 -54.90
N VAL FA 196 -46.51 -54.43 -53.86
CA VAL FA 196 -47.92 -54.63 -53.59
C VAL FA 196 -48.51 -53.42 -52.88
N MET FA 197 -47.71 -52.69 -52.10
CA MET FA 197 -48.23 -51.51 -51.42
C MET FA 197 -48.34 -50.33 -52.37
N ASP FA 198 -47.38 -50.17 -53.29
CA ASP FA 198 -47.42 -49.05 -54.22
C ASP FA 198 -48.58 -49.15 -55.20
N ARG FA 199 -49.06 -50.36 -55.46
CA ARG FA 199 -50.13 -50.52 -56.42
C ARG FA 199 -51.47 -50.14 -55.82
N GLY FA 200 -51.75 -50.62 -54.62
CA GLY FA 200 -53.05 -50.36 -54.02
C GLY FA 200 -53.07 -49.22 -53.03
N TYR FA 201 -52.21 -48.22 -53.21
CA TYR FA 201 -52.14 -47.09 -52.30
C TYR FA 201 -52.92 -45.90 -52.85
N SER FA 202 -53.60 -45.21 -51.96
CA SER FA 202 -54.21 -43.93 -52.24
C SER FA 202 -54.19 -43.13 -50.95
N TYR FA 203 -54.12 -41.81 -51.06
CA TYR FA 203 -54.27 -41.00 -49.85
C TYR FA 203 -55.71 -41.04 -49.36
N ASP FA 204 -56.67 -41.22 -50.27
CA ASP FA 204 -58.08 -41.29 -49.92
C ASP FA 204 -58.48 -42.77 -49.90
N LEU FA 205 -58.18 -43.43 -48.80
CA LEU FA 205 -58.62 -44.79 -48.55
C LEU FA 205 -59.59 -44.80 -47.37
N GLU FA 206 -60.20 -45.94 -47.14
CA GLU FA 206 -61.05 -46.15 -45.99
C GLU FA 206 -60.24 -46.77 -44.87
N VAL FA 207 -60.90 -46.98 -43.74
CA VAL FA 207 -60.22 -47.58 -42.60
C VAL FA 207 -60.07 -49.08 -42.81
N GLU FA 208 -61.14 -49.74 -43.21
CA GLU FA 208 -61.08 -51.18 -43.45
C GLU FA 208 -60.31 -51.52 -44.71
N GLN FA 209 -60.28 -50.59 -45.67
CA GLN FA 209 -59.50 -50.81 -46.87
C GLN FA 209 -58.00 -50.70 -46.59
N ALA FA 210 -57.62 -49.79 -45.70
CA ALA FA 210 -56.22 -49.68 -45.32
C ALA FA 210 -55.79 -50.86 -44.47
N TYR FA 211 -56.71 -51.47 -43.73
CA TYR FA 211 -56.39 -52.67 -42.98
C TYR FA 211 -56.12 -53.84 -43.91
N ASP FA 212 -56.90 -53.97 -44.97
CA ASP FA 212 -56.72 -55.07 -45.90
C ASP FA 212 -55.51 -54.90 -46.79
N LEU FA 213 -55.04 -53.67 -47.00
CA LEU FA 213 -53.86 -53.45 -47.80
C LEU FA 213 -52.60 -53.86 -47.04
N ALA FA 214 -52.43 -53.35 -45.83
CA ALA FA 214 -51.22 -53.63 -45.07
C ALA FA 214 -51.16 -55.06 -44.59
N ARG FA 215 -52.31 -55.71 -44.40
CA ARG FA 215 -52.30 -57.10 -43.99
C ARG FA 215 -51.88 -58.01 -45.12
N ARG FA 216 -52.33 -57.71 -46.34
CA ARG FA 216 -51.93 -58.51 -47.49
C ARG FA 216 -50.49 -58.25 -47.88
N ALA FA 217 -50.00 -57.04 -47.64
CA ALA FA 217 -48.66 -56.66 -48.09
C ALA FA 217 -47.59 -57.40 -47.28
N ILE FA 218 -47.86 -57.65 -46.01
CA ILE FA 218 -46.96 -58.48 -45.21
C ILE FA 218 -47.04 -59.93 -45.67
N TYR FA 219 -48.23 -60.38 -46.08
CA TYR FA 219 -48.40 -61.77 -46.51
C TYR FA 219 -47.65 -62.06 -47.80
N GLN FA 220 -47.61 -61.11 -48.72
CA GLN FA 220 -46.85 -61.33 -49.95
C GLN FA 220 -45.35 -61.27 -49.70
N ALA FA 221 -44.94 -60.61 -48.62
CA ALA FA 221 -43.52 -60.58 -48.28
C ALA FA 221 -43.08 -61.89 -47.64
N THR FA 222 -43.86 -62.42 -46.70
CA THR FA 222 -43.52 -63.67 -46.05
C THR FA 222 -43.62 -64.86 -46.99
N TYR FA 223 -44.34 -64.72 -48.09
CA TYR FA 223 -44.43 -65.82 -49.05
C TYR FA 223 -43.13 -65.96 -49.84
N ARG FA 224 -42.68 -64.85 -50.43
CA ARG FA 224 -41.44 -64.86 -51.22
C ARG FA 224 -40.22 -65.04 -50.32
N ASP FA 225 -40.09 -64.21 -49.30
CA ASP FA 225 -38.89 -64.18 -48.49
C ASP FA 225 -38.84 -65.38 -47.54
N ALA FA 226 -37.61 -65.79 -47.23
CA ALA FA 226 -37.39 -66.91 -46.33
C ALA FA 226 -37.27 -66.48 -44.88
N TYR FA 227 -36.84 -65.25 -44.62
CA TYR FA 227 -36.60 -64.77 -43.26
C TYR FA 227 -37.80 -64.03 -42.70
N SER FA 228 -38.98 -64.19 -43.30
CA SER FA 228 -40.17 -63.48 -42.87
C SER FA 228 -41.30 -64.48 -42.70
N GLY FA 229 -41.96 -64.44 -41.56
CA GLY FA 229 -43.05 -65.36 -41.30
C GLY FA 229 -43.65 -65.09 -39.94
N GLY FA 230 -44.30 -66.09 -39.41
CA GLY FA 230 -44.90 -65.98 -38.08
C GLY FA 230 -46.31 -65.42 -38.17
N ALA FA 231 -46.57 -64.34 -37.43
CA ALA FA 231 -47.86 -63.69 -37.41
C ALA FA 231 -47.75 -62.32 -38.08
N VAL FA 232 -48.88 -61.64 -38.19
CA VAL FA 232 -48.95 -60.32 -38.79
C VAL FA 232 -49.55 -59.38 -37.76
N ASN FA 233 -48.72 -58.55 -37.15
CA ASN FA 233 -49.19 -57.59 -36.17
C ASN FA 233 -49.52 -56.28 -36.87
N LEU FA 234 -50.64 -55.67 -36.49
CA LEU FA 234 -51.18 -54.52 -37.21
C LEU FA 234 -51.64 -53.48 -36.21
N TYR FA 235 -51.07 -52.27 -36.29
CA TYR FA 235 -51.45 -51.16 -35.42
C TYR FA 235 -52.00 -50.01 -36.25
N HIS FA 236 -52.75 -49.15 -35.57
CA HIS FA 236 -53.31 -47.93 -36.17
C HIS FA 236 -53.06 -46.78 -35.22
N VAL FA 237 -52.40 -45.74 -35.71
CA VAL FA 237 -52.22 -44.51 -34.95
C VAL FA 237 -53.31 -43.53 -35.33
N ARG FA 238 -54.09 -43.13 -34.35
CA ARG FA 238 -55.13 -42.13 -34.53
C ARG FA 238 -54.68 -40.83 -33.88
N GLU FA 239 -55.59 -39.86 -33.82
CA GLU FA 239 -55.23 -38.55 -33.29
C GLU FA 239 -55.00 -38.59 -31.79
N ASP FA 240 -55.87 -39.29 -31.06
CA ASP FA 240 -55.70 -39.38 -29.62
C ASP FA 240 -54.60 -40.34 -29.20
N GLY FA 241 -54.21 -41.27 -30.06
CA GLY FA 241 -53.21 -42.25 -29.71
C GLY FA 241 -53.42 -43.52 -30.49
N TRP FA 242 -52.48 -44.44 -30.35
CA TRP FA 242 -52.50 -45.65 -31.15
C TRP FA 242 -53.45 -46.69 -30.57
N ILE FA 243 -53.85 -47.62 -31.41
CA ILE FA 243 -54.75 -48.71 -31.04
C ILE FA 243 -54.34 -49.96 -31.80
N ARG FA 244 -54.23 -51.08 -31.09
CA ARG FA 244 -53.93 -52.36 -31.72
C ARG FA 244 -55.13 -52.84 -32.51
N VAL FA 245 -54.91 -53.18 -33.78
CA VAL FA 245 -56.00 -53.61 -34.63
C VAL FA 245 -56.22 -55.11 -34.49
N SER FA 246 -55.22 -55.91 -34.87
CA SER FA 246 -55.39 -57.35 -34.92
C SER FA 246 -54.02 -58.01 -34.94
N SER FA 247 -54.03 -59.33 -34.90
CA SER FA 247 -52.81 -60.13 -35.00
C SER FA 247 -53.20 -61.47 -35.59
N ASP FA 248 -52.99 -61.64 -36.89
CA ASP FA 248 -53.39 -62.84 -37.59
C ASP FA 248 -52.18 -63.66 -37.99
N ASN FA 249 -52.42 -64.93 -38.26
CA ASN FA 249 -51.37 -65.88 -38.61
C ASN FA 249 -51.29 -66.01 -40.13
N VAL FA 250 -50.09 -66.33 -40.62
CA VAL FA 250 -49.89 -66.49 -42.05
C VAL FA 250 -50.61 -67.75 -42.56
N ALA FA 251 -50.66 -68.79 -41.73
CA ALA FA 251 -51.40 -70.00 -42.11
C ALA FA 251 -52.89 -69.77 -42.20
N ASP FA 252 -53.42 -68.80 -41.46
CA ASP FA 252 -54.83 -68.46 -41.58
C ASP FA 252 -55.10 -67.56 -42.78
N LEU FA 253 -54.15 -66.68 -43.10
CA LEU FA 253 -54.33 -65.82 -44.26
C LEU FA 253 -54.15 -66.59 -45.56
N HIS FA 254 -53.38 -67.68 -45.54
CA HIS FA 254 -53.20 -68.50 -46.72
C HIS FA 254 -54.50 -69.19 -47.11
N GLU FA 255 -55.30 -69.58 -46.13
CA GLU FA 255 -56.60 -70.17 -46.43
C GLU FA 255 -57.59 -69.10 -46.86
N LYS FA 256 -57.43 -67.87 -46.35
CA LYS FA 256 -58.31 -66.78 -46.75
C LYS FA 256 -58.01 -66.32 -48.16
N TYR FA 257 -56.73 -66.14 -48.49
CA TYR FA 257 -56.33 -65.79 -49.85
C TYR FA 257 -56.06 -67.05 -50.67
N SER FA 258 -57.02 -67.96 -50.68
CA SER FA 258 -56.88 -69.21 -51.41
C SER FA 258 -57.83 -69.32 -52.60
N GLY FA 259 -58.98 -68.66 -52.56
CA GLY FA 259 -59.90 -68.65 -53.67
C GLY FA 259 -59.59 -67.55 -54.68
N ARG GA 28 -2.26 -65.98 -32.22
CA ARG GA 28 -2.37 -65.01 -31.15
C ARG GA 28 -3.23 -65.53 -30.00
N PHE GA 29 -3.50 -64.65 -29.04
CA PHE GA 29 -4.35 -64.99 -27.91
C PHE GA 29 -5.82 -64.86 -28.30
N SER GA 30 -6.59 -65.91 -28.03
CA SER GA 30 -8.02 -65.88 -28.27
C SER GA 30 -8.74 -65.84 -26.93
N PRO GA 31 -9.70 -64.93 -26.76
CA PRO GA 31 -10.31 -64.73 -25.45
C PRO GA 31 -11.55 -65.58 -25.20
N TYR GA 32 -12.00 -66.36 -26.17
CA TYR GA 32 -13.24 -67.11 -26.09
C TYR GA 32 -12.97 -68.59 -26.31
N VAL GA 33 -13.79 -69.44 -25.69
CA VAL GA 33 -13.79 -70.87 -25.97
C VAL GA 33 -15.18 -71.39 -25.62
N PHE GA 34 -15.62 -72.44 -26.31
CA PHE GA 34 -16.93 -73.04 -26.10
C PHE GA 34 -16.79 -74.22 -25.14
N ASN GA 35 -17.72 -74.33 -24.20
CA ASN GA 35 -17.65 -75.36 -23.17
C ASN GA 35 -18.75 -76.39 -23.25
N GLY GA 36 -19.93 -76.02 -23.73
CA GLY GA 36 -21.03 -76.96 -23.87
C GLY GA 36 -22.08 -76.76 -22.79
N GLY GA 37 -23.08 -77.61 -22.83
CA GLY GA 37 -24.19 -77.53 -21.91
C GLY GA 37 -25.50 -77.28 -22.62
N THR GA 38 -26.62 -77.61 -21.97
CA THR GA 38 -27.93 -77.45 -22.58
C THR GA 38 -28.94 -77.14 -21.49
N ILE GA 39 -29.66 -76.03 -21.67
CA ILE GA 39 -30.58 -75.53 -20.67
C ILE GA 39 -32.00 -75.69 -21.20
N LEU GA 40 -32.93 -76.07 -20.33
CA LEU GA 40 -34.33 -76.18 -20.69
C LEU GA 40 -35.17 -75.50 -19.62
N ALA GA 41 -36.16 -74.72 -20.06
CA ALA GA 41 -37.10 -74.11 -19.14
C ALA GA 41 -38.50 -74.18 -19.73
N ILE GA 42 -39.46 -74.58 -18.90
CA ILE GA 42 -40.86 -74.68 -19.28
C ILE GA 42 -41.68 -73.93 -18.26
N ALA GA 43 -42.47 -72.97 -18.72
CA ALA GA 43 -43.39 -72.25 -17.85
C ALA GA 43 -44.69 -73.02 -17.74
N GLY GA 44 -45.08 -73.34 -16.51
CA GLY GA 44 -46.33 -74.00 -16.25
C GLY GA 44 -47.42 -73.03 -15.87
N GLU GA 45 -48.51 -73.58 -15.33
CA GLU GA 45 -49.62 -72.74 -14.90
C GLU GA 45 -49.32 -72.06 -13.57
N ASP GA 46 -48.79 -72.81 -12.61
CA ASP GA 46 -48.39 -72.26 -11.32
C ASP GA 46 -46.97 -72.69 -10.95
N PHE GA 47 -46.19 -73.12 -11.94
CA PHE GA 47 -44.88 -73.67 -11.67
C PHE GA 47 -43.94 -73.30 -12.81
N ALA GA 48 -42.66 -73.56 -12.59
CA ALA GA 48 -41.64 -73.40 -13.62
C ALA GA 48 -40.58 -74.45 -13.38
N ILE GA 49 -40.16 -75.10 -14.46
CA ILE GA 49 -39.20 -76.19 -14.39
C ILE GA 49 -37.98 -75.79 -15.18
N VAL GA 50 -36.84 -75.67 -14.50
CA VAL GA 50 -35.58 -75.34 -15.14
C VAL GA 50 -34.67 -76.55 -15.03
N ALA GA 51 -34.17 -77.02 -16.17
CA ALA GA 51 -33.37 -78.23 -16.22
C ALA GA 51 -32.10 -78.00 -17.02
N SER GA 52 -31.04 -78.72 -16.64
CA SER GA 52 -29.77 -78.65 -17.36
C SER GA 52 -28.96 -79.89 -17.05
N ASP GA 53 -28.01 -80.18 -17.93
CA ASP GA 53 -27.09 -81.29 -17.71
C ASP GA 53 -25.89 -80.84 -16.88
N THR GA 54 -25.06 -81.81 -16.49
CA THR GA 54 -23.86 -81.55 -15.69
C THR GA 54 -22.67 -82.11 -16.45
N ARG GA 55 -22.10 -81.32 -17.37
CA ARG GA 55 -20.86 -81.71 -18.02
C ARG GA 55 -20.14 -80.45 -18.45
N LEU GA 56 -18.86 -80.35 -18.09
CA LEU GA 56 -18.01 -79.24 -18.50
C LEU GA 56 -16.95 -79.83 -19.43
N SER GA 57 -17.13 -79.61 -20.73
CA SER GA 57 -16.21 -80.13 -21.73
C SER GA 57 -15.40 -79.00 -22.33
N GLU GA 58 -14.35 -79.37 -23.07
CA GLU GA 58 -13.57 -78.40 -23.82
C GLU GA 58 -12.91 -79.11 -24.98
N GLY GA 59 -13.31 -78.75 -26.20
CA GLY GA 59 -12.78 -79.36 -27.39
C GLY GA 59 -13.19 -80.80 -27.52
N PHE GA 60 -12.24 -81.71 -27.34
CA PHE GA 60 -12.49 -83.14 -27.39
C PHE GA 60 -12.23 -83.81 -26.05
N SER GA 61 -12.34 -83.04 -24.97
CA SER GA 61 -11.97 -83.53 -23.66
C SER GA 61 -13.10 -83.22 -22.67
N ILE GA 62 -13.08 -83.95 -21.56
CA ILE GA 62 -14.03 -83.76 -20.47
C ILE GA 62 -13.25 -83.23 -19.28
N HIS GA 63 -13.65 -82.07 -18.78
CA HIS GA 63 -13.05 -81.59 -17.53
C HIS GA 63 -13.68 -82.27 -16.33
N THR GA 64 -14.99 -82.14 -16.17
CA THR GA 64 -15.66 -82.76 -15.04
C THR GA 64 -17.04 -83.21 -15.45
N ARG GA 65 -17.61 -84.11 -14.66
CA ARG GA 65 -18.95 -84.63 -14.89
C ARG GA 65 -19.95 -84.09 -13.89
N ASP GA 66 -19.57 -83.12 -13.07
CA ASP GA 66 -20.45 -82.55 -12.06
C ASP GA 66 -20.31 -81.03 -12.13
N SER GA 67 -21.12 -80.39 -12.94
CA SER GA 67 -21.14 -78.95 -13.06
C SER GA 67 -22.52 -78.49 -13.54
N PRO GA 68 -23.49 -78.35 -12.65
CA PRO GA 68 -24.84 -77.98 -13.09
C PRO GA 68 -24.93 -76.52 -13.47
N LYS GA 69 -26.00 -76.19 -14.17
CA LYS GA 69 -26.28 -74.82 -14.58
C LYS GA 69 -27.47 -74.22 -13.85
N CYS GA 70 -28.12 -74.98 -12.97
CA CYS GA 70 -29.20 -74.46 -12.15
C CYS GA 70 -28.61 -73.55 -11.09
N TYR GA 71 -28.95 -72.25 -11.16
CA TYR GA 71 -28.54 -71.27 -10.15
C TYR GA 71 -29.80 -70.64 -9.58
N LYS GA 72 -30.15 -71.01 -8.34
CA LYS GA 72 -31.31 -70.42 -7.67
C LYS GA 72 -30.95 -69.01 -7.23
N LEU GA 73 -31.66 -68.01 -7.78
CA LEU GA 73 -31.27 -66.63 -7.48
C LEU GA 73 -31.79 -66.18 -6.12
N THR GA 74 -33.11 -66.05 -5.96
CA THR GA 74 -33.62 -65.63 -4.66
C THR GA 74 -34.54 -66.66 -4.02
N ASP GA 75 -35.77 -66.80 -4.48
CA ASP GA 75 -36.70 -67.77 -3.93
C ASP GA 75 -37.48 -68.43 -5.04
N LYS GA 76 -37.83 -67.63 -6.04
CA LYS GA 76 -38.76 -68.00 -7.09
C LYS GA 76 -38.17 -67.69 -8.46
N THR GA 77 -36.86 -67.74 -8.58
CA THR GA 77 -36.20 -67.37 -9.82
C THR GA 77 -34.92 -68.18 -9.97
N VAL GA 78 -34.83 -68.93 -11.06
CA VAL GA 78 -33.67 -69.75 -11.37
C VAL GA 78 -33.14 -69.32 -12.74
N ILE GA 79 -31.85 -69.06 -12.83
CA ILE GA 79 -31.20 -68.65 -14.06
C ILE GA 79 -30.34 -69.80 -14.56
N GLY GA 80 -30.22 -69.91 -15.88
CA GLY GA 80 -29.32 -70.88 -16.52
C GLY GA 80 -28.26 -70.14 -17.31
N CYS GA 81 -27.05 -70.70 -17.34
CA CYS GA 81 -25.90 -70.04 -17.96
C CYS GA 81 -25.09 -71.06 -18.73
N SER GA 82 -25.26 -71.12 -20.05
CA SER GA 82 -24.44 -71.98 -20.89
C SER GA 82 -23.56 -71.13 -21.80
N GLY GA 83 -22.54 -71.77 -22.36
CA GLY GA 83 -21.59 -71.07 -23.20
C GLY GA 83 -20.20 -71.03 -22.61
N PHE GA 84 -19.51 -69.90 -22.72
CA PHE GA 84 -18.17 -69.78 -22.17
C PHE GA 84 -18.23 -69.72 -20.66
N HIS GA 85 -17.57 -70.68 -20.01
CA HIS GA 85 -17.74 -70.89 -18.57
C HIS GA 85 -17.06 -69.80 -17.75
N GLY GA 86 -16.07 -69.12 -18.31
CA GLY GA 86 -15.44 -68.03 -17.57
C GLY GA 86 -16.35 -66.83 -17.42
N ASP GA 87 -17.20 -66.59 -18.42
CA ASP GA 87 -18.20 -65.54 -18.29
C ASP GA 87 -19.41 -65.99 -17.49
N CYS GA 88 -19.68 -67.29 -17.45
CA CYS GA 88 -20.79 -67.79 -16.64
C CYS GA 88 -20.50 -67.66 -15.16
N LEU GA 89 -19.24 -67.77 -14.76
CA LEU GA 89 -18.89 -67.57 -13.36
C LEU GA 89 -18.86 -66.10 -12.99
N THR GA 90 -18.49 -65.23 -13.93
CA THR GA 90 -18.46 -63.80 -13.64
C THR GA 90 -19.86 -63.22 -13.57
N LEU GA 91 -20.70 -63.53 -14.57
CA LEU GA 91 -22.00 -62.91 -14.67
C LEU GA 91 -22.95 -63.38 -13.58
N THR GA 92 -22.75 -64.59 -13.06
CA THR GA 92 -23.57 -65.05 -11.96
C THR GA 92 -23.26 -64.27 -10.68
N LYS GA 93 -21.99 -63.93 -10.47
CA LYS GA 93 -21.61 -63.18 -9.28
C LYS GA 93 -21.96 -61.71 -9.37
N ILE GA 94 -22.13 -61.17 -10.58
CA ILE GA 94 -22.56 -59.79 -10.72
C ILE GA 94 -24.02 -59.65 -10.35
N ILE GA 95 -24.84 -60.63 -10.73
CA ILE GA 95 -26.27 -60.58 -10.46
C ILE GA 95 -26.55 -60.71 -8.98
N GLU GA 96 -25.82 -61.61 -8.30
CA GLU GA 96 -26.02 -61.80 -6.87
C GLU GA 96 -25.56 -60.60 -6.05
N ALA GA 97 -24.68 -59.77 -6.60
CA ALA GA 97 -24.32 -58.53 -5.92
C ALA GA 97 -25.44 -57.51 -6.04
N ARG GA 98 -26.07 -57.42 -7.21
CA ARG GA 98 -27.11 -56.42 -7.42
C ARG GA 98 -28.43 -56.81 -6.81
N LEU GA 99 -28.63 -58.08 -6.48
CA LEU GA 99 -29.80 -58.47 -5.70
C LEU GA 99 -29.71 -57.90 -4.29
N LYS GA 100 -28.51 -57.86 -3.71
CA LYS GA 100 -28.34 -57.30 -2.38
C LYS GA 100 -28.40 -55.78 -2.42
N MET GA 101 -27.93 -55.17 -3.51
CA MET GA 101 -27.97 -53.72 -3.61
C MET GA 101 -29.38 -53.20 -3.79
N TYR GA 102 -30.25 -54.01 -4.40
CA TYR GA 102 -31.66 -53.66 -4.48
C TYR GA 102 -32.30 -53.73 -3.10
N LYS GA 103 -31.97 -54.77 -2.33
CA LYS GA 103 -32.67 -55.06 -1.09
C LYS GA 103 -32.25 -54.10 0.01
N HIS GA 104 -30.98 -53.72 0.06
CA HIS GA 104 -30.55 -52.72 1.03
C HIS GA 104 -31.07 -51.33 0.70
N SER GA 105 -31.41 -51.07 -0.56
CA SER GA 105 -31.90 -49.76 -0.93
C SER GA 105 -33.42 -49.67 -0.86
N ASN GA 106 -34.11 -50.73 -1.27
CA ASN GA 106 -35.55 -50.67 -1.45
C ASN GA 106 -36.33 -51.51 -0.45
N ASN GA 107 -35.64 -52.26 0.42
CA ASN GA 107 -36.22 -53.04 1.51
C ASN GA 107 -37.22 -54.08 1.03
N LYS GA 108 -36.92 -54.69 -0.12
CA LYS GA 108 -37.74 -55.75 -0.70
C LYS GA 108 -36.88 -56.51 -1.70
N ALA GA 109 -37.44 -57.61 -2.19
CA ALA GA 109 -36.74 -58.48 -3.13
C ALA GA 109 -37.25 -58.25 -4.55
N MET GA 110 -36.37 -58.50 -5.53
CA MET GA 110 -36.72 -58.28 -6.92
C MET GA 110 -37.73 -59.32 -7.39
N THR GA 111 -38.57 -58.91 -8.34
CA THR GA 111 -39.48 -59.82 -9.01
C THR GA 111 -38.74 -60.48 -10.16
N THR GA 112 -39.42 -61.40 -10.84
CA THR GA 112 -38.80 -62.04 -12.00
C THR GA 112 -38.72 -61.06 -13.17
N GLY GA 113 -39.73 -60.21 -13.32
CA GLY GA 113 -39.68 -59.22 -14.39
C GLY GA 113 -38.67 -58.12 -14.16
N ALA GA 114 -38.32 -57.87 -12.90
CA ALA GA 114 -37.31 -56.85 -12.61
C ALA GA 114 -35.91 -57.35 -12.93
N ILE GA 115 -35.67 -58.65 -12.75
CA ILE GA 115 -34.35 -59.21 -13.01
C ILE GA 115 -34.05 -59.23 -14.50
N ALA GA 116 -35.07 -59.50 -15.32
CA ALA GA 116 -34.88 -59.51 -16.76
C ALA GA 116 -34.58 -58.12 -17.31
N ALA GA 117 -35.25 -57.10 -16.77
CA ALA GA 117 -34.95 -55.74 -17.18
C ALA GA 117 -33.59 -55.30 -16.67
N MET GA 118 -33.15 -55.87 -15.55
CA MET GA 118 -31.83 -55.52 -15.03
C MET GA 118 -30.73 -56.15 -15.87
N LEU GA 119 -30.86 -57.45 -16.18
CA LEU GA 119 -29.79 -58.15 -16.88
C LEU GA 119 -29.71 -57.75 -18.34
N SER GA 120 -30.79 -57.23 -18.91
CA SER GA 120 -30.74 -56.70 -20.27
C SER GA 120 -29.85 -55.47 -20.37
N THR GA 121 -29.73 -54.72 -19.28
CA THR GA 121 -28.80 -53.59 -19.27
C THR GA 121 -27.38 -54.04 -18.94
N ILE GA 122 -27.25 -55.14 -18.20
CA ILE GA 122 -25.93 -55.64 -17.85
C ILE GA 122 -25.25 -56.24 -19.07
N LEU GA 123 -26.00 -57.01 -19.86
CA LEU GA 123 -25.46 -57.62 -21.06
C LEU GA 123 -25.13 -56.59 -22.13
N TYR GA 124 -25.93 -55.54 -22.23
CA TYR GA 124 -25.68 -54.53 -23.24
C TYR GA 124 -24.53 -53.62 -22.87
N SER GA 125 -24.22 -53.50 -21.58
CA SER GA 125 -23.17 -52.59 -21.13
C SER GA 125 -21.80 -53.00 -21.66
N ARG GA 126 -21.58 -54.30 -21.83
CA ARG GA 126 -20.39 -54.78 -22.54
C ARG GA 126 -20.76 -55.08 -24.00
N ARG GA 127 -21.12 -54.03 -24.72
CA ARG GA 127 -21.62 -54.20 -26.08
C ARG GA 127 -20.51 -54.63 -27.03
N PHE GA 128 -19.31 -54.11 -26.83
CA PHE GA 128 -18.27 -54.24 -27.84
C PHE GA 128 -17.23 -55.29 -27.48
N PHE GA 129 -17.21 -55.77 -26.24
CA PHE GA 129 -16.48 -56.98 -25.86
C PHE GA 129 -17.51 -57.86 -25.16
N PRO GA 130 -18.35 -58.55 -25.92
CA PRO GA 130 -19.57 -59.13 -25.34
C PRO GA 130 -19.30 -60.40 -24.55
N TYR GA 131 -20.31 -60.78 -23.78
CA TYR GA 131 -20.30 -62.10 -23.18
C TYR GA 131 -20.59 -63.16 -24.23
N TYR GA 132 -20.40 -64.41 -23.84
CA TYR GA 132 -20.72 -65.55 -24.68
C TYR GA 132 -21.61 -66.51 -23.91
N VAL GA 133 -22.65 -65.95 -23.29
CA VAL GA 133 -23.52 -66.69 -22.39
C VAL GA 133 -24.94 -66.63 -22.92
N TYR GA 134 -25.59 -67.79 -23.01
CA TYR GA 134 -27.00 -67.89 -23.37
C TYR GA 134 -27.81 -68.07 -22.08
N ASN GA 135 -28.55 -67.06 -21.70
CA ASN GA 135 -29.26 -67.04 -20.43
C ASN GA 135 -30.75 -67.28 -20.61
N ILE GA 136 -31.32 -68.09 -19.74
CA ILE GA 136 -32.76 -68.32 -19.68
C ILE GA 136 -33.17 -68.21 -18.21
N ILE GA 137 -34.04 -67.26 -17.91
CA ILE GA 137 -34.56 -67.08 -16.56
C ILE GA 137 -35.95 -67.68 -16.50
N GLY GA 138 -36.14 -68.65 -15.62
CA GLY GA 138 -37.44 -69.22 -15.39
C GLY GA 138 -37.85 -69.10 -13.94
N GLY GA 139 -39.07 -68.64 -13.70
CA GLY GA 139 -39.54 -68.53 -12.34
C GLY GA 139 -40.98 -68.09 -12.27
N LEU GA 140 -41.41 -67.75 -11.06
CA LEU GA 140 -42.77 -67.30 -10.81
C LEU GA 140 -42.84 -65.78 -10.88
N ASP GA 141 -44.06 -65.28 -11.03
CA ASP GA 141 -44.32 -63.85 -11.14
C ASP GA 141 -45.14 -63.40 -9.93
N GLU GA 142 -45.65 -62.17 -10.00
CA GLU GA 142 -46.46 -61.64 -8.91
C GLU GA 142 -47.90 -62.12 -8.93
N GLU GA 143 -48.25 -63.05 -9.82
CA GLU GA 143 -49.56 -63.67 -9.82
C GLU GA 143 -49.51 -65.16 -9.59
N GLY GA 144 -48.34 -65.73 -9.36
CA GLY GA 144 -48.22 -67.16 -9.18
C GLY GA 144 -48.31 -67.96 -10.47
N LYS GA 145 -47.72 -67.45 -11.55
CA LYS GA 145 -47.71 -68.14 -12.82
C LYS GA 145 -46.27 -68.33 -13.28
N GLY GA 146 -46.07 -69.27 -14.18
CA GLY GA 146 -44.76 -69.48 -14.76
C GLY GA 146 -44.37 -68.36 -15.69
N ALA GA 147 -43.07 -68.16 -15.82
CA ALA GA 147 -42.54 -67.12 -16.70
C ALA GA 147 -41.14 -67.53 -17.14
N VAL GA 148 -40.92 -67.56 -18.45
CA VAL GA 148 -39.64 -67.92 -19.03
C VAL GA 148 -39.15 -66.75 -19.86
N TYR GA 149 -37.90 -66.33 -19.62
CA TYR GA 149 -37.29 -65.19 -20.28
C TYR GA 149 -36.04 -65.66 -20.99
N SER GA 150 -36.10 -65.78 -22.31
CA SER GA 150 -34.95 -66.19 -23.10
C SER GA 150 -34.17 -64.97 -23.54
N PHE GA 151 -32.85 -65.05 -23.46
CA PHE GA 151 -31.99 -63.91 -23.72
C PHE GA 151 -31.12 -64.22 -24.94
N ASP GA 152 -30.18 -63.32 -25.22
CA ASP GA 152 -29.13 -63.52 -26.21
C ASP GA 152 -27.90 -62.74 -25.75
N PRO GA 153 -26.70 -63.04 -26.27
CA PRO GA 153 -25.52 -62.34 -25.74
C PRO GA 153 -25.32 -60.93 -26.26
N VAL GA 154 -26.40 -60.17 -26.41
CA VAL GA 154 -26.35 -58.72 -26.59
C VAL GA 154 -27.35 -57.98 -25.72
N GLY GA 155 -28.40 -58.63 -25.23
CA GLY GA 155 -29.30 -58.00 -24.29
C GLY GA 155 -30.76 -57.95 -24.69
N SER GA 156 -31.16 -58.68 -25.72
CA SER GA 156 -32.55 -58.69 -26.13
C SER GA 156 -33.31 -59.78 -25.38
N TYR GA 157 -34.59 -59.52 -25.10
CA TYR GA 157 -35.33 -60.48 -24.31
C TYR GA 157 -36.80 -60.46 -24.67
N GLN GA 158 -37.46 -61.57 -24.36
CA GLN GA 158 -38.90 -61.71 -24.56
C GLN GA 158 -39.41 -62.78 -23.62
N ARG GA 159 -40.73 -62.82 -23.47
CA ARG GA 159 -41.39 -63.78 -22.61
C ARG GA 159 -41.99 -64.89 -23.45
N ASP GA 160 -41.66 -66.13 -23.10
CA ASP GA 160 -42.13 -67.29 -23.83
C ASP GA 160 -42.76 -68.28 -22.87
N SER GA 161 -43.34 -69.34 -23.44
CA SER GA 161 -43.86 -70.43 -22.62
C SER GA 161 -42.81 -71.51 -22.38
N PHE GA 162 -41.90 -71.69 -23.32
CA PHE GA 162 -40.84 -72.69 -23.21
C PHE GA 162 -39.72 -72.33 -24.17
N LYS GA 163 -38.49 -72.45 -23.69
CA LYS GA 163 -37.31 -72.26 -24.53
C LYS GA 163 -36.24 -73.26 -24.15
N ALA GA 164 -35.29 -73.42 -25.06
CA ALA GA 164 -34.18 -74.34 -24.86
C ALA GA 164 -32.95 -73.74 -25.50
N GLY GA 165 -31.88 -73.59 -24.72
CA GLY GA 165 -30.66 -72.99 -25.21
C GLY GA 165 -29.47 -73.90 -25.01
N GLY GA 166 -28.40 -73.58 -25.71
CA GLY GA 166 -27.18 -74.34 -25.60
C GLY GA 166 -26.80 -75.03 -26.89
N SER GA 167 -26.03 -76.12 -26.78
CA SER GA 167 -25.56 -76.82 -27.97
C SER GA 167 -26.65 -77.67 -28.59
N ALA GA 168 -27.55 -78.22 -27.77
CA ALA GA 168 -28.65 -79.05 -28.25
C ALA GA 168 -29.93 -78.26 -28.41
N SER GA 169 -29.83 -76.97 -28.69
CA SER GA 169 -31.02 -76.13 -28.78
C SER GA 169 -31.80 -76.38 -30.06
N ALA GA 170 -31.15 -76.89 -31.09
CA ALA GA 170 -31.80 -77.19 -32.35
C ALA GA 170 -32.40 -78.58 -32.39
N MET GA 171 -32.29 -79.34 -31.30
CA MET GA 171 -32.90 -80.65 -31.21
C MET GA 171 -34.08 -80.69 -30.25
N LEU GA 172 -34.25 -79.68 -29.43
CA LEU GA 172 -35.28 -79.71 -28.39
C LEU GA 172 -36.42 -78.75 -28.65
N GLN GA 173 -36.18 -77.66 -29.39
CA GLN GA 173 -37.26 -76.74 -29.74
C GLN GA 173 -38.37 -77.34 -30.61
N PRO GA 174 -38.11 -78.11 -31.69
CA PRO GA 174 -39.25 -78.63 -32.47
C PRO GA 174 -40.04 -79.71 -31.75
N LEU GA 175 -39.46 -80.37 -30.77
CA LEU GA 175 -40.17 -81.46 -30.12
C LEU GA 175 -41.18 -80.92 -29.12
N LEU GA 176 -40.84 -79.84 -28.43
CA LEU GA 176 -41.79 -79.24 -27.51
C LEU GA 176 -42.88 -78.48 -28.23
N ASP GA 177 -42.68 -78.16 -29.52
CA ASP GA 177 -43.75 -77.56 -30.30
C ASP GA 177 -44.85 -78.57 -30.59
N ASN GA 178 -44.51 -79.85 -30.70
CA ASN GA 178 -45.51 -80.85 -30.97
C ASN GA 178 -46.22 -81.29 -29.69
N GLN GA 179 -45.51 -81.33 -28.56
CA GLN GA 179 -46.10 -81.78 -27.32
C GLN GA 179 -46.69 -80.64 -26.51
N VAL GA 180 -45.87 -79.65 -26.16
CA VAL GA 180 -46.38 -78.53 -25.36
C VAL GA 180 -47.15 -77.55 -26.22
N GLY GA 181 -46.61 -77.21 -27.39
CA GLY GA 181 -47.22 -76.19 -28.22
C GLY GA 181 -48.46 -76.63 -28.98
N PHE GA 182 -48.60 -77.95 -29.20
CA PHE GA 182 -49.68 -78.55 -29.98
C PHE GA 182 -49.75 -77.97 -31.39
N LYS GA 183 -48.64 -78.09 -32.11
CA LYS GA 183 -48.52 -77.56 -33.46
C LYS GA 183 -48.55 -78.69 -34.48
N ASN GA 184 -49.02 -78.34 -35.68
CA ASN GA 184 -49.05 -79.22 -36.85
C ASN GA 184 -49.88 -80.47 -36.61
N MET GA 185 -50.93 -80.38 -35.81
CA MET GA 185 -51.80 -81.52 -35.55
C MET GA 185 -53.24 -81.14 -35.80
N GLN GA 186 -54.03 -82.15 -36.16
CA GLN GA 186 -55.46 -82.02 -36.41
C GLN GA 186 -56.20 -82.79 -35.33
N ASN GA 187 -57.28 -82.17 -34.81
CA ASN GA 187 -58.17 -82.75 -33.80
C ASN GA 187 -57.42 -83.09 -32.52
N VAL GA 188 -56.49 -82.22 -32.14
CA VAL GA 188 -55.73 -82.34 -30.90
C VAL GA 188 -56.15 -81.20 -29.99
N GLU GA 189 -56.71 -81.56 -28.84
CA GLU GA 189 -57.20 -80.56 -27.91
C GLU GA 189 -56.04 -79.84 -27.21
N HIS GA 190 -56.33 -78.63 -26.74
CA HIS GA 190 -55.33 -77.84 -26.03
C HIS GA 190 -55.54 -77.95 -24.52
N VAL GA 191 -55.30 -79.15 -24.03
CA VAL GA 191 -55.29 -79.39 -22.58
C VAL GA 191 -54.05 -78.74 -21.97
N PRO GA 192 -54.15 -78.06 -20.83
CA PRO GA 192 -52.95 -77.48 -20.23
C PRO GA 192 -52.03 -78.54 -19.65
N LEU GA 193 -50.73 -78.25 -19.69
CA LEU GA 193 -49.73 -79.19 -19.21
C LEU GA 193 -49.75 -79.22 -17.69
N SER GA 194 -49.85 -80.41 -17.12
CA SER GA 194 -49.84 -80.58 -15.67
C SER GA 194 -48.40 -80.62 -15.19
N LEU GA 195 -48.20 -80.79 -13.89
CA LEU GA 195 -46.85 -80.86 -13.35
C LEU GA 195 -46.19 -82.18 -13.69
N ASP GA 196 -46.91 -83.29 -13.50
CA ASP GA 196 -46.29 -84.60 -13.69
C ASP GA 196 -46.06 -84.91 -15.17
N ARG GA 197 -46.96 -84.44 -16.05
CA ARG GA 197 -46.76 -84.63 -17.47
C ARG GA 197 -45.57 -83.82 -17.97
N ALA GA 198 -45.34 -82.64 -17.37
CA ALA GA 198 -44.18 -81.83 -17.75
C ALA GA 198 -42.88 -82.46 -17.27
N MET GA 199 -42.92 -83.28 -16.23
CA MET GA 199 -41.69 -83.91 -15.75
C MET GA 199 -41.21 -84.98 -16.71
N ARG GA 200 -42.12 -85.85 -17.16
CA ARG GA 200 -41.71 -86.90 -18.08
C ARG GA 200 -41.40 -86.39 -19.47
N LEU GA 201 -41.85 -85.17 -19.82
CA LEU GA 201 -41.38 -84.57 -21.07
C LEU GA 201 -39.92 -84.17 -20.96
N VAL GA 202 -39.52 -83.58 -19.82
CA VAL GA 202 -38.15 -83.15 -19.64
C VAL GA 202 -37.22 -84.36 -19.52
N LYS GA 203 -37.69 -85.41 -18.86
CA LYS GA 203 -36.88 -86.62 -18.73
C LYS GA 203 -36.73 -87.38 -20.04
N ASP GA 204 -37.59 -87.13 -21.03
CA ASP GA 204 -37.49 -87.84 -22.29
C ASP GA 204 -36.76 -87.06 -23.36
N VAL GA 205 -36.73 -85.73 -23.29
CA VAL GA 205 -36.04 -84.98 -24.33
C VAL GA 205 -34.53 -85.02 -24.11
N PHE GA 206 -34.08 -85.20 -22.87
CA PHE GA 206 -32.65 -85.29 -22.60
C PHE GA 206 -32.11 -86.69 -22.82
N ILE GA 207 -32.94 -87.71 -22.84
CA ILE GA 207 -32.48 -89.03 -23.26
C ILE GA 207 -32.20 -89.04 -24.75
N SER GA 208 -33.10 -88.43 -25.53
CA SER GA 208 -32.92 -88.39 -26.98
C SER GA 208 -31.80 -87.44 -27.37
N ALA GA 209 -31.57 -86.38 -26.60
CA ALA GA 209 -30.48 -85.46 -26.93
C ALA GA 209 -29.13 -86.06 -26.60
N ALA GA 210 -29.06 -86.93 -25.60
CA ALA GA 210 -27.78 -87.54 -25.23
C ALA GA 210 -27.34 -88.57 -26.26
N GLU GA 211 -28.28 -89.13 -27.01
CA GLU GA 211 -27.92 -90.13 -28.01
C GLU GA 211 -27.30 -89.52 -29.24
N ARG GA 212 -27.55 -88.25 -29.51
CA ARG GA 212 -27.09 -87.61 -30.74
C ARG GA 212 -26.10 -86.48 -30.51
N ASP GA 213 -26.31 -85.66 -29.48
CA ASP GA 213 -25.37 -84.60 -29.19
C ASP GA 213 -24.27 -85.13 -28.28
N VAL GA 214 -23.03 -84.72 -28.58
CA VAL GA 214 -21.89 -85.18 -27.79
C VAL GA 214 -21.65 -84.32 -26.56
N TYR GA 215 -22.27 -83.16 -26.47
CA TYR GA 215 -22.09 -82.27 -25.33
C TYR GA 215 -23.11 -82.51 -24.24
N THR GA 216 -24.15 -83.30 -24.50
CA THR GA 216 -25.18 -83.57 -23.51
C THR GA 216 -24.61 -84.50 -22.44
N GLY GA 217 -24.76 -84.10 -21.18
CA GLY GA 217 -23.98 -84.64 -20.10
C GLY GA 217 -24.45 -85.97 -19.57
N ASP GA 218 -24.24 -86.16 -18.27
CA ASP GA 218 -24.39 -87.44 -17.60
C ASP GA 218 -25.49 -87.41 -16.55
N ALA GA 219 -25.47 -86.41 -15.67
CA ALA GA 219 -26.59 -86.22 -14.78
C ALA GA 219 -27.47 -85.09 -15.29
N LEU GA 220 -28.74 -85.12 -14.90
CA LEU GA 220 -29.72 -84.12 -15.32
C LEU GA 220 -30.27 -83.43 -14.09
N ARG GA 221 -29.76 -82.24 -13.81
CA ARG GA 221 -30.26 -81.43 -12.70
C ARG GA 221 -31.58 -80.79 -13.12
N ILE GA 222 -32.63 -81.04 -12.35
CA ILE GA 222 -33.96 -80.49 -12.62
C ILE GA 222 -34.40 -79.71 -11.40
N CYS GA 223 -34.60 -78.40 -11.57
CA CYS GA 223 -35.03 -77.53 -10.49
C CYS GA 223 -36.46 -77.11 -10.76
N ILE GA 224 -37.37 -77.44 -9.84
CA ILE GA 224 -38.79 -77.14 -9.98
C ILE GA 224 -39.13 -76.01 -9.03
N VAL GA 225 -39.65 -74.91 -9.57
CA VAL GA 225 -40.03 -73.75 -8.78
C VAL GA 225 -41.55 -73.75 -8.65
N THR GA 226 -42.05 -74.00 -7.45
CA THR GA 226 -43.47 -73.92 -7.14
C THR GA 226 -43.70 -72.77 -6.17
N LYS GA 227 -44.93 -72.67 -5.69
CA LYS GA 227 -45.29 -71.62 -4.74
C LYS GA 227 -44.76 -71.88 -3.33
N GLU GA 228 -44.14 -73.03 -3.09
CA GLU GA 228 -43.66 -73.40 -1.77
C GLU GA 228 -42.15 -73.44 -1.66
N GLY GA 229 -41.42 -73.32 -2.76
CA GLY GA 229 -39.97 -73.37 -2.72
C GLY GA 229 -39.42 -73.93 -4.02
N ILE GA 230 -38.19 -74.43 -3.93
CA ILE GA 230 -37.50 -74.99 -5.07
C ILE GA 230 -37.10 -76.43 -4.73
N ARG GA 231 -37.61 -77.37 -5.50
CA ARG GA 231 -37.23 -78.77 -5.40
C ARG GA 231 -36.18 -79.09 -6.44
N GLU GA 232 -35.23 -79.94 -6.08
CA GLU GA 232 -34.18 -80.37 -6.98
C GLU GA 232 -34.27 -81.88 -7.20
N GLU GA 233 -33.89 -82.32 -8.40
CA GLU GA 233 -34.01 -83.72 -8.76
C GLU GA 233 -32.97 -84.05 -9.82
N THR GA 234 -32.27 -85.16 -9.64
CA THR GA 234 -31.16 -85.55 -10.49
C THR GA 234 -31.43 -86.90 -11.13
N VAL GA 235 -31.35 -86.96 -12.46
CA VAL GA 235 -31.57 -88.17 -13.23
C VAL GA 235 -30.32 -88.44 -14.04
N SER GA 236 -29.85 -89.69 -14.04
CA SER GA 236 -28.63 -90.03 -14.75
C SER GA 236 -28.91 -90.32 -16.22
N LEU GA 237 -27.90 -90.10 -17.04
CA LEU GA 237 -27.93 -90.39 -18.47
C LEU GA 237 -26.74 -91.30 -18.81
N ARG GA 238 -26.52 -91.50 -20.09
CA ARG GA 238 -25.38 -92.31 -20.52
C ARG GA 238 -24.09 -91.52 -20.39
N LYS GA 239 -22.98 -92.25 -20.29
CA LYS GA 239 -21.67 -91.66 -20.05
C LYS GA 239 -20.74 -91.82 -21.25
N ASP GA 240 -21.27 -91.63 -22.45
CA ASP GA 240 -20.49 -91.78 -23.68
C ASP GA 240 -19.41 -90.71 -23.85
N THR HA 45 1.12 -61.10 -21.64
CA THR HA 45 1.99 -62.11 -22.22
C THR HA 45 1.40 -62.65 -23.52
N GLN HA 46 2.06 -62.35 -24.63
CA GLN HA 46 1.62 -62.86 -25.92
C GLN HA 46 2.36 -64.13 -26.33
N ASN HA 47 3.59 -64.30 -25.87
CA ASN HA 47 4.39 -65.47 -26.20
C ASN HA 47 5.05 -66.02 -24.94
N PRO HA 48 4.68 -67.21 -24.48
CA PRO HA 48 5.37 -67.79 -23.32
C PRO HA 48 6.76 -68.29 -23.69
N MET HA 49 7.77 -67.77 -23.00
CA MET HA 49 9.15 -68.13 -23.33
C MET HA 49 9.57 -69.45 -22.69
N VAL HA 50 9.61 -69.49 -21.36
CA VAL HA 50 10.07 -70.66 -20.63
C VAL HA 50 8.84 -71.30 -20.00
N THR HA 51 8.46 -72.46 -20.50
CA THR HA 51 7.21 -73.08 -20.09
C THR HA 51 7.46 -74.32 -19.24
N GLY HA 52 6.43 -74.69 -18.48
CA GLY HA 52 6.41 -75.95 -17.76
C GLY HA 52 5.60 -76.99 -18.50
N THR HA 53 5.11 -77.96 -17.75
CA THR HA 53 4.36 -79.08 -18.33
C THR HA 53 3.36 -79.58 -17.29
N SER HA 54 2.91 -80.83 -17.47
CA SER HA 54 1.76 -81.37 -16.76
C SER HA 54 1.92 -81.38 -15.24
N VAL HA 55 0.82 -81.11 -14.55
CA VAL HA 55 0.74 -81.13 -13.09
C VAL HA 55 -0.40 -82.04 -12.70
N LEU HA 56 -0.14 -82.98 -11.79
CA LEU HA 56 -1.16 -83.93 -11.35
C LEU HA 56 -1.66 -83.57 -9.96
N GLY HA 57 -2.80 -84.15 -9.61
CA GLY HA 57 -3.39 -83.95 -8.31
C GLY HA 57 -4.61 -84.82 -8.08
N VAL HA 58 -4.71 -85.42 -6.90
CA VAL HA 58 -5.82 -86.30 -6.58
C VAL HA 58 -6.07 -86.24 -5.07
N LYS HA 59 -7.34 -86.29 -4.69
CA LYS HA 59 -7.72 -86.33 -3.28
C LYS HA 59 -7.52 -87.73 -2.73
N PHE HA 60 -7.37 -87.80 -1.41
CA PHE HA 60 -7.43 -89.06 -0.70
C PHE HA 60 -8.07 -88.82 0.66
N GLU HA 61 -7.98 -89.80 1.54
CA GLU HA 61 -8.60 -89.70 2.86
C GLU HA 61 -7.79 -88.75 3.71
N GLY HA 62 -8.31 -87.54 3.88
CA GLY HA 62 -7.67 -86.55 4.72
C GLY HA 62 -6.41 -85.96 4.11
N GLY HA 63 -6.53 -85.38 2.94
CA GLY HA 63 -5.41 -84.70 2.30
C GLY HA 63 -5.45 -84.82 0.79
N VAL HA 64 -4.60 -84.04 0.14
CA VAL HA 64 -4.48 -83.98 -1.31
C VAL HA 64 -3.01 -84.09 -1.67
N VAL HA 65 -2.69 -84.97 -2.61
CA VAL HA 65 -1.32 -85.12 -3.11
C VAL HA 65 -1.22 -84.50 -4.49
N ILE HA 66 -0.16 -83.73 -4.72
CA ILE HA 66 0.09 -83.04 -5.98
C ILE HA 66 1.54 -83.28 -6.38
N ALA HA 67 1.75 -83.72 -7.61
CA ALA HA 67 3.09 -83.95 -8.12
C ALA HA 67 3.31 -83.20 -9.43
N ALA HA 68 4.53 -82.71 -9.62
CA ALA HA 68 4.94 -82.06 -10.85
C ALA HA 68 6.45 -82.20 -10.99
N ASP HA 69 6.93 -82.12 -12.23
CA ASP HA 69 8.34 -82.34 -12.46
C ASP HA 69 9.13 -81.03 -12.35
N MET HA 70 10.43 -81.13 -12.62
CA MET HA 70 11.38 -80.04 -12.41
C MET HA 70 12.07 -79.77 -13.75
N LEU HA 71 11.43 -78.96 -14.59
CA LEU HA 71 11.96 -78.74 -15.92
C LEU HA 71 11.46 -77.39 -16.45
N GLY HA 72 12.38 -76.66 -17.09
CA GLY HA 72 12.15 -75.32 -17.57
C GLY HA 72 12.29 -75.18 -19.07
N SER HA 73 11.62 -76.06 -19.83
CA SER HA 73 11.81 -76.18 -21.28
C SER HA 73 11.56 -74.87 -22.02
N TYR HA 74 12.32 -74.69 -23.10
CA TYR HA 74 12.28 -73.51 -23.96
C TYR HA 74 12.01 -73.99 -25.38
N GLY HA 75 10.74 -74.17 -25.70
CA GLY HA 75 10.33 -74.65 -27.00
C GLY HA 75 10.52 -76.15 -27.15
N SER HA 76 11.75 -76.57 -27.38
CA SER HA 76 12.08 -77.99 -27.41
C SER HA 76 13.41 -78.24 -26.72
N LEU HA 77 13.88 -77.29 -25.92
CA LEU HA 77 15.20 -77.33 -25.30
C LEU HA 77 15.02 -77.44 -23.80
N ALA HA 78 15.48 -78.54 -23.22
CA ALA HA 78 15.45 -78.70 -21.76
C ALA HA 78 16.56 -77.81 -21.18
N ARG HA 79 16.23 -76.53 -21.01
CA ARG HA 79 17.25 -75.56 -20.64
C ARG HA 79 17.50 -75.56 -19.14
N PHE HA 80 16.47 -75.33 -18.35
CA PHE HA 80 16.58 -75.28 -16.90
C PHE HA 80 16.09 -76.59 -16.32
N ARG HA 81 17.02 -77.44 -15.88
CA ARG HA 81 16.65 -78.77 -15.45
C ARG HA 81 16.39 -78.86 -13.95
N ASN HA 82 16.57 -77.79 -13.20
CA ASN HA 82 16.40 -77.81 -11.75
C ASN HA 82 15.64 -76.56 -11.33
N ILE HA 83 14.31 -76.62 -11.37
CA ILE HA 83 13.44 -75.56 -10.87
C ILE HA 83 12.31 -76.19 -10.09
N SER HA 84 11.71 -75.41 -9.21
CA SER HA 84 10.57 -75.87 -8.42
C SER HA 84 9.30 -75.25 -8.95
N ARG HA 85 8.30 -76.09 -9.20
CA ARG HA 85 7.03 -75.66 -9.77
C ARG HA 85 5.87 -75.81 -8.79
N ILE HA 86 6.16 -76.05 -7.52
CA ILE HA 86 5.15 -76.21 -6.49
C ILE HA 86 5.45 -75.22 -5.37
N MET HA 87 4.43 -74.46 -4.96
CA MET HA 87 4.55 -73.48 -3.90
C MET HA 87 3.69 -73.86 -2.72
N ARG HA 88 4.27 -73.80 -1.51
CA ARG HA 88 3.50 -73.92 -0.28
C ARG HA 88 2.98 -72.53 0.09
N VAL HA 89 1.66 -72.37 0.09
CA VAL HA 89 1.06 -71.08 0.39
C VAL HA 89 1.06 -70.83 1.89
N ASN HA 90 0.40 -71.71 2.64
CA ASN HA 90 0.37 -71.64 4.09
C ASN HA 90 0.30 -73.06 4.62
N ASN HA 91 -0.12 -73.24 5.86
CA ASN HA 91 -0.21 -74.57 6.44
C ASN HA 91 -1.44 -75.34 5.99
N SER HA 92 -2.28 -74.79 5.13
CA SER HA 92 -3.47 -75.48 4.69
C SER HA 92 -3.47 -75.78 3.19
N THR HA 93 -3.16 -74.81 2.36
CA THR HA 93 -3.27 -75.00 0.92
C THR HA 93 -1.90 -74.97 0.25
N MET HA 94 -1.92 -75.20 -1.06
CA MET HA 94 -0.72 -75.58 -1.79
C MET HA 94 -1.00 -75.43 -3.28
N LEU HA 95 -0.02 -74.92 -4.03
CA LEU HA 95 -0.23 -74.53 -5.41
C LEU HA 95 0.84 -75.11 -6.31
N GLY HA 96 0.42 -75.62 -7.48
CA GLY HA 96 1.33 -76.00 -8.55
C GLY HA 96 0.81 -75.47 -9.87
N ALA HA 97 1.70 -75.13 -10.80
CA ALA HA 97 1.29 -74.46 -12.02
C ALA HA 97 2.01 -75.01 -13.25
N SER HA 98 1.47 -74.66 -14.41
CA SER HA 98 2.05 -74.99 -15.70
C SER HA 98 2.14 -73.70 -16.52
N GLY HA 99 2.47 -73.85 -17.79
CA GLY HA 99 2.56 -72.68 -18.65
C GLY HA 99 3.83 -71.89 -18.38
N ASP HA 100 3.74 -70.58 -18.62
CA ASP HA 100 4.89 -69.70 -18.55
C ASP HA 100 5.41 -69.57 -17.13
N TYR HA 101 6.70 -69.84 -16.95
CA TYR HA 101 7.27 -69.88 -15.62
C TYR HA 101 7.56 -68.48 -15.08
N ALA HA 102 7.80 -67.51 -15.96
CA ALA HA 102 8.04 -66.15 -15.51
C ALA HA 102 6.79 -65.51 -14.95
N ASP HA 103 5.62 -65.90 -15.46
CA ASP HA 103 4.37 -65.45 -14.86
C ASP HA 103 4.09 -66.17 -13.57
N PHE HA 104 4.61 -67.38 -13.40
CA PHE HA 104 4.43 -68.10 -12.15
C PHE HA 104 5.19 -67.45 -11.01
N GLN HA 105 6.37 -66.90 -11.29
CA GLN HA 105 7.09 -66.16 -10.26
C GLN HA 105 6.41 -64.87 -9.89
N TYR HA 106 5.56 -64.33 -10.77
CA TYR HA 106 4.77 -63.16 -10.40
C TYR HA 106 3.70 -63.53 -9.39
N LEU HA 107 2.96 -64.62 -9.63
CA LEU HA 107 1.95 -65.07 -8.68
C LEU HA 107 2.55 -65.65 -7.43
N LYS HA 108 3.78 -66.17 -7.51
CA LYS HA 108 4.50 -66.59 -6.31
C LYS HA 108 4.87 -65.39 -5.45
N GLN HA 109 5.04 -64.23 -6.08
CA GLN HA 109 5.39 -63.01 -5.37
C GLN HA 109 4.17 -62.36 -4.72
N VAL HA 110 3.03 -62.37 -5.41
CA VAL HA 110 1.85 -61.67 -4.93
C VAL HA 110 1.17 -62.46 -3.81
N LEU HA 111 0.97 -63.77 -4.02
CA LEU HA 111 0.44 -64.62 -2.97
C LEU HA 111 1.38 -64.74 -1.79
N GLY HA 112 2.69 -64.59 -2.01
CA GLY HA 112 3.62 -64.57 -0.91
C GLY HA 112 3.45 -63.36 -0.02
N GLN HA 113 2.96 -62.26 -0.57
CA GLN HA 113 2.76 -61.07 0.23
C GLN HA 113 1.43 -61.11 0.98
N MET HA 114 0.37 -61.61 0.33
CA MET HA 114 -0.97 -61.58 0.92
C MET HA 114 -1.09 -62.47 2.15
N VAL HA 115 -0.35 -63.57 2.19
CA VAL HA 115 -0.37 -64.41 3.38
C VAL HA 115 0.38 -63.73 4.52
N ILE HA 116 1.49 -63.07 4.20
CA ILE HA 116 2.18 -62.24 5.17
C ILE HA 116 1.33 -61.05 5.57
N ASP HA 117 0.54 -60.50 4.64
CA ASP HA 117 -0.33 -59.37 4.95
C ASP HA 117 -1.42 -59.73 5.96
N GLU HA 118 -1.87 -60.99 5.97
CA GLU HA 118 -2.96 -61.37 6.86
C GLU HA 118 -2.45 -61.75 8.25
N GLU HA 119 -1.32 -62.47 8.30
CA GLU HA 119 -0.83 -62.98 9.57
C GLU HA 119 -0.28 -61.89 10.47
N LEU HA 120 0.16 -60.77 9.90
CA LEU HA 120 0.72 -59.71 10.73
C LEU HA 120 -0.35 -58.91 11.45
N LEU HA 121 -1.61 -59.02 11.03
CA LEU HA 121 -2.68 -58.41 11.80
C LEU HA 121 -2.87 -59.15 13.12
N GLY HA 122 -3.29 -60.41 13.04
CA GLY HA 122 -3.41 -61.27 14.19
C GLY HA 122 -4.84 -61.22 14.67
N ASP HA 123 -5.66 -62.14 14.16
CA ASP HA 123 -7.07 -62.16 14.54
C ASP HA 123 -7.65 -63.55 14.69
N GLY HA 124 -6.94 -64.60 14.31
CA GLY HA 124 -7.54 -65.92 14.29
C GLY HA 124 -8.28 -66.20 13.01
N HIS HA 125 -7.86 -65.60 11.91
CA HIS HA 125 -8.45 -65.84 10.60
C HIS HA 125 -7.35 -66.07 9.59
N SER HA 126 -7.54 -67.08 8.75
CA SER HA 126 -6.61 -67.40 7.69
C SER HA 126 -7.37 -67.62 6.41
N TYR HA 127 -6.66 -67.53 5.29
CA TYR HA 127 -7.27 -67.78 3.99
C TYR HA 127 -7.54 -69.26 3.82
N SER HA 128 -8.81 -69.61 3.61
CA SER HA 128 -9.20 -70.96 3.27
C SER HA 128 -8.71 -71.28 1.86
N PRO HA 129 -8.56 -72.57 1.53
CA PRO HA 129 -8.19 -72.91 0.15
C PRO HA 129 -9.23 -72.52 -0.89
N ARG HA 130 -10.51 -72.47 -0.51
CA ARG HA 130 -11.53 -72.03 -1.44
C ARG HA 130 -11.48 -70.52 -1.66
N ALA HA 131 -10.98 -69.77 -0.68
CA ALA HA 131 -10.88 -68.32 -0.84
C ALA HA 131 -9.75 -67.97 -1.79
N ILE HA 132 -8.64 -68.70 -1.72
CA ILE HA 132 -7.55 -68.46 -2.66
C ILE HA 132 -7.92 -68.94 -4.06
N HIS HA 133 -8.72 -70.01 -4.15
CA HIS HA 133 -9.26 -70.43 -5.44
C HIS HA 133 -10.24 -69.41 -5.99
N SER HA 134 -10.95 -68.71 -5.12
CA SER HA 134 -11.85 -67.66 -5.58
C SER HA 134 -11.11 -66.39 -5.93
N TRP HA 135 -10.04 -66.07 -5.20
CA TRP HA 135 -9.25 -64.89 -5.52
C TRP HA 135 -8.53 -65.06 -6.85
N LEU HA 136 -7.86 -66.18 -7.04
CA LEU HA 136 -7.04 -66.41 -8.22
C LEU HA 136 -7.88 -66.58 -9.46
N THR HA 137 -9.15 -66.95 -9.32
CA THR HA 137 -10.05 -66.99 -10.46
C THR HA 137 -10.35 -65.58 -10.96
N ARG HA 138 -10.62 -64.65 -10.05
CA ARG HA 138 -10.87 -63.27 -10.44
C ARG HA 138 -9.62 -62.60 -10.97
N ALA HA 139 -8.44 -63.05 -10.53
CA ALA HA 139 -7.20 -62.45 -11.00
C ALA HA 139 -6.91 -62.84 -12.44
N MET HA 140 -7.28 -64.06 -12.83
CA MET HA 140 -7.11 -64.47 -14.23
C MET HA 140 -8.11 -63.79 -15.13
N TYR HA 141 -9.35 -63.61 -14.66
CA TYR HA 141 -10.40 -63.08 -15.51
C TYR HA 141 -10.21 -61.59 -15.75
N SER HA 142 -9.76 -60.86 -14.74
CA SER HA 142 -9.49 -59.45 -14.93
C SER HA 142 -8.27 -59.23 -15.81
N ARG HA 143 -7.35 -60.18 -15.80
CA ARG HA 143 -6.13 -60.04 -16.58
C ARG HA 143 -6.38 -60.36 -18.05
N ARG HA 144 -7.28 -61.29 -18.35
CA ARG HA 144 -7.58 -61.57 -19.75
C ARG HA 144 -8.50 -60.54 -20.38
N SER HA 145 -9.29 -59.82 -19.59
CA SER HA 145 -10.24 -58.89 -20.16
C SER HA 145 -9.57 -57.63 -20.67
N LYS HA 146 -8.32 -57.40 -20.29
CA LYS HA 146 -7.49 -56.36 -20.85
C LYS HA 146 -6.76 -56.82 -22.10
N MET HA 147 -7.09 -58.03 -22.59
CA MET HA 147 -6.43 -58.68 -23.72
C MET HA 147 -4.93 -58.81 -23.49
N ASN HA 148 -4.56 -59.23 -22.29
CA ASN HA 148 -3.16 -59.35 -21.89
C ASN HA 148 -3.07 -60.40 -20.81
N PRO HA 149 -3.17 -61.68 -21.17
CA PRO HA 149 -3.37 -62.72 -20.16
C PRO HA 149 -2.13 -63.11 -19.41
N LEU HA 150 -2.28 -64.01 -18.42
CA LEU HA 150 -1.15 -64.68 -17.78
C LEU HA 150 -1.18 -66.14 -18.21
N TRP HA 151 -0.16 -66.54 -18.97
CA TRP HA 151 -0.12 -67.86 -19.58
C TRP HA 151 0.21 -68.90 -18.52
N ASN HA 152 -0.82 -69.31 -17.78
CA ASN HA 152 -0.65 -70.35 -16.78
C ASN HA 152 -1.86 -71.24 -16.72
N THR HA 153 -1.69 -72.37 -16.05
CA THR HA 153 -2.77 -73.29 -15.75
C THR HA 153 -2.42 -73.94 -14.42
N MET HA 154 -3.25 -73.72 -13.41
CA MET HA 154 -2.86 -73.91 -12.02
C MET HA 154 -3.76 -74.91 -11.32
N VAL HA 155 -3.17 -75.65 -10.40
CA VAL HA 155 -3.86 -76.63 -9.57
C VAL HA 155 -3.70 -76.23 -8.12
N ILE HA 156 -4.81 -75.98 -7.45
CA ILE HA 156 -4.80 -75.58 -6.05
C ILE HA 156 -5.25 -76.77 -5.20
N GLY HA 157 -4.40 -77.18 -4.27
CA GLY HA 157 -4.77 -78.26 -3.37
C GLY HA 157 -4.69 -77.84 -1.93
N GLY HA 158 -5.77 -78.03 -1.17
CA GLY HA 158 -5.82 -77.62 0.21
C GLY HA 158 -6.54 -78.64 1.07
N TYR HA 159 -6.38 -78.48 2.37
CA TYR HA 159 -7.05 -79.33 3.34
C TYR HA 159 -7.37 -78.50 4.57
N ALA HA 160 -8.65 -78.26 4.81
CA ALA HA 160 -9.08 -77.47 5.95
C ALA HA 160 -10.40 -78.03 6.47
N ASP HA 161 -10.53 -78.04 7.81
CA ASP HA 161 -11.73 -78.45 8.53
C ASP HA 161 -12.15 -79.88 8.20
N GLY HA 162 -11.15 -80.75 8.04
CA GLY HA 162 -11.43 -82.13 7.69
C GLY HA 162 -11.94 -82.31 6.27
N GLU HA 163 -11.69 -81.36 5.39
CA GLU HA 163 -12.21 -81.40 4.02
C GLU HA 163 -11.08 -81.22 3.04
N SER HA 164 -10.94 -82.16 2.11
CA SER HA 164 -9.96 -82.04 1.06
C SER HA 164 -10.50 -81.16 -0.06
N PHE HA 165 -9.68 -80.22 -0.50
CA PHE HA 165 -10.03 -79.32 -1.58
C PHE HA 165 -9.04 -79.49 -2.73
N LEU HA 166 -9.56 -79.44 -3.95
CA LEU HA 166 -8.73 -79.62 -5.14
C LEU HA 166 -9.37 -78.83 -6.27
N GLY HA 167 -8.82 -77.65 -6.56
CA GLY HA 167 -9.41 -76.72 -7.50
C GLY HA 167 -8.56 -76.54 -8.75
N TYR HA 168 -9.23 -76.21 -9.85
CA TYR HA 168 -8.59 -75.96 -11.14
C TYR HA 168 -8.79 -74.49 -11.51
N VAL HA 169 -7.75 -73.87 -12.07
CA VAL HA 169 -7.83 -72.50 -12.57
C VAL HA 169 -7.17 -72.45 -13.93
N ASP HA 170 -7.89 -71.98 -14.93
CA ASP HA 170 -7.38 -71.88 -16.29
C ASP HA 170 -6.93 -70.44 -16.56
N MET HA 171 -6.24 -70.26 -17.70
CA MET HA 171 -5.85 -68.93 -18.15
C MET HA 171 -7.06 -68.06 -18.46
N LEU HA 172 -8.10 -68.64 -19.05
CA LEU HA 172 -9.27 -67.89 -19.46
C LEU HA 172 -10.28 -67.69 -18.33
N GLY HA 173 -9.96 -68.08 -17.11
CA GLY HA 173 -10.89 -67.95 -16.02
C GLY HA 173 -11.82 -69.13 -15.82
N VAL HA 174 -11.59 -70.23 -16.52
CA VAL HA 174 -12.43 -71.43 -16.38
C VAL HA 174 -11.99 -72.15 -15.10
N ALA HA 175 -12.89 -72.24 -14.13
CA ALA HA 175 -12.55 -72.84 -12.85
C ALA HA 175 -13.63 -73.82 -12.42
N TYR HA 176 -13.19 -74.93 -11.83
CA TYR HA 176 -14.10 -75.92 -11.29
C TYR HA 176 -13.40 -76.70 -10.19
N GLU HA 177 -14.08 -77.71 -9.67
CA GLU HA 177 -13.56 -78.57 -8.63
C GLU HA 177 -13.76 -80.01 -9.04
N ALA HA 178 -12.84 -80.89 -8.64
CA ALA HA 178 -12.88 -82.27 -9.07
C ALA HA 178 -12.10 -83.12 -8.07
N PRO HA 179 -12.39 -84.41 -7.96
CA PRO HA 179 -11.56 -85.28 -7.11
C PRO HA 179 -10.23 -85.65 -7.72
N SER HA 180 -10.00 -85.36 -9.01
CA SER HA 180 -8.71 -85.61 -9.63
C SER HA 180 -8.53 -84.63 -10.78
N LEU HA 181 -7.34 -84.02 -10.85
CA LEU HA 181 -7.06 -83.02 -11.86
C LEU HA 181 -5.76 -83.34 -12.58
N ALA HA 182 -5.65 -82.83 -13.79
CA ALA HA 182 -4.45 -82.99 -14.61
C ALA HA 182 -4.45 -81.89 -15.65
N THR HA 183 -3.27 -81.33 -15.89
CA THR HA 183 -3.11 -80.23 -16.81
C THR HA 183 -2.23 -80.67 -17.98
N GLY HA 184 -2.34 -79.95 -19.09
CA GLY HA 184 -1.49 -80.22 -20.24
C GLY HA 184 -1.87 -81.52 -20.90
N TYR HA 185 -0.86 -82.32 -21.25
CA TYR HA 185 -1.09 -83.66 -21.77
C TYR HA 185 -1.47 -84.66 -20.69
N GLY HA 186 -1.45 -84.28 -19.41
CA GLY HA 186 -1.99 -85.14 -18.39
C GLY HA 186 -3.48 -85.36 -18.50
N ALA HA 187 -4.20 -84.40 -19.08
CA ALA HA 187 -5.63 -84.54 -19.32
C ALA HA 187 -5.93 -85.56 -20.41
N TYR HA 188 -4.95 -85.95 -21.21
CA TYR HA 188 -5.14 -87.00 -22.19
C TYR HA 188 -4.55 -88.33 -21.75
N LEU HA 189 -3.48 -88.32 -20.97
CA LEU HA 189 -2.77 -89.53 -20.59
C LEU HA 189 -3.06 -89.94 -19.15
N ALA HA 190 -2.82 -89.06 -18.18
CA ALA HA 190 -2.98 -89.47 -16.79
C ALA HA 190 -4.42 -89.42 -16.34
N GLN HA 191 -5.21 -88.50 -16.88
CA GLN HA 191 -6.61 -88.37 -16.51
C GLN HA 191 -7.47 -89.61 -16.79
N PRO HA 192 -7.29 -90.38 -17.88
CA PRO HA 192 -8.01 -91.66 -17.94
C PRO HA 192 -7.61 -92.67 -16.88
N LEU HA 193 -6.38 -92.61 -16.39
CA LEU HA 193 -6.00 -93.52 -15.32
C LEU HA 193 -6.55 -93.09 -13.98
N LEU HA 194 -6.75 -91.79 -13.78
CA LEU HA 194 -7.31 -91.30 -12.53
C LEU HA 194 -8.79 -91.62 -12.43
N ARG HA 195 -9.53 -91.38 -13.50
CA ARG HA 195 -10.99 -91.56 -13.47
C ARG HA 195 -11.40 -93.01 -13.44
N GLU HA 196 -10.54 -93.92 -13.89
CA GLU HA 196 -10.88 -95.34 -13.86
C GLU HA 196 -10.91 -95.87 -12.43
N VAL HA 197 -9.96 -95.44 -11.61
CA VAL HA 197 -9.87 -95.97 -10.25
C VAL HA 197 -10.92 -95.32 -9.35
N LEU HA 198 -11.17 -94.02 -9.55
CA LEU HA 198 -12.07 -93.30 -8.65
C LEU HA 198 -13.52 -93.66 -8.87
N GLU HA 199 -13.89 -94.06 -10.08
CA GLU HA 199 -15.27 -94.48 -10.31
C GLU HA 199 -15.53 -95.89 -9.79
N LYS HA 200 -14.52 -96.77 -9.83
CA LYS HA 200 -14.67 -98.09 -9.23
C LYS HA 200 -14.41 -98.07 -7.74
N GLN HA 201 -13.79 -97.02 -7.21
CA GLN HA 201 -13.49 -96.90 -5.80
C GLN HA 201 -13.45 -95.43 -5.41
N PRO HA 202 -14.46 -94.93 -4.69
CA PRO HA 202 -14.53 -93.49 -4.43
C PRO HA 202 -13.44 -92.95 -3.52
N VAL HA 203 -13.20 -93.60 -2.40
CA VAL HA 203 -12.22 -93.10 -1.43
C VAL HA 203 -10.94 -93.90 -1.57
N LEU HA 204 -9.82 -93.24 -1.26
CA LEU HA 204 -8.50 -93.85 -1.32
C LEU HA 204 -7.75 -93.55 -0.04
N SER HA 205 -6.78 -94.39 0.27
CA SER HA 205 -5.89 -94.15 1.39
C SER HA 205 -4.76 -93.24 0.92
N GLN HA 206 -3.79 -92.98 1.80
CA GLN HA 206 -2.66 -92.16 1.38
C GLN HA 206 -1.67 -92.96 0.55
N THR HA 207 -1.44 -94.22 0.93
CA THR HA 207 -0.50 -95.06 0.19
C THR HA 207 -1.03 -95.44 -1.17
N GLU HA 208 -2.35 -95.65 -1.28
CA GLU HA 208 -2.94 -95.92 -2.58
C GLU HA 208 -2.90 -94.70 -3.48
N ALA HA 209 -2.95 -93.50 -2.90
CA ALA HA 209 -2.92 -92.29 -3.71
C ALA HA 209 -1.51 -92.02 -4.22
N ARG HA 210 -0.51 -92.14 -3.35
CA ARG HA 210 0.86 -91.82 -3.73
C ARG HA 210 1.43 -92.85 -4.69
N ASP HA 211 1.04 -94.11 -4.54
CA ASP HA 211 1.46 -95.13 -5.50
C ASP HA 211 0.82 -94.92 -6.85
N LEU HA 212 -0.41 -94.39 -6.88
CA LEU HA 212 -1.11 -94.23 -8.15
C LEU HA 212 -0.54 -93.06 -8.94
N VAL HA 213 0.00 -92.06 -8.25
CA VAL HA 213 0.57 -90.91 -8.94
C VAL HA 213 1.89 -91.28 -9.61
N GLU HA 214 2.71 -92.09 -8.95
CA GLU HA 214 3.99 -92.50 -9.50
C GLU HA 214 3.82 -93.41 -10.72
N ARG HA 215 2.67 -94.07 -10.83
CA ARG HA 215 2.34 -94.76 -12.07
C ARG HA 215 2.00 -93.77 -13.17
N CYS HA 216 1.23 -92.74 -12.85
CA CYS HA 216 0.84 -91.76 -13.85
C CYS HA 216 2.00 -90.86 -14.26
N MET HA 217 2.90 -90.55 -13.33
CA MET HA 217 4.11 -89.84 -13.69
C MET HA 217 5.06 -90.69 -14.52
N ARG HA 218 4.97 -92.00 -14.39
CA ARG HA 218 5.79 -92.88 -15.23
C ARG HA 218 5.34 -92.84 -16.67
N VAL HA 219 4.02 -92.84 -16.90
CA VAL HA 219 3.47 -92.87 -18.24
C VAL HA 219 3.73 -91.56 -18.97
N LEU HA 220 3.71 -90.44 -18.23
CA LEU HA 220 4.05 -89.15 -18.83
C LEU HA 220 5.51 -89.06 -19.21
N TYR HA 221 6.37 -89.85 -18.59
CA TYR HA 221 7.76 -89.87 -19.02
C TYR HA 221 7.92 -90.60 -20.34
N TYR HA 222 7.10 -91.62 -20.60
CA TYR HA 222 7.23 -92.36 -21.85
C TYR HA 222 6.66 -91.60 -23.05
N ARG HA 223 5.52 -90.94 -22.89
CA ARG HA 223 4.76 -90.46 -24.03
C ARG HA 223 4.77 -88.97 -24.23
N ASP HA 224 5.23 -88.18 -23.27
CA ASP HA 224 5.33 -86.74 -23.46
C ASP HA 224 6.73 -86.37 -23.89
N ALA HA 225 6.83 -85.57 -24.94
CA ALA HA 225 8.12 -85.21 -25.51
C ALA HA 225 8.88 -84.19 -24.68
N ARG HA 226 8.20 -83.51 -23.76
CA ARG HA 226 8.81 -82.42 -23.00
C ARG HA 226 8.72 -82.73 -21.52
N SER HA 227 9.03 -83.97 -21.16
CA SER HA 227 9.01 -84.42 -19.77
C SER HA 227 10.44 -84.73 -19.33
N TYR HA 228 10.59 -84.95 -18.04
CA TYR HA 228 11.91 -85.16 -17.45
C TYR HA 228 11.78 -86.09 -16.25
N ASN HA 229 12.79 -86.92 -16.05
CA ASN HA 229 12.72 -87.98 -15.03
C ASN HA 229 13.27 -87.48 -13.70
N ARG HA 230 12.72 -86.36 -13.25
CA ARG HA 230 13.08 -85.80 -11.95
C ARG HA 230 11.91 -84.95 -11.48
N PHE HA 231 11.09 -85.50 -10.60
CA PHE HA 231 9.88 -84.83 -10.15
C PHE HA 231 9.89 -84.76 -8.64
N GLN HA 232 8.90 -84.05 -8.09
CA GLN HA 232 8.75 -83.97 -6.66
C GLN HA 232 7.27 -84.05 -6.30
N ILE HA 233 7.00 -84.73 -5.19
CA ILE HA 233 5.64 -84.99 -4.72
C ILE HA 233 5.40 -84.13 -3.49
N ALA HA 234 4.32 -83.36 -3.52
CA ALA HA 234 3.93 -82.50 -2.42
C ALA HA 234 2.57 -82.95 -1.91
N THR HA 235 2.42 -83.03 -0.59
CA THR HA 235 1.25 -83.60 0.04
C THR HA 235 0.78 -82.72 1.19
N VAL HA 236 -0.49 -82.36 1.20
CA VAL HA 236 -1.09 -81.72 2.36
C VAL HA 236 -1.80 -82.78 3.18
N THR HA 237 -1.79 -82.58 4.49
CA THR HA 237 -2.52 -83.40 5.45
C THR HA 237 -3.11 -82.46 6.48
N GLU HA 238 -3.55 -83.01 7.60
CA GLU HA 238 -3.84 -82.19 8.76
C GLU HA 238 -2.59 -81.78 9.52
N LYS HA 239 -1.43 -82.35 9.18
CA LYS HA 239 -0.18 -82.03 9.85
C LYS HA 239 0.60 -80.90 9.18
N GLY HA 240 0.25 -80.54 7.95
CA GLY HA 240 0.91 -79.43 7.29
C GLY HA 240 1.14 -79.76 5.82
N VAL HA 241 2.00 -78.96 5.21
CA VAL HA 241 2.37 -79.11 3.81
C VAL HA 241 3.76 -79.70 3.76
N GLU HA 242 3.89 -80.86 3.13
CA GLU HA 242 5.16 -81.57 3.04
C GLU HA 242 5.52 -81.75 1.57
N ILE HA 243 6.72 -81.30 1.20
CA ILE HA 243 7.21 -81.38 -0.17
C ILE HA 243 8.39 -82.34 -0.18
N GLU HA 244 8.20 -83.50 -0.81
CA GLU HA 244 9.29 -84.46 -0.91
C GLU HA 244 10.27 -84.03 -1.99
N GLY HA 245 11.48 -84.57 -1.92
CA GLY HA 245 12.57 -84.14 -2.75
C GLY HA 245 12.48 -84.64 -4.18
N PRO HA 246 13.60 -84.55 -4.90
CA PRO HA 246 13.60 -85.01 -6.30
C PRO HA 246 13.54 -86.53 -6.38
N LEU HA 247 12.55 -87.03 -7.11
CA LEU HA 247 12.30 -88.44 -7.25
C LEU HA 247 12.44 -88.85 -8.71
N SER HA 248 12.64 -90.14 -8.94
CA SER HA 248 12.85 -90.64 -10.29
C SER HA 248 11.97 -91.85 -10.54
N THR HA 249 11.71 -92.12 -11.80
CA THR HA 249 10.86 -93.22 -12.22
C THR HA 249 11.69 -94.37 -12.76
N GLU HA 250 11.28 -95.59 -12.46
CA GLU HA 250 11.94 -96.79 -12.96
C GLU HA 250 11.30 -97.15 -14.29
N THR HA 251 12.02 -96.92 -15.38
CA THR HA 251 11.47 -97.19 -16.69
C THR HA 251 11.62 -98.66 -17.05
N ASN HA 252 10.90 -99.06 -18.11
CA ASN HA 252 10.98 -100.41 -18.63
C ASN HA 252 11.28 -100.33 -20.12
N TRP HA 253 12.34 -101.01 -20.55
CA TRP HA 253 12.71 -101.07 -21.96
C TRP HA 253 12.93 -102.54 -22.31
N ASP HA 254 11.83 -103.24 -22.61
CA ASP HA 254 11.90 -104.61 -23.06
C ASP HA 254 11.36 -104.81 -24.46
N ILE HA 255 10.56 -103.86 -24.97
CA ILE HA 255 10.08 -103.93 -26.35
C ILE HA 255 11.11 -103.47 -27.35
N ALA HA 256 12.26 -102.98 -26.89
CA ALA HA 256 13.31 -102.54 -27.81
C ALA HA 256 13.97 -103.71 -28.52
N HIS HA 257 13.89 -104.91 -27.97
CA HIS HA 257 14.40 -106.08 -28.64
C HIS HA 257 13.37 -106.72 -29.56
N MET HA 258 12.11 -106.32 -29.45
CA MET HA 258 11.10 -106.75 -30.40
C MET HA 258 11.11 -105.81 -31.59
N ILE HA 259 11.28 -106.36 -32.78
CA ILE HA 259 11.40 -105.57 -34.01
C ILE HA 259 10.07 -104.93 -34.38
N SER IA 4 0.33 -128.68 -95.17
CA SER IA 4 0.33 -127.81 -96.34
C SER IA 4 0.55 -126.36 -95.94
N SER IA 5 0.83 -125.51 -96.93
CA SER IA 5 1.05 -124.09 -96.71
C SER IA 5 -0.15 -123.32 -97.25
N ALA IA 6 -0.85 -122.62 -96.35
CA ALA IA 6 -2.00 -121.82 -96.71
C ALA IA 6 -1.80 -120.40 -96.21
N GLY IA 7 -1.93 -119.43 -97.11
CA GLY IA 7 -1.69 -118.05 -96.77
C GLY IA 7 -0.23 -117.77 -96.51
N PHE IA 8 0.09 -117.45 -95.26
CA PHE IA 8 1.46 -117.21 -94.83
C PHE IA 8 1.74 -117.96 -93.54
N ASP IA 9 1.31 -119.22 -93.50
CA ASP IA 9 1.46 -120.01 -92.29
C ASP IA 9 2.88 -120.48 -92.04
N ARG IA 10 3.71 -120.50 -93.08
CA ARG IA 10 5.11 -120.85 -92.95
C ARG IA 10 5.99 -119.67 -92.55
N HIS IA 11 5.44 -118.47 -92.53
CA HIS IA 11 6.22 -117.26 -92.33
C HIS IA 11 5.90 -116.55 -91.04
N ILE IA 12 4.64 -116.23 -90.80
CA ILE IA 12 4.24 -115.56 -89.59
C ILE IA 12 3.47 -116.54 -88.71
N THR IA 13 3.17 -116.11 -87.49
CA THR IA 13 2.56 -116.99 -86.49
C THR IA 13 1.04 -116.97 -86.66
N ILE IA 14 0.57 -117.70 -87.66
CA ILE IA 14 -0.85 -117.95 -87.86
C ILE IA 14 -1.07 -119.45 -87.97
N PHE IA 15 -2.33 -119.85 -88.09
CA PHE IA 15 -2.65 -121.27 -88.09
C PHE IA 15 -2.55 -121.88 -89.48
N SER IA 16 -2.30 -123.17 -89.49
CA SER IA 16 -2.33 -124.03 -90.65
C SER IA 16 -3.73 -124.64 -90.79
N PRO IA 17 -4.06 -125.23 -91.95
CA PRO IA 17 -5.34 -125.94 -92.02
C PRO IA 17 -5.41 -127.18 -91.14
N GLU IA 18 -4.27 -127.76 -90.76
CA GLU IA 18 -4.25 -128.94 -89.91
C GLU IA 18 -4.42 -128.60 -88.43
N GLY IA 19 -4.61 -127.33 -88.09
CA GLY IA 19 -4.69 -126.95 -86.70
C GLY IA 19 -3.34 -126.76 -86.04
N ARG IA 20 -2.28 -126.57 -86.83
CA ARG IA 20 -0.95 -126.40 -86.27
C ARG IA 20 -0.41 -125.02 -86.61
N LEU IA 21 0.82 -124.76 -86.18
CA LEU IA 21 1.57 -123.59 -86.61
C LEU IA 21 3.05 -123.96 -86.58
N TYR IA 22 3.86 -123.23 -87.34
CA TYR IA 22 5.17 -123.77 -87.70
C TYR IA 22 6.32 -122.99 -87.13
N GLN IA 23 6.15 -121.68 -86.96
CA GLN IA 23 7.25 -120.83 -86.52
C GLN IA 23 7.66 -121.14 -85.08
N VAL IA 24 6.74 -121.61 -84.26
CA VAL IA 24 7.09 -122.01 -82.91
C VAL IA 24 7.80 -123.36 -82.93
N GLU IA 25 7.30 -124.31 -83.72
CA GLU IA 25 7.98 -125.59 -83.77
C GLU IA 25 9.21 -125.55 -84.65
N TYR IA 26 9.42 -124.47 -85.41
CA TYR IA 26 10.75 -124.22 -85.95
C TYR IA 26 11.68 -123.72 -84.86
N ALA IA 27 11.17 -122.98 -83.89
CA ALA IA 27 11.99 -122.48 -82.80
C ALA IA 27 12.40 -123.58 -81.82
N PHE IA 28 11.67 -124.69 -81.80
CA PHE IA 28 12.05 -125.80 -80.92
C PHE IA 28 13.37 -126.43 -81.36
N LYS IA 29 13.65 -126.44 -82.65
CA LYS IA 29 14.96 -126.86 -83.13
C LYS IA 29 15.83 -125.68 -83.50
N ALA IA 30 15.53 -124.51 -82.97
CA ALA IA 30 16.49 -123.42 -82.96
C ALA IA 30 17.45 -123.52 -81.79
N ILE IA 31 17.16 -124.40 -80.83
CA ILE IA 31 18.08 -124.63 -79.73
C ILE IA 31 19.27 -125.45 -80.19
N ASN IA 32 19.05 -126.41 -81.09
CA ASN IA 32 20.02 -127.46 -81.36
C ASN IA 32 21.24 -126.98 -82.14
N GLN IA 33 21.21 -125.77 -82.72
CA GLN IA 33 22.38 -125.28 -83.44
C GLN IA 33 23.51 -124.84 -82.51
N GLY IA 34 23.27 -124.74 -81.21
CA GLY IA 34 24.36 -124.48 -80.29
C GLY IA 34 25.31 -125.65 -80.17
N GLY IA 35 24.80 -126.87 -80.29
CA GLY IA 35 25.61 -128.06 -80.14
C GLY IA 35 26.06 -128.25 -78.71
N LEU IA 36 25.11 -128.32 -77.79
CA LEU IA 36 25.43 -128.25 -76.38
C LEU IA 36 24.28 -128.86 -75.60
N THR IA 37 24.57 -129.40 -74.42
CA THR IA 37 23.59 -130.17 -73.66
C THR IA 37 23.68 -129.80 -72.19
N SER IA 38 22.53 -129.64 -71.55
CA SER IA 38 22.43 -129.29 -70.14
C SER IA 38 21.55 -130.31 -69.43
N VAL IA 39 21.94 -130.68 -68.21
CA VAL IA 39 21.23 -131.69 -67.43
C VAL IA 39 20.83 -131.09 -66.09
N ALA IA 40 19.56 -131.26 -65.71
CA ALA IA 40 19.03 -130.83 -64.43
C ALA IA 40 18.58 -132.04 -63.64
N VAL IA 41 19.10 -132.20 -62.43
CA VAL IA 41 18.75 -133.31 -61.55
C VAL IA 41 18.40 -132.74 -60.17
N ARG IA 42 17.24 -133.12 -59.64
CA ARG IA 42 16.84 -132.77 -58.29
C ARG IA 42 16.99 -133.99 -57.38
N GLY IA 43 17.56 -133.77 -56.20
CA GLY IA 43 17.67 -134.78 -55.18
C GLY IA 43 16.64 -134.61 -54.09
N LYS IA 44 16.93 -135.18 -52.92
CA LYS IA 44 16.04 -135.01 -51.79
C LYS IA 44 16.36 -133.75 -50.99
N ASP IA 45 17.59 -133.26 -51.08
CA ASP IA 45 17.96 -132.03 -50.38
C ASP IA 45 18.86 -131.14 -51.23
N CYS IA 46 18.89 -131.34 -52.53
CA CYS IA 46 19.80 -130.58 -53.40
C CYS IA 46 19.23 -130.54 -54.81
N ALA IA 47 19.91 -129.80 -55.67
CA ALA IA 47 19.51 -129.66 -57.07
C ALA IA 47 20.76 -129.35 -57.88
N VAL IA 48 21.14 -130.28 -58.75
CA VAL IA 48 22.40 -130.21 -59.48
C VAL IA 48 22.12 -129.73 -60.90
N ILE IA 49 22.94 -128.79 -61.37
CA ILE IA 49 22.91 -128.34 -62.76
C ILE IA 49 24.29 -128.61 -63.35
N VAL IA 50 24.37 -129.51 -64.31
CA VAL IA 50 25.64 -129.85 -64.97
C VAL IA 50 25.51 -129.61 -66.47
N THR IA 51 26.51 -128.94 -67.04
CA THR IA 51 26.49 -128.53 -68.44
C THR IA 51 27.93 -128.41 -68.92
N GLN IA 52 28.25 -129.02 -70.06
CA GLN IA 52 29.60 -128.87 -70.57
C GLN IA 52 29.75 -127.55 -71.30
N LYS IA 53 30.99 -127.21 -71.64
CA LYS IA 53 31.25 -126.12 -72.56
C LYS IA 53 32.34 -126.54 -73.53
N LYS IA 54 32.32 -125.94 -74.71
CA LYS IA 54 33.29 -126.21 -75.76
C LYS IA 54 34.14 -124.97 -75.96
N VAL IA 55 35.44 -125.11 -75.74
CA VAL IA 55 36.38 -124.01 -75.94
C VAL IA 55 37.27 -124.37 -77.12
N PRO IA 56 36.95 -123.93 -78.33
CA PRO IA 56 37.73 -124.34 -79.50
C PRO IA 56 39.05 -123.57 -79.64
N ASP IA 57 39.09 -122.35 -79.11
CA ASP IA 57 40.24 -121.48 -79.30
C ASP IA 57 41.13 -121.51 -78.07
N LYS IA 58 42.44 -121.46 -78.30
CA LYS IA 58 43.38 -121.24 -77.20
C LYS IA 58 43.40 -119.78 -76.79
N LEU IA 59 43.08 -118.88 -77.72
CA LEU IA 59 43.04 -117.44 -77.44
C LEU IA 59 41.65 -117.00 -76.99
N LEU IA 60 41.10 -117.68 -75.99
CA LEU IA 60 39.74 -117.44 -75.56
C LEU IA 60 39.63 -117.81 -74.09
N ASP IA 61 38.97 -116.97 -73.30
CA ASP IA 61 38.92 -117.12 -71.86
C ASP IA 61 38.08 -118.33 -71.45
N SER IA 62 38.33 -118.82 -70.23
CA SER IA 62 37.54 -119.90 -69.67
C SER IA 62 36.56 -119.39 -68.63
N SER IA 63 36.43 -118.07 -68.49
CA SER IA 63 35.56 -117.47 -67.49
C SER IA 63 34.40 -116.70 -68.09
N THR IA 64 34.47 -116.33 -69.37
CA THR IA 64 33.42 -115.57 -70.02
C THR IA 64 32.50 -116.44 -70.85
N VAL IA 65 32.57 -117.77 -70.67
CA VAL IA 65 31.85 -118.70 -71.51
C VAL IA 65 30.67 -119.34 -70.79
N THR IA 66 30.77 -119.55 -69.47
CA THR IA 66 29.89 -120.45 -68.74
C THR IA 66 28.45 -119.95 -68.72
N HIS IA 67 27.53 -120.82 -69.13
CA HIS IA 67 26.11 -120.51 -69.22
C HIS IA 67 25.41 -120.54 -67.88
N LEU IA 68 26.10 -120.89 -66.80
CA LEU IA 68 25.50 -120.84 -65.47
C LEU IA 68 25.39 -119.38 -65.05
N PHE IA 69 24.16 -118.90 -64.95
CA PHE IA 69 23.90 -117.51 -64.62
C PHE IA 69 23.15 -117.42 -63.30
N LYS IA 70 23.51 -116.39 -62.53
CA LYS IA 70 22.97 -116.17 -61.20
C LYS IA 70 21.84 -115.16 -61.31
N ILE IA 71 20.61 -115.63 -61.13
CA ILE IA 71 19.46 -114.72 -61.20
C ILE IA 71 19.34 -113.90 -59.94
N THR IA 72 19.18 -114.57 -58.80
CA THR IA 72 19.14 -113.89 -57.51
C THR IA 72 20.11 -114.68 -56.62
N GLU IA 73 20.18 -114.36 -55.33
CA GLU IA 73 21.09 -115.08 -54.44
C GLU IA 73 20.64 -116.51 -54.16
N ASN IA 74 19.40 -116.87 -54.49
CA ASN IA 74 18.89 -118.19 -54.18
C ASN IA 74 18.36 -118.91 -55.41
N ILE IA 75 18.43 -118.29 -56.59
CA ILE IA 75 17.92 -118.86 -57.82
C ILE IA 75 19.02 -118.78 -58.87
N GLY IA 76 19.44 -119.94 -59.38
CA GLY IA 76 20.38 -120.01 -60.48
C GLY IA 76 19.73 -120.63 -61.69
N CYS IA 77 20.37 -120.44 -62.84
CA CYS IA 77 19.80 -120.95 -64.07
C CYS IA 77 20.91 -121.37 -65.02
N VAL IA 78 20.54 -122.13 -66.04
CA VAL IA 78 21.42 -122.49 -67.13
C VAL IA 78 20.69 -122.19 -68.44
N MET IA 79 21.44 -121.81 -69.45
CA MET IA 79 20.87 -121.33 -70.70
C MET IA 79 21.35 -122.22 -71.84
N THR IA 80 20.42 -122.74 -72.62
CA THR IA 80 20.75 -123.38 -73.88
C THR IA 80 20.06 -122.64 -75.02
N GLY IA 81 20.33 -123.10 -76.24
CA GLY IA 81 19.90 -122.38 -77.41
C GLY IA 81 21.03 -121.54 -77.96
N MET IA 82 20.71 -120.45 -78.64
CA MET IA 82 21.77 -119.57 -79.11
C MET IA 82 22.09 -118.56 -78.02
N THR IA 83 23.26 -117.93 -78.14
CA THR IA 83 23.85 -117.15 -77.06
C THR IA 83 23.26 -115.76 -76.95
N ALA IA 84 23.03 -115.10 -78.08
CA ALA IA 84 22.53 -113.73 -78.07
C ALA IA 84 21.11 -113.66 -77.53
N ASP IA 85 20.29 -114.66 -77.86
CA ASP IA 85 18.91 -114.66 -77.35
C ASP IA 85 18.85 -115.09 -75.89
N SER IA 86 19.83 -115.86 -75.44
CA SER IA 86 19.76 -116.35 -74.06
C SER IA 86 20.06 -115.25 -73.07
N ARG IA 87 20.98 -114.34 -73.41
CA ARG IA 87 21.35 -113.28 -72.47
C ARG IA 87 20.27 -112.23 -72.35
N SER IA 88 19.46 -112.03 -73.39
CA SER IA 88 18.31 -111.14 -73.26
C SER IA 88 17.24 -111.75 -72.38
N GLN IA 89 17.17 -113.07 -72.33
CA GLN IA 89 16.20 -113.74 -71.46
C GLN IA 89 16.62 -113.63 -70.00
N VAL IA 90 17.91 -113.52 -69.74
CA VAL IA 90 18.40 -113.47 -68.37
C VAL IA 90 18.17 -112.10 -67.76
N GLN IA 91 18.38 -111.02 -68.53
CA GLN IA 91 18.14 -109.68 -68.01
C GLN IA 91 16.66 -109.42 -67.75
N ARG IA 92 15.76 -110.12 -68.45
CA ARG IA 92 14.36 -110.11 -68.04
C ARG IA 92 14.17 -110.83 -66.72
N ALA IA 93 14.89 -111.93 -66.51
CA ALA IA 93 14.72 -112.70 -65.29
C ALA IA 93 15.34 -112.00 -64.10
N ARG IA 94 16.46 -111.31 -64.30
CA ARG IA 94 17.07 -110.54 -63.22
C ARG IA 94 16.20 -109.36 -62.83
N TYR IA 95 15.49 -108.78 -63.79
CA TYR IA 95 14.73 -107.55 -63.55
C TYR IA 95 13.43 -107.83 -62.83
N GLU IA 96 12.66 -108.81 -63.28
CA GLU IA 96 11.36 -109.06 -62.68
C GLU IA 96 11.47 -109.83 -61.38
N ALA IA 97 12.63 -110.40 -61.07
CA ALA IA 97 12.86 -110.89 -59.71
C ALA IA 97 13.12 -109.74 -58.75
N ALA IA 98 13.62 -108.62 -59.26
CA ALA IA 98 13.87 -107.47 -58.40
C ALA IA 98 12.58 -106.69 -58.12
N ASN IA 99 11.67 -106.65 -59.09
CA ASN IA 99 10.39 -106.00 -58.86
C ASN IA 99 9.50 -106.79 -57.92
N TRP IA 100 9.72 -108.09 -57.77
CA TRP IA 100 8.99 -108.83 -56.76
C TRP IA 100 9.40 -108.39 -55.36
N LYS IA 101 10.66 -108.01 -55.19
CA LYS IA 101 11.11 -107.53 -53.90
C LYS IA 101 10.58 -106.14 -53.60
N TYR IA 102 10.51 -105.28 -54.62
CA TYR IA 102 10.09 -103.91 -54.38
C TYR IA 102 8.58 -103.84 -54.17
N LYS IA 103 7.82 -104.64 -54.93
CA LYS IA 103 6.37 -104.56 -54.81
C LYS IA 103 5.85 -105.33 -53.61
N TYR IA 104 6.43 -106.48 -53.30
CA TYR IA 104 5.77 -107.44 -52.42
C TYR IA 104 6.50 -107.63 -51.11
N GLY IA 105 7.83 -107.56 -51.12
CA GLY IA 105 8.56 -107.51 -49.88
C GLY IA 105 9.35 -108.76 -49.59
N TYR IA 106 8.79 -109.91 -49.92
CA TYR IA 106 9.48 -111.17 -49.68
C TYR IA 106 10.13 -111.67 -50.96
N GLU IA 107 10.92 -112.72 -50.82
CA GLU IA 107 11.69 -113.24 -51.95
C GLU IA 107 10.81 -114.06 -52.88
N ILE IA 108 11.02 -113.89 -54.18
CA ILE IA 108 10.18 -114.54 -55.20
C ILE IA 108 10.39 -116.05 -55.17
N PRO IA 109 9.33 -116.85 -55.27
CA PRO IA 109 9.51 -118.29 -55.44
C PRO IA 109 10.05 -118.60 -56.82
N VAL IA 110 10.66 -119.78 -56.94
CA VAL IA 110 11.15 -120.20 -58.24
C VAL IA 110 10.00 -120.59 -59.16
N ASP IA 111 8.84 -120.96 -58.60
CA ASP IA 111 7.70 -121.33 -59.43
C ASP IA 111 7.04 -120.11 -60.03
N MET IA 112 6.98 -119.00 -59.29
CA MET IA 112 6.33 -117.80 -59.80
C MET IA 112 7.17 -117.11 -60.85
N LEU IA 113 8.49 -117.33 -60.86
CA LEU IA 113 9.32 -116.63 -61.82
C LEU IA 113 9.18 -117.22 -63.21
N CYS IA 114 8.87 -118.51 -63.32
CA CYS IA 114 8.64 -119.11 -64.62
C CYS IA 114 7.28 -118.74 -65.20
N LYS IA 115 6.33 -118.31 -64.38
CA LYS IA 115 5.09 -117.76 -64.92
C LYS IA 115 5.35 -116.42 -65.58
N ARG IA 116 6.21 -115.60 -64.97
CA ARG IA 116 6.52 -114.31 -65.55
C ARG IA 116 7.29 -114.46 -66.86
N ILE IA 117 8.17 -115.46 -66.94
CA ILE IA 117 8.96 -115.64 -68.16
C ILE IA 117 8.11 -116.22 -69.28
N ALA IA 118 7.28 -117.22 -68.96
CA ALA IA 118 6.52 -117.90 -70.01
C ALA IA 118 5.40 -117.03 -70.56
N ASP IA 119 4.92 -116.06 -69.78
CA ASP IA 119 3.92 -115.15 -70.31
C ASP IA 119 4.54 -114.14 -71.26
N ILE IA 120 5.81 -113.79 -71.05
CA ILE IA 120 6.51 -112.90 -71.98
C ILE IA 120 6.75 -113.62 -73.31
N SER IA 121 7.09 -114.91 -73.25
CA SER IA 121 7.30 -115.67 -74.47
C SER IA 121 5.99 -115.98 -75.18
N GLN IA 122 4.88 -115.97 -74.45
CA GLN IA 122 3.56 -116.07 -75.08
C GLN IA 122 3.30 -114.93 -76.04
N VAL IA 123 3.60 -113.70 -75.62
CA VAL IA 123 3.26 -112.53 -76.41
C VAL IA 123 4.11 -112.46 -77.68
N TYR IA 124 5.35 -112.92 -77.61
CA TYR IA 124 6.22 -112.92 -78.78
C TYR IA 124 5.75 -113.92 -79.81
N THR IA 125 5.21 -115.05 -79.36
CA THR IA 125 4.46 -115.94 -80.23
C THR IA 125 3.22 -115.23 -80.77
N GLN IA 126 2.59 -114.41 -79.94
CA GLN IA 126 1.25 -113.94 -80.20
C GLN IA 126 1.20 -112.84 -81.25
N ASN IA 127 2.01 -111.80 -81.09
CA ASN IA 127 2.12 -110.77 -82.11
C ASN IA 127 2.83 -111.33 -83.33
N ALA IA 128 2.28 -111.08 -84.52
CA ALA IA 128 2.80 -111.72 -85.71
C ALA IA 128 3.96 -110.97 -86.35
N GLU IA 129 4.41 -109.87 -85.76
CA GLU IA 129 5.43 -109.04 -86.39
C GLU IA 129 6.74 -109.00 -85.59
N MET IA 130 7.03 -110.06 -84.83
CA MET IA 130 8.33 -110.15 -84.17
C MET IA 130 8.68 -111.61 -83.90
N ARG IA 131 9.94 -111.82 -83.60
CA ARG IA 131 10.67 -113.09 -83.49
C ARG IA 131 10.49 -113.67 -82.09
N PRO IA 132 10.31 -115.00 -81.98
CA PRO IA 132 9.93 -115.58 -80.68
C PRO IA 132 11.04 -116.02 -79.74
N LEU IA 133 12.31 -115.64 -80.01
CA LEU IA 133 13.46 -115.84 -79.11
C LEU IA 133 13.68 -117.31 -78.77
N GLY IA 134 14.13 -118.06 -79.77
CA GLY IA 134 14.39 -119.47 -79.56
C GLY IA 134 15.58 -119.75 -78.65
N CYS IA 135 15.27 -120.14 -77.42
CA CYS IA 135 16.23 -120.53 -76.39
C CYS IA 135 15.46 -121.19 -75.27
N CYS IA 136 16.15 -121.95 -74.45
CA CYS IA 136 15.52 -122.62 -73.32
C CYS IA 136 15.94 -121.96 -72.01
N MET IA 137 15.45 -122.51 -70.91
CA MET IA 137 15.51 -121.85 -69.61
C MET IA 137 15.24 -122.89 -68.55
N ILE IA 138 16.22 -123.17 -67.68
CA ILE IA 138 16.07 -124.17 -66.63
C ILE IA 138 16.43 -123.51 -65.31
N LEU IA 139 15.55 -123.59 -64.32
CA LEU IA 139 15.75 -122.93 -63.04
C LEU IA 139 15.83 -123.96 -61.92
N ILE IA 140 16.64 -123.64 -60.91
CA ILE IA 140 16.68 -124.39 -59.66
C ILE IA 140 16.62 -123.42 -58.50
N GLY IA 141 16.25 -123.93 -57.34
CA GLY IA 141 16.09 -123.10 -56.16
C GLY IA 141 15.42 -123.87 -55.05
N ILE IA 142 15.65 -123.37 -53.84
CA ILE IA 142 15.11 -123.98 -52.62
C ILE IA 142 13.91 -123.14 -52.18
N ASP IA 143 12.79 -123.80 -51.96
CA ASP IA 143 11.59 -123.12 -51.48
C ASP IA 143 11.39 -123.44 -50.00
N GLU IA 144 10.76 -122.50 -49.30
CA GLU IA 144 10.44 -122.70 -47.90
C GLU IA 144 9.32 -123.71 -47.77
N GLU IA 145 9.57 -124.76 -46.97
CA GLU IA 145 8.62 -125.85 -46.67
C GLU IA 145 8.16 -126.58 -47.93
N GLN IA 146 8.99 -126.58 -48.97
CA GLN IA 146 8.70 -127.33 -50.19
C GLN IA 146 9.89 -128.07 -50.75
N GLY IA 147 11.11 -127.81 -50.28
CA GLY IA 147 12.28 -128.48 -50.79
C GLY IA 147 12.79 -127.84 -52.07
N PRO IA 148 13.69 -128.53 -52.76
CA PRO IA 148 14.20 -128.00 -54.03
C PRO IA 148 13.19 -128.16 -55.16
N GLN IA 149 13.38 -127.36 -56.19
CA GLN IA 149 12.54 -127.42 -57.39
C GLN IA 149 13.39 -127.31 -58.64
N VAL IA 150 12.86 -127.90 -59.73
CA VAL IA 150 13.44 -127.78 -61.06
C VAL IA 150 12.30 -127.42 -62.01
N TYR IA 151 12.46 -126.34 -62.74
CA TYR IA 151 11.48 -125.93 -63.74
C TYR IA 151 12.16 -125.68 -65.08
N LYS IA 152 11.37 -125.71 -66.13
CA LYS IA 152 11.89 -125.49 -67.49
C LYS IA 152 10.91 -124.61 -68.25
N CYS IA 153 11.41 -123.53 -68.83
CA CYS IA 153 10.61 -122.73 -69.74
C CYS IA 153 10.95 -123.06 -71.18
N ASP IA 154 10.03 -122.72 -72.08
CA ASP IA 154 10.13 -123.05 -73.49
C ASP IA 154 9.81 -121.83 -74.33
N PRO IA 155 10.30 -121.76 -75.57
CA PRO IA 155 9.93 -120.64 -76.44
C PRO IA 155 8.47 -120.65 -76.87
N ALA IA 156 7.75 -121.76 -76.70
CA ALA IA 156 6.31 -121.73 -76.87
C ALA IA 156 5.64 -120.95 -75.73
N GLY IA 157 6.20 -121.02 -74.54
CA GLY IA 157 5.67 -120.29 -73.42
C GLY IA 157 4.92 -121.15 -72.43
N TYR IA 158 5.44 -122.34 -72.12
CA TYR IA 158 4.85 -123.15 -71.08
C TYR IA 158 5.95 -123.76 -70.20
N TYR IA 159 5.57 -124.06 -68.98
CA TYR IA 159 6.47 -124.56 -67.95
C TYR IA 159 5.78 -125.74 -67.27
N CYS IA 160 6.57 -126.58 -66.60
CA CYS IA 160 6.04 -127.53 -65.65
C CYS IA 160 7.13 -127.94 -64.67
N GLY IA 161 6.71 -128.57 -63.57
CA GLY IA 161 7.65 -129.06 -62.60
C GLY IA 161 8.33 -130.34 -63.06
N PHE IA 162 9.46 -130.64 -62.41
CA PHE IA 162 10.26 -131.77 -62.83
C PHE IA 162 10.92 -132.44 -61.64
N LYS IA 163 11.39 -133.67 -61.89
CA LYS IA 163 12.29 -134.37 -60.98
C LYS IA 163 13.70 -134.43 -61.52
N ALA IA 164 13.86 -134.81 -62.80
CA ALA IA 164 15.16 -134.80 -63.46
C ALA IA 164 14.90 -134.78 -64.96
N THR IA 165 15.31 -133.71 -65.63
CA THR IA 165 15.10 -133.62 -67.06
C THR IA 165 16.18 -132.75 -67.69
N ALA IA 166 16.87 -133.31 -68.67
CA ALA IA 166 17.91 -132.62 -69.41
C ALA IA 166 17.32 -131.84 -70.57
N ALA IA 167 18.12 -130.94 -71.12
CA ALA IA 167 17.77 -130.19 -72.31
C ALA IA 167 19.01 -130.01 -73.16
N GLY IA 168 18.86 -129.27 -74.25
CA GLY IA 168 19.96 -129.04 -75.15
C GLY IA 168 19.78 -129.74 -76.48
N VAL IA 169 20.74 -130.58 -76.85
CA VAL IA 169 20.67 -131.34 -78.11
C VAL IA 169 20.14 -132.74 -77.86
N LYS IA 170 20.65 -133.41 -76.85
CA LYS IA 170 20.32 -134.80 -76.57
C LYS IA 170 19.25 -134.84 -75.48
N GLN IA 171 17.99 -134.89 -75.88
CA GLN IA 171 16.91 -135.12 -74.92
C GLN IA 171 16.42 -136.55 -74.91
N THR IA 172 16.17 -137.13 -76.08
CA THR IA 172 15.59 -138.46 -76.17
C THR IA 172 16.56 -139.54 -75.70
N GLU IA 173 17.86 -139.26 -75.76
CA GLU IA 173 18.84 -140.20 -75.22
C GLU IA 173 19.12 -139.96 -73.75
N SER IA 174 19.05 -138.70 -73.31
CA SER IA 174 19.38 -138.40 -71.93
C SER IA 174 18.22 -138.69 -70.99
N THR IA 175 16.99 -138.33 -71.40
CA THR IA 175 15.84 -138.57 -70.54
C THR IA 175 15.49 -140.05 -70.47
N SER IA 176 15.75 -140.80 -71.54
CA SER IA 176 15.52 -142.24 -71.50
C SER IA 176 16.49 -142.93 -70.56
N PHE IA 177 17.68 -142.36 -70.38
CA PHE IA 177 18.58 -142.86 -69.34
C PHE IA 177 18.06 -142.49 -67.96
N LEU IA 178 17.51 -141.29 -67.82
CA LEU IA 178 17.03 -140.83 -66.52
C LEU IA 178 15.71 -141.46 -66.12
N GLU IA 179 14.95 -142.00 -67.07
CA GLU IA 179 13.73 -142.72 -66.71
C GLU IA 179 14.06 -144.01 -65.97
N LYS IA 180 14.95 -144.82 -66.53
CA LYS IA 180 15.37 -146.05 -65.87
C LYS IA 180 16.14 -145.81 -64.59
N LYS IA 181 16.75 -144.62 -64.45
CA LYS IA 181 17.47 -144.30 -63.23
C LYS IA 181 16.53 -143.97 -62.08
N VAL IA 182 15.42 -143.30 -62.35
CA VAL IA 182 14.53 -142.82 -61.30
C VAL IA 182 13.53 -143.89 -60.87
N LYS IA 183 12.90 -144.57 -61.83
CA LYS IA 183 11.79 -145.46 -61.50
C LYS IA 183 12.24 -146.76 -60.84
N LYS IA 184 13.54 -147.01 -60.72
CA LYS IA 184 14.04 -148.12 -59.92
C LYS IA 184 14.21 -147.75 -58.46
N LYS IA 185 13.84 -146.52 -58.09
CA LYS IA 185 13.70 -146.06 -56.70
C LYS IA 185 15.00 -146.14 -55.92
N PHE IA 186 16.01 -145.45 -56.43
CA PHE IA 186 17.30 -145.39 -55.76
C PHE IA 186 17.29 -144.31 -54.70
N ASP IA 187 18.35 -144.26 -53.90
CA ASP IA 187 18.52 -143.20 -52.93
C ASP IA 187 19.05 -141.94 -53.62
N TRP IA 188 18.83 -140.80 -52.97
CA TRP IA 188 19.24 -139.51 -53.53
C TRP IA 188 19.61 -138.63 -52.35
N THR IA 189 20.91 -138.50 -52.06
CA THR IA 189 21.23 -137.64 -50.92
C THR IA 189 21.97 -136.37 -51.29
N PHE IA 190 23.27 -136.47 -51.61
CA PHE IA 190 23.93 -135.37 -52.28
C PHE IA 190 24.79 -135.87 -53.44
N GLU IA 191 25.69 -136.80 -53.12
CA GLU IA 191 26.69 -137.23 -54.07
C GLU IA 191 26.17 -138.30 -55.01
N GLN IA 192 25.12 -139.01 -54.59
CA GLN IA 192 24.41 -139.87 -55.51
C GLN IA 192 23.72 -139.06 -56.60
N THR IA 193 23.26 -137.85 -56.25
CA THR IA 193 22.66 -136.99 -57.26
C THR IA 193 23.71 -136.44 -58.20
N VAL IA 194 24.88 -136.06 -57.67
CA VAL IA 194 25.93 -135.48 -58.50
C VAL IA 194 26.55 -136.55 -59.40
N GLU IA 195 26.73 -137.76 -58.88
CA GLU IA 195 27.35 -138.82 -59.67
C GLU IA 195 26.45 -139.28 -60.80
N THR IA 196 25.13 -139.35 -60.57
CA THR IA 196 24.22 -139.69 -61.66
C THR IA 196 24.05 -138.53 -62.63
N ALA IA 197 24.32 -137.30 -62.19
CA ALA IA 197 24.27 -136.17 -63.10
C ALA IA 197 25.49 -136.10 -64.00
N ILE IA 198 26.62 -136.64 -63.58
CA ILE IA 198 27.79 -136.70 -64.45
C ILE IA 198 27.68 -137.86 -65.42
N THR IA 199 27.35 -139.05 -64.91
CA THR IA 199 27.37 -140.27 -65.73
C THR IA 199 26.27 -140.27 -66.79
N CYS IA 200 25.17 -139.56 -66.55
CA CYS IA 200 24.14 -139.48 -67.58
C CYS IA 200 24.62 -138.66 -68.77
N LEU IA 201 25.37 -137.58 -68.49
CA LEU IA 201 26.00 -136.85 -69.58
C LEU IA 201 27.19 -137.62 -70.13
N SER IA 202 27.83 -138.46 -69.30
CA SER IA 202 29.01 -139.16 -69.75
C SER IA 202 28.68 -140.44 -70.52
N THR IA 203 27.45 -140.94 -70.44
CA THR IA 203 27.07 -142.08 -71.24
C THR IA 203 26.36 -141.71 -72.52
N VAL IA 204 25.65 -140.58 -72.53
CA VAL IA 204 25.01 -140.12 -73.75
C VAL IA 204 26.03 -139.58 -74.72
N LEU IA 205 26.87 -138.65 -74.27
CA LEU IA 205 27.89 -138.08 -75.13
C LEU IA 205 29.04 -139.05 -75.35
N SER IA 206 29.30 -139.92 -74.36
CA SER IA 206 30.35 -140.94 -74.36
C SER IA 206 31.73 -140.31 -74.59
N ILE IA 207 32.13 -139.50 -73.61
CA ILE IA 207 33.36 -138.73 -73.69
C ILE IA 207 34.39 -139.20 -72.66
N ASP IA 208 33.97 -139.37 -71.40
CA ASP IA 208 34.83 -139.65 -70.24
C ASP IA 208 35.93 -138.59 -70.11
N PHE IA 209 35.46 -137.36 -69.86
CA PHE IA 209 36.27 -136.17 -69.92
C PHE IA 209 37.24 -136.07 -68.74
N LYS IA 210 37.96 -134.94 -68.70
CA LYS IA 210 38.87 -134.18 -67.85
C LYS IA 210 38.09 -133.07 -67.17
N PRO IA 211 38.32 -132.80 -65.87
CA PRO IA 211 37.48 -131.81 -65.17
C PRO IA 211 37.75 -130.37 -65.57
N SER IA 212 37.47 -130.00 -66.81
CA SER IA 212 37.59 -128.61 -67.21
C SER IA 212 36.46 -128.12 -68.12
N GLU IA 213 35.62 -129.00 -68.65
CA GLU IA 213 34.56 -128.59 -69.56
C GLU IA 213 33.20 -128.47 -68.91
N ILE IA 214 32.88 -129.27 -67.93
CA ILE IA 214 31.56 -129.22 -67.33
C ILE IA 214 31.60 -128.29 -66.13
N GLU IA 215 30.44 -127.73 -65.80
CA GLU IA 215 30.30 -126.87 -64.63
C GLU IA 215 29.11 -127.34 -63.81
N VAL IA 216 29.27 -127.34 -62.49
CA VAL IA 216 28.24 -127.81 -61.58
C VAL IA 216 27.71 -126.61 -60.81
N GLY IA 217 26.39 -126.46 -60.78
CA GLY IA 217 25.75 -125.31 -60.17
C GLY IA 217 24.84 -125.68 -59.01
N VAL IA 218 25.32 -126.54 -58.11
CA VAL IA 218 24.44 -127.15 -57.11
C VAL IA 218 23.98 -126.11 -56.09
N VAL IA 219 22.78 -126.34 -55.54
CA VAL IA 219 22.22 -125.57 -54.45
C VAL IA 219 21.79 -126.58 -53.38
N THR IA 220 21.79 -126.15 -52.13
CA THR IA 220 21.60 -127.04 -50.99
C THR IA 220 20.47 -126.50 -50.12
N VAL IA 221 19.79 -127.40 -49.41
CA VAL IA 221 18.88 -126.95 -48.36
C VAL IA 221 19.65 -126.29 -47.22
N GLU IA 222 20.77 -126.89 -46.82
CA GLU IA 222 21.59 -126.32 -45.75
C GLU IA 222 22.31 -125.06 -46.21
N ASN IA 223 22.63 -124.96 -47.50
CA ASN IA 223 23.26 -123.77 -48.07
C ASN IA 223 22.40 -123.29 -49.23
N PRO IA 224 21.41 -122.42 -48.98
CA PRO IA 224 20.48 -122.03 -50.04
C PRO IA 224 21.06 -121.10 -51.09
N LYS IA 225 22.30 -120.64 -50.94
CA LYS IA 225 22.89 -119.77 -51.94
C LYS IA 225 23.26 -120.57 -53.18
N PHE IA 226 22.99 -119.99 -54.35
CA PHE IA 226 23.41 -120.61 -55.60
C PHE IA 226 24.93 -120.55 -55.71
N ARG IA 227 25.53 -121.70 -55.97
CA ARG IA 227 26.98 -121.87 -55.86
C ARG IA 227 27.51 -122.55 -57.12
N ILE IA 228 28.53 -121.94 -57.71
CA ILE IA 228 29.23 -122.53 -58.85
C ILE IA 228 30.48 -123.22 -58.31
N LEU IA 229 30.69 -124.46 -58.72
CA LEU IA 229 31.79 -125.25 -58.17
C LEU IA 229 33.12 -124.85 -58.76
N THR IA 230 34.17 -125.11 -57.99
CA THR IA 230 35.54 -124.84 -58.38
C THR IA 230 36.06 -126.02 -59.21
N GLU IA 231 37.04 -125.76 -60.07
CA GLU IA 231 37.63 -126.80 -60.92
C GLU IA 231 38.29 -127.90 -60.09
N ALA IA 232 38.84 -127.55 -58.93
CA ALA IA 232 39.49 -128.55 -58.08
C ALA IA 232 38.47 -129.52 -57.49
N GLU IA 233 37.32 -129.02 -57.03
CA GLU IA 233 36.35 -129.87 -56.38
C GLU IA 233 35.44 -130.59 -57.36
N ILE IA 234 35.36 -130.12 -58.61
CA ILE IA 234 34.74 -130.92 -59.67
C ILE IA 234 35.55 -132.18 -59.92
N ASP IA 235 36.88 -132.06 -59.87
CA ASP IA 235 37.77 -133.21 -59.99
C ASP IA 235 37.61 -134.17 -58.84
N ALA IA 236 37.23 -133.66 -57.65
CA ALA IA 236 36.99 -134.52 -56.50
C ALA IA 236 35.78 -135.42 -56.73
N HIS IA 237 34.69 -134.85 -57.26
CA HIS IA 237 33.52 -135.66 -57.56
C HIS IA 237 33.73 -136.59 -58.75
N LEU IA 238 34.66 -136.27 -59.65
CA LEU IA 238 34.80 -137.08 -60.85
C LEU IA 238 35.65 -138.32 -60.57
N VAL IA 239 36.73 -138.19 -59.79
CA VAL IA 239 37.54 -139.34 -59.45
C VAL IA 239 36.92 -140.20 -58.37
N ALA IA 240 35.90 -139.69 -57.68
CA ALA IA 240 35.21 -140.49 -56.68
C ALA IA 240 34.33 -141.56 -57.33
N LEU IA 241 33.69 -141.21 -58.45
CA LEU IA 241 32.88 -142.18 -59.18
C LEU IA 241 33.72 -143.05 -60.10
N ALA IA 242 34.98 -142.70 -60.33
CA ALA IA 242 35.90 -143.60 -61.00
C ALA IA 242 36.46 -144.58 -59.98
N GLU IA 243 35.95 -145.80 -59.99
CA GLU IA 243 36.39 -146.82 -59.04
C GLU IA 243 37.74 -147.38 -59.44
N GLU JA 2 6.40 -101.30 -82.18
CA GLU JA 2 5.89 -101.60 -83.50
C GLU JA 2 5.89 -100.38 -84.41
N ARG JA 3 5.20 -100.47 -85.53
CA ARG JA 3 5.12 -99.40 -86.52
C ARG JA 3 3.79 -98.68 -86.52
N GLY JA 4 2.68 -99.39 -86.31
CA GLY JA 4 1.37 -98.81 -86.48
C GLY JA 4 0.61 -99.48 -87.62
N TYR JA 5 0.84 -100.77 -87.82
CA TYR JA 5 0.26 -101.49 -88.96
C TYR JA 5 -1.24 -101.76 -88.75
N SER JA 6 -1.58 -102.56 -87.74
CA SER JA 6 -2.94 -102.82 -87.26
C SER JA 6 -3.91 -103.26 -88.35
N PHE JA 7 -3.41 -104.00 -89.34
CA PHE JA 7 -4.24 -104.47 -90.44
C PHE JA 7 -4.76 -105.87 -90.13
N SER JA 8 -6.05 -106.07 -90.34
CA SER JA 8 -6.70 -107.33 -90.00
C SER JA 8 -6.27 -108.43 -90.98
N LEU JA 9 -5.79 -109.54 -90.44
CA LEU JA 9 -5.35 -110.66 -91.25
C LEU JA 9 -6.39 -111.75 -91.37
N THR JA 10 -7.60 -111.54 -90.85
CA THR JA 10 -8.70 -112.49 -90.96
C THR JA 10 -9.83 -111.81 -91.73
N THR JA 11 -10.03 -112.23 -92.97
CA THR JA 11 -11.03 -111.64 -93.86
C THR JA 11 -12.03 -112.70 -94.30
N PHE JA 12 -13.07 -112.24 -94.99
CA PHE JA 12 -14.10 -113.15 -95.48
C PHE JA 12 -13.61 -113.90 -96.70
N SER JA 13 -13.91 -115.20 -96.74
CA SER JA 13 -13.73 -115.98 -97.95
C SER JA 13 -14.77 -115.54 -98.99
N PRO JA 14 -14.49 -115.78 -100.28
CA PRO JA 14 -15.53 -115.54 -101.31
C PRO JA 14 -16.74 -116.45 -101.15
N SER JA 15 -16.57 -117.63 -100.55
CA SER JA 15 -17.73 -118.43 -100.17
C SER JA 15 -18.52 -117.77 -99.04
N GLY JA 16 -17.85 -117.02 -98.18
CA GLY JA 16 -18.53 -116.30 -97.14
C GLY JA 16 -18.30 -116.85 -95.75
N LYS JA 17 -17.10 -117.35 -95.49
CA LYS JA 17 -16.75 -117.89 -94.19
C LYS JA 17 -15.44 -117.27 -93.73
N LEU JA 18 -15.14 -117.43 -92.45
CA LEU JA 18 -13.87 -116.99 -91.89
C LEU JA 18 -12.96 -118.19 -91.74
N VAL JA 19 -11.82 -118.14 -92.43
CA VAL JA 19 -11.01 -119.33 -92.59
C VAL JA 19 -10.17 -119.60 -91.35
N GLN JA 20 -9.57 -118.56 -90.77
CA GLN JA 20 -8.66 -118.74 -89.65
C GLN JA 20 -9.37 -119.20 -88.38
N ILE JA 21 -10.63 -118.80 -88.19
CA ILE JA 21 -11.38 -119.27 -87.04
C ILE JA 21 -11.73 -120.74 -87.19
N GLU JA 22 -12.01 -121.19 -88.41
CA GLU JA 22 -12.23 -122.60 -88.66
C GLU JA 22 -10.96 -123.42 -88.43
N TYR JA 23 -9.80 -122.80 -88.63
CA TYR JA 23 -8.56 -123.52 -88.36
C TYR JA 23 -8.23 -123.52 -86.88
N ALA JA 24 -8.67 -122.50 -86.14
CA ALA JA 24 -8.47 -122.49 -84.70
C ALA JA 24 -9.33 -123.53 -84.01
N LEU JA 25 -10.47 -123.88 -84.59
CA LEU JA 25 -11.28 -124.97 -84.05
C LEU JA 25 -10.64 -126.32 -84.31
N ALA JA 26 -9.79 -126.42 -85.33
CA ALA JA 26 -9.06 -127.66 -85.55
C ALA JA 26 -8.01 -127.90 -84.48
N ALA JA 27 -7.44 -126.83 -83.94
CA ALA JA 27 -6.47 -126.97 -82.86
C ALA JA 27 -7.14 -127.33 -81.56
N VAL JA 28 -8.42 -126.99 -81.39
CA VAL JA 28 -9.14 -127.34 -80.18
C VAL JA 28 -9.45 -128.83 -80.18
N ALA JA 29 -9.83 -129.38 -81.33
CA ALA JA 29 -10.18 -130.79 -81.42
C ALA JA 29 -9.00 -131.71 -81.22
N GLY JA 30 -7.78 -131.22 -81.42
CA GLY JA 30 -6.59 -132.02 -81.16
C GLY JA 30 -5.97 -131.71 -79.82
N GLY JA 31 -6.81 -131.50 -78.80
CA GLY JA 31 -6.36 -131.20 -77.47
C GLY JA 31 -6.69 -132.31 -76.48
N ALA JA 32 -6.62 -131.97 -75.20
CA ALA JA 32 -6.95 -132.99 -74.23
C ALA JA 32 -8.46 -133.08 -74.05
N PRO JA 33 -9.01 -134.28 -73.89
CA PRO JA 33 -10.46 -134.41 -73.74
C PRO JA 33 -10.94 -133.93 -72.38
N SER JA 34 -12.20 -133.51 -72.35
CA SER JA 34 -12.81 -133.04 -71.11
C SER JA 34 -14.30 -133.32 -71.16
N VAL JA 35 -14.94 -133.19 -69.99
CA VAL JA 35 -16.37 -133.47 -69.85
C VAL JA 35 -16.91 -132.65 -68.70
N GLY JA 36 -18.03 -131.98 -68.95
CA GLY JA 36 -18.67 -131.17 -67.93
C GLY JA 36 -20.14 -131.45 -67.83
N ILE JA 37 -20.63 -131.79 -66.63
CA ILE JA 37 -21.99 -132.29 -66.44
C ILE JA 37 -22.67 -131.46 -65.36
N LYS JA 38 -23.86 -130.96 -65.67
CA LYS JA 38 -24.71 -130.24 -64.72
C LYS JA 38 -25.78 -131.19 -64.21
N ALA JA 39 -25.92 -131.28 -62.89
CA ALA JA 39 -26.74 -132.32 -62.29
C ALA JA 39 -27.60 -131.79 -61.13
N ALA JA 40 -28.21 -130.62 -61.34
CA ALA JA 40 -29.31 -130.04 -60.55
C ALA JA 40 -28.96 -129.66 -59.12
N ASN JA 41 -27.77 -130.00 -58.62
CA ASN JA 41 -27.28 -129.44 -57.38
C ASN JA 41 -25.82 -128.97 -57.45
N GLY JA 42 -25.04 -129.47 -58.40
CA GLY JA 42 -23.69 -129.00 -58.63
C GLY JA 42 -23.27 -129.32 -60.05
N VAL JA 43 -22.13 -128.78 -60.46
CA VAL JA 43 -21.57 -129.02 -61.77
C VAL JA 43 -20.22 -129.69 -61.57
N VAL JA 44 -19.93 -130.68 -62.40
CA VAL JA 44 -18.71 -131.47 -62.30
C VAL JA 44 -17.88 -131.21 -63.55
N LEU JA 45 -16.66 -130.72 -63.36
CA LEU JA 45 -15.69 -130.58 -64.44
C LEU JA 45 -14.66 -131.69 -64.29
N ALA JA 46 -14.40 -132.43 -65.36
CA ALA JA 46 -13.45 -133.53 -65.34
C ALA JA 46 -12.59 -133.44 -66.59
N THR JA 47 -11.29 -133.29 -66.40
CA THR JA 47 -10.36 -133.27 -67.52
C THR JA 47 -9.57 -134.57 -67.54
N GLU JA 48 -8.66 -134.67 -68.52
CA GLU JA 48 -7.87 -135.87 -68.72
C GLU JA 48 -6.41 -135.42 -68.84
N LYS JA 49 -5.66 -135.55 -67.75
CA LYS JA 49 -4.35 -134.95 -67.60
C LYS JA 49 -3.29 -136.04 -67.55
N LYS JA 50 -2.46 -136.11 -68.59
CA LYS JA 50 -1.39 -137.09 -68.66
C LYS JA 50 -0.05 -136.39 -68.71
N GLN JA 51 1.00 -137.19 -68.55
CA GLN JA 51 2.37 -136.73 -68.66
C GLN JA 51 3.06 -137.57 -69.73
N LYS JA 52 3.96 -136.93 -70.47
CA LYS JA 52 4.67 -137.64 -71.54
C LYS JA 52 5.67 -138.64 -70.99
N SER JA 53 6.15 -138.44 -69.76
CA SER JA 53 7.11 -139.34 -69.14
C SER JA 53 6.80 -139.44 -67.66
N ILE JA 54 7.62 -140.21 -66.95
CA ILE JA 54 7.45 -140.37 -65.50
C ILE JA 54 8.33 -139.37 -64.78
N LEU JA 55 8.90 -138.42 -65.54
CA LEU JA 55 9.81 -137.42 -64.99
C LEU JA 55 9.12 -136.13 -64.60
N TYR JA 56 7.86 -135.95 -64.97
CA TYR JA 56 7.21 -134.67 -64.70
C TYR JA 56 6.72 -134.64 -63.26
N ASP JA 57 6.18 -133.49 -62.85
CA ASP JA 57 5.63 -133.32 -61.51
C ASP JA 57 4.19 -132.86 -61.66
N GLU JA 58 3.26 -133.72 -61.24
CA GLU JA 58 1.84 -133.46 -61.44
C GLU JA 58 1.27 -132.44 -60.46
N ARG JA 59 2.02 -132.09 -59.42
CA ARG JA 59 1.57 -131.09 -58.45
C ARG JA 59 2.01 -129.68 -58.83
N SER JA 60 2.34 -129.44 -60.09
CA SER JA 60 2.85 -128.15 -60.53
C SER JA 60 1.90 -127.41 -61.46
N VAL JA 61 1.49 -128.04 -62.56
CA VAL JA 61 0.59 -127.42 -63.53
C VAL JA 61 -0.82 -127.95 -63.27
N HIS JA 62 -1.77 -127.03 -63.15
CA HIS JA 62 -3.13 -127.37 -62.75
C HIS JA 62 -4.08 -127.09 -63.90
N LYS JA 63 -5.12 -127.92 -64.02
CA LYS JA 63 -6.13 -127.77 -65.06
C LYS JA 63 -7.41 -127.13 -64.55
N VAL JA 64 -8.06 -127.76 -63.57
CA VAL JA 64 -9.29 -127.21 -63.01
C VAL JA 64 -8.91 -126.01 -62.16
N GLU JA 65 -9.29 -124.82 -62.60
CA GLU JA 65 -8.78 -123.60 -62.04
C GLU JA 65 -9.92 -122.76 -61.47
N PRO JA 66 -9.77 -122.21 -60.28
CA PRO JA 66 -10.79 -121.30 -59.75
C PRO JA 66 -10.67 -119.92 -60.35
N ILE JA 67 -11.76 -119.17 -60.28
CA ILE JA 67 -11.81 -117.80 -60.76
C ILE JA 67 -11.97 -116.82 -59.60
N THR JA 68 -13.08 -116.90 -58.87
CA THR JA 68 -13.22 -116.04 -57.70
C THR JA 68 -13.36 -116.83 -56.40
N LYS JA 69 -14.50 -117.49 -56.16
CA LYS JA 69 -14.63 -118.39 -55.04
C LYS JA 69 -15.57 -119.52 -55.39
N HIS JA 70 -16.34 -119.32 -56.45
CA HIS JA 70 -17.43 -120.24 -56.77
C HIS JA 70 -17.54 -120.47 -58.27
N ILE JA 71 -16.52 -120.11 -59.03
CA ILE JA 71 -16.55 -120.16 -60.49
C ILE JA 71 -15.33 -120.97 -60.93
N GLY JA 72 -15.56 -122.17 -61.43
CA GLY JA 72 -14.49 -122.98 -61.97
C GLY JA 72 -14.39 -122.86 -63.47
N LEU JA 73 -13.25 -123.32 -64.00
CA LEU JA 73 -12.95 -123.10 -65.42
C LEU JA 73 -11.90 -124.11 -65.87
N VAL JA 74 -12.18 -124.82 -66.96
CA VAL JA 74 -11.23 -125.74 -67.58
C VAL JA 74 -11.12 -125.43 -69.05
N TYR JA 75 -10.34 -126.23 -69.77
CA TYR JA 75 -10.14 -126.00 -71.19
C TYR JA 75 -9.89 -127.33 -71.88
N SER JA 76 -9.89 -127.26 -73.21
CA SER JA 76 -9.54 -128.41 -74.02
C SER JA 76 -8.69 -128.05 -75.23
N GLY JA 77 -8.25 -126.81 -75.35
CA GLY JA 77 -7.49 -126.40 -76.51
C GLY JA 77 -6.00 -126.58 -76.32
N MET JA 78 -5.24 -125.49 -76.31
CA MET JA 78 -3.81 -125.57 -76.11
C MET JA 78 -3.42 -124.98 -74.76
N GLY JA 79 -2.14 -125.15 -74.43
CA GLY JA 79 -1.63 -124.87 -73.12
C GLY JA 79 -1.30 -123.43 -72.80
N PRO JA 80 -0.35 -122.82 -73.52
CA PRO JA 80 0.06 -121.47 -73.15
C PRO JA 80 -0.98 -120.39 -73.38
N ASP JA 81 -1.91 -120.57 -74.33
CA ASP JA 81 -2.96 -119.58 -74.50
C ASP JA 81 -4.01 -119.64 -73.41
N TYR JA 82 -4.02 -120.71 -72.62
CA TYR JA 82 -5.00 -120.84 -71.55
C TYR JA 82 -4.68 -119.90 -70.40
N ARG JA 83 -3.40 -119.75 -70.06
CA ARG JA 83 -3.02 -118.96 -68.90
C ARG JA 83 -3.19 -117.47 -69.11
N VAL JA 84 -3.34 -117.02 -70.37
CA VAL JA 84 -3.56 -115.60 -70.61
C VAL JA 84 -4.97 -115.20 -70.22
N LEU JA 85 -5.97 -115.87 -70.80
CA LEU JA 85 -7.34 -115.50 -70.55
C LEU JA 85 -7.86 -115.99 -69.20
N VAL JA 86 -7.09 -116.81 -68.48
CA VAL JA 86 -7.39 -117.02 -67.07
C VAL JA 86 -7.02 -115.80 -66.25
N HIS JA 87 -5.78 -115.32 -66.42
CA HIS JA 87 -5.34 -114.10 -65.74
C HIS JA 87 -6.15 -112.89 -66.17
N ARG JA 88 -6.63 -112.87 -67.40
CA ARG JA 88 -7.55 -111.84 -67.83
C ARG JA 88 -8.88 -111.95 -67.10
N ALA JA 89 -9.38 -113.16 -66.90
CA ALA JA 89 -10.68 -113.33 -66.24
C ALA JA 89 -10.58 -113.16 -64.74
N ARG JA 90 -9.39 -113.40 -64.16
CA ARG JA 90 -9.17 -113.10 -62.74
C ARG JA 90 -9.31 -111.61 -62.47
N LYS JA 91 -8.60 -110.79 -63.25
CA LYS JA 91 -8.66 -109.35 -63.07
C LYS JA 91 -10.01 -108.78 -63.43
N LEU JA 92 -10.68 -109.35 -64.42
CA LEU JA 92 -11.97 -108.85 -64.87
C LEU JA 92 -13.08 -109.09 -63.86
N ALA JA 93 -12.97 -110.15 -63.05
CA ALA JA 93 -13.93 -110.39 -61.99
C ALA JA 93 -13.73 -109.49 -60.79
N GLN JA 94 -12.63 -108.73 -60.73
CA GLN JA 94 -12.39 -107.86 -59.59
C GLN JA 94 -13.00 -106.49 -59.80
N GLN JA 95 -13.02 -106.00 -61.05
CA GLN JA 95 -13.72 -104.74 -61.31
C GLN JA 95 -15.22 -104.87 -61.16
N TYR JA 96 -15.77 -106.08 -61.23
CA TYR JA 96 -17.17 -106.23 -60.85
C TYR JA 96 -17.33 -106.07 -59.35
N TYR JA 97 -16.36 -106.56 -58.57
CA TYR JA 97 -16.46 -106.55 -57.13
C TYR JA 97 -16.07 -105.21 -56.52
N LEU JA 98 -15.21 -104.45 -57.17
CA LEU JA 98 -14.88 -103.13 -56.64
C LEU JA 98 -15.97 -102.11 -56.89
N VAL JA 99 -16.85 -102.39 -57.84
CA VAL JA 99 -17.94 -101.48 -58.15
C VAL JA 99 -19.22 -101.89 -57.44
N TYR JA 100 -19.60 -103.17 -57.56
CA TYR JA 100 -20.89 -103.63 -57.09
C TYR JA 100 -20.84 -104.28 -55.71
N GLN JA 101 -19.66 -104.59 -55.19
CA GLN JA 101 -19.43 -105.17 -53.85
C GLN JA 101 -20.20 -106.48 -53.68
N GLU JA 102 -20.20 -107.30 -54.72
CA GLU JA 102 -21.05 -108.47 -54.78
C GLU JA 102 -20.40 -109.44 -55.75
N PRO JA 103 -20.41 -110.74 -55.49
CA PRO JA 103 -19.72 -111.67 -56.39
C PRO JA 103 -20.40 -111.76 -57.74
N ILE JA 104 -19.59 -111.86 -58.79
CA ILE JA 104 -20.08 -111.73 -60.16
C ILE JA 104 -20.88 -112.97 -60.54
N PRO JA 105 -22.03 -112.83 -61.21
CA PRO JA 105 -22.75 -114.01 -61.69
C PRO JA 105 -21.96 -114.69 -62.80
N THR JA 106 -22.18 -116.01 -62.92
CA THR JA 106 -21.43 -116.78 -63.91
C THR JA 106 -21.87 -116.45 -65.32
N ALA JA 107 -23.11 -115.97 -65.49
CA ALA JA 107 -23.55 -115.50 -66.79
C ALA JA 107 -22.86 -114.20 -67.16
N GLN JA 108 -22.33 -113.46 -66.19
CA GLN JA 108 -21.79 -112.15 -66.48
C GLN JA 108 -20.33 -112.21 -66.92
N LEU JA 109 -19.55 -113.19 -66.43
CA LEU JA 109 -18.19 -113.36 -66.91
C LEU JA 109 -18.15 -113.75 -68.37
N VAL JA 110 -19.04 -114.67 -68.76
CA VAL JA 110 -18.95 -115.24 -70.10
C VAL JA 110 -19.38 -114.22 -71.14
N GLN JA 111 -20.22 -113.25 -70.76
CA GLN JA 111 -20.47 -112.12 -71.64
C GLN JA 111 -19.23 -111.26 -71.80
N ARG JA 112 -18.38 -111.23 -70.78
CA ARG JA 112 -17.24 -110.33 -70.79
C ARG JA 112 -15.97 -111.01 -71.27
N VAL JA 113 -15.75 -112.28 -70.93
CA VAL JA 113 -14.59 -113.02 -71.43
C VAL JA 113 -14.70 -113.19 -72.94
N ALA JA 114 -15.89 -113.52 -73.44
CA ALA JA 114 -16.07 -113.68 -74.88
C ALA JA 114 -16.01 -112.36 -75.62
N SER JA 115 -16.38 -111.26 -74.96
CA SER JA 115 -16.28 -109.96 -75.62
C SER JA 115 -14.83 -109.49 -75.73
N VAL JA 116 -13.98 -109.91 -74.80
CA VAL JA 116 -12.54 -109.81 -74.98
C VAL JA 116 -12.13 -110.63 -76.18
N MET JA 117 -12.68 -111.82 -76.32
CA MET JA 117 -12.19 -112.81 -77.25
C MET JA 117 -12.68 -112.57 -78.67
N GLN JA 118 -13.90 -112.03 -78.85
CA GLN JA 118 -14.37 -111.64 -80.18
C GLN JA 118 -13.58 -110.48 -80.74
N GLU JA 119 -13.48 -109.40 -79.97
CA GLU JA 119 -12.71 -108.22 -80.35
C GLU JA 119 -11.25 -108.55 -80.60
N TYR JA 120 -10.76 -109.63 -80.00
CA TYR JA 120 -9.39 -110.08 -80.20
C TYR JA 120 -9.17 -110.62 -81.60
N THR JA 121 -10.21 -111.22 -82.21
CA THR JA 121 -10.09 -111.78 -83.54
C THR JA 121 -10.20 -110.72 -84.63
N GLN JA 122 -11.03 -109.72 -84.41
CA GLN JA 122 -11.26 -108.71 -85.43
C GLN JA 122 -10.06 -107.77 -85.55
N SER JA 123 -9.33 -107.58 -84.46
CA SER JA 123 -8.16 -106.72 -84.46
C SER JA 123 -7.05 -107.30 -85.32
N GLY JA 124 -6.11 -106.44 -85.69
CA GLY JA 124 -5.10 -106.81 -86.66
C GLY JA 124 -3.77 -107.18 -86.05
N GLY JA 125 -3.03 -108.02 -86.77
CA GLY JA 125 -1.69 -108.40 -86.39
C GLY JA 125 -1.60 -109.58 -85.45
N VAL JA 126 -2.73 -110.13 -85.02
CA VAL JA 126 -2.75 -111.23 -84.05
C VAL JA 126 -3.46 -112.42 -84.68
N ARG JA 127 -3.34 -113.56 -84.03
CA ARG JA 127 -4.13 -114.73 -84.34
C ARG JA 127 -5.21 -114.90 -83.29
N PRO JA 128 -6.28 -115.64 -83.57
CA PRO JA 128 -7.24 -115.97 -82.53
C PRO JA 128 -6.64 -116.93 -81.51
N PHE JA 129 -7.34 -117.08 -80.40
CA PHE JA 129 -6.94 -118.07 -79.42
C PHE JA 129 -7.20 -119.48 -79.95
N GLY JA 130 -6.59 -120.46 -79.32
CA GLY JA 130 -6.81 -121.83 -79.70
C GLY JA 130 -7.31 -122.63 -78.53
N VAL JA 131 -8.19 -122.02 -77.73
CA VAL JA 131 -8.67 -122.59 -76.48
C VAL JA 131 -10.19 -122.44 -76.41
N SER JA 132 -10.88 -123.54 -76.18
CA SER JA 132 -12.28 -123.51 -75.80
C SER JA 132 -12.39 -123.74 -74.30
N LEU JA 133 -13.42 -123.18 -73.69
CA LEU JA 133 -13.54 -123.19 -72.24
C LEU JA 133 -14.82 -123.91 -71.80
N LEU JA 134 -14.85 -124.27 -70.52
CA LEU JA 134 -16.06 -124.74 -69.85
C LEU JA 134 -16.13 -124.03 -68.51
N ILE JA 135 -16.99 -123.04 -68.44
CA ILE JA 135 -17.11 -122.21 -67.26
C ILE JA 135 -18.36 -122.62 -66.51
N CYS JA 136 -18.25 -122.78 -65.20
CA CYS JA 136 -19.38 -123.22 -64.39
C CYS JA 136 -19.36 -122.50 -63.06
N GLY JA 137 -20.44 -122.66 -62.31
CA GLY JA 137 -20.59 -122.05 -61.02
C GLY JA 137 -22.05 -122.03 -60.59
N TRP JA 138 -22.24 -122.09 -59.28
CA TRP JA 138 -23.58 -122.11 -58.68
C TRP JA 138 -23.85 -120.75 -58.08
N ASN JA 139 -24.59 -119.92 -58.82
CA ASN JA 139 -25.00 -118.61 -58.36
C ASN JA 139 -26.51 -118.53 -58.34
N GLU JA 140 -27.04 -117.94 -57.26
CA GLU JA 140 -28.49 -117.77 -57.03
C GLU JA 140 -29.24 -119.10 -57.06
N GLY JA 141 -28.68 -120.10 -56.39
CA GLY JA 141 -29.34 -121.39 -56.29
C GLY JA 141 -29.08 -122.30 -57.48
N ARG JA 142 -29.57 -121.93 -58.64
CA ARG JA 142 -29.43 -122.76 -59.82
C ARG JA 142 -27.99 -122.71 -60.34
N PRO JA 143 -27.35 -123.85 -60.57
CA PRO JA 143 -26.00 -123.83 -61.11
C PRO JA 143 -26.00 -123.54 -62.61
N TYR JA 144 -24.82 -123.29 -63.14
CA TYR JA 144 -24.68 -122.95 -64.55
C TYR JA 144 -23.50 -123.70 -65.15
N LEU JA 145 -23.54 -123.87 -66.47
CA LEU JA 145 -22.45 -124.51 -67.19
C LEU JA 145 -22.44 -123.98 -68.61
N PHE JA 146 -21.40 -123.23 -68.94
CA PHE JA 146 -21.28 -122.54 -70.21
C PHE JA 146 -20.04 -123.03 -70.95
N GLN JA 147 -20.01 -122.75 -72.25
CA GLN JA 147 -18.89 -123.10 -73.12
C GLN JA 147 -18.61 -121.94 -74.07
N SER JA 148 -17.35 -121.56 -74.17
CA SER JA 148 -16.92 -120.58 -75.15
C SER JA 148 -16.17 -121.28 -76.29
N ASP JA 149 -15.65 -120.50 -77.23
CA ASP JA 149 -14.93 -121.02 -78.37
C ASP JA 149 -14.01 -119.92 -78.91
N PRO JA 150 -13.04 -120.26 -79.77
CA PRO JA 150 -12.18 -119.20 -80.35
C PRO JA 150 -12.91 -118.16 -81.21
N SER JA 151 -14.12 -118.43 -81.69
CA SER JA 151 -14.88 -117.38 -82.36
C SER JA 151 -15.44 -116.37 -81.37
N GLY JA 152 -15.50 -116.73 -80.09
CA GLY JA 152 -16.06 -115.88 -79.08
C GLY JA 152 -17.55 -116.04 -78.85
N ALA JA 153 -18.14 -117.16 -79.26
CA ALA JA 153 -19.54 -117.42 -79.00
C ALA JA 153 -19.69 -118.12 -77.65
N TYR JA 154 -20.89 -118.11 -77.12
CA TYR JA 154 -21.15 -118.71 -75.83
C TYR JA 154 -22.43 -119.53 -75.89
N PHE JA 155 -22.46 -120.64 -75.17
CA PHE JA 155 -23.59 -121.54 -75.19
C PHE JA 155 -23.91 -121.96 -73.76
N ALA JA 156 -25.00 -122.69 -73.59
CA ALA JA 156 -25.42 -123.17 -72.29
C ALA JA 156 -25.74 -124.65 -72.44
N TRP JA 157 -24.87 -125.51 -71.91
CA TRP JA 157 -25.02 -126.95 -72.03
C TRP JA 157 -25.63 -127.54 -70.77
N LYS JA 158 -25.98 -128.82 -70.87
CA LYS JA 158 -26.25 -129.66 -69.71
C LYS JA 158 -25.15 -130.68 -69.48
N ALA JA 159 -24.67 -131.30 -70.55
CA ALA JA 159 -23.59 -132.26 -70.47
C ALA JA 159 -22.91 -132.27 -71.83
N THR JA 160 -21.74 -131.67 -71.92
CA THR JA 160 -20.99 -131.61 -73.16
C THR JA 160 -19.59 -132.17 -72.96
N ALA JA 161 -18.87 -132.30 -74.07
CA ALA JA 161 -17.52 -132.80 -74.05
C ALA JA 161 -16.73 -132.17 -75.19
N MET JA 162 -15.47 -131.85 -74.91
CA MET JA 162 -14.59 -131.23 -75.89
C MET JA 162 -13.32 -132.04 -75.97
N GLY JA 163 -12.37 -131.57 -76.78
CA GLY JA 163 -11.11 -132.29 -76.93
C GLY JA 163 -11.20 -133.38 -77.99
N LYS JA 164 -10.34 -134.38 -77.84
CA LYS JA 164 -10.33 -135.49 -78.78
C LYS JA 164 -11.46 -136.44 -78.50
N ASN JA 165 -12.03 -137.00 -79.58
CA ASN JA 165 -13.11 -137.99 -79.56
C ASN JA 165 -14.34 -137.45 -78.83
N TYR JA 166 -14.65 -136.18 -79.09
CA TYR JA 166 -15.78 -135.56 -78.41
C TYR JA 166 -17.11 -136.08 -78.94
N VAL JA 167 -17.16 -136.52 -80.20
CA VAL JA 167 -18.39 -137.07 -80.74
C VAL JA 167 -18.71 -138.42 -80.12
N ASN JA 168 -17.70 -139.15 -79.68
CA ASN JA 168 -17.96 -140.39 -78.95
C ASN JA 168 -18.49 -140.10 -77.56
N GLY JA 169 -17.94 -139.08 -76.90
CA GLY JA 169 -18.46 -138.68 -75.62
C GLY JA 169 -19.79 -137.96 -75.72
N LYS JA 170 -20.09 -137.37 -76.88
CA LYS JA 170 -21.35 -136.67 -77.04
C LYS JA 170 -22.51 -137.65 -77.14
N THR JA 171 -22.30 -138.77 -77.84
CA THR JA 171 -23.34 -139.78 -77.92
C THR JA 171 -23.46 -140.58 -76.63
N PHE JA 172 -22.36 -140.67 -75.86
CA PHE JA 172 -22.41 -141.40 -74.60
C PHE JA 172 -23.18 -140.61 -73.56
N LEU JA 173 -22.88 -139.32 -73.43
CA LEU JA 173 -23.61 -138.47 -72.49
C LEU JA 173 -25.05 -138.24 -72.90
N GLU JA 174 -25.36 -138.37 -74.19
CA GLU JA 174 -26.75 -138.24 -74.62
C GLU JA 174 -27.56 -139.44 -74.16
N LYS JA 175 -26.94 -140.60 -74.02
CA LYS JA 175 -27.62 -141.78 -73.53
C LYS JA 175 -27.52 -141.92 -72.02
N ARG JA 176 -26.38 -141.59 -71.43
CA ARG JA 176 -26.17 -141.86 -70.01
C ARG JA 176 -26.84 -140.80 -69.13
N TYR JA 177 -26.65 -139.53 -69.46
CA TYR JA 177 -27.15 -138.45 -68.62
C TYR JA 177 -28.65 -138.28 -68.83
N ASN JA 178 -29.41 -138.37 -67.75
CA ASN JA 178 -30.84 -138.11 -67.77
C ASN JA 178 -31.08 -136.62 -67.51
N GLU JA 179 -32.32 -136.26 -67.18
CA GLU JA 179 -32.63 -134.86 -66.89
C GLU JA 179 -31.97 -134.39 -65.61
N ASP JA 180 -31.91 -135.24 -64.59
CA ASP JA 180 -31.36 -134.82 -63.31
C ASP JA 180 -30.73 -135.98 -62.56
N LEU JA 181 -29.69 -135.65 -61.79
CA LEU JA 181 -28.95 -136.59 -60.97
C LEU JA 181 -28.61 -135.89 -59.66
N GLU JA 182 -27.66 -136.46 -58.94
CA GLU JA 182 -26.99 -135.76 -57.86
C GLU JA 182 -25.57 -135.44 -58.28
N LEU JA 183 -24.82 -134.82 -57.36
CA LEU JA 183 -23.42 -134.54 -57.67
C LEU JA 183 -22.60 -135.82 -57.69
N GLU JA 184 -22.90 -136.76 -56.80
CA GLU JA 184 -22.15 -138.00 -56.74
C GLU JA 184 -22.48 -138.92 -57.91
N ASP JA 185 -23.71 -138.84 -58.43
CA ASP JA 185 -24.01 -139.56 -59.66
C ASP JA 185 -23.34 -138.91 -60.86
N ALA JA 186 -23.11 -137.60 -60.78
CA ALA JA 186 -22.48 -136.90 -61.89
C ALA JA 186 -20.99 -137.18 -61.97
N ILE JA 187 -20.33 -137.31 -60.82
CA ILE JA 187 -18.90 -137.62 -60.80
C ILE JA 187 -18.68 -139.04 -61.32
N HIS JA 188 -19.60 -139.95 -61.00
CA HIS JA 188 -19.48 -141.33 -61.43
C HIS JA 188 -19.63 -141.46 -62.95
N THR JA 189 -20.51 -140.65 -63.54
CA THR JA 189 -20.69 -140.72 -64.98
C THR JA 189 -19.74 -139.82 -65.74
N ALA JA 190 -19.11 -138.85 -65.07
CA ALA JA 190 -18.05 -138.08 -65.72
C ALA JA 190 -16.77 -138.89 -65.87
N ILE JA 191 -16.47 -139.73 -64.88
CA ILE JA 191 -15.35 -140.65 -65.01
C ILE JA 191 -15.70 -141.76 -65.98
N LEU JA 192 -16.98 -142.14 -66.04
CA LEU JA 192 -17.41 -143.20 -66.95
C LEU JA 192 -17.44 -142.74 -68.40
N THR JA 193 -17.26 -141.45 -68.65
CA THR JA 193 -17.04 -140.94 -70.00
C THR JA 193 -15.66 -140.34 -70.20
N LEU JA 194 -14.88 -140.18 -69.13
CA LEU JA 194 -13.56 -139.58 -69.27
C LEU JA 194 -12.60 -140.53 -69.97
N LYS JA 195 -12.58 -141.80 -69.57
CA LYS JA 195 -11.72 -142.76 -70.25
C LYS JA 195 -12.42 -143.47 -71.39
N GLU JA 196 -13.08 -142.71 -72.24
CA GLU JA 196 -13.50 -143.24 -73.53
C GLU JA 196 -12.30 -143.45 -74.44
N SER JA 197 -11.32 -142.56 -74.35
CA SER JA 197 -10.11 -142.64 -75.16
C SER JA 197 -8.87 -142.38 -74.32
N PHE JA 198 -8.93 -142.65 -73.02
CA PHE JA 198 -7.74 -142.52 -72.20
C PHE JA 198 -6.95 -143.83 -72.25
N GLU JA 199 -5.85 -143.88 -71.51
CA GLU JA 199 -5.04 -145.09 -71.43
C GLU JA 199 -5.67 -146.06 -70.44
N GLY JA 200 -4.98 -147.16 -70.19
CA GLY JA 200 -5.51 -148.20 -69.32
C GLY JA 200 -5.51 -147.81 -67.85
N GLN JA 201 -4.42 -147.20 -67.40
CA GLN JA 201 -4.29 -146.84 -65.99
C GLN JA 201 -4.99 -145.51 -65.74
N MET JA 202 -5.90 -145.48 -64.78
CA MET JA 202 -6.50 -144.25 -64.28
C MET JA 202 -6.14 -144.13 -62.81
N THR JA 203 -5.02 -143.50 -62.52
CA THR JA 203 -4.59 -143.28 -61.15
C THR JA 203 -5.16 -141.96 -60.67
N GLU JA 204 -4.65 -141.49 -59.53
CA GLU JA 204 -5.03 -140.16 -59.05
C GLU JA 204 -4.38 -139.05 -59.86
N ASP JA 205 -3.38 -139.36 -60.68
CA ASP JA 205 -2.67 -138.37 -61.46
C ASP JA 205 -3.06 -138.36 -62.93
N ASN JA 206 -3.84 -139.32 -63.39
CA ASN JA 206 -4.28 -139.34 -64.78
C ASN JA 206 -5.49 -138.47 -65.03
N ILE JA 207 -6.29 -138.19 -64.00
CA ILE JA 207 -7.45 -137.32 -64.11
C ILE JA 207 -7.40 -136.30 -62.99
N GLU JA 208 -8.21 -135.25 -63.12
CA GLU JA 208 -8.25 -134.21 -62.10
C GLU JA 208 -9.59 -133.50 -62.20
N VAL JA 209 -10.41 -133.65 -61.16
CA VAL JA 209 -11.83 -133.32 -61.18
C VAL JA 209 -12.11 -132.20 -60.19
N GLY JA 210 -12.87 -131.19 -60.61
CA GLY JA 210 -13.30 -130.13 -59.71
C GLY JA 210 -14.80 -129.92 -59.75
N ILE JA 211 -15.41 -129.67 -58.59
CA ILE JA 211 -16.86 -129.52 -58.51
C ILE JA 211 -17.22 -128.13 -58.02
N CYS JA 212 -18.47 -127.75 -58.23
CA CYS JA 212 -19.04 -126.50 -57.73
C CYS JA 212 -20.29 -126.83 -56.92
N ASN JA 213 -20.14 -126.90 -55.60
CA ASN JA 213 -21.30 -127.03 -54.75
C ASN JA 213 -21.99 -125.68 -54.60
N GLU JA 214 -23.10 -125.67 -53.88
CA GLU JA 214 -23.68 -124.40 -53.49
C GLU JA 214 -22.90 -123.76 -52.36
N ALA JA 215 -22.07 -124.54 -51.67
CA ALA JA 215 -21.12 -123.98 -50.72
C ALA JA 215 -19.98 -123.26 -51.43
N GLY JA 216 -19.67 -123.65 -52.65
CA GLY JA 216 -18.67 -122.93 -53.42
C GLY JA 216 -17.92 -123.88 -54.34
N PHE JA 217 -16.98 -123.29 -55.08
CA PHE JA 217 -16.07 -124.09 -55.88
C PHE JA 217 -15.14 -124.90 -54.99
N ARG JA 218 -14.99 -126.17 -55.32
CA ARG JA 218 -14.15 -127.06 -54.52
C ARG JA 218 -13.41 -127.97 -55.48
N ARG JA 219 -12.09 -127.83 -55.51
CA ARG JA 219 -11.26 -128.71 -56.31
C ARG JA 219 -10.89 -129.94 -55.50
N LEU JA 220 -11.08 -131.12 -56.08
CA LEU JA 220 -10.84 -132.36 -55.36
C LEU JA 220 -9.35 -132.67 -55.34
N THR JA 221 -8.83 -132.96 -54.15
CA THR JA 221 -7.46 -133.42 -54.00
C THR JA 221 -7.33 -134.84 -54.55
N PRO JA 222 -6.11 -135.27 -54.93
CA PRO JA 222 -5.95 -136.63 -55.46
C PRO JA 222 -6.25 -137.75 -54.49
N THR JA 223 -6.38 -137.48 -53.19
CA THR JA 223 -6.80 -138.51 -52.26
C THR JA 223 -8.22 -138.95 -52.53
N GLU JA 224 -9.16 -138.00 -52.62
CA GLU JA 224 -10.55 -138.34 -52.90
C GLU JA 224 -10.76 -138.81 -54.33
N VAL JA 225 -9.91 -138.38 -55.27
CA VAL JA 225 -9.98 -138.91 -56.63
C VAL JA 225 -9.56 -140.37 -56.67
N LYS JA 226 -8.53 -140.72 -55.91
CA LYS JA 226 -8.11 -142.11 -55.83
C LYS JA 226 -9.08 -142.94 -55.00
N ASP JA 227 -9.77 -142.31 -54.06
CA ASP JA 227 -10.76 -143.03 -53.27
C ASP JA 227 -12.08 -143.20 -53.99
N TYR JA 228 -12.37 -142.35 -54.97
CA TYR JA 228 -13.60 -142.49 -55.73
C TYR JA 228 -13.40 -143.31 -56.99
N LEU JA 229 -12.18 -143.37 -57.53
CA LEU JA 229 -11.88 -144.13 -58.74
C LEU JA 229 -12.00 -145.63 -58.55
N ALA JA 230 -12.05 -146.11 -57.31
CA ALA JA 230 -12.38 -147.51 -57.07
C ALA JA 230 -13.84 -147.75 -57.41
N ALA JA 231 -14.08 -148.86 -58.13
CA ALA JA 231 -15.39 -149.26 -58.65
C ALA JA 231 -16.02 -148.16 -59.50
N ILE JA 232 -15.17 -147.50 -60.31
CA ILE JA 232 -15.66 -146.47 -61.22
C ILE JA 232 -16.12 -147.11 -62.51
N ALA JA 233 -17.15 -146.50 -63.12
CA ALA JA 233 -17.80 -146.94 -64.36
C ALA JA 233 -18.28 -148.40 -64.31
N SER KA 1 5.69 -107.32 -94.00
CA SER KA 1 5.64 -105.89 -93.70
C SER KA 1 4.49 -105.23 -94.43
N ARG KA 2 4.54 -105.27 -95.77
CA ARG KA 2 3.45 -104.78 -96.59
C ARG KA 2 2.84 -105.86 -97.48
N ARG KA 3 3.49 -107.01 -97.62
CA ARG KA 3 2.95 -108.09 -98.44
C ARG KA 3 1.94 -108.95 -97.70
N TYR KA 4 1.65 -108.64 -96.44
CA TYR KA 4 0.64 -109.36 -95.67
C TYR KA 4 -0.68 -108.61 -95.60
N ASP KA 5 -0.76 -107.42 -96.17
CA ASP KA 5 -1.98 -106.62 -96.10
C ASP KA 5 -3.04 -107.20 -97.04
N SER KA 6 -4.28 -107.21 -96.56
CA SER KA 6 -5.36 -107.90 -97.27
C SER KA 6 -6.14 -106.99 -98.21
N ARG KA 7 -6.04 -105.67 -98.05
CA ARG KA 7 -6.63 -104.65 -98.92
C ARG KA 7 -8.16 -104.79 -99.01
N THR KA 8 -8.81 -104.57 -97.88
CA THR KA 8 -10.27 -104.59 -97.78
C THR KA 8 -10.90 -103.24 -98.10
N THR KA 9 -10.20 -102.40 -98.84
CA THR KA 9 -10.53 -101.00 -99.04
C THR KA 9 -10.64 -100.64 -100.52
N ILE KA 10 -9.78 -101.24 -101.34
CA ILE KA 10 -9.70 -100.90 -102.76
C ILE KA 10 -10.95 -101.38 -103.49
N PHE KA 11 -11.46 -100.54 -104.38
CA PHE KA 11 -12.55 -100.89 -105.26
C PHE KA 11 -12.18 -102.06 -106.18
N SER KA 12 -13.20 -102.75 -106.67
CA SER KA 12 -12.97 -103.74 -107.70
C SER KA 12 -12.61 -103.02 -109.00
N PRO KA 13 -11.76 -103.65 -109.83
CA PRO KA 13 -11.50 -103.09 -111.17
C PRO KA 13 -12.72 -103.06 -112.06
N GLU KA 14 -13.73 -103.88 -111.78
CA GLU KA 14 -15.05 -103.72 -112.38
C GLU KA 14 -15.65 -102.38 -112.04
N GLY KA 15 -15.41 -101.89 -110.82
CA GLY KA 15 -15.94 -100.62 -110.40
C GLY KA 15 -17.02 -100.73 -109.35
N ARG KA 16 -16.89 -101.72 -108.47
CA ARG KA 16 -17.86 -101.93 -107.41
C ARG KA 16 -17.10 -102.45 -106.18
N LEU KA 17 -17.84 -102.94 -105.20
CA LEU KA 17 -17.20 -103.43 -103.99
C LEU KA 17 -16.77 -104.88 -104.16
N TYR KA 18 -15.85 -105.28 -103.30
CA TYR KA 18 -15.22 -106.59 -103.38
C TYR KA 18 -15.30 -107.35 -102.07
N GLN KA 19 -15.27 -106.65 -100.94
CA GLN KA 19 -15.29 -107.27 -99.63
C GLN KA 19 -16.68 -107.28 -99.00
N VAL KA 20 -17.43 -106.19 -99.18
CA VAL KA 20 -18.78 -106.10 -98.61
C VAL KA 20 -19.72 -107.03 -99.36
N GLU KA 21 -19.48 -107.25 -100.66
CA GLU KA 21 -20.30 -108.14 -101.46
C GLU KA 21 -20.22 -109.57 -100.98
N TYR KA 22 -19.08 -109.98 -100.41
CA TYR KA 22 -18.95 -111.33 -99.91
C TYR KA 22 -19.82 -111.54 -98.67
N ALA KA 23 -19.90 -110.54 -97.80
CA ALA KA 23 -20.71 -110.68 -96.59
C ALA KA 23 -22.19 -110.58 -96.90
N MET KA 24 -22.56 -109.71 -97.84
CA MET KA 24 -23.96 -109.57 -98.20
C MET KA 24 -24.50 -110.78 -98.96
N GLU KA 25 -23.62 -111.55 -99.60
CA GLU KA 25 -24.01 -112.84 -100.14
C GLU KA 25 -23.91 -113.95 -99.11
N ALA KA 26 -23.14 -113.75 -98.04
CA ALA KA 26 -23.03 -114.75 -97.00
C ALA KA 26 -24.22 -114.72 -96.05
N ILE KA 27 -24.86 -113.56 -95.90
CA ILE KA 27 -25.82 -113.32 -94.83
C ILE KA 27 -27.09 -114.16 -94.98
N GLY KA 28 -27.37 -114.66 -96.17
CA GLY KA 28 -28.54 -115.48 -96.35
C GLY KA 28 -28.42 -116.90 -95.86
N HIS KA 29 -27.23 -117.32 -95.45
CA HIS KA 29 -27.01 -118.65 -94.93
C HIS KA 29 -27.19 -118.66 -93.43
N ALA KA 30 -28.02 -119.59 -92.94
CA ALA KA 30 -28.26 -119.88 -91.52
C ALA KA 30 -28.77 -118.65 -90.77
N GLY KA 31 -29.97 -118.25 -91.15
CA GLY KA 31 -30.72 -117.25 -90.42
C GLY KA 31 -32.06 -117.01 -91.09
N THR KA 32 -33.12 -116.78 -90.29
CA THR KA 32 -34.43 -116.48 -90.85
C THR KA 32 -35.17 -115.59 -89.85
N CYS KA 33 -35.47 -114.36 -90.27
CA CYS KA 33 -36.21 -113.42 -89.45
C CYS KA 33 -37.16 -112.64 -90.34
N LEU KA 34 -38.26 -112.19 -89.75
CA LEU KA 34 -39.21 -111.33 -90.46
C LEU KA 34 -40.02 -110.56 -89.43
N GLY KA 35 -40.81 -109.60 -89.93
CA GLY KA 35 -41.66 -108.79 -89.08
C GLY KA 35 -42.70 -108.07 -89.89
N ILE KA 36 -43.93 -108.02 -89.39
CA ILE KA 36 -45.05 -107.45 -90.13
C ILE KA 36 -45.77 -106.43 -89.25
N LEU KA 37 -46.24 -105.36 -89.89
CA LEU KA 37 -47.17 -104.43 -89.25
C LEU KA 37 -48.06 -103.83 -90.32
N ALA KA 38 -49.32 -103.61 -89.96
CA ALA KA 38 -50.12 -102.58 -90.64
C ALA KA 38 -51.02 -101.79 -89.69
N ASN KA 39 -51.21 -102.23 -88.45
CA ASN KA 39 -52.01 -101.52 -87.46
C ASN KA 39 -51.29 -101.64 -86.14
N ASP KA 40 -52.01 -101.39 -85.04
CA ASP KA 40 -51.43 -101.29 -83.71
C ASP KA 40 -50.81 -102.61 -83.25
N GLY KA 41 -49.48 -102.67 -83.24
CA GLY KA 41 -48.76 -103.89 -82.92
C GLY KA 41 -47.77 -104.21 -84.03
N VAL KA 42 -46.68 -104.85 -83.66
CA VAL KA 42 -45.66 -105.28 -84.61
C VAL KA 42 -44.94 -106.49 -84.01
N LEU KA 43 -44.69 -107.50 -84.85
CA LEU KA 43 -44.14 -108.77 -84.39
C LEU KA 43 -42.75 -108.99 -84.96
N LEU KA 44 -42.09 -110.03 -84.44
CA LEU KA 44 -40.78 -110.47 -84.93
C LEU KA 44 -40.74 -111.99 -84.84
N ALA KA 45 -40.71 -112.64 -85.99
CA ALA KA 45 -40.57 -114.08 -86.03
C ALA KA 45 -39.09 -114.45 -86.16
N ALA KA 46 -38.64 -115.41 -85.37
CA ALA KA 46 -37.28 -115.89 -85.42
C ALA KA 46 -37.28 -117.39 -85.72
N GLU KA 47 -36.10 -117.99 -85.67
CA GLU KA 47 -35.96 -119.40 -86.00
C GLU KA 47 -34.76 -119.96 -85.26
N ARG KA 48 -35.01 -120.96 -84.40
CA ARG KA 48 -33.94 -121.67 -83.71
C ARG KA 48 -33.18 -122.51 -84.73
N ARG KA 49 -31.93 -122.13 -85.00
CA ARG KA 49 -31.19 -122.76 -86.09
C ARG KA 49 -30.75 -124.17 -85.71
N ASN KA 50 -30.36 -124.39 -84.46
CA ASN KA 50 -30.04 -125.72 -83.97
C ASN KA 50 -30.59 -125.87 -82.57
N ILE KA 51 -31.53 -126.79 -82.39
CA ILE KA 51 -32.15 -127.05 -81.10
C ILE KA 51 -31.74 -128.46 -80.69
N HIS KA 52 -30.63 -128.55 -79.97
CA HIS KA 52 -30.12 -129.82 -79.47
C HIS KA 52 -30.69 -130.09 -78.08
N LYS KA 53 -30.80 -131.38 -77.75
CA LYS KA 53 -31.47 -131.78 -76.52
C LYS KA 53 -30.68 -131.44 -75.27
N LEU KA 54 -29.37 -131.31 -75.37
CA LEU KA 54 -28.53 -131.00 -74.21
C LEU KA 54 -28.27 -129.51 -74.09
N LEU KA 55 -29.32 -128.70 -74.11
CA LEU KA 55 -29.19 -127.25 -74.03
C LEU KA 55 -30.16 -126.71 -72.98
N ASP KA 56 -29.83 -125.53 -72.46
CA ASP KA 56 -30.56 -125.00 -71.31
C ASP KA 56 -31.75 -124.13 -71.69
N GLU KA 57 -31.56 -123.18 -72.60
CA GLU KA 57 -32.53 -122.14 -72.95
C GLU KA 57 -33.00 -121.36 -71.71
N VAL KA 58 -32.06 -121.05 -70.81
CA VAL KA 58 -32.37 -120.33 -69.59
C VAL KA 58 -32.38 -118.82 -69.76
N PHE KA 59 -32.07 -118.32 -70.96
CA PHE KA 59 -31.97 -116.88 -71.16
C PHE KA 59 -33.31 -116.23 -71.47
N PHE KA 60 -34.21 -116.98 -72.12
CA PHE KA 60 -35.58 -116.61 -72.50
C PHE KA 60 -35.65 -115.48 -73.52
N SER KA 61 -34.53 -114.92 -73.96
CA SER KA 61 -34.47 -113.99 -75.08
C SER KA 61 -33.18 -114.30 -75.83
N GLU KA 62 -33.28 -115.20 -76.81
CA GLU KA 62 -32.08 -115.73 -77.45
C GLU KA 62 -31.65 -114.87 -78.63
N LYS KA 63 -32.55 -114.65 -79.58
CA LYS KA 63 -32.25 -113.83 -80.75
C LYS KA 63 -32.81 -112.42 -80.64
N ILE KA 64 -33.91 -112.24 -79.91
CA ILE KA 64 -34.46 -110.93 -79.65
C ILE KA 64 -33.58 -110.24 -78.61
N TYR KA 65 -33.19 -109.01 -78.89
CA TYR KA 65 -32.43 -108.19 -77.94
C TYR KA 65 -33.23 -106.93 -77.65
N LYS KA 66 -33.85 -106.89 -76.46
CA LYS KA 66 -34.58 -105.71 -76.03
C LYS KA 66 -33.57 -104.62 -75.69
N LEU KA 67 -33.39 -103.67 -76.60
CA LEU KA 67 -32.34 -102.68 -76.51
C LEU KA 67 -32.78 -101.39 -75.86
N ASN KA 68 -34.07 -101.22 -75.61
CA ASN KA 68 -34.58 -99.98 -75.03
C ASN KA 68 -35.89 -100.33 -74.34
N GLU KA 69 -36.50 -99.33 -73.70
CA GLU KA 69 -37.85 -99.52 -73.19
C GLU KA 69 -38.91 -99.44 -74.28
N ASP KA 70 -38.53 -99.04 -75.49
CA ASP KA 70 -39.49 -98.93 -76.58
C ASP KA 70 -39.12 -99.73 -77.82
N MET KA 71 -37.94 -100.35 -77.87
CA MET KA 71 -37.48 -100.97 -79.11
C MET KA 71 -36.79 -102.29 -78.82
N ALA KA 72 -36.67 -103.09 -79.87
CA ALA KA 72 -35.98 -104.37 -79.82
C ALA KA 72 -35.50 -104.69 -81.22
N CYS KA 73 -34.76 -105.79 -81.36
CA CYS KA 73 -34.15 -106.10 -82.65
C CYS KA 73 -34.01 -107.61 -82.81
N SER KA 74 -33.95 -108.03 -84.06
CA SER KA 74 -33.75 -109.43 -84.43
C SER KA 74 -32.50 -109.48 -85.28
N VAL KA 75 -31.47 -110.18 -84.83
CA VAL KA 75 -30.18 -110.13 -85.47
C VAL KA 75 -29.92 -111.45 -86.18
N ALA KA 76 -29.09 -111.40 -87.23
CA ALA KA 76 -28.72 -112.59 -87.98
C ALA KA 76 -27.37 -112.35 -88.64
N GLY KA 77 -26.41 -113.25 -88.41
CA GLY KA 77 -25.10 -113.13 -89.00
C GLY KA 77 -24.05 -113.86 -88.18
N ILE KA 78 -22.88 -113.24 -88.00
CA ILE KA 78 -21.93 -113.71 -86.99
C ILE KA 78 -22.55 -113.49 -85.62
N THR KA 79 -22.51 -114.54 -84.78
CA THR KA 79 -23.08 -114.47 -83.44
C THR KA 79 -22.37 -113.45 -82.58
N SER KA 80 -21.05 -113.43 -82.67
CA SER KA 80 -20.27 -112.62 -81.75
C SER KA 80 -20.14 -111.19 -82.22
N ASP KA 81 -20.23 -110.97 -83.53
CA ASP KA 81 -20.24 -109.62 -84.06
C ASP KA 81 -21.56 -108.94 -83.79
N ALA KA 82 -22.62 -109.72 -83.54
CA ALA KA 82 -23.87 -109.16 -83.06
C ALA KA 82 -23.72 -108.58 -81.66
N ASN KA 83 -22.97 -109.27 -80.80
CA ASN KA 83 -22.80 -108.83 -79.41
C ASN KA 83 -22.02 -107.53 -79.32
N VAL KA 84 -21.19 -107.23 -80.31
CA VAL KA 84 -20.50 -105.95 -80.34
C VAL KA 84 -21.48 -104.83 -80.68
N LEU KA 85 -22.35 -105.07 -81.67
CA LEU KA 85 -23.27 -104.03 -82.11
C LEU KA 85 -24.42 -103.85 -81.13
N THR KA 86 -24.89 -104.91 -80.49
CA THR KA 86 -26.00 -104.76 -79.54
C THR KA 86 -25.53 -104.12 -78.24
N ASN KA 87 -24.26 -104.28 -77.88
CA ASN KA 87 -23.74 -103.52 -76.75
C ASN KA 87 -23.54 -102.07 -77.10
N GLU KA 88 -23.23 -101.78 -78.36
CA GLU KA 88 -23.02 -100.39 -78.76
C GLU KA 88 -24.34 -99.66 -78.92
N LEU KA 89 -25.29 -100.29 -79.63
CA LEU KA 89 -26.55 -99.61 -79.96
C LEU KA 89 -27.43 -99.44 -78.73
N ARG KA 90 -27.27 -100.31 -77.73
CA ARG KA 90 -27.97 -100.13 -76.46
C ARG KA 90 -27.42 -98.93 -75.71
N LEU KA 91 -26.16 -98.59 -75.95
CA LEU KA 91 -25.53 -97.49 -75.23
C LEU KA 91 -25.73 -96.17 -75.95
N ILE KA 92 -25.94 -96.21 -77.27
CA ILE KA 92 -26.28 -94.99 -78.01
C ILE KA 92 -27.66 -94.49 -77.61
N ALA KA 93 -28.59 -95.42 -77.37
CA ALA KA 93 -29.94 -95.05 -77.00
C ALA KA 93 -30.02 -94.47 -75.59
N GLN KA 94 -28.99 -94.68 -74.77
CA GLN KA 94 -29.04 -94.24 -73.40
C GLN KA 94 -28.32 -92.91 -73.20
N ARG KA 95 -27.32 -92.61 -74.02
CA ARG KA 95 -26.71 -91.28 -73.97
C ARG KA 95 -27.61 -90.23 -74.60
N TYR KA 96 -28.59 -90.63 -75.39
CA TYR KA 96 -29.59 -89.70 -75.89
C TYR KA 96 -30.52 -89.28 -74.77
N LEU KA 97 -30.93 -90.24 -73.95
CA LEU KA 97 -31.84 -89.95 -72.84
C LEU KA 97 -31.16 -89.12 -71.77
N LEU KA 98 -29.85 -89.28 -71.60
CA LEU KA 98 -29.10 -88.44 -70.67
C LEU KA 98 -29.10 -87.00 -71.13
N GLN KA 99 -29.05 -86.77 -72.44
CA GLN KA 99 -28.87 -85.43 -72.95
C GLN KA 99 -30.19 -84.67 -73.04
N TYR KA 100 -31.29 -85.38 -73.31
CA TYR KA 100 -32.55 -84.71 -73.60
C TYR KA 100 -33.69 -85.04 -72.65
N GLN KA 101 -33.56 -86.09 -71.81
CA GLN KA 101 -34.65 -86.65 -71.00
C GLN KA 101 -35.88 -86.95 -71.84
N GLU KA 102 -35.66 -87.57 -72.99
CA GLU KA 102 -36.71 -87.85 -73.94
C GLU KA 102 -36.28 -89.12 -74.67
N PRO KA 103 -37.18 -90.06 -74.90
CA PRO KA 103 -36.78 -91.34 -75.51
C PRO KA 103 -36.35 -91.16 -76.96
N ILE KA 104 -35.41 -91.99 -77.37
CA ILE KA 104 -34.84 -91.88 -78.72
C ILE KA 104 -35.86 -92.35 -79.75
N PRO KA 105 -36.13 -91.58 -80.80
CA PRO KA 105 -37.00 -92.08 -81.88
C PRO KA 105 -36.29 -93.17 -82.67
N CYS KA 106 -37.11 -93.93 -83.39
CA CYS KA 106 -36.61 -95.12 -84.08
C CYS KA 106 -35.78 -94.77 -85.31
N GLU KA 107 -36.02 -93.61 -85.92
CA GLU KA 107 -35.32 -93.24 -87.15
C GLU KA 107 -33.86 -92.92 -86.86
N GLN KA 108 -33.62 -92.00 -85.95
CA GLN KA 108 -32.27 -91.54 -85.67
C GLN KA 108 -31.53 -92.42 -84.67
N LEU KA 109 -32.02 -93.62 -84.39
CA LEU KA 109 -31.19 -94.64 -83.77
C LEU KA 109 -30.53 -95.51 -84.83
N VAL KA 110 -31.28 -95.84 -85.89
CA VAL KA 110 -30.77 -96.69 -86.96
C VAL KA 110 -29.68 -95.98 -87.74
N THR KA 111 -29.84 -94.68 -87.96
CA THR KA 111 -28.82 -93.88 -88.64
C THR KA 111 -27.56 -93.75 -87.81
N ALA KA 112 -27.67 -93.85 -86.48
CA ALA KA 112 -26.49 -93.79 -85.64
C ALA KA 112 -25.65 -95.06 -85.73
N LEU KA 113 -26.29 -96.20 -86.01
CA LEU KA 113 -25.53 -97.43 -86.16
C LEU KA 113 -24.94 -97.54 -87.56
N CYS KA 114 -25.72 -97.15 -88.58
CA CYS KA 114 -25.27 -97.29 -89.96
C CYS KA 114 -24.11 -96.36 -90.31
N ASP KA 115 -23.89 -95.32 -89.52
CA ASP KA 115 -22.68 -94.53 -89.69
C ASP KA 115 -21.47 -95.24 -89.10
N ILE KA 116 -21.68 -96.10 -88.10
CA ILE KA 116 -20.57 -96.83 -87.50
C ILE KA 116 -20.16 -97.98 -88.41
N LYS KA 117 -21.14 -98.68 -88.99
CA LYS KA 117 -20.83 -99.82 -89.86
C LYS KA 117 -20.17 -99.37 -91.15
N GLN KA 118 -20.51 -98.17 -91.61
CA GLN KA 118 -19.90 -97.66 -92.83
C GLN KA 118 -18.44 -97.30 -92.62
N ALA KA 119 -18.14 -96.67 -91.47
CA ALA KA 119 -16.80 -96.16 -91.22
C ALA KA 119 -15.77 -97.27 -91.05
N TYR KA 120 -16.22 -98.47 -90.69
CA TYR KA 120 -15.32 -99.61 -90.66
C TYR KA 120 -15.20 -100.31 -92.00
N THR KA 121 -15.74 -99.72 -93.06
CA THR KA 121 -15.52 -100.20 -94.42
C THR KA 121 -14.60 -99.29 -95.23
N GLN KA 122 -14.68 -97.98 -95.02
CA GLN KA 122 -13.88 -97.07 -95.83
C GLN KA 122 -12.42 -97.07 -95.41
N PHE KA 123 -12.14 -96.66 -94.19
CA PHE KA 123 -10.77 -96.44 -93.76
C PHE KA 123 -10.38 -97.39 -92.64
N GLY KA 124 -9.15 -97.87 -92.69
CA GLY KA 124 -8.57 -98.69 -91.64
C GLY KA 124 -8.21 -100.09 -92.07
N GLY KA 125 -8.79 -100.61 -93.15
CA GLY KA 125 -8.55 -102.00 -93.50
C GLY KA 125 -9.14 -102.99 -92.52
N LYS KA 126 -10.13 -102.58 -91.75
CA LYS KA 126 -10.77 -103.45 -90.79
C LYS KA 126 -11.71 -104.40 -91.52
N ARG KA 127 -11.88 -105.60 -90.96
CA ARG KA 127 -12.89 -106.51 -91.43
C ARG KA 127 -14.27 -105.90 -91.22
N PRO KA 128 -15.10 -105.81 -92.25
CA PRO KA 128 -16.43 -105.22 -92.08
C PRO KA 128 -17.36 -106.15 -91.34
N PHE KA 129 -18.52 -105.61 -90.98
CA PHE KA 129 -19.51 -106.37 -90.24
C PHE KA 129 -20.25 -107.33 -91.17
N GLY KA 130 -20.60 -108.49 -90.64
CA GLY KA 130 -21.39 -109.45 -91.39
C GLY KA 130 -22.74 -109.61 -90.75
N VAL KA 131 -23.35 -108.49 -90.36
CA VAL KA 131 -24.54 -108.49 -89.53
C VAL KA 131 -25.63 -107.72 -90.26
N SER KA 132 -26.79 -108.36 -90.42
CA SER KA 132 -27.99 -107.70 -90.92
C SER KA 132 -29.07 -107.92 -89.87
N LEU KA 133 -29.63 -106.83 -89.34
CA LEU KA 133 -30.61 -106.99 -88.28
C LEU KA 133 -31.82 -106.10 -88.54
N LEU KA 134 -32.88 -106.35 -87.78
CA LEU KA 134 -34.16 -105.70 -87.97
C LEU KA 134 -34.43 -104.74 -86.82
N TYR KA 135 -35.50 -103.96 -86.97
CA TYR KA 135 -35.85 -102.96 -85.96
C TYR KA 135 -37.35 -102.88 -85.83
N ILE KA 136 -37.82 -102.81 -84.59
CA ILE KA 136 -39.22 -102.50 -84.32
C ILE KA 136 -39.23 -101.33 -83.36
N GLY KA 137 -40.40 -100.88 -82.96
CA GLY KA 137 -40.47 -99.87 -81.94
C GLY KA 137 -41.65 -98.94 -82.13
N TRP KA 138 -41.61 -97.85 -81.38
CA TRP KA 138 -42.70 -96.88 -81.33
C TRP KA 138 -42.11 -95.53 -80.98
N ASP KA 139 -42.45 -94.51 -81.75
CA ASP KA 139 -42.06 -93.15 -81.41
C ASP KA 139 -43.30 -92.28 -81.23
N LYS KA 140 -43.09 -91.00 -81.01
CA LYS KA 140 -44.17 -90.04 -80.82
C LYS KA 140 -44.55 -89.36 -82.12
N HIS KA 141 -43.92 -89.71 -83.23
CA HIS KA 141 -44.12 -89.01 -84.48
C HIS KA 141 -44.82 -89.83 -85.53
N TYR KA 142 -44.47 -91.11 -85.66
CA TYR KA 142 -45.14 -91.98 -86.62
C TYR KA 142 -45.76 -93.20 -85.97
N GLY KA 143 -45.08 -93.79 -84.99
CA GLY KA 143 -45.63 -94.94 -84.31
C GLY KA 143 -44.87 -96.21 -84.60
N PHE KA 144 -45.57 -97.25 -85.03
CA PHE KA 144 -44.99 -98.56 -85.19
C PHE KA 144 -44.19 -98.61 -86.49
N GLN KA 145 -42.90 -98.93 -86.41
CA GLN KA 145 -41.99 -98.81 -87.53
C GLN KA 145 -41.15 -100.07 -87.68
N LEU KA 146 -40.72 -100.32 -88.92
CA LEU KA 146 -39.81 -101.42 -89.23
C LEU KA 146 -38.63 -100.91 -90.04
N TYR KA 147 -37.45 -101.47 -89.78
CA TYR KA 147 -36.26 -101.07 -90.51
C TYR KA 147 -35.37 -102.29 -90.77
N GLN KA 148 -34.63 -102.22 -91.87
CA GLN KA 148 -33.77 -103.29 -92.34
C GLN KA 148 -32.34 -102.76 -92.43
N SER KA 149 -31.45 -103.33 -91.64
CA SER KA 149 -30.06 -102.91 -91.64
C SER KA 149 -29.24 -103.80 -92.57
N ASP KA 150 -28.14 -103.26 -93.08
CA ASP KA 150 -27.27 -103.95 -94.03
C ASP KA 150 -25.84 -103.86 -93.55
N PRO KA 151 -24.97 -104.78 -93.98
CA PRO KA 151 -23.54 -104.64 -93.65
C PRO KA 151 -22.87 -103.46 -94.31
N SER KA 152 -23.43 -102.96 -95.41
CA SER KA 152 -22.89 -101.78 -96.07
C SER KA 152 -23.17 -100.50 -95.31
N GLY KA 153 -24.12 -100.52 -94.37
CA GLY KA 153 -24.51 -99.31 -93.70
C GLY KA 153 -25.70 -98.63 -94.31
N ASN KA 154 -26.55 -99.38 -95.00
CA ASN KA 154 -27.73 -98.84 -95.67
C ASN KA 154 -28.97 -99.35 -94.98
N TYR KA 155 -29.97 -98.48 -94.82
CA TYR KA 155 -31.20 -98.87 -94.15
C TYR KA 155 -32.38 -98.51 -95.05
N GLY KA 156 -33.58 -98.77 -94.55
CA GLY KA 156 -34.78 -98.43 -95.29
C GLY KA 156 -36.02 -98.75 -94.47
N GLY KA 157 -37.12 -98.12 -94.88
CA GLY KA 157 -38.40 -98.35 -94.25
C GLY KA 157 -39.14 -99.50 -94.91
N TRP KA 158 -39.71 -100.39 -94.11
CA TRP KA 158 -40.33 -101.60 -94.61
C TRP KA 158 -41.64 -101.85 -93.90
N LYS KA 159 -42.38 -102.84 -94.40
CA LYS KA 159 -43.52 -103.40 -93.68
C LYS KA 159 -43.55 -104.92 -93.65
N ALA KA 160 -42.83 -105.61 -94.54
CA ALA KA 160 -42.88 -107.07 -94.56
C ALA KA 160 -41.51 -107.64 -94.89
N THR KA 161 -40.44 -107.00 -94.44
CA THR KA 161 -39.09 -107.38 -94.85
C THR KA 161 -38.66 -108.70 -94.21
N CYS KA 162 -37.46 -109.15 -94.58
CA CYS KA 162 -36.91 -110.40 -94.09
C CYS KA 162 -35.39 -110.30 -94.06
N ILE KA 163 -34.73 -111.41 -93.75
CA ILE KA 163 -33.27 -111.45 -93.75
C ILE KA 163 -32.72 -112.60 -94.59
N GLY KA 164 -33.17 -113.82 -94.32
CA GLY KA 164 -32.51 -114.99 -94.86
C GLY KA 164 -32.79 -115.22 -96.34
N ASN KA 165 -31.85 -115.95 -96.97
CA ASN KA 165 -32.00 -116.33 -98.38
C ASN KA 165 -33.12 -117.34 -98.56
N ASN KA 166 -33.36 -118.19 -97.56
CA ASN KA 166 -34.54 -119.03 -97.57
C ASN KA 166 -35.81 -118.22 -97.53
N SER KA 167 -35.77 -117.03 -96.95
CA SER KA 167 -36.92 -116.16 -96.84
C SER KA 167 -37.08 -115.24 -98.04
N ALA KA 168 -36.27 -115.44 -99.10
CA ALA KA 168 -36.53 -114.74 -100.35
C ALA KA 168 -37.79 -115.25 -101.03
N ALA KA 169 -38.15 -116.51 -100.79
CA ALA KA 169 -39.43 -117.01 -101.25
C ALA KA 169 -40.58 -116.45 -100.41
N ALA KA 170 -40.29 -116.03 -99.19
CA ALA KA 170 -41.33 -115.45 -98.34
C ALA KA 170 -41.75 -114.07 -98.81
N VAL KA 171 -40.81 -113.32 -99.40
CA VAL KA 171 -41.12 -112.01 -99.95
C VAL KA 171 -42.07 -112.17 -101.15
N SER KA 172 -41.91 -113.25 -101.91
CA SER KA 172 -42.86 -113.57 -102.97
C SER KA 172 -44.23 -113.92 -102.42
N MET KA 173 -44.28 -114.50 -101.21
CA MET KA 173 -45.57 -114.69 -100.56
C MET KA 173 -46.10 -113.37 -100.02
N LEU KA 174 -45.21 -112.55 -99.46
CA LEU KA 174 -45.66 -111.30 -98.84
C LEU KA 174 -46.05 -110.25 -99.86
N LYS KA 175 -45.49 -110.31 -101.07
CA LYS KA 175 -46.05 -109.49 -102.13
C LYS KA 175 -47.39 -110.04 -102.59
N GLN KA 176 -47.58 -111.35 -102.51
CA GLN KA 176 -48.84 -111.94 -102.93
C GLN KA 176 -49.93 -111.72 -101.90
N ASP KA 177 -49.59 -111.84 -100.61
CA ASP KA 177 -50.59 -111.82 -99.54
C ASP KA 177 -50.18 -110.80 -98.49
N TYR KA 178 -50.64 -109.57 -98.65
CA TYR KA 178 -50.46 -108.56 -97.61
C TYR KA 178 -51.55 -107.51 -97.72
N LYS KA 179 -52.02 -107.08 -96.56
CA LYS KA 179 -53.14 -106.16 -96.42
C LYS KA 179 -52.64 -104.80 -96.00
N GLU KA 180 -53.34 -103.76 -96.42
CA GLU KA 180 -52.91 -102.38 -96.17
C GLU KA 180 -53.86 -101.75 -95.16
N GLY KA 181 -53.50 -101.82 -93.90
CA GLY KA 181 -54.33 -101.26 -92.85
C GLY KA 181 -55.42 -102.18 -92.37
N GLU KA 182 -55.17 -103.49 -92.35
CA GLU KA 182 -56.12 -104.45 -91.80
C GLU KA 182 -55.44 -105.42 -90.84
N MET KA 183 -54.32 -105.02 -90.25
CA MET KA 183 -53.59 -105.92 -89.37
C MET KA 183 -54.31 -106.03 -88.03
N THR KA 184 -54.38 -107.24 -87.51
CA THR KA 184 -54.76 -107.49 -86.13
C THR KA 184 -53.56 -108.08 -85.41
N LEU KA 185 -53.78 -108.50 -84.18
CA LEU KA 185 -52.83 -109.38 -83.51
C LEU KA 185 -53.18 -110.84 -83.71
N LYS KA 186 -54.09 -111.14 -84.64
CA LYS KA 186 -54.38 -112.50 -85.04
C LYS KA 186 -54.11 -112.73 -86.51
N SER KA 187 -54.51 -111.78 -87.37
CA SER KA 187 -54.22 -111.88 -88.79
C SER KA 187 -52.74 -111.72 -89.09
N ALA KA 188 -52.01 -111.02 -88.23
CA ALA KA 188 -50.58 -110.87 -88.45
C ALA KA 188 -49.82 -112.08 -87.94
N LEU KA 189 -50.27 -112.68 -86.83
CA LEU KA 189 -49.57 -113.84 -86.30
C LEU KA 189 -49.83 -115.08 -87.13
N ALA KA 190 -51.08 -115.28 -87.56
CA ALA KA 190 -51.40 -116.44 -88.38
C ALA KA 190 -50.77 -116.37 -89.76
N LEU KA 191 -50.49 -115.18 -90.25
CA LEU KA 191 -49.74 -115.04 -91.50
C LEU KA 191 -48.30 -115.48 -91.32
N ALA KA 192 -47.66 -115.09 -90.20
CA ALA KA 192 -46.28 -115.46 -89.96
C ALA KA 192 -46.12 -116.95 -89.70
N ILE KA 193 -47.11 -117.57 -89.05
CA ILE KA 193 -47.06 -119.02 -88.87
C ILE KA 193 -47.26 -119.73 -90.20
N LYS KA 194 -47.97 -119.09 -91.13
CA LYS KA 194 -48.13 -119.66 -92.46
C LYS KA 194 -46.85 -119.52 -93.28
N VAL KA 195 -46.09 -118.44 -93.05
CA VAL KA 195 -44.83 -118.24 -93.78
C VAL KA 195 -43.80 -119.26 -93.34
N LEU KA 196 -43.55 -119.36 -92.04
CA LEU KA 196 -42.52 -120.26 -91.51
C LEU KA 196 -42.88 -121.72 -91.65
N ASN KA 197 -44.15 -122.04 -91.92
CA ASN KA 197 -44.51 -123.42 -92.23
C ASN KA 197 -43.98 -123.82 -93.59
N LYS KA 198 -43.94 -122.88 -94.53
CA LYS KA 198 -43.49 -123.18 -95.88
C LYS KA 198 -42.01 -122.89 -96.08
N THR KA 199 -41.53 -121.76 -95.56
CA THR KA 199 -40.16 -121.36 -95.84
C THR KA 199 -39.14 -122.20 -95.09
N MET KA 200 -39.41 -122.50 -93.83
CA MET KA 200 -38.56 -123.45 -93.12
C MET KA 200 -38.80 -124.86 -93.64
N ASP KA 201 -37.75 -125.67 -93.62
CA ASP KA 201 -37.84 -127.06 -94.04
C ASP KA 201 -38.17 -128.00 -92.90
N VAL KA 202 -38.40 -127.47 -91.70
CA VAL KA 202 -38.83 -128.29 -90.58
C VAL KA 202 -40.28 -128.69 -90.79
N SER KA 203 -40.54 -130.00 -90.79
CA SER KA 203 -41.89 -130.50 -90.96
C SER KA 203 -42.70 -130.23 -89.70
N LYS KA 204 -43.97 -129.86 -89.90
CA LYS KA 204 -45.02 -129.69 -88.89
C LYS KA 204 -44.80 -128.49 -87.96
N LEU KA 205 -43.69 -127.75 -88.12
CA LEU KA 205 -43.37 -126.52 -87.38
C LEU KA 205 -43.35 -126.76 -85.87
N SER KA 206 -42.33 -127.50 -85.45
CA SER KA 206 -42.11 -127.75 -84.02
C SER KA 206 -41.95 -126.45 -83.26
N ALA KA 207 -42.67 -126.35 -82.13
CA ALA KA 207 -42.75 -125.11 -81.38
C ALA KA 207 -41.45 -124.76 -80.66
N GLU KA 208 -40.49 -125.67 -80.58
CA GLU KA 208 -39.18 -125.38 -80.02
C GLU KA 208 -38.19 -124.93 -81.09
N LYS KA 209 -38.67 -124.62 -82.29
CA LYS KA 209 -37.81 -124.14 -83.36
C LYS KA 209 -38.11 -122.71 -83.78
N VAL KA 210 -39.23 -122.13 -83.34
CA VAL KA 210 -39.60 -120.77 -83.71
C VAL KA 210 -39.60 -119.92 -82.45
N GLU KA 211 -39.74 -118.61 -82.66
CA GLU KA 211 -39.68 -117.65 -81.56
C GLU KA 211 -40.36 -116.37 -82.03
N ILE KA 212 -41.32 -115.87 -81.26
CA ILE KA 212 -42.17 -114.76 -81.67
C ILE KA 212 -42.20 -113.74 -80.53
N ALA KA 213 -41.90 -112.48 -80.85
CA ALA KA 213 -41.95 -111.39 -79.89
C ALA KA 213 -42.74 -110.23 -80.50
N THR KA 214 -43.69 -109.69 -79.74
CA THR KA 214 -44.56 -108.62 -80.20
C THR KA 214 -44.39 -107.38 -79.33
N LEU KA 215 -44.72 -106.23 -79.92
CA LEU KA 215 -44.71 -104.95 -79.24
C LEU KA 215 -46.07 -104.30 -79.38
N THR KA 216 -46.74 -104.06 -78.27
CA THR KA 216 -48.01 -103.35 -78.24
C THR KA 216 -47.87 -102.10 -77.37
N ARG KA 217 -48.84 -101.21 -77.53
CA ARG KA 217 -48.88 -99.93 -76.82
C ARG KA 217 -50.11 -99.97 -75.91
N GLU KA 218 -49.91 -100.24 -74.62
CA GLU KA 218 -51.04 -100.55 -73.77
C GLU KA 218 -51.74 -99.29 -73.26
N ASN KA 219 -51.09 -98.53 -72.38
CA ASN KA 219 -51.62 -97.24 -71.99
C ASN KA 219 -50.60 -96.13 -72.23
N GLY KA 220 -49.43 -96.28 -71.60
CA GLY KA 220 -48.32 -95.38 -71.83
C GLY KA 220 -47.01 -96.12 -71.72
N LYS KA 221 -47.05 -97.44 -71.84
CA LYS KA 221 -45.95 -98.30 -71.42
C LYS KA 221 -45.12 -98.87 -72.55
N THR KA 222 -45.72 -99.11 -73.73
CA THR KA 222 -45.11 -99.81 -74.86
C THR KA 222 -44.58 -101.18 -74.42
N VAL KA 223 -45.54 -102.05 -74.12
CA VAL KA 223 -45.23 -103.35 -73.54
C VAL KA 223 -44.60 -104.24 -74.61
N ILE KA 224 -43.38 -104.69 -74.35
CA ILE KA 224 -42.70 -105.61 -75.25
C ILE KA 224 -42.98 -107.03 -74.77
N ARG KA 225 -43.80 -107.75 -75.52
CA ARG KA 225 -44.29 -109.07 -75.11
C ARG KA 225 -43.42 -110.15 -75.73
N VAL KA 226 -42.92 -111.05 -74.90
CA VAL KA 226 -42.19 -112.23 -75.36
C VAL KA 226 -42.96 -113.46 -74.94
N LEU KA 227 -43.64 -114.09 -75.89
CA LEU KA 227 -44.53 -115.20 -75.60
C LEU KA 227 -43.79 -116.53 -75.74
N LYS KA 228 -44.11 -117.48 -74.86
CA LYS KA 228 -43.13 -118.52 -74.50
C LYS KA 228 -43.50 -119.93 -74.94
N GLN KA 229 -44.57 -120.52 -74.42
CA GLN KA 229 -44.58 -121.98 -74.48
C GLN KA 229 -45.83 -122.66 -75.04
N LYS KA 230 -47.01 -122.16 -74.70
CA LYS KA 230 -48.25 -122.84 -75.09
C LYS KA 230 -49.07 -122.06 -76.09
N GLU KA 231 -48.92 -120.74 -76.08
CA GLU KA 231 -49.53 -119.88 -77.07
C GLU KA 231 -48.96 -120.10 -78.46
N VAL KA 232 -47.71 -120.55 -78.56
CA VAL KA 232 -47.16 -120.94 -79.85
C VAL KA 232 -47.85 -122.20 -80.36
N GLU KA 233 -48.05 -123.17 -79.48
CA GLU KA 233 -48.58 -124.47 -79.87
C GLU KA 233 -50.05 -124.36 -80.31
N GLN KA 234 -50.85 -123.61 -79.55
CA GLN KA 234 -52.25 -123.44 -79.93
C GLN KA 234 -52.40 -122.56 -81.15
N LEU KA 235 -51.39 -121.74 -81.46
CA LEU KA 235 -51.37 -121.03 -82.73
C LEU KA 235 -51.15 -122.00 -83.89
N ILE KA 236 -50.36 -123.04 -83.66
CA ILE KA 236 -50.14 -124.06 -84.67
C ILE KA 236 -51.39 -124.92 -84.83
N LYS KA 237 -52.01 -125.30 -83.71
CA LYS KA 237 -53.26 -126.05 -83.75
C LYS KA 237 -54.39 -125.22 -84.34
N LYS KA 238 -54.31 -123.89 -84.24
CA LYS KA 238 -55.23 -123.05 -84.99
C LYS KA 238 -54.89 -123.07 -86.48
N HIS KA 239 -53.60 -123.04 -86.80
CA HIS KA 239 -53.20 -122.98 -88.20
C HIS KA 239 -53.38 -124.32 -88.91
N GLU KA 240 -53.12 -125.42 -88.21
CA GLU KA 240 -53.33 -126.74 -88.80
C GLU KA 240 -54.80 -127.03 -89.00
N GLU KA 241 -55.67 -126.46 -88.16
CA GLU KA 241 -57.10 -126.65 -88.32
C GLU KA 241 -57.62 -125.88 -89.52
N GLU KA 242 -57.08 -124.68 -89.76
CA GLU KA 242 -57.52 -123.90 -90.91
C GLU KA 242 -56.99 -124.48 -92.21
N GLU KA 243 -55.84 -125.15 -92.16
CA GLU KA 243 -55.34 -125.85 -93.33
C GLU KA 243 -56.17 -127.09 -93.60
N ALA KA 244 -56.67 -127.75 -92.55
CA ALA KA 244 -57.51 -128.92 -92.73
C ALA KA 244 -58.91 -128.54 -93.17
N LYS KA 245 -59.35 -127.31 -92.86
CA LYS KA 245 -60.66 -126.87 -93.32
C LYS KA 245 -60.63 -126.42 -94.77
N ALA KA 246 -59.58 -125.70 -95.16
CA ALA KA 246 -59.49 -125.16 -96.52
C ALA KA 246 -59.20 -126.25 -97.55
N GLU KA 247 -58.65 -127.39 -97.13
CA GLU KA 247 -58.36 -128.47 -98.05
C GLU KA 247 -59.58 -129.33 -98.36
N ARG KA 248 -60.73 -129.05 -97.73
CA ARG KA 248 -61.94 -129.80 -98.02
C ARG KA 248 -62.54 -129.45 -99.37
N GLU KA 249 -62.14 -128.32 -99.96
CA GLU KA 249 -62.53 -128.00 -101.33
C GLU KA 249 -61.84 -128.89 -102.35
N LYS KA 250 -60.71 -129.50 -101.98
CA LYS KA 250 -60.02 -130.42 -102.86
C LYS KA 250 -60.75 -131.76 -102.95
N SER LA 1 -4.20 -95.00 -86.66
CA SER LA 1 -2.84 -95.43 -86.92
C SER LA 1 -2.79 -96.40 -88.10
N TYR LA 2 -2.84 -95.86 -89.32
CA TYR LA 2 -2.75 -96.67 -90.53
C TYR LA 2 -1.91 -95.91 -91.54
N ASP LA 3 -0.86 -96.56 -92.04
CA ASP LA 3 0.08 -95.94 -92.97
C ASP LA 3 0.18 -96.84 -94.20
N ARG LA 4 -0.72 -96.66 -95.16
CA ARG LA 4 -0.62 -97.39 -96.41
C ARG LA 4 -1.27 -96.54 -97.50
N ALA LA 5 -0.47 -96.17 -98.51
CA ALA LA 5 -1.00 -95.43 -99.64
C ALA LA 5 -1.88 -96.34 -100.49
N ILE LA 6 -3.05 -95.85 -100.85
CA ILE LA 6 -3.99 -96.59 -101.69
C ILE LA 6 -4.01 -96.05 -103.11
N THR LA 7 -4.06 -94.73 -103.25
CA THR LA 7 -4.09 -94.08 -104.55
C THR LA 7 -2.66 -93.73 -104.95
N VAL LA 8 -2.13 -94.45 -105.94
CA VAL LA 8 -0.80 -94.18 -106.46
C VAL LA 8 -0.92 -93.89 -107.95
N PHE LA 9 0.20 -93.58 -108.59
CA PHE LA 9 0.21 -93.30 -110.01
C PHE LA 9 0.35 -94.57 -110.83
N SER LA 10 0.03 -94.43 -112.11
CA SER LA 10 0.10 -95.48 -113.10
C SER LA 10 1.27 -95.21 -114.03
N PRO LA 11 1.76 -96.22 -114.76
CA PRO LA 11 2.89 -95.96 -115.69
C PRO LA 11 2.55 -95.03 -116.85
N ASP LA 12 1.28 -94.90 -117.22
CA ASP LA 12 0.93 -94.02 -118.32
C ASP LA 12 0.63 -92.59 -117.89
N GLY LA 13 0.48 -92.35 -116.59
CA GLY LA 13 0.23 -91.01 -116.10
C GLY LA 13 -1.20 -90.78 -115.67
N HIS LA 14 -1.86 -91.84 -115.18
CA HIS LA 14 -3.22 -91.71 -114.66
C HIS LA 14 -3.28 -92.21 -113.24
N LEU LA 15 -4.49 -92.31 -112.71
CA LEU LA 15 -4.75 -92.91 -111.40
C LEU LA 15 -5.49 -94.23 -111.61
N PHE LA 16 -5.80 -94.88 -110.48
CA PHE LA 16 -6.59 -96.10 -110.51
C PHE LA 16 -7.93 -95.95 -109.82
N GLN LA 17 -7.94 -95.45 -108.58
CA GLN LA 17 -9.16 -95.49 -107.78
C GLN LA 17 -10.17 -94.45 -108.25
N VAL LA 18 -9.70 -93.37 -108.86
CA VAL LA 18 -10.60 -92.29 -109.26
C VAL LA 18 -11.41 -92.71 -110.48
N GLU LA 19 -10.77 -93.35 -111.46
CA GLU LA 19 -11.50 -93.89 -112.60
C GLU LA 19 -12.40 -95.04 -112.18
N TYR LA 20 -12.03 -95.78 -111.15
CA TYR LA 20 -12.88 -96.84 -110.65
C TYR LA 20 -14.06 -96.29 -109.87
N ALA LA 21 -13.88 -95.17 -109.16
CA ALA LA 21 -14.98 -94.60 -108.41
C ALA LA 21 -15.99 -93.91 -109.30
N GLN LA 22 -15.56 -93.44 -110.47
CA GLN LA 22 -16.51 -92.86 -111.42
C GLN LA 22 -17.35 -93.93 -112.10
N GLU LA 23 -16.91 -95.19 -112.07
CA GLU LA 23 -17.73 -96.28 -112.57
C GLU LA 23 -18.96 -96.49 -111.69
N ALA LA 24 -18.79 -96.33 -110.37
CA ALA LA 24 -19.93 -96.50 -109.47
C ALA LA 24 -20.93 -95.37 -109.60
N VAL LA 25 -20.46 -94.19 -110.01
CA VAL LA 25 -21.37 -93.09 -110.31
C VAL LA 25 -22.17 -93.41 -111.58
N LYS LA 26 -21.54 -94.09 -112.53
CA LYS LA 26 -22.24 -94.50 -113.74
C LYS LA 26 -23.27 -95.57 -113.48
N LYS LA 27 -23.14 -96.35 -112.41
CA LYS LA 27 -24.15 -97.33 -112.05
C LYS LA 27 -25.13 -96.77 -111.02
N GLY LA 28 -25.77 -95.64 -111.34
CA GLY LA 28 -26.71 -95.04 -110.43
C GLY LA 28 -27.93 -94.52 -111.17
N SER LA 29 -28.93 -94.10 -110.40
CA SER LA 29 -30.12 -93.54 -110.99
C SER LA 29 -29.85 -92.13 -111.50
N THR LA 30 -30.44 -91.80 -112.64
CA THR LA 30 -30.20 -90.50 -113.25
C THR LA 30 -30.98 -89.43 -112.53
N ALA LA 31 -30.39 -88.24 -112.43
CA ALA LA 31 -31.06 -87.10 -111.81
C ALA LA 31 -30.55 -85.84 -112.49
N VAL LA 32 -31.46 -85.10 -113.09
CA VAL LA 32 -31.09 -83.92 -113.86
C VAL LA 32 -31.51 -82.68 -113.09
N GLY LA 33 -31.06 -81.53 -113.56
CA GLY LA 33 -31.44 -80.27 -112.96
C GLY LA 33 -31.05 -79.10 -113.83
N VAL LA 34 -32.01 -78.21 -114.07
CA VAL LA 34 -31.76 -77.01 -114.87
C VAL LA 34 -32.01 -75.81 -113.98
N ARG LA 35 -31.78 -74.62 -114.51
CA ARG LA 35 -32.10 -73.42 -113.76
C ARG LA 35 -32.88 -72.45 -114.64
N GLY LA 36 -33.21 -71.29 -114.08
CA GLY LA 36 -33.92 -70.27 -114.81
C GLY LA 36 -33.49 -68.90 -114.35
N ARG LA 37 -34.45 -68.00 -114.14
CA ARG LA 37 -34.16 -66.69 -113.57
C ARG LA 37 -34.80 -66.46 -112.22
N ASP LA 38 -35.86 -67.19 -111.88
CA ASP LA 38 -36.53 -67.00 -110.59
C ASP LA 38 -36.73 -68.33 -109.90
N ILE LA 39 -36.89 -69.40 -110.67
CA ILE LA 39 -37.20 -70.71 -110.13
C ILE LA 39 -36.24 -71.72 -110.72
N VAL LA 40 -35.73 -72.61 -109.87
CA VAL LA 40 -34.87 -73.69 -110.29
C VAL LA 40 -35.68 -74.98 -110.21
N VAL LA 41 -35.17 -76.01 -110.89
CA VAL LA 41 -35.88 -77.28 -110.95
C VAL LA 41 -34.86 -78.40 -110.99
N LEU LA 42 -35.19 -79.50 -110.32
CA LEU LA 42 -34.36 -80.69 -110.35
C LEU LA 42 -35.26 -81.89 -110.10
N GLY LA 43 -34.98 -82.99 -110.81
CA GLY LA 43 -35.77 -84.19 -110.68
C GLY LA 43 -34.91 -85.41 -110.81
N VAL LA 44 -35.39 -86.49 -110.21
CA VAL LA 44 -34.67 -87.76 -110.20
C VAL LA 44 -35.52 -88.78 -110.95
N GLU LA 45 -34.86 -89.72 -111.60
CA GLU LA 45 -35.52 -90.83 -112.26
C GLU LA 45 -35.13 -92.12 -111.57
N LYS LA 46 -35.70 -93.22 -112.07
CA LYS LA 46 -35.48 -94.59 -111.60
C LYS LA 46 -35.79 -94.71 -110.10
N LYS LA 47 -37.05 -94.48 -109.76
CA LYS LA 47 -37.49 -94.62 -108.37
C LYS LA 47 -37.40 -96.07 -107.92
N SER LA 48 -37.95 -96.99 -108.73
CA SER LA 48 -37.87 -98.44 -108.53
C SER LA 48 -38.46 -98.87 -107.18
N VAL LA 49 -39.66 -98.40 -106.92
CA VAL LA 49 -40.34 -98.70 -105.67
C VAL LA 49 -40.89 -100.11 -105.73
N ALA LA 50 -40.95 -100.76 -104.57
CA ALA LA 50 -41.55 -102.09 -104.48
C ALA LA 50 -43.07 -102.04 -104.48
N LYS LA 51 -43.65 -100.85 -104.33
CA LYS LA 51 -45.09 -100.57 -104.35
C LYS LA 51 -45.86 -101.30 -103.27
N LEU LA 52 -45.18 -101.76 -102.23
CA LEU LA 52 -45.83 -102.27 -101.04
C LEU LA 52 -45.11 -101.84 -99.78
N GLN LA 53 -44.12 -100.95 -99.89
CA GLN LA 53 -43.19 -100.66 -98.80
C GLN LA 53 -43.11 -99.17 -98.59
N ASP LA 54 -42.43 -98.76 -97.52
CA ASP LA 54 -42.40 -97.37 -97.13
C ASP LA 54 -41.48 -96.58 -98.05
N GLU LA 55 -41.74 -95.28 -98.16
CA GLU LA 55 -41.08 -94.44 -99.16
C GLU LA 55 -40.64 -93.08 -98.64
N ARG LA 56 -40.93 -92.73 -97.38
CA ARG LA 56 -40.45 -91.45 -96.89
C ARG LA 56 -38.97 -91.50 -96.52
N THR LA 57 -38.42 -92.71 -96.33
CA THR LA 57 -37.03 -92.87 -95.97
C THR LA 57 -36.13 -93.14 -97.16
N VAL LA 58 -36.68 -93.20 -98.36
CA VAL LA 58 -35.91 -93.51 -99.55
C VAL LA 58 -35.72 -92.20 -100.33
N ARG LA 59 -36.10 -91.10 -99.70
CA ARG LA 59 -35.98 -89.79 -100.33
C ARG LA 59 -34.52 -89.37 -100.42
N LYS LA 60 -34.06 -89.10 -101.65
CA LYS LA 60 -32.66 -88.78 -101.90
C LYS LA 60 -32.48 -87.37 -102.45
N ILE LA 61 -33.44 -86.49 -102.25
CA ILE LA 61 -33.26 -85.06 -102.45
C ILE LA 61 -33.46 -84.38 -101.11
N CYS LA 62 -32.40 -83.79 -100.57
CA CYS LA 62 -32.47 -83.16 -99.26
C CYS LA 62 -31.95 -81.74 -99.36
N ALA LA 63 -32.00 -81.03 -98.24
CA ALA LA 63 -31.57 -79.65 -98.17
C ALA LA 63 -30.53 -79.51 -97.07
N LEU LA 64 -29.43 -78.82 -97.37
CA LEU LA 64 -28.42 -78.58 -96.35
C LEU LA 64 -28.83 -77.42 -95.46
N ASP LA 65 -29.50 -76.42 -96.02
CA ASP LA 65 -29.92 -75.25 -95.27
C ASP LA 65 -31.30 -74.88 -95.82
N ASP LA 66 -31.77 -73.68 -95.52
CA ASP LA 66 -33.01 -73.20 -96.11
C ASP LA 66 -32.84 -72.64 -97.51
N ASN LA 67 -31.66 -72.77 -98.09
CA ASN LA 67 -31.40 -72.23 -99.41
C ASN LA 67 -30.84 -73.28 -100.37
N VAL LA 68 -30.05 -74.22 -99.88
CA VAL LA 68 -29.26 -75.10 -100.72
C VAL LA 68 -29.92 -76.48 -100.75
N CYS LA 69 -29.99 -77.07 -101.95
CA CYS LA 69 -30.63 -78.36 -102.13
C CYS LA 69 -29.66 -79.35 -102.78
N MET LA 70 -29.83 -80.63 -102.47
CA MET LA 70 -28.92 -81.68 -102.91
C MET LA 70 -29.57 -82.65 -103.89
N ALA LA 71 -28.74 -83.25 -104.72
CA ALA LA 71 -29.14 -84.37 -105.58
C ALA LA 71 -27.85 -85.10 -105.96
N PHE LA 72 -27.69 -86.33 -105.47
CA PHE LA 72 -26.43 -87.02 -105.64
C PHE LA 72 -26.56 -88.19 -106.63
N ALA LA 73 -25.49 -88.96 -106.77
CA ALA LA 73 -25.46 -90.17 -107.58
C ALA LA 73 -24.70 -91.23 -106.82
N GLY LA 74 -24.46 -92.36 -107.49
CA GLY LA 74 -23.63 -93.40 -106.91
C GLY LA 74 -24.31 -94.12 -105.77
N LEU LA 75 -23.49 -94.66 -104.87
CA LEU LA 75 -23.99 -95.44 -103.76
C LEU LA 75 -24.50 -94.52 -102.65
N THR LA 76 -25.49 -95.03 -101.91
CA THR LA 76 -26.25 -94.21 -100.97
C THR LA 76 -25.58 -94.08 -99.62
N ALA LA 77 -24.70 -95.01 -99.25
CA ALA LA 77 -24.04 -94.93 -97.96
C ALA LA 77 -23.07 -93.76 -97.92
N ASP LA 78 -22.31 -93.56 -98.99
CA ASP LA 78 -21.32 -92.48 -99.02
C ASP LA 78 -21.97 -91.11 -99.10
N ALA LA 79 -23.20 -91.02 -99.59
CA ALA LA 79 -23.88 -89.74 -99.64
C ALA LA 79 -24.27 -89.25 -98.25
N ARG LA 80 -24.66 -90.18 -97.38
CA ARG LA 80 -25.16 -89.81 -96.06
C ARG LA 80 -24.07 -89.22 -95.18
N ILE LA 81 -22.81 -89.64 -95.39
CA ILE LA 81 -21.71 -89.06 -94.64
C ILE LA 81 -21.42 -87.65 -95.13
N VAL LA 82 -21.47 -87.44 -96.45
CA VAL LA 82 -21.14 -86.14 -97.01
C VAL LA 82 -22.22 -85.11 -96.67
N ILE LA 83 -23.48 -85.54 -96.69
CA ILE LA 83 -24.59 -84.63 -96.41
C ILE LA 83 -24.56 -84.16 -94.96
N ASN LA 84 -24.49 -85.11 -94.02
CA ASN LA 84 -24.46 -84.74 -92.61
C ASN LA 84 -23.17 -84.05 -92.21
N ARG LA 85 -22.10 -84.20 -92.99
CA ARG LA 85 -20.93 -83.36 -92.80
C ARG LA 85 -21.19 -81.94 -93.26
N ALA LA 86 -21.84 -81.78 -94.42
CA ALA LA 86 -22.04 -80.46 -94.99
C ALA LA 86 -23.14 -79.68 -94.28
N ARG LA 87 -24.04 -80.37 -93.58
CA ARG LA 87 -25.01 -79.66 -92.75
C ARG LA 87 -24.34 -78.96 -91.58
N VAL LA 88 -23.26 -79.56 -91.07
CA VAL LA 88 -22.53 -78.95 -89.95
C VAL LA 88 -21.77 -77.72 -90.42
N GLU LA 89 -21.19 -77.78 -91.62
CA GLU LA 89 -20.36 -76.69 -92.11
C GLU LA 89 -21.20 -75.47 -92.47
N CYS LA 90 -22.35 -75.67 -93.11
CA CYS LA 90 -23.22 -74.55 -93.42
C CYS LA 90 -23.94 -74.01 -92.19
N GLN LA 91 -23.88 -74.73 -91.07
CA GLN LA 91 -24.45 -74.22 -89.84
C GLN LA 91 -23.40 -73.50 -89.01
N SER LA 92 -22.14 -73.94 -89.10
CA SER LA 92 -21.05 -73.27 -88.39
C SER LA 92 -20.55 -72.03 -89.13
N HIS LA 93 -20.76 -71.96 -90.44
CA HIS LA 93 -20.50 -70.71 -91.16
C HIS LA 93 -21.46 -69.63 -90.72
N ARG LA 94 -22.72 -70.01 -90.46
CA ARG LA 94 -23.72 -69.06 -89.98
C ARG LA 94 -23.39 -68.55 -88.58
N LEU LA 95 -22.64 -69.33 -87.80
CA LEU LA 95 -22.23 -68.89 -86.48
C LEU LA 95 -21.20 -67.77 -86.56
N THR LA 96 -20.23 -67.88 -87.47
CA THR LA 96 -19.21 -66.84 -87.58
C THR LA 96 -19.72 -65.67 -88.41
N VAL LA 97 -20.02 -65.92 -89.68
CA VAL LA 97 -20.52 -64.87 -90.57
C VAL LA 97 -22.03 -64.97 -90.59
N GLU LA 98 -22.71 -63.85 -90.35
CA GLU LA 98 -24.14 -63.87 -90.09
C GLU LA 98 -25.00 -64.13 -91.32
N ASP LA 99 -24.41 -64.22 -92.50
CA ASP LA 99 -25.18 -64.41 -93.72
C ASP LA 99 -25.66 -65.86 -93.84
N PRO LA 100 -26.63 -66.13 -94.69
CA PRO LA 100 -26.81 -67.50 -95.18
C PRO LA 100 -25.63 -67.88 -96.07
N VAL LA 101 -25.32 -69.17 -96.08
CA VAL LA 101 -24.15 -69.66 -96.81
C VAL LA 101 -24.44 -69.62 -98.29
N THR LA 102 -23.50 -69.08 -99.06
CA THR LA 102 -23.64 -69.06 -100.50
C THR LA 102 -23.49 -70.47 -101.08
N VAL LA 103 -23.97 -70.63 -102.30
CA VAL LA 103 -23.84 -71.92 -102.98
C VAL LA 103 -22.41 -72.16 -103.43
N GLU LA 104 -21.60 -71.10 -103.51
CA GLU LA 104 -20.21 -71.26 -103.89
C GLU LA 104 -19.36 -71.74 -102.73
N TYR LA 105 -19.64 -71.30 -101.52
CA TYR LA 105 -18.84 -71.69 -100.37
C TYR LA 105 -19.08 -73.13 -99.97
N ILE LA 106 -20.29 -73.64 -100.14
CA ILE LA 106 -20.56 -74.99 -99.66
C ILE LA 106 -20.03 -76.03 -100.64
N THR LA 107 -19.89 -75.68 -101.93
CA THR LA 107 -19.32 -76.63 -102.87
C THR LA 107 -17.80 -76.72 -102.76
N ARG LA 108 -17.14 -75.62 -102.40
CA ARG LA 108 -15.72 -75.74 -102.11
C ARG LA 108 -15.44 -76.49 -100.83
N TYR LA 109 -16.41 -76.53 -99.90
CA TYR LA 109 -16.21 -77.37 -98.73
C TYR LA 109 -16.30 -78.84 -99.09
N ILE LA 110 -17.24 -79.20 -99.96
CA ILE LA 110 -17.43 -80.61 -100.31
C ILE LA 110 -16.31 -81.10 -101.21
N ALA LA 111 -15.93 -80.28 -102.20
CA ALA LA 111 -14.92 -80.70 -103.15
C ALA LA 111 -13.53 -80.77 -102.53
N SER LA 112 -13.21 -79.85 -101.62
CA SER LA 112 -11.92 -79.91 -100.96
C SER LA 112 -11.89 -80.98 -99.87
N LEU LA 113 -13.04 -81.34 -99.33
CA LEU LA 113 -13.10 -82.51 -98.46
C LEU LA 113 -12.80 -83.77 -99.25
N LYS LA 114 -13.39 -83.89 -100.44
CA LYS LA 114 -13.33 -85.12 -101.19
C LYS LA 114 -11.96 -85.30 -101.84
N GLN LA 115 -11.21 -84.22 -102.03
CA GLN LA 115 -9.87 -84.33 -102.59
C GLN LA 115 -8.87 -84.82 -101.56
N ARG LA 116 -8.82 -84.18 -100.39
CA ARG LA 116 -7.91 -84.62 -99.33
C ARG LA 116 -8.28 -85.98 -98.77
N TYR LA 117 -9.49 -86.44 -99.03
CA TYR LA 117 -9.92 -87.77 -98.69
C TYR LA 117 -9.39 -88.80 -99.68
N THR LA 118 -8.93 -88.36 -100.85
CA THR LA 118 -8.19 -89.22 -101.76
C THR LA 118 -6.68 -89.04 -101.64
N GLN LA 119 -6.25 -87.88 -101.14
CA GLN LA 119 -4.82 -87.62 -100.97
C GLN LA 119 -4.24 -88.48 -99.85
N SER LA 120 -5.01 -88.73 -98.81
CA SER LA 120 -4.49 -89.37 -97.62
C SER LA 120 -4.34 -90.88 -97.82
N ASN LA 121 -3.94 -91.55 -96.74
CA ASN LA 121 -3.53 -92.94 -96.79
C ASN LA 121 -4.58 -93.85 -96.17
N GLY LA 122 -4.81 -94.99 -96.80
CA GLY LA 122 -5.69 -95.99 -96.21
C GLY LA 122 -7.15 -95.67 -96.24
N ARG LA 123 -7.61 -94.86 -97.18
CA ARG LA 123 -8.98 -94.34 -97.17
C ARG LA 123 -9.61 -94.61 -98.53
N ARG LA 124 -10.71 -95.35 -98.54
CA ARG LA 124 -11.47 -95.61 -99.76
C ARG LA 124 -12.19 -94.35 -100.21
N PRO LA 125 -11.94 -93.83 -101.40
CA PRO LA 125 -12.59 -92.60 -101.85
C PRO LA 125 -14.10 -92.75 -102.01
N PHE LA 126 -14.78 -91.60 -102.07
CA PHE LA 126 -16.23 -91.62 -102.23
C PHE LA 126 -16.60 -92.05 -103.64
N GLY LA 127 -17.88 -92.41 -103.80
CA GLY LA 127 -18.37 -92.82 -105.09
C GLY LA 127 -19.64 -92.10 -105.46
N ILE LA 128 -19.77 -90.84 -105.07
CA ILE LA 128 -20.96 -90.07 -105.32
C ILE LA 128 -20.60 -88.86 -106.18
N SER LA 129 -21.62 -88.21 -106.71
CA SER LA 129 -21.46 -86.99 -107.49
C SER LA 129 -22.72 -86.16 -107.29
N ALA LA 130 -22.57 -84.99 -106.68
CA ALA LA 130 -23.71 -84.21 -106.24
C ALA LA 130 -24.10 -83.17 -107.28
N LEU LA 131 -25.35 -82.74 -107.20
CA LEU LA 131 -25.87 -81.57 -107.90
C LEU LA 131 -26.31 -80.57 -106.84
N ILE LA 132 -25.57 -79.48 -106.73
CA ILE LA 132 -25.79 -78.51 -105.68
C ILE LA 132 -26.54 -77.32 -106.29
N VAL LA 133 -27.79 -77.13 -105.89
CA VAL LA 133 -28.66 -76.13 -106.46
C VAL LA 133 -29.12 -75.20 -105.35
N GLY LA 134 -28.95 -73.90 -105.56
CA GLY LA 134 -29.41 -72.92 -104.59
C GLY LA 134 -29.25 -71.50 -105.10
N PHE LA 135 -30.28 -70.68 -104.93
CA PHE LA 135 -30.27 -69.30 -105.40
C PHE LA 135 -29.84 -68.40 -104.25
N ASP LA 136 -28.71 -67.71 -104.43
CA ASP LA 136 -28.09 -66.93 -103.37
C ASP LA 136 -28.83 -65.61 -103.17
N PHE LA 137 -28.22 -64.69 -102.42
CA PHE LA 137 -28.73 -63.34 -102.33
C PHE LA 137 -28.59 -62.63 -103.67
N ASP LA 138 -29.32 -61.52 -103.79
CA ASP LA 138 -29.53 -60.72 -105.01
C ASP LA 138 -30.28 -61.50 -106.10
N GLY LA 139 -30.87 -62.65 -105.74
CA GLY LA 139 -31.62 -63.47 -106.69
C GLY LA 139 -30.77 -64.02 -107.81
N THR LA 140 -29.84 -64.93 -107.48
CA THR LA 140 -28.90 -65.48 -108.44
C THR LA 140 -29.08 -66.99 -108.52
N PRO LA 141 -29.97 -67.47 -109.39
CA PRO LA 141 -30.15 -68.92 -109.54
C PRO LA 141 -28.99 -69.54 -110.30
N ARG LA 142 -28.32 -70.50 -109.66
CA ARG LA 142 -27.22 -71.20 -110.28
C ARG LA 142 -27.08 -72.58 -109.66
N LEU LA 143 -26.42 -73.48 -110.39
CA LEU LA 143 -26.24 -74.84 -109.93
C LEU LA 143 -24.81 -75.28 -110.23
N TYR LA 144 -24.23 -76.02 -109.31
CA TYR LA 144 -22.88 -76.56 -109.45
C TYR LA 144 -22.95 -78.07 -109.50
N GLN LA 145 -21.79 -78.71 -109.63
CA GLN LA 145 -21.72 -80.16 -109.45
C GLN LA 145 -20.39 -80.53 -108.84
N THR LA 146 -20.30 -81.76 -108.37
CA THR LA 146 -19.05 -82.31 -107.87
C THR LA 146 -18.65 -83.53 -108.68
N ASP LA 147 -17.60 -84.18 -108.22
CA ASP LA 147 -16.96 -85.28 -108.91
C ASP LA 147 -16.18 -86.03 -107.86
N PRO LA 148 -16.01 -87.35 -107.95
CA PRO LA 148 -15.22 -88.07 -106.95
C PRO LA 148 -13.75 -87.68 -106.93
N SER LA 149 -13.22 -87.08 -108.00
CA SER LA 149 -11.85 -86.60 -107.96
C SER LA 149 -11.71 -85.37 -107.09
N GLY LA 150 -12.76 -84.59 -106.95
CA GLY LA 150 -12.73 -83.37 -106.18
C GLY LA 150 -12.82 -82.08 -106.99
N THR LA 151 -13.27 -82.14 -108.23
CA THR LA 151 -13.45 -80.96 -109.05
C THR LA 151 -14.88 -80.48 -108.96
N TYR LA 152 -15.08 -79.19 -109.24
CA TYR LA 152 -16.41 -78.61 -109.24
C TYR LA 152 -16.51 -77.59 -110.36
N HIS LA 153 -17.71 -77.47 -110.92
CA HIS LA 153 -17.95 -76.57 -112.04
C HIS LA 153 -19.27 -75.84 -111.82
N ALA LA 154 -19.69 -75.11 -112.85
CA ALA LA 154 -21.01 -74.50 -112.90
C ALA LA 154 -21.64 -74.88 -114.22
N TRP LA 155 -22.77 -75.56 -114.18
CA TRP LA 155 -23.48 -75.89 -115.40
C TRP LA 155 -24.83 -75.20 -115.42
N LYS LA 156 -25.46 -75.24 -116.58
CA LYS LA 156 -26.84 -74.80 -116.73
C LYS LA 156 -27.82 -75.96 -116.83
N ALA LA 157 -27.33 -77.15 -117.15
CA ALA LA 157 -28.17 -78.35 -117.20
C ALA LA 157 -27.25 -79.56 -117.03
N ASN LA 158 -27.42 -80.27 -115.92
CA ASN LA 158 -26.57 -81.40 -115.61
C ASN LA 158 -27.32 -82.71 -115.75
N ALA LA 159 -26.57 -83.78 -115.99
CA ALA LA 159 -27.13 -85.13 -115.99
C ALA LA 159 -26.09 -86.09 -115.43
N ILE LA 160 -26.52 -86.97 -114.55
CA ILE LA 160 -25.66 -87.97 -113.93
C ILE LA 160 -26.33 -89.34 -114.05
N GLY LA 161 -25.71 -90.34 -113.44
CA GLY LA 161 -26.35 -91.65 -113.33
C GLY LA 161 -26.08 -92.60 -114.49
N ARG LA 162 -27.02 -93.51 -114.72
CA ARG LA 162 -26.90 -94.52 -115.76
C ARG LA 162 -27.51 -94.00 -117.05
N GLY LA 163 -26.67 -93.50 -117.95
CA GLY LA 163 -27.15 -92.96 -119.20
C GLY LA 163 -27.21 -91.45 -119.18
N ALA LA 164 -26.24 -90.83 -118.52
CA ALA LA 164 -26.15 -89.38 -118.52
C ALA LA 164 -25.75 -88.81 -119.87
N LYS LA 165 -24.97 -89.57 -120.65
CA LYS LA 165 -24.51 -89.09 -121.94
C LYS LA 165 -25.66 -88.98 -122.94
N SER LA 166 -26.67 -89.84 -122.82
CA SER LA 166 -27.85 -89.71 -123.66
C SER LA 166 -28.68 -88.50 -123.27
N VAL LA 167 -28.78 -88.23 -121.97
CA VAL LA 167 -29.58 -87.10 -121.51
C VAL LA 167 -28.86 -85.79 -121.79
N ARG LA 168 -27.53 -85.78 -121.61
CA ARG LA 168 -26.76 -84.59 -121.92
C ARG LA 168 -26.74 -84.31 -123.42
N GLU LA 169 -26.79 -85.36 -124.24
CA GLU LA 169 -26.93 -85.15 -125.69
C GLU LA 169 -28.32 -84.64 -126.04
N PHE LA 170 -29.33 -85.03 -125.26
CA PHE LA 170 -30.68 -84.52 -125.50
C PHE LA 170 -30.77 -83.05 -125.12
N LEU LA 171 -30.19 -82.67 -123.99
CA LEU LA 171 -30.16 -81.27 -123.59
C LEU LA 171 -29.23 -80.45 -124.47
N GLU LA 172 -28.26 -81.10 -125.13
CA GLU LA 172 -27.37 -80.40 -126.04
C GLU LA 172 -28.11 -79.86 -127.25
N LYS LA 173 -29.12 -80.59 -127.73
CA LYS LA 173 -29.95 -80.14 -128.84
C LYS LA 173 -31.15 -79.33 -128.38
N ASN LA 174 -31.04 -78.64 -127.24
CA ASN LA 174 -32.19 -77.97 -126.66
C ASN LA 174 -31.74 -76.67 -125.99
N TYR LA 175 -30.93 -75.89 -126.71
CA TYR LA 175 -30.34 -74.66 -126.20
C TYR LA 175 -31.25 -73.45 -126.38
N THR LA 176 -32.46 -73.52 -125.84
CA THR LA 176 -33.43 -72.46 -126.02
C THR LA 176 -33.51 -71.57 -124.79
N ASP LA 177 -33.86 -70.31 -125.02
CA ASP LA 177 -34.16 -69.39 -123.93
C ASP LA 177 -35.66 -69.37 -123.63
N GLU LA 178 -36.49 -69.87 -124.54
CA GLU LA 178 -37.93 -69.91 -124.28
C GLU LA 178 -38.29 -70.97 -123.24
N ALA LA 179 -37.54 -72.07 -123.19
CA ALA LA 179 -37.84 -73.10 -122.20
C ALA LA 179 -37.46 -72.67 -120.80
N ILE LA 180 -36.58 -71.70 -120.64
CA ILE LA 180 -36.26 -71.12 -119.34
C ILE LA 180 -37.02 -69.82 -119.11
N GLU LA 181 -38.06 -69.57 -119.92
CA GLU LA 181 -38.88 -68.38 -119.75
C GLU LA 181 -40.13 -68.69 -118.92
N THR LA 182 -40.91 -69.67 -119.34
CA THR LA 182 -42.08 -70.09 -118.60
C THR LA 182 -41.68 -71.12 -117.54
N ASP LA 183 -42.39 -71.07 -116.41
CA ASP LA 183 -42.01 -71.91 -115.27
C ASP LA 183 -42.43 -73.35 -115.48
N ASP LA 184 -43.72 -73.58 -115.77
CA ASP LA 184 -44.22 -74.94 -115.97
C ASP LA 184 -43.71 -75.56 -117.26
N LEU LA 185 -43.26 -74.76 -118.21
CA LEU LA 185 -42.59 -75.30 -119.39
C LEU LA 185 -41.24 -75.87 -119.02
N THR LA 186 -40.52 -75.21 -118.10
CA THR LA 186 -39.22 -75.72 -117.65
C THR LA 186 -39.40 -76.98 -116.81
N ILE LA 187 -40.47 -77.04 -116.03
CA ILE LA 187 -40.75 -78.23 -115.22
C ILE LA 187 -41.13 -79.39 -116.12
N LYS LA 188 -41.93 -79.13 -117.15
CA LYS LA 188 -42.25 -80.16 -118.14
C LYS LA 188 -41.02 -80.51 -118.98
N LEU LA 189 -40.09 -79.57 -119.15
CA LEU LA 189 -38.86 -79.84 -119.87
C LEU LA 189 -38.01 -80.86 -119.13
N VAL LA 190 -37.92 -80.72 -117.81
CA VAL LA 190 -37.27 -81.72 -116.98
C VAL LA 190 -38.00 -83.05 -117.09
N ILE LA 191 -39.34 -83.00 -117.11
CA ILE LA 191 -40.12 -84.22 -117.32
C ILE LA 191 -39.95 -84.74 -118.73
N LYS LA 192 -39.70 -83.85 -119.70
CA LYS LA 192 -39.41 -84.30 -121.05
C LYS LA 192 -38.03 -84.94 -121.15
N ALA LA 193 -37.05 -84.35 -120.46
CA ALA LA 193 -35.70 -84.90 -120.47
C ALA LA 193 -35.61 -86.20 -119.70
N LEU LA 194 -36.30 -86.30 -118.56
CA LEU LA 194 -36.29 -87.52 -117.78
C LEU LA 194 -37.18 -88.61 -118.38
N LEU LA 195 -38.03 -88.26 -119.36
CA LEU LA 195 -38.89 -89.26 -119.98
C LEU LA 195 -38.09 -90.26 -120.81
N GLU LA 196 -37.08 -89.80 -121.53
CA GLU LA 196 -36.23 -90.70 -122.30
C GLU LA 196 -35.00 -91.14 -121.49
N VAL LA 197 -35.24 -91.59 -120.27
CA VAL LA 197 -34.20 -92.15 -119.42
C VAL LA 197 -34.70 -93.48 -118.89
N VAL LA 198 -35.89 -93.48 -118.30
CA VAL LA 198 -36.53 -94.66 -117.76
C VAL LA 198 -37.85 -94.86 -118.50
N GLN LA 199 -38.63 -95.86 -118.05
CA GLN LA 199 -39.92 -96.12 -118.66
C GLN LA 199 -40.89 -94.97 -118.44
N SER LA 200 -40.77 -94.28 -117.30
CA SER LA 200 -41.32 -92.95 -117.04
C SER LA 200 -42.85 -92.91 -117.18
N GLY LA 201 -43.51 -93.68 -116.32
CA GLY LA 201 -44.96 -93.71 -116.33
C GLY LA 201 -45.59 -92.70 -115.39
N GLY LA 202 -44.88 -91.61 -115.12
CA GLY LA 202 -45.38 -90.61 -114.19
C GLY LA 202 -45.40 -91.04 -112.74
N LYS LA 203 -44.75 -92.14 -112.40
CA LYS LA 203 -44.76 -92.65 -111.04
C LYS LA 203 -43.32 -92.86 -110.56
N ASN LA 204 -42.38 -92.89 -111.50
CA ASN LA 204 -40.97 -93.04 -111.18
C ASN LA 204 -40.21 -91.74 -111.35
N ILE LA 205 -40.92 -90.62 -111.40
CA ILE LA 205 -40.33 -89.30 -111.58
C ILE LA 205 -40.64 -88.47 -110.34
N GLU LA 206 -39.61 -88.19 -109.55
CA GLU LA 206 -39.74 -87.36 -108.35
C GLU LA 206 -38.98 -86.07 -108.60
N LEU LA 207 -39.71 -84.97 -108.74
CA LEU LA 207 -39.11 -83.67 -108.99
C LEU LA 207 -39.45 -82.72 -107.86
N ALA LA 208 -38.63 -81.69 -107.71
CA ALA LA 208 -38.81 -80.70 -106.66
C ALA LA 208 -38.29 -79.37 -107.15
N VAL LA 209 -39.05 -78.30 -106.90
CA VAL LA 209 -38.73 -76.98 -107.40
C VAL LA 209 -38.39 -76.07 -106.23
N MET LA 210 -37.87 -74.90 -106.56
CA MET LA 210 -37.55 -73.88 -105.55
C MET LA 210 -37.59 -72.53 -106.25
N ARG LA 211 -38.52 -71.67 -105.83
CA ARG LA 211 -38.74 -70.38 -106.48
C ARG LA 211 -37.91 -69.26 -105.87
N ARG LA 212 -36.77 -69.59 -105.26
CA ARG LA 212 -35.78 -68.64 -104.71
C ARG LA 212 -36.32 -67.77 -103.59
N ASP LA 213 -37.47 -68.15 -103.01
CA ASP LA 213 -38.06 -67.43 -101.90
C ASP LA 213 -38.57 -68.35 -100.82
N GLN LA 214 -38.43 -69.66 -100.99
CA GLN LA 214 -39.08 -70.63 -100.13
C GLN LA 214 -38.26 -71.91 -100.18
N SER LA 215 -38.42 -72.75 -99.15
CA SER LA 215 -37.78 -74.06 -99.14
C SER LA 215 -38.41 -74.97 -100.21
N LEU LA 216 -37.77 -76.12 -100.43
CA LEU LA 216 -38.14 -77.00 -101.52
C LEU LA 216 -39.52 -77.61 -101.30
N LYS LA 217 -40.29 -77.69 -102.38
CA LYS LA 217 -41.66 -78.19 -102.34
C LYS LA 217 -41.81 -79.29 -103.37
N ILE LA 218 -41.99 -80.52 -102.92
CA ILE LA 218 -42.16 -81.65 -103.82
C ILE LA 218 -43.54 -81.57 -104.46
N LEU LA 219 -43.58 -81.66 -105.78
CA LEU LA 219 -44.85 -81.68 -106.49
C LEU LA 219 -45.59 -82.98 -106.24
N ASN LA 220 -46.90 -82.93 -106.41
CA ASN LA 220 -47.76 -84.06 -106.09
C ASN LA 220 -47.74 -85.09 -107.22
N PRO LA 221 -48.04 -86.35 -106.91
CA PRO LA 221 -48.25 -87.33 -108.00
C PRO LA 221 -49.44 -87.01 -108.87
N GLU LA 222 -50.44 -86.29 -108.36
CA GLU LA 222 -51.49 -85.77 -109.23
C GLU LA 222 -50.98 -84.62 -110.09
N GLU LA 223 -50.00 -83.85 -109.58
CA GLU LA 223 -49.38 -82.82 -110.40
C GLU LA 223 -48.54 -83.44 -111.50
N ILE LA 224 -47.91 -84.58 -111.23
CA ILE LA 224 -47.08 -85.24 -112.22
C ILE LA 224 -47.94 -85.87 -113.31
N GLU LA 225 -49.20 -86.18 -113.01
CA GLU LA 225 -50.11 -86.69 -114.01
C GLU LA 225 -50.50 -85.59 -115.00
N LYS LA 226 -50.81 -84.40 -114.49
CA LYS LA 226 -51.20 -83.30 -115.35
C LYS LA 226 -50.01 -82.76 -116.16
N TYR LA 227 -48.80 -82.93 -115.64
CA TYR LA 227 -47.62 -82.47 -116.36
C TYR LA 227 -47.22 -83.46 -117.44
N VAL LA 228 -47.42 -84.76 -117.20
CA VAL LA 228 -47.15 -85.75 -118.24
C VAL LA 228 -48.23 -85.70 -119.31
N ALA LA 229 -49.44 -85.26 -118.96
CA ALA LA 229 -50.51 -85.18 -119.94
C ALA LA 229 -50.31 -84.03 -120.91
N GLU LA 230 -49.91 -82.86 -120.39
CA GLU LA 230 -49.65 -81.72 -121.27
C GLU LA 230 -48.38 -81.89 -122.08
N ILE LA 231 -47.47 -82.77 -121.64
CA ILE LA 231 -46.31 -83.07 -122.45
C ILE LA 231 -46.69 -83.97 -123.62
N GLU LA 232 -47.57 -84.95 -123.35
CA GLU LA 232 -48.02 -85.83 -124.43
C GLU LA 232 -49.00 -85.13 -125.35
N LYS LA 233 -49.65 -84.06 -124.88
CA LYS LA 233 -50.60 -83.35 -125.71
C LYS LA 233 -49.90 -82.49 -126.76
N GLU LA 234 -48.89 -81.71 -126.33
CA GLU LA 234 -48.18 -80.85 -127.25
C GLU LA 234 -47.21 -81.62 -128.15
N LYS LA 235 -46.84 -82.84 -127.76
CA LYS LA 235 -45.95 -83.64 -128.60
C LYS LA 235 -46.69 -84.23 -129.80
N GLU LA 236 -47.99 -84.51 -129.64
CA GLU LA 236 -48.78 -85.07 -130.72
C GLU LA 236 -49.22 -84.02 -131.74
N GLU LA 237 -48.90 -82.74 -131.51
CA GLU LA 237 -49.29 -81.66 -132.41
C GLU LA 237 -48.23 -81.39 -133.48
N ASN LA 238 -47.34 -82.36 -133.74
CA ASN LA 238 -46.36 -82.21 -134.80
C ASN LA 238 -46.94 -82.48 -136.18
N GLU LA 239 -48.13 -83.08 -136.26
CA GLU LA 239 -48.76 -83.36 -137.54
C GLU LA 239 -49.32 -82.08 -138.16
N TYR MA 7 2.77 -106.28 -109.14
CA TYR MA 7 2.99 -105.01 -109.81
C TYR MA 7 3.02 -103.87 -108.81
N ASP MA 8 3.07 -104.21 -107.52
CA ASP MA 8 3.03 -103.24 -106.44
C ASP MA 8 4.37 -103.29 -105.69
N ARG MA 9 5.29 -102.42 -106.10
CA ARG MA 9 6.58 -102.29 -105.46
C ARG MA 9 6.50 -101.23 -104.36
N GLY MA 10 7.65 -100.85 -103.82
CA GLY MA 10 7.67 -99.77 -102.84
C GLY MA 10 7.40 -98.43 -103.49
N VAL MA 11 6.66 -97.58 -102.77
CA VAL MA 11 6.36 -96.24 -103.27
C VAL MA 11 7.55 -95.30 -103.15
N ASN MA 12 8.56 -95.67 -102.36
CA ASN MA 12 9.76 -94.85 -102.17
C ASN MA 12 10.95 -95.77 -102.39
N THR MA 13 11.33 -95.95 -103.65
CA THR MA 13 12.35 -96.93 -104.01
C THR MA 13 13.13 -96.42 -105.21
N PHE MA 14 14.46 -96.43 -105.10
CA PHE MA 14 15.30 -96.01 -106.20
C PHE MA 14 15.30 -97.06 -107.31
N SER MA 15 15.33 -96.59 -108.55
CA SER MA 15 15.48 -97.48 -109.69
C SER MA 15 16.86 -98.10 -109.68
N PRO MA 16 17.02 -99.29 -110.26
CA PRO MA 16 18.37 -99.85 -110.46
C PRO MA 16 19.23 -99.01 -111.37
N GLU MA 17 18.63 -98.23 -112.27
CA GLU MA 17 19.39 -97.28 -113.08
C GLU MA 17 19.72 -96.02 -112.31
N GLY MA 18 18.92 -95.68 -111.31
CA GLY MA 18 19.27 -94.57 -110.44
C GLY MA 18 18.15 -93.57 -110.23
N ARG MA 19 17.12 -93.61 -111.07
CA ARG MA 19 16.05 -92.62 -111.00
C ARG MA 19 15.01 -93.04 -109.97
N LEU MA 20 13.88 -92.35 -109.97
CA LEU MA 20 12.75 -92.70 -109.12
C LEU MA 20 11.68 -93.40 -109.94
N PHE MA 21 10.71 -93.98 -109.23
CA PHE MA 21 9.58 -94.65 -109.85
C PHE MA 21 8.38 -93.72 -109.99
N GLN MA 22 7.88 -93.19 -108.89
CA GLN MA 22 6.59 -92.52 -108.90
C GLN MA 22 6.71 -91.04 -109.25
N VAL MA 23 7.86 -90.42 -108.95
CA VAL MA 23 8.09 -89.05 -109.36
C VAL MA 23 8.28 -88.98 -110.87
N GLU MA 24 8.84 -90.05 -111.45
CA GLU MA 24 8.92 -90.14 -112.91
C GLU MA 24 7.54 -90.24 -113.54
N TYR MA 25 6.60 -90.91 -112.86
CA TYR MA 25 5.26 -91.03 -113.40
C TYR MA 25 4.47 -89.74 -113.22
N ALA MA 26 4.88 -88.90 -112.27
CA ALA MA 26 4.20 -87.63 -112.04
C ALA MA 26 4.43 -86.66 -113.18
N ILE MA 27 5.64 -86.65 -113.73
CA ILE MA 27 5.96 -85.76 -114.85
C ILE MA 27 5.20 -86.20 -116.10
N GLU MA 28 4.91 -87.49 -116.20
CA GLU MA 28 4.15 -87.99 -117.33
C GLU MA 28 2.70 -87.53 -117.27
N ALA MA 29 2.17 -87.31 -116.07
CA ALA MA 29 0.77 -86.96 -115.89
C ALA MA 29 0.50 -85.48 -116.16
N ILE MA 30 1.52 -84.71 -116.50
CA ILE MA 30 1.33 -83.32 -116.89
C ILE MA 30 0.96 -83.22 -118.37
N LYS MA 31 1.37 -84.20 -119.19
CA LYS MA 31 1.21 -84.15 -120.63
C LYS MA 31 -0.25 -84.15 -121.06
N LEU MA 32 -1.12 -84.78 -120.28
CA LEU MA 32 -2.54 -84.79 -120.60
C LEU MA 32 -3.23 -83.47 -120.26
N GLY MA 33 -2.60 -82.59 -119.48
CA GLY MA 33 -3.22 -81.33 -119.13
C GLY MA 33 -3.23 -80.34 -120.28
N SER MA 34 -3.94 -79.23 -120.06
CA SER MA 34 -4.03 -78.19 -121.08
C SER MA 34 -2.76 -77.37 -121.14
N THR MA 35 -2.50 -76.80 -122.32
CA THR MA 35 -1.28 -76.04 -122.52
C THR MA 35 -1.39 -74.64 -121.90
N ALA MA 36 -0.23 -74.04 -121.64
CA ALA MA 36 -0.14 -72.74 -121.00
C ALA MA 36 1.19 -72.09 -121.39
N ILE MA 37 1.15 -70.80 -121.70
CA ILE MA 37 2.32 -70.07 -122.19
C ILE MA 37 2.48 -68.79 -121.39
N GLY MA 38 3.68 -68.57 -120.86
CA GLY MA 38 4.01 -67.31 -120.20
C GLY MA 38 5.33 -66.76 -120.69
N ILE MA 39 5.40 -65.46 -120.94
CA ILE MA 39 6.58 -64.82 -121.50
C ILE MA 39 6.99 -63.66 -120.59
N GLN MA 40 8.24 -63.66 -120.17
CA GLN MA 40 8.80 -62.55 -119.41
C GLN MA 40 9.33 -61.49 -120.37
N THR MA 41 8.91 -60.26 -120.16
CA THR MA 41 9.34 -59.12 -120.95
C THR MA 41 9.57 -57.97 -119.99
N SER MA 42 10.55 -57.12 -120.30
CA SER MA 42 10.91 -56.01 -119.42
C SER MA 42 9.77 -55.00 -119.23
N GLU MA 43 8.83 -54.95 -120.17
CA GLU MA 43 7.64 -54.13 -119.95
C GLU MA 43 6.64 -54.80 -119.03
N GLY MA 44 6.76 -56.12 -118.86
CA GLY MA 44 5.83 -56.85 -118.00
C GLY MA 44 5.69 -58.30 -118.41
N VAL MA 45 5.04 -59.10 -117.59
CA VAL MA 45 4.89 -60.53 -117.84
C VAL MA 45 3.48 -60.79 -118.35
N CYS MA 46 3.37 -61.33 -119.56
CA CYS MA 46 2.10 -61.80 -120.08
C CYS MA 46 1.98 -63.29 -119.81
N LEU MA 47 0.76 -63.81 -119.93
CA LEU MA 47 0.49 -65.18 -119.54
C LEU MA 47 -0.79 -65.64 -120.22
N ALA MA 48 -0.76 -66.86 -120.78
CA ALA MA 48 -1.86 -67.36 -121.60
C ALA MA 48 -2.15 -68.81 -121.26
N VAL MA 49 -3.39 -69.25 -121.52
CA VAL MA 49 -3.79 -70.62 -121.26
C VAL MA 49 -4.97 -70.94 -122.19
N GLU MA 50 -5.28 -72.23 -122.33
CA GLU MA 50 -6.45 -72.68 -123.07
C GLU MA 50 -7.40 -73.41 -122.11
N LYS MA 51 -8.69 -73.08 -122.18
CA LYS MA 51 -9.63 -73.62 -121.18
C LYS MA 51 -10.06 -75.05 -121.49
N ARG MA 52 -10.18 -75.40 -122.78
CA ARG MA 52 -10.62 -76.72 -123.27
C ARG MA 52 -12.02 -77.03 -122.73
N ILE MA 53 -12.98 -76.25 -123.23
CA ILE MA 53 -14.38 -76.47 -122.89
C ILE MA 53 -14.87 -77.76 -123.53
N THR MA 54 -15.51 -78.62 -122.72
CA THR MA 54 -15.95 -79.92 -123.17
C THR MA 54 -17.39 -79.93 -123.67
N SER MA 55 -18.26 -79.07 -123.14
CA SER MA 55 -19.66 -79.07 -123.49
C SER MA 55 -20.21 -77.66 -123.43
N PRO MA 56 -21.16 -77.30 -124.31
CA PRO MA 56 -21.73 -75.96 -124.26
C PRO MA 56 -22.65 -75.73 -123.08
N LEU MA 57 -23.16 -76.80 -122.44
CA LEU MA 57 -23.90 -76.65 -121.20
C LEU MA 57 -23.02 -76.21 -120.05
N MET MA 58 -21.72 -76.46 -120.12
CA MET MA 58 -20.81 -76.06 -119.07
C MET MA 58 -20.54 -74.57 -119.15
N GLU MA 59 -20.84 -73.85 -118.08
CA GLU MA 59 -20.57 -72.42 -118.04
C GLU MA 59 -19.07 -72.21 -117.93
N PRO MA 60 -18.47 -71.38 -118.79
CA PRO MA 60 -17.01 -71.41 -118.91
C PRO MA 60 -16.27 -70.68 -117.80
N SER MA 61 -16.86 -69.64 -117.21
CA SER MA 61 -16.12 -68.80 -116.29
C SER MA 61 -15.92 -69.42 -114.92
N SER MA 62 -16.55 -70.56 -114.65
CA SER MA 62 -16.22 -71.31 -113.43
C SER MA 62 -14.96 -72.13 -113.60
N ILE MA 63 -14.44 -72.24 -114.81
CA ILE MA 63 -13.16 -72.89 -115.08
C ILE MA 63 -12.11 -71.80 -115.20
N GLU MA 64 -11.12 -71.83 -114.31
CA GLU MA 64 -10.04 -70.87 -114.37
C GLU MA 64 -8.72 -71.59 -114.26
N LYS MA 65 -7.71 -70.99 -114.87
CA LYS MA 65 -6.34 -71.46 -114.78
C LYS MA 65 -5.42 -70.39 -114.21
N ILE MA 66 -5.65 -69.13 -114.55
CA ILE MA 66 -4.95 -68.02 -113.94
C ILE MA 66 -5.58 -67.71 -112.60
N VAL MA 67 -4.79 -67.74 -111.55
CA VAL MA 67 -5.22 -67.42 -110.19
C VAL MA 67 -4.24 -66.40 -109.63
N GLU MA 68 -4.75 -65.28 -109.12
CA GLU MA 68 -3.88 -64.32 -108.47
C GLU MA 68 -3.40 -64.86 -107.12
N ILE MA 69 -2.25 -64.37 -106.67
CA ILE MA 69 -1.68 -64.90 -105.45
C ILE MA 69 -1.81 -63.90 -104.31
N ASP MA 70 -1.15 -62.75 -104.41
CA ASP MA 70 -1.37 -61.68 -103.43
C ASP MA 70 -1.88 -60.40 -104.06
N ALA MA 71 -1.06 -59.70 -104.83
CA ALA MA 71 -1.49 -58.53 -105.57
C ALA MA 71 -0.85 -58.40 -106.93
N HIS MA 72 0.30 -59.02 -107.14
CA HIS MA 72 1.11 -58.78 -108.32
C HIS MA 72 1.70 -60.07 -108.87
N ILE MA 73 1.25 -61.23 -108.38
CA ILE MA 73 1.79 -62.52 -108.77
C ILE MA 73 0.65 -63.36 -109.33
N GLY MA 74 0.79 -63.82 -110.57
CA GLY MA 74 -0.17 -64.72 -111.18
C GLY MA 74 0.29 -66.17 -111.10
N CYS MA 75 -0.52 -67.03 -111.70
CA CYS MA 75 -0.23 -68.45 -111.71
C CYS MA 75 -0.84 -69.10 -112.95
N ALA MA 76 -0.43 -70.33 -113.20
CA ALA MA 76 -0.93 -71.09 -114.35
C ALA MA 76 -0.77 -72.57 -114.03
N MET MA 77 -1.88 -73.25 -113.81
CA MET MA 77 -1.83 -74.67 -113.49
C MET MA 77 -2.04 -75.51 -114.73
N SER MA 78 -1.45 -76.70 -114.73
CA SER MA 78 -1.57 -77.63 -115.84
C SER MA 78 -1.38 -79.03 -115.29
N GLY MA 79 -2.47 -79.79 -115.22
CA GLY MA 79 -2.40 -81.13 -114.66
C GLY MA 79 -3.69 -81.46 -113.95
N LEU MA 80 -3.60 -81.89 -112.70
CA LEU MA 80 -4.79 -82.17 -111.92
C LEU MA 80 -5.26 -80.89 -111.25
N ILE MA 81 -6.57 -80.66 -111.29
CA ILE MA 81 -7.11 -79.37 -110.88
C ILE MA 81 -7.14 -79.26 -109.37
N ALA MA 82 -7.67 -80.27 -108.68
CA ALA MA 82 -7.88 -80.15 -107.25
C ALA MA 82 -6.59 -80.34 -106.47
N ASP MA 83 -5.58 -80.97 -107.06
CA ASP MA 83 -4.28 -80.99 -106.41
C ASP MA 83 -3.61 -79.63 -106.49
N ALA MA 84 -3.87 -78.88 -107.55
CA ALA MA 84 -3.33 -77.53 -107.68
C ALA MA 84 -3.98 -76.57 -106.70
N LYS MA 85 -5.21 -76.85 -106.28
CA LYS MA 85 -5.91 -75.97 -105.35
C LYS MA 85 -5.29 -75.99 -103.96
N THR MA 86 -4.57 -77.06 -103.62
CA THR MA 86 -3.87 -77.09 -102.34
C THR MA 86 -2.62 -76.20 -102.40
N LEU MA 87 -1.90 -76.25 -103.51
CA LEU MA 87 -0.70 -75.43 -103.66
C LEU MA 87 -1.02 -73.95 -103.77
N ILE MA 88 -2.17 -73.60 -104.34
CA ILE MA 88 -2.57 -72.21 -104.43
C ILE MA 88 -2.94 -71.66 -103.07
N ASP MA 89 -3.74 -72.41 -102.31
CA ASP MA 89 -4.22 -71.93 -101.01
C ASP MA 89 -3.09 -71.83 -100.01
N LYS MA 90 -2.01 -72.58 -100.19
CA LYS MA 90 -0.86 -72.37 -99.32
C LYS MA 90 -0.04 -71.16 -99.76
N ALA MA 91 0.09 -70.95 -101.08
CA ALA MA 91 0.91 -69.87 -101.58
C ALA MA 91 0.30 -68.51 -101.28
N ARG MA 92 -1.03 -68.44 -101.15
CA ARG MA 92 -1.67 -67.20 -100.74
C ARG MA 92 -1.34 -66.86 -99.30
N VAL MA 93 -1.36 -67.86 -98.42
CA VAL MA 93 -1.14 -67.64 -96.99
C VAL MA 93 0.30 -67.25 -96.71
N GLU MA 94 1.25 -67.90 -97.38
CA GLU MA 94 2.66 -67.66 -97.14
C GLU MA 94 3.14 -66.32 -97.67
N THR MA 95 2.36 -65.65 -98.51
CA THR MA 95 2.64 -64.25 -98.82
C THR MA 95 2.05 -63.34 -97.76
N GLN MA 96 0.99 -63.77 -97.09
CA GLN MA 96 0.39 -62.92 -96.06
C GLN MA 96 1.19 -62.98 -94.77
N ASN MA 97 1.80 -64.12 -94.45
CA ASN MA 97 2.66 -64.18 -93.27
C ASN MA 97 3.92 -63.35 -93.47
N HIS MA 98 4.36 -63.19 -94.71
CA HIS MA 98 5.51 -62.35 -94.96
C HIS MA 98 5.18 -60.88 -94.81
N TRP MA 99 3.94 -60.49 -95.09
CA TRP MA 99 3.63 -59.07 -95.03
C TRP MA 99 3.22 -58.65 -93.63
N PHE MA 100 2.59 -59.54 -92.88
CA PHE MA 100 2.21 -59.24 -91.50
C PHE MA 100 3.26 -59.66 -90.51
N THR MA 101 4.49 -59.87 -90.96
CA THR MA 101 5.67 -59.95 -90.11
C THR MA 101 6.82 -59.07 -90.60
N TYR MA 102 6.72 -58.48 -91.79
CA TYR MA 102 7.81 -57.64 -92.29
C TYR MA 102 7.37 -56.33 -92.95
N ASN MA 103 6.07 -56.13 -93.21
CA ASN MA 103 5.52 -54.96 -93.93
C ASN MA 103 6.16 -54.77 -95.31
N GLU MA 104 6.40 -55.87 -96.01
CA GLU MA 104 6.89 -55.78 -97.37
C GLU MA 104 6.37 -56.97 -98.15
N THR MA 105 6.37 -56.83 -99.48
CA THR MA 105 5.84 -57.86 -100.34
C THR MA 105 6.89 -58.94 -100.56
N MET MA 106 6.48 -60.19 -100.45
CA MET MA 106 7.37 -61.31 -100.71
C MET MA 106 7.70 -61.38 -102.19
N THR MA 107 8.99 -61.54 -102.51
CA THR MA 107 9.44 -61.57 -103.89
C THR MA 107 8.99 -62.87 -104.56
N VAL MA 108 8.94 -62.83 -105.90
CA VAL MA 108 8.37 -63.93 -106.69
C VAL MA 108 9.21 -65.19 -106.55
N GLU MA 109 10.54 -65.04 -106.43
CA GLU MA 109 11.41 -66.19 -106.23
C GLU MA 109 11.16 -66.85 -104.89
N SER MA 110 11.04 -66.05 -103.83
CA SER MA 110 10.86 -66.60 -102.50
C SER MA 110 9.45 -67.10 -102.25
N VAL MA 111 8.48 -66.75 -103.11
CA VAL MA 111 7.19 -67.43 -103.07
C VAL MA 111 7.34 -68.87 -103.51
N THR MA 112 8.10 -69.07 -104.59
CA THR MA 112 8.19 -70.40 -105.19
C THR MA 112 9.03 -71.34 -104.33
N GLN MA 113 9.99 -70.79 -103.57
CA GLN MA 113 10.74 -71.57 -102.60
C GLN MA 113 9.83 -72.14 -101.52
N ALA MA 114 8.87 -71.35 -101.06
CA ALA MA 114 7.95 -71.81 -100.03
C ALA MA 114 6.95 -72.82 -100.57
N VAL MA 115 6.65 -72.77 -101.87
CA VAL MA 115 5.76 -73.76 -102.44
C VAL MA 115 6.52 -75.06 -102.72
N SER MA 116 7.76 -74.96 -103.15
CA SER MA 116 8.54 -76.11 -103.56
C SER MA 116 9.12 -76.88 -102.39
N ASN MA 117 8.85 -76.48 -101.14
CA ASN MA 117 9.34 -77.25 -100.01
C ASN MA 117 8.58 -78.56 -99.87
N LEU MA 118 7.25 -78.49 -99.89
CA LEU MA 118 6.43 -79.68 -99.77
C LEU MA 118 6.07 -80.31 -101.11
N ALA MA 119 6.90 -80.10 -102.14
CA ALA MA 119 6.66 -80.81 -103.39
C ALA MA 119 6.99 -82.28 -103.26
N LEU MA 120 7.97 -82.64 -102.43
CA LEU MA 120 8.31 -84.05 -102.22
C LEU MA 120 8.39 -84.39 -100.74
N GLN MA 121 7.49 -83.83 -99.93
CA GLN MA 121 7.40 -84.17 -98.52
C GLN MA 121 6.36 -85.24 -98.24
N PHE MA 122 6.16 -86.17 -99.16
CA PHE MA 122 5.22 -87.26 -98.97
C PHE MA 122 5.90 -88.47 -98.34
N GLY MA 123 5.09 -89.38 -97.81
CA GLY MA 123 5.61 -90.57 -97.19
C GLY MA 123 4.53 -91.26 -96.38
N GLU MA 124 4.97 -92.19 -95.53
CA GLU MA 124 4.04 -92.89 -94.65
C GLU MA 124 3.80 -92.10 -93.37
N GLU MA 125 4.85 -91.59 -92.76
CA GLU MA 125 4.76 -90.81 -91.53
C GLU MA 125 5.02 -89.34 -91.82
N ASP MA 126 5.08 -88.55 -90.74
CA ASP MA 126 5.39 -87.11 -90.73
C ASP MA 126 4.41 -86.30 -91.58
N SER MA 133 1.99 -89.89 -98.18
CA SER MA 133 1.05 -89.80 -99.29
C SER MA 133 1.76 -89.99 -100.63
N ARG MA 134 1.27 -89.31 -101.65
CA ARG MA 134 1.78 -89.39 -103.01
C ARG MA 134 2.26 -88.02 -103.46
N PRO MA 135 3.16 -87.95 -104.45
CA PRO MA 135 3.54 -86.64 -104.99
C PRO MA 135 2.41 -86.02 -105.80
N PHE MA 136 2.45 -84.70 -105.91
CA PHE MA 136 1.42 -83.94 -106.60
C PHE MA 136 1.52 -84.14 -108.11
N GLY MA 137 0.52 -83.66 -108.81
CA GLY MA 137 0.43 -83.92 -110.24
C GLY MA 137 0.18 -82.69 -111.08
N VAL MA 138 0.82 -81.57 -110.76
CA VAL MA 138 0.59 -80.32 -111.47
C VAL MA 138 1.91 -79.56 -111.55
N ALA MA 139 2.14 -78.92 -112.69
CA ALA MA 139 3.23 -77.98 -112.87
C ALA MA 139 2.68 -76.56 -112.92
N LEU MA 140 3.48 -75.61 -112.45
CA LEU MA 140 3.02 -74.25 -112.29
C LEU MA 140 3.88 -73.27 -113.06
N LEU MA 141 3.35 -72.07 -113.25
CA LEU MA 141 4.08 -70.94 -113.83
C LEU MA 141 3.77 -69.69 -112.99
N PHE MA 142 4.66 -69.38 -112.07
CA PHE MA 142 4.55 -68.17 -111.30
C PHE MA 142 5.19 -67.00 -112.04
N GLY MA 143 4.44 -65.93 -112.19
CA GLY MA 143 4.97 -64.73 -112.83
C GLY MA 143 4.56 -63.49 -112.06
N GLY MA 144 5.46 -62.54 -111.91
CA GLY MA 144 5.16 -61.37 -111.12
C GLY MA 144 6.20 -60.29 -111.32
N VAL MA 145 5.91 -59.14 -110.71
CA VAL MA 145 6.80 -57.98 -110.75
C VAL MA 145 7.19 -57.64 -109.32
N ASP MA 146 8.48 -57.76 -109.04
CA ASP MA 146 9.02 -57.41 -107.72
C ASP MA 146 10.16 -56.43 -107.90
N GLU MA 147 10.97 -56.24 -106.86
CA GLU MA 147 12.00 -55.20 -106.84
C GLU MA 147 13.09 -55.40 -107.89
N LYS MA 148 13.27 -56.62 -108.39
CA LYS MA 148 14.23 -56.90 -109.44
C LYS MA 148 13.59 -56.90 -110.82
N GLY MA 149 12.55 -56.10 -111.02
CA GLY MA 149 11.84 -56.07 -112.28
C GLY MA 149 10.83 -57.19 -112.36
N PRO MA 150 10.33 -57.45 -113.57
CA PRO MA 150 9.41 -58.58 -113.75
C PRO MA 150 10.15 -59.90 -113.77
N GLN MA 151 9.50 -60.94 -113.24
CA GLN MA 151 10.09 -62.25 -113.10
C GLN MA 151 9.13 -63.31 -113.63
N LEU MA 152 9.68 -64.47 -113.97
CA LEU MA 152 8.88 -65.60 -114.44
C LEU MA 152 9.59 -66.88 -114.04
N PHE MA 153 8.92 -67.71 -113.24
CA PHE MA 153 9.50 -68.93 -112.74
C PHE MA 153 8.64 -70.13 -113.11
N HIS MA 154 9.25 -71.31 -113.05
CA HIS MA 154 8.61 -72.56 -113.42
C HIS MA 154 8.99 -73.64 -112.44
N MET MA 155 8.02 -74.44 -112.01
CA MET MA 155 8.28 -75.56 -111.14
C MET MA 155 7.57 -76.81 -111.66
N ASP MA 156 7.77 -77.90 -110.95
CA ASP MA 156 7.34 -79.22 -111.37
C ASP MA 156 7.07 -80.05 -110.12
N PRO MA 157 6.38 -81.19 -110.26
CA PRO MA 157 6.17 -82.04 -109.07
C PRO MA 157 7.43 -82.65 -108.47
N SER MA 158 8.57 -82.61 -109.16
CA SER MA 158 9.81 -83.04 -108.53
C SER MA 158 10.44 -81.96 -107.66
N GLY MA 159 9.81 -80.79 -107.54
CA GLY MA 159 10.37 -79.72 -106.74
C GLY MA 159 11.56 -79.03 -107.35
N THR MA 160 11.78 -79.21 -108.65
CA THR MA 160 12.94 -78.62 -109.33
C THR MA 160 12.56 -77.21 -109.73
N PHE MA 161 12.78 -76.29 -108.80
CA PHE MA 161 12.61 -74.86 -109.05
C PHE MA 161 13.62 -74.37 -110.08
N VAL MA 162 13.16 -73.47 -110.97
CA VAL MA 162 14.00 -72.94 -112.03
C VAL MA 162 13.40 -71.62 -112.48
N GLN MA 163 14.20 -70.80 -113.16
CA GLN MA 163 13.72 -69.57 -113.80
C GLN MA 163 13.80 -69.73 -115.31
N CYS MA 164 12.71 -69.38 -116.00
CA CYS MA 164 12.66 -69.41 -117.45
C CYS MA 164 12.36 -68.02 -117.97
N ASP MA 165 12.79 -67.75 -119.20
CA ASP MA 165 12.42 -66.49 -119.84
C ASP MA 165 11.04 -66.58 -120.47
N ALA MA 166 10.78 -67.67 -121.20
CA ALA MA 166 9.44 -67.87 -121.78
C ALA MA 166 9.20 -69.37 -121.87
N ARG MA 167 8.53 -69.91 -120.86
CA ARG MA 167 8.27 -71.34 -120.74
C ARG MA 167 6.87 -71.66 -121.23
N ALA MA 168 6.71 -72.82 -121.89
CA ALA MA 168 5.40 -73.26 -122.37
C ALA MA 168 5.20 -74.71 -121.95
N ILE MA 169 4.21 -74.95 -121.09
CA ILE MA 169 4.00 -76.27 -120.53
C ILE MA 169 2.56 -76.70 -120.73
N GLY MA 170 2.34 -78.01 -120.67
CA GLY MA 170 1.03 -78.58 -120.90
C GLY MA 170 1.03 -79.68 -121.94
N SER MA 171 0.00 -79.71 -122.79
CA SER MA 171 -0.07 -80.73 -123.82
C SER MA 171 0.91 -80.44 -124.95
N ALA MA 172 0.96 -79.20 -125.42
CA ALA MA 172 1.94 -78.80 -126.43
C ALA MA 172 3.21 -78.37 -125.71
N SER MA 173 3.89 -79.35 -125.11
CA SER MA 173 5.11 -79.07 -124.38
C SER MA 173 6.31 -78.95 -125.30
N GLU MA 174 6.46 -79.88 -126.23
CA GLU MA 174 7.58 -79.81 -127.17
C GLU MA 174 7.26 -78.91 -128.34
N GLY MA 175 6.01 -78.93 -128.80
CA GLY MA 175 5.66 -78.19 -130.01
C GLY MA 175 5.68 -76.69 -129.83
N ALA MA 176 5.31 -76.20 -128.65
CA ALA MA 176 5.30 -74.76 -128.43
C ALA MA 176 6.70 -74.23 -128.19
N GLN MA 177 7.50 -74.94 -127.38
CA GLN MA 177 8.86 -74.49 -127.05
C GLN MA 177 9.76 -74.44 -128.26
N SER MA 178 9.52 -75.28 -129.26
CA SER MA 178 10.29 -75.19 -130.49
C SER MA 178 9.88 -73.97 -131.31
N SER MA 179 8.56 -73.72 -131.40
CA SER MA 179 8.09 -72.56 -132.14
C SER MA 179 8.37 -71.26 -131.40
N LEU MA 180 8.49 -71.31 -130.09
CA LEU MA 180 8.69 -70.10 -129.30
C LEU MA 180 10.12 -69.59 -129.41
N GLN MA 181 11.09 -70.50 -129.40
CA GLN MA 181 12.49 -70.11 -129.57
C GLN MA 181 12.77 -69.63 -130.98
N GLU MA 182 11.91 -69.97 -131.93
CA GLU MA 182 12.04 -69.45 -133.28
C GLU MA 182 11.80 -67.95 -133.31
N VAL MA 183 10.81 -67.45 -132.57
CA VAL MA 183 10.47 -66.03 -132.56
C VAL MA 183 10.49 -65.53 -131.11
N TYR MA 184 11.68 -65.15 -130.66
CA TYR MA 184 11.88 -64.54 -129.34
C TYR MA 184 13.23 -63.85 -129.33
N HIS MA 185 13.30 -62.72 -128.63
CA HIS MA 185 14.55 -62.03 -128.39
C HIS MA 185 14.44 -61.29 -127.07
N LYS MA 186 15.49 -60.54 -126.74
CA LYS MA 186 15.54 -59.91 -125.43
C LYS MA 186 14.70 -58.64 -125.38
N SER MA 187 14.74 -57.82 -126.42
CA SER MA 187 14.09 -56.51 -126.39
C SER MA 187 12.67 -56.56 -126.94
N MET MA 188 11.87 -57.48 -126.40
CA MET MA 188 10.47 -57.54 -126.76
C MET MA 188 9.70 -56.39 -126.13
N THR MA 189 8.47 -56.19 -126.58
CA THR MA 189 7.53 -55.31 -125.91
C THR MA 189 6.39 -56.14 -125.36
N LEU MA 190 5.46 -55.49 -124.67
CA LEU MA 190 4.36 -56.21 -124.08
C LEU MA 190 3.28 -56.54 -125.10
N LYS MA 191 2.96 -55.58 -125.98
CA LYS MA 191 1.94 -55.81 -127.00
C LYS MA 191 2.42 -56.79 -128.05
N GLU MA 192 3.72 -56.85 -128.28
CA GLU MA 192 4.25 -57.84 -129.23
C GLU MA 192 4.23 -59.23 -128.63
N ALA MA 193 4.45 -59.35 -127.32
CA ALA MA 193 4.48 -60.66 -126.68
C ALA MA 193 3.09 -61.23 -126.52
N ILE MA 194 2.07 -60.38 -126.40
CA ILE MA 194 0.70 -60.86 -126.28
C ILE MA 194 0.22 -61.47 -127.58
N LYS MA 195 0.39 -60.76 -128.69
CA LYS MA 195 -0.05 -61.27 -129.97
C LYS MA 195 0.80 -62.43 -130.46
N SER MA 196 2.05 -62.55 -130.00
CA SER MA 196 2.88 -63.67 -130.43
C SER MA 196 2.49 -64.95 -129.72
N SER MA 197 1.96 -64.85 -128.51
CA SER MA 197 1.63 -66.05 -127.75
C SER MA 197 0.39 -66.75 -128.31
N LEU MA 198 -0.61 -65.98 -128.72
CA LEU MA 198 -1.83 -66.60 -129.23
C LEU MA 198 -1.65 -67.15 -130.64
N ILE MA 199 -0.66 -66.65 -131.38
CA ILE MA 199 -0.26 -67.30 -132.63
C ILE MA 199 0.23 -68.71 -132.35
N ILE MA 200 0.99 -68.88 -131.27
CA ILE MA 200 1.46 -70.20 -130.87
C ILE MA 200 0.30 -71.06 -130.40
N LEU MA 201 -0.68 -70.45 -129.72
CA LEU MA 201 -1.80 -71.21 -129.17
C LEU MA 201 -2.72 -71.74 -130.27
N LYS MA 202 -3.03 -70.91 -131.27
CA LYS MA 202 -3.95 -71.36 -132.31
C LYS MA 202 -3.32 -72.39 -133.23
N GLN MA 203 -1.99 -72.48 -133.27
CA GLN MA 203 -1.34 -73.53 -134.02
C GLN MA 203 -1.36 -74.85 -133.28
N VAL MA 204 -1.47 -74.81 -131.94
CA VAL MA 204 -1.39 -76.05 -131.16
C VAL MA 204 -2.74 -76.48 -130.61
N MET MA 205 -3.74 -75.61 -130.61
CA MET MA 205 -5.05 -76.05 -130.16
C MET MA 205 -5.81 -76.71 -131.30
N GLU MA 206 -6.90 -77.38 -130.95
CA GLU MA 206 -7.71 -78.09 -131.92
C GLU MA 206 -9.01 -77.38 -132.26
N GLU MA 207 -9.53 -76.52 -131.40
CA GLU MA 207 -10.73 -75.76 -131.69
C GLU MA 207 -10.34 -74.41 -132.28
N LYS MA 208 -11.35 -73.59 -132.53
CA LYS MA 208 -11.11 -72.25 -133.05
C LYS MA 208 -10.69 -71.32 -131.92
N LEU MA 209 -10.40 -70.08 -132.26
CA LEU MA 209 -9.88 -69.11 -131.31
C LEU MA 209 -10.94 -68.04 -131.09
N ASN MA 210 -11.60 -68.09 -129.93
CA ASN MA 210 -12.62 -67.09 -129.61
C ASN MA 210 -12.40 -66.51 -128.22
N ALA MA 211 -13.39 -65.79 -127.71
CA ALA MA 211 -13.29 -65.16 -126.41
C ALA MA 211 -13.62 -66.11 -125.26
N THR MA 212 -13.89 -67.38 -125.54
CA THR MA 212 -14.25 -68.33 -124.51
C THR MA 212 -13.26 -69.47 -124.34
N ASN MA 213 -12.33 -69.66 -125.27
CA ASN MA 213 -11.35 -70.73 -125.14
C ASN MA 213 -10.11 -70.33 -124.37
N ILE MA 214 -9.66 -69.09 -124.50
CA ILE MA 214 -8.40 -68.65 -123.91
C ILE MA 214 -8.69 -67.51 -122.94
N GLU MA 215 -7.65 -67.14 -122.20
CA GLU MA 215 -7.70 -65.98 -121.31
C GLU MA 215 -6.27 -65.51 -121.05
N LEU MA 216 -6.14 -64.22 -120.77
CA LEU MA 216 -4.85 -63.60 -120.57
C LEU MA 216 -4.79 -62.94 -119.20
N ALA MA 217 -3.56 -62.68 -118.75
CA ALA MA 217 -3.32 -61.96 -117.51
C ALA MA 217 -1.94 -61.33 -117.61
N THR MA 218 -1.88 -60.03 -117.76
CA THR MA 218 -0.62 -59.31 -117.87
C THR MA 218 -0.40 -58.45 -116.64
N VAL MA 219 0.74 -58.65 -115.99
CA VAL MA 219 1.14 -57.85 -114.85
C VAL MA 219 2.22 -56.87 -115.30
N GLN MA 220 2.06 -55.60 -114.91
CA GLN MA 220 2.93 -54.51 -115.30
C GLN MA 220 3.58 -53.93 -114.05
N PRO MA 221 4.71 -53.22 -114.20
CA PRO MA 221 5.26 -52.50 -113.03
C PRO MA 221 4.37 -51.38 -112.55
N GLY MA 222 3.68 -50.67 -113.45
CA GLY MA 222 2.77 -49.64 -113.03
C GLY MA 222 1.40 -50.19 -112.70
N GLN MA 223 0.76 -50.82 -113.68
CA GLN MA 223 -0.51 -51.52 -113.48
C GLN MA 223 -0.14 -52.84 -112.80
N ASN MA 224 -0.08 -52.80 -111.48
CA ASN MA 224 0.38 -53.98 -110.73
C ASN MA 224 -0.68 -55.05 -110.70
N PHE MA 225 -1.94 -54.65 -110.55
CA PHE MA 225 -3.04 -55.61 -110.55
C PHE MA 225 -3.25 -56.10 -111.97
N HIS MA 226 -2.97 -57.39 -112.22
CA HIS MA 226 -3.19 -57.92 -113.55
C HIS MA 226 -4.68 -58.07 -113.82
N MET MA 227 -5.13 -57.52 -114.95
CA MET MA 227 -6.55 -57.32 -115.18
C MET MA 227 -6.83 -57.53 -116.66
N PHE MA 228 -7.59 -58.57 -117.00
CA PHE MA 228 -7.92 -58.83 -118.39
C PHE MA 228 -9.22 -59.61 -118.45
N THR MA 229 -10.22 -59.06 -119.16
CA THR MA 229 -11.53 -59.67 -119.26
C THR MA 229 -11.95 -59.89 -120.70
N LYS MA 230 -13.21 -60.26 -120.89
CA LYS MA 230 -13.79 -60.32 -122.24
C LYS MA 230 -14.03 -58.92 -122.77
N GLU MA 231 -14.40 -58.84 -124.05
CA GLU MA 231 -14.58 -57.66 -124.89
C GLU MA 231 -13.30 -56.87 -125.14
N GLU MA 232 -12.18 -57.27 -124.54
CA GLU MA 232 -10.86 -56.82 -124.91
C GLU MA 232 -10.07 -57.93 -125.57
N LEU MA 233 -10.36 -59.18 -125.20
CA LEU MA 233 -9.74 -60.33 -125.82
C LEU MA 233 -10.21 -60.47 -127.27
N GLU MA 234 -11.44 -60.04 -127.56
CA GLU MA 234 -11.91 -60.01 -128.94
C GLU MA 234 -11.19 -58.96 -129.76
N GLU MA 235 -10.74 -57.89 -129.11
CA GLU MA 235 -10.04 -56.83 -129.82
C GLU MA 235 -8.64 -57.29 -130.25
N VAL MA 236 -8.01 -58.12 -129.42
CA VAL MA 236 -6.68 -58.62 -129.74
C VAL MA 236 -6.76 -59.65 -130.85
N ILE MA 237 -7.83 -60.44 -130.89
CA ILE MA 237 -8.00 -61.45 -131.94
C ILE MA 237 -8.25 -60.79 -133.29
N LYS MA 238 -9.17 -59.82 -133.34
CA LYS MA 238 -9.54 -59.21 -134.61
C LYS MA 238 -8.46 -58.32 -135.19
N ASP MA 239 -7.45 -57.95 -134.41
CA ASP MA 239 -6.32 -57.18 -134.90
C ASP MA 239 -5.17 -58.05 -135.38
N ILE MA 240 -5.40 -59.35 -135.54
CA ILE MA 240 -4.36 -60.24 -136.02
C ILE MA 240 -5.01 -61.31 -136.90
N ASN NA 9 16.07 -111.13 -107.55
CA ASN NA 9 15.65 -109.74 -107.63
C ASN NA 9 14.66 -109.37 -106.54
N GLN NA 10 14.25 -110.38 -105.75
CA GLN NA 10 13.28 -110.15 -104.70
C GLN NA 10 13.90 -109.50 -103.47
N TYR NA 11 15.23 -109.53 -103.34
CA TYR NA 11 15.92 -108.85 -102.26
C TYR NA 11 16.54 -107.53 -102.73
N ASP NA 12 16.11 -107.02 -103.87
CA ASP NA 12 16.65 -105.79 -104.43
C ASP NA 12 15.64 -104.66 -104.37
N ASN NA 13 14.74 -104.71 -103.38
CA ASN NA 13 13.61 -103.80 -103.30
C ASN NA 13 13.68 -102.87 -102.11
N ASP NA 14 13.80 -103.42 -100.91
CA ASP NA 14 13.78 -102.63 -99.69
C ASP NA 14 15.19 -102.34 -99.19
N VAL NA 15 15.28 -101.43 -98.22
CA VAL NA 15 16.56 -101.09 -97.62
C VAL NA 15 16.86 -102.02 -96.45
N THR NA 16 15.83 -102.50 -95.77
CA THR NA 16 15.99 -103.40 -94.63
C THR NA 16 16.56 -104.75 -95.07
N VAL NA 17 16.23 -105.20 -96.26
CA VAL NA 17 16.60 -106.55 -96.69
C VAL NA 17 18.07 -106.58 -97.09
N TRP NA 18 18.81 -107.53 -96.54
CA TRP NA 18 20.20 -107.76 -96.92
C TRP NA 18 20.26 -108.56 -98.22
N SER NA 19 21.45 -109.01 -98.58
CA SER NA 19 21.58 -109.82 -99.77
C SER NA 19 22.27 -111.12 -99.44
N PRO NA 20 22.07 -112.17 -100.25
CA PRO NA 20 22.90 -113.37 -100.13
C PRO NA 20 24.35 -113.14 -100.52
N GLN NA 21 24.67 -112.05 -101.21
CA GLN NA 21 26.04 -111.63 -101.43
C GLN NA 21 26.57 -110.75 -100.30
N GLY NA 22 25.69 -110.17 -99.49
CA GLY NA 22 26.10 -109.36 -98.37
C GLY NA 22 26.12 -107.87 -98.62
N ARG NA 23 25.48 -107.41 -99.69
CA ARG NA 23 25.55 -106.00 -100.10
C ARG NA 23 24.14 -105.47 -100.32
N ILE NA 24 23.80 -104.39 -99.63
CA ILE NA 24 22.48 -103.80 -99.76
C ILE NA 24 22.41 -103.04 -101.08
N HIS NA 25 21.43 -103.40 -101.92
CA HIS NA 25 21.39 -102.83 -103.26
C HIS NA 25 20.74 -101.46 -103.34
N GLN NA 26 20.00 -101.05 -102.31
CA GLN NA 26 19.39 -99.72 -102.36
C GLN NA 26 20.43 -98.63 -102.16
N ILE NA 27 21.46 -98.90 -101.36
CA ILE NA 27 22.61 -97.99 -101.31
C ILE NA 27 23.35 -97.98 -102.63
N GLU NA 28 23.50 -99.17 -103.25
CA GLU NA 28 24.17 -99.26 -104.53
C GLU NA 28 23.37 -98.59 -105.65
N TYR NA 29 22.05 -98.49 -105.49
CA TYR NA 29 21.25 -97.76 -106.45
C TYR NA 29 21.25 -96.28 -106.16
N ALA NA 30 21.65 -95.88 -104.96
CA ALA NA 30 21.73 -94.46 -104.63
C ALA NA 30 23.04 -93.83 -105.10
N MET NA 31 24.10 -94.64 -105.19
CA MET NA 31 25.35 -94.16 -105.76
C MET NA 31 25.20 -93.77 -107.22
N GLU NA 32 24.30 -94.44 -107.94
CA GLU NA 32 24.08 -94.13 -109.34
C GLU NA 32 23.28 -92.86 -109.54
N ALA NA 33 22.56 -92.40 -108.52
CA ALA NA 33 21.88 -91.12 -108.62
C ALA NA 33 22.84 -89.95 -108.57
N VAL NA 34 23.97 -90.13 -107.88
CA VAL NA 34 24.96 -89.06 -107.79
C VAL NA 34 25.65 -88.86 -109.12
N LYS NA 35 25.89 -89.95 -109.86
CA LYS NA 35 26.56 -89.88 -111.15
C LYS NA 35 25.70 -89.22 -112.23
N GLN NA 36 24.39 -89.10 -112.01
CA GLN NA 36 23.52 -88.40 -112.96
C GLN NA 36 23.71 -86.90 -112.92
N GLY NA 37 24.17 -86.34 -111.81
CA GLY NA 37 24.36 -84.90 -111.73
C GLY NA 37 25.58 -84.44 -112.47
N SER NA 38 25.67 -83.13 -112.66
CA SER NA 38 26.80 -82.54 -113.35
C SER NA 38 28.04 -82.55 -112.45
N ALA NA 39 29.20 -82.39 -113.07
CA ALA NA 39 30.47 -82.53 -112.38
C ALA NA 39 30.84 -81.25 -111.65
N THR NA 40 31.59 -81.42 -110.57
CA THR NA 40 32.10 -80.30 -109.78
C THR NA 40 33.38 -80.74 -109.08
N VAL NA 41 34.30 -79.80 -108.88
CA VAL NA 41 35.64 -80.07 -108.39
C VAL NA 41 35.93 -79.19 -107.19
N GLY NA 42 36.33 -79.80 -106.08
CA GLY NA 42 36.77 -79.06 -104.91
C GLY NA 42 38.21 -79.38 -104.52
N LEU NA 43 39.01 -78.35 -104.27
CA LEU NA 43 40.40 -78.51 -103.84
C LEU NA 43 40.76 -77.41 -102.86
N LYS NA 44 41.96 -77.49 -102.30
CA LYS NA 44 42.37 -76.55 -101.28
C LYS NA 44 43.87 -76.28 -101.39
N SER NA 45 44.33 -75.37 -100.54
CA SER NA 45 45.73 -74.98 -100.46
C SER NA 45 46.06 -74.86 -98.98
N LYS NA 46 47.16 -74.18 -98.66
CA LYS NA 46 47.46 -73.93 -97.25
C LYS NA 46 46.48 -72.95 -96.63
N THR NA 47 46.01 -71.98 -97.39
CA THR NA 47 45.23 -70.88 -96.85
C THR NA 47 43.85 -70.72 -97.46
N HIS NA 48 43.49 -71.50 -98.48
CA HIS NA 48 42.23 -71.31 -99.17
C HIS NA 48 41.63 -72.65 -99.57
N ALA NA 49 40.30 -72.66 -99.73
CA ALA NA 49 39.55 -73.82 -100.14
C ALA NA 49 38.59 -73.37 -101.25
N VAL NA 50 38.89 -73.78 -102.47
CA VAL NA 50 38.14 -73.34 -103.64
C VAL NA 50 37.44 -74.53 -104.26
N LEU NA 51 36.12 -74.43 -104.42
CA LEU NA 51 35.37 -75.41 -105.18
C LEU NA 51 34.74 -74.74 -106.40
N VAL NA 52 34.84 -75.41 -107.55
CA VAL NA 52 34.35 -74.90 -108.81
C VAL NA 52 33.33 -75.88 -109.35
N ALA NA 53 32.17 -75.38 -109.76
CA ALA NA 53 31.08 -76.22 -110.22
C ALA NA 53 30.75 -75.94 -111.68
N LEU NA 54 29.97 -76.85 -112.27
CA LEU NA 54 29.56 -76.77 -113.66
C LEU NA 54 28.05 -76.85 -113.72
N LYS NA 55 27.42 -75.82 -114.29
CA LYS NA 55 25.97 -75.73 -114.34
C LYS NA 55 25.44 -76.32 -115.63
N ARG NA 56 24.17 -76.73 -115.60
CA ARG NA 56 23.46 -77.22 -116.77
C ARG NA 56 22.17 -76.44 -116.94
N ALA NA 57 21.89 -76.01 -118.15
CA ALA NA 57 20.65 -75.34 -118.49
C ALA NA 57 19.65 -76.36 -119.03
N GLN NA 58 18.38 -76.14 -118.72
CA GLN NA 58 17.35 -77.07 -119.20
C GLN NA 58 17.00 -76.77 -120.66
N SER NA 59 16.80 -75.51 -121.00
CA SER NA 59 16.55 -75.10 -122.37
C SER NA 59 17.45 -73.92 -122.68
N GLU NA 60 17.29 -73.36 -123.88
CA GLU NA 60 18.13 -72.25 -124.30
C GLU NA 60 17.70 -70.94 -123.65
N LEU NA 61 16.44 -70.85 -123.22
CA LEU NA 61 15.92 -69.64 -122.61
C LEU NA 61 15.91 -69.69 -121.09
N ALA NA 62 15.82 -70.89 -120.51
CA ALA NA 62 15.82 -71.03 -119.06
C ALA NA 62 17.20 -70.75 -118.50
N ALA NA 63 17.22 -70.33 -117.25
CA ALA NA 63 18.49 -70.07 -116.59
C ALA NA 63 19.14 -71.38 -116.15
N HIS NA 64 20.44 -71.30 -115.86
CA HIS NA 64 21.18 -72.46 -115.40
C HIS NA 64 20.84 -72.76 -113.95
N GLN NA 65 20.71 -74.05 -113.63
CA GLN NA 65 20.43 -74.47 -112.27
C GLN NA 65 21.67 -74.25 -111.40
N LYS NA 66 21.47 -73.60 -110.25
CA LYS NA 66 22.60 -73.24 -109.41
C LYS NA 66 23.10 -74.45 -108.64
N LYS NA 67 24.42 -74.46 -108.39
CA LYS NA 67 25.10 -75.59 -107.78
C LYS NA 67 25.68 -75.22 -106.42
N ILE NA 68 26.41 -74.13 -106.34
CA ILE NA 68 27.06 -73.71 -105.10
C ILE NA 68 26.06 -72.89 -104.30
N LEU NA 69 25.95 -73.18 -103.00
CA LEU NA 69 25.03 -72.43 -102.15
C LEU NA 69 25.68 -72.14 -100.81
N HIS NA 70 25.44 -70.93 -100.32
CA HIS NA 70 26.06 -70.44 -99.10
C HIS NA 70 25.37 -70.99 -97.88
N VAL NA 71 26.16 -71.34 -96.87
CA VAL NA 71 25.66 -71.90 -95.62
C VAL NA 71 26.01 -71.00 -94.44
N ASP NA 72 27.28 -70.68 -94.27
CA ASP NA 72 27.74 -69.85 -93.17
C ASP NA 72 28.86 -68.96 -93.71
N ASN NA 73 29.40 -68.10 -92.84
CA ASN NA 73 30.48 -67.20 -93.23
C ASN NA 73 31.80 -67.90 -93.47
N HIS NA 74 31.89 -69.19 -93.20
CA HIS NA 74 33.12 -69.93 -93.45
C HIS NA 74 32.88 -71.32 -94.02
N ILE NA 75 31.62 -71.70 -94.28
CA ILE NA 75 31.28 -73.01 -94.81
C ILE NA 75 30.42 -72.84 -96.05
N GLY NA 76 30.82 -73.48 -97.14
CA GLY NA 76 29.97 -73.56 -98.32
C GLY NA 76 30.03 -74.92 -98.97
N ILE NA 77 28.93 -75.38 -99.52
CA ILE NA 77 28.84 -76.73 -100.06
C ILE NA 77 28.53 -76.67 -101.55
N SER NA 78 28.74 -77.79 -102.22
CA SER NA 78 28.34 -78.02 -103.60
C SER NA 78 27.24 -79.08 -103.61
N ILE NA 79 26.82 -79.49 -104.80
CA ILE NA 79 25.69 -80.41 -104.90
C ILE NA 79 25.88 -81.30 -106.12
N ALA NA 80 25.42 -82.56 -106.01
CA ALA NA 80 25.45 -83.44 -107.18
C ALA NA 80 24.29 -84.43 -107.26
N GLY NA 81 23.23 -84.27 -106.49
CA GLY NA 81 22.17 -85.25 -106.53
C GLY NA 81 20.81 -84.65 -106.80
N LEU NA 82 19.81 -85.07 -106.04
CA LEU NA 82 18.45 -84.56 -106.18
C LEU NA 82 18.38 -83.12 -105.68
N THR NA 83 17.21 -82.52 -105.81
CA THR NA 83 17.00 -81.16 -105.34
C THR NA 83 16.18 -81.10 -104.07
N ALA NA 84 15.28 -82.07 -103.85
CA ALA NA 84 14.59 -82.15 -102.58
C ALA NA 84 15.54 -82.56 -101.47
N ASP NA 85 16.37 -83.57 -101.73
CA ASP NA 85 17.38 -83.96 -100.75
C ASP NA 85 18.50 -82.94 -100.62
N ALA NA 86 18.64 -82.04 -101.60
CA ALA NA 86 19.58 -80.94 -101.49
C ALA NA 86 19.14 -79.96 -100.41
N ARG NA 87 17.93 -79.39 -100.57
CA ARG NA 87 17.47 -78.38 -99.64
C ARG NA 87 17.07 -78.96 -98.29
N LEU NA 88 16.80 -80.26 -98.22
CA LEU NA 88 16.45 -80.87 -96.94
C LEU NA 88 17.68 -80.98 -96.05
N LEU NA 89 18.84 -81.26 -96.63
CA LEU NA 89 20.08 -81.24 -95.86
C LEU NA 89 20.65 -79.84 -95.74
N CYS NA 90 20.29 -78.95 -96.66
CA CYS NA 90 20.72 -77.56 -96.55
C CYS NA 90 20.06 -76.87 -95.38
N ASN NA 91 18.75 -77.10 -95.19
CA ASN NA 91 18.06 -76.49 -94.06
C ASN NA 91 18.51 -77.09 -92.74
N PHE NA 92 18.95 -78.34 -92.75
CA PHE NA 92 19.59 -78.89 -91.58
C PHE NA 92 20.97 -78.31 -91.38
N MET NA 93 21.64 -77.92 -92.47
CA MET NA 93 23.01 -77.44 -92.38
C MET NA 93 23.06 -76.03 -91.82
N ARG NA 94 22.18 -75.14 -92.30
CA ARG NA 94 22.08 -73.79 -91.76
C ARG NA 94 21.65 -73.79 -90.31
N GLN NA 95 20.80 -74.74 -89.92
CA GLN NA 95 20.24 -74.73 -88.58
C GLN NA 95 21.29 -75.07 -87.54
N GLU NA 96 22.21 -75.97 -87.86
CA GLU NA 96 23.21 -76.37 -86.89
C GLU NA 96 24.30 -75.31 -86.71
N CYS NA 97 24.55 -74.51 -87.75
CA CYS NA 97 25.61 -73.51 -87.66
C CYS NA 97 25.19 -72.34 -86.77
N LEU NA 98 23.93 -71.96 -86.81
CA LEU NA 98 23.49 -70.84 -85.98
C LEU NA 98 23.08 -71.26 -84.57
N ASP NA 99 22.92 -72.56 -84.32
CA ASP NA 99 22.68 -73.01 -82.95
C ASP NA 99 23.94 -72.88 -82.11
N SER NA 100 25.07 -73.36 -82.62
CA SER NA 100 26.34 -73.18 -81.93
C SER NA 100 26.79 -71.73 -81.91
N ARG NA 101 26.35 -70.95 -82.90
CA ARG NA 101 26.54 -69.52 -82.84
C ARG NA 101 25.72 -68.90 -81.73
N PHE NA 102 24.55 -69.49 -81.44
CA PHE NA 102 23.70 -68.98 -80.38
C PHE NA 102 24.13 -69.47 -79.00
N VAL NA 103 24.58 -70.72 -78.90
CA VAL NA 103 24.85 -71.31 -77.59
C VAL NA 103 26.27 -70.98 -77.16
N PHE NA 104 27.25 -71.37 -77.94
CA PHE NA 104 28.64 -71.20 -77.54
C PHE NA 104 29.25 -69.89 -78.02
N ASP NA 105 28.57 -69.18 -78.92
CA ASP NA 105 29.05 -67.94 -79.55
C ASP NA 105 30.42 -68.16 -80.21
N ARG NA 106 30.46 -69.18 -81.06
CA ARG NA 106 31.65 -69.50 -81.82
C ARG NA 106 31.22 -70.19 -83.09
N PRO NA 107 31.99 -70.08 -84.17
CA PRO NA 107 31.68 -70.87 -85.37
C PRO NA 107 31.99 -72.34 -85.13
N LEU NA 108 31.20 -73.20 -85.77
CA LEU NA 108 31.44 -74.64 -85.68
C LEU NA 108 32.75 -75.01 -86.36
N PRO NA 109 33.48 -75.98 -85.82
CA PRO NA 109 34.52 -76.64 -86.61
C PRO NA 109 33.87 -77.43 -87.73
N VAL NA 110 34.58 -77.55 -88.84
CA VAL NA 110 34.01 -78.18 -90.01
C VAL NA 110 33.90 -79.69 -89.81
N SER NA 111 34.83 -80.27 -89.06
CA SER NA 111 34.88 -81.72 -88.92
C SER NA 111 33.72 -82.27 -88.10
N ARG NA 112 33.36 -81.58 -87.03
CA ARG NA 112 32.27 -82.07 -86.20
C ARG NA 112 30.90 -81.67 -86.72
N LEU NA 113 30.84 -80.79 -87.72
CA LEU NA 113 29.57 -80.57 -88.41
C LEU NA 113 29.22 -81.76 -89.28
N VAL NA 114 30.20 -82.28 -90.02
CA VAL NA 114 29.96 -83.36 -90.97
C VAL NA 114 29.71 -84.67 -90.24
N SER NA 115 30.23 -84.81 -89.02
CA SER NA 115 29.88 -85.97 -88.20
C SER NA 115 28.42 -85.96 -87.79
N LEU NA 116 27.81 -84.78 -87.71
CA LEU NA 116 26.36 -84.73 -87.48
C LEU NA 116 25.60 -85.09 -88.75
N ILE NA 117 26.21 -84.89 -89.91
CA ILE NA 117 25.53 -85.18 -91.17
C ILE NA 117 25.49 -86.68 -91.43
N GLY NA 118 26.61 -87.37 -91.17
CA GLY NA 118 26.64 -88.80 -91.32
C GLY NA 118 25.77 -89.53 -90.32
N SER NA 119 25.58 -88.94 -89.13
CA SER NA 119 24.62 -89.49 -88.19
C SER NA 119 23.20 -89.17 -88.61
N LYS NA 120 23.00 -88.08 -89.36
CA LYS NA 120 21.67 -87.71 -89.81
C LYS NA 120 21.18 -88.64 -90.91
N THR NA 121 22.04 -88.95 -91.87
CA THR NA 121 21.65 -89.76 -93.01
C THR NA 121 21.72 -91.25 -92.73
N GLN NA 122 22.04 -91.65 -91.50
CA GLN NA 122 22.09 -93.06 -91.16
C GLN NA 122 20.71 -93.63 -90.92
N ILE NA 123 19.86 -92.87 -90.21
CA ILE NA 123 18.51 -93.35 -89.88
C ILE NA 123 17.65 -93.68 -91.10
N PRO NA 124 17.56 -92.86 -92.17
CA PRO NA 124 16.78 -93.31 -93.33
C PRO NA 124 17.44 -94.38 -94.18
N THR NA 125 18.55 -94.99 -93.75
CA THR NA 125 19.13 -96.12 -94.44
C THR NA 125 19.04 -97.40 -93.62
N GLN NA 126 18.31 -97.39 -92.53
CA GLN NA 126 18.19 -98.64 -91.79
C GLN NA 126 16.75 -99.00 -91.44
N ARG NA 127 15.92 -98.01 -91.15
CA ARG NA 127 14.52 -98.28 -90.83
C ARG NA 127 13.71 -98.54 -92.08
N TYR NA 128 12.55 -99.16 -91.90
CA TYR NA 128 11.67 -99.48 -93.02
C TYR NA 128 10.87 -98.26 -93.45
N GLY NA 129 10.63 -98.16 -94.76
CA GLY NA 129 9.75 -97.15 -95.28
C GLY NA 129 10.42 -95.83 -95.63
N ARG NA 130 11.74 -95.76 -95.55
CA ARG NA 130 12.47 -94.54 -95.87
C ARG NA 130 13.48 -94.81 -96.99
N ARG NA 131 13.70 -93.79 -97.79
CA ARG NA 131 14.74 -93.92 -98.79
C ARG NA 131 16.04 -93.36 -98.27
N PRO NA 132 17.18 -93.81 -98.80
CA PRO NA 132 18.43 -93.09 -98.55
C PRO NA 132 18.40 -91.73 -99.21
N TYR NA 133 19.10 -90.77 -98.61
CA TYR NA 133 19.22 -89.45 -99.21
C TYR NA 133 20.16 -89.55 -100.40
N GLY NA 134 19.60 -89.57 -101.61
CA GLY NA 134 20.45 -89.70 -102.77
C GLY NA 134 20.98 -88.35 -103.18
N VAL NA 135 22.20 -88.05 -102.74
CA VAL NA 135 22.76 -86.71 -102.86
C VAL NA 135 24.26 -86.82 -102.59
N GLY NA 136 25.03 -85.94 -103.23
CA GLY NA 136 26.46 -85.89 -103.01
C GLY NA 136 26.90 -84.47 -102.66
N LEU NA 137 27.78 -84.34 -101.69
CA LEU NA 137 28.21 -83.03 -101.22
C LEU NA 137 29.71 -82.86 -101.35
N LEU NA 138 30.13 -81.61 -101.49
CA LEU NA 138 31.54 -81.21 -101.39
C LEU NA 138 31.60 -80.06 -100.39
N ILE NA 139 31.83 -80.39 -99.13
CA ILE NA 139 31.81 -79.38 -98.08
C ILE NA 139 33.20 -78.76 -97.96
N ALA NA 140 33.27 -77.44 -98.13
CA ALA NA 140 34.53 -76.71 -98.05
C ALA NA 140 34.42 -75.69 -96.93
N GLY NA 141 35.27 -75.81 -95.93
CA GLY NA 141 35.21 -74.90 -94.81
C GLY NA 141 36.54 -74.30 -94.42
N TYR NA 142 36.52 -73.54 -93.33
CA TYR NA 142 37.75 -72.99 -92.79
C TYR NA 142 37.53 -72.76 -91.30
N ASP NA 143 38.49 -73.17 -90.49
CA ASP NA 143 38.36 -73.08 -89.05
C ASP NA 143 39.75 -72.82 -88.46
N ASP NA 144 39.91 -73.10 -87.17
CA ASP NA 144 41.13 -72.77 -86.43
C ASP NA 144 42.32 -73.64 -86.78
N MET NA 145 42.20 -74.57 -87.71
CA MET NA 145 43.31 -75.42 -88.09
C MET NA 145 43.58 -75.45 -89.59
N GLY NA 146 42.85 -74.69 -90.39
CA GLY NA 146 43.11 -74.61 -91.81
C GLY NA 146 41.88 -74.90 -92.63
N PRO NA 147 42.01 -74.81 -93.94
CA PRO NA 147 40.88 -75.17 -94.81
C PRO NA 147 40.68 -76.68 -94.85
N HIS NA 148 39.46 -77.06 -95.24
CA HIS NA 148 39.08 -78.46 -95.31
C HIS NA 148 38.25 -78.70 -96.56
N ILE NA 149 38.40 -79.88 -97.13
CA ILE NA 149 37.58 -80.35 -98.24
C ILE NA 149 37.02 -81.71 -97.84
N PHE NA 150 35.70 -81.79 -97.72
CA PHE NA 150 35.01 -83.01 -97.32
C PHE NA 150 34.05 -83.42 -98.43
N GLN NA 151 33.99 -84.71 -98.72
CA GLN NA 151 32.95 -85.24 -99.58
C GLN NA 151 32.13 -86.27 -98.83
N THR NA 152 30.87 -86.38 -99.18
CA THR NA 152 29.96 -87.34 -98.58
C THR NA 152 29.45 -88.30 -99.66
N CYS NA 153 28.47 -89.11 -99.26
CA CYS NA 153 27.87 -90.10 -100.13
C CYS NA 153 26.55 -90.52 -99.51
N PRO NA 154 25.63 -91.10 -100.29
CA PRO NA 154 24.39 -91.64 -99.68
C PRO NA 154 24.61 -92.82 -98.77
N SER NA 155 25.77 -93.47 -98.81
CA SER NA 155 26.10 -94.52 -97.86
C SER NA 155 26.59 -94.00 -96.52
N ALA NA 156 26.57 -92.68 -96.32
CA ALA NA 156 26.96 -92.01 -95.07
C ALA NA 156 28.41 -92.31 -94.69
N ASN NA 157 29.31 -92.09 -95.65
CA ASN NA 157 30.75 -92.23 -95.44
C ASN NA 157 31.40 -90.93 -95.87
N TYR NA 158 31.77 -90.10 -94.91
CA TYR NA 158 32.41 -88.83 -95.21
C TYR NA 158 33.92 -88.99 -95.24
N PHE NA 159 34.56 -88.29 -96.17
CA PHE NA 159 35.99 -88.42 -96.43
C PHE NA 159 36.68 -87.08 -96.28
N ASP NA 160 37.76 -87.06 -95.50
CA ASP NA 160 38.67 -85.91 -95.44
C ASP NA 160 39.65 -86.09 -96.59
N CYS NA 161 39.52 -85.24 -97.60
CA CYS NA 161 40.38 -85.30 -98.77
C CYS NA 161 41.08 -83.97 -98.99
N ARG NA 162 41.99 -83.96 -99.97
CA ARG NA 162 42.62 -82.71 -100.39
C ARG NA 162 42.09 -82.21 -101.73
N ALA NA 163 41.66 -83.11 -102.61
CA ALA NA 163 41.11 -82.72 -103.91
C ALA NA 163 40.28 -83.88 -104.42
N MET NA 164 38.99 -83.65 -104.64
CA MET NA 164 38.11 -84.67 -105.20
C MET NA 164 37.16 -84.05 -106.21
N SER NA 165 36.38 -84.91 -106.83
CA SER NA 165 35.40 -84.49 -107.83
C SER NA 165 34.34 -85.57 -107.94
N ILE NA 166 33.08 -85.13 -108.01
CA ILE NA 166 31.93 -86.02 -108.03
C ILE NA 166 30.89 -85.48 -108.99
N GLY NA 167 30.16 -86.40 -109.62
CA GLY NA 167 29.22 -86.08 -110.68
C GLY NA 167 29.46 -86.95 -111.90
N ALA NA 168 28.94 -86.49 -113.03
CA ALA NA 168 29.10 -87.23 -114.28
C ALA NA 168 30.52 -87.07 -114.80
N ARG NA 169 31.04 -88.17 -115.35
CA ARG NA 169 32.40 -88.37 -115.86
C ARG NA 169 33.50 -87.74 -115.01
N SER NA 170 33.36 -87.85 -113.69
CA SER NA 170 34.31 -87.25 -112.77
C SER NA 170 35.60 -88.03 -112.65
N GLN NA 171 35.68 -89.23 -113.25
CA GLN NA 171 36.92 -90.01 -113.23
C GLN NA 171 38.02 -89.30 -114.00
N SER NA 172 37.67 -88.61 -115.07
CA SER NA 172 38.64 -87.84 -115.84
C SER NA 172 39.15 -86.63 -115.06
N ALA NA 173 38.35 -86.12 -114.13
CA ALA NA 173 38.80 -85.00 -113.31
C ALA NA 173 39.76 -85.46 -112.22
N ARG NA 174 39.57 -86.68 -111.73
CA ARG NA 174 40.42 -87.18 -110.66
C ARG NA 174 41.83 -87.45 -111.16
N THR NA 175 41.96 -87.90 -112.41
CA THR NA 175 43.27 -88.18 -112.97
C THR NA 175 44.08 -86.91 -113.18
N TYR NA 176 43.40 -85.79 -113.42
CA TYR NA 176 44.11 -84.52 -113.49
C TYR NA 176 44.60 -84.09 -112.12
N LEU NA 177 43.84 -84.38 -111.08
CA LEU NA 177 44.19 -83.94 -109.74
C LEU NA 177 45.28 -84.79 -109.11
N GLU NA 178 45.44 -86.04 -109.54
CA GLU NA 178 46.48 -86.88 -108.95
C GLU NA 178 47.86 -86.46 -109.43
N ARG NA 179 47.98 -86.07 -110.70
CA ARG NA 179 49.25 -85.64 -111.26
C ARG NA 179 49.53 -84.16 -111.03
N HIS NA 180 48.74 -83.50 -110.19
CA HIS NA 180 48.98 -82.10 -109.84
C HIS NA 180 48.75 -81.83 -108.36
N MET NA 181 48.69 -82.89 -107.54
CA MET NA 181 48.43 -82.71 -106.11
C MET NA 181 49.64 -82.12 -105.38
N SER NA 182 50.83 -82.18 -105.98
CA SER NA 182 52.00 -81.62 -105.32
C SER NA 182 52.05 -80.10 -105.44
N GLU NA 183 51.49 -79.55 -106.52
CA GLU NA 183 51.50 -78.12 -106.74
C GLU NA 183 50.38 -77.38 -106.03
N PHE NA 184 49.52 -78.09 -105.30
CA PHE NA 184 48.34 -77.50 -104.70
C PHE NA 184 48.59 -76.93 -103.32
N MET NA 185 49.83 -76.67 -102.98
CA MET NA 185 50.17 -76.10 -101.68
C MET NA 185 50.80 -74.73 -101.80
N GLU NA 186 51.80 -74.58 -102.67
CA GLU NA 186 52.46 -73.29 -102.88
C GLU NA 186 51.82 -72.53 -104.03
N CYS NA 187 50.53 -72.24 -103.86
CA CYS NA 187 49.77 -71.53 -104.87
C CYS NA 187 48.74 -70.67 -104.17
N ASN NA 188 48.69 -69.39 -104.55
CA ASN NA 188 48.00 -68.42 -103.71
C ASN NA 188 46.49 -68.34 -103.92
N LEU NA 189 46.02 -67.74 -105.01
CA LEU NA 189 44.62 -67.89 -105.42
C LEU NA 189 44.48 -68.09 -106.91
N ASN NA 190 45.28 -67.35 -107.69
CA ASN NA 190 44.98 -67.23 -109.11
C ASN NA 190 45.40 -68.48 -109.85
N GLU NA 191 46.57 -69.03 -109.51
CA GLU NA 191 46.95 -70.35 -109.98
C GLU NA 191 46.35 -71.46 -109.13
N LEU NA 192 45.70 -71.12 -108.01
CA LEU NA 192 44.92 -72.11 -107.29
C LEU NA 192 43.59 -72.37 -107.96
N VAL NA 193 42.91 -71.30 -108.40
CA VAL NA 193 41.63 -71.46 -109.07
C VAL NA 193 41.80 -72.06 -110.46
N LYS NA 194 42.76 -71.56 -111.23
CA LYS NA 194 42.89 -72.00 -112.61
C LYS NA 194 43.46 -73.40 -112.73
N HIS NA 195 44.00 -73.97 -111.65
CA HIS NA 195 44.21 -75.41 -111.64
C HIS NA 195 42.90 -76.16 -111.47
N GLY NA 196 41.93 -75.57 -110.78
CA GLY NA 196 40.68 -76.26 -110.54
C GLY NA 196 39.80 -76.31 -111.76
N LEU NA 197 39.73 -75.21 -112.52
CA LEU NA 197 38.87 -75.20 -113.69
C LEU NA 197 39.47 -75.93 -114.88
N ARG NA 198 40.76 -76.25 -114.85
CA ARG NA 198 41.28 -77.18 -115.84
C ARG NA 198 40.82 -78.61 -115.57
N ALA NA 199 40.38 -78.91 -114.35
CA ALA NA 199 39.82 -80.23 -114.08
C ALA NA 199 38.39 -80.33 -114.59
N LEU NA 200 37.65 -79.23 -114.59
CA LEU NA 200 36.28 -79.27 -115.11
C LEU NA 200 36.27 -79.42 -116.62
N ARG NA 201 37.18 -78.74 -117.32
CA ARG NA 201 37.17 -78.77 -118.77
C ARG NA 201 37.62 -80.10 -119.33
N GLU NA 202 38.21 -80.97 -118.52
CA GLU NA 202 38.47 -82.33 -118.93
C GLU NA 202 37.30 -83.26 -118.69
N THR NA 203 36.25 -82.76 -118.02
CA THR NA 203 34.96 -83.44 -117.96
C THR NA 203 33.99 -82.90 -119.01
N LEU NA 204 34.50 -82.36 -120.10
CA LEU NA 204 33.68 -81.80 -121.14
C LEU NA 204 34.00 -82.45 -122.49
N PRO NA 205 33.03 -82.51 -123.39
CA PRO NA 205 33.33 -82.85 -124.78
C PRO NA 205 34.20 -81.78 -125.43
N ALA NA 206 34.81 -82.16 -126.55
CA ALA NA 206 35.84 -81.36 -127.18
C ALA NA 206 35.29 -80.32 -128.16
N GLU NA 207 34.03 -79.90 -127.98
CA GLU NA 207 33.44 -78.90 -128.86
C GLU NA 207 32.77 -77.77 -128.11
N GLN NA 208 32.56 -77.89 -126.80
CA GLN NA 208 32.09 -76.77 -126.00
C GLN NA 208 32.94 -76.68 -124.75
N ASP NA 209 32.83 -75.54 -124.08
CA ASP NA 209 33.63 -75.29 -122.88
C ASP NA 209 32.90 -74.28 -122.00
N LEU NA 210 33.61 -73.81 -120.98
CA LEU NA 210 33.10 -72.80 -120.07
C LEU NA 210 32.94 -71.46 -120.78
N THR NA 211 31.78 -70.82 -120.61
CA THR NA 211 31.42 -69.62 -121.36
C THR NA 211 30.91 -68.51 -120.45
N THR NA 212 31.38 -68.47 -119.21
CA THR NA 212 30.96 -67.52 -118.16
C THR NA 212 29.44 -67.56 -117.92
N LYS NA 213 28.81 -68.70 -118.20
CA LYS NA 213 27.37 -68.84 -118.05
C LYS NA 213 26.98 -70.15 -117.41
N ASN NA 214 27.91 -71.08 -117.23
CA ASN NA 214 27.61 -72.40 -116.69
C ASN NA 214 28.66 -72.81 -115.68
N VAL NA 215 29.24 -71.85 -114.98
CA VAL NA 215 30.35 -72.11 -114.09
C VAL NA 215 30.32 -71.10 -112.94
N SER NA 216 30.57 -71.59 -111.73
CA SER NA 216 30.61 -70.73 -110.55
C SER NA 216 31.78 -71.16 -109.67
N ILE NA 217 32.32 -70.20 -108.94
CA ILE NA 217 33.52 -70.41 -108.13
C ILE NA 217 33.25 -69.85 -106.74
N GLY NA 218 33.44 -70.68 -105.72
CA GLY NA 218 33.34 -70.21 -104.36
C GLY NA 218 34.67 -70.30 -103.64
N ILE NA 219 35.11 -69.21 -103.02
CA ILE NA 219 36.38 -69.17 -102.30
C ILE NA 219 36.10 -68.86 -100.84
N VAL NA 220 36.71 -69.62 -99.95
CA VAL NA 220 36.78 -69.31 -98.53
C VAL NA 220 38.22 -69.45 -98.10
N GLY NA 221 38.65 -68.62 -97.15
CA GLY NA 221 40.03 -68.63 -96.74
C GLY NA 221 40.28 -68.08 -95.36
N LYS NA 222 41.51 -67.62 -95.12
CA LYS NA 222 41.85 -67.07 -93.81
C LYS NA 222 41.19 -65.73 -93.59
N ASP NA 223 41.46 -64.76 -94.46
CA ASP NA 223 40.90 -63.43 -94.34
C ASP NA 223 39.76 -63.20 -95.33
N LEU NA 224 39.02 -64.23 -95.68
CA LEU NA 224 37.98 -64.12 -96.70
C LEU NA 224 36.76 -64.91 -96.29
N GLU NA 225 35.62 -64.23 -96.22
CA GLU NA 225 34.34 -64.89 -96.05
C GLU NA 225 33.99 -65.66 -97.32
N PHE NA 226 33.19 -66.72 -97.17
CA PHE NA 226 32.83 -67.58 -98.29
C PHE NA 226 31.96 -66.80 -99.29
N THR NA 227 32.51 -66.57 -100.47
CA THR NA 227 31.92 -65.70 -101.47
C THR NA 227 31.63 -66.50 -102.73
N ILE NA 228 30.41 -66.38 -103.26
CA ILE NA 228 30.00 -67.09 -104.46
C ILE NA 228 30.06 -66.11 -105.63
N TYR NA 229 30.79 -66.47 -106.67
CA TYR NA 229 30.88 -65.68 -107.89
C TYR NA 229 30.16 -66.41 -109.01
N ASP NA 230 29.40 -65.66 -109.81
CA ASP NA 230 28.72 -66.26 -110.95
C ASP NA 230 28.44 -65.21 -112.02
N ASP NA 231 28.89 -65.52 -113.25
CA ASP NA 231 28.49 -64.92 -114.52
C ASP NA 231 28.98 -63.49 -114.74
N ASP NA 232 29.50 -62.84 -113.72
CA ASP NA 232 30.02 -61.48 -113.90
C ASP NA 232 31.49 -61.43 -113.49
N ASP NA 233 31.78 -61.98 -112.32
CA ASP NA 233 33.13 -61.98 -111.77
C ASP NA 233 33.87 -63.27 -112.08
N VAL NA 234 33.26 -64.18 -112.83
CA VAL NA 234 33.96 -65.35 -113.31
C VAL NA 234 34.89 -64.97 -114.44
N SER NA 235 34.55 -63.91 -115.19
CA SER NA 235 35.38 -63.47 -116.30
C SER NA 235 36.79 -62.99 -115.94
N PRO NA 236 37.07 -62.37 -114.77
CA PRO NA 236 38.49 -62.22 -114.40
C PRO NA 236 39.19 -63.52 -114.09
N PHE NA 237 38.46 -64.54 -113.64
CA PHE NA 237 39.08 -65.84 -113.42
C PHE NA 237 39.29 -66.60 -114.72
N LEU NA 238 38.50 -66.34 -115.75
CA LEU NA 238 38.62 -67.04 -117.02
C LEU NA 238 39.45 -66.23 -118.01
N GLU NA 239 40.76 -66.21 -117.76
CA GLU NA 239 41.70 -65.55 -118.65
C GLU NA 239 43.07 -66.19 -118.49
N GLY NA 240 43.87 -66.06 -119.54
CA GLY NA 240 45.19 -66.68 -119.56
C GLY NA 240 45.15 -68.18 -119.65
N LEU NA 241 44.10 -68.73 -120.25
CA LEU NA 241 43.96 -70.17 -120.39
C LEU NA 241 44.52 -70.63 -121.73
N GLU NA 242 44.41 -71.92 -122.01
CA GLU NA 242 44.79 -72.47 -123.30
C GLU NA 242 43.76 -73.50 -123.69
N GLU NA 243 43.57 -73.68 -124.99
CA GLU NA 243 42.62 -74.65 -125.49
C GLU NA 243 43.13 -76.07 -125.25
N ARG NA 244 42.20 -77.01 -125.25
CA ARG NA 244 42.56 -78.40 -125.05
C ARG NA 244 43.18 -78.96 -126.33
N PRO NA 245 44.39 -79.52 -126.26
CA PRO NA 245 45.02 -80.05 -127.47
C PRO NA 245 44.39 -81.37 -127.91
N GLN NA 246 44.53 -81.67 -129.19
CA GLN NA 246 43.99 -82.90 -129.76
C GLN NA 246 44.84 -83.37 -130.94
N THR OA 5 15.63 -119.84 -100.03
CA THR OA 5 14.86 -118.71 -100.54
C THR OA 5 13.44 -118.75 -100.01
N GLY OA 6 12.83 -117.58 -99.88
CA GLY OA 6 11.53 -117.45 -99.26
C GLY OA 6 11.56 -117.30 -97.76
N TYR OA 7 12.62 -117.76 -97.11
CA TYR OA 7 12.77 -117.64 -95.67
C TYR OA 7 13.84 -116.65 -95.28
N ASP OA 8 14.53 -116.04 -96.24
CA ASP OA 8 15.70 -115.21 -95.97
C ASP OA 8 15.45 -113.74 -96.23
N LEU OA 9 14.20 -113.29 -96.10
CA LEU OA 9 13.86 -111.88 -96.31
C LEU OA 9 13.78 -111.12 -95.00
N SER OA 10 12.94 -111.57 -94.08
CA SER OA 10 12.77 -110.91 -92.80
C SER OA 10 13.71 -111.50 -91.77
N ALA OA 11 14.11 -110.65 -90.81
CA ALA OA 11 14.90 -111.13 -89.69
C ALA OA 11 14.05 -111.74 -88.59
N SER OA 12 12.72 -111.75 -88.75
CA SER OA 12 11.83 -112.34 -87.76
C SER OA 12 11.49 -113.77 -88.05
N THR OA 13 11.45 -114.16 -89.32
CA THR OA 13 11.10 -115.53 -89.67
C THR OA 13 12.30 -116.46 -89.47
N PHE OA 14 12.00 -117.73 -89.23
CA PHE OA 14 13.01 -118.76 -89.10
C PHE OA 14 13.12 -119.58 -90.38
N SER OA 15 14.30 -120.17 -90.55
CA SER OA 15 14.48 -121.19 -91.56
C SER OA 15 13.73 -122.45 -91.15
N PRO OA 16 13.42 -123.33 -92.12
CA PRO OA 16 12.76 -124.59 -91.74
C PRO OA 16 13.62 -125.56 -90.94
N ASP OA 17 14.91 -125.31 -90.78
CA ASP OA 17 15.71 -126.06 -89.84
C ASP OA 17 16.02 -125.29 -88.56
N GLY OA 18 15.76 -123.99 -88.53
CA GLY OA 18 15.84 -123.24 -87.29
C GLY OA 18 16.98 -122.25 -87.14
N ARG OA 19 17.32 -121.52 -88.20
CA ARG OA 19 18.25 -120.41 -88.07
C ARG OA 19 17.73 -119.19 -88.84
N VAL OA 20 18.48 -118.10 -88.76
CA VAL OA 20 18.08 -116.83 -89.34
C VAL OA 20 19.13 -116.44 -90.37
N PHE OA 21 18.73 -116.35 -91.63
CA PHE OA 21 19.70 -116.04 -92.68
C PHE OA 21 20.05 -114.57 -92.75
N GLN OA 22 19.20 -113.69 -92.23
CA GLN OA 22 19.53 -112.27 -92.24
C GLN OA 22 20.70 -111.96 -91.33
N VAL OA 23 20.86 -112.72 -90.25
CA VAL OA 23 22.06 -112.60 -89.43
C VAL OA 23 23.24 -113.25 -90.13
N GLU OA 24 22.99 -114.38 -90.81
CA GLU OA 24 24.05 -115.09 -91.53
C GLU OA 24 24.58 -114.28 -92.69
N TYR OA 25 23.72 -113.51 -93.36
CA TYR OA 25 24.17 -112.68 -94.48
C TYR OA 25 25.00 -111.51 -93.99
N ALA OA 26 24.67 -110.96 -92.81
CA ALA OA 26 25.38 -109.79 -92.33
C ALA OA 26 26.77 -110.14 -91.80
N MET OA 27 26.99 -111.38 -91.38
CA MET OA 27 28.29 -111.76 -90.84
C MET OA 27 29.36 -111.81 -91.93
N LYS OA 28 29.01 -112.32 -93.09
CA LYS OA 28 29.96 -112.37 -94.18
C LYS OA 28 30.08 -111.04 -94.92
N ALA OA 29 29.23 -110.05 -94.61
CA ALA OA 29 29.52 -108.70 -95.03
C ALA OA 29 30.67 -108.11 -94.24
N VAL OA 30 30.77 -108.48 -92.97
CA VAL OA 30 31.90 -108.06 -92.14
C VAL OA 30 33.16 -108.80 -92.58
N GLU OA 31 33.00 -110.00 -93.13
CA GLU OA 31 34.14 -110.79 -93.60
C GLU OA 31 34.82 -110.12 -94.79
N ASN OA 32 34.07 -109.39 -95.61
CA ASN OA 32 34.65 -108.69 -96.75
C ASN OA 32 35.09 -107.29 -96.32
N SER OA 33 36.09 -107.27 -95.45
CA SER OA 33 36.66 -106.02 -94.95
C SER OA 33 38.10 -106.29 -94.53
N SER OA 34 38.87 -105.20 -94.40
CA SER OA 34 40.29 -105.32 -94.13
C SER OA 34 40.53 -105.76 -92.69
N THR OA 35 41.75 -106.23 -92.44
CA THR OA 35 42.06 -106.95 -91.20
C THR OA 35 42.32 -105.98 -90.07
N ALA OA 36 41.69 -106.24 -88.92
CA ALA OA 36 41.95 -105.49 -87.70
C ALA OA 36 42.13 -106.49 -86.56
N ILE OA 37 43.28 -106.44 -85.91
CA ILE OA 37 43.61 -107.40 -84.86
C ILE OA 37 43.75 -106.67 -83.53
N GLY OA 38 43.68 -107.45 -82.46
CA GLY OA 38 43.87 -106.92 -81.13
C GLY OA 38 44.45 -107.99 -80.23
N ILE OA 39 45.28 -107.54 -79.29
CA ILE OA 39 46.00 -108.43 -78.38
C ILE OA 39 46.33 -107.64 -77.13
N ARG OA 40 46.26 -108.30 -75.98
CA ARG OA 40 46.61 -107.67 -74.72
C ARG OA 40 47.87 -108.30 -74.14
N CYS OA 41 48.70 -107.47 -73.53
CA CYS OA 41 49.85 -107.95 -72.77
C CYS OA 41 49.43 -108.06 -71.31
N LYS OA 42 50.40 -108.16 -70.40
CA LYS OA 42 50.08 -108.26 -68.99
C LYS OA 42 49.54 -106.96 -68.40
N ASP OA 43 49.89 -105.81 -68.98
CA ASP OA 43 49.47 -104.52 -68.43
C ASP OA 43 49.03 -103.56 -69.54
N GLY OA 44 48.19 -104.03 -70.45
CA GLY OA 44 47.63 -103.15 -71.44
C GLY OA 44 47.12 -103.91 -72.64
N VAL OA 45 46.41 -103.17 -73.50
CA VAL OA 45 45.82 -103.70 -74.72
C VAL OA 45 46.35 -102.90 -75.90
N VAL OA 46 46.79 -103.61 -76.95
CA VAL OA 46 47.33 -102.96 -78.15
C VAL OA 46 46.43 -103.29 -79.32
N PHE OA 47 45.93 -102.25 -79.99
CA PHE OA 47 45.11 -102.39 -81.17
C PHE OA 47 45.95 -102.21 -82.44
N GLY OA 48 45.55 -102.90 -83.50
CA GLY OA 48 46.17 -102.72 -84.79
C GLY OA 48 45.16 -102.88 -85.91
N VAL OA 49 45.07 -101.88 -86.78
CA VAL OA 49 44.09 -101.87 -87.87
C VAL OA 49 44.83 -101.63 -89.17
N GLU OA 50 44.66 -102.53 -90.13
CA GLU OA 50 45.15 -102.28 -91.47
C GLU OA 50 44.18 -101.35 -92.18
N LYS OA 51 44.72 -100.34 -92.86
CA LYS OA 51 43.92 -99.32 -93.53
C LYS OA 51 44.36 -99.23 -94.97
N LEU OA 52 43.39 -99.17 -95.89
CA LEU OA 52 43.66 -99.27 -97.30
C LEU OA 52 43.68 -97.88 -97.96
N VAL OA 53 44.66 -97.65 -98.81
CA VAL OA 53 44.75 -96.44 -99.63
C VAL OA 53 44.68 -96.89 -101.07
N LEU OA 54 43.60 -96.53 -101.77
CA LEU OA 54 43.43 -97.01 -103.14
C LEU OA 54 44.46 -96.44 -104.11
N SER OA 55 44.38 -95.15 -104.44
CA SER OA 55 45.52 -94.46 -105.05
C SER OA 55 45.95 -93.24 -104.24
N LYS OA 56 45.10 -92.22 -104.14
CA LYS OA 56 45.20 -91.21 -103.09
C LYS OA 56 43.93 -91.21 -102.25
N LEU OA 57 42.80 -90.82 -102.85
CA LEU OA 57 41.41 -91.07 -102.47
C LEU OA 57 40.95 -90.38 -101.19
N TYR OA 58 41.90 -89.85 -100.40
CA TYR OA 58 41.65 -89.11 -99.16
C TYR OA 58 42.96 -88.53 -98.63
N GLU OA 59 42.92 -88.02 -97.40
CA GLU OA 59 44.08 -87.43 -96.73
C GLU OA 59 45.01 -88.52 -96.19
N GLU OA 60 45.89 -88.12 -95.28
CA GLU OA 60 46.69 -89.06 -94.50
C GLU OA 60 46.18 -88.97 -93.06
N GLY OA 61 45.14 -89.75 -92.77
CA GLY OA 61 44.56 -89.73 -91.44
C GLY OA 61 43.07 -89.51 -91.44
N SER OA 62 42.43 -89.72 -92.59
CA SER OA 62 40.98 -89.71 -92.64
C SER OA 62 40.43 -91.01 -92.04
N ASN OA 63 39.12 -90.97 -91.77
CA ASN OA 63 38.21 -92.11 -91.49
C ASN OA 63 38.84 -93.27 -90.72
N LYS OA 64 39.54 -92.92 -89.65
CA LYS OA 64 40.30 -93.88 -88.87
C LYS OA 64 39.35 -94.78 -88.09
N ARG OA 65 39.58 -96.08 -88.16
CA ARG OA 65 38.71 -97.04 -87.48
C ARG OA 65 39.14 -97.33 -86.06
N LEU OA 66 40.02 -96.51 -85.49
CA LEU OA 66 40.39 -96.61 -84.08
C LEU OA 66 39.67 -95.50 -83.33
N PHE OA 67 38.42 -95.79 -82.97
CA PHE OA 67 37.59 -94.82 -82.26
C PHE OA 67 37.99 -94.76 -80.78
N ASN OA 68 37.31 -93.89 -80.06
CA ASN OA 68 37.66 -93.59 -78.67
C ASN OA 68 36.36 -93.34 -77.92
N VAL OA 69 35.82 -94.39 -77.29
CA VAL OA 69 34.54 -94.34 -76.60
C VAL OA 69 34.67 -93.57 -75.30
N ASP OA 70 35.53 -94.01 -74.40
CA ASP OA 70 35.63 -93.38 -73.10
C ASP OA 70 37.08 -92.94 -72.90
N ARG OA 71 37.37 -92.43 -71.71
CA ARG OA 71 38.74 -92.06 -71.39
C ARG OA 71 39.65 -93.28 -71.33
N HIS OA 72 39.09 -94.45 -71.01
CA HIS OA 72 39.88 -95.66 -70.83
C HIS OA 72 39.42 -96.82 -71.72
N VAL OA 73 38.65 -96.55 -72.77
CA VAL OA 73 38.03 -97.57 -73.59
C VAL OA 73 38.32 -97.27 -75.06
N GLY OA 74 38.68 -98.29 -75.84
CA GLY OA 74 38.94 -98.14 -77.25
C GLY OA 74 38.04 -99.00 -78.15
N MET OA 75 38.15 -98.72 -79.46
CA MET OA 75 37.41 -99.43 -80.49
C MET OA 75 38.34 -99.84 -81.62
N ALA OA 76 38.02 -100.97 -82.24
CA ALA OA 76 38.75 -101.47 -83.38
C ALA OA 76 37.74 -101.97 -84.43
N VAL OA 77 36.82 -101.09 -84.81
CA VAL OA 77 35.73 -101.46 -85.72
C VAL OA 77 36.25 -101.92 -87.08
N ALA OA 78 35.47 -102.80 -87.70
CA ALA OA 78 35.79 -103.34 -89.01
C ALA OA 78 34.50 -103.82 -89.66
N GLY OA 79 34.35 -103.56 -90.94
CA GLY OA 79 33.13 -103.92 -91.63
C GLY OA 79 32.53 -102.73 -92.35
N LEU OA 80 31.22 -102.56 -92.25
CA LEU OA 80 30.55 -101.42 -92.86
C LEU OA 80 30.81 -100.20 -91.97
N LEU OA 81 31.52 -99.21 -92.51
CA LEU OA 81 32.05 -98.14 -91.67
C LEU OA 81 30.96 -97.19 -91.19
N ALA OA 82 29.86 -97.09 -91.92
CA ALA OA 82 28.81 -96.14 -91.56
C ALA OA 82 28.06 -96.58 -90.30
N ASP OA 83 27.77 -97.87 -90.18
CA ASP OA 83 27.14 -98.38 -88.98
C ASP OA 83 28.09 -98.48 -87.80
N ALA OA 84 29.40 -98.46 -88.07
CA ALA OA 84 30.37 -98.46 -86.98
C ALA OA 84 30.36 -97.14 -86.23
N ARG OA 85 30.17 -96.04 -86.93
CA ARG OA 85 30.05 -94.75 -86.27
C ARG OA 85 28.73 -94.60 -85.53
N SER OA 86 27.74 -95.44 -85.85
CA SER OA 86 26.51 -95.44 -85.08
C SER OA 86 26.71 -96.10 -83.72
N LEU OA 87 27.36 -97.28 -83.73
CA LEU OA 87 27.69 -97.97 -82.49
C LEU OA 87 28.65 -97.17 -81.64
N ALA OA 88 29.55 -96.41 -82.26
CA ALA OA 88 30.47 -95.56 -81.50
C ALA OA 88 29.75 -94.44 -80.79
N ASP OA 89 28.62 -93.98 -81.33
CA ASP OA 89 27.85 -92.94 -80.64
C ASP OA 89 26.99 -93.55 -79.54
N ILE OA 90 26.50 -94.78 -79.75
CA ILE OA 90 25.69 -95.45 -78.74
C ILE OA 90 26.56 -95.83 -77.54
N ALA OA 91 27.77 -96.32 -77.80
CA ALA OA 91 28.69 -96.64 -76.71
C ALA OA 91 29.19 -95.39 -76.01
N ARG OA 92 29.36 -94.29 -76.75
CA ARG OA 92 29.68 -93.01 -76.13
C ARG OA 92 28.57 -92.55 -75.21
N GLU OA 93 27.32 -92.64 -75.67
CA GLU OA 93 26.18 -92.19 -74.90
C GLU OA 93 25.91 -93.10 -73.71
N GLU OA 94 26.27 -94.38 -73.83
CA GLU OA 94 26.03 -95.30 -72.73
C GLU OA 94 26.98 -95.05 -71.57
N ALA OA 95 28.23 -94.68 -71.87
CA ALA OA 95 29.22 -94.50 -70.81
C ALA OA 95 29.00 -93.21 -70.03
N SER OA 96 28.30 -92.23 -70.63
CA SER OA 96 28.03 -91.00 -69.91
C SER OA 96 26.93 -91.17 -68.87
N ASN OA 97 25.94 -92.02 -69.14
CA ASN OA 97 24.86 -92.21 -68.17
C ASN OA 97 25.32 -93.04 -66.99
N PHE OA 98 26.30 -93.92 -67.19
CA PHE OA 98 26.89 -94.61 -66.04
C PHE OA 98 27.67 -93.64 -65.17
N ARG OA 99 28.28 -92.63 -65.80
CA ARG OA 99 28.99 -91.60 -65.06
C ARG OA 99 28.03 -90.72 -64.28
N SER OA 100 26.89 -90.39 -64.88
CA SER OA 100 25.97 -89.47 -64.24
C SER OA 100 25.19 -90.15 -63.12
N ASN OA 101 24.80 -91.41 -63.31
CA ASN OA 101 23.94 -92.07 -62.34
C ASN OA 101 24.74 -92.57 -61.14
N PHE OA 102 25.92 -93.13 -61.40
CA PHE OA 102 26.64 -93.91 -60.40
C PHE OA 102 27.93 -93.24 -59.95
N GLY OA 103 28.55 -92.43 -60.80
CA GLY OA 103 29.62 -91.56 -60.39
C GLY OA 103 31.04 -92.05 -60.54
N TYR OA 104 31.27 -93.09 -61.34
CA TYR OA 104 32.62 -93.58 -61.56
C TYR OA 104 32.69 -94.19 -62.96
N ASN OA 105 33.88 -94.64 -63.33
CA ASN OA 105 34.14 -95.08 -64.69
C ASN OA 105 33.47 -96.41 -64.98
N ILE OA 106 32.94 -96.55 -66.19
CA ILE OA 106 32.20 -97.74 -66.63
C ILE OA 106 33.14 -98.95 -66.69
N PRO OA 107 32.79 -100.05 -66.04
CA PRO OA 107 33.54 -101.29 -66.23
C PRO OA 107 33.26 -101.86 -67.61
N LEU OA 108 34.27 -102.52 -68.17
CA LEU OA 108 34.16 -103.01 -69.53
C LEU OA 108 33.22 -104.21 -69.63
N LYS OA 109 32.99 -104.92 -68.54
CA LYS OA 109 32.04 -106.02 -68.54
C LYS OA 109 30.61 -105.52 -68.76
N HIS OA 110 30.27 -104.37 -68.19
CA HIS OA 110 28.96 -103.78 -68.49
C HIS OA 110 28.91 -103.23 -69.90
N LEU OA 111 29.96 -102.52 -70.33
CA LEU OA 111 29.91 -101.80 -71.59
C LEU OA 111 29.87 -102.75 -72.79
N ALA OA 112 30.39 -103.97 -72.63
CA ALA OA 112 30.15 -104.96 -73.67
C ALA OA 112 28.71 -105.46 -73.64
N ASP OA 113 28.13 -105.59 -72.43
CA ASP OA 113 26.79 -106.14 -72.33
C ASP OA 113 25.73 -105.13 -72.73
N ARG OA 114 25.98 -103.85 -72.45
CA ARG OA 114 24.99 -102.82 -72.78
C ARG OA 114 24.92 -102.60 -74.28
N VAL OA 115 26.06 -102.72 -74.97
CA VAL OA 115 26.06 -102.52 -76.41
C VAL OA 115 25.48 -103.75 -77.13
N ALA OA 116 25.85 -104.94 -76.65
CA ALA OA 116 25.41 -106.17 -77.32
C ALA OA 116 23.91 -106.39 -77.20
N MET OA 117 23.28 -105.87 -76.15
CA MET OA 117 21.82 -105.95 -76.07
C MET OA 117 21.16 -104.97 -77.04
N TYR OA 118 21.89 -103.93 -77.46
CA TYR OA 118 21.36 -103.05 -78.50
C TYR OA 118 21.59 -103.63 -79.88
N VAL OA 119 22.67 -104.39 -80.07
CA VAL OA 119 22.89 -105.08 -81.33
C VAL OA 119 21.89 -106.21 -81.49
N HIS OA 120 21.62 -106.93 -80.41
CA HIS OA 120 20.66 -108.03 -80.41
C HIS OA 120 19.25 -107.57 -80.71
N ALA OA 121 18.90 -106.35 -80.31
CA ALA OA 121 17.54 -105.88 -80.48
C ALA OA 121 17.20 -105.55 -81.93
N TYR OA 122 18.20 -105.41 -82.80
CA TYR OA 122 17.97 -105.22 -84.22
C TYR OA 122 17.98 -106.52 -84.99
N THR OA 123 17.83 -107.65 -84.30
CA THR OA 123 17.74 -108.97 -84.94
C THR OA 123 16.44 -109.66 -84.61
N LEU OA 124 15.39 -108.89 -84.31
CA LEU OA 124 14.12 -109.45 -83.87
C LEU OA 124 12.93 -109.00 -84.70
N TYR OA 125 13.03 -107.88 -85.39
CA TYR OA 125 11.89 -107.24 -86.02
C TYR OA 125 12.09 -107.18 -87.53
N SER OA 126 10.98 -107.08 -88.24
CA SER OA 126 11.02 -106.91 -89.68
C SER OA 126 11.18 -105.45 -90.09
N ALA OA 127 11.15 -104.53 -89.14
CA ALA OA 127 11.28 -103.12 -89.49
C ALA OA 127 12.73 -102.73 -89.72
N VAL OA 128 13.66 -103.34 -88.99
CA VAL OA 128 15.05 -102.96 -89.00
C VAL OA 128 15.91 -104.14 -89.43
N ARG OA 129 17.13 -103.85 -89.82
CA ARG OA 129 18.04 -104.91 -90.19
C ARG OA 129 19.13 -105.06 -89.12
N PRO OA 130 19.83 -106.19 -89.09
CA PRO OA 130 20.99 -106.28 -88.20
C PRO OA 130 22.13 -105.40 -88.67
N PHE OA 131 22.90 -104.92 -87.69
CA PHE OA 131 24.11 -104.16 -87.95
C PHE OA 131 25.14 -104.99 -88.68
N GLY OA 132 25.75 -104.42 -89.71
CA GLY OA 132 26.84 -105.09 -90.40
C GLY OA 132 28.20 -104.66 -89.87
N CYS OA 133 28.45 -104.87 -88.59
CA CYS OA 133 29.69 -104.46 -87.96
C CYS OA 133 30.15 -105.49 -86.97
N SER OA 134 31.45 -105.44 -86.68
CA SER OA 134 32.04 -106.19 -85.59
C SER OA 134 33.21 -105.37 -85.08
N PHE OA 135 33.49 -105.47 -83.79
CA PHE OA 135 34.43 -104.54 -83.19
C PHE OA 135 35.02 -105.13 -81.92
N MET OA 136 35.98 -104.39 -81.39
CA MET OA 136 36.78 -104.79 -80.24
C MET OA 136 36.63 -103.74 -79.15
N LEU OA 137 36.68 -104.18 -77.91
CA LEU OA 137 36.64 -103.28 -76.75
C LEU OA 137 37.87 -103.54 -75.90
N GLY OA 138 38.74 -102.54 -75.80
CA GLY OA 138 39.95 -102.67 -75.02
C GLY OA 138 40.02 -101.64 -73.93
N SER OA 139 40.34 -102.06 -72.71
CA SER OA 139 40.40 -101.16 -71.57
C SER OA 139 41.54 -101.57 -70.66
N TYR OA 140 41.76 -100.74 -69.64
CA TYR OA 140 42.74 -101.03 -68.60
C TYR OA 140 42.31 -100.31 -67.33
N SER OA 141 42.49 -100.99 -66.20
CA SER OA 141 42.17 -100.40 -64.91
C SER OA 141 43.15 -100.92 -63.87
N VAL OA 142 43.28 -100.16 -62.79
CA VAL OA 142 44.18 -100.57 -61.71
C VAL OA 142 43.54 -101.56 -60.76
N ASN OA 143 42.22 -101.69 -60.79
CA ASN OA 143 41.51 -102.65 -59.96
C ASN OA 143 40.95 -103.82 -60.74
N ASP OA 144 40.99 -103.77 -62.07
CA ASP OA 144 40.48 -104.85 -62.91
C ASP OA 144 41.47 -105.35 -63.94
N GLY OA 145 42.63 -104.73 -64.09
CA GLY OA 145 43.56 -105.11 -65.12
C GLY OA 145 43.08 -104.68 -66.50
N ALA OA 146 43.66 -105.31 -67.50
CA ALA OA 146 43.28 -105.08 -68.88
C ALA OA 146 42.28 -106.14 -69.31
N GLN OA 147 41.29 -105.73 -70.09
CA GLN OA 147 40.35 -106.66 -70.71
C GLN OA 147 40.26 -106.40 -72.19
N LEU OA 148 39.87 -107.43 -72.92
CA LEU OA 148 39.68 -107.35 -74.36
C LEU OA 148 38.43 -108.11 -74.75
N TYR OA 149 37.47 -107.42 -75.37
CA TYR OA 149 36.20 -108.01 -75.75
C TYR OA 149 36.01 -107.92 -77.26
N MET OA 150 34.88 -108.49 -77.71
CA MET OA 150 34.67 -108.83 -79.11
C MET OA 150 33.19 -109.11 -79.33
N ILE OA 151 32.59 -108.36 -80.27
CA ILE OA 151 31.15 -108.40 -80.50
C ILE OA 151 30.91 -108.69 -81.98
N ASP OA 152 30.13 -109.73 -82.25
CA ASP OA 152 29.71 -110.13 -83.58
C ASP OA 152 28.40 -109.42 -83.93
N PRO OA 153 27.95 -109.48 -85.20
CA PRO OA 153 26.62 -108.91 -85.51
C PRO OA 153 25.45 -109.63 -84.85
N SER OA 154 25.60 -110.86 -84.39
CA SER OA 154 24.48 -111.50 -83.71
C SER OA 154 24.32 -110.96 -82.30
N GLY OA 155 25.42 -110.75 -81.60
CA GLY OA 155 25.36 -110.18 -80.27
C GLY OA 155 26.09 -110.99 -79.22
N VAL OA 156 26.83 -112.00 -79.69
CA VAL OA 156 27.54 -112.90 -78.80
C VAL OA 156 28.84 -112.18 -78.39
N SER OA 157 28.96 -111.86 -77.11
CA SER OA 157 30.04 -111.03 -76.62
C SER OA 157 30.71 -111.69 -75.42
N TYR OA 158 31.96 -112.09 -75.58
CA TYR OA 158 32.73 -112.62 -74.47
C TYR OA 158 34.21 -112.33 -74.68
N GLY OA 159 35.03 -112.81 -73.75
CA GLY OA 159 36.40 -112.36 -73.64
C GLY OA 159 37.39 -113.13 -74.51
N TYR OA 160 38.53 -112.49 -74.76
CA TYR OA 160 39.60 -113.06 -75.56
C TYR OA 160 40.93 -112.55 -75.02
N TRP OA 161 42.01 -113.21 -75.43
CA TRP OA 161 43.32 -112.59 -75.35
C TRP OA 161 43.75 -111.98 -76.67
N GLY OA 162 43.56 -112.69 -77.76
CA GLY OA 162 43.84 -112.17 -79.08
C GLY OA 162 42.76 -112.54 -80.08
N CYS OA 163 42.24 -111.57 -80.80
CA CYS OA 163 41.20 -111.80 -81.78
C CYS OA 163 41.53 -111.04 -83.06
N ALA OA 164 40.81 -111.35 -84.13
CA ALA OA 164 41.06 -110.78 -85.44
C ALA OA 164 39.75 -110.67 -86.20
N ILE OA 165 39.56 -109.53 -86.86
CA ILE OA 165 38.34 -109.26 -87.63
C ILE OA 165 38.77 -108.85 -89.04
N GLY OA 166 38.19 -109.47 -90.05
CA GLY OA 166 38.39 -109.05 -91.42
C GLY OA 166 38.46 -110.23 -92.36
N LYS OA 167 38.99 -109.97 -93.56
CA LYS OA 167 39.23 -111.04 -94.53
C LYS OA 167 40.23 -112.05 -93.99
N ALA OA 168 41.35 -111.57 -93.45
CA ALA OA 168 42.38 -112.45 -92.91
C ALA OA 168 42.10 -112.68 -91.43
N ARG OA 169 41.01 -113.40 -91.17
CA ARG OA 169 40.62 -113.71 -89.81
C ARG OA 169 41.33 -114.96 -89.29
N GLN OA 170 41.14 -116.08 -89.97
CA GLN OA 170 41.78 -117.32 -89.54
C GLN OA 170 43.24 -117.39 -89.92
N ALA OA 171 43.66 -116.62 -90.92
CA ALA OA 171 45.05 -116.65 -91.35
C ALA OA 171 45.97 -115.83 -90.46
N ALA OA 172 45.44 -114.79 -89.81
CA ALA OA 172 46.26 -113.96 -88.95
C ALA OA 172 46.34 -114.47 -87.52
N LYS OA 173 45.26 -115.08 -87.01
CA LYS OA 173 45.27 -115.58 -85.64
C LYS OA 173 46.04 -116.88 -85.48
N THR OA 174 46.52 -117.46 -86.58
CA THR OA 174 47.35 -118.65 -86.50
C THR OA 174 48.69 -118.32 -85.86
N GLU OA 175 49.28 -117.19 -86.22
CA GLU OA 175 50.56 -116.78 -85.66
C GLU OA 175 50.43 -115.82 -84.49
N ILE OA 176 49.22 -115.40 -84.14
CA ILE OA 176 49.04 -114.66 -82.90
C ILE OA 176 49.23 -115.58 -81.71
N GLU OA 177 48.71 -116.80 -81.80
CA GLU OA 177 48.86 -117.76 -80.72
C GLU OA 177 50.26 -118.37 -80.67
N LYS OA 178 51.13 -118.09 -81.64
CA LYS OA 178 52.53 -118.45 -81.51
C LYS OA 178 53.27 -117.53 -80.56
N LEU OA 179 52.72 -116.37 -80.24
CA LEU OA 179 53.34 -115.44 -79.31
C LEU OA 179 53.02 -115.83 -77.88
N GLN OA 180 53.65 -115.13 -76.95
CA GLN OA 180 53.33 -115.24 -75.54
C GLN OA 180 52.59 -113.99 -75.08
N MET OA 181 51.91 -114.11 -73.96
CA MET OA 181 51.02 -113.06 -73.52
C MET OA 181 51.38 -112.49 -72.16
N LYS OA 182 51.70 -113.35 -71.19
CA LYS OA 182 51.95 -112.87 -69.83
C LYS OA 182 53.32 -112.21 -69.71
N GLU OA 183 54.32 -112.77 -70.38
CA GLU OA 183 55.70 -112.34 -70.21
C GLU OA 183 56.12 -111.34 -71.27
N MET OA 184 55.19 -110.49 -71.71
CA MET OA 184 55.46 -109.49 -72.72
C MET OA 184 55.02 -108.13 -72.19
N THR OA 185 55.89 -107.14 -72.31
CA THR OA 185 55.48 -105.76 -72.11
C THR OA 185 54.74 -105.28 -73.35
N CYS OA 186 53.85 -104.32 -73.17
CA CYS OA 186 53.12 -103.79 -74.33
C CYS OA 186 53.97 -102.90 -75.21
N ARG OA 187 55.17 -102.51 -74.77
CA ARG OA 187 56.08 -101.87 -75.71
C ARG OA 187 56.66 -102.89 -76.68
N ASP OA 188 56.84 -104.14 -76.23
CA ASP OA 188 57.25 -105.20 -77.14
C ASP OA 188 56.13 -105.62 -78.07
N ILE OA 189 54.89 -105.53 -77.61
CA ILE OA 189 53.73 -105.98 -78.38
C ILE OA 189 53.51 -105.08 -79.60
N VAL OA 190 53.88 -103.80 -79.50
CA VAL OA 190 53.67 -102.83 -80.58
C VAL OA 190 54.44 -103.23 -81.83
N LYS OA 191 55.70 -103.62 -81.67
CA LYS OA 191 56.44 -104.11 -82.82
C LYS OA 191 56.07 -105.55 -83.17
N GLU OA 192 55.35 -106.26 -82.30
CA GLU OA 192 54.87 -107.59 -82.66
C GLU OA 192 53.56 -107.53 -83.41
N VAL OA 193 52.72 -106.53 -83.14
CA VAL OA 193 51.51 -106.34 -83.93
C VAL OA 193 51.86 -105.92 -85.35
N ALA OA 194 52.91 -105.11 -85.50
CA ALA OA 194 53.24 -104.50 -86.79
C ALA OA 194 53.70 -105.52 -87.81
N LYS OA 195 54.28 -106.63 -87.37
CA LYS OA 195 54.65 -107.66 -88.33
C LYS OA 195 53.47 -108.51 -88.77
N ILE OA 196 52.45 -108.66 -87.94
CA ILE OA 196 51.33 -109.53 -88.28
C ILE OA 196 50.50 -108.89 -89.38
N ILE OA 197 50.32 -107.57 -89.31
CA ILE OA 197 49.68 -106.83 -90.38
C ILE OA 197 50.57 -106.86 -91.63
N TYR OA 198 51.89 -106.86 -91.44
CA TYR OA 198 52.79 -106.83 -92.58
C TYR OA 198 52.96 -108.20 -93.23
N ILE OA 199 52.89 -109.28 -92.44
CA ILE OA 199 53.00 -110.61 -93.01
C ILE OA 199 51.79 -110.94 -93.87
N VAL OA 200 50.60 -110.76 -93.32
CA VAL OA 200 49.39 -111.11 -94.05
C VAL OA 200 49.04 -109.94 -94.96
N HIS OA 201 48.11 -110.14 -95.90
CA HIS OA 201 47.66 -109.15 -96.89
C HIS OA 201 48.83 -108.67 -97.76
N ASP OA 202 49.28 -109.60 -98.61
CA ASP OA 202 50.26 -109.27 -99.64
C ASP OA 202 49.74 -108.19 -100.57
N GLU OA 203 50.66 -107.39 -101.11
CA GLU OA 203 50.34 -106.30 -102.02
C GLU OA 203 50.04 -106.80 -103.43
N VAL OA 204 48.92 -107.51 -103.54
CA VAL OA 204 48.43 -108.03 -104.81
C VAL OA 204 47.11 -107.38 -105.19
N LYS OA 205 46.09 -107.51 -104.34
CA LYS OA 205 44.84 -106.83 -104.58
C LYS OA 205 44.94 -105.35 -104.20
N ASP OA 206 45.65 -105.04 -103.12
CA ASP OA 206 45.84 -103.67 -102.66
C ASP OA 206 47.32 -103.42 -102.47
N LYS OA 207 47.88 -102.53 -103.29
CA LYS OA 207 49.32 -102.29 -103.24
C LYS OA 207 49.72 -101.50 -102.00
N ALA OA 208 49.20 -100.29 -101.87
CA ALA OA 208 49.53 -99.44 -100.74
C ALA OA 208 48.50 -99.61 -99.62
N PHE OA 209 48.99 -99.53 -98.39
CA PHE OA 209 48.12 -99.59 -97.24
C PHE OA 209 48.79 -98.88 -96.07
N GLU OA 210 48.00 -98.53 -95.07
CA GLU OA 210 48.49 -97.87 -93.87
C GLU OA 210 48.50 -98.83 -92.69
N LEU OA 211 49.02 -98.32 -91.57
CA LEU OA 211 49.09 -99.10 -90.34
C LEU OA 211 48.90 -98.16 -89.17
N GLU OA 212 47.75 -98.24 -88.52
CA GLU OA 212 47.44 -97.41 -87.37
C GLU OA 212 47.41 -98.27 -86.11
N LEU OA 213 48.15 -97.83 -85.10
CA LEU OA 213 48.24 -98.54 -83.83
C LEU OA 213 47.68 -97.67 -82.72
N SER OA 214 46.80 -98.25 -81.92
CA SER OA 214 46.26 -97.58 -80.76
C SER OA 214 46.49 -98.46 -79.54
N TRP OA 215 46.56 -97.84 -78.37
CA TRP OA 215 47.17 -98.48 -77.23
C TRP OA 215 46.76 -97.82 -75.94
N VAL OA 216 46.28 -98.64 -75.00
CA VAL OA 216 45.88 -98.19 -73.67
C VAL OA 216 46.47 -99.17 -72.67
N GLY OA 217 46.90 -98.67 -71.53
CA GLY OA 217 47.44 -99.56 -70.52
C GLY OA 217 48.14 -98.84 -69.39
N GLU OA 218 49.08 -99.54 -68.76
CA GLU OA 218 49.76 -99.00 -67.59
C GLU OA 218 50.72 -97.88 -67.95
N LEU OA 219 51.35 -97.94 -69.13
CA LEU OA 219 52.26 -96.87 -69.51
C LEU OA 219 51.50 -95.60 -69.88
N THR OA 220 50.27 -95.75 -70.35
CA THR OA 220 49.45 -94.60 -70.72
C THR OA 220 48.56 -94.13 -69.58
N ASN OA 221 48.81 -94.59 -68.35
CA ASN OA 221 48.11 -94.18 -67.13
C ASN OA 221 46.62 -94.45 -67.17
N GLY OA 222 46.20 -95.50 -67.88
CA GLY OA 222 44.81 -95.80 -68.04
C GLY OA 222 44.11 -95.03 -69.15
N ARG OA 223 44.65 -93.88 -69.55
CA ARG OA 223 44.06 -93.13 -70.65
C ARG OA 223 44.35 -93.83 -71.97
N HIS OA 224 43.39 -93.73 -72.88
CA HIS OA 224 43.54 -94.28 -74.22
C HIS OA 224 44.03 -93.20 -75.17
N GLU OA 225 45.06 -93.51 -75.95
CA GLU OA 225 45.49 -92.61 -77.01
C GLU OA 225 46.18 -93.42 -78.10
N ILE OA 226 46.37 -92.76 -79.25
CA ILE OA 226 47.12 -93.36 -80.34
C ILE OA 226 48.60 -93.40 -79.94
N VAL OA 227 49.34 -94.35 -80.50
CA VAL OA 227 50.77 -94.45 -80.24
C VAL OA 227 51.45 -93.27 -80.93
N PRO OA 228 52.64 -92.86 -80.48
CA PRO OA 228 53.40 -91.89 -81.26
C PRO OA 228 53.84 -92.52 -82.57
N LYS OA 229 53.19 -92.13 -83.65
CA LYS OA 229 53.35 -92.80 -84.94
C LYS OA 229 54.55 -92.25 -85.71
N ASP OA 230 54.53 -90.96 -86.00
CA ASP OA 230 55.68 -90.31 -86.63
C ASP OA 230 56.89 -90.27 -85.71
N ILE OA 231 56.67 -90.30 -84.39
CA ILE OA 231 57.75 -90.33 -83.43
C ILE OA 231 58.25 -91.75 -83.29
N ARG OA 232 59.57 -91.92 -83.42
CA ARG OA 232 60.39 -93.08 -83.09
C ARG OA 232 60.24 -94.26 -84.06
N GLU OA 233 59.11 -94.30 -84.77
CA GLU OA 233 58.78 -95.12 -85.95
C GLU OA 233 59.44 -96.51 -85.95
N GLU OA 234 59.20 -97.25 -84.87
CA GLU OA 234 59.80 -98.56 -84.71
C GLU OA 234 58.92 -99.68 -85.22
N ALA OA 235 57.70 -99.37 -85.64
CA ALA OA 235 56.77 -100.41 -86.05
C ALA OA 235 57.15 -101.00 -87.40
N GLU OA 236 57.17 -100.15 -88.44
CA GLU OA 236 57.33 -100.66 -89.80
C GLU OA 236 58.78 -101.03 -90.12
N LYS OA 237 59.75 -100.45 -89.41
CA LYS OA 237 61.14 -100.83 -89.65
C LYS OA 237 61.43 -102.23 -89.14
N TYR OA 238 60.88 -102.58 -87.98
CA TYR OA 238 61.05 -103.93 -87.46
C TYR OA 238 60.17 -104.92 -88.20
N ALA OA 239 59.07 -104.45 -88.78
CA ALA OA 239 58.16 -105.36 -89.48
C ALA OA 239 58.68 -105.76 -90.85
N LYS OA 240 59.35 -104.85 -91.56
CA LYS OA 240 59.86 -105.15 -92.89
C LYS OA 240 61.16 -105.94 -92.86
N GLU OA 241 61.67 -106.28 -91.68
CA GLU OA 241 62.82 -107.15 -91.58
C GLU OA 241 62.48 -108.60 -91.90
N SER OA 242 61.19 -108.96 -91.90
CA SER OA 242 60.76 -110.30 -92.31
C SER OA 242 60.59 -110.35 -93.82
N LEU OA 243 61.72 -110.27 -94.52
CA LEU OA 243 61.76 -110.35 -95.97
C LEU OA 243 62.11 -111.75 -96.48
N LYS OA 244 62.38 -112.68 -95.58
CA LYS OA 244 62.74 -114.05 -95.96
C LYS OA 244 62.39 -115.01 -94.84
N THR PA 34 15.64 -86.50 -32.69
CA THR PA 34 16.37 -87.33 -33.63
C THR PA 34 17.83 -86.89 -33.70
N THR PA 35 18.74 -87.81 -33.41
CA THR PA 35 20.17 -87.52 -33.47
C THR PA 35 20.88 -88.75 -34.01
N ILE PA 36 21.66 -88.57 -35.06
CA ILE PA 36 22.36 -89.68 -35.72
C ILE PA 36 23.85 -89.41 -35.69
N MET PA 37 24.61 -90.50 -35.75
CA MET PA 37 26.04 -90.47 -35.45
C MET PA 37 26.76 -91.45 -36.36
N ALA PA 38 27.93 -91.06 -36.85
CA ALA PA 38 28.73 -91.93 -37.71
C ALA PA 38 30.19 -91.55 -37.59
N VAL PA 39 31.04 -92.50 -37.20
CA VAL PA 39 32.48 -92.28 -37.05
C VAL PA 39 33.19 -93.44 -37.72
N GLN PA 40 34.15 -93.13 -38.59
CA GLN PA 40 34.96 -94.18 -39.18
C GLN PA 40 36.21 -94.42 -38.34
N PHE PA 41 36.80 -95.59 -38.55
CA PHE PA 41 38.05 -95.95 -37.89
C PHE PA 41 38.87 -96.76 -38.88
N ASP PA 42 39.91 -97.42 -38.38
CA ASP PA 42 40.89 -98.07 -39.25
C ASP PA 42 40.27 -99.26 -39.97
N GLY PA 43 39.54 -100.11 -39.27
CA GLY PA 43 38.88 -101.23 -39.89
C GLY PA 43 37.67 -100.84 -40.71
N GLY PA 44 36.66 -100.26 -40.06
CA GLY PA 44 35.43 -99.88 -40.73
C GLY PA 44 34.81 -98.62 -40.17
N VAL PA 45 33.49 -98.64 -39.95
CA VAL PA 45 32.77 -97.50 -39.44
C VAL PA 45 31.93 -97.92 -38.24
N VAL PA 46 31.50 -96.91 -37.47
CA VAL PA 46 30.60 -97.11 -36.34
C VAL PA 46 29.42 -96.16 -36.50
N LEU PA 47 28.21 -96.72 -36.49
CA LEU PA 47 26.99 -95.92 -36.58
C LEU PA 47 26.33 -95.83 -35.22
N GLY PA 48 25.34 -94.96 -35.12
CA GLY PA 48 24.61 -94.79 -33.89
C GLY PA 48 23.49 -93.79 -33.98
N ALA PA 49 22.37 -94.08 -33.33
CA ALA PA 49 21.21 -93.19 -33.37
C ALA PA 49 20.36 -93.44 -32.14
N ASP PA 50 19.45 -92.50 -31.88
CA ASP PA 50 18.44 -92.66 -30.86
C ASP PA 50 17.25 -93.42 -31.43
N SER PA 51 16.12 -93.39 -30.73
CA SER PA 51 14.97 -94.15 -31.17
C SER PA 51 13.66 -93.39 -31.05
N ARG PA 52 13.68 -92.11 -30.73
CA ARG PA 52 12.48 -91.36 -30.33
C ARG PA 52 11.87 -90.72 -31.57
N THR PA 53 10.64 -91.13 -31.91
CA THR PA 53 9.94 -90.57 -33.06
C THR PA 53 8.72 -89.81 -32.54
N THR PA 54 8.72 -88.49 -32.74
CA THR PA 54 7.68 -87.62 -32.23
C THR PA 54 6.75 -87.18 -33.34
N THR PA 55 5.49 -86.95 -32.99
CA THR PA 55 4.54 -86.31 -33.88
C THR PA 55 4.53 -84.79 -33.72
N GLY PA 56 5.41 -84.26 -32.88
CA GLY PA 56 5.53 -82.83 -32.68
C GLY PA 56 5.55 -82.45 -31.22
N SER PA 57 4.71 -83.09 -30.41
CA SER PA 57 4.86 -83.00 -28.97
C SER PA 57 4.48 -84.29 -28.25
N TYR PA 58 4.10 -85.33 -28.97
CA TYR PA 58 3.71 -86.61 -28.40
C TYR PA 58 4.59 -87.70 -28.97
N ILE PA 59 4.98 -88.66 -28.11
CA ILE PA 59 5.87 -89.72 -28.53
C ILE PA 59 5.04 -90.78 -29.23
N ALA PA 60 5.08 -90.78 -30.56
CA ALA PA 60 4.37 -91.80 -31.31
C ALA PA 60 5.05 -93.15 -31.22
N ASN PA 61 6.35 -93.19 -30.93
CA ASN PA 61 7.08 -94.44 -30.87
C ASN PA 61 8.29 -94.28 -29.98
N ARG PA 62 8.47 -95.22 -29.05
CA ARG PA 62 9.61 -95.18 -28.14
C ARG PA 62 10.85 -95.71 -28.82
N VAL PA 63 10.72 -96.85 -29.47
CA VAL PA 63 11.83 -97.59 -30.05
C VAL PA 63 11.65 -97.64 -31.56
N THR PA 64 12.66 -97.18 -32.29
CA THR PA 64 12.57 -97.06 -33.74
C THR PA 64 13.93 -97.31 -34.35
N ASP PA 65 14.00 -98.22 -35.32
CA ASP PA 65 15.22 -98.45 -36.09
C ASP PA 65 15.45 -97.29 -37.02
N LYS PA 66 16.26 -96.32 -36.59
CA LYS PA 66 16.67 -95.24 -37.47
C LYS PA 66 17.66 -95.71 -38.54
N LEU PA 67 18.41 -96.76 -38.27
CA LEU PA 67 19.41 -97.25 -39.20
C LEU PA 67 18.86 -98.44 -40.01
N THR PA 68 19.18 -98.44 -41.30
CA THR PA 68 18.51 -99.31 -42.26
C THR PA 68 19.53 -100.07 -43.09
N PRO PA 69 19.44 -101.39 -43.17
CA PRO PA 69 20.35 -102.14 -44.05
C PRO PA 69 20.02 -101.99 -45.53
N ILE PA 70 20.91 -101.36 -46.30
CA ILE PA 70 20.75 -101.39 -47.75
C ILE PA 70 21.37 -102.65 -48.31
N HIS PA 71 22.65 -102.85 -48.06
CA HIS PA 71 23.38 -104.02 -48.50
C HIS PA 71 23.98 -104.65 -47.24
N ASP PA 72 24.74 -105.73 -47.42
CA ASP PA 72 25.31 -106.43 -46.26
C ASP PA 72 26.45 -105.66 -45.61
N ARG PA 73 27.02 -104.67 -46.29
CA ARG PA 73 28.13 -103.90 -45.76
C ARG PA 73 27.87 -102.40 -45.76
N ILE PA 74 26.68 -101.97 -46.17
CA ILE PA 74 26.37 -100.54 -46.33
C ILE PA 74 25.08 -100.25 -45.59
N PHE PA 75 25.15 -99.39 -44.59
CA PHE PA 75 23.96 -98.89 -43.90
C PHE PA 75 23.73 -97.43 -44.23
N CYS PA 76 22.55 -96.95 -43.87
CA CYS PA 76 22.29 -95.52 -43.77
C CYS PA 76 21.52 -95.28 -42.50
N CYS PA 77 21.58 -94.05 -42.00
CA CYS PA 77 20.77 -93.63 -40.88
C CYS PA 77 20.02 -92.37 -41.29
N ARG PA 78 18.70 -92.41 -41.16
CA ARG PA 78 17.83 -91.43 -41.78
C ARG PA 78 17.31 -90.44 -40.74
N SER PA 79 17.02 -89.23 -41.21
CA SER PA 79 16.54 -88.16 -40.33
C SER PA 79 15.70 -87.20 -41.15
N GLY PA 80 15.02 -86.32 -40.43
CA GLY PA 80 14.13 -85.35 -41.06
C GLY PA 80 12.69 -85.85 -41.08
N SER PA 81 12.17 -86.12 -42.27
CA SER PA 81 10.82 -86.65 -42.39
C SER PA 81 10.83 -88.14 -42.06
N ALA PA 82 9.65 -88.73 -42.04
CA ALA PA 82 9.50 -90.15 -41.77
C ALA PA 82 9.01 -90.92 -42.99
N ALA PA 83 7.95 -90.42 -43.64
CA ALA PA 83 7.45 -91.10 -44.83
C ALA PA 83 8.38 -90.90 -46.01
N ASP PA 84 9.07 -89.76 -46.05
CA ASP PA 84 9.97 -89.48 -47.17
C ASP PA 84 11.23 -90.32 -47.11
N THR PA 85 11.84 -90.44 -45.93
CA THR PA 85 13.10 -91.17 -45.81
C THR PA 85 12.91 -92.66 -45.97
N GLN PA 86 11.76 -93.20 -45.54
CA GLN PA 86 11.50 -94.62 -45.76
C GLN PA 86 11.23 -94.92 -47.22
N ALA PA 87 10.66 -93.96 -47.96
CA ALA PA 87 10.37 -94.20 -49.37
C ALA PA 87 11.63 -94.13 -50.21
N VAL PA 88 12.57 -93.27 -49.84
CA VAL PA 88 13.82 -93.17 -50.58
C VAL PA 88 14.69 -94.38 -50.32
N ALA PA 89 14.79 -94.79 -49.04
CA ALA PA 89 15.68 -95.89 -48.67
C ALA PA 89 15.19 -97.22 -49.21
N ASP PA 90 13.90 -97.37 -49.46
CA ASP PA 90 13.41 -98.58 -50.12
C ASP PA 90 13.69 -98.56 -51.61
N ALA PA 91 13.84 -97.37 -52.20
CA ALA PA 91 14.11 -97.27 -53.62
C ALA PA 91 15.59 -97.49 -53.93
N VAL PA 92 16.48 -97.02 -53.05
CA VAL PA 92 17.91 -97.19 -53.26
C VAL PA 92 18.28 -98.65 -53.09
N THR PA 93 17.62 -99.37 -52.18
CA THR PA 93 17.84 -100.79 -52.00
C THR PA 93 17.42 -101.57 -53.24
N TYR PA 94 16.37 -101.12 -53.91
CA TYR PA 94 15.98 -101.72 -55.19
C TYR PA 94 16.99 -101.45 -56.29
N GLN PA 95 17.52 -100.22 -56.34
CA GLN PA 95 18.45 -99.88 -57.42
C GLN PA 95 19.82 -100.51 -57.19
N LEU PA 96 20.33 -100.41 -55.97
CA LEU PA 96 21.65 -100.96 -55.69
C LEU PA 96 21.62 -102.48 -55.62
N GLY PA 97 20.48 -103.06 -55.22
CA GLY PA 97 20.38 -104.50 -55.17
C GLY PA 97 20.35 -105.13 -56.54
N PHE PA 98 19.73 -104.46 -57.51
CA PHE PA 98 19.77 -104.93 -58.89
C PHE PA 98 21.12 -104.68 -59.53
N HIS PA 99 21.80 -103.61 -59.14
CA HIS PA 99 23.05 -103.25 -59.79
C HIS PA 99 24.20 -104.17 -59.40
N SER PA 100 24.17 -104.71 -58.18
CA SER PA 100 25.26 -105.56 -57.72
C SER PA 100 25.16 -106.97 -58.28
N ILE PA 101 23.94 -107.44 -58.56
CA ILE PA 101 23.78 -108.76 -59.18
C ILE PA 101 24.27 -108.72 -60.62
N GLU PA 102 24.02 -107.62 -61.31
CA GLU PA 102 24.41 -107.51 -62.71
C GLU PA 102 25.92 -107.36 -62.87
N LEU PA 103 26.57 -106.69 -61.91
CA LEU PA 103 28.01 -106.49 -61.99
C LEU PA 103 28.78 -107.64 -61.36
N ASN PA 104 28.10 -108.48 -60.56
CA ASN PA 104 28.62 -109.71 -59.97
C ASN PA 104 29.81 -109.44 -59.05
N GLU PA 105 29.80 -108.28 -58.39
CA GLU PA 105 30.80 -107.92 -57.39
C GLU PA 105 30.07 -107.18 -56.28
N PRO PA 106 30.64 -107.16 -55.07
CA PRO PA 106 30.06 -106.32 -54.02
C PRO PA 106 30.19 -104.84 -54.36
N PRO PA 107 29.16 -104.05 -54.10
CA PRO PA 107 29.13 -102.67 -54.58
C PRO PA 107 30.04 -101.77 -53.75
N LEU PA 108 30.05 -100.49 -54.12
CA LEU PA 108 30.87 -99.49 -53.47
C LEU PA 108 30.01 -98.60 -52.60
N VAL PA 109 30.60 -98.05 -51.54
CA VAL PA 109 29.87 -97.13 -50.68
C VAL PA 109 29.64 -95.81 -51.41
N HIS PA 110 30.60 -95.37 -52.21
CA HIS PA 110 30.43 -94.17 -53.02
C HIS PA 110 29.38 -94.35 -54.10
N THR PA 111 29.15 -95.58 -54.56
CA THR PA 111 28.06 -95.83 -55.48
C THR PA 111 26.72 -95.67 -54.80
N ALA PA 112 26.61 -96.12 -53.54
CA ALA PA 112 25.35 -96.03 -52.82
C ALA PA 112 25.00 -94.60 -52.47
N ALA PA 113 26.00 -93.81 -52.07
CA ALA PA 113 25.76 -92.43 -51.71
C ALA PA 113 25.42 -91.57 -52.93
N SER PA 114 25.83 -91.99 -54.12
CA SER PA 114 25.45 -91.26 -55.32
C SER PA 114 23.98 -91.49 -55.66
N LEU PA 115 23.43 -92.64 -55.27
CA LEU PA 115 22.02 -92.92 -55.55
C LEU PA 115 21.11 -92.11 -54.63
N PHE PA 116 21.53 -91.85 -53.40
CA PHE PA 116 20.77 -90.95 -52.55
C PHE PA 116 20.88 -89.51 -53.04
N LYS PA 117 22.00 -89.14 -53.64
CA LYS PA 117 22.19 -87.77 -54.10
C LYS PA 117 21.27 -87.45 -55.27
N GLU PA 118 21.08 -88.41 -56.17
CA GLU PA 118 20.29 -88.15 -57.36
C GLU PA 118 18.80 -88.10 -57.06
N MET PA 119 18.35 -88.73 -55.97
CA MET PA 119 16.95 -88.62 -55.60
C MET PA 119 16.70 -87.36 -54.77
N CYS PA 120 17.63 -87.03 -53.87
CA CYS PA 120 17.43 -85.89 -52.99
C CYS PA 120 17.67 -84.56 -53.69
N TYR PA 121 18.36 -84.55 -54.82
CA TYR PA 121 18.55 -83.32 -55.58
C TYR PA 121 17.46 -83.11 -56.61
N ARG PA 122 16.97 -84.20 -57.22
CA ARG PA 122 15.88 -84.09 -58.17
C ARG PA 122 14.59 -83.69 -57.50
N TYR PA 123 14.33 -84.19 -56.31
CA TYR PA 123 13.10 -83.92 -55.58
C TYR PA 123 13.40 -83.13 -54.32
N ARG PA 124 14.29 -82.15 -54.43
CA ARG PA 124 14.64 -81.33 -53.27
C ARG PA 124 13.51 -80.40 -52.85
N GLU PA 125 12.55 -80.15 -53.73
CA GLU PA 125 11.40 -79.34 -53.40
C GLU PA 125 10.28 -80.14 -52.77
N ASP PA 126 10.41 -81.47 -52.72
CA ASP PA 126 9.36 -82.33 -52.21
C ASP PA 126 9.82 -83.22 -51.07
N LEU PA 127 11.11 -83.26 -50.78
CA LEU PA 127 11.65 -84.16 -49.77
C LEU PA 127 12.44 -83.36 -48.75
N MET PA 128 12.18 -83.64 -47.47
CA MET PA 128 12.95 -83.08 -46.36
C MET PA 128 13.64 -84.26 -45.69
N ALA PA 129 14.81 -84.62 -46.18
CA ALA PA 129 15.52 -85.80 -45.71
C ALA PA 129 16.97 -85.46 -45.43
N GLY PA 130 17.48 -85.99 -44.33
CA GLY PA 130 18.89 -85.90 -44.02
C GLY PA 130 19.46 -87.29 -43.81
N ILE PA 131 20.36 -87.72 -44.69
CA ILE PA 131 20.84 -89.09 -44.74
C ILE PA 131 22.34 -89.09 -44.54
N ILE PA 132 22.82 -90.00 -43.69
CA ILE PA 132 24.25 -90.30 -43.58
C ILE PA 132 24.46 -91.72 -44.03
N ILE PA 133 25.27 -91.91 -45.06
CA ILE PA 133 25.61 -93.23 -45.58
C ILE PA 133 26.98 -93.62 -45.06
N ALA PA 134 27.08 -94.78 -44.42
CA ALA PA 134 28.34 -95.23 -43.87
C ALA PA 134 28.42 -96.74 -43.99
N GLY PA 135 29.55 -97.24 -44.46
CA GLY PA 135 29.74 -98.68 -44.56
C GLY PA 135 31.14 -99.04 -44.98
N TRP PA 136 31.49 -100.30 -44.75
CA TRP PA 136 32.79 -100.81 -45.16
C TRP PA 136 32.75 -101.20 -46.64
N ASP PA 137 33.88 -101.02 -47.31
CA ASP PA 137 34.01 -101.37 -48.71
C ASP PA 137 35.34 -102.09 -48.93
N PRO PA 138 35.36 -103.12 -49.79
CA PRO PA 138 36.61 -103.86 -50.00
C PRO PA 138 37.69 -103.08 -50.72
N GLN PA 139 37.33 -102.03 -51.45
CA GLN PA 139 38.33 -101.26 -52.17
C GLN PA 139 38.98 -100.20 -51.29
N GLU PA 140 38.16 -99.41 -50.58
CA GLU PA 140 38.67 -98.26 -49.86
C GLU PA 140 38.37 -98.30 -48.36
N GLY PA 141 38.06 -99.47 -47.82
CA GLY PA 141 37.87 -99.59 -46.38
C GLY PA 141 36.57 -99.02 -45.88
N GLY PA 142 36.63 -98.21 -44.83
CA GLY PA 142 35.46 -97.62 -44.21
C GLY PA 142 35.28 -96.19 -44.68
N GLN PA 143 34.04 -95.83 -44.98
CA GLN PA 143 33.70 -94.52 -45.51
C GLN PA 143 32.45 -93.99 -44.84
N VAL PA 144 32.37 -92.68 -44.68
CA VAL PA 144 31.19 -91.99 -44.16
C VAL PA 144 30.87 -90.83 -45.08
N TYR PA 145 29.65 -90.78 -45.59
CA TYR PA 145 29.20 -89.69 -46.44
C TYR PA 145 28.01 -88.98 -45.81
N SER PA 146 27.80 -87.73 -46.22
CA SER PA 146 26.76 -86.89 -45.67
C SER PA 146 25.90 -86.36 -46.79
N VAL PA 147 24.61 -86.65 -46.75
CA VAL PA 147 23.67 -86.07 -47.69
C VAL PA 147 22.66 -85.24 -46.88
N PRO PA 148 22.86 -83.94 -46.77
CA PRO PA 148 21.89 -83.11 -46.05
C PRO PA 148 20.65 -82.80 -46.87
N MET PA 149 19.81 -81.89 -46.36
CA MET PA 149 18.53 -81.60 -47.00
C MET PA 149 18.67 -80.92 -48.35
N GLY PA 150 19.81 -80.31 -48.65
CA GLY PA 150 19.98 -79.68 -49.94
C GLY PA 150 20.15 -80.69 -51.06
N GLY PA 151 20.93 -81.74 -50.81
CA GLY PA 151 21.19 -82.74 -51.83
C GLY PA 151 22.63 -82.77 -52.28
N MET PA 152 23.52 -82.21 -51.48
CA MET PA 152 24.95 -82.31 -51.75
C MET PA 152 25.51 -83.55 -51.09
N MET PA 153 26.79 -83.80 -51.32
CA MET PA 153 27.43 -85.02 -50.85
C MET PA 153 28.89 -84.73 -50.57
N VAL PA 154 29.37 -85.13 -49.39
CA VAL PA 154 30.75 -84.89 -49.00
C VAL PA 154 31.20 -86.00 -48.06
N ARG PA 155 32.44 -86.43 -48.22
CA ARG PA 155 33.03 -87.44 -47.35
C ARG PA 155 33.63 -86.77 -46.12
N GLN PA 156 33.40 -87.37 -44.95
CA GLN PA 156 33.92 -86.84 -43.71
C GLN PA 156 34.52 -87.96 -42.87
N SER PA 157 35.27 -87.58 -41.85
CA SER PA 157 35.78 -88.54 -40.89
C SER PA 157 34.71 -88.93 -39.88
N PHE PA 158 34.00 -87.94 -39.35
CA PHE PA 158 32.83 -88.16 -38.54
C PHE PA 158 31.72 -87.24 -39.01
N ALA PA 159 30.48 -87.72 -38.92
CA ALA PA 159 29.35 -86.96 -39.43
C ALA PA 159 28.16 -87.14 -38.49
N ILE PA 160 27.58 -86.03 -38.05
CA ILE PA 160 26.40 -86.07 -37.19
C ILE PA 160 25.28 -85.30 -37.88
N GLY PA 161 24.05 -85.59 -37.46
CA GLY PA 161 22.90 -84.96 -38.07
C GLY PA 161 21.68 -85.13 -37.20
N GLY PA 162 20.59 -84.52 -37.62
CA GLY PA 162 19.34 -84.55 -36.89
C GLY PA 162 19.09 -83.25 -36.15
N SER PA 163 17.94 -83.20 -35.50
CA SER PA 163 17.52 -82.00 -34.79
C SER PA 163 18.31 -81.77 -33.50
N GLY PA 164 18.83 -82.83 -32.89
CA GLY PA 164 19.57 -82.71 -31.66
C GLY PA 164 21.07 -82.64 -31.82
N SER PA 165 21.57 -82.72 -33.05
CA SER PA 165 23.01 -82.71 -33.29
C SER PA 165 23.63 -81.34 -33.11
N SER PA 166 22.84 -80.29 -32.97
CA SER PA 166 23.40 -78.95 -32.77
C SER PA 166 23.88 -78.72 -31.36
N TYR PA 167 23.60 -79.63 -30.43
CA TYR PA 167 23.97 -79.46 -29.03
C TYR PA 167 25.31 -80.09 -28.71
N ILE PA 168 25.90 -80.83 -29.64
CA ILE PA 168 27.10 -81.61 -29.38
C ILE PA 168 28.19 -81.28 -30.39
N TYR PA 169 28.09 -80.11 -31.03
CA TYR PA 169 29.17 -79.64 -31.89
C TYR PA 169 30.44 -79.35 -31.10
N GLY PA 170 30.28 -78.74 -29.93
CA GLY PA 170 31.45 -78.44 -29.11
C GLY PA 170 32.08 -79.67 -28.50
N TYR PA 171 31.26 -80.66 -28.14
CA TYR PA 171 31.80 -81.89 -27.59
C TYR PA 171 32.52 -82.71 -28.63
N VAL PA 172 31.95 -82.82 -29.84
CA VAL PA 172 32.52 -83.70 -30.85
C VAL PA 172 33.78 -83.11 -31.48
N ASP PA 173 34.05 -81.83 -31.27
CA ASP PA 173 35.26 -81.23 -31.79
C ASP PA 173 36.44 -81.40 -30.86
N ALA PA 174 36.23 -81.25 -29.57
CA ALA PA 174 37.32 -81.31 -28.60
C ALA PA 174 37.61 -82.74 -28.14
N THR PA 175 36.67 -83.67 -28.32
CA THR PA 175 36.89 -85.04 -27.88
C THR PA 175 37.49 -85.90 -28.98
N TYR PA 176 37.16 -85.61 -30.24
CA TYR PA 176 37.61 -86.43 -31.36
C TYR PA 176 39.12 -86.35 -31.54
N ARG PA 177 39.72 -87.49 -31.83
CA ARG PA 177 41.16 -87.64 -31.97
C ARG PA 177 41.39 -88.66 -33.07
N GLU PA 178 42.26 -88.32 -34.02
CA GLU PA 178 42.48 -89.19 -35.16
C GLU PA 178 43.32 -90.40 -34.75
N GLY PA 179 42.86 -91.59 -35.13
CA GLY PA 179 43.59 -92.79 -34.81
C GLY PA 179 42.94 -93.63 -33.74
N MET PA 180 41.61 -93.57 -33.67
CA MET PA 180 40.89 -94.33 -32.67
C MET PA 180 40.80 -95.80 -33.07
N THR PA 181 40.67 -96.65 -32.06
CA THR PA 181 40.38 -98.06 -32.28
C THR PA 181 38.88 -98.24 -32.38
N LYS PA 182 38.41 -99.48 -32.44
CA LYS PA 182 36.99 -99.73 -32.55
C LYS PA 182 36.28 -99.49 -31.22
N GLU PA 183 36.85 -100.00 -30.13
CA GLU PA 183 36.23 -99.88 -28.82
C GLU PA 183 36.24 -98.44 -28.32
N GLU PA 184 37.18 -97.63 -28.78
CA GLU PA 184 37.14 -96.21 -28.48
C GLU PA 184 36.02 -95.51 -29.21
N CYS PA 185 35.71 -95.94 -30.44
CA CYS PA 185 34.63 -95.32 -31.19
C CYS PA 185 33.26 -95.72 -30.63
N LEU PA 186 33.10 -96.98 -30.22
CA LEU PA 186 31.86 -97.39 -29.57
C LEU PA 186 31.67 -96.69 -28.24
N GLN PA 187 32.75 -96.30 -27.57
CA GLN PA 187 32.63 -95.45 -26.40
C GLN PA 187 32.38 -94.00 -26.78
N PHE PA 188 32.95 -93.55 -27.91
CA PHE PA 188 32.83 -92.16 -28.31
C PHE PA 188 31.42 -91.82 -28.76
N THR PA 189 30.79 -92.68 -29.55
CA THR PA 189 29.43 -92.42 -29.99
C THR PA 189 28.41 -92.65 -28.89
N ALA PA 190 28.75 -93.45 -27.87
CA ALA PA 190 27.81 -93.66 -26.78
C ALA PA 190 27.71 -92.42 -25.91
N ASN PA 191 28.83 -91.73 -25.69
CA ASN PA 191 28.78 -90.51 -24.90
C ASN PA 191 28.15 -89.36 -25.67
N ALA PA 192 28.40 -89.30 -26.98
CA ALA PA 192 27.95 -88.17 -27.77
C ALA PA 192 26.44 -88.21 -27.98
N LEU PA 193 25.87 -89.40 -28.13
CA LEU PA 193 24.42 -89.50 -28.23
C LEU PA 193 23.75 -89.28 -26.89
N ALA PA 194 24.41 -89.64 -25.79
CA ALA PA 194 23.80 -89.49 -24.47
C ALA PA 194 23.71 -88.02 -24.06
N LEU PA 195 24.61 -87.18 -24.58
CA LEU PA 195 24.54 -85.76 -24.27
C LEU PA 195 23.40 -85.08 -25.02
N ALA PA 196 23.09 -85.53 -26.23
CA ALA PA 196 21.99 -84.93 -26.98
C ALA PA 196 20.64 -85.40 -26.46
N MET PA 197 20.55 -86.67 -26.07
CA MET PA 197 19.31 -87.21 -25.51
C MET PA 197 18.95 -86.55 -24.19
N GLU PA 198 19.96 -86.16 -23.40
CA GLU PA 198 19.70 -85.49 -22.15
C GLU PA 198 19.20 -84.07 -22.37
N ARG PA 199 19.70 -83.41 -23.41
CA ARG PA 199 19.45 -81.98 -23.58
C ARG PA 199 18.28 -81.69 -24.52
N ASP PA 200 18.21 -82.40 -25.63
CA ASP PA 200 17.13 -82.16 -26.59
C ASP PA 200 15.84 -82.80 -26.09
N GLY PA 201 14.72 -82.20 -26.48
CA GLY PA 201 13.43 -82.77 -26.18
C GLY PA 201 12.97 -83.78 -27.21
N SER PA 202 13.30 -83.50 -28.47
CA SER PA 202 12.90 -84.38 -29.57
C SER PA 202 13.70 -85.67 -29.61
N SER PA 203 14.85 -85.72 -28.96
CA SER PA 203 15.72 -86.88 -28.97
C SER PA 203 15.69 -87.57 -27.62
N GLY PA 204 15.74 -88.90 -27.66
CA GLY PA 204 15.77 -89.67 -26.43
C GLY PA 204 15.46 -91.12 -26.69
N GLY PA 205 15.00 -91.79 -25.65
CA GLY PA 205 14.65 -93.20 -25.78
C GLY PA 205 15.80 -94.13 -25.48
N VAL PA 206 16.26 -94.87 -26.48
CA VAL PA 206 17.28 -95.89 -26.29
C VAL PA 206 18.31 -95.74 -27.40
N ILE PA 207 19.53 -96.20 -27.14
CA ILE PA 207 20.64 -96.03 -28.07
C ILE PA 207 20.85 -97.31 -28.85
N ARG PA 208 20.81 -97.21 -30.17
CA ARG PA 208 21.10 -98.33 -31.06
C ARG PA 208 22.43 -98.07 -31.75
N LEU PA 209 23.32 -99.05 -31.71
CA LEU PA 209 24.64 -98.93 -32.30
C LEU PA 209 24.85 -100.01 -33.35
N ALA PA 210 25.81 -99.77 -34.23
CA ALA PA 210 26.18 -100.73 -35.26
C ALA PA 210 27.60 -100.47 -35.70
N ALA PA 211 28.43 -101.50 -35.67
CA ALA PA 211 29.82 -101.42 -36.08
C ALA PA 211 30.03 -102.30 -37.29
N ILE PA 212 30.30 -101.69 -38.44
CA ILE PA 212 30.47 -102.39 -39.70
C ILE PA 212 31.95 -102.53 -39.96
N ALA PA 213 32.41 -103.77 -40.16
CA ALA PA 213 33.81 -104.02 -40.45
C ALA PA 213 33.89 -105.02 -41.59
N GLU PA 214 35.10 -105.54 -41.83
CA GLU PA 214 35.31 -106.52 -42.87
C GLU PA 214 34.68 -107.86 -42.51
N SER PA 215 34.68 -108.21 -41.23
CA SER PA 215 34.17 -109.51 -40.81
C SER PA 215 32.66 -109.56 -40.88
N GLY PA 216 31.99 -108.73 -40.10
CA GLY PA 216 30.54 -108.79 -40.05
C GLY PA 216 29.96 -107.46 -39.61
N VAL PA 217 28.71 -107.52 -39.19
CA VAL PA 217 27.99 -106.37 -38.67
C VAL PA 217 27.61 -106.68 -37.24
N GLU PA 218 28.02 -105.82 -36.32
CA GLU PA 218 27.77 -106.02 -34.89
C GLU PA 218 26.80 -104.95 -34.41
N ARG PA 219 25.58 -105.37 -34.10
CA ARG PA 219 24.53 -104.45 -33.68
C ARG PA 219 24.22 -104.68 -32.21
N GLN PA 220 24.09 -103.59 -31.45
CA GLN PA 220 23.81 -103.69 -30.03
C GLN PA 220 22.93 -102.52 -29.60
N VAL PA 221 22.35 -102.67 -28.41
CA VAL PA 221 21.43 -101.70 -27.84
C VAL PA 221 21.90 -101.38 -26.42
N LEU PA 222 22.12 -100.10 -26.13
CA LEU PA 222 22.67 -99.69 -24.85
C LEU PA 222 21.77 -98.69 -24.16
N LEU PA 223 22.21 -98.24 -22.98
CA LEU PA 223 21.59 -97.16 -22.23
C LEU PA 223 22.61 -96.57 -21.28
N GLY PA 224 22.65 -95.24 -21.21
CA GLY PA 224 23.58 -94.54 -20.36
C GLY PA 224 24.94 -94.29 -21.00
N THR QA 43 -13.71 -92.11 -32.48
CA THR QA 43 -12.86 -93.06 -33.18
C THR QA 43 -11.67 -93.47 -32.30
N THR QA 44 -11.65 -94.74 -31.92
CA THR QA 44 -10.59 -95.27 -31.07
C THR QA 44 -10.33 -96.71 -31.47
N ILE QA 45 -9.18 -96.96 -32.06
CA ILE QA 45 -8.78 -98.31 -32.47
C ILE QA 45 -7.48 -98.66 -31.78
N ALA QA 46 -7.31 -99.96 -31.50
CA ALA QA 46 -6.13 -100.44 -30.79
C ALA QA 46 -5.81 -101.84 -31.28
N GLY QA 47 -4.70 -102.39 -30.80
CA GLY QA 47 -4.27 -103.72 -31.20
C GLY QA 47 -3.08 -104.20 -30.40
N VAL QA 48 -2.96 -105.50 -30.20
CA VAL QA 48 -1.91 -106.04 -29.35
C VAL QA 48 -1.53 -107.42 -29.87
N VAL QA 49 -0.33 -107.88 -29.53
CA VAL QA 49 0.20 -109.16 -29.96
C VAL QA 49 0.44 -110.01 -28.72
N TYR QA 50 -0.37 -111.06 -28.54
CA TYR QA 50 -0.17 -111.95 -27.42
C TYR QA 50 0.69 -113.14 -27.85
N LYS QA 51 0.72 -114.19 -27.03
CA LYS QA 51 1.65 -115.29 -27.21
C LYS QA 51 1.36 -116.13 -28.46
N ASP QA 52 0.15 -116.07 -28.99
CA ASP QA 52 -0.18 -116.81 -30.20
C ASP QA 52 -0.58 -115.92 -31.36
N GLY QA 53 -1.50 -114.99 -31.14
CA GLY QA 53 -2.00 -114.21 -32.24
C GLY QA 53 -2.13 -112.72 -31.99
N ILE QA 54 -3.12 -112.10 -32.61
CA ILE QA 54 -3.31 -110.66 -32.58
C ILE QA 54 -4.76 -110.36 -32.23
N VAL QA 55 -4.98 -109.47 -31.27
CA VAL QA 55 -6.30 -109.03 -30.86
C VAL QA 55 -6.45 -107.57 -31.25
N LEU QA 56 -7.44 -107.28 -32.10
CA LEU QA 56 -7.77 -105.93 -32.51
C LEU QA 56 -9.06 -105.49 -31.81
N GLY QA 57 -9.31 -104.19 -31.81
CA GLY QA 57 -10.50 -103.65 -31.17
C GLY QA 57 -10.83 -102.22 -31.55
N ALA QA 58 -12.12 -101.87 -31.54
CA ALA QA 58 -12.57 -100.56 -31.99
C ALA QA 58 -13.93 -100.26 -31.39
N ASP QA 59 -14.33 -99.00 -31.47
CA ASP QA 59 -15.67 -98.59 -31.09
C ASP QA 59 -16.60 -98.62 -32.30
N THR QA 60 -17.86 -98.23 -32.10
CA THR QA 60 -18.86 -98.23 -33.17
C THR QA 60 -19.60 -96.91 -33.24
N ARG QA 61 -18.88 -95.80 -33.08
CA ARG QA 61 -19.47 -94.48 -33.23
C ARG QA 61 -18.75 -93.70 -34.33
N ALA QA 62 -19.52 -93.20 -35.29
CA ALA QA 62 -19.01 -92.30 -36.33
C ALA QA 62 -19.78 -91.00 -36.21
N THR QA 63 -19.06 -89.92 -35.89
CA THR QA 63 -19.70 -88.62 -35.74
C THR QA 63 -19.62 -87.82 -37.04
N GLU QA 64 -20.52 -86.87 -37.18
CA GLU QA 64 -20.54 -85.93 -38.29
C GLU QA 64 -20.67 -84.54 -37.70
N GLY QA 65 -19.59 -83.76 -37.78
CA GLY QA 65 -19.55 -82.49 -37.08
C GLY QA 65 -19.41 -82.75 -35.60
N MET QA 66 -20.40 -82.31 -34.81
CA MET QA 66 -20.47 -82.66 -33.40
C MET QA 66 -21.76 -83.41 -33.09
N VAL QA 67 -22.37 -84.01 -34.10
CA VAL QA 67 -23.60 -84.76 -33.96
C VAL QA 67 -23.31 -86.22 -34.27
N VAL QA 68 -23.78 -87.12 -33.43
CA VAL QA 68 -23.57 -88.55 -33.63
C VAL QA 68 -24.43 -88.99 -34.82
N ALA QA 69 -23.77 -89.33 -35.91
CA ALA QA 69 -24.48 -89.74 -37.12
C ALA QA 69 -24.75 -91.23 -37.19
N ASP QA 70 -24.04 -92.04 -36.41
CA ASP QA 70 -24.22 -93.49 -36.47
C ASP QA 70 -23.92 -94.08 -35.11
N LYS QA 71 -24.88 -94.81 -34.55
CA LYS QA 71 -24.71 -95.45 -33.27
C LYS QA 71 -24.00 -96.79 -33.36
N ASN QA 72 -24.00 -97.42 -34.52
CA ASN QA 72 -23.35 -98.71 -34.72
C ASN QA 72 -22.72 -98.70 -36.12
N CYS QA 73 -21.46 -98.31 -36.18
CA CYS QA 73 -20.70 -98.34 -37.42
C CYS QA 73 -19.88 -99.63 -37.46
N SER QA 74 -18.97 -99.71 -38.42
CA SER QA 74 -18.12 -100.90 -38.55
C SER QA 74 -16.76 -100.43 -39.03
N LYS QA 75 -15.72 -100.66 -38.23
CA LYS QA 75 -14.39 -100.18 -38.54
C LYS QA 75 -13.31 -101.24 -38.53
N ILE QA 76 -13.65 -102.51 -38.39
CA ILE QA 76 -12.70 -103.60 -38.58
C ILE QA 76 -13.05 -104.26 -39.91
N HIS QA 77 -12.11 -104.24 -40.84
CA HIS QA 77 -12.39 -104.61 -42.22
C HIS QA 77 -11.74 -105.95 -42.57
N PHE QA 78 -12.13 -106.46 -43.74
CA PHE QA 78 -11.61 -107.70 -44.27
C PHE QA 78 -10.52 -107.39 -45.30
N ILE QA 79 -9.39 -108.09 -45.19
CA ILE QA 79 -8.33 -108.06 -46.19
C ILE QA 79 -8.06 -109.45 -46.75
N SER QA 80 -7.89 -110.42 -45.87
CA SER QA 80 -7.67 -111.81 -46.25
C SER QA 80 -8.29 -112.65 -45.15
N PRO QA 81 -8.37 -113.98 -45.33
CA PRO QA 81 -8.78 -114.83 -44.20
C PRO QA 81 -7.83 -114.85 -43.00
N ASN QA 82 -6.64 -114.25 -43.08
CA ASN QA 82 -5.78 -114.14 -41.92
C ASN QA 82 -5.40 -112.72 -41.53
N ILE QA 83 -5.66 -111.73 -42.38
CA ILE QA 83 -5.25 -110.35 -42.15
C ILE QA 83 -6.49 -109.47 -42.13
N TYR QA 84 -6.67 -108.73 -41.04
CA TYR QA 84 -7.67 -107.68 -40.99
C TYR QA 84 -7.02 -106.32 -40.80
N CYS QA 85 -7.84 -105.27 -40.81
CA CYS QA 85 -7.35 -103.91 -40.69
C CYS QA 85 -8.39 -103.06 -39.99
N CYS QA 86 -7.93 -102.06 -39.25
CA CYS QA 86 -8.79 -101.11 -38.58
C CYS QA 86 -8.56 -99.73 -39.16
N GLY QA 87 -9.63 -98.96 -39.32
CA GLY QA 87 -9.52 -97.67 -39.97
C GLY QA 87 -9.81 -96.48 -39.08
N ALA QA 88 -9.20 -95.35 -39.41
CA ALA QA 88 -9.42 -94.11 -38.66
C ALA QA 88 -9.18 -92.94 -39.59
N GLY QA 89 -9.71 -91.79 -39.21
CA GLY QA 89 -9.60 -90.59 -40.04
C GLY QA 89 -10.84 -90.40 -40.88
N THR QA 90 -10.65 -90.06 -42.15
CA THR QA 90 -11.77 -89.90 -43.06
C THR QA 90 -12.34 -91.27 -43.40
N ALA QA 91 -13.65 -91.41 -43.19
CA ALA QA 91 -14.28 -92.73 -43.28
C ALA QA 91 -14.33 -93.25 -44.71
N ALA QA 92 -14.66 -92.38 -45.67
CA ALA QA 92 -14.77 -92.83 -47.05
C ALA QA 92 -13.41 -93.08 -47.68
N ASP QA 93 -12.37 -92.38 -47.22
CA ASP QA 93 -11.04 -92.66 -47.72
C ASP QA 93 -10.50 -93.99 -47.22
N THR QA 94 -10.83 -94.36 -45.98
CA THR QA 94 -10.37 -95.65 -45.48
C THR QA 94 -11.17 -96.80 -46.08
N ASP QA 95 -12.42 -96.56 -46.46
CA ASP QA 95 -13.23 -97.63 -47.03
C ASP QA 95 -12.75 -98.01 -48.42
N MET QA 96 -12.48 -97.01 -49.25
CA MET QA 96 -12.05 -97.29 -50.61
C MET QA 96 -10.60 -97.75 -50.67
N THR QA 97 -9.79 -97.41 -49.67
CA THR QA 97 -8.42 -97.89 -49.65
C THR QA 97 -8.35 -99.34 -49.24
N THR QA 98 -9.13 -99.73 -48.24
CA THR QA 98 -9.07 -101.08 -47.72
C THR QA 98 -9.75 -102.09 -48.63
N GLN QA 99 -10.56 -101.63 -49.60
CA GLN QA 99 -11.15 -102.55 -50.56
C GLN QA 99 -10.25 -102.78 -51.76
N LEU QA 100 -9.46 -101.79 -52.12
CA LEU QA 100 -8.55 -101.94 -53.26
C LEU QA 100 -7.42 -102.90 -52.95
N ILE QA 101 -6.88 -102.82 -51.73
CA ILE QA 101 -5.80 -103.70 -51.33
C ILE QA 101 -6.32 -105.11 -51.06
N SER QA 102 -7.53 -105.22 -50.52
CA SER QA 102 -8.13 -106.54 -50.34
C SER QA 102 -8.48 -107.20 -51.67
N SER QA 103 -8.71 -106.39 -52.70
CA SER QA 103 -8.93 -106.96 -54.03
C SER QA 103 -7.63 -107.44 -54.64
N ASN QA 104 -6.53 -106.73 -54.39
CA ASN QA 104 -5.27 -107.09 -55.02
C ASN QA 104 -4.63 -108.31 -54.36
N LEU QA 105 -4.79 -108.45 -53.05
CA LEU QA 105 -4.29 -109.64 -52.38
C LEU QA 105 -5.12 -110.86 -52.71
N GLU QA 106 -6.41 -110.68 -52.98
CA GLU QA 106 -7.19 -111.78 -53.53
C GLU QA 106 -6.68 -112.16 -54.92
N LEU QA 107 -6.23 -111.18 -55.69
CA LEU QA 107 -5.65 -111.48 -56.99
C LEU QA 107 -4.25 -112.08 -56.85
N HIS QA 108 -3.48 -111.60 -55.89
CA HIS QA 108 -2.11 -112.06 -55.74
C HIS QA 108 -2.04 -113.46 -55.18
N SER QA 109 -2.82 -113.75 -54.15
CA SER QA 109 -2.74 -115.05 -53.50
C SER QA 109 -3.32 -116.15 -54.36
N LEU QA 110 -4.39 -115.86 -55.10
CA LEU QA 110 -4.98 -116.85 -55.98
C LEU QA 110 -4.10 -117.15 -57.17
N SER QA 111 -3.28 -116.19 -57.59
CA SER QA 111 -2.30 -116.46 -58.64
C SER QA 111 -1.15 -117.31 -58.12
N THR QA 112 -0.69 -117.04 -56.90
CA THR QA 112 0.39 -117.85 -56.34
C THR QA 112 -0.13 -119.19 -55.85
N GLY QA 113 -1.41 -119.27 -55.53
CA GLY QA 113 -1.95 -120.48 -54.94
C GLY QA 113 -1.56 -120.67 -53.50
N ARG QA 114 -1.13 -119.61 -52.81
CA ARG QA 114 -0.67 -119.72 -51.44
C ARG QA 114 -1.38 -118.71 -50.55
N LEU QA 115 -0.91 -118.57 -49.32
CA LEU QA 115 -1.42 -117.71 -48.28
C LEU QA 115 -0.70 -116.37 -48.33
N PRO QA 116 -1.41 -115.25 -48.16
CA PRO QA 116 -0.75 -113.94 -48.22
C PRO QA 116 0.14 -113.69 -47.02
N ARG QA 117 0.92 -112.61 -47.13
CA ARG QA 117 1.80 -112.19 -46.04
C ARG QA 117 1.49 -110.75 -45.65
N VAL QA 118 1.69 -110.46 -44.37
CA VAL QA 118 1.37 -109.14 -43.83
C VAL QA 118 2.33 -108.08 -44.39
N VAL QA 119 3.57 -108.47 -44.70
CA VAL QA 119 4.51 -107.54 -45.32
C VAL QA 119 4.12 -107.19 -46.74
N THR QA 120 3.28 -108.01 -47.38
CA THR QA 120 2.80 -107.64 -48.71
C THR QA 120 1.73 -106.56 -48.60
N ALA QA 121 0.84 -106.68 -47.61
CA ALA QA 121 -0.19 -105.67 -47.41
C ALA QA 121 0.41 -104.39 -46.86
N ASN QA 122 1.52 -104.48 -46.15
CA ASN QA 122 2.22 -103.28 -45.70
C ASN QA 122 2.82 -102.53 -46.88
N ARG QA 123 3.44 -103.26 -47.79
CA ARG QA 123 4.17 -102.62 -48.88
C ARG QA 123 3.21 -102.04 -49.92
N MET QA 124 2.01 -102.62 -50.05
CA MET QA 124 1.02 -102.03 -50.94
C MET QA 124 0.44 -100.75 -50.37
N LEU QA 125 0.25 -100.70 -49.04
CA LEU QA 125 -0.36 -99.52 -48.44
C LEU QA 125 0.61 -98.35 -48.33
N LYS QA 126 1.85 -98.60 -47.92
CA LYS QA 126 2.79 -97.48 -47.77
C LYS QA 126 3.24 -96.92 -49.11
N GLN QA 127 3.10 -97.68 -50.19
CA GLN QA 127 3.48 -97.18 -51.50
C GLN QA 127 2.34 -96.45 -52.17
N MET QA 128 1.10 -96.82 -51.85
CA MET QA 128 -0.04 -96.11 -52.38
C MET QA 128 -0.21 -94.75 -51.72
N LEU QA 129 -0.12 -94.71 -50.39
CA LEU QA 129 -0.39 -93.47 -49.67
C LEU QA 129 0.70 -92.43 -49.88
N PHE QA 130 1.94 -92.88 -50.08
CA PHE QA 130 3.00 -91.93 -50.38
C PHE QA 130 2.84 -91.32 -51.76
N ARG QA 131 2.22 -92.05 -52.69
CA ARG QA 131 2.02 -91.55 -54.04
C ARG QA 131 1.01 -90.41 -54.07
N TYR QA 132 -0.01 -90.47 -53.22
CA TYR QA 132 -1.02 -89.42 -53.16
C TYR QA 132 -0.64 -88.27 -52.25
N GLN QA 133 0.62 -88.24 -51.78
CA GLN QA 133 1.21 -87.11 -51.05
C GLN QA 133 0.45 -86.77 -49.76
N GLY QA 134 -0.19 -87.77 -49.16
CA GLY QA 134 -0.94 -87.54 -47.94
C GLY QA 134 -2.26 -86.83 -48.11
N TYR QA 135 -2.72 -86.62 -49.35
CA TYR QA 135 -4.04 -86.03 -49.54
C TYR QA 135 -5.18 -86.99 -49.23
N ILE QA 136 -4.89 -88.29 -49.16
CA ILE QA 136 -5.87 -89.28 -48.75
C ILE QA 136 -5.59 -89.61 -47.30
N GLY QA 137 -6.47 -89.16 -46.41
CA GLY QA 137 -6.26 -89.38 -44.99
C GLY QA 137 -6.74 -90.74 -44.53
N ALA QA 138 -5.79 -91.60 -44.15
CA ALA QA 138 -6.12 -92.95 -43.70
C ALA QA 138 -5.12 -93.34 -42.64
N ALA QA 139 -5.59 -93.53 -41.41
CA ALA QA 139 -4.75 -93.97 -40.30
C ALA QA 139 -5.10 -95.43 -39.99
N LEU QA 140 -4.35 -96.33 -40.61
CA LEU QA 140 -4.68 -97.75 -40.56
C LEU QA 140 -3.85 -98.49 -39.52
N VAL QA 141 -4.45 -99.53 -38.95
CA VAL QA 141 -3.76 -100.48 -38.08
C VAL QA 141 -3.88 -101.85 -38.73
N LEU QA 142 -2.76 -102.41 -39.16
CA LEU QA 142 -2.74 -103.65 -39.92
C LEU QA 142 -2.25 -104.76 -39.01
N GLY QA 143 -2.89 -105.92 -39.10
CA GLY QA 143 -2.53 -107.04 -38.26
C GLY QA 143 -2.97 -108.39 -38.79
N GLY QA 144 -2.07 -109.36 -38.77
CA GLY QA 144 -2.42 -110.69 -39.25
C GLY QA 144 -1.36 -111.69 -38.87
N VAL QA 145 -1.69 -112.96 -39.09
CA VAL QA 145 -0.83 -114.08 -38.75
C VAL QA 145 -0.38 -114.77 -40.03
N ASP QA 146 0.92 -114.77 -40.26
CA ASP QA 146 1.51 -115.37 -41.44
C ASP QA 146 2.12 -116.72 -41.11
N VAL QA 147 2.86 -117.27 -42.06
CA VAL QA 147 3.72 -118.43 -41.78
C VAL QA 147 4.83 -118.03 -40.83
N THR QA 148 5.35 -116.81 -40.98
CA THR QA 148 6.44 -116.35 -40.13
C THR QA 148 5.98 -115.99 -38.73
N GLY QA 149 4.71 -115.61 -38.57
CA GLY QA 149 4.18 -115.31 -37.26
C GLY QA 149 3.22 -114.14 -37.27
N PRO QA 150 2.80 -113.70 -36.10
CA PRO QA 150 1.95 -112.50 -36.02
C PRO QA 150 2.74 -111.24 -36.29
N HIS QA 151 2.09 -110.27 -36.92
CA HIS QA 151 2.72 -109.01 -37.27
C HIS QA 151 1.70 -107.89 -37.12
N LEU QA 152 2.08 -106.83 -36.40
CA LEU QA 152 1.19 -105.72 -36.15
C LEU QA 152 1.84 -104.44 -36.66
N TYR QA 153 1.09 -103.68 -37.45
CA TYR QA 153 1.59 -102.51 -38.15
C TYR QA 153 0.70 -101.32 -37.90
N SER QA 154 1.30 -100.14 -37.87
CA SER QA 154 0.58 -98.87 -37.79
C SER QA 154 0.99 -98.02 -38.96
N ILE QA 155 0.02 -97.60 -39.78
CA ILE QA 155 0.28 -96.96 -41.05
C ILE QA 155 -0.28 -95.54 -41.00
N TYR QA 156 0.57 -94.57 -41.21
CA TYR QA 156 0.20 -93.16 -41.14
C TYR QA 156 -0.20 -92.67 -42.53
N PRO QA 157 -1.05 -91.64 -42.63
CA PRO QA 157 -1.56 -91.24 -43.94
C PRO QA 157 -0.55 -90.57 -44.87
N HIS QA 158 0.69 -90.34 -44.44
CA HIS QA 158 1.70 -89.88 -45.37
C HIS QA 158 2.51 -91.02 -45.96
N GLY QA 159 2.55 -92.17 -45.29
CA GLY QA 159 3.26 -93.31 -45.83
C GLY QA 159 4.26 -93.92 -44.89
N SER QA 160 4.44 -93.33 -43.72
CA SER QA 160 5.39 -93.84 -42.74
C SER QA 160 4.73 -94.93 -41.90
N THR QA 161 5.38 -96.07 -41.80
CA THR QA 161 4.83 -97.23 -41.10
C THR QA 161 5.78 -97.66 -39.98
N ASP QA 162 5.25 -98.47 -39.06
CA ASP QA 162 5.97 -98.98 -37.91
C ASP QA 162 5.62 -100.43 -37.67
N LYS QA 163 6.53 -101.15 -37.02
CA LYS QA 163 6.26 -102.50 -36.51
C LYS QA 163 6.40 -102.46 -35.00
N LEU QA 164 5.29 -102.62 -34.30
CA LEU QA 164 5.25 -102.51 -32.85
C LEU QA 164 4.41 -103.63 -32.26
N PRO QA 165 4.65 -104.00 -31.00
CA PRO QA 165 3.79 -105.00 -30.36
C PRO QA 165 2.42 -104.48 -29.95
N TYR QA 166 2.25 -103.18 -29.79
CA TYR QA 166 0.93 -102.62 -29.49
C TYR QA 166 0.87 -101.19 -30.01
N VAL QA 167 -0.24 -100.86 -30.68
CA VAL QA 167 -0.45 -99.55 -31.27
C VAL QA 167 -1.88 -99.09 -30.99
N THR QA 168 -2.07 -97.78 -30.95
CA THR QA 168 -3.39 -97.16 -30.89
C THR QA 168 -3.44 -96.01 -31.88
N MET QA 169 -4.53 -95.91 -32.63
CA MET QA 169 -4.79 -94.78 -33.51
C MET QA 169 -6.18 -94.25 -33.22
N GLY QA 170 -6.47 -93.08 -33.76
CA GLY QA 170 -7.77 -92.47 -33.61
C GLY QA 170 -7.71 -91.18 -32.82
N SER QA 171 -8.89 -90.59 -32.62
CA SER QA 171 -9.00 -89.36 -31.85
C SER QA 171 -8.80 -89.61 -30.37
N GLY QA 172 -9.38 -90.69 -29.86
CA GLY QA 172 -9.18 -91.05 -28.47
C GLY QA 172 -8.05 -92.05 -28.28
N SER QA 173 -7.01 -91.92 -29.10
CA SER QA 173 -5.89 -92.86 -29.04
C SER QA 173 -5.01 -92.65 -27.82
N LEU QA 174 -4.94 -91.43 -27.30
CA LEU QA 174 -4.04 -91.17 -26.19
C LEU QA 174 -4.56 -91.78 -24.90
N ALA QA 175 -5.88 -91.92 -24.76
CA ALA QA 175 -6.44 -92.58 -23.59
C ALA QA 175 -6.17 -94.07 -23.61
N ALA QA 176 -6.20 -94.68 -24.78
CA ALA QA 176 -6.00 -96.12 -24.88
C ALA QA 176 -4.54 -96.50 -24.70
N MET QA 177 -3.62 -95.62 -25.13
CA MET QA 177 -2.20 -95.89 -24.98
C MET QA 177 -1.78 -95.84 -23.52
N ALA QA 178 -2.47 -95.04 -22.70
CA ALA QA 178 -2.15 -94.96 -21.28
C ALA QA 178 -2.52 -96.24 -20.55
N VAL QA 179 -3.50 -96.98 -21.06
CA VAL QA 179 -3.85 -98.26 -20.45
C VAL QA 179 -2.87 -99.34 -20.87
N PHE QA 180 -2.37 -99.27 -22.11
CA PHE QA 180 -1.38 -100.24 -22.58
C PHE QA 180 -0.07 -100.14 -21.83
N GLU QA 181 0.46 -98.92 -21.67
CA GLU QA 181 1.75 -98.79 -21.00
C GLU QA 181 1.66 -99.13 -19.53
N ASP QA 182 0.54 -98.80 -18.89
CA ASP QA 182 0.36 -99.15 -17.48
C ASP QA 182 0.17 -100.65 -17.29
N LYS QA 183 -0.40 -101.35 -18.26
CA LYS QA 183 -0.70 -102.77 -18.14
C LYS QA 183 -0.26 -103.47 -19.42
N PHE QA 184 0.98 -103.95 -19.45
CA PHE QA 184 1.45 -104.76 -20.56
C PHE QA 184 2.57 -105.66 -20.08
N ARG QA 185 2.58 -106.88 -20.59
CA ARG QA 185 3.64 -107.81 -20.34
C ARG QA 185 3.72 -108.65 -21.61
N PRO QA 186 4.91 -109.10 -21.99
CA PRO QA 186 5.01 -109.92 -23.20
C PRO QA 186 4.48 -111.32 -22.96
N ASP QA 187 3.97 -111.91 -24.05
CA ASP QA 187 3.41 -113.27 -24.10
C ASP QA 187 2.25 -113.44 -23.12
N MET QA 188 1.22 -112.63 -23.32
CA MET QA 188 0.01 -112.78 -22.53
C MET QA 188 -0.81 -113.96 -23.03
N GLU QA 189 -1.87 -114.27 -22.29
CA GLU QA 189 -2.80 -115.30 -22.70
C GLU QA 189 -3.91 -114.66 -23.54
N GLU QA 190 -4.75 -115.52 -24.12
CA GLU QA 190 -5.82 -115.01 -24.96
C GLU QA 190 -6.91 -114.33 -24.15
N GLU QA 191 -7.22 -114.86 -22.96
CA GLU QA 191 -8.19 -114.20 -22.10
C GLU QA 191 -7.61 -112.97 -21.44
N GLU QA 192 -6.29 -112.93 -21.24
CA GLU QA 192 -5.66 -111.73 -20.71
C GLU QA 192 -5.58 -110.64 -21.76
N ALA QA 193 -5.39 -111.01 -23.04
CA ALA QA 193 -5.29 -110.01 -24.08
C ALA QA 193 -6.66 -109.43 -24.42
N LYS QA 194 -7.70 -110.26 -24.43
CA LYS QA 194 -9.04 -109.76 -24.69
C LYS QA 194 -9.53 -108.87 -23.56
N ASN QA 195 -9.10 -109.15 -22.34
CA ASN QA 195 -9.45 -108.28 -21.23
C ASN QA 195 -8.69 -106.97 -21.29
N LEU QA 196 -7.49 -106.96 -21.89
CA LEU QA 196 -6.70 -105.75 -21.94
C LEU QA 196 -7.20 -104.78 -23.00
N VAL QA 197 -7.58 -105.30 -24.17
CA VAL QA 197 -7.98 -104.43 -25.27
C VAL QA 197 -9.34 -103.81 -25.00
N SER QA 198 -10.29 -104.61 -24.47
CA SER QA 198 -11.60 -104.08 -24.12
C SER QA 198 -11.52 -103.07 -22.99
N GLU QA 199 -10.51 -103.20 -22.13
CA GLU QA 199 -10.27 -102.18 -21.12
C GLU QA 199 -9.72 -100.91 -21.74
N ALA QA 200 -8.88 -101.04 -22.77
CA ALA QA 200 -8.26 -99.87 -23.36
C ALA QA 200 -9.24 -99.10 -24.24
N ILE QA 201 -10.14 -99.80 -24.91
CA ILE QA 201 -11.16 -99.13 -25.72
C ILE QA 201 -12.18 -98.42 -24.83
N ALA QA 202 -12.58 -99.07 -23.74
CA ALA QA 202 -13.55 -98.47 -22.81
C ALA QA 202 -12.99 -97.25 -22.10
N ALA QA 203 -11.67 -97.15 -21.95
CA ALA QA 203 -11.06 -95.91 -21.47
C ALA QA 203 -11.17 -94.81 -22.52
N GLY QA 204 -11.07 -95.18 -23.80
CA GLY QA 204 -11.24 -94.20 -24.86
C GLY QA 204 -12.68 -93.78 -25.07
N ILE QA 205 -13.63 -94.59 -24.63
CA ILE QA 205 -15.03 -94.22 -24.74
C ILE QA 205 -15.39 -93.19 -23.68
N PHE QA 206 -15.06 -93.47 -22.43
CA PHE QA 206 -15.50 -92.67 -21.30
C PHE QA 206 -14.69 -91.39 -21.12
N ASN QA 207 -13.65 -91.18 -21.91
CA ASN QA 207 -12.77 -90.03 -21.72
C ASN QA 207 -12.52 -89.28 -23.02
N ASP QA 208 -13.40 -89.44 -24.00
CA ASP QA 208 -13.26 -88.77 -25.28
C ASP QA 208 -14.63 -88.62 -25.92
N LEU QA 209 -14.85 -87.49 -26.57
CA LEU QA 209 -16.12 -87.19 -27.18
C LEU QA 209 -16.31 -87.82 -28.56
N GLY QA 210 -15.27 -88.40 -29.13
CA GLY QA 210 -15.40 -89.09 -30.40
C GLY QA 210 -15.63 -90.57 -30.32
N SER QA 211 -15.76 -91.12 -29.11
CA SER QA 211 -15.96 -92.55 -28.93
C SER QA 211 -17.09 -92.75 -27.93
N GLY QA 212 -18.22 -93.28 -28.39
CA GLY QA 212 -19.36 -93.41 -27.50
C GLY QA 212 -20.31 -94.59 -27.68
N SER QA 213 -19.82 -95.74 -28.11
CA SER QA 213 -20.74 -96.80 -28.49
C SER QA 213 -20.11 -98.14 -28.11
N ASN QA 214 -20.59 -99.21 -28.72
CA ASN QA 214 -20.21 -100.57 -28.34
C ASN QA 214 -18.76 -100.87 -28.71
N ILE QA 215 -18.28 -102.01 -28.24
CA ILE QA 215 -16.89 -102.40 -28.39
C ILE QA 215 -16.81 -103.62 -29.31
N ASP QA 216 -15.93 -103.56 -30.31
CA ASP QA 216 -15.68 -104.67 -31.19
C ASP QA 216 -14.36 -105.33 -30.82
N LEU QA 217 -14.24 -106.61 -31.14
CA LEU QA 217 -12.98 -107.32 -31.06
C LEU QA 217 -12.79 -108.21 -32.27
N CYS QA 218 -11.57 -108.70 -32.42
CA CYS QA 218 -11.25 -109.75 -33.38
C CYS QA 218 -9.99 -110.45 -32.91
N VAL QA 219 -10.06 -111.77 -32.78
CA VAL QA 219 -8.93 -112.58 -32.36
C VAL QA 219 -8.47 -113.40 -33.56
N ILE QA 220 -7.22 -113.22 -33.94
CA ILE QA 220 -6.65 -113.88 -35.12
C ILE QA 220 -5.52 -114.76 -34.61
N SER QA 221 -5.81 -116.04 -34.38
CA SER QA 221 -4.77 -116.97 -33.97
C SER QA 221 -4.18 -117.65 -35.20
N LYS QA 222 -3.41 -118.71 -34.98
CA LYS QA 222 -2.78 -119.41 -36.10
C LYS QA 222 -3.79 -120.22 -36.89
N ASN QA 223 -4.88 -120.64 -36.25
CA ASN QA 223 -5.91 -121.41 -36.94
C ASN QA 223 -7.34 -120.95 -36.69
N LYS QA 224 -7.62 -120.20 -35.63
CA LYS QA 224 -8.97 -119.77 -35.29
C LYS QA 224 -9.13 -118.28 -35.57
N LEU QA 225 -10.22 -117.92 -36.22
CA LEU QA 225 -10.57 -116.52 -36.50
C LEU QA 225 -11.91 -116.22 -35.84
N ASP QA 226 -11.90 -115.38 -34.82
CA ASP QA 226 -13.12 -114.97 -34.13
C ASP QA 226 -13.41 -113.51 -34.42
N PHE QA 227 -14.69 -113.21 -34.62
CA PHE QA 227 -15.12 -111.85 -34.96
C PHE QA 227 -16.34 -111.55 -34.10
N LEU QA 228 -16.17 -110.65 -33.15
CA LEU QA 228 -17.16 -110.40 -32.11
C LEU QA 228 -17.68 -108.96 -32.23
N ARG QA 229 -18.75 -108.77 -32.98
CA ARG QA 229 -19.26 -107.42 -33.21
C ARG QA 229 -20.03 -106.91 -31.98
N PRO QA 230 -21.00 -107.65 -31.38
CA PRO QA 230 -21.52 -107.08 -30.11
C PRO QA 230 -20.81 -107.63 -28.89
N TYR QA 231 -19.54 -107.25 -28.69
CA TYR QA 231 -18.76 -107.86 -27.63
C TYR QA 231 -19.14 -107.31 -26.26
N THR QA 232 -19.26 -105.99 -26.14
CA THR QA 232 -19.62 -105.40 -24.86
C THR QA 232 -20.43 -104.14 -25.12
N VAL QA 233 -21.57 -104.02 -24.44
CA VAL QA 233 -22.42 -102.84 -24.49
C VAL QA 233 -22.29 -102.12 -23.15
N PRO QA 234 -21.47 -101.08 -23.04
CA PRO QA 234 -21.35 -100.39 -21.75
C PRO QA 234 -22.44 -99.35 -21.52
N ASN QA 235 -23.01 -98.81 -22.58
CA ASN QA 235 -23.98 -97.72 -22.48
C ASN QA 235 -25.27 -98.13 -23.16
N LYS QA 236 -26.36 -98.14 -22.40
CA LYS QA 236 -27.68 -98.42 -22.94
C LYS QA 236 -28.36 -97.11 -23.32
N LYS QA 237 -29.63 -97.18 -23.67
CA LYS QA 237 -30.47 -96.01 -23.87
C LYS QA 237 -31.55 -96.01 -22.80
N GLY QA 238 -31.84 -94.83 -22.27
CA GLY QA 238 -32.88 -94.71 -21.26
C GLY QA 238 -34.26 -94.96 -21.85
N THR QA 239 -35.16 -95.43 -20.99
CA THR QA 239 -36.49 -95.81 -21.43
C THR QA 239 -37.38 -94.57 -21.58
N ARG QA 240 -38.36 -94.68 -22.47
CA ARG QA 240 -39.30 -93.61 -22.73
C ARG QA 240 -40.49 -93.76 -21.79
N LEU QA 241 -40.91 -92.66 -21.19
CA LEU QA 241 -41.97 -92.69 -20.20
C LEU QA 241 -43.29 -92.10 -20.70
N GLY QA 242 -43.27 -91.39 -21.83
CA GLY QA 242 -44.47 -90.70 -22.27
C GLY QA 242 -45.05 -91.19 -23.58
N ARG QA 243 -46.35 -91.47 -23.58
CA ARG QA 243 -47.05 -91.80 -24.82
C ARG QA 243 -47.17 -90.54 -25.66
N TYR QA 244 -46.67 -90.60 -26.90
CA TYR QA 244 -46.66 -89.44 -27.77
C TYR QA 244 -47.54 -89.57 -29.00
N ARG QA 245 -47.72 -90.77 -29.52
CA ARG QA 245 -48.44 -90.95 -30.77
C ARG QA 245 -49.93 -90.73 -30.56
N CYS QA 246 -50.53 -89.93 -31.43
CA CYS QA 246 -51.97 -89.76 -31.47
C CYS QA 246 -52.56 -90.73 -32.49
N GLU QA 247 -53.87 -90.61 -32.71
CA GLU QA 247 -54.56 -91.55 -33.58
C GLU QA 247 -54.29 -91.21 -35.05
N LYS QA 248 -54.69 -92.14 -35.91
CA LYS QA 248 -54.55 -91.93 -37.34
C LYS QA 248 -55.58 -90.91 -37.83
N GLY QA 249 -55.10 -89.82 -38.41
CA GLY QA 249 -55.97 -88.77 -38.89
C GLY QA 249 -55.67 -87.43 -38.25
N THR QA 250 -54.60 -87.37 -37.47
CA THR QA 250 -54.17 -86.13 -36.83
C THR QA 250 -53.26 -85.30 -37.73
N THR QA 251 -53.12 -85.65 -39.01
CA THR QA 251 -52.32 -84.90 -39.95
C THR QA 251 -53.16 -84.60 -41.18
N ALA QA 252 -53.26 -83.32 -41.52
CA ALA QA 252 -54.06 -82.91 -42.67
C ALA QA 252 -53.36 -83.28 -43.98
N VAL QA 253 -54.14 -83.78 -44.92
CA VAL QA 253 -53.63 -84.23 -46.22
C VAL QA 253 -54.33 -83.43 -47.31
N LEU QA 254 -53.54 -82.83 -48.21
CA LEU QA 254 -54.12 -82.11 -49.33
C LEU QA 254 -54.54 -83.05 -50.44
N THR QA 255 -53.62 -83.92 -50.88
CA THR QA 255 -53.86 -84.74 -52.07
C THR QA 255 -53.28 -86.13 -51.84
N GLU QA 256 -54.09 -87.16 -52.06
CA GLU QA 256 -53.65 -88.54 -52.00
C GLU QA 256 -53.49 -89.11 -53.40
N LYS QA 257 -52.81 -90.25 -53.47
CA LYS QA 257 -52.55 -90.91 -54.74
C LYS QA 257 -52.25 -92.38 -54.46
N ILE QA 258 -52.90 -93.27 -55.20
CA ILE QA 258 -52.76 -94.71 -55.03
C ILE QA 258 -52.26 -95.30 -56.34
N THR QA 259 -51.22 -96.12 -56.26
CA THR QA 259 -50.69 -96.83 -57.42
C THR QA 259 -50.46 -98.29 -57.03
N PRO QA 260 -51.29 -99.21 -57.52
CA PRO QA 260 -51.07 -100.63 -57.22
C PRO QA 260 -49.85 -101.17 -57.96
N LEU QA 261 -49.39 -102.32 -57.49
CA LEU QA 261 -48.25 -103.00 -58.08
C LEU QA 261 -48.64 -104.43 -58.45
N GLU QA 262 -47.65 -105.22 -58.85
CA GLU QA 262 -47.89 -106.60 -59.21
C GLU QA 262 -47.11 -107.56 -58.33
N SER RA 1 -23.38 -71.49 -46.63
CA SER RA 1 -22.45 -72.39 -47.30
C SER RA 1 -23.03 -72.91 -48.60
N ILE RA 2 -22.35 -73.90 -49.18
CA ILE RA 2 -22.78 -74.44 -50.47
C ILE RA 2 -23.99 -75.35 -50.30
N MET RA 3 -24.01 -76.13 -49.22
CA MET RA 3 -25.18 -76.96 -48.93
C MET RA 3 -26.39 -76.13 -48.57
N SER RA 4 -26.18 -74.93 -48.03
CA SER RA 4 -27.27 -74.05 -47.66
C SER RA 4 -27.64 -73.08 -48.77
N TYR RA 5 -27.19 -73.34 -50.00
CA TYR RA 5 -27.49 -72.43 -51.09
C TYR RA 5 -28.93 -72.56 -51.55
N ASN RA 6 -29.51 -73.74 -51.44
CA ASN RA 6 -30.88 -73.96 -51.90
C ASN RA 6 -31.74 -74.58 -50.80
N GLY RA 7 -31.13 -75.42 -49.98
CA GLY RA 7 -31.84 -76.11 -48.91
C GLY RA 7 -32.36 -77.45 -49.37
N GLY RA 8 -33.02 -78.12 -48.45
CA GLY RA 8 -33.57 -79.44 -48.71
C GLY RA 8 -33.63 -80.26 -47.44
N ALA RA 9 -34.53 -81.24 -47.44
CA ALA RA 9 -34.72 -82.12 -46.29
C ALA RA 9 -35.28 -83.43 -46.79
N VAL RA 10 -34.50 -84.51 -46.67
CA VAL RA 10 -34.92 -85.83 -47.10
C VAL RA 10 -34.86 -86.77 -45.90
N MET RA 11 -35.97 -87.47 -45.65
CA MET RA 11 -36.09 -88.38 -44.51
C MET RA 11 -36.62 -89.72 -44.99
N ALA RA 12 -36.03 -90.81 -44.49
CA ALA RA 12 -36.51 -92.15 -44.78
C ALA RA 12 -36.62 -92.91 -43.47
N MET RA 13 -37.76 -93.56 -43.26
CA MET RA 13 -38.05 -94.27 -42.01
C MET RA 13 -38.49 -95.69 -42.32
N LYS RA 14 -37.97 -96.65 -41.57
CA LYS RA 14 -38.28 -98.06 -41.77
C LYS RA 14 -39.42 -98.49 -40.87
N GLY RA 15 -40.35 -99.26 -41.42
CA GLY RA 15 -41.49 -99.76 -40.67
C GLY RA 15 -41.38 -101.25 -40.41
N LYS RA 16 -42.53 -101.93 -40.49
CA LYS RA 16 -42.59 -103.37 -40.24
C LYS RA 16 -42.31 -104.17 -41.51
N ASN RA 17 -43.17 -104.02 -42.52
CA ASN RA 17 -42.97 -104.65 -43.81
C ASN RA 17 -42.98 -103.62 -44.92
N CYS RA 18 -42.80 -102.34 -44.57
CA CYS RA 18 -42.98 -101.24 -45.48
C CYS RA 18 -41.99 -100.15 -45.10
N VAL RA 19 -41.65 -99.30 -46.07
CA VAL RA 19 -40.71 -98.21 -45.85
C VAL RA 19 -41.34 -96.93 -46.40
N ALA RA 20 -41.05 -95.81 -45.76
CA ALA RA 20 -41.56 -94.52 -46.17
C ALA RA 20 -40.43 -93.52 -46.36
N ILE RA 21 -40.59 -92.65 -47.35
CA ILE RA 21 -39.62 -91.62 -47.66
C ILE RA 21 -40.35 -90.30 -47.85
N ALA RA 22 -39.72 -89.19 -47.46
CA ALA RA 22 -40.37 -87.89 -47.49
C ALA RA 22 -39.36 -86.82 -47.85
N ALA RA 23 -39.85 -85.74 -48.47
CA ALA RA 23 -39.01 -84.62 -48.87
C ALA RA 23 -39.85 -83.35 -48.92
N ASP RA 24 -39.17 -82.22 -48.99
CA ASP RA 24 -39.82 -80.92 -49.08
C ASP RA 24 -39.99 -80.50 -50.53
N ARG RA 25 -40.68 -79.37 -50.72
CA ARG RA 25 -41.14 -78.95 -52.04
C ARG RA 25 -40.75 -77.52 -52.32
N ARG RA 26 -39.50 -77.15 -52.04
CA ARG RA 26 -39.06 -75.77 -52.21
C ARG RA 26 -37.83 -75.70 -53.09
N PHE RA 27 -37.83 -74.75 -54.03
CA PHE RA 27 -36.66 -74.40 -54.81
C PHE RA 27 -36.42 -72.91 -54.68
N GLY RA 28 -35.33 -72.52 -54.01
CA GLY RA 28 -35.02 -71.14 -53.79
C GLY RA 28 -33.53 -70.86 -53.88
N ILE RA 29 -33.19 -69.58 -53.94
CA ILE RA 29 -31.81 -69.13 -54.00
C ILE RA 29 -31.59 -68.19 -52.81
N GLN RA 30 -31.24 -68.78 -51.67
CA GLN RA 30 -30.70 -68.19 -50.44
C GLN RA 30 -31.64 -67.28 -49.66
N ALA RA 31 -32.61 -66.67 -50.31
CA ALA RA 31 -33.69 -65.99 -49.61
C ALA RA 31 -34.98 -66.00 -50.40
N GLN RA 32 -34.97 -66.47 -51.64
CA GLN RA 32 -35.99 -66.14 -52.62
C GLN RA 32 -36.43 -67.43 -53.31
N MET RA 33 -37.64 -67.88 -53.01
CA MET RA 33 -38.14 -69.06 -53.68
C MET RA 33 -38.47 -68.76 -55.14
N VAL RA 34 -38.49 -69.82 -55.93
CA VAL RA 34 -38.84 -69.75 -57.34
C VAL RA 34 -40.09 -70.55 -57.65
N THR RA 35 -40.20 -71.76 -57.09
CA THR RA 35 -41.36 -72.59 -57.35
C THR RA 35 -41.64 -73.46 -56.13
N THR RA 36 -42.73 -74.23 -56.21
CA THR RA 36 -43.20 -75.05 -55.11
C THR RA 36 -43.27 -76.54 -55.46
N ASP RA 37 -42.73 -76.95 -56.60
CA ASP RA 37 -42.90 -78.32 -57.07
C ASP RA 37 -41.58 -78.90 -57.57
N PHE RA 38 -40.49 -78.62 -56.86
CA PHE RA 38 -39.19 -79.12 -57.26
C PHE RA 38 -39.05 -80.57 -56.81
N GLN RA 39 -38.88 -81.48 -57.77
CA GLN RA 39 -38.81 -82.90 -57.47
C GLN RA 39 -37.47 -83.24 -56.82
N LYS RA 40 -37.52 -83.98 -55.72
CA LYS RA 40 -36.32 -84.43 -55.04
C LYS RA 40 -36.28 -85.92 -54.80
N ILE RA 41 -37.32 -86.67 -55.14
CA ILE RA 41 -37.37 -88.11 -54.98
C ILE RA 41 -37.56 -88.74 -56.34
N PHE RA 42 -36.64 -89.61 -56.73
CA PHE RA 42 -36.72 -90.18 -58.06
C PHE RA 42 -36.89 -91.69 -57.98
N PRO RA 43 -37.77 -92.26 -58.80
CA PRO RA 43 -37.96 -93.72 -58.77
C PRO RA 43 -36.85 -94.44 -59.49
N MET RA 44 -36.41 -95.56 -58.91
CA MET RA 44 -35.41 -96.45 -59.51
C MET RA 44 -36.01 -97.85 -59.46
N GLY RA 45 -36.81 -98.19 -60.45
CA GLY RA 45 -37.48 -99.48 -60.45
C GLY RA 45 -38.75 -99.44 -59.62
N ASP RA 46 -39.26 -100.60 -59.24
CA ASP RA 46 -40.48 -100.71 -58.47
C ASP RA 46 -40.13 -101.02 -57.02
N ARG RA 47 -40.82 -100.34 -56.11
CA ARG RA 47 -40.63 -100.48 -54.65
C ARG RA 47 -39.19 -100.17 -54.24
N LEU RA 48 -38.59 -99.17 -54.91
CA LEU RA 48 -37.22 -98.75 -54.58
C LEU RA 48 -37.05 -97.33 -55.09
N TYR RA 49 -36.98 -96.37 -54.18
CA TYR RA 49 -36.82 -94.97 -54.53
C TYR RA 49 -35.48 -94.45 -54.02
N ILE RA 50 -35.15 -93.22 -54.43
CA ILE RA 50 -33.95 -92.54 -53.96
C ILE RA 50 -34.29 -91.06 -53.78
N GLY RA 51 -33.78 -90.47 -52.70
CA GLY RA 51 -33.96 -89.07 -52.42
C GLY RA 51 -32.62 -88.35 -52.48
N LEU RA 52 -32.65 -87.09 -52.90
CA LEU RA 52 -31.46 -86.29 -53.06
C LEU RA 52 -31.68 -84.92 -52.46
N ALA RA 53 -30.63 -84.38 -51.83
CA ALA RA 53 -30.72 -83.07 -51.21
C ALA RA 53 -29.35 -82.40 -51.29
N GLY RA 54 -29.36 -81.08 -51.21
CA GLY RA 54 -28.13 -80.32 -51.32
C GLY RA 54 -28.19 -79.30 -52.44
N LEU RA 55 -27.12 -79.20 -53.22
CA LEU RA 55 -27.08 -78.27 -54.32
C LEU RA 55 -27.95 -78.77 -55.46
N ALA RA 56 -28.84 -77.91 -55.96
CA ALA RA 56 -29.86 -78.31 -56.91
C ALA RA 56 -29.29 -78.70 -58.28
N THR RA 57 -28.08 -78.25 -58.59
CA THR RA 57 -27.40 -78.73 -59.78
C THR RA 57 -27.03 -80.19 -59.65
N ASP RA 58 -26.37 -80.54 -58.55
CA ASP RA 58 -25.93 -81.92 -58.33
C ASP RA 58 -27.10 -82.84 -58.00
N VAL RA 59 -28.25 -82.29 -57.62
CA VAL RA 59 -29.45 -83.11 -57.49
C VAL RA 59 -29.87 -83.63 -58.85
N GLN RA 60 -30.01 -82.74 -59.82
CA GLN RA 60 -30.45 -83.15 -61.16
C GLN RA 60 -29.35 -83.77 -61.98
N THR RA 61 -28.08 -83.58 -61.62
CA THR RA 61 -27.01 -84.19 -62.38
C THR RA 61 -26.80 -85.64 -61.99
N VAL RA 62 -26.75 -85.93 -60.69
CA VAL RA 62 -26.53 -87.29 -60.21
C VAL RA 62 -27.74 -88.16 -60.51
N ALA RA 63 -28.95 -87.60 -60.47
CA ALA RA 63 -30.15 -88.37 -60.74
C ALA RA 63 -30.26 -88.79 -62.20
N GLN RA 64 -29.52 -88.14 -63.08
CA GLN RA 64 -29.50 -88.52 -64.49
C GLN RA 64 -28.32 -89.42 -64.82
N ARG RA 65 -27.19 -89.23 -64.13
CA ARG RA 65 -26.07 -90.15 -64.30
C ARG RA 65 -26.35 -91.51 -63.68
N LEU RA 66 -27.10 -91.54 -62.58
CA LEU RA 66 -27.46 -92.81 -61.97
C LEU RA 66 -28.50 -93.53 -62.82
N LYS RA 67 -29.41 -92.77 -63.43
CA LYS RA 67 -30.38 -93.39 -64.33
C LYS RA 67 -29.71 -93.86 -65.61
N PHE RA 68 -28.62 -93.22 -66.00
CA PHE RA 68 -27.83 -93.66 -67.15
C PHE RA 68 -27.21 -95.03 -66.89
N ARG RA 69 -26.66 -95.22 -65.69
CA ARG RA 69 -25.99 -96.47 -65.38
C ARG RA 69 -26.95 -97.56 -64.94
N LEU RA 70 -28.17 -97.20 -64.54
CA LEU RA 70 -29.10 -98.21 -64.06
C LEU RA 70 -29.76 -98.95 -65.20
N ASN RA 71 -30.11 -98.24 -66.28
CA ASN RA 71 -30.74 -98.90 -67.41
C ASN RA 71 -29.78 -99.80 -68.16
N LEU RA 72 -28.49 -99.45 -68.17
CA LEU RA 72 -27.51 -100.35 -68.77
C LEU RA 72 -27.30 -101.59 -67.91
N TYR RA 73 -27.47 -101.48 -66.59
CA TYR RA 73 -27.34 -102.64 -65.72
C TYR RA 73 -28.53 -103.57 -65.87
N GLU RA 74 -29.73 -103.02 -66.00
CA GLU RA 74 -30.93 -103.84 -66.09
C GLU RA 74 -31.10 -104.49 -67.45
N LEU RA 75 -30.36 -104.05 -68.46
CA LEU RA 75 -30.44 -104.67 -69.77
C LEU RA 75 -29.33 -105.69 -70.01
N LYS RA 76 -28.14 -105.47 -69.46
CA LYS RA 76 -27.10 -106.49 -69.52
C LYS RA 76 -27.43 -107.70 -68.67
N GLU RA 77 -28.29 -107.54 -67.67
CA GLU RA 77 -28.85 -108.64 -66.93
C GLU RA 77 -30.33 -108.70 -67.26
N GLY RA 78 -31.05 -109.60 -66.60
CA GLY RA 78 -32.48 -109.67 -66.84
C GLY RA 78 -33.26 -109.16 -65.66
N ARG RA 79 -32.65 -109.29 -64.49
CA ARG RA 79 -33.32 -108.98 -63.24
C ARG RA 79 -33.31 -107.48 -62.98
N GLN RA 80 -34.04 -107.06 -61.94
CA GLN RA 80 -33.94 -105.71 -61.44
C GLN RA 80 -32.78 -105.64 -60.46
N ILE RA 81 -32.49 -104.46 -59.93
CA ILE RA 81 -31.34 -104.26 -59.08
C ILE RA 81 -31.76 -104.49 -57.63
N LYS RA 82 -30.85 -105.08 -56.86
CA LYS RA 82 -31.01 -105.21 -55.43
C LYS RA 82 -30.67 -103.89 -54.74
N PRO RA 83 -31.21 -103.63 -53.55
CA PRO RA 83 -30.89 -102.36 -52.87
C PRO RA 83 -29.44 -102.24 -52.43
N TYR RA 84 -28.76 -103.34 -52.13
CA TYR RA 84 -27.35 -103.26 -51.80
C TYR RA 84 -26.51 -102.90 -53.01
N THR RA 85 -26.91 -103.40 -54.18
CA THR RA 85 -26.15 -103.14 -55.39
C THR RA 85 -26.30 -101.70 -55.84
N LEU RA 86 -27.44 -101.08 -55.53
CA LEU RA 86 -27.61 -99.66 -55.83
C LEU RA 86 -26.71 -98.81 -54.95
N MET RA 87 -26.61 -99.17 -53.67
CA MET RA 87 -25.78 -98.41 -52.73
C MET RA 87 -24.31 -98.48 -53.11
N SER RA 88 -23.86 -99.63 -53.61
CA SER RA 88 -22.49 -99.75 -54.08
C SER RA 88 -22.30 -99.00 -55.40
N MET RA 89 -23.37 -98.87 -56.19
CA MET RA 89 -23.27 -98.16 -57.46
C MET RA 89 -23.15 -96.67 -57.25
N VAL RA 90 -23.93 -96.11 -56.30
CA VAL RA 90 -23.88 -94.68 -56.03
C VAL RA 90 -22.56 -94.30 -55.38
N ALA RA 91 -22.06 -95.16 -54.49
CA ALA RA 91 -20.82 -94.88 -53.78
C ALA RA 91 -19.62 -94.89 -54.72
N ASN RA 92 -19.70 -95.62 -55.83
CA ASN RA 92 -18.66 -95.51 -56.84
C ASN RA 92 -18.75 -94.17 -57.57
N LEU RA 93 -19.96 -93.74 -57.90
CA LEU RA 93 -20.13 -92.55 -58.73
C LEU RA 93 -19.76 -91.29 -57.97
N LEU RA 94 -19.92 -91.29 -56.65
CA LEU RA 94 -19.53 -90.14 -55.87
C LEU RA 94 -18.05 -90.10 -55.57
N TYR RA 95 -17.38 -91.24 -55.58
CA TYR RA 95 -15.97 -91.29 -55.22
C TYR RA 95 -15.05 -91.02 -56.40
N GLU RA 96 -15.54 -91.20 -57.64
CA GLU RA 96 -14.75 -90.85 -58.81
C GLU RA 96 -14.49 -89.35 -58.86
N LYS RA 97 -15.46 -88.55 -58.44
CA LYS RA 97 -15.25 -87.12 -58.25
C LYS RA 97 -14.80 -86.89 -56.82
N ARG RA 98 -13.59 -87.37 -56.53
CA ARG RA 98 -13.07 -87.28 -55.18
C ARG RA 98 -12.63 -85.86 -54.83
N PHE RA 99 -12.02 -85.17 -55.77
CA PHE RA 99 -11.40 -83.89 -55.44
C PHE RA 99 -12.35 -82.73 -55.68
N GLY RA 100 -13.04 -82.70 -56.82
CA GLY RA 100 -14.17 -81.82 -56.98
C GLY RA 100 -15.46 -82.63 -56.97
N PRO RA 101 -16.14 -82.66 -55.84
CA PRO RA 101 -17.27 -83.59 -55.67
C PRO RA 101 -18.59 -82.98 -56.06
N TYR RA 102 -19.61 -83.83 -56.09
CA TYR RA 102 -20.99 -83.39 -56.22
C TYR RA 102 -21.51 -83.03 -54.84
N TYR RA 103 -21.99 -81.80 -54.69
CA TYR RA 103 -22.48 -81.32 -53.39
C TYR RA 103 -23.91 -81.82 -53.19
N THR RA 104 -24.01 -83.10 -52.87
CA THR RA 104 -25.30 -83.73 -52.65
C THR RA 104 -25.10 -84.93 -51.73
N GLU RA 105 -26.19 -85.32 -51.07
CA GLU RA 105 -26.17 -86.46 -50.14
C GLU RA 105 -27.39 -87.33 -50.42
N PRO RA 106 -27.21 -88.48 -51.03
CA PRO RA 106 -28.35 -89.33 -51.38
C PRO RA 106 -28.90 -90.08 -50.19
N VAL RA 107 -30.18 -90.43 -50.29
CA VAL RA 107 -30.86 -91.30 -49.34
C VAL RA 107 -31.61 -92.36 -50.14
N ILE RA 108 -31.33 -93.63 -49.88
CA ILE RA 108 -31.94 -94.74 -50.59
C ILE RA 108 -32.90 -95.44 -49.65
N ALA RA 109 -34.13 -95.67 -50.12
CA ALA RA 109 -35.13 -96.37 -49.31
C ALA RA 109 -35.96 -97.24 -50.27
N GLY RA 110 -35.84 -98.56 -50.12
CA GLY RA 110 -36.59 -99.45 -50.96
C GLY RA 110 -36.91 -100.78 -50.31
N LEU RA 111 -37.38 -101.73 -51.11
CA LEU RA 111 -37.71 -103.07 -50.67
C LEU RA 111 -36.87 -104.08 -51.43
N ASP RA 112 -36.93 -105.32 -50.97
CA ASP RA 112 -36.29 -106.43 -51.65
C ASP RA 112 -37.03 -106.73 -52.95
N PRO RA 113 -36.35 -106.90 -54.07
CA PRO RA 113 -37.04 -107.41 -55.25
C PRO RA 113 -37.47 -108.87 -55.15
N LYS RA 114 -36.90 -109.65 -54.23
CA LYS RA 114 -37.33 -111.03 -54.01
C LYS RA 114 -38.34 -111.15 -52.88
N THR RA 115 -37.93 -110.80 -51.66
CA THR RA 115 -38.80 -110.83 -50.50
C THR RA 115 -39.41 -109.44 -50.31
N PHE RA 116 -39.93 -109.17 -49.12
CA PHE RA 116 -40.49 -107.87 -48.78
C PHE RA 116 -39.62 -107.11 -47.79
N LYS RA 117 -38.34 -107.43 -47.72
CA LYS RA 117 -37.48 -106.87 -46.67
C LYS RA 117 -37.14 -105.41 -46.97
N PRO RA 118 -37.37 -104.50 -46.04
CA PRO RA 118 -37.06 -103.09 -46.28
C PRO RA 118 -35.57 -102.80 -46.18
N PHE RA 119 -35.19 -101.65 -46.70
CA PHE RA 119 -33.80 -101.23 -46.73
C PHE RA 119 -33.73 -99.71 -46.70
N ILE RA 120 -32.87 -99.17 -45.84
CA ILE RA 120 -32.57 -97.75 -45.80
C ILE RA 120 -31.07 -97.55 -45.66
N CYS RA 121 -30.56 -96.50 -46.30
CA CYS RA 121 -29.18 -96.07 -46.12
C CYS RA 121 -29.06 -94.63 -46.57
N SER RA 122 -27.99 -93.98 -46.13
CA SER RA 122 -27.65 -92.65 -46.57
C SER RA 122 -26.15 -92.58 -46.79
N LEU RA 123 -25.72 -91.71 -47.68
CA LEU RA 123 -24.32 -91.62 -48.06
C LEU RA 123 -23.82 -90.21 -47.84
N ASP RA 124 -22.49 -90.09 -47.75
CA ASP RA 124 -21.85 -88.80 -47.66
C ASP RA 124 -21.66 -88.22 -49.05
N LEU RA 125 -21.07 -87.03 -49.12
CA LEU RA 125 -20.86 -86.41 -50.41
C LEU RA 125 -19.69 -87.01 -51.17
N ILE RA 126 -18.87 -87.83 -50.53
CA ILE RA 126 -17.81 -88.57 -51.19
C ILE RA 126 -18.03 -90.08 -51.16
N GLY RA 127 -19.16 -90.54 -50.63
CA GLY RA 127 -19.53 -91.93 -50.82
C GLY RA 127 -19.17 -92.89 -49.70
N CYS RA 128 -19.52 -92.56 -48.46
CA CYS RA 128 -19.40 -93.51 -47.36
C CYS RA 128 -20.76 -94.13 -47.09
N PRO RA 129 -20.97 -95.39 -47.43
CA PRO RA 129 -22.30 -95.99 -47.23
C PRO RA 129 -22.57 -96.32 -45.76
N MET RA 130 -23.73 -95.89 -45.28
CA MET RA 130 -24.10 -96.05 -43.88
C MET RA 130 -25.53 -96.59 -43.82
N VAL RA 131 -25.67 -97.85 -43.43
CA VAL RA 131 -26.98 -98.46 -43.27
C VAL RA 131 -27.39 -98.38 -41.81
N THR RA 132 -28.70 -98.21 -41.58
CA THR RA 132 -29.27 -98.20 -40.24
C THR RA 132 -30.43 -99.18 -40.20
N ASP RA 133 -31.12 -99.19 -39.06
CA ASP RA 133 -32.28 -100.03 -38.87
C ASP RA 133 -33.55 -99.25 -38.55
N ASP RA 134 -33.44 -97.95 -38.30
CA ASP RA 134 -34.59 -97.14 -37.91
C ASP RA 134 -34.88 -96.01 -38.87
N PHE RA 135 -33.93 -95.12 -39.13
CA PHE RA 135 -34.18 -93.94 -39.96
C PHE RA 135 -32.84 -93.38 -40.41
N VAL RA 136 -32.88 -92.70 -41.55
CA VAL RA 136 -31.77 -91.88 -42.03
C VAL RA 136 -32.33 -90.54 -42.49
N VAL RA 137 -31.56 -89.47 -42.27
CA VAL RA 137 -31.95 -88.13 -42.67
C VAL RA 137 -30.78 -87.46 -43.37
N SER RA 138 -31.12 -86.46 -44.18
CA SER RA 138 -30.11 -85.65 -44.88
C SER RA 138 -30.74 -84.32 -45.24
N GLY RA 139 -29.94 -83.27 -45.20
CA GLY RA 139 -30.39 -81.96 -45.58
C GLY RA 139 -29.75 -80.91 -44.71
N THR RA 140 -30.20 -79.66 -44.88
CA THR RA 140 -29.68 -78.56 -44.08
C THR RA 140 -30.23 -78.62 -42.65
N CYS RA 141 -31.50 -78.97 -42.50
CA CYS RA 141 -32.12 -79.05 -41.18
C CYS RA 141 -32.02 -80.47 -40.62
N ALA RA 142 -30.77 -80.94 -40.51
CA ALA RA 142 -30.54 -82.31 -40.08
C ALA RA 142 -30.79 -82.50 -38.59
N GLU RA 143 -30.37 -81.54 -37.77
CA GLU RA 143 -30.44 -81.70 -36.32
C GLU RA 143 -31.87 -81.67 -35.80
N GLN RA 144 -32.75 -80.93 -36.47
CA GLN RA 144 -34.15 -80.95 -36.07
C GLN RA 144 -34.80 -82.28 -36.39
N MET RA 145 -34.34 -82.94 -37.45
CA MET RA 145 -34.92 -84.22 -37.81
C MET RA 145 -34.43 -85.35 -36.90
N TYR RA 146 -33.26 -85.20 -36.29
CA TYR RA 146 -32.85 -86.19 -35.29
C TYR RA 146 -33.65 -86.05 -34.01
N GLY RA 147 -34.09 -84.84 -33.68
CA GLY RA 147 -34.90 -84.66 -32.48
C GLY RA 147 -36.29 -85.24 -32.62
N MET RA 148 -36.78 -85.32 -33.84
CA MET RA 148 -38.06 -85.98 -34.09
C MET RA 148 -37.96 -87.48 -33.95
N CYS RA 149 -37.12 -88.10 -34.77
CA CYS RA 149 -37.14 -89.55 -34.95
C CYS RA 149 -36.59 -90.32 -33.76
N GLU RA 150 -35.84 -89.68 -32.86
CA GLU RA 150 -35.41 -90.38 -31.66
C GLU RA 150 -36.54 -90.52 -30.65
N SER RA 151 -37.42 -89.53 -30.57
CA SER RA 151 -38.54 -89.60 -29.66
C SER RA 151 -39.82 -90.09 -30.31
N LEU RA 152 -39.79 -90.38 -31.60
CA LEU RA 152 -40.97 -90.79 -32.37
C LEU RA 152 -40.64 -91.98 -33.24
N TRP RA 153 -40.09 -93.04 -32.66
CA TRP RA 153 -39.90 -94.25 -33.44
C TRP RA 153 -40.16 -95.47 -32.58
N GLU RA 154 -40.90 -96.41 -33.14
CA GLU RA 154 -41.17 -97.70 -32.56
C GLU RA 154 -40.73 -98.78 -33.54
N PRO RA 155 -40.34 -99.98 -33.06
CA PRO RA 155 -39.82 -101.00 -33.97
C PRO RA 155 -40.81 -101.54 -34.98
N ASN RA 156 -41.96 -102.03 -34.52
CA ASN RA 156 -42.92 -102.68 -35.38
C ASN RA 156 -44.07 -101.72 -35.63
N MET RA 157 -44.19 -101.24 -36.87
CA MET RA 157 -45.14 -100.19 -37.21
C MET RA 157 -45.92 -100.59 -38.44
N ASP RA 158 -47.24 -100.67 -38.30
CA ASP RA 158 -48.13 -100.83 -39.44
C ASP RA 158 -48.07 -99.60 -40.35
N PRO RA 159 -48.46 -99.74 -41.63
CA PRO RA 159 -48.38 -98.59 -42.55
C PRO RA 159 -49.26 -97.40 -42.19
N ASP RA 160 -50.26 -97.59 -41.34
CA ASP RA 160 -51.07 -96.45 -40.90
C ASP RA 160 -50.30 -95.57 -39.93
N HIS RA 161 -49.71 -96.17 -38.90
CA HIS RA 161 -48.96 -95.39 -37.94
C HIS RA 161 -47.58 -95.02 -38.45
N LEU RA 162 -47.09 -95.69 -39.50
CA LEU RA 162 -45.85 -95.24 -40.12
C LEU RA 162 -46.05 -93.93 -40.85
N PHE RA 163 -47.21 -93.76 -41.50
CA PHE RA 163 -47.49 -92.51 -42.18
C PHE RA 163 -47.74 -91.38 -41.19
N GLU RA 164 -48.43 -91.67 -40.09
CA GLU RA 164 -48.72 -90.62 -39.12
C GLU RA 164 -47.49 -90.19 -38.34
N THR RA 165 -46.43 -90.99 -38.36
CA THR RA 165 -45.23 -90.68 -37.61
C THR RA 165 -44.25 -89.84 -38.42
N ILE RA 166 -43.98 -90.25 -39.66
CA ILE RA 166 -43.05 -89.51 -40.50
C ILE RA 166 -43.66 -88.19 -40.95
N SER RA 167 -44.99 -88.07 -40.93
CA SER RA 167 -45.62 -86.79 -41.23
C SER RA 167 -45.36 -85.79 -40.10
N GLN RA 168 -45.52 -86.22 -38.85
CA GLN RA 168 -45.24 -85.34 -37.72
C GLN RA 168 -43.75 -85.08 -37.56
N ALA RA 169 -42.91 -85.97 -38.07
CA ALA RA 169 -41.48 -85.73 -38.01
C ALA RA 169 -41.06 -84.67 -39.02
N MET RA 170 -41.73 -84.62 -40.17
CA MET RA 170 -41.36 -83.64 -41.18
C MET RA 170 -42.01 -82.29 -40.93
N LEU RA 171 -43.28 -82.26 -40.53
CA LEU RA 171 -43.99 -81.00 -40.38
C LEU RA 171 -43.49 -80.17 -39.20
N ASN RA 172 -42.84 -80.80 -38.23
CA ASN RA 172 -42.33 -80.04 -37.10
C ASN RA 172 -40.87 -79.64 -37.27
N ALA RA 173 -40.09 -80.46 -37.97
CA ALA RA 173 -38.68 -80.15 -38.13
C ALA RA 173 -38.46 -79.11 -39.24
N VAL RA 174 -39.24 -79.19 -40.31
CA VAL RA 174 -39.03 -78.30 -41.45
C VAL RA 174 -39.59 -76.91 -41.15
N ASP RA 175 -40.69 -76.81 -40.39
CA ASP RA 175 -41.21 -75.51 -40.01
C ASP RA 175 -40.33 -74.76 -39.03
N ARG RA 176 -39.34 -75.43 -38.43
CA ARG RA 176 -38.32 -74.75 -37.66
C ARG RA 176 -37.17 -74.25 -38.53
N ASP RA 177 -36.99 -74.86 -39.71
CA ASP RA 177 -35.97 -74.41 -40.64
C ASP RA 177 -36.44 -73.20 -41.43
N ALA RA 178 -35.48 -72.39 -41.86
CA ALA RA 178 -35.79 -71.17 -42.61
C ALA RA 178 -35.79 -71.36 -44.12
N VAL RA 179 -34.87 -72.16 -44.65
CA VAL RA 179 -34.74 -72.31 -46.09
C VAL RA 179 -35.41 -73.58 -46.59
N SER RA 180 -36.28 -74.18 -45.77
CA SER RA 180 -37.01 -75.37 -46.16
C SER RA 180 -38.47 -75.18 -45.82
N GLY RA 181 -39.33 -75.76 -46.63
CA GLY RA 181 -40.76 -75.65 -46.39
C GLY RA 181 -41.51 -75.77 -47.69
N MET RA 182 -42.63 -75.03 -47.74
CA MET RA 182 -43.49 -74.89 -48.91
C MET RA 182 -44.08 -76.23 -49.37
N GLY RA 183 -44.41 -77.10 -48.43
CA GLY RA 183 -45.06 -78.34 -48.80
C GLY RA 183 -44.14 -79.54 -48.62
N VAL RA 184 -44.75 -80.67 -48.26
CA VAL RA 184 -44.03 -81.92 -48.01
C VAL RA 184 -44.76 -83.04 -48.75
N ILE RA 185 -44.03 -83.81 -49.55
CA ILE RA 185 -44.56 -85.00 -50.22
C ILE RA 185 -44.01 -86.23 -49.51
N VAL RA 186 -44.86 -87.24 -49.36
CA VAL RA 186 -44.53 -88.46 -48.64
C VAL RA 186 -44.89 -89.67 -49.49
N HIS RA 187 -43.91 -90.50 -49.79
CA HIS RA 187 -44.12 -91.78 -50.45
C HIS RA 187 -44.07 -92.89 -49.40
N ILE RA 188 -45.16 -93.62 -49.25
CA ILE RA 188 -45.20 -94.81 -48.42
C ILE RA 188 -45.42 -96.01 -49.32
N ILE RA 189 -44.40 -96.85 -49.44
CA ILE RA 189 -44.44 -97.99 -50.34
C ILE RA 189 -44.45 -99.27 -49.52
N GLU RA 190 -44.97 -100.33 -50.13
CA GLU RA 190 -45.07 -101.63 -49.50
C GLU RA 190 -45.15 -102.69 -50.59
N LYS RA 191 -45.48 -103.92 -50.20
CA LYS RA 191 -45.42 -105.03 -51.15
C LYS RA 191 -46.55 -104.95 -52.17
N ASP RA 192 -47.72 -104.48 -51.74
CA ASP RA 192 -48.89 -104.52 -52.61
C ASP RA 192 -48.98 -103.29 -53.50
N LYS RA 193 -48.75 -102.11 -52.95
CA LYS RA 193 -49.02 -100.88 -53.68
C LYS RA 193 -48.07 -99.78 -53.23
N ILE RA 194 -48.22 -98.62 -53.83
CA ILE RA 194 -47.40 -97.44 -53.56
C ILE RA 194 -48.35 -96.26 -53.34
N THR RA 195 -48.25 -95.63 -52.17
CA THR RA 195 -49.12 -94.53 -51.82
C THR RA 195 -48.32 -93.24 -51.73
N THR RA 196 -48.79 -92.22 -52.42
CA THR RA 196 -48.13 -90.91 -52.46
C THR RA 196 -49.10 -89.87 -51.93
N ARG RA 197 -48.70 -89.14 -50.90
CA ARG RA 197 -49.54 -88.08 -50.35
C ARG RA 197 -48.73 -86.80 -50.21
N THR RA 198 -49.42 -85.66 -50.36
CA THR RA 198 -48.85 -84.35 -50.13
C THR RA 198 -49.53 -83.73 -48.93
N LEU RA 199 -48.73 -83.32 -47.94
CA LEU RA 199 -49.27 -82.87 -46.68
C LEU RA 199 -49.72 -81.41 -46.78
N LYS RA 200 -50.29 -80.91 -45.68
CA LYS RA 200 -50.77 -79.54 -45.59
C LYS RA 200 -49.85 -78.79 -44.64
N ALA RA 201 -48.94 -77.99 -45.19
CA ALA RA 201 -47.90 -77.34 -44.41
C ALA RA 201 -48.03 -75.83 -44.45
N ARG RA 202 -47.20 -75.17 -43.66
CA ARG RA 202 -47.17 -73.71 -43.62
C ARG RA 202 -46.48 -73.19 -44.88
N MET RA 203 -47.19 -72.36 -45.64
CA MET RA 203 -46.69 -71.88 -46.93
C MET RA 203 -46.07 -70.49 -46.76
N ASP RA 204 -44.97 -70.45 -46.03
CA ASP RA 204 -44.26 -69.18 -45.80
C ASP RA 204 -42.74 -69.33 -45.88
N MET SA 1 -28.86 -56.95 -62.90
CA MET SA 1 -28.64 -55.66 -63.55
C MET SA 1 -29.80 -55.32 -64.47
N GLU SA 2 -29.84 -55.98 -65.63
CA GLU SA 2 -30.96 -55.77 -66.54
C GLU SA 2 -32.05 -56.81 -66.30
N TYR SA 3 -33.26 -56.48 -66.73
CA TYR SA 3 -34.49 -57.11 -66.25
C TYR SA 3 -35.22 -57.84 -67.35
N LEU SA 4 -35.59 -59.10 -67.09
CA LEU SA 4 -36.43 -59.87 -68.00
C LEU SA 4 -37.61 -60.44 -67.22
N ILE SA 5 -38.65 -60.86 -67.95
CA ILE SA 5 -39.92 -61.26 -67.35
C ILE SA 5 -40.68 -62.16 -68.33
N GLY SA 6 -41.35 -63.18 -67.81
CA GLY SA 6 -42.16 -64.07 -68.63
C GLY SA 6 -43.39 -64.60 -67.92
N ILE SA 7 -44.52 -64.71 -68.63
CA ILE SA 7 -45.80 -65.07 -68.03
C ILE SA 7 -46.41 -66.23 -68.83
N GLN SA 8 -46.79 -67.29 -68.13
CA GLN SA 8 -47.43 -68.46 -68.72
C GLN SA 8 -48.95 -68.27 -68.76
N GLY SA 9 -49.54 -68.51 -69.93
CA GLY SA 9 -50.98 -68.46 -70.05
C GLY SA 9 -51.59 -69.84 -70.21
N PRO SA 10 -52.90 -69.89 -70.45
CA PRO SA 10 -53.53 -71.20 -70.73
C PRO SA 10 -53.14 -71.76 -72.08
N ASP SA 11 -52.95 -70.89 -73.08
CA ASP SA 11 -52.54 -71.33 -74.40
C ASP SA 11 -51.51 -70.41 -75.05
N TYR SA 12 -50.81 -69.59 -74.27
CA TYR SA 12 -49.83 -68.66 -74.80
C TYR SA 12 -48.72 -68.47 -73.78
N VAL SA 13 -47.63 -67.88 -74.22
CA VAL SA 13 -46.53 -67.48 -73.34
C VAL SA 13 -46.18 -66.04 -73.66
N LEU SA 14 -46.28 -65.17 -72.66
CA LEU SA 14 -46.00 -63.75 -72.82
C LEU SA 14 -44.63 -63.47 -72.20
N VAL SA 15 -43.68 -63.04 -73.03
CA VAL SA 15 -42.36 -62.67 -72.55
C VAL SA 15 -42.11 -61.21 -72.87
N ALA SA 16 -41.20 -60.60 -72.09
CA ALA SA 16 -40.85 -59.22 -72.30
C ALA SA 16 -39.43 -58.97 -71.80
N SER SA 17 -38.71 -58.11 -72.51
CA SER SA 17 -37.31 -57.85 -72.27
C SER SA 17 -37.10 -56.34 -72.27
N ASP SA 18 -35.95 -55.91 -71.74
CA ASP SA 18 -35.56 -54.52 -71.81
C ASP SA 18 -34.58 -54.32 -72.97
N ARG SA 19 -34.26 -53.05 -73.22
CA ARG SA 19 -33.52 -52.64 -74.41
C ARG SA 19 -32.35 -51.74 -74.05
N VAL SA 20 -31.63 -52.05 -72.98
CA VAL SA 20 -30.59 -51.17 -72.45
C VAL SA 20 -29.28 -51.94 -72.42
N ALA SA 21 -28.23 -51.35 -73.00
CA ALA SA 21 -26.89 -51.91 -73.01
C ALA SA 21 -25.93 -50.85 -72.47
N ALA SA 22 -25.66 -50.91 -71.18
CA ALA SA 22 -24.83 -49.93 -70.49
C ALA SA 22 -23.40 -50.45 -70.34
N SER SA 23 -22.45 -49.53 -70.19
CA SER SA 23 -21.04 -49.90 -70.08
C SER SA 23 -20.46 -49.60 -68.70
N ASN SA 24 -20.36 -48.33 -68.32
CA ASN SA 24 -19.80 -47.98 -67.03
C ASN SA 24 -20.79 -47.18 -66.20
N ILE SA 25 -21.18 -46.00 -66.65
CA ILE SA 25 -22.18 -45.15 -66.03
C ILE SA 25 -23.07 -44.64 -67.14
N VAL SA 26 -22.65 -44.89 -68.37
CA VAL SA 26 -23.33 -44.39 -69.55
C VAL SA 26 -24.13 -45.51 -70.17
N GLN SA 27 -24.98 -45.14 -71.10
CA GLN SA 27 -25.87 -46.07 -71.78
C GLN SA 27 -25.51 -46.01 -73.26
N MET SA 28 -24.76 -47.02 -73.71
CA MET SA 28 -24.23 -46.99 -75.07
C MET SA 28 -25.33 -47.21 -76.10
N LYS SA 29 -26.08 -48.29 -75.97
CA LYS SA 29 -27.10 -48.64 -76.93
C LYS SA 29 -28.45 -48.63 -76.24
N ASP SA 30 -29.41 -47.91 -76.81
CA ASP SA 30 -30.74 -47.76 -76.23
C ASP SA 30 -31.80 -48.61 -76.91
N ASP SA 31 -31.41 -49.43 -77.88
CA ASP SA 31 -32.34 -50.32 -78.55
C ASP SA 31 -31.73 -51.70 -78.71
N HIS SA 32 -31.11 -52.20 -77.65
CA HIS SA 32 -30.49 -53.51 -77.65
C HIS SA 32 -31.58 -54.58 -77.65
N ASP SA 33 -31.26 -55.72 -78.26
CA ASP SA 33 -32.19 -56.84 -78.30
C ASP SA 33 -31.62 -58.01 -77.52
N LYS SA 34 -32.45 -58.62 -76.67
CA LYS SA 34 -32.06 -59.76 -75.88
C LYS SA 34 -32.57 -61.07 -76.47
N MET SA 35 -33.39 -61.00 -77.51
CA MET SA 35 -34.15 -62.13 -78.02
C MET SA 35 -33.32 -62.99 -78.94
N PHE SA 36 -33.60 -64.30 -78.93
CA PHE SA 36 -32.92 -65.26 -79.80
C PHE SA 36 -33.96 -66.30 -80.23
N LYS SA 37 -34.42 -66.21 -81.47
CA LYS SA 37 -35.38 -67.17 -82.00
C LYS SA 37 -34.65 -68.47 -82.31
N MET SA 38 -34.83 -69.47 -81.45
CA MET SA 38 -34.24 -70.77 -81.69
C MET SA 38 -34.94 -71.50 -82.82
N SER SA 39 -36.26 -71.50 -82.82
CA SER SA 39 -37.03 -72.12 -83.89
C SER SA 39 -38.34 -71.34 -84.03
N GLU SA 40 -39.31 -71.96 -84.71
CA GLU SA 40 -40.57 -71.28 -84.98
C GLU SA 40 -41.50 -71.22 -83.79
N LYS SA 41 -41.18 -71.92 -82.71
CA LYS SA 41 -42.07 -71.90 -81.54
C LYS SA 41 -41.31 -71.81 -80.23
N ILE SA 42 -40.00 -71.54 -80.24
CA ILE SA 42 -39.19 -71.49 -79.03
C ILE SA 42 -38.36 -70.20 -79.05
N LEU SA 43 -38.51 -69.39 -78.02
CA LEU SA 43 -37.68 -68.20 -77.85
C LEU SA 43 -36.58 -68.45 -76.83
N LEU SA 44 -35.65 -67.49 -76.77
CA LEU SA 44 -34.55 -67.54 -75.82
C LEU SA 44 -34.06 -66.12 -75.60
N LEU SA 45 -33.95 -65.71 -74.36
CA LEU SA 45 -33.29 -64.47 -74.01
C LEU SA 45 -32.01 -64.84 -73.26
N CYS SA 46 -31.24 -63.85 -72.83
CA CYS SA 46 -30.04 -64.15 -72.06
C CYS SA 46 -29.58 -62.94 -71.26
N VAL SA 47 -29.22 -63.18 -70.00
CA VAL SA 47 -28.70 -62.16 -69.10
C VAL SA 47 -27.56 -62.77 -68.29
N GLY SA 48 -26.42 -62.09 -68.27
CA GLY SA 48 -25.32 -62.53 -67.43
C GLY SA 48 -24.04 -61.75 -67.65
N GLU SA 49 -22.93 -62.49 -67.75
CA GLU SA 49 -21.63 -61.89 -67.97
C GLU SA 49 -21.55 -61.34 -69.38
N ALA SA 50 -21.08 -60.10 -69.50
CA ALA SA 50 -20.97 -59.42 -70.79
C ALA SA 50 -19.93 -60.12 -71.64
N GLY SA 51 -20.38 -60.78 -72.71
CA GLY SA 51 -19.49 -61.53 -73.56
C GLY SA 51 -19.87 -63.00 -73.60
N ASP SA 52 -20.25 -63.53 -72.45
CA ASP SA 52 -20.69 -64.91 -72.36
C ASP SA 52 -22.14 -65.08 -72.80
N THR SA 53 -22.93 -64.01 -72.75
CA THR SA 53 -24.34 -64.12 -73.12
C THR SA 53 -24.51 -64.35 -74.61
N VAL SA 54 -23.60 -63.82 -75.42
CA VAL SA 54 -23.79 -63.91 -76.86
C VAL SA 54 -23.44 -65.30 -77.37
N GLN SA 55 -22.48 -65.97 -76.74
CA GLN SA 55 -21.95 -67.18 -77.33
C GLN SA 55 -22.67 -68.45 -76.91
N PHE SA 56 -23.33 -68.47 -75.74
CA PHE SA 56 -24.32 -69.53 -75.51
C PHE SA 56 -25.49 -69.39 -76.46
N ALA SA 57 -25.95 -68.17 -76.69
CA ALA SA 57 -27.08 -67.93 -77.59
C ALA SA 57 -26.74 -68.14 -79.06
N GLU SA 58 -25.51 -68.51 -79.38
CA GLU SA 58 -25.17 -68.99 -80.70
C GLU SA 58 -24.89 -70.49 -80.70
N TYR SA 59 -24.29 -71.01 -79.63
CA TYR SA 59 -24.03 -72.44 -79.56
C TYR SA 59 -25.32 -73.22 -79.42
N ILE SA 60 -26.26 -72.71 -78.62
CA ILE SA 60 -27.56 -73.35 -78.52
C ILE SA 60 -28.37 -73.11 -79.77
N GLN SA 61 -28.19 -71.95 -80.40
CA GLN SA 61 -28.94 -71.61 -81.61
C GLN SA 61 -28.58 -72.52 -82.77
N LYS SA 62 -27.28 -72.69 -83.02
CA LYS SA 62 -26.88 -73.46 -84.20
C LYS SA 62 -26.99 -74.96 -83.97
N ASN SA 63 -27.13 -75.41 -82.72
CA ASN SA 63 -27.31 -76.84 -82.50
C ASN SA 63 -28.77 -77.25 -82.65
N VAL SA 64 -29.70 -76.37 -82.27
CA VAL SA 64 -31.12 -76.68 -82.44
C VAL SA 64 -31.53 -76.57 -83.89
N GLN SA 65 -30.95 -75.63 -84.64
CA GLN SA 65 -31.15 -75.60 -86.08
C GLN SA 65 -30.52 -76.81 -86.77
N LEU SA 66 -29.46 -77.36 -86.18
CA LEU SA 66 -28.82 -78.53 -86.74
C LEU SA 66 -29.66 -79.79 -86.49
N TYR SA 67 -30.47 -79.78 -85.43
CA TYR SA 67 -31.31 -80.93 -85.15
C TYR SA 67 -32.45 -81.04 -86.15
N LYS SA 68 -33.09 -79.91 -86.43
CA LYS SA 68 -34.24 -79.90 -87.33
C LYS SA 68 -33.83 -80.17 -88.76
N MET SA 69 -32.64 -79.74 -89.14
CA MET SA 69 -32.19 -79.91 -90.51
C MET SA 69 -31.79 -81.35 -90.81
N ARG SA 70 -31.43 -82.12 -89.78
CA ARG SA 70 -31.05 -83.51 -89.96
C ARG SA 70 -32.22 -84.48 -89.79
N ASN SA 71 -33.31 -84.04 -89.19
CA ASN SA 71 -34.41 -84.93 -88.87
C ASN SA 71 -35.74 -84.47 -89.42
N GLY SA 72 -35.85 -83.26 -89.90
CA GLY SA 72 -37.11 -82.78 -90.45
C GLY SA 72 -38.03 -82.16 -89.44
N TYR SA 73 -38.17 -82.79 -88.28
CA TYR SA 73 -39.06 -82.27 -87.26
C TYR SA 73 -38.29 -81.44 -86.24
N GLU SA 74 -39.04 -80.75 -85.40
CA GLU SA 74 -38.53 -79.75 -84.47
C GLU SA 74 -38.44 -80.33 -83.07
N LEU SA 75 -37.47 -79.84 -82.28
CA LEU SA 75 -37.43 -80.16 -80.87
C LEU SA 75 -38.66 -79.63 -80.14
N SER SA 76 -39.01 -80.32 -79.07
CA SER SA 76 -40.01 -79.83 -78.14
C SER SA 76 -39.39 -78.76 -77.25
N PRO SA 77 -40.20 -77.94 -76.59
CA PRO SA 77 -39.64 -77.03 -75.59
C PRO SA 77 -39.02 -77.74 -74.40
N THR SA 78 -39.48 -78.95 -74.08
CA THR SA 78 -38.92 -79.67 -72.95
C THR SA 78 -37.54 -80.23 -73.30
N ALA SA 79 -37.38 -80.75 -74.52
CA ALA SA 79 -36.10 -81.33 -74.91
C ALA SA 79 -35.03 -80.26 -75.11
N ALA SA 80 -35.43 -79.06 -75.54
CA ALA SA 80 -34.47 -77.97 -75.63
C ALA SA 80 -34.05 -77.46 -74.26
N ALA SA 81 -34.88 -77.68 -73.23
CA ALA SA 81 -34.54 -77.18 -71.90
C ALA SA 81 -33.41 -77.99 -71.27
N ASN SA 82 -33.45 -79.31 -71.42
CA ASN SA 82 -32.37 -80.12 -70.88
C ASN SA 82 -31.08 -79.93 -71.65
N PHE SA 83 -31.18 -79.66 -72.95
CA PHE SA 83 -29.99 -79.50 -73.77
C PHE SA 83 -29.22 -78.25 -73.37
N THR SA 84 -29.91 -77.20 -72.96
CA THR SA 84 -29.21 -76.05 -72.41
C THR SA 84 -28.64 -76.37 -71.05
N ARG SA 85 -29.39 -77.09 -70.20
CA ARG SA 85 -28.94 -77.39 -68.86
C ARG SA 85 -27.73 -78.33 -68.88
N ARG SA 86 -27.63 -79.17 -69.90
CA ARG SA 86 -26.51 -80.09 -69.97
C ARG SA 86 -25.22 -79.37 -70.33
N ASN SA 87 -25.31 -78.38 -71.22
CA ASN SA 87 -24.10 -77.71 -71.69
C ASN SA 87 -23.54 -76.75 -70.65
N LEU SA 88 -24.38 -76.20 -69.78
CA LEU SA 88 -23.87 -75.39 -68.69
C LEU SA 88 -23.28 -76.25 -67.59
N ALA SA 89 -23.92 -77.38 -67.28
CA ALA SA 89 -23.47 -78.20 -66.16
C ALA SA 89 -22.18 -78.94 -66.48
N ASP SA 90 -21.95 -79.26 -67.76
CA ASP SA 90 -20.70 -79.90 -68.13
C ASP SA 90 -19.54 -78.92 -68.08
N CYS SA 91 -19.76 -77.70 -68.55
CA CYS SA 91 -18.72 -76.69 -68.58
C CYS SA 91 -18.65 -75.90 -67.29
N LEU SA 92 -19.45 -76.27 -66.28
CA LEU SA 92 -19.39 -75.62 -64.99
C LEU SA 92 -18.10 -75.98 -64.24
N ARG SA 93 -17.74 -77.26 -64.24
CA ARG SA 93 -16.52 -77.72 -63.57
C ARG SA 93 -15.36 -77.73 -64.56
N SER SA 94 -15.19 -76.62 -65.26
CA SER SA 94 -14.19 -76.52 -66.32
C SER SA 94 -13.20 -75.44 -65.92
N ARG SA 95 -12.17 -75.27 -66.76
CA ARG SA 95 -11.17 -74.25 -66.50
C ARG SA 95 -11.73 -72.84 -66.68
N THR SA 96 -12.76 -72.70 -67.52
CA THR SA 96 -13.40 -71.40 -67.76
C THR SA 96 -14.91 -71.58 -67.63
N PRO SA 97 -15.46 -71.43 -66.43
CA PRO SA 97 -16.91 -71.54 -66.26
C PRO SA 97 -17.60 -70.30 -66.80
N TYR SA 98 -18.85 -70.48 -67.21
CA TYR SA 98 -19.61 -69.46 -67.91
C TYR SA 98 -20.79 -69.04 -67.04
N HIS SA 99 -21.23 -67.79 -67.20
CA HIS SA 99 -22.10 -67.14 -66.23
C HIS SA 99 -23.23 -66.41 -66.93
N VAL SA 100 -24.34 -67.13 -67.15
CA VAL SA 100 -25.55 -66.56 -67.73
C VAL SA 100 -26.73 -66.97 -66.88
N ASN SA 101 -27.83 -66.22 -67.00
CA ASN SA 101 -29.04 -66.49 -66.22
C ASN SA 101 -30.26 -66.31 -67.12
N LEU SA 102 -30.67 -67.35 -67.85
CA LEU SA 102 -31.97 -67.23 -68.49
C LEU SA 102 -32.59 -68.59 -68.82
N LEU SA 103 -33.91 -68.60 -68.68
CA LEU SA 103 -34.90 -69.63 -68.95
C LEU SA 103 -35.10 -69.90 -70.45
N LEU SA 104 -36.18 -70.63 -70.73
CA LEU SA 104 -36.75 -70.78 -72.07
C LEU SA 104 -38.24 -70.48 -72.03
N ALA SA 105 -38.80 -70.32 -73.22
CA ALA SA 105 -40.23 -70.08 -73.39
C ALA SA 105 -40.64 -70.66 -74.73
N GLY SA 106 -41.47 -71.68 -74.71
CA GLY SA 106 -41.83 -72.35 -75.93
C GLY SA 106 -43.29 -72.77 -76.01
N TYR SA 107 -43.65 -73.41 -77.11
CA TYR SA 107 -45.01 -73.93 -77.28
C TYR SA 107 -44.91 -75.29 -77.94
N ASP SA 108 -45.47 -76.30 -77.29
CA ASP SA 108 -45.50 -77.64 -77.85
C ASP SA 108 -46.86 -77.90 -78.48
N GLU SA 109 -46.86 -78.66 -79.57
CA GLU SA 109 -48.12 -79.00 -80.24
C GLU SA 109 -48.94 -80.01 -79.46
N HIS SA 110 -48.31 -80.76 -78.56
CA HIS SA 110 -49.00 -81.74 -77.72
C HIS SA 110 -49.07 -81.29 -76.27
N GLU SA 111 -47.95 -80.92 -75.67
CA GLU SA 111 -47.90 -80.56 -74.27
C GLU SA 111 -48.34 -79.13 -74.01
N GLY SA 112 -48.54 -78.33 -75.05
CA GLY SA 112 -49.00 -76.97 -74.87
C GLY SA 112 -47.85 -76.02 -74.65
N PRO SA 113 -48.13 -74.87 -74.06
CA PRO SA 113 -47.09 -73.87 -73.81
C PRO SA 113 -46.27 -74.22 -72.57
N ALA SA 114 -45.03 -73.72 -72.57
CA ALA SA 114 -44.08 -74.05 -71.51
C ALA SA 114 -43.23 -72.82 -71.18
N LEU SA 115 -42.82 -72.74 -69.92
CA LEU SA 115 -41.98 -71.65 -69.42
C LEU SA 115 -41.08 -72.18 -68.32
N TYR SA 116 -39.78 -72.16 -68.56
CA TYR SA 116 -38.81 -72.76 -67.67
C TYR SA 116 -38.10 -71.70 -66.83
N TYR SA 117 -37.02 -72.11 -66.16
CA TYR SA 117 -36.18 -71.21 -65.38
C TYR SA 117 -34.78 -71.80 -65.33
N MET SA 118 -33.77 -70.93 -65.27
CA MET SA 118 -32.39 -71.39 -65.28
C MET SA 118 -31.53 -70.46 -64.45
N ASP SA 119 -30.66 -71.05 -63.65
CA ASP SA 119 -29.69 -70.31 -62.84
C ASP SA 119 -28.34 -70.36 -63.56
N TYR SA 120 -27.35 -69.68 -63.00
CA TYR SA 120 -26.00 -69.78 -63.52
C TYR SA 120 -25.27 -70.99 -62.98
N LEU SA 121 -25.90 -71.71 -62.06
CA LEU SA 121 -25.44 -73.01 -61.64
C LEU SA 121 -26.19 -74.12 -62.35
N ALA SA 122 -26.98 -73.77 -63.38
CA ALA SA 122 -27.71 -74.71 -64.25
C ALA SA 122 -28.70 -75.56 -63.46
N ALA SA 123 -29.73 -74.90 -62.94
CA ALA SA 123 -30.84 -75.58 -62.27
C ALA SA 123 -32.12 -75.27 -63.02
N LEU SA 124 -32.79 -76.32 -63.50
CA LEU SA 124 -34.07 -76.14 -64.18
C LEU SA 124 -35.22 -76.03 -63.19
N ALA SA 125 -36.25 -75.32 -63.61
CA ALA SA 125 -37.47 -75.16 -62.83
C ALA SA 125 -38.59 -74.80 -63.79
N LYS SA 126 -39.68 -75.54 -63.72
CA LYS SA 126 -40.86 -75.29 -64.54
C LYS SA 126 -41.79 -74.37 -63.76
N ALA SA 127 -41.92 -73.12 -64.21
CA ALA SA 127 -42.64 -72.13 -63.43
C ALA SA 127 -43.70 -71.42 -64.24
N PRO SA 128 -44.81 -71.00 -63.62
CA PRO SA 128 -45.81 -70.21 -64.36
C PRO SA 128 -45.44 -68.76 -64.56
N PHE SA 129 -44.50 -68.22 -63.78
CA PHE SA 129 -43.96 -66.89 -64.04
C PHE SA 129 -42.62 -66.77 -63.33
N ALA SA 130 -41.69 -66.06 -63.96
CA ALA SA 130 -40.35 -65.93 -63.42
C ALA SA 130 -39.73 -64.65 -63.96
N ALA SA 131 -38.64 -64.24 -63.34
CA ALA SA 131 -37.95 -63.02 -63.71
C ALA SA 131 -36.50 -63.08 -63.24
N HIS SA 132 -35.64 -62.32 -63.91
CA HIS SA 132 -34.25 -62.17 -63.51
C HIS SA 132 -33.92 -60.70 -63.33
N GLY SA 133 -32.79 -60.45 -62.67
CA GLY SA 133 -32.32 -59.11 -62.44
C GLY SA 133 -32.72 -58.60 -61.07
N TYR SA 134 -32.25 -57.39 -60.77
CA TYR SA 134 -32.63 -56.76 -59.51
C TYR SA 134 -34.09 -56.34 -59.52
N GLY SA 135 -34.64 -56.07 -60.70
CA GLY SA 135 -36.05 -55.74 -60.82
C GLY SA 135 -36.98 -56.88 -60.49
N ALA SA 136 -36.48 -58.12 -60.45
CA ALA SA 136 -37.30 -59.24 -60.03
C ALA SA 136 -37.71 -59.16 -58.58
N PHE SA 137 -36.95 -58.45 -57.75
CA PHE SA 137 -37.30 -58.31 -56.35
C PHE SA 137 -38.52 -57.42 -56.14
N LEU SA 138 -38.79 -56.50 -57.06
CA LEU SA 138 -39.90 -55.58 -56.87
C LEU SA 138 -41.07 -55.86 -57.79
N THR SA 139 -41.04 -56.93 -58.56
CA THR SA 139 -42.08 -57.22 -59.52
C THR SA 139 -42.75 -58.55 -59.34
N LEU SA 140 -42.17 -59.48 -58.59
CA LEU SA 140 -42.81 -60.77 -58.40
C LEU SA 140 -44.01 -60.68 -57.47
N SER SA 141 -44.04 -59.67 -56.59
CA SER SA 141 -45.14 -59.58 -55.65
C SER SA 141 -46.41 -59.06 -56.30
N ILE SA 142 -46.29 -58.16 -57.28
CA ILE SA 142 -47.48 -57.79 -58.06
C ILE SA 142 -47.94 -58.98 -58.88
N LEU SA 143 -46.98 -59.69 -59.48
CA LEU SA 143 -47.31 -60.76 -60.40
C LEU SA 143 -47.80 -62.00 -59.68
N ASP SA 144 -47.52 -62.12 -58.37
CA ASP SA 144 -48.13 -63.15 -57.56
C ASP SA 144 -49.50 -62.71 -57.05
N ARG SA 145 -49.71 -61.40 -56.95
CA ARG SA 145 -50.99 -60.89 -56.48
C ARG SA 145 -52.06 -61.01 -57.55
N TYR SA 146 -51.86 -60.38 -58.69
CA TYR SA 146 -52.89 -60.29 -59.74
C TYR SA 146 -52.77 -61.41 -60.75
N TYR SA 147 -52.73 -62.66 -60.33
CA TYR SA 147 -52.55 -63.76 -61.25
C TYR SA 147 -53.66 -64.79 -61.11
N THR SA 148 -54.03 -65.38 -62.24
CA THR SA 148 -55.00 -66.44 -62.32
C THR SA 148 -54.47 -67.35 -63.41
N PRO SA 149 -54.48 -68.67 -63.22
CA PRO SA 149 -54.00 -69.57 -64.28
C PRO SA 149 -54.86 -69.55 -65.53
N THR SA 150 -56.12 -69.14 -65.43
CA THR SA 150 -56.99 -68.95 -66.58
C THR SA 150 -57.14 -67.45 -66.77
N ILE SA 151 -56.23 -66.86 -67.54
CA ILE SA 151 -56.21 -65.44 -67.77
C ILE SA 151 -56.12 -65.19 -69.28
N SER SA 152 -56.76 -64.12 -69.74
CA SER SA 152 -56.73 -63.81 -71.16
C SER SA 152 -55.46 -63.03 -71.48
N ARG SA 153 -55.13 -62.94 -72.77
CA ARG SA 153 -53.91 -62.25 -73.15
C ARG SA 153 -54.07 -60.75 -73.19
N GLU SA 154 -55.30 -60.25 -73.18
CA GLU SA 154 -55.50 -58.81 -73.01
C GLU SA 154 -55.28 -58.41 -71.57
N ARG SA 155 -55.67 -59.28 -70.63
CA ARG SA 155 -55.37 -59.01 -69.23
C ARG SA 155 -53.90 -59.20 -68.93
N ALA SA 156 -53.23 -60.10 -69.65
CA ALA SA 156 -51.82 -60.37 -69.40
C ALA SA 156 -50.96 -59.17 -69.80
N VAL SA 157 -51.35 -58.45 -70.84
CA VAL SA 157 -50.65 -57.22 -71.19
C VAL SA 157 -50.92 -56.14 -70.16
N GLU SA 158 -52.17 -56.05 -69.69
CA GLU SA 158 -52.51 -55.06 -68.68
C GLU SA 158 -51.86 -55.39 -67.34
N LEU SA 159 -51.72 -56.68 -67.04
CA LEU SA 159 -50.92 -57.09 -65.89
C LEU SA 159 -49.45 -56.74 -66.07
N LEU SA 160 -48.97 -56.75 -67.32
CA LEU SA 160 -47.60 -56.35 -67.57
C LEU SA 160 -47.43 -54.85 -67.46
N ARG SA 161 -48.49 -54.08 -67.72
CA ARG SA 161 -48.43 -52.63 -67.52
C ARG SA 161 -48.22 -52.27 -66.06
N LYS SA 162 -48.94 -52.94 -65.17
CA LYS SA 162 -48.79 -52.69 -63.74
C LYS SA 162 -47.42 -53.14 -63.24
N CYS SA 163 -46.90 -54.22 -63.81
CA CYS SA 163 -45.61 -54.75 -63.41
C CYS SA 163 -44.48 -53.83 -63.84
N LEU SA 164 -44.68 -53.09 -64.92
CA LEU SA 164 -43.65 -52.23 -65.50
C LEU SA 164 -43.60 -50.85 -64.84
N GLU SA 165 -44.73 -50.34 -64.36
CA GLU SA 165 -44.75 -49.02 -63.75
C GLU SA 165 -44.06 -48.98 -62.39
N GLU SA 166 -43.91 -50.13 -61.74
CA GLU SA 166 -43.16 -50.17 -60.50
C GLU SA 166 -41.67 -50.02 -60.71
N LEU SA 167 -41.17 -50.39 -61.88
CA LEU SA 167 -39.75 -50.21 -62.17
C LEU SA 167 -39.40 -48.76 -62.46
N GLN SA 168 -40.40 -47.89 -62.62
CA GLN SA 168 -40.14 -46.47 -62.83
C GLN SA 168 -40.73 -45.62 -61.73
N LYS SA 169 -41.05 -46.23 -60.59
CA LYS SA 169 -41.47 -45.46 -59.42
C LYS SA 169 -40.44 -45.63 -58.33
N ARG SA 170 -40.11 -46.86 -57.99
CA ARG SA 170 -39.08 -47.16 -56.99
C ARG SA 170 -38.11 -48.14 -57.61
N PHE SA 171 -37.15 -47.61 -58.37
CA PHE SA 171 -36.03 -48.39 -58.89
C PHE SA 171 -35.00 -47.39 -59.39
N ILE SA 172 -33.75 -47.61 -58.98
CA ILE SA 172 -32.71 -46.59 -59.17
C ILE SA 172 -32.21 -46.50 -60.60
N LEU SA 173 -32.40 -47.53 -61.41
CA LEU SA 173 -31.93 -47.52 -62.78
C LEU SA 173 -32.99 -46.90 -63.68
N ASN SA 174 -32.61 -46.68 -64.94
CA ASN SA 174 -33.44 -45.87 -65.83
C ASN SA 174 -34.52 -46.72 -66.50
N LEU SA 175 -34.10 -47.67 -67.34
CA LEU SA 175 -34.92 -48.61 -68.11
C LEU SA 175 -36.09 -47.96 -68.84
N PRO SA 176 -35.85 -47.15 -69.87
CA PRO SA 176 -36.98 -46.44 -70.51
C PRO SA 176 -37.93 -47.31 -71.33
N THR SA 177 -37.42 -48.09 -72.28
CA THR SA 177 -38.26 -48.75 -73.28
C THR SA 177 -38.04 -50.26 -73.24
N PHE SA 178 -39.14 -51.02 -73.24
CA PHE SA 178 -39.07 -52.48 -73.18
C PHE SA 178 -39.61 -53.07 -74.49
N SER SA 179 -39.49 -54.39 -74.64
CA SER SA 179 -39.89 -55.04 -75.87
C SER SA 179 -40.59 -56.36 -75.55
N VAL SA 180 -41.74 -56.58 -76.17
CA VAL SA 180 -42.67 -57.64 -75.78
C VAL SA 180 -42.91 -58.56 -76.97
N ARG SA 181 -42.81 -59.87 -76.74
CA ARG SA 181 -43.23 -60.89 -77.70
C ARG SA 181 -44.36 -61.72 -77.10
N ILE SA 182 -44.96 -62.55 -77.95
CA ILE SA 182 -46.03 -63.46 -77.55
C ILE SA 182 -45.93 -64.70 -78.41
N ILE SA 183 -46.13 -65.86 -77.79
CA ILE SA 183 -45.99 -67.15 -78.48
C ILE SA 183 -47.35 -67.82 -78.43
N ASP SA 184 -47.87 -68.22 -79.60
CA ASP SA 184 -49.16 -68.89 -79.65
C ASP SA 184 -49.06 -70.20 -80.41
N LYS SA 185 -50.20 -70.77 -80.80
CA LYS SA 185 -50.19 -71.93 -81.68
C LYS SA 185 -49.71 -71.58 -83.08
N ASN SA 186 -49.76 -70.31 -83.47
CA ASN SA 186 -49.35 -69.90 -84.81
C ASN SA 186 -47.86 -69.62 -84.91
N GLY SA 187 -47.24 -69.11 -83.84
CA GLY SA 187 -45.81 -68.88 -83.88
C GLY SA 187 -45.35 -67.77 -82.98
N ILE SA 188 -44.43 -66.95 -83.48
CA ILE SA 188 -43.85 -65.84 -82.73
C ILE SA 188 -44.42 -64.55 -83.29
N HIS SA 189 -45.13 -63.80 -82.47
CA HIS SA 189 -45.71 -62.54 -82.89
C HIS SA 189 -45.05 -61.39 -82.14
N ASP SA 190 -44.73 -60.33 -82.88
CA ASP SA 190 -44.15 -59.13 -82.30
C ASP SA 190 -45.27 -58.20 -81.86
N LEU SA 191 -45.36 -57.96 -80.55
CA LEU SA 191 -46.27 -56.95 -80.06
C LEU SA 191 -45.60 -55.57 -80.14
N ASP SA 192 -46.31 -54.55 -79.66
CA ASP SA 192 -45.84 -53.20 -79.82
C ASP SA 192 -44.69 -52.88 -78.86
N ASN SA 193 -43.86 -51.94 -79.28
CA ASN SA 193 -42.68 -51.55 -78.52
C ASN SA 193 -43.12 -50.73 -77.31
N ILE SA 194 -43.16 -51.37 -76.14
CA ILE SA 194 -43.65 -50.70 -74.94
C ILE SA 194 -42.63 -49.69 -74.45
N SER SA 195 -43.01 -48.42 -74.43
CA SER SA 195 -42.10 -47.34 -74.10
C SER SA 195 -42.74 -46.44 -73.05
N PHE SA 196 -41.88 -45.68 -72.38
CA PHE SA 196 -42.31 -44.67 -71.43
C PHE SA 196 -41.66 -43.36 -71.85
N PRO SA 197 -42.45 -42.36 -72.26
CA PRO SA 197 -41.87 -41.11 -72.75
C PRO SA 197 -41.21 -40.31 -71.63
N LYS SA 198 -40.39 -39.34 -72.05
CA LYS SA 198 -39.60 -38.56 -71.10
C LYS SA 198 -40.11 -37.15 -70.90
N GLN SA 199 -40.68 -36.52 -71.93
CA GLN SA 199 -41.17 -35.14 -71.79
C GLN SA 199 -42.69 -35.11 -71.68
N THR TA 59 -6.99 -40.24 -73.73
CA THR TA 59 -7.41 -41.00 -74.90
C THR TA 59 -8.88 -40.80 -75.19
N THR TA 60 -9.20 -40.33 -76.39
CA THR TA 60 -10.58 -40.07 -76.76
C THR TA 60 -10.76 -40.31 -78.24
N THR TA 61 -11.63 -41.26 -78.59
CA THR TA 61 -12.04 -41.50 -79.95
C THR TA 61 -13.55 -41.35 -80.03
N LEU TA 62 -14.06 -41.11 -81.23
CA LEU TA 62 -15.49 -41.15 -81.45
C LEU TA 62 -15.76 -41.52 -82.90
N ALA TA 63 -16.96 -42.04 -83.13
CA ALA TA 63 -17.38 -42.41 -84.47
C ALA TA 63 -18.89 -42.34 -84.54
N PHE TA 64 -19.42 -41.69 -85.57
CA PHE TA 64 -20.85 -41.65 -85.79
C PHE TA 64 -21.12 -41.77 -87.29
N LYS TA 65 -22.25 -42.37 -87.61
CA LYS TA 65 -22.66 -42.50 -89.00
C LYS TA 65 -23.90 -41.66 -89.26
N PHE TA 66 -24.01 -41.21 -90.49
CA PHE TA 66 -25.08 -40.32 -90.92
C PHE TA 66 -25.37 -40.64 -92.38
N ARG TA 67 -26.01 -39.70 -93.08
CA ARG TA 67 -26.40 -39.92 -94.47
C ARG TA 67 -25.19 -40.16 -95.37
N HIS TA 68 -24.18 -39.31 -95.29
CA HIS TA 68 -23.03 -39.38 -96.18
C HIS TA 68 -21.87 -40.06 -95.46
N GLY TA 69 -22.07 -41.33 -95.12
CA GLY TA 69 -20.98 -42.13 -94.60
C GLY TA 69 -20.75 -41.97 -93.11
N VAL TA 70 -19.53 -42.31 -92.70
CA VAL TA 70 -19.14 -42.41 -91.30
C VAL TA 70 -17.97 -41.46 -91.05
N ILE TA 71 -18.01 -40.74 -89.93
CA ILE TA 71 -16.94 -39.85 -89.51
C ILE TA 71 -16.22 -40.46 -88.33
N VAL TA 72 -14.90 -40.57 -88.41
CA VAL TA 72 -14.07 -41.11 -87.34
C VAL TA 72 -13.08 -40.03 -86.90
N ALA TA 73 -13.02 -39.79 -85.60
CA ALA TA 73 -12.12 -38.78 -85.05
C ALA TA 73 -11.46 -39.30 -83.78
N ALA TA 74 -10.24 -38.83 -83.54
CA ALA TA 74 -9.46 -39.26 -82.38
C ALA TA 74 -8.41 -38.21 -82.07
N ASP TA 75 -7.89 -38.27 -80.84
CA ASP TA 75 -6.80 -37.41 -80.42
C ASP TA 75 -5.47 -38.08 -80.72
N SER TA 76 -4.39 -37.51 -80.20
CA SER TA 76 -3.05 -38.12 -80.33
C SER TA 76 -2.27 -37.81 -79.06
N ARG TA 77 -2.36 -38.70 -78.08
CA ARG TA 77 -1.55 -38.59 -76.86
C ARG TA 77 -1.50 -39.96 -76.21
N ALA TA 78 -0.28 -40.43 -75.92
CA ALA TA 78 -0.08 -41.66 -75.17
C ALA TA 78 0.71 -41.32 -73.92
N THR TA 79 0.11 -41.56 -72.76
CA THR TA 79 0.77 -41.22 -71.50
C THR TA 79 1.41 -42.46 -70.89
N ALA TA 80 2.14 -42.26 -69.81
CA ALA TA 80 2.77 -43.32 -69.03
C ALA TA 80 2.43 -43.16 -67.55
N GLY TA 81 1.15 -42.94 -67.27
CA GLY TA 81 0.70 -42.68 -65.93
C GLY TA 81 0.64 -41.21 -65.62
N ALA TA 82 1.81 -40.58 -65.47
CA ALA TA 82 1.89 -39.14 -65.28
C ALA TA 82 2.90 -38.51 -66.24
N TYR TA 83 3.32 -39.26 -67.24
CA TYR TA 83 4.35 -38.81 -68.16
C TYR TA 83 3.87 -39.02 -69.58
N ILE TA 84 3.85 -37.95 -70.37
CA ILE TA 84 3.41 -38.04 -71.75
C ILE TA 84 4.54 -38.63 -72.57
N ALA TA 85 4.30 -39.81 -73.14
CA ALA TA 85 5.33 -40.44 -73.97
C ALA TA 85 5.43 -39.77 -75.33
N SER TA 86 4.31 -39.49 -75.98
CA SER TA 86 4.33 -38.88 -77.29
C SER TA 86 3.13 -37.98 -77.49
N GLN TA 87 3.26 -37.08 -78.45
CA GLN TA 87 2.18 -36.21 -78.87
C GLN TA 87 1.62 -36.57 -80.23
N THR TA 88 2.24 -37.50 -80.95
CA THR TA 88 1.83 -37.90 -82.30
C THR TA 88 1.68 -39.41 -82.32
N VAL TA 89 0.50 -39.89 -81.95
CA VAL TA 89 0.17 -41.31 -81.99
C VAL TA 89 -1.04 -41.48 -82.89
N LYS TA 90 -0.86 -42.16 -84.01
CA LYS TA 90 -1.95 -42.38 -84.95
C LYS TA 90 -2.86 -43.46 -84.39
N LYS TA 91 -3.97 -43.04 -83.77
CA LYS TA 91 -4.83 -43.98 -83.06
C LYS TA 91 -5.84 -44.64 -83.98
N VAL TA 92 -6.15 -44.05 -85.12
CA VAL TA 92 -7.10 -44.64 -86.05
C VAL TA 92 -6.32 -45.53 -87.00
N ILE TA 93 -6.38 -46.83 -86.79
CA ILE TA 93 -5.56 -47.79 -87.50
C ILE TA 93 -6.21 -48.10 -88.84
N GLU TA 94 -5.47 -47.87 -89.91
CA GLU TA 94 -5.95 -48.08 -91.28
C GLU TA 94 -5.83 -49.55 -91.61
N ILE TA 95 -6.94 -50.27 -91.50
CA ILE TA 95 -6.92 -51.71 -91.72
C ILE TA 95 -6.82 -52.04 -93.19
N ASN TA 96 -7.72 -51.48 -93.99
CA ASN TA 96 -7.81 -51.76 -95.41
C ASN TA 96 -8.01 -50.44 -96.14
N PRO TA 97 -8.07 -50.43 -97.48
CA PRO TA 97 -8.64 -49.26 -98.16
C PRO TA 97 -10.13 -49.08 -97.95
N TYR TA 98 -10.81 -50.03 -97.31
CA TYR TA 98 -12.26 -49.93 -97.11
C TYR TA 98 -12.68 -50.22 -95.68
N LEU TA 99 -11.76 -50.32 -94.73
CA LEU TA 99 -12.09 -50.54 -93.33
C LEU TA 99 -11.15 -49.73 -92.45
N LEU TA 100 -11.69 -49.20 -91.36
CA LEU TA 100 -10.90 -48.48 -90.37
C LEU TA 100 -11.13 -49.06 -88.99
N GLY TA 101 -10.13 -48.90 -88.13
CA GLY TA 101 -10.22 -49.37 -86.77
C GLY TA 101 -9.56 -48.40 -85.81
N THR TA 102 -10.06 -48.34 -84.58
CA THR TA 102 -9.57 -47.39 -83.60
C THR TA 102 -8.67 -48.08 -82.58
N MET TA 103 -8.21 -47.31 -81.60
CA MET TA 103 -7.31 -47.80 -80.57
C MET TA 103 -7.80 -47.29 -79.22
N ALA TA 104 -7.88 -48.18 -78.24
CA ALA TA 104 -8.36 -47.81 -76.92
C ALA TA 104 -7.83 -48.80 -75.91
N GLY TA 105 -7.25 -48.30 -74.85
CA GLY TA 105 -6.69 -49.17 -73.83
C GLY TA 105 -5.25 -49.57 -74.17
N GLY TA 106 -5.04 -50.86 -74.39
CA GLY TA 106 -3.72 -51.35 -74.73
C GLY TA 106 -3.35 -50.93 -76.13
N ALA TA 107 -2.26 -50.17 -76.28
CA ALA TA 107 -1.85 -49.69 -77.59
C ALA TA 107 -1.31 -50.83 -78.44
N ALA TA 108 -0.50 -51.71 -77.85
CA ALA TA 108 0.03 -52.83 -78.60
C ALA TA 108 -1.01 -53.91 -78.81
N ASP TA 109 -2.03 -53.96 -77.94
CA ASP TA 109 -3.08 -54.95 -78.11
C ASP TA 109 -4.00 -54.58 -79.26
N CYS TA 110 -4.35 -53.30 -79.38
CA CYS TA 110 -5.13 -52.87 -80.53
C CYS TA 110 -4.30 -52.90 -81.81
N SER TA 111 -2.99 -52.68 -81.70
CA SER TA 111 -2.15 -52.69 -82.89
C SER TA 111 -1.91 -54.10 -83.42
N PHE TA 112 -1.88 -55.09 -82.54
CA PHE TA 112 -1.60 -56.44 -82.97
C PHE TA 112 -2.83 -57.11 -83.58
N TRP TA 113 -3.93 -57.09 -82.84
CA TRP TA 113 -5.08 -57.91 -83.21
C TRP TA 113 -5.84 -57.33 -84.39
N GLU TA 114 -5.79 -56.02 -84.60
CA GLU TA 114 -6.35 -55.47 -85.82
C GLU TA 114 -5.46 -55.72 -87.01
N ARG TA 115 -4.14 -55.75 -86.79
CA ARG TA 115 -3.23 -56.17 -87.85
C ARG TA 115 -3.45 -57.64 -88.18
N LEU TA 116 -3.74 -58.46 -87.18
CA LEU TA 116 -4.09 -59.84 -87.45
C LEU TA 116 -5.45 -59.98 -88.11
N LEU TA 117 -6.35 -59.01 -87.86
CA LEU TA 117 -7.64 -59.01 -88.53
C LEU TA 117 -7.51 -58.71 -90.02
N ALA TA 118 -6.55 -57.86 -90.39
CA ALA TA 118 -6.37 -57.54 -91.80
C ALA TA 118 -5.80 -58.71 -92.58
N ARG TA 119 -5.13 -59.64 -91.88
CA ARG TA 119 -4.66 -60.85 -92.52
C ARG TA 119 -5.81 -61.75 -92.92
N GLN TA 120 -6.77 -61.93 -92.02
CA GLN TA 120 -7.92 -62.78 -92.28
C GLN TA 120 -8.84 -62.17 -93.34
N CYS TA 121 -8.99 -60.84 -93.33
CA CYS TA 121 -9.85 -60.19 -94.31
C CYS TA 121 -9.26 -60.26 -95.72
N ARG TA 122 -7.94 -60.31 -95.83
CA ARG TA 122 -7.32 -60.39 -97.15
C ARG TA 122 -7.46 -61.78 -97.74
N ILE TA 123 -7.27 -62.81 -96.92
CA ILE TA 123 -7.39 -64.20 -97.38
C ILE TA 123 -8.84 -64.52 -97.72
N TYR TA 124 -9.78 -63.93 -96.99
CA TYR TA 124 -11.20 -64.06 -97.32
C TYR TA 124 -11.51 -63.44 -98.68
N GLU TA 125 -10.83 -62.35 -99.02
CA GLU TA 125 -11.08 -61.70 -100.30
C GLU TA 125 -10.46 -62.48 -101.45
N LEU TA 126 -9.32 -63.12 -101.22
CA LEU TA 126 -8.67 -63.87 -102.30
C LEU TA 126 -9.41 -65.16 -102.62
N ARG TA 127 -10.10 -65.73 -101.64
CA ARG TA 127 -10.80 -66.99 -101.88
C ARG TA 127 -12.18 -66.77 -102.50
N ASN TA 128 -12.91 -65.79 -101.99
CA ASN TA 128 -14.28 -65.57 -102.40
C ASN TA 128 -14.43 -64.57 -103.54
N LYS TA 129 -13.33 -63.88 -103.91
CA LYS TA 129 -13.30 -62.83 -104.93
C LYS TA 129 -14.32 -61.73 -104.63
N GLU TA 130 -14.40 -61.35 -103.35
CA GLU TA 130 -15.39 -60.41 -102.86
C GLU TA 130 -14.92 -59.90 -101.51
N ARG TA 131 -15.07 -58.60 -101.29
CA ARG TA 131 -14.66 -58.01 -100.04
C ARG TA 131 -15.57 -58.45 -98.90
N ILE TA 132 -15.00 -58.48 -97.69
CA ILE TA 132 -15.75 -58.94 -96.53
C ILE TA 132 -16.73 -57.86 -96.10
N SER TA 133 -17.84 -58.28 -95.50
CA SER TA 133 -18.79 -57.33 -94.96
C SER TA 133 -18.27 -56.79 -93.62
N VAL TA 134 -18.91 -55.74 -93.14
CA VAL TA 134 -18.48 -55.13 -91.89
C VAL TA 134 -18.88 -55.99 -90.70
N ALA TA 135 -20.08 -56.58 -90.75
CA ALA TA 135 -20.54 -57.43 -89.65
C ALA TA 135 -19.74 -58.71 -89.53
N ALA TA 136 -19.21 -59.21 -90.65
CA ALA TA 136 -18.38 -60.40 -90.58
C ALA TA 136 -17.00 -60.09 -90.00
N ALA TA 137 -16.44 -58.93 -90.35
CA ALA TA 137 -15.11 -58.59 -89.88
C ALA TA 137 -15.10 -58.23 -88.40
N SER TA 138 -16.20 -57.66 -87.90
CA SER TA 138 -16.29 -57.38 -86.47
C SER TA 138 -16.42 -58.66 -85.67
N LYS TA 139 -17.09 -59.67 -86.24
CA LYS TA 139 -17.33 -60.90 -85.50
C LYS TA 139 -16.06 -61.73 -85.41
N LEU TA 140 -15.24 -61.72 -86.47
CA LEU TA 140 -13.97 -62.43 -86.44
C LEU TA 140 -13.01 -61.83 -85.42
N LEU TA 141 -13.09 -60.52 -85.21
CA LEU TA 141 -12.25 -59.89 -84.19
C LEU TA 141 -12.71 -60.28 -82.79
N ALA TA 142 -14.03 -60.35 -82.59
CA ALA TA 142 -14.55 -60.68 -81.27
C ALA TA 142 -14.30 -62.14 -80.91
N ASN TA 143 -14.18 -63.01 -81.90
CA ASN TA 143 -13.93 -64.42 -81.60
C ASN TA 143 -12.49 -64.66 -81.22
N MET TA 144 -11.55 -63.89 -81.79
CA MET TA 144 -10.15 -64.08 -81.46
C MET TA 144 -9.83 -63.60 -80.06
N VAL TA 145 -10.48 -62.52 -79.63
CA VAL TA 145 -10.17 -61.94 -78.32
C VAL TA 145 -10.79 -62.78 -77.21
N TYR TA 146 -11.90 -63.45 -77.48
CA TYR TA 146 -12.59 -64.25 -76.48
C TYR TA 146 -11.76 -65.44 -76.02
N GLN TA 147 -10.84 -65.92 -76.86
CA GLN TA 147 -9.96 -67.02 -76.47
C GLN TA 147 -8.99 -66.63 -75.37
N TYR TA 148 -8.72 -65.34 -75.20
CA TYR TA 148 -7.82 -64.86 -74.16
C TYR TA 148 -8.60 -64.09 -73.10
N LYS TA 149 -9.81 -64.55 -72.80
CA LYS TA 149 -10.64 -63.91 -71.81
C LYS TA 149 -10.10 -64.18 -70.42
N GLY TA 150 -10.00 -63.13 -69.61
CA GLY TA 150 -9.45 -63.28 -68.28
C GLY TA 150 -7.95 -63.47 -68.25
N MET TA 151 -7.23 -62.88 -69.21
CA MET TA 151 -5.78 -62.92 -69.22
C MET TA 151 -5.16 -61.53 -69.28
N GLY TA 152 -5.96 -60.48 -69.16
CA GLY TA 152 -5.42 -59.14 -69.11
C GLY TA 152 -5.19 -58.52 -70.47
N LEU TA 153 -6.21 -58.48 -71.31
CA LEU TA 153 -6.18 -57.71 -72.54
C LEU TA 153 -7.07 -56.49 -72.39
N SER TA 154 -6.56 -55.35 -72.85
CA SER TA 154 -7.28 -54.09 -72.78
C SER TA 154 -7.50 -53.61 -74.20
N MET TA 155 -8.69 -53.87 -74.73
CA MET TA 155 -9.00 -53.58 -76.12
C MET TA 155 -10.45 -53.15 -76.23
N GLY TA 156 -10.69 -51.94 -76.74
CA GLY TA 156 -12.03 -51.41 -76.81
C GLY TA 156 -12.33 -50.73 -78.14
N THR TA 157 -11.81 -51.30 -79.22
CA THR TA 157 -11.81 -50.61 -80.51
C THR TA 157 -13.19 -50.60 -81.15
N MET TA 158 -13.27 -49.88 -82.28
CA MET TA 158 -14.47 -49.77 -83.10
C MET TA 158 -14.11 -50.13 -84.52
N ILE TA 159 -15.04 -50.76 -85.23
CA ILE TA 159 -14.84 -51.15 -86.62
C ILE TA 159 -15.76 -50.33 -87.49
N CYS TA 160 -15.19 -49.60 -88.44
CA CYS TA 160 -15.95 -48.72 -89.30
C CYS TA 160 -15.72 -49.12 -90.75
N GLY TA 161 -16.71 -48.84 -91.59
CA GLY TA 161 -16.54 -49.10 -93.01
C GLY TA 161 -17.88 -49.16 -93.71
N TRP TA 162 -17.81 -49.01 -95.02
CA TRP TA 162 -18.98 -49.10 -95.88
C TRP TA 162 -19.23 -50.55 -96.21
N ASP TA 163 -20.50 -50.90 -96.38
CA ASP TA 163 -20.89 -52.27 -96.64
C ASP TA 163 -21.99 -52.27 -97.70
N LYS TA 164 -22.35 -53.46 -98.18
CA LYS TA 164 -23.45 -53.59 -99.11
C LYS TA 164 -24.80 -53.23 -98.50
N ARG TA 165 -24.92 -53.30 -97.17
CA ARG TA 165 -26.13 -52.87 -96.49
C ARG TA 165 -26.07 -51.41 -96.06
N GLY TA 166 -25.13 -50.64 -96.60
CA GLY TA 166 -24.99 -49.24 -96.25
C GLY TA 166 -23.74 -49.00 -95.43
N PRO TA 167 -23.73 -47.94 -94.63
CA PRO TA 167 -22.64 -47.74 -93.67
C PRO TA 167 -22.68 -48.80 -92.59
N GLY TA 168 -21.52 -49.07 -92.01
CA GLY TA 168 -21.39 -50.04 -90.94
C GLY TA 168 -20.61 -49.49 -89.78
N LEU TA 169 -21.05 -49.81 -88.57
CA LEU TA 169 -20.43 -49.30 -87.36
C LEU TA 169 -20.68 -50.27 -86.23
N TYR TA 170 -19.62 -50.86 -85.69
CA TYR TA 170 -19.73 -51.79 -84.59
C TYR TA 170 -18.75 -51.37 -83.49
N TYR TA 171 -18.70 -52.17 -82.45
CA TYR TA 171 -17.94 -51.83 -81.25
C TYR TA 171 -17.55 -53.11 -80.54
N VAL TA 172 -16.26 -53.41 -80.52
CA VAL TA 172 -15.76 -54.67 -80.00
C VAL TA 172 -14.90 -54.39 -78.78
N ASP TA 173 -15.24 -55.04 -77.66
CA ASP TA 173 -14.48 -54.95 -76.43
C ASP TA 173 -13.56 -56.15 -76.26
N SER TA 174 -12.66 -56.03 -75.28
CA SER TA 174 -11.87 -57.16 -74.85
C SER TA 174 -12.64 -58.11 -73.95
N GLU TA 175 -13.82 -57.71 -73.50
CA GLU TA 175 -14.65 -58.56 -72.66
C GLU TA 175 -15.61 -59.42 -73.47
N GLY TA 176 -15.78 -59.12 -74.76
CA GLY TA 176 -16.67 -59.88 -75.61
C GLY TA 176 -17.91 -59.14 -76.05
N ASN TA 177 -18.00 -57.85 -75.78
CA ASN TA 177 -19.14 -57.08 -76.27
C ASN TA 177 -19.01 -56.82 -77.76
N ARG TA 178 -20.14 -56.94 -78.46
CA ARG TA 178 -20.18 -56.66 -79.90
C ARG TA 178 -21.56 -56.10 -80.17
N ILE TA 179 -21.67 -54.78 -80.23
CA ILE TA 179 -22.94 -54.13 -80.48
C ILE TA 179 -22.82 -53.24 -81.70
N SER TA 180 -23.95 -53.01 -82.34
CA SER TA 180 -24.05 -52.02 -83.39
C SER TA 180 -24.57 -50.72 -82.80
N GLY TA 181 -24.68 -49.70 -83.63
CA GLY TA 181 -25.21 -48.44 -83.17
C GLY TA 181 -24.96 -47.36 -84.21
N ALA TA 182 -25.34 -46.14 -83.83
CA ALA TA 182 -25.21 -44.98 -84.69
C ALA TA 182 -24.18 -43.97 -84.21
N THR TA 183 -23.95 -43.87 -82.90
CA THR TA 183 -22.95 -42.99 -82.33
C THR TA 183 -22.19 -43.74 -81.25
N PHE TA 184 -20.88 -43.59 -81.23
CA PHE TA 184 -20.06 -44.15 -80.17
C PHE TA 184 -18.94 -43.19 -79.84
N SER TA 185 -18.42 -43.32 -78.62
CA SER TA 185 -17.21 -42.60 -78.21
C SER TA 185 -16.52 -43.42 -77.14
N VAL TA 186 -15.25 -43.74 -77.38
CA VAL TA 186 -14.49 -44.67 -76.54
C VAL TA 186 -13.26 -43.95 -76.00
N GLY TA 187 -12.95 -44.20 -74.73
CA GLY TA 187 -11.74 -43.66 -74.15
C GLY TA 187 -11.90 -43.16 -72.73
N SER TA 188 -10.82 -42.61 -72.14
CA SER TA 188 -10.93 -42.04 -70.80
C SER TA 188 -11.74 -40.75 -70.82
N GLY TA 189 -11.62 -39.98 -71.89
CA GLY TA 189 -12.41 -38.77 -72.02
C GLY TA 189 -13.60 -38.98 -72.94
N SER TA 190 -14.17 -40.18 -72.91
CA SER TA 190 -15.31 -40.47 -73.77
C SER TA 190 -16.59 -39.84 -73.26
N VAL TA 191 -16.73 -39.68 -71.94
CA VAL TA 191 -17.92 -39.05 -71.40
C VAL TA 191 -17.93 -37.55 -71.66
N TYR TA 192 -16.77 -36.96 -71.92
CA TYR TA 192 -16.72 -35.56 -72.27
C TYR TA 192 -17.12 -35.36 -73.72
N ALA TA 193 -17.00 -36.39 -74.54
CA ALA TA 193 -17.38 -36.30 -75.94
C ALA TA 193 -18.83 -36.69 -76.18
N TYR TA 194 -19.48 -37.36 -75.21
CA TYR TA 194 -20.88 -37.73 -75.38
C TYR TA 194 -21.79 -36.52 -75.41
N GLY TA 195 -21.60 -35.59 -74.46
CA GLY TA 195 -22.58 -34.53 -74.28
C GLY TA 195 -22.55 -33.50 -75.39
N VAL TA 196 -21.38 -33.22 -75.94
CA VAL TA 196 -21.31 -32.25 -77.02
C VAL TA 196 -21.72 -32.90 -78.35
N MET TA 197 -21.51 -34.21 -78.50
CA MET TA 197 -21.91 -34.86 -79.74
C MET TA 197 -23.42 -35.14 -79.77
N ASP TA 198 -23.99 -35.49 -78.62
CA ASP TA 198 -25.42 -35.79 -78.57
C ASP TA 198 -26.27 -34.55 -78.79
N ARG TA 199 -25.73 -33.38 -78.51
CA ARG TA 199 -26.53 -32.17 -78.66
C ARG TA 199 -26.60 -31.74 -80.12
N GLY TA 200 -25.47 -31.75 -80.82
CA GLY TA 200 -25.46 -31.28 -82.19
C GLY TA 200 -25.52 -32.38 -83.24
N TYR TA 201 -26.16 -33.50 -82.91
CA TYR TA 201 -26.25 -34.62 -83.83
C TYR TA 201 -27.59 -34.60 -84.56
N SER TA 202 -27.54 -34.95 -85.84
CA SER TA 202 -28.73 -35.22 -86.63
C SER TA 202 -28.32 -36.25 -87.67
N TYR TA 203 -29.28 -37.07 -88.10
CA TYR TA 203 -29.00 -37.96 -89.22
C TYR TA 203 -28.88 -37.16 -90.51
N ASP TA 204 -29.59 -36.04 -90.60
CA ASP TA 204 -29.55 -35.19 -91.79
C ASP TA 204 -28.63 -34.01 -91.51
N LEU TA 205 -27.34 -34.25 -91.63
CA LEU TA 205 -26.33 -33.21 -91.54
C LEU TA 205 -25.66 -33.04 -92.90
N GLU TA 206 -24.84 -32.01 -93.00
CA GLU TA 206 -24.05 -31.78 -94.19
C GLU TA 206 -22.67 -32.38 -93.99
N VAL TA 207 -21.84 -32.27 -95.03
CA VAL TA 207 -20.50 -32.81 -94.93
C VAL TA 207 -19.61 -31.90 -94.10
N GLU TA 208 -19.65 -30.60 -94.38
CA GLU TA 208 -18.84 -29.66 -93.62
C GLU TA 208 -19.38 -29.46 -92.22
N GLN TA 209 -20.68 -29.67 -92.02
CA GLN TA 209 -21.26 -29.57 -90.68
C GLN TA 209 -20.84 -30.75 -89.82
N ALA TA 210 -20.74 -31.94 -90.42
CA ALA TA 210 -20.28 -33.10 -89.68
C ALA TA 210 -18.80 -33.01 -89.37
N TYR TA 211 -18.04 -32.30 -90.21
CA TYR TA 211 -16.63 -32.08 -89.92
C TYR TA 211 -16.45 -31.16 -88.73
N ASP TA 212 -17.28 -30.12 -88.62
CA ASP TA 212 -17.16 -29.19 -87.52
C ASP TA 212 -17.69 -29.75 -86.22
N LEU TA 213 -18.58 -30.74 -86.27
CA LEU TA 213 -19.08 -31.35 -85.05
C LEU TA 213 -18.02 -32.24 -84.41
N ALA TA 214 -17.46 -33.16 -85.19
CA ALA TA 214 -16.51 -34.11 -84.63
C ALA TA 214 -15.18 -33.45 -84.28
N ARG TA 215 -14.84 -32.35 -84.95
CA ARG TA 215 -13.60 -31.66 -84.62
C ARG TA 215 -13.72 -30.91 -83.31
N ARG TA 216 -14.88 -30.31 -83.06
CA ARG TA 216 -15.09 -29.62 -81.80
C ARG TA 216 -15.27 -30.58 -80.65
N ALA TA 217 -15.83 -31.77 -80.92
CA ALA TA 217 -16.14 -32.72 -79.86
C ALA TA 217 -14.88 -33.31 -79.25
N ILE TA 218 -13.84 -33.48 -80.06
CA ILE TA 218 -12.54 -33.89 -79.54
C ILE TA 218 -11.91 -32.76 -78.75
N TYR TA 219 -12.13 -31.51 -79.18
CA TYR TA 219 -11.54 -30.36 -78.51
C TYR TA 219 -12.12 -30.16 -77.12
N GLN TA 220 -13.41 -30.41 -76.95
CA GLN TA 220 -14.01 -30.29 -75.62
C GLN TA 220 -13.58 -31.43 -74.71
N ALA TA 221 -13.18 -32.56 -75.29
CA ALA TA 221 -12.69 -33.66 -74.48
C ALA TA 221 -11.27 -33.41 -74.00
N THR TA 222 -10.39 -32.94 -74.88
CA THR TA 222 -9.01 -32.65 -74.49
C THR TA 222 -8.90 -31.46 -73.55
N TYR TA 223 -9.91 -30.61 -73.49
CA TYR TA 223 -9.88 -29.48 -72.57
C TYR TA 223 -10.12 -29.96 -71.15
N ARG TA 224 -11.20 -30.70 -70.92
CA ARG TA 224 -11.52 -31.21 -69.59
C ARG TA 224 -10.53 -32.28 -69.15
N ASP TA 225 -10.33 -33.30 -69.98
CA ASP TA 225 -9.54 -34.45 -69.59
C ASP TA 225 -8.05 -34.13 -69.61
N ALA TA 226 -7.32 -34.81 -68.73
CA ALA TA 226 -5.87 -34.65 -68.63
C ALA TA 226 -5.09 -35.58 -69.55
N TYR TA 227 -5.67 -36.74 -69.88
CA TYR TA 227 -4.98 -37.73 -70.68
C TYR TA 227 -5.28 -37.62 -72.16
N SER TA 228 -5.84 -36.49 -72.59
CA SER TA 228 -6.22 -36.31 -73.99
C SER TA 228 -5.65 -34.99 -74.48
N GLY TA 229 -4.97 -35.04 -75.62
CA GLY TA 229 -4.38 -33.84 -76.18
C GLY TA 229 -3.70 -34.15 -77.48
N GLY TA 230 -2.77 -33.31 -77.85
CA GLY TA 230 -2.01 -33.51 -79.08
C GLY TA 230 -2.71 -32.88 -80.27
N ALA TA 231 -2.95 -33.67 -81.30
CA ALA TA 231 -3.62 -33.22 -82.50
C ALA TA 231 -4.99 -33.88 -82.61
N VAL TA 232 -5.75 -33.49 -83.62
CA VAL TA 232 -7.08 -34.02 -83.87
C VAL TA 232 -7.08 -34.61 -85.26
N ASN TA 233 -7.06 -35.93 -85.35
CA ASN TA 233 -7.08 -36.62 -86.64
C ASN TA 233 -8.53 -36.93 -87.01
N LEU TA 234 -8.87 -36.71 -88.27
CA LEU TA 234 -10.26 -36.76 -88.72
C LEU TA 234 -10.33 -37.51 -90.04
N TYR TA 235 -11.10 -38.60 -90.07
CA TYR TA 235 -11.29 -39.38 -91.28
C TYR TA 235 -12.75 -39.40 -91.67
N HIS TA 236 -13.00 -39.70 -92.95
CA HIS TA 236 -14.34 -39.83 -93.49
C HIS TA 236 -14.39 -41.10 -94.32
N VAL TA 237 -15.32 -42.00 -93.99
CA VAL TA 237 -15.56 -43.18 -94.79
C VAL TA 237 -16.70 -42.91 -95.76
N ARG TA 238 -16.42 -43.03 -97.04
CA ARG TA 238 -17.42 -42.88 -98.08
C ARG TA 238 -17.74 -44.26 -98.65
N GLU TA 239 -18.51 -44.27 -99.73
CA GLU TA 239 -18.95 -45.54 -100.30
C GLU TA 239 -17.80 -46.28 -100.98
N ASP TA 240 -16.97 -45.55 -101.72
CA ASP TA 240 -15.84 -46.19 -102.39
C ASP TA 240 -14.69 -46.50 -101.46
N GLY TA 241 -14.62 -45.85 -100.31
CA GLY TA 241 -13.51 -46.05 -99.39
C GLY TA 241 -13.26 -44.79 -98.58
N TRP TA 242 -12.36 -44.92 -97.62
CA TRP TA 242 -12.13 -43.83 -96.69
C TRP TA 242 -11.20 -42.79 -97.29
N ILE TA 243 -11.25 -41.59 -96.71
CA ILE TA 243 -10.42 -40.47 -97.12
C ILE TA 243 -10.05 -39.66 -95.89
N ARG TA 244 -8.76 -39.32 -95.76
CA ARG TA 244 -8.30 -38.48 -94.68
C ARG TA 244 -8.77 -37.05 -94.89
N VAL TA 245 -9.40 -36.48 -93.87
CA VAL TA 245 -9.94 -35.13 -94.00
C VAL TA 245 -8.87 -34.12 -93.63
N SER TA 246 -8.43 -34.14 -92.38
CA SER TA 246 -7.52 -33.11 -91.89
C SER TA 246 -6.83 -33.61 -90.63
N SER TA 247 -5.91 -32.80 -90.12
CA SER TA 247 -5.22 -33.07 -88.86
C SER TA 247 -4.81 -31.74 -88.26
N ASP TA 248 -5.60 -31.26 -87.31
CA ASP TA 248 -5.37 -29.95 -86.71
C ASP TA 248 -4.88 -30.11 -85.28
N ASN TA 249 -4.26 -29.05 -84.79
CA ASN TA 249 -3.68 -29.02 -83.46
C ASN TA 249 -4.66 -28.37 -82.48
N VAL TA 250 -4.57 -28.78 -81.21
CA VAL TA 250 -5.45 -28.23 -80.19
C VAL TA 250 -5.11 -26.78 -79.91
N ALA TA 251 -3.82 -26.42 -80.01
CA ALA TA 251 -3.41 -25.03 -79.82
C ALA TA 251 -3.93 -24.13 -80.93
N ASP TA 252 -4.14 -24.67 -82.13
CA ASP TA 252 -4.71 -23.89 -83.20
C ASP TA 252 -6.22 -23.78 -83.07
N LEU TA 253 -6.88 -24.83 -82.58
CA LEU TA 253 -8.32 -24.78 -82.39
C LEU TA 253 -8.70 -23.90 -81.21
N HIS TA 254 -7.80 -23.75 -80.24
CA HIS TA 254 -8.07 -22.88 -79.10
C HIS TA 254 -8.14 -21.42 -79.52
N GLU TA 255 -7.31 -21.04 -80.50
CA GLU TA 255 -7.39 -19.67 -81.03
C GLU TA 255 -8.60 -19.50 -81.93
N LYS TA 256 -9.03 -20.57 -82.59
CA LYS TA 256 -10.21 -20.52 -83.44
C LYS TA 256 -11.47 -20.42 -82.60
N TYR TA 257 -11.59 -21.25 -81.58
CA TYR TA 257 -12.72 -21.19 -80.66
C TYR TA 257 -12.42 -20.26 -79.49
N SER TA 258 -12.00 -19.04 -79.81
CA SER TA 258 -11.66 -18.05 -78.79
C SER TA 258 -12.61 -16.88 -78.74
N GLY TA 259 -13.24 -16.55 -79.86
CA GLY TA 259 -14.21 -15.47 -79.89
C GLY TA 259 -15.62 -15.95 -79.54
N ARG UA 28 10.41 -64.50 -52.02
CA ARG UA 28 10.49 -65.48 -53.11
C ARG UA 28 11.49 -65.05 -54.17
N PHE UA 29 11.53 -65.81 -55.26
CA PHE UA 29 12.39 -65.48 -56.38
C PHE UA 29 11.76 -64.42 -57.27
N SER UA 30 12.51 -63.36 -57.55
CA SER UA 30 12.06 -62.32 -58.45
C SER UA 30 12.83 -62.41 -59.75
N PRO UA 31 12.15 -62.39 -60.89
CA PRO UA 31 12.84 -62.65 -62.17
C PRO UA 31 13.35 -61.39 -62.85
N TYR UA 32 13.10 -60.21 -62.31
CA TYR UA 32 13.44 -58.95 -62.95
C TYR UA 32 14.33 -58.12 -62.03
N VAL UA 33 15.19 -57.30 -62.64
CA VAL UA 33 15.97 -56.30 -61.91
C VAL UA 33 16.30 -55.19 -62.90
N PHE UA 34 16.45 -53.97 -62.39
CA PHE UA 34 16.75 -52.81 -63.22
C PHE UA 34 18.26 -52.57 -63.19
N ASN UA 35 18.82 -52.24 -64.35
CA ASN UA 35 20.27 -52.09 -64.49
C ASN UA 35 20.70 -50.67 -64.82
N GLY UA 36 19.89 -49.91 -65.53
CA GLY UA 36 20.21 -48.54 -65.86
C GLY UA 36 20.64 -48.41 -67.32
N GLY UA 37 21.00 -47.18 -67.66
CA GLY UA 37 21.39 -46.86 -69.02
C GLY UA 37 20.47 -45.85 -69.65
N THR UA 38 20.94 -45.16 -70.69
CA THR UA 38 20.15 -44.13 -71.34
C THR UA 38 20.51 -44.09 -72.81
N ILE UA 39 19.50 -44.22 -73.67
CA ILE UA 39 19.69 -44.31 -75.11
C ILE UA 39 19.15 -43.04 -75.75
N LEU UA 40 19.86 -42.54 -76.76
CA LEU UA 40 19.42 -41.38 -77.52
C LEU UA 40 19.54 -41.68 -79.00
N ALA UA 41 18.51 -41.32 -79.77
CA ALA UA 41 18.57 -41.44 -81.22
C ALA UA 41 17.94 -40.22 -81.85
N ILE UA 42 18.63 -39.66 -82.85
CA ILE UA 42 18.15 -38.50 -83.60
C ILE UA 42 18.21 -38.83 -85.07
N ALA UA 43 17.08 -38.71 -85.76
CA ALA UA 43 17.04 -38.90 -87.20
C ALA UA 43 17.38 -37.59 -87.89
N GLY UA 44 18.40 -37.63 -88.74
CA GLY UA 44 18.80 -36.49 -89.52
C GLY UA 44 18.20 -36.51 -90.91
N GLU UA 45 18.75 -35.66 -91.77
CA GLU UA 45 18.28 -35.61 -93.15
C GLU UA 45 18.82 -36.77 -93.96
N ASP UA 46 20.11 -37.06 -93.84
CA ASP UA 46 20.74 -38.19 -94.51
C ASP UA 46 21.55 -39.03 -93.54
N PHE UA 47 21.30 -38.89 -92.24
CA PHE UA 47 22.10 -39.53 -91.23
C PHE UA 47 21.22 -39.93 -90.06
N ALA UA 48 21.81 -40.72 -89.17
CA ALA UA 48 21.16 -41.09 -87.92
C ALA UA 48 22.24 -41.24 -86.86
N ILE UA 49 21.99 -40.69 -85.69
CA ILE UA 49 22.96 -40.68 -84.61
C ILE UA 49 22.36 -41.43 -83.43
N VAL UA 50 22.97 -42.54 -83.06
CA VAL UA 50 22.54 -43.35 -81.92
C VAL UA 50 23.61 -43.25 -80.85
N ALA UA 51 23.23 -42.82 -79.66
CA ALA UA 51 24.16 -42.60 -78.57
C ALA UA 51 23.68 -43.26 -77.29
N SER UA 52 24.62 -43.69 -76.46
CA SER UA 52 24.32 -44.29 -75.18
C SER UA 52 25.54 -44.19 -74.28
N ASP UA 53 25.29 -44.30 -72.98
CA ASP UA 53 26.37 -44.32 -72.00
C ASP UA 53 26.88 -45.73 -71.79
N THR UA 54 27.97 -45.85 -71.03
CA THR UA 54 28.60 -47.15 -70.74
C THR UA 54 28.66 -47.29 -69.22
N ARG UA 55 27.59 -47.78 -68.61
CA ARG UA 55 27.62 -48.12 -67.20
C ARG UA 55 26.59 -49.20 -66.93
N LEU UA 56 27.03 -50.27 -66.27
CA LEU UA 56 26.15 -51.35 -65.86
C LEU UA 56 26.09 -51.32 -64.34
N SER UA 57 24.99 -50.81 -63.81
CA SER UA 57 24.79 -50.70 -62.38
C SER UA 57 23.76 -51.70 -61.90
N GLU UA 58 23.69 -51.86 -60.58
CA GLU UA 58 22.64 -52.69 -59.97
C GLU UA 58 22.43 -52.21 -58.55
N GLY UA 59 21.24 -51.67 -58.29
CA GLY UA 59 20.91 -51.16 -56.98
C GLY UA 59 21.72 -49.94 -56.62
N PHE UA 60 22.64 -50.10 -55.68
CA PHE UA 60 23.52 -49.02 -55.26
C PHE UA 60 24.98 -49.33 -55.58
N SER UA 61 25.21 -50.18 -56.58
CA SER UA 61 26.54 -50.66 -56.88
C SER UA 61 26.82 -50.49 -58.37
N ILE UA 62 28.10 -50.51 -58.71
CA ILE UA 62 28.56 -50.45 -60.09
C ILE UA 62 29.20 -51.78 -60.42
N HIS UA 63 28.69 -52.43 -61.46
CA HIS UA 63 29.36 -53.64 -61.93
C HIS UA 63 30.56 -53.29 -62.80
N THR UA 64 30.35 -52.55 -63.88
CA THR UA 64 31.44 -52.19 -64.75
C THR UA 64 31.18 -50.80 -65.33
N ARG UA 65 32.25 -50.20 -65.84
CA ARG UA 65 32.18 -48.88 -66.45
C ARG UA 65 32.33 -48.94 -67.96
N ASP UA 66 32.32 -50.13 -68.54
CA ASP UA 66 32.49 -50.32 -69.98
C ASP UA 66 31.45 -51.32 -70.44
N SER UA 67 30.28 -50.83 -70.82
CA SER UA 67 29.22 -51.66 -71.35
C SER UA 67 28.30 -50.83 -72.23
N PRO UA 68 28.65 -50.62 -73.49
CA PRO UA 68 27.83 -49.76 -74.36
C PRO UA 68 26.56 -50.46 -74.79
N LYS UA 69 25.63 -49.64 -75.29
CA LYS UA 69 24.35 -50.14 -75.79
C LYS UA 69 24.23 -50.00 -77.31
N CYS UA 70 25.26 -49.46 -77.97
CA CYS UA 70 25.28 -49.39 -79.42
C CYS UA 70 25.53 -50.79 -79.98
N TYR UA 71 24.55 -51.34 -80.69
CA TYR UA 71 24.67 -52.61 -81.37
C TYR UA 71 24.41 -52.39 -82.85
N LYS UA 72 25.47 -52.45 -83.65
CA LYS UA 72 25.33 -52.30 -85.10
C LYS UA 72 24.74 -53.60 -85.67
N LEU UA 73 23.55 -53.51 -86.26
CA LEU UA 73 22.90 -54.74 -86.71
C LEU UA 73 23.46 -55.23 -88.04
N THR UA 74 23.23 -54.50 -89.13
CA THR UA 74 23.77 -54.94 -90.41
C THR UA 74 24.76 -53.95 -91.01
N ASP UA 75 24.28 -52.84 -91.58
CA ASP UA 75 25.16 -51.85 -92.18
C ASP UA 75 24.67 -50.46 -91.83
N LYS UA 76 23.35 -50.31 -91.83
CA LYS UA 76 22.68 -49.03 -91.74
C LYS UA 76 21.60 -49.05 -90.66
N THR UA 77 21.80 -49.86 -89.63
CA THR UA 77 20.79 -50.02 -88.60
C THR UA 77 21.48 -50.31 -87.28
N VAL UA 78 21.23 -49.47 -86.28
CA VAL UA 78 21.79 -49.62 -84.94
C VAL UA 78 20.63 -49.66 -83.96
N ILE UA 79 20.64 -50.66 -83.08
CA ILE UA 79 19.60 -50.85 -82.08
C ILE UA 79 20.19 -50.52 -80.71
N GLY UA 80 19.36 -49.98 -79.82
CA GLY UA 80 19.73 -49.73 -78.44
C GLY UA 80 18.87 -50.58 -77.53
N CYS UA 81 19.46 -51.04 -76.41
CA CYS UA 81 18.79 -51.95 -75.50
C CYS UA 81 19.09 -51.55 -74.06
N SER UA 82 18.16 -50.87 -73.41
CA SER UA 82 18.30 -50.54 -72.00
C SER UA 82 17.25 -51.29 -71.19
N GLY UA 83 17.48 -51.36 -69.88
CA GLY UA 83 16.58 -52.07 -69.00
C GLY UA 83 17.25 -53.27 -68.36
N PHE UA 84 16.54 -54.39 -68.26
CA PHE UA 84 17.09 -55.59 -67.66
C PHE UA 84 18.12 -56.21 -68.59
N HIS UA 85 19.36 -56.32 -68.10
CA HIS UA 85 20.49 -56.67 -68.96
C HIS UA 85 20.47 -58.13 -69.38
N GLY UA 86 19.79 -59.00 -68.62
CA GLY UA 86 19.68 -60.38 -69.03
C GLY UA 86 18.80 -60.58 -70.25
N ASP UA 87 17.78 -59.74 -70.39
CA ASP UA 87 16.97 -59.78 -71.60
C ASP UA 87 17.61 -59.01 -72.73
N CYS UA 88 18.47 -58.03 -72.43
CA CYS UA 88 19.17 -57.32 -73.48
C CYS UA 88 20.19 -58.20 -74.19
N LEU UA 89 20.80 -59.14 -73.46
CA LEU UA 89 21.72 -60.07 -74.10
C LEU UA 89 20.99 -61.15 -74.88
N THR UA 90 19.80 -61.55 -74.42
CA THR UA 90 19.05 -62.57 -75.13
C THR UA 90 18.44 -62.02 -76.41
N LEU UA 91 17.78 -60.87 -76.31
CA LEU UA 91 17.02 -60.32 -77.43
C LEU UA 91 17.94 -59.85 -78.55
N THR UA 92 19.17 -59.44 -78.22
CA THR UA 92 20.12 -59.06 -79.26
C THR UA 92 20.55 -60.28 -80.07
N LYS UA 93 20.71 -61.42 -79.43
CA LYS UA 93 21.12 -62.63 -80.13
C LYS UA 93 19.99 -63.26 -80.93
N ILE UA 94 18.74 -62.99 -80.56
CA ILE UA 94 17.62 -63.50 -81.34
C ILE UA 94 17.50 -62.75 -82.66
N ILE UA 95 17.75 -61.44 -82.63
CA ILE UA 95 17.63 -60.61 -83.84
C ILE UA 95 18.72 -60.95 -84.83
N GLU UA 96 19.95 -61.17 -84.34
CA GLU UA 96 21.06 -61.51 -85.23
C GLU UA 96 20.91 -62.89 -85.84
N ALA UA 97 20.13 -63.77 -85.23
CA ALA UA 97 19.83 -65.05 -85.86
C ALA UA 97 18.84 -64.88 -87.00
N ARG UA 98 17.83 -64.04 -86.82
CA ARG UA 98 16.81 -63.87 -87.83
C ARG UA 98 17.25 -62.98 -88.99
N LEU UA 99 18.31 -62.20 -88.80
CA LEU UA 99 18.91 -61.51 -89.93
C LEU UA 99 19.54 -62.49 -90.90
N LYS UA 100 20.16 -63.55 -90.38
CA LYS UA 100 20.75 -64.56 -91.24
C LYS UA 100 19.69 -65.44 -91.88
N MET UA 101 18.58 -65.69 -91.16
CA MET UA 101 17.52 -66.52 -91.71
C MET UA 101 16.77 -65.81 -92.82
N TYR UA 102 16.73 -64.48 -92.78
CA TYR UA 102 16.16 -63.72 -93.89
C TYR UA 102 17.06 -63.81 -95.10
N LYS UA 103 18.38 -63.70 -94.88
CA LYS UA 103 19.31 -63.56 -95.98
C LYS UA 103 19.54 -64.89 -96.71
N HIS UA 104 19.54 -66.00 -95.97
CA HIS UA 104 19.65 -67.30 -96.62
C HIS UA 104 18.37 -67.67 -97.35
N SER UA 105 17.24 -67.08 -96.99
CA SER UA 105 15.98 -67.42 -97.64
C SER UA 105 15.69 -66.49 -98.81
N ASN UA 106 15.98 -65.20 -98.64
CA ASN UA 106 15.54 -64.19 -99.59
C ASN UA 106 16.68 -63.56 -100.39
N ASN UA 107 17.93 -63.91 -100.09
CA ASN UA 107 19.13 -63.49 -100.83
C ASN UA 107 19.30 -61.97 -100.85
N LYS UA 108 18.96 -61.33 -99.73
CA LYS UA 108 19.11 -59.89 -99.57
C LYS UA 108 19.08 -59.59 -98.08
N ALA UA 109 19.36 -58.33 -97.74
CA ALA UA 109 19.42 -57.88 -96.37
C ALA UA 109 18.17 -57.10 -96.01
N MET UA 110 17.81 -57.13 -94.72
CA MET UA 110 16.60 -56.47 -94.26
C MET UA 110 16.78 -54.95 -94.30
N THR UA 111 15.67 -54.26 -94.52
CA THR UA 111 15.64 -52.81 -94.43
C THR UA 111 15.41 -52.42 -92.96
N THR UA 112 15.41 -51.12 -92.69
CA THR UA 112 15.14 -50.67 -91.34
C THR UA 112 13.67 -50.85 -90.99
N GLY UA 113 12.78 -50.64 -91.98
CA GLY UA 113 11.37 -50.83 -91.73
C GLY UA 113 10.98 -52.28 -91.57
N ALA UA 114 11.77 -53.19 -92.13
CA ALA UA 114 11.47 -54.61 -91.99
C ALA UA 114 11.85 -55.12 -90.61
N ILE UA 115 12.91 -54.56 -90.02
CA ILE UA 115 13.36 -54.99 -88.70
C ILE UA 115 12.36 -54.57 -87.63
N ALA UA 116 11.77 -53.39 -87.79
CA ALA UA 116 10.79 -52.91 -86.82
C ALA UA 116 9.51 -53.74 -86.84
N ALA UA 117 9.08 -54.15 -88.04
CA ALA UA 117 7.92 -55.03 -88.12
C ALA UA 117 8.25 -56.42 -87.63
N MET UA 118 9.52 -56.83 -87.72
CA MET UA 118 9.90 -58.14 -87.21
C MET UA 118 9.95 -58.14 -85.69
N LEU UA 119 10.58 -57.13 -85.09
CA LEU UA 119 10.76 -57.12 -83.65
C LEU UA 119 9.46 -56.83 -82.91
N SER UA 120 8.50 -56.19 -83.57
CA SER UA 120 7.19 -56.00 -82.96
C SER UA 120 6.46 -57.31 -82.75
N THR UA 121 6.74 -58.31 -83.59
CA THR UA 121 6.15 -59.62 -83.38
C THR UA 121 6.96 -60.44 -82.38
N ILE UA 122 8.26 -60.16 -82.27
CA ILE UA 122 9.10 -60.88 -81.32
C ILE UA 122 8.77 -60.46 -79.90
N LEU UA 123 8.59 -59.16 -79.68
CA LEU UA 123 8.26 -58.65 -78.35
C LEU UA 123 6.86 -59.07 -77.93
N TYR UA 124 5.92 -59.13 -78.87
CA TYR UA 124 4.56 -59.51 -78.50
C TYR UA 124 4.43 -61.00 -78.26
N SER UA 125 5.34 -61.81 -78.82
CA SER UA 125 5.22 -63.26 -78.69
C SER UA 125 5.39 -63.71 -77.25
N ARG UA 126 6.19 -63.00 -76.46
CA ARG UA 126 6.23 -63.20 -75.02
C ARG UA 126 5.35 -62.18 -74.33
N ARG UA 127 4.04 -62.28 -74.59
CA ARG UA 127 3.10 -61.29 -74.11
C ARG UA 127 2.92 -61.37 -72.60
N PHE UA 128 2.94 -62.58 -72.06
CA PHE UA 128 2.52 -62.80 -70.68
C PHE UA 128 3.68 -62.99 -69.72
N PHE UA 129 4.89 -63.22 -70.23
CA PHE UA 129 6.11 -63.12 -69.45
C PHE UA 129 7.01 -62.17 -70.23
N PRO UA 130 6.79 -60.86 -70.11
CA PRO UA 130 7.36 -59.93 -71.09
C PRO UA 130 8.82 -59.66 -70.85
N TYR UA 131 9.44 -59.05 -71.85
CA TYR UA 131 10.76 -58.48 -71.68
C TYR UA 131 10.69 -57.20 -70.85
N TYR UA 132 11.85 -56.72 -70.44
CA TYR UA 132 11.96 -55.46 -69.73
C TYR UA 132 12.99 -54.59 -70.43
N VAL UA 133 12.85 -54.48 -71.75
CA VAL UA 133 13.83 -53.81 -72.59
C VAL UA 133 13.14 -52.67 -73.33
N TYR UA 134 13.74 -51.48 -73.28
CA TYR UA 134 13.28 -50.33 -74.05
C TYR UA 134 14.16 -50.20 -75.28
N ASN UA 135 13.61 -50.47 -76.44
CA ASN UA 135 14.36 -50.54 -77.68
C ASN UA 135 14.11 -49.33 -78.55
N ILE UA 136 15.17 -48.79 -79.13
CA ILE UA 136 15.10 -47.72 -80.10
C ILE UA 136 15.99 -48.10 -81.28
N ILE UA 137 15.40 -48.23 -82.45
CA ILE UA 137 16.13 -48.54 -83.68
C ILE UA 137 16.31 -47.26 -84.47
N GLY UA 138 17.56 -46.90 -84.72
CA GLY UA 138 17.87 -45.75 -85.56
C GLY UA 138 18.73 -46.15 -86.73
N GLY UA 139 18.37 -45.72 -87.92
CA GLY UA 139 19.16 -46.03 -89.09
C GLY UA 139 18.64 -45.36 -90.33
N LEU UA 140 19.19 -45.78 -91.46
CA LEU UA 140 18.80 -45.24 -92.76
C LEU UA 140 17.71 -46.10 -93.39
N ASP UA 141 17.02 -45.53 -94.37
CA ASP UA 141 15.94 -46.20 -95.06
C ASP UA 141 16.34 -46.42 -96.52
N GLU UA 142 15.36 -46.81 -97.34
CA GLU UA 142 15.61 -47.03 -98.75
C GLU UA 142 15.65 -45.76 -99.58
N GLU UA 143 15.57 -44.59 -98.95
CA GLU UA 143 15.74 -43.33 -99.64
C GLU UA 143 16.94 -42.53 -99.14
N GLY UA 144 17.71 -43.06 -98.20
CA GLY UA 144 18.83 -42.34 -97.65
C GLY UA 144 18.44 -41.26 -96.66
N LYS UA 145 17.43 -41.52 -95.83
CA LYS UA 145 17.00 -40.59 -94.81
C LYS UA 145 17.07 -41.24 -93.44
N GLY UA 146 17.11 -40.42 -92.41
CA GLY UA 146 17.11 -40.94 -91.05
C GLY UA 146 15.75 -41.51 -90.68
N ALA UA 147 15.76 -42.46 -89.76
CA ALA UA 147 14.55 -43.10 -89.29
C ALA UA 147 14.77 -43.60 -87.88
N VAL UA 148 13.90 -43.21 -86.96
CA VAL UA 148 13.99 -43.61 -85.56
C VAL UA 148 12.69 -44.32 -85.20
N TYR UA 149 12.81 -45.50 -84.63
CA TYR UA 149 11.69 -46.35 -84.26
C TYR UA 149 11.73 -46.61 -82.76
N SER UA 150 10.86 -45.96 -82.01
CA SER UA 150 10.80 -46.15 -80.57
C SER UA 150 9.80 -47.25 -80.23
N PHE UA 151 10.18 -48.13 -79.31
CA PHE UA 151 9.38 -49.29 -79.00
C PHE UA 151 8.90 -49.18 -77.56
N ASP UA 152 8.27 -50.26 -77.08
CA ASP UA 152 7.89 -50.43 -75.69
C ASP UA 152 7.93 -51.93 -75.39
N PRO UA 153 7.99 -52.34 -74.10
CA PRO UA 153 8.12 -53.78 -73.84
C PRO UA 153 6.83 -54.59 -73.96
N VAL UA 154 5.99 -54.26 -74.95
CA VAL UA 154 4.90 -55.11 -75.38
C VAL UA 154 4.83 -55.25 -76.89
N GLY UA 155 5.41 -54.34 -77.67
CA GLY UA 155 5.49 -54.51 -79.11
C GLY UA 155 4.89 -53.40 -79.95
N SER UA 156 4.57 -52.26 -79.35
CA SER UA 156 4.02 -51.15 -80.11
C SER UA 156 5.15 -50.27 -80.65
N TYR UA 157 4.93 -49.70 -81.82
CA TYR UA 157 6.01 -48.93 -82.43
C TYR UA 157 5.46 -47.80 -83.27
N GLN UA 158 6.31 -46.80 -83.49
CA GLN UA 158 5.99 -45.67 -84.34
C GLN UA 158 7.28 -45.04 -84.82
N ARG UA 159 7.16 -44.21 -85.84
CA ARG UA 159 8.30 -43.52 -86.42
C ARG UA 159 8.35 -42.09 -85.93
N ASP UA 160 9.50 -41.68 -85.40
CA ASP UA 160 9.67 -40.35 -84.85
C ASP UA 160 10.90 -39.70 -85.45
N SER UA 161 11.11 -38.43 -85.11
CA SER UA 161 12.33 -37.75 -85.52
C SER UA 161 13.42 -37.89 -84.48
N PHE UA 162 13.06 -38.00 -83.21
CA PHE UA 162 14.02 -38.13 -82.13
C PHE UA 162 13.31 -38.71 -80.91
N LYS UA 163 13.96 -39.66 -80.26
CA LYS UA 163 13.45 -40.23 -79.02
C LYS UA 163 14.61 -40.49 -78.07
N ALA UA 164 14.25 -40.65 -76.79
CA ALA UA 164 15.23 -40.92 -75.75
C ALA UA 164 14.60 -41.85 -74.74
N GLY UA 165 15.26 -42.98 -74.48
CA GLY UA 165 14.73 -43.97 -73.58
C GLY UA 165 15.72 -44.29 -72.47
N GLY UA 166 15.21 -44.93 -71.43
CA GLY UA 166 16.03 -45.32 -70.31
C GLY UA 166 15.67 -44.62 -69.02
N SER UA 167 16.62 -44.50 -68.11
CA SER UA 167 16.34 -43.91 -66.82
C SER UA 167 16.28 -42.39 -66.90
N ALA UA 168 17.05 -41.78 -67.79
CA ALA UA 168 17.06 -40.34 -67.97
C ALA UA 168 16.17 -39.89 -69.12
N SER UA 169 15.12 -40.65 -69.40
CA SER UA 169 14.25 -40.33 -70.54
C SER UA 169 13.38 -39.12 -70.26
N ALA UA 170 13.11 -38.83 -68.99
CA ALA UA 170 12.29 -37.69 -68.62
C ALA UA 170 13.10 -36.42 -68.48
N MET UA 171 14.40 -36.47 -68.71
CA MET UA 171 15.24 -35.28 -68.68
C MET UA 171 15.73 -34.85 -70.05
N LEU UA 172 15.60 -35.71 -71.06
CA LEU UA 172 16.15 -35.43 -72.37
C LEU UA 172 15.09 -35.14 -73.43
N GLN UA 173 13.89 -35.66 -73.27
CA GLN UA 173 12.80 -35.37 -74.20
C GLN UA 173 12.39 -33.90 -74.26
N PRO UA 174 12.19 -33.16 -73.15
CA PRO UA 174 11.77 -31.75 -73.31
C PRO UA 174 12.86 -30.85 -73.85
N LEU UA 175 14.13 -31.23 -73.73
CA LEU UA 175 15.18 -30.34 -74.19
C LEU UA 175 15.35 -30.40 -75.70
N LEU UA 176 15.16 -31.59 -76.28
CA LEU UA 176 15.23 -31.69 -77.73
C LEU UA 176 13.99 -31.12 -78.40
N ASP UA 177 12.90 -30.94 -77.65
CA ASP UA 177 11.73 -30.27 -78.20
C ASP UA 177 12.00 -28.79 -78.42
N ASN UA 178 12.86 -28.19 -77.60
CA ASN UA 178 13.16 -26.78 -77.77
C ASN UA 178 14.21 -26.56 -78.84
N GLN UA 179 15.18 -27.47 -78.95
CA GLN UA 179 16.27 -27.30 -79.90
C GLN UA 179 15.96 -27.95 -81.25
N VAL UA 180 15.69 -29.25 -81.26
CA VAL UA 180 15.41 -29.92 -82.52
C VAL UA 180 13.98 -29.66 -82.97
N GLY UA 181 13.01 -29.76 -82.05
CA GLY UA 181 11.62 -29.63 -82.42
C GLY UA 181 11.14 -28.22 -82.69
N PHE UA 182 11.86 -27.22 -82.15
CA PHE UA 182 11.50 -25.80 -82.24
C PHE UA 182 10.10 -25.54 -81.71
N LYS UA 183 9.87 -25.92 -80.46
CA LYS UA 183 8.58 -25.77 -79.82
C LYS UA 183 8.62 -24.64 -78.80
N ASN UA 184 7.43 -24.05 -78.57
CA ASN UA 184 7.20 -23.00 -77.58
C ASN UA 184 8.06 -21.76 -77.81
N MET UA 185 8.37 -21.46 -79.06
CA MET UA 185 9.16 -20.27 -79.37
C MET UA 185 8.45 -19.43 -80.42
N GLN UA 186 8.73 -18.13 -80.37
CA GLN UA 186 8.19 -17.16 -81.30
C GLN UA 186 9.33 -16.61 -82.16
N ASN UA 187 9.08 -16.49 -83.46
CA ASN UA 187 10.02 -15.95 -84.45
C ASN UA 187 11.31 -16.77 -84.51
N VAL UA 188 11.15 -18.08 -84.40
CA VAL UA 188 12.27 -19.02 -84.52
C VAL UA 188 12.06 -19.82 -85.80
N GLU UA 189 13.01 -19.70 -86.72
CA GLU UA 189 12.91 -20.36 -88.01
C GLU UA 189 13.13 -21.87 -87.86
N HIS UA 190 12.60 -22.62 -88.82
CA HIS UA 190 12.75 -24.08 -88.83
C HIS UA 190 13.86 -24.48 -89.80
N VAL UA 191 15.07 -24.10 -89.43
CA VAL UA 191 16.26 -24.55 -90.16
C VAL UA 191 16.48 -26.04 -89.87
N PRO UA 192 16.81 -26.86 -90.87
CA PRO UA 192 17.08 -28.28 -90.59
C PRO UA 192 18.39 -28.46 -89.84
N LEU UA 193 18.41 -29.49 -89.01
CA LEU UA 193 19.57 -29.79 -88.19
C LEU UA 193 20.67 -30.39 -89.06
N SER UA 194 21.86 -29.81 -88.99
CA SER UA 194 23.00 -30.30 -89.74
C SER UA 194 23.65 -31.44 -88.96
N LEU UA 195 24.73 -32.00 -89.51
CA LEU UA 195 25.41 -33.09 -88.81
C LEU UA 195 26.19 -32.57 -87.61
N ASP UA 196 26.94 -31.49 -87.80
CA ASP UA 196 27.81 -31.02 -86.72
C ASP UA 196 27.02 -30.38 -85.59
N ARG UA 197 25.91 -29.71 -85.92
CA ARG UA 197 25.06 -29.15 -84.88
C ARG UA 197 24.39 -30.24 -84.07
N ALA UA 198 24.05 -31.37 -84.72
CA ALA UA 198 23.46 -32.48 -84.00
C ALA UA 198 24.46 -33.17 -83.09
N MET UA 199 25.75 -33.06 -83.39
CA MET UA 199 26.76 -33.69 -82.53
C MET UA 199 26.90 -32.95 -81.21
N ARG UA 200 26.99 -31.62 -81.25
CA ARG UA 200 27.13 -30.88 -80.01
C ARG UA 200 25.84 -30.83 -79.20
N LEU UA 201 24.69 -31.13 -79.80
CA LEU UA 201 23.49 -31.32 -79.00
C LEU UA 201 23.58 -32.60 -78.18
N VAL UA 202 24.05 -33.68 -78.78
CA VAL UA 202 24.16 -34.95 -78.07
C VAL UA 202 25.23 -34.87 -76.99
N LYS UA 203 26.33 -34.17 -77.28
CA LYS UA 203 27.40 -34.03 -76.30
C LYS UA 203 27.01 -33.12 -75.14
N ASP UA 204 25.98 -32.30 -75.29
CA ASP UA 204 25.57 -31.41 -74.20
C ASP UA 204 24.42 -31.95 -73.37
N VAL UA 205 23.58 -32.81 -73.94
CA VAL UA 205 22.47 -33.32 -73.14
C VAL UA 205 22.95 -34.39 -72.17
N PHE UA 206 24.02 -35.10 -72.49
CA PHE UA 206 24.55 -36.11 -71.58
C PHE UA 206 25.45 -35.52 -70.50
N ILE UA 207 25.96 -34.32 -70.69
CA ILE UA 207 26.66 -33.65 -69.59
C ILE UA 207 25.65 -33.21 -68.54
N SER UA 208 24.52 -32.66 -68.97
CA SER UA 208 23.50 -32.23 -68.03
C SER UA 208 22.78 -33.41 -67.37
N ALA UA 209 22.66 -34.52 -68.08
CA ALA UA 209 22.00 -35.68 -67.48
C ALA UA 209 22.90 -36.36 -66.45
N ALA UA 210 24.22 -36.28 -66.64
CA ALA UA 210 25.13 -36.91 -65.69
C ALA UA 210 25.18 -36.16 -64.37
N GLU UA 211 24.85 -34.87 -64.39
CA GLU UA 211 24.89 -34.08 -63.16
C GLU UA 211 23.71 -34.38 -62.25
N ARG UA 212 22.62 -34.89 -62.79
CA ARG UA 212 21.41 -35.08 -62.00
C ARG UA 212 20.99 -36.53 -61.89
N ASP UA 213 21.12 -37.32 -62.95
CA ASP UA 213 20.79 -38.74 -62.87
C ASP UA 213 22.00 -39.52 -62.39
N VAL UA 214 21.75 -40.48 -61.50
CA VAL UA 214 22.84 -41.29 -60.95
C VAL UA 214 23.18 -42.48 -61.82
N TYR UA 215 22.32 -42.81 -62.78
CA TYR UA 215 22.58 -43.95 -63.66
C TYR UA 215 23.32 -43.56 -64.92
N THR UA 216 23.47 -42.27 -65.21
CA THR UA 216 24.16 -41.83 -66.40
C THR UA 216 25.65 -42.07 -66.23
N GLY UA 217 26.25 -42.73 -67.22
CA GLY UA 217 27.53 -43.36 -67.07
C GLY UA 217 28.73 -42.43 -67.18
N ASP UA 218 29.81 -43.01 -67.70
CA ASP UA 218 31.12 -42.38 -67.68
C ASP UA 218 31.65 -42.10 -69.07
N ALA UA 219 31.60 -43.09 -69.96
CA ALA UA 219 31.88 -42.81 -71.35
C ALA UA 219 30.58 -42.70 -72.14
N LEU UA 220 30.65 -42.00 -73.26
CA LEU UA 220 29.49 -41.78 -74.12
C LEU UA 220 29.78 -42.34 -75.49
N ARG UA 221 29.26 -43.53 -75.77
CA ARG UA 221 29.41 -44.15 -77.08
C ARG UA 221 28.44 -43.49 -78.05
N ILE UA 222 28.95 -42.95 -79.14
CA ILE UA 222 28.13 -42.27 -80.15
C ILE UA 222 28.38 -42.96 -81.48
N CYS UA 223 27.35 -43.57 -82.04
CA CYS UA 223 27.44 -44.26 -83.32
C CYS UA 223 26.69 -43.45 -84.37
N ILE UA 224 27.39 -43.01 -85.40
CA ILE UA 224 26.82 -42.18 -86.46
C ILE UA 224 26.66 -43.03 -87.70
N VAL UA 225 25.43 -43.15 -88.19
CA VAL UA 225 25.14 -43.93 -89.39
C VAL UA 225 24.93 -42.97 -90.55
N THR UA 226 25.87 -42.96 -91.49
CA THR UA 226 25.77 -42.19 -92.72
C THR UA 226 25.63 -43.13 -93.89
N LYS UA 227 25.66 -42.58 -95.10
CA LYS UA 227 25.56 -43.37 -96.32
C LYS UA 227 26.84 -44.13 -96.65
N GLU UA 228 27.90 -43.95 -95.87
CA GLU UA 228 29.18 -44.57 -96.14
C GLU UA 228 29.58 -45.62 -95.11
N GLY UA 229 28.85 -45.72 -94.00
CA GLY UA 229 29.20 -46.68 -92.98
C GLY UA 229 28.76 -46.18 -91.62
N ILE UA 230 29.39 -46.74 -90.58
CA ILE UA 230 29.09 -46.39 -89.20
C ILE UA 230 30.38 -45.91 -88.54
N ARG UA 231 30.37 -44.66 -88.08
CA ARG UA 231 31.47 -44.10 -87.32
C ARG UA 231 31.15 -44.18 -85.84
N GLU UA 232 32.17 -44.44 -85.03
CA GLU UA 232 32.01 -44.51 -83.58
C GLU UA 232 32.86 -43.43 -82.94
N GLU UA 233 32.39 -42.93 -81.79
CA GLU UA 233 33.05 -41.82 -81.11
C GLU UA 233 32.72 -41.89 -79.63
N THR UA 234 33.74 -41.75 -78.79
CA THR UA 234 33.60 -41.91 -77.35
C THR UA 234 34.02 -40.63 -76.64
N VAL UA 235 33.13 -40.11 -75.79
CA VAL UA 235 33.36 -38.89 -75.03
C VAL UA 235 33.21 -39.24 -73.55
N SER UA 236 34.15 -38.79 -72.73
CA SER UA 236 34.10 -39.10 -71.32
C SER UA 236 33.21 -38.13 -70.55
N LEU UA 237 32.67 -38.61 -69.44
CA LEU UA 237 31.84 -37.83 -68.53
C LEU UA 237 32.44 -37.92 -67.13
N ARG UA 238 31.70 -37.42 -66.14
CA ARG UA 238 32.17 -37.51 -64.77
C ARG UA 238 31.97 -38.92 -64.23
N LYS UA 239 32.75 -39.26 -63.20
CA LYS UA 239 32.76 -40.61 -62.64
C LYS UA 239 32.20 -40.63 -61.22
N ASP UA 240 31.12 -39.91 -60.99
CA ASP UA 240 30.50 -39.83 -59.67
C ASP UA 240 29.87 -41.15 -59.22
N THR VA 45 15.20 -74.33 -57.59
CA THR VA 45 15.64 -74.06 -56.23
C THR VA 45 14.97 -72.80 -55.68
N GLN VA 46 14.10 -72.97 -54.69
CA GLN VA 46 13.44 -71.85 -54.07
C GLN VA 46 14.13 -71.40 -52.79
N ASN VA 47 14.81 -72.31 -52.10
CA ASN VA 47 15.53 -71.99 -50.87
C ASN VA 47 16.91 -72.62 -50.90
N PRO VA 48 17.98 -71.82 -50.94
CA PRO VA 48 19.34 -72.39 -50.88
C PRO VA 48 19.67 -72.87 -49.47
N MET VA 49 20.00 -74.15 -49.36
CA MET VA 49 20.26 -74.73 -48.04
C MET VA 49 21.69 -74.46 -47.57
N VAL VA 50 22.67 -75.01 -48.29
CA VAL VA 50 24.07 -74.90 -47.91
C VAL VA 50 24.72 -73.92 -48.89
N THR VA 51 25.08 -72.74 -48.40
CA THR VA 51 25.55 -71.69 -49.27
C THR VA 51 27.04 -71.44 -49.09
N GLY VA 52 27.65 -70.82 -50.09
CA GLY VA 52 28.99 -70.33 -50.02
C GLY VA 52 29.02 -68.84 -49.75
N THR VA 53 30.12 -68.21 -50.14
CA THR VA 53 30.32 -66.78 -49.89
C THR VA 53 31.21 -66.22 -51.00
N SER VA 54 31.85 -65.08 -50.71
CA SER VA 54 32.50 -64.25 -51.71
C SER VA 54 33.62 -64.97 -52.46
N VAL VA 55 33.72 -64.68 -53.76
CA VAL VA 55 34.77 -65.21 -54.63
C VAL VA 55 35.44 -64.03 -55.32
N LEU VA 56 36.78 -64.00 -55.27
CA LEU VA 56 37.54 -62.90 -55.86
C LEU VA 56 38.19 -63.35 -57.16
N GLY VA 57 38.61 -62.36 -57.93
CA GLY VA 57 39.30 -62.62 -59.19
C GLY VA 57 39.82 -61.35 -59.83
N VAL VA 58 41.05 -61.40 -60.34
CA VAL VA 58 41.65 -60.23 -60.96
C VAL VA 58 42.64 -60.71 -62.02
N LYS VA 59 42.71 -59.99 -63.13
CA LYS VA 59 43.66 -60.27 -64.18
C LYS VA 59 45.05 -59.77 -63.79
N PHE VA 60 46.06 -60.36 -64.42
CA PHE VA 60 47.41 -59.83 -64.35
C PHE VA 60 48.09 -60.11 -65.69
N GLU VA 61 49.40 -59.91 -65.72
CA GLU VA 61 50.16 -60.09 -66.95
C GLU VA 61 50.28 -61.57 -67.27
N GLY VA 62 49.48 -62.04 -68.21
CA GLY VA 62 49.53 -63.43 -68.64
C GLY VA 62 48.94 -64.38 -67.63
N GLY VA 63 47.69 -64.18 -67.27
CA GLY VA 63 46.99 -65.10 -66.39
C GLY VA 63 45.98 -64.39 -65.50
N VAL VA 64 45.16 -65.18 -64.84
CA VAL VA 64 44.10 -64.70 -63.96
C VAL VA 64 44.19 -65.49 -62.65
N VAL VA 65 44.18 -64.78 -61.53
CA VAL VA 65 44.19 -65.41 -60.21
C VAL VA 65 42.79 -65.30 -59.59
N ILE VA 66 42.31 -66.40 -59.02
CA ILE VA 66 40.99 -66.48 -58.40
C ILE VA 66 41.14 -67.14 -57.05
N ALA VA 67 40.60 -66.52 -56.00
CA ALA VA 67 40.65 -67.08 -54.67
C ALA VA 67 39.26 -67.15 -54.06
N ALA VA 68 39.02 -68.20 -53.28
CA ALA VA 68 37.77 -68.37 -52.55
C ALA VA 68 38.05 -69.26 -51.34
N ASP VA 69 37.21 -69.13 -50.32
CA ASP VA 69 37.45 -69.85 -49.08
C ASP VA 69 36.81 -71.23 -49.11
N MET VA 70 36.92 -71.94 -47.99
CA MET VA 70 36.51 -73.34 -47.88
C MET VA 70 35.51 -73.42 -46.74
N LEU VA 71 34.24 -73.14 -47.04
CA LEU VA 71 33.24 -73.10 -45.98
C LEU VA 71 31.86 -73.38 -46.58
N GLY VA 72 31.09 -74.19 -45.86
CA GLY VA 72 29.79 -74.67 -46.28
C GLY VA 72 28.65 -74.24 -45.39
N SER VA 73 28.57 -72.94 -45.08
CA SER VA 73 27.66 -72.40 -44.06
C SER VA 73 26.20 -72.74 -44.34
N TYR VA 74 25.46 -72.91 -43.26
CA TYR VA 74 24.04 -73.27 -43.28
C TYR VA 74 23.30 -72.22 -42.46
N GLY VA 75 22.96 -71.12 -43.12
CA GLY VA 75 22.27 -70.03 -42.46
C GLY VA 75 23.21 -69.17 -41.64
N SER VA 76 23.58 -69.64 -40.45
CA SER VA 76 24.56 -68.98 -39.63
C SER VA 76 25.48 -69.99 -38.97
N LEU VA 77 25.49 -71.23 -39.47
CA LEU VA 77 26.21 -72.34 -38.88
C LEU VA 77 27.33 -72.77 -39.82
N ALA VA 78 28.57 -72.64 -39.38
CA ALA VA 78 29.71 -73.12 -40.17
C ALA VA 78 29.73 -74.64 -40.07
N ARG VA 79 28.93 -75.27 -40.92
CA ARG VA 79 28.72 -76.71 -40.80
C ARG VA 79 29.84 -77.50 -41.46
N PHE VA 80 30.07 -77.25 -42.75
CA PHE VA 80 31.07 -77.96 -43.52
C PHE VA 80 32.28 -77.06 -43.68
N ARG VA 81 33.34 -77.34 -42.93
CA ARG VA 81 34.49 -76.45 -42.89
C ARG VA 81 35.56 -76.81 -43.90
N ASN VA 82 35.40 -77.90 -44.64
CA ASN VA 82 36.42 -78.37 -45.58
C ASN VA 82 35.73 -78.79 -46.87
N ILE VA 83 35.50 -77.84 -47.77
CA ILE VA 83 34.97 -78.11 -49.10
C ILE VA 83 35.75 -77.28 -50.10
N SER VA 84 35.72 -77.70 -51.35
CA SER VA 84 36.39 -76.98 -52.42
C SER VA 84 35.35 -76.28 -53.28
N ARG VA 85 35.55 -74.98 -53.51
CA ARG VA 85 34.62 -74.17 -54.26
C ARG VA 85 35.19 -73.69 -55.58
N ILE VA 86 36.31 -74.26 -56.01
CA ILE VA 86 36.98 -73.89 -57.26
C ILE VA 86 37.16 -75.16 -58.09
N MET VA 87 36.75 -75.10 -59.35
CA MET VA 87 36.85 -76.22 -60.27
C MET VA 87 37.80 -75.89 -61.41
N ARG VA 88 38.72 -76.80 -61.71
CA ARG VA 88 39.54 -76.71 -62.92
C ARG VA 88 38.77 -77.36 -64.06
N VAL VA 89 38.41 -76.56 -65.06
CA VAL VA 89 37.64 -77.08 -66.19
C VAL VA 89 38.54 -77.85 -67.15
N ASN VA 90 39.53 -77.17 -67.69
CA ASN VA 90 40.52 -77.78 -68.57
C ASN VA 90 41.85 -77.07 -68.34
N ASN VA 91 42.77 -77.18 -69.29
CA ASN VA 91 44.07 -76.54 -69.15
C ASN VA 91 44.05 -75.04 -69.45
N SER VA 92 42.89 -74.47 -69.78
CA SER VA 92 42.82 -73.05 -70.10
C SER VA 92 41.96 -72.27 -69.12
N THR VA 93 40.77 -72.74 -68.81
CA THR VA 93 39.84 -71.96 -68.00
C THR VA 93 39.61 -72.63 -66.66
N MET VA 94 38.83 -71.95 -65.82
CA MET VA 94 38.78 -72.23 -64.39
C MET VA 94 37.57 -71.52 -63.80
N LEU VA 95 36.88 -72.20 -62.89
CA LEU VA 95 35.59 -71.74 -62.39
C LEU VA 95 35.55 -71.73 -60.88
N GLY VA 96 34.98 -70.66 -60.32
CA GLY VA 96 34.64 -70.61 -58.90
C GLY VA 96 33.25 -70.05 -58.72
N ALA VA 97 32.51 -70.48 -57.70
CA ALA VA 97 31.11 -70.12 -57.56
C ALA VA 97 30.75 -69.76 -56.12
N SER VA 98 29.58 -69.16 -55.98
CA SER VA 98 29.00 -68.82 -54.69
C SER VA 98 27.57 -69.33 -54.69
N GLY VA 99 26.81 -68.95 -53.66
CA GLY VA 99 25.44 -69.38 -53.57
C GLY VA 99 25.33 -70.83 -53.15
N ASP VA 100 24.26 -71.48 -53.60
CA ASP VA 100 23.93 -72.83 -53.17
C ASP VA 100 24.95 -73.84 -53.68
N TYR VA 101 25.51 -74.61 -52.74
CA TYR VA 101 26.60 -75.52 -53.09
C TYR VA 101 26.09 -76.79 -53.75
N ALA VA 102 24.84 -77.19 -53.47
CA ALA VA 102 24.29 -78.38 -54.11
C ALA VA 102 24.02 -78.15 -55.58
N ASP VA 103 23.70 -76.92 -55.97
CA ASP VA 103 23.58 -76.60 -57.38
C ASP VA 103 24.94 -76.49 -58.04
N PHE VA 104 25.97 -76.16 -57.26
CA PHE VA 104 27.32 -76.10 -57.81
C PHE VA 104 27.84 -77.48 -58.19
N GLN VA 105 27.48 -78.50 -57.41
CA GLN VA 105 27.86 -79.86 -57.78
C GLN VA 105 27.11 -80.35 -59.01
N TYR VA 106 25.97 -79.76 -59.32
CA TYR VA 106 25.29 -80.08 -60.57
C TYR VA 106 26.07 -79.55 -61.78
N LEU VA 107 26.48 -78.29 -61.72
CA LEU VA 107 27.27 -77.71 -62.80
C LEU VA 107 28.69 -78.26 -62.86
N LYS VA 108 29.21 -78.74 -61.72
CA LYS VA 108 30.47 -79.45 -61.73
C LYS VA 108 30.35 -80.79 -62.43
N GLN VA 109 29.16 -81.37 -62.42
CA GLN VA 109 28.90 -82.65 -63.08
C GLN VA 109 28.69 -82.47 -64.58
N VAL VA 110 27.99 -81.43 -64.99
CA VAL VA 110 27.64 -81.26 -66.40
C VAL VA 110 28.85 -80.76 -67.19
N LEU VA 111 29.54 -79.74 -66.68
CA LEU VA 111 30.76 -79.27 -67.33
C LEU VA 111 31.87 -80.32 -67.28
N GLY VA 112 31.84 -81.20 -66.28
CA GLY VA 112 32.80 -82.29 -66.26
C GLY VA 112 32.58 -83.29 -67.38
N GLN VA 113 31.35 -83.41 -67.85
CA GLN VA 113 31.08 -84.33 -68.94
C GLN VA 113 31.38 -83.71 -70.30
N MET VA 114 31.07 -82.43 -70.48
CA MET VA 114 31.21 -81.78 -71.78
C MET VA 114 32.66 -81.66 -72.21
N VAL VA 115 33.58 -81.49 -71.27
CA VAL VA 115 34.99 -81.44 -71.62
C VAL VA 115 35.48 -82.83 -72.01
N ILE VA 116 35.02 -83.86 -71.30
CA ILE VA 116 35.28 -85.24 -71.70
C ILE VA 116 34.60 -85.54 -73.03
N ASP VA 117 33.42 -84.98 -73.27
CA ASP VA 117 32.71 -85.21 -74.53
C ASP VA 117 33.47 -84.67 -75.73
N GLU VA 118 34.24 -83.59 -75.56
CA GLU VA 118 34.92 -82.99 -76.69
C GLU VA 118 36.27 -83.65 -76.96
N GLU VA 119 37.00 -84.00 -75.90
CA GLU VA 119 38.35 -84.53 -76.06
C GLU VA 119 38.36 -85.94 -76.63
N LEU VA 120 37.28 -86.70 -76.44
CA LEU VA 120 37.26 -88.06 -76.95
C LEU VA 120 37.03 -88.13 -78.44
N LEU VA 121 36.58 -87.04 -79.07
CA LEU VA 121 36.51 -87.00 -80.52
C LEU VA 121 37.91 -86.95 -81.10
N GLY VA 122 38.62 -85.86 -80.85
CA GLY VA 122 40.00 -85.72 -81.24
C GLY VA 122 40.03 -84.97 -82.55
N ASP VA 123 40.15 -83.66 -82.49
CA ASP VA 123 40.16 -82.85 -83.69
C ASP VA 123 41.10 -81.65 -83.64
N GLY VA 124 41.67 -81.33 -82.49
CA GLY VA 124 42.44 -80.10 -82.36
C GLY VA 124 41.58 -78.92 -82.05
N HIS VA 125 40.46 -79.12 -81.36
CA HIS VA 125 39.58 -78.04 -80.95
C HIS VA 125 39.22 -78.24 -79.49
N SER VA 126 39.27 -77.14 -78.73
CA SER VA 126 38.91 -77.15 -77.33
C SER VA 126 37.99 -75.97 -77.05
N TYR VA 127 37.27 -76.05 -75.94
CA TYR VA 127 36.40 -74.96 -75.54
C TYR VA 127 37.23 -73.79 -75.02
N SER VA 128 37.08 -72.64 -75.67
CA SER VA 128 37.68 -71.41 -75.20
C SER VA 128 36.99 -70.96 -73.92
N PRO VA 129 37.64 -70.14 -73.10
CA PRO VA 129 36.96 -69.61 -71.91
C PRO VA 129 35.76 -68.74 -72.22
N ARG VA 130 35.76 -68.06 -73.37
CA ARG VA 130 34.59 -67.26 -73.74
C ARG VA 130 33.43 -68.14 -74.19
N ALA VA 131 33.73 -69.34 -74.70
CA ALA VA 131 32.65 -70.22 -75.11
C ALA VA 131 31.94 -70.82 -73.91
N ILE VA 132 32.70 -71.14 -72.86
CA ILE VA 132 32.08 -71.66 -71.64
C ILE VA 132 31.33 -70.54 -70.92
N HIS VA 133 31.84 -69.31 -71.01
CA HIS VA 133 31.10 -68.17 -70.48
C HIS VA 133 29.84 -67.90 -71.29
N SER VA 134 29.85 -68.20 -72.57
CA SER VA 134 28.64 -68.06 -73.38
C SER VA 134 27.66 -69.20 -73.15
N TRP VA 135 28.18 -70.41 -72.94
CA TRP VA 135 27.30 -71.55 -72.67
C TRP VA 135 26.60 -71.39 -71.33
N LEU VA 136 27.36 -71.07 -70.29
CA LEU VA 136 26.82 -71.01 -68.93
C LEU VA 136 25.89 -69.83 -68.75
N THR VA 137 26.01 -68.80 -69.58
CA THR VA 137 25.05 -67.70 -69.56
C THR VA 137 23.69 -68.16 -70.06
N ARG VA 138 23.66 -68.93 -71.15
CA ARG VA 138 22.40 -69.44 -71.66
C ARG VA 138 21.79 -70.49 -70.74
N ALA VA 139 22.64 -71.19 -69.98
CA ALA VA 139 22.13 -72.21 -69.06
C ALA VA 139 21.42 -71.57 -67.87
N MET VA 140 21.90 -70.41 -67.42
CA MET VA 140 21.22 -69.71 -66.33
C MET VA 140 19.92 -69.09 -66.81
N TYR VA 141 19.90 -68.56 -68.02
CA TYR VA 141 18.75 -67.83 -68.51
C TYR VA 141 17.60 -68.77 -68.84
N SER VA 142 17.91 -69.94 -69.39
CA SER VA 142 16.87 -70.91 -69.66
C SER VA 142 16.33 -71.51 -68.38
N ARG VA 143 17.15 -71.54 -67.33
CA ARG VA 143 16.73 -72.14 -66.08
C ARG VA 143 15.84 -71.19 -65.29
N ARG VA 144 16.10 -69.88 -65.38
CA ARG VA 144 15.23 -68.94 -64.67
C ARG VA 144 13.92 -68.70 -65.39
N SER VA 145 13.85 -68.93 -66.70
CA SER VA 145 12.62 -68.63 -67.44
C SER VA 145 11.54 -69.65 -67.17
N LYS VA 146 11.89 -70.78 -66.59
CA LYS VA 146 10.94 -71.76 -66.09
C LYS VA 146 10.50 -71.46 -64.67
N MET VA 147 10.90 -70.30 -64.14
CA MET VA 147 10.67 -69.88 -62.75
C MET VA 147 11.20 -70.92 -61.76
N ASN VA 148 12.42 -71.39 -62.02
CA ASN VA 148 13.03 -72.42 -61.19
C ASN VA 148 14.54 -72.27 -61.33
N PRO VA 149 15.13 -71.27 -60.68
CA PRO VA 149 16.51 -70.89 -60.99
C PRO VA 149 17.54 -71.81 -60.36
N LEU VA 150 18.82 -71.56 -60.66
CA LEU VA 150 19.95 -72.16 -59.98
C LEU VA 150 20.61 -71.07 -59.15
N TRP VA 151 20.54 -71.20 -57.83
CA TRP VA 151 21.01 -70.17 -56.90
C TRP VA 151 22.53 -70.19 -56.87
N ASN VA 152 23.15 -69.53 -57.85
CA ASN VA 152 24.59 -69.42 -57.88
C ASN VA 152 25.00 -68.06 -58.42
N THR VA 153 26.28 -67.76 -58.24
CA THR VA 153 26.92 -66.59 -58.80
C THR VA 153 28.36 -66.96 -59.05
N MET VA 154 28.77 -66.95 -60.31
CA MET VA 154 29.96 -67.66 -60.74
C MET VA 154 30.97 -66.71 -61.38
N VAL VA 155 32.25 -67.04 -61.19
CA VAL VA 155 33.36 -66.30 -61.76
C VAL VA 155 34.16 -67.24 -62.64
N ILE VA 156 34.27 -66.92 -63.91
CA ILE VA 156 34.99 -67.74 -64.86
C ILE VA 156 36.31 -67.05 -65.19
N GLY VA 157 37.42 -67.75 -64.95
CA GLY VA 157 38.71 -67.20 -65.29
C GLY VA 157 39.47 -68.10 -66.24
N GLY VA 158 39.93 -67.56 -67.35
CA GLY VA 158 40.63 -68.34 -68.35
C GLY VA 158 41.80 -67.58 -68.94
N TYR VA 159 42.64 -68.32 -69.64
CA TYR VA 159 43.79 -67.73 -70.32
C TYR VA 159 44.03 -68.53 -71.60
N ALA VA 160 43.82 -67.90 -72.75
CA ALA VA 160 44.01 -68.56 -74.03
C ALA VA 160 44.51 -67.54 -75.03
N ASP VA 161 45.45 -68.00 -75.88
CA ASP VA 161 46.01 -67.22 -77.00
C ASP VA 161 46.67 -65.93 -76.52
N GLY VA 162 47.33 -65.99 -75.37
CA GLY VA 162 47.95 -64.81 -74.81
C GLY VA 162 46.97 -63.78 -74.29
N GLU VA 163 45.74 -64.18 -73.99
CA GLU VA 163 44.71 -63.24 -73.56
C GLU VA 163 44.09 -63.73 -72.26
N SER VA 164 44.09 -62.85 -71.26
CA SER VA 164 43.44 -63.17 -70.00
C SER VA 164 41.96 -62.89 -70.10
N PHE VA 165 41.16 -63.84 -69.65
CA PHE VA 165 39.71 -63.72 -69.64
C PHE VA 165 39.20 -63.81 -68.22
N LEU VA 166 38.20 -63.00 -67.90
CA LEU VA 166 37.62 -62.98 -66.56
C LEU VA 166 36.17 -62.57 -66.69
N GLY VA 167 35.27 -63.55 -66.61
CA GLY VA 167 33.85 -63.34 -66.86
C GLY VA 167 33.00 -63.51 -65.62
N TYR VA 168 31.87 -62.83 -65.59
CA TYR VA 168 30.90 -62.89 -64.51
C TYR VA 168 29.61 -63.50 -65.04
N VAL VA 169 28.99 -64.36 -64.23
CA VAL VA 169 27.69 -64.95 -64.56
C VAL VA 169 26.81 -64.87 -63.31
N ASP VA 170 25.64 -64.27 -63.44
CA ASP VA 170 24.70 -64.13 -62.35
C ASP VA 170 23.62 -65.20 -62.45
N MET VA 171 22.82 -65.31 -61.39
CA MET VA 171 21.67 -66.21 -61.39
C MET VA 171 20.63 -65.82 -62.42
N LEU VA 172 20.41 -64.52 -62.58
CA LEU VA 172 19.40 -64.02 -63.50
C LEU VA 172 19.87 -63.93 -64.93
N GLY VA 173 21.07 -64.39 -65.25
CA GLY VA 173 21.59 -64.29 -66.59
C GLY VA 173 22.34 -63.01 -66.89
N VAL VA 174 22.63 -62.20 -65.89
CA VAL VA 174 23.39 -60.97 -66.08
C VAL VA 174 24.86 -61.33 -66.21
N ALA VA 175 25.45 -61.06 -67.36
CA ALA VA 175 26.82 -61.45 -67.61
C ALA VA 175 27.60 -60.28 -68.23
N TYR VA 176 28.85 -60.13 -67.82
CA TYR VA 176 29.73 -59.12 -68.37
C TYR VA 176 31.17 -59.57 -68.18
N GLU VA 177 32.10 -58.70 -68.55
CA GLU VA 177 33.53 -58.94 -68.44
C GLU VA 177 34.17 -57.75 -67.76
N ALA VA 178 35.21 -58.00 -66.97
CA ALA VA 178 35.84 -56.94 -66.19
C ALA VA 178 37.27 -57.35 -65.87
N PRO VA 179 38.17 -56.39 -65.63
CA PRO VA 179 39.51 -56.78 -65.17
C PRO VA 179 39.57 -57.21 -63.70
N SER VA 180 38.51 -57.00 -62.93
CA SER VA 180 38.47 -57.47 -61.55
C SER VA 180 37.02 -57.73 -61.16
N LEU VA 181 36.79 -58.87 -60.53
CA LEU VA 181 35.44 -59.27 -60.14
C LEU VA 181 35.40 -59.66 -58.67
N ALA VA 182 34.21 -59.56 -58.11
CA ALA VA 182 33.96 -59.93 -56.73
C ALA VA 182 32.48 -60.20 -56.57
N THR VA 183 32.15 -61.24 -55.82
CA THR VA 183 30.77 -61.65 -55.62
C THR VA 183 30.40 -61.50 -54.15
N GLY VA 184 29.11 -61.41 -53.89
CA GLY VA 184 28.63 -61.35 -52.52
C GLY VA 184 28.97 -60.03 -51.87
N TYR VA 185 29.45 -60.08 -50.64
CA TYR VA 185 29.95 -58.88 -49.96
C TYR VA 185 31.32 -58.45 -50.44
N GLY VA 186 31.97 -59.22 -51.31
CA GLY VA 186 33.18 -58.74 -51.94
C GLY VA 186 32.97 -57.56 -52.85
N ALA VA 187 31.77 -57.43 -53.43
CA ALA VA 187 31.42 -56.28 -54.24
C ALA VA 187 31.28 -55.00 -53.43
N TYR VA 188 31.17 -55.09 -52.11
CA TYR VA 188 31.14 -53.93 -51.25
C TYR VA 188 32.46 -53.68 -50.55
N LEU VA 189 33.21 -54.73 -50.23
CA LEU VA 189 34.43 -54.62 -49.47
C LEU VA 189 35.69 -54.75 -50.33
N ALA VA 190 35.83 -55.84 -51.06
CA ALA VA 190 37.05 -56.06 -51.80
C ALA VA 190 37.08 -55.30 -53.11
N GLN VA 191 35.91 -55.11 -53.73
CA GLN VA 191 35.84 -54.39 -55.00
C GLN VA 191 36.30 -52.93 -54.96
N PRO VA 192 36.09 -52.14 -53.89
CA PRO VA 192 36.78 -50.83 -53.85
C PRO VA 192 38.28 -50.91 -53.76
N LEU VA 193 38.84 -51.98 -53.19
CA LEU VA 193 40.28 -52.12 -53.16
C LEU VA 193 40.84 -52.56 -54.50
N LEU VA 194 40.06 -53.30 -55.29
CA LEU VA 194 40.52 -53.73 -56.59
C LEU VA 194 40.53 -52.58 -57.58
N ARG VA 195 39.46 -51.78 -57.60
CA ARG VA 195 39.33 -50.71 -58.58
C ARG VA 195 40.26 -49.54 -58.30
N GLU VA 196 40.72 -49.39 -57.06
CA GLU VA 196 41.63 -48.29 -56.75
C GLU VA 196 43.00 -48.52 -57.38
N VAL VA 197 43.47 -49.76 -57.33
CA VAL VA 197 44.81 -50.05 -57.84
C VAL VA 197 44.82 -50.12 -59.36
N LEU VA 198 43.76 -50.66 -59.95
CA LEU VA 198 43.75 -50.86 -61.40
C LEU VA 198 43.56 -49.57 -62.17
N GLU VA 199 42.89 -48.58 -61.57
CA GLU VA 199 42.75 -47.30 -62.25
C GLU VA 199 44.02 -46.47 -62.17
N LYS VA 200 44.78 -46.59 -61.07
CA LYS VA 200 46.07 -45.93 -60.99
C LYS VA 200 47.18 -46.72 -61.66
N GLN VA 201 46.95 -47.99 -61.94
CA GLN VA 201 47.94 -48.84 -62.58
C GLN VA 201 47.24 -49.93 -63.38
N PRO VA 202 47.21 -49.84 -64.71
CA PRO VA 202 46.40 -50.80 -65.49
C PRO VA 202 46.90 -52.23 -65.44
N VAL VA 203 48.18 -52.45 -65.66
CA VAL VA 203 48.72 -53.82 -65.72
C VAL VA 203 49.40 -54.14 -64.40
N LEU VA 204 49.39 -55.42 -64.05
CA LEU VA 204 50.00 -55.90 -62.82
C LEU VA 204 50.85 -57.11 -63.14
N SER VA 205 51.84 -57.37 -62.28
CA SER VA 205 52.64 -58.59 -62.39
C SER VA 205 51.90 -59.72 -61.67
N GLN VA 206 52.53 -60.89 -61.60
CA GLN VA 206 51.89 -61.98 -60.89
C GLN VA 206 52.03 -61.82 -59.38
N THR VA 207 53.20 -61.36 -58.92
CA THR VA 207 53.42 -61.18 -57.49
C THR VA 207 52.59 -60.03 -56.95
N GLU VA 208 52.40 -58.97 -57.73
CA GLU VA 208 51.56 -57.87 -57.30
C GLU VA 208 50.09 -58.28 -57.25
N ALA VA 209 49.68 -59.22 -58.10
CA ALA VA 209 48.30 -59.66 -58.10
C ALA VA 209 48.02 -60.57 -56.91
N ARG VA 210 48.91 -61.53 -56.65
CA ARG VA 210 48.68 -62.50 -55.59
C ARG VA 210 48.79 -61.85 -54.21
N ASP VA 211 49.69 -60.87 -54.07
CA ASP VA 211 49.77 -60.14 -52.81
C ASP VA 211 48.54 -59.29 -52.58
N LEU VA 212 47.94 -58.77 -53.65
CA LEU VA 212 46.79 -57.89 -53.49
C LEU VA 212 45.54 -58.67 -53.11
N VAL VA 213 45.45 -59.93 -53.51
CA VAL VA 213 44.29 -60.74 -53.18
C VAL VA 213 44.31 -61.14 -51.71
N GLU VA 214 45.49 -61.46 -51.18
CA GLU VA 214 45.62 -61.84 -49.78
C GLU VA 214 45.33 -60.69 -48.84
N ARG VA 215 45.48 -59.44 -49.32
CA ARG VA 215 45.00 -58.30 -48.57
C ARG VA 215 43.49 -58.22 -48.59
N CYS VA 216 42.87 -58.49 -49.74
CA CYS VA 216 41.42 -58.41 -49.84
C CYS VA 216 40.75 -59.58 -49.13
N MET VA 217 41.37 -60.76 -49.15
CA MET VA 217 40.85 -61.87 -48.37
C MET VA 217 41.01 -61.65 -46.88
N ARG VA 218 41.98 -60.83 -46.47
CA ARG VA 218 42.13 -60.50 -45.06
C ARG VA 218 40.98 -59.64 -44.57
N VAL VA 219 40.59 -58.65 -45.38
CA VAL VA 219 39.53 -57.71 -45.00
C VAL VA 219 38.18 -58.42 -44.92
N LEU VA 220 37.95 -59.39 -45.81
CA LEU VA 220 36.72 -60.16 -45.76
C LEU VA 220 36.65 -61.05 -44.53
N TYR VA 221 37.80 -61.40 -43.95
CA TYR VA 221 37.76 -62.15 -42.70
C TYR VA 221 37.34 -61.28 -41.53
N TYR VA 222 37.69 -59.99 -41.57
CA TYR VA 222 37.32 -59.10 -40.46
C TYR VA 222 35.86 -58.71 -40.49
N ARG VA 223 35.31 -58.40 -41.66
CA ARG VA 223 34.03 -57.72 -41.73
C ARG VA 223 32.88 -58.57 -42.23
N ASP VA 224 33.12 -59.76 -42.76
CA ASP VA 224 32.03 -60.63 -43.17
C ASP VA 224 31.74 -61.63 -42.07
N ALA VA 225 30.46 -61.76 -41.72
CA ALA VA 225 30.06 -62.63 -40.62
C ALA VA 225 30.11 -64.10 -40.97
N ARG VA 226 30.17 -64.45 -42.25
CA ARG VA 226 30.09 -65.82 -42.70
C ARG VA 226 31.34 -66.18 -43.48
N SER VA 227 32.49 -65.77 -42.96
CA SER VA 227 33.78 -66.05 -43.59
C SER VA 227 34.58 -66.99 -42.69
N TYR VA 228 35.68 -67.49 -43.24
CA TYR VA 228 36.48 -68.49 -42.55
C TYR VA 228 37.93 -68.32 -42.95
N ASN VA 229 38.84 -68.55 -42.01
CA ASN VA 229 40.25 -68.27 -42.21
C ASN VA 229 40.98 -69.50 -42.78
N ARG VA 230 40.43 -70.00 -43.89
CA ARG VA 230 41.05 -71.12 -44.60
C ARG VA 230 40.59 -71.04 -46.05
N PHE VA 231 41.44 -70.51 -46.92
CA PHE VA 231 41.08 -70.28 -48.30
C PHE VA 231 42.11 -70.94 -49.19
N GLN VA 232 41.83 -70.93 -50.49
CA GLN VA 232 42.76 -71.47 -51.47
C GLN VA 232 42.81 -70.57 -52.69
N ILE VA 233 44.00 -70.41 -53.25
CA ILE VA 233 44.26 -69.53 -54.37
C ILE VA 233 44.50 -70.39 -55.60
N ALA VA 234 43.76 -70.13 -56.66
CA ALA VA 234 43.89 -70.85 -57.92
C ALA VA 234 44.30 -69.87 -59.00
N THR VA 235 45.27 -70.25 -59.82
CA THR VA 235 45.88 -69.35 -60.79
C THR VA 235 46.02 -70.05 -62.13
N VAL VA 236 45.54 -69.42 -63.20
CA VAL VA 236 45.83 -69.87 -64.55
C VAL VA 236 47.00 -69.08 -65.10
N THR VA 237 47.80 -69.75 -65.91
CA THR VA 237 48.90 -69.13 -66.66
C THR VA 237 48.88 -69.73 -68.04
N GLU VA 238 49.98 -69.56 -68.78
CA GLU VA 238 50.19 -70.34 -69.99
C GLU VA 238 50.69 -71.74 -69.69
N LYS VA 239 51.04 -72.03 -68.44
CA LYS VA 239 51.54 -73.34 -68.06
C LYS VA 239 50.46 -74.28 -67.57
N GLY VA 240 49.27 -73.79 -67.27
CA GLY VA 240 48.17 -74.63 -66.87
C GLY VA 240 47.39 -74.00 -65.73
N VAL VA 241 46.57 -74.83 -65.09
CA VAL VA 241 45.74 -74.40 -63.97
C VAL VA 241 46.36 -74.97 -62.70
N GLU VA 242 46.73 -74.08 -61.78
CA GLU VA 242 47.38 -74.46 -60.54
C GLU VA 242 46.53 -74.01 -59.36
N ILE VA 243 46.19 -74.93 -58.48
CA ILE VA 243 45.36 -74.66 -57.32
C ILE VA 243 46.22 -74.86 -56.08
N GLU VA 244 46.53 -73.77 -55.38
CA GLU VA 244 47.30 -73.86 -54.16
C GLU VA 244 46.43 -74.36 -53.01
N GLY VA 245 47.08 -74.87 -51.98
CA GLY VA 245 46.40 -75.54 -50.90
C GLY VA 245 45.70 -74.59 -49.94
N PRO VA 246 45.33 -75.10 -48.76
CA PRO VA 246 44.64 -74.25 -47.78
C PRO VA 246 45.60 -73.24 -47.16
N LEU VA 247 45.23 -71.97 -47.25
CA LEU VA 247 46.06 -70.87 -46.78
C LEU VA 247 45.31 -70.12 -45.68
N SER VA 248 46.04 -69.37 -44.88
CA SER VA 248 45.46 -68.66 -43.76
C SER VA 248 45.94 -67.21 -43.75
N THR VA 249 45.17 -66.36 -43.10
CA THR VA 249 45.46 -64.94 -43.03
C THR VA 249 46.00 -64.57 -41.66
N GLU VA 250 46.97 -63.66 -41.64
CA GLU VA 250 47.55 -63.17 -40.40
C GLU VA 250 46.72 -61.97 -39.94
N THR VA 251 45.92 -62.16 -38.89
CA THR VA 251 45.06 -61.08 -38.43
C THR VA 251 45.83 -60.13 -37.53
N ASN VA 252 45.21 -58.98 -37.27
CA ASN VA 252 45.76 -57.98 -36.36
C ASN VA 252 44.71 -57.63 -35.33
N TRP VA 253 45.06 -57.75 -34.06
CA TRP VA 253 44.17 -57.39 -32.95
C TRP VA 253 44.95 -56.49 -32.01
N ASP VA 254 45.00 -55.20 -32.34
CA ASP VA 254 45.62 -54.22 -31.48
C ASP VA 254 44.65 -53.16 -30.98
N ILE VA 255 43.51 -53.01 -31.64
CA ILE VA 255 42.48 -52.07 -31.18
C ILE VA 255 41.64 -52.65 -30.06
N ALA VA 256 41.86 -53.91 -29.69
CA ALA VA 256 41.11 -54.52 -28.60
C ALA VA 256 41.51 -53.95 -27.24
N HIS VA 257 42.71 -53.38 -27.13
CA HIS VA 257 43.11 -52.74 -25.90
C HIS VA 257 42.69 -51.27 -25.86
N MET VA 258 42.26 -50.71 -26.97
CA MET VA 258 41.68 -49.37 -26.99
C MET VA 258 40.20 -49.48 -26.68
N ILE VA 259 39.76 -48.76 -25.65
CA ILE VA 259 38.39 -48.84 -25.18
C ILE VA 259 37.43 -48.18 -26.17
ZN ZN WA . -15.39 52.09 66.66
PB ADP XA . -41.29 -1.38 31.81
O1B ADP XA . -40.46 -0.39 31.03
O2B ADP XA . -40.80 -2.80 31.71
O3B ADP XA . -41.66 -0.92 33.20
PA ADP XA . -43.70 -0.18 31.04
O1A ADP XA . -42.98 1.06 30.57
O2A ADP XA . -44.39 -0.17 32.38
O3A ADP XA . -42.69 -1.42 31.03
O5' ADP XA . -44.79 -0.60 29.94
C5' ADP XA . -45.22 -1.96 29.82
C4' ADP XA . -46.31 -2.03 28.76
O4' ADP XA . -46.53 -3.37 28.35
C3' ADP XA . -47.63 -1.49 29.29
O3' ADP XA . -47.89 -0.20 28.74
C2' ADP XA . -48.68 -2.48 28.83
O2' ADP XA . -49.55 -1.85 27.88
C1' ADP XA . -47.92 -3.61 28.17
N9 ADP XA . -48.26 -4.94 28.75
C8 ADP XA . -47.39 -5.77 29.33
N7 ADP XA . -48.00 -6.91 29.76
C5 ADP XA . -49.29 -6.81 29.45
C6 ADP XA . -50.50 -7.66 29.62
N6 ADP XA . -50.43 -8.87 30.22
N1 ADP XA . -51.67 -7.18 29.14
C2 ADP XA . -51.76 -5.98 28.54
N3 ADP XA . -50.71 -5.16 28.36
C4 ADP XA . -49.48 -5.51 28.78
PG ATP YA . 0.26 31.34 5.13
O1G ATP YA . -1.19 31.29 4.74
O2G ATP YA . 1.08 30.13 4.76
O3G ATP YA . 0.52 31.84 6.53
PB ATP YA . 0.62 34.05 4.52
O1B ATP YA . -0.86 34.21 4.74
O2B ATP YA . 1.55 34.43 5.64
O3B ATP YA . 0.89 32.49 4.21
PA ATP YA . 1.63 36.19 2.90
O1A ATP YA . 0.59 37.02 2.20
O2A ATP YA . 2.23 36.73 4.18
O3A ATP YA . 1.03 34.71 3.11
O5' ATP YA . 2.85 35.92 1.89
C5' ATP YA . 3.89 35.01 2.23
C4' ATP YA . 5.16 35.41 1.49
O4' ATP YA . 5.04 35.15 0.10
C3' ATP YA . 5.43 36.90 1.64
O3' ATP YA . 6.74 37.10 2.17
C2' ATP YA . 5.36 37.46 0.24
O2' ATP YA . 6.45 38.36 0.00
C1' ATP YA . 5.45 36.27 -0.70
N9 ATP YA . 4.48 36.38 -1.81
C8 ATP YA . 3.65 35.39 -2.16
N7 ATP YA . 2.87 35.74 -3.20
C5 ATP YA . 3.21 36.99 -3.55
C6 ATP YA . 2.75 37.96 -4.57
N6 ATP YA . 1.78 37.65 -5.45
N1 ATP YA . 3.36 39.17 -4.61
C2 ATP YA . 4.33 39.50 -3.74
N3 ATP YA . 4.78 38.66 -2.79
C4 ATP YA . 4.27 37.42 -2.63
MG MG ZA . -0.30 34.80 6.67
PG ATP AB . 20.47 15.70 20.76
O1G ATP AB . 19.10 15.23 20.30
O2G ATP AB . 21.61 14.89 20.22
O3G ATP AB . 20.58 16.05 22.21
PB ATP AB . 21.98 17.99 20.20
O1B ATP AB . 21.56 19.27 20.89
O2B ATP AB . 22.67 18.00 18.87
O3B ATP AB . 20.66 17.10 20.02
PA ATP AB . 24.24 18.12 21.72
O1A ATP AB . 24.43 19.32 20.83
O2A ATP AB . 24.07 18.33 23.20
O3A ATP AB . 23.00 17.25 21.18
O5' ATP AB . 25.51 17.17 21.50
C5' ATP AB . 25.68 16.02 22.33
C4' ATP AB . 27.09 16.01 22.89
O4' ATP AB . 28.00 15.45 21.94
C3' ATP AB . 27.56 17.42 23.21
O3' ATP AB . 27.62 17.60 24.62
C2' ATP AB . 28.92 17.53 22.58
O2' ATP AB . 29.91 17.74 23.61
C1' ATP AB . 29.20 16.22 21.87
N9 ATP AB . 29.46 16.50 20.44
C8 ATP AB . 28.67 16.05 19.44
N7 ATP AB . 29.14 16.44 18.23
C5 ATP AB . 30.25 17.16 18.46
C6 ATP AB . 31.24 17.86 17.61
N6 ATP AB . 31.11 17.87 16.27
N1 ATP AB . 32.26 18.49 18.23
C2 ATP AB . 32.39 18.48 19.56
N3 ATP AB . 31.53 17.86 20.39
C4 ATP AB . 30.46 17.19 19.91
MG MG BB . 20.05 18.08 21.76
PG ATP CB . 11.86 -5.42 39.57
O1G ATP CB . 10.61 -6.14 39.14
O2G ATP CB . 11.64 -4.03 40.07
O3G ATP CB . 13.04 -5.57 38.63
PB ATP CB . 13.77 -5.95 41.50
O1B ATP CB . 13.94 -4.47 41.74
O2B ATP CB . 14.79 -6.69 40.66
O3B ATP CB . 12.32 -6.23 40.87
PA ATP CB . 14.91 -6.63 43.91
O1A ATP CB . 15.20 -5.19 44.27
O2A ATP CB . 16.00 -7.46 43.28
O3A ATP CB . 13.65 -6.67 42.92
O5' ATP CB . 14.37 -7.38 45.21
C5' ATP CB . 15.04 -7.17 46.44
C4' ATP CB . 15.02 -8.47 47.23
O4' ATP CB . 15.60 -9.49 46.42
C3' ATP CB . 15.87 -8.33 48.47
O3' ATP CB . 15.16 -8.87 49.59
C2' ATP CB . 17.10 -9.17 48.22
O2' ATP CB . 17.35 -10.03 49.34
C1' ATP CB . 16.80 -10.00 47.00
N9 ATP CB . 17.85 -9.95 45.95
C8 ATP CB . 17.55 -9.76 44.65
N7 ATP CB . 18.67 -9.76 43.88
C5 ATP CB . 19.71 -9.95 44.70
C6 ATP CB . 21.17 -10.07 44.53
N6 ATP CB . 21.74 -9.96 43.31
N1 ATP CB . 21.92 -10.27 45.63
C2 ATP CB . 21.37 -10.38 46.84
N3 ATP CB . 20.05 -10.29 47.07
C4 ATP CB . 19.17 -10.09 46.06
MG MG DB . 12.52 -2.50 41.28
PB ADP EB . -15.29 -15.72 44.47
O1B ADP EB . -16.60 -15.53 43.75
O2B ADP EB . -14.24 -16.40 43.62
O3B ADP EB . -14.79 -14.54 45.27
PA ADP EB . -16.50 -16.30 46.87
O1A ADP EB . -17.38 -15.16 46.43
O2A ADP EB . -15.54 -16.13 48.02
O3A ADP EB . -15.64 -16.79 45.61
O5' ADP EB . -17.49 -17.55 47.14
C5' ADP EB . -18.78 -17.46 46.56
C4' ADP EB . -19.84 -18.00 47.50
O4' ADP EB . -19.89 -19.43 47.47
C3' ADP EB . -19.55 -17.61 48.93
O3' ADP EB . -20.36 -16.50 49.30
C2' ADP EB . -19.91 -18.82 49.75
O2' ADP EB . -21.10 -18.58 50.51
C1' ADP EB . -20.18 -19.95 48.77
N9 ADP EB . -19.23 -21.06 49.03
C8 ADP EB . -18.38 -21.55 48.12
N7 ADP EB . -17.65 -22.56 48.62
C5 ADP EB . -18.03 -22.74 49.90
C6 ADP EB . -17.64 -23.64 50.99
N6 ADP EB . -16.68 -24.58 50.82
N1 ADP EB . -18.28 -23.51 52.17
C2 ADP EB . -19.23 -22.58 52.35
N3 ADP EB . -19.63 -21.73 51.40
C4 ADP EB . -19.07 -21.74 50.17
#